data_8XGC
#
_entry.id   8XGC
#
loop_
_entity.id
_entity.type
_entity.pdbx_description
1 polymer 'DNA replication licensing factor MCM2'
2 polymer 'DNA replication licensing factor MCM3'
3 polymer 'DNA replication licensing factor MCM4'
4 polymer 'Minichromosome maintenance protein 5'
5 polymer 'DNA replication licensing factor MCM6'
6 polymer 'DNA replication licensing factor MCM7'
7 polymer 'DNA polymerase epsilon catalytic subunit A'
8 polymer 'DNA polymerase epsilon subunit B'
9 polymer 'DNA replication complex GINS protein PSF1'
10 polymer 'DNA replication complex GINS protein PSF2'
11 polymer 'DNA replication complex GINS protein PSF3'
12 polymer 'DNA replication complex GINS protein SLD5'
13 polymer 'Cell division control protein 45'
14 polymer 'DNA polymerase alpha-binding protein'
15 polymer 'Topoisomerase 1-associated factor 1'
16 polymer 'Chromosome segregation in meiosis protein 3'
17 polymer 'Mediator of replication checkpoint protein 1'
18 polymer 'FACT complex subunit SPT16'
19 polymer 'FACT complex subunit POB3'
20 polymer 'Histone H3'
21 polymer 'Histone H4'
22 polymer 'Histone H2A.1'
23 polymer 'Histone H2B.2'
24 polymer 'DNA (51-MER)'
25 polymer 'DNA (39-MER)'
26 non-polymer 'ZINC ION'
27 non-polymer "ADENOSINE-5'-DIPHOSPHATE"
#
loop_
_entity_poly.entity_id
_entity_poly.type
_entity_poly.pdbx_seq_one_letter_code
_entity_poly.pdbx_strand_id
1 'polypeptide(L)'
;MSDNRRRRREEDDSDSENELPPSSPQQHFRGGMNPVSSPIGSPDMINPEGDDNEVDDVPDIDEVEEQMNEVDLMDDNMYE
DYAADHNRDRYDPDQVDDREQQELSLSERRRIDAQLNERDRLLRNVAYIDDEDEEQEGAAQLDEMGLPVQRRRRRRQYED
LENSDDDLLSDMDIDPLREELTLESLSNVKANSYSEWITQPNVSRTIARELKSFLLEYTDETGRSVYGARIRTLGEMNSE
SLEVNYRHLAESKAILALFLAKCPEEMLKIFDLVAMEATELHYPDYARIHSEIHVRISDFPTIYSLRELRESNLSSLVRV
TGVVTRRTGVFPQLKYVKFNCLKCGSILGPFFQDSNEEIRISFCTNCKSKGPFRVNGEKTVYRNYQRVTLQEAPGTVPPG
RLPRHREVILLADLVDVSKPGEEVEVTGIYKNNYDGNLNAKNGFPVFATIIEANSIKRREGNTANEGEEGLDVFSWTEEE
EREFRKISRDRGIIDKIISSMAPSIYGHRDIKTAVACSLFGGVPKNVNGKHSIRGDINVLLLGDPGTAKSQILKYVEKTA
HRAVFATGQGASAVGLTASVRKDPITKEWTLEGGALVLADKGVCLIDEFDKMNDQDRTSIHEAMEQQSISISKAGIVTTL
QARCSIIAAANPNGGRYNSTLPLAQNVSLTEPILSRFDILCVVRDLVDEEADERLATFVVDSHVRSHPENDEDREGEELK
NNGESAIEQGEDEINEQLNARQRRLQRQRKKEEEISPIPQELLMKYIHYARTKIYPKLHQMDMDKVSRVYADLRRESIST
GSFPITVRHLESILRIAESFAKMRLSEFVSSYDLDRAIKVVVDSFVDAQKVSVRRQLRRSFAIYTLGH
;
2
2 'polypeptide(L)'
;MEGSTGFDGDATTFFAPDAVFGDRVRRFQEFLDTFTSYRDSVRSIQVYNSNNAANYNDDQDDADERDLLGDDDGDDLEKE
KKAASSTSLNILPHRIIISLDDLREFDRSFWSGILVEPAYFIPPAEKALTDLADSMDDVPHPNASAVSSRHPWKLSFKGS
FGAHALSPRTLTAQHLNKLVSVEGIVTKTSLVRPKLIRSVHYAAKTGRFHYRDYTDATTTLTTRIPTPAIYPTEDTEGNK
LTTEYGYSTFIDHQRITVQEMPEMAPAGQLPRSIDVILDDDLVDKTKPGDRVNVVGVFKSLGAGGMNQSNSNTLIGFKTL
ILGNTVYPLHARSTGVAARQMLTDFDIRNINKLSKKKDIFDILSQSLAPSIYGHDHIKKAILLMLMGGVEKNLENGSHLR
GDINILMVGDPSTAKSQLLRFVLNTASLAIATTGRGSSGVGLTAAVTTDRETGERRLEAGAMVLADRGVVCIDEFDKMTD
VDRVAIHEVMEQQTVTIAKAGIHTTLNARCSVIAAANPVFGQYDVNRDPHQNIALPDSLLSRFDLLFVVTDDINEIRDRS
ISEHVLRTHRYLPPGYLEGEPVRERLNLSLAVGEDADINPEEHSNSGAGVENEGEDDEDHVFEKFNPLLQAGAKLAKNKG
NYNGTEIPKLVTIPFLRKYVQYAKERVIPQLTQEAINVIVKNYTDLRNDDNTKKSPITARTLETLIRLATAHAKVRLSKT
VNKVDAKVAANLLRFALLGEDIGNDIDEEESEYEEALSKRSPQKSPKKRQRVRQPASNSGSPIKSTPRRSTASSVNATPS
SARRILRFQDDEQNAGEDDNDIMSPLPADEEAELQRRLQLGLRVSPRRREHLHAPEEGSSGPLTEVGTPRLPNVSSAGQD
DEQQQSVISFDNVEPGTISTGRLSLISGIIARLMQTEIFEEESYPVASLFERINEELPEEEKFSAQEYLAGLKIMSDRNN
LMVADDKVWRV
;
3
3 'polypeptide(L)'
;MSQQSSSPTKEDNNSSSPVVPNPDSVPPQLSSPALFYSSSSSQGDIYGRNNSQNLSQGEGNIRAAIGSSPLNFPSSSQRQ
NSDVFQSQGRQGRIRSSASASGRSRYHSDLRSDRALPTSSSSLGRNGQNRVHMRRNDIHTSDLSSPRRIVDFDTRSGVNT
LDTSSSSAPPSEASEPLRIIWGTNVSIQECTTNFRNFLMSFKYKFRKILDEREEFINNTTDEELYYIKQLNEMRELGTSN
LNLDARNLLAYKQTEDLYHQLLNYPQEVISIMDQTIKDCMVSLIVDNNLDYDLDEIETKFYKVRPYNVGSCKGMRELNPN
DIDKLINLKGLVLRSTPVIPDMKVAFFKCNVCDHTMAVEIDRGVIQEPARCERIDCNEPNSMSLIHNRCSFADKQVIKLQ
ETPDFVPDGQTPHSISLCVYDELVDSCRAGDRIEVTGTFRSIPIRANSRQRVLKSLYKTYVDVVHVKKVSDKRLDVDTST
IEQELMQNKVDHNEVEEVRQITDQDLAKIREVAAREDLYSLLARSIAPSIYELEDVKKGILLQLFGGTNKTFTKGGRYRG
DINILLCGDPSTSKSQILQYVHKITPRGVYTSGKGSSAVGLTAYITRDVDTKQLVLESGALVLSDGGVCCIDEFDKMSDS
TRSVLHEVMEQQTISIAKAGIITTLNARSSILASANPIGSRYNPNLPVTENIDLPPPLLSRFDLVYLVLDKVDEKNDREL
AKHLTNLYLEDKPEHISQDDVLPVEFLTMYISYAKEHIHPIITEAAKTELVRAYVGMRKMGDDSRSDEKRITATTRQLES
MIRLAEAHAKMKLKNVVELEDVQEAVRLIRSAIKDYATDPKTGKIDMNLVQTGKSVIQRKLQEDLSREIMNVLKDQASDS
MSFNELIKQINEHSQDRVESSDIQEALSRLQQEDKVIVLGEGVRRSVRLNNRV
;
4
4 'polypeptide(L)'
;MSFDRPEIYSAPVLQGESPNDDDNTEIIKSFKNFILEFRLDSQFIYRDQLRNNILVKNYSLTVNMEHLIGYNEDIYKKLS
DEPSDIIPLFETAITQVAKRISILSRAQSANNNDKDPENTSMDTDSLLLNSLPTFQLILNSNANQIPLRDLDSEHVSKIV
RLSGIIISTSVLSSRATYLSIMCRNCRHTTSITINNFNSITGNTVSLPRSCLSTIESESSMANESNIGDESTKKNCGPDP
YIIIHESSKFIDQQFLKLQEIPELVPVGEMPRNLTMTCDRYLTNKVIPGTRVTIVGIYSIYNSKNGAGSGRSGGGNGGSG
VAIRTPYIKILGIQSDVETSSIWNSVTMFTEEEEEEFLQLSRNPKLYEILTNSIAPSIFGNEDIKKAIVCLLMGGSKKIL
PDGMRLRGDINVLLLGDPGTAKSQLLKFVEKVSPIAVYTSGKGSSAAGLTASVQRDPMTREFYLEGGAMVLADGGVVCID
EFDKMRDEDRVAIHEAMEQQTISIAKAGITTVLNSRTSVLAAANPIYGRYDDLKSPGDNIDFQTTILSRFDMIFIVKDDH
NEERDISIANHVINIHTGNANAMQNQQEENGSEISIEKMKRYITYCRLKCAPRLSPQAAEKLSSNFVTIRKQLLINELES
TERSSIPITIRQLEAIIRITESLAKLELSPIAQERHVDEAIRLFQASTMDAASQDPIGGLNQASGTSLSEIRRFEQELKR
RLPIGWSTSYQTLRREFVDTHRFSQLALDKALYALEKHETIQLRHQGQNIYRSGV
;
5
5 'polypeptide(L)'
;MSSPFPADTPSSNRPSNSSPPPSSIGAGFGSSSGLDSQIGSRLHFPSSSQPHVSNSQTGPFVNDSTQFSSQRLQTDGSAT
NDMEGNEPARSFKSRALNHVKKVDDVTGEKVREAFEQFLEDFSVQSTDTGEVEKVYRAQIEFMKIYDLNTIYIDYQHLSM
RENGALAMAISEQYYRFLPFLQKGLRRVVRKYAPELLNTSDSLKRSEGDEGQADEDEQQDDDMNGSSLPRDSGSSAAPGN
GTSAMATRSITTSTSPEQTERVFQISFFNLPTVHRIRDIRSEKIGSLLSISGTVTRTSEVRPELYKASFTCDMCRAIVDN
VEQSFKYTEPTFCPNPSCENRAFWTLNVTRSRFLDWQKVRIQENANEIPTGSMPRTLDVILRGDSVERAKPGDRCKFTGV
EIVVPDVTQLGLPGVKPSSTLDTRGISKTTEGLNSGVTGLRSLGVRDLTYKISFLACHVISIGSNIGASSPDANSNNRET
ELQMAANLQANNVYQDNERDQEVFLNSLSSDEINELKEMVKDEHIYDKLVRSIAPAVFGHEAVKKGILLQMLGGVHKSTV
EGIKLRGDINICVVGDPSTSKSQFLKYVVGFAPRSVYTSGKASSAAGLTAAVVRDEEGGDYTIEAGALMLADNGICCIDE
FDKMDISDQVAIHEAMEQQTISIAKAGIHATLNARTSILAAANPVGGRYNRKLSLRGNLNMTAPIMSRFDLFFVILDDCN
EKIDTELASHIVDLHMKRDEAIEPPFSAEQLRRYIKYARTFKPILTKEARSYLVEKYKELRKDDAQGFSRSSYRITVRQL
ESMIRLSEAIARANCVDEITPSFIAEAYDLLRQSIIRVDVDDVEMDEEFDNIESQSHAASGNNDDNDDGTGSGVITSEPP
ADIEEGQSEATARPGTSEKKKTTVTYDKYVSMMNMIVRKIAEVDREGAEELTAVDIVDWYLLQKENDLGSLAEYWEERRL
AFKVIKRLVKDRILMEIHGTRHNLRDLENEENENNKTVYVIHPNCEVLDQLEPQDSS
;
6
6 'polypeptide(L)'
;MSAALPSIQLPVDYNNLFNEITDFLVTFKQDTLSSDATRNENEDENLDAENIEQHLLEKGPKYMAMLQKVANRELNSVII
DLDDILQYQNEKFLQGTQADDLVSAIQQNANHFTELFCRAIDNNMPLPTKEIDYKDDVLDVILNQRRLRNERMLSDRTNE
IRSENLMDTTMDPPSSMNDALREVVEDETELFPPNLTRRYFLYFKPLSQNCARRYRKKAISSKPLSVRQIKGDFLGQLIT
VRGIITRVSDVKPAVEVIAYTCDQCGYEVFQEVNSRTFTPLSECTSEECSQNQTKGQLFMSTRASKFSAFQECKIQELSQ
QVPVGHIPRSLNIHVNGTLVRSLSPGDIVDVTGIFLPAPYTGFKALKAGLLTETYLEAQFVRQHKKKFASFSLTSDVEER
VMELITSGDVYNRLAKSIAPEIYGNLDVKKALLLLLVGGVDKRVGDGMKIRGDINVCLMGDPGVAKSQLLKAICKISPRG
VYTTGKGSSGVGLTAAVMKDPVTDEMILEGGALVLADNGICCIDEFDKMDESDRTAIHEVMEQQTISISKAGINTTLNAR
TSILAAANPLYGRYNPRLSPLDNINLPAALLSRFDILFLMLDIPSRDDDEKLAEHVTYVHMHNKQPDLDFTPVEPSKMRE
YIAYAKTKRPVMSEAVNDYVVQAYIRLRQDSKREMDSKFSFGQATPRTLLGIIRLSQALAKLRLADMVDIDDVEEALRLV
RVSKESLYQETNKSKEDESPTTKIFTIIKKMLQETGKNTLSYENIVKTVRLRGFTMLQLSNCIQEYSYLNVWHLINEGNT
LKFVDDGTMDTDQEDSLVSTPKLAPQTTASANVSAQDSDIDLQDA
;
7
7 'polypeptide(L)'
;MMFGKKKNNGGSSTARYSAGNKYNTLSNNYALSAQQLLNASKIDDIDSMMGFERYVPPQYNGRFDAKDIDQIPGRVGWLT
NMHATLVSQETLSSGSNGGGNSNDGERVTTNQGISGVDFYFLDEEGGSFKSTVVYDPYFFIACNDESRVNDVEELVKKYL
ESCLKSLQIIRKEDLTMDNHLLGLQKTLIKLSFVNSNQLFEARKLLRPILQDNANNNVQRNIYNVAANGSEKVDAKHLIE
DIREYDVPYHVRVSIDKDIRVGKWYKVTQQGFIEDTRKIAFADPVVMAFDIETTKPPLKFPDSAVDQIMMISYMIDGEGF
LITNREIISEDIEDFEYTPKPEYPGFFTIFNENDEVALLQRFFEHIRDVRPTVISTFNGDFFDWPFIHNRSKIHGLDMFD
EIGFAPDAEGEYKSSYCSHMDCFRWVKRDSYLPQGSQGLKAVTQSKLGYNPIELDPELMTPYAFEKPQHLSEYSVSDAVA
TYYLYMKYVHPFIFSLCTIIPLNPDETLRKGTGTLCEMLLMVQAYQHNILLPNKHTDPIERFYDGHLLESETYVGGHVES
LEAGVFRSDLKNEFKIDPSAIDELLQELPEALKFSVEVENKSSVDKVTNFEEIKNQITQKLLELKENNIRNELPLIYHVD
VASMYPNIMTTNRLQPDSIKAERDCASCDFNRPGKTCARKLKWAWRGEFFPSKMDEYNMIKRALQNETFPNKNKFSKKKV
LTFDELSYADQVIHIKKRLTEYSRKVYHRVKVSEIVEREAIVCQRENPFYVDTVKSFRDRRYEFKGLAKTWKGNLSKIDP
SDKHARDEAKKMIVLYDSLQLAHKVILNSFYGYVMRKGSRWYSMEMAGITCLTGATIIQMARALVERVGRPLELDTDGIW
CILPKSFPETYFFTLENGKKLYLSYPCSMLNYRVHQKFTNHQYQELKDPLNYIYETHSENTIFFEVDGPYKAMILPSSKE
EGKGIKKRYAVFNEDGSLAELKGFELKRRGELQLIKNFQSDIFKVFLEGDTLEGCYSAVASVCNRWLDVLDSHGLMLEDE
DLVSLICENRSMSKTLKEYEGQKSTSITTARRLGDFLGEDMVKDKGLQCKYIISSKPFNAPVTERAIPVAIFSADIPIKR
SFLRRWTLDPSLEDLDIRTIIDWGYYRERLGSAIQKIITIPAALQGVSNPVPRVEHPDWLKRKIATKEDKFKQTSLTKFF
SKTKNVPTMGKIKDIEDLFEPTVEEDNAKIKIARTTKKKAVSKRKRNQLTNEEDPLVLPSEIPSMDEDYVGWLNYQKIKW
KIQARDRKRRDQLFGNTNSSRERSALGSMIRKQAESYANSTWEVLQYKDSGEPGVLEVFVTINGKVQNITFHIPKTIYMK
FKSQTMPLQKIKNCLIEKSSASLPNNPKTSNPAGGQLFKITLPESVFLEEKENCTSIFNDENVLGVFEGTITPHQRAIMD
LGASVTFRSKAMGALGKGIQQGFEMKDLSMAENERYLSGFSMDIGYLLHFPTSIGYEFFSLFKSWGDTITILVLKPSNQA
QEINASSLGQIYKQMFEKKKGKIETYSYLVDIKEDINFEFVYFTDISKLYRRLSQETTKLKEERGLQFLLLLQSPFITKL
LGTIRLLNQMPIVKLSLNEVLLPQLNWQPTLLKKLVNHVLSSGSWISHLIKLSQYSNIPICNLRLDSMDYIIDVLYARKL
KKENIVLWWNEKAPLPDHGGIQNDFDLNTSWIMNDSEFPKINNSGVYDNVVLDVGVDNLTVNTILTSALINDAEGSDLVN
NNMGIDDKDAVINSPSEFVHDAFSNDALNVLRGMLKEWWDEALKENSTADLLVNSLASWVQNPNAKLFDGLLRYHVHNLT
KKALLQLVNEFSALGSTIVYADRNQILIKTNKYSPENCYAYSQYMMKAVRTNPMFSYLDLNIKRYWDLLIWMDKFNFSGL
ACIEIEEKENQDYTAVSQWQLKKFLSPIYQPEFEDWMMIILDSMLKTKQSYLKLNSGTQRPTQIVNVKKQDKEDSVENSL
NGFSHLFSKPLMKRVKKLFKNQQEFILDPQYEADYVIPVLPGSHLNVKNPLLELVKSLCHVMLLSKSTILEIRTLRKELL
KIFELREFAKVAEFKDPSLSLVVPDFLCEYCFFISDIDFCKAAPESIFSCVRCHKAFNQVLLQEHLIQKLRSDIESYLIQ
DLRCSRCHKVKRDYMSAHCPCAGAWEGTLPRESIVQKLNVFKQVAKYYGFDILLSCIADLTI
;
8
8 'polypeptide(L)'
;MFGSGNVLPVKIQPPLLRPLAYRVLSRKYGLSIKSDGLSALAEFVGTNIGANWRQGPATIKFLEQFAAVWKQQERGLFID
QSGVKEVIQEMKEREKVEWSHEHPIQHEENILGRTDDDENNSDDEMPIAADSSLQNVSLSSPMRQPTERDEYKQPFKPES
SKALDWRDYFKVINASQQQRFSYNPHKMQFIFVPNKKQNGLGGIAGFLPDIEDKVQMFLTRYYLTNDRVMRNENFQNSDM
FNPLSSMVSLQNELSNTNRQQQSSSMSITPIKNLLGRDAQNFLLLGLLNKNFKGNWSLEDPSGSVEIDISQTIPTQGHYY
VPGCMVLVEGIYYSVGNKFHVTSMTLPPGERREITLETIGNLDLLGIHGISNNNFIARLDKDLKIRLHLLEKELTDHKFV
ILGANLFLDDLKIMTALSKILQKLNDDPPTLLIWQGSFTSVPVFASMSSRNISSSTQFKNNFDALATLLSRFDNLTENTT
MIFIPGPNDLWGSMVSLGASGTLPQDPIPSAFTKKINKVCKNVVWSSNPTRIAYLSQEIVIFRDDLSGRFKRHRLEFPFN
ESEDVYTENDNMMSKDTDIVPIDELVKEPDQLPQKVQETRKLVKTILDQGHLSPFLDSLRPISWDLDHTLTLCPIPSTMV
LCDTTSAQFDLTYNGCKVINPGSFIHNRRARYMEYVPSSKKTIQEEIYI
;
9
9 'polypeptide(L)'
;MYGDLGNKLVLEAKRTKQLYARSNQDVNLPMYHEDIIRNILKEVSNLRKNTEYLKEQQQLGMLDDKVAKCQYFVTLLCME
RNKRCLLAYQRLRTDILDSMAWNNNGLDLMSSITFSQQDTNNLSHQEQEYLKEYCDLITDLKSGDLVDIDLSGSLVPPSD
VFIDVRVLKDAGEIQTEYGVFNLIKDSQFFVRQSDVERLIQQGYLQKI
;
A
10 'polypeptide(L)'
;MSLPAHLQQTFSPEEIQFIVENEPIKIFPRITTRQKIRGDDRGTGNHTRWQLITTDDKALNNMVAMRSTEVVLWIALLLK
QQSKCSIVAPQWLTTKELDRKIQYEKTHPDRFSELPWNWLVLARILFNKAKDDFHDPIHELRGKIQDLREIRQIKVLKGL
KYLNESHLQLDNLSLLEINELRPFITEIMDKLREIHTASLTAGTENDEEEFNIENLYFQGSGGGGGGSRDYKDHDGDYKD
HDIDYKDDDDK
;
B
11 'polypeptide(L)'
;MGYYDIDDVLADGTEFPCKFQYDIPGLGYLENNPGRPITKNTKLSLPLWLARILAIVGGDEALVDEEPVPFVELLPPDMF
STKVMNAIKTDPVALDLHSINSHFFSLAIKWIMLFSEKELANVVSELLLQRAQELNHHASSLSIDLNADSTGKNSANTNI
ATSTFLLKLEEMEKEIYKKSHESYKDTKRWMFKK
;
C
12 'polypeptide(L)'
;MDINIDDILAELDKETTAVDSTKITQGSSSTTHRDANTIVGSSLDLNDKTQIYVSPQQDFSDLMKSWKNERCSPELLPYP
HQLMKRLLNRISMQSQLIENISMGFLDMQNASNANPPMPNESKLPLLCMETELERLKFVIRSYIRCRLSKIDKFSLYLRQ
LNEDENSLISLTDLLSKDEIKYHDTHSLIWLKLVNDSILKYMPEELQAINDTEGSVNMIDEPDWNKFVFIHVNGPPDGKW
NEDPLLQENEFGKPCYTVTIPDLKEEVELTIGSIYVMRYEVIRDLLRDDKVALI
;
D
13 'polypeptide(L)'
;MYYGISQFSEAYNKILRNSSSHSSCQLVIFVSCLNIDALCATKMLSLLFKKQLVQSQIVPIFGYSELRRHYSQLDDNINS
LLLVGFGGVIDLEAFLEIDPQEYVIDTDEKSGEQSFRRDIYVLDAHRPWNLDNIFGSQIIQCFDDGTVDDTLGEQKEAYY
KLLELDEESGDDELSGDENDNNGGDDEATDADEVTDEDEEDEDETISNKRGNSSIGPNDLSKRKQRKKQIHEYEGVLEEY
YSQGTTVVNSISAQIYSLLSAIGETNLSNLWLNILGTTSLDIAYAQVYNRLYPLLQDEVKRLTPSSRNSVKTPDTLTLNI
QPDYYLFLLRHSSLYDSFYYSNYVNAKLSLWNENGKKRLHKMFARMGIPLSTAQETWLYMDHSIKRELGIIFDKNLDRYG
LQDIIRDGFVRTLGYRGSISASEFVEALTALLEVGNSTDKDSVKINNDNNDDTDGEEEEDNSAQKLTNLRKRWVSNFWLS
WDALDDRKVELLNRGIQLAQDLQRAIFNTGVAILEKKLIKHLRIYRLCVLQDGPDLDLYRNPLTLLRLGNWLIECCAESE
DKQLLPMVLASIDENTDTYLVAGLTPRYPRGLDTIHTKKPILNNFSMAFQQITAETDAKVRIDNFESSIIEIRREDLSPF
LEKLTLSGLL
;
E
14 'polypeptide(L)'
;MVSVIDKLVFDFGGKTLVSLAPDNNTLCVANKNGLTKILKTNNPEEEPETLDSSKLVSSIKCYSNSHFLMTTMQGDALRY
NIDSSQEELLARFALPLRDCCVIHSGKMAVFGGDDLELILLELDDETHKKHAIKIDEQVSQISYNSQMNILAVSMINGKV
QIFSLTSTIPNKVHELNDYIVANSYDDTHRDKILSNMMDDIDKDNDNDLSETADPDENNVADPEFCAANRICTRVAWHPK
GLHFALPCADDTVKIFSIKGYSLQKTLSTNLSSTKAHFIDLQFDPLRGTYIAAVDLNNKLTVWNWETSEIHYTREFKRKI
TNIAWKIQADSKTLDLVLGTWSGSIAIVQNLAESVVSNIPDQSVAESSTKHGLFVDSESDLENLEGNDDINKSDKLFSDI
TQEANAEDVFTQTHDGPSGLSEKRKYNFEDEEDFIDDDDGAGYISGKKPHNEHSYSRVHKTHSFPISLANTGKFRYMPFS
PAGTPFGFTDRRYLTMNEVGYVSTVKNSEQYSITVSFFDVGRFREYHFEDLFGYDLCFLNEKGTLFGQSKTGQIQYRPHD
SIHSNWTKIIPLQAGERITSVAATPVRVIVGTSLGYFRSFNQFGVPFAVEKTSPIVALTAQNYRVFSVHYSQFHGLSYSL
SELGTSSKRYYKRECPLPMSLPNINSDMKKDANLDYYNFNPMGIKSLFFSSYGDPCIFGSDNTLLLLSKWRSPEESKWLP
ILDSNMEIWKMSGGKETTDIHVWPLALAYDTLNCILVKGKHIWPEFPLPLPSEMEIRMPVFVKSKLLEENKAILNKKNEI
GADTEAEEGEEDKEIQIPVSMAAEEEYLRSKVLSELLTDTLENDGEMYGNENEVLAALNGAYDKALLRLFASACSDQNVE
KALSLAHELKQDRALTAAVKISERAELPSLVKKINNIREARYEQQLK
;
F,G,H
15 'polypeptide(L)'
;MSADLQQGTTNAADFSLTVLRARIALLATAIGGPDYTSQIDPPPYKLGDDCLACLKDLKRWFKLVDDQQKRWDVAMAVAE
YRILTDDLLPILIDWENKCSLAAKLAKNNPDHEEFRNKAYYDKIALNCLQLLVLMTWPLIVTEQSSSNQITLYGELKKHQ
LVYKKTILSMESGKVLRAAIRLALDVIKIDRLSRTPRDNMVLKLVLNFFRNVIAIEPGEFTINTKKSMPKKGITSIDTLP
PNVSMDDISLNTVISSFHKNKVFGFLLTLTSSLSKEFDQDFINIPLLEIMFYFTKDVNQELLFPRQFETGTHSKVVNKNE
SSSANNIVTSAGFELSKLLQKEHQMRKNVIKHTSARHSRFGGLLSIQTPDKTRLTVSGSQALVDEKIALQKLDDSKKWNK
RIIKKHQSVAAEGLPNSLLNSQTGKAIFFTESNGKHFKEFINNFIDSGFNILLHSVTNYFTTEQDRMVTLEQVEYLLFFA
WFVKYQLLRSKIDNSADIKQVSEALKEVTFILVSSLLRSAYDLKNWTVTHAGMIAFNELLNLVSRTKAAQEEDSTDIEFI
VSRLFSDERIQLLSNLPKIGSKYSLQFMKSCIELTHSVLKVLEQYSDDKTLVIEGKSRRQKKFNISEGDITKLIEEENVD
RDEALDILTSSLRSIEVNFQKVQANYMTEPVIETYINFLERFRELEDDSIKKVFSFFHRVFVQAKEQALLFRFDLIILLR
EMLSPDGLDRMSRSRKYVSQFSDYFLARLKKRLKKSPAWFVGLLFPPLHNSEVGFYQRYGEYNVLNNESMYAAPASQFKP
IPDEEALPPSILLDMKYGVLVSTLLDDGKTELLDQLLKHITHTLDIFKSWLTVNVNAGKETVNPPNEYFTLTGVLNNDPI
FKDKDYRALLLLIGYSIPRKINEPCFLPGTVEVSDLTVSCELVKKYLSTPFETPNGLPSSSYLLRVRSEKDSFSHNEQDG
WEGDDDYDYNDPYIVPDDQILSKSDAAYFKDLDNNASDKLKGTKFSKGIARSKKKDKRKRRKGEAKTNLPMFGDQDDERP
QTVRERHGVFSKEFISDSEDDEDLMNPIFFENETYMRWLLDKNNGQLTEDRYIQFAKFAAERMNNGGVVTGDYTSLFGGS
IPSIESIRATESSSFAPDKSLISLASHVASEMSIFDVNNNNNNQLSDDDVNSESRNSLGSSQPSNSQNMFQSEVYSRKES
TKRSLEASAADESDEDEEAIRLFGKKSRVVLSQGDSDD
;
I
16 'polypeptide(L)'
;MDQDFDSLLLGFNDSDSVQKDPTVPNGLDGSVVDPTIADPTAITARKRRPQVKLTAEKLLSDKGLPYVLKNAHKRIRISS
KKNSYDNLSNIIQFYQLWAHELFPKAKFKDFMKICQTVGKTDPVLREYRVSLFRDEMGMSFDVGTRETGQDLERQSPMVE
EHVTSAEERPIVADSFAQDKRNVNNVDYDNDEDDDIYHLSYRNRRGRVLDERGNNETVLNNVVPPKEDLDALLKTFRVQG
PVGLEENEKKLLLGWLDAHRKMEKGSMTEEDVQLIQSLEEWEMNDIEGQHTHYDLLPGGDEFGVDQDELDAMKEMGF
;
J
17 'polypeptide(L)'
;MDDALHALSSLTAKKRTTTYKKVAVPILDENDNTNGNGPNDIDNPPELTGNGFLFANATLNRVKNRLEGKKAPEQNHNNG
KDRSENSLPTQLISNLYDGGEELEKSEVKDNSYSEKNVSSSFTQTQRIPVSIQQDKVFNVPIHSVNDGKPTQLIKEDGLV
NETSQALKTPLTTGRPGATQRIDSSGATSQTQPIKSIEPQSQIITTSSNHSNALSPKIPIIPTELIGTSPLFQSIQNRGP
DTQMDVPPQTAHDEDKTQAIGIPQATHQEQKTQIDTVAQTLQDEVPHTLKIREIQSELASEDSKREKARNVEYKKPQKPI
PTKKFFSKESFLADFDDSSSNEDDDIKLENAHPKPVQNDDELHENKSVELNLTDETRINEKRVPLLSSYANNLKREIDSS
KCITLDLDSDSDEYGDDDMDSIKLSKDESVLPISQLSKATILNLKARLSKQNQKLSQRPNKSKDPKVDHNVLLNTLRKAS
RKQILDHQKEVIETKGLKLEDMAKEKEIVENLLEQEILRNKRIRQKEKRREKLEENDFQLNAHDSGSDSGSESSGFALSG
NEIADYESSGSENDNRRESDSEKEDDEIILKQKKSHHVKHIINESDSDTEVEAKPKEKADESLPKRIAINLGHYGDNIGE
DTDKFQETNVLDTQNIEEVMAERNTIENEVKDDVYVNEEADEAIRRQLIDKEKLQLKQKEKEHEAKIKELKKRGVTNFFE
MEAEESEDEWHGIGGADGEGSDDYDSDLEKMIDDYSKNNFNPHEIREMLAAENKEMDIKMINKILYDIKNGGFRNKRAKN
SLELELSDDDEDDVLQQYRLKRRELMRKRRLEIGDDAKLVKNPKSSAFFESMVEDIIEYKNPFGAEEEYNLDITSTATDL
DTQDNSINVGDNTGNNEQKPVDQKNKKVIISEDFVQKSLSFLKSNNYEDFETDKELSRIQHGNDEAIEDLYTLKQNSSIK
SFTNSQTDSTTSKTVNTIIDLEKRPEDEDEVENGDTSLVGVFKHPSIIKSFASRTDINDKFKEGNKTVKILKSYKTVGSS
KASITYMGKTRKLIAPKRKTEGSHRYHHDHHNKKMKMKTKTKSNKLFESGQDSFDN
;
K
18 'polypeptide(L)'
;MEELNIDFDVFKKRIELLYSKYNEFEGSPNSLLFVLGSSNAENPYQKTTILHNWLLSYEFPATLIALVPGKVIIITSSAK
AKHLQKAIDLFKDPESKITLELWQRNNKEPELNKKLFDDVIALINSAGKTVGIPEKDSYQGKFMTEWNPVWEAAVKENEF
NVIDISLGLSKVWEVKDVNEQAFLSVSSKGSDKFMDLLSNEMVRAVDEELKITNAKLSDKIENKIDDVKFLKQLSPDLSA
LCPPNYKFNFDLLDWTYSPIIQSGKKFDLRVSARSTNDQLYGNGCILASCGIRYNNYCSNITRTFLIDPSEEMANNYDFL
LTLQKEIVTNILKPGRTPKEVYESVIEYIEKTKPELVPNFTKNIGSLIGLEFRDSNFILNVKNDYRKIQRGDCFNISFGF
NNLKDSQSANNYALQLADTVQIPLDETEPPRFLTNYTKAKSQISFYFNNEEEDNNKKKSSPATKVPSKPDRNSKILRTKL
RGEARGGAEDAQKEQIRKENQKKLHEKLEKNGLLRFSAADANGPDSEPRQYFKKYESYVRDSQLPTNIRDLRIHVDWKSQ
TIILPIYGRPVPFHINSYKNGSKNEEGEYTYLRLNFNSPGSSGGISKKVEELPYEESADNQFVRSITLRSKDGDRMSETF
KQIADLKKEATKREQERKALADVVQQDKLIENKTGRTKRLDQIFVRPNPDTKRVPSTVFIHENGIRFQSPLRTDSRIDIL
FSNIKNLIFQSCKGELIVVIHIHLKNPILMGKKKIQDVQFYREASDMSVDETGGGRRGQSRFRRYGDEDELEQEQEERRK
RAALDKEFKYFADAIAEASNGLLTVENTFRDLGFQGVPNRSAVFCMPTTDCLVQLIEPPFLVINLEEVEICILERVQFGL
KNFDMVFVYKDFNKPVTHINTVPIESLDFLKQWLTDMDIPYTVSTINLNWATIMKSLQDDPYQFFLDGGWNFLATGSDDE
ASDESEEEVSEYEASEDDVSDESAFSEDEEGSEVDDDISGDESEDYTGDESEEGEDWDELEKKAARADRGANFRD
;
L
19 'polypeptide(L)'
;MSTDFDRIYLNQSKFSGRFRIADSGLGWKISTSGGSAANQARKPFLLPATELSTVQWSRGCRGYDLKINTKNQGVIQLDG
FSQDDYNLIKNDFHRRFNIQVEQREHSLRGWNWGKTDLARNEMVFALNGKPTFEIPYARINNTNLTSKNEVGIEFNIQDE
EYQPAGDELVEMRFYIPGVIQTNVDENMTKKEESSNEVVPKKEDGAEGEDVQMAVEEKSMAEAFYEELKEKADIGEVAGD
AIVSFQDVFFTTPRGRYDIDIYKNSIRLRGKTYEYKLQHRQIQRIVSLPKADDIHHLLVLAIEPPLRQGQTTYPFLVLQF
QKDEETEVQLNLEDEDYEENYKDKLKKQYDAKTHIVLSHVLKGLTDRRVIVPGEYKSKYDQCAVSCSFKANEGYLYPLDN
AFFFLTKPTLYIPFSDVSMVNISRAGQTSTSSRTFDLEVVLRSNRGSTTFANISKEEQQLLEQFLKSKNLRVKNEDREVQ
ERLQTALGSDSDEEDINMGSAGEDDESVDEDFQVSSDNDADEVAEEFDSDAALSDAEGGSDEERPSKKPKVE
;
M
20 'polypeptide(L)'
;MARTKQTARKSTGGKAPRKQLASKAARKSAPSTGGVKKPHRYKPGTVALREIRRFQKSTELLIRKLPFQRLVREIAQDFK
TDLRFQSSAIGALQESVEAYLVSLFEDTNLAAIHAKRVTIQKKDIKLARRLRGERS
;
N,R
21 'polypeptide(L)'
;MSGRGKGGKGLGKGGAKRHRKILRDNIQGITKPAIRRLARRGGVKRISGLIYEEVRAVLKSFLESVIRDSVTYTEHAKRK
TVTSLDVVYALKRQGRTLYGFGG
;
O,S
22 'polypeptide(L)'
;MSGGKGGKAGSAAKASQSRSAKAGLTFPVGRVHRLLRRGNYAQRIGSGAPVYLTAVLEYLAAEILELAGNAARDNKKTRI
IPRHLQLAIRNDDELNKLLGNVTIAQGGVLPNIHQNLLPKKSAKATKASQEL
;
P
23 'polypeptide(L)'
;MSSAAEKKPASKAPAEKKPAAKKTSTSVDGKKRSKVRKETYSSYIYKVLKQTHPDTGISQKSMSILNSFVNDIFERIATE
ASKLAAYNKKSTISAREIQTAVRLILPGELAKHAVSEGTRAVTKYSSSTQA
;
Q
24 'polydeoxyribonucleotide'
;(DT)(DT)(DA)(DA)(DA)(DT)(DT)(DT)(DT)(DG)(DC)(DA)(DT)(DA)(DC)(DG)(DA)(DT)(DC)(DG)
(DA)(DT)(DT)(DA)(DA)(DT)(DT)(DT)(DT)(DT)(DG)(DA)(DG)(DT)(DG)(DT)(DG)(DT)(DT)(DT)
(DT)(DT)(DT)(DT)(DT)(DT)(DT)(DT)(DT)(DT)(DT)
;
X
25 'polydeoxyribonucleotide'
;(DC)(DA)(DC)(DA)(DC)(DA)(DC)(DT)(DC)(DA)(DA)(DA)(DA)(DA)(DT)(DT)(DA)(DA)(DT)(DC)
(DG)(DA)(DT)(DC)(DG)(DT)(DA)(DT)(DG)(DC)(DA)(DA)(DA)(DA)(DT)(DT)(DT)(DA)(DA)
;
Y
#
# COMPACT_ATOMS: atom_id res chain seq x y z
N PRO A 43 23.46 -51.65 -68.11
CA PRO A 43 23.15 -52.28 -69.40
C PRO A 43 24.19 -53.32 -69.81
N ASP A 44 25.47 -53.03 -69.54
CA ASP A 44 26.52 -53.97 -69.91
C ASP A 44 26.57 -55.15 -68.95
N MET A 45 26.45 -54.90 -67.65
CA MET A 45 26.70 -55.84 -66.56
C MET A 45 28.09 -56.47 -66.70
N ILE A 46 29.11 -55.72 -66.30
CA ILE A 46 30.47 -56.25 -66.31
C ILE A 46 30.62 -57.31 -65.24
N ASN A 47 30.14 -57.03 -64.04
CA ASN A 47 30.14 -58.01 -62.96
C ASN A 47 28.72 -58.23 -62.48
N PRO A 48 28.37 -59.42 -62.02
CA PRO A 48 27.10 -59.60 -61.30
C PRO A 48 27.06 -58.84 -60.00
N GLU A 49 28.24 -58.61 -59.40
CA GLU A 49 28.32 -58.12 -58.05
C GLU A 49 28.28 -56.60 -58.01
N GLY A 50 28.82 -55.95 -59.04
CA GLY A 50 28.74 -54.50 -59.17
C GLY A 50 29.78 -54.00 -60.15
N ASP A 51 29.44 -52.89 -60.80
CA ASP A 51 30.29 -52.29 -61.81
C ASP A 51 30.84 -50.97 -61.29
N ASP A 52 31.57 -50.26 -62.16
CA ASP A 52 32.27 -49.05 -61.77
C ASP A 52 31.32 -47.91 -61.49
N ASN A 53 31.68 -47.10 -60.48
CA ASN A 53 30.88 -45.93 -60.10
C ASN A 53 31.03 -44.80 -61.10
N GLU A 54 32.12 -44.79 -61.89
CA GLU A 54 32.51 -43.75 -62.83
C GLU A 54 32.66 -42.41 -62.11
N VAL A 55 33.47 -42.36 -61.05
CA VAL A 55 33.75 -41.10 -60.38
C VAL A 55 35.09 -40.56 -60.86
N ASP A 56 35.20 -39.23 -60.94
CA ASP A 56 36.39 -38.60 -61.49
C ASP A 56 37.58 -38.77 -60.57
N ASP A 57 38.76 -38.88 -61.18
CA ASP A 57 39.99 -39.10 -60.44
C ASP A 57 40.52 -37.78 -59.89
N VAL A 58 40.66 -37.70 -58.56
CA VAL A 58 41.20 -36.49 -57.94
C VAL A 58 42.66 -36.24 -58.30
N PRO A 59 43.60 -37.24 -58.24
CA PRO A 59 44.93 -36.87 -58.79
C PRO A 59 44.97 -36.92 -60.31
N ASP A 60 44.50 -35.84 -60.93
CA ASP A 60 44.48 -35.77 -62.39
C ASP A 60 45.88 -35.55 -62.95
N ILE A 61 46.74 -34.88 -62.19
CA ILE A 61 48.11 -34.60 -62.63
C ILE A 61 48.90 -35.89 -62.77
N ASP A 62 48.73 -36.81 -61.82
CA ASP A 62 49.41 -38.10 -61.88
C ASP A 62 48.92 -38.95 -63.05
N GLU A 63 47.61 -38.90 -63.34
CA GLU A 63 47.07 -39.72 -64.42
C GLU A 63 47.49 -39.15 -65.78
N VAL A 64 47.57 -37.82 -65.89
CA VAL A 64 48.06 -37.19 -67.12
C VAL A 64 49.54 -37.47 -67.32
N GLU A 65 50.34 -37.45 -66.24
CA GLU A 65 51.77 -37.70 -66.42
C GLU A 65 52.05 -39.17 -66.65
N GLU A 66 51.12 -40.06 -66.26
CA GLU A 66 51.23 -41.43 -66.73
C GLU A 66 50.79 -41.57 -68.18
N GLN A 67 49.86 -40.71 -68.62
CA GLN A 67 49.43 -40.74 -70.01
C GLN A 67 50.54 -40.32 -70.95
N MET A 68 51.34 -39.33 -70.55
CA MET A 68 52.44 -38.90 -71.42
C MET A 68 53.75 -39.64 -71.15
N ASN A 69 53.81 -40.48 -70.11
CA ASN A 69 55.02 -41.24 -69.80
C ASN A 69 54.65 -42.62 -69.28
N GLU A 70 55.05 -43.66 -69.99
CA GLU A 70 54.84 -45.03 -69.59
C GLU A 70 56.01 -45.88 -70.08
N VAL A 71 56.55 -46.71 -69.19
CA VAL A 71 57.71 -47.54 -69.49
C VAL A 71 57.27 -49.01 -69.45
N ASP A 72 57.46 -49.70 -70.58
CA ASP A 72 57.08 -51.10 -70.69
C ASP A 72 58.20 -51.99 -70.17
N LEU A 73 57.83 -53.02 -69.41
CA LEU A 73 58.82 -53.98 -68.93
C LEU A 73 59.02 -55.12 -69.94
N MET A 74 57.93 -55.53 -70.58
CA MET A 74 57.98 -56.58 -71.61
C MET A 74 58.32 -55.91 -72.93
N ASP A 75 59.62 -55.83 -73.22
CA ASP A 75 60.08 -55.10 -74.40
C ASP A 75 61.37 -55.74 -74.91
N ASP A 76 62.06 -55.03 -75.81
CA ASP A 76 63.34 -55.52 -76.30
C ASP A 76 64.47 -55.26 -75.31
N ASN A 77 64.33 -54.20 -74.48
CA ASN A 77 65.40 -53.79 -73.57
C ASN A 77 65.50 -54.66 -72.32
N MET A 78 64.53 -55.56 -72.10
CA MET A 78 64.63 -56.46 -70.95
C MET A 78 65.64 -57.56 -71.18
N TYR A 79 66.06 -57.78 -72.43
CA TYR A 79 67.15 -58.69 -72.75
C TYR A 79 68.52 -58.02 -72.72
N GLU A 80 68.65 -56.90 -72.02
CA GLU A 80 69.88 -56.12 -72.00
C GLU A 80 70.35 -55.82 -70.57
N ASP A 81 69.43 -55.63 -69.63
CA ASP A 81 69.79 -55.11 -68.32
C ASP A 81 70.49 -56.14 -67.45
N TYR A 82 70.29 -57.43 -67.72
CA TYR A 82 70.71 -58.45 -66.74
C TYR A 82 72.18 -58.81 -66.90
N ALA A 83 72.55 -59.43 -68.02
CA ALA A 83 73.89 -60.01 -68.17
C ALA A 83 74.93 -58.92 -68.36
N ALA A 84 75.97 -58.94 -67.53
CA ALA A 84 76.89 -57.81 -67.48
C ALA A 84 78.30 -58.30 -67.13
N ASP A 85 79.19 -57.34 -66.87
CA ASP A 85 80.54 -57.63 -66.42
C ASP A 85 80.51 -58.06 -64.95
N HIS A 86 81.63 -58.67 -64.52
CA HIS A 86 81.79 -59.05 -63.13
C HIS A 86 82.41 -57.96 -62.27
N ASN A 87 82.69 -56.79 -62.85
CA ASN A 87 83.33 -55.72 -62.07
C ASN A 87 82.35 -55.08 -61.09
N ARG A 88 81.09 -54.93 -61.48
CA ARG A 88 80.09 -54.34 -60.60
C ARG A 88 79.49 -55.34 -59.62
N ASP A 89 79.72 -56.63 -59.81
CA ASP A 89 79.29 -57.63 -58.85
C ASP A 89 80.39 -57.93 -57.84
N ARG A 90 80.94 -56.87 -57.24
CA ARG A 90 82.04 -57.00 -56.29
C ARG A 90 81.81 -56.05 -55.12
N TYR A 91 82.40 -56.41 -53.99
CA TYR A 91 82.53 -55.51 -52.84
C TYR A 91 83.99 -55.12 -52.72
N ASP A 92 84.25 -53.85 -52.41
CA ASP A 92 85.60 -53.33 -52.31
C ASP A 92 86.31 -53.90 -51.09
N PRO A 93 87.45 -54.58 -51.25
CA PRO A 93 88.12 -55.15 -50.08
C PRO A 93 88.80 -54.11 -49.20
N ASP A 94 89.22 -52.99 -49.77
CA ASP A 94 89.93 -51.97 -49.00
C ASP A 94 89.00 -51.20 -48.08
N GLN A 95 87.80 -50.85 -48.56
CA GLN A 95 86.87 -50.09 -47.75
C GLN A 95 86.24 -50.95 -46.66
N VAL A 96 85.88 -52.19 -47.01
CA VAL A 96 85.15 -53.07 -46.11
C VAL A 96 86.16 -53.87 -45.29
N ASP A 97 86.09 -53.75 -43.97
CA ASP A 97 86.98 -54.48 -43.06
C ASP A 97 86.19 -55.65 -42.48
N ASP A 98 86.69 -56.86 -42.70
CA ASP A 98 86.08 -58.07 -42.19
C ASP A 98 87.02 -58.69 -41.15
N ARG A 99 86.69 -58.55 -39.88
CA ARG A 99 87.51 -59.09 -38.81
C ARG A 99 86.61 -59.60 -37.70
N GLU A 100 87.17 -60.49 -36.88
CA GLU A 100 86.46 -60.94 -35.69
C GLU A 100 86.47 -59.84 -34.64
N GLN A 101 85.28 -59.35 -34.28
CA GLN A 101 85.15 -58.21 -33.40
C GLN A 101 84.27 -58.57 -32.21
N GLN A 102 84.20 -57.64 -31.26
CA GLN A 102 83.40 -57.84 -30.06
C GLN A 102 81.91 -57.81 -30.39
N GLU A 103 81.16 -58.65 -29.70
CA GLU A 103 79.72 -58.79 -29.91
C GLU A 103 78.98 -58.51 -28.62
N LEU A 104 77.71 -58.11 -28.73
CA LEU A 104 76.89 -57.84 -27.56
C LEU A 104 76.55 -59.14 -26.84
N SER A 105 76.32 -59.04 -25.54
CA SER A 105 75.68 -60.15 -24.83
C SER A 105 74.19 -60.19 -25.17
N LEU A 106 73.56 -61.30 -24.81
CA LEU A 106 72.15 -61.48 -25.16
C LEU A 106 71.24 -60.57 -24.34
N SER A 107 71.55 -60.41 -23.05
CA SER A 107 70.76 -59.53 -22.20
C SER A 107 70.91 -58.07 -22.61
N GLU A 108 72.13 -57.67 -22.97
CA GLU A 108 72.35 -56.32 -23.46
C GLU A 108 71.59 -56.05 -24.75
N ARG A 109 71.58 -57.03 -25.66
CA ARG A 109 70.87 -56.88 -26.92
C ARG A 109 69.36 -56.83 -26.70
N ARG A 110 68.85 -57.60 -25.74
CA ARG A 110 67.44 -57.52 -25.40
C ARG A 110 67.09 -56.17 -24.78
N ARG A 111 68.01 -55.61 -23.99
CA ARG A 111 67.80 -54.29 -23.41
C ARG A 111 67.75 -53.22 -24.50
N ILE A 112 68.62 -53.33 -25.50
CA ILE A 112 68.61 -52.40 -26.64
C ILE A 112 67.33 -52.56 -27.47
N ASP A 113 66.87 -53.81 -27.62
CA ASP A 113 65.61 -54.06 -28.32
C ASP A 113 64.43 -53.41 -27.59
N ALA A 114 64.38 -53.55 -26.27
CA ALA A 114 63.33 -52.92 -25.47
C ALA A 114 63.41 -51.40 -25.55
N GLN A 115 64.64 -50.85 -25.52
CA GLN A 115 64.81 -49.39 -25.56
C GLN A 115 64.37 -48.81 -26.90
N LEU A 116 64.73 -49.45 -28.02
CA LEU A 116 64.30 -48.88 -29.30
C LEU A 116 62.84 -49.20 -29.63
N ASN A 117 62.27 -50.29 -29.10
CA ASN A 117 60.82 -50.45 -29.21
C ASN A 117 60.09 -49.35 -28.44
N GLU A 118 60.60 -49.00 -27.25
CA GLU A 118 60.04 -47.88 -26.49
C GLU A 118 60.23 -46.57 -27.22
N ARG A 119 61.39 -46.38 -27.86
CA ARG A 119 61.65 -45.15 -28.61
C ARG A 119 60.73 -45.01 -29.81
N ASP A 120 60.53 -46.10 -30.56
CA ASP A 120 59.64 -46.07 -31.71
C ASP A 120 58.19 -45.87 -31.30
N ARG A 121 57.78 -46.48 -30.17
CA ARG A 121 56.41 -46.26 -29.69
C ARG A 121 56.20 -44.85 -29.17
N LEU A 122 57.20 -44.25 -28.52
CA LEU A 122 57.06 -42.88 -28.03
C LEU A 122 57.07 -41.87 -29.17
N LEU A 123 57.98 -42.04 -30.13
CA LEU A 123 58.11 -41.06 -31.21
C LEU A 123 57.01 -41.21 -32.25
N ARG A 124 56.63 -42.44 -32.58
CA ARG A 124 55.67 -42.66 -33.66
C ARG A 124 54.26 -42.27 -33.25
N ASN A 125 53.82 -42.69 -32.07
CA ASN A 125 52.46 -42.45 -31.59
C ASN A 125 52.54 -41.50 -30.40
N VAL A 126 52.53 -40.19 -30.69
CA VAL A 126 52.59 -39.16 -29.67
C VAL A 126 51.50 -38.12 -29.95
N ALA A 127 50.70 -37.81 -28.92
CA ALA A 127 49.80 -36.67 -28.97
C ALA A 127 50.43 -35.46 -28.28
N TYR A 128 50.74 -35.60 -26.99
CA TYR A 128 51.55 -34.65 -26.26
C TYR A 128 52.55 -35.45 -25.45
N ILE A 129 53.29 -34.77 -24.56
CA ILE A 129 54.26 -35.44 -23.72
C ILE A 129 53.61 -36.10 -22.50
N ASP A 130 52.34 -35.79 -22.24
CA ASP A 130 51.67 -36.16 -20.99
C ASP A 130 51.46 -37.68 -20.83
N ASP A 131 51.59 -38.45 -21.91
CA ASP A 131 51.52 -39.91 -21.82
C ASP A 131 52.87 -40.43 -21.36
N GLU A 132 53.12 -40.32 -20.06
CA GLU A 132 54.41 -40.66 -19.49
C GLU A 132 54.39 -42.08 -18.93
N ASP A 133 55.49 -42.45 -18.28
CA ASP A 133 55.61 -43.76 -17.66
C ASP A 133 54.71 -43.85 -16.44
N GLU A 134 54.31 -45.09 -16.13
CA GLU A 134 53.36 -45.43 -15.06
C GLU A 134 52.04 -44.67 -15.22
N GLU A 135 51.59 -44.55 -16.47
CA GLU A 135 50.26 -44.00 -16.74
C GLU A 135 49.20 -44.99 -16.31
N GLN A 136 48.07 -44.45 -15.82
CA GLN A 136 47.04 -45.28 -15.21
C GLN A 136 46.24 -46.00 -16.30
N GLU A 137 46.31 -47.33 -16.31
CA GLU A 137 45.48 -48.12 -17.21
C GLU A 137 44.06 -48.26 -16.68
N GLY A 138 43.83 -47.98 -15.41
CA GLY A 138 42.52 -47.87 -14.82
C GLY A 138 41.97 -46.46 -14.77
N ALA A 139 42.54 -45.55 -15.55
CA ALA A 139 42.10 -44.15 -15.53
C ALA A 139 40.74 -43.97 -16.19
N ALA A 140 40.37 -44.86 -17.11
CA ALA A 140 39.13 -44.72 -17.86
C ALA A 140 37.91 -45.02 -17.00
N GLN A 141 37.63 -44.15 -16.05
CA GLN A 141 36.51 -44.30 -15.12
C GLN A 141 35.59 -43.09 -15.32
N LEU A 142 34.51 -43.30 -16.07
CA LEU A 142 33.56 -42.25 -16.39
C LEU A 142 32.36 -42.36 -15.45
N ASP A 143 31.93 -41.23 -14.92
CA ASP A 143 30.80 -41.20 -14.00
C ASP A 143 29.48 -41.25 -14.79
N GLU A 144 28.37 -41.18 -14.06
CA GLU A 144 27.06 -41.13 -14.69
C GLU A 144 26.83 -39.81 -15.41
N MET A 145 27.53 -38.76 -14.99
CA MET A 145 27.47 -37.44 -15.61
C MET A 145 28.61 -37.20 -16.59
N GLY A 146 29.38 -38.23 -16.93
CA GLY A 146 30.44 -38.12 -17.90
C GLY A 146 31.79 -37.68 -17.36
N LEU A 147 31.82 -37.18 -16.13
CA LEU A 147 33.04 -36.69 -15.52
C LEU A 147 33.91 -37.86 -15.04
N PRO A 148 35.20 -37.62 -14.81
CA PRO A 148 36.03 -38.67 -14.18
C PRO A 148 35.55 -38.99 -12.76
N VAL A 149 35.70 -40.27 -12.41
CA VAL A 149 35.28 -40.75 -11.09
C VAL A 149 36.27 -40.24 -10.05
N GLN A 150 35.75 -39.68 -8.95
CA GLN A 150 36.57 -39.10 -7.90
C GLN A 150 37.42 -40.15 -7.21
N ARG A 151 38.68 -39.81 -6.96
CA ARG A 151 39.58 -40.71 -6.25
C ARG A 151 39.22 -40.76 -4.76
N ARG A 152 39.62 -41.86 -4.14
CA ARG A 152 39.39 -42.17 -2.71
C ARG A 152 37.92 -42.10 -2.31
N ASP A 173 33.77 -39.55 -0.60
CA ASP A 173 32.36 -39.88 -0.77
C ASP A 173 31.46 -38.68 -0.51
N ILE A 174 32.08 -37.56 -0.14
CA ILE A 174 31.33 -36.33 0.12
C ILE A 174 31.00 -35.67 -1.21
N ASP A 175 29.82 -35.05 -1.30
CA ASP A 175 29.39 -34.38 -2.53
C ASP A 175 30.33 -33.22 -2.86
N PRO A 176 30.69 -33.05 -4.14
CA PRO A 176 31.60 -31.96 -4.52
C PRO A 176 31.05 -30.56 -4.26
N LEU A 177 29.73 -30.38 -4.32
CA LEU A 177 29.14 -29.10 -3.97
C LEU A 177 29.02 -28.91 -2.47
N ARG A 178 29.31 -29.95 -1.68
CA ARG A 178 29.13 -29.95 -0.24
C ARG A 178 30.44 -30.12 0.53
N GLU A 179 31.50 -30.62 -0.11
CA GLU A 179 32.75 -30.86 0.60
C GLU A 179 33.45 -29.53 0.86
N GLU A 180 33.79 -29.29 2.12
CA GLU A 180 34.26 -27.99 2.57
C GLU A 180 35.79 -27.96 2.59
N LEU A 181 36.33 -26.86 3.09
CA LEU A 181 37.76 -26.63 3.14
C LEU A 181 38.07 -25.84 4.41
N THR A 182 39.32 -25.41 4.56
CA THR A 182 39.82 -24.89 5.83
C THR A 182 40.19 -23.41 5.71
N LEU A 183 40.58 -22.82 6.84
CA LEU A 183 40.79 -21.38 6.93
C LEU A 183 42.05 -20.94 6.22
N GLU A 184 43.14 -21.71 6.33
CA GLU A 184 44.33 -21.38 5.57
C GLU A 184 44.18 -21.67 4.09
N SER A 185 43.20 -22.50 3.70
CA SER A 185 42.80 -22.58 2.31
C SER A 185 41.86 -21.45 1.91
N LEU A 186 41.22 -20.79 2.88
CA LEU A 186 40.46 -19.58 2.57
C LEU A 186 41.38 -18.37 2.39
N SER A 187 42.50 -18.33 3.10
CA SER A 187 43.46 -17.26 2.89
C SER A 187 44.09 -17.33 1.51
N ASN A 188 44.35 -18.55 1.03
CA ASN A 188 44.75 -18.77 -0.36
C ASN A 188 43.57 -18.47 -1.26
N VAL A 189 43.67 -17.43 -2.08
CA VAL A 189 42.50 -16.95 -2.81
C VAL A 189 42.20 -17.84 -4.00
N LYS A 190 43.16 -17.97 -4.93
CA LYS A 190 43.02 -18.72 -6.19
C LYS A 190 41.84 -18.23 -7.01
N ALA A 191 41.66 -16.91 -7.10
CA ALA A 191 40.56 -16.34 -7.87
C ALA A 191 40.98 -14.99 -8.43
N ASN A 192 40.31 -14.59 -9.50
CA ASN A 192 40.63 -13.32 -10.16
C ASN A 192 40.20 -12.14 -9.31
N SER A 193 39.03 -12.23 -8.68
CA SER A 193 38.52 -11.16 -7.85
C SER A 193 37.95 -11.75 -6.56
N TYR A 194 37.62 -10.87 -5.63
CA TYR A 194 37.05 -11.30 -4.36
C TYR A 194 35.66 -11.87 -4.53
N SER A 195 34.82 -11.21 -5.34
CA SER A 195 33.42 -11.59 -5.47
C SER A 195 33.27 -12.93 -6.20
N GLU A 196 34.18 -13.24 -7.14
CA GLU A 196 34.15 -14.55 -7.77
C GLU A 196 34.57 -15.65 -6.80
N TRP A 197 35.40 -15.31 -5.81
CA TRP A 197 35.78 -16.29 -4.80
C TRP A 197 34.67 -16.53 -3.79
N ILE A 198 33.98 -15.46 -3.37
CA ILE A 198 32.86 -15.61 -2.45
C ILE A 198 31.68 -16.28 -3.15
N THR A 199 31.55 -16.06 -4.46
CA THR A 199 30.50 -16.67 -5.27
C THR A 199 30.64 -18.19 -5.36
N GLN A 200 31.87 -18.70 -5.28
CA GLN A 200 32.14 -20.14 -5.42
C GLN A 200 31.49 -20.92 -4.27
N PRO A 201 30.86 -22.07 -4.57
CA PRO A 201 29.89 -22.67 -3.64
C PRO A 201 30.45 -23.24 -2.35
N ASN A 202 31.39 -24.19 -2.46
CA ASN A 202 31.95 -24.84 -1.28
C ASN A 202 32.69 -23.85 -0.40
N VAL A 203 33.31 -22.87 -1.03
CA VAL A 203 33.92 -21.76 -0.30
C VAL A 203 32.85 -20.95 0.42
N SER A 204 31.71 -20.72 -0.23
CA SER A 204 30.61 -19.98 0.40
C SER A 204 30.07 -20.70 1.63
N ARG A 205 29.98 -22.03 1.57
CA ARG A 205 29.64 -22.76 2.79
C ARG A 205 30.76 -22.75 3.82
N THR A 206 32.02 -22.57 3.39
CA THR A 206 33.10 -22.46 4.37
C THR A 206 33.02 -21.15 5.16
N ILE A 207 32.82 -20.01 4.47
CA ILE A 207 32.48 -18.77 5.19
C ILE A 207 31.17 -18.90 6.00
N ALA A 208 30.19 -19.67 5.51
CA ALA A 208 28.95 -19.85 6.27
C ALA A 208 29.19 -20.55 7.61
N ARG A 209 29.93 -21.66 7.59
CA ARG A 209 30.18 -22.40 8.83
C ARG A 209 31.16 -21.65 9.73
N GLU A 210 32.12 -20.91 9.15
CA GLU A 210 33.05 -20.14 9.96
C GLU A 210 32.36 -18.97 10.65
N LEU A 211 31.41 -18.33 9.97
CA LEU A 211 30.68 -17.23 10.59
C LEU A 211 29.68 -17.76 11.62
N LYS A 212 29.12 -18.94 11.40
CA LYS A 212 28.27 -19.55 12.41
C LYS A 212 29.08 -19.88 13.66
N SER A 213 30.30 -20.38 13.49
CA SER A 213 31.18 -20.61 14.64
C SER A 213 31.61 -19.31 15.31
N PHE A 214 31.71 -18.22 14.54
CA PHE A 214 32.07 -16.93 15.13
C PHE A 214 30.93 -16.37 15.97
N LEU A 215 29.69 -16.41 15.45
CA LEU A 215 28.53 -15.95 16.23
C LEU A 215 28.26 -16.83 17.44
N LEU A 216 28.41 -18.14 17.32
CA LEU A 216 28.06 -19.01 18.44
C LEU A 216 29.12 -19.00 19.54
N GLU A 217 30.39 -18.85 19.19
CA GLU A 217 31.49 -19.04 20.14
C GLU A 217 32.35 -17.79 20.30
N TYR A 218 31.74 -16.63 20.49
CA TYR A 218 32.47 -15.41 20.82
C TYR A 218 32.08 -14.95 22.21
N THR A 219 33.05 -14.98 23.13
CA THR A 219 32.89 -14.43 24.46
C THR A 219 34.04 -13.49 24.78
N ASP A 220 33.79 -12.53 25.66
CA ASP A 220 34.80 -11.58 26.09
C ASP A 220 35.46 -12.11 27.37
N GLU A 221 36.25 -11.25 28.03
CA GLU A 221 36.97 -11.66 29.22
C GLU A 221 36.07 -11.86 30.44
N THR A 222 34.85 -11.32 30.40
CA THR A 222 33.92 -11.54 31.51
C THR A 222 33.43 -12.98 31.53
N GLY A 223 33.16 -13.55 30.37
CA GLY A 223 32.68 -14.91 30.26
C GLY A 223 31.26 -15.06 29.75
N ARG A 224 30.74 -14.10 29.00
CA ARG A 224 29.40 -14.14 28.46
C ARG A 224 29.44 -14.00 26.95
N SER A 225 28.60 -14.77 26.26
CA SER A 225 28.48 -14.65 24.82
C SER A 225 27.73 -13.36 24.49
N VAL A 226 28.40 -12.46 23.77
CA VAL A 226 27.79 -11.18 23.43
C VAL A 226 26.68 -11.37 22.40
N TYR A 227 26.91 -12.25 21.42
CA TYR A 227 25.94 -12.43 20.35
C TYR A 227 24.73 -13.24 20.78
N GLY A 228 24.86 -14.09 21.80
CA GLY A 228 23.68 -14.74 22.35
C GLY A 228 22.73 -13.76 23.02
N ALA A 229 23.30 -12.83 23.79
CA ALA A 229 22.49 -11.76 24.39
C ALA A 229 21.95 -10.82 23.33
N ARG A 230 22.71 -10.62 22.24
CA ARG A 230 22.21 -9.79 21.15
C ARG A 230 21.07 -10.48 20.40
N ILE A 231 21.11 -11.80 20.29
CA ILE A 231 20.00 -12.55 19.69
C ILE A 231 18.77 -12.49 20.60
N ARG A 232 18.99 -12.59 21.92
CA ARG A 232 17.89 -12.48 22.88
C ARG A 232 17.22 -11.11 22.83
N THR A 233 18.02 -10.03 22.80
CA THR A 233 17.42 -8.71 22.72
C THR A 233 16.94 -8.37 21.31
N LEU A 234 17.37 -9.13 20.30
CA LEU A 234 16.68 -9.07 19.00
C LEU A 234 15.29 -9.66 19.13
N GLY A 235 15.16 -10.78 19.84
CA GLY A 235 13.86 -11.40 19.99
C GLY A 235 12.95 -10.68 20.95
N GLU A 236 13.50 -9.79 21.79
CA GLU A 236 12.73 -9.22 22.89
C GLU A 236 11.61 -8.30 22.40
N MET A 237 11.90 -7.34 21.52
CA MET A 237 10.83 -6.52 20.95
C MET A 237 10.61 -6.77 19.46
N ASN A 238 10.89 -8.01 19.00
CA ASN A 238 10.70 -8.45 17.61
C ASN A 238 11.47 -7.58 16.61
N SER A 239 12.68 -7.18 17.00
CA SER A 239 13.53 -6.45 16.08
C SER A 239 14.09 -7.38 15.01
N GLU A 240 14.53 -6.80 13.90
CA GLU A 240 15.14 -7.55 12.83
C GLU A 240 16.59 -7.17 12.55
N SER A 241 17.18 -6.31 13.37
CA SER A 241 18.55 -5.85 13.17
C SER A 241 19.46 -6.48 14.22
N LEU A 242 20.56 -7.08 13.76
CA LEU A 242 21.55 -7.69 14.64
C LEU A 242 22.86 -6.92 14.45
N GLU A 243 23.22 -6.11 15.43
CA GLU A 243 24.42 -5.30 15.34
C GLU A 243 25.67 -6.16 15.56
N VAL A 244 26.65 -6.03 14.67
CA VAL A 244 27.91 -6.75 14.78
C VAL A 244 29.03 -5.73 14.82
N ASN A 245 29.83 -5.78 15.87
CA ASN A 245 31.00 -4.91 15.98
C ASN A 245 32.11 -5.41 15.06
N TYR A 246 32.66 -4.50 14.26
CA TYR A 246 33.75 -4.87 13.36
C TYR A 246 35.04 -5.16 14.11
N ARG A 247 35.22 -4.55 15.30
CA ARG A 247 36.39 -4.85 16.11
C ARG A 247 36.37 -6.29 16.62
N HIS A 248 35.18 -6.86 16.80
CA HIS A 248 35.09 -8.28 17.16
C HIS A 248 35.56 -9.17 16.02
N LEU A 249 35.28 -8.79 14.77
CA LEU A 249 35.85 -9.49 13.63
C LEU A 249 37.33 -9.20 13.44
N ALA A 250 37.81 -8.06 13.97
CA ALA A 250 39.24 -7.77 13.91
C ALA A 250 40.02 -8.61 14.91
N GLU A 251 39.45 -8.84 16.10
CA GLU A 251 40.13 -9.64 17.11
C GLU A 251 40.18 -11.11 16.72
N SER A 252 39.04 -11.66 16.27
CA SER A 252 38.95 -13.06 15.88
C SER A 252 38.43 -13.15 14.45
N LYS A 253 39.10 -13.99 13.64
CA LYS A 253 38.79 -14.22 12.22
C LYS A 253 38.86 -12.92 11.42
N ALA A 254 40.07 -12.38 11.35
CA ALA A 254 40.32 -11.13 10.62
C ALA A 254 40.23 -11.31 9.11
N ILE A 255 40.34 -12.55 8.62
CA ILE A 255 40.12 -12.84 7.21
C ILE A 255 38.68 -12.54 6.82
N LEU A 256 37.74 -12.81 7.75
CA LEU A 256 36.34 -12.49 7.51
C LEU A 256 36.11 -10.98 7.46
N ALA A 257 36.82 -10.22 8.31
CA ALA A 257 36.72 -8.77 8.27
C ALA A 257 37.31 -8.22 6.97
N LEU A 258 38.41 -8.81 6.49
CA LEU A 258 38.99 -8.40 5.21
C LEU A 258 38.04 -8.70 4.05
N PHE A 259 37.39 -9.87 4.07
CA PHE A 259 36.42 -10.21 3.04
C PHE A 259 35.18 -9.32 3.10
N LEU A 260 34.79 -8.89 4.30
CA LEU A 260 33.67 -7.96 4.42
C LEU A 260 34.06 -6.57 3.94
N ALA A 261 35.30 -6.16 4.17
CA ALA A 261 35.75 -4.84 3.72
C ALA A 261 35.92 -4.80 2.21
N LYS A 262 36.35 -5.90 1.61
CA LYS A 262 36.63 -5.89 0.16
C LYS A 262 35.36 -6.14 -0.66
N CYS A 263 34.59 -7.17 -0.29
CA CYS A 263 33.35 -7.54 -1.00
C CYS A 263 32.21 -7.55 0.01
N PRO A 264 31.58 -6.41 0.25
CA PRO A 264 30.58 -6.34 1.34
C PRO A 264 29.23 -6.95 1.00
N GLU A 265 28.82 -6.87 -0.28
CA GLU A 265 27.47 -7.30 -0.65
C GLU A 265 27.30 -8.82 -0.53
N GLU A 266 28.24 -9.57 -1.08
CA GLU A 266 28.17 -11.03 -0.99
C GLU A 266 28.42 -11.51 0.43
N MET A 267 29.28 -10.79 1.17
CA MET A 267 29.54 -11.14 2.57
C MET A 267 28.29 -10.94 3.42
N LEU A 268 27.54 -9.86 3.19
CA LEU A 268 26.28 -9.68 3.91
C LEU A 268 25.21 -10.66 3.42
N LYS A 269 25.28 -11.06 2.14
CA LYS A 269 24.36 -12.05 1.61
C LYS A 269 24.58 -13.43 2.24
N ILE A 270 25.81 -13.72 2.67
CA ILE A 270 26.04 -14.91 3.48
C ILE A 270 25.70 -14.65 4.94
N PHE A 271 25.99 -13.43 5.43
CA PHE A 271 25.90 -13.12 6.85
C PHE A 271 24.46 -13.10 7.34
N ASP A 272 23.51 -12.68 6.51
CA ASP A 272 22.11 -12.68 6.94
C ASP A 272 21.58 -14.11 7.12
N LEU A 273 21.97 -15.03 6.23
CA LEU A 273 21.61 -16.43 6.41
C LEU A 273 22.28 -17.04 7.64
N VAL A 274 23.53 -16.65 7.90
CA VAL A 274 24.24 -17.14 9.09
C VAL A 274 23.56 -16.65 10.36
N ALA A 275 23.19 -15.36 10.40
CA ALA A 275 22.51 -14.80 11.56
C ALA A 275 21.10 -15.35 11.73
N MET A 276 20.43 -15.66 10.62
CA MET A 276 19.10 -16.29 10.71
C MET A 276 19.20 -17.70 11.28
N GLU A 277 20.21 -18.47 10.86
CA GLU A 277 20.42 -19.79 11.45
C GLU A 277 20.80 -19.70 12.93
N ALA A 278 21.61 -18.70 13.29
CA ALA A 278 21.97 -18.51 14.69
C ALA A 278 20.76 -18.07 15.53
N THR A 279 19.82 -17.33 14.93
CA THR A 279 18.59 -16.99 15.62
C THR A 279 17.68 -18.21 15.78
N GLU A 280 17.53 -19.01 14.73
CA GLU A 280 16.70 -20.21 14.79
C GLU A 280 17.28 -21.28 15.70
N LEU A 281 18.59 -21.25 15.97
CA LEU A 281 19.15 -22.16 16.96
C LEU A 281 18.70 -21.79 18.36
N HIS A 282 18.40 -20.52 18.60
CA HIS A 282 17.96 -20.05 19.92
C HIS A 282 16.46 -19.75 19.95
N TYR A 283 15.91 -19.18 18.88
CA TYR A 283 14.48 -18.91 18.77
C TYR A 283 13.93 -19.71 17.60
N PRO A 284 13.46 -20.94 17.84
CA PRO A 284 12.84 -21.71 16.76
C PRO A 284 11.53 -21.10 16.30
N ASP A 285 11.22 -21.34 15.01
CA ASP A 285 10.02 -20.81 14.34
C ASP A 285 9.96 -19.29 14.40
N TYR A 286 11.11 -18.63 14.30
CA TYR A 286 11.18 -17.19 14.25
C TYR A 286 10.89 -16.64 12.85
N ALA A 287 10.89 -17.51 11.83
CA ALA A 287 10.63 -17.07 10.47
C ALA A 287 9.18 -16.65 10.25
N ARG A 288 8.26 -17.10 11.12
CA ARG A 288 6.88 -16.64 11.04
C ARG A 288 6.76 -15.17 11.46
N ILE A 289 7.61 -14.74 12.40
CA ILE A 289 7.60 -13.35 12.82
C ILE A 289 8.26 -12.47 11.75
N HIS A 290 9.49 -12.81 11.38
CA HIS A 290 10.24 -12.07 10.36
C HIS A 290 10.88 -13.08 9.43
N SER A 291 10.53 -13.01 8.14
CA SER A 291 11.01 -13.99 7.17
C SER A 291 12.51 -13.86 6.90
N GLU A 292 13.02 -12.63 6.85
CA GLU A 292 14.43 -12.39 6.63
C GLU A 292 14.99 -11.53 7.74
N ILE A 293 16.21 -11.84 8.15
CA ILE A 293 16.90 -11.09 9.19
C ILE A 293 17.97 -10.24 8.49
N HIS A 294 18.35 -9.15 9.15
CA HIS A 294 19.34 -8.23 8.60
C HIS A 294 20.33 -7.86 9.68
N VAL A 295 21.56 -7.53 9.25
CA VAL A 295 22.68 -7.31 10.15
C VAL A 295 23.26 -5.93 9.86
N ARG A 296 23.39 -5.11 10.90
CA ARG A 296 23.97 -3.78 10.81
C ARG A 296 25.40 -3.84 11.31
N ILE A 297 26.36 -3.70 10.40
CA ILE A 297 27.77 -3.74 10.76
C ILE A 297 28.15 -2.43 11.42
N SER A 298 28.76 -2.52 12.60
CA SER A 298 29.05 -1.34 13.42
C SER A 298 30.56 -1.12 13.54
N ASP A 299 30.93 0.16 13.64
CA ASP A 299 32.28 0.63 13.94
C ASP A 299 33.31 0.16 12.92
N PHE A 300 33.15 0.62 11.69
CA PHE A 300 34.20 0.47 10.70
C PHE A 300 35.37 1.38 11.09
N PRO A 301 36.60 0.87 11.14
CA PRO A 301 37.71 1.67 11.71
C PRO A 301 38.16 2.84 10.85
N THR A 302 37.76 2.90 9.58
CA THR A 302 38.13 4.01 8.71
C THR A 302 36.90 4.88 8.46
N ILE A 303 37.01 6.17 8.78
CA ILE A 303 35.93 7.13 8.61
C ILE A 303 36.31 8.02 7.43
N TYR A 304 35.47 8.02 6.39
CA TYR A 304 35.69 8.82 5.20
C TYR A 304 34.62 9.88 5.09
N SER A 305 35.03 11.12 4.96
CA SER A 305 34.07 12.19 4.70
C SER A 305 33.69 12.19 3.22
N LEU A 306 32.70 13.04 2.89
CA LEU A 306 32.21 13.08 1.52
C LEU A 306 33.20 13.72 0.57
N ARG A 307 34.09 14.58 1.06
CA ARG A 307 35.11 15.18 0.21
C ARG A 307 36.22 14.19 -0.13
N GLU A 308 36.44 13.20 0.72
CA GLU A 308 37.57 12.28 0.58
C GLU A 308 37.22 10.99 -0.15
N LEU A 309 35.99 10.86 -0.65
CA LEU A 309 35.60 9.65 -1.36
C LEU A 309 36.18 9.66 -2.77
N ARG A 310 36.86 8.58 -3.14
CA ARG A 310 37.47 8.47 -4.47
C ARG A 310 37.02 7.20 -5.17
N GLU A 311 37.67 6.87 -6.29
CA GLU A 311 37.30 5.70 -7.08
C GLU A 311 37.72 4.38 -6.45
N SER A 312 38.68 4.41 -5.51
CA SER A 312 39.14 3.18 -4.89
C SER A 312 38.15 2.64 -3.86
N ASN A 313 37.23 3.48 -3.37
CA ASN A 313 36.27 3.08 -2.35
C ASN A 313 34.98 2.53 -2.91
N LEU A 314 34.86 2.39 -4.24
CA LEU A 314 33.67 1.82 -4.83
C LEU A 314 33.62 0.31 -4.60
N SER A 315 32.37 -0.21 -4.49
CA SER A 315 32.07 -1.59 -4.13
C SER A 315 32.73 -1.99 -2.82
N SER A 316 32.65 -1.11 -1.82
CA SER A 316 33.26 -1.34 -0.53
C SER A 316 32.47 -0.61 0.54
N LEU A 317 32.69 -1.01 1.79
CA LEU A 317 32.03 -0.39 2.92
C LEU A 317 32.71 0.94 3.28
N VAL A 318 31.91 1.98 3.44
CA VAL A 318 32.42 3.29 3.83
C VAL A 318 31.62 3.80 5.03
N ARG A 319 32.33 4.50 5.92
CA ARG A 319 31.74 5.12 7.10
C ARG A 319 31.77 6.63 6.88
N VAL A 320 30.59 7.23 6.72
CA VAL A 320 30.46 8.61 6.27
C VAL A 320 29.69 9.40 7.32
N THR A 321 30.28 10.52 7.77
CA THR A 321 29.62 11.43 8.68
C THR A 321 28.95 12.54 7.89
N GLY A 322 27.67 12.79 8.17
CA GLY A 322 26.97 13.85 7.46
C GLY A 322 25.60 14.11 8.05
N VAL A 323 25.03 15.24 7.65
CA VAL A 323 23.72 15.67 8.11
C VAL A 323 22.69 15.40 7.03
N VAL A 324 21.51 14.94 7.43
CA VAL A 324 20.43 14.65 6.50
C VAL A 324 19.57 15.90 6.36
N THR A 325 19.45 16.41 5.14
CA THR A 325 18.66 17.60 4.85
C THR A 325 17.30 17.27 4.28
N ARG A 326 17.24 16.37 3.29
CA ARG A 326 15.99 16.00 2.64
C ARG A 326 15.73 14.52 2.83
N ARG A 327 14.55 14.18 3.33
CA ARG A 327 14.12 12.80 3.52
C ARG A 327 12.78 12.61 2.82
N THR A 328 12.73 11.65 1.90
CA THR A 328 11.48 11.34 1.24
C THR A 328 10.65 10.38 2.10
N GLY A 329 9.40 10.17 1.68
CA GLY A 329 8.52 9.30 2.42
C GLY A 329 8.84 7.83 2.21
N VAL A 330 8.13 7.00 2.98
CA VAL A 330 8.30 5.55 2.90
C VAL A 330 7.68 5.05 1.61
N PHE A 331 8.43 4.26 0.85
CA PHE A 331 7.85 3.76 -0.38
C PHE A 331 8.00 2.24 -0.49
N PRO A 332 6.95 1.53 -0.88
CA PRO A 332 7.08 0.09 -1.12
C PRO A 332 7.81 -0.18 -2.43
N GLN A 333 8.70 -1.17 -2.38
CA GLN A 333 9.54 -1.53 -3.52
C GLN A 333 9.53 -3.04 -3.66
N LEU A 334 9.47 -3.51 -4.91
CA LEU A 334 9.46 -4.95 -5.19
C LEU A 334 10.85 -5.51 -4.89
N LYS A 335 10.94 -6.39 -3.90
CA LYS A 335 12.20 -7.08 -3.63
C LYS A 335 12.52 -8.08 -4.73
N TYR A 336 11.50 -8.76 -5.25
CA TYR A 336 11.64 -9.66 -6.39
C TYR A 336 10.66 -9.22 -7.47
N VAL A 337 11.19 -8.88 -8.64
CA VAL A 337 10.36 -8.49 -9.77
C VAL A 337 10.14 -9.72 -10.67
N LYS A 338 8.87 -9.97 -10.99
CA LYS A 338 8.49 -11.03 -11.92
C LYS A 338 7.41 -10.48 -12.85
N PHE A 339 7.39 -10.98 -14.07
CA PHE A 339 6.48 -10.46 -15.10
C PHE A 339 5.91 -11.61 -15.91
N ASN A 340 4.79 -11.33 -16.56
CA ASN A 340 4.09 -12.28 -17.40
C ASN A 340 4.28 -11.91 -18.86
N CYS A 341 4.83 -12.83 -19.64
CA CYS A 341 4.87 -12.66 -21.08
C CYS A 341 3.49 -12.94 -21.65
N LEU A 342 2.99 -12.04 -22.51
CA LEU A 342 1.63 -12.18 -23.00
C LEU A 342 1.52 -13.20 -24.12
N LYS A 343 2.51 -13.21 -25.02
CA LYS A 343 2.41 -14.07 -26.21
C LYS A 343 2.72 -15.52 -25.86
N CYS A 344 3.52 -15.76 -24.83
CA CYS A 344 3.94 -17.10 -24.45
C CYS A 344 3.35 -17.49 -23.11
N GLY A 345 3.15 -18.79 -22.92
CA GLY A 345 2.59 -19.27 -21.67
C GLY A 345 3.59 -19.22 -20.52
N SER A 346 4.88 -19.19 -20.83
CA SER A 346 5.90 -19.15 -19.80
C SER A 346 5.93 -17.80 -19.11
N ILE A 347 6.26 -17.82 -17.82
CA ILE A 347 6.38 -16.61 -17.02
C ILE A 347 7.86 -16.29 -16.84
N LEU A 348 8.16 -15.02 -16.63
CA LEU A 348 9.53 -14.62 -16.37
C LEU A 348 9.88 -14.85 -14.90
N GLY A 349 11.09 -15.35 -14.67
CA GLY A 349 11.54 -15.70 -13.34
C GLY A 349 11.75 -14.49 -12.43
N PRO A 350 11.62 -14.69 -11.13
CA PRO A 350 11.81 -13.57 -10.19
C PRO A 350 13.28 -13.18 -10.09
N PHE A 351 13.53 -11.87 -10.22
CA PHE A 351 14.88 -11.32 -10.14
C PHE A 351 14.97 -10.34 -8.98
N PHE A 352 16.08 -10.41 -8.26
CA PHE A 352 16.28 -9.59 -7.07
C PHE A 352 16.59 -8.15 -7.47
N GLN A 353 16.01 -7.20 -6.74
CA GLN A 353 16.21 -5.78 -7.02
C GLN A 353 17.39 -5.25 -6.21
N ASP A 354 18.30 -4.55 -6.89
CA ASP A 354 19.51 -4.03 -6.27
C ASP A 354 19.34 -2.62 -5.72
N SER A 355 18.14 -2.03 -5.88
CA SER A 355 17.78 -0.69 -5.42
C SER A 355 18.65 0.41 -6.02
N ASN A 356 19.25 0.17 -7.18
CA ASN A 356 19.98 1.20 -7.91
C ASN A 356 19.37 1.45 -9.28
N GLU A 357 19.20 0.42 -10.09
CA GLU A 357 18.61 0.54 -11.42
C GLU A 357 17.66 -0.63 -11.64
N GLU A 358 16.67 -0.42 -12.51
CA GLU A 358 15.66 -1.45 -12.76
C GLU A 358 16.26 -2.61 -13.55
N ILE A 359 15.65 -3.78 -13.39
CA ILE A 359 16.16 -4.97 -14.04
C ILE A 359 15.83 -4.90 -15.53
N ARG A 360 16.87 -5.00 -16.35
CA ARG A 360 16.75 -4.85 -17.81
C ARG A 360 16.30 -6.17 -18.40
N ILE A 361 15.10 -6.18 -18.99
CA ILE A 361 14.50 -7.39 -19.53
C ILE A 361 14.77 -7.37 -21.03
N SER A 362 15.82 -8.08 -21.45
CA SER A 362 16.18 -8.11 -22.86
C SER A 362 15.25 -9.02 -23.65
N PHE A 363 14.86 -10.15 -23.08
CA PHE A 363 14.03 -11.13 -23.79
C PHE A 363 13.20 -11.90 -22.77
N CYS A 364 12.59 -12.99 -23.21
CA CYS A 364 11.85 -13.91 -22.36
C CYS A 364 12.51 -15.28 -22.36
N THR A 365 12.09 -16.12 -21.41
CA THR A 365 12.70 -17.44 -21.26
C THR A 365 12.21 -18.43 -22.32
N ASN A 366 11.12 -18.12 -23.04
CA ASN A 366 10.62 -18.97 -24.10
C ASN A 366 10.70 -18.32 -25.47
N CYS A 367 10.51 -17.01 -25.56
CA CYS A 367 10.62 -16.26 -26.81
C CYS A 367 11.80 -15.31 -26.72
N LYS A 368 12.60 -15.26 -27.79
CA LYS A 368 13.80 -14.43 -27.82
C LYS A 368 13.53 -13.05 -28.38
N SER A 369 12.52 -12.37 -27.84
CA SER A 369 12.17 -11.03 -28.26
C SER A 369 11.41 -10.34 -27.13
N LYS A 370 11.36 -9.00 -27.21
CA LYS A 370 10.67 -8.21 -26.20
C LYS A 370 9.16 -8.32 -26.38
N GLY A 371 8.44 -8.28 -25.26
CA GLY A 371 7.00 -8.37 -25.27
C GLY A 371 6.37 -7.57 -24.16
N PRO A 372 5.04 -7.70 -24.01
CA PRO A 372 4.35 -7.02 -22.89
C PRO A 372 4.66 -7.72 -21.58
N PHE A 373 5.08 -6.94 -20.58
CA PHE A 373 5.44 -7.46 -19.28
C PHE A 373 4.68 -6.71 -18.20
N ARG A 374 3.99 -7.47 -17.33
CA ARG A 374 3.31 -6.90 -16.17
C ARG A 374 3.48 -7.84 -14.99
N VAL A 375 3.36 -7.27 -13.79
CA VAL A 375 3.69 -7.97 -12.55
C VAL A 375 2.58 -8.95 -12.19
N ASN A 376 2.97 -10.21 -11.94
CA ASN A 376 2.04 -11.23 -11.49
C ASN A 376 1.88 -11.15 -9.98
N GLY A 377 0.70 -11.53 -9.49
CA GLY A 377 0.44 -11.55 -8.07
C GLY A 377 0.68 -12.92 -7.45
N GLU A 378 1.36 -13.80 -8.19
CA GLU A 378 1.63 -15.15 -7.69
C GLU A 378 2.64 -15.12 -6.55
N LYS A 379 3.75 -14.41 -6.73
CA LYS A 379 4.76 -14.25 -5.70
C LYS A 379 5.24 -12.81 -5.73
N THR A 380 4.79 -12.00 -4.77
CA THR A 380 5.21 -10.62 -4.65
C THR A 380 5.74 -10.37 -3.24
N VAL A 381 6.87 -9.69 -3.15
CA VAL A 381 7.51 -9.35 -1.89
C VAL A 381 7.80 -7.86 -1.90
N TYR A 382 7.36 -7.15 -0.87
CA TYR A 382 7.52 -5.70 -0.77
C TYR A 382 8.45 -5.35 0.39
N ARG A 383 9.32 -4.37 0.16
CA ARG A 383 10.22 -3.88 1.19
C ARG A 383 10.25 -2.36 1.16
N ASN A 384 10.61 -1.78 2.30
CA ASN A 384 10.60 -0.33 2.43
C ASN A 384 11.80 0.30 1.73
N TYR A 385 11.59 1.48 1.16
CA TYR A 385 12.61 2.18 0.40
C TYR A 385 12.47 3.67 0.68
N GLN A 386 13.60 4.31 0.98
CA GLN A 386 13.59 5.74 1.26
C GLN A 386 14.95 6.34 0.94
N ARG A 387 14.98 7.37 0.11
CA ARG A 387 16.21 8.09 -0.17
C ARG A 387 16.39 9.25 0.81
N VAL A 388 17.62 9.46 1.24
CA VAL A 388 17.96 10.64 2.02
C VAL A 388 19.12 11.37 1.34
N THR A 389 19.08 12.70 1.38
CA THR A 389 20.13 13.52 0.82
C THR A 389 21.12 13.82 1.94
N LEU A 390 22.23 13.09 1.97
CA LEU A 390 23.19 13.20 3.05
C LEU A 390 24.18 14.30 2.69
N GLN A 391 23.93 15.50 3.20
CA GLN A 391 24.84 16.61 3.05
C GLN A 391 25.95 16.49 4.08
N GLU A 392 27.15 16.93 3.70
CA GLU A 392 28.26 16.99 4.63
C GLU A 392 27.98 17.99 5.75
N ALA A 393 28.44 17.66 6.96
CA ALA A 393 28.18 18.52 8.10
C ALA A 393 28.98 19.81 7.99
N PRO A 394 28.38 20.96 8.29
CA PRO A 394 29.08 22.24 8.11
C PRO A 394 30.23 22.46 9.09
N GLY A 395 30.33 21.69 10.17
CA GLY A 395 31.49 21.76 11.03
C GLY A 395 32.60 20.85 10.54
N THR A 396 32.26 19.94 9.61
CA THR A 396 33.24 18.99 9.10
C THR A 396 33.92 19.52 7.84
N VAL A 397 33.22 20.33 7.05
CA VAL A 397 33.74 20.88 5.80
C VAL A 397 34.85 21.87 6.08
N PRO A 398 35.75 22.15 5.13
CA PRO A 398 36.65 23.28 5.29
C PRO A 398 35.88 24.58 5.35
N PRO A 399 36.39 25.57 6.10
CA PRO A 399 35.61 26.79 6.36
C PRO A 399 35.44 27.64 5.11
N GLY A 400 34.18 27.97 4.80
CA GLY A 400 33.86 28.78 3.64
C GLY A 400 33.62 28.00 2.36
N ARG A 401 33.86 26.70 2.35
CA ARG A 401 33.73 25.89 1.14
C ARG A 401 32.28 25.44 0.94
N LEU A 402 32.06 24.63 -0.12
CA LEU A 402 30.75 24.09 -0.46
C LEU A 402 30.58 22.67 0.05
N PRO A 403 29.38 22.31 0.47
CA PRO A 403 29.12 20.93 0.89
C PRO A 403 28.98 20.00 -0.30
N ARG A 404 28.99 18.70 -0.01
CA ARG A 404 28.87 17.66 -1.03
C ARG A 404 27.63 16.82 -0.74
N HIS A 405 26.95 16.39 -1.80
CA HIS A 405 25.68 15.68 -1.70
C HIS A 405 25.81 14.29 -2.30
N ARG A 406 25.44 13.26 -1.53
CA ARG A 406 25.34 11.90 -2.03
C ARG A 406 24.02 11.30 -1.57
N GLU A 407 23.24 10.78 -2.51
CA GLU A 407 21.98 10.15 -2.16
C GLU A 407 22.24 8.81 -1.49
N VAL A 408 21.52 8.55 -0.39
CA VAL A 408 21.72 7.35 0.42
C VAL A 408 20.42 6.57 0.48
N ILE A 409 20.51 5.27 0.19
CA ILE A 409 19.36 4.37 0.15
C ILE A 409 19.14 3.80 1.54
N LEU A 410 17.90 3.84 2.02
CA LEU A 410 17.51 3.24 3.28
C LEU A 410 16.47 2.17 3.00
N LEU A 411 16.73 0.95 3.45
CA LEU A 411 15.90 -0.21 3.17
C LEU A 411 15.58 -0.92 4.48
N ALA A 412 14.42 -1.58 4.50
CA ALA A 412 13.94 -2.48 5.58
C ALA A 412 13.81 -1.68 6.87
N ASP A 413 14.59 -1.97 7.91
CA ASP A 413 14.44 -1.30 9.20
C ASP A 413 14.95 0.14 9.12
N LEU A 414 15.86 0.42 8.19
CA LEU A 414 16.54 1.72 8.14
C LEU A 414 15.62 2.86 7.72
N VAL A 415 14.41 2.54 7.22
CA VAL A 415 13.46 3.59 6.90
C VAL A 415 12.99 4.29 8.17
N ASP A 416 12.81 5.60 8.09
CA ASP A 416 12.40 6.54 9.13
C ASP A 416 13.37 6.60 10.31
N VAL A 417 14.58 6.04 10.21
CA VAL A 417 15.56 6.19 11.28
C VAL A 417 16.14 7.60 11.27
N SER A 418 16.56 8.06 10.09
CA SER A 418 17.11 9.40 9.97
C SER A 418 16.01 10.45 9.99
N LYS A 419 16.38 11.66 10.42
CA LYS A 419 15.48 12.80 10.47
C LYS A 419 16.12 13.97 9.73
N PRO A 420 15.31 14.88 9.19
CA PRO A 420 15.88 16.08 8.56
C PRO A 420 16.57 16.98 9.58
N GLY A 421 17.86 17.22 9.37
CA GLY A 421 18.68 17.96 10.30
C GLY A 421 19.47 17.10 11.26
N GLU A 422 19.19 15.81 11.32
CA GLU A 422 19.91 14.90 12.22
C GLU A 422 21.27 14.55 11.63
N GLU A 423 22.32 14.67 12.44
CA GLU A 423 23.66 14.29 12.02
C GLU A 423 23.89 12.81 12.30
N VAL A 424 24.35 12.07 11.30
CA VAL A 424 24.45 10.63 11.35
C VAL A 424 25.82 10.18 10.84
N GLU A 425 26.16 8.95 11.20
CA GLU A 425 27.28 8.21 10.63
C GLU A 425 26.68 7.00 9.91
N VAL A 426 26.74 7.03 8.58
CA VAL A 426 26.18 5.96 7.76
C VAL A 426 27.31 5.04 7.35
N THR A 427 27.18 3.76 7.70
CA THR A 427 28.11 2.73 7.26
C THR A 427 27.40 1.96 6.16
N GLY A 428 27.90 2.09 4.93
CA GLY A 428 27.16 1.54 3.80
C GLY A 428 28.03 1.20 2.63
N ILE A 429 27.46 0.43 1.71
CA ILE A 429 28.18 -0.02 0.53
C ILE A 429 28.15 1.10 -0.50
N TYR A 430 29.33 1.49 -0.99
CA TYR A 430 29.47 2.60 -1.92
C TYR A 430 29.48 2.03 -3.34
N LYS A 431 28.32 2.06 -3.98
CA LYS A 431 28.18 1.57 -5.35
C LYS A 431 28.05 2.72 -6.33
N ASN A 432 28.14 2.38 -7.62
CA ASN A 432 27.95 3.34 -8.70
C ASN A 432 27.04 2.74 -9.75
N ASN A 433 26.26 3.61 -10.40
CA ASN A 433 25.36 3.20 -11.47
C ASN A 433 25.47 4.19 -12.60
N TYR A 434 25.08 3.74 -13.79
CA TYR A 434 25.10 4.59 -14.98
C TYR A 434 23.79 5.34 -15.09
N ASP A 435 23.88 6.66 -15.18
CA ASP A 435 22.75 7.49 -15.55
C ASP A 435 23.09 8.34 -16.78
N GLY A 436 22.08 8.64 -17.58
CA GLY A 436 22.31 9.34 -18.82
C GLY A 436 22.37 10.84 -18.67
N ASN A 437 21.83 11.36 -17.56
CA ASN A 437 21.76 12.81 -17.37
C ASN A 437 23.13 13.41 -17.03
N LEU A 438 23.94 12.70 -16.25
CA LEU A 438 25.28 13.19 -15.93
C LEU A 438 26.19 13.17 -17.16
N ASN A 439 26.08 12.12 -17.98
CA ASN A 439 26.81 12.07 -19.24
C ASN A 439 26.28 13.10 -20.22
N ALA A 440 24.99 13.44 -20.13
CA ALA A 440 24.41 14.46 -21.00
C ALA A 440 24.92 15.85 -20.65
N LYS A 441 24.91 16.19 -19.36
CA LYS A 441 25.26 17.53 -18.92
C LYS A 441 26.74 17.70 -18.61
N ASN A 442 27.53 16.63 -18.66
CA ASN A 442 28.95 16.72 -18.36
C ASN A 442 29.85 16.58 -19.58
N GLY A 443 29.45 15.76 -20.56
CA GLY A 443 30.23 15.56 -21.76
C GLY A 443 31.24 14.43 -21.70
N PHE A 444 31.39 13.79 -20.55
CA PHE A 444 32.33 12.70 -20.36
C PHE A 444 31.60 11.49 -19.81
N PRO A 445 32.11 10.26 -20.04
CA PRO A 445 31.43 9.06 -19.52
C PRO A 445 31.54 8.96 -18.00
N VAL A 446 30.67 9.68 -17.31
CA VAL A 446 30.71 9.82 -15.86
C VAL A 446 29.55 9.04 -15.26
N PHE A 447 29.82 8.34 -14.15
CA PHE A 447 28.83 7.50 -13.50
C PHE A 447 28.39 8.12 -12.19
N ALA A 448 27.09 8.05 -11.91
CA ALA A 448 26.56 8.52 -10.64
C ALA A 448 26.95 7.57 -9.52
N THR A 449 27.00 8.09 -8.30
CA THR A 449 27.38 7.33 -7.12
C THR A 449 26.21 7.24 -6.15
N ILE A 450 25.95 6.03 -5.66
CA ILE A 450 24.82 5.75 -4.80
C ILE A 450 25.33 4.95 -3.59
N ILE A 451 25.01 5.43 -2.39
CA ILE A 451 25.41 4.76 -1.15
C ILE A 451 24.22 3.94 -0.68
N GLU A 452 24.36 2.62 -0.68
CA GLU A 452 23.35 1.75 -0.07
C GLU A 452 23.72 1.56 1.40
N ALA A 453 22.92 2.15 2.30
CA ALA A 453 23.28 2.15 3.71
C ALA A 453 23.05 0.78 4.33
N ASN A 454 24.06 0.27 5.02
CA ASN A 454 23.91 -0.92 5.84
C ASN A 454 23.52 -0.59 7.27
N SER A 455 23.96 0.56 7.78
CA SER A 455 23.64 0.94 9.15
C SER A 455 23.73 2.45 9.31
N ILE A 456 22.96 2.97 10.27
CA ILE A 456 22.97 4.37 10.66
C ILE A 456 23.24 4.45 12.16
N LYS A 457 24.24 5.25 12.55
CA LYS A 457 24.52 5.53 13.94
C LYS A 457 24.27 7.01 14.20
N ARG A 458 23.51 7.32 15.25
CA ARG A 458 23.28 8.70 15.61
C ARG A 458 24.55 9.29 16.20
N ARG A 459 24.97 10.45 15.68
CA ARG A 459 26.17 11.13 16.17
C ARG A 459 25.76 12.12 17.27
N GLU A 460 25.46 11.56 18.43
CA GLU A 460 25.04 12.35 19.57
C GLU A 460 26.26 12.92 20.28
N GLY A 461 26.22 14.22 20.56
CA GLY A 461 27.29 14.86 21.28
C GLY A 461 28.53 15.07 20.43
N ASN A 462 29.64 15.38 21.12
CA ASN A 462 30.89 15.65 20.43
C ASN A 462 31.54 14.36 19.92
N THR A 463 31.19 13.22 20.55
CA THR A 463 31.80 11.87 20.42
C THR A 463 33.33 11.91 20.27
N ALA A 464 33.98 12.77 21.06
CA ALA A 464 35.44 12.79 21.11
C ALA A 464 35.98 11.56 21.82
N ASN A 465 35.21 11.01 22.77
CA ASN A 465 35.52 9.72 23.35
C ASN A 465 35.27 8.63 22.33
N GLU A 466 36.28 7.80 22.08
CA GLU A 466 36.12 6.66 21.20
C GLU A 466 35.81 5.37 21.96
N GLY A 467 35.55 5.46 23.26
CA GLY A 467 35.30 4.29 24.08
C GLY A 467 33.90 3.70 23.97
N GLU A 468 32.92 4.47 23.52
CA GLU A 468 31.57 3.94 23.35
C GLU A 468 31.46 3.31 21.96
N GLU A 469 31.59 1.99 21.92
CA GLU A 469 31.60 1.23 20.67
C GLU A 469 30.22 0.60 20.48
N GLY A 470 29.43 1.19 19.59
CA GLY A 470 28.11 0.67 19.31
C GLY A 470 27.34 1.67 18.46
N LEU A 471 26.23 1.18 17.91
CA LEU A 471 25.39 2.04 17.07
C LEU A 471 24.63 3.05 17.91
N ASP A 472 24.05 2.60 19.02
CA ASP A 472 23.34 3.47 19.95
C ASP A 472 24.13 3.52 21.25
N VAL A 473 24.66 4.70 21.57
CA VAL A 473 25.39 4.88 22.82
C VAL A 473 24.47 4.78 24.03
N PHE A 474 23.20 5.15 23.90
CA PHE A 474 22.27 5.09 25.02
C PHE A 474 21.54 3.75 25.12
N SER A 475 21.93 2.76 24.33
CA SER A 475 21.41 1.42 24.47
C SER A 475 22.11 0.71 25.64
N TRP A 476 21.57 -0.45 26.01
CA TRP A 476 22.10 -1.21 27.14
C TRP A 476 21.99 -2.70 26.85
N THR A 477 22.78 -3.48 27.57
CA THR A 477 22.66 -4.93 27.58
C THR A 477 21.94 -5.36 28.86
N GLU A 478 21.74 -6.67 28.99
CA GLU A 478 21.03 -7.19 30.17
C GLU A 478 21.88 -7.08 31.43
N GLU A 479 23.20 -7.26 31.30
CA GLU A 479 24.08 -7.10 32.45
C GLU A 479 24.16 -5.65 32.90
N GLU A 480 24.08 -4.72 31.95
CA GLU A 480 24.00 -3.30 32.30
C GLU A 480 22.71 -2.98 33.04
N GLU A 481 21.60 -3.61 32.66
CA GLU A 481 20.35 -3.44 33.39
C GLU A 481 20.44 -4.04 34.79
N ARG A 482 21.16 -5.17 34.92
CA ARG A 482 21.39 -5.75 36.24
C ARG A 482 22.23 -4.83 37.13
N GLU A 483 23.25 -4.19 36.55
CA GLU A 483 24.04 -3.22 37.31
C GLU A 483 23.24 -1.98 37.65
N PHE A 484 22.31 -1.57 36.77
CA PHE A 484 21.41 -0.46 37.08
C PHE A 484 20.51 -0.80 38.26
N ARG A 485 19.96 -2.02 38.27
CA ARG A 485 19.13 -2.44 39.39
C ARG A 485 19.94 -2.63 40.67
N LYS A 486 21.23 -2.96 40.53
CA LYS A 486 22.10 -3.02 41.70
C LYS A 486 22.35 -1.64 42.29
N ILE A 487 22.72 -0.66 41.44
CA ILE A 487 23.06 0.66 41.96
C ILE A 487 21.85 1.52 42.26
N SER A 488 20.66 1.12 41.82
CA SER A 488 19.47 1.90 42.12
C SER A 488 19.00 1.67 43.56
N ARG A 489 19.32 0.53 44.14
CA ARG A 489 18.89 0.20 45.49
C ARG A 489 19.86 0.69 46.56
N ASP A 490 20.94 1.36 46.16
CA ASP A 490 21.88 1.93 47.11
C ASP A 490 21.28 3.21 47.70
N ARG A 491 21.26 3.29 49.03
CA ARG A 491 20.80 4.51 49.68
C ARG A 491 21.84 5.60 49.53
N GLY A 492 21.40 6.80 49.14
CA GLY A 492 22.31 7.86 48.78
C GLY A 492 22.66 7.93 47.31
N ILE A 493 21.90 7.25 46.44
CA ILE A 493 22.16 7.30 45.00
C ILE A 493 21.81 8.68 44.45
N ILE A 494 20.90 9.41 45.10
CA ILE A 494 20.55 10.77 44.70
C ILE A 494 21.76 11.69 44.85
N ASP A 495 22.45 11.61 45.99
CA ASP A 495 23.63 12.44 46.20
C ASP A 495 24.79 12.01 45.31
N LYS A 496 24.88 10.71 45.00
CA LYS A 496 25.90 10.24 44.07
C LYS A 496 25.67 10.78 42.66
N ILE A 497 24.42 10.81 42.20
CA ILE A 497 24.09 11.36 40.89
C ILE A 497 24.33 12.86 40.86
N ILE A 498 23.95 13.57 41.94
CA ILE A 498 24.13 15.02 42.00
C ILE A 498 25.61 15.38 42.03
N SER A 499 26.42 14.68 42.84
CA SER A 499 27.84 14.96 42.90
C SER A 499 28.57 14.51 41.64
N SER A 500 28.05 13.51 40.94
CA SER A 500 28.63 13.06 39.69
C SER A 500 28.16 13.84 38.47
N MET A 501 27.19 14.73 38.64
CA MET A 501 26.69 15.52 37.53
C MET A 501 27.59 16.73 37.34
N ALA A 502 28.19 16.84 36.14
CA ALA A 502 29.27 17.75 35.77
C ALA A 502 30.44 17.64 36.74
N PRO A 503 31.24 16.57 36.67
CA PRO A 503 32.33 16.38 37.65
C PRO A 503 33.44 17.41 37.56
N SER A 504 33.60 18.11 36.44
CA SER A 504 34.68 19.07 36.29
C SER A 504 34.39 20.42 36.91
N ILE A 505 33.21 20.60 37.50
CA ILE A 505 32.80 21.86 38.11
C ILE A 505 32.73 21.66 39.62
N TYR A 506 33.37 22.56 40.36
CA TYR A 506 33.42 22.50 41.81
C TYR A 506 32.26 23.27 42.42
N GLY A 507 31.70 22.71 43.49
CA GLY A 507 30.59 23.35 44.19
C GLY A 507 29.32 23.33 43.35
N HIS A 508 28.50 24.37 43.57
CA HIS A 508 27.24 24.61 42.86
C HIS A 508 26.28 23.42 42.99
N ARG A 509 25.94 23.12 44.25
CA ARG A 509 25.05 22.00 44.54
C ARG A 509 23.64 22.25 44.04
N ASP A 510 23.18 23.50 44.13
CA ASP A 510 21.86 23.85 43.59
C ASP A 510 21.81 23.70 42.08
N ILE A 511 22.91 24.07 41.40
CA ILE A 511 22.99 23.95 39.95
C ILE A 511 22.93 22.48 39.53
N LYS A 512 23.75 21.64 40.18
CA LYS A 512 23.81 20.23 39.83
C LYS A 512 22.51 19.50 40.18
N THR A 513 21.88 19.89 41.29
CA THR A 513 20.58 19.32 41.66
C THR A 513 19.49 19.71 40.66
N ALA A 514 19.47 20.97 40.23
CA ALA A 514 18.48 21.43 39.26
C ALA A 514 18.70 20.78 37.90
N VAL A 515 19.97 20.59 37.51
CA VAL A 515 20.29 19.93 36.25
C VAL A 515 19.91 18.45 36.30
N ALA A 516 20.11 17.79 37.44
CA ALA A 516 19.66 16.40 37.59
C ALA A 516 18.15 16.29 37.50
N CYS A 517 17.43 17.24 38.13
CA CYS A 517 15.97 17.24 38.07
C CYS A 517 15.47 17.51 36.65
N SER A 518 16.12 18.42 35.93
CA SER A 518 15.72 18.71 34.55
C SER A 518 16.09 17.57 33.60
N LEU A 519 17.21 16.89 33.87
CA LEU A 519 17.67 15.83 32.98
C LEU A 519 16.85 14.57 33.14
N PHE A 520 16.43 14.26 34.37
CA PHE A 520 15.57 13.09 34.56
C PHE A 520 14.12 13.43 34.24
N GLY A 521 13.61 14.54 34.77
CA GLY A 521 12.27 14.99 34.46
C GLY A 521 11.19 14.24 35.23
N GLY A 522 10.01 14.82 35.24
CA GLY A 522 8.85 14.22 35.87
C GLY A 522 8.08 13.34 34.92
N VAL A 523 6.77 13.26 35.15
CA VAL A 523 5.88 12.41 34.35
C VAL A 523 4.79 13.28 33.74
N PRO A 524 4.63 13.30 32.43
CA PRO A 524 3.45 13.95 31.83
C PRO A 524 2.20 13.13 32.10
N LYS A 525 1.10 13.82 32.39
CA LYS A 525 -0.12 13.16 32.82
C LYS A 525 -1.27 13.46 31.87
N ASN A 526 -2.09 12.45 31.63
CA ASN A 526 -3.32 12.59 30.86
C ASN A 526 -4.47 12.19 31.77
N VAL A 527 -5.36 13.13 32.05
CA VAL A 527 -6.48 12.93 32.97
C VAL A 527 -7.73 12.74 32.12
N ASN A 528 -8.21 11.49 32.06
CA ASN A 528 -9.49 11.07 31.46
C ASN A 528 -9.59 11.40 29.97
N GLY A 529 -8.47 11.62 29.29
CA GLY A 529 -8.52 12.13 27.93
C GLY A 529 -9.00 13.56 27.83
N LYS A 530 -9.01 14.30 28.94
CA LYS A 530 -9.56 15.65 29.01
C LYS A 530 -8.56 16.69 29.47
N HIS A 531 -7.59 16.32 30.30
CA HIS A 531 -6.63 17.28 30.83
C HIS A 531 -5.22 16.78 30.57
N SER A 532 -4.31 17.71 30.29
CA SER A 532 -2.92 17.38 30.02
C SER A 532 -2.02 18.13 30.98
N ILE A 533 -1.07 17.43 31.59
CA ILE A 533 -0.09 18.01 32.50
C ILE A 533 1.30 17.78 31.93
N ARG A 534 2.04 18.89 31.77
CA ARG A 534 3.43 18.86 31.36
C ARG A 534 4.28 18.08 32.34
N GLY A 535 5.21 17.28 31.82
CA GLY A 535 6.08 16.47 32.66
C GLY A 535 7.53 16.92 32.74
N ASP A 536 7.99 17.73 31.80
CA ASP A 536 9.39 18.09 31.81
C ASP A 536 9.64 19.29 32.73
N ILE A 537 10.92 19.47 33.08
CA ILE A 537 11.35 20.48 34.04
C ILE A 537 12.31 21.44 33.35
N ASN A 538 12.01 22.73 33.43
CA ASN A 538 12.81 23.79 32.82
C ASN A 538 13.57 24.54 33.91
N VAL A 539 14.87 24.74 33.68
CA VAL A 539 15.75 25.30 34.69
C VAL A 539 16.47 26.51 34.12
N LEU A 540 16.43 27.63 34.85
CA LEU A 540 17.14 28.84 34.47
C LEU A 540 18.31 29.04 35.41
N LEU A 541 19.48 29.35 34.86
CA LEU A 541 20.69 29.63 35.62
C LEU A 541 21.04 31.10 35.42
N LEU A 542 20.81 31.91 36.44
CA LEU A 542 21.17 33.31 36.44
C LEU A 542 22.40 33.50 37.30
N GLY A 543 23.46 34.08 36.73
CA GLY A 543 24.68 34.17 37.50
C GLY A 543 25.66 35.16 36.91
N ASP A 544 26.66 35.47 37.73
CA ASP A 544 27.75 36.34 37.32
C ASP A 544 28.64 35.62 36.31
N PRO A 545 29.34 36.35 35.44
CA PRO A 545 30.26 35.71 34.50
C PRO A 545 31.45 35.09 35.20
N GLY A 546 32.00 34.04 34.58
CA GLY A 546 33.06 33.29 35.20
C GLY A 546 32.61 32.33 36.27
N THR A 547 31.36 31.90 36.23
CA THR A 547 30.83 30.94 37.19
C THR A 547 30.48 29.61 36.54
N ALA A 548 31.00 29.36 35.33
CA ALA A 548 30.86 28.11 34.58
C ALA A 548 29.40 27.73 34.33
N LYS A 549 28.60 28.69 33.88
CA LYS A 549 27.20 28.40 33.57
C LYS A 549 27.08 27.65 32.25
N SER A 550 27.96 27.92 31.30
CA SER A 550 27.87 27.31 29.98
C SER A 550 28.51 25.93 29.90
N GLN A 551 29.47 25.64 30.79
CA GLN A 551 30.06 24.30 30.81
C GLN A 551 29.07 23.26 31.27
N ILE A 552 28.14 23.65 32.16
CA ILE A 552 27.05 22.76 32.55
C ILE A 552 26.15 22.46 31.35
N LEU A 553 25.89 23.49 30.53
CA LEU A 553 25.07 23.31 29.33
C LEU A 553 25.76 22.37 28.33
N LYS A 554 27.08 22.51 28.16
CA LYS A 554 27.81 21.59 27.30
C LYS A 554 27.84 20.18 27.88
N TYR A 555 27.87 20.04 29.21
CA TYR A 555 27.80 18.73 29.82
C TYR A 555 26.45 18.07 29.59
N VAL A 556 25.37 18.86 29.64
CA VAL A 556 24.04 18.32 29.33
C VAL A 556 23.95 17.93 27.85
N GLU A 557 24.63 18.70 26.97
CA GLU A 557 24.75 18.29 25.57
C GLU A 557 25.44 16.95 25.42
N LYS A 558 26.50 16.72 26.20
CA LYS A 558 27.16 15.41 26.17
C LYS A 558 26.27 14.32 26.77
N THR A 559 25.47 14.65 27.78
CA THR A 559 24.83 13.67 28.65
C THR A 559 23.42 13.29 28.20
N ALA A 560 22.61 14.24 27.75
CA ALA A 560 21.22 13.98 27.41
C ALA A 560 21.12 13.11 26.16
N HIS A 561 20.00 12.37 26.07
CA HIS A 561 19.77 11.49 24.93
C HIS A 561 19.59 12.29 23.65
N ARG A 562 18.84 13.38 23.72
CA ARG A 562 18.70 14.32 22.61
C ARG A 562 18.94 15.72 23.17
N ALA A 563 19.81 16.48 22.51
CA ALA A 563 20.20 17.78 23.03
C ALA A 563 20.39 18.76 21.88
N VAL A 564 19.69 19.89 21.95
CA VAL A 564 19.77 20.93 20.94
C VAL A 564 20.25 22.20 21.60
N PHE A 565 21.13 22.95 20.92
CA PHE A 565 21.73 24.16 21.45
C PHE A 565 21.29 25.38 20.65
N ALA A 566 21.14 26.51 21.34
CA ALA A 566 20.89 27.78 20.70
C ALA A 566 21.44 28.90 21.59
N THR A 567 21.79 30.02 20.96
CA THR A 567 22.28 31.16 21.72
C THR A 567 22.04 32.46 20.98
N GLY A 568 21.82 33.53 21.76
CA GLY A 568 21.97 34.91 21.31
C GLY A 568 21.01 35.33 20.22
N GLN A 569 21.48 36.23 19.36
CA GLN A 569 20.74 36.64 18.17
C GLN A 569 20.76 35.57 17.08
N GLY A 570 21.61 34.55 17.21
CA GLY A 570 21.69 33.51 16.21
C GLY A 570 20.53 32.53 16.24
N ALA A 571 19.71 32.57 17.29
CA ALA A 571 18.51 31.76 17.37
C ALA A 571 17.30 32.62 17.03
N SER A 572 16.66 32.34 15.91
CA SER A 572 15.51 33.11 15.48
C SER A 572 14.25 32.64 16.19
N ALA A 573 13.14 33.33 15.93
CA ALA A 573 11.85 32.92 16.49
C ALA A 573 11.36 31.64 15.84
N VAL A 574 11.70 31.43 14.57
CA VAL A 574 11.33 30.21 13.86
C VAL A 574 12.52 29.29 13.64
N GLY A 575 13.72 29.69 14.08
CA GLY A 575 14.77 28.70 14.25
C GLY A 575 14.47 27.75 15.38
N LEU A 576 13.89 28.26 16.46
CA LEU A 576 13.24 27.45 17.47
C LEU A 576 11.83 27.13 16.96
N THR A 577 11.02 26.44 17.78
CA THR A 577 9.60 26.13 17.53
C THR A 577 9.57 25.28 16.25
N ALA A 578 8.97 25.73 15.15
CA ALA A 578 9.07 25.11 13.84
C ALA A 578 8.69 26.15 12.80
N SER A 579 9.10 25.90 11.55
CA SER A 579 8.90 26.86 10.48
C SER A 579 8.17 26.21 9.31
N VAL A 580 7.91 27.00 8.28
CA VAL A 580 7.32 26.52 7.04
C VAL A 580 8.16 27.07 5.89
N ARG A 581 8.19 26.34 4.77
CA ARG A 581 9.04 26.73 3.67
C ARG A 581 8.44 26.20 2.37
N LYS A 582 8.85 26.83 1.26
CA LYS A 582 8.38 26.44 -0.06
C LYS A 582 9.41 25.53 -0.70
N ASP A 583 8.98 24.33 -1.09
CA ASP A 583 9.87 23.37 -1.72
C ASP A 583 10.19 23.81 -3.15
N PRO A 584 11.41 23.57 -3.63
CA PRO A 584 11.69 23.85 -5.05
C PRO A 584 10.91 22.97 -6.02
N ILE A 585 10.54 21.76 -5.59
CA ILE A 585 9.71 20.87 -6.42
C ILE A 585 8.26 21.13 -6.06
N THR A 586 7.46 21.48 -7.09
CA THR A 586 6.02 21.75 -7.10
C THR A 586 5.59 23.00 -6.33
N LYS A 587 6.53 23.71 -5.68
CA LYS A 587 6.30 24.99 -4.99
C LYS A 587 5.21 24.89 -3.92
N GLU A 588 5.23 23.80 -3.16
CA GLU A 588 4.23 23.55 -2.12
C GLU A 588 4.79 23.91 -0.75
N TRP A 589 3.91 24.39 0.13
CA TRP A 589 4.31 24.80 1.47
C TRP A 589 4.41 23.56 2.37
N THR A 590 5.61 23.28 2.87
CA THR A 590 5.86 22.14 3.73
C THR A 590 6.52 22.62 5.02
N LEU A 591 6.22 21.92 6.11
CA LEU A 591 6.78 22.27 7.40
C LEU A 591 8.24 21.86 7.50
N GLU A 592 8.98 22.59 8.33
CA GLU A 592 10.37 22.28 8.66
C GLU A 592 10.50 22.27 10.18
N GLY A 593 11.14 21.23 10.70
CA GLY A 593 11.31 21.12 12.14
C GLY A 593 12.35 22.09 12.66
N GLY A 594 11.99 22.78 13.74
CA GLY A 594 12.89 23.74 14.36
C GLY A 594 13.82 23.08 15.36
N ALA A 595 14.37 23.89 16.25
CA ALA A 595 15.26 23.39 17.28
C ALA A 595 14.51 22.58 18.32
N LEU A 596 13.27 22.97 18.64
CA LEU A 596 12.49 22.26 19.64
C LEU A 596 11.89 20.97 19.11
N VAL A 597 11.74 20.84 17.79
CA VAL A 597 11.28 19.59 17.20
C VAL A 597 12.34 18.51 17.37
N LEU A 598 13.61 18.88 17.28
CA LEU A 598 14.72 17.96 17.46
C LEU A 598 15.01 17.63 18.92
N ALA A 599 14.24 18.15 19.87
CA ALA A 599 14.36 17.83 21.29
C ALA A 599 13.01 17.35 21.83
N ASP A 600 12.38 16.44 21.08
CA ASP A 600 11.02 16.02 21.41
C ASP A 600 10.97 15.19 22.68
N LYS A 601 12.01 14.41 22.96
CA LYS A 601 12.16 13.75 24.25
C LYS A 601 13.53 14.06 24.85
N GLY A 602 13.97 15.29 24.69
CA GLY A 602 15.29 15.68 25.15
C GLY A 602 15.37 17.07 25.75
N VAL A 603 16.54 17.70 25.65
CA VAL A 603 16.82 18.96 26.30
C VAL A 603 17.19 20.01 25.26
N CYS A 604 16.53 21.16 25.32
CA CYS A 604 16.91 22.33 24.56
C CYS A 604 17.62 23.30 25.49
N LEU A 605 18.78 23.81 25.05
CA LEU A 605 19.67 24.57 25.90
C LEU A 605 19.94 25.93 25.25
N ILE A 606 19.69 26.99 26.00
CA ILE A 606 19.82 28.35 25.51
C ILE A 606 20.94 29.03 26.29
N ASP A 607 21.92 29.55 25.57
CA ASP A 607 23.02 30.31 26.16
C ASP A 607 22.80 31.80 25.90
N GLU A 608 23.16 32.61 26.91
CA GLU A 608 22.98 34.07 26.92
C GLU A 608 21.53 34.45 26.64
N PHE A 609 20.67 34.03 27.56
CA PHE A 609 19.23 34.12 27.33
C PHE A 609 18.73 35.56 27.35
N ASP A 610 19.33 36.43 28.16
CA ASP A 610 18.84 37.81 28.28
C ASP A 610 19.10 38.63 27.01
N LYS A 611 20.26 38.44 26.38
CA LYS A 611 20.62 39.27 25.23
C LYS A 611 19.91 38.87 23.95
N MET A 612 19.26 37.72 23.93
CA MET A 612 18.44 37.32 22.79
C MET A 612 17.21 38.21 22.70
N ASN A 613 16.76 38.49 21.48
CA ASN A 613 15.63 39.37 21.24
C ASN A 613 14.36 38.81 21.86
N ASP A 614 13.46 39.71 22.27
CA ASP A 614 12.22 39.31 22.95
C ASP A 614 11.35 38.43 22.07
N GLN A 615 11.25 38.79 20.78
CA GLN A 615 10.55 37.95 19.81
C GLN A 615 11.24 36.60 19.65
N ASP A 616 12.56 36.57 19.81
CA ASP A 616 13.33 35.33 19.73
C ASP A 616 13.44 34.63 21.07
N ARG A 617 13.41 35.38 22.17
CA ARG A 617 13.41 34.79 23.52
C ARG A 617 12.14 34.00 23.76
N THR A 618 11.01 34.65 23.61
CA THR A 618 9.76 34.19 24.18
C THR A 618 8.79 33.66 23.13
N SER A 619 9.28 33.15 22.01
CA SER A 619 8.47 32.42 21.05
C SER A 619 8.25 30.98 21.45
N ILE A 620 8.78 30.55 22.60
CA ILE A 620 8.83 29.15 23.00
C ILE A 620 7.89 28.88 24.16
N HIS A 621 6.89 29.75 24.35
CA HIS A 621 5.91 29.59 25.42
C HIS A 621 5.08 28.31 25.27
N GLU A 622 4.65 28.00 24.05
CA GLU A 622 3.79 26.84 23.87
C GLU A 622 4.55 25.53 23.98
N ALA A 623 5.83 25.51 23.64
CA ALA A 623 6.63 24.32 23.88
C ALA A 623 7.01 24.17 25.34
N MET A 624 7.22 25.28 26.05
CA MET A 624 7.66 25.21 27.42
C MET A 624 6.48 25.15 28.40
N GLU A 625 5.25 25.35 27.92
CA GLU A 625 4.04 25.22 28.74
C GLU A 625 3.11 24.10 28.28
N GLN A 626 2.59 24.17 27.05
CA GLN A 626 1.69 23.14 26.54
C GLN A 626 2.40 21.93 25.98
N GLN A 627 3.74 21.98 25.89
CA GLN A 627 4.59 20.92 25.32
C GLN A 627 4.19 20.62 23.88
N SER A 628 3.79 21.65 23.14
CA SER A 628 3.25 21.47 21.80
C SER A 628 3.54 22.71 20.97
N ILE A 629 3.51 22.52 19.66
CA ILE A 629 3.80 23.56 18.68
C ILE A 629 2.57 23.69 17.79
N SER A 630 1.81 24.76 17.96
CA SER A 630 0.63 24.98 17.14
C SER A 630 0.97 25.98 16.05
N ILE A 631 0.81 25.57 14.80
CA ILE A 631 1.25 26.32 13.62
C ILE A 631 0.04 26.55 12.73
N SER A 632 -0.21 27.81 12.37
CA SER A 632 -1.24 28.15 11.39
C SER A 632 -0.63 29.20 10.44
N LYS A 633 0.02 28.73 9.38
CA LYS A 633 0.58 29.63 8.39
C LYS A 633 0.68 28.92 7.05
N ALA A 634 0.52 29.71 5.97
CA ALA A 634 0.64 29.28 4.58
C ALA A 634 -0.31 28.13 4.24
N GLY A 635 -1.51 28.17 4.79
CA GLY A 635 -2.46 27.10 4.59
C GLY A 635 -2.16 25.82 5.34
N ILE A 636 -1.24 25.87 6.30
CA ILE A 636 -0.84 24.70 7.08
C ILE A 636 -1.22 24.95 8.53
N VAL A 637 -2.06 24.07 9.07
CA VAL A 637 -2.36 24.04 10.50
C VAL A 637 -1.91 22.69 11.05
N THR A 638 -1.15 22.72 12.14
CA THR A 638 -0.49 21.53 12.67
C THR A 638 -0.23 21.71 14.16
N THR A 639 -0.58 20.70 14.95
CA THR A 639 -0.24 20.65 16.37
C THR A 639 0.86 19.60 16.56
N LEU A 640 2.11 20.04 16.50
CA LEU A 640 3.27 19.22 16.75
C LEU A 640 3.43 18.99 18.25
N GLN A 641 4.17 17.94 18.60
CA GLN A 641 4.62 17.74 19.98
C GLN A 641 6.07 18.16 20.11
N ALA A 642 6.35 19.04 21.07
CA ALA A 642 7.71 19.38 21.48
C ALA A 642 7.76 19.30 23.00
N ARG A 643 8.01 18.09 23.51
CA ARG A 643 8.16 17.91 24.96
C ARG A 643 9.61 18.21 25.31
N CYS A 644 9.88 19.49 25.56
CA CYS A 644 11.23 20.00 25.71
C CYS A 644 11.49 20.39 27.15
N SER A 645 12.62 19.94 27.68
CA SER A 645 13.17 20.49 28.91
C SER A 645 14.14 21.60 28.52
N ILE A 646 13.83 22.83 28.92
CA ILE A 646 14.61 23.99 28.51
C ILE A 646 15.53 24.38 29.66
N ILE A 647 16.83 24.36 29.40
CA ILE A 647 17.84 24.82 30.33
C ILE A 647 18.43 26.10 29.76
N ALA A 648 18.20 27.21 30.44
CA ALA A 648 18.64 28.51 29.98
C ALA A 648 19.74 29.04 30.89
N ALA A 649 20.62 29.87 30.31
CA ALA A 649 21.70 30.51 31.06
C ALA A 649 21.65 32.00 30.75
N ALA A 650 21.33 32.81 31.75
CA ALA A 650 21.14 34.24 31.57
C ALA A 650 22.15 35.02 32.42
N ASN A 651 22.13 36.33 32.25
CA ASN A 651 22.98 37.26 32.99
C ASN A 651 22.12 38.34 33.63
N PRO A 652 22.55 38.90 34.75
CA PRO A 652 21.80 40.00 35.36
C PRO A 652 22.00 41.31 34.62
N ASN A 653 21.21 42.31 35.01
CA ASN A 653 21.34 43.63 34.43
C ASN A 653 22.63 44.30 34.89
N GLY A 654 23.31 44.96 33.96
CA GLY A 654 24.59 45.57 34.26
C GLY A 654 25.77 44.64 34.25
N GLY A 655 25.56 43.35 33.99
CA GLY A 655 26.61 42.37 33.97
C GLY A 655 26.82 41.63 35.27
N ARG A 656 26.46 42.23 36.41
CA ARG A 656 26.65 41.63 37.71
C ARG A 656 25.34 41.61 38.48
N TYR A 657 25.16 40.58 39.30
CA TYR A 657 23.98 40.51 40.16
C TYR A 657 24.15 41.42 41.36
N ASN A 658 23.09 42.16 41.69
CA ASN A 658 23.06 42.99 42.88
C ASN A 658 22.32 42.22 43.97
N SER A 659 23.01 41.99 45.09
CA SER A 659 22.43 41.18 46.17
C SER A 659 21.33 41.91 46.91
N THR A 660 21.42 43.24 46.99
CA THR A 660 20.42 44.02 47.72
C THR A 660 19.17 44.28 46.89
N LEU A 661 19.18 43.96 45.59
CA LEU A 661 18.00 44.18 44.77
C LEU A 661 17.22 42.89 44.58
N PRO A 662 15.89 42.99 44.41
CA PRO A 662 15.10 41.80 44.10
C PRO A 662 15.36 41.22 42.72
N LEU A 663 14.69 40.11 42.41
CA LEU A 663 14.98 39.36 41.18
C LEU A 663 14.39 40.05 39.95
N ALA A 664 13.34 40.85 40.13
CA ALA A 664 12.55 41.32 38.99
C ALA A 664 13.31 42.32 38.12
N GLN A 665 13.95 43.32 38.72
CA GLN A 665 14.72 44.25 37.90
C GLN A 665 16.18 43.82 37.74
N ASN A 666 16.59 42.74 38.41
CA ASN A 666 17.90 42.16 38.11
C ASN A 666 17.94 41.55 36.73
N VAL A 667 16.86 40.90 36.32
CA VAL A 667 16.77 40.29 34.99
C VAL A 667 16.09 41.28 34.04
N SER A 668 16.35 41.08 32.75
CA SER A 668 15.56 41.75 31.71
C SER A 668 14.32 40.95 31.35
N LEU A 669 14.17 39.74 31.90
CA LEU A 669 13.02 38.91 31.62
C LEU A 669 11.78 39.45 32.32
N THR A 670 10.62 39.14 31.75
CA THR A 670 9.35 39.57 32.33
C THR A 670 8.79 38.46 33.21
N GLU A 671 7.61 38.74 33.80
CA GLU A 671 6.95 37.77 34.66
C GLU A 671 6.52 36.45 33.99
N PRO A 672 5.90 36.42 32.79
CA PRO A 672 5.50 35.10 32.27
C PRO A 672 6.66 34.20 31.87
N ILE A 673 7.71 34.75 31.26
CA ILE A 673 8.85 33.91 30.88
C ILE A 673 9.61 33.42 32.11
N LEU A 674 9.61 34.20 33.20
CA LEU A 674 10.17 33.72 34.47
C LEU A 674 9.26 32.72 35.15
N SER A 675 7.95 32.80 34.92
CA SER A 675 6.99 32.03 35.70
C SER A 675 6.97 30.55 35.34
N ARG A 676 7.28 30.19 34.10
CA ARG A 676 7.28 28.78 33.73
C ARG A 676 8.51 28.06 34.29
N PHE A 677 9.59 28.78 34.57
CA PHE A 677 10.84 28.15 34.97
C PHE A 677 10.71 27.58 36.38
N ASP A 678 10.98 26.29 36.52
CA ASP A 678 10.75 25.60 37.79
C ASP A 678 11.81 25.96 38.81
N ILE A 679 13.08 25.80 38.47
CA ILE A 679 14.19 26.09 39.35
C ILE A 679 15.02 27.21 38.73
N LEU A 680 15.23 28.29 39.49
CA LEU A 680 15.98 29.45 39.05
C LEU A 680 17.18 29.58 39.99
N CYS A 681 18.34 29.16 39.52
CA CYS A 681 19.54 29.12 40.34
C CYS A 681 20.28 30.45 40.22
N VAL A 682 20.39 31.17 41.33
CA VAL A 682 21.11 32.44 41.37
C VAL A 682 22.54 32.16 41.85
N VAL A 683 23.52 32.61 41.07
CA VAL A 683 24.93 32.43 41.36
C VAL A 683 25.55 33.80 41.55
N ARG A 684 26.23 33.99 42.68
CA ARG A 684 26.90 35.25 42.99
C ARG A 684 28.39 35.00 43.17
N ASP A 685 29.20 35.75 42.44
CA ASP A 685 30.65 35.62 42.50
C ASP A 685 31.15 36.44 43.68
N LEU A 686 31.16 35.83 44.85
CA LEU A 686 31.57 36.50 46.09
C LEU A 686 33.02 36.13 46.39
N VAL A 687 33.80 37.13 46.77
CA VAL A 687 35.22 36.94 47.06
C VAL A 687 35.36 36.29 48.43
N ASP A 688 35.99 35.13 48.48
CA ASP A 688 36.21 34.42 49.72
C ASP A 688 37.68 34.00 49.81
N GLU A 689 38.20 34.02 51.04
CA GLU A 689 39.62 33.70 51.24
C GLU A 689 39.90 32.22 51.16
N GLU A 690 38.89 31.37 51.35
CA GLU A 690 39.09 29.92 51.36
C GLU A 690 38.30 29.17 50.29
N ALA A 691 37.14 29.67 49.88
CA ALA A 691 36.42 29.03 48.77
C ALA A 691 37.17 29.20 47.45
N ASP A 692 37.83 30.35 47.27
CA ASP A 692 38.69 30.54 46.11
C ASP A 692 39.90 29.63 46.15
N GLU A 693 40.38 29.30 47.35
CA GLU A 693 41.53 28.39 47.48
C GLU A 693 41.19 26.98 47.01
N ARG A 694 40.08 26.43 47.51
CA ARG A 694 39.69 25.07 47.13
C ARG A 694 39.24 25.02 45.68
N LEU A 695 38.58 26.09 45.21
CA LEU A 695 38.17 26.15 43.80
C LEU A 695 39.39 26.23 42.88
N ALA A 696 40.39 27.03 43.26
CA ALA A 696 41.61 27.15 42.47
C ALA A 696 42.39 25.85 42.45
N THR A 697 42.46 25.16 43.61
CA THR A 697 43.13 23.86 43.68
C THR A 697 42.42 22.84 42.80
N PHE A 698 41.08 22.85 42.81
CA PHE A 698 40.31 21.95 41.96
C PHE A 698 40.51 22.23 40.47
N VAL A 699 40.49 23.51 40.07
CA VAL A 699 40.62 23.84 38.65
C VAL A 699 42.05 23.57 38.15
N VAL A 700 43.06 23.86 38.97
CA VAL A 700 44.44 23.59 38.58
C VAL A 700 44.70 22.08 38.52
N ASP A 701 44.13 21.32 39.46
CA ASP A 701 44.25 19.87 39.41
C ASP A 701 43.49 19.28 38.23
N SER A 702 42.38 19.91 37.81
CA SER A 702 41.67 19.47 36.62
C SER A 702 42.48 19.75 35.36
N HIS A 703 43.16 20.90 35.31
CA HIS A 703 44.00 21.22 34.15
C HIS A 703 45.23 20.32 34.10
N VAL A 704 45.75 19.91 35.26
CA VAL A 704 46.85 18.94 35.30
C VAL A 704 46.36 17.57 34.84
N ARG A 705 45.19 17.17 35.34
CA ARG A 705 44.66 15.83 35.11
C ARG A 705 44.18 15.63 33.67
N SER A 706 43.62 16.66 33.04
CA SER A 706 43.08 16.54 31.70
C SER A 706 44.10 16.78 30.61
N HIS A 707 45.38 16.92 30.96
CA HIS A 707 46.43 17.11 29.97
C HIS A 707 46.63 15.85 29.13
N PRO A 708 46.90 16.00 27.83
CA PRO A 708 47.16 14.81 27.00
C PRO A 708 48.45 14.09 27.36
N GLU A 709 49.43 14.79 27.91
CA GLU A 709 50.71 14.17 28.28
C GLU A 709 50.70 13.72 29.74
N ASN A 710 49.75 12.85 30.04
CA ASN A 710 49.62 12.27 31.38
C ASN A 710 48.92 10.92 31.32
N LEU A 738 45.30 -5.07 27.42
CA LEU A 738 46.68 -5.36 27.09
C LEU A 738 47.12 -4.60 25.85
N ASN A 739 46.16 -4.25 25.01
CA ASN A 739 46.43 -3.51 23.79
C ASN A 739 46.42 -2.01 24.08
N ALA A 740 46.42 -1.20 23.02
CA ALA A 740 46.40 0.25 23.21
C ALA A 740 45.04 0.74 23.69
N ARG A 741 43.96 0.23 23.08
CA ARG A 741 42.63 0.69 23.45
C ARG A 741 42.19 0.17 24.81
N GLN A 742 42.61 -1.05 25.17
CA GLN A 742 42.25 -1.61 26.47
C GLN A 742 42.91 -0.83 27.61
N ARG A 743 44.21 -0.55 27.47
CA ARG A 743 44.90 0.24 28.48
C ARG A 743 44.46 1.70 28.46
N ARG A 744 44.04 2.20 27.29
CA ARG A 744 43.49 3.55 27.21
C ARG A 744 42.18 3.67 27.99
N LEU A 745 41.30 2.67 27.82
CA LEU A 745 40.05 2.65 28.58
C LEU A 745 40.31 2.45 30.07
N GLN A 746 41.30 1.61 30.41
CA GLN A 746 41.63 1.36 31.81
C GLN A 746 42.17 2.61 32.50
N ARG A 747 43.08 3.33 31.83
CA ARG A 747 43.60 4.55 32.42
C ARG A 747 42.61 5.70 32.38
N GLN A 748 41.65 5.69 31.43
CA GLN A 748 40.59 6.70 31.46
C GLN A 748 39.64 6.45 32.63
N ARG A 749 39.30 5.18 32.89
CA ARG A 749 38.48 4.85 34.06
C ARG A 749 39.23 5.16 35.36
N LYS A 750 40.53 4.89 35.40
CA LYS A 750 41.34 5.24 36.57
C LYS A 750 41.42 6.75 36.76
N LYS A 751 41.44 7.51 35.66
CA LYS A 751 41.44 8.96 35.75
C LYS A 751 40.10 9.51 36.21
N GLU A 752 38.99 8.87 35.84
CA GLU A 752 37.67 9.40 36.14
C GLU A 752 37.04 8.83 37.40
N GLU A 753 37.73 7.94 38.12
CA GLU A 753 37.15 7.40 39.36
C GLU A 753 37.17 8.42 40.49
N GLU A 754 38.23 9.21 40.61
CA GLU A 754 38.35 10.15 41.71
C GLU A 754 37.63 11.47 41.46
N ILE A 755 37.02 11.64 40.29
CA ILE A 755 36.30 12.88 39.99
C ILE A 755 34.78 12.68 40.04
N SER A 756 34.31 11.43 39.89
CA SER A 756 32.87 11.15 39.92
C SER A 756 32.68 9.75 40.49
N PRO A 757 31.64 9.53 41.30
CA PRO A 757 31.40 8.18 41.82
C PRO A 757 30.95 7.19 40.77
N ILE A 758 30.07 7.60 39.86
CA ILE A 758 29.58 6.69 38.81
C ILE A 758 30.28 7.06 37.50
N PRO A 759 30.65 6.08 36.67
CA PRO A 759 31.20 6.41 35.34
C PRO A 759 30.16 7.07 34.45
N GLN A 760 30.65 7.88 33.51
CA GLN A 760 29.77 8.63 32.62
C GLN A 760 29.07 7.74 31.61
N GLU A 761 29.76 6.70 31.13
CA GLU A 761 29.16 5.77 30.18
C GLU A 761 28.01 4.99 30.81
N LEU A 762 28.16 4.64 32.09
CA LEU A 762 27.05 4.03 32.81
C LEU A 762 25.97 5.06 33.11
N LEU A 763 26.36 6.31 33.38
CA LEU A 763 25.40 7.32 33.83
C LEU A 763 24.47 7.76 32.70
N MET A 764 24.98 7.87 31.48
CA MET A 764 24.14 8.27 30.35
C MET A 764 23.08 7.22 30.03
N LYS A 765 23.48 5.94 30.02
CA LYS A 765 22.53 4.85 29.84
C LYS A 765 21.57 4.75 31.03
N TYR A 766 22.04 5.10 32.23
CA TYR A 766 21.18 5.11 33.41
C TYR A 766 20.08 6.16 33.29
N ILE A 767 20.44 7.37 32.83
CA ILE A 767 19.47 8.43 32.63
C ILE A 767 18.48 8.06 31.53
N HIS A 768 18.97 7.45 30.43
CA HIS A 768 18.08 7.03 29.36
C HIS A 768 17.12 5.93 29.81
N TYR A 769 17.62 4.96 30.60
CA TYR A 769 16.76 3.89 31.09
C TYR A 769 15.75 4.39 32.12
N ALA A 770 16.13 5.36 32.94
CA ALA A 770 15.18 5.95 33.87
C ALA A 770 14.13 6.78 33.14
N ARG A 771 14.51 7.42 32.03
CA ARG A 771 13.55 8.21 31.26
C ARG A 771 12.56 7.34 30.52
N THR A 772 13.03 6.28 29.87
CA THR A 772 12.17 5.53 28.95
C THR A 772 11.47 4.33 29.58
N LYS A 773 11.78 3.98 30.82
CA LYS A 773 11.15 2.79 31.38
C LYS A 773 10.46 3.00 32.72
N ILE A 774 11.01 3.85 33.58
CA ILE A 774 10.48 4.04 34.93
C ILE A 774 9.60 5.28 34.93
N TYR A 775 8.32 5.09 35.23
CA TYR A 775 7.35 6.18 35.33
C TYR A 775 6.83 6.25 36.77
N PRO A 776 7.37 7.13 37.59
CA PRO A 776 6.90 7.24 38.98
C PRO A 776 5.53 7.86 39.07
N LYS A 777 4.92 7.68 40.24
CA LYS A 777 3.56 8.16 40.48
C LYS A 777 3.40 8.49 41.96
N LEU A 778 2.66 9.56 42.25
CA LEU A 778 2.48 10.05 43.60
C LEU A 778 1.25 9.39 44.20
N HIS A 779 1.46 8.36 45.02
CA HIS A 779 0.36 7.65 45.65
C HIS A 779 0.39 7.72 47.17
N GLN A 780 1.48 7.32 47.80
CA GLN A 780 1.60 7.31 49.25
C GLN A 780 2.29 8.55 49.79
N MET A 781 2.19 9.67 49.06
CA MET A 781 2.84 10.89 49.46
C MET A 781 2.08 11.56 50.60
N ASP A 782 2.71 12.59 51.17
CA ASP A 782 2.08 13.35 52.25
C ASP A 782 0.90 14.18 51.73
N MET A 783 1.19 15.07 50.77
CA MET A 783 0.21 15.89 50.06
C MET A 783 -0.58 16.83 50.98
N ASP A 784 0.00 17.18 52.11
CA ASP A 784 -0.49 18.24 52.98
C ASP A 784 0.60 19.22 53.36
N LYS A 785 1.83 18.75 53.53
CA LYS A 785 2.96 19.64 53.77
C LYS A 785 3.23 20.52 52.55
N VAL A 786 3.11 19.94 51.35
CA VAL A 786 3.30 20.70 50.12
C VAL A 786 2.20 21.74 49.93
N SER A 787 0.99 21.48 50.44
CA SER A 787 -0.07 22.48 50.42
C SER A 787 0.28 23.69 51.28
N ARG A 788 0.80 23.45 52.48
CA ARG A 788 1.22 24.54 53.35
C ARG A 788 2.43 25.27 52.78
N VAL A 789 3.33 24.54 52.12
CA VAL A 789 4.49 25.13 51.47
C VAL A 789 4.05 26.07 50.35
N TYR A 790 3.10 25.62 49.52
CA TYR A 790 2.59 26.45 48.43
C TYR A 790 1.82 27.66 48.95
N ALA A 791 1.03 27.48 50.02
CA ALA A 791 0.30 28.59 50.61
C ALA A 791 1.25 29.63 51.20
N ASP A 792 2.31 29.18 51.87
CA ASP A 792 3.29 30.12 52.41
C ASP A 792 4.11 30.79 51.32
N LEU A 793 4.40 30.08 50.23
CA LEU A 793 5.10 30.69 49.10
C LEU A 793 4.24 31.76 48.43
N ARG A 794 2.93 31.50 48.31
CA ARG A 794 2.03 32.53 47.79
C ARG A 794 1.87 33.69 48.75
N ARG A 795 1.97 33.43 50.06
CA ARG A 795 1.88 34.53 51.04
C ARG A 795 3.12 35.40 51.01
N GLU A 796 4.30 34.81 50.92
CA GLU A 796 5.55 35.56 50.88
C GLU A 796 5.98 35.96 49.47
N SER A 797 5.18 35.65 48.44
CA SER A 797 5.38 36.24 47.13
C SER A 797 4.61 37.55 46.94
N ILE A 798 4.22 38.20 48.04
CA ILE A 798 3.47 39.45 47.97
C ILE A 798 4.36 40.65 47.72
N SER A 799 5.68 40.49 47.76
CA SER A 799 6.61 41.59 47.53
C SER A 799 6.58 42.01 46.06
N THR A 800 7.03 43.24 45.82
CA THR A 800 6.93 43.84 44.49
C THR A 800 7.89 43.17 43.50
N GLY A 801 9.13 42.98 43.90
CA GLY A 801 10.12 42.40 43.01
C GLY A 801 10.37 40.92 43.25
N SER A 802 9.46 40.27 43.97
CA SER A 802 9.66 38.88 44.36
C SER A 802 9.49 37.95 43.16
N PHE A 803 10.04 36.75 43.31
CA PHE A 803 9.85 35.70 42.32
C PHE A 803 8.40 35.25 42.34
N PRO A 804 7.69 35.27 41.21
CA PRO A 804 6.26 34.93 41.22
C PRO A 804 6.05 33.45 41.45
N ILE A 805 5.02 33.14 42.25
CA ILE A 805 4.64 31.76 42.54
C ILE A 805 3.22 31.56 42.04
N THR A 806 3.04 30.57 41.18
CA THR A 806 1.72 30.22 40.65
C THR A 806 1.41 28.77 40.94
N VAL A 807 0.31 28.27 40.37
CA VAL A 807 -0.07 26.86 40.49
C VAL A 807 0.97 25.98 39.79
N ARG A 808 1.61 26.52 38.76
CA ARG A 808 2.71 25.86 38.07
C ARG A 808 3.88 25.56 39.00
N HIS A 809 4.06 26.32 40.07
CA HIS A 809 5.16 26.01 40.97
C HIS A 809 4.82 24.86 41.92
N LEU A 810 3.54 24.69 42.31
CA LEU A 810 3.15 23.45 42.98
C LEU A 810 3.33 22.26 42.06
N GLU A 811 2.93 22.40 40.80
CA GLU A 811 3.14 21.34 39.83
C GLU A 811 4.63 21.12 39.56
N SER A 812 5.45 22.16 39.72
CA SER A 812 6.88 22.03 39.60
C SER A 812 7.46 21.24 40.76
N ILE A 813 6.93 21.46 41.97
CA ILE A 813 7.32 20.64 43.14
C ILE A 813 6.97 19.18 42.88
N LEU A 814 5.80 18.94 42.28
CA LEU A 814 5.40 17.56 41.97
C LEU A 814 6.30 16.90 40.91
N ARG A 815 6.69 17.63 39.84
CA ARG A 815 7.69 17.05 38.94
C ARG A 815 9.07 16.88 39.58
N ILE A 816 9.49 17.78 40.46
CA ILE A 816 10.82 17.59 41.06
C ILE A 816 10.83 16.39 41.99
N ALA A 817 9.72 16.16 42.71
CA ALA A 817 9.56 14.95 43.51
C ALA A 817 9.51 13.70 42.63
N GLU A 818 8.81 13.78 41.50
CA GLU A 818 8.76 12.64 40.59
C GLU A 818 10.12 12.35 39.96
N SER A 819 10.89 13.40 39.64
CA SER A 819 12.23 13.20 39.09
C SER A 819 13.17 12.62 40.13
N PHE A 820 13.03 13.04 41.39
CA PHE A 820 13.84 12.46 42.45
C PHE A 820 13.48 11.00 42.70
N ALA A 821 12.19 10.64 42.54
CA ALA A 821 11.83 9.23 42.60
C ALA A 821 12.30 8.46 41.38
N LYS A 822 12.40 9.14 40.23
CA LYS A 822 12.88 8.52 39.00
C LYS A 822 14.39 8.29 39.05
N MET A 823 15.11 9.11 39.81
CA MET A 823 16.56 8.96 39.90
C MET A 823 16.96 7.70 40.65
N ARG A 824 16.13 7.24 41.58
CA ARG A 824 16.39 6.02 42.32
C ARG A 824 15.86 4.77 41.61
N LEU A 825 15.25 4.94 40.44
CA LEU A 825 14.55 3.86 39.70
C LEU A 825 13.47 3.19 40.56
N SER A 826 12.80 3.98 41.40
CA SER A 826 11.70 3.50 42.21
C SER A 826 10.41 4.03 41.61
N GLU A 827 9.46 3.13 41.33
CA GLU A 827 8.23 3.52 40.66
C GLU A 827 7.26 4.26 41.56
N PHE A 828 7.48 4.28 42.87
CA PHE A 828 6.65 5.03 43.81
C PHE A 828 7.47 6.11 44.49
N VAL A 829 6.84 7.26 44.70
CA VAL A 829 7.49 8.42 45.31
C VAL A 829 7.36 8.32 46.82
N SER A 830 8.48 8.47 47.52
CA SER A 830 8.48 8.46 48.97
C SER A 830 8.35 9.88 49.52
N SER A 831 8.20 9.98 50.84
CA SER A 831 8.14 11.28 51.50
C SER A 831 9.48 11.98 51.52
N TYR A 832 10.59 11.21 51.44
CA TYR A 832 11.91 11.81 51.36
C TYR A 832 12.08 12.59 50.06
N ASP A 833 11.50 12.08 48.97
CA ASP A 833 11.54 12.80 47.69
C ASP A 833 10.73 14.09 47.76
N LEU A 834 9.60 14.08 48.46
CA LEU A 834 8.84 15.30 48.69
C LEU A 834 9.64 16.30 49.52
N ASP A 835 10.35 15.81 50.54
CA ASP A 835 11.18 16.69 51.37
C ASP A 835 12.31 17.31 50.56
N ARG A 836 12.97 16.52 49.69
CA ARG A 836 14.05 17.07 48.88
C ARG A 836 13.53 18.04 47.82
N ALA A 837 12.36 17.74 47.22
CA ALA A 837 11.78 18.64 46.23
C ALA A 837 11.38 19.97 46.87
N ILE A 838 10.78 19.91 48.05
CA ILE A 838 10.42 21.12 48.78
C ILE A 838 11.67 21.89 49.19
N LYS A 839 12.74 21.18 49.57
CA LYS A 839 14.00 21.84 49.91
C LYS A 839 14.60 22.57 48.71
N VAL A 840 14.55 21.97 47.51
CA VAL A 840 15.07 22.61 46.31
C VAL A 840 14.27 23.86 45.96
N VAL A 841 12.93 23.76 46.01
CA VAL A 841 12.09 24.88 45.62
C VAL A 841 12.18 26.03 46.63
N VAL A 842 12.21 25.71 47.93
CA VAL A 842 12.40 26.71 48.97
C VAL A 842 13.78 27.37 48.87
N ASP A 843 14.83 26.58 48.58
CA ASP A 843 16.17 27.14 48.44
C ASP A 843 16.26 28.08 47.23
N SER A 844 15.59 27.71 46.14
CA SER A 844 15.55 28.59 44.96
C SER A 844 14.80 29.88 45.27
N PHE A 845 13.69 29.80 46.02
CA PHE A 845 12.92 30.99 46.34
C PHE A 845 13.67 31.89 47.32
N VAL A 846 14.41 31.30 48.26
CA VAL A 846 15.20 32.10 49.21
C VAL A 846 16.38 32.76 48.50
N ASP A 847 17.06 32.03 47.61
CA ASP A 847 18.16 32.60 46.86
C ASP A 847 17.68 33.66 45.86
N ALA A 848 16.42 33.58 45.42
CA ALA A 848 15.89 34.60 44.54
C ALA A 848 15.58 35.90 45.29
N GLN A 849 15.38 35.83 46.60
CA GLN A 849 14.97 36.99 47.37
C GLN A 849 16.14 37.91 47.67
N LYS A 850 15.82 39.17 47.96
CA LYS A 850 16.83 40.16 48.33
C LYS A 850 17.39 39.87 49.72
N VAL A 851 18.63 40.30 49.94
CA VAL A 851 19.37 39.95 51.15
C VAL A 851 18.86 40.64 52.41
N SER A 852 17.96 41.61 52.28
CA SER A 852 17.35 42.20 53.46
C SER A 852 16.40 41.23 54.15
N VAL A 853 15.81 40.30 53.40
CA VAL A 853 14.79 39.40 53.92
C VAL A 853 15.15 37.93 53.72
N ARG A 854 16.41 37.61 53.39
CA ARG A 854 16.79 36.21 53.23
C ARG A 854 16.83 35.48 54.57
N ARG A 855 17.19 36.19 55.65
CA ARG A 855 17.19 35.56 56.97
C ARG A 855 15.77 35.26 57.45
N GLN A 856 14.86 36.22 57.26
CA GLN A 856 13.46 36.02 57.64
C GLN A 856 12.80 34.94 56.80
N LEU A 857 13.09 34.92 55.50
CA LEU A 857 12.51 33.91 54.62
C LEU A 857 13.12 32.54 54.87
N ARG A 858 14.39 32.49 55.28
CA ARG A 858 15.02 31.23 55.65
C ARG A 858 14.42 30.67 56.94
N ARG A 859 14.19 31.55 57.93
CA ARG A 859 13.59 31.09 59.18
C ARG A 859 12.10 30.82 59.04
N SER A 860 11.46 31.36 58.01
CA SER A 860 10.02 31.14 57.83
C SER A 860 9.74 29.74 57.33
N PHE A 861 10.54 29.23 56.40
CA PHE A 861 10.31 27.93 55.79
C PHE A 861 11.24 26.85 56.34
N ALA A 862 11.94 27.11 57.46
CA ALA A 862 12.87 26.14 58.00
C ALA A 862 12.18 24.92 58.60
N ILE A 863 10.91 25.06 58.98
CA ILE A 863 10.18 23.94 59.56
C ILE A 863 9.76 22.92 58.50
N TYR A 864 9.74 23.31 57.22
CA TYR A 864 9.31 22.39 56.17
C TYR A 864 10.48 21.58 55.61
N THR A 865 11.66 22.18 55.52
CA THR A 865 12.81 21.51 54.91
C THR A 865 13.57 20.64 55.91
N LEU A 866 13.93 21.21 57.06
CA LEU A 866 14.66 20.45 58.06
C LEU A 866 13.75 19.45 58.77
N GLY A 867 12.52 19.86 59.08
CA GLY A 867 11.58 19.00 59.76
C GLY A 867 11.13 19.58 61.09
N ASP B 18 -31.08 8.13 -39.26
CA ASP B 18 -31.57 6.83 -38.82
C ASP B 18 -33.10 6.84 -38.78
N ALA B 19 -33.69 5.66 -38.54
CA ALA B 19 -35.15 5.57 -38.48
C ALA B 19 -35.69 6.20 -37.21
N VAL B 20 -35.07 5.92 -36.07
CA VAL B 20 -35.49 6.55 -34.82
C VAL B 20 -35.16 8.04 -34.81
N PHE B 21 -34.05 8.43 -35.48
CA PHE B 21 -33.72 9.84 -35.65
C PHE B 21 -34.79 10.56 -36.46
N GLY B 22 -35.24 9.96 -37.55
CA GLY B 22 -36.31 10.53 -38.34
C GLY B 22 -37.63 10.57 -37.58
N ASP B 23 -37.88 9.56 -36.74
CA ASP B 23 -39.10 9.54 -35.93
C ASP B 23 -39.13 10.68 -34.92
N ARG B 24 -38.00 10.95 -34.25
CA ARG B 24 -37.96 12.11 -33.36
C ARG B 24 -37.99 13.42 -34.13
N VAL B 25 -37.50 13.41 -35.38
CA VAL B 25 -37.62 14.60 -36.23
C VAL B 25 -39.08 14.92 -36.52
N ARG B 26 -39.88 13.91 -36.88
CA ARG B 26 -41.29 14.21 -37.15
C ARG B 26 -42.06 14.47 -35.85
N ARG B 27 -41.60 13.91 -34.72
CA ARG B 27 -42.23 14.25 -33.44
C ARG B 27 -42.01 15.71 -33.06
N PHE B 28 -40.78 16.21 -33.24
CA PHE B 28 -40.53 17.62 -32.97
C PHE B 28 -41.18 18.51 -34.03
N GLN B 29 -41.35 18.01 -35.24
CA GLN B 29 -42.11 18.73 -36.26
C GLN B 29 -43.58 18.87 -35.86
N GLU B 30 -44.15 17.81 -35.28
CA GLU B 30 -45.51 17.87 -34.75
C GLU B 30 -45.61 18.84 -33.57
N PHE B 31 -44.57 18.87 -32.73
CA PHE B 31 -44.53 19.83 -31.62
C PHE B 31 -44.48 21.27 -32.14
N LEU B 32 -43.67 21.53 -33.16
CA LEU B 32 -43.59 22.88 -33.70
C LEU B 32 -44.84 23.24 -34.51
N ASP B 33 -45.55 22.24 -35.02
CA ASP B 33 -46.84 22.50 -35.67
C ASP B 33 -47.92 22.81 -34.63
N THR B 34 -47.84 22.20 -33.45
CA THR B 34 -48.83 22.45 -32.41
C THR B 34 -48.71 23.87 -31.86
N PHE B 35 -47.51 24.29 -31.51
CA PHE B 35 -47.27 25.64 -30.98
C PHE B 35 -46.67 26.48 -32.09
N THR B 36 -47.47 27.41 -32.62
CA THR B 36 -47.07 28.23 -33.76
C THR B 36 -46.35 29.50 -33.37
N SER B 37 -46.10 29.71 -32.06
CA SER B 37 -45.35 30.89 -31.64
C SER B 37 -43.89 30.80 -32.06
N TYR B 38 -43.32 29.60 -32.06
CA TYR B 38 -41.93 29.42 -32.47
C TYR B 38 -41.76 29.67 -33.97
N ARG B 39 -42.76 29.27 -34.77
CA ARG B 39 -42.75 29.57 -36.20
C ARG B 39 -42.82 31.08 -36.44
N ASP B 40 -43.65 31.78 -35.65
CA ASP B 40 -43.74 33.23 -35.77
C ASP B 40 -42.44 33.91 -35.35
N SER B 41 -41.76 33.38 -34.33
CA SER B 41 -40.49 33.96 -33.89
C SER B 41 -39.39 33.72 -34.92
N VAL B 42 -39.37 32.52 -35.53
CA VAL B 42 -38.40 32.24 -36.59
C VAL B 42 -38.65 33.13 -37.81
N ARG B 43 -39.93 33.33 -38.17
CA ARG B 43 -40.27 34.23 -39.26
C ARG B 43 -39.87 35.66 -38.96
N SER B 44 -40.07 36.11 -37.71
CA SER B 44 -39.69 37.46 -37.31
C SER B 44 -38.18 37.65 -37.37
N ILE B 45 -37.42 36.64 -36.92
CA ILE B 45 -35.95 36.68 -36.99
C ILE B 45 -35.48 36.74 -38.44
N GLN B 46 -36.09 35.94 -39.31
CA GLN B 46 -35.70 35.92 -40.72
C GLN B 46 -36.02 37.22 -41.43
N VAL B 47 -37.20 37.81 -41.18
CA VAL B 47 -37.54 39.06 -41.86
C VAL B 47 -36.74 40.22 -41.28
N TYR B 48 -36.38 40.17 -39.98
CA TYR B 48 -35.54 41.20 -39.41
C TYR B 48 -34.13 41.14 -39.98
N ASN B 49 -33.58 39.93 -40.14
CA ASN B 49 -32.27 39.77 -40.75
C ASN B 49 -32.27 40.21 -42.21
N SER B 50 -33.34 39.89 -42.95
CA SER B 50 -33.43 40.29 -44.34
C SER B 50 -33.59 41.80 -44.50
N ASN B 51 -34.33 42.43 -43.58
CA ASN B 51 -34.53 43.88 -43.68
C ASN B 51 -33.28 44.64 -43.24
N ASN B 52 -32.60 44.17 -42.20
CA ASN B 52 -31.45 44.89 -41.66
C ASN B 52 -30.13 44.50 -42.30
N ALA B 53 -30.11 43.47 -43.15
CA ALA B 53 -28.87 43.05 -43.81
C ALA B 53 -28.82 43.44 -45.27
N ALA B 54 -29.79 43.00 -46.07
CA ALA B 54 -29.76 43.27 -47.50
C ALA B 54 -30.15 44.70 -47.83
N ASN B 55 -31.14 45.25 -47.11
CA ASN B 55 -31.68 46.57 -47.41
C ASN B 55 -31.11 47.60 -46.44
N TYR B 56 -31.15 48.86 -46.88
CA TYR B 56 -30.65 49.98 -46.08
C TYR B 56 -31.59 50.28 -44.92
N ASN B 90 -26.27 43.52 -34.20
CA ASN B 90 -27.43 44.08 -34.86
C ASN B 90 -28.07 43.07 -35.80
N ILE B 91 -27.58 41.83 -35.73
CA ILE B 91 -28.09 40.72 -36.52
C ILE B 91 -28.63 39.66 -35.57
N LEU B 92 -29.88 39.29 -35.74
CA LEU B 92 -30.49 38.29 -34.86
C LEU B 92 -29.97 36.90 -35.22
N PRO B 93 -29.42 36.15 -34.27
CA PRO B 93 -28.77 34.88 -34.62
C PRO B 93 -29.75 33.73 -34.75
N HIS B 94 -29.21 32.52 -34.96
CA HIS B 94 -30.03 31.33 -35.18
C HIS B 94 -30.24 30.62 -33.85
N ARG B 95 -31.25 31.07 -33.11
CA ARG B 95 -31.59 30.47 -31.82
C ARG B 95 -33.07 30.72 -31.54
N ILE B 96 -33.68 29.78 -30.83
CA ILE B 96 -35.09 29.87 -30.46
C ILE B 96 -35.22 29.58 -28.97
N ILE B 97 -36.25 30.15 -28.35
CA ILE B 97 -36.47 30.05 -26.91
C ILE B 97 -37.47 28.91 -26.71
N ILE B 98 -36.95 27.70 -26.47
CA ILE B 98 -37.82 26.55 -26.25
C ILE B 98 -38.21 26.47 -24.78
N SER B 99 -39.50 26.43 -24.51
CA SER B 99 -40.01 26.22 -23.17
C SER B 99 -40.16 24.72 -22.92
N LEU B 100 -39.58 24.23 -21.83
CA LEU B 100 -39.75 22.82 -21.46
C LEU B 100 -41.18 22.54 -21.03
N ASP B 101 -41.86 23.52 -20.44
CA ASP B 101 -43.23 23.34 -19.98
C ASP B 101 -44.18 23.15 -21.16
N ASP B 102 -44.02 23.95 -22.23
CA ASP B 102 -44.88 23.82 -23.39
C ASP B 102 -44.65 22.52 -24.13
N LEU B 103 -43.45 21.95 -24.05
CA LEU B 103 -43.19 20.65 -24.65
C LEU B 103 -43.59 19.51 -23.73
N ARG B 104 -43.76 19.79 -22.43
CA ARG B 104 -44.15 18.76 -21.47
C ARG B 104 -45.60 18.30 -21.65
N GLU B 105 -46.53 19.22 -21.93
CA GLU B 105 -47.90 18.78 -22.16
C GLU B 105 -48.10 18.18 -23.54
N PHE B 106 -47.16 18.36 -24.46
CA PHE B 106 -47.27 17.74 -25.78
C PHE B 106 -46.85 16.28 -25.74
N ASP B 107 -45.60 16.01 -25.39
CA ASP B 107 -45.06 14.66 -25.34
C ASP B 107 -44.16 14.56 -24.12
N ARG B 108 -44.61 13.79 -23.11
CA ARG B 108 -43.81 13.62 -21.91
C ARG B 108 -42.60 12.74 -22.16
N SER B 109 -42.68 11.85 -23.17
CA SER B 109 -41.53 11.04 -23.54
C SER B 109 -40.40 11.89 -24.12
N PHE B 110 -40.75 12.86 -24.98
CA PHE B 110 -39.73 13.76 -25.51
C PHE B 110 -39.20 14.72 -24.45
N TRP B 111 -40.04 15.11 -23.49
CA TRP B 111 -39.59 15.97 -22.40
C TRP B 111 -38.61 15.23 -21.48
N SER B 112 -38.92 13.96 -21.16
CA SER B 112 -37.99 13.14 -20.40
C SER B 112 -36.73 12.83 -21.20
N GLY B 113 -36.86 12.70 -22.52
CA GLY B 113 -35.68 12.51 -23.35
C GLY B 113 -34.78 13.73 -23.39
N ILE B 114 -35.36 14.92 -23.38
CA ILE B 114 -34.54 16.13 -23.32
C ILE B 114 -33.89 16.27 -21.95
N LEU B 115 -34.64 16.03 -20.89
CA LEU B 115 -34.10 16.26 -19.55
C LEU B 115 -33.29 15.09 -18.99
N VAL B 116 -33.22 13.96 -19.69
CA VAL B 116 -32.52 12.77 -19.18
C VAL B 116 -31.39 12.35 -20.11
N GLU B 117 -31.68 12.14 -21.38
CA GLU B 117 -30.69 11.67 -22.35
C GLU B 117 -30.70 12.59 -23.55
N PRO B 118 -30.13 13.80 -23.41
CA PRO B 118 -30.31 14.83 -24.43
C PRO B 118 -29.44 14.66 -25.67
N ALA B 119 -28.54 13.67 -25.68
CA ALA B 119 -27.67 13.49 -26.84
C ALA B 119 -28.41 12.90 -28.02
N TYR B 120 -29.45 12.11 -27.75
CA TYR B 120 -30.26 11.51 -28.80
C TYR B 120 -31.55 12.27 -29.08
N PHE B 121 -31.78 13.39 -28.39
CA PHE B 121 -33.04 14.12 -28.50
C PHE B 121 -32.88 15.56 -28.99
N ILE B 122 -31.76 16.21 -28.69
CA ILE B 122 -31.53 17.59 -29.14
C ILE B 122 -31.09 17.65 -30.61
N PRO B 123 -30.18 16.82 -31.15
CA PRO B 123 -29.91 16.87 -32.61
C PRO B 123 -31.10 16.51 -33.51
N PRO B 124 -32.02 15.59 -33.14
CA PRO B 124 -33.23 15.48 -33.98
C PRO B 124 -34.12 16.71 -33.96
N ALA B 125 -34.22 17.39 -32.82
CA ALA B 125 -34.97 18.65 -32.77
C ALA B 125 -34.26 19.74 -33.55
N GLU B 126 -32.92 19.71 -33.55
CA GLU B 126 -32.12 20.58 -34.39
C GLU B 126 -32.39 20.36 -35.86
N LYS B 127 -32.47 19.09 -36.28
CA LYS B 127 -32.74 18.78 -37.68
C LYS B 127 -34.16 19.20 -38.08
N ALA B 128 -35.14 18.97 -37.20
CA ALA B 128 -36.51 19.38 -37.47
C ALA B 128 -36.65 20.90 -37.55
N LEU B 129 -35.99 21.63 -36.64
CA LEU B 129 -36.03 23.08 -36.68
C LEU B 129 -35.30 23.64 -37.90
N THR B 130 -34.20 23.00 -38.30
CA THR B 130 -33.50 23.41 -39.51
C THR B 130 -34.35 23.18 -40.76
N ASP B 131 -35.08 22.06 -40.80
CA ASP B 131 -35.98 21.81 -41.93
C ASP B 131 -37.14 22.82 -41.96
N LEU B 132 -37.67 23.18 -40.79
CA LEU B 132 -38.73 24.18 -40.75
C LEU B 132 -38.21 25.56 -41.16
N ALA B 133 -36.99 25.90 -40.76
CA ALA B 133 -36.40 27.17 -41.16
C ALA B 133 -36.09 27.21 -42.65
N ASP B 134 -35.69 26.06 -43.22
CA ASP B 134 -35.45 26.00 -44.65
C ASP B 134 -36.75 26.09 -45.46
N SER B 135 -37.81 25.42 -44.98
CA SER B 135 -39.09 25.48 -45.68
C SER B 135 -39.75 26.85 -45.52
N MET B 136 -39.52 27.53 -44.40
CA MET B 136 -40.10 28.85 -44.20
C MET B 136 -39.37 29.92 -45.00
N ASP B 137 -38.06 29.78 -45.19
CA ASP B 137 -37.28 30.76 -45.92
C ASP B 137 -37.56 30.67 -47.42
N ASP B 138 -37.90 31.80 -48.03
CA ASP B 138 -38.12 31.90 -49.48
C ASP B 138 -37.37 33.15 -49.95
N VAL B 139 -36.10 32.98 -50.29
CA VAL B 139 -35.23 34.09 -50.69
C VAL B 139 -34.76 33.82 -52.12
N PRO B 140 -34.81 34.82 -53.00
CA PRO B 140 -34.25 34.64 -54.35
C PRO B 140 -32.82 35.15 -54.45
N HIS B 141 -32.02 34.53 -55.33
CA HIS B 141 -30.63 34.83 -55.64
C HIS B 141 -29.74 34.89 -54.41
N PRO B 142 -29.44 33.76 -53.77
CA PRO B 142 -28.62 33.79 -52.55
C PRO B 142 -27.14 33.86 -52.88
N ASN B 143 -26.36 34.22 -51.85
CA ASN B 143 -24.91 34.27 -51.96
C ASN B 143 -24.32 32.87 -51.86
N ALA B 144 -23.13 32.71 -52.45
CA ALA B 144 -22.43 31.42 -52.38
C ALA B 144 -21.96 31.12 -50.97
N SER B 145 -21.48 32.15 -50.25
CA SER B 145 -21.13 31.97 -48.85
C SER B 145 -22.36 31.74 -47.99
N ALA B 146 -23.49 32.31 -48.37
CA ALA B 146 -24.74 32.05 -47.66
C ALA B 146 -25.23 30.64 -47.90
N VAL B 147 -25.05 30.12 -49.11
CA VAL B 147 -25.48 28.75 -49.42
C VAL B 147 -24.55 27.75 -48.73
N SER B 148 -23.25 27.95 -48.83
CA SER B 148 -22.28 26.98 -48.34
C SER B 148 -22.20 26.98 -46.81
N SER B 149 -22.25 28.15 -46.19
CA SER B 149 -22.09 28.29 -44.75
C SER B 149 -23.43 28.70 -44.14
N ARG B 150 -24.17 27.72 -43.64
CA ARG B 150 -25.39 27.98 -42.88
C ARG B 150 -25.26 27.34 -41.51
N HIS B 151 -25.32 28.16 -40.48
CA HIS B 151 -25.35 27.65 -39.11
C HIS B 151 -26.71 27.02 -38.85
N PRO B 152 -26.77 25.79 -38.35
CA PRO B 152 -28.06 25.21 -37.97
C PRO B 152 -28.67 25.93 -36.78
N TRP B 153 -30.00 25.95 -36.75
CA TRP B 153 -30.72 26.70 -35.73
C TRP B 153 -30.62 25.98 -34.38
N LYS B 154 -29.83 26.55 -33.48
CA LYS B 154 -29.58 25.92 -32.18
C LYS B 154 -30.77 26.12 -31.26
N LEU B 155 -30.79 25.35 -30.18
CA LEU B 155 -31.89 25.35 -29.22
C LEU B 155 -31.42 26.00 -27.92
N SER B 156 -32.25 26.90 -27.39
CA SER B 156 -32.05 27.50 -26.09
C SER B 156 -33.27 27.23 -25.23
N PHE B 157 -33.05 26.78 -24.01
CA PHE B 157 -34.08 26.17 -23.19
C PHE B 157 -34.46 27.06 -22.01
N LYS B 158 -35.76 27.17 -21.75
CA LYS B 158 -36.29 27.86 -20.58
C LYS B 158 -37.35 26.99 -19.94
N GLY B 159 -37.73 27.34 -18.72
CA GLY B 159 -38.77 26.64 -17.98
C GLY B 159 -38.22 25.99 -16.73
N SER B 160 -39.12 25.37 -15.99
CA SER B 160 -38.75 24.72 -14.74
C SER B 160 -38.03 23.41 -15.01
N PHE B 161 -37.04 23.11 -14.16
CA PHE B 161 -36.22 21.93 -14.34
C PHE B 161 -36.38 20.90 -13.23
N GLY B 162 -36.86 21.31 -12.05
CA GLY B 162 -37.03 20.40 -10.95
C GLY B 162 -35.72 20.00 -10.29
N ALA B 163 -35.40 18.71 -10.32
CA ALA B 163 -34.16 18.24 -9.72
C ALA B 163 -32.95 18.53 -10.58
N HIS B 164 -33.14 18.79 -11.88
CA HIS B 164 -32.01 19.03 -12.76
C HIS B 164 -31.46 20.45 -12.64
N ALA B 165 -32.24 21.38 -12.08
CA ALA B 165 -31.72 22.71 -11.78
C ALA B 165 -30.75 22.60 -10.61
N LEU B 166 -29.46 22.78 -10.88
CA LEU B 166 -28.45 22.36 -9.93
C LEU B 166 -27.45 23.47 -9.61
N SER B 167 -26.38 23.12 -8.92
CA SER B 167 -25.29 23.98 -8.50
C SER B 167 -23.97 23.29 -8.82
N PRO B 168 -22.89 24.04 -9.04
CA PRO B 168 -21.60 23.41 -9.37
C PRO B 168 -21.02 22.50 -8.29
N ARG B 169 -21.38 22.68 -7.02
CA ARG B 169 -20.94 21.72 -6.01
C ARG B 169 -21.70 20.40 -6.13
N THR B 170 -23.01 20.46 -6.31
CA THR B 170 -23.83 19.27 -6.34
C THR B 170 -23.93 18.65 -7.72
N LEU B 171 -23.23 19.18 -8.72
CA LEU B 171 -23.01 18.45 -9.96
C LEU B 171 -22.13 17.24 -9.65
N THR B 172 -22.68 16.05 -9.87
CA THR B 172 -22.01 14.81 -9.50
C THR B 172 -22.12 13.86 -10.69
N ALA B 173 -21.59 12.65 -10.51
CA ALA B 173 -21.45 11.72 -11.63
C ALA B 173 -22.77 11.13 -12.10
N GLN B 174 -23.82 11.18 -11.29
CA GLN B 174 -25.11 10.68 -11.73
C GLN B 174 -25.82 11.63 -12.67
N HIS B 175 -25.36 12.88 -12.77
CA HIS B 175 -25.95 13.87 -13.65
C HIS B 175 -25.17 14.06 -14.94
N LEU B 176 -24.15 13.24 -15.20
CA LEU B 176 -23.46 13.27 -16.48
C LEU B 176 -24.37 12.80 -17.60
N ASN B 177 -24.15 13.37 -18.80
CA ASN B 177 -24.98 13.16 -20.00
C ASN B 177 -26.44 13.49 -19.73
N LYS B 178 -26.68 14.56 -18.96
CA LYS B 178 -28.03 15.05 -18.66
C LYS B 178 -28.03 16.57 -18.80
N LEU B 179 -29.20 17.12 -19.13
CA LEU B 179 -29.33 18.56 -19.26
C LEU B 179 -29.60 19.17 -17.89
N VAL B 180 -28.73 20.08 -17.45
CA VAL B 180 -28.82 20.69 -16.13
C VAL B 180 -28.72 22.20 -16.24
N SER B 181 -29.24 22.87 -15.22
CA SER B 181 -29.17 24.32 -15.09
C SER B 181 -28.38 24.65 -13.83
N VAL B 182 -27.32 25.42 -13.99
CA VAL B 182 -26.42 25.75 -12.88
C VAL B 182 -26.38 27.27 -12.71
N GLU B 183 -26.03 27.69 -11.49
CA GLU B 183 -26.02 29.09 -11.13
C GLU B 183 -24.71 29.40 -10.42
N GLY B 184 -24.03 30.47 -10.83
CA GLY B 184 -22.75 30.77 -10.19
C GLY B 184 -22.06 31.97 -10.78
N ILE B 185 -20.86 32.22 -10.26
CA ILE B 185 -20.05 33.38 -10.64
C ILE B 185 -19.24 33.01 -11.89
N VAL B 186 -19.27 33.90 -12.89
CA VAL B 186 -18.38 33.77 -14.03
C VAL B 186 -16.96 34.10 -13.59
N THR B 187 -16.00 33.24 -13.95
CA THR B 187 -14.61 33.46 -13.62
C THR B 187 -13.78 32.92 -14.78
N LYS B 188 -12.68 33.60 -15.09
CA LYS B 188 -11.62 33.12 -15.99
C LYS B 188 -12.14 32.87 -17.41
N THR B 189 -12.69 33.93 -18.01
CA THR B 189 -13.16 33.83 -19.38
C THR B 189 -11.98 33.72 -20.34
N SER B 190 -11.95 32.63 -21.10
CA SER B 190 -10.92 32.46 -22.11
C SER B 190 -11.16 33.41 -23.27
N LEU B 191 -10.12 33.63 -24.07
CA LEU B 191 -10.20 34.54 -25.20
C LEU B 191 -11.07 33.95 -26.30
N VAL B 192 -11.75 34.84 -27.03
CA VAL B 192 -12.61 34.40 -28.13
C VAL B 192 -11.75 33.93 -29.28
N ARG B 193 -11.87 32.64 -29.64
CA ARG B 193 -11.01 32.20 -30.74
C ARG B 193 -11.82 31.34 -31.71
N PRO B 194 -11.66 31.56 -33.02
CA PRO B 194 -12.46 30.80 -33.99
C PRO B 194 -12.06 29.35 -34.10
N LYS B 195 -13.02 28.53 -34.53
CA LYS B 195 -12.90 27.09 -34.63
C LYS B 195 -13.57 26.63 -35.92
N LEU B 196 -12.84 25.86 -36.72
CA LEU B 196 -13.33 25.45 -38.03
C LEU B 196 -14.26 24.26 -37.87
N ILE B 197 -15.44 24.31 -38.48
CA ILE B 197 -16.36 23.17 -38.47
C ILE B 197 -16.66 22.67 -39.89
N ARG B 198 -16.31 23.43 -40.92
CA ARG B 198 -16.52 23.00 -42.30
C ARG B 198 -15.53 23.73 -43.18
N SER B 199 -14.82 22.99 -44.02
CA SER B 199 -13.84 23.56 -44.93
C SER B 199 -14.29 23.36 -46.37
N VAL B 200 -14.26 24.43 -47.16
CA VAL B 200 -14.69 24.42 -48.55
C VAL B 200 -13.46 24.65 -49.42
N HIS B 201 -13.21 23.74 -50.36
CA HIS B 201 -12.05 23.79 -51.24
C HIS B 201 -12.52 23.81 -52.68
N TYR B 202 -11.68 24.38 -53.55
CA TYR B 202 -11.97 24.51 -54.97
C TYR B 202 -10.91 23.79 -55.77
N ALA B 203 -11.36 23.06 -56.80
CA ALA B 203 -10.46 22.39 -57.74
C ALA B 203 -10.66 23.03 -59.11
N ALA B 204 -9.57 23.54 -59.68
CA ALA B 204 -9.62 24.25 -60.96
C ALA B 204 -9.53 23.33 -62.16
N LYS B 205 -8.86 22.17 -62.01
CA LYS B 205 -8.78 21.21 -63.11
C LYS B 205 -10.14 20.59 -63.40
N THR B 206 -10.93 20.33 -62.35
CA THR B 206 -12.32 19.93 -62.51
C THR B 206 -13.24 21.14 -62.39
N GLY B 207 -12.83 22.16 -61.65
CA GLY B 207 -13.68 23.32 -61.41
C GLY B 207 -14.85 23.02 -60.50
N ARG B 208 -14.61 22.29 -59.42
CA ARG B 208 -15.68 21.86 -58.53
C ARG B 208 -15.30 22.16 -57.08
N PHE B 209 -16.31 22.44 -56.27
CA PHE B 209 -16.12 22.76 -54.85
C PHE B 209 -16.44 21.54 -54.00
N HIS B 210 -15.47 21.13 -53.19
CA HIS B 210 -15.62 20.02 -52.27
C HIS B 210 -15.58 20.53 -50.84
N TYR B 211 -16.57 20.15 -50.04
CA TYR B 211 -16.61 20.56 -48.64
C TYR B 211 -16.40 19.34 -47.74
N ARG B 212 -15.75 19.57 -46.61
CA ARG B 212 -15.54 18.54 -45.62
C ARG B 212 -16.00 19.05 -44.27
N ASP B 213 -16.79 18.25 -43.56
CA ASP B 213 -17.30 18.61 -42.25
C ASP B 213 -16.34 18.16 -41.17
N TYR B 214 -16.18 18.99 -40.15
CA TYR B 214 -15.21 18.78 -39.09
C TYR B 214 -15.95 18.73 -37.75
N THR B 215 -15.72 17.66 -36.99
CA THR B 215 -16.46 17.41 -35.76
C THR B 215 -15.51 17.43 -34.57
N ASP B 216 -16.00 17.98 -33.45
CA ASP B 216 -15.27 18.01 -32.20
C ASP B 216 -16.14 17.38 -31.11
N ALA B 217 -15.50 17.03 -30.00
CA ALA B 217 -16.23 16.48 -28.86
C ALA B 217 -17.13 17.55 -28.23
N THR B 218 -16.65 18.79 -28.15
CA THR B 218 -17.44 19.85 -27.55
C THR B 218 -18.54 20.37 -28.46
N THR B 219 -18.31 20.37 -29.78
CA THR B 219 -19.28 20.94 -30.70
C THR B 219 -20.52 20.06 -30.84
N THR B 220 -20.32 18.75 -30.98
CA THR B 220 -21.42 17.82 -31.21
C THR B 220 -21.75 17.10 -29.92
N LEU B 221 -23.05 17.02 -29.60
CA LEU B 221 -23.49 16.26 -28.43
C LEU B 221 -23.25 14.77 -28.62
N THR B 222 -23.50 14.26 -29.83
CA THR B 222 -23.16 12.88 -30.14
C THR B 222 -21.65 12.74 -30.37
N THR B 223 -21.17 11.51 -30.25
CA THR B 223 -19.75 11.22 -30.41
C THR B 223 -19.48 10.74 -31.83
N ARG B 224 -18.63 11.47 -32.54
CA ARG B 224 -18.20 11.10 -33.88
C ARG B 224 -16.70 10.80 -33.86
N ILE B 225 -16.24 10.17 -34.94
CA ILE B 225 -14.79 9.92 -35.07
C ILE B 225 -14.08 11.25 -35.31
N PRO B 226 -13.09 11.59 -34.49
CA PRO B 226 -12.51 12.95 -34.58
C PRO B 226 -11.64 13.13 -35.81
N THR B 227 -11.77 14.31 -36.40
CA THR B 227 -11.01 14.72 -37.58
C THR B 227 -9.75 15.46 -37.14
N PRO B 228 -8.57 15.11 -37.65
CA PRO B 228 -7.32 15.70 -37.15
C PRO B 228 -7.04 17.12 -37.62
N ALA B 229 -8.02 17.81 -38.23
CA ALA B 229 -7.95 19.23 -38.60
C ALA B 229 -6.82 19.52 -39.59
N ILE B 230 -6.56 18.60 -40.51
CA ILE B 230 -5.61 18.81 -41.59
C ILE B 230 -6.41 19.12 -42.84
N TYR B 231 -6.07 20.22 -43.51
CA TYR B 231 -6.73 20.57 -44.75
C TYR B 231 -6.40 19.56 -45.85
N PRO B 232 -7.35 19.24 -46.72
CA PRO B 232 -7.06 18.32 -47.83
C PRO B 232 -6.13 18.97 -48.84
N THR B 233 -4.95 18.37 -49.02
CA THR B 233 -3.95 18.89 -49.93
C THR B 233 -4.35 18.67 -51.39
N GLU B 234 -4.86 17.48 -51.70
CA GLU B 234 -5.26 17.14 -53.06
C GLU B 234 -6.53 16.31 -53.03
N ASP B 235 -7.29 16.40 -54.11
CA ASP B 235 -8.49 15.58 -54.27
C ASP B 235 -8.14 14.24 -54.90
N THR B 236 -9.00 13.25 -54.67
CA THR B 236 -8.78 11.92 -55.24
C THR B 236 -9.00 11.91 -56.75
N GLU B 237 -9.94 12.72 -57.25
CA GLU B 237 -10.16 12.86 -58.68
C GLU B 237 -9.98 14.28 -59.21
N GLY B 238 -10.08 15.29 -58.36
CA GLY B 238 -9.97 16.67 -58.78
C GLY B 238 -8.58 17.24 -58.77
N ASN B 239 -7.55 16.39 -58.59
CA ASN B 239 -6.13 16.74 -58.59
C ASN B 239 -5.87 17.73 -57.45
N LYS B 240 -5.28 18.90 -57.72
CA LYS B 240 -4.92 19.82 -56.65
C LYS B 240 -6.15 20.56 -56.11
N LEU B 241 -6.13 20.81 -54.81
CA LEU B 241 -7.22 21.47 -54.10
C LEU B 241 -6.69 22.74 -53.45
N THR B 242 -7.45 23.83 -53.57
CA THR B 242 -7.10 25.10 -52.95
C THR B 242 -8.19 25.47 -51.95
N THR B 243 -7.79 25.79 -50.72
CA THR B 243 -8.74 26.13 -49.67
C THR B 243 -9.32 27.52 -49.94
N GLU B 244 -10.64 27.64 -49.77
CA GLU B 244 -11.37 28.88 -50.02
C GLU B 244 -11.92 29.38 -48.69
N TYR B 245 -11.14 30.20 -48.00
CA TYR B 245 -11.62 30.86 -46.79
C TYR B 245 -12.68 31.90 -47.13
N GLY B 246 -13.67 32.02 -46.26
CA GLY B 246 -14.81 32.87 -46.54
C GLY B 246 -16.05 32.05 -46.80
N TYR B 247 -15.89 30.95 -47.54
CA TYR B 247 -16.94 29.96 -47.66
C TYR B 247 -16.85 28.87 -46.60
N SER B 248 -15.69 28.71 -45.98
CA SER B 248 -15.54 27.80 -44.86
C SER B 248 -16.26 28.35 -43.63
N THR B 249 -16.73 27.44 -42.77
CA THR B 249 -17.57 27.81 -41.64
C THR B 249 -16.76 27.76 -40.36
N PHE B 250 -16.75 28.88 -39.64
CA PHE B 250 -16.03 29.01 -38.38
C PHE B 250 -16.99 29.52 -37.31
N ILE B 251 -16.86 28.97 -36.11
CA ILE B 251 -17.66 29.41 -34.98
C ILE B 251 -16.73 29.93 -33.89
N ASP B 252 -17.22 30.87 -33.10
CA ASP B 252 -16.42 31.40 -31.99
C ASP B 252 -16.45 30.42 -30.83
N HIS B 253 -15.28 30.18 -30.23
CA HIS B 253 -15.15 29.26 -29.12
C HIS B 253 -14.61 30.02 -27.92
N GLN B 254 -15.19 29.73 -26.75
CA GLN B 254 -14.86 30.39 -25.49
C GLN B 254 -15.11 29.43 -24.35
N ARG B 255 -14.21 29.42 -23.38
CA ARG B 255 -14.35 28.65 -22.15
C ARG B 255 -14.52 29.61 -20.99
N ILE B 256 -15.56 29.39 -20.18
CA ILE B 256 -15.74 30.14 -18.95
C ILE B 256 -15.68 29.16 -17.79
N THR B 257 -15.61 29.69 -16.57
CA THR B 257 -15.57 28.86 -15.37
C THR B 257 -16.67 29.35 -14.44
N VAL B 258 -17.70 28.53 -14.27
CA VAL B 258 -18.78 28.84 -13.34
C VAL B 258 -18.40 28.31 -11.98
N GLN B 259 -18.15 29.21 -11.04
CA GLN B 259 -17.82 28.87 -9.67
C GLN B 259 -19.13 28.94 -8.89
N GLU B 260 -19.24 28.16 -7.81
CA GLU B 260 -20.40 28.25 -6.94
C GLU B 260 -20.51 29.64 -6.32
N MET B 261 -21.74 30.09 -6.15
CA MET B 261 -22.06 31.34 -5.46
C MET B 261 -21.58 31.19 -4.01
N PRO B 262 -20.74 32.10 -3.53
CA PRO B 262 -20.12 31.90 -2.21
C PRO B 262 -21.08 32.01 -1.03
N GLU B 263 -22.27 32.58 -1.23
CA GLU B 263 -23.26 32.62 -0.15
C GLU B 263 -23.86 31.24 0.12
N MET B 264 -23.81 30.35 -0.86
CA MET B 264 -24.35 28.99 -0.71
C MET B 264 -23.29 27.98 -0.33
N ALA B 265 -22.10 28.41 0.04
CA ALA B 265 -21.07 27.48 0.47
C ALA B 265 -21.40 26.91 1.85
N PRO B 266 -21.17 25.63 2.07
CA PRO B 266 -21.40 25.04 3.39
C PRO B 266 -20.25 25.35 4.34
N ALA B 267 -20.34 24.81 5.55
CA ALA B 267 -19.36 25.09 6.59
C ALA B 267 -18.09 24.30 6.33
N GLY B 268 -16.96 25.00 6.24
CA GLY B 268 -15.66 24.38 6.16
C GLY B 268 -15.21 23.96 4.77
N GLN B 269 -15.95 24.30 3.73
CA GLN B 269 -15.60 23.88 2.37
C GLN B 269 -15.48 25.10 1.46
N LEU B 270 -14.50 25.05 0.56
CA LEU B 270 -14.27 26.07 -0.44
C LEU B 270 -15.28 25.91 -1.58
N PRO B 271 -15.60 27.00 -2.28
CA PRO B 271 -16.49 26.86 -3.45
C PRO B 271 -15.86 26.08 -4.59
N ARG B 272 -16.66 25.25 -5.23
CA ARG B 272 -16.21 24.43 -6.35
C ARG B 272 -16.45 25.19 -7.66
N SER B 273 -16.01 24.59 -8.76
CA SER B 273 -16.13 25.24 -10.05
C SER B 273 -16.25 24.20 -11.16
N ILE B 274 -16.80 24.65 -12.29
CA ILE B 274 -16.93 23.86 -13.50
C ILE B 274 -16.48 24.73 -14.67
N ASP B 275 -16.15 24.08 -15.78
CA ASP B 275 -15.76 24.77 -17.00
C ASP B 275 -16.86 24.56 -18.03
N VAL B 276 -17.34 25.67 -18.61
CA VAL B 276 -18.48 25.67 -19.51
C VAL B 276 -18.02 26.18 -20.87
N ILE B 277 -18.28 25.39 -21.91
CA ILE B 277 -18.04 25.82 -23.29
C ILE B 277 -19.20 26.70 -23.74
N LEU B 278 -18.89 27.78 -24.45
CA LEU B 278 -19.92 28.68 -24.95
C LEU B 278 -19.99 28.60 -26.47
N ASP B 279 -21.20 28.37 -26.98
CA ASP B 279 -21.47 28.26 -28.40
C ASP B 279 -21.45 29.70 -28.97
N ASP B 280 -21.34 29.81 -30.30
CA ASP B 280 -20.91 31.07 -30.93
C ASP B 280 -21.95 32.17 -30.77
N ASP B 281 -23.21 31.81 -30.57
CA ASP B 281 -24.24 32.81 -30.28
C ASP B 281 -24.05 33.39 -28.89
N LEU B 282 -23.61 32.55 -27.94
CA LEU B 282 -23.49 32.93 -26.54
C LEU B 282 -22.11 33.48 -26.18
N VAL B 283 -21.19 33.56 -27.15
CA VAL B 283 -19.87 34.11 -26.88
C VAL B 283 -19.97 35.60 -26.59
N ASP B 284 -19.25 36.04 -25.54
CA ASP B 284 -19.09 37.39 -25.01
C ASP B 284 -20.37 37.89 -24.34
N LYS B 285 -21.31 37.01 -24.03
CA LYS B 285 -22.48 37.42 -23.24
C LYS B 285 -22.12 37.60 -21.77
N THR B 286 -21.05 36.93 -21.33
CA THR B 286 -20.68 36.90 -19.92
C THR B 286 -19.31 37.55 -19.71
N LYS B 287 -19.24 38.43 -18.72
CA LYS B 287 -18.04 39.01 -18.16
C LYS B 287 -17.78 38.42 -16.77
N PRO B 288 -16.53 38.42 -16.28
CA PRO B 288 -16.26 37.88 -14.94
C PRO B 288 -16.97 38.66 -13.84
N GLY B 289 -17.39 37.94 -12.82
CA GLY B 289 -18.19 38.51 -11.74
C GLY B 289 -19.68 38.51 -11.97
N ASP B 290 -20.16 37.87 -13.04
CA ASP B 290 -21.58 37.84 -13.37
C ASP B 290 -22.24 36.65 -12.71
N ARG B 291 -23.43 36.88 -12.16
CA ARG B 291 -24.18 35.86 -11.41
C ARG B 291 -25.05 35.09 -12.39
N VAL B 292 -24.41 34.23 -13.19
CA VAL B 292 -25.00 33.68 -14.39
C VAL B 292 -25.83 32.45 -14.01
N ASN B 293 -26.83 32.15 -14.85
CA ASN B 293 -27.55 30.88 -14.85
C ASN B 293 -27.36 30.23 -16.21
N VAL B 294 -26.59 29.15 -16.26
CA VAL B 294 -26.24 28.49 -17.51
C VAL B 294 -27.02 27.19 -17.60
N VAL B 295 -27.75 27.00 -18.71
CA VAL B 295 -28.46 25.76 -18.99
C VAL B 295 -27.70 25.02 -20.08
N GLY B 296 -27.29 23.79 -19.81
CA GLY B 296 -26.49 23.05 -20.78
C GLY B 296 -26.40 21.60 -20.40
N VAL B 297 -25.79 20.83 -21.30
CA VAL B 297 -25.66 19.39 -21.13
C VAL B 297 -24.36 19.11 -20.39
N PHE B 298 -24.47 18.52 -19.20
CA PHE B 298 -23.29 18.19 -18.39
C PHE B 298 -22.65 16.93 -18.98
N LYS B 299 -21.51 17.11 -19.65
CA LYS B 299 -20.90 16.05 -20.45
C LYS B 299 -19.47 15.81 -20.02
N SER B 300 -19.02 14.56 -20.20
CA SER B 300 -17.66 14.16 -19.93
C SER B 300 -16.99 13.71 -21.23
N LEU B 301 -15.71 14.00 -21.37
CA LEU B 301 -14.99 13.73 -22.62
C LEU B 301 -13.59 13.25 -22.31
N GLY B 302 -12.94 12.71 -23.33
CA GLY B 302 -11.54 12.33 -23.24
C GLY B 302 -11.38 10.86 -22.84
N ALA B 303 -10.16 10.36 -23.06
CA ALA B 303 -9.81 9.02 -22.60
C ALA B 303 -9.80 8.94 -21.08
N GLY B 304 -9.26 9.97 -20.42
CA GLY B 304 -9.35 10.11 -18.97
C GLY B 304 -8.63 9.04 -18.17
N GLY B 305 -7.44 8.65 -18.59
CA GLY B 305 -6.69 7.64 -17.88
C GLY B 305 -7.09 6.22 -18.18
N MET B 306 -7.99 6.00 -19.14
CA MET B 306 -8.36 4.66 -19.57
C MET B 306 -7.45 4.13 -20.67
N ASN B 307 -6.44 4.90 -21.07
CA ASN B 307 -5.48 4.46 -22.07
C ASN B 307 -4.53 3.42 -21.45
N GLN B 308 -3.79 2.74 -22.32
CA GLN B 308 -2.89 1.69 -21.86
C GLN B 308 -1.66 2.26 -21.16
N SER B 309 -1.30 3.51 -21.43
CA SER B 309 -0.20 4.14 -20.71
C SER B 309 -0.56 4.40 -19.25
N ASN B 310 -1.80 4.82 -18.98
CA ASN B 310 -2.27 5.06 -17.63
C ASN B 310 -2.93 3.78 -17.10
N SER B 311 -2.09 2.85 -16.66
CA SER B 311 -2.58 1.54 -16.22
C SER B 311 -3.27 1.65 -14.86
N ASN B 312 -2.67 2.36 -13.91
CA ASN B 312 -3.18 2.41 -12.55
C ASN B 312 -3.29 3.84 -12.02
N THR B 313 -3.28 4.83 -12.90
CA THR B 313 -3.51 6.21 -12.46
C THR B 313 -4.98 6.40 -12.11
N LEU B 314 -5.23 6.98 -10.93
CA LEU B 314 -6.58 7.11 -10.40
C LEU B 314 -7.25 8.43 -10.79
N ILE B 315 -6.80 9.06 -11.88
CA ILE B 315 -7.41 10.30 -12.31
C ILE B 315 -8.79 10.06 -12.91
N GLY B 316 -9.63 11.08 -12.84
CA GLY B 316 -10.98 11.01 -13.35
C GLY B 316 -11.09 11.57 -14.76
N PHE B 317 -12.31 11.53 -15.28
CA PHE B 317 -12.59 12.04 -16.61
C PHE B 317 -12.80 13.55 -16.56
N LYS B 318 -12.42 14.22 -17.65
CA LYS B 318 -12.65 15.66 -17.77
C LYS B 318 -14.12 15.91 -18.07
N THR B 319 -14.78 16.70 -17.23
CA THR B 319 -16.19 16.98 -17.36
C THR B 319 -16.42 18.45 -17.72
N LEU B 320 -17.33 18.70 -18.64
CA LEU B 320 -17.66 20.05 -19.09
C LEU B 320 -19.17 20.22 -19.10
N ILE B 321 -19.62 21.42 -19.47
CA ILE B 321 -21.01 21.68 -19.80
C ILE B 321 -21.03 22.33 -21.18
N LEU B 322 -21.75 21.71 -22.11
CA LEU B 322 -22.00 22.33 -23.41
C LEU B 322 -23.19 23.26 -23.25
N GLY B 323 -22.90 24.55 -23.06
CA GLY B 323 -23.92 25.52 -22.70
C GLY B 323 -24.95 25.80 -23.78
N ASN B 324 -26.19 25.36 -23.54
CA ASN B 324 -27.25 25.63 -24.49
C ASN B 324 -27.72 27.09 -24.42
N THR B 325 -27.87 27.63 -23.22
CA THR B 325 -28.24 29.03 -23.10
C THR B 325 -27.69 29.62 -21.81
N VAL B 326 -27.65 30.96 -21.80
CA VAL B 326 -27.04 31.75 -20.73
C VAL B 326 -28.04 32.82 -20.32
N TYR B 327 -28.30 32.92 -19.02
CA TYR B 327 -29.18 33.94 -18.49
C TYR B 327 -28.43 34.82 -17.48
N PRO B 328 -28.66 36.14 -17.51
CA PRO B 328 -27.87 37.02 -16.63
C PRO B 328 -28.24 36.93 -15.17
N LEU B 329 -29.52 36.68 -14.85
CA LEU B 329 -30.04 36.49 -13.49
C LEU B 329 -29.70 37.63 -12.53
N ALA B 337 -30.46 39.67 -14.89
CA ALA B 337 -31.40 40.60 -14.27
C ALA B 337 -30.66 41.63 -13.41
N ALA B 338 -29.38 41.85 -13.72
CA ALA B 338 -28.66 42.96 -13.12
C ALA B 338 -29.22 44.29 -13.58
N ARG B 339 -29.52 44.40 -14.87
CA ARG B 339 -30.32 45.51 -15.41
C ARG B 339 -31.75 45.00 -15.52
N GLN B 340 -32.55 45.28 -14.51
CA GLN B 340 -33.92 44.79 -14.46
C GLN B 340 -34.79 45.44 -15.53
N MET B 341 -35.69 44.66 -16.10
CA MET B 341 -36.65 45.23 -17.06
C MET B 341 -37.65 46.11 -16.33
N LEU B 342 -38.13 47.12 -17.02
CA LEU B 342 -38.98 48.16 -16.43
C LEU B 342 -40.35 48.09 -17.08
N THR B 343 -41.33 47.55 -16.35
CA THR B 343 -42.71 47.60 -16.80
C THR B 343 -43.26 49.02 -16.68
N ASP B 344 -44.34 49.29 -17.41
CA ASP B 344 -44.90 50.63 -17.46
C ASP B 344 -45.53 51.04 -16.13
N PHE B 345 -45.99 50.07 -15.35
CA PHE B 345 -46.50 50.36 -14.00
C PHE B 345 -45.39 50.87 -13.10
N ASP B 346 -44.19 50.31 -13.23
CA ASP B 346 -43.03 50.81 -12.49
C ASP B 346 -42.66 52.23 -12.93
N ILE B 347 -42.77 52.52 -14.22
CA ILE B 347 -42.48 53.86 -14.71
C ILE B 347 -43.50 54.87 -14.18
N ARG B 348 -44.78 54.45 -14.12
CA ARG B 348 -45.82 55.31 -13.55
C ARG B 348 -45.57 55.57 -12.07
N ASN B 349 -45.14 54.54 -11.32
CA ASN B 349 -44.81 54.74 -9.91
C ASN B 349 -43.61 55.66 -9.74
N ILE B 350 -42.59 55.51 -10.60
CA ILE B 350 -41.37 56.31 -10.50
C ILE B 350 -41.67 57.78 -10.80
N ASN B 351 -42.41 58.06 -11.87
CA ASN B 351 -42.75 59.44 -12.20
C ASN B 351 -43.82 60.01 -11.27
N LYS B 352 -44.60 59.16 -10.60
CA LYS B 352 -45.52 59.65 -9.58
C LYS B 352 -44.77 60.09 -8.34
N LEU B 353 -43.82 59.28 -7.88
CA LEU B 353 -43.07 59.62 -6.68
C LEU B 353 -42.01 60.69 -6.92
N SER B 354 -41.60 60.90 -8.16
CA SER B 354 -40.63 61.96 -8.46
C SER B 354 -41.19 63.35 -8.25
N LYS B 355 -42.52 63.51 -8.35
CA LYS B 355 -43.13 64.83 -8.20
C LYS B 355 -43.25 65.27 -6.75
N LYS B 356 -43.03 64.36 -5.80
CA LYS B 356 -43.13 64.71 -4.38
C LYS B 356 -41.95 65.57 -3.94
N LYS B 357 -42.21 66.45 -2.98
CA LYS B 357 -41.20 67.39 -2.53
C LYS B 357 -40.11 66.73 -1.68
N ASP B 358 -40.44 65.65 -0.98
CA ASP B 358 -39.49 64.97 -0.11
C ASP B 358 -39.15 63.57 -0.62
N ILE B 359 -39.02 63.43 -1.95
CA ILE B 359 -38.63 62.15 -2.53
C ILE B 359 -37.19 61.81 -2.15
N PHE B 360 -36.34 62.83 -1.93
CA PHE B 360 -35.00 62.61 -1.44
C PHE B 360 -35.02 62.01 -0.04
N ASP B 361 -35.90 62.51 0.84
CA ASP B 361 -36.02 61.96 2.19
C ASP B 361 -36.61 60.55 2.17
N ILE B 362 -37.60 60.31 1.33
CA ILE B 362 -38.24 58.99 1.24
C ILE B 362 -37.25 57.95 0.73
N LEU B 363 -36.51 58.29 -0.31
CA LEU B 363 -35.50 57.38 -0.82
C LEU B 363 -34.25 57.33 0.04
N SER B 364 -34.05 58.29 0.95
CA SER B 364 -32.92 58.22 1.87
C SER B 364 -33.21 57.29 3.04
N GLN B 365 -34.32 57.51 3.75
CA GLN B 365 -34.69 56.58 4.81
C GLN B 365 -35.24 55.26 4.30
N SER B 366 -35.51 55.14 3.00
CA SER B 366 -35.82 53.82 2.43
C SER B 366 -34.56 52.98 2.33
N LEU B 367 -33.40 53.61 2.24
CA LEU B 367 -32.13 52.89 2.30
C LEU B 367 -31.85 52.49 3.74
N ALA B 368 -31.80 51.17 3.98
CA ALA B 368 -31.42 50.53 5.24
C ALA B 368 -32.21 51.03 6.44
N PRO B 369 -33.49 50.64 6.58
CA PRO B 369 -34.26 51.07 7.77
C PRO B 369 -33.75 50.46 9.06
N SER B 370 -32.98 49.38 9.00
CA SER B 370 -32.40 48.80 10.21
C SER B 370 -31.30 49.67 10.79
N ILE B 371 -30.66 50.50 9.98
CA ILE B 371 -29.60 51.38 10.46
C ILE B 371 -30.22 52.69 10.95
N TYR B 372 -30.01 52.99 12.22
CA TYR B 372 -30.48 54.23 12.84
C TYR B 372 -29.40 55.28 12.74
N GLY B 373 -29.81 56.53 12.54
CA GLY B 373 -28.86 57.60 12.36
C GLY B 373 -28.22 57.55 10.98
N HIS B 374 -27.16 58.36 10.85
CA HIS B 374 -26.38 58.52 9.61
C HIS B 374 -27.28 58.91 8.43
N ASP B 375 -28.22 59.82 8.69
CA ASP B 375 -29.22 60.17 7.68
C ASP B 375 -28.61 60.95 6.52
N HIS B 376 -27.71 61.90 6.83
CA HIS B 376 -26.98 62.59 5.77
C HIS B 376 -26.01 61.67 5.06
N ILE B 377 -25.46 60.69 5.78
CA ILE B 377 -24.59 59.69 5.17
C ILE B 377 -25.38 58.81 4.20
N LYS B 378 -26.63 58.46 4.56
CA LYS B 378 -27.47 57.70 3.65
C LYS B 378 -27.96 58.55 2.49
N LYS B 379 -28.11 59.87 2.68
CA LYS B 379 -28.39 60.77 1.57
C LYS B 379 -27.22 60.81 0.59
N ALA B 380 -26.00 60.86 1.11
CA ALA B 380 -24.81 60.80 0.26
C ALA B 380 -24.68 59.43 -0.42
N ILE B 381 -25.10 58.36 0.26
CA ILE B 381 -25.12 57.03 -0.35
C ILE B 381 -26.12 56.99 -1.51
N LEU B 382 -27.29 57.61 -1.33
CA LEU B 382 -28.28 57.71 -2.40
C LEU B 382 -27.75 58.49 -3.59
N LEU B 383 -27.08 59.62 -3.33
CA LEU B 383 -26.46 60.37 -4.41
C LEU B 383 -25.23 59.66 -4.98
N MET B 384 -24.68 58.69 -4.26
CA MET B 384 -23.57 57.90 -4.75
C MET B 384 -24.03 56.81 -5.71
N LEU B 385 -25.16 56.15 -5.41
CA LEU B 385 -25.67 55.11 -6.31
C LEU B 385 -26.16 55.71 -7.62
N MET B 386 -26.86 56.84 -7.56
CA MET B 386 -27.16 57.62 -8.76
C MET B 386 -26.14 58.77 -8.85
N GLY B 387 -24.94 58.41 -9.31
CA GLY B 387 -23.86 59.37 -9.38
C GLY B 387 -24.09 60.39 -10.48
N GLY B 388 -23.39 61.52 -10.35
CA GLY B 388 -23.64 62.66 -11.21
C GLY B 388 -23.19 62.45 -12.64
N VAL B 389 -23.56 63.42 -13.48
CA VAL B 389 -23.24 63.34 -14.90
C VAL B 389 -21.76 63.57 -15.10
N GLU B 390 -21.18 62.86 -16.08
CA GLU B 390 -19.78 63.00 -16.44
C GLU B 390 -19.69 63.81 -17.73
N LYS B 391 -18.76 64.75 -17.76
CA LYS B 391 -18.55 65.62 -18.91
C LYS B 391 -17.15 65.42 -19.45
N ASN B 392 -17.04 65.10 -20.73
CA ASN B 392 -15.76 64.92 -21.40
C ASN B 392 -15.56 66.10 -22.36
N LEU B 393 -14.55 66.91 -22.07
CA LEU B 393 -14.36 68.16 -22.80
C LEU B 393 -13.72 67.90 -24.16
N GLU B 394 -13.62 68.98 -24.95
CA GLU B 394 -13.07 68.86 -26.30
C GLU B 394 -11.56 68.66 -26.27
N ASN B 395 -10.87 69.31 -25.33
CA ASN B 395 -9.43 69.15 -25.24
C ASN B 395 -9.03 67.81 -24.62
N GLY B 396 -9.97 67.09 -24.03
CA GLY B 396 -9.73 65.76 -23.52
C GLY B 396 -9.64 65.63 -22.02
N SER B 397 -9.94 66.69 -21.28
CA SER B 397 -9.94 66.60 -19.83
C SER B 397 -11.12 65.76 -19.34
N HIS B 398 -10.82 64.75 -18.53
CA HIS B 398 -11.83 63.84 -18.01
C HIS B 398 -12.32 64.36 -16.67
N LEU B 399 -13.53 64.90 -16.65
CA LEU B 399 -14.11 65.48 -15.45
C LEU B 399 -14.96 64.41 -14.77
N ARG B 400 -14.61 64.07 -13.54
CA ARG B 400 -15.23 62.94 -12.86
C ARG B 400 -16.64 63.28 -12.39
N GLY B 401 -17.60 62.44 -12.80
CA GLY B 401 -18.96 62.51 -12.30
C GLY B 401 -19.31 61.47 -11.26
N ASP B 402 -18.33 60.72 -10.76
CA ASP B 402 -18.57 59.66 -9.79
C ASP B 402 -18.13 60.15 -8.41
N ILE B 403 -19.11 60.40 -7.54
CA ILE B 403 -18.82 60.85 -6.18
C ILE B 403 -18.33 59.69 -5.34
N ASN B 404 -17.27 59.92 -4.56
CA ASN B 404 -16.66 58.91 -3.71
C ASN B 404 -16.69 59.39 -2.26
N ILE B 405 -16.91 58.45 -1.33
CA ILE B 405 -17.18 58.79 0.06
C ILE B 405 -16.21 57.99 0.95
N LEU B 406 -15.54 58.70 1.87
CA LEU B 406 -14.72 58.08 2.90
C LEU B 406 -15.36 58.37 4.27
N MET B 407 -15.69 57.31 5.00
CA MET B 407 -16.31 57.40 6.31
C MET B 407 -15.31 56.97 7.37
N VAL B 408 -14.83 57.91 8.17
CA VAL B 408 -13.87 57.64 9.22
C VAL B 408 -14.56 57.84 10.57
N GLY B 409 -14.29 56.95 11.51
CA GLY B 409 -14.81 57.18 12.85
C GLY B 409 -14.73 55.98 13.75
N ASP B 410 -15.54 56.05 14.81
CA ASP B 410 -15.50 55.11 15.92
C ASP B 410 -15.96 53.71 15.50
N PRO B 411 -15.56 52.68 16.24
CA PRO B 411 -16.11 51.35 16.01
C PRO B 411 -17.60 51.27 16.32
N SER B 412 -18.28 50.34 15.64
CA SER B 412 -19.71 50.04 15.78
C SER B 412 -20.59 51.25 15.47
N THR B 413 -20.14 52.11 14.56
CA THR B 413 -20.99 53.15 14.00
C THR B 413 -21.62 52.72 12.68
N ALA B 414 -21.60 51.40 12.40
CA ALA B 414 -22.28 50.75 11.28
C ALA B 414 -21.81 51.26 9.92
N LYS B 415 -20.51 51.56 9.79
CA LYS B 415 -19.97 51.91 8.48
C LYS B 415 -19.86 50.67 7.59
N SER B 416 -19.40 49.55 8.15
CA SER B 416 -19.29 48.32 7.38
C SER B 416 -20.66 47.75 7.04
N GLN B 417 -21.66 48.00 7.88
CA GLN B 417 -23.02 47.59 7.54
C GLN B 417 -23.58 48.41 6.38
N LEU B 418 -23.26 49.70 6.31
CA LEU B 418 -23.62 50.48 5.13
C LEU B 418 -22.84 50.02 3.90
N LEU B 419 -21.60 49.55 4.09
CA LEU B 419 -20.85 48.94 2.99
C LEU B 419 -21.53 47.68 2.49
N ARG B 420 -22.03 46.85 3.40
CA ARG B 420 -22.76 45.64 3.00
C ARG B 420 -24.08 46.00 2.31
N PHE B 421 -24.74 47.06 2.76
CA PHE B 421 -26.00 47.47 2.14
C PHE B 421 -25.78 48.00 0.72
N VAL B 422 -24.76 48.83 0.52
CA VAL B 422 -24.47 49.29 -0.83
C VAL B 422 -23.80 48.21 -1.67
N LEU B 423 -23.29 47.14 -1.04
CA LEU B 423 -22.90 45.96 -1.80
C LEU B 423 -24.13 45.25 -2.35
N ASN B 424 -25.15 45.06 -1.52
CA ASN B 424 -26.32 44.30 -1.93
C ASN B 424 -27.21 45.07 -2.92
N THR B 425 -27.39 46.37 -2.70
CA THR B 425 -28.39 47.12 -3.44
C THR B 425 -27.84 47.81 -4.69
N ALA B 426 -26.58 47.60 -5.05
CA ALA B 426 -26.05 48.19 -6.26
C ALA B 426 -26.19 47.23 -7.44
N SER B 427 -26.11 47.79 -8.65
CA SER B 427 -26.12 46.97 -9.85
C SER B 427 -24.84 46.15 -9.98
N LEU B 428 -23.71 46.74 -9.63
CA LEU B 428 -22.44 46.04 -9.64
C LEU B 428 -21.60 46.56 -8.49
N ALA B 429 -21.22 45.68 -7.57
CA ALA B 429 -20.49 46.08 -6.37
C ALA B 429 -19.40 45.06 -6.07
N ILE B 430 -18.21 45.55 -5.78
CA ILE B 430 -17.07 44.68 -5.45
C ILE B 430 -16.46 45.13 -4.14
N ALA B 431 -16.32 44.21 -3.18
CA ALA B 431 -15.78 44.54 -1.88
C ALA B 431 -14.30 44.20 -1.79
N THR B 432 -13.62 44.87 -0.85
CA THR B 432 -12.21 44.63 -0.59
C THR B 432 -11.90 45.03 0.84
N THR B 433 -10.78 44.52 1.36
CA THR B 433 -10.39 44.66 2.75
C THR B 433 -8.92 45.06 2.80
N GLY B 434 -8.52 45.71 3.90
CA GLY B 434 -7.16 46.22 4.02
C GLY B 434 -6.08 45.16 3.97
N ARG B 435 -6.26 44.07 4.71
CA ARG B 435 -5.27 43.00 4.76
C ARG B 435 -5.62 41.83 3.84
N GLY B 436 -6.68 41.97 3.06
CA GLY B 436 -7.06 40.93 2.12
C GLY B 436 -6.99 41.38 0.68
N SER B 437 -6.08 42.31 0.38
CA SER B 437 -5.96 42.86 -0.96
C SER B 437 -4.49 43.06 -1.30
N SER B 438 -4.19 42.94 -2.58
CA SER B 438 -2.87 43.29 -3.13
C SER B 438 -3.06 44.30 -4.25
N GLY B 439 -2.03 45.12 -4.48
CA GLY B 439 -2.13 46.16 -5.50
C GLY B 439 -2.23 45.61 -6.90
N VAL B 440 -1.54 44.52 -7.19
CA VAL B 440 -1.73 43.82 -8.47
C VAL B 440 -3.09 43.13 -8.50
N GLY B 441 -3.58 42.64 -7.36
CA GLY B 441 -4.86 41.96 -7.31
C GLY B 441 -6.06 42.88 -7.38
N LEU B 442 -5.86 44.19 -7.24
CA LEU B 442 -6.96 45.13 -7.35
C LEU B 442 -7.20 45.58 -8.79
N THR B 443 -6.13 45.79 -9.56
CA THR B 443 -6.30 46.31 -10.93
C THR B 443 -6.36 45.18 -11.96
N ALA B 444 -5.27 44.43 -12.09
CA ALA B 444 -5.14 43.41 -13.14
C ALA B 444 -3.92 42.56 -12.86
N ALA B 445 -4.00 41.28 -13.24
CA ALA B 445 -2.88 40.36 -13.10
C ALA B 445 -2.68 39.61 -14.40
N VAL B 446 -1.43 39.43 -14.81
CA VAL B 446 -1.12 38.72 -16.04
C VAL B 446 -0.87 37.24 -15.75
N THR B 447 -1.57 36.37 -16.48
CA THR B 447 -1.50 34.94 -16.32
C THR B 447 -1.65 34.27 -17.68
N THR B 448 -1.23 33.02 -17.77
CA THR B 448 -1.44 32.26 -18.99
C THR B 448 -2.89 31.82 -19.08
N ASP B 449 -3.30 31.43 -20.29
CA ASP B 449 -4.62 30.86 -20.52
C ASP B 449 -4.47 29.40 -20.92
N ARG B 450 -5.41 28.57 -20.47
CA ARG B 450 -5.24 27.12 -20.60
C ARG B 450 -5.45 26.65 -22.04
N GLU B 451 -6.51 27.13 -22.70
CA GLU B 451 -6.83 26.64 -24.04
C GLU B 451 -6.02 27.30 -25.14
N THR B 452 -5.31 28.40 -24.84
CA THR B 452 -4.54 29.12 -25.84
C THR B 452 -3.04 28.89 -25.73
N GLY B 453 -2.52 28.70 -24.51
CA GLY B 453 -1.09 28.75 -24.30
C GLY B 453 -0.52 30.13 -24.52
N GLU B 454 -1.29 31.17 -24.18
CA GLU B 454 -0.92 32.55 -24.42
C GLU B 454 -1.17 33.35 -23.16
N ARG B 455 -0.32 34.35 -22.92
CA ARG B 455 -0.44 35.21 -21.75
C ARG B 455 -1.52 36.27 -21.99
N ARG B 456 -2.27 36.58 -20.93
CA ARG B 456 -3.33 37.57 -21.02
C ARG B 456 -3.60 38.13 -19.64
N LEU B 457 -4.35 39.23 -19.61
CA LEU B 457 -4.74 39.86 -18.37
C LEU B 457 -6.03 39.26 -17.83
N GLU B 458 -6.15 39.21 -16.51
CA GLU B 458 -7.42 39.07 -15.83
C GLU B 458 -7.60 40.27 -14.93
N ALA B 459 -8.78 40.89 -14.99
CA ALA B 459 -9.03 42.12 -14.25
C ALA B 459 -9.16 41.84 -12.76
N GLY B 460 -8.66 42.77 -11.96
CA GLY B 460 -8.74 42.67 -10.51
C GLY B 460 -10.06 43.16 -9.98
N ALA B 461 -10.04 43.56 -8.70
CA ALA B 461 -11.27 44.02 -8.06
C ALA B 461 -11.68 45.39 -8.56
N MET B 462 -10.73 46.29 -8.78
CA MET B 462 -11.05 47.68 -9.01
C MET B 462 -11.46 47.96 -10.45
N VAL B 463 -11.15 47.04 -11.37
CA VAL B 463 -11.50 47.20 -12.78
C VAL B 463 -12.82 46.49 -13.11
N LEU B 464 -13.04 45.32 -12.50
CA LEU B 464 -14.27 44.55 -12.70
C LEU B 464 -15.51 45.28 -12.18
N ALA B 465 -15.34 46.25 -11.29
CA ALA B 465 -16.44 47.06 -10.77
C ALA B 465 -16.68 48.31 -11.59
N ASP B 466 -16.34 48.30 -12.88
CA ASP B 466 -16.52 49.46 -13.74
C ASP B 466 -18.00 49.77 -13.94
N ARG B 467 -18.32 51.06 -13.94
CA ARG B 467 -19.70 51.57 -13.85
C ARG B 467 -20.44 50.98 -12.66
N GLY B 468 -19.74 50.85 -11.54
CA GLY B 468 -20.29 50.27 -10.33
C GLY B 468 -19.65 50.88 -9.11
N VAL B 469 -19.67 50.18 -7.98
CA VAL B 469 -19.13 50.70 -6.74
C VAL B 469 -18.15 49.71 -6.13
N VAL B 470 -17.14 50.26 -5.43
CA VAL B 470 -16.15 49.48 -4.71
C VAL B 470 -16.30 49.76 -3.23
N CYS B 471 -16.48 48.70 -2.45
CA CYS B 471 -16.80 48.79 -1.03
C CYS B 471 -15.56 48.43 -0.23
N ILE B 472 -14.74 49.43 0.04
CA ILE B 472 -13.48 49.22 0.75
C ILE B 472 -13.72 49.29 2.25
N ASP B 473 -13.35 48.22 2.95
CA ASP B 473 -13.38 48.20 4.40
C ASP B 473 -11.96 48.14 4.93
N GLU B 474 -11.75 48.78 6.10
CA GLU B 474 -10.45 48.94 6.75
C GLU B 474 -9.43 49.59 5.81
N PHE B 475 -9.80 50.76 5.29
CA PHE B 475 -8.97 51.45 4.31
C PHE B 475 -7.75 52.08 4.97
N ASP B 476 -7.78 52.28 6.29
CA ASP B 476 -6.68 52.91 7.00
C ASP B 476 -5.42 52.04 7.11
N LYS B 477 -5.47 50.79 6.64
CA LYS B 477 -4.38 49.85 6.83
C LYS B 477 -4.10 49.04 5.57
N MET B 478 -4.17 49.69 4.41
CA MET B 478 -3.54 49.17 3.20
C MET B 478 -2.03 49.05 3.35
N THR B 479 -1.46 48.09 2.64
CA THR B 479 -0.04 48.13 2.33
C THR B 479 0.18 49.26 1.32
N ASP B 480 1.36 49.88 1.37
CA ASP B 480 1.66 51.04 0.52
C ASP B 480 1.62 50.69 -0.96
N VAL B 481 1.88 49.44 -1.32
CA VAL B 481 1.80 48.99 -2.71
C VAL B 481 0.35 49.09 -3.20
N ASP B 482 -0.61 48.67 -2.38
CA ASP B 482 -2.01 48.82 -2.73
C ASP B 482 -2.45 50.28 -2.70
N ARG B 483 -1.83 51.09 -1.82
CA ARG B 483 -2.13 52.52 -1.78
C ARG B 483 -1.71 53.22 -3.07
N VAL B 484 -0.59 52.79 -3.66
CA VAL B 484 -0.14 53.35 -4.94
C VAL B 484 -1.16 53.11 -6.04
N ALA B 485 -1.66 51.87 -6.15
CA ALA B 485 -2.63 51.53 -7.18
C ALA B 485 -3.96 52.23 -6.96
N ILE B 486 -4.43 52.28 -5.71
CA ILE B 486 -5.70 52.93 -5.40
C ILE B 486 -5.62 54.42 -5.69
N HIS B 487 -4.54 55.08 -5.26
CA HIS B 487 -4.33 56.50 -5.55
C HIS B 487 -4.21 56.76 -7.04
N GLU B 488 -3.62 55.82 -7.79
CA GLU B 488 -3.53 55.94 -9.24
C GLU B 488 -4.92 55.93 -9.88
N VAL B 489 -5.82 55.07 -9.39
CA VAL B 489 -7.17 55.07 -9.93
C VAL B 489 -7.93 56.34 -9.51
N MET B 490 -7.75 56.80 -8.27
CA MET B 490 -8.45 58.02 -7.85
C MET B 490 -7.93 59.28 -8.53
N GLU B 491 -6.71 59.29 -9.05
CA GLU B 491 -6.26 60.48 -9.77
C GLU B 491 -6.37 60.34 -11.29
N GLN B 492 -6.49 59.13 -11.82
CA GLN B 492 -6.41 58.93 -13.26
C GLN B 492 -7.63 58.26 -13.88
N GLN B 493 -8.31 57.37 -13.15
CA GLN B 493 -9.41 56.49 -13.56
C GLN B 493 -9.03 55.46 -14.62
N THR B 494 -7.78 55.40 -15.05
CA THR B 494 -7.27 54.38 -15.94
C THR B 494 -5.99 53.82 -15.35
N VAL B 495 -5.77 52.52 -15.53
CA VAL B 495 -4.54 51.89 -15.08
C VAL B 495 -3.70 51.49 -16.28
N THR B 496 -2.40 51.74 -16.18
CA THR B 496 -1.45 51.43 -17.23
C THR B 496 -0.62 50.24 -16.79
N ILE B 497 -0.71 49.14 -17.53
CA ILE B 497 0.05 47.93 -17.25
C ILE B 497 1.10 47.78 -18.33
N ALA B 498 2.37 47.80 -17.91
CA ALA B 498 3.52 47.64 -18.79
C ALA B 498 4.41 46.54 -18.23
N LYS B 499 4.08 45.29 -18.53
CA LYS B 499 4.87 44.14 -18.08
C LYS B 499 4.47 42.91 -18.88
N ALA B 500 5.35 41.90 -18.83
CA ALA B 500 5.23 40.63 -19.56
C ALA B 500 5.08 40.83 -21.05
N GLY B 501 5.77 41.83 -21.60
CA GLY B 501 5.62 42.17 -23.00
C GLY B 501 4.29 42.81 -23.35
N ILE B 502 3.57 43.33 -22.36
CA ILE B 502 2.21 43.81 -22.54
C ILE B 502 2.16 45.29 -22.14
N HIS B 503 1.71 46.13 -23.07
CA HIS B 503 1.53 47.56 -22.87
C HIS B 503 0.05 47.85 -23.10
N THR B 504 -0.73 47.91 -22.03
CA THR B 504 -2.18 48.07 -22.13
C THR B 504 -2.64 49.13 -21.14
N THR B 505 -3.71 49.85 -21.50
CA THR B 505 -4.42 50.72 -20.57
C THR B 505 -5.83 50.19 -20.38
N LEU B 506 -6.31 50.27 -19.14
CA LEU B 506 -7.63 49.76 -18.76
C LEU B 506 -8.43 50.87 -18.12
N ASN B 507 -9.67 51.03 -18.60
CA ASN B 507 -10.57 52.04 -18.04
C ASN B 507 -11.20 51.53 -16.76
N ALA B 508 -11.34 52.42 -15.77
CA ALA B 508 -12.07 52.12 -14.54
C ALA B 508 -12.80 53.39 -14.13
N ARG B 509 -14.03 53.55 -14.62
CA ARG B 509 -14.88 54.69 -14.27
C ARG B 509 -15.88 54.28 -13.20
N CYS B 510 -15.35 54.07 -12.00
CA CYS B 510 -16.12 53.48 -10.91
C CYS B 510 -16.10 54.37 -9.68
N SER B 511 -17.11 54.18 -8.83
CA SER B 511 -17.24 54.91 -7.59
C SER B 511 -16.64 54.10 -6.44
N VAL B 512 -16.24 54.81 -5.37
CA VAL B 512 -15.58 54.21 -4.22
C VAL B 512 -16.28 54.68 -2.95
N ILE B 513 -16.75 53.74 -2.14
CA ILE B 513 -17.16 54.03 -0.77
C ILE B 513 -16.24 53.23 0.15
N ALA B 514 -15.68 53.90 1.16
CA ALA B 514 -14.69 53.26 2.01
C ALA B 514 -14.94 53.63 3.47
N ALA B 515 -14.56 52.72 4.35
CA ALA B 515 -14.72 52.88 5.78
C ALA B 515 -13.37 52.77 6.47
N ALA B 516 -13.15 53.58 7.50
CA ALA B 516 -11.88 53.61 8.18
C ALA B 516 -12.05 54.06 9.63
N ASN B 517 -11.10 53.63 10.44
CA ASN B 517 -10.91 54.01 11.82
C ASN B 517 -9.78 55.03 11.93
N PRO B 518 -9.75 55.84 12.98
CA PRO B 518 -8.62 56.75 13.18
C PRO B 518 -7.35 56.00 13.55
N VAL B 519 -6.24 56.76 13.59
CA VAL B 519 -4.96 56.17 13.94
C VAL B 519 -4.92 55.75 15.41
N PHE B 520 -5.72 56.40 16.25
CA PHE B 520 -5.88 55.95 17.62
C PHE B 520 -6.96 54.86 17.70
N GLY B 521 -7.13 54.31 18.89
CA GLY B 521 -8.20 53.34 19.11
C GLY B 521 -9.57 53.97 19.01
N GLN B 522 -9.74 55.15 19.58
CA GLN B 522 -10.97 55.91 19.53
C GLN B 522 -10.72 57.26 18.88
N TYR B 523 -11.75 57.81 18.24
CA TYR B 523 -11.61 59.11 17.61
C TYR B 523 -11.58 60.21 18.66
N ASP B 524 -10.64 61.14 18.50
CA ASP B 524 -10.44 62.23 19.44
C ASP B 524 -11.34 63.40 19.08
N VAL B 525 -11.81 64.11 20.10
CA VAL B 525 -12.64 65.29 19.91
C VAL B 525 -11.76 66.54 19.98
N ASN B 526 -10.45 66.34 19.86
CA ASN B 526 -9.49 67.43 19.88
C ASN B 526 -9.28 68.05 18.51
N ARG B 527 -10.05 67.60 17.50
CA ARG B 527 -10.08 68.10 16.10
C ARG B 527 -8.69 68.24 15.48
N ASP B 528 -7.82 67.29 15.78
CA ASP B 528 -6.48 67.28 15.19
C ASP B 528 -6.56 66.83 13.73
N PRO B 529 -6.03 67.62 12.80
CA PRO B 529 -6.07 67.22 11.38
C PRO B 529 -5.28 65.97 11.06
N HIS B 530 -4.20 65.69 11.78
CA HIS B 530 -3.31 64.59 11.44
C HIS B 530 -3.81 63.25 11.97
N GLN B 531 -4.62 63.24 13.03
CA GLN B 531 -5.10 62.01 13.63
C GLN B 531 -6.50 61.62 13.16
N ASN B 532 -6.99 62.22 12.08
CA ASN B 532 -8.21 61.73 11.46
C ASN B 532 -7.99 60.38 10.80
N ILE B 533 -7.07 60.31 9.84
CA ILE B 533 -6.72 59.07 9.16
C ILE B 533 -5.21 58.92 9.17
N ALA B 534 -4.77 57.67 9.02
CA ALA B 534 -3.35 57.36 8.88
C ALA B 534 -2.86 57.45 7.45
N LEU B 535 -3.77 57.53 6.49
CA LEU B 535 -3.43 57.71 5.08
C LEU B 535 -2.94 59.14 4.85
N PRO B 536 -2.14 59.35 3.80
CA PRO B 536 -1.72 60.72 3.47
C PRO B 536 -2.89 61.58 3.00
N ASP B 537 -2.70 62.90 3.15
CA ASP B 537 -3.73 63.86 2.77
C ASP B 537 -3.96 63.94 1.27
N SER B 538 -2.99 63.47 0.47
CA SER B 538 -3.18 63.40 -0.98
C SER B 538 -4.29 62.42 -1.33
N LEU B 539 -4.36 61.28 -0.65
CA LEU B 539 -5.48 60.37 -0.84
C LEU B 539 -6.76 60.88 -0.19
N LEU B 540 -6.64 61.75 0.81
CA LEU B 540 -7.83 62.38 1.39
C LEU B 540 -8.43 63.38 0.41
N SER B 541 -7.61 64.01 -0.42
CA SER B 541 -8.08 65.05 -1.33
C SER B 541 -8.97 64.51 -2.44
N ARG B 542 -8.73 63.29 -2.91
CA ARG B 542 -9.54 62.75 -4.00
C ARG B 542 -10.92 62.30 -3.53
N PHE B 543 -11.09 62.10 -2.22
CA PHE B 543 -12.41 61.75 -1.70
C PHE B 543 -13.26 63.01 -1.55
N ASP B 544 -14.44 62.99 -2.15
CA ASP B 544 -15.29 64.17 -2.20
C ASP B 544 -15.94 64.45 -0.85
N LEU B 545 -16.45 63.41 -0.20
CA LEU B 545 -17.13 63.55 1.08
C LEU B 545 -16.36 62.75 2.13
N LEU B 546 -15.66 63.46 3.01
CA LEU B 546 -15.02 62.88 4.18
C LEU B 546 -15.99 63.00 5.35
N PHE B 547 -16.83 61.98 5.52
CA PHE B 547 -17.71 61.94 6.67
C PHE B 547 -16.94 61.40 7.87
N VAL B 548 -17.14 62.04 9.02
CA VAL B 548 -16.55 61.59 10.28
C VAL B 548 -17.68 61.33 11.26
N VAL B 549 -17.62 60.20 11.95
CA VAL B 549 -18.66 59.80 12.89
C VAL B 549 -18.06 59.63 14.27
N THR B 550 -18.78 60.13 15.26
CA THR B 550 -18.38 60.00 16.66
C THR B 550 -19.46 59.27 17.42
N ASP B 551 -19.08 58.19 18.11
CA ASP B 551 -20.02 57.47 18.97
C ASP B 551 -20.00 58.10 20.36
N ASP B 552 -20.57 59.31 20.42
CA ASP B 552 -20.67 60.04 21.67
C ASP B 552 -21.69 59.36 22.58
N ILE B 553 -21.38 59.30 23.86
CA ILE B 553 -22.13 58.46 24.77
C ILE B 553 -23.28 59.26 25.33
N ASN B 554 -24.50 58.74 25.21
CA ASN B 554 -25.69 59.52 25.52
C ASN B 554 -26.65 58.66 26.36
N GLU B 555 -27.82 59.23 26.66
CA GLU B 555 -28.87 58.53 27.39
C GLU B 555 -30.16 58.37 26.59
N ILE B 556 -30.70 59.46 26.05
CA ILE B 556 -31.98 59.39 25.36
C ILE B 556 -31.82 58.81 23.96
N ARG B 557 -30.89 59.36 23.18
CA ARG B 557 -30.61 58.84 21.84
C ARG B 557 -30.02 57.43 21.91
N ASP B 558 -29.25 57.14 22.96
CA ASP B 558 -28.75 55.79 23.18
C ASP B 558 -29.87 54.81 23.45
N ARG B 559 -30.88 55.22 24.23
CA ARG B 559 -32.05 54.39 24.46
C ARG B 559 -32.85 54.20 23.17
N SER B 560 -32.91 55.22 22.32
CA SER B 560 -33.59 55.11 21.03
C SER B 560 -32.89 54.10 20.13
N ILE B 561 -31.55 54.15 20.07
CA ILE B 561 -30.78 53.18 19.29
C ILE B 561 -30.92 51.78 19.87
N SER B 562 -30.97 51.68 21.21
CA SER B 562 -31.12 50.39 21.87
C SER B 562 -32.47 49.74 21.56
N GLU B 563 -33.55 50.52 21.66
CA GLU B 563 -34.87 50.00 21.33
C GLU B 563 -34.99 49.71 19.84
N HIS B 564 -34.30 50.47 18.99
CA HIS B 564 -34.32 50.19 17.56
C HIS B 564 -33.63 48.88 17.23
N VAL B 565 -32.48 48.59 17.86
CA VAL B 565 -31.80 47.34 17.54
C VAL B 565 -32.47 46.14 18.22
N LEU B 566 -33.18 46.36 19.33
CA LEU B 566 -34.00 45.27 19.87
C LEU B 566 -35.26 45.03 19.05
N ARG B 567 -35.78 46.07 18.38
CA ARG B 567 -36.83 45.84 17.40
C ARG B 567 -36.27 45.14 16.16
N THR B 568 -35.01 45.42 15.82
CA THR B 568 -34.34 44.74 14.71
C THR B 568 -34.15 43.25 15.01
N HIS B 569 -33.74 42.92 16.24
CA HIS B 569 -33.53 41.52 16.59
C HIS B 569 -34.83 40.75 16.74
N ARG B 570 -35.94 41.44 17.00
CA ARG B 570 -37.22 40.77 17.20
C ARG B 570 -37.93 40.43 15.90
N TYR B 571 -37.34 40.77 14.75
CA TYR B 571 -37.94 40.43 13.47
C TYR B 571 -37.89 38.94 13.21
N LEU B 572 -38.98 38.41 12.66
CA LEU B 572 -39.07 37.03 12.23
C LEU B 572 -39.32 37.01 10.73
N PRO B 573 -38.51 36.28 9.96
CA PRO B 573 -38.69 36.28 8.50
C PRO B 573 -39.96 35.53 8.12
N PRO B 574 -40.66 35.99 7.09
CA PRO B 574 -41.99 35.45 6.80
C PRO B 574 -41.95 34.04 6.24
N GLY B 575 -42.94 33.24 6.64
CA GLY B 575 -43.03 31.86 6.19
C GLY B 575 -42.16 30.89 6.93
N TYR B 576 -41.51 31.31 8.01
CA TYR B 576 -40.63 30.45 8.79
C TYR B 576 -41.19 30.28 10.20
N LEU B 577 -40.93 29.10 10.77
CA LEU B 577 -41.45 28.74 12.07
C LEU B 577 -40.75 29.53 13.17
N GLU B 578 -41.47 29.77 14.27
CA GLU B 578 -40.91 30.44 15.42
C GLU B 578 -39.88 29.55 16.11
N GLY B 579 -38.73 30.12 16.44
CA GLY B 579 -37.68 29.38 17.12
C GLY B 579 -37.02 28.27 16.33
N GLU B 580 -36.69 28.52 15.06
CA GLU B 580 -36.01 27.57 14.21
C GLU B 580 -34.80 28.26 13.59
N PRO B 581 -33.76 27.51 13.21
CA PRO B 581 -32.63 28.13 12.52
C PRO B 581 -33.01 28.61 11.12
N VAL B 582 -32.40 29.71 10.72
CA VAL B 582 -32.67 30.29 9.40
C VAL B 582 -31.89 29.51 8.36
N ARG B 583 -32.60 29.05 7.32
CA ARG B 583 -32.00 28.21 6.30
C ARG B 583 -31.56 29.03 5.10
N PRO B 648 -43.48 59.08 6.36
CA PRO B 648 -43.25 57.79 7.00
C PRO B 648 -43.34 56.62 6.04
N LYS B 649 -43.52 56.91 4.75
CA LYS B 649 -43.62 55.87 3.74
C LYS B 649 -42.24 55.34 3.36
N LEU B 650 -42.13 54.03 3.27
CA LEU B 650 -40.90 53.36 2.84
C LEU B 650 -41.20 52.56 1.58
N VAL B 651 -40.38 52.74 0.56
CA VAL B 651 -40.53 52.00 -0.69
C VAL B 651 -39.68 50.74 -0.63
N THR B 652 -40.07 49.76 -1.45
CA THR B 652 -39.33 48.51 -1.48
C THR B 652 -38.01 48.68 -2.24
N ILE B 653 -37.07 47.79 -1.93
CA ILE B 653 -35.69 47.87 -2.41
C ILE B 653 -35.57 47.44 -3.88
N PRO B 654 -36.29 46.43 -4.41
CA PRO B 654 -36.35 46.30 -5.87
C PRO B 654 -36.93 47.53 -6.57
N PHE B 655 -37.90 48.21 -5.98
CA PHE B 655 -38.42 49.44 -6.57
C PHE B 655 -37.37 50.55 -6.49
N LEU B 656 -36.58 50.58 -5.42
CA LEU B 656 -35.47 51.53 -5.33
C LEU B 656 -34.42 51.27 -6.40
N ARG B 657 -34.11 49.99 -6.65
CA ARG B 657 -33.15 49.64 -7.69
C ARG B 657 -33.69 49.99 -9.08
N LYS B 658 -35.00 49.82 -9.28
CA LYS B 658 -35.61 50.25 -10.54
C LYS B 658 -35.57 51.76 -10.71
N TYR B 659 -35.76 52.51 -9.61
CA TYR B 659 -35.62 53.97 -9.66
C TYR B 659 -34.20 54.39 -10.01
N VAL B 660 -33.21 53.73 -9.41
CA VAL B 660 -31.81 54.04 -9.67
C VAL B 660 -31.44 53.72 -11.12
N GLN B 661 -31.91 52.57 -11.62
CA GLN B 661 -31.66 52.18 -13.01
C GLN B 661 -32.33 53.13 -13.99
N TYR B 662 -33.58 53.54 -13.70
CA TYR B 662 -34.30 54.46 -14.56
C TYR B 662 -33.61 55.82 -14.63
N ALA B 663 -33.17 56.33 -13.47
CA ALA B 663 -32.44 57.60 -13.45
C ALA B 663 -31.10 57.47 -14.16
N LYS B 664 -30.46 56.30 -14.09
CA LYS B 664 -29.15 56.14 -14.70
C LYS B 664 -29.22 56.08 -16.23
N GLU B 665 -30.15 55.31 -16.79
CA GLU B 665 -30.12 55.21 -18.25
C GLU B 665 -30.99 56.27 -18.93
N ARG B 666 -32.03 56.76 -18.27
CA ARG B 666 -33.01 57.55 -19.01
C ARG B 666 -32.66 59.04 -19.08
N VAL B 667 -32.40 59.67 -17.93
CA VAL B 667 -32.24 61.11 -17.89
C VAL B 667 -30.77 61.49 -17.78
N ILE B 668 -30.38 62.52 -18.53
CA ILE B 668 -29.05 63.12 -18.46
C ILE B 668 -29.24 64.59 -18.11
N PRO B 669 -29.08 65.00 -16.86
CA PRO B 669 -29.35 66.39 -16.48
C PRO B 669 -28.27 67.34 -16.98
N GLN B 670 -28.67 68.60 -17.13
CA GLN B 670 -27.76 69.67 -17.52
C GLN B 670 -27.90 70.82 -16.53
N LEU B 671 -26.87 71.67 -16.49
CA LEU B 671 -26.66 72.55 -15.35
C LEU B 671 -27.05 73.99 -15.69
N THR B 672 -27.69 74.66 -14.73
CA THR B 672 -28.41 75.90 -15.01
C THR B 672 -28.11 76.92 -13.89
N GLN B 673 -28.17 78.21 -14.26
CA GLN B 673 -27.52 79.31 -13.52
C GLN B 673 -28.07 79.51 -12.10
N GLU B 674 -29.35 79.19 -11.87
CA GLU B 674 -29.96 79.43 -10.57
C GLU B 674 -29.41 78.52 -9.49
N ALA B 675 -28.81 77.39 -9.87
CA ALA B 675 -27.99 76.64 -8.92
C ALA B 675 -26.59 77.21 -8.82
N ILE B 676 -26.11 77.83 -9.90
CA ILE B 676 -24.71 78.25 -10.01
C ILE B 676 -24.38 79.43 -9.10
N ASN B 677 -25.28 80.42 -9.03
CA ASN B 677 -25.01 81.56 -8.14
C ASN B 677 -24.99 81.12 -6.67
N VAL B 678 -25.89 80.18 -6.32
CA VAL B 678 -25.90 79.60 -4.99
C VAL B 678 -24.63 78.80 -4.72
N ILE B 679 -24.16 78.05 -5.73
CA ILE B 679 -22.95 77.23 -5.58
C ILE B 679 -21.71 78.10 -5.38
N VAL B 680 -21.56 79.17 -6.16
CA VAL B 680 -20.37 80.01 -6.00
C VAL B 680 -20.44 80.82 -4.70
N LYS B 681 -21.65 81.24 -4.28
CA LYS B 681 -21.79 81.91 -2.99
C LYS B 681 -21.44 80.98 -1.83
N ASN B 682 -21.89 79.72 -1.91
CA ASN B 682 -21.60 78.76 -0.86
C ASN B 682 -20.12 78.37 -0.85
N TYR B 683 -19.48 78.29 -2.01
CA TYR B 683 -18.04 77.99 -2.04
C TYR B 683 -17.23 79.13 -1.45
N THR B 684 -17.59 80.38 -1.77
CA THR B 684 -16.89 81.52 -1.18
C THR B 684 -17.11 81.60 0.32
N ASP B 685 -18.32 81.27 0.77
CA ASP B 685 -18.61 81.26 2.20
C ASP B 685 -17.83 80.15 2.91
N LEU B 686 -17.74 78.97 2.30
CA LEU B 686 -17.10 77.83 2.96
C LEU B 686 -15.59 77.98 2.95
N ARG B 687 -15.01 78.57 1.90
CA ARG B 687 -13.56 78.64 1.81
C ARG B 687 -12.99 79.91 2.44
N ASN B 688 -13.57 81.08 2.11
CA ASN B 688 -13.01 82.33 2.58
C ASN B 688 -13.32 82.58 4.05
N ASP B 689 -14.28 81.86 4.62
CA ASP B 689 -14.59 81.98 6.04
C ASP B 689 -14.47 80.62 6.73
N PRO B 696 -8.61 72.58 5.23
CA PRO B 696 -8.83 71.35 4.44
C PRO B 696 -9.66 71.60 3.20
N ILE B 697 -9.83 72.87 2.84
CA ILE B 697 -10.65 73.25 1.69
C ILE B 697 -9.78 73.21 0.44
N THR B 698 -10.40 72.87 -0.69
CA THR B 698 -9.71 72.62 -1.94
C THR B 698 -10.55 73.24 -3.06
N ALA B 699 -9.91 73.58 -4.18
CA ALA B 699 -10.67 74.01 -5.36
C ALA B 699 -11.53 72.88 -5.92
N ARG B 700 -11.09 71.62 -5.72
CA ARG B 700 -11.84 70.44 -6.15
C ARG B 700 -13.24 70.38 -5.57
N THR B 701 -13.44 71.01 -4.41
CA THR B 701 -14.74 71.11 -3.75
C THR B 701 -15.81 71.68 -4.68
N LEU B 702 -15.42 72.66 -5.53
CA LEU B 702 -16.33 73.18 -6.56
C LEU B 702 -16.88 72.09 -7.45
N GLU B 703 -15.98 71.25 -7.99
CA GLU B 703 -16.41 70.11 -8.80
C GLU B 703 -17.23 69.14 -7.96
N THR B 704 -16.88 69.02 -6.67
CA THR B 704 -17.64 68.20 -5.74
C THR B 704 -19.08 68.67 -5.62
N LEU B 705 -19.30 70.01 -5.55
CA LEU B 705 -20.67 70.53 -5.53
C LEU B 705 -21.44 70.13 -6.78
N ILE B 706 -20.76 70.17 -7.94
CA ILE B 706 -21.39 69.71 -9.17
C ILE B 706 -21.68 68.22 -9.08
N ARG B 707 -20.74 67.45 -8.53
CA ARG B 707 -20.96 66.02 -8.31
C ARG B 707 -22.04 65.74 -7.28
N LEU B 708 -22.42 66.72 -6.44
CA LEU B 708 -23.64 66.57 -5.68
C LEU B 708 -24.85 67.04 -6.47
N ALA B 709 -24.75 68.22 -7.12
CA ALA B 709 -25.92 69.00 -7.47
C ALA B 709 -26.77 68.33 -8.55
N THR B 710 -26.14 68.00 -9.69
CA THR B 710 -26.84 67.26 -10.72
C THR B 710 -27.24 65.87 -10.27
N ALA B 711 -26.54 65.31 -9.27
CA ALA B 711 -26.96 64.04 -8.67
C ALA B 711 -28.33 64.17 -8.02
N HIS B 712 -28.58 65.30 -7.35
CA HIS B 712 -29.91 65.55 -6.81
C HIS B 712 -30.91 65.79 -7.93
N ALA B 713 -30.45 66.31 -9.07
CA ALA B 713 -31.29 66.38 -10.25
C ALA B 713 -31.71 64.99 -10.72
N LYS B 714 -30.80 64.02 -10.58
CA LYS B 714 -31.15 62.63 -10.87
C LYS B 714 -32.13 62.07 -9.86
N VAL B 715 -32.23 62.66 -8.67
CA VAL B 715 -33.35 62.33 -7.79
C VAL B 715 -34.65 62.89 -8.35
N ARG B 716 -34.62 64.13 -8.84
CA ARG B 716 -35.83 64.78 -9.31
C ARG B 716 -36.24 64.35 -10.72
N LEU B 717 -35.36 63.65 -11.43
CA LEU B 717 -35.48 63.16 -12.81
C LEU B 717 -35.59 64.27 -13.84
N SER B 718 -35.44 65.53 -13.47
CA SER B 718 -35.46 66.62 -14.44
C SER B 718 -34.11 66.73 -15.14
N LYS B 719 -34.14 67.24 -16.36
CA LYS B 719 -32.92 67.43 -17.14
C LYS B 719 -32.27 68.78 -16.88
N THR B 720 -32.80 69.55 -15.93
CA THR B 720 -32.19 70.79 -15.49
C THR B 720 -31.94 70.73 -13.99
N VAL B 721 -30.96 71.52 -13.53
CA VAL B 721 -30.60 71.60 -12.12
C VAL B 721 -31.07 72.95 -11.59
N ASN B 722 -31.78 72.92 -10.47
CA ASN B 722 -32.40 74.09 -9.88
C ASN B 722 -31.77 74.41 -8.54
N LYS B 723 -32.36 75.39 -7.84
CA LYS B 723 -31.85 75.85 -6.55
C LYS B 723 -31.99 74.81 -5.46
N VAL B 724 -33.02 73.97 -5.53
CA VAL B 724 -33.26 72.99 -4.48
C VAL B 724 -32.22 71.89 -4.48
N ASP B 725 -31.57 71.66 -5.62
CA ASP B 725 -30.44 70.73 -5.65
C ASP B 725 -29.21 71.35 -5.02
N ALA B 726 -28.95 72.63 -5.31
CA ALA B 726 -27.74 73.30 -4.82
C ALA B 726 -27.80 73.55 -3.33
N LYS B 727 -28.97 73.90 -2.79
CA LYS B 727 -29.12 74.11 -1.35
C LYS B 727 -28.90 72.81 -0.58
N VAL B 728 -29.43 71.70 -1.11
CA VAL B 728 -29.24 70.39 -0.49
C VAL B 728 -27.77 69.96 -0.60
N ALA B 729 -27.13 70.29 -1.72
CA ALA B 729 -25.71 70.01 -1.90
C ALA B 729 -24.85 70.76 -0.90
N ALA B 730 -25.14 72.05 -0.70
CA ALA B 730 -24.39 72.87 0.25
C ALA B 730 -24.62 72.41 1.68
N ASN B 731 -25.86 72.03 2.02
CA ASN B 731 -26.16 71.52 3.35
C ASN B 731 -25.45 70.19 3.61
N LEU B 732 -25.42 69.30 2.62
CA LEU B 732 -24.77 68.01 2.79
C LEU B 732 -23.24 68.17 2.89
N LEU B 733 -22.66 69.09 2.12
CA LEU B 733 -21.22 69.27 2.22
C LEU B 733 -20.83 70.01 3.49
N ARG B 734 -21.70 70.89 4.00
CA ARG B 734 -21.44 71.52 5.29
C ARG B 734 -21.56 70.51 6.43
N PHE B 735 -22.48 69.54 6.29
CA PHE B 735 -22.56 68.44 7.25
C PHE B 735 -21.32 67.56 7.16
N ALA B 736 -20.81 67.33 5.95
CA ALA B 736 -19.65 66.46 5.78
C ALA B 736 -18.38 67.10 6.31
N LEU B 737 -18.21 68.42 6.11
CA LEU B 737 -16.98 69.07 6.54
C LEU B 737 -17.10 69.66 7.95
N LEU B 738 -18.03 70.58 8.15
CA LEU B 738 -18.13 71.28 9.43
C LEU B 738 -18.91 70.49 10.48
N GLY B 739 -19.83 69.63 10.06
CA GLY B 739 -20.63 68.87 10.99
C GLY B 739 -22.00 69.45 11.27
N GLU B 740 -22.26 70.68 10.84
CA GLU B 740 -23.53 71.40 10.98
C GLU B 740 -24.03 71.50 12.42
N SER C 174 36.79 24.36 -76.70
CA SER C 174 37.41 23.08 -76.42
C SER C 174 37.83 22.99 -74.95
N GLU C 175 38.26 24.13 -74.39
CA GLU C 175 38.67 24.17 -72.99
C GLU C 175 37.44 24.32 -72.11
N PRO C 176 37.20 23.43 -71.17
CA PRO C 176 36.01 23.55 -70.30
C PRO C 176 36.17 24.63 -69.24
N LEU C 177 35.87 25.87 -69.60
CA LEU C 177 35.98 26.99 -68.69
C LEU C 177 34.89 26.92 -67.62
N ARG C 178 35.01 27.78 -66.60
CA ARG C 178 34.12 27.78 -65.45
C ARG C 178 33.40 29.11 -65.35
N ILE C 179 32.13 29.05 -64.95
CA ILE C 179 31.25 30.22 -64.90
C ILE C 179 30.65 30.30 -63.50
N ILE C 180 30.68 31.50 -62.91
CA ILE C 180 30.00 31.71 -61.64
C ILE C 180 28.49 31.56 -61.84
N TRP C 181 27.87 30.80 -60.95
CA TRP C 181 26.53 30.21 -61.09
C TRP C 181 25.42 31.21 -61.36
N GLY C 182 24.84 31.14 -62.56
CA GLY C 182 23.74 32.02 -62.96
C GLY C 182 24.15 33.42 -63.34
N THR C 183 25.44 33.70 -63.48
CA THR C 183 25.92 35.07 -63.68
C THR C 183 26.53 35.34 -65.04
N ASN C 184 26.92 34.29 -65.79
CA ASN C 184 27.66 34.40 -67.06
C ASN C 184 28.95 35.21 -66.90
N VAL C 185 29.66 34.96 -65.80
CA VAL C 185 30.92 35.62 -65.49
C VAL C 185 32.03 34.59 -65.44
N SER C 186 33.10 34.82 -66.19
CA SER C 186 34.18 33.85 -66.32
C SER C 186 35.10 33.89 -65.11
N ILE C 187 35.59 32.71 -64.73
CA ILE C 187 36.65 32.61 -63.72
C ILE C 187 37.96 33.20 -64.25
N GLN C 188 38.32 32.83 -65.48
CA GLN C 188 39.65 33.18 -66.00
C GLN C 188 39.77 34.67 -66.27
N GLU C 189 38.71 35.28 -66.79
CA GLU C 189 38.70 36.73 -67.00
C GLU C 189 38.82 37.48 -65.69
N CYS C 190 38.09 37.04 -64.66
CA CYS C 190 38.14 37.69 -63.35
C CYS C 190 39.51 37.52 -62.69
N THR C 191 40.07 36.32 -62.74
CA THR C 191 41.33 36.05 -62.06
C THR C 191 42.55 36.54 -62.84
N THR C 192 42.38 36.91 -64.12
CA THR C 192 43.44 37.65 -64.79
C THR C 192 43.28 39.15 -64.62
N ASN C 193 42.03 39.65 -64.58
CA ASN C 193 41.81 41.08 -64.40
C ASN C 193 42.27 41.55 -63.02
N PHE C 194 41.93 40.79 -61.97
CA PHE C 194 42.42 41.16 -60.64
C PHE C 194 43.92 40.97 -60.50
N ARG C 195 44.50 39.99 -61.20
CA ARG C 195 45.94 39.77 -61.11
C ARG C 195 46.72 40.90 -61.78
N ASN C 196 46.32 41.29 -62.99
CA ASN C 196 46.98 42.42 -63.66
C ASN C 196 46.65 43.74 -62.97
N PHE C 197 45.50 43.82 -62.30
CA PHE C 197 45.20 44.97 -61.45
C PHE C 197 46.20 45.07 -60.30
N LEU C 198 46.37 43.99 -59.54
CA LEU C 198 47.22 44.06 -58.35
C LEU C 198 48.69 44.12 -58.71
N MET C 199 49.09 43.64 -59.90
CA MET C 199 50.43 43.93 -60.39
C MET C 199 50.57 45.40 -60.79
N SER C 200 49.58 45.95 -61.47
CA SER C 200 49.76 47.22 -62.17
C SER C 200 48.88 48.35 -61.66
N PHE C 201 48.46 48.33 -60.40
CA PHE C 201 47.78 49.47 -59.81
C PHE C 201 48.78 50.27 -58.99
N LYS C 202 49.11 51.46 -59.47
CA LYS C 202 49.83 52.45 -58.67
C LYS C 202 48.86 53.53 -58.24
N TYR C 203 49.23 54.23 -57.15
CA TYR C 203 48.28 55.11 -56.50
C TYR C 203 48.01 56.40 -57.27
N LYS C 204 48.80 56.71 -58.31
CA LYS C 204 48.55 57.94 -59.05
C LYS C 204 47.30 57.83 -59.92
N PHE C 205 46.94 56.63 -60.35
CA PHE C 205 45.70 56.45 -61.09
C PHE C 205 44.47 56.65 -60.20
N ARG C 206 44.58 56.19 -58.94
CA ARG C 206 43.58 56.52 -57.93
C ARG C 206 43.55 58.02 -57.67
N LYS C 207 44.71 58.68 -57.65
CA LYS C 207 44.75 60.13 -57.48
C LYS C 207 44.11 60.87 -58.65
N ILE C 208 44.18 60.30 -59.86
CA ILE C 208 43.38 60.81 -60.97
C ILE C 208 41.89 60.66 -60.69
N LEU C 209 41.48 59.45 -60.30
CA LEU C 209 40.05 59.17 -60.22
C LEU C 209 39.44 59.37 -58.84
N ASP C 210 40.10 60.10 -57.94
CA ASP C 210 39.49 60.53 -56.69
C ASP C 210 39.41 62.06 -56.67
N GLU C 211 39.77 62.70 -57.79
CA GLU C 211 39.88 64.16 -57.94
C GLU C 211 40.82 64.77 -56.91
N ARG C 212 41.93 64.08 -56.66
CA ARG C 212 43.00 64.59 -55.80
C ARG C 212 44.26 64.76 -56.66
N GLU C 213 44.05 65.24 -57.89
CA GLU C 213 45.17 65.57 -58.76
C GLU C 213 45.88 66.84 -58.31
N GLU C 214 45.13 67.80 -57.76
CA GLU C 214 45.72 69.05 -57.33
C GLU C 214 46.48 68.92 -56.01
N PHE C 215 46.37 67.80 -55.31
CA PHE C 215 47.17 67.51 -54.11
C PHE C 215 47.95 66.22 -54.26
N ILE C 216 48.64 66.04 -55.39
CA ILE C 216 49.43 64.84 -55.60
C ILE C 216 50.77 64.97 -54.88
N ASN C 217 51.22 63.85 -54.32
CA ASN C 217 52.60 63.68 -53.86
C ASN C 217 53.16 62.53 -54.67
N ASN C 218 53.88 62.86 -55.74
CA ASN C 218 54.26 61.88 -56.76
C ASN C 218 55.25 60.84 -56.26
N THR C 219 56.08 61.19 -55.27
CA THR C 219 57.10 60.27 -54.78
C THR C 219 56.49 59.08 -54.04
N THR C 220 55.26 59.25 -53.53
CA THR C 220 54.52 58.11 -53.01
C THR C 220 53.66 57.46 -54.09
N ASP C 221 53.62 58.03 -55.29
CA ASP C 221 52.69 57.57 -56.31
C ASP C 221 53.37 56.79 -57.45
N GLU C 222 54.67 56.98 -57.70
CA GLU C 222 55.31 56.21 -58.77
C GLU C 222 55.45 54.74 -58.42
N GLU C 223 55.65 54.41 -57.15
CA GLU C 223 55.87 53.03 -56.77
C GLU C 223 54.55 52.24 -56.79
N LEU C 224 54.69 50.92 -56.81
CA LEU C 224 53.52 50.05 -56.83
C LEU C 224 52.87 50.04 -55.45
N TYR C 225 51.55 50.30 -55.42
CA TYR C 225 50.86 50.48 -54.15
C TYR C 225 50.62 49.15 -53.44
N TYR C 226 50.35 48.09 -54.19
CA TYR C 226 50.03 46.79 -53.59
C TYR C 226 51.20 45.84 -53.53
N ILE C 227 52.16 45.94 -54.47
CA ILE C 227 53.30 45.04 -54.47
C ILE C 227 54.22 45.33 -53.29
N LYS C 228 54.34 46.61 -52.91
CA LYS C 228 55.05 46.96 -51.68
C LYS C 228 54.36 46.41 -50.44
N GLN C 229 53.03 46.48 -50.39
CA GLN C 229 52.29 45.93 -49.26
C GLN C 229 52.41 44.41 -49.19
N LEU C 230 52.34 43.74 -50.34
CA LEU C 230 52.48 42.28 -50.35
C LEU C 230 53.91 41.84 -50.07
N ASN C 231 54.90 42.68 -50.37
CA ASN C 231 56.27 42.40 -49.95
C ASN C 231 56.44 42.66 -48.46
N GLU C 232 55.65 43.56 -47.87
CA GLU C 232 55.67 43.75 -46.43
C GLU C 232 54.98 42.62 -45.68
N MET C 233 53.93 42.03 -46.25
CA MET C 233 53.21 40.95 -45.57
C MET C 233 54.05 39.68 -45.43
N ARG C 234 54.89 39.36 -46.41
CA ARG C 234 55.74 38.18 -46.28
C ARG C 234 56.88 38.38 -45.29
N GLU C 235 57.25 39.63 -45.01
CA GLU C 235 58.29 39.91 -44.03
C GLU C 235 57.74 40.03 -42.61
N LEU C 236 56.56 40.64 -42.46
CA LEU C 236 55.96 40.77 -41.13
C LEU C 236 55.41 39.44 -40.63
N GLY C 237 55.00 38.56 -41.54
CA GLY C 237 54.49 37.25 -41.21
C GLY C 237 52.98 37.12 -41.28
N THR C 238 52.26 38.24 -41.37
CA THR C 238 50.81 38.18 -41.48
C THR C 238 50.39 37.78 -42.89
N SER C 239 49.13 37.36 -43.01
CA SER C 239 48.60 36.87 -44.28
C SER C 239 47.20 37.42 -44.53
N ASN C 240 46.98 38.69 -44.20
CA ASN C 240 45.71 39.36 -44.44
C ASN C 240 45.97 40.69 -45.12
N LEU C 241 45.29 40.91 -46.24
CA LEU C 241 45.47 42.13 -47.05
C LEU C 241 44.25 43.01 -46.89
N ASN C 242 44.46 44.20 -46.30
CA ASN C 242 43.41 45.20 -46.29
C ASN C 242 43.32 45.87 -47.65
N LEU C 243 42.13 45.86 -48.23
CA LEU C 243 41.92 46.35 -49.59
C LEU C 243 40.69 47.24 -49.60
N ASP C 244 40.77 48.35 -50.34
CA ASP C 244 39.61 49.19 -50.59
C ASP C 244 39.11 49.01 -52.02
N ALA C 245 37.79 48.92 -52.16
CA ALA C 245 37.17 48.54 -53.42
C ALA C 245 37.05 49.70 -54.41
N ARG C 246 37.25 50.93 -53.96
CA ARG C 246 37.18 52.09 -54.84
C ARG C 246 38.28 52.09 -55.89
N ASN C 247 39.42 51.42 -55.60
CA ASN C 247 40.45 51.22 -56.61
C ASN C 247 39.98 50.36 -57.76
N LEU C 248 38.98 49.50 -57.51
CA LEU C 248 38.35 48.77 -58.61
C LEU C 248 37.60 49.72 -59.55
N LEU C 249 37.08 50.84 -59.02
CA LEU C 249 36.62 51.91 -59.88
C LEU C 249 37.76 52.64 -60.56
N ALA C 250 38.96 52.62 -59.97
CA ALA C 250 40.09 53.33 -60.55
C ALA C 250 40.62 52.60 -61.77
N TYR C 251 41.09 51.37 -61.59
CA TYR C 251 41.67 50.62 -62.69
C TYR C 251 40.54 50.04 -63.54
N LYS C 252 40.69 50.15 -64.86
CA LYS C 252 39.57 49.94 -65.78
C LYS C 252 39.16 48.46 -65.86
N GLN C 253 40.15 47.55 -65.89
CA GLN C 253 39.88 46.15 -66.21
C GLN C 253 39.08 45.45 -65.13
N THR C 254 39.10 45.97 -63.90
CA THR C 254 38.32 45.41 -62.81
C THR C 254 37.08 46.24 -62.50
N GLU C 255 36.72 47.18 -63.39
CA GLU C 255 35.60 48.09 -63.15
C GLU C 255 34.28 47.34 -63.02
N ASP C 256 33.99 46.46 -63.98
CA ASP C 256 32.83 45.58 -63.87
C ASP C 256 32.96 44.62 -62.70
N LEU C 257 34.20 44.27 -62.33
CA LEU C 257 34.44 43.45 -61.15
C LEU C 257 33.96 44.13 -59.87
N TYR C 258 33.97 45.48 -59.85
CA TYR C 258 33.41 46.21 -58.72
C TYR C 258 31.93 45.89 -58.55
N HIS C 259 31.20 45.80 -59.68
CA HIS C 259 29.79 45.41 -59.61
C HIS C 259 29.63 43.99 -59.12
N GLN C 260 30.62 43.12 -59.41
CA GLN C 260 30.62 41.78 -58.84
C GLN C 260 30.70 41.84 -57.31
N LEU C 261 31.50 42.77 -56.78
CA LEU C 261 31.56 42.95 -55.34
C LEU C 261 30.26 43.49 -54.77
N LEU C 262 29.46 44.17 -55.58
CA LEU C 262 28.13 44.58 -55.14
C LEU C 262 27.07 43.54 -55.43
N ASN C 263 27.41 42.49 -56.18
CA ASN C 263 26.41 41.52 -56.58
C ASN C 263 26.69 40.11 -56.07
N TYR C 264 27.90 39.60 -56.28
CA TYR C 264 28.18 38.18 -56.01
C TYR C 264 29.45 38.11 -55.17
N PRO C 265 29.35 38.35 -53.86
CA PRO C 265 30.57 38.52 -53.06
C PRO C 265 31.30 37.23 -52.73
N GLN C 266 30.56 36.16 -52.42
CA GLN C 266 31.16 34.97 -51.81
C GLN C 266 32.06 34.22 -52.78
N GLU C 267 31.83 34.38 -54.09
CA GLU C 267 32.67 33.74 -55.09
C GLU C 267 33.93 34.56 -55.36
N VAL C 268 33.74 35.85 -55.64
CA VAL C 268 34.82 36.71 -56.09
C VAL C 268 35.79 36.99 -54.95
N ILE C 269 35.32 36.95 -53.69
CA ILE C 269 36.22 37.11 -52.55
C ILE C 269 37.21 35.95 -52.46
N SER C 270 36.72 34.72 -52.72
CA SER C 270 37.59 33.56 -52.81
C SER C 270 38.54 33.68 -53.99
N ILE C 271 38.07 34.26 -55.10
CA ILE C 271 38.92 34.51 -56.26
C ILE C 271 40.06 35.48 -55.91
N MET C 272 39.75 36.57 -55.17
CA MET C 272 40.81 37.48 -54.72
C MET C 272 41.80 36.82 -53.77
N ASP C 273 41.34 36.02 -52.81
CA ASP C 273 42.33 35.48 -51.87
C ASP C 273 43.19 34.39 -52.51
N GLN C 274 42.65 33.62 -53.45
CA GLN C 274 43.49 32.69 -54.21
C GLN C 274 44.46 33.46 -55.11
N THR C 275 44.02 34.58 -55.69
CA THR C 275 44.91 35.41 -56.49
C THR C 275 46.02 36.03 -55.64
N ILE C 276 45.71 36.38 -54.39
CA ILE C 276 46.72 36.92 -53.48
C ILE C 276 47.77 35.88 -53.16
N LYS C 277 47.33 34.64 -52.86
CA LYS C 277 48.29 33.55 -52.58
C LYS C 277 49.14 33.23 -53.80
N ASP C 278 48.52 33.22 -54.98
CA ASP C 278 49.26 33.04 -56.23
C ASP C 278 50.22 34.19 -56.49
N CYS C 279 49.90 35.40 -56.02
CA CYS C 279 50.79 36.52 -56.21
C CYS C 279 52.00 36.43 -55.29
N MET C 280 51.82 35.92 -54.06
CA MET C 280 52.98 35.60 -53.22
C MET C 280 53.86 34.55 -53.87
N VAL C 281 53.25 33.51 -54.45
CA VAL C 281 54.02 32.47 -55.13
C VAL C 281 54.79 33.04 -56.32
N SER C 282 54.14 33.88 -57.13
CA SER C 282 54.77 34.45 -58.30
C SER C 282 55.83 35.49 -57.93
N LEU C 283 55.64 36.21 -56.82
CA LEU C 283 56.64 37.17 -56.39
C LEU C 283 57.86 36.48 -55.82
N ILE C 284 57.68 35.33 -55.17
CA ILE C 284 58.84 34.57 -54.71
C ILE C 284 59.60 33.96 -55.88
N VAL C 285 58.88 33.36 -56.83
CA VAL C 285 59.57 32.66 -57.92
C VAL C 285 59.98 33.57 -59.07
N ASP C 286 59.56 34.83 -59.08
CA ASP C 286 59.84 35.69 -60.21
C ASP C 286 61.18 36.40 -60.08
N ASN C 287 61.43 37.02 -58.92
CA ASN C 287 62.67 37.75 -58.70
C ASN C 287 63.80 36.87 -58.17
N ASN C 288 63.57 35.56 -58.09
CA ASN C 288 64.52 34.56 -57.59
C ASN C 288 64.98 34.88 -56.17
N LEU C 289 64.06 35.36 -55.34
CA LEU C 289 64.37 35.59 -53.94
C LEU C 289 64.46 34.25 -53.21
N ASP C 290 65.50 34.08 -52.41
CA ASP C 290 65.75 32.81 -51.73
C ASP C 290 64.81 32.73 -50.52
N TYR C 291 63.60 32.22 -50.76
CA TYR C 291 62.61 32.02 -49.72
C TYR C 291 61.97 30.66 -49.91
N ASP C 292 61.72 29.96 -48.79
CA ASP C 292 61.15 28.63 -48.87
C ASP C 292 59.68 28.67 -49.25
N LEU C 293 59.28 27.77 -50.15
CA LEU C 293 57.90 27.70 -50.61
C LEU C 293 56.96 27.12 -49.56
N ASP C 294 57.50 26.40 -48.57
CA ASP C 294 56.65 25.79 -47.54
C ASP C 294 55.99 26.83 -46.66
N GLU C 295 56.74 27.86 -46.26
CA GLU C 295 56.18 28.92 -45.43
C GLU C 295 55.20 29.79 -46.22
N ILE C 296 55.42 29.93 -47.53
CA ILE C 296 54.48 30.67 -48.35
C ILE C 296 53.17 29.90 -48.52
N GLU C 297 53.26 28.60 -48.80
CA GLU C 297 52.07 27.81 -49.07
C GLU C 297 51.35 27.30 -47.82
N THR C 298 51.99 27.36 -46.65
CA THR C 298 51.33 26.89 -45.44
C THR C 298 50.27 27.86 -44.96
N LYS C 299 50.56 29.16 -44.99
CA LYS C 299 49.63 30.16 -44.47
C LYS C 299 48.45 30.35 -45.41
N PHE C 300 47.27 30.55 -44.82
CA PHE C 300 46.06 30.83 -45.58
C PHE C 300 45.91 32.34 -45.73
N TYR C 301 45.83 32.81 -46.98
CA TYR C 301 45.66 34.21 -47.27
C TYR C 301 44.18 34.49 -47.49
N LYS C 302 43.68 35.55 -46.85
CA LYS C 302 42.30 35.98 -46.99
C LYS C 302 42.25 37.47 -47.30
N VAL C 303 41.38 37.85 -48.23
CA VAL C 303 41.20 39.26 -48.57
C VAL C 303 40.22 39.89 -47.60
N ARG C 304 40.41 41.18 -47.32
CA ARG C 304 39.57 41.93 -46.38
C ARG C 304 39.12 43.23 -47.03
N PRO C 305 38.09 43.19 -47.86
CA PRO C 305 37.65 44.41 -48.55
C PRO C 305 36.85 45.34 -47.66
N TYR C 306 37.13 46.63 -47.78
CA TYR C 306 36.39 47.67 -47.07
C TYR C 306 36.13 48.82 -48.04
N ASN C 307 35.32 49.78 -47.56
CA ASN C 307 34.99 51.03 -48.27
C ASN C 307 34.39 50.77 -49.64
N VAL C 308 33.53 49.76 -49.72
CA VAL C 308 33.01 49.33 -51.01
C VAL C 308 31.91 50.27 -51.53
N GLY C 309 31.16 50.92 -50.64
CA GLY C 309 30.07 51.76 -51.06
C GLY C 309 29.51 52.61 -49.95
N SER C 310 28.30 53.13 -50.15
CA SER C 310 27.64 53.94 -49.14
C SER C 310 27.24 53.09 -47.94
N CYS C 311 27.29 53.71 -46.76
CA CYS C 311 26.89 53.02 -45.54
C CYS C 311 25.36 52.85 -45.53
N LYS C 312 24.92 51.64 -45.20
CA LYS C 312 23.50 51.31 -45.21
C LYS C 312 22.96 51.29 -43.78
N GLY C 313 21.67 51.58 -43.67
CA GLY C 313 20.99 51.55 -42.39
C GLY C 313 20.43 50.17 -42.10
N MET C 314 20.26 49.88 -40.81
CA MET C 314 19.70 48.60 -40.42
C MET C 314 18.20 48.54 -40.67
N ARG C 315 17.52 49.69 -40.64
CA ARG C 315 16.10 49.73 -40.98
C ARG C 315 15.87 49.57 -42.48
N GLU C 316 16.76 50.15 -43.29
CA GLU C 316 16.59 50.12 -44.74
C GLU C 316 17.01 48.81 -45.38
N LEU C 317 17.52 47.86 -44.58
CA LEU C 317 17.85 46.53 -45.10
C LEU C 317 16.60 45.80 -45.56
N ASN C 318 16.67 45.20 -46.73
CA ASN C 318 15.55 44.56 -47.40
C ASN C 318 16.00 43.19 -47.90
N PRO C 319 15.06 42.29 -48.18
CA PRO C 319 15.43 40.99 -48.78
C PRO C 319 15.98 41.06 -50.20
N ASN C 320 16.11 42.24 -50.81
CA ASN C 320 16.88 42.36 -52.04
C ASN C 320 18.37 42.33 -51.78
N ASP C 321 18.80 42.50 -50.54
CA ASP C 321 20.20 42.50 -50.15
C ASP C 321 20.72 41.10 -49.79
N ILE C 322 19.90 40.06 -49.98
CA ILE C 322 20.34 38.70 -49.70
C ILE C 322 21.40 38.30 -50.73
N ASP C 323 22.53 37.77 -50.22
CA ASP C 323 23.73 37.44 -51.01
C ASP C 323 24.20 38.73 -51.70
N LYS C 324 24.57 39.71 -50.88
CA LYS C 324 25.19 40.96 -51.29
C LYS C 324 26.18 41.38 -50.21
N LEU C 325 27.00 42.38 -50.51
CA LEU C 325 28.03 42.83 -49.60
C LEU C 325 27.69 44.25 -49.15
N ILE C 326 27.56 44.45 -47.84
CA ILE C 326 27.12 45.71 -47.26
C ILE C 326 28.12 46.18 -46.21
N ASN C 327 27.96 47.45 -45.84
CA ASN C 327 28.62 48.07 -44.70
C ASN C 327 27.58 48.41 -43.65
N LEU C 328 27.97 48.31 -42.38
CA LEU C 328 27.09 48.68 -41.28
C LEU C 328 27.89 49.52 -40.28
N LYS C 329 27.19 50.40 -39.58
CA LYS C 329 27.76 51.18 -38.49
C LYS C 329 27.00 50.87 -37.23
N GLY C 330 27.71 50.51 -36.17
CA GLY C 330 27.01 50.08 -34.97
C GLY C 330 27.91 50.00 -33.77
N LEU C 331 27.37 49.40 -32.71
CA LEU C 331 28.04 49.23 -31.44
C LEU C 331 27.81 47.81 -30.94
N VAL C 332 28.79 47.28 -30.20
CA VAL C 332 28.74 45.90 -29.76
C VAL C 332 28.02 45.82 -28.42
N LEU C 333 26.96 45.03 -28.36
CA LEU C 333 26.26 44.80 -27.10
C LEU C 333 26.97 43.76 -26.25
N ARG C 334 27.12 42.54 -26.79
CA ARG C 334 27.79 41.46 -26.09
C ARG C 334 28.59 40.64 -27.08
N SER C 335 29.61 39.94 -26.56
CA SER C 335 30.47 39.09 -27.36
C SER C 335 30.47 37.69 -26.77
N THR C 336 30.09 36.70 -27.58
CA THR C 336 30.10 35.32 -27.15
C THR C 336 31.53 34.80 -27.06
N PRO C 337 31.78 33.74 -26.30
CA PRO C 337 33.07 33.04 -26.40
C PRO C 337 33.22 32.36 -27.75
N VAL C 338 34.46 31.93 -28.01
CA VAL C 338 34.83 31.45 -29.34
C VAL C 338 34.15 30.12 -29.63
N ILE C 339 33.56 30.02 -30.81
CA ILE C 339 32.78 28.86 -31.24
C ILE C 339 33.64 28.06 -32.22
N PRO C 340 33.87 26.77 -31.97
CA PRO C 340 34.62 25.96 -32.93
C PRO C 340 33.79 25.63 -34.15
N ASP C 341 34.42 25.68 -35.31
CA ASP C 341 33.80 25.28 -36.57
C ASP C 341 34.80 24.38 -37.28
N MET C 342 34.35 23.23 -37.74
CA MET C 342 35.26 22.27 -38.36
C MET C 342 35.75 22.79 -39.72
N LYS C 343 36.99 22.47 -40.07
CA LYS C 343 37.51 22.76 -41.40
C LYS C 343 37.90 21.52 -42.16
N VAL C 344 38.48 20.53 -41.50
CA VAL C 344 38.74 19.21 -42.08
C VAL C 344 38.32 18.16 -41.06
N ALA C 345 37.45 17.24 -41.49
CA ALA C 345 37.01 16.15 -40.63
C ALA C 345 38.03 15.02 -40.68
N PHE C 346 38.36 14.46 -39.52
CA PHE C 346 39.37 13.42 -39.38
C PHE C 346 38.69 12.10 -39.04
N PHE C 347 38.85 11.11 -39.89
CA PHE C 347 38.19 9.82 -39.73
C PHE C 347 39.22 8.70 -39.62
N LYS C 348 38.83 7.66 -38.87
CA LYS C 348 39.70 6.52 -38.59
C LYS C 348 38.93 5.22 -38.79
N CYS C 349 39.59 4.24 -39.41
CA CYS C 349 39.03 2.90 -39.50
C CYS C 349 39.28 2.15 -38.20
N ASN C 350 38.29 1.36 -37.79
CA ASN C 350 38.38 0.64 -36.53
C ASN C 350 39.05 -0.71 -36.67
N VAL C 351 39.15 -1.27 -37.87
CA VAL C 351 39.74 -2.59 -38.06
C VAL C 351 41.13 -2.52 -38.67
N CYS C 352 41.57 -1.37 -39.19
CA CYS C 352 42.87 -1.27 -39.81
C CYS C 352 43.65 -0.01 -39.47
N ASP C 353 43.07 0.91 -38.68
CA ASP C 353 43.70 2.16 -38.21
C ASP C 353 44.16 3.06 -39.35
N HIS C 354 43.41 3.11 -40.46
CA HIS C 354 43.73 4.06 -41.51
C HIS C 354 43.16 5.42 -41.15
N THR C 355 44.03 6.42 -41.10
CA THR C 355 43.66 7.77 -40.68
C THR C 355 43.56 8.64 -41.93
N MET C 356 42.34 8.99 -42.31
CA MET C 356 42.11 9.83 -43.48
C MET C 356 41.35 11.09 -43.12
N ALA C 357 41.31 12.01 -44.07
CA ALA C 357 40.77 13.35 -43.87
C ALA C 357 39.80 13.67 -44.99
N VAL C 358 38.67 14.30 -44.63
CA VAL C 358 37.66 14.70 -45.61
C VAL C 358 37.30 16.16 -45.39
N GLU C 359 36.63 16.74 -46.37
CA GLU C 359 36.37 18.17 -46.42
C GLU C 359 34.93 18.47 -46.01
N ILE C 360 34.76 19.42 -45.10
CA ILE C 360 33.44 19.89 -44.71
C ILE C 360 32.95 20.95 -45.70
N ASP C 361 31.72 20.77 -46.17
CA ASP C 361 31.13 21.66 -47.18
C ASP C 361 29.71 21.99 -46.74
N ARG C 362 29.49 23.26 -46.35
CA ARG C 362 28.19 23.81 -45.96
C ARG C 362 27.58 23.08 -44.77
N GLY C 363 28.41 22.53 -43.90
CA GLY C 363 27.95 21.93 -42.67
C GLY C 363 27.62 20.44 -42.73
N VAL C 364 27.73 19.81 -43.90
CA VAL C 364 27.50 18.37 -44.01
C VAL C 364 28.82 17.67 -44.27
N ILE C 365 29.05 16.58 -43.55
CA ILE C 365 30.30 15.84 -43.62
C ILE C 365 30.22 14.85 -44.77
N GLN C 366 31.23 14.88 -45.65
CA GLN C 366 31.34 13.91 -46.74
C GLN C 366 31.90 12.61 -46.15
N GLU C 367 31.03 11.87 -45.47
CA GLU C 367 31.43 10.68 -44.74
C GLU C 367 31.62 9.52 -45.69
N PRO C 368 32.78 8.85 -45.70
CA PRO C 368 32.95 7.65 -46.51
C PRO C 368 32.19 6.47 -45.90
N ALA C 369 31.68 5.61 -46.79
CA ALA C 369 31.01 4.39 -46.35
C ALA C 369 31.99 3.30 -45.97
N ARG C 370 33.25 3.43 -46.37
CA ARG C 370 34.28 2.43 -46.12
C ARG C 370 35.64 3.11 -46.25
N CYS C 371 36.71 2.35 -46.04
CA CYS C 371 38.04 2.90 -46.18
C CYS C 371 38.40 3.13 -47.64
N GLU C 372 39.37 4.02 -47.85
CA GLU C 372 40.00 4.17 -49.15
C GLU C 372 40.99 3.04 -49.41
N ARG C 373 41.40 2.31 -48.38
CA ARG C 373 42.29 1.17 -48.56
C ARG C 373 41.51 0.00 -49.15
N ILE C 374 42.09 -0.62 -50.18
CA ILE C 374 41.44 -1.76 -50.82
C ILE C 374 41.65 -3.04 -50.02
N ASP C 375 42.61 -3.06 -49.10
CA ASP C 375 42.99 -4.28 -48.41
C ASP C 375 41.92 -4.75 -47.43
N CYS C 376 41.42 -3.84 -46.59
CA CYS C 376 40.31 -4.22 -45.73
C CYS C 376 38.98 -3.94 -46.41
N ASN C 377 38.75 -2.66 -46.75
CA ASN C 377 37.53 -2.16 -47.38
C ASN C 377 36.29 -2.52 -46.57
N GLU C 378 36.41 -2.46 -45.25
CA GLU C 378 35.35 -2.90 -44.36
C GLU C 378 34.24 -1.85 -44.32
N PRO C 379 33.00 -2.23 -44.65
CA PRO C 379 31.90 -1.27 -44.52
C PRO C 379 31.62 -0.95 -43.06
N ASN C 380 31.12 0.27 -42.84
CA ASN C 380 30.60 0.76 -41.56
C ASN C 380 31.63 0.76 -40.44
N SER C 381 32.92 0.77 -40.76
CA SER C 381 33.97 0.76 -39.75
C SER C 381 34.42 2.15 -39.36
N MET C 382 33.78 3.19 -39.89
CA MET C 382 34.29 4.54 -39.77
C MET C 382 34.03 5.09 -38.37
N SER C 383 34.99 5.85 -37.85
CA SER C 383 34.81 6.57 -36.60
C SER C 383 35.36 7.97 -36.74
N LEU C 384 34.68 8.92 -36.08
CA LEU C 384 35.10 10.31 -36.08
C LEU C 384 35.91 10.60 -34.82
N ILE C 385 37.16 11.00 -35.01
CA ILE C 385 38.02 11.41 -33.91
C ILE C 385 37.87 12.91 -33.75
N HIS C 386 37.25 13.34 -32.66
CA HIS C 386 36.82 14.73 -32.53
C HIS C 386 38.01 15.66 -32.27
N ASN C 387 38.96 15.24 -31.46
CA ASN C 387 40.04 16.13 -31.05
C ASN C 387 41.15 16.24 -32.09
N ARG C 388 41.20 15.33 -33.05
CA ARG C 388 42.22 15.38 -34.10
C ARG C 388 41.75 16.08 -35.36
N CYS C 389 40.50 16.57 -35.38
CA CYS C 389 40.04 17.39 -36.48
C CYS C 389 40.60 18.80 -36.36
N SER C 390 40.77 19.45 -37.51
CA SER C 390 41.26 20.82 -37.53
C SER C 390 40.07 21.78 -37.55
N PHE C 391 40.18 22.85 -36.78
CA PHE C 391 39.06 23.74 -36.54
C PHE C 391 39.42 25.17 -36.94
N ALA C 392 38.41 26.03 -36.82
CA ALA C 392 38.52 27.45 -37.07
C ALA C 392 37.55 28.14 -36.13
N ASP C 393 37.65 29.45 -36.06
CA ASP C 393 36.97 30.24 -35.06
C ASP C 393 35.72 30.88 -35.66
N LYS C 394 34.66 30.97 -34.85
CA LYS C 394 33.45 31.68 -35.22
C LYS C 394 32.91 32.39 -34.00
N GLN C 395 32.73 33.70 -34.09
CA GLN C 395 32.19 34.47 -32.97
C GLN C 395 31.02 35.31 -33.46
N VAL C 396 29.91 35.24 -32.72
CA VAL C 396 28.69 35.95 -33.05
C VAL C 396 28.60 37.20 -32.17
N ILE C 397 28.39 38.35 -32.81
CA ILE C 397 28.34 39.64 -32.14
C ILE C 397 26.96 40.24 -32.39
N LYS C 398 26.29 40.68 -31.31
CA LYS C 398 24.98 41.30 -31.44
C LYS C 398 25.18 42.79 -31.69
N LEU C 399 25.22 43.17 -32.97
CA LEU C 399 25.39 44.56 -33.34
C LEU C 399 24.12 45.35 -33.07
N GLN C 400 24.28 46.57 -32.56
CA GLN C 400 23.20 47.47 -32.24
C GLN C 400 23.40 48.76 -33.05
N GLU C 401 22.30 49.29 -33.57
CA GLU C 401 22.35 50.51 -34.37
C GLU C 401 22.82 51.71 -33.55
N THR C 402 23.68 52.53 -34.15
CA THR C 402 24.23 53.70 -33.47
C THR C 402 23.13 54.73 -33.19
N PRO C 403 23.17 55.41 -32.04
CA PRO C 403 22.07 56.32 -31.68
C PRO C 403 22.02 57.61 -32.48
N ASP C 404 23.02 57.90 -33.32
CA ASP C 404 23.00 59.15 -34.07
C ASP C 404 22.02 59.09 -35.24
N PHE C 405 21.80 57.90 -35.81
CA PHE C 405 21.00 57.76 -37.02
C PHE C 405 19.68 57.03 -36.79
N VAL C 406 19.22 56.90 -35.54
CA VAL C 406 17.97 56.19 -35.27
C VAL C 406 16.78 57.11 -35.48
N PRO C 407 15.63 56.57 -35.87
CA PRO C 407 14.38 57.33 -35.75
C PRO C 407 14.01 57.54 -34.29
N ASP C 408 13.25 58.60 -34.05
CA ASP C 408 12.93 59.01 -32.69
C ASP C 408 11.89 58.11 -32.03
N GLY C 409 11.23 57.24 -32.79
CA GLY C 409 10.12 56.48 -32.24
C GLY C 409 10.48 55.13 -31.64
N GLN C 410 11.57 54.52 -32.12
CA GLN C 410 11.85 53.14 -31.76
C GLN C 410 13.26 52.97 -31.20
N THR C 411 13.44 51.88 -30.47
CA THR C 411 14.73 51.48 -29.92
C THR C 411 15.66 51.03 -31.06
N PRO C 412 16.97 51.11 -30.86
CA PRO C 412 17.89 50.55 -31.87
C PRO C 412 17.77 49.04 -31.96
N HIS C 413 17.77 48.55 -33.20
CA HIS C 413 17.61 47.13 -33.47
C HIS C 413 18.95 46.39 -33.38
N SER C 414 18.88 45.07 -33.37
CA SER C 414 20.04 44.22 -33.20
C SER C 414 20.14 43.22 -34.34
N ILE C 415 21.36 42.93 -34.78
CA ILE C 415 21.59 41.97 -35.86
C ILE C 415 22.74 41.06 -35.43
N SER C 416 22.73 39.83 -35.96
CA SER C 416 23.82 38.89 -35.73
C SER C 416 24.97 39.19 -36.69
N LEU C 417 26.19 39.14 -36.15
CA LEU C 417 27.36 39.65 -36.87
C LEU C 417 28.46 38.60 -36.66
N CYS C 418 28.68 37.74 -37.65
CA CYS C 418 29.52 36.56 -37.48
C CYS C 418 30.92 36.84 -38.03
N VAL C 419 31.92 36.87 -37.13
CA VAL C 419 33.32 37.02 -37.50
C VAL C 419 33.98 35.65 -37.45
N TYR C 420 35.02 35.48 -38.27
CA TYR C 420 35.72 34.22 -38.41
C TYR C 420 37.22 34.45 -38.40
N ASP C 421 37.96 33.40 -37.96
CA ASP C 421 39.42 33.30 -38.02
C ASP C 421 40.13 34.43 -37.27
N GLU C 422 40.84 35.29 -38.02
CA GLU C 422 41.64 36.34 -37.40
C GLU C 422 40.77 37.46 -36.85
N LEU C 423 39.58 37.65 -37.38
CA LEU C 423 38.71 38.75 -36.98
C LEU C 423 37.94 38.45 -35.70
N VAL C 424 38.04 37.23 -35.17
CA VAL C 424 37.46 36.91 -33.88
C VAL C 424 38.23 37.65 -32.79
N ASP C 425 37.47 38.28 -31.87
CA ASP C 425 37.95 39.15 -30.80
C ASP C 425 38.67 40.39 -31.33
N SER C 426 38.42 40.78 -32.57
CA SER C 426 38.86 42.08 -33.04
C SER C 426 37.91 43.19 -32.58
N CYS C 427 36.67 42.83 -32.26
CA CYS C 427 35.67 43.77 -31.79
C CYS C 427 35.55 43.62 -30.27
N ARG C 428 35.77 44.72 -29.55
CA ARG C 428 35.60 44.73 -28.11
C ARG C 428 34.15 45.03 -27.75
N ALA C 429 33.93 45.28 -26.46
CA ALA C 429 32.58 45.57 -26.00
C ALA C 429 32.37 47.07 -25.84
N GLY C 430 31.27 47.57 -26.39
CA GLY C 430 30.88 48.95 -26.23
C GLY C 430 31.49 49.93 -27.21
N ASP C 431 32.34 49.47 -28.12
CA ASP C 431 33.01 50.35 -29.07
C ASP C 431 32.18 50.52 -30.33
N ARG C 432 32.31 51.67 -30.97
CA ARG C 432 31.65 51.93 -32.24
C ARG C 432 32.50 51.38 -33.38
N ILE C 433 31.89 50.60 -34.26
CA ILE C 433 32.59 49.95 -35.36
C ILE C 433 31.83 50.15 -36.66
N GLU C 434 32.58 50.35 -37.74
CA GLU C 434 32.07 50.19 -39.09
C GLU C 434 32.52 48.83 -39.60
N VAL C 435 31.56 47.96 -39.85
CA VAL C 435 31.83 46.56 -40.19
C VAL C 435 31.43 46.32 -41.64
N THR C 436 32.20 45.47 -42.32
CA THR C 436 31.97 45.15 -43.72
C THR C 436 31.74 43.67 -43.86
N GLY C 437 30.65 43.27 -44.52
CA GLY C 437 30.38 41.86 -44.65
C GLY C 437 29.22 41.60 -45.57
N THR C 438 29.07 40.33 -45.93
CA THR C 438 27.93 39.92 -46.75
C THR C 438 26.71 39.66 -45.87
N PHE C 439 25.55 39.98 -46.43
CA PHE C 439 24.27 39.87 -45.74
C PHE C 439 23.61 38.57 -46.16
N ARG C 440 23.52 37.61 -45.24
CA ARG C 440 22.99 36.30 -45.57
C ARG C 440 21.82 35.96 -44.66
N SER C 441 20.97 35.07 -45.16
CA SER C 441 19.82 34.56 -44.42
C SER C 441 19.85 33.04 -44.44
N ILE C 442 19.80 32.44 -43.26
CA ILE C 442 19.81 30.98 -43.13
C ILE C 442 18.47 30.52 -42.58
N PRO C 443 18.01 29.33 -42.93
CA PRO C 443 16.76 28.82 -42.33
C PRO C 443 17.02 28.31 -40.90
N ILE C 444 16.14 28.70 -40.00
CA ILE C 444 16.19 28.21 -38.63
C ILE C 444 15.42 26.90 -38.56
N ARG C 445 15.90 25.96 -37.74
CA ARG C 445 15.31 24.64 -37.67
C ARG C 445 14.28 24.60 -36.55
N ALA C 446 13.07 24.16 -36.88
CA ALA C 446 11.95 24.24 -35.94
C ALA C 446 12.10 23.23 -34.81
N ASN C 447 12.42 21.98 -35.14
CA ASN C 447 12.60 20.93 -34.15
C ASN C 447 14.05 20.43 -34.20
N SER C 448 14.54 20.00 -33.05
CA SER C 448 15.95 19.60 -32.94
C SER C 448 16.24 18.33 -33.72
N ARG C 449 15.32 17.37 -33.70
CA ARG C 449 15.55 16.11 -34.40
C ARG C 449 14.79 16.01 -35.72
N GLN C 450 14.16 17.07 -36.18
CA GLN C 450 13.41 17.04 -37.43
C GLN C 450 14.00 18.02 -38.45
N ARG C 451 13.76 17.72 -39.72
CA ARG C 451 14.26 18.51 -40.83
C ARG C 451 13.37 19.70 -41.17
N VAL C 452 12.26 19.87 -40.47
CA VAL C 452 11.27 20.89 -40.82
C VAL C 452 11.82 22.27 -40.49
N LEU C 453 11.84 23.15 -41.48
CA LEU C 453 12.40 24.48 -41.36
C LEU C 453 11.27 25.50 -41.36
N LYS C 454 11.37 26.50 -40.47
CA LYS C 454 10.37 27.55 -40.42
C LYS C 454 10.55 28.51 -41.59
N SER C 455 9.45 29.20 -41.93
CA SER C 455 9.46 30.12 -43.05
C SER C 455 10.27 31.39 -42.76
N LEU C 456 10.28 31.85 -41.52
CA LEU C 456 11.11 32.99 -41.14
C LEU C 456 12.58 32.60 -41.15
N TYR C 457 13.42 33.52 -41.59
CA TYR C 457 14.84 33.26 -41.81
C TYR C 457 15.68 34.15 -40.89
N LYS C 458 16.77 33.58 -40.37
CA LYS C 458 17.68 34.31 -39.52
C LYS C 458 18.69 35.05 -40.38
N THR C 459 18.80 36.36 -40.18
CA THR C 459 19.70 37.20 -40.94
C THR C 459 20.97 37.45 -40.14
N TYR C 460 22.11 37.28 -40.79
CA TYR C 460 23.40 37.57 -40.17
C TYR C 460 24.34 38.16 -41.19
N VAL C 461 25.30 38.95 -40.70
CA VAL C 461 26.31 39.56 -41.55
C VAL C 461 27.58 38.74 -41.36
N ASP C 462 27.94 37.97 -42.39
CA ASP C 462 29.22 37.27 -42.39
C ASP C 462 30.32 38.25 -42.72
N VAL C 463 31.24 38.46 -41.77
CA VAL C 463 32.14 39.60 -41.80
C VAL C 463 33.37 39.28 -42.63
N VAL C 464 33.73 40.20 -43.53
CA VAL C 464 34.99 40.10 -44.25
C VAL C 464 35.99 41.16 -43.81
N HIS C 465 35.56 42.21 -43.11
CA HIS C 465 36.45 43.26 -42.63
C HIS C 465 35.79 44.00 -41.48
N VAL C 466 36.63 44.45 -40.53
CA VAL C 466 36.19 45.26 -39.40
C VAL C 466 37.04 46.52 -39.38
N LYS C 467 36.38 47.68 -39.37
CA LYS C 467 37.06 48.97 -39.27
C LYS C 467 36.65 49.64 -37.96
N LYS C 468 37.65 50.09 -37.20
CA LYS C 468 37.40 50.75 -35.93
C LYS C 468 36.88 52.17 -36.16
N VAL C 469 36.22 52.70 -35.11
CA VAL C 469 35.51 54.00 -35.03
C VAL C 469 34.87 54.51 -36.32
N ASP C 505 58.11 59.51 -29.95
CA ASP C 505 59.18 59.06 -29.07
C ASP C 505 59.06 59.66 -27.68
N LEU C 506 60.09 59.47 -26.87
CA LEU C 506 60.12 60.01 -25.51
C LEU C 506 60.78 61.38 -25.44
N ALA C 507 61.17 61.96 -26.57
CA ALA C 507 61.79 63.28 -26.57
C ALA C 507 60.79 64.38 -26.27
N LYS C 508 59.51 64.18 -26.59
CA LYS C 508 58.48 65.15 -26.21
C LYS C 508 58.26 65.15 -24.70
N ILE C 509 58.50 64.01 -24.05
CA ILE C 509 58.51 63.97 -22.59
C ILE C 509 59.74 64.69 -22.05
N ARG C 510 60.89 64.49 -22.69
CA ARG C 510 62.15 65.05 -22.18
C ARG C 510 62.23 66.56 -22.37
N GLU C 511 61.54 67.12 -23.38
CA GLU C 511 61.62 68.56 -23.59
C GLU C 511 60.79 69.34 -22.58
N VAL C 512 59.70 68.75 -22.07
CA VAL C 512 58.97 69.37 -20.95
C VAL C 512 59.51 68.91 -19.61
N ALA C 513 60.33 67.87 -19.57
CA ALA C 513 60.99 67.49 -18.33
C ALA C 513 62.12 68.45 -17.95
N ALA C 514 62.76 69.09 -18.94
CA ALA C 514 63.86 70.00 -18.68
C ALA C 514 63.41 71.40 -18.34
N ARG C 515 62.16 71.75 -18.62
CA ARG C 515 61.64 73.07 -18.28
C ARG C 515 61.42 73.19 -16.78
N GLU C 516 61.65 74.38 -16.25
CA GLU C 516 61.37 74.67 -14.85
C GLU C 516 59.95 75.17 -14.61
N ASP C 517 59.18 75.41 -15.67
CA ASP C 517 57.82 75.91 -15.57
C ASP C 517 56.78 74.84 -15.88
N LEU C 518 57.15 73.56 -15.73
CA LEU C 518 56.22 72.48 -16.04
C LEU C 518 55.15 72.34 -14.96
N TYR C 519 55.38 72.88 -13.76
CA TYR C 519 54.43 72.73 -12.67
C TYR C 519 53.14 73.48 -12.94
N SER C 520 53.24 74.77 -13.27
CA SER C 520 52.06 75.56 -13.60
C SER C 520 51.47 75.15 -14.94
N LEU C 521 52.32 74.66 -15.85
CA LEU C 521 51.85 74.16 -17.15
C LEU C 521 50.94 72.95 -16.97
N LEU C 522 51.39 71.97 -16.19
CA LEU C 522 50.55 70.80 -15.94
C LEU C 522 49.41 71.12 -14.97
N ALA C 523 49.56 72.18 -14.17
CA ALA C 523 48.48 72.57 -13.25
C ALA C 523 47.34 73.25 -13.98
N ARG C 524 47.63 74.00 -15.04
CA ARG C 524 46.56 74.55 -15.87
C ARG C 524 46.14 73.60 -16.99
N SER C 525 46.93 72.57 -17.28
CA SER C 525 46.57 71.63 -18.32
C SER C 525 45.49 70.66 -17.85
N ILE C 526 45.48 70.33 -16.57
CA ILE C 526 44.54 69.33 -16.05
C ILE C 526 43.12 69.89 -16.04
N ALA C 527 42.95 71.13 -15.61
CA ALA C 527 41.65 71.79 -15.56
C ALA C 527 41.79 73.23 -16.05
N PRO C 528 41.73 73.45 -17.36
CA PRO C 528 41.83 74.83 -17.87
C PRO C 528 40.58 75.66 -17.58
N SER C 529 39.44 75.02 -17.35
CA SER C 529 38.19 75.75 -17.15
C SER C 529 38.14 76.40 -15.78
N ILE C 530 38.66 75.73 -14.76
CA ILE C 530 38.59 76.23 -13.38
C ILE C 530 39.87 77.01 -13.10
N TYR C 531 39.72 78.28 -12.74
CA TYR C 531 40.88 79.15 -12.56
C TYR C 531 41.45 79.03 -11.15
N GLU C 532 40.59 78.93 -10.14
CA GLU C 532 41.00 78.95 -8.74
C GLU C 532 41.34 77.50 -8.36
N LEU C 533 41.68 77.26 -7.09
CA LEU C 533 41.91 75.93 -6.50
C LEU C 533 43.11 75.22 -7.14
N GLU C 534 44.20 75.97 -7.33
CA GLU C 534 45.41 75.39 -7.93
C GLU C 534 46.04 74.35 -7.02
N ASP C 535 45.81 74.48 -5.69
CA ASP C 535 46.22 73.44 -4.76
C ASP C 535 45.45 72.14 -4.99
N VAL C 536 44.17 72.25 -5.35
CA VAL C 536 43.34 71.08 -5.63
C VAL C 536 43.84 70.34 -6.87
N LYS C 537 44.10 71.09 -7.95
CA LYS C 537 44.59 70.43 -9.17
C LYS C 537 46.01 69.92 -9.01
N LYS C 538 46.86 70.56 -8.20
CA LYS C 538 48.19 69.98 -8.02
C LYS C 538 48.13 68.76 -7.12
N GLY C 539 47.16 68.70 -6.19
CA GLY C 539 46.96 67.49 -5.41
C GLY C 539 46.48 66.33 -6.27
N ILE C 540 45.55 66.59 -7.17
CA ILE C 540 45.08 65.56 -8.10
C ILE C 540 46.20 65.16 -9.06
N LEU C 541 47.03 66.13 -9.46
CA LEU C 541 48.20 65.87 -10.31
C LEU C 541 49.20 64.93 -9.63
N LEU C 542 49.54 65.22 -8.37
CA LEU C 542 50.38 64.33 -7.59
C LEU C 542 49.71 62.98 -7.32
N GLN C 543 48.38 62.90 -7.38
CA GLN C 543 47.72 61.60 -7.33
C GLN C 543 47.91 60.82 -8.64
N LEU C 544 47.88 61.52 -9.78
CA LEU C 544 48.21 60.86 -11.06
C LEU C 544 49.64 60.35 -11.07
N PHE C 545 50.58 61.08 -10.47
CA PHE C 545 51.94 60.57 -10.43
C PHE C 545 52.08 59.45 -9.40
N GLY C 546 51.84 59.76 -8.13
CA GLY C 546 51.77 58.75 -7.09
C GLY C 546 53.13 58.20 -6.69
N GLY C 547 53.13 57.45 -5.59
CA GLY C 547 54.33 56.80 -5.12
C GLY C 547 54.59 55.49 -5.84
N THR C 548 55.73 54.89 -5.52
CA THR C 548 56.09 53.60 -6.08
C THR C 548 55.54 52.48 -5.20
N ASN C 549 55.24 51.35 -5.83
CA ASN C 549 54.77 50.18 -5.09
C ASN C 549 55.95 49.54 -4.37
N LYS C 550 55.92 49.60 -3.04
CA LYS C 550 57.02 49.12 -2.22
C LYS C 550 56.65 47.77 -1.62
N THR C 551 57.63 46.87 -1.57
CA THR C 551 57.43 45.56 -0.97
C THR C 551 58.70 45.15 -0.23
N PHE C 552 58.55 44.22 0.70
CA PHE C 552 59.67 43.74 1.49
C PHE C 552 59.91 42.25 1.28
N ARG C 557 54.46 45.81 2.88
CA ARG C 557 54.10 46.69 1.77
C ARG C 557 53.34 47.93 2.28
N TYR C 558 53.70 49.09 1.74
CA TYR C 558 53.03 50.35 2.01
C TYR C 558 52.47 50.91 0.71
N ARG C 559 51.29 51.52 0.78
CA ARG C 559 50.68 52.12 -0.40
C ARG C 559 51.33 53.48 -0.67
N GLY C 560 51.64 53.73 -1.95
CA GLY C 560 52.26 54.97 -2.35
C GLY C 560 51.30 56.04 -2.84
N ASP C 561 50.05 55.68 -3.09
CA ASP C 561 49.09 56.62 -3.65
C ASP C 561 48.56 57.57 -2.58
N ILE C 562 48.36 58.83 -2.96
CA ILE C 562 47.68 59.79 -2.09
C ILE C 562 46.19 59.73 -2.37
N ASN C 563 45.41 60.16 -1.39
CA ASN C 563 43.95 60.09 -1.47
C ASN C 563 43.37 61.48 -1.21
N ILE C 564 42.40 61.86 -2.05
CA ILE C 564 41.87 63.22 -2.04
C ILE C 564 40.35 63.17 -1.89
N LEU C 565 39.84 63.88 -0.90
CA LEU C 565 38.42 64.08 -0.69
C LEU C 565 38.10 65.55 -0.88
N LEU C 566 37.20 65.84 -1.83
CA LEU C 566 36.78 67.20 -2.13
C LEU C 566 35.47 67.47 -1.40
N CYS C 567 35.49 68.37 -0.42
CA CYS C 567 34.31 68.79 0.30
C CYS C 567 33.86 70.14 -0.27
N GLY C 568 32.73 70.15 -0.96
CA GLY C 568 32.25 71.37 -1.58
C GLY C 568 30.81 71.26 -2.01
N ASP C 569 30.27 72.42 -2.38
CA ASP C 569 28.87 72.50 -2.81
C ASP C 569 28.70 71.85 -4.19
N PRO C 570 27.54 71.23 -4.44
CA PRO C 570 27.30 70.65 -5.79
C PRO C 570 27.27 71.66 -6.91
N SER C 571 26.84 72.89 -6.63
CA SER C 571 26.84 73.94 -7.65
C SER C 571 28.25 74.38 -8.02
N THR C 572 29.18 74.34 -7.06
CA THR C 572 30.58 74.55 -7.38
C THR C 572 31.10 73.38 -8.21
N SER C 573 31.85 73.69 -9.26
CA SER C 573 32.25 72.69 -10.24
C SER C 573 33.27 71.73 -9.65
N LYS C 574 32.82 70.51 -9.36
CA LYS C 574 33.70 69.43 -8.95
C LYS C 574 33.56 68.18 -9.80
N SER C 575 32.34 67.88 -10.28
CA SER C 575 32.15 66.74 -11.17
C SER C 575 32.77 66.95 -12.54
N GLN C 576 32.95 68.22 -12.94
CA GLN C 576 33.75 68.51 -14.13
C GLN C 576 35.20 68.11 -13.91
N ILE C 577 35.72 68.35 -12.70
CA ILE C 577 37.09 67.93 -12.38
C ILE C 577 37.20 66.41 -12.36
N LEU C 578 36.15 65.72 -11.87
CA LEU C 578 36.15 64.26 -11.86
C LEU C 578 36.09 63.70 -13.28
N GLN C 579 35.32 64.34 -14.16
CA GLN C 579 35.30 63.94 -15.56
C GLN C 579 36.65 64.17 -16.22
N TYR C 580 37.31 65.28 -15.88
CA TYR C 580 38.61 65.58 -16.48
C TYR C 580 39.70 64.61 -16.01
N VAL C 581 39.69 64.23 -14.72
CA VAL C 581 40.71 63.29 -14.24
C VAL C 581 40.40 61.89 -14.78
N HIS C 582 39.12 61.58 -15.03
CA HIS C 582 38.77 60.35 -15.72
C HIS C 582 39.31 60.30 -17.15
N LYS C 583 39.20 61.42 -17.86
CA LYS C 583 39.67 61.45 -19.25
C LYS C 583 41.19 61.46 -19.34
N ILE C 584 41.85 62.10 -18.37
CA ILE C 584 43.31 62.22 -18.43
C ILE C 584 44.00 60.89 -18.16
N THR C 585 43.48 60.13 -17.19
CA THR C 585 44.20 58.95 -16.69
C THR C 585 44.23 57.83 -17.71
N PRO C 586 45.28 57.01 -17.73
CA PRO C 586 45.23 55.79 -18.55
C PRO C 586 44.31 54.73 -17.96
N ARG C 587 44.35 54.56 -16.65
CA ARG C 587 43.48 53.63 -15.94
C ARG C 587 42.70 54.41 -14.88
N GLY C 588 41.41 54.16 -14.82
CA GLY C 588 40.56 54.86 -13.86
C GLY C 588 39.10 54.78 -14.27
N VAL C 589 38.25 54.75 -13.25
CA VAL C 589 36.81 54.60 -13.44
C VAL C 589 36.07 55.65 -12.65
N TYR C 590 35.17 56.37 -13.33
CA TYR C 590 34.22 57.29 -12.73
C TYR C 590 32.97 56.50 -12.33
N THR C 591 32.55 56.63 -11.08
CA THR C 591 31.32 56.02 -10.61
C THR C 591 30.61 56.98 -9.66
N SER C 592 29.33 56.71 -9.43
CA SER C 592 28.46 57.54 -8.62
C SER C 592 28.15 56.83 -7.31
N GLY C 593 28.17 57.60 -6.22
CA GLY C 593 27.88 57.02 -4.91
C GLY C 593 26.43 56.59 -4.75
N LYS C 594 25.51 57.39 -5.28
CA LYS C 594 24.10 57.01 -5.28
C LYS C 594 23.82 55.85 -6.22
N GLY C 595 24.59 55.74 -7.32
CA GLY C 595 24.39 54.68 -8.29
C GLY C 595 24.78 53.30 -7.81
N SER C 596 25.92 53.19 -7.13
CA SER C 596 26.43 51.91 -6.66
C SER C 596 26.70 51.98 -5.17
N SER C 597 26.20 51.00 -4.43
CA SER C 597 26.40 50.91 -2.99
C SER C 597 26.44 49.43 -2.61
N ALA C 598 26.33 49.17 -1.29
CA ALA C 598 26.38 47.83 -0.68
C ALA C 598 27.71 47.20 -1.04
N VAL C 599 27.74 46.06 -1.72
CA VAL C 599 28.99 45.46 -2.19
C VAL C 599 29.15 45.59 -3.70
N GLY C 600 28.49 46.59 -4.30
CA GLY C 600 28.59 46.77 -5.74
C GLY C 600 29.96 47.25 -6.19
N LEU C 601 30.58 48.13 -5.40
CA LEU C 601 31.88 48.68 -5.80
C LEU C 601 33.00 47.66 -5.65
N THR C 602 32.83 46.66 -4.79
CA THR C 602 33.79 45.58 -4.66
C THR C 602 33.29 44.38 -5.47
N ALA C 603 33.98 43.25 -5.33
CA ALA C 603 33.61 42.05 -6.08
C ALA C 603 32.33 41.44 -5.52
N TYR C 604 31.43 41.09 -6.43
CA TYR C 604 30.17 40.46 -6.06
C TYR C 604 29.89 39.30 -7.00
N ILE C 605 29.30 38.24 -6.46
CA ILE C 605 28.99 37.05 -7.23
C ILE C 605 27.70 37.28 -8.00
N THR C 606 27.74 37.06 -9.31
CA THR C 606 26.57 37.21 -10.17
C THR C 606 26.44 35.98 -11.06
N ARG C 607 25.29 35.89 -11.73
CA ARG C 607 24.92 34.81 -12.66
C ARG C 607 25.02 33.42 -12.03
N VAL C 615 29.65 33.39 -12.17
CA VAL C 615 30.92 34.06 -12.35
C VAL C 615 31.13 35.13 -11.28
N LEU C 616 32.30 35.75 -11.30
CA LEU C 616 32.64 36.80 -10.34
C LEU C 616 32.85 38.09 -11.13
N GLU C 617 31.83 38.93 -11.18
CA GLU C 617 31.94 40.26 -11.77
C GLU C 617 32.38 41.22 -10.69
N SER C 618 33.59 41.76 -10.82
CA SER C 618 34.20 42.57 -9.79
C SER C 618 34.14 44.05 -10.17
N GLY C 619 34.20 44.90 -9.15
CA GLY C 619 34.01 46.32 -9.34
C GLY C 619 35.26 47.04 -9.79
N ALA C 620 35.23 48.36 -9.64
CA ALA C 620 36.31 49.23 -10.10
C ALA C 620 37.47 49.31 -9.13
N LEU C 621 37.30 48.85 -7.89
CA LEU C 621 38.36 48.98 -6.90
C LEU C 621 39.50 48.00 -7.16
N VAL C 622 39.24 46.94 -7.90
CA VAL C 622 40.27 46.01 -8.32
C VAL C 622 40.56 46.11 -9.83
N LEU C 623 39.59 46.57 -10.63
CA LEU C 623 39.82 46.70 -12.06
C LEU C 623 40.76 47.86 -12.38
N SER C 624 40.84 48.85 -11.49
CA SER C 624 41.75 49.98 -11.67
C SER C 624 42.96 49.77 -10.74
N ASP C 625 43.91 49.00 -11.23
CA ASP C 625 45.16 48.76 -10.49
C ASP C 625 46.13 49.89 -10.79
N GLY C 626 46.44 50.70 -9.78
CA GLY C 626 47.29 51.85 -9.95
C GLY C 626 46.62 53.06 -10.55
N GLY C 627 45.31 53.00 -10.79
CA GLY C 627 44.59 54.10 -11.39
C GLY C 627 43.69 54.83 -10.41
N VAL C 628 42.88 55.75 -10.90
CA VAL C 628 42.02 56.54 -10.03
C VAL C 628 40.58 56.03 -10.11
N CYS C 629 39.99 55.84 -8.94
CA CYS C 629 38.57 55.57 -8.80
C CYS C 629 37.90 56.85 -8.31
N CYS C 630 37.10 57.45 -9.16
CA CYS C 630 36.50 58.76 -8.88
C CYS C 630 35.05 58.54 -8.48
N ILE C 631 34.75 58.75 -7.20
CA ILE C 631 33.42 58.51 -6.65
C ILE C 631 32.75 59.86 -6.43
N ASP C 632 31.67 60.10 -7.19
CA ASP C 632 30.84 61.27 -7.03
C ASP C 632 29.65 60.94 -6.13
N GLU C 633 29.19 61.95 -5.38
CA GLU C 633 28.18 61.82 -4.32
C GLU C 633 28.58 60.76 -3.29
N PHE C 634 29.72 61.01 -2.66
CA PHE C 634 30.39 60.10 -1.75
C PHE C 634 29.69 60.03 -0.39
N ASP C 635 28.71 60.90 -0.15
CA ASP C 635 28.00 60.90 1.13
C ASP C 635 26.99 59.77 1.25
N LYS C 636 26.62 59.14 0.13
CA LYS C 636 25.58 58.12 0.13
C LYS C 636 26.16 56.70 0.15
N MET C 637 27.28 56.51 0.83
CA MET C 637 27.85 55.19 1.04
C MET C 637 27.13 54.48 2.18
N SER C 638 26.72 53.24 1.94
CA SER C 638 26.11 52.42 2.97
C SER C 638 27.18 51.87 3.91
N ASP C 639 26.74 51.35 5.07
CA ASP C 639 27.64 50.92 6.12
C ASP C 639 28.51 49.74 5.69
N SER C 640 27.94 48.83 4.89
CA SER C 640 28.73 47.76 4.28
C SER C 640 29.78 48.32 3.33
N THR C 641 29.47 49.42 2.63
CA THR C 641 30.44 50.01 1.73
C THR C 641 31.54 50.77 2.47
N ARG C 642 31.21 51.40 3.61
CA ARG C 642 32.26 51.94 4.48
C ARG C 642 33.16 50.83 5.02
N SER C 643 32.58 49.68 5.37
CA SER C 643 33.40 48.58 5.87
C SER C 643 34.29 48.00 4.79
N VAL C 644 33.80 47.94 3.55
CA VAL C 644 34.63 47.50 2.42
C VAL C 644 35.76 48.51 2.17
N LEU C 645 35.42 49.79 2.17
CA LEU C 645 36.39 50.84 1.90
C LEU C 645 37.44 50.95 2.99
N HIS C 646 37.13 50.49 4.21
CA HIS C 646 38.11 50.47 5.30
C HIS C 646 39.30 49.58 4.97
N GLU C 647 39.05 48.40 4.41
CA GLU C 647 40.19 47.60 3.93
C GLU C 647 40.65 47.99 2.54
N VAL C 648 39.87 48.80 1.80
CA VAL C 648 40.41 49.36 0.56
C VAL C 648 41.54 50.35 0.85
N MET C 649 41.34 51.27 1.80
CA MET C 649 42.41 52.21 2.13
C MET C 649 43.54 51.55 2.90
N GLU C 650 43.21 50.73 3.91
CA GLU C 650 44.25 50.25 4.81
C GLU C 650 45.02 49.07 4.22
N GLN C 651 44.31 47.99 3.89
CA GLN C 651 44.97 46.77 3.45
C GLN C 651 45.33 46.78 1.96
N GLN C 652 44.87 47.80 1.22
CA GLN C 652 44.89 47.91 -0.26
C GLN C 652 44.56 46.60 -0.96
N THR C 653 43.58 45.88 -0.42
CA THR C 653 43.26 44.53 -0.86
C THR C 653 41.86 44.19 -0.37
N ILE C 654 40.99 43.80 -1.29
CA ILE C 654 39.65 43.35 -0.94
C ILE C 654 39.68 41.85 -0.77
N SER C 655 38.78 41.32 0.06
CA SER C 655 38.69 39.88 0.29
C SER C 655 37.26 39.52 0.58
N ILE C 656 36.73 38.54 -0.17
CA ILE C 656 35.37 38.06 0.07
C ILE C 656 35.36 36.55 0.13
N ALA C 657 34.28 36.01 0.71
CA ALA C 657 34.06 34.57 0.85
C ALA C 657 32.57 34.32 0.65
N LYS C 658 32.19 34.03 -0.59
CA LYS C 658 30.79 33.78 -0.93
C LYS C 658 30.68 32.60 -1.89
N ALA C 659 29.67 31.76 -1.63
CA ALA C 659 29.28 30.63 -2.50
C ALA C 659 30.44 29.65 -2.73
N GLY C 660 31.22 29.40 -1.68
CA GLY C 660 32.37 28.53 -1.79
C GLY C 660 33.60 29.17 -2.38
N ILE C 661 33.55 30.45 -2.70
CA ILE C 661 34.62 31.16 -3.38
C ILE C 661 35.24 32.11 -2.37
N ILE C 662 36.49 31.87 -2.01
CA ILE C 662 37.28 32.85 -1.28
C ILE C 662 38.24 33.53 -2.25
N THR C 663 38.21 34.85 -2.29
CA THR C 663 39.12 35.61 -3.15
C THR C 663 39.75 36.74 -2.35
N THR C 664 41.05 36.91 -2.57
CA THR C 664 41.88 37.95 -1.98
C THR C 664 42.48 38.72 -3.16
N LEU C 665 41.81 39.81 -3.54
CA LEU C 665 42.13 40.56 -4.75
C LEU C 665 42.86 41.85 -4.40
N ASN C 666 43.96 42.11 -5.09
CA ASN C 666 44.78 43.29 -4.83
C ASN C 666 44.09 44.53 -5.38
N ALA C 667 43.73 45.46 -4.49
CA ALA C 667 43.08 46.69 -4.93
C ALA C 667 44.08 47.65 -5.57
N ARG C 668 45.03 48.15 -4.76
CA ARG C 668 46.16 48.98 -5.19
C ARG C 668 45.71 50.23 -5.95
N SER C 669 44.61 50.82 -5.52
CA SER C 669 43.93 51.87 -6.27
C SER C 669 43.99 53.20 -5.53
N SER C 670 44.14 54.27 -6.29
CA SER C 670 44.08 55.63 -5.77
C SER C 670 42.66 56.15 -5.89
N ILE C 671 42.10 56.59 -4.78
CA ILE C 671 40.70 57.00 -4.72
C ILE C 671 40.60 58.52 -4.70
N LEU C 672 39.68 59.07 -5.49
CA LEU C 672 39.34 60.48 -5.46
C LEU C 672 37.84 60.56 -5.21
N ALA C 673 37.46 61.13 -4.07
CA ALA C 673 36.06 61.20 -3.70
C ALA C 673 35.60 62.65 -3.65
N SER C 674 34.32 62.87 -4.00
CA SER C 674 33.72 64.18 -3.86
C SER C 674 32.46 64.05 -3.01
N ALA C 675 32.42 64.77 -1.89
CA ALA C 675 31.36 64.64 -0.90
C ALA C 675 30.42 65.83 -0.97
N ASN C 676 29.21 65.61 -0.44
CA ASN C 676 28.17 66.63 -0.42
C ASN C 676 27.81 66.98 1.02
N PRO C 677 27.98 68.22 1.45
CA PRO C 677 27.42 68.62 2.74
C PRO C 677 25.90 68.63 2.72
N ILE C 678 25.32 68.45 3.90
CA ILE C 678 23.87 68.31 4.02
C ILE C 678 23.22 69.69 3.88
N GLY C 679 22.44 69.86 2.81
CA GLY C 679 21.67 71.07 2.61
C GLY C 679 22.48 72.28 2.18
N SER C 680 22.53 73.28 3.06
CA SER C 680 23.13 74.57 2.77
C SER C 680 24.66 74.49 2.79
N ARG C 681 25.32 75.53 2.27
CA ARG C 681 26.74 75.65 2.50
C ARG C 681 26.99 76.04 3.95
N TYR C 682 28.16 75.67 4.45
CA TYR C 682 28.38 75.60 5.88
C TYR C 682 29.44 76.63 6.29
N ASN C 683 29.24 77.25 7.44
CA ASN C 683 30.10 78.33 7.89
C ASN C 683 31.48 77.81 8.32
N PRO C 684 32.53 78.62 8.14
CA PRO C 684 33.87 78.19 8.56
C PRO C 684 34.19 78.39 10.03
N ASN C 685 33.29 79.00 10.82
CA ASN C 685 33.61 79.29 12.22
C ASN C 685 33.67 78.01 13.04
N LEU C 686 32.67 77.15 12.90
CA LEU C 686 32.58 75.82 13.49
C LEU C 686 33.07 74.80 12.47
N PRO C 687 33.84 73.79 12.90
CA PRO C 687 34.55 72.91 11.94
C PRO C 687 33.63 72.15 10.99
N VAL C 688 34.11 72.01 9.74
CA VAL C 688 33.31 71.49 8.64
C VAL C 688 33.20 69.98 8.67
N THR C 689 34.13 69.30 9.35
CA THR C 689 34.21 67.84 9.30
C THR C 689 33.01 67.17 9.97
N GLU C 690 32.39 67.85 10.94
CA GLU C 690 31.22 67.27 11.60
C GLU C 690 29.97 67.39 10.75
N ASN C 691 29.96 68.32 9.77
CA ASN C 691 28.83 68.40 8.85
C ASN C 691 28.85 67.21 7.89
N ILE C 692 30.04 66.79 7.46
CA ILE C 692 30.17 65.70 6.50
C ILE C 692 29.72 64.39 7.14
N ASP C 693 28.85 63.66 6.43
CA ASP C 693 28.19 62.48 6.98
C ASP C 693 29.16 61.30 7.10
N LEU C 694 30.32 61.41 6.45
CA LEU C 694 31.25 60.28 6.38
C LEU C 694 31.88 60.02 7.74
N PRO C 695 32.19 58.76 8.07
CA PRO C 695 32.81 58.46 9.36
C PRO C 695 34.23 58.98 9.43
N PRO C 696 34.67 59.39 10.61
CA PRO C 696 36.07 59.85 10.80
C PRO C 696 37.14 58.78 10.56
N PRO C 697 36.85 57.45 10.64
CA PRO C 697 37.87 56.52 10.10
C PRO C 697 38.16 56.68 8.62
N LEU C 698 37.21 57.13 7.80
CA LEU C 698 37.55 57.42 6.41
C LEU C 698 38.33 58.72 6.30
N LEU C 699 37.98 59.73 7.12
CA LEU C 699 38.64 61.02 7.05
C LEU C 699 40.08 60.95 7.55
N SER C 700 40.36 60.02 8.47
CA SER C 700 41.72 59.84 8.97
C SER C 700 42.62 59.10 8.00
N ARG C 701 42.06 58.46 6.96
CA ARG C 701 42.87 57.75 5.97
C ARG C 701 42.98 58.48 4.63
N PHE C 702 42.17 59.51 4.39
CA PHE C 702 42.38 60.36 3.22
C PHE C 702 43.65 61.18 3.41
N ASP C 703 44.51 61.19 2.39
CA ASP C 703 45.78 61.89 2.51
C ASP C 703 45.58 63.40 2.40
N LEU C 704 44.70 63.83 1.50
CA LEU C 704 44.41 65.25 1.32
C LEU C 704 42.90 65.46 1.32
N VAL C 705 42.46 66.44 2.10
CA VAL C 705 41.09 66.92 2.06
C VAL C 705 41.12 68.37 1.58
N TYR C 706 40.23 68.69 0.64
CA TYR C 706 40.21 70.00 0.00
C TYR C 706 38.85 70.62 0.22
N LEU C 707 38.80 71.72 0.96
CA LEU C 707 37.57 72.46 1.18
C LEU C 707 37.31 73.32 -0.04
N VAL C 708 36.35 72.89 -0.86
CA VAL C 708 36.00 73.59 -2.10
C VAL C 708 35.05 74.75 -1.82
N LEU C 709 34.57 74.88 -0.58
CA LEU C 709 33.64 75.94 -0.19
C LEU C 709 34.29 77.31 -0.31
N ASP C 710 33.57 78.24 -0.92
CA ASP C 710 34.04 79.61 -1.08
C ASP C 710 32.84 80.53 -1.18
N LYS C 711 33.08 81.82 -0.96
CA LYS C 711 32.04 82.83 -0.95
C LYS C 711 32.29 83.80 -2.10
N VAL C 712 31.20 84.42 -2.58
CA VAL C 712 31.26 85.35 -3.69
C VAL C 712 31.97 86.64 -3.26
N ASP C 713 32.86 87.13 -4.13
CA ASP C 713 33.55 88.39 -3.90
C ASP C 713 33.62 89.23 -5.18
N GLU C 714 32.86 88.83 -6.22
CA GLU C 714 32.68 89.46 -7.54
C GLU C 714 33.98 89.86 -8.25
N LYS C 715 35.09 89.22 -7.90
CA LYS C 715 36.37 89.53 -8.55
C LYS C 715 36.50 88.79 -9.87
N ASN C 716 36.55 87.46 -9.81
CA ASN C 716 36.73 86.63 -11.00
C ASN C 716 35.43 85.99 -11.47
N ASP C 717 34.31 86.23 -10.78
CA ASP C 717 33.04 85.68 -11.21
C ASP C 717 32.56 86.32 -12.51
N ARG C 718 32.89 87.60 -12.72
CA ARG C 718 32.69 88.22 -14.02
C ARG C 718 33.56 87.55 -15.08
N GLU C 719 34.80 87.22 -14.72
CA GLU C 719 35.68 86.50 -15.64
C GLU C 719 35.16 85.09 -15.92
N LEU C 720 34.64 84.42 -14.88
CA LEU C 720 34.04 83.09 -15.06
C LEU C 720 32.84 83.14 -15.99
N ALA C 721 31.96 84.13 -15.80
CA ALA C 721 30.80 84.27 -16.68
C ALA C 721 31.21 84.65 -18.10
N LYS C 722 32.22 85.52 -18.25
CA LYS C 722 32.66 85.93 -19.58
C LYS C 722 33.29 84.78 -20.35
N HIS C 723 34.16 84.01 -19.70
CA HIS C 723 34.77 82.89 -20.42
C HIS C 723 33.81 81.71 -20.54
N LEU C 724 32.78 81.65 -19.68
CA LEU C 724 31.76 80.61 -19.84
C LEU C 724 30.85 80.92 -21.02
N THR C 725 30.61 82.21 -21.28
CA THR C 725 29.87 82.62 -22.47
C THR C 725 30.77 82.81 -23.68
N ASN C 726 32.09 82.74 -23.51
CA ASN C 726 33.00 82.82 -24.65
C ASN C 726 32.98 81.58 -25.52
N LEU C 727 32.54 80.44 -24.99
CA LEU C 727 32.34 79.26 -25.82
C LEU C 727 31.14 79.45 -26.75
N TYR C 728 30.22 80.32 -26.36
CA TYR C 728 29.07 80.67 -27.20
C TYR C 728 29.43 81.82 -28.14
N LEU C 729 30.21 82.79 -27.65
CA LEU C 729 30.64 83.93 -28.45
C LEU C 729 31.71 83.59 -29.47
N GLU C 730 32.59 82.64 -29.14
CA GLU C 730 33.69 82.26 -30.01
C GLU C 730 33.89 80.75 -29.93
N ASP C 731 34.72 80.22 -30.83
CA ASP C 731 35.00 78.80 -30.83
C ASP C 731 36.39 78.58 -30.25
N VAL C 741 50.16 74.72 -21.07
CA VAL C 741 49.12 73.80 -21.49
C VAL C 741 49.73 72.63 -22.26
N LEU C 742 49.34 71.41 -21.91
CA LEU C 742 49.80 70.21 -22.56
C LEU C 742 48.60 69.40 -23.05
N PRO C 743 48.73 68.74 -24.20
CA PRO C 743 47.62 67.89 -24.70
C PRO C 743 47.37 66.69 -23.80
N VAL C 744 46.13 66.19 -23.90
CA VAL C 744 45.67 65.12 -23.00
C VAL C 744 46.36 63.80 -23.32
N GLU C 745 46.63 63.52 -24.60
CA GLU C 745 47.32 62.29 -24.96
C GLU C 745 48.79 62.32 -24.50
N PHE C 746 49.42 63.50 -24.56
CA PHE C 746 50.76 63.66 -24.00
C PHE C 746 50.76 63.49 -22.49
N LEU C 747 49.70 63.97 -21.82
CA LEU C 747 49.54 63.70 -20.39
C LEU C 747 49.41 62.21 -20.10
N THR C 748 48.64 61.50 -20.94
CA THR C 748 48.42 60.07 -20.75
C THR C 748 49.71 59.28 -20.90
N MET C 749 50.47 59.54 -21.97
CA MET C 749 51.74 58.83 -22.12
C MET C 749 52.78 59.30 -21.12
N TYR C 750 52.67 60.54 -20.62
CA TYR C 750 53.61 61.02 -19.62
C TYR C 750 53.39 60.34 -18.28
N ILE C 751 52.13 60.17 -17.87
CA ILE C 751 51.82 59.39 -16.67
C ILE C 751 52.20 57.93 -16.86
N SER C 752 51.93 57.36 -18.04
CA SER C 752 52.27 55.97 -18.29
C SER C 752 53.78 55.72 -18.29
N TYR C 753 54.56 56.70 -18.75
CA TYR C 753 56.01 56.58 -18.67
C TYR C 753 56.53 56.83 -17.26
N ALA C 754 55.90 57.74 -16.52
CA ALA C 754 56.39 58.07 -15.18
C ALA C 754 56.05 56.99 -14.16
N LYS C 755 54.94 56.28 -14.34
CA LYS C 755 54.46 55.38 -13.29
C LYS C 755 55.29 54.11 -13.19
N GLU C 756 55.80 53.59 -14.31
CA GLU C 756 56.52 52.33 -14.31
C GLU C 756 57.99 52.44 -14.67
N HIS C 757 58.36 53.39 -15.54
CA HIS C 757 59.75 53.48 -15.98
C HIS C 757 60.59 54.41 -15.10
N ILE C 758 59.99 55.11 -14.16
CA ILE C 758 60.68 56.05 -13.29
C ILE C 758 60.59 55.55 -11.86
N HIS C 759 61.75 55.41 -11.20
CA HIS C 759 61.82 54.89 -9.84
C HIS C 759 62.60 55.85 -8.96
N PRO C 760 61.94 56.76 -8.25
CA PRO C 760 62.64 57.65 -7.32
C PRO C 760 63.16 56.91 -6.10
N ILE C 761 64.16 57.51 -5.46
CA ILE C 761 64.78 56.97 -4.26
C ILE C 761 64.86 58.08 -3.23
N ILE C 762 64.90 57.69 -1.96
CA ILE C 762 64.95 58.63 -0.85
C ILE C 762 66.41 58.80 -0.42
N THR C 763 66.87 60.04 -0.34
CA THR C 763 68.20 60.31 0.16
C THR C 763 68.19 60.43 1.68
N GLU C 764 69.37 60.25 2.27
CA GLU C 764 69.55 60.38 3.71
C GLU C 764 69.53 61.85 4.15
N ALA C 765 69.76 62.78 3.24
CA ALA C 765 69.82 64.19 3.59
C ALA C 765 68.45 64.77 3.93
N ALA C 766 67.43 64.46 3.12
CA ALA C 766 66.11 65.07 3.27
C ALA C 766 65.34 64.58 4.49
N LYS C 767 65.78 63.48 5.09
CA LYS C 767 65.10 62.94 6.27
C LYS C 767 65.25 63.87 7.47
N THR C 768 66.33 64.65 7.54
CA THR C 768 66.50 65.60 8.64
C THR C 768 65.47 66.73 8.57
N GLU C 769 65.25 67.29 7.37
CA GLU C 769 64.20 68.29 7.22
C GLU C 769 62.82 67.68 7.40
N LEU C 770 62.64 66.41 7.02
CA LEU C 770 61.38 65.72 7.28
C LEU C 770 61.09 65.59 8.77
N VAL C 771 62.09 65.20 9.56
CA VAL C 771 61.84 65.00 10.99
C VAL C 771 61.70 66.33 11.73
N ARG C 772 62.44 67.39 11.33
CA ARG C 772 62.21 68.66 12.03
C ARG C 772 60.91 69.31 11.58
N ALA C 773 60.46 69.06 10.34
CA ALA C 773 59.15 69.51 9.92
C ALA C 773 58.05 68.80 10.70
N TYR C 774 58.22 67.49 10.97
CA TYR C 774 57.23 66.77 11.77
C TYR C 774 57.24 67.25 13.23
N VAL C 775 58.42 67.60 13.75
CA VAL C 775 58.50 68.17 15.10
C VAL C 775 57.79 69.52 15.14
N GLY C 776 57.94 70.32 14.09
CA GLY C 776 57.23 71.59 14.01
C GLY C 776 55.71 71.42 13.89
N MET C 777 55.27 70.39 13.16
CA MET C 777 53.84 70.11 13.06
C MET C 777 53.28 69.60 14.40
N ARG C 778 54.05 68.79 15.13
CA ARG C 778 53.49 68.17 16.32
C ARG C 778 53.38 69.16 17.48
N LYS C 779 54.28 70.13 17.54
CA LYS C 779 54.28 71.12 18.62
C LYS C 779 53.49 72.37 18.28
N MET C 780 52.74 72.37 17.19
CA MET C 780 51.91 73.51 16.84
C MET C 780 50.61 73.44 17.61
N THR C 792 48.10 67.96 16.62
CA THR C 792 48.01 68.78 15.40
C THR C 792 48.50 68.02 14.19
N ALA C 793 49.14 66.87 14.43
CA ALA C 793 49.64 66.04 13.35
C ALA C 793 49.74 64.61 13.85
N THR C 794 49.73 63.67 12.89
CA THR C 794 49.94 62.26 13.14
C THR C 794 51.06 61.76 12.24
N THR C 795 51.47 60.51 12.45
CA THR C 795 52.50 59.91 11.61
C THR C 795 51.99 59.57 10.22
N ARG C 796 50.67 59.49 10.04
CA ARG C 796 50.09 59.37 8.71
C ARG C 796 50.39 60.60 7.88
N GLN C 797 50.45 61.78 8.51
CA GLN C 797 50.83 63.00 7.81
C GLN C 797 52.28 62.93 7.33
N LEU C 798 53.19 62.41 8.18
CA LEU C 798 54.60 62.26 7.78
C LEU C 798 54.75 61.28 6.62
N GLU C 799 54.05 60.14 6.68
CA GLU C 799 54.15 59.19 5.60
C GLU C 799 53.47 59.71 4.33
N SER C 800 52.49 60.60 4.50
CA SER C 800 51.95 61.34 3.36
C SER C 800 52.99 62.29 2.76
N MET C 801 53.80 62.94 3.58
CA MET C 801 54.92 63.75 3.04
C MET C 801 55.90 62.88 2.27
N ILE C 802 56.17 61.68 2.78
CA ILE C 802 57.11 60.77 2.12
C ILE C 802 56.60 60.37 0.74
N ARG C 803 55.34 59.93 0.67
CA ARG C 803 54.81 59.50 -0.63
C ARG C 803 54.54 60.68 -1.55
N LEU C 804 54.27 61.87 -1.00
CA LEU C 804 54.07 63.06 -1.84
C LEU C 804 55.38 63.54 -2.45
N ALA C 805 56.47 63.51 -1.67
CA ALA C 805 57.78 63.83 -2.22
C ALA C 805 58.24 62.78 -3.23
N GLU C 806 57.90 61.51 -2.98
CA GLU C 806 58.19 60.46 -3.95
C GLU C 806 57.43 60.68 -5.26
N ALA C 807 56.17 61.14 -5.15
CA ALA C 807 55.38 61.40 -6.35
C ALA C 807 55.88 62.64 -7.10
N HIS C 808 56.37 63.65 -6.37
CA HIS C 808 56.94 64.81 -7.05
C HIS C 808 58.25 64.46 -7.74
N ALA C 809 59.07 63.61 -7.12
CA ALA C 809 60.28 63.12 -7.79
C ALA C 809 59.93 62.22 -8.98
N LYS C 810 58.80 61.53 -8.92
CA LYS C 810 58.30 60.79 -10.07
C LYS C 810 57.89 61.74 -11.20
N MET C 811 57.30 62.89 -10.84
CA MET C 811 56.96 63.89 -11.85
C MET C 811 58.20 64.50 -12.50
N LYS C 812 59.18 64.89 -11.69
CA LYS C 812 60.34 65.61 -12.22
C LYS C 812 61.30 64.72 -12.99
N LEU C 813 61.11 63.39 -12.97
CA LEU C 813 61.90 62.39 -13.72
C LEU C 813 63.38 62.42 -13.34
N LYS C 814 63.69 62.86 -12.13
CA LYS C 814 65.07 62.93 -11.67
C LYS C 814 65.53 61.65 -10.99
N ASN C 815 64.59 60.76 -10.64
CA ASN C 815 64.84 59.49 -9.94
C ASN C 815 65.55 59.69 -8.61
N VAL C 816 65.28 60.83 -7.96
CA VAL C 816 65.92 61.20 -6.70
C VAL C 816 65.01 62.19 -5.99
N VAL C 817 64.87 62.04 -4.67
CA VAL C 817 64.09 62.97 -3.87
C VAL C 817 65.03 64.04 -3.36
N GLU C 818 64.81 65.28 -3.82
CA GLU C 818 65.67 66.40 -3.52
C GLU C 818 65.20 67.07 -2.21
N LEU C 819 65.68 68.28 -1.94
CA LEU C 819 65.13 69.04 -0.83
C LEU C 819 63.76 69.60 -1.15
N GLU C 820 63.58 70.13 -2.37
CA GLU C 820 62.47 71.05 -2.70
C GLU C 820 61.11 70.36 -2.61
N ASP C 821 61.03 69.10 -3.05
CA ASP C 821 59.77 68.37 -3.00
C ASP C 821 59.33 68.09 -1.56
N VAL C 822 60.29 67.98 -0.63
CA VAL C 822 59.97 67.79 0.78
C VAL C 822 59.26 69.02 1.33
N GLN C 823 59.80 70.22 1.09
CA GLN C 823 59.12 71.43 1.58
C GLN C 823 57.83 71.69 0.83
N GLU C 824 57.74 71.27 -0.44
CA GLU C 824 56.47 71.40 -1.17
C GLU C 824 55.40 70.49 -0.56
N ALA C 825 55.76 69.26 -0.20
CA ALA C 825 54.82 68.34 0.45
C ALA C 825 54.42 68.84 1.83
N VAL C 826 55.38 69.40 2.58
CA VAL C 826 55.09 70.00 3.88
C VAL C 826 54.14 71.19 3.73
N ARG C 827 54.35 72.02 2.71
CA ARG C 827 53.48 73.16 2.45
C ARG C 827 52.07 72.72 2.08
N LEU C 828 51.96 71.69 1.23
CA LEU C 828 50.64 71.23 0.79
C LEU C 828 49.87 70.56 1.92
N ILE C 829 50.54 69.74 2.72
CA ILE C 829 49.88 69.13 3.88
C ILE C 829 49.56 70.18 4.94
N ARG C 830 50.42 71.20 5.11
CA ARG C 830 50.13 72.31 6.00
C ARG C 830 48.88 73.05 5.57
N SER C 831 48.74 73.31 4.26
CA SER C 831 47.55 73.96 3.73
C SER C 831 46.32 73.06 3.87
N ALA C 832 46.51 71.75 3.85
CA ALA C 832 45.39 70.84 4.10
C ALA C 832 44.92 70.91 5.55
N ILE C 833 45.86 70.93 6.50
CA ILE C 833 45.50 70.99 7.93
C ILE C 833 45.04 72.39 8.35
N LYS C 834 45.35 73.43 7.57
CA LYS C 834 44.77 74.75 7.84
C LYS C 834 43.26 74.73 7.69
N ASP C 835 42.75 74.06 6.65
CA ASP C 835 41.33 73.90 6.25
C ASP C 835 40.42 75.12 6.47
N LYS C 844 47.41 65.92 19.87
CA LYS C 844 46.10 66.54 19.87
C LYS C 844 45.63 66.79 18.44
N ILE C 845 44.84 65.87 17.91
CA ILE C 845 44.38 65.93 16.53
C ILE C 845 42.87 66.18 16.43
N ASP C 846 42.11 65.90 17.50
CA ASP C 846 40.65 66.04 17.56
C ASP C 846 39.95 65.26 16.45
N MET C 847 40.30 63.99 16.34
CA MET C 847 39.71 63.09 15.37
C MET C 847 38.50 62.41 16.06
N ASN C 848 37.93 61.38 15.42
CA ASN C 848 36.79 60.60 15.91
C ASN C 848 35.53 61.45 16.09
N LEU C 849 35.44 62.54 15.31
CA LEU C 849 34.39 63.56 15.39
C LEU C 849 34.25 64.12 16.80
N VAL C 850 35.38 64.32 17.48
CA VAL C 850 35.40 64.75 18.87
C VAL C 850 36.24 66.01 18.97
N GLN C 851 35.63 67.09 19.43
CA GLN C 851 36.32 68.29 19.86
C GLN C 851 36.54 68.21 21.37
N THR C 852 37.60 68.87 21.84
CA THR C 852 37.96 68.76 23.26
C THR C 852 36.95 69.46 24.18
N GLY C 853 36.22 70.45 23.67
CA GLY C 853 35.16 71.06 24.45
C GLY C 853 34.02 70.10 24.72
N LYS C 854 33.63 69.32 23.70
CA LYS C 854 32.62 68.28 23.91
C LYS C 854 33.17 67.17 24.79
N SER C 855 34.46 66.85 24.64
CA SER C 855 35.10 65.81 25.44
C SER C 855 35.18 66.17 26.91
N VAL C 856 35.25 67.46 27.25
CA VAL C 856 35.22 67.82 28.65
C VAL C 856 33.81 68.11 29.16
N ILE C 857 32.89 68.56 28.30
CA ILE C 857 31.54 68.83 28.79
C ILE C 857 30.75 67.53 28.93
N GLN C 858 31.19 66.44 28.28
CA GLN C 858 30.62 65.13 28.56
C GLN C 858 30.90 64.70 30.01
N ARG C 859 32.14 64.88 30.47
CA ARG C 859 32.47 64.57 31.86
C ARG C 859 31.83 65.57 32.82
N LYS C 860 31.68 66.84 32.38
CA LYS C 860 30.98 67.82 33.20
C LYS C 860 29.50 67.47 33.38
N LEU C 861 28.85 67.00 32.32
CA LEU C 861 27.47 66.53 32.44
C LEU C 861 27.38 65.22 33.21
N GLN C 862 28.41 64.38 33.16
CA GLN C 862 28.46 63.19 34.01
C GLN C 862 28.52 63.58 35.49
N GLU C 863 29.34 64.57 35.82
CA GLU C 863 29.40 65.07 37.20
C GLU C 863 28.10 65.74 37.62
N ASP C 864 27.45 66.46 36.69
CA ASP C 864 26.17 67.10 36.98
C ASP C 864 25.08 66.06 37.19
N LEU C 865 25.10 64.98 36.41
CA LEU C 865 24.15 63.89 36.59
C LEU C 865 24.40 63.14 37.90
N SER C 866 25.67 63.01 38.31
CA SER C 866 25.99 62.44 39.61
C SER C 866 25.48 63.32 40.74
N ARG C 867 25.63 64.65 40.60
CA ARG C 867 25.10 65.56 41.61
C ARG C 867 23.58 65.54 41.67
N GLU C 868 22.91 65.43 40.51
CA GLU C 868 21.46 65.33 40.48
C GLU C 868 20.99 64.01 41.06
N ILE C 869 21.74 62.93 40.84
CA ILE C 869 21.42 61.64 41.43
C ILE C 869 21.60 61.68 42.95
N MET C 870 22.63 62.40 43.42
CA MET C 870 22.81 62.58 44.86
C MET C 870 21.68 63.41 45.47
N ASN C 871 21.22 64.44 44.75
CA ASN C 871 20.09 65.23 45.22
C ASN C 871 18.80 64.41 45.24
N VAL C 872 18.62 63.55 44.25
CA VAL C 872 17.45 62.66 44.22
C VAL C 872 17.53 61.62 45.34
N LEU C 873 18.74 61.15 45.64
CA LEU C 873 18.93 60.20 46.73
C LEU C 873 18.68 60.85 48.09
N LYS C 874 19.03 62.13 48.22
CA LYS C 874 18.66 62.88 49.42
C LYS C 874 17.15 63.11 49.47
N ASP C 875 16.52 63.34 48.31
CA ASP C 875 15.08 63.60 48.28
C ASP C 875 14.28 62.31 48.53
N GLN C 876 14.66 61.21 47.88
CA GLN C 876 13.92 59.97 47.98
C GLN C 876 14.88 58.80 48.05
N ALA C 877 14.40 57.69 48.64
CA ALA C 877 15.26 56.51 48.80
C ALA C 877 15.51 55.83 47.46
N SER C 878 14.50 55.78 46.59
CA SER C 878 14.65 55.13 45.30
C SER C 878 15.45 55.99 44.35
N ASP C 879 16.49 55.42 43.75
CA ASP C 879 17.33 56.15 42.80
C ASP C 879 16.80 56.11 41.38
N SER C 880 15.79 55.28 41.10
CA SER C 880 15.23 55.19 39.77
C SER C 880 14.37 56.41 39.47
N MET C 881 14.58 57.01 38.29
CA MET C 881 13.82 58.18 37.88
C MET C 881 13.53 58.08 36.39
N SER C 882 12.48 58.80 35.97
CA SER C 882 12.15 58.89 34.55
C SER C 882 13.22 59.69 33.82
N PHE C 883 13.47 59.31 32.56
CA PHE C 883 14.54 59.94 31.80
C PHE C 883 14.19 61.37 31.40
N ASN C 884 12.94 61.62 31.02
CA ASN C 884 12.55 62.94 30.51
C ASN C 884 12.53 63.98 31.63
N GLU C 885 11.95 63.64 32.78
CA GLU C 885 11.85 64.58 33.88
C GLU C 885 13.22 64.88 34.49
N LEU C 886 14.06 63.85 34.66
CA LEU C 886 15.40 64.05 35.20
C LEU C 886 16.28 64.81 34.20
N ILE C 887 16.09 64.55 32.91
CA ILE C 887 16.85 65.27 31.88
C ILE C 887 16.44 66.74 31.83
N LYS C 888 15.14 67.02 31.98
CA LYS C 888 14.66 68.40 32.02
C LYS C 888 15.16 69.12 33.28
N GLN C 889 15.17 68.44 34.42
CA GLN C 889 15.70 69.03 35.65
C GLN C 889 17.20 69.29 35.56
N ILE C 890 17.95 68.37 34.93
CA ILE C 890 19.39 68.56 34.77
C ILE C 890 19.69 69.68 33.79
N ASN C 891 18.87 69.81 32.73
CA ASN C 891 19.06 70.90 31.78
C ASN C 891 18.69 72.25 32.38
N GLU C 892 17.66 72.29 33.23
CA GLU C 892 17.25 73.55 33.83
C GLU C 892 18.16 73.98 34.97
N HIS C 893 18.73 73.03 35.71
CA HIS C 893 19.40 73.35 36.96
C HIS C 893 20.92 73.47 36.85
N SER C 894 21.57 72.70 35.97
CA SER C 894 23.02 72.61 35.99
C SER C 894 23.68 73.79 35.27
N GLN C 895 23.40 73.94 33.98
CA GLN C 895 24.13 74.89 33.15
C GLN C 895 23.24 75.29 31.98
N ASP C 896 23.84 75.90 30.95
CA ASP C 896 23.11 76.31 29.77
C ASP C 896 22.60 75.09 28.99
N ARG C 897 21.64 75.35 28.09
CA ARG C 897 20.90 74.28 27.43
C ARG C 897 21.79 73.53 26.44
N VAL C 898 21.78 72.21 26.56
CA VAL C 898 22.53 71.33 25.66
C VAL C 898 21.57 70.29 25.08
N GLU C 899 22.08 69.41 24.25
CA GLU C 899 21.26 68.36 23.66
C GLU C 899 20.89 67.30 24.70
N SER C 900 19.71 66.71 24.53
CA SER C 900 19.27 65.67 25.44
C SER C 900 20.02 64.36 25.19
N SER C 901 20.61 64.22 24.00
CA SER C 901 21.38 63.01 23.70
C SER C 901 22.71 63.01 24.43
N ASP C 902 23.24 64.18 24.77
CA ASP C 902 24.54 64.26 25.44
C ASP C 902 24.47 63.72 26.86
N ILE C 903 23.36 63.99 27.57
CA ILE C 903 23.21 63.50 28.93
C ILE C 903 23.06 61.99 28.96
N GLN C 904 22.29 61.42 28.02
CA GLN C 904 22.14 59.97 27.98
C GLN C 904 23.41 59.31 27.44
N GLU C 905 24.20 60.02 26.64
CA GLU C 905 25.50 59.49 26.22
C GLU C 905 26.47 59.45 27.40
N ALA C 906 26.43 60.48 28.26
CA ALA C 906 27.22 60.45 29.48
C ALA C 906 26.73 59.36 30.43
N LEU C 907 25.43 59.10 30.43
CA LEU C 907 24.90 57.99 31.24
C LEU C 907 25.33 56.64 30.68
N SER C 908 25.45 56.52 29.36
CA SER C 908 25.96 55.28 28.78
C SER C 908 27.46 55.12 29.05
N ARG C 909 28.19 56.23 29.09
CA ARG C 909 29.55 56.23 29.62
C ARG C 909 29.59 55.69 31.05
N LEU C 910 28.67 56.14 31.89
CA LEU C 910 28.63 55.66 33.28
C LEU C 910 28.18 54.20 33.36
N GLN C 911 27.43 53.74 32.35
CA GLN C 911 27.17 52.31 32.22
C GLN C 911 28.46 51.55 31.93
N GLN C 912 29.32 52.11 31.07
CA GLN C 912 30.59 51.47 30.78
C GLN C 912 31.53 51.48 31.98
N GLU C 913 31.52 52.56 32.77
CA GLU C 913 32.34 52.58 33.98
C GLU C 913 31.69 51.82 35.14
N ASP C 914 30.45 51.36 34.96
CA ASP C 914 29.61 50.63 35.90
C ASP C 914 29.31 51.45 37.16
N LYS C 915 29.35 52.78 37.09
CA LYS C 915 28.96 53.60 38.22
C LYS C 915 27.44 53.63 38.38
N VAL C 916 26.73 53.75 37.25
CA VAL C 916 25.26 53.86 37.21
C VAL C 916 24.75 52.69 36.40
N ILE C 917 23.59 52.15 36.80
CA ILE C 917 22.95 51.04 36.11
C ILE C 917 21.72 51.59 35.38
N VAL C 918 21.43 51.04 34.20
CA VAL C 918 20.28 51.46 33.41
C VAL C 918 19.35 50.26 33.27
N LEU C 919 18.05 50.54 33.15
CA LEU C 919 17.02 49.55 32.91
C LEU C 919 16.07 50.09 31.84
N GLY C 920 15.97 49.37 30.73
CA GLY C 920 15.13 49.79 29.62
C GLY C 920 15.92 50.13 28.37
N GLY C 922 12.74 55.27 30.68
CA GLY C 922 13.62 54.27 31.25
C GLY C 922 13.93 54.54 32.72
N VAL C 923 14.75 53.68 33.31
CA VAL C 923 15.13 53.78 34.71
C VAL C 923 16.65 53.90 34.81
N ARG C 924 17.12 54.85 35.60
CA ARG C 924 18.55 55.08 35.80
C ARG C 924 18.84 55.04 37.30
N ARG C 925 19.42 53.94 37.76
CA ARG C 925 19.66 53.72 39.18
C ARG C 925 21.12 54.00 39.50
N SER C 926 21.36 54.96 40.39
CA SER C 926 22.70 55.28 40.82
C SER C 926 23.15 54.32 41.92
N VAL C 927 24.46 54.17 42.05
CA VAL C 927 25.02 53.30 43.07
C VAL C 927 25.74 54.12 44.13
N ASN D 20 -11.15 -20.74 -13.10
CA ASN D 20 -11.13 -19.77 -12.01
C ASN D 20 -12.48 -19.11 -11.84
N ASP D 21 -13.29 -19.13 -12.90
CA ASP D 21 -14.63 -18.55 -12.84
C ASP D 21 -15.58 -19.41 -12.00
N ASP D 22 -15.30 -20.71 -11.88
CA ASP D 22 -16.05 -21.56 -10.98
C ASP D 22 -15.85 -21.15 -9.52
N ASP D 23 -14.60 -20.84 -9.14
CA ASP D 23 -14.34 -20.34 -7.79
C ASP D 23 -14.93 -18.95 -7.59
N ASN D 24 -14.94 -18.12 -8.63
CA ASN D 24 -15.53 -16.79 -8.53
C ASN D 24 -17.04 -16.86 -8.32
N THR D 25 -17.74 -17.70 -9.08
CA THR D 25 -19.17 -17.84 -8.86
C THR D 25 -19.49 -18.63 -7.60
N GLU D 26 -18.58 -19.48 -7.11
CA GLU D 26 -18.77 -20.09 -5.80
C GLU D 26 -18.66 -19.06 -4.69
N ILE D 27 -17.72 -18.12 -4.82
CA ILE D 27 -17.59 -17.02 -3.87
C ILE D 27 -18.83 -16.13 -3.90
N ILE D 28 -19.32 -15.84 -5.10
CA ILE D 28 -20.52 -15.00 -5.26
C ILE D 28 -21.75 -15.69 -4.64
N LYS D 29 -21.90 -16.99 -4.89
CA LYS D 29 -23.01 -17.76 -4.32
C LYS D 29 -22.88 -17.88 -2.80
N SER D 30 -21.64 -18.01 -2.29
CA SER D 30 -21.44 -18.13 -0.85
C SER D 30 -21.76 -16.83 -0.14
N PHE D 31 -21.38 -15.69 -0.72
CA PHE D 31 -21.66 -14.42 -0.06
C PHE D 31 -23.13 -14.06 -0.24
N LYS D 32 -23.74 -14.53 -1.33
CA LYS D 32 -25.19 -14.49 -1.48
C LYS D 32 -25.89 -15.25 -0.36
N ASN D 33 -25.39 -16.44 -0.03
CA ASN D 33 -25.95 -17.21 1.08
C ASN D 33 -25.66 -16.54 2.42
N PHE D 34 -24.55 -15.81 2.52
CA PHE D 34 -24.27 -15.06 3.74
C PHE D 34 -25.28 -13.94 3.94
N ILE D 35 -25.65 -13.24 2.85
CA ILE D 35 -26.65 -12.19 2.97
C ILE D 35 -28.02 -12.78 3.26
N LEU D 36 -28.38 -13.85 2.54
CA LEU D 36 -29.75 -14.36 2.61
C LEU D 36 -29.99 -15.19 3.87
N GLU D 37 -28.94 -15.78 4.45
CA GLU D 37 -29.10 -16.74 5.52
C GLU D 37 -28.61 -16.27 6.88
N PHE D 38 -28.09 -15.04 6.98
CA PHE D 38 -27.64 -14.54 8.28
C PHE D 38 -28.85 -14.14 9.12
N ARG D 39 -28.90 -14.65 10.35
CA ARG D 39 -30.00 -14.34 11.26
C ARG D 39 -29.48 -14.35 12.69
N LEU D 40 -29.66 -13.23 13.38
CA LEU D 40 -29.29 -13.09 14.78
C LEU D 40 -30.50 -12.60 15.57
N ASP D 41 -30.86 -13.37 16.61
CA ASP D 41 -32.01 -13.12 17.47
C ASP D 41 -33.31 -13.00 16.68
N SER D 42 -33.60 -14.03 15.88
CA SER D 42 -34.76 -14.17 15.00
C SER D 42 -34.89 -13.04 13.99
N GLN D 43 -33.77 -12.50 13.50
CA GLN D 43 -33.83 -11.35 12.60
C GLN D 43 -32.76 -11.45 11.51
N PHE D 44 -33.22 -11.44 10.26
CA PHE D 44 -32.32 -11.32 9.10
C PHE D 44 -31.95 -9.85 8.98
N ILE D 45 -30.79 -9.48 9.52
CA ILE D 45 -30.42 -8.07 9.61
C ILE D 45 -30.00 -7.53 8.24
N TYR D 46 -29.38 -8.37 7.41
CA TYR D 46 -28.76 -7.85 6.19
C TYR D 46 -29.77 -7.74 5.06
N ARG D 47 -30.75 -8.66 5.00
CA ARG D 47 -31.83 -8.52 4.03
C ARG D 47 -32.69 -7.30 4.32
N ASP D 48 -32.98 -7.05 5.60
CA ASP D 48 -33.72 -5.86 5.98
C ASP D 48 -32.91 -4.59 5.73
N GLN D 49 -31.59 -4.66 5.96
CA GLN D 49 -30.72 -3.53 5.68
C GLN D 49 -30.69 -3.21 4.19
N LEU D 50 -30.63 -4.24 3.35
CA LEU D 50 -30.64 -4.04 1.90
C LEU D 50 -31.98 -3.49 1.42
N ARG D 51 -33.09 -3.99 2.00
CA ARG D 51 -34.40 -3.48 1.61
C ARG D 51 -34.60 -2.03 2.01
N ASN D 52 -34.23 -1.68 3.25
CA ASN D 52 -34.36 -0.29 3.69
C ASN D 52 -33.34 0.63 3.02
N ASN D 53 -32.22 0.09 2.54
CA ASN D 53 -31.28 0.90 1.77
C ASN D 53 -31.77 1.12 0.34
N ILE D 54 -32.44 0.13 -0.25
CA ILE D 54 -33.01 0.29 -1.59
C ILE D 54 -34.18 1.27 -1.55
N LEU D 55 -34.99 1.21 -0.49
CA LEU D 55 -36.20 2.03 -0.40
C LEU D 55 -35.90 3.52 -0.29
N VAL D 56 -34.73 3.90 0.21
CA VAL D 56 -34.31 5.29 0.24
C VAL D 56 -33.32 5.61 -0.87
N LYS D 57 -33.18 4.71 -1.86
CA LYS D 57 -32.27 4.84 -3.02
C LYS D 57 -30.81 5.02 -2.60
N ASN D 58 -30.42 4.39 -1.49
CA ASN D 58 -29.04 4.38 -1.03
C ASN D 58 -28.49 2.99 -1.32
N TYR D 59 -27.99 2.80 -2.55
CA TYR D 59 -27.57 1.47 -3.01
C TYR D 59 -26.24 1.11 -2.37
N SER D 60 -26.31 0.67 -1.11
CA SER D 60 -25.12 0.29 -0.37
C SER D 60 -25.50 -0.73 0.70
N LEU D 61 -24.50 -1.45 1.17
CA LEU D 61 -24.66 -2.43 2.24
C LEU D 61 -23.51 -2.32 3.21
N THR D 62 -23.82 -2.10 4.48
CA THR D 62 -22.82 -2.01 5.54
C THR D 62 -22.72 -3.35 6.25
N VAL D 63 -21.53 -3.93 6.25
CA VAL D 63 -21.30 -5.28 6.75
C VAL D 63 -20.34 -5.20 7.94
N ASN D 64 -20.74 -5.82 9.05
CA ASN D 64 -19.86 -5.95 10.20
C ASN D 64 -18.93 -7.15 10.00
N MET D 65 -17.66 -6.97 10.33
CA MET D 65 -16.67 -8.03 10.18
C MET D 65 -16.86 -9.15 11.18
N GLU D 66 -17.37 -8.83 12.38
CA GLU D 66 -17.67 -9.84 13.39
C GLU D 66 -18.74 -10.80 12.89
N HIS D 67 -19.74 -10.27 12.19
CA HIS D 67 -20.82 -11.08 11.65
C HIS D 67 -20.33 -12.03 10.56
N LEU D 68 -19.43 -11.54 9.70
CA LEU D 68 -18.86 -12.38 8.65
C LEU D 68 -17.93 -13.44 9.22
N ILE D 69 -17.22 -13.13 10.30
CA ILE D 69 -16.40 -14.15 10.96
C ILE D 69 -17.28 -15.19 11.64
N GLY D 70 -18.34 -14.75 12.31
CA GLY D 70 -19.23 -15.68 12.98
C GLY D 70 -20.03 -16.55 12.02
N TYR D 71 -20.23 -16.08 10.79
CA TYR D 71 -20.85 -16.94 9.78
C TYR D 71 -19.85 -18.00 9.31
N ASN D 72 -18.72 -17.57 8.74
CA ASN D 72 -17.72 -18.51 8.23
C ASN D 72 -16.37 -17.80 8.17
N GLU D 73 -15.38 -18.33 8.90
CA GLU D 73 -14.04 -17.75 8.91
C GLU D 73 -13.26 -18.02 7.64
N ASP D 74 -13.65 -19.06 6.88
CA ASP D 74 -13.06 -19.29 5.57
C ASP D 74 -13.36 -18.14 4.63
N ILE D 75 -14.60 -17.64 4.67
CA ILE D 75 -14.98 -16.45 3.89
C ILE D 75 -14.22 -15.22 4.40
N TYR D 76 -13.92 -15.19 5.70
CA TYR D 76 -13.11 -14.09 6.24
C TYR D 76 -11.69 -14.10 5.68
N LYS D 77 -11.06 -15.27 5.56
CA LYS D 77 -9.76 -15.29 4.90
C LYS D 77 -9.85 -15.04 3.40
N LYS D 78 -10.92 -15.48 2.75
CA LYS D 78 -11.08 -15.16 1.33
C LYS D 78 -11.23 -13.65 1.12
N LEU D 79 -11.87 -12.96 2.05
CA LEU D 79 -11.95 -11.50 1.98
C LEU D 79 -10.62 -10.85 2.32
N SER D 80 -9.96 -11.31 3.39
CA SER D 80 -8.81 -10.58 3.92
C SER D 80 -7.48 -10.97 3.29
N ASP D 81 -7.44 -12.02 2.46
CA ASP D 81 -6.17 -12.41 1.86
C ASP D 81 -5.85 -11.55 0.64
N GLU D 82 -6.62 -11.70 -0.44
CA GLU D 82 -6.56 -10.80 -1.59
C GLU D 82 -7.89 -10.07 -1.66
N PRO D 83 -8.01 -8.89 -1.04
CA PRO D 83 -9.31 -8.21 -1.02
C PRO D 83 -9.68 -7.58 -2.35
N SER D 84 -8.70 -7.12 -3.13
CA SER D 84 -8.97 -6.38 -4.36
C SER D 84 -9.56 -7.28 -5.44
N ASP D 85 -9.31 -8.58 -5.38
CA ASP D 85 -9.85 -9.51 -6.36
C ASP D 85 -11.16 -10.16 -5.93
N ILE D 86 -11.64 -9.89 -4.72
CA ILE D 86 -12.84 -10.56 -4.24
C ILE D 86 -13.94 -9.58 -3.82
N ILE D 87 -13.59 -8.34 -3.47
CA ILE D 87 -14.58 -7.31 -3.15
C ILE D 87 -15.48 -7.00 -4.36
N PRO D 88 -15.00 -6.91 -5.62
CA PRO D 88 -15.96 -6.89 -6.74
C PRO D 88 -16.87 -8.11 -6.85
N LEU D 89 -16.41 -9.30 -6.49
CA LEU D 89 -17.29 -10.47 -6.46
C LEU D 89 -18.38 -10.32 -5.41
N PHE D 90 -18.01 -9.76 -4.25
CA PHE D 90 -19.00 -9.48 -3.22
C PHE D 90 -19.99 -8.39 -3.66
N GLU D 91 -19.51 -7.42 -4.44
CA GLU D 91 -20.38 -6.41 -5.03
C GLU D 91 -21.39 -7.04 -5.98
N THR D 92 -20.92 -7.98 -6.81
CA THR D 92 -21.80 -8.70 -7.72
C THR D 92 -22.83 -9.52 -6.95
N ALA D 93 -22.42 -10.13 -5.84
CA ALA D 93 -23.35 -10.87 -4.99
C ALA D 93 -24.40 -9.96 -4.36
N ILE D 94 -24.00 -8.78 -3.91
CA ILE D 94 -24.95 -7.81 -3.34
C ILE D 94 -25.95 -7.34 -4.40
N THR D 95 -25.47 -7.09 -5.62
CA THR D 95 -26.39 -6.67 -6.69
C THR D 95 -27.33 -7.80 -7.08
N GLN D 96 -26.86 -9.06 -7.02
CA GLN D 96 -27.74 -10.20 -7.28
C GLN D 96 -28.81 -10.35 -6.20
N VAL D 97 -28.44 -10.14 -4.93
CA VAL D 97 -29.42 -10.16 -3.85
C VAL D 97 -30.43 -9.03 -4.02
N ALA D 98 -29.95 -7.84 -4.42
CA ALA D 98 -30.83 -6.69 -4.60
C ALA D 98 -31.81 -6.91 -5.76
N LYS D 99 -31.35 -7.53 -6.84
CA LYS D 99 -32.25 -7.84 -7.95
C LYS D 99 -33.20 -8.99 -7.59
N ARG D 100 -32.79 -9.86 -6.67
CA ARG D 100 -33.71 -10.88 -6.16
C ARG D 100 -34.78 -10.26 -5.26
N ILE D 101 -34.40 -9.23 -4.50
CA ILE D 101 -35.30 -8.69 -3.49
C ILE D 101 -36.26 -7.69 -4.11
N SER D 102 -35.76 -6.69 -4.82
CA SER D 102 -36.56 -5.53 -5.21
C SER D 102 -36.97 -5.53 -6.67
N ILE D 103 -36.74 -6.62 -7.40
CA ILE D 103 -37.15 -6.72 -8.80
C ILE D 103 -37.90 -8.03 -8.99
N LEU D 104 -39.14 -7.94 -9.45
CA LEU D 104 -39.91 -9.14 -9.77
C LEU D 104 -39.46 -9.72 -11.09
N SER D 105 -39.39 -11.06 -11.15
CA SER D 105 -38.87 -11.74 -12.32
C SER D 105 -39.96 -11.88 -13.39
N ARG D 106 -39.53 -11.77 -14.66
CA ARG D 106 -40.33 -11.94 -15.89
C ARG D 106 -41.67 -11.21 -15.86
N ALA D 107 -41.67 -10.01 -15.29
CA ALA D 107 -42.87 -9.19 -15.22
C ALA D 107 -42.81 -8.02 -16.20
N SER D 131 -31.46 0.08 -14.98
CA SER D 131 -32.16 -0.40 -13.79
C SER D 131 -31.33 -0.14 -12.55
N LEU D 132 -31.15 -1.17 -11.73
CA LEU D 132 -30.35 -1.05 -10.51
C LEU D 132 -28.87 -1.01 -10.87
N PRO D 133 -28.12 0.02 -10.48
CA PRO D 133 -26.68 0.04 -10.74
C PRO D 133 -25.91 -0.83 -9.75
N THR D 134 -24.58 -0.78 -9.82
CA THR D 134 -23.77 -1.52 -8.87
C THR D 134 -23.86 -0.88 -7.49
N PHE D 135 -23.73 -1.72 -6.46
CA PHE D 135 -23.91 -1.30 -5.08
C PHE D 135 -22.57 -0.89 -4.50
N GLN D 136 -22.48 -0.76 -3.16
CA GLN D 136 -21.22 -0.51 -2.49
C GLN D 136 -21.20 -1.27 -1.16
N LEU D 137 -20.14 -2.03 -0.94
CA LEU D 137 -19.94 -2.74 0.33
C LEU D 137 -19.10 -1.86 1.25
N ILE D 138 -19.66 -1.48 2.39
CA ILE D 138 -18.99 -0.63 3.37
C ILE D 138 -18.78 -1.45 4.62
N LEU D 139 -17.52 -1.60 5.03
CA LEU D 139 -17.17 -2.48 6.14
C LEU D 139 -17.11 -1.71 7.45
N ASN D 140 -17.48 -2.40 8.54
CA ASN D 140 -17.28 -1.92 9.89
C ASN D 140 -16.40 -2.92 10.63
N SER D 141 -15.31 -2.43 11.23
CA SER D 141 -14.38 -3.27 11.94
C SER D 141 -14.08 -2.68 13.31
N ASN D 142 -13.83 -3.55 14.29
CA ASN D 142 -13.51 -3.15 15.65
C ASN D 142 -12.05 -3.50 15.96
N ALA D 143 -11.22 -3.52 14.91
CA ALA D 143 -9.83 -3.94 15.07
C ALA D 143 -9.01 -2.86 15.76
N ASN D 144 -7.83 -3.25 16.23
CA ASN D 144 -6.90 -2.29 16.79
C ASN D 144 -6.36 -1.38 15.69
N GLN D 145 -6.25 -0.10 16.00
CA GLN D 145 -5.93 0.90 15.00
C GLN D 145 -4.43 0.92 14.70
N ILE D 146 -4.08 0.66 13.45
CA ILE D 146 -2.69 0.69 13.00
C ILE D 146 -2.30 2.15 12.78
N PRO D 147 -1.25 2.64 13.43
CA PRO D 147 -0.83 4.03 13.19
C PRO D 147 -0.22 4.20 11.80
N LEU D 148 -0.18 5.47 11.37
CA LEU D 148 0.36 5.81 10.05
C LEU D 148 1.85 5.50 9.92
N ARG D 149 2.61 5.65 10.99
CA ARG D 149 4.05 5.41 10.90
C ARG D 149 4.36 3.92 10.85
N ASP D 150 3.49 3.09 11.41
CA ASP D 150 3.67 1.65 11.32
C ASP D 150 3.08 1.05 10.06
N LEU D 151 2.39 1.84 9.23
CA LEU D 151 1.98 1.37 7.92
C LEU D 151 3.21 1.28 7.03
N ASP D 152 3.48 0.08 6.52
CA ASP D 152 4.72 -0.18 5.79
C ASP D 152 4.43 -1.23 4.72
N SER D 153 5.49 -1.85 4.21
CA SER D 153 5.37 -2.78 3.11
C SER D 153 4.73 -4.12 3.50
N GLU D 154 4.61 -4.40 4.80
CA GLU D 154 3.97 -5.64 5.22
C GLU D 154 2.47 -5.62 4.98
N HIS D 155 1.84 -4.45 5.12
CA HIS D 155 0.39 -4.32 5.03
C HIS D 155 -0.10 -4.01 3.62
N VAL D 156 0.72 -4.28 2.60
CA VAL D 156 0.31 -4.00 1.23
C VAL D 156 -0.75 -5.00 0.79
N SER D 157 -1.85 -4.47 0.23
CA SER D 157 -3.02 -5.24 -0.21
C SER D 157 -3.64 -6.02 0.94
N LYS D 158 -3.77 -5.38 2.09
CA LYS D 158 -4.43 -5.94 3.26
C LYS D 158 -5.37 -4.91 3.85
N ILE D 159 -6.46 -5.39 4.45
CA ILE D 159 -7.45 -4.50 5.05
C ILE D 159 -6.90 -4.01 6.39
N VAL D 160 -6.71 -2.69 6.51
CA VAL D 160 -6.20 -2.07 7.72
C VAL D 160 -7.21 -1.05 8.22
N ARG D 161 -7.25 -0.88 9.53
CA ARG D 161 -8.06 0.14 10.19
C ARG D 161 -7.12 1.11 10.89
N LEU D 162 -7.31 2.40 10.63
CA LEU D 162 -6.41 3.43 11.11
C LEU D 162 -7.22 4.62 11.57
N SER D 163 -6.54 5.63 12.11
CA SER D 163 -7.19 6.87 12.52
C SER D 163 -6.31 8.04 12.15
N GLY D 164 -6.93 9.19 11.91
CA GLY D 164 -6.17 10.35 11.51
C GLY D 164 -7.02 11.60 11.48
N ILE D 165 -6.42 12.66 10.94
CA ILE D 165 -7.07 13.97 10.80
C ILE D 165 -7.12 14.33 9.32
N ILE D 166 -8.33 14.61 8.83
CA ILE D 166 -8.48 15.08 7.46
C ILE D 166 -7.99 16.52 7.36
N ILE D 167 -7.14 16.80 6.37
CA ILE D 167 -6.65 18.13 6.14
C ILE D 167 -7.09 18.69 4.79
N SER D 168 -7.42 17.84 3.82
CA SER D 168 -7.82 18.32 2.51
C SER D 168 -8.73 17.28 1.85
N THR D 169 -9.86 17.76 1.34
CA THR D 169 -10.76 16.98 0.51
C THR D 169 -10.80 17.63 -0.87
N SER D 170 -10.51 16.84 -1.90
CA SER D 170 -10.36 17.38 -3.24
C SER D 170 -11.73 17.50 -3.91
N VAL D 171 -11.73 17.87 -5.19
CA VAL D 171 -12.95 17.95 -5.97
C VAL D 171 -13.33 16.55 -6.44
N LEU D 172 -14.63 16.31 -6.60
CA LEU D 172 -15.10 15.01 -7.05
C LEU D 172 -14.76 14.81 -8.52
N SER D 173 -14.15 13.67 -8.84
CA SER D 173 -13.81 13.30 -10.20
C SER D 173 -14.71 12.16 -10.64
N SER D 174 -15.01 12.12 -11.94
CA SER D 174 -15.96 11.15 -12.48
C SER D 174 -15.21 9.95 -13.02
N ARG D 175 -15.15 8.89 -12.23
CA ARG D 175 -14.62 7.63 -12.74
C ARG D 175 -15.71 6.90 -13.51
N ALA D 176 -15.31 5.94 -14.32
CA ALA D 176 -16.24 5.22 -15.19
C ALA D 176 -16.36 3.77 -14.75
N THR D 177 -17.57 3.22 -14.89
CA THR D 177 -17.83 1.80 -14.63
C THR D 177 -18.25 1.06 -15.89
N TYR D 178 -19.22 1.58 -16.62
CA TYR D 178 -19.67 1.01 -17.88
C TYR D 178 -19.14 1.86 -19.01
N LEU D 179 -18.48 1.24 -19.99
CA LEU D 179 -17.92 1.95 -21.13
C LEU D 179 -18.41 1.33 -22.41
N SER D 180 -19.06 2.14 -23.25
CA SER D 180 -19.49 1.72 -24.58
C SER D 180 -18.35 2.02 -25.55
N ILE D 181 -17.59 1.00 -25.91
CA ILE D 181 -16.36 1.16 -26.66
C ILE D 181 -16.64 0.89 -28.13
N MET D 182 -16.30 1.85 -28.99
CA MET D 182 -16.63 1.79 -30.40
C MET D 182 -15.36 1.60 -31.22
N CYS D 183 -15.39 0.63 -32.13
CA CYS D 183 -14.30 0.46 -33.07
C CYS D 183 -14.41 1.48 -34.20
N ARG D 184 -13.28 2.12 -34.54
CA ARG D 184 -13.32 3.20 -35.50
C ARG D 184 -13.49 2.72 -36.94
N ASN D 185 -13.14 1.47 -37.24
CA ASN D 185 -13.17 1.01 -38.63
C ASN D 185 -14.39 0.17 -38.95
N CYS D 186 -14.61 -0.92 -38.20
CA CYS D 186 -15.74 -1.80 -38.46
C CYS D 186 -17.01 -1.35 -37.73
N ARG D 187 -16.93 -0.28 -36.94
CA ARG D 187 -18.06 0.45 -36.36
C ARG D 187 -18.93 -0.41 -35.44
N HIS D 188 -18.35 -1.43 -34.80
CA HIS D 188 -19.09 -2.22 -33.84
C HIS D 188 -18.82 -1.74 -32.42
N THR D 189 -19.83 -1.90 -31.56
CA THR D 189 -19.78 -1.38 -30.20
C THR D 189 -19.79 -2.55 -29.22
N THR D 190 -18.78 -2.59 -28.36
CA THR D 190 -18.71 -3.53 -27.26
C THR D 190 -18.87 -2.78 -25.94
N SER D 191 -18.89 -3.53 -24.84
CA SER D 191 -19.05 -2.95 -23.52
C SER D 191 -17.96 -3.46 -22.60
N ILE D 192 -17.38 -2.55 -21.82
CA ILE D 192 -16.37 -2.87 -20.82
C ILE D 192 -16.90 -2.46 -19.45
N THR D 193 -16.94 -3.41 -18.53
CA THR D 193 -17.36 -3.16 -17.16
C THR D 193 -16.13 -2.95 -16.29
N ILE D 194 -16.09 -1.83 -15.57
CA ILE D 194 -14.92 -1.41 -14.81
C ILE D 194 -15.27 -1.48 -13.33
N ASN D 195 -14.50 -2.29 -12.59
CA ASN D 195 -14.53 -2.28 -11.13
C ASN D 195 -13.31 -1.55 -10.62
N ASN D 196 -13.51 -0.69 -9.61
CA ASN D 196 -12.48 0.25 -9.19
C ASN D 196 -11.54 -0.38 -8.15
N PHE D 197 -10.87 -1.45 -8.57
CA PHE D 197 -9.89 -2.13 -7.74
C PHE D 197 -8.77 -2.66 -8.63
N ASN D 198 -7.53 -2.34 -8.25
CA ASN D 198 -6.29 -2.73 -8.95
C ASN D 198 -6.28 -2.33 -10.42
N VAL D 205 -6.50 -2.56 -15.81
CA VAL D 205 -7.41 -2.64 -16.95
C VAL D 205 -7.39 -1.32 -17.74
N SER D 206 -7.40 -1.44 -19.07
CA SER D 206 -7.33 -0.27 -19.95
C SER D 206 -8.01 -0.65 -21.26
N LEU D 207 -7.82 0.20 -22.28
CA LEU D 207 -8.37 -0.09 -23.59
C LEU D 207 -7.56 -1.20 -24.26
N PRO D 208 -8.19 -2.30 -24.64
CA PRO D 208 -7.47 -3.34 -25.36
C PRO D 208 -7.16 -3.03 -26.83
N ARG D 209 -6.21 -3.79 -27.37
CA ARG D 209 -5.59 -3.50 -28.65
C ARG D 209 -6.29 -4.15 -29.85
N SER D 210 -7.15 -5.14 -29.62
CA SER D 210 -7.88 -5.80 -30.69
C SER D 210 -9.32 -5.34 -30.72
N CYS D 211 -9.90 -5.23 -31.91
CA CYS D 211 -11.26 -4.71 -32.01
C CYS D 211 -12.30 -5.78 -31.71
N LEU D 212 -11.90 -7.05 -31.77
CA LEU D 212 -12.76 -8.22 -31.50
C LEU D 212 -13.98 -8.26 -32.43
N SER D 213 -13.71 -8.26 -33.73
CA SER D 213 -14.78 -8.26 -34.73
C SER D 213 -15.40 -9.64 -34.87
N ASN D 235 -6.25 -6.15 -42.09
CA ASN D 235 -6.21 -5.81 -40.67
C ASN D 235 -7.11 -4.61 -40.38
N CYS D 236 -7.81 -4.66 -39.24
CA CYS D 236 -8.73 -3.59 -38.89
C CYS D 236 -8.01 -2.33 -38.45
N GLY D 237 -6.95 -2.46 -37.66
CA GLY D 237 -6.20 -1.32 -37.17
C GLY D 237 -5.44 -1.65 -35.90
N PRO D 238 -4.37 -0.89 -35.63
CA PRO D 238 -3.55 -1.16 -34.45
C PRO D 238 -4.24 -0.86 -33.12
N ASP D 239 -4.77 0.34 -32.94
CA ASP D 239 -5.51 0.72 -31.74
C ASP D 239 -6.84 1.32 -32.15
N PRO D 240 -7.79 0.49 -32.56
CA PRO D 240 -8.97 1.00 -33.27
C PRO D 240 -10.13 1.41 -32.37
N TYR D 241 -9.90 1.58 -31.08
CA TYR D 241 -10.98 1.89 -30.13
C TYR D 241 -11.06 3.37 -29.77
N ILE D 242 -12.30 3.85 -29.69
CA ILE D 242 -12.65 5.11 -29.03
C ILE D 242 -13.76 4.82 -28.03
N ILE D 243 -14.11 5.82 -27.22
CA ILE D 243 -15.09 5.68 -26.15
C ILE D 243 -16.31 6.54 -26.50
N ILE D 244 -17.49 5.94 -26.44
CA ILE D 244 -18.74 6.68 -26.61
C ILE D 244 -19.20 7.12 -25.23
N HIS D 245 -19.31 8.43 -25.02
CA HIS D 245 -19.62 8.98 -23.72
C HIS D 245 -21.13 9.11 -23.47
N GLU D 246 -21.96 8.85 -24.48
CA GLU D 246 -23.40 8.97 -24.32
C GLU D 246 -23.98 7.81 -23.53
N SER D 247 -23.49 6.59 -23.78
CA SER D 247 -24.00 5.38 -23.14
C SER D 247 -22.99 4.82 -22.15
N SER D 248 -22.34 5.70 -21.39
CA SER D 248 -21.37 5.30 -20.37
C SER D 248 -21.89 5.70 -18.99
N LYS D 249 -21.63 4.84 -18.02
CA LYS D 249 -22.07 5.05 -16.64
C LYS D 249 -20.88 5.43 -15.77
N PHE D 250 -21.09 6.40 -14.88
CA PHE D 250 -20.01 6.99 -14.11
C PHE D 250 -20.35 6.99 -12.63
N ILE D 251 -19.30 6.88 -11.82
CA ILE D 251 -19.39 6.99 -10.37
C ILE D 251 -18.42 8.07 -9.91
N ASP D 252 -18.52 8.43 -8.64
CA ASP D 252 -17.72 9.51 -8.10
C ASP D 252 -16.44 8.99 -7.47
N GLN D 253 -15.45 9.87 -7.35
CA GLN D 253 -14.21 9.54 -6.68
C GLN D 253 -13.65 10.81 -6.07
N GLN D 254 -13.46 10.82 -4.76
CA GLN D 254 -12.97 11.98 -4.04
C GLN D 254 -11.62 11.65 -3.42
N PHE D 255 -10.64 12.49 -3.71
CA PHE D 255 -9.31 12.33 -3.13
C PHE D 255 -9.22 13.09 -1.81
N LEU D 256 -8.59 12.44 -0.83
CA LEU D 256 -8.43 12.98 0.51
C LEU D 256 -6.95 12.94 0.88
N LYS D 257 -6.55 13.82 1.78
CA LYS D 257 -5.21 13.79 2.35
C LYS D 257 -5.33 13.62 3.85
N LEU D 258 -4.65 12.62 4.39
CA LEU D 258 -4.77 12.25 5.79
C LEU D 258 -3.50 12.63 6.54
N GLN D 259 -3.67 13.37 7.63
CA GLN D 259 -2.61 13.64 8.58
C GLN D 259 -2.84 12.78 9.82
N GLU D 260 -1.75 12.23 10.37
CA GLU D 260 -1.87 11.31 11.49
C GLU D 260 -2.21 12.06 12.78
N ILE D 261 -2.62 11.28 13.78
CA ILE D 261 -3.01 11.81 15.08
C ILE D 261 -1.79 12.41 15.78
N PRO D 262 -1.88 13.66 16.28
CA PRO D 262 -0.73 14.25 16.98
C PRO D 262 -0.38 13.57 18.29
N GLU D 263 -1.32 12.85 18.90
CA GLU D 263 -1.00 12.15 20.15
C GLU D 263 -0.15 10.91 19.90
N LEU D 264 -0.13 10.41 18.66
CA LEU D 264 0.55 9.16 18.33
C LEU D 264 1.67 9.36 17.32
N VAL D 265 2.22 10.56 17.20
CA VAL D 265 3.35 10.80 16.31
C VAL D 265 4.59 10.17 16.95
N PRO D 266 5.57 9.74 16.17
CA PRO D 266 6.83 9.24 16.74
C PRO D 266 7.67 10.41 17.23
N VAL D 267 8.75 10.07 17.94
CA VAL D 267 9.59 11.09 18.57
C VAL D 267 10.47 11.76 17.52
N GLY D 268 10.48 13.10 17.55
CA GLY D 268 11.38 13.89 16.73
C GLY D 268 11.07 13.93 15.25
N GLU D 269 9.90 13.49 14.82
CA GLU D 269 9.56 13.45 13.40
C GLU D 269 8.36 14.35 13.12
N MET D 270 7.95 14.36 11.86
CA MET D 270 6.84 15.13 11.32
C MET D 270 5.68 14.20 11.00
N PRO D 271 4.44 14.67 11.15
CA PRO D 271 3.29 13.88 10.69
C PRO D 271 3.28 13.77 9.17
N ARG D 272 3.14 12.54 8.69
CA ARG D 272 3.23 12.24 7.27
C ARG D 272 1.85 12.25 6.63
N ASN D 273 1.69 13.07 5.60
CA ASN D 273 0.45 13.12 4.84
C ASN D 273 0.38 11.92 3.91
N LEU D 274 -0.77 11.26 3.88
CA LEU D 274 -0.96 10.09 3.04
C LEU D 274 -2.22 10.31 2.20
N THR D 275 -2.11 10.06 0.89
CA THR D 275 -3.21 10.29 -0.02
C THR D 275 -4.16 9.08 -0.03
N MET D 276 -5.46 9.36 -0.03
CA MET D 276 -6.49 8.34 0.13
C MET D 276 -7.60 8.65 -0.87
N THR D 277 -8.45 7.66 -1.15
CA THR D 277 -9.52 7.84 -2.11
C THR D 277 -10.84 7.27 -1.59
N CYS D 278 -11.94 7.89 -2.02
CA CYS D 278 -13.29 7.44 -1.71
C CYS D 278 -14.05 7.30 -3.01
N ASP D 279 -14.98 6.35 -3.07
CA ASP D 279 -15.85 6.22 -4.22
C ASP D 279 -17.31 6.09 -3.80
N ARG D 280 -18.19 6.54 -4.71
CA ARG D 280 -19.65 6.40 -4.63
C ARG D 280 -20.15 7.16 -3.40
N TYR D 281 -20.84 6.50 -2.46
CA TYR D 281 -21.52 7.21 -1.39
C TYR D 281 -20.59 7.53 -0.22
N LEU D 282 -19.34 7.06 -0.27
CA LEU D 282 -18.37 7.47 0.73
C LEU D 282 -17.84 8.88 0.48
N THR D 283 -18.07 9.44 -0.71
CA THR D 283 -17.59 10.77 -1.02
C THR D 283 -18.41 11.83 -0.30
N ASN D 284 -17.76 12.97 -0.01
CA ASN D 284 -18.35 14.15 0.62
C ASN D 284 -18.96 13.82 1.98
N LYS D 285 -18.23 13.05 2.78
CA LYS D 285 -18.69 12.66 4.12
C LYS D 285 -17.92 13.37 5.23
N VAL D 286 -16.74 13.88 4.94
CA VAL D 286 -15.90 14.47 5.99
C VAL D 286 -15.56 15.91 5.63
N ILE D 287 -15.59 16.77 6.64
CA ILE D 287 -15.10 18.15 6.55
C ILE D 287 -13.62 18.09 6.90
N PRO D 288 -12.74 18.87 6.28
CA PRO D 288 -11.35 18.94 6.74
C PRO D 288 -11.24 19.47 8.15
N GLY D 289 -10.37 18.84 8.94
CA GLY D 289 -10.17 19.19 10.34
C GLY D 289 -10.73 18.20 11.33
N THR D 290 -11.56 17.24 10.89
CA THR D 290 -12.13 16.28 11.82
C THR D 290 -11.13 15.18 12.15
N ARG D 291 -11.46 14.40 13.18
CA ARG D 291 -10.69 13.23 13.56
C ARG D 291 -11.53 11.99 13.24
N VAL D 292 -10.99 11.11 12.42
CA VAL D 292 -11.78 10.04 11.81
C VAL D 292 -11.03 8.72 11.94
N THR D 293 -11.79 7.64 12.11
CA THR D 293 -11.25 6.29 11.99
C THR D 293 -11.75 5.68 10.69
N ILE D 294 -10.83 5.11 9.93
CA ILE D 294 -11.06 4.68 8.55
C ILE D 294 -10.61 3.23 8.42
N VAL D 295 -11.47 2.40 7.84
CA VAL D 295 -11.09 1.04 7.47
C VAL D 295 -11.01 0.97 5.95
N GLY D 296 -9.97 0.31 5.44
CA GLY D 296 -9.82 0.23 4.00
C GLY D 296 -8.60 -0.58 3.64
N ILE D 297 -8.48 -0.88 2.35
CA ILE D 297 -7.37 -1.66 1.84
C ILE D 297 -6.19 -0.74 1.55
N TYR D 298 -4.98 -1.27 1.74
CA TYR D 298 -3.75 -0.51 1.51
C TYR D 298 -3.17 -0.96 0.17
N SER D 299 -3.57 -0.27 -0.90
CA SER D 299 -3.17 -0.64 -2.25
C SER D 299 -2.10 0.30 -2.75
N ILE D 300 -1.52 -0.04 -3.89
CA ILE D 300 -0.41 0.70 -4.48
C ILE D 300 -0.81 1.12 -5.89
N TYR D 301 -0.62 2.41 -6.21
CA TYR D 301 -0.86 2.92 -7.55
C TYR D 301 0.39 3.61 -8.06
N ASN D 302 0.62 3.50 -9.36
CA ASN D 302 1.77 4.13 -9.98
C ASN D 302 1.49 5.60 -10.27
N SER D 303 2.48 6.45 -9.95
CA SER D 303 2.34 7.89 -10.10
C SER D 303 3.24 8.37 -11.22
N LYS D 304 2.86 9.51 -11.82
CA LYS D 304 3.64 10.07 -12.91
C LYS D 304 4.96 10.67 -12.43
N ASN D 305 5.03 11.07 -11.16
CA ASN D 305 6.25 11.63 -10.60
C ASN D 305 7.23 10.51 -10.23
N GLY D 320 13.07 7.73 -8.70
CA GLY D 320 14.22 6.84 -8.74
C GLY D 320 13.94 5.51 -9.40
N VAL D 321 14.12 4.43 -8.65
CA VAL D 321 13.92 3.07 -9.16
C VAL D 321 12.81 2.39 -8.36
N ALA D 322 11.84 1.82 -9.08
CA ALA D 322 10.76 0.97 -8.56
C ALA D 322 9.89 1.66 -7.50
N ILE D 323 9.85 3.00 -7.50
CA ILE D 323 9.09 3.74 -6.50
C ILE D 323 7.66 3.83 -6.99
N ARG D 324 6.78 3.06 -6.37
CA ARG D 324 5.35 3.13 -6.63
C ARG D 324 4.65 3.61 -5.36
N THR D 325 3.98 4.75 -5.46
CA THR D 325 3.45 5.48 -4.30
C THR D 325 2.26 4.74 -3.69
N PRO D 326 2.20 4.67 -2.36
CA PRO D 326 1.07 3.98 -1.71
C PRO D 326 -0.09 4.89 -1.41
N TYR D 327 -1.27 4.27 -1.31
CA TYR D 327 -2.50 4.97 -0.98
C TYR D 327 -3.40 4.00 -0.23
N ILE D 328 -4.55 4.50 0.23
CA ILE D 328 -5.54 3.67 0.90
C ILE D 328 -6.87 3.88 0.21
N LYS D 329 -7.47 2.79 -0.29
CA LYS D 329 -8.82 2.83 -0.83
C LYS D 329 -9.79 2.63 0.32
N ILE D 330 -10.61 3.65 0.59
CA ILE D 330 -11.44 3.67 1.79
C ILE D 330 -12.63 2.75 1.61
N LEU D 331 -12.81 1.84 2.56
CA LEU D 331 -14.01 1.01 2.61
C LEU D 331 -15.00 1.45 3.68
N GLY D 332 -14.57 2.25 4.66
CA GLY D 332 -15.47 2.67 5.71
C GLY D 332 -14.99 3.84 6.54
N ILE D 333 -15.91 4.77 6.84
CA ILE D 333 -15.62 6.02 7.54
C ILE D 333 -16.44 6.04 8.82
N GLN D 334 -15.79 6.31 9.95
CA GLN D 334 -16.52 6.49 11.20
C GLN D 334 -15.93 7.66 11.97
N SER D 335 -16.81 8.51 12.50
CA SER D 335 -16.38 9.69 13.25
C SER D 335 -17.52 10.14 14.13
N ASP D 336 -17.31 10.11 15.45
CA ASP D 336 -18.30 10.64 16.38
C ASP D 336 -18.24 12.15 16.48
N VAL D 337 -17.04 12.74 16.31
CA VAL D 337 -16.88 14.19 16.34
C VAL D 337 -17.52 14.85 15.12
N GLU D 338 -17.50 14.19 13.97
CA GLU D 338 -18.06 14.75 12.75
C GLU D 338 -19.47 14.22 12.54
N THR D 339 -20.38 15.11 12.16
CA THR D 339 -21.78 14.76 11.99
C THR D 339 -22.30 15.37 10.69
N SER D 340 -23.21 14.64 10.06
CA SER D 340 -24.09 15.12 8.98
C SER D 340 -23.37 15.47 7.69
N SER D 341 -22.14 14.99 7.52
CA SER D 341 -21.29 15.16 6.31
C SER D 341 -21.10 16.67 6.07
N ILE D 342 -21.26 17.15 4.84
CA ILE D 342 -21.36 18.58 4.61
C ILE D 342 -22.66 19.09 5.21
N TRP D 343 -22.60 20.23 5.88
CA TRP D 343 -23.67 20.66 6.76
C TRP D 343 -24.87 21.15 5.97
N ASN D 344 -26.05 20.60 6.28
CA ASN D 344 -27.29 20.94 5.63
C ASN D 344 -28.39 21.29 6.64
N SER D 345 -28.01 21.53 7.90
CA SER D 345 -28.93 21.73 9.04
C SER D 345 -29.90 20.56 9.15
N VAL D 346 -29.36 19.35 9.09
CA VAL D 346 -30.16 18.14 8.93
C VAL D 346 -30.12 17.32 10.21
N THR D 347 -31.26 16.73 10.57
CA THR D 347 -31.41 16.00 11.83
C THR D 347 -31.18 14.52 11.58
N MET D 348 -29.94 14.07 11.82
CA MET D 348 -29.57 12.67 11.68
C MET D 348 -29.39 11.98 13.02
N PHE D 349 -29.77 12.61 14.13
CA PHE D 349 -29.68 11.96 15.43
C PHE D 349 -30.79 10.93 15.58
N THR D 350 -30.46 9.82 16.24
CA THR D 350 -31.42 8.73 16.42
C THR D 350 -32.50 9.12 17.42
N GLU D 351 -33.60 8.36 17.41
CA GLU D 351 -34.82 8.79 18.09
C GLU D 351 -34.70 8.67 19.60
N GLU D 352 -34.08 7.59 20.10
CA GLU D 352 -33.92 7.47 21.54
C GLU D 352 -32.84 8.41 22.07
N GLU D 353 -31.83 8.70 21.26
CA GLU D 353 -30.86 9.73 21.63
C GLU D 353 -31.50 11.11 21.60
N GLU D 354 -32.43 11.34 20.66
CA GLU D 354 -33.17 12.60 20.64
C GLU D 354 -34.08 12.73 21.87
N GLU D 355 -34.68 11.62 22.32
CA GLU D 355 -35.51 11.67 23.53
C GLU D 355 -34.65 11.91 24.77
N GLU D 356 -33.46 11.30 24.82
CA GLU D 356 -32.53 11.56 25.91
C GLU D 356 -32.06 13.01 25.90
N PHE D 357 -31.87 13.58 24.71
CA PHE D 357 -31.45 14.98 24.58
C PHE D 357 -32.59 15.91 25.00
N LEU D 358 -33.83 15.53 24.70
CA LEU D 358 -34.99 16.28 25.16
C LEU D 358 -35.12 16.21 26.68
N GLN D 359 -34.79 15.05 27.26
CA GLN D 359 -34.77 14.91 28.72
C GLN D 359 -33.70 15.80 29.35
N LEU D 360 -32.53 15.90 28.71
CA LEU D 360 -31.50 16.83 29.16
C LEU D 360 -31.96 18.27 29.02
N SER D 361 -32.68 18.60 27.96
CA SER D 361 -33.18 19.98 27.82
C SER D 361 -34.30 20.29 28.80
N ARG D 362 -34.98 19.25 29.31
CA ARG D 362 -36.02 19.41 30.32
C ARG D 362 -35.46 19.37 31.74
N ASN D 363 -34.15 19.24 31.90
CA ASN D 363 -33.55 19.18 33.22
C ASN D 363 -33.61 20.55 33.89
N PRO D 364 -34.01 20.64 35.16
CA PRO D 364 -34.14 21.95 35.81
C PRO D 364 -32.82 22.64 36.10
N LYS D 365 -31.71 21.90 36.12
CA LYS D 365 -30.39 22.47 36.43
C LYS D 365 -29.36 21.97 35.44
N LEU D 366 -29.69 22.02 34.14
CA LEU D 366 -28.73 21.69 33.11
C LEU D 366 -27.64 22.75 32.97
N TYR D 367 -27.91 23.98 33.42
CA TYR D 367 -26.91 25.05 33.38
C TYR D 367 -25.72 24.72 34.26
N GLU D 368 -25.96 24.21 35.47
CA GLU D 368 -24.86 23.80 36.34
C GLU D 368 -24.17 22.54 35.82
N ILE D 369 -24.92 21.67 35.14
CA ILE D 369 -24.32 20.47 34.54
C ILE D 369 -23.36 20.85 33.42
N LEU D 370 -23.75 21.79 32.57
CA LEU D 370 -22.86 22.25 31.50
C LEU D 370 -21.71 23.08 32.06
N THR D 371 -21.93 23.79 33.17
CA THR D 371 -20.83 24.52 33.81
C THR D 371 -19.79 23.57 34.40
N ASN D 372 -20.25 22.53 35.09
CA ASN D 372 -19.33 21.55 35.66
C ASN D 372 -18.73 20.62 34.61
N SER D 373 -19.37 20.50 33.44
CA SER D 373 -18.80 19.69 32.37
C SER D 373 -17.57 20.35 31.77
N ILE D 374 -17.58 21.68 31.69
CA ILE D 374 -16.42 22.43 31.20
C ILE D 374 -15.39 22.50 32.31
N ALA D 375 -14.17 22.00 32.02
CA ALA D 375 -12.98 22.00 32.86
C ALA D 375 -13.24 21.42 34.24
N PRO D 376 -13.43 20.10 34.36
CA PRO D 376 -13.61 19.51 35.70
C PRO D 376 -12.34 19.50 36.52
N SER D 377 -11.17 19.64 35.89
CA SER D 377 -9.90 19.67 36.58
C SER D 377 -9.32 21.08 36.69
N ILE D 378 -10.18 22.10 36.65
CA ILE D 378 -9.76 23.49 36.84
C ILE D 378 -10.63 24.07 37.95
N PHE D 379 -10.00 24.46 39.05
CA PHE D 379 -10.75 25.06 40.14
C PHE D 379 -11.10 26.51 39.81
N GLY D 380 -12.25 26.94 40.33
CA GLY D 380 -12.70 28.31 40.11
C GLY D 380 -13.12 28.54 38.67
N ASN D 381 -13.04 29.82 38.26
CA ASN D 381 -13.34 30.29 36.90
C ASN D 381 -14.75 29.90 36.46
N GLU D 382 -15.71 30.07 37.37
CA GLU D 382 -17.09 29.65 37.09
C GLU D 382 -17.74 30.53 36.02
N ASP D 383 -17.51 31.85 36.09
CA ASP D 383 -18.04 32.75 35.08
C ASP D 383 -17.38 32.52 33.72
N ILE D 384 -16.10 32.13 33.72
CA ILE D 384 -15.42 31.76 32.48
C ILE D 384 -16.03 30.50 31.89
N LYS D 385 -16.39 29.53 32.74
CA LYS D 385 -17.04 28.31 32.25
C LYS D 385 -18.44 28.60 31.71
N LYS D 386 -19.17 29.51 32.34
CA LYS D 386 -20.48 29.91 31.82
C LYS D 386 -20.35 30.62 30.48
N ALA D 387 -19.34 31.49 30.33
CA ALA D 387 -19.10 32.13 29.05
C ALA D 387 -18.64 31.14 27.99
N ILE D 388 -17.90 30.10 28.39
CA ILE D 388 -17.50 29.05 27.45
C ILE D 388 -18.70 28.26 26.96
N VAL D 389 -19.63 27.92 27.86
CA VAL D 389 -20.85 27.22 27.47
C VAL D 389 -21.70 28.10 26.55
N CYS D 390 -21.77 29.40 26.85
CA CYS D 390 -22.46 30.34 25.96
C CYS D 390 -21.77 30.46 24.61
N LEU D 391 -20.45 30.34 24.57
CA LEU D 391 -19.72 30.34 23.30
C LEU D 391 -20.00 29.07 22.51
N LEU D 392 -20.08 27.93 23.19
CA LEU D 392 -20.28 26.66 22.51
C LEU D 392 -21.70 26.55 21.95
N MET D 393 -22.70 27.00 22.70
CA MET D 393 -24.05 27.02 22.16
C MET D 393 -24.21 28.11 21.09
N GLY D 394 -23.73 29.31 21.38
CA GLY D 394 -23.76 30.40 20.43
C GLY D 394 -25.14 31.03 20.31
N GLY D 395 -25.18 32.15 19.59
CA GLY D 395 -26.42 32.86 19.34
C GLY D 395 -27.15 32.31 18.14
N SER D 396 -28.06 33.11 17.60
CA SER D 396 -28.85 32.75 16.44
C SER D 396 -28.55 33.70 15.29
N LYS D 397 -28.21 33.14 14.14
CA LYS D 397 -27.98 33.95 12.94
C LYS D 397 -29.32 34.39 12.36
N LYS D 398 -29.43 35.69 12.08
CA LYS D 398 -30.67 36.28 11.57
C LYS D 398 -30.45 36.90 10.20
N ILE D 399 -31.49 36.88 9.39
CA ILE D 399 -31.46 37.42 8.04
C ILE D 399 -32.59 38.44 7.91
N LEU D 400 -32.25 39.65 7.51
CA LEU D 400 -33.20 40.73 7.29
C LEU D 400 -33.49 40.91 5.80
N PRO D 401 -34.66 41.45 5.45
CA PRO D 401 -34.97 41.65 4.01
C PRO D 401 -34.08 42.66 3.31
N ASP D 402 -33.47 43.59 4.04
CA ASP D 402 -32.54 44.54 3.44
C ASP D 402 -31.11 44.04 3.38
N GLY D 403 -30.88 42.74 3.58
CA GLY D 403 -29.55 42.17 3.53
C GLY D 403 -28.73 42.37 4.77
N MET D 404 -29.28 42.95 5.82
CA MET D 404 -28.56 43.20 7.05
C MET D 404 -28.29 41.89 7.78
N ARG D 405 -27.03 41.47 7.82
CA ARG D 405 -26.65 40.24 8.50
C ARG D 405 -26.04 40.58 9.85
N LEU D 406 -26.59 39.99 10.91
CA LEU D 406 -26.14 40.26 12.27
C LEU D 406 -25.50 39.00 12.83
N ARG D 407 -24.57 39.20 13.76
CA ARG D 407 -23.71 38.10 14.20
C ARG D 407 -24.48 37.14 15.10
N GLY D 408 -24.21 35.85 14.93
CA GLY D 408 -24.82 34.82 15.75
C GLY D 408 -23.80 34.06 16.57
N ASP D 409 -22.63 34.64 16.78
CA ASP D 409 -21.56 34.03 17.56
C ASP D 409 -20.96 35.07 18.50
N ILE D 410 -20.34 34.60 19.57
CA ILE D 410 -19.71 35.48 20.56
C ILE D 410 -18.24 35.14 20.64
N ASN D 411 -17.41 36.18 20.78
CA ASN D 411 -15.96 36.05 20.88
C ASN D 411 -15.52 36.47 22.27
N VAL D 412 -14.75 35.60 22.93
CA VAL D 412 -14.38 35.76 24.33
C VAL D 412 -12.86 35.85 24.41
N LEU D 413 -12.37 36.89 25.09
CA LEU D 413 -10.94 37.09 25.31
C LEU D 413 -10.65 36.99 26.80
N LEU D 414 -9.78 36.04 27.16
CA LEU D 414 -9.34 35.82 28.54
C LEU D 414 -8.00 36.53 28.70
N LEU D 415 -8.02 37.72 29.30
CA LEU D 415 -6.81 38.48 29.56
C LEU D 415 -6.47 38.37 31.05
N GLY D 416 -5.24 38.00 31.34
CA GLY D 416 -4.88 37.91 32.75
C GLY D 416 -3.50 37.34 32.98
N ASP D 417 -3.24 37.07 34.26
CA ASP D 417 -1.94 36.62 34.72
C ASP D 417 -1.66 35.19 34.29
N PRO D 418 -0.38 34.81 34.18
CA PRO D 418 -0.05 33.40 33.98
C PRO D 418 -0.38 32.56 35.20
N GLY D 419 -0.65 31.28 34.96
CA GLY D 419 -1.06 30.38 36.01
C GLY D 419 -2.54 30.38 36.31
N THR D 420 -3.35 31.01 35.48
CA THR D 420 -4.80 31.00 35.62
C THR D 420 -5.47 29.95 34.75
N ALA D 421 -4.67 29.09 34.10
CA ALA D 421 -5.13 27.96 33.27
C ALA D 421 -6.02 28.40 32.13
N LYS D 422 -5.66 29.51 31.48
CA LYS D 422 -6.42 29.98 30.32
C LYS D 422 -6.20 29.07 29.12
N SER D 423 -4.96 28.66 28.88
CA SER D 423 -4.66 27.81 27.73
C SER D 423 -5.23 26.41 27.91
N GLN D 424 -5.35 25.94 29.15
CA GLN D 424 -6.03 24.67 29.39
C GLN D 424 -7.51 24.77 29.06
N LEU D 425 -8.12 25.93 29.33
CA LEU D 425 -9.49 26.17 28.90
C LEU D 425 -9.60 26.21 27.38
N LEU D 426 -8.59 26.78 26.70
CA LEU D 426 -8.57 26.78 25.24
C LEU D 426 -8.50 25.34 24.70
N LYS D 427 -7.65 24.51 25.30
CA LYS D 427 -7.51 23.12 24.86
C LYS D 427 -8.79 22.34 25.13
N PHE D 428 -9.45 22.58 26.27
CA PHE D 428 -10.69 21.88 26.54
C PHE D 428 -11.83 22.35 25.64
N VAL D 429 -11.83 23.63 25.24
CA VAL D 429 -12.82 24.11 24.29
C VAL D 429 -12.59 23.47 22.92
N GLU D 430 -11.31 23.30 22.53
CA GLU D 430 -11.00 22.63 21.28
C GLU D 430 -11.39 21.14 21.34
N LYS D 431 -11.34 20.53 22.53
CA LYS D 431 -11.78 19.14 22.65
C LYS D 431 -13.31 19.02 22.59
N VAL D 432 -14.03 19.89 23.30
CA VAL D 432 -15.48 19.73 23.44
C VAL D 432 -16.20 20.09 22.14
N SER D 433 -15.77 21.15 21.46
CA SER D 433 -16.49 21.65 20.29
C SER D 433 -16.39 20.67 19.12
N PRO D 434 -17.46 20.52 18.33
CA PRO D 434 -17.40 19.60 17.19
C PRO D 434 -16.49 20.10 16.07
N ILE D 435 -16.57 21.38 15.73
CA ILE D 435 -15.66 22.01 14.80
C ILE D 435 -14.82 23.00 15.59
N ALA D 436 -13.52 22.73 15.70
CA ALA D 436 -12.65 23.60 16.49
C ALA D 436 -11.22 23.46 15.98
N VAL D 437 -10.49 24.57 16.05
CA VAL D 437 -9.06 24.57 15.73
C VAL D 437 -8.34 25.36 16.81
N TYR D 438 -7.10 24.97 17.11
CA TYR D 438 -6.27 25.62 18.11
C TYR D 438 -5.04 26.19 17.42
N THR D 439 -4.81 27.49 17.59
CA THR D 439 -3.75 28.22 16.90
C THR D 439 -2.89 28.96 17.92
N SER D 440 -1.84 29.59 17.42
CA SER D 440 -0.93 30.38 18.24
C SER D 440 -1.03 31.85 17.88
N GLY D 441 -0.31 32.66 18.64
CA GLY D 441 -0.11 34.05 18.29
C GLY D 441 1.21 34.21 17.57
N LYS D 442 2.23 33.50 18.06
CA LYS D 442 3.54 33.53 17.42
C LYS D 442 3.56 32.68 16.15
N GLY D 443 2.88 31.54 16.16
CA GLY D 443 2.86 30.64 15.03
C GLY D 443 1.82 30.94 13.98
N SER D 444 1.18 32.10 14.06
CA SER D 444 0.14 32.48 13.13
C SER D 444 0.68 33.36 12.01
N SER D 445 -0.17 33.61 11.02
CA SER D 445 0.11 34.54 9.93
C SER D 445 -1.21 35.02 9.37
N ALA D 446 -1.13 36.09 8.57
CA ALA D 446 -2.33 36.69 7.98
C ALA D 446 -2.97 35.76 6.96
N ALA D 447 -2.16 35.07 6.17
CA ALA D 447 -2.68 34.09 5.24
C ALA D 447 -2.88 32.72 5.89
N GLY D 448 -2.49 32.57 7.15
CA GLY D 448 -2.65 31.30 7.82
C GLY D 448 -3.96 31.16 8.56
N LEU D 449 -4.35 32.21 9.27
CA LEU D 449 -5.66 32.19 9.93
C LEU D 449 -6.78 32.34 8.93
N THR D 450 -6.73 33.38 8.10
CA THR D 450 -7.67 33.52 7.01
C THR D 450 -7.24 32.64 5.84
N ALA D 451 -8.00 32.69 4.74
CA ALA D 451 -7.68 31.87 3.59
C ALA D 451 -6.48 32.42 2.84
N SER D 452 -5.70 31.50 2.27
CA SER D 452 -4.47 31.82 1.57
C SER D 452 -4.64 31.61 0.08
N VAL D 453 -3.78 32.28 -0.69
CA VAL D 453 -3.73 32.14 -2.14
C VAL D 453 -2.46 31.35 -2.48
N GLN D 454 -2.64 30.12 -2.95
CA GLN D 454 -1.54 29.25 -3.32
C GLN D 454 -1.59 29.00 -4.82
N ARG D 455 -0.57 28.33 -5.33
CA ARG D 455 -0.48 28.03 -6.76
C ARG D 455 -0.53 26.52 -6.98
N ASP D 456 -1.39 26.08 -7.88
CA ASP D 456 -1.37 24.70 -8.31
C ASP D 456 -0.11 24.41 -9.11
N PRO D 457 0.56 23.28 -8.89
CA PRO D 457 1.80 23.01 -9.63
C PRO D 457 1.58 22.66 -11.10
N MET D 458 0.59 21.83 -11.40
CA MET D 458 0.43 21.32 -12.77
C MET D 458 -0.14 22.38 -13.71
N THR D 459 -1.15 23.12 -13.27
CA THR D 459 -1.84 24.06 -14.13
C THR D 459 -1.22 25.45 -14.13
N ARG D 460 -0.37 25.75 -13.14
CA ARG D 460 0.21 27.09 -12.90
C ARG D 460 -0.88 28.15 -12.80
N GLU D 461 -1.95 27.82 -12.07
CA GLU D 461 -3.04 28.76 -11.82
C GLU D 461 -3.23 28.92 -10.32
N PHE D 462 -3.49 30.16 -9.91
CA PHE D 462 -3.70 30.47 -8.50
C PHE D 462 -5.05 29.95 -8.03
N TYR D 463 -5.09 29.45 -6.80
CA TYR D 463 -6.31 28.96 -6.17
C TYR D 463 -6.26 29.26 -4.68
N LEU D 464 -7.44 29.41 -4.08
CA LEU D 464 -7.55 29.76 -2.67
C LEU D 464 -7.66 28.49 -1.84
N GLU D 465 -6.73 28.29 -0.92
CA GLU D 465 -6.78 27.20 0.03
C GLU D 465 -7.11 27.78 1.40
N GLY D 466 -8.09 27.18 2.08
CA GLY D 466 -8.58 27.74 3.32
C GLY D 466 -7.59 27.61 4.46
N GLY D 467 -7.64 28.59 5.36
CA GLY D 467 -6.77 28.63 6.52
C GLY D 467 -7.46 28.13 7.77
N ALA D 468 -7.00 28.65 8.92
CA ALA D 468 -7.53 28.18 10.20
C ALA D 468 -8.93 28.69 10.48
N MET D 469 -9.32 29.82 9.91
CA MET D 469 -10.66 30.34 10.07
C MET D 469 -11.61 29.86 8.97
N VAL D 470 -11.13 29.04 8.05
CA VAL D 470 -12.00 28.34 7.12
C VAL D 470 -12.28 26.92 7.60
N LEU D 471 -11.26 26.27 8.18
CA LEU D 471 -11.45 24.98 8.82
C LEU D 471 -12.32 25.06 10.07
N ALA D 472 -12.44 26.23 10.69
CA ALA D 472 -13.29 26.44 11.85
C ALA D 472 -14.62 27.08 11.50
N ASP D 473 -15.04 27.01 10.24
CA ASP D 473 -16.29 27.62 9.83
C ASP D 473 -17.47 26.85 10.43
N GLY D 474 -18.39 27.58 11.07
CA GLY D 474 -19.45 26.96 11.81
C GLY D 474 -19.06 26.46 13.19
N GLY D 475 -17.84 26.78 13.64
CA GLY D 475 -17.37 26.27 14.92
C GLY D 475 -16.53 27.25 15.72
N VAL D 476 -15.50 26.74 16.40
CA VAL D 476 -14.69 27.54 17.32
C VAL D 476 -13.25 27.58 16.83
N VAL D 477 -12.70 28.79 16.75
CA VAL D 477 -11.27 29.02 16.63
C VAL D 477 -10.75 29.47 17.99
N CYS D 478 -9.62 28.90 18.41
CA CYS D 478 -8.99 29.24 19.67
C CYS D 478 -7.62 29.81 19.38
N ILE D 479 -7.30 30.96 19.97
CA ILE D 479 -6.04 31.65 19.77
C ILE D 479 -5.31 31.72 21.11
N ASP D 480 -4.08 31.25 21.13
CA ASP D 480 -3.23 31.32 22.31
C ASP D 480 -2.18 32.39 22.10
N GLU D 481 -1.90 33.15 23.16
CA GLU D 481 -1.01 34.31 23.17
C GLU D 481 -1.45 35.34 22.12
N PHE D 482 -2.69 35.80 22.29
CA PHE D 482 -3.26 36.81 21.41
C PHE D 482 -2.59 38.18 21.58
N ASP D 483 -1.93 38.41 22.71
CA ASP D 483 -1.23 39.67 22.93
C ASP D 483 0.00 39.82 22.05
N LYS D 484 0.52 38.70 21.53
CA LYS D 484 1.82 38.70 20.87
C LYS D 484 1.75 38.59 19.36
N MET D 485 0.59 38.30 18.79
CA MET D 485 0.47 38.17 17.35
C MET D 485 0.59 39.54 16.70
N ARG D 486 1.19 39.57 15.51
CA ARG D 486 1.69 40.81 14.92
C ARG D 486 0.57 41.77 14.57
N ASP D 487 0.93 43.05 14.47
CA ASP D 487 -0.06 44.11 14.28
C ASP D 487 -0.67 44.05 12.88
N GLU D 488 0.10 43.59 11.88
CA GLU D 488 -0.48 43.31 10.58
C GLU D 488 -1.24 41.99 10.60
N ASP D 489 -0.96 41.13 11.59
CA ASP D 489 -1.59 39.81 11.65
C ASP D 489 -2.89 39.83 12.43
N ARG D 490 -3.02 40.76 13.39
CA ARG D 490 -4.23 40.86 14.18
C ARG D 490 -5.38 41.42 13.36
N VAL D 491 -5.09 42.30 12.40
CA VAL D 491 -6.10 43.12 11.76
C VAL D 491 -6.65 42.50 10.48
N ALA D 492 -6.20 41.31 10.11
CA ALA D 492 -6.85 40.54 9.04
C ALA D 492 -8.05 39.76 9.55
N ILE D 493 -8.35 39.87 10.84
CA ILE D 493 -9.34 39.04 11.51
C ILE D 493 -10.63 39.83 11.76
N HIS D 494 -10.60 41.14 11.56
CA HIS D 494 -11.70 42.04 11.94
C HIS D 494 -12.99 41.73 11.19
N GLU D 495 -12.90 41.57 9.86
CA GLU D 495 -14.07 41.15 9.11
C GLU D 495 -14.43 39.69 9.39
N ALA D 496 -13.45 38.87 9.77
CA ALA D 496 -13.74 37.47 10.03
C ALA D 496 -14.36 37.28 11.41
N MET D 497 -14.08 38.19 12.35
CA MET D 497 -14.80 38.17 13.61
C MET D 497 -16.17 38.81 13.51
N GLU D 498 -16.28 39.93 12.79
CA GLU D 498 -17.52 40.69 12.86
C GLU D 498 -18.44 40.42 11.68
N GLN D 499 -17.95 40.60 10.46
CA GLN D 499 -18.76 40.43 9.27
C GLN D 499 -19.00 38.97 8.92
N GLN D 500 -18.33 38.04 9.61
CA GLN D 500 -18.39 36.59 9.40
C GLN D 500 -18.01 36.19 7.97
N THR D 501 -17.13 36.96 7.34
CA THR D 501 -16.70 36.70 5.98
C THR D 501 -15.28 37.20 5.80
N ILE D 502 -14.59 36.61 4.83
CA ILE D 502 -13.25 37.04 4.43
C ILE D 502 -13.35 37.45 2.97
N SER D 503 -13.12 38.73 2.69
CA SER D 503 -13.17 39.25 1.34
C SER D 503 -11.74 39.37 0.82
N ILE D 504 -11.39 38.51 -0.13
CA ILE D 504 -10.03 38.42 -0.64
C ILE D 504 -10.04 38.78 -2.12
N ALA D 505 -9.22 39.77 -2.48
CA ALA D 505 -9.00 40.16 -3.88
C ALA D 505 -7.50 40.16 -4.13
N LYS D 506 -6.96 38.98 -4.44
CA LYS D 506 -5.53 38.81 -4.67
C LYS D 506 -5.32 37.92 -5.89
N ALA D 507 -4.27 38.25 -6.65
CA ALA D 507 -3.76 37.43 -7.76
C ALA D 507 -4.79 37.17 -8.85
N GLY D 508 -5.68 38.13 -9.08
CA GLY D 508 -6.73 37.95 -10.06
C GLY D 508 -7.94 37.19 -9.58
N ILE D 509 -7.99 36.80 -8.31
CA ILE D 509 -9.13 36.11 -7.73
C ILE D 509 -9.73 37.03 -6.67
N THR D 510 -11.00 37.36 -6.83
CA THR D 510 -11.75 38.12 -5.84
C THR D 510 -13.00 37.34 -5.44
N THR D 511 -13.22 37.22 -4.13
CA THR D 511 -14.33 36.46 -3.60
C THR D 511 -14.59 36.89 -2.16
N VAL D 512 -15.77 36.52 -1.66
CA VAL D 512 -16.15 36.73 -0.26
C VAL D 512 -16.53 35.36 0.33
N LEU D 513 -15.55 34.72 0.97
CA LEU D 513 -15.80 33.44 1.61
C LEU D 513 -16.51 33.65 2.94
N ASN D 514 -17.38 32.72 3.32
CA ASN D 514 -18.03 32.79 4.61
C ASN D 514 -17.20 32.07 5.65
N SER D 515 -16.98 32.73 6.79
CA SER D 515 -16.24 32.15 7.92
C SER D 515 -17.03 32.48 9.19
N ARG D 516 -17.96 31.60 9.54
CA ARG D 516 -18.77 31.79 10.75
C ARG D 516 -18.04 31.13 11.92
N THR D 517 -17.04 31.83 12.44
CA THR D 517 -16.19 31.32 13.49
C THR D 517 -16.43 32.08 14.79
N SER D 518 -16.63 31.35 15.88
CA SER D 518 -16.62 31.93 17.20
C SER D 518 -15.18 31.92 17.72
N VAL D 519 -14.72 33.08 18.18
CA VAL D 519 -13.31 33.29 18.50
C VAL D 519 -13.12 33.26 19.99
N LEU D 520 -12.17 32.43 20.45
CA LEU D 520 -11.80 32.36 21.85
C LEU D 520 -10.30 32.61 21.96
N ALA D 521 -9.93 33.77 22.49
CA ALA D 521 -8.53 34.18 22.53
C ALA D 521 -8.07 34.29 23.98
N ALA D 522 -6.78 34.02 24.20
CA ALA D 522 -6.18 34.16 25.52
C ALA D 522 -4.98 35.08 25.42
N ALA D 523 -4.78 35.91 26.45
CA ALA D 523 -3.73 36.91 26.39
C ALA D 523 -3.29 37.31 27.80
N ASN D 524 -2.06 37.77 27.88
CA ASN D 524 -1.47 38.42 29.04
C ASN D 524 -1.40 39.93 28.80
N PRO D 525 -1.29 40.74 29.84
CA PRO D 525 -1.07 42.18 29.62
C PRO D 525 0.32 42.47 29.07
N ILE D 526 0.53 43.74 28.72
CA ILE D 526 1.82 44.16 28.17
C ILE D 526 2.90 44.10 29.22
N TYR D 527 2.59 44.55 30.43
CA TYR D 527 3.45 44.25 31.57
C TYR D 527 3.33 42.76 31.92
N GLY D 528 4.30 42.29 32.71
CA GLY D 528 4.45 40.85 32.91
C GLY D 528 3.28 40.21 33.62
N ARG D 529 2.75 40.87 34.64
CA ARG D 529 1.51 40.45 35.28
C ARG D 529 0.57 41.63 35.33
N TYR D 530 -0.73 41.35 35.44
CA TYR D 530 -1.68 42.43 35.57
C TYR D 530 -1.57 43.06 36.96
N ASP D 531 -1.25 44.34 36.99
CA ASP D 531 -0.98 45.05 38.23
C ASP D 531 -2.17 45.95 38.56
N ASP D 532 -2.74 45.75 39.74
CA ASP D 532 -3.84 46.60 40.18
C ASP D 532 -3.35 48.00 40.53
N LEU D 533 -2.08 48.13 40.91
CA LEU D 533 -1.50 49.46 41.14
C LEU D 533 -1.33 50.21 39.84
N LYS D 534 -1.02 49.52 38.75
CA LYS D 534 -0.85 50.16 37.46
C LYS D 534 -2.21 50.49 36.85
N SER D 535 -2.23 51.54 36.04
CA SER D 535 -3.44 51.94 35.34
C SER D 535 -3.82 50.89 34.29
N PRO D 536 -5.13 50.70 34.04
CA PRO D 536 -5.55 49.72 33.03
C PRO D 536 -5.17 50.10 31.61
N GLY D 537 -4.92 51.38 31.34
CA GLY D 537 -4.45 51.78 30.03
C GLY D 537 -3.04 51.29 29.72
N ASP D 538 -2.19 51.22 30.74
CA ASP D 538 -0.81 50.81 30.52
C ASP D 538 -0.71 49.30 30.32
N ASN D 539 -1.61 48.54 30.94
CA ASN D 539 -1.53 47.08 30.85
C ASN D 539 -1.98 46.58 29.48
N ILE D 540 -2.81 47.35 28.80
CA ILE D 540 -3.42 46.94 27.53
C ILE D 540 -2.97 47.92 26.45
N ASP D 541 -2.15 47.44 25.51
CA ASP D 541 -1.82 48.20 24.32
C ASP D 541 -2.62 47.77 23.10
N PHE D 542 -3.67 46.97 23.30
CA PHE D 542 -4.61 46.69 22.22
C PHE D 542 -5.36 47.96 21.83
N GLN D 543 -5.78 48.02 20.58
CA GLN D 543 -6.70 49.07 20.16
C GLN D 543 -8.09 48.79 20.72
N THR D 544 -8.91 49.84 20.77
CA THR D 544 -10.26 49.70 21.30
C THR D 544 -11.17 48.96 20.33
N THR D 545 -10.75 48.86 19.06
CA THR D 545 -11.52 48.14 18.05
C THR D 545 -11.62 46.66 18.39
N ILE D 546 -10.51 46.06 18.79
CA ILE D 546 -10.50 44.61 19.00
C ILE D 546 -11.23 44.25 20.30
N LEU D 547 -11.29 45.16 21.26
CA LEU D 547 -12.10 44.91 22.46
C LEU D 547 -13.57 45.20 22.19
N SER D 548 -13.86 46.07 21.23
CA SER D 548 -15.25 46.23 20.81
C SER D 548 -15.74 44.98 20.09
N ARG D 549 -14.85 44.30 19.34
CA ARG D 549 -15.24 43.07 18.67
C ARG D 549 -15.41 41.92 19.65
N PHE D 550 -14.59 41.88 20.71
CA PHE D 550 -14.73 40.83 21.71
C PHE D 550 -15.97 41.09 22.57
N ASP D 551 -16.58 40.00 23.06
CA ASP D 551 -17.86 40.08 23.76
C ASP D 551 -17.74 39.88 25.26
N MET D 552 -17.01 38.86 25.71
CA MET D 552 -16.57 38.75 27.10
C MET D 552 -15.09 39.14 27.15
N ILE D 553 -14.79 40.28 27.72
CA ILE D 553 -13.41 40.66 28.02
C ILE D 553 -13.16 40.29 29.48
N PHE D 554 -12.76 39.04 29.72
CA PHE D 554 -12.57 38.52 31.07
C PHE D 554 -11.15 38.86 31.53
N ILE D 555 -11.03 39.85 32.40
CA ILE D 555 -9.76 40.16 33.03
C ILE D 555 -9.70 39.39 34.35
N VAL D 556 -8.71 38.51 34.48
CA VAL D 556 -8.57 37.66 35.65
C VAL D 556 -7.27 38.01 36.36
N LYS D 557 -7.29 37.91 37.69
CA LYS D 557 -6.16 38.27 38.53
C LYS D 557 -5.92 37.17 39.55
N ASP D 558 -4.81 37.30 40.28
CA ASP D 558 -4.48 36.42 41.39
C ASP D 558 -4.46 37.24 42.67
N ASP D 559 -5.43 37.02 43.54
CA ASP D 559 -5.55 37.77 44.79
C ASP D 559 -4.79 37.14 45.94
N HIS D 560 -4.25 35.93 45.75
CA HIS D 560 -3.43 35.19 46.74
C HIS D 560 -4.17 34.95 48.05
N ASN D 561 -5.47 34.68 47.97
CA ASN D 561 -6.24 34.35 49.16
C ASN D 561 -5.88 32.96 49.65
N GLU D 562 -5.67 32.84 50.97
CA GLU D 562 -5.19 31.59 51.56
C GLU D 562 -6.18 30.45 51.40
N GLU D 563 -7.47 30.75 51.49
CA GLU D 563 -8.50 29.74 51.22
C GLU D 563 -8.46 29.28 49.77
N ARG D 564 -8.31 30.22 48.84
CA ARG D 564 -8.24 29.87 47.42
C ARG D 564 -6.95 29.12 47.11
N ASP D 565 -5.82 29.54 47.70
CA ASP D 565 -4.56 28.84 47.49
C ASP D 565 -4.61 27.42 48.04
N ILE D 566 -5.18 27.23 49.23
CA ILE D 566 -5.25 25.88 49.79
C ILE D 566 -6.25 25.02 49.03
N SER D 567 -7.31 25.63 48.47
CA SER D 567 -8.29 24.85 47.72
C SER D 567 -7.74 24.41 46.37
N ILE D 568 -7.05 25.32 45.66
CA ILE D 568 -6.40 24.96 44.41
C ILE D 568 -5.25 23.98 44.64
N ALA D 569 -4.54 24.11 45.77
CA ALA D 569 -3.48 23.17 46.11
C ALA D 569 -4.03 21.76 46.30
N ASN D 570 -5.13 21.63 47.05
CA ASN D 570 -5.77 20.33 47.24
C ASN D 570 -6.34 19.79 45.93
N HIS D 571 -6.91 20.65 45.09
CA HIS D 571 -7.49 20.20 43.82
C HIS D 571 -6.42 19.69 42.85
N VAL D 572 -5.33 20.43 42.70
CA VAL D 572 -4.26 20.02 41.79
C VAL D 572 -3.53 18.80 42.35
N ILE D 573 -3.44 18.66 43.67
CA ILE D 573 -2.91 17.45 44.28
C ILE D 573 -3.79 16.25 43.96
N ASN D 574 -5.11 16.41 44.06
CA ASN D 574 -6.04 15.33 43.72
C ASN D 574 -6.00 15.00 42.23
N ILE D 575 -5.67 15.99 41.39
CA ILE D 575 -5.49 15.74 39.96
C ILE D 575 -4.23 14.92 39.72
N HIS D 576 -3.13 15.30 40.38
CA HIS D 576 -1.84 14.66 40.10
C HIS D 576 -1.77 13.25 40.69
N THR D 577 -2.40 13.02 41.84
CA THR D 577 -2.37 11.70 42.44
C THR D 577 -3.29 10.72 41.73
N GLY D 578 -4.27 11.20 40.97
CA GLY D 578 -5.22 10.35 40.30
C GLY D 578 -6.55 10.21 41.00
N ASN D 579 -6.74 10.88 42.14
CA ASN D 579 -8.04 10.82 42.82
C ASN D 579 -9.10 11.65 42.12
N ALA D 580 -8.70 12.66 41.34
CA ALA D 580 -9.66 13.42 40.55
C ALA D 580 -10.26 12.58 39.42
N ASN D 581 -9.52 11.59 38.91
CA ASN D 581 -10.10 10.62 37.99
C ASN D 581 -11.24 9.87 38.65
N ALA D 582 -11.05 9.45 39.90
CA ALA D 582 -12.10 8.77 40.66
C ALA D 582 -13.28 9.69 40.95
N MET D 583 -13.03 10.96 41.30
CA MET D 583 -14.13 11.87 41.62
C MET D 583 -14.94 12.22 40.37
N GLN D 584 -14.29 12.47 39.23
CA GLN D 584 -15.05 12.72 38.01
C GLN D 584 -15.75 11.48 37.49
N ASN D 585 -15.15 10.29 37.66
CA ASN D 585 -15.81 9.05 37.25
C ASN D 585 -17.02 8.74 38.12
N GLN D 586 -16.94 9.09 39.41
CA GLN D 586 -18.10 8.90 40.29
C GLN D 586 -19.18 9.94 40.01
N GLN D 587 -18.77 11.20 39.77
CA GLN D 587 -19.72 12.27 39.53
C GLN D 587 -20.38 12.18 38.16
N GLU D 588 -19.76 11.48 37.20
CA GLU D 588 -20.44 11.21 35.94
C GLU D 588 -21.60 10.25 36.14
N GLU D 589 -21.39 9.19 36.94
CA GLU D 589 -22.47 8.27 37.27
C GLU D 589 -23.47 8.88 38.25
N ASN D 590 -23.07 9.93 38.97
CA ASN D 590 -24.03 10.69 39.77
C ASN D 590 -25.06 11.38 38.87
N GLY D 591 -24.61 11.94 37.75
CA GLY D 591 -25.49 12.61 36.81
C GLY D 591 -25.39 14.12 36.78
N SER D 592 -24.44 14.71 37.50
CA SER D 592 -24.25 16.16 37.47
C SER D 592 -23.27 16.61 36.41
N GLU D 593 -22.58 15.68 35.74
CA GLU D 593 -21.66 16.01 34.67
C GLU D 593 -21.88 15.07 33.50
N ILE D 594 -21.55 15.55 32.30
CA ILE D 594 -21.63 14.77 31.07
C ILE D 594 -20.29 14.84 30.37
N SER D 595 -20.02 13.85 29.53
CA SER D 595 -18.69 13.65 28.96
C SER D 595 -18.50 14.56 27.74
N ILE D 596 -17.40 14.35 27.02
CA ILE D 596 -17.08 15.16 25.84
C ILE D 596 -18.02 14.85 24.70
N GLU D 597 -18.31 13.56 24.47
CA GLU D 597 -19.09 13.14 23.31
C GLU D 597 -20.54 13.59 23.41
N LYS D 598 -21.15 13.40 24.58
CA LYS D 598 -22.55 13.80 24.78
C LYS D 598 -22.72 15.31 24.72
N MET D 599 -21.78 16.06 25.31
CA MET D 599 -21.87 17.51 25.27
C MET D 599 -21.62 18.04 23.87
N LYS D 600 -20.72 17.37 23.12
CA LYS D 600 -20.46 17.75 21.73
C LYS D 600 -21.69 17.54 20.86
N ARG D 601 -22.34 16.39 21.00
CA ARG D 601 -23.56 16.13 20.25
C ARG D 601 -24.70 17.02 20.70
N TYR D 602 -24.72 17.41 21.97
CA TYR D 602 -25.74 18.35 22.45
C TYR D 602 -25.50 19.75 21.90
N ILE D 603 -24.24 20.15 21.75
CA ILE D 603 -23.90 21.43 21.11
C ILE D 603 -24.37 21.43 19.67
N THR D 604 -24.12 20.32 18.96
CA THR D 604 -24.56 20.20 17.57
C THR D 604 -26.08 20.23 17.45
N TYR D 605 -26.77 19.51 18.35
CA TYR D 605 -28.23 19.47 18.32
C TYR D 605 -28.84 20.83 18.67
N CYS D 606 -28.26 21.54 19.65
CA CYS D 606 -28.80 22.84 20.03
C CYS D 606 -28.52 23.90 18.98
N ARG D 607 -27.41 23.78 18.25
CA ARG D 607 -27.19 24.70 17.14
C ARG D 607 -28.07 24.36 15.95
N LEU D 608 -28.40 23.09 15.75
CA LEU D 608 -29.17 22.67 14.58
C LEU D 608 -30.67 22.65 14.82
N LYS D 609 -31.14 22.88 16.05
CA LYS D 609 -32.57 22.80 16.33
C LYS D 609 -33.15 24.11 16.83
N CYS D 610 -32.51 24.80 17.77
CA CYS D 610 -33.09 25.95 18.44
C CYS D 610 -32.38 27.23 18.01
N ALA D 611 -33.17 28.21 17.61
CA ALA D 611 -32.67 29.57 17.33
C ALA D 611 -33.73 30.54 17.83
N PRO D 612 -33.58 31.06 19.04
CA PRO D 612 -34.70 31.72 19.72
C PRO D 612 -34.81 33.21 19.42
N ARG D 613 -36.01 33.73 19.67
CA ARG D 613 -36.29 35.15 19.62
C ARG D 613 -36.38 35.68 21.05
N LEU D 614 -36.79 36.94 21.18
CA LEU D 614 -36.87 37.61 22.47
C LEU D 614 -38.30 38.02 22.77
N SER D 615 -38.72 37.85 24.02
CA SER D 615 -40.01 38.35 24.44
C SER D 615 -40.00 39.88 24.50
N PRO D 616 -41.15 40.53 24.29
CA PRO D 616 -41.19 42.00 24.37
C PRO D 616 -40.84 42.56 25.74
N GLN D 617 -41.13 41.84 26.82
CA GLN D 617 -40.74 42.32 28.15
C GLN D 617 -39.24 42.18 28.39
N ALA D 618 -38.56 41.30 27.65
CA ALA D 618 -37.12 41.17 27.79
C ALA D 618 -36.38 42.34 27.16
N ALA D 619 -36.96 42.93 26.11
CA ALA D 619 -36.30 44.03 25.40
C ALA D 619 -36.24 45.29 26.28
N GLU D 620 -37.27 45.50 27.11
CA GLU D 620 -37.24 46.64 28.03
C GLU D 620 -36.11 46.51 29.04
N LYS D 621 -35.93 45.31 29.62
CA LYS D 621 -34.85 45.08 30.56
C LYS D 621 -33.48 45.18 29.88
N LEU D 622 -33.37 44.69 28.64
CA LEU D 622 -32.08 44.73 27.94
C LEU D 622 -31.68 46.15 27.57
N SER D 623 -32.61 46.93 27.02
CA SER D 623 -32.33 48.32 26.67
C SER D 623 -32.08 49.17 27.91
N SER D 624 -32.81 48.89 28.99
CA SER D 624 -32.62 49.62 30.24
C SER D 624 -31.26 49.32 30.86
N ASN D 625 -30.83 48.05 30.83
CA ASN D 625 -29.51 47.74 31.36
C ASN D 625 -28.41 48.32 30.48
N PHE D 626 -28.63 48.39 29.16
CA PHE D 626 -27.62 48.97 28.29
C PHE D 626 -27.46 50.46 28.52
N VAL D 627 -28.57 51.19 28.65
CA VAL D 627 -28.43 52.63 28.92
C VAL D 627 -27.93 52.85 30.35
N THR D 628 -28.21 51.92 31.27
CA THR D 628 -27.66 52.01 32.62
C THR D 628 -26.14 51.83 32.63
N ILE D 629 -25.62 50.83 31.92
CA ILE D 629 -24.17 50.64 31.91
C ILE D 629 -23.47 51.70 31.06
N ARG D 630 -24.14 52.31 30.08
CA ARG D 630 -23.54 53.44 29.39
C ARG D 630 -23.49 54.68 30.28
N LYS D 631 -24.54 54.90 31.09
CA LYS D 631 -24.50 55.96 32.09
C LYS D 631 -23.44 55.69 33.15
N GLN D 632 -23.18 54.42 33.46
CA GLN D 632 -22.05 54.09 34.33
C GLN D 632 -20.72 54.33 33.63
N LEU D 633 -20.67 54.17 32.30
CA LEU D 633 -19.45 54.47 31.56
C LEU D 633 -19.14 55.97 31.55
N LEU D 634 -20.18 56.81 31.60
CA LEU D 634 -19.96 58.24 31.88
C LEU D 634 -19.17 58.44 33.18
N ILE D 635 -19.62 57.81 34.26
CA ILE D 635 -18.99 57.95 35.56
C ILE D 635 -17.58 57.36 35.54
N ASN D 636 -17.40 56.27 34.80
CA ASN D 636 -16.08 55.66 34.66
C ASN D 636 -15.10 56.55 33.90
N GLU D 637 -15.57 57.31 32.92
CA GLU D 637 -14.68 58.15 32.12
C GLU D 637 -14.71 59.62 32.52
N LEU D 638 -15.39 59.99 33.61
CA LEU D 638 -15.36 61.38 34.06
C LEU D 638 -14.01 61.76 34.66
N GLU D 639 -13.63 61.11 35.78
CA GLU D 639 -12.53 61.62 36.58
C GLU D 639 -11.17 61.29 35.96
N SER D 640 -11.09 60.26 35.12
CA SER D 640 -9.81 59.91 34.52
C SER D 640 -9.41 60.86 33.40
N THR D 641 -10.42 61.45 32.72
CA THR D 641 -10.37 62.51 31.71
C THR D 641 -9.83 61.98 30.37
N GLU D 642 -9.30 60.76 30.37
CA GLU D 642 -8.85 60.08 29.17
C GLU D 642 -9.81 58.97 28.81
N ARG D 643 -9.75 58.54 27.55
CA ARG D 643 -10.64 57.50 27.07
C ARG D 643 -10.25 56.14 27.63
N SER D 644 -11.25 55.35 28.00
CA SER D 644 -11.00 54.02 28.53
C SER D 644 -10.58 53.06 27.43
N SER D 645 -9.66 52.16 27.75
CA SER D 645 -9.22 51.16 26.79
C SER D 645 -10.23 50.05 26.58
N ILE D 646 -11.22 49.94 27.47
CA ILE D 646 -12.23 48.89 27.39
C ILE D 646 -13.59 49.55 27.11
N PRO D 647 -14.03 49.60 25.86
CA PRO D 647 -15.25 50.33 25.53
C PRO D 647 -16.51 49.47 25.58
N ILE D 648 -17.61 50.12 25.90
CA ILE D 648 -18.94 49.51 25.85
C ILE D 648 -19.73 50.26 24.79
N THR D 649 -19.99 49.59 23.68
CA THR D 649 -20.68 50.16 22.52
C THR D 649 -21.95 49.36 22.23
N ILE D 650 -22.59 49.70 21.10
CA ILE D 650 -23.84 49.05 20.69
C ILE D 650 -23.59 47.58 20.35
N ARG D 651 -22.38 47.26 19.87
CA ARG D 651 -22.00 45.87 19.63
C ARG D 651 -21.95 45.07 20.93
N GLN D 652 -21.70 45.71 22.06
CA GLN D 652 -21.83 45.01 23.34
C GLN D 652 -23.28 44.75 23.71
N LEU D 653 -24.21 45.63 23.29
CA LEU D 653 -25.62 45.31 23.45
C LEU D 653 -26.00 44.11 22.60
N GLU D 654 -25.48 44.04 21.37
CA GLU D 654 -25.66 42.85 20.53
C GLU D 654 -25.03 41.62 21.17
N ALA D 655 -23.92 41.81 21.88
CA ALA D 655 -23.28 40.72 22.62
C ALA D 655 -24.19 40.18 23.70
N ILE D 656 -24.80 41.07 24.51
CA ILE D 656 -25.71 40.62 25.57
C ILE D 656 -26.96 39.97 24.98
N ILE D 657 -27.40 40.45 23.81
CA ILE D 657 -28.50 39.80 23.09
C ILE D 657 -28.11 38.36 22.75
N ARG D 658 -26.90 38.17 22.21
CA ARG D 658 -26.45 36.84 21.84
C ARG D 658 -26.24 35.93 23.05
N ILE D 659 -25.83 36.52 24.19
CA ILE D 659 -25.72 35.75 25.43
C ILE D 659 -27.09 35.26 25.88
N THR D 660 -28.10 36.14 25.79
CA THR D 660 -29.46 35.75 26.15
C THR D 660 -30.01 34.66 25.23
N GLU D 661 -29.73 34.77 23.92
CA GLU D 661 -30.20 33.75 22.98
C GLU D 661 -29.47 32.43 23.18
N SER D 662 -28.19 32.47 23.57
CA SER D 662 -27.49 31.23 23.88
C SER D 662 -28.00 30.59 25.16
N LEU D 663 -28.33 31.42 26.16
CA LEU D 663 -28.91 30.93 27.40
C LEU D 663 -30.28 30.32 27.16
N ALA D 664 -31.02 30.83 26.17
CA ALA D 664 -32.24 30.15 25.74
C ALA D 664 -31.93 28.87 24.96
N LYS D 665 -30.81 28.86 24.22
CA LYS D 665 -30.43 27.70 23.43
C LYS D 665 -29.85 26.56 24.25
N LEU D 666 -29.56 26.77 25.54
CA LEU D 666 -29.13 25.65 26.39
C LEU D 666 -30.23 24.61 26.53
N GLU D 667 -31.45 25.05 26.89
CA GLU D 667 -32.55 24.15 27.23
C GLU D 667 -33.55 24.00 26.10
N LEU D 668 -33.14 24.33 24.86
CA LEU D 668 -33.98 24.27 23.65
C LEU D 668 -35.23 25.13 23.78
N SER D 669 -35.08 26.28 24.44
CA SER D 669 -36.21 27.19 24.65
C SER D 669 -36.32 28.14 23.48
N PRO D 670 -37.44 28.15 22.75
CA PRO D 670 -37.57 29.08 21.62
C PRO D 670 -37.82 30.51 22.03
N ILE D 671 -38.15 30.78 23.29
CA ILE D 671 -38.40 32.13 23.78
C ILE D 671 -37.38 32.42 24.87
N ALA D 672 -36.62 33.50 24.71
CA ALA D 672 -35.64 33.93 25.71
C ALA D 672 -36.36 34.81 26.72
N GLN D 673 -36.75 34.21 27.84
CA GLN D 673 -37.52 34.91 28.85
C GLN D 673 -36.59 35.74 29.74
N GLU D 674 -37.20 36.42 30.73
CA GLU D 674 -36.46 37.36 31.56
C GLU D 674 -35.51 36.65 32.52
N ARG D 675 -35.82 35.39 32.87
CA ARG D 675 -34.95 34.60 33.73
C ARG D 675 -33.58 34.38 33.10
N HIS D 676 -33.56 34.20 31.79
CA HIS D 676 -32.30 34.13 31.06
C HIS D 676 -31.66 35.50 30.94
N VAL D 677 -32.49 36.55 30.92
CA VAL D 677 -32.00 37.92 30.72
C VAL D 677 -31.16 38.36 31.92
N ASP D 678 -31.62 38.10 33.15
CA ASP D 678 -30.83 38.57 34.29
C ASP D 678 -29.53 37.79 34.43
N GLU D 679 -29.51 36.52 34.02
CA GLU D 679 -28.26 35.77 34.00
C GLU D 679 -27.30 36.31 32.95
N ALA D 680 -27.83 36.74 31.80
CA ALA D 680 -27.00 37.39 30.78
C ALA D 680 -26.42 38.71 31.30
N ILE D 681 -27.24 39.49 32.04
CA ILE D 681 -26.77 40.73 32.65
C ILE D 681 -25.70 40.44 33.69
N ARG D 682 -25.88 39.36 34.47
CA ARG D 682 -24.90 38.97 35.48
C ARG D 682 -23.58 38.57 34.84
N LEU D 683 -23.63 37.83 33.72
CA LEU D 683 -22.41 37.46 33.00
C LEU D 683 -21.69 38.68 32.43
N PHE D 684 -22.45 39.63 31.87
CA PHE D 684 -21.82 40.82 31.32
C PHE D 684 -21.24 41.72 32.41
N GLN D 685 -21.91 41.84 33.55
CA GLN D 685 -21.35 42.59 34.67
C GLN D 685 -20.11 41.90 35.25
N ALA D 686 -20.11 40.57 35.25
CA ALA D 686 -18.96 39.82 35.75
C ALA D 686 -17.76 39.91 34.82
N SER D 687 -17.97 40.01 33.50
CA SER D 687 -16.84 40.11 32.58
C SER D 687 -16.48 41.54 32.22
N THR D 688 -17.36 42.24 31.50
CA THR D 688 -16.94 43.47 30.84
C THR D 688 -17.04 44.68 31.76
N MET D 689 -18.10 44.76 32.58
CA MET D 689 -18.21 45.85 33.54
C MET D 689 -17.17 45.70 34.65
N ASP D 690 -16.79 44.47 34.98
CA ASP D 690 -15.71 44.26 35.94
C ASP D 690 -14.36 44.59 35.33
N ALA D 691 -14.17 44.33 34.04
CA ALA D 691 -12.93 44.72 33.37
C ALA D 691 -12.81 46.23 33.24
N ALA D 692 -13.91 46.91 32.91
CA ALA D 692 -13.87 48.36 32.68
C ALA D 692 -13.76 49.16 33.97
N SER D 693 -14.10 48.58 35.11
CA SER D 693 -14.06 49.29 36.38
C SER D 693 -12.68 49.27 37.03
N GLN D 694 -11.70 48.62 36.41
CA GLN D 694 -10.35 48.55 36.97
C GLN D 694 -9.62 49.88 36.85
N LEU D 708 -5.42 66.12 44.41
CA LEU D 708 -4.35 65.61 45.24
C LEU D 708 -4.48 66.10 46.68
N SER D 709 -4.69 67.42 46.83
CA SER D 709 -4.87 68.00 48.15
C SER D 709 -6.23 67.62 48.74
N GLU D 710 -7.22 67.35 47.88
CA GLU D 710 -8.56 67.03 48.35
C GLU D 710 -8.59 65.70 49.11
N ILE D 711 -7.85 64.69 48.63
CA ILE D 711 -7.89 63.38 49.24
C ILE D 711 -7.22 63.39 50.62
N ARG D 712 -6.02 63.97 50.72
CA ARG D 712 -5.31 64.03 51.99
C ARG D 712 -6.01 64.96 52.97
N ARG D 713 -6.54 66.08 52.48
CA ARG D 713 -7.23 67.04 53.35
C ARG D 713 -8.55 66.45 53.86
N PHE D 714 -9.27 65.70 53.01
CA PHE D 714 -10.46 64.98 53.45
C PHE D 714 -10.11 63.90 54.48
N GLU D 715 -9.03 63.16 54.24
CA GLU D 715 -8.66 62.09 55.16
C GLU D 715 -8.28 62.64 56.52
N GLN D 716 -7.52 63.74 56.55
CA GLN D 716 -7.17 64.38 57.82
C GLN D 716 -8.39 64.96 58.52
N GLU D 717 -9.26 65.64 57.76
CA GLU D 717 -10.45 66.26 58.35
C GLU D 717 -11.45 65.22 58.85
N LEU D 718 -11.52 64.06 58.19
CA LEU D 718 -12.48 63.04 58.62
C LEU D 718 -11.91 62.18 59.74
N LYS D 719 -10.58 61.98 59.77
CA LYS D 719 -10.00 61.26 60.89
C LYS D 719 -10.00 62.12 62.16
N ARG D 720 -9.91 63.44 62.00
CA ARG D 720 -10.06 64.32 63.17
C ARG D 720 -11.52 64.61 63.48
N ARG D 721 -12.41 64.45 62.50
CA ARG D 721 -13.79 64.92 62.65
C ARG D 721 -14.61 63.92 63.45
N LEU D 722 -14.66 62.67 62.97
CA LEU D 722 -15.28 61.58 63.73
C LEU D 722 -14.20 60.72 64.37
N PRO D 723 -14.31 60.41 65.66
CA PRO D 723 -13.25 59.65 66.33
C PRO D 723 -13.37 58.14 66.12
N ILE D 724 -12.53 57.38 66.80
CA ILE D 724 -12.54 55.92 66.67
C ILE D 724 -13.74 55.35 67.40
N GLY D 725 -14.55 54.58 66.69
CA GLY D 725 -15.66 53.89 67.31
C GLY D 725 -16.97 54.66 67.33
N TRP D 726 -17.09 55.71 66.53
CA TRP D 726 -18.33 56.47 66.44
C TRP D 726 -18.73 56.58 64.97
N SER D 727 -20.01 56.84 64.74
CA SER D 727 -20.59 56.77 63.42
C SER D 727 -21.17 58.13 63.03
N THR D 728 -21.29 58.34 61.71
CA THR D 728 -21.83 59.57 61.16
C THR D 728 -22.70 59.23 59.95
N SER D 729 -23.87 59.87 59.87
CA SER D 729 -24.74 59.66 58.72
C SER D 729 -24.16 60.34 57.48
N TYR D 730 -24.57 59.83 56.32
CA TYR D 730 -24.08 60.36 55.05
C TYR D 730 -24.67 61.73 54.76
N GLN D 731 -25.86 62.03 55.28
CA GLN D 731 -26.47 63.34 55.06
C GLN D 731 -25.68 64.43 55.76
N THR D 732 -25.10 64.13 56.93
CA THR D 732 -24.23 65.09 57.63
C THR D 732 -22.99 65.42 56.80
N LEU D 733 -22.36 64.39 56.22
CA LEU D 733 -21.20 64.61 55.37
C LEU D 733 -21.56 65.34 54.09
N ARG D 734 -22.77 65.08 53.56
CA ARG D 734 -23.22 65.79 52.36
C ARG D 734 -23.47 67.27 52.65
N ARG D 735 -24.10 67.58 53.78
CA ARG D 735 -24.41 68.98 54.08
C ARG D 735 -23.18 69.74 54.57
N GLU D 736 -22.19 69.06 55.13
CA GLU D 736 -21.03 69.77 55.66
C GLU D 736 -19.79 69.69 54.78
N PHE D 737 -19.78 68.84 53.74
CA PHE D 737 -18.59 68.70 52.91
C PHE D 737 -18.87 68.93 51.42
N VAL D 738 -20.14 69.11 51.04
CA VAL D 738 -20.51 69.48 49.67
C VAL D 738 -21.22 70.82 49.65
N ASP D 739 -22.19 71.01 50.54
CA ASP D 739 -22.90 72.29 50.64
C ASP D 739 -22.00 73.38 51.21
N THR D 740 -21.01 73.01 52.02
CA THR D 740 -19.97 73.93 52.44
C THR D 740 -19.00 74.25 51.30
N HIS D 741 -18.97 73.36 50.27
CA HIS D 741 -17.98 73.36 49.19
C HIS D 741 -16.56 73.29 49.75
N ARG D 742 -16.38 72.48 50.79
CA ARG D 742 -15.04 72.13 51.25
C ARG D 742 -14.32 71.31 50.19
N PHE D 743 -15.01 70.34 49.59
CA PHE D 743 -14.51 69.57 48.47
C PHE D 743 -15.62 69.42 47.44
N SER D 744 -15.35 68.63 46.41
CA SER D 744 -16.38 68.25 45.46
C SER D 744 -17.09 66.98 45.93
N GLN D 745 -18.25 66.70 45.33
CA GLN D 745 -18.97 65.48 45.65
C GLN D 745 -18.26 64.25 45.12
N LEU D 746 -17.59 64.38 43.96
CA LEU D 746 -16.82 63.26 43.41
C LEU D 746 -15.62 62.92 44.27
N ALA D 747 -14.99 63.92 44.87
CA ALA D 747 -13.89 63.66 45.80
C ALA D 747 -14.38 62.93 47.03
N LEU D 748 -15.57 63.29 47.54
CA LEU D 748 -16.18 62.59 48.66
C LEU D 748 -16.49 61.14 48.30
N ASP D 749 -17.07 60.92 47.12
CA ASP D 749 -17.44 59.56 46.71
C ASP D 749 -16.22 58.69 46.44
N LYS D 750 -15.14 59.28 45.93
CA LYS D 750 -13.92 58.52 45.72
C LYS D 750 -13.20 58.23 47.03
N ALA D 751 -13.11 59.22 47.91
CA ALA D 751 -12.34 59.06 49.13
C ALA D 751 -13.04 58.22 50.19
N LEU D 752 -14.38 58.15 50.17
CA LEU D 752 -15.06 57.20 51.04
C LEU D 752 -14.73 55.76 50.66
N TYR D 753 -14.67 55.48 49.35
CA TYR D 753 -14.23 54.17 48.88
C TYR D 753 -12.75 53.93 49.21
N ALA D 754 -11.94 54.99 49.12
CA ALA D 754 -10.51 54.88 49.43
C ALA D 754 -10.29 54.54 50.91
N LEU D 755 -11.08 55.13 51.80
CA LEU D 755 -11.03 54.75 53.20
C LEU D 755 -11.69 53.41 53.48
N GLU D 756 -12.63 52.99 52.63
CA GLU D 756 -13.23 51.67 52.77
C GLU D 756 -12.23 50.57 52.46
N LYS D 757 -11.47 50.72 51.37
CA LYS D 757 -10.49 49.69 51.01
C LYS D 757 -9.27 49.68 51.92
N HIS D 758 -9.04 50.76 52.67
CA HIS D 758 -7.99 50.76 53.69
C HIS D 758 -8.41 50.08 54.97
N GLU D 759 -9.71 49.77 55.11
CA GLU D 759 -10.32 49.01 56.21
C GLU D 759 -10.17 49.66 57.58
N THR D 760 -9.87 50.96 57.64
CA THR D 760 -9.89 51.63 58.93
C THR D 760 -11.22 52.35 59.17
N ILE D 761 -11.94 52.70 58.09
CA ILE D 761 -13.27 53.30 58.16
C ILE D 761 -14.17 52.56 57.20
N GLN D 762 -15.25 51.98 57.71
CA GLN D 762 -16.14 51.16 56.91
C GLN D 762 -17.56 51.72 56.94
N LEU D 763 -18.46 51.03 56.26
CA LEU D 763 -19.85 51.44 56.13
C LEU D 763 -20.76 50.41 56.81
N ARG D 764 -21.80 50.90 57.48
CA ARG D 764 -22.72 50.04 58.20
C ARG D 764 -24.13 50.62 58.08
N HIS D 765 -25.12 49.79 58.43
CA HIS D 765 -26.54 50.15 58.48
C HIS D 765 -27.07 50.58 57.11
N GLN D 766 -27.06 49.63 56.16
CA GLN D 766 -27.53 49.77 54.78
C GLN D 766 -26.80 50.86 54.01
N GLY D 767 -25.54 51.13 54.35
CA GLY D 767 -24.78 52.15 53.65
C GLY D 767 -25.10 53.56 54.08
N GLN D 768 -25.99 53.75 55.03
CA GLN D 768 -26.37 55.08 55.50
C GLN D 768 -25.54 55.53 56.70
N ASN D 769 -24.68 54.68 57.25
CA ASN D 769 -23.80 55.08 58.34
C ASN D 769 -22.35 54.83 57.96
N ILE D 770 -21.49 55.76 58.36
CA ILE D 770 -20.05 55.65 58.20
C ILE D 770 -19.46 55.45 59.58
N TYR D 771 -18.83 54.30 59.79
CA TYR D 771 -18.36 53.88 61.11
C TYR D 771 -16.86 53.69 61.08
N ARG D 772 -16.15 54.32 62.01
CA ARG D 772 -14.71 54.13 62.13
C ARG D 772 -14.43 52.83 62.86
N SER D 773 -13.79 51.89 62.16
CA SER D 773 -13.46 50.61 62.79
C SER D 773 -12.32 50.77 63.80
N GLY D 774 -11.32 51.58 63.46
CA GLY D 774 -10.20 51.82 64.35
C GLY D 774 -9.27 50.64 64.51
N PHE E 92 26.45 -22.03 -39.80
CA PHE E 92 26.73 -20.62 -39.57
C PHE E 92 27.97 -20.17 -40.34
N LYS E 93 27.98 -18.88 -40.71
CA LYS E 93 29.08 -18.29 -41.46
C LYS E 93 29.74 -17.23 -40.59
N SER E 94 31.06 -17.22 -40.58
CA SER E 94 31.82 -16.29 -39.74
C SER E 94 32.94 -15.64 -40.54
N ARG E 95 33.23 -14.39 -40.21
CA ARG E 95 34.33 -13.64 -40.80
C ARG E 95 35.32 -13.30 -39.70
N ALA E 96 36.61 -13.53 -39.96
CA ALA E 96 37.65 -13.32 -38.98
C ALA E 96 38.38 -12.02 -39.26
N LEU E 97 38.61 -11.23 -38.20
CA LEU E 97 39.36 -9.99 -38.29
C LEU E 97 40.61 -10.11 -37.43
N ASN E 98 41.75 -9.75 -38.01
CA ASN E 98 43.04 -9.87 -37.34
C ASN E 98 43.51 -8.52 -36.82
N HIS E 99 44.27 -8.55 -35.72
CA HIS E 99 44.91 -7.35 -35.20
C HIS E 99 46.21 -7.03 -35.91
N VAL E 100 46.71 -7.94 -36.75
CA VAL E 100 47.99 -7.72 -37.40
C VAL E 100 47.82 -6.93 -38.70
N LYS E 101 46.58 -6.78 -39.17
CA LYS E 101 46.28 -6.01 -40.37
C LYS E 101 46.32 -4.51 -40.15
N LYS E 102 46.43 -4.06 -38.90
CA LYS E 102 46.25 -2.65 -38.58
C LYS E 102 47.45 -1.83 -39.02
N VAL E 103 47.18 -0.71 -39.68
CA VAL E 103 48.24 0.16 -40.17
C VAL E 103 48.83 0.93 -39.00
N ASP E 104 50.14 0.85 -38.84
CA ASP E 104 50.83 1.62 -37.81
C ASP E 104 51.31 2.96 -38.35
N ASP E 105 51.32 3.96 -37.48
CA ASP E 105 51.75 5.31 -37.81
C ASP E 105 53.15 5.50 -37.24
N VAL E 106 54.17 5.31 -38.09
CA VAL E 106 55.56 5.13 -37.66
C VAL E 106 56.13 6.34 -36.93
N THR E 107 55.59 7.53 -37.18
CA THR E 107 55.99 8.73 -36.44
C THR E 107 55.71 8.57 -34.95
N GLY E 108 54.61 7.87 -34.60
CA GLY E 108 54.29 7.62 -33.21
C GLY E 108 55.31 6.78 -32.46
N GLU E 109 55.75 5.66 -33.05
CA GLU E 109 56.76 4.86 -32.35
C GLU E 109 58.15 5.48 -32.45
N LYS E 110 58.43 6.32 -33.45
CA LYS E 110 59.68 7.07 -33.36
C LYS E 110 59.64 8.13 -32.26
N VAL E 111 58.47 8.73 -32.02
CA VAL E 111 58.28 9.58 -30.85
C VAL E 111 58.45 8.78 -29.57
N ARG E 112 57.97 7.52 -29.57
CA ARG E 112 58.13 6.63 -28.42
C ARG E 112 59.59 6.32 -28.13
N GLU E 113 60.36 6.01 -29.19
CA GLU E 113 61.80 5.77 -29.02
C GLU E 113 62.53 7.01 -28.52
N ALA E 114 62.20 8.18 -29.08
CA ALA E 114 62.83 9.42 -28.64
C ALA E 114 62.49 9.76 -27.19
N PHE E 115 61.25 9.52 -26.79
CA PHE E 115 60.83 9.81 -25.42
C PHE E 115 61.46 8.83 -24.42
N GLU E 116 61.57 7.55 -24.79
CA GLU E 116 62.17 6.60 -23.85
C GLU E 116 63.68 6.79 -23.77
N GLN E 117 64.32 7.22 -24.86
CA GLN E 117 65.74 7.58 -24.78
C GLN E 117 65.94 8.87 -24.01
N PHE E 118 64.97 9.79 -24.06
CA PHE E 118 65.02 10.99 -23.23
C PHE E 118 64.90 10.65 -21.75
N LEU E 119 64.08 9.67 -21.41
CA LEU E 119 63.99 9.23 -20.02
C LEU E 119 65.25 8.52 -19.56
N GLU E 120 65.77 7.59 -20.36
CA GLU E 120 66.89 6.78 -19.91
C GLU E 120 68.26 7.43 -20.19
N ASP E 121 68.29 8.60 -20.84
CA ASP E 121 69.57 9.21 -21.15
C ASP E 121 69.61 10.72 -20.97
N PHE E 122 68.79 11.32 -20.11
CA PHE E 122 68.84 12.78 -19.95
C PHE E 122 70.11 13.23 -19.24
N SER E 123 70.25 12.86 -17.96
CA SER E 123 71.49 12.96 -17.16
C SER E 123 72.06 14.37 -17.10
N VAL E 124 71.18 15.37 -16.98
CA VAL E 124 71.60 16.76 -16.87
C VAL E 124 71.11 17.30 -15.53
N GLN E 125 72.04 17.41 -14.58
CA GLN E 125 71.78 17.97 -13.26
C GLN E 125 73.09 18.56 -12.74
N SER E 126 72.96 19.65 -11.99
CA SER E 126 74.12 20.31 -11.38
C SER E 126 74.23 20.03 -9.89
N THR E 127 73.52 19.01 -9.39
CA THR E 127 73.62 18.65 -7.98
C THR E 127 74.98 18.03 -7.69
N ASP E 128 75.64 18.54 -6.64
CA ASP E 128 77.03 18.25 -6.27
C ASP E 128 77.90 18.60 -7.46
N THR E 129 78.86 17.77 -7.86
CA THR E 129 79.63 18.03 -9.07
C THR E 129 78.81 17.62 -10.29
N GLY E 130 79.30 18.03 -11.46
CA GLY E 130 78.67 17.66 -12.71
C GLY E 130 78.80 16.17 -12.99
N GLU E 131 77.70 15.44 -12.84
CA GLU E 131 77.73 13.99 -12.90
C GLU E 131 76.55 13.49 -13.72
N VAL E 132 76.67 12.26 -14.21
CA VAL E 132 75.54 11.58 -14.82
C VAL E 132 74.53 11.23 -13.73
N GLU E 133 73.32 11.74 -13.86
CA GLU E 133 72.31 11.59 -12.83
C GLU E 133 71.09 10.78 -13.26
N LYS E 134 70.54 11.07 -14.45
CA LYS E 134 69.32 10.45 -14.98
C LYS E 134 68.15 10.61 -14.01
N VAL E 135 67.73 11.87 -13.87
CA VAL E 135 66.83 12.28 -12.78
C VAL E 135 65.44 11.66 -12.96
N TYR E 136 65.06 11.30 -14.20
CA TYR E 136 63.78 10.67 -14.42
C TYR E 136 63.79 9.21 -13.99
N ARG E 137 64.94 8.54 -14.14
CA ARG E 137 65.09 7.20 -13.58
C ARG E 137 65.04 7.23 -12.06
N ALA E 138 65.65 8.25 -11.45
CA ALA E 138 65.57 8.43 -10.01
C ALA E 138 64.15 8.71 -9.56
N GLN E 139 63.39 9.44 -10.37
CA GLN E 139 61.97 9.66 -10.11
C GLN E 139 61.18 8.37 -10.22
N ILE E 140 61.57 7.49 -11.14
CA ILE E 140 60.90 6.19 -11.26
C ILE E 140 61.16 5.32 -10.03
N GLU E 141 62.41 5.32 -9.53
CA GLU E 141 62.67 4.65 -8.25
C GLU E 141 61.98 5.36 -7.07
N PHE E 142 61.74 6.66 -7.19
CA PHE E 142 60.95 7.38 -6.18
C PHE E 142 59.50 6.88 -6.16
N MET E 143 58.92 6.62 -7.34
CA MET E 143 57.62 5.94 -7.40
C MET E 143 57.70 4.54 -6.82
N LYS E 144 58.79 3.81 -7.12
CA LYS E 144 58.94 2.44 -6.65
C LYS E 144 59.01 2.39 -5.12
N ILE E 145 59.62 3.39 -4.50
CA ILE E 145 59.64 3.48 -3.05
C ILE E 145 58.26 3.87 -2.52
N TYR E 146 57.66 4.92 -3.07
CA TYR E 146 56.51 5.56 -2.42
C TYR E 146 55.16 5.20 -3.03
N ASP E 147 55.14 4.33 -4.06
CA ASP E 147 53.91 3.79 -4.69
C ASP E 147 53.05 4.94 -5.25
N LEU E 148 53.62 5.70 -6.18
CA LEU E 148 52.89 6.74 -6.89
C LEU E 148 52.54 6.27 -8.30
N ASN E 149 51.83 7.13 -9.04
CA ASN E 149 51.39 6.80 -10.38
C ASN E 149 51.49 7.93 -11.39
N THR E 150 52.06 9.08 -11.03
CA THR E 150 52.18 10.20 -11.95
C THR E 150 53.62 10.69 -12.00
N ILE E 151 54.01 11.18 -13.17
CA ILE E 151 55.38 11.62 -13.43
C ILE E 151 55.37 13.12 -13.71
N TYR E 152 56.34 13.83 -13.14
CA TYR E 152 56.48 15.27 -13.33
C TYR E 152 57.68 15.51 -14.24
N ILE E 153 57.43 15.96 -15.46
CA ILE E 153 58.47 16.17 -16.46
C ILE E 153 58.49 17.64 -16.83
N ASP E 154 59.66 18.27 -16.72
CA ASP E 154 59.82 19.66 -17.12
C ASP E 154 59.94 19.75 -18.63
N TYR E 155 59.25 20.73 -19.21
CA TYR E 155 59.27 20.92 -20.66
C TYR E 155 60.59 21.51 -21.15
N GLN E 156 61.32 22.22 -20.29
CA GLN E 156 62.64 22.72 -20.67
C GLN E 156 63.62 21.58 -20.93
N HIS E 157 63.48 20.47 -20.21
CA HIS E 157 64.28 19.28 -20.48
C HIS E 157 63.96 18.72 -21.86
N LEU E 158 62.70 18.72 -22.25
CA LEU E 158 62.31 18.26 -23.58
C LEU E 158 62.82 19.21 -24.67
N SER E 159 62.85 20.50 -24.39
CA SER E 159 63.38 21.45 -25.36
C SER E 159 64.90 21.31 -25.49
N MET E 160 65.60 21.01 -24.40
CA MET E 160 67.04 20.77 -24.48
C MET E 160 67.35 19.45 -25.19
N ARG E 161 66.53 18.43 -25.01
CA ARG E 161 66.79 17.14 -25.63
C ARG E 161 66.35 17.15 -27.08
N GLU E 162 67.30 16.90 -27.98
CA GLU E 162 67.12 16.85 -29.44
C GLU E 162 66.55 18.18 -29.94
N ASN E 163 67.38 19.23 -29.80
CA ASN E 163 67.29 20.58 -30.42
C ASN E 163 65.90 21.22 -30.39
N GLY E 164 65.03 20.82 -29.46
CA GLY E 164 63.65 21.28 -29.44
C GLY E 164 62.73 20.53 -30.38
N ALA E 165 63.24 19.61 -31.19
CA ALA E 165 62.40 18.93 -32.18
C ALA E 165 61.43 17.95 -31.53
N LEU E 166 61.88 17.20 -30.53
CA LEU E 166 60.99 16.28 -29.82
C LEU E 166 59.95 17.04 -29.01
N ALA E 167 60.34 18.17 -28.42
CA ALA E 167 59.38 19.01 -27.70
C ALA E 167 58.35 19.60 -28.64
N MET E 168 58.77 20.02 -29.84
CA MET E 168 57.82 20.52 -30.82
C MET E 168 56.89 19.43 -31.34
N ALA E 169 57.41 18.21 -31.50
CA ALA E 169 56.58 17.10 -31.95
C ALA E 169 55.56 16.71 -30.89
N ILE E 170 55.94 16.77 -29.61
CA ILE E 170 54.99 16.51 -28.55
C ILE E 170 53.95 17.63 -28.45
N SER E 171 54.40 18.88 -28.55
CA SER E 171 53.51 20.02 -28.35
C SER E 171 52.55 20.24 -29.51
N GLU E 172 52.94 19.91 -30.74
CA GLU E 172 52.06 20.15 -31.88
C GLU E 172 50.89 19.17 -31.91
N GLN E 173 51.17 17.88 -31.72
CA GLN E 173 50.14 16.84 -31.72
C GLN E 173 50.34 15.98 -30.48
N TYR E 174 49.79 16.44 -29.34
CA TYR E 174 49.89 15.66 -28.12
C TYR E 174 48.92 14.49 -28.12
N TYR E 175 47.74 14.70 -28.73
CA TYR E 175 46.68 13.69 -28.72
C TYR E 175 47.04 12.48 -29.55
N ARG E 176 47.76 12.66 -30.66
CA ARG E 176 48.20 11.51 -31.45
C ARG E 176 49.27 10.70 -30.71
N PHE E 177 50.20 11.37 -30.05
CA PHE E 177 51.35 10.70 -29.48
C PHE E 177 51.14 10.23 -28.04
N LEU E 178 50.03 10.60 -27.40
CA LEU E 178 49.79 10.22 -26.01
C LEU E 178 49.77 8.70 -25.74
N PRO E 179 49.15 7.82 -26.56
CA PRO E 179 49.39 6.38 -26.35
C PRO E 179 50.84 5.96 -26.54
N PHE E 180 51.58 6.61 -27.45
CA PHE E 180 52.99 6.28 -27.64
C PHE E 180 53.83 6.80 -26.47
N LEU E 181 53.45 7.96 -25.92
CA LEU E 181 54.08 8.45 -24.69
C LEU E 181 53.87 7.49 -23.53
N GLN E 182 52.64 6.96 -23.40
CA GLN E 182 52.34 6.00 -22.34
C GLN E 182 53.08 4.67 -22.57
N LYS E 183 53.20 4.25 -23.84
CA LYS E 183 53.92 3.01 -24.15
C LYS E 183 55.40 3.14 -23.86
N GLY E 184 56.00 4.31 -24.16
CA GLY E 184 57.39 4.52 -23.83
C GLY E 184 57.65 4.58 -22.33
N LEU E 185 56.74 5.22 -21.58
CA LEU E 185 56.85 5.23 -20.12
C LEU E 185 56.72 3.82 -19.56
N ARG E 186 55.80 3.02 -20.12
CA ARG E 186 55.63 1.64 -19.67
C ARG E 186 56.85 0.79 -19.99
N ARG E 187 57.49 1.02 -21.14
CA ARG E 187 58.70 0.29 -21.48
C ARG E 187 59.86 0.64 -20.55
N VAL E 188 60.02 1.93 -20.21
CA VAL E 188 61.09 2.33 -19.30
C VAL E 188 60.85 1.77 -17.90
N VAL E 189 59.59 1.83 -17.43
CA VAL E 189 59.24 1.26 -16.12
C VAL E 189 59.44 -0.25 -16.11
N ARG E 190 59.11 -0.93 -17.22
CA ARG E 190 59.37 -2.37 -17.33
C ARG E 190 60.86 -2.68 -17.29
N LYS E 191 61.67 -1.82 -17.91
CA LYS E 191 63.11 -2.01 -17.87
C LYS E 191 63.67 -1.80 -16.46
N TYR E 192 63.12 -0.86 -15.69
CA TYR E 192 63.74 -0.50 -14.41
C TYR E 192 62.97 -0.94 -13.18
N ALA E 193 61.65 -0.78 -13.14
CA ALA E 193 60.85 -1.10 -11.94
C ALA E 193 59.70 -2.02 -12.35
N PRO E 194 59.95 -3.34 -12.42
CA PRO E 194 58.93 -4.26 -12.95
C PRO E 194 57.70 -4.40 -12.06
N GLU E 195 57.82 -4.16 -10.76
CA GLU E 195 56.64 -4.25 -9.89
C GLU E 195 55.80 -2.99 -9.93
N LEU E 196 56.28 -1.91 -10.55
CA LEU E 196 55.55 -0.65 -10.61
C LEU E 196 54.41 -0.70 -11.62
N LEU E 197 54.42 -1.68 -12.54
CA LEU E 197 53.38 -1.77 -13.56
C LEU E 197 52.03 -2.17 -12.95
N ASN E 198 52.06 -2.92 -11.85
CA ASN E 198 50.83 -3.32 -11.19
C ASN E 198 50.38 -2.25 -10.20
N THR E 199 49.11 -2.32 -9.80
CA THR E 199 48.54 -1.30 -8.93
C THR E 199 49.05 -1.44 -7.51
N SER E 200 49.11 -2.67 -7.00
CA SER E 200 49.50 -3.02 -5.62
C SER E 200 48.72 -2.27 -4.55
N SER E 255 46.63 -10.51 -1.59
CA SER E 255 46.20 -9.47 -2.52
C SER E 255 45.99 -10.04 -3.92
N PRO E 256 44.82 -10.62 -4.18
CA PRO E 256 44.59 -11.23 -5.50
C PRO E 256 44.27 -10.23 -6.59
N GLU E 257 43.65 -9.11 -6.25
CA GLU E 257 43.31 -8.11 -7.25
C GLU E 257 44.57 -7.32 -7.63
N GLN E 258 44.89 -7.34 -8.92
CA GLN E 258 46.06 -6.67 -9.46
C GLN E 258 45.70 -6.15 -10.83
N THR E 259 45.65 -4.84 -10.98
CA THR E 259 45.31 -4.22 -12.26
C THR E 259 46.50 -3.46 -12.82
N GLU E 260 46.40 -3.11 -14.10
CA GLU E 260 47.42 -2.30 -14.74
C GLU E 260 47.39 -0.89 -14.18
N ARG E 261 48.57 -0.35 -13.86
CA ARG E 261 48.64 1.00 -13.31
C ARG E 261 48.40 2.03 -14.39
N VAL E 262 47.52 2.99 -14.09
CA VAL E 262 47.18 4.06 -15.01
C VAL E 262 48.18 5.20 -14.81
N PHE E 263 49.26 5.14 -15.57
CA PHE E 263 50.29 6.17 -15.48
C PHE E 263 49.81 7.46 -16.11
N GLN E 264 49.99 8.57 -15.39
CA GLN E 264 49.58 9.88 -15.85
C GLN E 264 50.83 10.73 -16.06
N ILE E 265 50.94 11.35 -17.23
CA ILE E 265 52.12 12.12 -17.60
C ILE E 265 51.80 13.60 -17.48
N SER E 266 52.60 14.32 -16.71
CA SER E 266 52.42 15.75 -16.47
C SER E 266 53.61 16.51 -17.05
N PHE E 267 53.33 17.47 -17.91
CA PHE E 267 54.36 18.33 -18.52
C PHE E 267 54.15 19.75 -18.03
N PHE E 268 55.06 20.23 -17.20
CA PHE E 268 54.97 21.56 -16.60
C PHE E 268 56.08 22.46 -17.13
N ASN E 269 56.08 23.69 -16.61
CA ASN E 269 57.09 24.72 -16.91
C ASN E 269 57.18 25.04 -18.40
N LEU E 270 56.03 25.41 -18.98
CA LEU E 270 55.99 25.83 -20.37
C LEU E 270 56.64 27.21 -20.52
N PRO E 271 57.23 27.50 -21.69
CA PRO E 271 57.84 28.83 -21.90
C PRO E 271 56.85 29.99 -21.86
N THR E 272 55.60 29.77 -22.27
CA THR E 272 54.60 30.81 -22.28
C THR E 272 53.34 30.33 -21.58
N VAL E 273 52.56 31.29 -21.08
CA VAL E 273 51.26 31.02 -20.49
C VAL E 273 50.19 31.74 -21.32
N HIS E 274 49.07 31.07 -21.53
CA HIS E 274 47.99 31.64 -22.32
C HIS E 274 46.88 32.14 -21.40
N ARG E 275 46.19 33.17 -21.86
CA ARG E 275 44.97 33.61 -21.19
C ARG E 275 43.77 32.88 -21.80
N ILE E 276 42.65 32.93 -21.08
CA ILE E 276 41.41 32.35 -21.59
C ILE E 276 40.92 33.12 -22.82
N ARG E 277 41.13 34.44 -22.81
CA ARG E 277 40.83 35.27 -23.98
C ARG E 277 41.72 34.94 -25.18
N ASP E 278 42.92 34.41 -24.95
CA ASP E 278 43.84 34.07 -26.02
C ASP E 278 43.64 32.66 -26.56
N ILE E 279 42.66 31.92 -26.05
CA ILE E 279 42.44 30.54 -26.50
C ILE E 279 41.74 30.54 -27.84
N ARG E 280 42.36 29.91 -28.84
CA ARG E 280 41.78 29.74 -30.16
C ARG E 280 41.63 28.25 -30.44
N SER E 281 40.75 27.92 -31.38
CA SER E 281 40.47 26.55 -31.73
C SER E 281 41.48 25.96 -32.71
N GLU E 282 42.45 26.74 -33.16
CA GLU E 282 43.47 26.25 -34.07
C GLU E 282 44.54 25.42 -33.36
N LYS E 283 44.58 25.44 -32.03
CA LYS E 283 45.63 24.79 -31.26
C LYS E 283 45.07 23.78 -30.27
N ILE E 284 44.02 23.06 -30.67
CA ILE E 284 43.52 21.99 -29.80
C ILE E 284 44.45 20.79 -29.90
N GLY E 285 44.43 19.96 -28.87
CA GLY E 285 45.37 18.86 -28.79
C GLY E 285 46.80 19.26 -28.59
N SER E 286 47.04 20.47 -28.11
CA SER E 286 48.38 21.02 -27.97
C SER E 286 48.64 21.35 -26.51
N LEU E 287 49.93 21.37 -26.15
CA LEU E 287 50.33 21.58 -24.77
C LEU E 287 50.25 23.07 -24.43
N LEU E 288 49.29 23.44 -23.59
CA LEU E 288 49.05 24.83 -23.25
C LEU E 288 49.01 25.00 -21.73
N SER E 289 49.36 26.21 -21.29
CA SER E 289 49.30 26.58 -19.89
C SER E 289 48.42 27.81 -19.74
N ILE E 290 47.48 27.74 -18.79
CA ILE E 290 46.44 28.74 -18.63
C ILE E 290 46.40 29.18 -17.17
N SER E 291 46.47 30.49 -16.93
CA SER E 291 46.33 31.06 -15.60
C SER E 291 44.90 31.57 -15.45
N GLY E 292 44.29 31.29 -14.30
CA GLY E 292 42.91 31.70 -14.09
C GLY E 292 42.48 31.51 -12.66
N THR E 293 41.22 31.89 -12.41
CA THR E 293 40.57 31.75 -11.11
C THR E 293 39.41 30.78 -11.23
N VAL E 294 39.39 29.77 -10.37
CA VAL E 294 38.31 28.79 -10.38
C VAL E 294 37.09 29.36 -9.68
N THR E 295 35.95 29.33 -10.37
CA THR E 295 34.69 29.77 -9.77
C THR E 295 34.10 28.68 -8.86
N ARG E 296 33.81 27.51 -9.42
CA ARG E 296 33.32 26.39 -8.64
C ARG E 296 33.92 25.10 -9.15
N THR E 297 33.99 24.12 -8.25
CA THR E 297 34.53 22.80 -8.55
C THR E 297 33.44 21.75 -8.39
N SER E 298 33.62 20.63 -9.08
CA SER E 298 32.59 19.59 -9.14
C SER E 298 32.95 18.45 -8.19
N GLU E 299 32.03 17.49 -8.09
CA GLU E 299 32.24 16.32 -7.26
C GLU E 299 33.30 15.41 -7.88
N VAL E 300 34.08 14.75 -7.03
CA VAL E 300 35.07 13.78 -7.50
C VAL E 300 34.30 12.52 -7.89
N ARG E 301 34.02 12.37 -9.17
CA ARG E 301 33.17 11.32 -9.70
C ARG E 301 34.00 10.32 -10.50
N PRO E 302 33.55 9.08 -10.64
CA PRO E 302 34.31 8.09 -11.43
C PRO E 302 33.96 8.15 -12.92
N GLU E 303 34.98 8.33 -13.75
CA GLU E 303 34.85 8.04 -15.18
C GLU E 303 34.90 6.55 -15.43
N LEU E 304 34.24 6.12 -16.49
CA LEU E 304 34.39 4.75 -17.00
C LEU E 304 35.58 4.76 -17.97
N TYR E 305 36.77 4.45 -17.45
CA TYR E 305 37.97 4.52 -18.28
C TYR E 305 38.09 3.33 -19.21
N LYS E 306 38.23 2.13 -18.67
CA LYS E 306 38.25 0.91 -19.47
C LYS E 306 37.05 0.07 -19.08
N ALA E 307 36.29 -0.36 -20.08
CA ALA E 307 35.00 -0.99 -19.82
C ALA E 307 35.00 -2.43 -20.29
N SER E 308 34.29 -3.27 -19.53
CA SER E 308 34.09 -4.67 -19.85
C SER E 308 32.60 -4.96 -19.87
N PHE E 309 32.15 -5.71 -20.88
CA PHE E 309 30.74 -6.00 -21.06
C PHE E 309 30.56 -7.49 -21.28
N THR E 310 29.37 -7.99 -20.94
CA THR E 310 29.00 -9.37 -21.21
C THR E 310 27.79 -9.42 -22.14
N CYS E 311 27.85 -10.38 -23.07
CA CYS E 311 26.72 -10.64 -23.95
C CYS E 311 25.60 -11.31 -23.16
N ASP E 312 24.36 -10.88 -23.40
CA ASP E 312 23.24 -11.45 -22.67
C ASP E 312 22.81 -12.80 -23.20
N MET E 313 23.23 -13.16 -24.42
CA MET E 313 22.85 -14.45 -25.00
C MET E 313 23.77 -15.57 -24.52
N CYS E 314 25.06 -15.47 -24.85
CA CYS E 314 26.00 -16.57 -24.66
C CYS E 314 27.05 -16.29 -23.59
N ARG E 315 26.90 -15.17 -22.86
CA ARG E 315 27.80 -14.77 -21.75
C ARG E 315 29.25 -14.60 -22.20
N ALA E 316 29.46 -14.18 -23.44
CA ALA E 316 30.80 -13.87 -23.91
C ALA E 316 31.25 -12.53 -23.36
N ILE E 317 32.57 -12.39 -23.17
CA ILE E 317 33.15 -11.24 -22.50
C ILE E 317 33.91 -10.40 -23.51
N VAL E 318 33.56 -9.13 -23.61
CA VAL E 318 34.33 -8.14 -24.35
C VAL E 318 34.80 -7.10 -23.36
N ASP E 319 36.10 -6.89 -23.28
CA ASP E 319 36.69 -6.00 -22.30
C ASP E 319 37.65 -5.08 -23.07
N ASN E 320 38.06 -3.98 -22.42
CA ASN E 320 38.87 -2.86 -22.94
C ASN E 320 38.11 -2.02 -23.95
N VAL E 321 36.79 -1.94 -23.81
CA VAL E 321 36.04 -0.96 -24.58
C VAL E 321 36.36 0.43 -24.03
N GLU E 322 36.70 1.34 -24.94
CA GLU E 322 37.11 2.70 -24.58
C GLU E 322 35.98 3.66 -24.90
N GLN E 323 35.60 4.45 -23.90
CA GLN E 323 34.56 5.46 -24.05
C GLN E 323 35.23 6.82 -24.13
N SER E 324 35.17 7.43 -25.30
CA SER E 324 35.79 8.74 -25.49
C SER E 324 34.99 9.84 -24.82
N PHE E 325 33.74 10.04 -25.25
CA PHE E 325 32.90 11.08 -24.68
C PHE E 325 31.49 10.63 -24.36
N LYS E 326 31.04 9.47 -24.82
CA LYS E 326 29.74 8.93 -24.47
C LYS E 326 29.88 7.47 -24.07
N TYR E 327 28.90 7.01 -23.29
CA TYR E 327 28.89 5.62 -22.84
C TYR E 327 28.54 4.71 -24.01
N THR E 328 29.49 3.87 -24.42
CA THR E 328 29.34 3.04 -25.61
C THR E 328 29.37 1.57 -25.23
N GLU E 329 28.63 0.77 -26.00
CA GLU E 329 28.56 -0.67 -25.85
C GLU E 329 29.11 -1.35 -27.10
N PRO E 330 29.67 -2.55 -26.98
CA PRO E 330 30.18 -3.24 -28.18
C PRO E 330 29.05 -3.66 -29.10
N THR E 331 29.36 -3.75 -30.39
CA THR E 331 28.35 -4.08 -31.39
C THR E 331 28.37 -5.56 -31.77
N PHE E 332 29.54 -6.10 -32.08
CA PHE E 332 29.65 -7.46 -32.61
C PHE E 332 30.07 -8.42 -31.49
N CYS E 333 29.29 -9.47 -31.31
CA CYS E 333 29.62 -10.49 -30.32
C CYS E 333 30.81 -11.31 -30.81
N PRO E 334 31.84 -11.51 -29.98
CA PRO E 334 33.05 -12.20 -30.47
C PRO E 334 32.85 -13.69 -30.66
N ASN E 335 31.82 -14.28 -30.08
CA ASN E 335 31.49 -15.68 -30.36
C ASN E 335 30.93 -15.77 -31.77
N PRO E 336 31.54 -16.54 -32.67
CA PRO E 336 31.00 -16.65 -34.04
C PRO E 336 29.67 -17.39 -34.11
N SER E 337 29.35 -18.21 -33.12
CA SER E 337 28.05 -18.89 -33.11
C SER E 337 26.93 -17.93 -32.74
N CYS E 338 27.21 -16.95 -31.87
CA CYS E 338 26.20 -16.00 -31.43
C CYS E 338 26.15 -14.80 -32.39
N GLU E 339 24.94 -14.27 -32.58
CA GLU E 339 24.71 -13.17 -33.51
C GLU E 339 24.11 -11.97 -32.79
N ASN E 340 24.53 -11.75 -31.55
CA ASN E 340 24.00 -10.65 -30.75
C ASN E 340 24.56 -9.32 -31.22
N ARG E 341 23.70 -8.29 -31.23
CA ARG E 341 24.11 -6.95 -31.60
C ARG E 341 23.83 -5.90 -30.54
N ALA E 342 22.75 -6.03 -29.79
CA ALA E 342 22.40 -5.12 -28.70
C ALA E 342 22.33 -5.92 -27.40
N PHE E 343 21.84 -5.25 -26.35
CA PHE E 343 21.55 -5.82 -25.03
C PHE E 343 22.82 -6.42 -24.39
N TRP E 344 23.77 -5.54 -24.10
CA TRP E 344 25.01 -5.91 -23.44
C TRP E 344 24.98 -5.40 -22.01
N THR E 345 25.40 -6.25 -21.07
CA THR E 345 25.33 -5.91 -19.65
C THR E 345 26.72 -5.51 -19.16
N LEU E 346 26.78 -4.39 -18.43
CA LEU E 346 28.06 -3.87 -17.97
C LEU E 346 28.56 -4.69 -16.78
N ASN E 347 29.87 -4.88 -16.73
CA ASN E 347 30.53 -5.53 -15.60
C ASN E 347 31.17 -4.43 -14.74
N VAL E 348 30.56 -4.14 -13.59
CA VAL E 348 31.00 -3.04 -12.75
C VAL E 348 32.33 -3.37 -12.09
N THR E 349 32.50 -4.62 -11.63
CA THR E 349 33.70 -5.01 -10.90
C THR E 349 34.91 -5.09 -11.82
N ARG E 350 34.74 -5.71 -12.99
CA ARG E 350 35.87 -5.97 -13.89
C ARG E 350 36.38 -4.68 -14.55
N SER E 351 35.49 -3.73 -14.82
CA SER E 351 35.88 -2.49 -15.49
C SER E 351 36.73 -1.61 -14.58
N ARG E 352 37.59 -0.81 -15.20
CA ARG E 352 38.53 0.05 -14.50
C ARG E 352 38.11 1.51 -14.63
N PHE E 353 38.08 2.21 -13.49
CA PHE E 353 37.52 3.54 -13.35
C PHE E 353 38.61 4.54 -13.02
N LEU E 354 38.35 5.82 -13.31
CA LEU E 354 39.25 6.91 -12.94
C LEU E 354 38.47 8.07 -12.35
N ASP E 355 39.15 8.82 -11.48
CA ASP E 355 38.57 10.00 -10.85
C ASP E 355 38.38 11.11 -11.87
N TRP E 356 37.33 11.90 -11.68
CA TRP E 356 36.98 12.98 -12.59
C TRP E 356 36.59 14.21 -11.79
N GLN E 357 37.03 15.37 -12.27
CA GLN E 357 36.61 16.63 -11.68
C GLN E 357 36.56 17.69 -12.78
N LYS E 358 35.50 18.48 -12.79
CA LYS E 358 35.35 19.55 -13.78
C LYS E 358 35.33 20.87 -13.04
N VAL E 359 36.40 21.64 -13.17
CA VAL E 359 36.51 22.95 -12.52
C VAL E 359 36.30 24.03 -13.57
N ARG E 360 35.54 25.05 -13.21
CA ARG E 360 35.19 26.11 -14.15
C ARG E 360 36.01 27.35 -13.81
N ILE E 361 36.74 27.87 -14.79
CA ILE E 361 37.68 28.96 -14.56
C ILE E 361 37.29 30.17 -15.42
N GLN E 362 37.79 31.33 -15.00
CA GLN E 362 37.62 32.59 -15.70
C GLN E 362 38.93 33.36 -15.60
N GLU E 363 39.10 34.36 -16.45
CA GLU E 363 40.36 35.11 -16.45
C GLU E 363 40.42 36.05 -15.25
N ASN E 364 41.65 36.34 -14.83
CA ASN E 364 41.89 37.15 -13.65
C ASN E 364 41.51 38.61 -13.91
N ALA E 365 41.27 39.34 -12.82
CA ALA E 365 40.86 40.74 -12.91
C ALA E 365 41.95 41.66 -13.43
N ASN E 366 43.21 41.21 -13.47
CA ASN E 366 44.27 42.04 -14.04
C ASN E 366 44.15 42.14 -15.55
N GLU E 367 43.74 41.06 -16.21
CA GLU E 367 43.66 41.03 -17.67
C GLU E 367 42.24 41.24 -18.19
N ILE E 368 41.30 41.60 -17.34
CA ILE E 368 39.94 41.92 -17.78
C ILE E 368 39.92 43.33 -18.34
N PRO E 369 39.52 43.54 -19.60
CA PRO E 369 39.47 44.90 -20.16
C PRO E 369 38.25 45.68 -19.69
N THR E 370 38.06 46.86 -20.25
CA THR E 370 37.01 47.77 -19.78
C THR E 370 35.63 47.29 -20.20
N GLY E 371 34.75 47.10 -19.21
CA GLY E 371 33.35 46.79 -19.45
C GLY E 371 33.05 45.47 -20.12
N SER E 372 33.67 44.39 -19.66
CA SER E 372 33.45 43.08 -20.26
C SER E 372 33.13 42.05 -19.19
N MET E 373 32.17 41.19 -19.49
CA MET E 373 31.94 40.03 -18.66
C MET E 373 33.07 39.02 -18.87
N PRO E 374 33.51 38.33 -17.82
CA PRO E 374 34.64 37.41 -17.97
C PRO E 374 34.24 36.14 -18.73
N ARG E 375 35.09 35.76 -19.69
CA ARG E 375 34.87 34.53 -20.44
C ARG E 375 35.25 33.32 -19.60
N THR E 376 34.54 32.22 -19.82
CA THR E 376 34.69 31.05 -18.96
C THR E 376 35.27 29.87 -19.74
N LEU E 377 35.81 28.91 -19.00
CA LEU E 377 36.39 27.71 -19.59
C LEU E 377 36.30 26.55 -18.62
N ASP E 378 35.89 25.38 -19.11
CA ASP E 378 35.84 24.18 -18.30
C ASP E 378 37.16 23.43 -18.40
N VAL E 379 37.70 23.02 -17.25
CA VAL E 379 38.99 22.34 -17.15
C VAL E 379 38.77 21.00 -16.47
N ILE E 380 39.27 19.93 -17.09
CA ILE E 380 39.07 18.57 -16.62
C ILE E 380 40.33 18.13 -15.88
N LEU E 381 40.15 17.68 -14.64
CA LEU E 381 41.21 17.08 -13.84
C LEU E 381 40.90 15.61 -13.65
N ARG E 382 41.87 14.76 -13.98
CA ARG E 382 41.70 13.31 -13.90
C ARG E 382 42.91 12.69 -13.20
N GLY E 383 42.67 11.58 -12.52
CA GLY E 383 43.73 10.85 -11.88
C GLY E 383 44.18 11.43 -10.56
N ASP E 384 45.47 11.75 -10.46
CA ASP E 384 46.02 12.30 -9.22
C ASP E 384 45.68 13.76 -9.02
N SER E 385 45.34 14.49 -10.09
CA SER E 385 45.15 15.93 -10.01
C SER E 385 43.77 16.34 -9.53
N VAL E 386 42.91 15.40 -9.12
CA VAL E 386 41.61 15.77 -8.58
C VAL E 386 41.78 16.39 -7.20
N GLU E 387 40.91 17.37 -6.91
CA GLU E 387 40.86 18.15 -5.67
C GLU E 387 42.15 18.94 -5.40
N ARG E 388 43.01 19.13 -6.40
CA ARG E 388 44.22 19.91 -6.21
C ARG E 388 43.92 21.40 -6.23
N ALA E 389 42.98 21.83 -7.08
CA ALA E 389 42.63 23.24 -7.23
C ALA E 389 41.34 23.53 -6.50
N LYS E 390 41.41 24.45 -5.53
CA LYS E 390 40.27 24.95 -4.80
C LYS E 390 39.71 26.19 -5.49
N PRO E 391 38.40 26.45 -5.39
CA PRO E 391 37.83 27.61 -6.05
C PRO E 391 38.30 28.93 -5.47
N GLY E 392 38.40 29.94 -6.35
CA GLY E 392 38.79 31.27 -5.95
C GLY E 392 40.27 31.55 -5.87
N ASP E 393 41.12 30.65 -6.37
CA ASP E 393 42.56 30.80 -6.30
C ASP E 393 43.13 31.15 -7.66
N ARG E 394 44.09 32.06 -7.68
CA ARG E 394 44.94 32.26 -8.85
C ARG E 394 45.76 30.99 -9.07
N CYS E 395 45.59 30.36 -10.23
CA CYS E 395 46.22 29.06 -10.42
C CYS E 395 46.51 28.82 -11.89
N LYS E 396 47.55 28.03 -12.14
CA LYS E 396 48.01 27.72 -13.49
C LYS E 396 47.81 26.23 -13.76
N PHE E 397 47.08 25.94 -14.83
CA PHE E 397 46.88 24.58 -15.31
C PHE E 397 47.69 24.40 -16.58
N THR E 398 48.53 23.38 -16.63
CA THR E 398 49.21 23.01 -17.86
C THR E 398 48.73 21.64 -18.31
N GLY E 399 48.49 21.52 -19.62
CA GLY E 399 47.88 20.32 -20.17
C GLY E 399 47.41 20.48 -21.60
N VAL E 400 46.21 19.96 -21.88
CA VAL E 400 45.73 19.80 -23.25
C VAL E 400 44.46 20.63 -23.42
N GLU E 401 44.39 21.38 -24.52
CA GLU E 401 43.14 21.96 -24.97
C GLU E 401 42.40 20.94 -25.80
N ILE E 402 41.17 20.62 -25.42
CA ILE E 402 40.35 19.63 -26.10
C ILE E 402 39.05 20.29 -26.54
N VAL E 403 38.32 19.58 -27.40
CA VAL E 403 36.98 19.97 -27.81
C VAL E 403 36.04 18.81 -27.49
N VAL E 404 34.87 19.14 -26.96
CA VAL E 404 33.88 18.16 -26.54
C VAL E 404 32.65 18.29 -27.43
N PRO E 405 32.04 17.19 -27.85
CA PRO E 405 30.81 17.28 -28.64
C PRO E 405 29.58 17.31 -27.76
N ASP E 406 28.44 17.51 -28.40
CA ASP E 406 27.15 17.39 -27.72
C ASP E 406 26.83 15.91 -27.58
N VAL E 407 26.80 15.42 -26.34
CA VAL E 407 26.61 14.00 -26.07
C VAL E 407 25.19 13.56 -26.43
N THR E 408 24.20 14.42 -26.15
CA THR E 408 22.80 14.11 -26.47
C THR E 408 22.57 13.99 -27.97
N GLN E 409 23.33 14.72 -28.78
CA GLN E 409 23.21 14.63 -30.22
C GLN E 409 23.88 13.39 -30.80
N LEU E 410 24.66 12.68 -30.02
CA LEU E 410 25.30 11.44 -30.46
C LEU E 410 24.43 10.21 -30.24
N GLY E 411 23.23 10.39 -29.66
CA GLY E 411 22.34 9.27 -29.43
C GLY E 411 22.71 8.43 -28.23
N LEU E 412 22.80 9.07 -27.06
CA LEU E 412 23.08 8.38 -25.82
C LEU E 412 21.85 7.58 -25.39
N PRO E 413 22.02 6.37 -24.87
CA PRO E 413 20.86 5.59 -24.41
C PRO E 413 20.18 6.23 -23.21
N GLY E 414 18.84 6.30 -23.29
CA GLY E 414 18.03 6.85 -22.20
C GLY E 414 17.92 8.35 -22.16
N VAL E 415 18.46 9.07 -23.15
CA VAL E 415 18.44 10.52 -23.18
C VAL E 415 17.81 10.98 -24.49
N LYS E 416 16.83 11.87 -24.38
CA LYS E 416 16.24 12.49 -25.57
C LYS E 416 17.27 13.41 -26.24
N PRO E 417 17.27 13.47 -27.58
CA PRO E 417 18.10 14.47 -28.27
C PRO E 417 17.67 15.89 -27.92
N SER E 418 18.64 16.73 -27.61
CA SER E 418 18.37 18.11 -27.21
C SER E 418 18.31 19.04 -28.41
N LEU E 433 22.10 26.37 -29.42
CA LEU E 433 21.14 26.75 -30.44
C LEU E 433 21.84 27.08 -31.75
N ASN E 434 23.16 27.26 -31.68
CA ASN E 434 23.94 27.58 -32.86
C ASN E 434 24.06 26.35 -33.77
N SER E 435 23.97 26.58 -35.07
CA SER E 435 24.05 25.50 -36.05
C SER E 435 25.48 24.99 -36.14
N GLY E 436 25.63 23.67 -36.08
CA GLY E 436 26.95 23.05 -36.17
C GLY E 436 27.12 22.20 -37.40
N VAL E 437 27.79 21.06 -37.25
CA VAL E 437 28.03 20.15 -38.37
C VAL E 437 27.00 19.01 -38.29
N THR E 438 26.75 18.41 -39.45
CA THR E 438 25.78 17.33 -39.56
C THR E 438 26.21 16.41 -40.69
N GLY E 439 25.32 15.51 -41.09
CA GLY E 439 25.64 14.55 -42.12
C GLY E 439 26.33 13.30 -41.63
N LEU E 440 26.19 12.99 -40.34
CA LEU E 440 26.78 11.81 -39.76
C LEU E 440 25.72 10.73 -39.56
N ARG E 441 26.17 9.47 -39.56
CA ARG E 441 25.27 8.35 -39.40
C ARG E 441 24.72 8.27 -37.98
N SER E 442 25.58 8.51 -36.98
CA SER E 442 25.12 8.57 -35.60
C SER E 442 24.26 9.79 -35.34
N LEU E 443 24.44 10.87 -36.10
CA LEU E 443 23.60 12.05 -36.00
C LEU E 443 22.27 11.88 -36.72
N GLY E 444 22.24 11.11 -37.79
CA GLY E 444 21.04 10.99 -38.59
C GLY E 444 20.76 12.26 -39.36
N VAL E 445 19.75 13.00 -38.93
CA VAL E 445 19.45 14.32 -39.47
C VAL E 445 19.81 15.43 -38.49
N ARG E 446 20.13 15.09 -37.24
CA ARG E 446 20.49 16.07 -36.23
C ARG E 446 21.86 16.68 -36.52
N ASP E 447 22.14 17.79 -35.85
CA ASP E 447 23.42 18.47 -35.94
C ASP E 447 24.21 18.33 -34.64
N LEU E 448 25.52 18.57 -34.74
CA LEU E 448 26.42 18.43 -33.60
C LEU E 448 27.06 19.77 -33.27
N THR E 449 27.04 20.12 -31.99
CA THR E 449 27.66 21.34 -31.50
C THR E 449 28.93 20.99 -30.72
N TYR E 450 29.83 21.96 -30.63
CA TYR E 450 31.13 21.76 -30.02
C TYR E 450 31.42 22.86 -29.00
N LYS E 451 32.09 22.48 -27.92
CA LYS E 451 32.48 23.42 -26.86
C LYS E 451 33.97 23.29 -26.60
N ILE E 452 34.61 24.41 -26.28
CA ILE E 452 36.03 24.44 -25.97
C ILE E 452 36.20 24.12 -24.49
N SER E 453 36.99 23.09 -24.19
CA SER E 453 37.30 22.71 -22.82
C SER E 453 38.80 22.50 -22.72
N PHE E 454 39.24 22.07 -21.53
CA PHE E 454 40.65 21.85 -21.27
C PHE E 454 40.83 20.55 -20.50
N LEU E 455 41.88 19.81 -20.83
CA LEU E 455 42.24 18.57 -20.15
C LEU E 455 43.61 18.82 -19.52
N ALA E 456 43.61 19.31 -18.30
CA ALA E 456 44.85 19.68 -17.61
C ALA E 456 45.53 18.43 -17.07
N CYS E 457 46.85 18.39 -17.19
CA CYS E 457 47.64 17.29 -16.66
C CYS E 457 48.46 17.67 -15.43
N HIS E 458 48.63 18.96 -15.15
CA HIS E 458 49.38 19.37 -13.97
C HIS E 458 48.89 20.74 -13.51
N VAL E 459 48.70 20.89 -12.20
CA VAL E 459 48.10 22.08 -11.60
C VAL E 459 49.07 22.65 -10.58
N ILE E 460 49.26 23.96 -10.60
CA ILE E 460 49.87 24.68 -9.48
C ILE E 460 48.95 25.81 -9.06
N SER E 461 49.00 26.15 -7.78
CA SER E 461 48.22 27.26 -7.23
C SER E 461 49.17 28.34 -6.75
N ILE E 462 49.00 29.56 -7.26
CA ILE E 462 49.81 30.70 -6.86
C ILE E 462 48.99 31.73 -6.10
N GLY E 463 47.80 31.35 -5.64
CA GLY E 463 46.94 32.25 -4.89
C GLY E 463 46.00 31.53 -3.95
N ASN E 497 49.17 21.98 13.20
CA ASN E 497 49.45 21.02 12.15
C ASN E 497 50.65 20.16 12.49
N GLU E 498 50.40 18.86 12.69
CA GLU E 498 51.40 17.85 13.05
C GLU E 498 52.13 18.22 14.35
N ARG E 499 51.35 18.30 15.43
CA ARG E 499 51.87 18.74 16.72
C ARG E 499 52.55 17.59 17.45
N ASP E 500 53.71 17.20 16.91
CA ASP E 500 54.59 16.23 17.55
C ASP E 500 56.02 16.55 17.13
N GLN E 501 56.96 16.18 17.99
CA GLN E 501 58.35 16.57 17.77
C GLN E 501 59.00 15.76 16.65
N GLU E 502 58.74 14.45 16.60
CA GLU E 502 59.44 13.56 15.68
C GLU E 502 59.03 13.82 14.23
N VAL E 503 57.74 14.00 13.97
CA VAL E 503 57.29 14.25 12.61
C VAL E 503 57.71 15.64 12.15
N PHE E 504 57.83 16.60 13.08
CA PHE E 504 58.27 17.94 12.70
C PHE E 504 59.78 17.96 12.39
N LEU E 505 60.58 17.19 13.14
CA LEU E 505 62.00 17.12 12.81
C LEU E 505 62.23 16.27 11.57
N ASN E 506 61.34 15.32 11.27
CA ASN E 506 61.41 14.62 10.00
C ASN E 506 61.06 15.53 8.84
N SER E 507 60.08 16.42 9.02
CA SER E 507 59.70 17.35 7.97
C SER E 507 60.66 18.53 7.84
N LEU E 508 61.54 18.73 8.82
CA LEU E 508 62.46 19.86 8.79
C LEU E 508 63.67 19.53 7.90
N SER E 509 64.32 20.59 7.43
CA SER E 509 65.45 20.44 6.52
C SER E 509 66.71 19.99 7.28
N SER E 510 67.76 19.68 6.50
CA SER E 510 68.97 19.12 7.09
C SER E 510 69.78 20.18 7.84
N ASP E 511 69.90 21.37 7.27
CA ASP E 511 70.57 22.46 7.97
C ASP E 511 69.64 23.19 8.93
N GLU E 512 68.33 23.11 8.67
CA GLU E 512 67.37 23.82 9.50
C GLU E 512 67.23 23.19 10.89
N ILE E 513 67.41 21.88 11.00
CA ILE E 513 67.35 21.26 12.32
C ILE E 513 68.56 21.64 13.17
N ASN E 514 69.73 21.80 12.54
CA ASN E 514 70.90 22.29 13.26
C ASN E 514 70.75 23.76 13.63
N GLU E 515 70.11 24.54 12.75
CA GLU E 515 69.79 25.93 13.07
C GLU E 515 68.82 26.00 14.24
N LEU E 516 67.83 25.13 14.28
CA LEU E 516 66.88 25.09 15.39
C LEU E 516 67.57 24.66 16.68
N LYS E 517 68.52 23.73 16.59
CA LYS E 517 69.31 23.32 17.75
C LYS E 517 70.15 24.47 18.28
N GLU E 518 70.73 25.28 17.40
CA GLU E 518 71.46 26.44 17.90
C GLU E 518 70.54 27.57 18.38
N MET E 519 69.27 27.57 17.97
CA MET E 519 68.29 28.47 18.61
C MET E 519 67.99 28.04 20.03
N VAL E 520 67.69 26.75 20.23
CA VAL E 520 67.19 26.31 21.54
C VAL E 520 68.25 26.28 22.63
N LYS E 521 69.52 26.42 22.28
CA LYS E 521 70.60 26.47 23.26
C LYS E 521 71.08 27.89 23.55
N ASP E 522 70.36 28.90 23.04
CA ASP E 522 70.76 30.28 23.27
C ASP E 522 70.49 30.69 24.72
N GLU E 523 71.29 31.62 25.22
CA GLU E 523 71.20 32.04 26.62
C GLU E 523 70.08 33.05 26.84
N HIS E 524 69.73 33.82 25.81
CA HIS E 524 68.76 34.90 25.89
C HIS E 524 67.68 34.71 24.83
N ILE E 525 67.08 33.51 24.82
CA ILE E 525 66.01 33.17 23.90
C ILE E 525 64.83 34.13 24.04
N TYR E 526 64.48 34.47 25.29
CA TYR E 526 63.29 35.28 25.55
C TYR E 526 63.41 36.69 24.97
N ASP E 527 64.58 37.33 25.13
CA ASP E 527 64.79 38.66 24.59
C ASP E 527 64.84 38.66 23.07
N LYS E 528 65.49 37.65 22.47
CA LYS E 528 65.56 37.55 21.02
C LYS E 528 64.19 37.33 20.40
N LEU E 529 63.35 36.51 21.04
CA LEU E 529 62.01 36.26 20.52
C LEU E 529 61.07 37.44 20.76
N VAL E 530 61.23 38.20 21.85
CA VAL E 530 60.37 39.38 21.99
C VAL E 530 60.87 40.57 21.17
N ARG E 531 62.13 40.55 20.71
CA ARG E 531 62.57 41.59 19.79
C ARG E 531 62.35 41.23 18.33
N SER E 532 62.27 39.93 18.01
CA SER E 532 62.10 39.53 16.61
C SER E 532 60.67 39.73 16.11
N ILE E 533 59.70 39.83 17.03
CA ILE E 533 58.32 40.03 16.63
C ILE E 533 58.11 41.48 16.22
N ALA E 534 57.59 41.69 15.01
CA ALA E 534 57.28 42.97 14.37
C ALA E 534 58.49 43.89 14.31
N PRO E 535 59.49 43.59 13.46
CA PRO E 535 60.69 44.44 13.41
C PRO E 535 60.44 45.81 12.78
N ALA E 536 59.40 45.95 11.95
CA ALA E 536 59.11 47.24 11.35
C ALA E 536 58.49 48.20 12.35
N VAL E 537 57.79 47.67 13.34
CA VAL E 537 57.10 48.51 14.33
C VAL E 537 58.10 48.93 15.40
N PHE E 538 58.21 50.24 15.61
CA PHE E 538 59.13 50.78 16.60
C PHE E 538 58.49 50.71 17.99
N GLY E 539 59.26 50.24 18.97
CA GLY E 539 58.84 50.24 20.34
C GLY E 539 57.78 49.18 20.65
N HIS E 540 57.19 49.33 21.83
CA HIS E 540 56.13 48.47 22.36
C HIS E 540 56.57 47.01 22.43
N GLU E 541 57.59 46.76 23.26
CA GLU E 541 58.13 45.41 23.39
C GLU E 541 57.19 44.49 24.17
N ALA E 542 56.39 45.04 25.08
CA ALA E 542 55.42 44.25 25.81
C ALA E 542 54.32 43.72 24.88
N VAL E 543 53.89 44.56 23.93
CA VAL E 543 52.89 44.13 22.96
C VAL E 543 53.46 43.06 22.04
N LYS E 544 54.75 43.17 21.69
CA LYS E 544 55.42 42.13 20.92
C LYS E 544 55.51 40.83 21.70
N LYS E 545 55.77 40.91 23.00
CA LYS E 545 55.78 39.73 23.87
C LYS E 545 54.41 39.07 23.93
N GLY E 546 53.36 39.87 24.06
CA GLY E 546 52.01 39.32 24.10
C GLY E 546 51.59 38.69 22.78
N ILE E 547 51.96 39.34 21.66
CA ILE E 547 51.66 38.79 20.33
C ILE E 547 52.42 37.48 20.11
N LEU E 548 53.68 37.42 20.59
CA LEU E 548 54.45 36.18 20.55
C LEU E 548 53.77 35.07 21.35
N LEU E 549 53.25 35.40 22.53
CA LEU E 549 52.54 34.41 23.34
C LEU E 549 51.25 33.96 22.67
N GLN E 550 50.60 34.86 21.91
CA GLN E 550 49.45 34.44 21.11
C GLN E 550 49.85 33.47 20.01
N MET E 551 50.98 33.72 19.34
CA MET E 551 51.49 32.77 18.34
C MET E 551 51.86 31.42 18.95
N LEU E 552 52.36 31.41 20.18
CA LEU E 552 52.66 30.13 20.82
C LEU E 552 51.41 29.50 21.41
N GLY E 553 50.78 30.19 22.35
CA GLY E 553 49.51 29.74 22.89
C GLY E 553 49.64 28.59 23.87
N GLY E 554 48.49 28.19 24.41
CA GLY E 554 48.42 27.07 25.32
C GLY E 554 48.18 25.76 24.59
N VAL E 555 47.77 24.75 25.36
CA VAL E 555 47.45 23.44 24.82
C VAL E 555 45.96 23.17 25.06
N HIS E 556 45.31 22.58 24.06
CA HIS E 556 43.90 22.27 24.18
C HIS E 556 43.71 21.05 25.09
N LYS E 557 42.81 21.17 26.05
CA LYS E 557 42.54 20.11 27.02
C LYS E 557 41.10 19.65 26.92
N SER E 558 40.91 18.34 26.91
CA SER E 558 39.59 17.73 26.90
C SER E 558 39.43 16.93 28.19
N THR E 559 38.55 17.40 29.07
CA THR E 559 38.28 16.72 30.33
C THR E 559 37.52 15.43 30.04
N VAL E 560 37.75 14.41 30.88
CA VAL E 560 37.07 13.12 30.77
C VAL E 560 35.56 13.23 30.99
N GLU E 561 35.09 14.32 31.59
CA GLU E 561 33.68 14.65 31.67
C GLU E 561 33.13 15.28 30.39
N GLY E 562 33.96 15.43 29.36
CA GLY E 562 33.52 16.00 28.10
C GLY E 562 33.53 17.50 28.04
N ILE E 563 34.07 18.17 29.06
CA ILE E 563 34.09 19.62 29.12
C ILE E 563 35.37 20.12 28.47
N LYS E 564 35.23 21.05 27.52
CA LYS E 564 36.37 21.57 26.78
C LYS E 564 36.93 22.82 27.48
N LEU E 565 38.25 22.92 27.49
CA LEU E 565 38.97 24.05 28.07
C LEU E 565 39.71 24.79 26.97
N ARG E 566 39.59 26.12 26.96
CA ARG E 566 40.16 26.93 25.90
C ARG E 566 41.68 26.98 26.05
N GLY E 567 42.39 26.69 24.96
CA GLY E 567 43.83 26.84 24.89
C GLY E 567 44.32 28.05 24.13
N ASP E 568 43.41 28.90 23.65
CA ASP E 568 43.77 30.05 22.83
C ASP E 568 43.91 31.31 23.67
N ILE E 569 44.61 32.29 23.12
CA ILE E 569 44.97 33.52 23.81
C ILE E 569 44.38 34.70 23.04
N ASN E 570 43.69 35.59 23.75
CA ASN E 570 43.00 36.72 23.15
C ASN E 570 43.57 38.02 23.70
N ILE E 571 44.15 38.83 22.82
CA ILE E 571 44.73 40.12 23.20
C ILE E 571 43.78 41.22 22.74
N CYS E 572 43.57 42.21 23.61
CA CYS E 572 42.97 43.47 23.20
C CYS E 572 43.98 44.60 23.33
N VAL E 573 44.15 45.37 22.26
CA VAL E 573 45.09 46.47 22.21
C VAL E 573 44.30 47.76 22.07
N VAL E 574 44.46 48.66 23.03
CA VAL E 574 43.76 49.95 23.02
C VAL E 574 44.81 51.05 22.94
N GLY E 575 44.53 52.05 22.11
CA GLY E 575 45.52 53.10 21.88
C GLY E 575 44.95 54.25 21.08
N ASP E 576 45.77 55.30 20.99
CA ASP E 576 45.43 56.50 20.26
C ASP E 576 45.36 56.21 18.75
N PRO E 577 44.65 57.03 17.97
CA PRO E 577 44.49 56.74 16.52
C PRO E 577 45.77 56.73 15.69
N SER E 578 46.93 57.14 16.22
CA SER E 578 48.20 56.93 15.54
C SER E 578 49.15 56.24 16.53
N THR E 579 49.01 54.90 16.64
CA THR E 579 49.84 54.09 17.52
C THR E 579 50.27 52.77 16.91
N SER E 580 50.00 52.55 15.61
CA SER E 580 50.40 51.35 14.86
C SER E 580 49.83 50.06 15.45
N LYS E 581 48.58 50.11 15.92
CA LYS E 581 47.87 48.88 16.26
C LYS E 581 47.56 48.08 15.00
N SER E 582 47.14 48.77 13.93
CA SER E 582 46.83 48.10 12.68
C SER E 582 48.09 47.59 12.00
N GLN E 583 49.25 48.20 12.28
CA GLN E 583 50.51 47.66 11.77
C GLN E 583 50.83 46.32 12.42
N PHE E 584 50.54 46.18 13.71
CA PHE E 584 50.62 44.88 14.38
C PHE E 584 49.65 43.89 13.75
N LEU E 585 48.45 44.36 13.41
CA LEU E 585 47.46 43.49 12.77
C LEU E 585 47.94 43.01 11.39
N LYS E 586 48.52 43.90 10.59
CA LYS E 586 49.05 43.51 9.28
C LYS E 586 50.22 42.55 9.43
N TYR E 587 51.09 42.77 10.44
CA TYR E 587 52.21 41.87 10.66
C TYR E 587 51.75 40.47 11.04
N VAL E 588 50.74 40.38 11.92
CA VAL E 588 50.25 39.06 12.34
C VAL E 588 49.52 38.37 11.20
N VAL E 589 48.75 39.12 10.39
CA VAL E 589 48.04 38.53 9.27
C VAL E 589 49.01 38.04 8.20
N GLY E 590 49.98 38.87 7.82
CA GLY E 590 50.93 38.48 6.79
C GLY E 590 51.99 37.50 7.26
N PHE E 591 52.14 37.33 8.58
CA PHE E 591 53.17 36.43 9.08
C PHE E 591 52.60 35.08 9.50
N ALA E 592 51.61 35.07 10.40
CA ALA E 592 51.08 33.84 10.96
C ALA E 592 50.21 33.10 9.93
N PRO E 593 50.32 31.78 9.85
CA PRO E 593 49.41 31.01 8.99
C PRO E 593 48.01 30.97 9.59
N ARG E 594 47.04 30.75 8.69
CA ARG E 594 45.60 30.63 9.00
C ARG E 594 45.08 31.88 9.72
N SER E 595 45.53 33.04 9.26
CA SER E 595 45.15 34.31 9.85
C SER E 595 44.22 35.08 8.92
N VAL E 596 43.24 35.73 9.51
CA VAL E 596 42.21 36.46 8.76
C VAL E 596 42.10 37.86 9.32
N TYR E 597 42.24 38.86 8.45
CA TYR E 597 42.00 40.26 8.78
C TYR E 597 40.52 40.55 8.56
N THR E 598 39.92 41.29 9.50
CA THR E 598 38.53 41.70 9.36
C THR E 598 38.32 43.04 10.04
N SER E 599 37.24 43.71 9.64
CA SER E 599 36.77 44.92 10.29
C SER E 599 35.59 44.55 11.18
N GLY E 600 35.62 45.02 12.44
CA GLY E 600 34.62 44.58 13.39
C GLY E 600 33.27 45.21 13.18
N LYS E 601 33.22 46.37 12.51
CA LYS E 601 31.98 47.11 12.39
C LYS E 601 30.99 46.41 11.46
N ALA E 602 31.45 45.99 10.28
CA ALA E 602 30.60 45.34 9.28
C ALA E 602 31.48 44.62 8.28
N SER E 603 30.83 43.86 7.40
CA SER E 603 31.50 43.17 6.31
C SER E 603 30.47 42.84 5.25
N SER E 604 30.92 42.17 4.19
CA SER E 604 29.99 41.67 3.20
C SER E 604 29.17 40.52 3.79
N ALA E 605 27.85 40.63 3.63
CA ALA E 605 26.82 39.77 4.28
C ALA E 605 27.06 39.84 5.78
N ALA E 606 27.29 38.72 6.45
CA ALA E 606 27.57 38.70 7.88
C ALA E 606 29.06 38.47 8.12
N GLY E 607 29.69 39.41 8.82
CA GLY E 607 31.08 39.25 9.21
C GLY E 607 31.17 38.71 10.62
N LEU E 608 32.16 37.84 10.85
CA LEU E 608 32.48 37.14 12.12
C LEU E 608 31.40 36.14 12.55
N THR E 609 30.32 35.99 11.79
CA THR E 609 29.24 35.08 12.12
C THR E 609 28.84 34.31 10.87
N ALA E 610 28.28 33.12 11.07
CA ALA E 610 27.76 32.32 9.99
C ALA E 610 26.35 32.78 9.68
N ALA E 611 26.02 32.91 8.39
CA ALA E 611 24.74 33.46 7.96
C ALA E 611 23.96 32.44 7.15
N VAL E 612 22.64 32.53 7.23
CA VAL E 612 21.78 31.67 6.44
C VAL E 612 21.46 32.35 5.10
N VAL E 613 21.54 31.57 4.03
CA VAL E 613 21.36 32.08 2.67
C VAL E 613 20.30 31.26 1.96
N ARG E 614 19.31 31.95 1.40
CA ARG E 614 18.33 31.32 0.52
C ARG E 614 18.96 30.96 -0.82
N ASP E 615 18.84 29.69 -1.18
CA ASP E 615 19.30 29.21 -2.48
C ASP E 615 18.51 27.98 -2.90
N ASP E 620 15.24 26.57 1.54
CA ASP E 620 16.59 26.00 1.48
C ASP E 620 17.61 27.06 1.88
N TYR E 621 18.21 26.88 3.05
CA TYR E 621 19.19 27.81 3.59
C TYR E 621 20.55 27.12 3.70
N THR E 622 21.61 27.88 3.47
CA THR E 622 22.97 27.37 3.59
C THR E 622 23.79 28.32 4.46
N ILE E 623 24.95 27.83 4.90
CA ILE E 623 25.77 28.57 5.84
C ILE E 623 26.91 29.28 5.12
N GLU E 624 27.02 30.59 5.32
CA GLU E 624 28.23 31.33 4.99
C GLU E 624 29.06 31.52 6.25
N ALA E 625 30.33 31.13 6.18
CA ALA E 625 31.22 31.25 7.31
C ALA E 625 31.65 32.69 7.51
N GLY E 626 31.72 33.12 8.77
CA GLY E 626 32.22 34.42 9.12
C GLY E 626 33.72 34.40 9.33
N ALA E 627 34.27 35.59 9.61
CA ALA E 627 35.73 35.75 9.70
C ALA E 627 36.31 35.01 10.90
N LEU E 628 35.48 34.73 11.91
CA LEU E 628 35.91 33.86 13.01
C LEU E 628 36.11 32.43 12.53
N MET E 629 35.27 31.97 11.59
CA MET E 629 35.35 30.59 11.13
C MET E 629 36.51 30.38 10.16
N LEU E 630 36.81 31.39 9.33
CA LEU E 630 37.92 31.25 8.39
C LEU E 630 39.27 31.21 9.08
N ALA E 631 39.36 31.74 10.30
CA ALA E 631 40.58 31.65 11.10
C ALA E 631 40.52 30.43 12.03
N ASP E 632 40.25 29.27 11.44
CA ASP E 632 40.22 28.03 12.19
C ASP E 632 41.64 27.57 12.52
N ASN E 633 41.88 27.30 13.81
CA ASN E 633 43.21 27.00 14.36
C ASN E 633 44.22 28.10 14.00
N GLY E 634 43.78 29.35 14.10
CA GLY E 634 44.60 30.45 13.69
C GLY E 634 44.24 31.72 14.43
N ILE E 635 44.57 32.85 13.80
CA ILE E 635 44.44 34.17 14.40
C ILE E 635 43.49 35.01 13.56
N CYS E 636 42.48 35.60 14.20
CA CYS E 636 41.56 36.52 13.56
C CYS E 636 41.86 37.93 14.06
N CYS E 637 42.55 38.72 13.24
CA CYS E 637 42.88 40.09 13.57
C CYS E 637 41.70 40.99 13.22
N ILE E 638 41.11 41.61 14.23
CA ILE E 638 39.89 42.40 14.08
C ILE E 638 40.23 43.86 14.34
N ASP E 639 39.93 44.72 13.39
CA ASP E 639 40.12 46.16 13.52
C ASP E 639 38.78 46.84 13.73
N GLU E 640 38.83 47.99 14.42
CA GLU E 640 37.66 48.74 14.88
C GLU E 640 36.72 47.85 15.70
N PHE E 641 37.26 47.26 16.76
CA PHE E 641 36.52 46.28 17.55
C PHE E 641 35.48 46.92 18.45
N ASP E 642 35.52 48.25 18.63
CA ASP E 642 34.63 48.91 19.57
C ASP E 642 33.21 49.02 19.03
N LYS E 643 33.06 49.30 17.73
CA LYS E 643 31.76 49.53 17.13
C LYS E 643 31.22 48.29 16.43
N MET E 644 31.55 47.10 16.93
CA MET E 644 30.99 45.87 16.41
C MET E 644 29.52 45.70 16.81
N ASP E 645 28.82 44.88 16.05
CA ASP E 645 27.37 44.74 16.19
C ASP E 645 27.02 43.85 17.38
N ILE E 646 25.78 44.00 17.84
CA ILE E 646 25.31 43.28 19.02
C ILE E 646 25.14 41.79 18.75
N SER E 647 24.76 41.41 17.52
CA SER E 647 24.75 40.01 17.14
C SER E 647 26.17 39.45 17.10
N ASP E 648 27.12 40.25 16.61
CA ASP E 648 28.53 39.88 16.67
C ASP E 648 29.01 39.81 18.12
N GLN E 649 28.48 40.69 18.98
CA GLN E 649 28.82 40.66 20.41
C GLN E 649 28.38 39.35 21.05
N VAL E 650 27.13 38.95 20.83
CA VAL E 650 26.64 37.75 21.49
C VAL E 650 27.15 36.49 20.83
N ALA E 651 27.62 36.56 19.58
CA ALA E 651 28.29 35.42 19.00
C ALA E 651 29.73 35.29 19.46
N ILE E 652 30.41 36.41 19.71
CA ILE E 652 31.74 36.38 20.31
C ILE E 652 31.66 35.87 21.74
N HIS E 653 30.56 36.19 22.45
CA HIS E 653 30.36 35.74 23.83
C HIS E 653 30.36 34.21 23.96
N GLU E 654 30.01 33.49 22.90
CA GLU E 654 30.17 32.05 22.85
C GLU E 654 31.42 31.63 22.08
N ALA E 655 31.95 32.51 21.22
CA ALA E 655 33.00 32.11 20.29
C ALA E 655 34.38 32.04 20.93
N MET E 656 34.65 32.83 21.96
CA MET E 656 35.97 32.79 22.59
C MET E 656 36.16 31.52 23.41
N GLU E 657 35.25 31.27 24.36
CA GLU E 657 35.48 30.24 25.35
C GLU E 657 35.09 28.86 24.82
N GLN E 658 33.85 28.70 24.38
CA GLN E 658 33.37 27.40 23.95
C GLN E 658 33.87 27.03 22.56
N GLN E 659 34.43 27.99 21.83
CA GLN E 659 35.02 27.82 20.50
C GLN E 659 34.01 27.32 19.47
N THR E 660 32.73 27.54 19.73
CA THR E 660 31.66 27.12 18.83
C THR E 660 30.69 28.28 18.64
N ILE E 661 30.10 28.34 17.46
CA ILE E 661 28.98 29.22 17.16
C ILE E 661 27.80 28.34 16.78
N SER E 662 26.71 28.46 17.52
CA SER E 662 25.53 27.62 17.28
C SER E 662 24.47 28.47 16.59
N ILE E 663 24.05 28.03 15.40
CA ILE E 663 23.09 28.77 14.59
C ILE E 663 21.89 27.86 14.38
N ALA E 664 20.73 28.31 14.84
CA ALA E 664 19.47 27.63 14.62
C ALA E 664 18.52 28.65 14.00
N LYS E 665 18.41 28.64 12.68
CA LYS E 665 17.56 29.57 11.95
C LYS E 665 16.75 28.81 10.91
N ALA E 666 15.42 29.04 10.93
CA ALA E 666 14.43 28.51 9.99
C ALA E 666 14.50 27.00 9.98
N GLY E 667 14.88 26.35 8.88
CA GLY E 667 14.97 24.91 8.85
C GLY E 667 16.32 24.34 9.20
N ILE E 668 17.36 25.18 9.31
CA ILE E 668 18.72 24.68 9.50
C ILE E 668 19.20 25.01 10.91
N HIS E 669 19.67 23.98 11.62
CA HIS E 669 20.27 24.15 12.93
C HIS E 669 21.58 23.37 12.97
N ALA E 670 22.59 23.97 13.59
CA ALA E 670 23.91 23.36 13.67
C ALA E 670 24.72 24.04 14.76
N THR E 671 25.77 23.36 15.19
CA THR E 671 26.87 23.97 15.93
C THR E 671 28.12 23.91 15.08
N LEU E 672 28.92 24.96 15.13
CA LEU E 672 30.06 25.13 14.23
C LEU E 672 31.30 25.38 15.06
N ASN E 673 32.25 24.45 15.00
CA ASN E 673 33.47 24.57 15.80
C ASN E 673 34.38 25.60 15.16
N ALA E 674 34.81 26.58 15.95
CA ALA E 674 35.68 27.66 15.48
C ALA E 674 36.78 27.85 16.53
N ARG E 675 37.86 27.08 16.39
CA ARG E 675 39.02 27.21 17.28
C ARG E 675 39.81 28.41 16.78
N THR E 676 39.63 29.55 17.44
CA THR E 676 40.22 30.79 16.97
C THR E 676 40.77 31.60 18.14
N SER E 677 42.01 32.08 17.98
CA SER E 677 42.63 33.00 18.91
C SER E 677 42.44 34.41 18.39
N ILE E 678 41.99 35.32 19.25
CA ILE E 678 41.54 36.64 18.85
C ILE E 678 42.58 37.68 19.22
N LEU E 679 43.01 38.46 18.23
CA LEU E 679 43.77 39.69 18.45
C LEU E 679 42.90 40.84 17.97
N ALA E 680 42.58 41.75 18.87
CA ALA E 680 41.69 42.85 18.56
C ALA E 680 42.38 44.17 18.85
N ALA E 681 42.09 45.17 18.02
CA ALA E 681 42.61 46.52 18.20
C ALA E 681 41.41 47.47 18.26
N ALA E 682 41.14 47.99 19.45
CA ALA E 682 39.94 48.79 19.68
C ALA E 682 40.35 50.20 20.10
N ASN E 683 39.90 51.20 19.34
CA ASN E 683 40.10 52.58 19.73
C ASN E 683 39.17 52.91 20.90
N PRO E 684 39.59 53.82 21.79
CA PRO E 684 38.66 54.32 22.79
C PRO E 684 37.61 55.19 22.14
N VAL E 685 36.36 55.03 22.61
CA VAL E 685 35.28 55.85 22.08
C VAL E 685 35.41 57.26 22.66
N GLY E 686 34.91 58.24 21.90
CA GLY E 686 34.92 59.61 22.38
C GLY E 686 36.26 60.31 22.32
N GLY E 687 37.25 59.73 21.64
CA GLY E 687 38.52 60.38 21.41
C GLY E 687 39.68 59.52 21.88
N ARG E 688 40.70 60.17 22.43
CA ARG E 688 41.90 59.48 22.87
C ARG E 688 41.67 58.80 24.21
N TYR E 689 42.68 58.02 24.63
CA TYR E 689 42.63 57.35 25.91
C TYR E 689 42.80 58.36 27.05
N ASN E 690 41.93 58.29 28.04
CA ASN E 690 42.02 59.15 29.21
C ASN E 690 42.81 58.42 30.29
N ARG E 691 43.90 59.03 30.74
CA ARG E 691 44.78 58.41 31.72
C ARG E 691 44.19 58.45 33.13
N LYS E 692 43.29 59.39 33.40
CA LYS E 692 42.69 59.49 34.73
C LYS E 692 41.65 58.40 34.96
N LEU E 693 40.86 58.08 33.93
CA LEU E 693 39.81 57.09 34.05
C LEU E 693 40.40 55.69 34.10
N SER E 694 39.57 54.74 34.52
CA SER E 694 39.98 53.34 34.53
C SER E 694 39.98 52.78 33.11
N LEU E 695 40.57 51.60 32.96
CA LEU E 695 40.65 50.96 31.64
C LEU E 695 39.27 50.49 31.20
N ARG E 696 38.40 50.16 32.16
CA ARG E 696 37.02 49.82 31.83
C ARG E 696 36.24 51.03 31.32
N GLY E 697 36.57 52.23 31.83
CA GLY E 697 35.82 53.41 31.44
C GLY E 697 36.06 53.84 30.01
N ASN E 698 37.27 53.61 29.49
CA ASN E 698 37.63 54.10 28.17
C ASN E 698 37.11 53.24 27.03
N LEU E 699 36.64 52.03 27.31
CA LEU E 699 36.23 51.10 26.27
C LEU E 699 34.72 50.89 26.28
N ASN E 700 34.18 50.54 25.11
CA ASN E 700 32.76 50.29 24.95
C ASN E 700 32.35 48.88 25.35
N MET E 701 33.31 48.02 25.71
CA MET E 701 32.99 46.64 26.04
C MET E 701 32.36 46.54 27.42
N THR E 702 31.55 45.51 27.61
CA THR E 702 30.95 45.22 28.90
C THR E 702 31.86 44.30 29.71
N ALA E 703 31.37 43.93 30.90
CA ALA E 703 32.13 43.05 31.80
C ALA E 703 32.44 41.65 31.26
N PRO E 704 31.48 40.86 30.71
CA PRO E 704 31.84 39.46 30.39
C PRO E 704 32.78 39.32 29.21
N ILE E 705 32.61 40.17 28.19
CA ILE E 705 33.51 40.09 27.05
C ILE E 705 34.87 40.70 27.36
N MET E 706 34.96 41.56 28.38
CA MET E 706 36.26 41.96 28.89
C MET E 706 36.93 40.84 29.65
N SER E 707 36.18 40.10 30.47
CA SER E 707 36.74 38.97 31.19
C SER E 707 37.09 37.81 30.27
N ARG E 708 36.49 37.76 29.08
CA ARG E 708 36.80 36.72 28.10
C ARG E 708 38.16 36.94 27.44
N PHE E 709 38.67 38.17 27.44
CA PHE E 709 39.98 38.44 26.86
C PHE E 709 41.08 38.00 27.81
N ASP E 710 42.16 37.44 27.25
CA ASP E 710 43.30 37.03 28.06
C ASP E 710 44.02 38.24 28.65
N LEU E 711 44.38 39.22 27.82
CA LEU E 711 45.21 40.31 28.30
C LEU E 711 45.01 41.56 27.44
N PHE E 712 45.35 42.70 28.04
CA PHE E 712 45.14 44.00 27.45
C PHE E 712 46.47 44.75 27.34
N PHE E 713 46.55 45.63 26.35
CA PHE E 713 47.74 46.44 26.14
C PHE E 713 47.32 47.87 25.84
N VAL E 714 47.65 48.77 26.76
CA VAL E 714 47.37 50.20 26.61
C VAL E 714 48.62 50.85 26.03
N ILE E 715 48.46 51.51 24.88
CA ILE E 715 49.58 52.22 24.25
C ILE E 715 49.16 53.67 24.03
N LEU E 716 50.08 54.59 24.29
CA LEU E 716 49.76 56.01 24.28
C LEU E 716 50.66 56.75 23.29
N ASP E 717 50.09 57.79 22.69
CA ASP E 717 50.82 58.65 21.75
C ASP E 717 51.28 59.88 22.52
N ASP E 718 52.32 59.69 23.33
CA ASP E 718 52.89 60.78 24.11
C ASP E 718 53.67 61.73 23.20
N CYS E 719 53.85 62.95 23.68
CA CYS E 719 54.41 64.04 22.88
C CYS E 719 55.69 64.54 23.55
N ASN E 720 56.81 63.89 23.26
CA ASN E 720 58.13 64.28 23.73
C ASN E 720 59.04 64.48 22.52
N GLU E 721 60.12 65.25 22.71
CA GLU E 721 61.03 65.56 21.61
C GLU E 721 61.81 64.32 21.16
N LYS E 722 62.44 63.62 22.11
CA LYS E 722 63.40 62.57 21.75
C LYS E 722 62.70 61.35 21.15
N ILE E 723 61.56 60.96 21.74
CA ILE E 723 60.81 59.81 21.26
C ILE E 723 60.23 60.09 19.88
N ASP E 724 59.74 61.32 19.65
CA ASP E 724 59.20 61.67 18.34
C ASP E 724 60.29 61.72 17.27
N THR E 725 61.46 62.28 17.59
CA THR E 725 62.55 62.32 16.63
C THR E 725 63.07 60.92 16.31
N GLU E 726 63.20 60.06 17.32
CA GLU E 726 63.64 58.69 17.08
C GLU E 726 62.62 57.89 16.28
N LEU E 727 61.32 58.07 16.59
CA LEU E 727 60.27 57.39 15.85
C LEU E 727 60.19 57.87 14.40
N ALA E 728 60.32 59.18 14.18
CA ALA E 728 60.25 59.70 12.83
C ALA E 728 61.47 59.30 12.00
N SER E 729 62.66 59.30 12.60
CA SER E 729 63.84 58.82 11.91
C SER E 729 63.76 57.32 11.62
N HIS E 730 63.14 56.56 12.53
CA HIS E 730 62.96 55.13 12.30
C HIS E 730 61.98 54.87 11.16
N ILE E 731 60.87 55.62 11.11
CA ILE E 731 59.86 55.33 10.09
C ILE E 731 60.31 55.87 8.73
N VAL E 732 61.16 56.90 8.69
CA VAL E 732 61.76 57.24 7.40
C VAL E 732 62.95 56.34 7.08
N ASP E 733 63.47 55.59 8.06
CA ASP E 733 64.54 54.64 7.78
C ASP E 733 64.04 53.33 7.18
N LEU E 734 62.72 53.07 7.22
CA LEU E 734 62.18 51.97 6.43
C LEU E 734 61.88 52.38 4.99
N HIS E 735 61.93 53.67 4.68
CA HIS E 735 61.70 54.15 3.32
C HIS E 735 63.07 54.40 2.68
N MET E 736 63.58 53.38 1.99
CA MET E 736 64.82 53.40 1.22
C MET E 736 66.04 53.77 2.07
N LYS E 737 66.31 52.92 3.06
CA LYS E 737 67.50 53.07 3.90
C LYS E 737 67.91 51.73 4.49
N PRO E 744 66.88 43.38 13.21
CA PRO E 744 66.17 42.11 13.08
C PRO E 744 66.98 40.93 13.61
N PRO E 745 66.63 40.43 14.81
CA PRO E 745 67.39 39.29 15.36
C PRO E 745 67.14 37.99 14.64
N PHE E 746 65.90 37.73 14.23
CA PHE E 746 65.54 36.52 13.50
C PHE E 746 64.80 36.88 12.22
N SER E 747 65.00 36.06 11.19
CA SER E 747 64.27 36.22 9.94
C SER E 747 62.87 35.62 10.08
N ALA E 748 62.05 35.85 9.05
CA ALA E 748 60.65 35.42 9.09
C ALA E 748 60.52 33.91 9.04
N GLU E 749 61.30 33.25 8.17
CA GLU E 749 61.28 31.79 8.10
C GLU E 749 61.87 31.17 9.37
N GLN E 750 62.91 31.80 9.91
CA GLN E 750 63.52 31.34 11.16
C GLN E 750 62.54 31.45 12.31
N LEU E 751 61.83 32.59 12.38
CA LEU E 751 60.81 32.81 13.40
C LEU E 751 59.66 31.81 13.26
N ARG E 752 59.25 31.53 12.02
CA ARG E 752 58.18 30.57 11.76
C ARG E 752 58.57 29.17 12.18
N ARG E 753 59.81 28.75 11.88
CA ARG E 753 60.29 27.43 12.26
C ARG E 753 60.40 27.28 13.77
N TYR E 754 60.92 28.30 14.45
CA TYR E 754 61.03 28.22 15.91
C TYR E 754 59.66 28.25 16.57
N ILE E 755 58.71 29.02 16.01
CA ILE E 755 57.37 29.11 16.58
C ILE E 755 56.63 27.79 16.39
N LYS E 756 56.80 27.15 15.24
CA LYS E 756 56.18 25.84 15.02
C LYS E 756 56.81 24.77 15.91
N TYR E 757 58.13 24.85 16.14
CA TYR E 757 58.78 23.93 17.07
C TYR E 757 58.30 24.14 18.50
N ALA E 758 58.03 25.38 18.89
CA ALA E 758 57.42 25.62 20.19
C ALA E 758 55.99 25.12 20.25
N ARG E 759 55.26 25.19 19.14
CA ARG E 759 53.92 24.60 19.06
C ARG E 759 53.95 23.08 19.18
N THR E 760 55.06 22.43 18.81
CA THR E 760 55.14 20.98 19.00
C THR E 760 55.25 20.60 20.47
N PHE E 761 55.71 21.51 21.33
CA PHE E 761 55.87 21.20 22.75
C PHE E 761 54.55 21.28 23.50
N LYS E 762 54.32 20.33 24.39
CA LYS E 762 53.17 20.31 25.28
C LYS E 762 53.66 20.27 26.73
N PRO E 763 53.77 21.41 27.39
CA PRO E 763 54.35 21.42 28.75
C PRO E 763 53.40 20.88 29.81
N ILE E 764 53.99 20.39 30.90
CA ILE E 764 53.26 19.77 32.01
C ILE E 764 53.67 20.46 33.31
N LEU E 765 52.78 20.44 34.28
CA LEU E 765 52.93 21.21 35.52
C LEU E 765 53.62 20.41 36.61
N THR E 766 54.18 21.13 37.58
CA THR E 766 54.75 20.55 38.79
C THR E 766 53.90 20.96 40.00
N LYS E 767 54.15 20.29 41.13
CA LYS E 767 53.37 20.51 42.34
C LYS E 767 53.63 21.90 42.94
N GLU E 768 54.90 22.33 42.91
CA GLU E 768 55.23 23.68 43.39
C GLU E 768 54.63 24.75 42.48
N ALA E 769 54.48 24.45 41.19
CA ALA E 769 53.78 25.36 40.29
C ALA E 769 52.30 25.48 40.66
N ARG E 770 51.68 24.36 41.06
CA ARG E 770 50.29 24.41 41.52
C ARG E 770 50.14 25.21 42.81
N SER E 771 51.08 25.04 43.74
CA SER E 771 51.04 25.79 44.99
C SER E 771 51.24 27.28 44.75
N TYR E 772 52.20 27.65 43.89
CA TYR E 772 52.40 29.05 43.56
C TYR E 772 51.21 29.62 42.81
N LEU E 773 50.55 28.82 41.97
CA LEU E 773 49.40 29.31 41.23
C LEU E 773 48.20 29.54 42.13
N VAL E 774 47.96 28.64 43.10
CA VAL E 774 46.82 28.85 44.01
C VAL E 774 47.08 30.02 44.96
N GLU E 775 48.33 30.18 45.43
CA GLU E 775 48.64 31.33 46.28
C GLU E 775 48.60 32.65 45.49
N LYS E 776 49.02 32.63 44.22
CA LYS E 776 48.98 33.85 43.46
C LYS E 776 47.56 34.18 42.98
N TYR E 777 46.71 33.16 42.81
CA TYR E 777 45.30 33.44 42.57
C TYR E 777 44.62 33.98 43.82
N LYS E 778 45.06 33.56 45.01
CA LYS E 778 44.61 34.21 46.24
C LYS E 778 44.99 35.68 46.27
N GLU E 779 46.24 35.97 45.90
CA GLU E 779 46.73 37.36 45.87
C GLU E 779 45.99 38.20 44.83
N LEU E 780 45.66 37.59 43.68
CA LEU E 780 44.88 38.29 42.67
C LEU E 780 43.45 38.52 43.12
N ARG E 781 42.85 37.53 43.78
CA ARG E 781 41.45 37.63 44.18
C ARG E 781 41.26 38.62 45.32
N LYS E 782 42.28 38.78 46.18
CA LYS E 782 42.18 39.75 47.27
C LYS E 782 42.14 41.19 46.76
N ASP E 783 42.93 41.50 45.73
CA ASP E 783 43.20 42.88 45.36
C ASP E 783 42.11 43.54 44.53
N ASP E 784 41.08 42.80 44.10
CA ASP E 784 40.06 43.37 43.22
C ASP E 784 38.77 43.70 43.97
N ALA E 785 38.83 43.92 45.28
CA ALA E 785 37.64 44.12 46.07
C ALA E 785 37.01 45.49 45.79
N GLN E 786 35.72 45.48 45.46
CA GLN E 786 34.97 46.71 45.22
C GLN E 786 34.26 47.20 46.48
N GLY E 787 35.01 47.31 47.58
CA GLY E 787 34.50 47.86 48.81
C GLY E 787 33.46 47.02 49.52
N PHE E 788 32.26 47.60 49.69
CA PHE E 788 31.20 46.95 50.46
C PHE E 788 30.59 45.76 49.71
N SER E 789 30.54 45.83 48.37
CA SER E 789 29.82 44.84 47.58
C SER E 789 30.49 43.47 47.57
N ARG E 790 31.81 43.41 47.86
CA ARG E 790 32.62 42.19 47.84
C ARG E 790 32.56 41.49 46.48
N SER E 791 32.51 42.27 45.41
CA SER E 791 32.22 41.77 44.08
C SER E 791 33.48 41.81 43.23
N SER E 792 33.77 40.70 42.56
CA SER E 792 34.94 40.60 41.67
C SER E 792 34.52 41.07 40.29
N TYR E 793 34.72 42.37 40.03
CA TYR E 793 34.21 42.97 38.80
C TYR E 793 35.03 42.58 37.58
N ARG E 794 36.31 42.28 37.75
CA ARG E 794 37.17 41.97 36.61
C ARG E 794 37.95 40.68 36.78
N ILE E 795 38.41 40.33 37.98
CA ILE E 795 39.22 39.14 38.22
C ILE E 795 38.28 37.98 38.46
N THR E 796 38.32 37.00 37.57
CA THR E 796 37.47 35.82 37.68
C THR E 796 38.33 34.56 37.62
N VAL E 797 37.70 33.40 37.41
CA VAL E 797 38.44 32.18 37.17
C VAL E 797 39.06 32.19 35.78
N ARG E 798 38.57 33.09 34.91
CA ARG E 798 39.10 33.22 33.57
C ARG E 798 40.52 33.76 33.61
N GLN E 799 40.82 34.57 34.63
CA GLN E 799 42.19 34.98 34.89
C GLN E 799 43.05 33.82 35.36
N LEU E 800 42.48 32.84 36.06
CA LEU E 800 43.26 31.66 36.44
C LEU E 800 43.59 30.82 35.22
N GLU E 801 42.61 30.61 34.33
CA GLU E 801 42.91 29.95 33.07
C GLU E 801 43.84 30.76 32.20
N SER E 802 43.78 32.09 32.32
CA SER E 802 44.72 32.98 31.65
C SER E 802 46.15 32.77 32.15
N MET E 803 46.32 32.64 33.47
CA MET E 803 47.65 32.40 34.03
C MET E 803 48.19 31.03 33.64
N ILE E 804 47.34 30.01 33.62
CA ILE E 804 47.85 28.70 33.22
C ILE E 804 48.17 28.66 31.71
N ARG E 805 47.41 29.39 30.89
CA ARG E 805 47.70 29.44 29.46
C ARG E 805 48.97 30.24 29.18
N LEU E 806 49.17 31.35 29.91
CA LEU E 806 50.39 32.12 29.72
C LEU E 806 51.61 31.40 30.27
N SER E 807 51.44 30.61 31.33
CA SER E 807 52.54 29.79 31.83
C SER E 807 52.92 28.71 30.81
N GLU E 808 51.91 28.10 30.17
CA GLU E 808 52.20 27.14 29.11
C GLU E 808 52.86 27.80 27.91
N ALA E 809 52.45 29.02 27.56
CA ALA E 809 53.06 29.74 26.44
C ALA E 809 54.49 30.13 26.74
N ILE E 810 54.78 30.58 27.97
CA ILE E 810 56.14 30.95 28.33
C ILE E 810 57.04 29.71 28.42
N ALA E 811 56.49 28.60 28.92
CA ALA E 811 57.23 27.33 28.92
C ALA E 811 57.46 26.82 27.50
N ARG E 812 56.56 27.14 26.57
CA ARG E 812 56.82 26.84 25.17
C ARG E 812 57.87 27.76 24.57
N ALA E 813 57.97 29.00 25.09
CA ALA E 813 58.92 29.97 24.57
C ALA E 813 60.36 29.56 24.85
N ASN E 814 60.61 28.97 26.01
CA ASN E 814 61.93 28.45 26.35
C ASN E 814 62.12 27.00 25.92
N CYS E 815 61.12 26.43 25.24
CA CYS E 815 61.14 25.06 24.69
C CYS E 815 61.42 24.02 25.77
N VAL E 816 60.80 24.20 26.93
CA VAL E 816 60.95 23.27 28.04
C VAL E 816 59.61 22.56 28.26
N ASP E 817 59.70 21.39 28.88
CA ASP E 817 58.52 20.54 29.09
C ASP E 817 57.85 20.78 30.44
N GLU E 818 58.40 21.63 31.29
CA GLU E 818 57.86 21.86 32.62
C GLU E 818 57.72 23.36 32.87
N ILE E 819 56.73 23.72 33.69
CA ILE E 819 56.49 25.11 34.07
C ILE E 819 57.11 25.35 35.43
N THR E 820 58.11 26.23 35.47
CA THR E 820 58.68 26.69 36.72
C THR E 820 57.75 27.71 37.38
N PRO E 821 57.84 27.90 38.70
CA PRO E 821 57.07 28.98 39.33
C PRO E 821 57.49 30.38 38.89
N SER E 822 58.71 30.55 38.36
CA SER E 822 59.10 31.82 37.78
C SER E 822 58.30 32.14 36.52
N PHE E 823 57.90 31.11 35.76
CA PHE E 823 57.06 31.32 34.58
C PHE E 823 55.68 31.83 34.99
N ILE E 824 55.12 31.27 36.07
CA ILE E 824 53.85 31.74 36.61
C ILE E 824 54.00 33.15 37.17
N ALA E 825 55.16 33.47 37.75
CA ALA E 825 55.43 34.83 38.21
C ALA E 825 55.46 35.82 37.05
N GLU E 826 56.07 35.42 35.93
CA GLU E 826 56.07 36.27 34.74
C GLU E 826 54.67 36.43 34.17
N ALA E 827 53.87 35.37 34.20
CA ALA E 827 52.48 35.45 33.76
C ALA E 827 51.68 36.40 34.65
N TYR E 828 51.88 36.34 35.96
CA TYR E 828 51.22 37.27 36.87
C TYR E 828 51.71 38.70 36.67
N ASP E 829 52.97 38.88 36.29
CA ASP E 829 53.46 40.20 35.92
C ASP E 829 52.75 40.72 34.68
N LEU E 830 52.46 39.83 33.72
CA LEU E 830 51.72 40.23 32.52
C LEU E 830 50.28 40.63 32.86
N LEU E 831 49.60 39.85 33.71
CA LEU E 831 48.26 40.26 34.15
C LEU E 831 48.28 41.50 35.03
N ARG E 832 49.37 41.74 35.77
CA ARG E 832 49.46 42.97 36.56
C ARG E 832 49.74 44.17 35.67
N GLN E 833 50.41 43.96 34.54
CA GLN E 833 50.55 45.04 33.56
C GLN E 833 49.24 45.32 32.86
N SER E 834 48.45 44.28 32.58
CA SER E 834 47.17 44.49 31.91
C SER E 834 46.08 44.97 32.86
N ILE E 835 46.24 44.80 34.17
CA ILE E 835 45.17 45.17 35.10
C ILE E 835 45.11 46.68 35.32
N ILE E 836 46.19 47.41 35.01
CA ILE E 836 46.23 48.86 35.22
C ILE E 836 46.70 49.55 33.95
N ALA F 4 -15.89 10.74 -48.55
CA ALA F 4 -14.63 11.36 -48.11
C ALA F 4 -14.67 12.88 -48.34
N LEU F 5 -14.78 13.28 -49.60
CA LEU F 5 -14.83 14.69 -49.98
C LEU F 5 -16.04 14.90 -50.89
N PRO F 6 -17.23 15.05 -50.32
CA PRO F 6 -18.42 15.30 -51.15
C PRO F 6 -18.39 16.69 -51.76
N SER F 7 -19.08 16.82 -52.90
CA SER F 7 -19.04 18.03 -53.70
C SER F 7 -20.40 18.74 -53.67
N ILE F 8 -20.35 20.07 -53.69
CA ILE F 8 -21.54 20.92 -53.72
C ILE F 8 -21.38 21.95 -54.85
N GLN F 9 -22.47 22.64 -55.12
CA GLN F 9 -22.52 23.65 -56.18
C GLN F 9 -22.72 25.02 -55.57
N LEU F 10 -21.96 26.00 -56.05
CA LEU F 10 -22.06 27.38 -55.63
C LEU F 10 -22.38 28.28 -56.81
N PRO F 11 -23.20 29.33 -56.64
CA PRO F 11 -23.59 30.21 -57.75
C PRO F 11 -22.58 31.31 -58.04
N VAL F 12 -21.31 30.96 -58.11
CA VAL F 12 -20.24 31.88 -58.48
C VAL F 12 -19.36 31.17 -59.50
N ASP F 13 -19.20 31.79 -60.68
CA ASP F 13 -18.41 31.23 -61.77
C ASP F 13 -17.06 31.92 -61.80
N TYR F 14 -15.98 31.15 -61.59
CA TYR F 14 -14.64 31.73 -61.60
C TYR F 14 -14.14 32.05 -63.01
N ASN F 15 -14.60 31.32 -64.01
CA ASN F 15 -14.15 31.58 -65.38
C ASN F 15 -14.74 32.89 -65.91
N ASN F 16 -16.03 33.14 -65.65
CA ASN F 16 -16.64 34.39 -66.04
C ASN F 16 -16.08 35.57 -65.25
N LEU F 17 -15.75 35.35 -63.97
CA LEU F 17 -15.16 36.40 -63.17
C LEU F 17 -13.73 36.70 -63.62
N PHE F 18 -12.99 35.67 -64.04
CA PHE F 18 -11.65 35.88 -64.59
C PHE F 18 -11.70 36.63 -65.91
N ASN F 19 -12.71 36.33 -66.75
CA ASN F 19 -12.92 37.08 -67.98
C ASN F 19 -13.29 38.53 -67.67
N GLU F 20 -14.09 38.74 -66.62
CA GLU F 20 -14.44 40.11 -66.20
C GLU F 20 -13.22 40.87 -65.71
N ILE F 21 -12.34 40.21 -64.97
CA ILE F 21 -11.11 40.87 -64.48
C ILE F 21 -10.18 41.21 -65.64
N THR F 22 -9.98 40.27 -66.58
CA THR F 22 -9.08 40.53 -67.69
C THR F 22 -9.67 41.47 -68.73
N ASP F 23 -11.00 41.71 -68.70
CA ASP F 23 -11.56 42.78 -69.51
C ASP F 23 -11.53 44.11 -68.77
N PHE F 24 -11.64 44.09 -67.45
CA PHE F 24 -11.56 45.30 -66.65
C PHE F 24 -10.17 45.89 -66.64
N LEU F 25 -9.14 45.04 -66.72
CA LEU F 25 -7.76 45.54 -66.73
C LEU F 25 -7.44 46.29 -68.02
N VAL F 26 -8.03 45.87 -69.14
CA VAL F 26 -7.77 46.52 -70.42
C VAL F 26 -8.85 47.52 -70.82
N THR F 27 -9.96 47.59 -70.08
CA THR F 27 -11.07 48.44 -70.46
C THR F 27 -11.14 49.73 -69.65
N PHE F 28 -10.93 49.63 -68.33
CA PHE F 28 -11.22 50.75 -67.42
C PHE F 28 -10.21 51.88 -67.58
N LYS F 29 -10.72 53.11 -67.56
CA LYS F 29 -9.91 54.31 -67.50
C LYS F 29 -10.65 55.35 -66.67
N GLN F 30 -9.91 56.04 -65.81
CA GLN F 30 -10.50 57.03 -64.90
C GLN F 30 -10.33 58.42 -65.52
N ASP F 31 -11.44 58.96 -66.03
CA ASP F 31 -11.46 60.30 -66.62
C ASP F 31 -12.13 61.33 -65.71
N THR F 32 -12.50 60.94 -64.49
CA THR F 32 -13.17 61.86 -63.58
C THR F 32 -12.22 62.90 -62.97
N LEU F 33 -10.92 62.61 -62.94
CA LEU F 33 -9.97 63.56 -62.35
C LEU F 33 -9.73 64.74 -63.28
N SER F 34 -9.25 64.46 -64.50
CA SER F 34 -8.93 65.43 -65.55
C SER F 34 -7.97 66.53 -65.10
N GLY F 60 -6.31 55.96 -72.78
CA GLY F 60 -5.54 54.82 -72.36
C GLY F 60 -5.91 54.32 -70.97
N PRO F 61 -5.89 53.00 -70.76
CA PRO F 61 -6.21 52.45 -69.45
C PRO F 61 -5.09 52.73 -68.45
N LYS F 62 -5.47 53.19 -67.26
CA LYS F 62 -4.48 53.59 -66.26
C LYS F 62 -3.81 52.37 -65.62
N TYR F 63 -4.55 51.28 -65.45
CA TYR F 63 -3.95 50.07 -64.90
C TYR F 63 -2.98 49.42 -65.87
N MET F 64 -3.23 49.54 -67.18
CA MET F 64 -2.24 49.12 -68.16
C MET F 64 -0.98 49.98 -68.09
N ALA F 65 -1.13 51.27 -67.80
CA ALA F 65 0.03 52.14 -67.59
C ALA F 65 0.80 51.73 -66.34
N MET F 66 0.08 51.33 -65.27
CA MET F 66 0.75 50.85 -64.07
C MET F 66 1.50 49.55 -64.32
N LEU F 67 0.90 48.63 -65.09
CA LEU F 67 1.61 47.40 -65.43
C LEU F 67 2.79 47.66 -66.37
N GLN F 68 2.69 48.71 -67.20
CA GLN F 68 3.83 49.14 -68.01
C GLN F 68 4.95 49.67 -67.12
N LYS F 69 4.60 50.39 -66.06
CA LYS F 69 5.60 50.85 -65.10
C LYS F 69 6.21 49.69 -64.32
N VAL F 70 5.42 48.63 -64.06
CA VAL F 70 5.96 47.40 -63.49
C VAL F 70 6.97 46.77 -64.46
N ALA F 71 6.63 46.72 -65.74
CA ALA F 71 7.54 46.18 -66.75
C ALA F 71 8.76 47.05 -66.96
N ASN F 72 8.68 48.35 -66.65
CA ASN F 72 9.82 49.25 -66.70
C ASN F 72 10.52 49.39 -65.36
N ARG F 73 10.12 48.57 -64.37
CA ARG F 73 10.68 48.54 -63.00
C ARG F 73 10.58 49.89 -62.29
N GLU F 74 9.55 50.68 -62.62
CA GLU F 74 9.35 51.97 -61.97
C GLU F 74 8.79 51.81 -60.56
N LEU F 75 7.83 50.91 -60.39
CA LEU F 75 7.13 50.73 -59.13
C LEU F 75 6.97 49.26 -58.81
N ASN F 76 6.93 48.94 -57.52
CA ASN F 76 6.80 47.56 -57.05
C ASN F 76 5.46 47.29 -56.35
N SER F 77 4.60 48.28 -56.21
CA SER F 77 3.34 48.14 -55.48
C SER F 77 2.19 48.39 -56.43
N VAL F 78 1.35 47.38 -56.62
CA VAL F 78 0.15 47.48 -57.45
C VAL F 78 -1.04 47.47 -56.51
N ILE F 79 -1.82 48.54 -56.54
CA ILE F 79 -2.96 48.73 -55.64
C ILE F 79 -4.23 48.70 -56.47
N ILE F 80 -5.03 47.65 -56.30
CA ILE F 80 -6.31 47.54 -56.98
C ILE F 80 -7.37 48.18 -56.08
N ASP F 81 -8.05 49.20 -56.59
CA ASP F 81 -9.06 49.91 -55.82
C ASP F 81 -10.44 49.31 -56.10
N LEU F 82 -11.17 48.98 -55.04
CA LEU F 82 -12.51 48.44 -55.19
C LEU F 82 -13.52 49.49 -55.60
N ASP F 83 -13.25 50.77 -55.31
CA ASP F 83 -14.10 51.84 -55.81
C ASP F 83 -14.02 51.94 -57.33
N ASP F 84 -12.84 51.67 -57.90
CA ASP F 84 -12.69 51.62 -59.35
C ASP F 84 -13.48 50.46 -59.94
N ILE F 85 -13.53 49.31 -59.25
CA ILE F 85 -14.28 48.16 -59.72
C ILE F 85 -15.78 48.43 -59.64
N LEU F 86 -16.22 49.10 -58.57
CA LEU F 86 -17.63 49.46 -58.44
C LEU F 86 -18.04 50.48 -59.49
N GLN F 87 -17.17 51.45 -59.80
CA GLN F 87 -17.46 52.39 -60.86
C GLN F 87 -17.43 51.72 -62.24
N TYR F 88 -16.58 50.70 -62.40
CA TYR F 88 -16.55 49.95 -63.66
C TYR F 88 -17.83 49.15 -63.88
N GLN F 89 -18.33 48.50 -62.83
CA GLN F 89 -19.58 47.76 -62.98
C GLN F 89 -20.78 48.70 -63.07
N ASN F 90 -20.69 49.90 -62.48
CA ASN F 90 -21.71 50.91 -62.71
C ASN F 90 -21.68 51.42 -64.16
N GLU F 91 -20.48 51.55 -64.74
CA GLU F 91 -20.38 51.92 -66.15
C GLU F 91 -20.91 50.80 -67.05
N LYS F 92 -20.70 49.55 -66.65
CA LYS F 92 -21.30 48.42 -67.37
C LYS F 92 -22.81 48.46 -67.30
N PHE F 93 -23.36 48.84 -66.14
CA PHE F 93 -24.81 49.03 -66.01
C PHE F 93 -25.30 50.19 -66.87
N LEU F 94 -24.48 51.25 -67.00
CA LEU F 94 -24.83 52.35 -67.90
C LEU F 94 -24.82 51.90 -69.36
N GLN F 95 -23.91 50.98 -69.72
CA GLN F 95 -23.92 50.42 -71.07
C GLN F 95 -25.10 49.48 -71.31
N GLY F 96 -25.75 49.00 -70.25
CA GLY F 96 -26.91 48.14 -70.35
C GLY F 96 -26.65 46.70 -69.96
N THR F 97 -25.40 46.25 -70.00
CA THR F 97 -25.09 44.89 -69.59
C THR F 97 -24.97 44.81 -68.07
N GLN F 98 -24.83 43.59 -67.57
CA GLN F 98 -24.74 43.34 -66.13
C GLN F 98 -23.48 42.53 -65.84
N ALA F 99 -22.81 42.91 -64.74
CA ALA F 99 -21.63 42.18 -64.29
C ALA F 99 -22.06 41.03 -63.38
N ASP F 100 -21.07 40.34 -62.81
CA ASP F 100 -21.32 39.21 -61.91
C ASP F 100 -21.06 39.58 -60.46
N ASP F 101 -21.16 40.86 -60.12
CA ASP F 101 -20.91 41.43 -58.78
C ASP F 101 -19.50 41.08 -58.30
N LEU F 102 -18.54 41.64 -59.02
CA LEU F 102 -17.13 41.32 -58.80
C LEU F 102 -16.64 41.80 -57.43
N VAL F 103 -17.08 42.99 -57.00
CA VAL F 103 -16.59 43.55 -55.75
C VAL F 103 -17.10 42.77 -54.54
N SER F 104 -18.30 42.18 -54.63
CA SER F 104 -18.78 41.29 -53.58
C SER F 104 -17.98 40.00 -53.55
N ALA F 105 -17.55 39.51 -54.72
CA ALA F 105 -16.71 38.32 -54.76
C ALA F 105 -15.30 38.60 -54.23
N ILE F 106 -14.80 39.83 -54.40
CA ILE F 106 -13.56 40.23 -53.76
C ILE F 106 -13.74 40.27 -52.25
N GLN F 107 -14.85 40.86 -51.78
CA GLN F 107 -15.06 41.02 -50.34
C GLN F 107 -15.34 39.70 -49.64
N GLN F 108 -15.89 38.71 -50.36
CA GLN F 108 -16.17 37.42 -49.73
C GLN F 108 -14.91 36.58 -49.58
N ASN F 109 -14.12 36.45 -50.66
CA ASN F 109 -12.93 35.61 -50.67
C ASN F 109 -11.83 36.36 -51.42
N ALA F 110 -11.05 37.18 -50.71
CA ALA F 110 -10.00 37.95 -51.36
C ALA F 110 -8.70 37.16 -51.53
N ASN F 111 -8.55 36.03 -50.82
CA ASN F 111 -7.30 35.29 -50.86
C ASN F 111 -7.08 34.59 -52.19
N HIS F 112 -8.12 33.92 -52.71
CA HIS F 112 -8.03 33.32 -54.04
C HIS F 112 -8.01 34.39 -55.13
N PHE F 113 -8.72 35.49 -54.90
CA PHE F 113 -8.78 36.56 -55.90
C PHE F 113 -7.47 37.33 -56.00
N THR F 114 -6.63 37.29 -54.96
CA THR F 114 -5.28 37.85 -55.08
C THR F 114 -4.46 37.10 -56.12
N GLU F 115 -4.46 35.77 -56.05
CA GLU F 115 -3.76 34.97 -57.05
C GLU F 115 -4.44 35.05 -58.41
N LEU F 116 -5.77 35.20 -58.43
CA LEU F 116 -6.47 35.38 -59.70
C LEU F 116 -6.10 36.69 -60.38
N PHE F 117 -6.00 37.78 -59.62
CA PHE F 117 -5.54 39.04 -60.17
C PHE F 117 -4.08 38.99 -60.58
N CYS F 118 -3.25 38.24 -59.84
CA CYS F 118 -1.85 38.06 -60.23
C CYS F 118 -1.73 37.31 -61.55
N ARG F 119 -2.54 36.27 -61.75
CA ARG F 119 -2.52 35.56 -63.03
C ARG F 119 -3.11 36.40 -64.15
N ALA F 120 -4.09 37.26 -63.84
CA ALA F 120 -4.63 38.16 -64.86
C ALA F 120 -3.60 39.21 -65.27
N ILE F 121 -2.79 39.68 -64.31
CA ILE F 121 -1.72 40.62 -64.62
C ILE F 121 -0.63 39.92 -65.45
N ASP F 122 -0.28 38.69 -65.07
CA ASP F 122 0.73 37.94 -65.81
C ASP F 122 0.27 37.55 -67.21
N ASN F 123 -1.04 37.40 -67.41
CA ASN F 123 -1.55 37.16 -68.76
C ASN F 123 -1.50 38.42 -69.62
N ASN F 124 -1.53 39.59 -69.00
CA ASN F 124 -1.53 40.86 -69.72
C ASN F 124 -0.30 41.71 -69.37
N MET F 125 0.85 41.06 -69.28
CA MET F 125 2.09 41.77 -68.94
C MET F 125 2.61 42.53 -70.14
N PRO F 126 2.80 43.85 -70.05
CA PRO F 126 3.31 44.61 -71.19
C PRO F 126 4.80 44.36 -71.40
N LEU F 127 5.23 44.62 -72.64
CA LEU F 127 6.64 44.53 -72.98
C LEU F 127 7.39 45.71 -72.36
N PRO F 128 8.62 45.50 -71.88
CA PRO F 128 9.41 46.62 -71.36
C PRO F 128 9.78 47.61 -72.45
N THR F 129 9.81 48.90 -72.07
CA THR F 129 10.07 49.99 -73.00
C THR F 129 11.36 50.74 -72.68
N LYS F 130 12.22 50.18 -71.83
CA LYS F 130 13.48 50.84 -71.45
C LYS F 130 14.56 49.77 -71.38
N GLU F 131 15.69 50.13 -70.79
CA GLU F 131 16.81 49.20 -70.65
C GLU F 131 16.50 48.14 -69.60
N ILE F 132 16.82 46.89 -69.92
CA ILE F 132 16.43 45.78 -69.07
C ILE F 132 17.38 45.62 -67.89
N ASP F 133 18.67 45.94 -68.08
CA ASP F 133 19.76 45.69 -67.13
C ASP F 133 19.81 44.21 -66.75
N TYR F 134 20.13 43.41 -67.77
CA TYR F 134 20.05 41.95 -67.70
C TYR F 134 21.08 41.34 -66.74
N LYS F 135 22.16 42.05 -66.44
CA LYS F 135 23.20 41.51 -65.56
C LYS F 135 22.74 41.43 -64.11
N ASP F 136 21.78 42.26 -63.70
CA ASP F 136 21.33 42.26 -62.30
C ASP F 136 20.43 41.06 -62.00
N ASP F 137 19.62 40.63 -62.96
CA ASP F 137 18.63 39.57 -62.73
C ASP F 137 19.30 38.21 -62.94
N VAL F 138 19.41 37.43 -61.86
CA VAL F 138 19.97 36.09 -61.97
C VAL F 138 18.89 35.10 -62.42
N LEU F 139 17.63 35.33 -62.05
CA LEU F 139 16.55 34.41 -62.39
C LEU F 139 16.27 34.40 -63.88
N ASP F 140 16.50 35.52 -64.57
CA ASP F 140 16.38 35.55 -66.03
C ASP F 140 17.42 34.65 -66.68
N VAL F 141 18.66 34.66 -66.16
CA VAL F 141 19.71 33.80 -66.70
C VAL F 141 19.42 32.33 -66.41
N ILE F 142 18.90 32.04 -65.21
CA ILE F 142 18.52 30.68 -64.84
C ILE F 142 17.39 30.16 -65.73
N LEU F 143 16.37 30.98 -65.98
CA LEU F 143 15.28 30.53 -66.84
C LEU F 143 15.69 30.47 -68.31
N ASN F 144 16.67 31.28 -68.72
CA ASN F 144 17.23 31.15 -70.06
C ASN F 144 17.95 29.81 -70.21
N GLN F 145 18.73 29.42 -69.21
CA GLN F 145 19.40 28.12 -69.26
C GLN F 145 18.42 26.97 -69.15
N ARG F 146 17.30 27.15 -68.43
CA ARG F 146 16.30 26.11 -68.37
C ARG F 146 15.49 25.98 -69.67
N ARG F 147 15.28 27.09 -70.39
CA ARG F 147 14.67 26.98 -71.71
C ARG F 147 15.63 26.36 -72.71
N LEU F 148 16.94 26.62 -72.56
CA LEU F 148 17.94 25.90 -73.34
C LEU F 148 17.92 24.40 -73.03
N ARG F 149 17.76 24.05 -71.75
CA ARG F 149 17.60 22.66 -71.34
C ARG F 149 16.37 22.02 -71.97
N ASN F 150 15.25 22.76 -72.00
CA ASN F 150 14.00 22.21 -72.52
C ASN F 150 14.05 22.05 -74.04
N GLU F 151 14.72 22.96 -74.75
CA GLU F 151 14.81 22.82 -76.20
C GLU F 151 15.84 21.75 -76.58
N ARG F 152 16.88 21.58 -75.76
CA ARG F 152 17.89 20.59 -76.07
C ARG F 152 17.40 19.18 -75.76
N MET F 153 16.69 19.00 -74.64
CA MET F 153 16.22 17.68 -74.25
C MET F 153 15.09 17.19 -75.14
N LEU F 154 14.23 18.11 -75.57
CA LEU F 154 13.10 17.76 -76.43
C LEU F 154 13.39 17.96 -77.91
N SER F 155 14.66 18.11 -78.29
CA SER F 155 15.00 18.24 -79.71
C SER F 155 14.80 16.92 -80.45
N ASP F 156 15.25 15.80 -79.84
CA ASP F 156 15.02 14.43 -80.30
C ASP F 156 15.57 14.20 -81.72
N ARG F 157 16.90 14.26 -81.81
CA ARG F 157 17.62 14.07 -83.08
C ARG F 157 17.34 12.69 -83.69
N GLU F 190 3.76 23.76 -65.77
CA GLU F 190 4.62 24.93 -65.99
C GLU F 190 6.07 24.63 -65.61
N LEU F 191 7.00 25.22 -66.34
CA LEU F 191 8.43 25.03 -66.04
C LEU F 191 8.82 25.72 -64.75
N PHE F 192 8.24 26.89 -64.46
CA PHE F 192 8.55 27.66 -63.27
C PHE F 192 7.27 28.06 -62.58
N PRO F 193 7.28 28.16 -61.24
CA PRO F 193 6.10 28.68 -60.55
C PRO F 193 5.91 30.16 -60.85
N PRO F 194 4.67 30.64 -60.87
CA PRO F 194 4.43 32.05 -61.25
C PRO F 194 4.87 33.06 -60.20
N ASN F 195 5.04 32.64 -58.95
CA ASN F 195 5.50 33.57 -57.91
C ASN F 195 6.98 33.85 -57.99
N LEU F 196 7.75 33.04 -58.74
CA LEU F 196 9.17 33.29 -58.88
C LEU F 196 9.44 34.48 -59.79
N THR F 197 8.67 34.60 -60.88
CA THR F 197 8.88 35.68 -61.85
C THR F 197 8.18 36.97 -61.48
N ARG F 198 7.37 36.97 -60.42
CA ARG F 198 6.62 38.16 -60.04
C ARG F 198 7.53 39.13 -59.29
N ARG F 199 7.70 40.33 -59.86
CA ARG F 199 8.43 41.41 -59.21
C ARG F 199 7.52 42.44 -58.58
N TYR F 200 6.22 42.20 -58.57
CA TYR F 200 5.23 43.16 -58.08
C TYR F 200 4.49 42.54 -56.89
N PHE F 201 4.13 43.39 -55.93
CA PHE F 201 3.38 42.98 -54.76
C PHE F 201 1.98 43.57 -54.86
N LEU F 202 0.97 42.71 -54.83
CA LEU F 202 -0.40 43.13 -55.05
C LEU F 202 -1.09 43.48 -53.74
N TYR F 203 -1.82 44.59 -53.74
CA TYR F 203 -2.57 45.05 -52.58
C TYR F 203 -3.98 45.43 -53.01
N PHE F 204 -4.87 45.52 -52.02
CA PHE F 204 -6.26 45.87 -52.23
C PHE F 204 -6.61 47.12 -51.43
N LYS F 205 -7.42 47.99 -52.01
CA LYS F 205 -7.90 49.17 -51.34
C LYS F 205 -9.42 49.16 -51.27
N PRO F 206 -10.01 49.31 -50.09
CA PRO F 206 -11.47 49.13 -49.96
C PRO F 206 -12.25 50.30 -50.55
N LEU F 207 -13.52 50.01 -50.85
CA LEU F 207 -14.42 51.05 -51.33
C LEU F 207 -14.80 52.00 -50.19
N SER F 208 -15.11 53.24 -50.56
CA SER F 208 -15.52 54.24 -49.59
C SER F 208 -16.38 55.28 -50.28
N GLN F 209 -17.30 55.87 -49.48
CA GLN F 209 -18.20 56.96 -49.91
C GLN F 209 -19.06 56.56 -51.10
N ASN F 210 -19.65 55.36 -51.02
CA ASN F 210 -20.52 54.85 -52.08
C ASN F 210 -21.95 54.71 -51.60
N ALA F 219 -20.14 46.48 -48.68
CA ALA F 219 -19.98 47.72 -47.93
C ALA F 219 -19.46 47.44 -46.52
N ILE F 220 -19.22 46.17 -46.24
CA ILE F 220 -18.70 45.77 -44.93
C ILE F 220 -17.26 46.23 -44.76
N SER F 221 -16.46 46.18 -45.84
CA SER F 221 -15.08 46.65 -45.77
C SER F 221 -15.01 48.18 -45.62
N SER F 222 -16.03 48.88 -46.10
CA SER F 222 -16.09 50.33 -45.91
C SER F 222 -16.32 50.68 -44.45
N LYS F 223 -17.14 49.91 -43.76
CA LYS F 223 -17.46 50.18 -42.36
C LYS F 223 -16.28 49.77 -41.48
N PRO F 224 -15.69 50.70 -40.72
CA PRO F 224 -14.58 50.32 -39.83
C PRO F 224 -15.10 49.62 -38.58
N LEU F 225 -14.37 48.60 -38.14
CA LEU F 225 -14.79 47.76 -37.03
C LEU F 225 -13.73 47.77 -35.94
N SER F 226 -14.15 47.48 -34.72
CA SER F 226 -13.19 47.29 -33.63
C SER F 226 -12.64 45.87 -33.68
N VAL F 227 -11.63 45.61 -32.83
CA VAL F 227 -11.05 44.28 -32.75
C VAL F 227 -12.04 43.28 -32.17
N ARG F 228 -12.84 43.72 -31.19
CA ARG F 228 -13.83 42.83 -30.59
C ARG F 228 -14.97 42.51 -31.54
N GLN F 229 -15.32 43.44 -32.44
CA GLN F 229 -16.39 43.19 -33.41
C GLN F 229 -15.98 42.23 -34.52
N ILE F 230 -14.70 41.91 -34.66
CA ILE F 230 -14.26 40.92 -35.63
C ILE F 230 -14.54 39.54 -35.06
N LYS F 231 -15.33 38.76 -35.78
CA LYS F 231 -15.79 37.45 -35.32
C LYS F 231 -15.21 36.35 -36.21
N GLY F 232 -15.62 35.11 -35.92
CA GLY F 232 -15.18 33.98 -36.72
C GLY F 232 -15.80 33.92 -38.10
N ASP F 233 -16.93 34.59 -38.30
CA ASP F 233 -17.55 34.66 -39.62
C ASP F 233 -16.83 35.61 -40.56
N PHE F 234 -15.90 36.42 -40.06
CA PHE F 234 -15.16 37.37 -40.87
C PHE F 234 -13.85 36.81 -41.41
N LEU F 235 -13.56 35.53 -41.17
CA LEU F 235 -12.42 34.90 -41.81
C LEU F 235 -12.65 34.74 -43.31
N GLY F 236 -11.60 35.02 -44.08
CA GLY F 236 -11.63 34.98 -45.52
C GLY F 236 -12.10 36.26 -46.18
N GLN F 237 -12.57 37.23 -45.42
CA GLN F 237 -13.16 38.45 -45.94
C GLN F 237 -12.22 39.64 -45.74
N LEU F 238 -12.31 40.60 -46.66
CA LEU F 238 -11.56 41.85 -46.52
C LEU F 238 -12.23 42.72 -45.47
N ILE F 239 -11.56 42.92 -44.34
CA ILE F 239 -12.12 43.66 -43.22
C ILE F 239 -11.28 44.91 -42.99
N THR F 240 -11.81 45.81 -42.15
CA THR F 240 -11.14 47.04 -41.77
C THR F 240 -11.21 47.18 -40.26
N VAL F 241 -10.07 47.47 -39.63
CA VAL F 241 -9.98 47.58 -38.19
C VAL F 241 -9.36 48.92 -37.82
N ARG F 242 -9.77 49.45 -36.67
CA ARG F 242 -9.20 50.65 -36.09
C ARG F 242 -8.46 50.24 -34.82
N GLY F 243 -7.20 50.64 -34.69
CA GLY F 243 -6.49 50.22 -33.49
C GLY F 243 -5.12 50.83 -33.35
N ILE F 244 -4.58 50.69 -32.14
CA ILE F 244 -3.23 51.14 -31.81
C ILE F 244 -2.29 49.96 -31.91
N ILE F 245 -1.19 50.13 -32.66
CA ILE F 245 -0.21 49.07 -32.80
C ILE F 245 0.70 49.07 -31.58
N THR F 246 0.72 47.96 -30.85
CA THR F 246 1.54 47.88 -29.65
C THR F 246 2.99 47.53 -29.96
N ARG F 247 3.22 46.36 -30.55
CA ARG F 247 4.56 45.86 -30.81
C ARG F 247 4.74 45.63 -32.31
N VAL F 248 5.81 46.20 -32.86
CA VAL F 248 6.22 45.97 -34.24
C VAL F 248 7.55 45.23 -34.20
N SER F 249 7.59 44.06 -34.81
CA SER F 249 8.82 43.29 -34.87
C SER F 249 9.75 43.83 -35.95
N ASP F 250 10.96 43.29 -35.99
CA ASP F 250 11.92 43.69 -37.02
C ASP F 250 11.52 43.12 -38.37
N VAL F 251 12.00 43.76 -39.43
CA VAL F 251 11.70 43.33 -40.79
C VAL F 251 12.46 42.05 -41.09
N LYS F 252 11.74 40.97 -41.30
CA LYS F 252 12.39 39.68 -41.52
C LYS F 252 12.01 39.14 -42.89
N PRO F 253 12.93 38.45 -43.57
CA PRO F 253 12.60 37.86 -44.86
C PRO F 253 11.83 36.55 -44.71
N ALA F 254 10.75 36.42 -45.47
CA ALA F 254 9.97 35.20 -45.54
C ALA F 254 10.00 34.68 -46.96
N VAL F 255 10.16 33.39 -47.10
CA VAL F 255 10.37 32.78 -48.39
C VAL F 255 9.02 32.50 -49.06
N GLU F 256 9.05 32.45 -50.39
CA GLU F 256 7.90 32.04 -51.18
C GLU F 256 8.24 30.95 -52.19
N VAL F 257 9.43 30.97 -52.77
CA VAL F 257 9.92 29.91 -53.65
C VAL F 257 11.33 29.57 -53.21
N ILE F 258 11.57 28.30 -52.89
CA ILE F 258 12.90 27.79 -52.55
C ILE F 258 13.47 27.11 -53.79
N ALA F 259 14.70 27.47 -54.14
CA ALA F 259 15.41 26.87 -55.26
C ALA F 259 16.41 25.85 -54.74
N TYR F 260 16.34 24.63 -55.27
CA TYR F 260 17.32 23.59 -54.99
C TYR F 260 18.05 23.25 -56.28
N THR F 261 19.36 23.03 -56.16
CA THR F 261 20.23 22.69 -57.27
C THR F 261 20.74 21.27 -57.10
N CYS F 262 20.76 20.51 -58.19
CA CYS F 262 21.30 19.16 -58.17
C CYS F 262 22.76 19.20 -58.60
N ASP F 263 23.63 18.62 -57.77
CA ASP F 263 25.06 18.65 -58.06
C ASP F 263 25.44 17.68 -59.17
N GLN F 264 24.61 16.67 -59.45
CA GLN F 264 24.93 15.69 -60.47
C GLN F 264 24.33 16.07 -61.82
N CYS F 265 23.01 16.21 -61.89
CA CYS F 265 22.34 16.52 -63.15
C CYS F 265 22.49 17.98 -63.56
N GLY F 266 22.84 18.86 -62.63
CA GLY F 266 22.98 20.27 -62.95
C GLY F 266 21.67 21.00 -63.18
N TYR F 267 20.57 20.42 -62.73
CA TYR F 267 19.24 21.01 -62.89
C TYR F 267 18.83 21.72 -61.61
N GLU F 268 17.61 22.26 -61.63
CA GLU F 268 17.03 22.89 -60.46
C GLU F 268 15.63 22.34 -60.20
N VAL F 269 15.12 22.67 -59.02
CA VAL F 269 13.72 22.47 -58.71
C VAL F 269 13.27 23.63 -57.80
N PHE F 270 12.02 24.02 -57.93
CA PHE F 270 11.43 25.08 -57.14
C PHE F 270 10.31 24.51 -56.28
N GLN F 271 10.31 24.86 -55.01
CA GLN F 271 9.28 24.42 -54.07
C GLN F 271 8.61 25.67 -53.51
N GLU F 272 7.29 25.71 -53.59
CA GLU F 272 6.54 26.89 -53.17
C GLU F 272 6.19 26.78 -51.68
N VAL F 273 6.13 27.93 -51.02
CA VAL F 273 5.86 28.01 -49.59
C VAL F 273 4.58 28.82 -49.39
N ASN F 274 3.59 28.21 -48.73
CA ASN F 274 2.36 28.90 -48.38
C ASN F 274 1.95 28.59 -46.94
N SER F 275 2.93 28.29 -46.09
CA SER F 275 2.66 27.93 -44.70
C SER F 275 3.74 28.55 -43.82
N ARG F 276 3.53 28.43 -42.50
CA ARG F 276 4.53 28.92 -41.56
C ARG F 276 5.76 28.02 -41.50
N THR F 277 5.60 26.74 -41.86
CA THR F 277 6.71 25.80 -41.92
C THR F 277 6.71 25.14 -43.29
N PHE F 278 7.89 24.62 -43.65
CA PHE F 278 8.04 23.87 -44.90
C PHE F 278 9.13 22.84 -44.71
N THR F 279 9.06 21.78 -45.53
CA THR F 279 10.11 20.77 -45.45
C THR F 279 10.99 20.84 -46.69
N PRO F 280 12.30 20.64 -46.56
CA PRO F 280 13.18 20.68 -47.72
C PRO F 280 13.15 19.37 -48.50
N LEU F 281 13.63 19.46 -49.74
CA LEU F 281 13.72 18.30 -50.62
C LEU F 281 15.14 17.74 -50.53
N SER F 282 15.23 16.42 -50.35
CA SER F 282 16.54 15.78 -50.20
C SER F 282 17.12 15.35 -51.54
N GLU F 283 16.30 14.74 -52.40
CA GLU F 283 16.76 14.22 -53.68
C GLU F 283 16.06 14.95 -54.82
N CYS F 284 16.75 15.05 -55.95
CA CYS F 284 16.21 15.75 -57.10
C CYS F 284 15.16 14.91 -57.81
N THR F 285 14.12 15.58 -58.31
CA THR F 285 13.03 14.93 -59.03
C THR F 285 13.08 15.27 -60.52
N SER F 286 14.27 15.56 -61.05
CA SER F 286 14.42 15.88 -62.46
C SER F 286 14.27 14.63 -63.32
N GLU F 287 13.92 14.85 -64.58
CA GLU F 287 13.77 13.74 -65.51
C GLU F 287 15.13 13.14 -65.86
N GLU F 288 16.13 14.00 -66.09
CA GLU F 288 17.46 13.51 -66.43
C GLU F 288 18.13 12.85 -65.22
N CYS F 289 17.89 13.40 -64.03
CA CYS F 289 18.45 12.84 -62.80
C CYS F 289 17.82 11.50 -62.43
N SER F 290 16.54 11.28 -62.76
CA SER F 290 15.87 10.04 -62.43
C SER F 290 15.89 9.01 -63.56
N GLN F 291 16.23 9.42 -64.79
CA GLN F 291 16.31 8.46 -65.88
C GLN F 291 17.50 7.53 -65.70
N ASN F 292 18.66 8.06 -65.32
CA ASN F 292 19.80 7.26 -64.94
C ASN F 292 19.77 6.90 -63.46
N GLN F 293 18.76 7.41 -62.72
CA GLN F 293 18.49 7.18 -61.29
C GLN F 293 19.73 7.36 -60.39
N THR F 294 20.59 8.31 -60.74
CA THR F 294 21.62 8.74 -59.81
C THR F 294 20.99 9.50 -58.65
N LYS F 295 21.54 9.28 -57.46
CA LYS F 295 20.97 9.85 -56.24
C LYS F 295 21.70 11.14 -55.89
N GLY F 296 21.47 12.16 -56.70
CA GLY F 296 22.07 13.45 -56.47
C GLY F 296 21.42 14.17 -55.29
N GLN F 297 22.26 14.81 -54.48
CA GLN F 297 21.78 15.52 -53.30
C GLN F 297 21.46 16.96 -53.66
N LEU F 298 20.26 17.40 -53.29
CA LEU F 298 19.82 18.75 -53.58
C LEU F 298 20.44 19.74 -52.59
N PHE F 299 20.85 20.89 -53.09
CA PHE F 299 21.43 21.95 -52.27
C PHE F 299 20.58 23.20 -52.38
N MET F 300 20.20 23.75 -51.23
CA MET F 300 19.38 24.95 -51.21
C MET F 300 20.22 26.16 -51.61
N SER F 301 19.67 27.01 -52.48
CA SER F 301 20.33 28.25 -52.87
C SER F 301 19.44 29.41 -52.48
N THR F 302 19.99 30.32 -51.67
CA THR F 302 19.29 31.55 -51.31
C THR F 302 19.38 32.62 -52.39
N ARG F 303 20.27 32.42 -53.38
CA ARG F 303 20.44 33.40 -54.44
C ARG F 303 19.25 33.41 -55.39
N ALA F 304 18.76 32.23 -55.77
CA ALA F 304 17.63 32.12 -56.69
C ALA F 304 16.30 31.98 -55.97
N SER F 305 16.29 32.05 -54.64
CA SER F 305 15.05 31.95 -53.89
C SER F 305 14.25 33.25 -53.98
N LYS F 306 12.93 33.13 -53.85
CA LYS F 306 12.04 34.27 -53.87
C LYS F 306 11.71 34.68 -52.44
N PHE F 307 11.91 35.95 -52.14
CA PHE F 307 11.81 36.46 -50.78
C PHE F 307 10.75 37.54 -50.69
N SER F 308 10.35 37.86 -49.46
CA SER F 308 9.41 38.94 -49.21
C SER F 308 9.70 39.54 -47.84
N ALA F 309 9.51 40.85 -47.72
CA ALA F 309 9.75 41.54 -46.47
C ALA F 309 8.52 41.38 -45.57
N PHE F 310 8.59 40.44 -44.63
CA PHE F 310 7.50 40.11 -43.73
C PHE F 310 7.72 40.77 -42.38
N GLN F 311 6.67 41.35 -41.83
CA GLN F 311 6.71 41.93 -40.50
C GLN F 311 5.42 41.64 -39.77
N GLU F 312 5.52 41.12 -38.55
CA GLU F 312 4.37 40.84 -37.72
C GLU F 312 4.26 41.89 -36.63
N CYS F 313 3.07 42.46 -36.47
CA CYS F 313 2.83 43.47 -35.45
C CYS F 313 1.52 43.14 -34.75
N LYS F 314 1.34 43.72 -33.58
CA LYS F 314 0.15 43.46 -32.77
C LYS F 314 -0.68 44.73 -32.65
N ILE F 315 -1.94 44.64 -33.06
CA ILE F 315 -2.89 45.75 -32.99
C ILE F 315 -3.79 45.53 -31.78
N GLN F 316 -4.11 46.62 -31.08
CA GLN F 316 -4.89 46.58 -29.85
C GLN F 316 -6.19 47.34 -30.05
N GLU F 317 -7.24 46.90 -29.35
CA GLU F 317 -8.52 47.58 -29.41
C GLU F 317 -8.45 48.91 -28.69
N LEU F 318 -9.03 49.94 -29.32
CA LEU F 318 -9.10 51.26 -28.71
C LEU F 318 -10.03 51.24 -27.50
N SER F 319 -9.66 52.01 -26.48
CA SER F 319 -10.36 51.98 -25.20
C SER F 319 -11.79 52.50 -25.28
N GLN F 320 -12.09 53.36 -26.26
CA GLN F 320 -13.46 53.79 -26.47
C GLN F 320 -14.32 52.66 -27.03
N GLN F 321 -13.71 51.76 -27.81
CA GLN F 321 -14.43 50.63 -28.37
C GLN F 321 -14.62 49.50 -27.37
N VAL F 322 -13.85 49.49 -26.29
CA VAL F 322 -13.95 48.42 -25.28
C VAL F 322 -15.21 48.65 -24.45
N PRO F 323 -16.05 47.64 -24.24
CA PRO F 323 -17.20 47.79 -23.34
C PRO F 323 -16.77 47.89 -21.88
N VAL F 324 -17.72 48.30 -21.06
CA VAL F 324 -17.44 48.53 -19.64
C VAL F 324 -17.24 47.20 -18.93
N GLY F 325 -16.09 47.06 -18.27
CA GLY F 325 -15.77 45.85 -17.55
C GLY F 325 -15.03 44.79 -18.33
N HIS F 326 -14.48 45.12 -19.50
CA HIS F 326 -13.78 44.17 -20.33
C HIS F 326 -12.33 44.60 -20.55
N ILE F 327 -11.50 43.62 -20.89
CA ILE F 327 -10.09 43.85 -21.21
C ILE F 327 -9.96 43.84 -22.73
N PRO F 328 -9.26 44.81 -23.33
CA PRO F 328 -9.10 44.83 -24.79
C PRO F 328 -8.30 43.64 -25.31
N ARG F 329 -8.64 43.20 -26.52
CA ARG F 329 -8.00 42.06 -27.15
C ARG F 329 -7.02 42.54 -28.20
N SER F 330 -6.05 41.68 -28.51
CA SER F 330 -5.00 41.97 -29.47
C SER F 330 -5.12 41.05 -30.67
N LEU F 331 -4.77 41.57 -31.85
CA LEU F 331 -4.84 40.83 -33.09
C LEU F 331 -3.50 40.92 -33.81
N ASN F 332 -3.13 39.88 -34.54
CA ASN F 332 -1.87 39.84 -35.26
C ASN F 332 -2.07 40.36 -36.68
N ILE F 333 -1.23 41.30 -37.09
CA ILE F 333 -1.23 41.84 -38.45
C ILE F 333 0.09 41.48 -39.09
N HIS F 334 0.04 40.76 -40.20
CA HIS F 334 1.22 40.40 -40.97
C HIS F 334 1.25 41.26 -42.23
N VAL F 335 2.33 42.00 -42.43
CA VAL F 335 2.51 42.81 -43.63
C VAL F 335 3.63 42.20 -44.46
N ASN F 336 3.45 42.22 -45.78
CA ASN F 336 4.36 41.60 -46.72
C ASN F 336 4.62 42.56 -47.87
N GLY F 337 5.80 42.43 -48.47
CA GLY F 337 6.12 43.22 -49.65
C GLY F 337 6.53 44.65 -49.36
N THR F 338 5.98 45.58 -50.14
CA THR F 338 6.34 47.00 -50.03
C THR F 338 5.55 47.73 -48.95
N LEU F 339 4.59 47.08 -48.30
CA LEU F 339 3.82 47.68 -47.22
C LEU F 339 4.54 47.53 -45.87
N VAL F 340 5.72 46.92 -45.86
CA VAL F 340 6.49 46.73 -44.65
C VAL F 340 6.99 48.08 -44.13
N ARG F 341 7.22 48.15 -42.82
CA ARG F 341 7.83 49.24 -42.03
C ARG F 341 7.00 50.51 -41.97
N SER F 342 5.85 50.57 -42.66
CA SER F 342 4.97 51.73 -42.51
C SER F 342 4.26 51.72 -41.17
N LEU F 343 4.09 50.54 -40.56
CA LEU F 343 3.46 50.44 -39.26
C LEU F 343 4.42 50.89 -38.17
N SER F 344 3.93 51.69 -37.24
CA SER F 344 4.74 52.21 -36.14
C SER F 344 4.06 51.94 -34.81
N PRO F 345 4.83 51.64 -33.77
CA PRO F 345 4.23 51.43 -32.45
C PRO F 345 3.62 52.71 -31.88
N GLY F 346 2.54 52.53 -31.13
CA GLY F 346 1.85 53.67 -30.54
C GLY F 346 1.11 54.54 -31.52
N ASP F 347 0.76 54.01 -32.69
CA ASP F 347 0.09 54.77 -33.73
C ASP F 347 -1.32 54.23 -33.93
N ILE F 348 -2.32 55.10 -33.79
CA ILE F 348 -3.70 54.74 -34.10
C ILE F 348 -3.87 54.74 -35.62
N VAL F 349 -4.19 53.56 -36.18
CA VAL F 349 -4.26 53.38 -37.61
C VAL F 349 -5.52 52.62 -37.99
N ASP F 350 -5.91 52.78 -39.25
CA ASP F 350 -6.91 51.95 -39.90
C ASP F 350 -6.21 50.94 -40.79
N VAL F 351 -6.53 49.67 -40.63
CA VAL F 351 -5.90 48.61 -41.42
C VAL F 351 -7.00 47.86 -42.14
N THR F 352 -6.97 47.87 -43.47
CA THR F 352 -7.83 47.04 -44.28
C THR F 352 -7.00 45.84 -44.75
N GLY F 353 -7.46 44.64 -44.41
CA GLY F 353 -6.69 43.46 -44.76
C GLY F 353 -7.57 42.23 -44.87
N ILE F 354 -6.97 41.18 -45.41
CA ILE F 354 -7.64 39.90 -45.55
C ILE F 354 -7.50 39.13 -44.25
N PHE F 355 -8.63 38.76 -43.66
CA PHE F 355 -8.65 38.10 -42.36
C PHE F 355 -8.53 36.60 -42.61
N LEU F 356 -7.32 36.06 -42.44
CA LEU F 356 -7.00 34.67 -42.71
C LEU F 356 -6.67 33.92 -41.43
N PRO F 357 -6.98 32.63 -41.34
CA PRO F 357 -6.55 31.84 -40.19
C PRO F 357 -5.10 31.39 -40.33
N ALA F 358 -4.49 31.09 -39.17
CA ALA F 358 -3.11 30.62 -39.13
C ALA F 358 -3.08 29.19 -38.61
N PRO F 359 -3.01 28.19 -39.47
CA PRO F 359 -3.00 26.80 -38.99
C PRO F 359 -1.60 26.36 -38.57
N TYR F 360 -1.58 25.35 -37.69
CA TYR F 360 -0.34 24.78 -37.22
C TYR F 360 0.15 23.71 -38.21
N THR F 361 1.20 22.99 -37.81
CA THR F 361 1.68 21.84 -38.56
C THR F 361 2.17 20.80 -37.56
N GLY F 362 1.81 19.55 -37.80
CA GLY F 362 2.29 18.47 -36.97
C GLY F 362 1.54 18.33 -35.65
N PHE F 363 2.31 18.23 -34.57
CA PHE F 363 1.76 17.79 -33.29
C PHE F 363 0.85 18.84 -32.67
N LYS F 364 1.18 20.12 -32.88
CA LYS F 364 0.34 21.21 -32.38
C LYS F 364 -1.02 21.21 -33.05
N ALA F 365 -1.04 20.96 -34.37
CA ALA F 365 -2.31 20.83 -35.09
C ALA F 365 -3.06 19.58 -34.68
N LEU F 366 -2.35 18.52 -34.29
CA LEU F 366 -3.04 17.32 -33.82
C LEU F 366 -3.61 17.48 -32.41
N LYS F 367 -2.90 18.19 -31.51
CA LYS F 367 -3.38 18.29 -30.14
C LYS F 367 -4.41 19.40 -29.97
N ALA F 368 -4.18 20.56 -30.57
CA ALA F 368 -5.15 21.64 -30.45
C ALA F 368 -6.41 21.36 -31.26
N GLY F 369 -6.29 20.54 -32.29
CA GLY F 369 -7.44 20.11 -33.08
C GLY F 369 -8.05 21.22 -33.91
N LEU F 370 -9.37 21.35 -33.82
CA LEU F 370 -10.10 22.33 -34.62
C LEU F 370 -9.88 23.75 -34.12
N LEU F 371 -9.41 23.91 -32.89
CA LEU F 371 -9.22 25.22 -32.30
C LEU F 371 -8.00 25.88 -32.94
N THR F 372 -8.22 26.88 -33.79
CA THR F 372 -7.18 27.46 -34.61
C THR F 372 -7.09 28.96 -34.38
N GLU F 373 -5.87 29.50 -34.46
CA GLU F 373 -5.66 30.92 -34.34
C GLU F 373 -6.01 31.64 -35.63
N THR F 374 -5.76 32.94 -35.66
CA THR F 374 -6.02 33.77 -36.82
C THR F 374 -5.02 34.93 -36.86
N TYR F 375 -4.94 35.57 -38.02
CA TYR F 375 -4.10 36.74 -38.20
C TYR F 375 -4.74 37.62 -39.25
N LEU F 376 -4.08 38.74 -39.55
CA LEU F 376 -4.55 39.67 -40.56
C LEU F 376 -3.43 39.93 -41.55
N GLU F 377 -3.69 39.68 -42.83
CA GLU F 377 -2.74 40.00 -43.89
C GLU F 377 -3.16 41.36 -44.45
N ALA F 378 -2.43 42.40 -44.06
CA ALA F 378 -2.83 43.77 -44.35
C ALA F 378 -2.66 44.11 -45.82
N GLN F 379 -3.66 44.77 -46.39
CA GLN F 379 -3.63 45.21 -47.78
C GLN F 379 -3.44 46.72 -47.91
N PHE F 380 -4.08 47.50 -47.03
CA PHE F 380 -3.95 48.95 -47.05
C PHE F 380 -3.91 49.47 -45.63
N VAL F 381 -3.09 50.49 -45.39
CA VAL F 381 -2.90 51.05 -44.06
C VAL F 381 -3.06 52.56 -44.16
N ARG F 382 -3.96 53.12 -43.34
CA ARG F 382 -4.30 54.53 -43.34
C ARG F 382 -3.98 55.14 -41.98
N GLN F 383 -3.25 56.25 -41.99
CA GLN F 383 -2.93 56.97 -40.77
C GLN F 383 -4.08 57.88 -40.36
N HIS F 384 -4.41 57.88 -39.07
CA HIS F 384 -5.47 58.74 -38.58
C HIS F 384 -5.04 60.20 -38.56
N LYS F 385 -3.82 60.46 -38.08
CA LYS F 385 -3.31 61.82 -38.00
C LYS F 385 -2.73 62.27 -39.35
N ASP F 396 -0.06 79.19 -46.54
CA ASP F 396 1.32 79.04 -46.11
C ASP F 396 1.44 79.17 -44.60
N VAL F 397 2.39 78.43 -44.02
CA VAL F 397 2.62 78.50 -42.57
C VAL F 397 3.22 79.85 -42.19
N GLU F 398 4.11 80.38 -43.03
CA GLU F 398 4.73 81.68 -42.77
C GLU F 398 3.71 82.81 -42.83
N GLU F 399 2.68 82.67 -43.67
CA GLU F 399 1.60 83.66 -43.70
C GLU F 399 0.81 83.66 -42.41
N ARG F 400 0.57 82.48 -41.82
CA ARG F 400 -0.09 82.42 -40.51
C ARG F 400 0.82 82.94 -39.40
N VAL F 401 2.13 82.76 -39.54
CA VAL F 401 3.09 83.33 -38.59
C VAL F 401 3.06 84.85 -38.64
N MET F 402 3.01 85.42 -39.85
CA MET F 402 2.89 86.87 -39.99
C MET F 402 1.53 87.38 -39.52
N GLU F 403 0.47 86.57 -39.68
CA GLU F 403 -0.84 86.93 -39.15
C GLU F 403 -0.82 86.96 -37.63
N LEU F 404 -0.11 86.01 -37.01
CA LEU F 404 0.05 86.01 -35.56
C LEU F 404 0.90 87.20 -35.10
N ILE F 405 1.88 87.61 -35.92
CA ILE F 405 2.67 88.80 -35.63
C ILE F 405 1.78 90.04 -35.64
N THR F 406 0.98 90.21 -36.69
CA THR F 406 0.12 91.38 -36.81
C THR F 406 -1.08 91.33 -35.87
N SER F 407 -1.36 90.15 -35.30
CA SER F 407 -2.37 90.07 -34.24
C SER F 407 -1.91 90.82 -32.99
N GLY F 408 -0.64 90.69 -32.63
CA GLY F 408 -0.09 91.40 -31.49
C GLY F 408 -0.21 90.63 -30.20
N ASP F 409 0.77 90.87 -29.31
CA ASP F 409 0.89 90.23 -27.99
C ASP F 409 0.90 88.71 -28.10
N VAL F 410 1.96 88.19 -28.74
CA VAL F 410 2.08 86.75 -28.96
C VAL F 410 2.31 86.01 -27.64
N TYR F 411 3.01 86.65 -26.68
CA TYR F 411 3.28 86.02 -25.40
C TYR F 411 2.01 85.80 -24.59
N ASN F 412 1.19 86.84 -24.44
CA ASN F 412 -0.03 86.75 -23.66
C ASN F 412 -1.07 85.87 -24.34
N ARG F 413 -1.17 85.96 -25.67
CA ARG F 413 -2.11 85.13 -26.40
C ARG F 413 -1.73 83.66 -26.34
N LEU F 414 -0.44 83.34 -26.49
CA LEU F 414 -0.02 81.95 -26.42
C LEU F 414 0.01 81.43 -24.98
N ALA F 415 0.05 82.31 -23.99
CA ALA F 415 -0.06 81.88 -22.60
C ALA F 415 -1.51 81.58 -22.23
N LYS F 416 -2.41 82.53 -22.48
CA LYS F 416 -3.81 82.34 -22.09
C LYS F 416 -4.55 81.38 -23.01
N SER F 417 -4.06 81.14 -24.24
CA SER F 417 -4.70 80.17 -25.11
C SER F 417 -4.39 78.74 -24.67
N ILE F 418 -3.19 78.50 -24.14
CA ILE F 418 -2.84 77.19 -23.63
C ILE F 418 -3.58 76.92 -22.35
N ALA F 419 -4.22 75.73 -22.26
CA ALA F 419 -5.02 75.22 -21.14
C ALA F 419 -6.11 76.20 -20.74
N PRO F 420 -7.19 76.32 -21.52
CA PRO F 420 -8.20 77.35 -21.23
C PRO F 420 -9.10 77.04 -20.03
N GLU F 421 -8.92 75.90 -19.37
CA GLU F 421 -9.77 75.58 -18.22
C GLU F 421 -9.31 76.24 -16.93
N ILE F 422 -8.10 76.80 -16.90
CA ILE F 422 -7.61 77.48 -15.71
C ILE F 422 -7.70 78.98 -15.92
N TYR F 423 -7.64 79.73 -14.82
CA TYR F 423 -7.69 81.19 -14.86
C TYR F 423 -6.45 81.77 -14.21
N GLY F 424 -5.96 82.87 -14.79
CA GLY F 424 -4.85 83.61 -14.23
C GLY F 424 -3.53 82.85 -14.32
N ASN F 425 -2.63 83.21 -13.39
CA ASN F 425 -1.31 82.59 -13.20
C ASN F 425 -0.47 82.72 -14.49
N LEU F 426 -0.21 83.97 -14.86
CA LEU F 426 0.32 84.27 -16.20
C LEU F 426 1.80 83.94 -16.34
N ASP F 427 2.60 84.20 -15.31
CA ASP F 427 4.05 84.05 -15.43
C ASP F 427 4.47 82.58 -15.48
N VAL F 428 3.84 81.74 -14.65
CA VAL F 428 4.12 80.31 -14.68
C VAL F 428 3.59 79.71 -15.98
N LYS F 429 2.50 80.25 -16.51
CA LYS F 429 2.00 79.79 -17.81
C LYS F 429 2.95 80.17 -18.95
N LYS F 430 3.58 81.35 -18.85
CA LYS F 430 4.62 81.73 -19.80
C LYS F 430 5.83 80.80 -19.68
N ALA F 431 6.15 80.40 -18.45
CA ALA F 431 7.21 79.41 -18.25
C ALA F 431 6.84 78.04 -18.85
N LEU F 432 5.56 77.67 -18.78
CA LEU F 432 5.12 76.43 -19.42
C LEU F 432 5.22 76.52 -20.94
N LEU F 433 4.95 77.69 -21.50
CA LEU F 433 5.19 77.92 -22.93
C LEU F 433 6.67 77.81 -23.27
N LEU F 434 7.53 78.44 -22.46
CA LEU F 434 8.95 78.47 -22.75
C LEU F 434 9.62 77.14 -22.48
N LEU F 435 8.97 76.25 -21.73
CA LEU F 435 9.39 74.85 -21.69
C LEU F 435 9.28 74.22 -23.07
N LEU F 436 8.18 74.50 -23.79
CA LEU F 436 8.03 73.97 -25.14
C LEU F 436 8.94 74.69 -26.13
N VAL F 437 9.28 75.94 -25.84
CA VAL F 437 10.15 76.71 -26.73
C VAL F 437 11.57 76.14 -26.69
N GLY F 438 12.14 76.04 -25.50
CA GLY F 438 13.47 75.48 -25.34
C GLY F 438 14.57 76.49 -25.61
N GLY F 439 15.80 76.08 -25.30
CA GLY F 439 16.97 76.91 -25.48
C GLY F 439 17.90 76.34 -26.53
N VAL F 440 18.94 77.12 -26.85
CA VAL F 440 19.88 76.71 -27.88
C VAL F 440 20.99 75.85 -27.28
N ASP F 441 21.61 75.04 -28.13
CA ASP F 441 22.71 74.19 -27.74
C ASP F 441 24.04 74.77 -28.22
N LYS F 442 25.14 74.14 -27.77
CA LYS F 442 26.47 74.49 -28.21
C LYS F 442 27.23 73.18 -28.42
N ARG F 443 28.07 73.15 -29.44
CA ARG F 443 28.92 71.98 -29.68
C ARG F 443 29.96 71.78 -28.58
N LYS F 449 29.22 68.50 -24.63
CA LYS F 449 28.44 69.62 -25.14
C LYS F 449 27.41 70.08 -24.11
N ILE F 450 27.08 71.37 -24.15
CA ILE F 450 26.11 71.93 -23.20
C ILE F 450 24.70 71.61 -23.67
N ARG F 451 23.89 71.08 -22.76
CA ARG F 451 22.49 70.79 -23.04
C ARG F 451 21.71 72.08 -23.25
N GLY F 452 20.81 72.06 -24.24
CA GLY F 452 19.94 73.18 -24.53
C GLY F 452 18.54 73.07 -24.00
N ASP F 453 18.30 72.20 -23.02
CA ASP F 453 16.95 71.96 -22.52
C ASP F 453 16.63 72.87 -21.34
N ILE F 454 15.40 73.37 -21.30
CA ILE F 454 14.86 74.09 -20.16
C ILE F 454 14.02 73.11 -19.34
N ASN F 455 14.12 73.20 -18.02
CA ASN F 455 13.35 72.33 -17.13
C ASN F 455 12.61 73.20 -16.11
N VAL F 456 11.35 72.86 -15.85
CA VAL F 456 10.49 73.70 -15.01
C VAL F 456 9.75 72.83 -14.01
N CYS F 457 9.54 73.33 -12.79
CA CYS F 457 8.78 72.57 -11.80
C CYS F 457 7.67 73.41 -11.18
N LEU F 458 6.58 72.70 -10.85
CA LEU F 458 5.42 73.24 -10.15
C LEU F 458 5.51 72.72 -8.72
N MET F 459 6.03 73.56 -7.82
CA MET F 459 6.28 73.23 -6.42
C MET F 459 5.16 73.82 -5.58
N GLY F 460 3.94 73.36 -5.84
CA GLY F 460 2.76 74.05 -5.38
C GLY F 460 1.89 73.17 -4.49
N ASP F 461 0.86 73.81 -3.92
CA ASP F 461 -0.08 73.15 -3.04
C ASP F 461 -0.97 72.19 -3.82
N PRO F 462 -1.48 71.15 -3.15
CA PRO F 462 -2.46 70.27 -3.81
C PRO F 462 -3.76 70.99 -4.13
N GLY F 463 -4.40 70.55 -5.20
CA GLY F 463 -5.70 71.06 -5.59
C GLY F 463 -5.67 72.32 -6.43
N VAL F 464 -4.50 72.72 -6.94
CA VAL F 464 -4.39 73.91 -7.76
C VAL F 464 -4.16 73.49 -9.23
N ALA F 465 -4.71 72.32 -9.61
CA ALA F 465 -4.76 71.79 -10.97
C ALA F 465 -3.35 71.55 -11.55
N LYS F 466 -2.65 70.61 -10.93
CA LYS F 466 -1.36 70.18 -11.45
C LYS F 466 -1.51 69.27 -12.66
N SER F 467 -2.22 68.14 -12.46
CA SER F 467 -2.34 67.10 -13.48
C SER F 467 -3.09 67.57 -14.73
N GLN F 468 -4.01 68.52 -14.58
CA GLN F 468 -4.64 69.13 -15.75
C GLN F 468 -3.62 69.88 -16.61
N LEU F 469 -2.71 70.62 -15.97
CA LEU F 469 -1.65 71.31 -16.71
C LEU F 469 -0.69 70.32 -17.33
N LEU F 470 -0.36 69.23 -16.63
CA LEU F 470 0.53 68.22 -17.20
C LEU F 470 -0.09 67.54 -18.42
N LYS F 471 -1.37 67.18 -18.33
CA LYS F 471 -2.06 66.56 -19.46
C LYS F 471 -2.22 67.53 -20.62
N ALA F 472 -2.54 68.79 -20.33
CA ALA F 472 -2.68 69.80 -21.39
C ALA F 472 -1.36 70.04 -22.10
N ILE F 473 -0.27 70.22 -21.33
CA ILE F 473 1.03 70.50 -21.93
C ILE F 473 1.59 69.27 -22.63
N CYS F 474 1.07 68.08 -22.30
CA CYS F 474 1.27 66.93 -23.18
C CYS F 474 0.47 67.06 -24.48
N LYS F 475 -0.74 67.63 -24.41
CA LYS F 475 -1.57 67.63 -25.62
C LYS F 475 -1.19 68.70 -26.64
N ILE F 476 -0.72 69.89 -26.22
CA ILE F 476 -0.22 70.84 -27.22
C ILE F 476 1.08 70.34 -27.85
N SER F 477 2.04 69.94 -27.03
CA SER F 477 3.32 69.59 -27.64
C SER F 477 3.37 68.11 -28.01
N PRO F 478 3.61 67.77 -29.27
CA PRO F 478 3.71 66.36 -29.66
C PRO F 478 5.05 65.76 -29.18
N ARG F 479 5.16 64.44 -29.37
CA ARG F 479 6.29 63.63 -28.89
C ARG F 479 6.50 63.78 -27.38
N GLY F 480 5.40 63.82 -26.64
CA GLY F 480 5.45 63.90 -25.19
C GLY F 480 4.44 62.97 -24.55
N VAL F 481 4.77 62.42 -23.39
CA VAL F 481 3.92 61.45 -22.71
C VAL F 481 3.72 61.87 -21.26
N TYR F 482 2.51 61.68 -20.76
CA TYR F 482 2.25 61.81 -19.33
C TYR F 482 2.81 60.58 -18.62
N THR F 483 3.52 60.80 -17.53
CA THR F 483 4.06 59.71 -16.72
C THR F 483 3.85 60.00 -15.25
N THR F 484 3.92 58.94 -14.46
CA THR F 484 3.79 59.02 -13.01
C THR F 484 5.02 58.42 -12.36
N GLY F 485 5.52 59.08 -11.31
CA GLY F 485 6.70 58.60 -10.61
C GLY F 485 6.50 57.41 -9.70
N LYS F 486 5.25 56.97 -9.56
CA LYS F 486 4.90 55.78 -8.78
C LYS F 486 5.56 54.51 -9.31
N LEU F 493 8.01 56.60 -15.91
CA LEU F 493 8.91 56.87 -14.80
C LEU F 493 10.35 56.52 -15.16
N THR F 494 10.55 55.30 -15.67
CA THR F 494 11.87 54.83 -16.02
C THR F 494 11.75 53.84 -17.18
N ALA F 495 12.89 53.58 -17.83
CA ALA F 495 12.96 52.68 -18.97
C ALA F 495 13.66 51.39 -18.57
N ALA F 496 13.09 50.27 -18.99
CA ALA F 496 13.66 48.97 -18.67
C ALA F 496 13.24 47.97 -19.74
N VAL F 497 14.18 47.14 -20.17
CA VAL F 497 13.89 46.07 -21.12
C VAL F 497 13.16 44.95 -20.38
N MET F 498 12.03 44.52 -20.91
CA MET F 498 11.19 43.52 -20.28
C MET F 498 11.27 42.20 -21.02
N LYS F 499 10.99 41.11 -20.29
CA LYS F 499 11.00 39.77 -20.86
C LYS F 499 9.65 39.47 -21.49
N ASP F 500 9.42 38.19 -21.83
CA ASP F 500 8.23 37.63 -22.48
C ASP F 500 7.95 38.34 -23.81
N PRO F 501 8.97 38.56 -24.63
CA PRO F 501 8.74 39.16 -25.94
C PRO F 501 8.35 38.11 -26.97
N VAL F 502 8.31 38.51 -28.25
CA VAL F 502 8.10 37.56 -29.34
C VAL F 502 9.25 36.55 -29.40
N THR F 503 10.47 37.02 -29.14
CA THR F 503 11.61 36.15 -28.92
C THR F 503 11.77 35.88 -27.43
N ASP F 504 12.59 34.89 -27.10
CA ASP F 504 12.82 34.54 -25.70
C ASP F 504 13.67 35.59 -24.99
N GLU F 505 14.52 36.30 -25.72
CA GLU F 505 15.34 37.35 -25.13
C GLU F 505 14.51 38.58 -24.83
N MET F 506 15.00 39.38 -23.89
CA MET F 506 14.31 40.60 -23.50
C MET F 506 14.45 41.67 -24.59
N ILE F 507 13.32 42.25 -24.98
CA ILE F 507 13.30 43.30 -25.99
C ILE F 507 13.45 44.64 -25.28
N LEU F 508 14.18 45.57 -25.91
CA LEU F 508 14.44 46.88 -25.33
C LEU F 508 13.20 47.76 -25.50
N GLU F 509 12.22 47.52 -24.63
CA GLU F 509 11.00 48.30 -24.65
C GLU F 509 11.25 49.67 -24.02
N GLY F 510 10.97 50.72 -24.77
CA GLY F 510 11.26 52.06 -24.29
C GLY F 510 10.29 52.50 -23.21
N GLY F 511 10.82 53.13 -22.17
CA GLY F 511 10.03 53.67 -21.08
C GLY F 511 9.51 55.05 -21.39
N ALA F 512 9.10 55.75 -20.33
CA ALA F 512 8.57 57.10 -20.50
C ALA F 512 9.65 58.09 -20.90
N LEU F 513 10.89 57.90 -20.44
CA LEU F 513 11.98 58.79 -20.80
C LEU F 513 12.47 58.55 -22.22
N VAL F 514 12.28 57.33 -22.74
CA VAL F 514 12.73 57.02 -24.10
C VAL F 514 11.82 57.69 -25.13
N LEU F 515 10.51 57.53 -24.98
CA LEU F 515 9.57 58.08 -25.95
C LEU F 515 9.40 59.60 -25.84
N ALA F 516 9.92 60.22 -24.78
CA ALA F 516 9.84 61.67 -24.62
C ALA F 516 11.10 62.38 -25.10
N ASP F 517 11.99 61.68 -25.79
CA ASP F 517 13.20 62.28 -26.30
C ASP F 517 12.87 63.28 -27.42
N ASN F 518 13.68 64.36 -27.48
CA ASN F 518 13.42 65.54 -28.30
C ASN F 518 12.02 66.10 -28.02
N GLY F 519 11.67 66.15 -26.74
CA GLY F 519 10.32 66.54 -26.37
C GLY F 519 10.21 66.82 -24.88
N ILE F 520 9.00 66.64 -24.36
CA ILE F 520 8.66 67.00 -22.99
C ILE F 520 8.21 65.75 -22.25
N CYS F 521 8.81 65.52 -21.09
CA CYS F 521 8.33 64.51 -20.15
C CYS F 521 7.75 65.21 -18.92
N CYS F 522 6.54 64.84 -18.55
CA CYS F 522 5.82 65.47 -17.46
C CYS F 522 5.67 64.46 -16.32
N ILE F 523 6.51 64.60 -15.31
CA ILE F 523 6.55 63.67 -14.19
C ILE F 523 5.66 64.23 -13.09
N ASP F 524 4.57 63.53 -12.79
CA ASP F 524 3.71 63.89 -11.67
C ASP F 524 4.21 63.19 -10.41
N GLU F 525 3.79 63.75 -9.27
CA GLU F 525 4.17 63.39 -7.89
C GLU F 525 5.68 63.15 -7.76
N PHE F 526 6.41 64.24 -7.97
CA PHE F 526 7.87 64.22 -7.84
C PHE F 526 8.32 64.03 -6.40
N ASP F 527 7.44 64.23 -5.42
CA ASP F 527 7.77 63.82 -4.05
C ASP F 527 7.61 62.31 -3.89
N LYS F 528 6.62 61.71 -4.55
CA LYS F 528 6.30 60.30 -4.38
C LYS F 528 6.88 59.53 -5.58
N MET F 529 8.15 59.17 -5.45
CA MET F 529 8.86 58.55 -6.57
C MET F 529 9.97 57.65 -6.04
N ASP F 530 10.39 56.71 -6.89
CA ASP F 530 11.22 55.59 -6.48
C ASP F 530 12.68 56.03 -6.36
N GLU F 531 13.45 55.27 -5.57
CA GLU F 531 14.87 55.55 -5.39
C GLU F 531 15.68 55.27 -6.66
N SER F 532 15.27 54.27 -7.44
CA SER F 532 15.95 54.01 -8.71
C SER F 532 15.73 55.16 -9.69
N ASP F 533 14.52 55.70 -9.73
CA ASP F 533 14.28 56.91 -10.50
C ASP F 533 15.01 58.10 -9.90
N ARG F 534 15.16 58.12 -8.56
CA ARG F 534 15.91 59.18 -7.89
C ARG F 534 17.38 59.14 -8.27
N THR F 535 17.90 57.96 -8.62
CA THR F 535 19.20 57.90 -9.27
C THR F 535 19.12 58.34 -10.72
N ALA F 536 18.05 57.94 -11.43
CA ALA F 536 18.02 58.05 -12.89
C ALA F 536 17.85 59.49 -13.39
N ILE F 537 17.20 60.36 -12.61
CA ILE F 537 16.94 61.74 -13.06
C ILE F 537 18.23 62.53 -13.26
N HIS F 538 19.28 62.26 -12.47
CA HIS F 538 20.56 62.95 -12.67
C HIS F 538 21.20 62.58 -14.00
N GLU F 539 21.13 61.31 -14.40
CA GLU F 539 21.65 60.94 -15.72
C GLU F 539 20.73 61.40 -16.84
N VAL F 540 19.45 61.62 -16.56
CA VAL F 540 18.56 62.19 -17.56
C VAL F 540 18.92 63.66 -17.83
N MET F 541 19.11 64.44 -16.76
CA MET F 541 19.42 65.86 -16.95
C MET F 541 20.87 66.10 -17.40
N GLU F 542 21.82 65.28 -16.94
CA GLU F 542 23.22 65.60 -17.14
C GLU F 542 23.75 65.11 -18.48
N GLN F 543 23.71 63.79 -18.72
CA GLN F 543 24.27 63.20 -19.92
C GLN F 543 23.22 62.83 -20.96
N GLN F 544 21.94 63.00 -20.64
CA GLN F 544 20.80 62.84 -21.57
C GLN F 544 20.72 61.44 -22.17
N THR F 545 20.98 60.41 -21.38
CA THR F 545 20.88 59.04 -21.86
C THR F 545 20.29 58.15 -20.77
N ILE F 546 19.83 56.98 -21.20
CA ILE F 546 19.25 55.99 -20.31
C ILE F 546 20.18 54.78 -20.34
N SER F 547 21.03 54.65 -19.32
CA SER F 547 22.04 53.59 -19.28
C SER F 547 21.47 52.43 -18.47
N ILE F 548 21.12 51.35 -19.17
CA ILE F 548 20.53 50.16 -18.56
C ILE F 548 21.45 48.97 -18.81
N SER F 549 21.78 48.25 -17.75
CA SER F 549 22.56 47.02 -17.82
C SER F 549 21.73 45.89 -17.24
N LYS F 550 21.12 45.09 -18.11
CA LYS F 550 20.28 43.98 -17.70
C LYS F 550 20.59 42.75 -18.53
N ALA F 551 20.69 41.60 -17.84
CA ALA F 551 20.86 40.26 -18.43
C ALA F 551 22.10 40.18 -19.31
N GLY F 552 23.19 40.82 -18.88
CA GLY F 552 24.40 40.85 -19.65
C GLY F 552 24.39 41.78 -20.84
N ILE F 553 23.39 42.66 -20.94
CA ILE F 553 23.28 43.63 -22.02
C ILE F 553 23.36 45.02 -21.42
N ASN F 554 24.39 45.77 -21.79
CA ASN F 554 24.56 47.15 -21.34
C ASN F 554 24.35 48.08 -22.52
N THR F 555 23.39 48.99 -22.40
CA THR F 555 23.05 49.88 -23.51
C THR F 555 22.72 51.26 -22.97
N THR F 556 22.83 52.25 -23.85
CA THR F 556 22.54 53.65 -23.54
C THR F 556 21.51 54.16 -24.55
N LEU F 557 20.24 54.18 -24.14
CA LEU F 557 19.16 54.65 -24.99
C LEU F 557 19.13 56.18 -25.01
N ASN F 558 18.47 56.75 -26.01
CA ASN F 558 18.50 58.18 -26.30
C ASN F 558 17.36 58.87 -25.58
N ALA F 559 17.69 59.80 -24.68
CA ALA F 559 16.68 60.65 -24.02
C ALA F 559 17.20 62.08 -23.99
N ARG F 560 16.93 62.82 -25.07
CA ARG F 560 17.25 64.25 -25.12
C ARG F 560 16.00 65.04 -24.72
N THR F 561 15.70 65.00 -23.42
CA THR F 561 14.37 65.33 -22.92
C THR F 561 14.41 66.52 -21.98
N SER F 562 13.54 67.50 -22.24
CA SER F 562 13.25 68.56 -21.28
C SER F 562 12.25 68.07 -20.25
N ILE F 563 12.44 68.49 -19.00
CA ILE F 563 11.70 67.93 -17.87
C ILE F 563 10.78 68.97 -17.27
N LEU F 564 9.49 68.62 -17.17
CA LEU F 564 8.53 69.27 -16.28
C LEU F 564 8.39 68.39 -15.05
N ALA F 565 8.39 69.01 -13.87
CA ALA F 565 8.19 68.32 -12.61
C ALA F 565 6.98 68.90 -11.90
N ALA F 566 6.27 68.04 -11.16
CA ALA F 566 5.16 68.48 -10.31
C ALA F 566 5.36 67.87 -8.93
N ALA F 567 5.57 68.72 -7.94
CA ALA F 567 5.95 68.24 -6.61
C ALA F 567 5.12 68.95 -5.55
N ASN F 568 4.17 68.22 -4.98
CA ASN F 568 3.51 68.71 -3.78
C ASN F 568 4.39 68.42 -2.56
N PRO F 569 4.35 69.28 -1.53
CA PRO F 569 5.14 69.01 -0.32
C PRO F 569 4.56 67.89 0.52
N LEU F 570 5.30 67.44 1.54
CA LEU F 570 4.81 66.37 2.40
C LEU F 570 3.65 66.83 3.26
N TYR F 571 3.64 68.12 3.63
CA TYR F 571 2.48 68.74 4.25
C TYR F 571 1.86 69.73 3.26
N GLY F 572 0.53 69.74 3.23
CA GLY F 572 -0.17 70.53 2.22
C GLY F 572 -0.03 72.03 2.41
N ARG F 573 -0.04 72.48 3.66
CA ARG F 573 0.03 73.92 3.94
C ARG F 573 1.46 74.43 3.85
N TYR F 574 1.60 75.67 3.42
CA TYR F 574 2.89 76.34 3.33
C TYR F 574 2.98 77.42 4.40
N ASN F 575 4.04 77.38 5.19
CA ASN F 575 4.20 78.27 6.34
C ASN F 575 5.63 78.78 6.38
N PRO F 576 5.84 79.99 6.90
CA PRO F 576 7.22 80.47 7.06
C PRO F 576 8.01 79.74 8.13
N ARG F 577 7.32 79.04 9.04
CA ARG F 577 8.01 78.22 10.04
C ARG F 577 8.63 76.98 9.40
N LEU F 578 8.12 76.58 8.23
CA LEU F 578 8.68 75.44 7.52
C LEU F 578 9.67 75.92 6.45
N SER F 579 10.86 75.35 6.46
CA SER F 579 11.83 75.63 5.42
C SER F 579 11.36 75.04 4.10
N PRO F 580 11.70 75.66 2.96
CA PRO F 580 11.27 75.10 1.66
C PRO F 580 11.87 73.75 1.34
N LEU F 581 13.17 73.59 1.57
CA LEU F 581 13.82 72.29 1.33
C LEU F 581 13.35 71.25 2.31
N ASP F 582 12.99 71.67 3.53
CA ASP F 582 12.46 70.74 4.52
C ASP F 582 11.02 70.35 4.19
N ASN F 583 10.24 71.30 3.64
CA ASN F 583 8.85 71.01 3.31
C ASN F 583 8.75 70.11 2.08
N ILE F 584 9.58 70.36 1.08
CA ILE F 584 9.49 69.57 -0.15
C ILE F 584 10.20 68.24 0.00
N ASN F 585 11.15 68.16 0.94
CA ASN F 585 12.04 67.02 1.23
C ASN F 585 12.85 66.57 0.02
N LEU F 586 13.09 67.44 -0.97
CA LEU F 586 13.89 67.06 -2.12
C LEU F 586 15.37 67.17 -1.78
N PRO F 587 16.22 66.34 -2.40
CA PRO F 587 17.66 66.49 -2.18
C PRO F 587 18.20 67.76 -2.81
N ALA F 588 19.29 68.26 -2.23
CA ALA F 588 19.83 69.56 -2.64
C ALA F 588 20.57 69.46 -3.96
N ALA F 589 21.07 68.28 -4.31
CA ALA F 589 21.79 68.11 -5.58
C ALA F 589 20.84 68.21 -6.77
N LEU F 590 19.61 67.73 -6.59
CA LEU F 590 18.60 67.81 -7.65
C LEU F 590 18.26 69.26 -7.97
N LEU F 591 18.00 70.07 -6.93
CA LEU F 591 17.71 71.48 -7.16
C LEU F 591 18.95 72.28 -7.55
N SER F 592 20.14 71.77 -7.21
CA SER F 592 21.37 72.40 -7.70
C SER F 592 21.51 72.21 -9.21
N ARG F 593 21.16 71.03 -9.71
CA ARG F 593 21.13 70.82 -11.16
C ARG F 593 19.99 71.58 -11.83
N PHE F 594 18.90 71.83 -11.12
CA PHE F 594 17.63 72.24 -11.69
C PHE F 594 17.51 73.77 -11.70
N ASP F 595 16.72 74.29 -12.66
CA ASP F 595 16.69 75.72 -12.91
C ASP F 595 15.60 76.50 -12.17
N ILE F 596 14.32 76.23 -12.48
CA ILE F 596 13.23 77.15 -12.11
C ILE F 596 12.08 76.42 -11.40
N LEU F 597 11.89 76.77 -10.13
CA LEU F 597 10.78 76.30 -9.30
C LEU F 597 9.73 77.40 -9.29
N PHE F 598 8.46 77.03 -9.47
CA PHE F 598 7.37 77.99 -9.31
C PHE F 598 6.40 77.48 -8.24
N LEU F 599 6.22 78.30 -7.21
CA LEU F 599 5.38 77.98 -6.06
C LEU F 599 4.14 78.86 -6.13
N MET F 600 3.01 78.26 -6.51
CA MET F 600 1.72 78.89 -6.38
C MET F 600 0.99 78.28 -5.20
N LEU F 601 0.29 79.11 -4.44
CA LEU F 601 -0.32 78.71 -3.19
C LEU F 601 -1.83 78.88 -3.26
N ASP F 602 -2.54 78.04 -2.49
CA ASP F 602 -4.00 78.07 -2.44
C ASP F 602 -4.43 79.05 -1.34
N ILE F 603 -4.18 80.33 -1.60
CA ILE F 603 -4.49 81.41 -0.66
C ILE F 603 -5.92 81.87 -0.88
N PRO F 604 -6.76 81.86 0.16
CA PRO F 604 -8.17 82.26 -0.02
C PRO F 604 -8.31 83.78 -0.14
N SER F 605 -8.66 84.23 -1.35
CA SER F 605 -9.03 85.61 -1.61
C SER F 605 -10.39 85.62 -2.29
N ARG F 606 -11.29 86.49 -1.80
CA ARG F 606 -12.70 86.42 -2.16
C ARG F 606 -12.93 86.71 -3.64
N ASP F 607 -12.37 87.80 -4.15
CA ASP F 607 -12.51 88.14 -5.56
C ASP F 607 -11.76 87.16 -6.45
N ASP F 608 -10.59 86.70 -6.01
CA ASP F 608 -9.84 85.70 -6.78
C ASP F 608 -10.57 84.36 -6.81
N ASP F 609 -11.17 83.96 -5.69
CA ASP F 609 -11.95 82.73 -5.66
C ASP F 609 -13.21 82.85 -6.51
N GLU F 610 -13.81 84.03 -6.59
CA GLU F 610 -14.94 84.23 -7.49
C GLU F 610 -14.51 84.13 -8.96
N LYS F 611 -13.43 84.83 -9.32
CA LYS F 611 -12.94 84.82 -10.70
C LYS F 611 -12.46 83.44 -11.13
N LEU F 612 -12.00 82.61 -10.20
CA LEU F 612 -11.76 81.21 -10.53
C LEU F 612 -13.05 80.40 -10.53
N ALA F 613 -14.00 80.73 -9.65
CA ALA F 613 -15.16 79.87 -9.41
C ALA F 613 -16.17 79.91 -10.54
N GLU F 614 -16.55 81.11 -11.01
CA GLU F 614 -17.43 81.17 -12.18
C GLU F 614 -16.77 80.64 -13.45
N HIS F 615 -15.43 80.66 -13.54
CA HIS F 615 -14.78 80.02 -14.68
C HIS F 615 -14.87 78.50 -14.59
N VAL F 616 -14.57 77.95 -13.41
CA VAL F 616 -14.57 76.51 -13.18
C VAL F 616 -15.96 75.93 -13.39
N THR F 617 -17.00 76.65 -12.94
CA THR F 617 -18.34 76.19 -13.26
C THR F 617 -18.82 76.66 -14.63
N TYR F 618 -18.10 77.57 -15.28
CA TYR F 618 -18.49 78.04 -16.60
C TYR F 618 -18.07 77.08 -17.69
N VAL F 619 -17.07 76.23 -17.41
CA VAL F 619 -16.83 75.13 -18.33
C VAL F 619 -17.91 74.06 -18.20
N HIS F 620 -18.68 74.08 -17.11
CA HIS F 620 -19.76 73.15 -16.87
C HIS F 620 -21.12 73.62 -17.39
N MET F 621 -21.24 74.87 -17.83
CA MET F 621 -22.53 75.36 -18.32
C MET F 621 -22.84 74.85 -19.73
N HIS F 622 -22.01 75.22 -20.69
CA HIS F 622 -22.25 74.90 -22.09
C HIS F 622 -21.43 73.68 -22.50
N ASN F 623 -21.61 73.28 -23.75
CA ASN F 623 -20.88 72.15 -24.30
C ASN F 623 -19.41 72.49 -24.51
N LYS F 624 -18.54 71.53 -24.20
CA LYS F 624 -17.07 71.52 -24.39
C LYS F 624 -16.45 72.81 -23.86
N GLN F 625 -15.51 73.45 -24.56
CA GLN F 625 -14.80 74.64 -24.12
C GLN F 625 -15.74 75.85 -24.06
N PRO F 626 -15.52 76.76 -23.12
CA PRO F 626 -16.38 77.93 -22.99
C PRO F 626 -15.95 79.04 -23.95
N ASP F 627 -16.61 80.18 -23.82
CA ASP F 627 -16.13 81.40 -24.44
C ASP F 627 -15.05 82.02 -23.55
N LEU F 628 -13.96 82.46 -24.18
CA LEU F 628 -12.76 82.84 -23.45
C LEU F 628 -12.75 84.30 -23.01
N ASP F 629 -13.80 85.07 -23.34
CA ASP F 629 -13.99 86.52 -23.17
C ASP F 629 -12.76 87.36 -23.47
N PHE F 630 -12.00 86.92 -24.47
CA PHE F 630 -10.68 87.44 -24.82
C PHE F 630 -10.43 87.02 -26.27
N THR F 631 -9.17 87.07 -26.69
CA THR F 631 -8.80 86.43 -27.94
C THR F 631 -8.98 84.93 -27.83
N PRO F 632 -9.73 84.29 -28.72
CA PRO F 632 -10.08 82.88 -28.52
C PRO F 632 -8.91 81.94 -28.77
N VAL F 633 -9.06 80.71 -28.29
CA VAL F 633 -8.02 79.71 -28.44
C VAL F 633 -7.97 79.21 -29.87
N GLU F 634 -6.81 78.68 -30.26
CA GLU F 634 -6.61 78.08 -31.58
C GLU F 634 -5.64 76.92 -31.39
N PRO F 635 -6.14 75.73 -31.06
CA PRO F 635 -5.26 74.62 -30.66
C PRO F 635 -4.38 74.06 -31.77
N SER F 636 -4.72 74.29 -33.04
CA SER F 636 -3.90 73.78 -34.13
C SER F 636 -2.71 74.69 -34.40
N LYS F 637 -2.79 75.95 -33.98
CA LYS F 637 -1.87 76.98 -34.48
C LYS F 637 -0.51 76.95 -33.79
N MET F 638 -0.41 76.46 -32.55
CA MET F 638 0.84 76.57 -31.81
C MET F 638 1.92 75.63 -32.34
N ARG F 639 1.53 74.45 -32.84
CA ARG F 639 2.48 73.37 -33.08
C ARG F 639 3.43 73.64 -34.25
N GLU F 640 3.08 74.55 -35.15
CA GLU F 640 4.00 74.95 -36.21
C GLU F 640 4.81 76.18 -35.84
N TYR F 641 4.21 77.08 -35.03
CA TYR F 641 4.91 78.28 -34.59
C TYR F 641 6.05 77.93 -33.65
N ILE F 642 5.84 76.97 -32.75
CA ILE F 642 6.93 76.53 -31.88
C ILE F 642 7.99 75.75 -32.66
N ALA F 643 7.59 75.10 -33.76
CA ALA F 643 8.58 74.42 -34.61
C ALA F 643 9.47 75.42 -35.32
N TYR F 644 8.87 76.52 -35.80
CA TYR F 644 9.67 77.61 -36.37
C TYR F 644 10.57 78.25 -35.32
N ALA F 645 10.05 78.43 -34.10
CA ALA F 645 10.86 78.97 -33.00
C ALA F 645 12.05 78.07 -32.70
N LYS F 646 11.84 76.75 -32.76
CA LYS F 646 12.96 75.82 -32.71
C LYS F 646 13.86 75.90 -33.93
N THR F 647 13.34 76.40 -35.06
CA THR F 647 14.13 76.41 -36.28
C THR F 647 15.12 77.58 -36.33
N LYS F 648 14.78 78.76 -35.76
CA LYS F 648 15.71 79.90 -35.90
C LYS F 648 17.04 79.72 -35.18
N ARG F 649 17.03 79.39 -33.86
CA ARG F 649 18.23 79.34 -33.02
C ARG F 649 19.04 80.65 -33.03
N PRO F 650 18.61 81.68 -32.30
CA PRO F 650 19.29 82.98 -32.35
C PRO F 650 20.60 83.01 -31.58
N VAL F 651 21.43 84.00 -31.91
CA VAL F 651 22.75 84.23 -31.30
C VAL F 651 22.82 85.67 -30.80
N MET F 652 23.25 85.85 -29.56
CA MET F 652 23.18 87.15 -28.90
C MET F 652 24.51 87.89 -28.88
N SER F 653 24.44 89.19 -28.62
CA SER F 653 25.60 90.08 -28.74
C SER F 653 26.39 90.20 -27.43
N GLU F 654 27.42 91.04 -27.45
CA GLU F 654 28.40 91.03 -26.35
C GLU F 654 28.03 92.06 -25.27
N ALA F 655 27.44 93.19 -25.66
CA ALA F 655 27.05 94.18 -24.66
C ALA F 655 25.88 93.68 -23.82
N VAL F 656 24.98 92.92 -24.45
CA VAL F 656 23.90 92.25 -23.73
C VAL F 656 24.49 91.21 -22.78
N ASN F 657 25.59 90.56 -23.19
CA ASN F 657 26.29 89.63 -22.30
C ASN F 657 26.94 90.36 -21.12
N ASP F 658 27.43 91.58 -21.35
CA ASP F 658 27.94 92.39 -20.25
C ASP F 658 26.84 92.76 -19.27
N TYR F 659 25.65 93.07 -19.79
CA TYR F 659 24.51 93.33 -18.91
C TYR F 659 24.08 92.07 -18.17
N VAL F 660 24.20 90.91 -18.81
CA VAL F 660 23.92 89.63 -18.17
C VAL F 660 24.92 89.36 -17.04
N VAL F 661 26.19 89.71 -17.26
CA VAL F 661 27.22 89.57 -16.23
C VAL F 661 26.92 90.48 -15.05
N GLN F 662 26.50 91.73 -15.32
CA GLN F 662 26.15 92.66 -14.25
C GLN F 662 24.92 92.18 -13.48
N ALA F 663 23.93 91.63 -14.18
CA ALA F 663 22.75 91.09 -13.51
C ALA F 663 23.08 89.85 -12.68
N TYR F 664 24.01 89.03 -13.16
CA TYR F 664 24.44 87.86 -12.39
C TYR F 664 25.19 88.28 -11.13
N ILE F 665 26.00 89.34 -11.24
CA ILE F 665 26.66 89.91 -10.06
C ILE F 665 25.63 90.44 -9.07
N ARG F 666 24.57 91.09 -9.58
CA ARG F 666 23.49 91.59 -8.73
C ARG F 666 22.76 90.45 -8.02
N LEU F 667 22.52 89.34 -8.71
CA LEU F 667 21.87 88.21 -8.05
C LEU F 667 22.80 87.45 -7.11
N ARG F 668 24.12 87.47 -7.33
CA ARG F 668 25.01 86.96 -6.28
C ARG F 668 25.02 87.87 -5.06
N GLN F 669 24.91 89.19 -5.27
CA GLN F 669 24.77 90.10 -4.14
C GLN F 669 23.45 89.90 -3.42
N ASP F 670 22.39 89.53 -4.14
CA ASP F 670 21.14 89.15 -3.51
C ASP F 670 21.27 87.81 -2.80
N SER F 671 22.12 86.92 -3.32
CA SER F 671 22.39 85.64 -2.67
C SER F 671 23.16 85.83 -1.37
N LYS F 672 23.92 86.92 -1.26
CA LYS F 672 24.46 87.31 0.04
C LYS F 672 23.33 87.64 1.02
N ARG F 673 22.28 88.29 0.54
CA ARG F 673 21.14 88.63 1.39
C ARG F 673 20.30 87.39 1.70
N PHE F 679 12.83 81.59 5.82
CA PHE F 679 13.66 82.17 4.78
C PHE F 679 14.19 81.08 3.84
N SER F 680 14.16 81.37 2.54
CA SER F 680 14.66 80.45 1.53
C SER F 680 16.15 80.66 1.32
N PHE F 681 16.92 79.58 1.48
CA PHE F 681 18.37 79.68 1.36
C PHE F 681 18.82 79.81 -0.09
N GLY F 682 18.01 79.35 -1.05
CA GLY F 682 18.39 79.16 -2.45
C GLY F 682 19.05 80.32 -3.17
N GLN F 683 20.33 80.13 -3.48
CA GLN F 683 21.19 81.18 -4.00
C GLN F 683 21.32 81.08 -5.51
N ALA F 684 21.90 82.13 -6.09
CA ALA F 684 22.20 82.11 -7.52
C ALA F 684 23.48 81.32 -7.78
N THR F 685 23.42 80.41 -8.72
CA THR F 685 24.52 79.56 -9.12
C THR F 685 24.93 79.89 -10.56
N PRO F 686 26.11 79.42 -11.00
CA PRO F 686 26.39 79.45 -12.45
C PRO F 686 25.39 78.65 -13.28
N ARG F 687 24.85 77.56 -12.72
CA ARG F 687 23.82 76.80 -13.40
C ARG F 687 22.53 77.60 -13.56
N THR F 688 22.19 78.43 -12.57
CA THR F 688 21.07 79.35 -12.72
C THR F 688 21.37 80.44 -13.75
N LEU F 689 22.66 80.82 -13.90
CA LEU F 689 23.02 81.76 -14.96
C LEU F 689 22.82 81.13 -16.34
N LEU F 690 23.18 79.86 -16.50
CA LEU F 690 22.87 79.14 -17.74
C LEU F 690 21.36 79.02 -17.95
N GLY F 691 20.60 78.83 -16.88
CA GLY F 691 19.14 78.83 -17.00
C GLY F 691 18.58 80.16 -17.44
N ILE F 692 19.12 81.25 -16.91
CA ILE F 692 18.75 82.61 -17.32
C ILE F 692 19.03 82.82 -18.80
N ILE F 693 20.18 82.31 -19.25
CA ILE F 693 20.52 82.33 -20.68
C ILE F 693 19.49 81.53 -21.50
N ARG F 694 19.08 80.37 -21.00
CA ARG F 694 18.11 79.53 -21.70
C ARG F 694 16.77 80.24 -21.87
N LEU F 695 16.29 80.89 -20.80
CA LEU F 695 15.09 81.73 -20.87
C LEU F 695 15.28 82.90 -21.85
N SER F 696 16.50 83.46 -21.91
CA SER F 696 16.77 84.60 -22.79
C SER F 696 16.65 84.22 -24.26
N GLN F 697 17.33 83.15 -24.70
CA GLN F 697 17.09 82.76 -26.09
C GLN F 697 15.76 82.05 -26.31
N ALA F 698 15.04 81.64 -25.26
CA ALA F 698 13.67 81.19 -25.48
C ALA F 698 12.77 82.34 -25.92
N LEU F 699 12.86 83.49 -25.24
CA LEU F 699 12.14 84.66 -25.74
C LEU F 699 12.75 85.24 -27.00
N ALA F 700 14.02 84.96 -27.29
CA ALA F 700 14.53 85.33 -28.61
C ALA F 700 13.92 84.47 -29.70
N LYS F 701 13.64 83.20 -29.38
CA LYS F 701 12.97 82.31 -30.32
C LYS F 701 11.53 82.73 -30.57
N LEU F 702 10.84 83.23 -29.53
CA LEU F 702 9.42 83.54 -29.72
C LEU F 702 9.21 84.80 -30.56
N ARG F 703 10.03 85.83 -30.39
CA ARG F 703 9.90 87.05 -31.18
C ARG F 703 10.54 86.95 -32.56
N LEU F 704 11.05 85.76 -32.91
CA LEU F 704 11.68 85.42 -34.19
C LEU F 704 12.90 86.30 -34.45
N ALA F 705 13.56 86.72 -33.37
CA ALA F 705 14.55 87.79 -33.43
C ALA F 705 15.95 87.23 -33.57
N ASP F 706 16.84 88.04 -34.13
CA ASP F 706 18.22 87.62 -34.33
C ASP F 706 19.11 88.04 -33.16
N MET F 707 18.79 89.15 -32.50
CA MET F 707 19.44 89.59 -31.27
C MET F 707 18.53 89.38 -30.06
N VAL F 708 19.13 89.11 -28.91
CA VAL F 708 18.41 89.14 -27.64
C VAL F 708 18.36 90.57 -27.14
N ASP F 709 17.16 91.08 -26.89
CA ASP F 709 17.00 92.47 -26.48
C ASP F 709 17.34 92.64 -24.99
N ILE F 710 17.67 93.88 -24.63
CA ILE F 710 18.07 94.19 -23.26
C ILE F 710 16.86 94.14 -22.33
N ASP F 711 15.73 94.70 -22.77
CA ASP F 711 14.51 94.65 -21.97
C ASP F 711 13.98 93.22 -21.83
N ASP F 712 14.28 92.37 -22.82
CA ASP F 712 14.01 90.95 -22.72
C ASP F 712 14.82 90.32 -21.59
N VAL F 713 16.09 90.70 -21.47
CA VAL F 713 16.95 90.18 -20.42
C VAL F 713 16.46 90.63 -19.04
N GLU F 714 16.09 91.91 -18.91
CA GLU F 714 15.64 92.36 -17.59
C GLU F 714 14.24 91.81 -17.25
N GLU F 715 13.42 91.49 -18.25
CA GLU F 715 12.16 90.81 -17.94
C GLU F 715 12.41 89.36 -17.56
N ALA F 716 13.45 88.73 -18.12
CA ALA F 716 13.82 87.39 -17.69
C ALA F 716 14.33 87.38 -16.25
N LEU F 717 15.13 88.38 -15.88
CA LEU F 717 15.55 88.49 -14.49
C LEU F 717 14.40 88.92 -13.58
N ARG F 718 13.41 89.62 -14.14
CA ARG F 718 12.16 89.85 -13.40
C ARG F 718 11.40 88.56 -13.15
N LEU F 719 11.43 87.63 -14.12
CA LEU F 719 10.87 86.31 -13.89
C LEU F 719 11.67 85.53 -12.84
N VAL F 720 12.98 85.74 -12.79
CA VAL F 720 13.80 85.16 -11.72
C VAL F 720 13.39 85.75 -10.37
N ARG F 721 13.10 87.05 -10.33
CA ARG F 721 12.58 87.67 -9.12
C ARG F 721 11.18 87.16 -8.77
N VAL F 722 10.39 86.79 -9.77
CA VAL F 722 9.09 86.16 -9.53
C VAL F 722 9.29 84.78 -8.92
N SER F 723 10.31 84.05 -9.37
CA SER F 723 10.67 82.78 -8.74
C SER F 723 11.14 82.97 -7.31
N LYS F 724 11.86 84.07 -7.05
CA LYS F 724 12.25 84.41 -5.67
C LYS F 724 11.04 84.72 -4.81
N GLU F 725 10.06 85.44 -5.37
CA GLU F 725 8.79 85.69 -4.67
C GLU F 725 8.02 84.40 -4.42
N SER F 726 8.14 83.43 -5.34
CA SER F 726 7.56 82.11 -5.12
C SER F 726 8.27 81.38 -3.99
N LEU F 727 9.60 81.54 -3.91
CA LEU F 727 10.36 80.97 -2.79
C LEU F 727 9.93 81.59 -1.46
N TYR F 728 9.65 82.90 -1.46
CA TYR F 728 9.04 83.50 -0.29
C TYR F 728 7.58 83.05 -0.13
N GLN F 729 6.82 83.07 -1.22
CA GLN F 729 5.42 82.65 -1.19
C GLN F 729 4.97 82.17 -2.56
N THR G 1321 -35.84 75.68 111.04
CA THR G 1321 -35.78 74.95 109.78
C THR G 1321 -36.76 73.77 109.77
N TRP G 1322 -36.97 73.19 108.60
CA TRP G 1322 -37.82 72.02 108.42
C TRP G 1322 -36.97 70.93 107.77
N GLU G 1323 -36.40 70.05 108.59
CA GLU G 1323 -35.72 68.88 108.05
C GLU G 1323 -36.74 67.79 107.76
N VAL G 1324 -36.62 67.16 106.60
CA VAL G 1324 -37.63 66.26 106.07
C VAL G 1324 -37.20 64.80 106.25
N LEU G 1325 -38.13 63.99 106.75
CA LEU G 1325 -37.87 62.57 106.92
C LEU G 1325 -38.34 61.77 105.71
N GLN G 1326 -39.57 61.98 105.26
CA GLN G 1326 -40.13 61.15 104.20
C GLN G 1326 -40.95 61.95 103.22
N TYR G 1327 -40.64 61.80 101.93
CA TYR G 1327 -41.58 62.10 100.86
C TYR G 1327 -42.34 60.82 100.54
N LYS G 1328 -43.66 60.91 100.40
CA LYS G 1328 -44.50 59.74 100.27
C LYS G 1328 -45.47 59.91 99.11
N ASP G 1329 -45.50 58.92 98.22
CA ASP G 1329 -46.47 58.87 97.14
C ASP G 1329 -47.89 58.76 97.69
N SER G 1330 -48.83 59.36 96.97
CA SER G 1330 -50.23 59.32 97.35
C SER G 1330 -51.06 59.04 96.11
N GLY G 1331 -52.32 58.66 96.33
CA GLY G 1331 -53.21 58.36 95.23
C GLY G 1331 -53.66 59.57 94.45
N GLU G 1332 -53.58 60.76 95.04
CA GLU G 1332 -54.01 61.97 94.35
C GLU G 1332 -52.93 62.43 93.36
N PRO G 1333 -53.32 62.86 92.16
CA PRO G 1333 -52.35 63.48 91.25
C PRO G 1333 -51.74 64.74 91.84
N GLY G 1334 -50.41 64.80 91.85
CA GLY G 1334 -49.69 66.00 92.25
C GLY G 1334 -49.64 66.26 93.73
N VAL G 1335 -50.18 65.37 94.56
CA VAL G 1335 -50.22 65.54 96.00
C VAL G 1335 -49.36 64.45 96.63
N LEU G 1336 -48.44 64.86 97.50
CA LEU G 1336 -47.60 63.90 98.20
C LEU G 1336 -47.63 64.18 99.70
N GLU G 1337 -47.53 63.13 100.48
CA GLU G 1337 -47.57 63.23 101.93
C GLU G 1337 -46.15 63.32 102.46
N VAL G 1338 -45.88 64.36 103.25
CA VAL G 1338 -44.52 64.67 103.67
C VAL G 1338 -44.45 64.62 105.18
N PHE G 1339 -43.54 63.80 105.69
CA PHE G 1339 -43.29 63.69 107.11
C PHE G 1339 -41.97 64.40 107.43
N VAL G 1340 -42.07 65.44 108.25
CA VAL G 1340 -40.92 66.23 108.70
C VAL G 1340 -40.90 66.16 110.22
N THR G 1341 -39.96 66.85 110.86
CA THR G 1341 -39.95 66.93 112.31
C THR G 1341 -39.74 68.37 112.77
N ILE G 1342 -40.46 68.75 113.81
CA ILE G 1342 -40.32 70.03 114.49
C ILE G 1342 -40.31 69.74 115.98
N ASN G 1343 -39.21 70.12 116.66
CA ASN G 1343 -39.01 69.96 118.11
C ASN G 1343 -39.14 68.50 118.55
N GLY G 1344 -38.70 67.58 117.69
CA GLY G 1344 -38.83 66.16 117.95
C GLY G 1344 -40.19 65.57 117.66
N LYS G 1345 -41.14 66.37 117.20
CA LYS G 1345 -42.48 65.90 116.86
C LYS G 1345 -42.56 65.67 115.36
N VAL G 1346 -43.10 64.52 114.97
CA VAL G 1346 -43.17 64.15 113.57
C VAL G 1346 -44.46 64.73 112.97
N GLN G 1347 -44.32 65.71 112.10
CA GLN G 1347 -45.44 66.39 111.49
C GLN G 1347 -45.69 65.86 110.09
N ASN G 1348 -46.97 65.63 109.78
CA ASN G 1348 -47.39 65.15 108.46
C ASN G 1348 -48.17 66.23 107.74
N ILE G 1349 -47.70 66.63 106.56
CA ILE G 1349 -48.30 67.74 105.82
C ILE G 1349 -48.50 67.27 104.37
N THR G 1350 -49.68 67.53 103.81
CA THR G 1350 -49.93 67.32 102.40
C THR G 1350 -49.25 68.42 101.59
N PHE G 1351 -48.73 68.07 100.42
CA PHE G 1351 -47.95 68.99 99.61
C PHE G 1351 -48.38 68.89 98.16
N HIS G 1352 -48.51 70.05 97.52
CA HIS G 1352 -48.95 70.14 96.13
C HIS G 1352 -47.82 70.74 95.30
N ILE G 1353 -47.41 70.01 94.27
CA ILE G 1353 -46.34 70.42 93.36
C ILE G 1353 -46.76 70.20 91.90
N PRO G 1354 -46.78 71.25 91.08
CA PRO G 1354 -47.03 71.05 89.65
C PRO G 1354 -45.85 70.40 88.96
N LYS G 1355 -46.16 69.72 87.87
CA LYS G 1355 -45.18 69.00 87.07
C LYS G 1355 -44.74 69.87 85.91
N THR G 1356 -43.44 69.85 85.63
CA THR G 1356 -42.83 70.61 84.55
C THR G 1356 -42.36 69.66 83.47
N ILE G 1357 -42.80 69.89 82.23
CA ILE G 1357 -42.39 69.10 81.09
C ILE G 1357 -41.73 70.01 80.06
N TYR G 1358 -41.06 69.39 79.09
CA TYR G 1358 -40.37 70.10 78.02
C TYR G 1358 -40.94 69.58 76.70
N MET G 1359 -41.32 70.48 75.82
CA MET G 1359 -42.19 70.17 74.69
C MET G 1359 -41.47 70.60 73.43
N LYS G 1360 -41.32 69.71 72.46
CA LYS G 1360 -40.70 70.07 71.19
C LYS G 1360 -41.77 70.17 70.12
N PHE G 1361 -41.77 71.30 69.42
CA PHE G 1361 -42.81 71.66 68.47
C PHE G 1361 -42.25 71.61 67.05
N LYS G 1362 -43.16 71.53 66.08
CA LYS G 1362 -42.75 71.54 64.68
C LYS G 1362 -42.31 72.92 64.22
N SER G 1363 -42.98 73.96 64.71
CA SER G 1363 -42.69 75.34 64.30
C SER G 1363 -42.51 76.20 65.54
N GLN G 1364 -42.19 77.48 65.29
CA GLN G 1364 -41.96 78.42 66.38
C GLN G 1364 -43.25 79.06 66.89
N THR G 1365 -44.37 78.84 66.20
CA THR G 1365 -45.64 79.43 66.61
C THR G 1365 -46.22 78.67 67.78
N MET G 1366 -46.76 79.40 68.76
CA MET G 1366 -47.46 78.81 69.89
C MET G 1366 -48.96 79.02 69.77
N PRO G 1367 -49.73 77.96 69.47
CA PRO G 1367 -51.18 78.04 69.69
C PRO G 1367 -51.55 77.77 71.14
N LEU G 1368 -51.92 78.83 71.86
CA LEU G 1368 -52.42 78.71 73.23
C LEU G 1368 -53.74 79.47 73.29
N GLN G 1369 -54.83 78.76 73.04
CA GLN G 1369 -56.12 79.43 72.92
C GLN G 1369 -56.73 79.74 74.29
N LYS G 1370 -57.00 78.74 75.12
CA LYS G 1370 -57.40 78.95 76.51
C LYS G 1370 -57.12 77.65 77.27
N ILE G 1371 -56.02 77.63 78.01
CA ILE G 1371 -55.67 76.49 78.85
C ILE G 1371 -55.64 76.97 80.30
N LYS G 1372 -56.33 76.23 81.17
CA LYS G 1372 -56.59 76.70 82.52
C LYS G 1372 -55.39 76.43 83.42
N ASN G 1373 -54.79 77.51 83.94
CA ASN G 1373 -53.76 77.50 84.99
C ASN G 1373 -52.52 76.72 84.56
N CYS G 1374 -51.88 77.22 83.50
CA CYS G 1374 -50.68 76.59 82.95
C CYS G 1374 -49.68 77.68 82.57
N LEU G 1375 -48.40 77.42 82.83
CA LEU G 1375 -47.34 78.36 82.47
C LEU G 1375 -46.57 77.79 81.29
N ILE G 1376 -46.61 78.49 80.16
CA ILE G 1376 -45.98 78.06 78.92
C ILE G 1376 -44.91 79.10 78.57
N GLU G 1377 -43.65 78.67 78.52
CA GLU G 1377 -42.53 79.58 78.32
C GLU G 1377 -41.59 79.01 77.27
N LYS G 1378 -40.78 79.87 76.67
CA LYS G 1378 -39.73 79.40 75.78
C LYS G 1378 -38.57 78.88 76.63
N SER G 1379 -37.93 77.81 76.16
CA SER G 1379 -36.82 77.20 76.86
C SER G 1379 -35.59 77.17 75.96
N SER G 1380 -34.44 77.49 76.52
CA SER G 1380 -33.16 77.47 75.81
C SER G 1380 -32.31 76.37 76.43
N ALA G 1381 -32.52 75.15 75.96
CA ALA G 1381 -31.74 74.00 76.40
C ALA G 1381 -31.74 72.98 75.27
N SER G 1382 -30.59 72.37 74.99
CA SER G 1382 -30.56 71.39 73.93
C SER G 1382 -31.11 70.04 74.43
N LEU G 1383 -31.07 69.06 73.56
CA LEU G 1383 -31.81 67.83 73.75
C LEU G 1383 -30.88 66.62 73.71
N PRO G 1384 -31.25 65.52 74.38
CA PRO G 1384 -30.52 64.26 74.20
C PRO G 1384 -30.62 63.74 72.78
N ASN G 1385 -29.48 63.68 72.10
CA ASN G 1385 -29.45 63.43 70.65
C ASN G 1385 -29.40 61.93 70.31
N ASN G 1386 -30.59 61.34 70.25
CA ASN G 1386 -30.73 60.01 69.69
C ASN G 1386 -30.45 60.04 68.18
N PRO G 1387 -29.89 58.97 67.62
CA PRO G 1387 -29.34 59.06 66.25
C PRO G 1387 -30.37 59.17 65.13
N LYS G 1388 -31.65 58.88 65.39
CA LYS G 1388 -32.62 58.89 64.30
C LYS G 1388 -33.08 60.30 63.93
N THR G 1389 -32.92 61.27 64.83
CA THR G 1389 -33.29 62.65 64.54
C THR G 1389 -32.11 63.57 64.31
N SER G 1390 -30.89 63.10 64.53
CA SER G 1390 -29.70 63.93 64.39
C SER G 1390 -29.37 64.17 62.92
N ALA G 1393 -37.16 69.92 63.86
CA ALA G 1393 -36.45 70.56 62.77
C ALA G 1393 -36.44 72.08 62.94
N GLY G 1394 -37.42 72.73 62.35
CA GLY G 1394 -37.56 74.17 62.48
C GLY G 1394 -38.50 74.55 63.62
N GLY G 1395 -38.22 74.06 64.82
CA GLY G 1395 -39.04 74.32 65.98
C GLY G 1395 -38.21 74.79 67.15
N GLN G 1396 -38.89 74.96 68.28
CA GLN G 1396 -38.26 75.46 69.50
C GLN G 1396 -38.73 74.64 70.70
N LEU G 1397 -37.85 74.42 71.66
CA LEU G 1397 -38.23 73.78 72.90
C LEU G 1397 -39.00 74.75 73.80
N PHE G 1398 -40.05 74.26 74.45
CA PHE G 1398 -40.85 75.06 75.35
C PHE G 1398 -41.03 74.36 76.69
N LYS G 1399 -40.92 75.12 77.76
CA LYS G 1399 -41.09 74.61 79.11
C LYS G 1399 -42.51 74.90 79.60
N ILE G 1400 -43.20 73.87 80.06
CA ILE G 1400 -44.59 74.02 80.50
C ILE G 1400 -44.74 73.44 81.89
N THR G 1401 -45.21 74.27 82.81
CA THR G 1401 -45.49 73.86 84.19
C THR G 1401 -46.98 73.90 84.44
N LEU G 1402 -47.52 72.80 84.97
CA LEU G 1402 -48.94 72.70 85.25
C LEU G 1402 -49.15 71.61 86.30
N PRO G 1403 -50.17 71.75 87.15
CA PRO G 1403 -50.48 70.71 88.13
C PRO G 1403 -50.90 69.40 87.49
N GLU G 1404 -50.64 68.30 88.22
CA GLU G 1404 -50.82 66.96 87.67
C GLU G 1404 -52.30 66.61 87.48
N SER G 1405 -53.17 67.11 88.38
CA SER G 1405 -54.60 66.86 88.23
C SER G 1405 -55.15 67.55 86.99
N VAL G 1406 -54.79 68.82 86.79
CA VAL G 1406 -55.27 69.50 85.60
C VAL G 1406 -54.51 69.01 84.37
N PHE G 1407 -53.31 68.44 84.56
CA PHE G 1407 -52.64 67.71 83.48
C PHE G 1407 -53.49 66.53 83.05
N LEU G 1408 -54.12 65.84 84.01
CA LEU G 1408 -55.06 64.78 83.65
C LEU G 1408 -56.34 65.34 83.05
N GLU G 1409 -56.70 66.60 83.33
CA GLU G 1409 -57.92 67.15 82.73
C GLU G 1409 -57.75 67.45 81.24
N GLU G 1410 -56.62 68.03 80.83
CA GLU G 1410 -56.35 68.10 79.39
C GLU G 1410 -55.62 66.88 78.83
N LYS G 1411 -55.41 65.82 79.61
CA LYS G 1411 -54.97 64.57 78.99
C LYS G 1411 -56.13 63.92 78.24
N GLU G 1412 -57.33 63.96 78.83
CA GLU G 1412 -58.49 63.34 78.22
C GLU G 1412 -59.07 64.16 77.06
N ASN G 1413 -58.72 65.44 76.97
CA ASN G 1413 -59.18 66.29 75.87
C ASN G 1413 -58.23 66.13 74.69
N CYS G 1414 -58.77 65.66 73.56
CA CYS G 1414 -57.96 65.52 72.36
C CYS G 1414 -57.75 66.84 71.63
N THR G 1415 -58.49 67.88 71.99
CA THR G 1415 -58.30 69.21 71.42
C THR G 1415 -57.19 70.00 72.11
N SER G 1416 -56.61 69.45 73.17
CA SER G 1416 -55.55 70.12 73.91
C SER G 1416 -54.23 70.04 73.15
N ILE G 1417 -53.23 70.73 73.70
CA ILE G 1417 -51.90 70.73 73.09
C ILE G 1417 -51.16 69.42 73.32
N PHE G 1418 -51.57 68.63 74.33
CA PHE G 1418 -50.87 67.39 74.62
C PHE G 1418 -51.21 66.28 73.63
N ASN G 1419 -52.37 66.37 72.97
CA ASN G 1419 -52.74 65.44 71.92
C ASN G 1419 -52.78 66.19 70.58
N ASP G 1420 -51.76 67.00 70.33
CA ASP G 1420 -51.67 67.75 69.09
C ASP G 1420 -51.00 66.92 68.01
N GLU G 1421 -51.25 67.29 66.76
CA GLU G 1421 -50.59 66.65 65.62
C GLU G 1421 -49.34 67.38 65.17
N ASN G 1422 -49.00 68.52 65.78
CA ASN G 1422 -47.73 69.20 65.56
C ASN G 1422 -46.68 68.82 66.59
N VAL G 1423 -46.81 67.66 67.23
CA VAL G 1423 -45.94 67.24 68.32
C VAL G 1423 -44.71 66.54 67.75
N LEU G 1424 -43.53 67.00 68.14
CA LEU G 1424 -42.33 66.24 67.81
C LEU G 1424 -41.91 65.35 68.99
N GLY G 1425 -41.87 65.89 70.20
CA GLY G 1425 -41.47 65.10 71.35
C GLY G 1425 -41.92 65.71 72.65
N VAL G 1426 -42.07 64.84 73.65
CA VAL G 1426 -42.48 65.22 75.01
C VAL G 1426 -41.39 64.73 75.95
N PHE G 1427 -40.45 65.62 76.29
CA PHE G 1427 -39.38 65.32 77.21
C PHE G 1427 -39.85 65.52 78.65
N GLU G 1428 -39.43 64.60 79.52
CA GLU G 1428 -39.68 64.62 80.96
C GLU G 1428 -41.18 64.65 81.29
N GLY G 1429 -41.95 63.87 80.53
CA GLY G 1429 -43.38 63.80 80.80
C GLY G 1429 -43.79 62.80 81.85
N THR G 1430 -42.87 61.89 82.22
CA THR G 1430 -43.17 60.82 83.16
C THR G 1430 -42.63 61.10 84.55
N ILE G 1431 -42.20 62.33 84.83
CA ILE G 1431 -41.59 62.63 86.12
C ILE G 1431 -42.67 62.69 87.19
N THR G 1432 -42.49 61.92 88.25
CA THR G 1432 -43.42 61.91 89.36
C THR G 1432 -43.20 63.14 90.23
N PRO G 1433 -44.24 63.60 90.93
CA PRO G 1433 -44.06 64.66 91.93
C PRO G 1433 -43.12 64.28 93.07
N HIS G 1434 -43.03 63.00 93.40
CA HIS G 1434 -42.24 62.54 94.54
C HIS G 1434 -40.75 62.73 94.26
N GLN G 1435 -40.27 62.18 93.14
CA GLN G 1435 -38.87 62.34 92.76
C GLN G 1435 -38.54 63.78 92.36
N ARG G 1436 -39.50 64.53 91.82
CA ARG G 1436 -39.27 65.94 91.53
C ARG G 1436 -39.09 66.74 92.81
N ALA G 1437 -39.85 66.41 93.86
CA ALA G 1437 -39.66 67.05 95.15
C ALA G 1437 -38.35 66.62 95.80
N ILE G 1438 -37.90 65.40 95.52
CA ILE G 1438 -36.58 64.96 96.00
C ILE G 1438 -35.47 65.78 95.36
N MET G 1439 -35.53 65.95 94.03
CA MET G 1439 -34.48 66.70 93.33
C MET G 1439 -34.50 68.18 93.70
N ASP G 1440 -35.69 68.81 93.64
CA ASP G 1440 -35.75 70.26 93.72
C ASP G 1440 -35.53 70.77 95.14
N LEU G 1441 -36.12 70.11 96.13
CA LEU G 1441 -36.21 70.69 97.47
C LEU G 1441 -35.11 70.22 98.41
N GLY G 1442 -34.48 69.08 98.14
CA GLY G 1442 -33.42 68.59 98.99
C GLY G 1442 -33.95 68.01 100.29
N ALA G 1443 -33.01 67.69 101.18
CA ALA G 1443 -33.37 67.19 102.51
C ALA G 1443 -33.64 68.29 103.50
N SER G 1444 -33.38 69.55 103.14
CA SER G 1444 -33.54 70.68 104.05
C SER G 1444 -34.35 71.76 103.34
N VAL G 1445 -35.56 72.02 103.84
CA VAL G 1445 -36.49 72.93 103.21
C VAL G 1445 -36.89 74.00 104.23
N THR G 1446 -37.04 75.24 103.75
CA THR G 1446 -37.58 76.33 104.56
C THR G 1446 -38.72 77.01 103.82
N PHE G 1447 -39.63 77.60 104.59
CA PHE G 1447 -40.74 78.37 104.05
C PHE G 1447 -40.41 79.86 104.08
N ARG G 1448 -41.18 80.63 103.32
CA ARG G 1448 -41.02 82.08 103.26
C ARG G 1448 -42.29 82.76 103.75
N SER G 1449 -42.14 83.71 104.67
CA SER G 1449 -43.27 84.38 105.29
C SER G 1449 -43.27 85.88 104.99
N LYS G 1450 -42.81 86.26 103.80
CA LYS G 1450 -42.87 87.67 103.41
C LYS G 1450 -44.28 88.09 103.03
N ALA G 1451 -45.12 87.14 102.60
CA ALA G 1451 -46.52 87.42 102.25
C ALA G 1451 -47.29 86.13 102.50
N MET G 1452 -47.93 86.03 103.66
CA MET G 1452 -48.62 84.81 104.06
C MET G 1452 -49.74 85.17 105.02
N GLY G 1453 -50.97 84.91 104.59
CA GLY G 1453 -52.12 85.22 105.44
C GLY G 1453 -52.23 84.32 106.65
N ALA G 1454 -52.03 83.01 106.46
CA ALA G 1454 -52.16 82.05 107.54
C ALA G 1454 -51.29 80.84 107.25
N LEU G 1455 -50.42 80.49 108.20
CA LEU G 1455 -49.65 79.26 108.06
C LEU G 1455 -50.51 78.02 108.21
N GLY G 1456 -51.54 78.09 109.06
CA GLY G 1456 -52.44 76.97 109.22
C GLY G 1456 -53.27 76.70 107.98
N LYS G 1457 -53.63 77.76 107.25
CA LYS G 1457 -54.31 77.57 105.97
C LYS G 1457 -53.41 76.85 104.98
N GLY G 1458 -52.10 77.12 105.04
CA GLY G 1458 -51.15 76.28 104.33
C GLY G 1458 -50.98 74.90 104.93
N ILE G 1459 -51.38 74.70 106.19
CA ILE G 1459 -51.24 73.38 106.80
C ILE G 1459 -52.31 72.42 106.28
N GLN G 1460 -53.60 72.80 106.36
CA GLN G 1460 -54.54 71.84 105.76
C GLN G 1460 -54.67 72.01 104.25
N GLN G 1461 -54.48 73.22 103.71
CA GLN G 1461 -54.63 73.40 102.27
C GLN G 1461 -53.39 73.02 101.48
N GLY G 1462 -52.29 72.69 102.14
CA GLY G 1462 -51.08 72.29 101.44
C GLY G 1462 -50.18 73.47 101.13
N PHE G 1463 -48.92 73.16 100.83
CA PHE G 1463 -47.90 74.15 100.56
C PHE G 1463 -47.48 74.06 99.10
N GLU G 1464 -47.33 75.20 98.44
CA GLU G 1464 -46.85 75.25 97.08
C GLU G 1464 -45.34 75.48 97.06
N MET G 1465 -44.73 75.26 95.89
CA MET G 1465 -43.27 75.35 95.78
C MET G 1465 -42.79 76.80 95.77
N LYS G 1466 -43.66 77.74 95.41
CA LYS G 1466 -43.29 79.15 95.47
C LYS G 1466 -43.18 79.65 96.90
N ASP G 1467 -43.68 78.89 97.87
CA ASP G 1467 -43.55 79.21 99.29
C ASP G 1467 -42.26 78.68 99.90
N LEU G 1468 -41.48 77.88 99.17
CA LEU G 1468 -40.41 77.08 99.77
C LEU G 1468 -39.09 77.31 99.06
N SER G 1469 -38.01 76.96 99.76
CA SER G 1469 -36.66 77.00 99.20
C SER G 1469 -35.77 76.04 100.00
N MET G 1470 -34.50 75.95 99.59
CA MET G 1470 -33.53 75.06 100.21
C MET G 1470 -33.07 75.61 101.56
N ALA G 1471 -32.22 74.83 102.22
CA ALA G 1471 -31.67 75.22 103.52
C ALA G 1471 -30.30 74.59 103.70
N GLU G 1472 -29.81 74.59 104.94
CA GLU G 1472 -28.47 74.11 105.26
C GLU G 1472 -28.46 72.60 105.45
N ASN G 1473 -27.45 71.94 104.90
CA ASN G 1473 -27.32 70.49 104.89
C ASN G 1473 -26.79 69.92 106.20
N GLU G 1474 -25.96 70.67 106.92
CA GLU G 1474 -25.29 70.13 108.11
C GLU G 1474 -26.27 70.00 109.28
N ARG G 1475 -27.26 70.90 109.35
CA ARG G 1475 -28.24 70.85 110.43
C ARG G 1475 -29.20 69.68 110.28
N TYR G 1476 -29.25 69.07 109.09
CA TYR G 1476 -30.14 67.95 108.83
C TYR G 1476 -29.67 66.72 109.60
N LEU G 1477 -30.49 66.30 110.57
CA LEU G 1477 -30.24 65.14 111.45
C LEU G 1477 -28.91 65.24 112.17
N SER G 1478 -28.70 66.35 112.89
CA SER G 1478 -27.58 66.42 113.82
C SER G 1478 -27.76 65.44 114.97
N GLY G 1479 -28.99 65.31 115.47
CA GLY G 1479 -29.31 64.36 116.50
C GLY G 1479 -30.81 64.27 116.75
N PHE G 1480 -31.35 63.06 116.81
CA PHE G 1480 -32.78 62.88 117.04
C PHE G 1480 -32.99 62.08 118.31
N SER G 1481 -33.91 62.55 119.16
CA SER G 1481 -34.30 61.84 120.37
C SER G 1481 -35.61 61.10 120.09
N MET G 1482 -35.51 60.06 119.27
CA MET G 1482 -36.67 59.41 118.69
C MET G 1482 -36.36 57.92 118.47
N ASP G 1483 -37.34 57.09 118.82
CA ASP G 1483 -37.14 55.65 118.94
C ASP G 1483 -37.38 54.97 117.60
N ILE G 1484 -36.71 53.84 117.38
CA ILE G 1484 -36.87 53.10 116.14
C ILE G 1484 -37.90 51.98 116.33
N GLY G 1485 -38.56 51.60 115.24
CA GLY G 1485 -39.39 50.41 115.24
C GLY G 1485 -38.93 49.47 114.15
N TYR G 1486 -38.47 48.27 114.51
CA TYR G 1486 -37.68 47.42 113.63
C TYR G 1486 -38.45 46.16 113.32
N LEU G 1487 -38.83 45.99 112.04
CA LEU G 1487 -39.67 44.88 111.60
C LEU G 1487 -39.03 44.18 110.41
N LEU G 1488 -38.96 42.85 110.50
CA LEU G 1488 -38.30 42.04 109.49
C LEU G 1488 -39.23 40.91 109.06
N HIS G 1489 -39.20 40.58 107.77
CA HIS G 1489 -39.81 39.37 107.23
C HIS G 1489 -38.72 38.44 106.74
N PHE G 1490 -38.76 37.19 107.18
CA PHE G 1490 -37.80 36.19 106.74
C PHE G 1490 -38.49 35.13 105.90
N PRO G 1491 -38.20 35.03 104.61
CA PRO G 1491 -38.50 33.81 103.86
C PRO G 1491 -37.32 32.84 103.87
N THR G 1492 -37.64 31.58 104.12
CA THR G 1492 -36.64 30.53 104.19
C THR G 1492 -36.70 29.66 102.94
N SER G 1493 -35.63 28.87 102.74
CA SER G 1493 -35.58 27.97 101.60
C SER G 1493 -36.51 26.78 101.78
N ILE G 1494 -36.83 26.43 103.03
CA ILE G 1494 -37.72 25.30 103.29
C ILE G 1494 -39.20 25.68 103.24
N GLY G 1495 -39.51 26.95 103.03
CA GLY G 1495 -40.88 27.40 102.92
C GLY G 1495 -41.47 28.01 104.17
N TYR G 1496 -40.67 28.31 105.19
CA TYR G 1496 -41.17 28.93 106.40
C TYR G 1496 -41.23 30.45 106.22
N GLU G 1497 -42.09 31.09 107.01
CA GLU G 1497 -42.24 32.54 106.99
C GLU G 1497 -42.14 33.08 108.41
N PHE G 1498 -41.36 34.15 108.58
CA PHE G 1498 -41.10 34.72 109.89
C PHE G 1498 -41.40 36.21 109.87
N PHE G 1499 -42.05 36.71 110.93
CA PHE G 1499 -42.18 38.13 111.20
C PHE G 1499 -41.53 38.44 112.54
N SER G 1500 -40.77 39.54 112.60
CA SER G 1500 -40.17 39.96 113.85
C SER G 1500 -40.38 41.46 114.08
N LEU G 1501 -40.75 41.78 115.32
CA LEU G 1501 -41.12 43.14 115.74
C LEU G 1501 -40.28 43.53 116.95
N PHE G 1502 -39.65 44.70 116.89
CA PHE G 1502 -38.78 45.20 117.93
C PHE G 1502 -39.33 46.48 118.54
N LYS G 1503 -39.18 46.62 119.85
CA LYS G 1503 -39.56 47.83 120.57
C LYS G 1503 -38.36 48.33 121.37
N SER G 1504 -37.87 49.52 121.00
CA SER G 1504 -36.81 50.14 121.80
C SER G 1504 -37.36 50.74 123.08
N TRP G 1505 -38.56 51.33 123.03
CA TRP G 1505 -39.19 51.87 124.23
C TRP G 1505 -39.74 50.74 125.11
N GLY G 1506 -40.18 49.65 124.48
CA GLY G 1506 -40.58 48.47 125.21
C GLY G 1506 -39.40 47.56 125.49
N ASP G 1507 -39.70 46.41 126.09
CA ASP G 1507 -38.70 45.41 126.43
C ASP G 1507 -39.02 44.07 125.76
N THR G 1508 -39.64 44.10 124.59
CA THR G 1508 -40.10 42.89 123.92
C THR G 1508 -39.56 42.80 122.50
N ILE G 1509 -39.10 41.60 122.14
CA ILE G 1509 -38.86 41.20 120.75
C ILE G 1509 -39.83 40.07 120.42
N THR G 1510 -40.67 40.29 119.40
CA THR G 1510 -41.80 39.40 119.13
C THR G 1510 -41.59 38.70 117.80
N ILE G 1511 -41.77 37.37 117.80
CA ILE G 1511 -41.52 36.54 116.62
C ILE G 1511 -42.79 35.76 116.29
N LEU G 1512 -43.30 35.94 115.09
CA LEU G 1512 -44.42 35.19 114.52
C LEU G 1512 -43.84 34.17 113.54
N VAL G 1513 -44.12 32.89 113.75
CA VAL G 1513 -43.56 31.82 112.92
C VAL G 1513 -44.70 31.05 112.26
N LEU G 1514 -44.60 30.88 110.94
CA LEU G 1514 -45.52 30.03 110.18
C LEU G 1514 -44.91 28.65 109.98
N LYS G 1515 -45.74 27.63 110.08
CA LYS G 1515 -45.36 26.25 109.82
C LYS G 1515 -46.38 25.61 108.89
N PRO G 1516 -45.97 24.65 108.05
CA PRO G 1516 -46.98 23.95 107.22
C PRO G 1516 -47.88 23.04 108.03
N SER G 1517 -47.33 22.35 109.01
CA SER G 1517 -48.10 21.48 109.89
C SER G 1517 -47.55 21.62 111.31
N ASN G 1518 -48.40 21.29 112.28
CA ASN G 1518 -48.01 21.35 113.68
C ASN G 1518 -47.08 20.20 114.10
N GLN G 1519 -46.90 19.19 113.25
CA GLN G 1519 -45.98 18.11 113.56
C GLN G 1519 -44.52 18.58 113.48
N ALA G 1520 -44.23 19.57 112.64
CA ALA G 1520 -42.89 20.12 112.57
C ALA G 1520 -42.61 20.96 113.81
N GLN G 1521 -41.44 20.75 114.41
CA GLN G 1521 -41.09 21.36 115.68
C GLN G 1521 -40.02 22.42 115.47
N GLU G 1522 -40.25 23.62 116.03
CA GLU G 1522 -39.27 24.70 115.94
C GLU G 1522 -39.16 25.50 117.23
N ILE G 1523 -39.65 24.98 118.36
CA ILE G 1523 -39.57 25.72 119.62
C ILE G 1523 -38.15 25.66 120.16
N ASN G 1524 -37.53 26.84 120.29
CA ASN G 1524 -36.15 26.96 120.73
C ASN G 1524 -35.97 28.16 121.64
N ALA G 1525 -36.87 28.34 122.61
CA ALA G 1525 -36.86 29.52 123.47
C ALA G 1525 -35.61 29.56 124.35
N SER G 1526 -35.28 28.44 125.00
CA SER G 1526 -34.03 28.35 125.74
C SER G 1526 -32.83 28.41 124.80
N SER G 1527 -32.96 27.83 123.61
CA SER G 1527 -31.88 27.94 122.63
C SER G 1527 -31.74 29.36 122.10
N LEU G 1528 -32.86 30.10 122.00
CA LEU G 1528 -32.78 31.51 121.62
C LEU G 1528 -32.12 32.34 122.73
N GLY G 1529 -32.40 32.01 123.99
CA GLY G 1529 -31.70 32.65 125.09
C GLY G 1529 -30.21 32.37 125.09
N GLN G 1530 -29.84 31.12 124.76
CA GLN G 1530 -28.42 30.78 124.66
C GLN G 1530 -27.76 31.44 123.45
N ILE G 1531 -28.51 31.63 122.35
CA ILE G 1531 -28.01 32.35 121.19
C ILE G 1531 -27.76 33.82 121.55
N TYR G 1532 -28.68 34.41 122.32
CA TYR G 1532 -28.48 35.78 122.79
C TYR G 1532 -27.28 35.88 123.73
N LYS G 1533 -27.10 34.88 124.61
CA LYS G 1533 -25.92 34.88 125.48
C LYS G 1533 -24.63 34.67 124.70
N GLN G 1534 -24.69 33.97 123.57
CA GLN G 1534 -23.51 33.78 122.74
C GLN G 1534 -23.14 35.09 122.05
N MET G 1535 -24.13 35.77 121.46
CA MET G 1535 -23.85 37.02 120.75
C MET G 1535 -23.75 38.23 121.67
N PHE G 1536 -24.06 38.09 122.96
CA PHE G 1536 -24.04 39.22 123.88
C PHE G 1536 -22.62 39.76 124.07
N GLU G 1537 -21.67 38.88 124.41
CA GLU G 1537 -20.28 39.30 124.52
C GLU G 1537 -19.66 39.56 123.15
N LYS G 1538 -20.16 38.90 122.11
CA LYS G 1538 -19.63 39.08 120.77
C LYS G 1538 -19.93 40.47 120.22
N LYS G 1539 -21.13 40.98 120.47
CA LYS G 1539 -21.56 42.25 119.91
C LYS G 1539 -21.64 43.36 120.95
N LYS G 1540 -21.21 43.10 122.20
CA LYS G 1540 -21.12 44.18 123.19
C LYS G 1540 -20.09 45.23 122.77
N GLY G 1541 -18.98 44.80 122.19
CA GLY G 1541 -17.98 45.74 121.72
C GLY G 1541 -18.36 46.44 120.43
N LYS G 1542 -19.39 45.96 119.74
CA LYS G 1542 -19.82 46.55 118.47
C LYS G 1542 -21.03 47.46 118.62
N ILE G 1543 -21.91 47.16 119.57
CA ILE G 1543 -23.05 48.04 119.84
C ILE G 1543 -22.57 49.35 120.46
N GLU G 1544 -21.56 49.28 121.33
CA GLU G 1544 -21.11 50.40 122.15
C GLU G 1544 -20.52 51.57 121.36
N THR G 1545 -20.21 51.37 120.08
CA THR G 1545 -19.79 52.48 119.24
C THR G 1545 -20.94 53.46 119.00
N TYR G 1546 -22.17 52.94 118.89
CA TYR G 1546 -23.35 53.78 118.66
C TYR G 1546 -24.43 53.58 119.71
N SER G 1547 -24.12 52.91 120.83
CA SER G 1547 -25.15 52.56 121.81
C SER G 1547 -25.67 53.77 122.57
N TYR G 1548 -24.98 54.90 122.53
CA TYR G 1548 -25.44 56.10 123.22
C TYR G 1548 -26.44 56.90 122.41
N LEU G 1549 -26.80 56.46 121.20
CA LEU G 1549 -27.74 57.19 120.37
C LEU G 1549 -28.90 56.35 119.85
N VAL G 1550 -28.69 55.07 119.53
CA VAL G 1550 -29.72 54.36 118.77
C VAL G 1550 -30.60 53.49 119.65
N ASP G 1551 -30.12 53.08 120.84
CA ASP G 1551 -30.91 52.19 121.67
C ASP G 1551 -30.63 52.48 123.14
N ILE G 1552 -31.65 52.28 123.97
CA ILE G 1552 -31.52 52.57 125.40
C ILE G 1552 -31.04 51.33 126.15
N LYS G 1553 -31.83 50.26 126.11
CA LYS G 1553 -31.53 49.03 126.82
C LYS G 1553 -31.46 47.88 125.83
N GLU G 1554 -30.31 47.20 125.77
CA GLU G 1554 -30.14 46.09 124.85
C GLU G 1554 -30.61 44.76 125.44
N ASP G 1555 -30.97 44.73 126.72
CA ASP G 1555 -31.45 43.51 127.37
C ASP G 1555 -32.98 43.52 127.40
N ILE G 1556 -33.59 42.85 126.42
CA ILE G 1556 -35.03 42.77 126.29
C ILE G 1556 -35.45 41.30 126.23
N ASN G 1557 -36.73 41.06 126.49
CA ASN G 1557 -37.24 39.71 126.64
C ASN G 1557 -37.87 39.25 125.32
N PHE G 1558 -37.94 37.93 125.16
CA PHE G 1558 -38.30 37.26 123.92
C PHE G 1558 -39.73 36.75 124.02
N GLU G 1559 -40.55 37.06 123.01
CA GLU G 1559 -41.92 36.57 122.90
C GLU G 1559 -42.12 35.92 121.53
N PHE G 1560 -42.95 34.89 121.50
CA PHE G 1560 -43.12 34.10 120.29
C PHE G 1560 -44.58 33.67 120.16
N VAL G 1561 -45.00 33.46 118.91
CA VAL G 1561 -46.33 32.92 118.63
C VAL G 1561 -46.27 32.17 117.31
N TYR G 1562 -47.06 31.11 117.22
CA TYR G 1562 -46.96 30.09 116.17
C TYR G 1562 -48.29 30.01 115.42
N PHE G 1563 -48.22 29.87 114.10
CA PHE G 1563 -49.42 29.62 113.30
C PHE G 1563 -49.14 28.59 112.23
N THR G 1564 -50.20 27.86 111.88
CA THR G 1564 -50.15 26.88 110.79
C THR G 1564 -50.70 27.44 109.49
N ASP G 1565 -51.15 28.69 109.47
CA ASP G 1565 -51.73 29.31 108.29
C ASP G 1565 -51.22 30.74 108.18
N ILE G 1566 -51.72 31.44 107.15
CA ILE G 1566 -51.27 32.79 106.87
C ILE G 1566 -52.40 33.82 106.96
N SER G 1567 -53.67 33.39 106.93
CA SER G 1567 -54.78 34.33 106.82
C SER G 1567 -55.00 35.12 108.11
N LYS G 1568 -55.02 34.42 109.25
CA LYS G 1568 -55.13 35.11 110.53
C LYS G 1568 -53.81 35.71 110.98
N LEU G 1569 -52.71 35.33 110.33
CA LEU G 1569 -51.40 35.86 110.67
C LEU G 1569 -51.28 37.34 110.33
N TYR G 1570 -51.90 37.77 109.21
CA TYR G 1570 -51.96 39.20 108.91
C TYR G 1570 -52.75 39.96 109.96
N ARG G 1571 -53.84 39.38 110.47
CA ARG G 1571 -54.64 40.06 111.49
C ARG G 1571 -53.89 40.16 112.81
N ARG G 1572 -53.14 39.11 113.17
CA ARG G 1572 -52.31 39.15 114.37
C ARG G 1572 -51.20 40.19 114.23
N LEU G 1573 -50.55 40.25 113.06
CA LEU G 1573 -49.53 41.27 112.83
C LEU G 1573 -50.14 42.66 112.82
N SER G 1574 -51.37 42.79 112.32
CA SER G 1574 -52.05 44.08 112.31
C SER G 1574 -52.36 44.56 113.72
N GLN G 1575 -52.78 43.65 114.60
CA GLN G 1575 -53.01 44.03 116.00
C GLN G 1575 -51.68 44.38 116.70
N GLU G 1576 -50.64 43.58 116.47
CA GLU G 1576 -49.36 43.80 117.14
C GLU G 1576 -48.63 45.02 116.60
N THR G 1577 -48.97 45.50 115.40
CA THR G 1577 -48.43 46.76 114.91
C THR G 1577 -49.34 47.95 115.20
N THR G 1578 -50.64 47.72 115.36
CA THR G 1578 -51.55 48.77 115.78
C THR G 1578 -51.27 49.18 117.22
N LYS G 1579 -50.89 48.21 118.07
CA LYS G 1579 -50.59 48.56 119.46
C LYS G 1579 -49.31 49.37 119.59
N LEU G 1580 -48.41 49.33 118.61
CA LEU G 1580 -47.26 50.25 118.60
C LEU G 1580 -47.71 51.69 118.43
N LYS G 1581 -48.76 51.92 117.64
CA LYS G 1581 -49.27 53.28 117.41
C LYS G 1581 -49.84 53.88 118.67
N GLU G 1582 -50.51 53.07 119.49
CA GLU G 1582 -50.94 53.55 120.79
C GLU G 1582 -49.82 53.52 121.83
N GLU G 1583 -48.74 52.79 121.57
CA GLU G 1583 -47.60 52.81 122.47
C GLU G 1583 -46.80 54.10 122.33
N ARG G 1584 -46.66 54.61 121.11
CA ARG G 1584 -45.85 55.80 120.89
C ARG G 1584 -46.66 57.03 120.48
N GLY G 1585 -47.60 56.91 119.56
CA GLY G 1585 -48.39 58.05 119.14
C GLY G 1585 -47.79 58.84 117.99
N LEU G 1586 -47.47 58.14 116.89
CA LEU G 1586 -47.07 58.73 115.61
C LEU G 1586 -45.78 59.55 115.68
N GLN G 1587 -44.82 59.15 116.52
CA GLN G 1587 -43.52 59.81 116.58
C GLN G 1587 -42.38 58.80 116.51
N PHE G 1588 -42.44 57.86 115.57
CA PHE G 1588 -41.34 56.95 115.33
C PHE G 1588 -41.35 56.47 113.88
N LEU G 1589 -40.17 56.11 113.38
CA LEU G 1589 -40.02 55.54 112.05
C LEU G 1589 -39.79 54.04 112.14
N LEU G 1590 -40.09 53.35 111.05
CA LEU G 1590 -40.06 51.89 110.97
C LEU G 1590 -38.98 51.46 109.99
N LEU G 1591 -38.02 50.68 110.48
CA LEU G 1591 -37.09 49.95 109.62
C LEU G 1591 -37.76 48.68 109.14
N LEU G 1592 -38.22 48.68 107.89
CA LEU G 1592 -38.95 47.54 107.34
C LEU G 1592 -38.05 46.80 106.35
N GLN G 1593 -37.84 45.51 106.60
CA GLN G 1593 -37.03 44.69 105.69
C GLN G 1593 -37.86 43.48 105.27
N SER G 1594 -38.47 43.56 104.09
CA SER G 1594 -39.19 42.45 103.51
C SER G 1594 -38.94 42.43 102.01
N PRO G 1595 -38.83 41.24 101.41
CA PRO G 1595 -38.73 41.17 99.94
C PRO G 1595 -39.94 41.72 99.22
N PHE G 1596 -41.13 41.62 99.81
CA PHE G 1596 -42.34 42.17 99.24
C PHE G 1596 -42.74 43.42 100.02
N ILE G 1597 -42.95 44.52 99.30
CA ILE G 1597 -43.27 45.81 99.91
C ILE G 1597 -44.68 46.25 99.55
N THR G 1598 -45.00 46.24 98.25
CA THR G 1598 -46.32 46.67 97.79
C THR G 1598 -47.41 45.71 98.23
N LYS G 1599 -47.12 44.40 98.20
CA LYS G 1599 -48.06 43.41 98.71
C LYS G 1599 -48.21 43.53 100.23
N LEU G 1600 -47.13 43.86 100.92
CA LEU G 1600 -47.18 44.09 102.37
C LEU G 1600 -48.06 45.30 102.70
N LEU G 1601 -47.84 46.41 102.00
CA LEU G 1601 -48.65 47.61 102.23
C LEU G 1601 -50.09 47.43 101.74
N GLY G 1602 -50.34 46.50 100.82
CA GLY G 1602 -51.70 46.14 100.49
C GLY G 1602 -52.38 45.34 101.57
N THR G 1603 -51.65 44.39 102.18
CA THR G 1603 -52.25 43.53 103.20
C THR G 1603 -52.48 44.26 104.52
N ILE G 1604 -51.53 45.09 104.95
CA ILE G 1604 -51.64 45.80 106.22
C ILE G 1604 -51.65 47.30 105.93
N ARG G 1605 -52.48 48.03 106.67
CA ARG G 1605 -52.85 49.39 106.31
C ARG G 1605 -52.07 50.47 107.05
N LEU G 1606 -51.91 50.34 108.37
CA LEU G 1606 -51.32 51.40 109.18
C LEU G 1606 -49.84 51.61 108.93
N LEU G 1607 -49.16 50.66 108.27
CA LEU G 1607 -47.77 50.88 107.89
C LEU G 1607 -47.66 51.83 106.71
N ASN G 1608 -48.69 51.90 105.87
CA ASN G 1608 -48.67 52.79 104.70
C ASN G 1608 -48.64 54.26 105.09
N GLN G 1609 -49.42 54.66 106.09
CA GLN G 1609 -49.33 56.03 106.59
C GLN G 1609 -48.06 56.26 107.40
N MET G 1610 -47.50 55.20 107.98
CA MET G 1610 -46.31 55.28 108.80
C MET G 1610 -45.08 55.55 107.94
N PRO G 1611 -44.21 56.47 108.37
CA PRO G 1611 -42.95 56.66 107.64
C PRO G 1611 -42.02 55.47 107.81
N ILE G 1612 -41.50 54.99 106.68
CA ILE G 1612 -40.77 53.74 106.60
C ILE G 1612 -39.44 53.97 105.92
N VAL G 1613 -38.35 53.53 106.56
CA VAL G 1613 -37.09 53.33 105.87
C VAL G 1613 -37.01 51.87 105.45
N LYS G 1614 -36.49 51.64 104.24
CA LYS G 1614 -36.61 50.35 103.57
C LYS G 1614 -35.23 49.80 103.23
N LEU G 1615 -35.10 48.48 103.39
CA LEU G 1615 -33.95 47.73 102.92
C LEU G 1615 -34.47 46.42 102.38
N SER G 1616 -34.25 46.15 101.09
CA SER G 1616 -34.60 44.86 100.52
C SER G 1616 -33.67 43.80 101.08
N LEU G 1617 -34.25 42.68 101.48
CA LEU G 1617 -33.53 41.64 102.21
C LEU G 1617 -33.29 40.45 101.31
N ASN G 1618 -32.09 39.87 101.40
CA ASN G 1618 -31.79 38.66 100.67
C ASN G 1618 -32.58 37.48 101.23
N GLU G 1619 -32.96 36.56 100.34
CA GLU G 1619 -33.71 35.39 100.75
C GLU G 1619 -32.81 34.45 101.54
N VAL G 1620 -33.23 34.09 102.75
CA VAL G 1620 -32.43 33.24 103.62
C VAL G 1620 -32.52 31.81 103.13
N LEU G 1621 -31.36 31.20 102.89
CA LEU G 1621 -31.28 29.82 102.41
C LEU G 1621 -30.80 28.95 103.56
N LEU G 1622 -31.63 27.99 103.97
CA LEU G 1622 -31.39 27.22 105.17
C LEU G 1622 -31.72 25.75 104.91
N PRO G 1623 -31.05 24.83 105.60
CA PRO G 1623 -31.32 23.40 105.41
C PRO G 1623 -32.60 22.96 106.10
N GLN G 1624 -32.90 21.67 105.98
CA GLN G 1624 -34.13 21.12 106.56
C GLN G 1624 -34.05 21.03 108.08
N LEU G 1625 -32.89 20.66 108.61
CA LEU G 1625 -32.68 20.57 110.04
C LEU G 1625 -31.41 21.33 110.43
N ASN G 1626 -31.31 21.65 111.72
CA ASN G 1626 -30.24 22.44 112.34
C ASN G 1626 -30.13 23.86 111.79
N TRP G 1627 -31.18 24.33 111.12
CA TRP G 1627 -31.27 25.72 110.68
C TRP G 1627 -31.69 26.65 111.80
N GLN G 1628 -32.28 26.10 112.87
CA GLN G 1628 -32.86 26.93 113.91
C GLN G 1628 -31.84 27.75 114.71
N PRO G 1629 -30.69 27.21 115.18
CA PRO G 1629 -29.67 28.11 115.76
C PRO G 1629 -29.10 29.10 114.77
N THR G 1630 -29.00 28.73 113.49
CA THR G 1630 -28.51 29.66 112.47
C THR G 1630 -29.47 30.84 112.28
N LEU G 1631 -30.77 30.56 112.22
CA LEU G 1631 -31.74 31.64 112.01
C LEU G 1631 -31.88 32.52 113.25
N LEU G 1632 -31.80 31.92 114.44
CA LEU G 1632 -31.83 32.75 115.64
C LEU G 1632 -30.55 33.59 115.78
N LYS G 1633 -29.41 33.03 115.35
CA LYS G 1633 -28.16 33.78 115.27
C LYS G 1633 -28.31 34.97 114.33
N LYS G 1634 -28.95 34.74 113.17
CA LYS G 1634 -29.18 35.81 112.21
C LYS G 1634 -30.10 36.89 112.76
N LEU G 1635 -31.17 36.48 113.47
CA LEU G 1635 -32.09 37.44 114.07
C LEU G 1635 -31.39 38.33 115.10
N VAL G 1636 -30.60 37.71 115.98
CA VAL G 1636 -29.86 38.48 116.98
C VAL G 1636 -28.80 39.35 116.30
N ASN G 1637 -28.21 38.88 115.19
CA ASN G 1637 -27.21 39.67 114.47
C ASN G 1637 -27.81 40.93 113.86
N HIS G 1638 -28.99 40.80 113.23
CA HIS G 1638 -29.66 42.01 112.70
C HIS G 1638 -30.12 42.94 113.82
N VAL G 1639 -30.63 42.38 114.92
CA VAL G 1639 -31.12 43.20 116.03
C VAL G 1639 -29.97 43.99 116.66
N LEU G 1640 -28.81 43.36 116.83
CA LEU G 1640 -27.68 44.05 117.43
C LEU G 1640 -26.83 44.82 116.42
N SER G 1641 -27.06 44.67 115.11
CA SER G 1641 -26.31 45.40 114.10
C SER G 1641 -27.15 46.44 113.36
N SER G 1642 -28.40 46.66 113.80
CA SER G 1642 -29.22 47.72 113.20
C SER G 1642 -28.66 49.12 113.44
N GLY G 1643 -28.00 49.35 114.58
CA GLY G 1643 -27.61 50.70 114.97
C GLY G 1643 -26.54 51.31 114.08
N SER G 1644 -25.54 50.51 113.70
CA SER G 1644 -24.49 51.00 112.80
C SER G 1644 -25.05 51.30 111.41
N TRP G 1645 -26.02 50.50 110.95
CA TRP G 1645 -26.69 50.78 109.69
C TRP G 1645 -27.47 52.09 109.76
N ILE G 1646 -28.16 52.34 110.89
CA ILE G 1646 -28.91 53.58 111.05
C ILE G 1646 -27.98 54.80 111.07
N SER G 1647 -26.86 54.69 111.78
CA SER G 1647 -25.87 55.77 111.80
C SER G 1647 -25.25 55.98 110.44
N HIS G 1648 -25.08 54.91 109.66
CA HIS G 1648 -24.59 55.07 108.30
C HIS G 1648 -25.63 55.72 107.39
N LEU G 1649 -26.92 55.47 107.64
CA LEU G 1649 -27.98 56.22 106.94
C LEU G 1649 -27.91 57.70 107.26
N ILE G 1650 -27.66 58.05 108.53
CA ILE G 1650 -27.54 59.46 108.92
C ILE G 1650 -26.32 60.10 108.25
N LYS G 1651 -25.20 59.39 108.23
CA LYS G 1651 -23.99 59.93 107.60
C LYS G 1651 -24.14 60.05 106.09
N LEU G 1652 -24.85 59.11 105.46
CA LEU G 1652 -25.16 59.19 104.04
C LEU G 1652 -26.07 60.38 103.74
N SER G 1653 -27.09 60.58 104.58
CA SER G 1653 -28.06 61.65 104.37
C SER G 1653 -27.49 63.03 104.69
N GLN G 1654 -26.41 63.09 105.48
CA GLN G 1654 -25.77 64.38 105.77
C GLN G 1654 -25.17 64.99 104.52
N TYR G 1655 -24.53 64.19 103.67
CA TYR G 1655 -23.92 64.72 102.45
C TYR G 1655 -24.84 64.61 101.24
N SER G 1656 -25.66 63.55 101.16
CA SER G 1656 -26.41 63.27 99.95
C SER G 1656 -27.56 64.26 99.72
N ASN G 1657 -27.99 64.98 100.77
CA ASN G 1657 -29.11 65.93 100.73
C ASN G 1657 -30.39 65.25 100.26
N ILE G 1658 -30.60 64.01 100.70
CA ILE G 1658 -31.76 63.21 100.34
C ILE G 1658 -32.44 62.82 101.66
N PRO G 1659 -33.78 62.76 101.71
CA PRO G 1659 -34.45 62.24 102.92
C PRO G 1659 -34.08 60.80 103.22
N ILE G 1660 -34.02 60.49 104.51
CA ILE G 1660 -33.52 59.20 104.98
C ILE G 1660 -34.47 58.07 104.60
N CYS G 1661 -35.78 58.35 104.54
CA CYS G 1661 -36.74 57.33 104.16
C CYS G 1661 -36.76 57.09 102.65
N ASN G 1662 -36.42 58.11 101.86
CA ASN G 1662 -36.62 58.03 100.42
C ASN G 1662 -35.40 57.49 99.69
N LEU G 1663 -34.21 57.64 100.24
CA LEU G 1663 -33.02 57.06 99.63
C LEU G 1663 -32.98 55.56 99.89
N ARG G 1664 -32.49 54.82 98.91
CA ARG G 1664 -32.26 53.38 99.05
C ARG G 1664 -30.79 53.19 99.39
N LEU G 1665 -30.52 52.67 100.59
CA LEU G 1665 -29.14 52.35 100.94
C LEU G 1665 -28.64 51.14 100.15
N ASP G 1666 -29.54 50.19 99.91
CA ASP G 1666 -29.17 48.93 99.29
C ASP G 1666 -28.75 49.09 97.83
N SER G 1667 -29.29 50.11 97.15
CA SER G 1667 -28.90 50.43 95.78
C SER G 1667 -28.25 51.80 95.77
N MET G 1668 -26.95 51.83 95.47
CA MET G 1668 -26.18 53.05 95.57
C MET G 1668 -26.38 53.96 94.36
N ASP G 1669 -27.08 53.49 93.33
CA ASP G 1669 -27.22 54.26 92.10
C ASP G 1669 -28.24 55.38 92.21
N TYR G 1670 -29.14 55.32 93.20
CA TYR G 1670 -30.17 56.35 93.33
C TYR G 1670 -29.60 57.72 93.69
N ILE G 1671 -28.68 57.75 94.67
CA ILE G 1671 -28.05 58.99 95.07
C ILE G 1671 -27.18 59.55 93.95
N ILE G 1672 -26.54 58.66 93.19
CA ILE G 1672 -25.78 59.08 92.01
C ILE G 1672 -26.69 59.73 90.98
N ASP G 1673 -27.85 59.12 90.72
CA ASP G 1673 -28.80 59.66 89.76
C ASP G 1673 -29.34 61.02 90.19
N VAL G 1674 -29.70 61.17 91.47
CA VAL G 1674 -30.33 62.42 91.87
C VAL G 1674 -29.31 63.55 91.98
N LEU G 1675 -28.09 63.29 92.45
CA LEU G 1675 -27.05 64.32 92.46
C LEU G 1675 -26.63 64.72 91.05
N TYR G 1676 -26.51 63.72 90.16
CA TYR G 1676 -26.22 63.99 88.76
C TYR G 1676 -27.30 64.85 88.13
N ALA G 1677 -28.57 64.45 88.28
CA ALA G 1677 -29.69 65.19 87.71
C ALA G 1677 -29.85 66.58 88.32
N ARG G 1678 -29.44 66.76 89.58
CA ARG G 1678 -29.38 68.10 90.17
C ARG G 1678 -28.38 68.98 89.43
N LYS G 1679 -27.21 68.43 89.12
CA LYS G 1679 -26.25 69.26 88.37
C LYS G 1679 -26.67 69.46 86.90
N LEU G 1680 -27.35 68.49 86.29
CA LEU G 1680 -27.93 68.68 84.97
C LEU G 1680 -28.95 69.81 84.97
N LYS G 1681 -29.84 69.83 85.96
CA LYS G 1681 -30.85 70.89 86.04
C LYS G 1681 -30.21 72.23 86.40
N LYS G 1682 -29.09 72.21 87.11
CA LYS G 1682 -28.34 73.45 87.35
C LYS G 1682 -27.72 73.99 86.06
N GLU G 1683 -27.32 73.11 85.13
CA GLU G 1683 -26.64 73.55 83.93
C GLU G 1683 -27.56 73.75 82.73
N ASN G 1684 -28.89 73.79 82.96
CA ASN G 1684 -29.92 74.10 81.96
C ASN G 1684 -29.87 73.14 80.77
N ILE G 1685 -30.17 71.88 81.05
CA ILE G 1685 -30.17 70.82 80.05
C ILE G 1685 -31.19 69.76 80.45
N VAL G 1686 -31.91 69.25 79.46
CA VAL G 1686 -33.12 68.47 79.71
C VAL G 1686 -32.74 67.06 80.15
N LEU G 1687 -33.37 66.60 81.23
CA LEU G 1687 -33.14 65.26 81.74
C LEU G 1687 -33.74 64.20 80.82
N TRP G 1688 -33.14 63.01 80.90
CA TRP G 1688 -33.74 61.78 80.37
C TRP G 1688 -34.11 60.84 81.51
N TRP G 1689 -34.61 61.42 82.60
CA TRP G 1689 -34.97 60.68 83.80
C TRP G 1689 -36.21 59.83 83.53
N ASN G 1690 -36.01 58.51 83.47
CA ASN G 1690 -37.11 57.59 83.24
C ASN G 1690 -37.10 56.54 84.36
N GLU G 1691 -38.24 56.41 85.05
CA GLU G 1691 -38.29 55.61 86.26
C GLU G 1691 -38.54 54.14 85.96
N LYS G 1692 -39.64 53.85 85.27
CA LYS G 1692 -40.14 52.48 85.14
C LYS G 1692 -39.76 51.83 83.82
N ALA G 1693 -38.59 52.18 83.27
CA ALA G 1693 -38.03 51.53 82.10
C ALA G 1693 -36.54 51.83 82.05
N PRO G 1694 -35.70 50.86 81.66
CA PRO G 1694 -34.26 51.16 81.51
C PRO G 1694 -33.95 52.06 80.35
N LEU G 1695 -34.84 52.16 79.36
CA LEU G 1695 -34.63 53.10 78.27
C LEU G 1695 -34.83 54.53 78.77
N PRO G 1696 -34.12 55.48 78.19
CA PRO G 1696 -34.33 56.89 78.56
C PRO G 1696 -35.62 57.42 77.98
N ASP G 1697 -35.94 58.67 78.33
CA ASP G 1697 -37.10 59.33 77.75
C ASP G 1697 -36.87 59.64 76.28
N HIS G 1698 -35.86 60.46 75.99
CA HIS G 1698 -35.51 60.96 74.64
C HIS G 1698 -36.69 61.65 73.95
N GLY G 1699 -37.57 62.26 74.74
CA GLY G 1699 -38.72 62.94 74.19
C GLY G 1699 -39.94 62.08 73.96
N GLY G 1700 -39.95 60.83 74.46
CA GLY G 1700 -41.06 59.95 74.22
C GLY G 1700 -41.05 59.28 72.87
N ILE G 1701 -40.02 59.50 72.06
CA ILE G 1701 -39.93 58.88 70.74
C ILE G 1701 -39.02 57.67 70.84
N GLN G 1702 -38.84 57.17 72.07
CA GLN G 1702 -38.19 55.90 72.32
C GLN G 1702 -39.18 54.78 72.04
N ASN G 1703 -38.75 53.53 72.29
CA ASN G 1703 -39.45 52.28 71.96
C ASN G 1703 -39.66 52.12 70.46
N ASP G 1704 -38.82 52.77 69.66
CA ASP G 1704 -38.77 52.59 68.22
C ASP G 1704 -37.41 52.02 67.88
N PHE G 1705 -37.40 50.96 67.06
CA PHE G 1705 -36.14 50.30 66.73
C PHE G 1705 -35.32 51.17 65.79
N ASP G 1706 -34.01 51.21 66.05
CA ASP G 1706 -33.05 51.79 65.15
C ASP G 1706 -31.79 50.92 65.19
N LEU G 1707 -31.14 50.78 64.04
CA LEU G 1707 -29.92 49.99 63.99
C LEU G 1707 -28.77 50.67 64.70
N ASN G 1708 -28.81 52.00 64.79
CA ASN G 1708 -27.77 52.75 65.51
C ASN G 1708 -27.79 52.45 67.00
N THR G 1709 -28.97 52.59 67.62
CA THR G 1709 -29.08 52.34 69.05
C THR G 1709 -28.94 50.86 69.38
N SER G 1710 -29.36 49.99 68.46
CA SER G 1710 -29.16 48.56 68.66
C SER G 1710 -27.69 48.19 68.56
N TRP G 1711 -26.93 48.85 67.70
CA TRP G 1711 -25.51 48.57 67.60
C TRP G 1711 -24.74 49.12 68.80
N ILE G 1712 -25.08 50.32 69.25
CA ILE G 1712 -24.30 50.91 70.34
C ILE G 1712 -24.78 50.44 71.70
N MET G 1713 -25.93 49.77 71.76
CA MET G 1713 -26.47 49.26 73.01
C MET G 1713 -26.34 47.74 73.12
N ASN G 1714 -26.22 47.06 71.98
CA ASN G 1714 -26.07 45.61 71.95
C ASN G 1714 -24.62 45.21 72.17
N ASP G 1715 -23.69 45.87 71.48
CA ASP G 1715 -22.30 45.45 71.46
C ASP G 1715 -21.62 45.76 72.78
N SER G 1716 -21.36 44.72 73.57
CA SER G 1716 -20.54 44.80 74.78
C SER G 1716 -19.44 43.76 74.60
N GLU G 1717 -18.25 44.22 74.20
CA GLU G 1717 -17.13 43.32 73.97
C GLU G 1717 -15.84 44.07 74.26
N PHE G 1718 -15.03 43.53 75.16
CA PHE G 1718 -13.76 44.15 75.52
C PHE G 1718 -12.64 43.44 74.77
N PRO G 1719 -11.94 44.11 73.87
CA PRO G 1719 -10.91 43.42 73.06
C PRO G 1719 -9.65 43.13 73.86
N LYS G 1720 -9.47 41.87 74.23
CA LYS G 1720 -8.27 41.46 74.95
C LYS G 1720 -7.09 41.39 73.98
N ILE G 1721 -5.91 41.74 74.48
CA ILE G 1721 -4.68 41.66 73.70
C ILE G 1721 -3.91 40.45 74.24
N ASN G 1722 -3.90 39.37 73.47
CA ASN G 1722 -3.32 38.11 73.88
C ASN G 1722 -2.11 37.80 73.01
N ASN G 1723 -0.99 37.48 73.65
CA ASN G 1723 0.24 37.14 72.95
C ASN G 1723 0.81 35.86 73.57
N SER G 1724 0.52 34.73 72.94
CA SER G 1724 0.96 33.43 73.44
C SER G 1724 2.46 33.26 73.26
N GLY G 1725 3.04 32.41 74.10
CA GLY G 1725 4.44 32.06 73.93
C GLY G 1725 5.12 31.86 75.28
N VAL G 1726 6.41 31.56 75.21
CA VAL G 1726 7.22 31.37 76.41
C VAL G 1726 8.08 32.62 76.60
N TYR G 1727 8.26 33.01 77.85
CA TYR G 1727 8.89 34.28 78.21
C TYR G 1727 9.88 34.04 79.32
N ASP G 1728 11.13 34.45 79.09
CA ASP G 1728 12.18 34.31 80.10
C ASP G 1728 12.46 35.60 80.86
N ASN G 1729 11.89 36.73 80.43
CA ASN G 1729 12.02 37.94 81.20
C ASN G 1729 11.12 37.89 82.44
N VAL G 1730 11.33 38.85 83.34
CA VAL G 1730 10.53 38.90 84.55
C VAL G 1730 9.16 39.46 84.22
N VAL G 1731 8.20 38.57 84.01
CA VAL G 1731 6.88 38.94 83.51
C VAL G 1731 6.09 39.51 84.68
N LEU G 1732 5.67 40.77 84.55
CA LEU G 1732 5.05 41.50 85.65
C LEU G 1732 3.54 41.45 85.56
N ASP G 1733 2.89 41.18 86.69
CA ASP G 1733 1.44 41.22 86.83
C ASP G 1733 1.07 42.49 87.59
N VAL G 1734 0.39 43.41 86.91
CA VAL G 1734 -0.13 44.61 87.54
C VAL G 1734 -1.65 44.57 87.51
N GLY G 1735 -2.25 44.87 88.66
CA GLY G 1735 -3.68 45.01 88.79
C GLY G 1735 -4.07 46.45 88.58
N VAL G 1736 -4.99 46.67 87.65
CA VAL G 1736 -5.50 47.99 87.30
C VAL G 1736 -6.82 48.18 88.03
N ASP G 1737 -6.88 49.18 88.90
CA ASP G 1737 -8.08 49.50 89.65
C ASP G 1737 -8.47 50.94 89.36
N ASN G 1738 -9.79 51.18 89.42
CA ASN G 1738 -10.44 52.42 88.98
C ASN G 1738 -10.09 52.74 87.54
N LEU G 1739 -10.12 51.72 86.67
CA LEU G 1739 -9.84 51.95 85.25
C LEU G 1739 -10.95 52.75 84.60
N THR G 1740 -12.21 52.39 84.90
CA THR G 1740 -13.35 53.13 84.37
C THR G 1740 -13.39 54.56 84.92
N VAL G 1741 -13.06 54.71 86.20
CA VAL G 1741 -13.10 56.03 86.84
C VAL G 1741 -11.99 56.93 86.29
N ASN G 1742 -10.76 56.39 86.16
CA ASN G 1742 -9.67 57.16 85.58
C ASN G 1742 -9.90 57.42 84.09
N THR G 1743 -10.65 56.56 83.41
CA THR G 1743 -10.99 56.81 82.01
C THR G 1743 -11.99 57.96 81.89
N ILE G 1744 -13.07 57.92 82.68
CA ILE G 1744 -14.14 58.89 82.50
C ILE G 1744 -13.78 60.22 83.15
N LEU G 1745 -12.84 60.21 84.11
CA LEU G 1745 -12.45 61.44 84.78
C LEU G 1745 -11.54 62.31 83.92
N THR G 1746 -10.68 61.68 83.13
CA THR G 1746 -9.70 62.39 82.31
C THR G 1746 -10.12 62.42 80.84
N SER G 1747 -11.42 62.62 80.59
CA SER G 1747 -11.94 62.66 79.24
C SER G 1747 -11.45 63.87 78.45
N ALA G 1748 -11.06 64.95 79.12
CA ALA G 1748 -10.52 66.11 78.44
C ALA G 1748 -9.09 65.88 77.93
N LEU G 1749 -8.42 64.85 78.42
CA LEU G 1749 -7.05 64.55 78.01
C LEU G 1749 -6.96 63.39 77.02
N ILE G 1750 -7.98 62.53 76.95
CA ILE G 1750 -7.96 61.40 76.02
C ILE G 1750 -8.09 61.89 74.58
N ASN G 1751 -8.92 62.92 74.37
CA ASN G 1751 -9.16 63.43 73.02
C ASN G 1751 -7.97 64.20 72.45
N ASP G 1752 -6.94 64.48 73.24
CA ASP G 1752 -5.74 65.14 72.76
C ASP G 1752 -4.96 64.27 71.77
N PHE G 1778 -22.98 66.53 65.84
CA PHE G 1778 -23.03 66.01 64.47
C PHE G 1778 -22.78 64.50 64.44
N VAL G 1779 -22.00 64.00 65.41
CA VAL G 1779 -21.85 62.56 65.56
C VAL G 1779 -23.14 62.00 66.13
N HIS G 1780 -23.74 61.06 65.41
CA HIS G 1780 -25.05 60.55 65.78
C HIS G 1780 -25.00 59.62 66.98
N ASP G 1781 -23.90 58.88 67.16
CA ASP G 1781 -23.77 57.92 68.25
C ASP G 1781 -23.00 58.49 69.44
N ALA G 1782 -22.91 59.81 69.53
CA ALA G 1782 -22.15 60.45 70.60
C ALA G 1782 -23.10 60.94 71.69
N PHE G 1783 -22.68 60.73 72.94
CA PHE G 1783 -23.37 61.32 74.07
C PHE G 1783 -23.22 62.84 74.05
N SER G 1784 -24.18 63.53 74.65
CA SER G 1784 -24.15 64.98 74.75
C SER G 1784 -22.94 65.43 75.53
N ASN G 1785 -22.13 66.30 74.92
CA ASN G 1785 -20.81 66.62 75.44
C ASN G 1785 -20.89 67.41 76.74
N ASP G 1786 -21.84 68.34 76.84
CA ASP G 1786 -21.94 69.20 78.02
C ASP G 1786 -22.35 68.42 79.26
N ALA G 1787 -23.21 67.41 79.10
CA ALA G 1787 -23.54 66.54 80.22
C ALA G 1787 -22.33 65.72 80.67
N LEU G 1788 -21.46 65.33 79.73
CA LEU G 1788 -20.26 64.61 80.13
C LEU G 1788 -19.24 65.54 80.78
N ASN G 1789 -19.20 66.82 80.38
CA ASN G 1789 -18.40 67.79 81.11
C ASN G 1789 -18.93 67.98 82.54
N VAL G 1790 -20.26 67.97 82.68
CA VAL G 1790 -20.89 68.03 84.00
C VAL G 1790 -20.47 66.84 84.86
N LEU G 1791 -20.50 65.64 84.27
CA LEU G 1791 -20.16 64.45 85.03
C LEU G 1791 -18.67 64.42 85.34
N ARG G 1792 -17.82 64.88 84.42
CA ARG G 1792 -16.38 64.89 84.63
C ARG G 1792 -15.99 65.85 85.74
N GLY G 1793 -16.58 67.05 85.74
CA GLY G 1793 -16.35 67.98 86.84
C GLY G 1793 -16.91 67.47 88.16
N MET G 1794 -18.06 66.79 88.12
CA MET G 1794 -18.64 66.24 89.33
C MET G 1794 -17.79 65.12 89.90
N LEU G 1795 -17.22 64.28 89.04
CA LEU G 1795 -16.34 63.22 89.52
C LEU G 1795 -15.02 63.79 90.01
N LYS G 1796 -14.56 64.90 89.43
CA LYS G 1796 -13.40 65.60 89.98
C LYS G 1796 -13.67 66.13 91.38
N GLU G 1797 -14.87 66.68 91.59
CA GLU G 1797 -15.28 67.13 92.92
C GLU G 1797 -15.39 65.96 93.89
N TRP G 1798 -15.93 64.83 93.43
CA TRP G 1798 -16.08 63.65 94.27
C TRP G 1798 -14.72 63.06 94.64
N TRP G 1799 -13.78 63.05 93.69
CA TRP G 1799 -12.44 62.53 93.96
C TRP G 1799 -11.67 63.45 94.90
N ASP G 1800 -11.85 64.77 94.76
CA ASP G 1800 -11.22 65.70 95.69
C ASP G 1800 -11.80 65.58 97.08
N GLU G 1801 -13.11 65.34 97.20
CA GLU G 1801 -13.71 65.14 98.51
C GLU G 1801 -13.37 63.77 99.08
N ALA G 1802 -13.01 62.81 98.23
CA ALA G 1802 -12.65 61.49 98.72
C ALA G 1802 -11.29 61.48 99.39
N LEU G 1803 -10.40 62.41 99.01
CA LEU G 1803 -9.10 62.51 99.65
C LEU G 1803 -9.19 63.07 101.07
N LYS G 1804 -10.32 63.67 101.44
CA LYS G 1804 -10.57 64.10 102.81
C LYS G 1804 -11.25 63.01 103.63
N GLU G 1805 -11.18 61.75 103.17
CA GLU G 1805 -11.69 60.56 103.87
C GLU G 1805 -13.19 60.66 104.14
N ASN G 1806 -13.94 61.18 103.17
CA ASN G 1806 -15.39 61.09 103.20
C ASN G 1806 -15.79 59.72 102.66
N SER G 1807 -16.27 58.86 103.55
CA SER G 1807 -16.61 57.49 103.15
C SER G 1807 -17.82 57.45 102.22
N THR G 1808 -18.71 58.45 102.34
CA THR G 1808 -19.81 58.58 101.40
C THR G 1808 -19.29 58.86 99.99
N ALA G 1809 -18.38 59.83 99.86
CA ALA G 1809 -17.82 60.17 98.56
C ALA G 1809 -16.93 59.05 98.02
N ASP G 1810 -16.26 58.32 98.91
CA ASP G 1810 -15.53 57.12 98.51
C ASP G 1810 -16.49 56.09 97.93
N LEU G 1811 -17.67 55.94 98.54
CA LEU G 1811 -18.65 55.00 98.04
C LEU G 1811 -19.24 55.46 96.71
N LEU G 1812 -19.43 56.78 96.51
CA LEU G 1812 -19.87 57.28 95.21
C LEU G 1812 -18.83 57.04 94.11
N VAL G 1813 -17.54 57.30 94.40
CA VAL G 1813 -16.54 57.17 93.35
C VAL G 1813 -16.26 55.69 93.07
N ASN G 1814 -16.52 54.81 94.05
CA ASN G 1814 -16.43 53.38 93.78
C ASN G 1814 -17.70 52.81 93.17
N SER G 1815 -18.83 53.53 93.24
CA SER G 1815 -20.09 53.03 92.72
C SER G 1815 -20.51 53.65 91.40
N LEU G 1816 -19.78 54.66 90.91
CA LEU G 1816 -20.12 55.24 89.60
C LEU G 1816 -19.91 54.24 88.47
N ALA G 1817 -18.87 53.40 88.59
CA ALA G 1817 -18.60 52.40 87.56
C ALA G 1817 -19.69 51.35 87.48
N SER G 1818 -20.31 51.02 88.61
CA SER G 1818 -21.46 50.13 88.59
C SER G 1818 -22.74 50.86 88.22
N TRP G 1819 -22.80 52.17 88.46
CA TRP G 1819 -23.97 52.95 88.06
C TRP G 1819 -24.07 53.05 86.54
N VAL G 1820 -22.93 53.21 85.85
CA VAL G 1820 -22.93 53.33 84.40
C VAL G 1820 -23.42 52.03 83.75
N GLN G 1821 -22.96 50.89 84.24
CA GLN G 1821 -23.31 49.61 83.63
C GLN G 1821 -24.73 49.18 83.94
N ASN G 1822 -25.37 49.80 84.93
CA ASN G 1822 -26.65 49.31 85.43
C ASN G 1822 -27.81 49.87 84.61
N PRO G 1823 -28.67 49.02 84.03
CA PRO G 1823 -29.91 49.54 83.43
C PRO G 1823 -30.99 49.88 84.43
N ASN G 1824 -30.85 49.45 85.69
CA ASN G 1824 -31.87 49.71 86.70
C ASN G 1824 -31.93 51.18 87.07
N ALA G 1825 -30.84 51.93 86.85
CA ALA G 1825 -30.79 53.34 87.19
C ALA G 1825 -31.71 54.16 86.29
N LYS G 1826 -32.02 55.37 86.76
CA LYS G 1826 -32.98 56.21 86.05
C LYS G 1826 -32.38 56.80 84.78
N LEU G 1827 -31.09 57.11 84.79
CA LEU G 1827 -30.42 57.71 83.64
C LEU G 1827 -29.53 56.72 82.90
N PHE G 1828 -29.95 55.48 82.76
CA PHE G 1828 -29.19 54.54 81.92
C PHE G 1828 -29.41 54.90 80.46
N ASP G 1829 -28.42 55.54 79.86
CA ASP G 1829 -28.46 55.90 78.45
C ASP G 1829 -27.43 55.03 77.75
N GLY G 1830 -27.83 54.38 76.66
CA GLY G 1830 -26.92 53.51 75.94
C GLY G 1830 -25.79 54.26 75.26
N LEU G 1831 -26.04 55.51 74.86
CA LEU G 1831 -24.99 56.34 74.27
C LEU G 1831 -23.93 56.67 75.31
N LEU G 1832 -24.35 56.91 76.57
CA LEU G 1832 -23.41 57.16 77.65
C LEU G 1832 -22.52 55.94 77.90
N ARG G 1833 -23.13 54.76 78.01
CA ARG G 1833 -22.38 53.53 78.29
C ARG G 1833 -21.44 53.19 77.13
N TYR G 1834 -21.89 53.42 75.90
CA TYR G 1834 -21.02 53.18 74.75
C TYR G 1834 -19.88 54.18 74.70
N HIS G 1835 -20.13 55.43 75.11
CA HIS G 1835 -19.08 56.44 75.20
C HIS G 1835 -18.01 56.02 76.20
N VAL G 1836 -18.44 55.55 77.38
CA VAL G 1836 -17.50 55.13 78.42
C VAL G 1836 -16.74 53.87 77.98
N HIS G 1837 -17.43 52.95 77.30
CA HIS G 1837 -16.78 51.70 76.88
C HIS G 1837 -15.76 51.94 75.78
N ASN G 1838 -16.09 52.80 74.81
CA ASN G 1838 -15.15 53.15 73.75
C ASN G 1838 -13.96 53.93 74.30
N LEU G 1839 -14.21 54.84 75.26
CA LEU G 1839 -13.10 55.55 75.88
C LEU G 1839 -12.24 54.62 76.72
N THR G 1840 -12.84 53.58 77.32
CA THR G 1840 -12.07 52.60 78.07
C THR G 1840 -11.17 51.78 77.14
N LYS G 1841 -11.68 51.44 75.96
CA LYS G 1841 -10.84 50.80 74.94
C LYS G 1841 -9.68 51.71 74.54
N LYS G 1842 -9.96 53.00 74.32
CA LYS G 1842 -8.92 53.95 73.94
C LYS G 1842 -7.88 54.12 75.04
N ALA G 1843 -8.32 54.18 76.30
CA ALA G 1843 -7.40 54.35 77.42
C ALA G 1843 -6.55 53.10 77.64
N LEU G 1844 -7.12 51.91 77.43
CA LEU G 1844 -6.32 50.69 77.54
C LEU G 1844 -5.28 50.61 76.43
N LEU G 1845 -5.66 50.98 75.19
CA LEU G 1845 -4.68 50.98 74.11
C LEU G 1845 -3.59 52.03 74.31
N GLN G 1846 -3.94 53.18 74.90
CA GLN G 1846 -2.93 54.17 75.23
C GLN G 1846 -2.04 53.71 76.38
N LEU G 1847 -2.57 52.93 77.31
CA LEU G 1847 -1.74 52.35 78.37
C LEU G 1847 -0.77 51.33 77.78
N VAL G 1848 -1.22 50.55 76.80
CA VAL G 1848 -0.33 49.64 76.08
C VAL G 1848 0.77 50.40 75.36
N ASN G 1849 0.41 51.51 74.70
CA ASN G 1849 1.42 52.31 74.01
C ASN G 1849 2.39 52.99 74.98
N GLU G 1850 1.91 53.39 76.16
CA GLU G 1850 2.79 54.01 77.14
C GLU G 1850 3.72 52.98 77.78
N PHE G 1851 3.26 51.75 77.98
CA PHE G 1851 4.15 50.71 78.47
C PHE G 1851 5.14 50.27 77.40
N SER G 1852 4.72 50.32 76.13
CA SER G 1852 5.63 49.99 75.04
C SER G 1852 6.66 51.09 74.80
N ALA G 1853 6.33 52.34 75.16
CA ALA G 1853 7.28 53.43 74.99
C ALA G 1853 8.39 53.41 76.03
N LEU G 1854 8.26 52.58 77.06
CA LEU G 1854 9.31 52.39 78.05
C LEU G 1854 10.07 51.09 77.86
N GLY G 1855 10.00 50.50 76.67
CA GLY G 1855 10.68 49.26 76.38
C GLY G 1855 10.12 48.04 77.09
N SER G 1856 8.79 47.94 77.17
CA SER G 1856 8.15 46.79 77.81
C SER G 1856 6.97 46.35 76.95
N THR G 1857 7.04 45.12 76.45
CA THR G 1857 5.98 44.55 75.64
C THR G 1857 4.99 43.83 76.53
N ILE G 1858 3.69 44.05 76.31
CA ILE G 1858 2.67 43.41 77.14
C ILE G 1858 2.58 41.93 76.76
N VAL G 1859 2.00 41.17 77.68
CA VAL G 1859 1.60 39.79 77.43
C VAL G 1859 0.08 39.67 77.36
N TYR G 1860 -0.61 40.26 78.34
CA TYR G 1860 -2.06 40.22 78.37
C TYR G 1860 -2.59 41.55 78.89
N ALA G 1861 -3.71 42.00 78.32
CA ALA G 1861 -4.36 43.24 78.74
C ALA G 1861 -5.82 42.96 79.04
N ASP G 1862 -6.31 43.53 80.14
CA ASP G 1862 -7.69 43.34 80.56
C ASP G 1862 -8.12 44.55 81.37
N ARG G 1863 -9.29 44.46 82.00
CA ARG G 1863 -9.77 45.56 82.82
C ARG G 1863 -9.04 45.65 84.15
N ASN G 1864 -8.63 44.51 84.71
CA ASN G 1864 -7.86 44.49 85.96
C ASN G 1864 -6.45 43.96 85.74
N GLN G 1865 -6.31 42.75 85.21
CA GLN G 1865 -5.02 42.10 85.15
C GLN G 1865 -4.29 42.48 83.86
N ILE G 1866 -3.06 42.97 83.99
CA ILE G 1866 -2.20 43.26 82.85
C ILE G 1866 -0.85 42.61 83.10
N LEU G 1867 -0.44 41.75 82.18
CA LEU G 1867 0.84 41.06 82.25
C LEU G 1867 1.75 41.61 81.17
N ILE G 1868 2.95 42.02 81.56
CA ILE G 1868 3.91 42.64 80.65
C ILE G 1868 5.24 41.91 80.73
N LYS G 1869 6.03 42.08 79.68
CA LYS G 1869 7.37 41.50 79.58
C LYS G 1869 8.39 42.63 79.60
N THR G 1870 9.35 42.55 80.52
CA THR G 1870 10.36 43.58 80.67
C THR G 1870 11.62 43.20 79.88
N ASN G 1871 12.68 43.98 80.08
CA ASN G 1871 13.97 43.67 79.48
C ASN G 1871 14.91 42.93 80.44
N LYS G 1872 14.58 42.88 81.72
CA LYS G 1872 15.45 42.24 82.70
C LYS G 1872 15.28 40.73 82.67
N TYR G 1873 16.21 40.04 83.33
CA TYR G 1873 16.18 38.58 83.41
C TYR G 1873 15.89 38.05 84.81
N SER G 1874 16.31 38.76 85.85
CA SER G 1874 16.09 38.31 87.23
C SER G 1874 15.35 39.41 88.00
N PRO G 1875 14.40 39.02 88.87
CA PRO G 1875 13.62 40.04 89.59
C PRO G 1875 14.43 40.86 90.59
N GLU G 1876 15.56 40.31 91.07
CA GLU G 1876 16.44 41.05 91.96
C GLU G 1876 17.11 42.22 91.25
N ASN G 1877 17.28 42.14 89.93
CA ASN G 1877 17.71 43.27 89.13
C ASN G 1877 16.54 44.06 88.55
N CYS G 1878 15.32 43.57 88.71
CA CYS G 1878 14.16 44.12 88.02
C CYS G 1878 13.22 44.89 88.96
N TYR G 1879 13.42 44.78 90.29
CA TYR G 1879 12.51 45.42 91.24
C TYR G 1879 12.55 46.95 91.14
N ALA G 1880 13.74 47.54 91.13
CA ALA G 1880 13.86 48.99 91.03
C ALA G 1880 13.42 49.50 89.67
N TYR G 1881 13.67 48.72 88.62
CA TYR G 1881 13.22 49.09 87.27
C TYR G 1881 11.71 49.03 87.17
N SER G 1882 11.08 48.06 87.83
CA SER G 1882 9.62 47.97 87.86
C SER G 1882 9.01 49.13 88.63
N GLN G 1883 9.62 49.50 89.76
CA GLN G 1883 9.14 50.65 90.51
C GLN G 1883 9.30 51.94 89.72
N TYR G 1884 10.41 52.08 88.99
CA TYR G 1884 10.63 53.24 88.14
C TYR G 1884 9.61 53.28 87.00
N MET G 1885 9.28 52.12 86.42
CA MET G 1885 8.29 52.06 85.35
C MET G 1885 6.90 52.43 85.84
N MET G 1886 6.49 51.89 87.00
CA MET G 1886 5.15 52.18 87.48
C MET G 1886 5.03 53.62 87.99
N LYS G 1887 6.11 54.18 88.53
CA LYS G 1887 6.05 55.59 88.90
C LYS G 1887 6.11 56.50 87.68
N ALA G 1888 6.78 56.05 86.61
CA ALA G 1888 6.82 56.83 85.38
C ALA G 1888 5.47 56.82 84.66
N VAL G 1889 4.73 55.72 84.76
CA VAL G 1889 3.39 55.73 84.18
C VAL G 1889 2.38 56.41 85.11
N ARG G 1890 2.64 56.43 86.42
CA ARG G 1890 1.84 57.28 87.29
C ARG G 1890 2.15 58.76 87.09
N THR G 1891 3.33 59.08 86.55
CA THR G 1891 3.70 60.45 86.23
C THR G 1891 2.91 60.98 85.03
N ASN G 1892 2.42 60.08 84.17
CA ASN G 1892 1.75 60.45 82.92
C ASN G 1892 0.44 61.20 83.20
N PRO G 1893 0.15 62.26 82.45
CA PRO G 1893 -1.07 63.03 82.72
C PRO G 1893 -2.36 62.30 82.42
N MET G 1894 -2.36 61.40 81.43
CA MET G 1894 -3.58 60.67 81.11
C MET G 1894 -3.90 59.61 82.14
N PHE G 1895 -2.89 59.12 82.87
CA PHE G 1895 -3.06 58.09 83.89
C PHE G 1895 -2.46 58.63 85.19
N SER G 1896 -3.26 59.37 85.95
CA SER G 1896 -2.86 59.83 87.27
C SER G 1896 -3.82 59.39 88.37
N TYR G 1897 -4.97 58.83 88.02
CA TYR G 1897 -5.93 58.31 88.99
C TYR G 1897 -6.06 56.79 88.89
N LEU G 1898 -5.06 56.13 88.31
CA LEU G 1898 -5.08 54.69 88.07
C LEU G 1898 -4.37 54.00 89.21
N ASP G 1899 -5.06 53.08 89.88
CA ASP G 1899 -4.45 52.32 90.97
C ASP G 1899 -3.78 51.09 90.37
N LEU G 1900 -2.48 51.20 90.13
CA LEU G 1900 -1.68 50.10 89.60
C LEU G 1900 -0.94 49.46 90.76
N ASN G 1901 -1.26 48.20 91.05
CA ASN G 1901 -0.57 47.48 92.12
C ASN G 1901 0.00 46.15 91.63
N ILE G 1902 1.23 45.84 92.03
CA ILE G 1902 1.84 44.61 91.56
C ILE G 1902 1.25 43.43 92.34
N LYS G 1903 0.85 42.39 91.62
CA LYS G 1903 0.24 41.24 92.25
C LYS G 1903 1.18 40.04 92.32
N ARG G 1904 1.96 39.81 91.27
CA ARG G 1904 2.80 38.62 91.20
C ARG G 1904 3.97 38.89 90.27
N TYR G 1905 5.14 38.38 90.66
CA TYR G 1905 6.31 38.35 89.79
C TYR G 1905 6.41 36.97 89.15
N TRP G 1906 6.54 36.94 87.83
CA TRP G 1906 6.69 35.69 87.11
C TRP G 1906 8.09 35.64 86.51
N ASP G 1907 8.82 34.56 86.77
CA ASP G 1907 10.19 34.47 86.30
C ASP G 1907 10.26 33.83 84.91
N LEU G 1908 9.69 32.64 84.77
CA LEU G 1908 9.68 31.92 83.50
C LEU G 1908 8.25 31.47 83.22
N LEU G 1909 7.66 31.99 82.15
CA LEU G 1909 6.21 31.89 81.96
C LEU G 1909 5.87 31.28 80.60
N ILE G 1910 4.81 30.48 80.59
CA ILE G 1910 4.18 30.02 79.36
C ILE G 1910 2.78 30.60 79.31
N TRP G 1911 2.42 31.23 78.18
CA TRP G 1911 1.14 31.93 78.07
C TRP G 1911 0.35 31.40 76.89
N MET G 1912 -0.92 31.08 77.14
CA MET G 1912 -1.91 30.86 76.11
C MET G 1912 -3.03 31.90 76.20
N ASP G 1913 -3.68 32.00 77.35
CA ASP G 1913 -4.65 33.02 77.71
C ASP G 1913 -4.70 33.06 79.23
N LYS G 1914 -5.72 33.70 79.80
CA LYS G 1914 -5.81 33.79 81.25
C LYS G 1914 -6.19 32.46 81.89
N PHE G 1915 -6.80 31.54 81.13
CA PHE G 1915 -7.26 30.27 81.67
C PHE G 1915 -6.29 29.13 81.42
N ASN G 1916 -5.19 29.38 80.70
CA ASN G 1916 -4.21 28.34 80.38
C ASN G 1916 -2.82 28.95 80.50
N PHE G 1917 -2.23 28.86 81.70
CA PHE G 1917 -0.90 29.38 81.93
C PHE G 1917 -0.20 28.51 82.95
N SER G 1918 1.09 28.27 82.72
CA SER G 1918 1.92 27.57 83.69
C SER G 1918 3.30 28.21 83.71
N GLY G 1919 3.97 28.08 84.85
CA GLY G 1919 5.29 28.64 84.99
C GLY G 1919 5.70 28.73 86.44
N LEU G 1920 6.64 29.63 86.70
CA LEU G 1920 7.22 29.81 88.02
C LEU G 1920 7.09 31.26 88.45
N ALA G 1921 6.70 31.46 89.70
CA ALA G 1921 6.32 32.78 90.17
C ALA G 1921 6.68 32.94 91.65
N CYS G 1922 6.76 34.20 92.07
CA CYS G 1922 6.92 34.58 93.46
C CYS G 1922 6.07 35.82 93.72
N ILE G 1923 5.45 35.87 94.89
CA ILE G 1923 4.58 36.99 95.21
C ILE G 1923 5.39 38.21 95.62
N GLU G 1924 6.26 38.06 96.60
CA GLU G 1924 7.11 39.14 97.09
C GLU G 1924 8.58 38.82 96.84
N ILE G 1925 9.36 39.87 96.64
CA ILE G 1925 10.80 39.71 96.45
C ILE G 1925 11.48 39.58 97.81
N GLU G 1926 12.45 38.68 97.91
CA GLU G 1926 13.08 38.37 99.18
C GLU G 1926 14.57 38.09 98.94
N GLU G 1927 15.36 38.23 100.01
CA GLU G 1927 16.78 37.91 99.96
C GLU G 1927 16.96 36.44 100.31
N LYS G 1928 16.69 35.59 99.31
CA LYS G 1928 16.78 34.16 99.46
C LYS G 1928 17.41 33.58 98.20
N GLU G 1929 18.23 32.53 98.38
CA GLU G 1929 18.83 31.84 97.25
C GLU G 1929 17.78 31.13 96.41
N ASN G 1930 16.78 30.52 97.06
CA ASN G 1930 15.65 29.93 96.35
C ASN G 1930 14.58 30.95 95.98
N GLN G 1931 14.60 32.14 96.60
CA GLN G 1931 13.75 33.30 96.33
C GLN G 1931 12.27 33.00 96.67
N ASP G 1932 12.02 31.90 97.39
CA ASP G 1932 10.68 31.39 97.72
C ASP G 1932 9.82 31.21 96.47
N TYR G 1933 10.42 30.65 95.43
CA TYR G 1933 9.73 30.41 94.17
C TYR G 1933 8.70 29.30 94.32
N THR G 1934 7.63 29.39 93.53
CA THR G 1934 6.63 28.34 93.45
C THR G 1934 6.27 28.10 91.98
N ALA G 1935 5.69 26.94 91.73
CA ALA G 1935 5.29 26.54 90.38
C ALA G 1935 3.78 26.51 90.29
N VAL G 1936 3.23 27.24 89.32
CA VAL G 1936 1.79 27.34 89.12
C VAL G 1936 1.46 26.72 87.78
N SER G 1937 0.57 25.73 87.78
CA SER G 1937 0.09 25.09 86.56
C SER G 1937 -1.44 25.14 86.57
N GLN G 1938 -2.01 25.84 85.59
CA GLN G 1938 -3.44 26.08 85.52
C GLN G 1938 -3.99 25.71 84.16
N TRP G 1939 -3.65 24.54 83.66
CA TRP G 1939 -4.08 24.13 82.34
C TRP G 1939 -5.52 23.63 82.39
N GLN G 1940 -6.40 24.29 81.64
CA GLN G 1940 -7.72 23.77 81.35
C GLN G 1940 -7.68 22.78 80.19
N LEU G 1941 -6.54 22.72 79.48
CA LEU G 1941 -6.32 21.70 78.44
C LEU G 1941 -6.28 20.29 79.03
N LYS G 1942 -5.88 20.17 80.29
CA LYS G 1942 -5.77 18.86 80.94
C LYS G 1942 -7.14 18.21 81.09
N LYS G 1943 -8.20 19.01 81.26
CA LYS G 1943 -9.53 18.47 81.48
C LYS G 1943 -10.12 17.81 80.23
N PHE G 1944 -9.58 18.08 79.05
CA PHE G 1944 -10.02 17.39 77.84
C PHE G 1944 -9.15 16.18 77.54
N LEU G 1945 -9.00 15.31 78.54
CA LEU G 1945 -8.17 14.13 78.43
C LEU G 1945 -8.75 13.02 79.28
N SER G 1946 -8.31 11.80 79.01
CA SER G 1946 -8.76 10.65 79.78
C SER G 1946 -8.18 10.70 81.20
N PRO G 1947 -8.89 10.17 82.20
CA PRO G 1947 -8.43 10.30 83.59
C PRO G 1947 -7.11 9.61 83.92
N ILE G 1948 -6.73 8.56 83.20
CA ILE G 1948 -5.39 8.01 83.40
C ILE G 1948 -4.34 8.96 82.85
N TYR G 1949 -4.68 9.71 81.81
CA TYR G 1949 -3.72 10.53 81.10
C TYR G 1949 -3.67 11.96 81.62
N GLN G 1950 -4.58 12.33 82.52
CA GLN G 1950 -4.53 13.67 83.11
C GLN G 1950 -3.32 13.93 84.00
N PRO G 1951 -2.95 13.07 84.99
CA PRO G 1951 -1.79 13.44 85.82
C PRO G 1951 -0.45 13.32 85.12
N GLU G 1952 -0.36 12.53 84.05
CA GLU G 1952 0.88 12.46 83.27
C GLU G 1952 1.15 13.76 82.52
N PHE G 1953 0.09 14.47 82.14
CA PHE G 1953 0.24 15.79 81.52
C PHE G 1953 0.87 16.77 82.50
N GLU G 1954 0.42 16.77 83.76
CA GLU G 1954 1.00 17.63 84.77
C GLU G 1954 2.43 17.21 85.11
N ASP G 1955 2.68 15.89 85.12
CA ASP G 1955 4.02 15.36 85.36
C ASP G 1955 5.00 15.85 84.29
N TRP G 1956 4.60 15.76 83.01
CA TRP G 1956 5.49 16.19 81.94
C TRP G 1956 5.60 17.70 81.88
N MET G 1957 4.56 18.43 82.28
CA MET G 1957 4.67 19.88 82.38
C MET G 1957 5.65 20.29 83.48
N MET G 1958 5.65 19.56 84.60
CA MET G 1958 6.63 19.81 85.65
C MET G 1958 8.05 19.51 85.18
N ILE G 1959 8.23 18.42 84.42
CA ILE G 1959 9.54 18.08 83.86
C ILE G 1959 10.00 19.16 82.88
N ILE G 1960 9.09 19.65 82.03
CA ILE G 1960 9.39 20.70 81.07
C ILE G 1960 9.79 21.98 81.78
N LEU G 1961 9.07 22.33 82.85
CA LEU G 1961 9.38 23.54 83.62
C LEU G 1961 10.75 23.44 84.29
N ASP G 1962 11.04 22.29 84.92
CA ASP G 1962 12.31 22.14 85.61
C ASP G 1962 13.48 22.15 84.64
N SER G 1963 13.32 21.51 83.48
CA SER G 1963 14.36 21.54 82.45
C SER G 1963 14.55 22.95 81.90
N MET G 1964 13.46 23.72 81.77
CA MET G 1964 13.56 25.08 81.28
C MET G 1964 14.29 26.00 82.25
N LEU G 1965 13.99 25.87 83.57
CA LEU G 1965 14.74 26.63 84.57
C LEU G 1965 16.22 26.24 84.59
N LYS G 1966 16.52 24.95 84.47
CA LYS G 1966 17.92 24.53 84.49
C LYS G 1966 18.68 25.03 83.27
N THR G 1967 18.04 25.00 82.09
CA THR G 1967 18.66 25.50 80.87
C THR G 1967 18.84 27.02 80.92
N LYS G 1968 17.85 27.75 81.44
CA LYS G 1968 17.97 29.20 81.55
C LYS G 1968 19.07 29.59 82.52
N GLN G 1969 19.18 28.89 83.65
CA GLN G 1969 20.23 29.18 84.62
C GLN G 1969 21.61 28.86 84.05
N SER G 1970 21.75 27.75 83.34
CA SER G 1970 23.03 27.39 82.75
C SER G 1970 23.44 28.38 81.66
N TYR G 1971 22.49 28.80 80.81
CA TYR G 1971 22.79 29.77 79.77
C TYR G 1971 23.16 31.13 80.36
N LEU G 1972 22.43 31.56 81.39
CA LEU G 1972 22.71 32.84 82.03
C LEU G 1972 24.07 32.84 82.73
N LYS G 1973 24.40 31.75 83.43
CA LYS G 1973 25.69 31.66 84.10
C LYS G 1973 26.84 31.56 83.12
N LEU G 1974 26.63 30.88 81.99
CA LEU G 1974 27.68 30.77 80.98
C LEU G 1974 27.91 32.10 80.27
N ASN G 1975 26.84 32.77 79.85
CA ASN G 1975 27.00 33.97 79.03
C ASN G 1975 27.36 35.20 79.86
N SER G 1976 26.65 35.41 80.98
CA SER G 1976 26.95 36.58 81.81
C SER G 1976 28.24 36.41 82.59
N GLY G 1977 28.59 35.18 82.96
CA GLY G 1977 29.80 34.92 83.71
C GLY G 1977 29.55 34.84 85.20
N VAL G 1996 18.17 37.06 68.60
CA VAL G 1996 16.71 36.93 68.51
C VAL G 1996 16.27 35.75 69.36
N GLU G 1997 17.09 34.71 69.38
CA GLU G 1997 16.81 33.54 70.22
C GLU G 1997 17.00 33.88 71.68
N ASN G 1998 16.18 33.29 72.54
CA ASN G 1998 16.20 33.57 73.95
C ASN G 1998 17.22 32.70 74.68
N SER G 1999 17.12 32.70 76.02
CA SER G 1999 17.98 31.87 76.85
C SER G 1999 17.60 30.39 76.80
N LEU G 2000 16.44 30.07 76.21
CA LEU G 2000 15.87 28.73 76.33
C LEU G 2000 16.25 27.80 75.19
N ASN G 2001 17.16 28.20 74.31
CA ASN G 2001 17.50 27.38 73.16
C ASN G 2001 18.27 26.14 73.57
N GLY G 2002 17.83 24.99 73.08
CA GLY G 2002 18.47 23.72 73.39
C GLY G 2002 18.00 23.07 74.67
N PHE G 2003 16.87 23.49 75.23
CA PHE G 2003 16.40 22.93 76.49
C PHE G 2003 15.86 21.51 76.34
N SER G 2004 15.43 21.13 75.15
CA SER G 2004 14.79 19.83 74.97
C SER G 2004 15.79 18.70 74.76
N HIS G 2005 17.09 19.00 74.69
CA HIS G 2005 18.09 17.94 74.74
C HIS G 2005 18.19 17.32 76.12
N LEU G 2006 17.68 17.99 77.15
CA LEU G 2006 17.78 17.50 78.51
C LEU G 2006 16.82 16.34 78.78
N PHE G 2007 15.68 16.30 78.08
CA PHE G 2007 14.64 15.35 78.46
C PHE G 2007 13.94 14.67 77.28
N SER G 2008 14.47 14.80 76.06
CA SER G 2008 13.84 14.10 74.94
C SER G 2008 14.08 12.59 75.01
N LYS G 2009 15.27 12.19 75.47
CA LYS G 2009 15.59 10.77 75.59
C LYS G 2009 14.71 10.01 76.58
N PRO G 2010 14.35 10.52 77.77
CA PRO G 2010 13.30 9.82 78.52
C PRO G 2010 11.93 9.92 77.88
N LEU G 2011 11.64 10.99 77.15
CA LEU G 2011 10.28 11.23 76.68
C LEU G 2011 9.93 10.32 75.52
N MET G 2012 10.89 10.03 74.65
CA MET G 2012 10.66 9.10 73.54
C MET G 2012 10.38 7.69 74.05
N LYS G 2013 11.16 7.25 75.04
CA LYS G 2013 10.96 5.94 75.65
C LYS G 2013 9.64 5.88 76.41
N ARG G 2014 9.27 6.97 77.08
CA ARG G 2014 8.01 7.02 77.81
C ARG G 2014 6.81 6.99 76.86
N VAL G 2015 6.92 7.69 75.73
CA VAL G 2015 5.86 7.68 74.73
C VAL G 2015 5.73 6.29 74.09
N LYS G 2016 6.85 5.62 73.86
CA LYS G 2016 6.79 4.26 73.30
C LYS G 2016 6.21 3.26 74.30
N LYS G 2017 6.55 3.39 75.58
CA LYS G 2017 5.97 2.52 76.60
C LYS G 2017 4.49 2.80 76.78
N LEU G 2018 4.09 4.07 76.72
CA LEU G 2018 2.69 4.44 76.79
C LEU G 2018 1.92 3.96 75.57
N PHE G 2019 2.58 3.91 74.41
CA PHE G 2019 1.99 3.38 73.19
C PHE G 2019 1.78 1.87 73.29
N LYS G 2020 2.76 1.17 73.88
CA LYS G 2020 2.60 -0.26 74.12
C LYS G 2020 1.47 -0.56 75.09
N ASN G 2021 1.33 0.29 76.13
CA ASN G 2021 0.19 0.15 77.03
C ASN G 2021 -1.11 0.55 76.34
N GLN G 2022 -1.05 1.49 75.40
CA GLN G 2022 -2.21 1.92 74.62
C GLN G 2022 -2.76 0.82 73.73
N GLN G 2023 -1.90 0.06 73.07
CA GLN G 2023 -2.36 -1.00 72.17
C GLN G 2023 -2.82 -2.27 72.87
N GLU G 2024 -2.82 -2.30 74.21
CA GLU G 2024 -3.32 -3.46 74.93
C GLU G 2024 -4.67 -3.21 75.58
N PHE G 2025 -4.84 -2.10 76.29
CA PHE G 2025 -5.94 -1.95 77.23
C PHE G 2025 -7.01 -0.95 76.78
N ILE G 2026 -6.99 -0.49 75.54
CA ILE G 2026 -8.03 0.44 75.09
C ILE G 2026 -9.34 -0.30 74.86
N LEU G 2027 -9.29 -1.50 74.30
CA LEU G 2027 -10.48 -2.27 73.96
C LEU G 2027 -10.88 -3.23 75.07
N ASP G 2028 -10.05 -3.40 76.09
CA ASP G 2028 -10.37 -4.27 77.20
C ASP G 2028 -11.39 -3.58 78.10
N PRO G 2029 -12.54 -4.20 78.39
CA PRO G 2029 -13.58 -3.53 79.18
C PRO G 2029 -13.21 -3.26 80.64
N GLN G 2030 -12.15 -3.88 81.17
CA GLN G 2030 -11.77 -3.61 82.54
C GLN G 2030 -11.10 -2.24 82.68
N TYR G 2031 -10.22 -1.88 81.74
CA TYR G 2031 -9.47 -0.64 81.81
C TYR G 2031 -10.02 0.45 80.90
N GLU G 2032 -11.19 0.23 80.31
CA GLU G 2032 -11.75 1.25 79.42
C GLU G 2032 -12.30 2.45 80.17
N ALA G 2033 -12.60 2.29 81.46
CA ALA G 2033 -13.15 3.40 82.25
C ALA G 2033 -12.11 4.50 82.45
N ASP G 2034 -10.83 4.14 82.47
CA ASP G 2034 -9.78 5.15 82.53
C ASP G 2034 -9.53 5.80 81.18
N TYR G 2035 -10.00 5.20 80.08
CA TYR G 2035 -9.69 5.65 78.74
C TYR G 2035 -10.81 6.46 78.10
N VAL G 2036 -11.87 6.77 78.85
CA VAL G 2036 -13.00 7.49 78.27
C VAL G 2036 -12.66 8.96 78.09
N ILE G 2037 -13.41 9.63 77.24
CA ILE G 2037 -13.32 11.07 77.05
C ILE G 2037 -14.40 11.74 77.90
N PRO G 2038 -14.09 12.80 78.64
CA PRO G 2038 -15.13 13.51 79.38
C PRO G 2038 -15.92 14.46 78.50
N VAL G 2039 -17.11 14.80 78.97
CA VAL G 2039 -18.01 15.73 78.30
C VAL G 2039 -17.96 17.03 79.07
N LEU G 2040 -17.47 18.09 78.43
CA LEU G 2040 -17.34 19.42 79.01
C LEU G 2040 -18.11 20.41 78.15
N PRO G 2041 -18.61 21.52 78.74
CA PRO G 2041 -19.38 22.50 77.95
C PRO G 2041 -18.59 23.18 76.84
N GLY G 2042 -17.27 23.26 76.94
CA GLY G 2042 -16.51 23.81 75.85
C GLY G 2042 -16.14 22.83 74.76
N SER G 2043 -16.31 21.54 74.99
CA SER G 2043 -15.84 20.52 74.08
C SER G 2043 -16.69 20.48 72.82
N HIS G 2044 -16.03 20.49 71.67
CA HIS G 2044 -16.72 20.37 70.38
C HIS G 2044 -16.05 19.32 69.52
N LEU G 2045 -14.76 19.09 69.76
CA LEU G 2045 -14.01 18.10 69.01
C LEU G 2045 -14.31 16.70 69.56
N ASN G 2046 -13.92 15.69 68.77
CA ASN G 2046 -14.02 14.31 69.18
C ASN G 2046 -12.64 13.66 69.08
N VAL G 2047 -12.22 13.00 70.15
CA VAL G 2047 -10.90 12.41 70.20
C VAL G 2047 -10.94 11.07 69.46
N LYS G 2048 -9.82 10.73 68.82
CA LYS G 2048 -9.67 9.47 68.13
C LYS G 2048 -8.64 8.57 68.78
N ASN G 2049 -7.54 9.13 69.28
CA ASN G 2049 -6.57 8.40 70.08
C ASN G 2049 -6.20 9.32 71.24
N PRO G 2050 -6.39 8.91 72.50
CA PRO G 2050 -6.06 9.79 73.62
C PRO G 2050 -4.58 10.11 73.74
N LEU G 2051 -3.71 9.16 73.39
CA LEU G 2051 -2.28 9.42 73.42
C LEU G 2051 -1.86 10.38 72.32
N LEU G 2052 -2.52 10.34 71.18
CA LEU G 2052 -2.29 11.32 70.13
C LEU G 2052 -2.67 12.72 70.59
N GLU G 2053 -3.78 12.85 71.31
CA GLU G 2053 -4.20 14.15 71.83
C GLU G 2053 -3.25 14.66 72.90
N LEU G 2054 -2.76 13.75 73.76
CA LEU G 2054 -1.78 14.14 74.78
C LEU G 2054 -0.47 14.60 74.14
N VAL G 2055 -0.01 13.87 73.10
CA VAL G 2055 1.24 14.23 72.43
C VAL G 2055 1.07 15.56 71.69
N LYS G 2056 -0.10 15.78 71.09
CA LYS G 2056 -0.37 17.06 70.43
C LYS G 2056 -0.41 18.21 71.42
N SER G 2057 -1.01 17.99 72.60
CA SER G 2057 -1.07 19.05 73.60
C SER G 2057 0.31 19.37 74.17
N LEU G 2058 1.12 18.34 74.44
CA LEU G 2058 2.48 18.57 74.94
C LEU G 2058 3.35 19.24 73.89
N CYS G 2059 3.28 18.79 72.64
CA CYS G 2059 4.08 19.42 71.59
C CYS G 2059 3.55 20.80 71.21
N HIS G 2060 2.29 21.10 71.49
CA HIS G 2060 1.79 22.44 71.22
C HIS G 2060 2.18 23.42 72.32
N VAL G 2061 2.19 22.97 73.58
CA VAL G 2061 2.67 23.87 74.63
C VAL G 2061 4.19 24.04 74.55
N MET G 2062 4.91 23.00 74.11
CA MET G 2062 6.33 23.18 73.79
C MET G 2062 6.55 23.95 72.51
N LEU G 2063 5.53 24.01 71.64
CA LEU G 2063 5.63 24.65 70.34
C LEU G 2063 5.39 26.16 70.43
N LEU G 2064 4.99 26.68 71.59
CA LEU G 2064 4.76 28.11 71.75
C LEU G 2064 6.04 28.91 71.78
N SER G 2065 7.20 28.26 71.89
CA SER G 2065 8.47 28.99 71.91
C SER G 2065 8.79 29.52 70.53
N LYS G 2066 9.01 30.84 70.45
CA LYS G 2066 9.29 31.47 69.16
C LYS G 2066 10.74 31.26 68.73
N SER G 2067 11.61 30.85 69.64
CA SER G 2067 13.03 30.75 69.32
C SER G 2067 13.41 29.34 68.85
N THR G 2068 13.07 28.32 69.63
CA THR G 2068 13.49 26.95 69.36
C THR G 2068 12.41 26.13 68.64
N ILE G 2069 11.61 26.80 67.79
CA ILE G 2069 10.51 26.16 67.09
C ILE G 2069 10.98 25.09 66.11
N LEU G 2070 12.21 25.20 65.59
CA LEU G 2070 12.75 24.17 64.69
C LEU G 2070 13.01 22.87 65.44
N GLU G 2071 13.65 22.97 66.61
CA GLU G 2071 13.97 21.78 67.40
C GLU G 2071 12.70 21.13 67.96
N ILE G 2072 11.73 21.94 68.38
CA ILE G 2072 10.45 21.41 68.84
C ILE G 2072 9.70 20.76 67.69
N ARG G 2073 9.83 21.32 66.48
CA ARG G 2073 9.20 20.71 65.31
C ARG G 2073 9.83 19.36 64.97
N THR G 2074 11.16 19.25 65.11
CA THR G 2074 11.82 17.95 64.91
C THR G 2074 11.42 16.94 65.99
N LEU G 2075 11.25 17.42 67.23
CA LEU G 2075 10.78 16.53 68.30
C LEU G 2075 9.36 16.06 68.04
N ARG G 2076 8.49 16.94 67.53
CA ARG G 2076 7.13 16.54 67.18
C ARG G 2076 7.11 15.60 65.99
N LYS G 2077 8.04 15.80 65.05
CA LYS G 2077 8.15 14.89 63.91
C LYS G 2077 8.57 13.49 64.36
N GLU G 2078 9.52 13.41 65.30
CA GLU G 2078 9.94 12.11 65.80
C GLU G 2078 8.85 11.47 66.66
N LEU G 2079 8.12 12.27 67.42
CA LEU G 2079 7.05 11.73 68.26
C LEU G 2079 5.86 11.27 67.45
N LEU G 2080 5.60 11.91 66.31
CA LEU G 2080 4.47 11.51 65.47
C LEU G 2080 4.78 10.29 64.61
N LYS G 2081 6.03 9.84 64.58
CA LYS G 2081 6.36 8.64 63.82
C LYS G 2081 5.85 7.38 64.50
N ILE G 2082 5.76 7.37 65.84
CA ILE G 2082 5.38 6.16 66.54
C ILE G 2082 3.88 5.90 66.40
N PHE G 2083 3.10 6.95 66.16
CA PHE G 2083 1.66 6.78 65.96
C PHE G 2083 1.31 6.40 64.52
N GLU G 2084 2.32 6.36 63.64
CA GLU G 2084 2.19 6.22 62.19
C GLU G 2084 1.26 7.32 61.68
N LEU G 2085 1.74 8.55 61.87
CA LEU G 2085 1.14 9.75 61.29
C LEU G 2085 2.24 10.57 60.63
N ARG G 2086 1.85 11.38 59.65
CA ARG G 2086 2.80 12.22 58.96
C ARG G 2086 3.05 13.50 59.76
N GLU G 2087 3.92 14.36 59.22
CA GLU G 2087 4.29 15.58 59.92
C GLU G 2087 3.16 16.61 59.91
N PHE G 2088 2.42 16.68 58.80
CA PHE G 2088 1.42 17.72 58.60
C PHE G 2088 0.04 17.13 58.35
N ALA G 2089 -0.34 16.12 59.13
CA ALA G 2089 -1.62 15.46 58.92
C ALA G 2089 -2.77 16.36 59.38
N LYS G 2090 -3.98 16.02 58.90
CA LYS G 2090 -5.18 16.76 59.29
C LYS G 2090 -5.48 16.62 60.77
N VAL G 2091 -5.29 15.41 61.32
CA VAL G 2091 -5.51 15.22 62.75
C VAL G 2091 -4.30 15.60 63.58
N ALA G 2092 -3.13 15.76 62.96
CA ALA G 2092 -1.92 16.06 63.71
C ALA G 2092 -1.85 17.52 64.13
N GLU G 2093 -2.49 18.42 63.38
CA GLU G 2093 -2.49 19.83 63.76
C GLU G 2093 -3.39 20.04 64.97
N PHE G 2094 -3.14 21.13 65.69
CA PHE G 2094 -3.81 21.39 66.95
C PHE G 2094 -4.96 22.37 66.75
N LYS G 2095 -6.07 22.10 67.43
CA LYS G 2095 -7.16 23.05 67.57
C LYS G 2095 -7.50 23.16 69.06
N ASP G 2096 -7.99 24.33 69.45
CA ASP G 2096 -8.34 24.54 70.85
C ASP G 2096 -9.61 23.76 71.18
N PRO G 2097 -9.60 22.88 72.18
CA PRO G 2097 -10.76 22.04 72.44
C PRO G 2097 -11.87 22.71 73.24
N SER G 2098 -11.78 24.01 73.50
CA SER G 2098 -12.81 24.75 74.21
C SER G 2098 -13.27 25.92 73.37
N LEU G 2099 -14.56 25.94 73.04
CA LEU G 2099 -15.12 27.08 72.33
C LEU G 2099 -15.49 28.17 73.33
N SER G 2100 -15.07 29.39 73.06
CA SER G 2100 -15.12 30.46 74.04
C SER G 2100 -16.53 31.01 74.17
N LEU G 2101 -17.13 30.82 75.33
CA LEU G 2101 -18.42 31.40 75.70
C LEU G 2101 -18.13 32.44 76.78
N VAL G 2102 -18.28 33.72 76.46
CA VAL G 2102 -18.01 34.78 77.41
C VAL G 2102 -19.27 35.64 77.54
N VAL G 2103 -19.60 35.99 78.77
CA VAL G 2103 -20.63 37.00 79.06
C VAL G 2103 -19.91 38.29 79.46
N PRO G 2104 -20.29 39.44 78.90
CA PRO G 2104 -19.52 40.66 79.17
C PRO G 2104 -19.96 41.41 80.42
N ASP G 2105 -18.98 41.75 81.25
CA ASP G 2105 -19.11 42.72 82.35
C ASP G 2105 -20.14 42.28 83.40
N PHE G 2106 -19.93 41.09 83.95
CA PHE G 2106 -20.75 40.60 85.06
C PHE G 2106 -20.05 40.98 86.36
N LEU G 2107 -20.70 41.84 87.15
CA LEU G 2107 -20.10 42.41 88.35
C LEU G 2107 -20.78 41.89 89.60
N CYS G 2108 -19.99 41.63 90.63
CA CYS G 2108 -20.56 41.31 91.93
C CYS G 2108 -21.07 42.59 92.61
N GLU G 2109 -22.07 42.41 93.47
CA GLU G 2109 -22.61 43.53 94.22
C GLU G 2109 -21.81 43.84 95.47
N TYR G 2110 -20.84 42.98 95.82
CA TYR G 2110 -20.15 43.13 97.10
C TYR G 2110 -18.88 43.95 96.95
N CYS G 2111 -17.97 43.53 96.07
CA CYS G 2111 -16.70 44.22 95.86
C CYS G 2111 -16.67 45.00 94.56
N PHE G 2112 -17.76 44.99 93.79
CA PHE G 2112 -17.96 45.75 92.55
C PHE G 2112 -16.91 45.44 91.49
N PHE G 2113 -16.36 44.23 91.48
CA PHE G 2113 -15.36 43.86 90.49
C PHE G 2113 -16.07 43.47 89.20
N ILE G 2114 -15.92 44.30 88.17
CA ILE G 2114 -16.60 44.08 86.89
C ILE G 2114 -15.71 43.19 86.04
N SER G 2115 -16.14 41.94 85.87
CA SER G 2115 -15.36 40.94 85.15
C SER G 2115 -16.21 40.30 84.07
N ASP G 2116 -15.55 39.76 83.05
CA ASP G 2116 -16.21 38.92 82.06
C ASP G 2116 -16.03 37.45 82.45
N ILE G 2117 -17.15 36.75 82.59
CA ILE G 2117 -17.13 35.36 83.05
C ILE G 2117 -17.18 34.45 81.83
N ASP G 2118 -16.20 33.55 81.73
CA ASP G 2118 -16.17 32.58 80.65
C ASP G 2118 -16.69 31.25 81.18
N PHE G 2119 -17.75 30.74 80.57
CA PHE G 2119 -18.44 29.57 81.11
C PHE G 2119 -17.85 28.26 80.62
N CYS G 2120 -16.94 28.30 79.66
CA CYS G 2120 -16.36 27.07 79.11
C CYS G 2120 -14.93 26.84 79.57
N LYS G 2121 -14.11 27.88 79.57
CA LYS G 2121 -12.68 27.73 79.84
C LYS G 2121 -12.31 27.93 81.31
N ALA G 2122 -13.28 28.16 82.19
CA ALA G 2122 -13.01 28.38 83.59
C ALA G 2122 -13.47 27.18 84.42
N ALA G 2123 -12.89 27.07 85.61
CA ALA G 2123 -13.30 26.05 86.56
C ALA G 2123 -14.68 26.38 87.11
N PRO G 2124 -15.46 25.37 87.52
CA PRO G 2124 -16.77 25.66 88.14
C PRO G 2124 -16.68 26.38 89.48
N GLU G 2125 -15.55 26.32 90.17
CA GLU G 2125 -15.42 27.00 91.45
C GLU G 2125 -15.34 28.51 91.28
N SER G 2126 -14.68 28.98 90.21
CA SER G 2126 -14.47 30.39 89.99
C SER G 2126 -15.56 31.04 89.14
N ILE G 2127 -16.60 30.30 88.78
CA ILE G 2127 -17.67 30.84 87.94
C ILE G 2127 -18.84 31.33 88.79
N PHE G 2128 -19.33 30.50 89.71
CA PHE G 2128 -20.51 30.86 90.49
C PHE G 2128 -20.20 31.83 91.63
N SER G 2129 -18.93 32.10 91.91
CA SER G 2129 -18.54 33.04 92.95
C SER G 2129 -17.64 34.11 92.36
N CYS G 2130 -17.40 35.16 93.14
CA CYS G 2130 -16.54 36.24 92.69
C CYS G 2130 -15.08 35.79 92.66
N VAL G 2131 -14.29 36.45 91.82
CA VAL G 2131 -12.87 36.11 91.69
C VAL G 2131 -12.10 36.52 92.94
N ARG G 2132 -12.34 37.73 93.44
CA ARG G 2132 -11.64 38.23 94.61
C ARG G 2132 -12.46 38.11 95.89
N CYS G 2133 -13.75 38.47 95.83
CA CYS G 2133 -14.57 38.46 97.04
C CYS G 2133 -14.93 37.04 97.46
N HIS G 2134 -14.95 36.09 96.51
CA HIS G 2134 -15.32 34.69 96.73
C HIS G 2134 -16.71 34.55 97.35
N LYS G 2135 -17.64 35.39 96.90
CA LYS G 2135 -19.03 35.35 97.34
C LYS G 2135 -19.89 34.82 96.20
N ALA G 2136 -20.73 33.85 96.50
CA ALA G 2136 -21.45 33.11 95.46
C ALA G 2136 -22.56 33.94 94.84
N PHE G 2137 -22.61 33.96 93.51
CA PHE G 2137 -23.72 34.54 92.80
C PHE G 2137 -24.92 33.61 92.86
N ASN G 2138 -26.12 34.18 92.79
CA ASN G 2138 -27.30 33.36 92.55
C ASN G 2138 -27.32 32.91 91.09
N GLN G 2139 -27.82 31.70 90.87
CA GLN G 2139 -27.80 31.14 89.52
C GLN G 2139 -28.85 31.80 88.62
N VAL G 2140 -29.86 32.45 89.21
CA VAL G 2140 -30.96 33.02 88.43
C VAL G 2140 -30.48 34.16 87.54
N LEU G 2141 -29.64 35.05 88.06
CA LEU G 2141 -29.15 36.13 87.22
C LEU G 2141 -28.10 35.67 86.22
N LEU G 2142 -27.37 34.59 86.53
CA LEU G 2142 -26.51 33.97 85.52
C LEU G 2142 -27.34 33.43 84.36
N GLN G 2143 -28.44 32.76 84.68
CA GLN G 2143 -29.36 32.28 83.65
C GLN G 2143 -29.94 33.43 82.84
N GLU G 2144 -30.29 34.53 83.52
CA GLU G 2144 -30.82 35.72 82.84
C GLU G 2144 -29.79 36.35 81.91
N HIS G 2145 -28.53 36.38 82.32
CA HIS G 2145 -27.49 36.95 81.48
C HIS G 2145 -27.17 36.06 80.29
N LEU G 2146 -27.25 34.74 80.45
CA LEU G 2146 -27.16 33.87 79.27
C LEU G 2146 -28.35 34.03 78.33
N ILE G 2147 -29.55 34.27 78.85
CA ILE G 2147 -30.69 34.57 77.96
C ILE G 2147 -30.43 35.88 77.22
N GLN G 2148 -29.89 36.89 77.91
CA GLN G 2148 -29.58 38.16 77.28
C GLN G 2148 -28.51 38.02 76.20
N LYS G 2149 -27.48 37.21 76.46
CA LYS G 2149 -26.43 36.98 75.47
C LYS G 2149 -26.95 36.21 74.26
N LEU G 2150 -27.80 35.19 74.49
CA LEU G 2150 -28.39 34.43 73.39
C LEU G 2150 -29.28 35.31 72.51
N ARG G 2151 -30.12 36.14 73.14
CA ARG G 2151 -31.00 36.97 72.34
C ARG G 2151 -30.24 38.10 71.68
N SER G 2152 -29.13 38.53 72.28
CA SER G 2152 -28.25 39.49 71.63
C SER G 2152 -27.63 38.91 70.37
N ASP G 2153 -27.19 37.64 70.43
CA ASP G 2153 -26.63 37.00 69.24
C ASP G 2153 -27.70 36.76 68.18
N ILE G 2154 -28.90 36.38 68.59
CA ILE G 2154 -30.00 36.18 67.63
C ILE G 2154 -30.41 37.50 67.00
N GLU G 2155 -30.51 38.57 67.79
CA GLU G 2155 -30.82 39.89 67.26
C GLU G 2155 -29.74 40.39 66.32
N SER G 2156 -28.47 40.14 66.66
CA SER G 2156 -27.37 40.50 65.77
C SER G 2156 -27.39 39.66 64.50
N TYR G 2157 -27.98 38.47 64.54
CA TYR G 2157 -28.19 37.73 63.29
C TYR G 2157 -29.30 38.35 62.46
N LEU G 2158 -30.41 38.75 63.10
CA LEU G 2158 -31.55 39.24 62.32
C LEU G 2158 -31.37 40.65 61.78
N ILE G 2159 -30.68 41.54 62.48
CA ILE G 2159 -30.29 42.81 61.88
C ILE G 2159 -28.86 42.64 61.37
N GLN G 2160 -28.71 42.70 60.05
CA GLN G 2160 -27.49 42.22 59.42
C GLN G 2160 -27.36 42.83 58.04
N ASP G 2161 -26.19 43.43 57.78
CA ASP G 2161 -25.88 43.88 56.43
C ASP G 2161 -25.52 42.67 55.57
N LEU G 2162 -25.76 42.80 54.27
CA LEU G 2162 -25.39 41.77 53.31
C LEU G 2162 -24.31 42.30 52.40
N ARG G 2163 -23.22 41.55 52.27
CA ARG G 2163 -22.05 41.97 51.54
C ARG G 2163 -21.85 41.12 50.30
N CYS G 2164 -21.14 41.68 49.33
CA CYS G 2164 -20.84 40.97 48.10
C CYS G 2164 -19.78 39.89 48.35
N SER G 2165 -19.87 38.81 47.56
CA SER G 2165 -18.85 37.77 47.65
C SER G 2165 -17.56 38.19 46.96
N ARG G 2166 -17.62 39.18 46.06
CA ARG G 2166 -16.46 39.65 45.33
C ARG G 2166 -16.15 41.11 45.60
N CYS G 2167 -17.14 41.99 45.53
CA CYS G 2167 -16.90 43.42 45.74
C CYS G 2167 -16.69 43.76 47.21
N HIS G 2168 -17.27 42.95 48.11
CA HIS G 2168 -17.29 43.18 49.56
C HIS G 2168 -17.88 44.56 49.89
N LYS G 2169 -18.99 44.87 49.24
CA LYS G 2169 -19.65 46.17 49.34
C LYS G 2169 -20.96 46.00 50.10
N VAL G 2170 -21.28 46.97 50.95
CA VAL G 2170 -22.48 46.90 51.79
C VAL G 2170 -23.70 47.14 50.92
N LYS G 2171 -24.85 46.59 51.34
CA LYS G 2171 -26.07 46.67 50.57
C LYS G 2171 -26.71 48.04 50.75
N ARG G 2172 -26.62 48.88 49.72
CA ARG G 2172 -27.21 50.21 49.77
C ARG G 2172 -28.66 50.19 49.29
N ASP G 2173 -28.88 49.78 48.05
CA ASP G 2173 -30.24 49.51 47.59
C ASP G 2173 -30.73 48.24 48.27
N TYR G 2174 -31.78 48.38 49.10
CA TYR G 2174 -32.08 47.38 50.11
C TYR G 2174 -32.61 46.06 49.54
N MET G 2175 -33.21 46.09 48.36
CA MET G 2175 -33.77 44.87 47.78
C MET G 2175 -33.41 44.76 46.29
N SER G 2176 -32.49 43.85 45.98
CA SER G 2176 -32.01 43.67 44.62
C SER G 2176 -31.48 42.24 44.47
N ALA G 2177 -31.37 41.81 43.21
CA ALA G 2177 -30.95 40.43 42.93
C ALA G 2177 -29.47 40.22 43.21
N HIS G 2178 -28.61 41.11 42.72
CA HIS G 2178 -27.17 40.97 42.90
C HIS G 2178 -26.51 42.34 42.77
N CYS G 2179 -25.22 42.37 43.09
CA CYS G 2179 -24.41 43.58 43.01
C CYS G 2179 -24.10 43.91 41.55
N PRO G 2180 -23.68 45.15 41.27
CA PRO G 2180 -23.12 45.46 39.95
C PRO G 2180 -21.83 44.70 39.63
N CYS G 2181 -21.13 44.18 40.64
CA CYS G 2181 -19.99 43.29 40.44
C CYS G 2181 -20.45 41.85 40.17
N ALA G 2182 -21.77 41.61 40.21
CA ALA G 2182 -22.41 40.32 39.95
C ALA G 2182 -21.95 39.22 40.91
N GLY G 2183 -21.72 39.60 42.17
CA GLY G 2183 -21.52 38.61 43.20
C GLY G 2183 -22.78 38.38 44.01
N ALA G 2184 -22.83 37.25 44.70
CA ALA G 2184 -23.98 36.92 45.51
C ALA G 2184 -23.93 37.66 46.85
N TRP G 2185 -25.09 37.81 47.47
CA TRP G 2185 -25.19 38.41 48.79
C TRP G 2185 -24.92 37.35 49.85
N GLU G 2186 -23.98 37.65 50.75
CA GLU G 2186 -23.72 36.78 51.89
C GLU G 2186 -23.79 37.60 53.16
N GLY G 2187 -24.08 36.91 54.27
CA GLY G 2187 -24.17 37.60 55.54
C GLY G 2187 -22.80 37.98 56.07
N THR G 2188 -22.76 39.13 56.77
CA THR G 2188 -21.54 39.52 57.47
C THR G 2188 -21.21 38.53 58.58
N LEU G 2189 -22.23 38.06 59.29
CA LEU G 2189 -22.02 36.94 60.19
C LEU G 2189 -22.17 35.63 59.42
N PRO G 2190 -21.38 34.62 59.75
CA PRO G 2190 -21.50 33.33 59.05
C PRO G 2190 -22.81 32.61 59.41
N ARG G 2191 -23.21 31.72 58.51
CA ARG G 2191 -24.40 30.90 58.75
C ARG G 2191 -24.13 29.86 59.84
N GLU G 2192 -22.90 29.40 59.97
CA GLU G 2192 -22.58 28.37 60.95
C GLU G 2192 -22.18 28.93 62.30
N SER G 2193 -21.81 30.22 62.37
CA SER G 2193 -21.35 30.79 63.63
C SER G 2193 -22.46 30.85 64.67
N ILE G 2194 -23.67 31.22 64.24
CA ILE G 2194 -24.81 31.32 65.16
C ILE G 2194 -25.22 29.94 65.66
N VAL G 2195 -25.16 28.92 64.79
CA VAL G 2195 -25.60 27.60 65.23
C VAL G 2195 -24.52 26.94 66.10
N GLN G 2196 -23.23 27.23 65.89
CA GLN G 2196 -22.23 26.79 66.87
C GLN G 2196 -22.39 27.49 68.21
N LYS G 2197 -22.72 28.80 68.19
CA LYS G 2197 -22.98 29.51 69.45
C LYS G 2197 -24.18 28.91 70.19
N LEU G 2198 -25.24 28.59 69.46
CA LEU G 2198 -26.43 28.02 70.08
C LEU G 2198 -26.18 26.60 70.55
N ASN G 2199 -25.33 25.84 69.83
CA ASN G 2199 -24.99 24.49 70.26
C ASN G 2199 -24.15 24.51 71.53
N VAL G 2200 -23.23 25.47 71.64
CA VAL G 2200 -22.44 25.60 72.87
C VAL G 2200 -23.33 26.08 74.02
N PHE G 2201 -24.33 26.92 73.73
CA PHE G 2201 -25.33 27.29 74.76
C PHE G 2201 -26.12 26.07 75.22
N LYS G 2202 -26.52 25.20 74.30
CA LYS G 2202 -27.23 23.98 74.67
C LYS G 2202 -26.35 23.06 75.50
N GLN G 2203 -25.07 22.95 75.14
CA GLN G 2203 -24.13 22.11 75.89
C GLN G 2203 -23.88 22.65 77.29
N VAL G 2204 -23.74 23.97 77.43
CA VAL G 2204 -23.48 24.53 78.75
C VAL G 2204 -24.74 24.49 79.61
N ALA G 2205 -25.92 24.53 78.99
CA ALA G 2205 -27.15 24.37 79.73
C ALA G 2205 -27.33 22.93 80.20
N LYS G 2206 -26.95 21.97 79.36
CA LYS G 2206 -27.03 20.57 79.75
C LYS G 2206 -25.99 20.23 80.82
N TYR G 2207 -24.84 20.91 80.80
CA TYR G 2207 -23.82 20.63 81.80
C TYR G 2207 -24.14 21.27 83.14
N TYR G 2208 -24.28 22.60 83.16
CA TYR G 2208 -24.43 23.28 84.44
C TYR G 2208 -25.86 23.25 84.98
N GLY G 2209 -26.79 22.64 84.26
CA GLY G 2209 -28.15 22.48 84.74
C GLY G 2209 -28.96 23.75 84.86
N PHE G 2210 -28.82 24.66 83.89
CA PHE G 2210 -29.65 25.86 83.85
C PHE G 2210 -30.98 25.47 83.22
N ASP G 2211 -31.98 25.20 84.07
CA ASP G 2211 -33.27 24.71 83.58
C ASP G 2211 -34.05 25.79 82.85
N ILE G 2212 -33.85 27.06 83.22
CA ILE G 2212 -34.46 28.17 82.47
C ILE G 2212 -33.87 28.25 81.07
N LEU G 2213 -32.55 28.08 80.96
CA LEU G 2213 -31.90 28.09 79.65
C LEU G 2213 -32.29 26.87 78.81
N LEU G 2214 -32.44 25.70 79.45
CA LEU G 2214 -32.97 24.53 78.75
C LEU G 2214 -34.39 24.76 78.25
N SER G 2215 -35.22 25.42 79.06
CA SER G 2215 -36.57 25.77 78.63
C SER G 2215 -36.53 26.79 77.50
N CYS G 2216 -35.56 27.70 77.50
CA CYS G 2216 -35.42 28.67 76.42
C CYS G 2216 -35.04 27.99 75.11
N ILE G 2217 -34.14 27.01 75.16
CA ILE G 2217 -33.82 26.22 73.97
C ILE G 2217 -35.04 25.41 73.53
N ALA G 2218 -35.83 24.92 74.49
CA ALA G 2218 -37.02 24.14 74.16
C ALA G 2218 -38.07 24.99 73.45
N ASP G 2219 -38.30 26.22 73.91
CA ASP G 2219 -39.22 27.11 73.21
C ASP G 2219 -38.61 27.72 71.96
N LEU G 2220 -37.29 27.76 71.85
CA LEU G 2220 -36.65 28.28 70.64
C LEU G 2220 -36.74 27.27 69.51
N THR G 2221 -36.59 25.98 69.83
CA THR G 2221 -36.68 24.95 68.80
C THR G 2221 -38.11 24.78 68.31
N ILE G 2222 -39.08 24.89 69.21
CA ILE G 2222 -40.49 24.80 68.84
C ILE G 2222 -40.93 26.14 68.25
N MET H 1 -74.91 10.78 64.49
CA MET H 1 -73.69 10.08 64.14
C MET H 1 -73.99 8.89 63.23
N PHE H 2 -73.59 7.70 63.66
CA PHE H 2 -73.79 6.48 62.90
C PHE H 2 -75.10 5.82 63.29
N GLY H 3 -75.53 4.86 62.46
CA GLY H 3 -76.68 4.05 62.80
C GLY H 3 -76.38 3.11 63.95
N SER H 4 -77.42 2.80 64.72
CA SER H 4 -77.25 1.97 65.91
C SER H 4 -77.07 0.51 65.53
N GLY H 5 -76.07 -0.13 66.12
CA GLY H 5 -75.82 -1.56 65.94
C GLY H 5 -76.30 -2.32 67.16
N ASN H 6 -77.15 -3.32 66.91
CA ASN H 6 -77.79 -4.04 68.01
C ASN H 6 -76.80 -4.97 68.72
N VAL H 7 -76.01 -5.71 67.96
CA VAL H 7 -75.13 -6.71 68.56
C VAL H 7 -73.80 -6.07 68.96
N LEU H 8 -73.10 -6.74 69.86
CA LEU H 8 -71.84 -6.25 70.42
C LEU H 8 -70.72 -6.34 69.39
N PRO H 9 -69.71 -5.47 69.50
CA PRO H 9 -68.55 -5.55 68.61
C PRO H 9 -67.72 -6.80 68.84
N VAL H 10 -67.07 -7.25 67.76
CA VAL H 10 -66.09 -8.34 67.82
C VAL H 10 -64.81 -7.87 67.13
N LYS H 11 -63.72 -8.55 67.43
CA LYS H 11 -62.41 -8.21 66.88
C LYS H 11 -62.11 -9.12 65.69
N ILE H 12 -62.63 -8.75 64.53
CA ILE H 12 -62.34 -9.49 63.31
C ILE H 12 -60.95 -9.12 62.79
N GLN H 13 -60.40 -10.00 61.98
CA GLN H 13 -58.99 -9.94 61.61
C GLN H 13 -58.83 -9.59 60.13
N PRO H 14 -57.64 -9.17 59.70
CA PRO H 14 -57.38 -9.03 58.25
C PRO H 14 -57.47 -10.34 57.48
N PRO H 15 -57.18 -11.52 58.06
CA PRO H 15 -57.68 -12.74 57.40
C PRO H 15 -59.19 -12.81 57.39
N LEU H 16 -59.72 -13.43 56.32
CA LEU H 16 -61.13 -13.58 55.93
C LEU H 16 -61.77 -12.26 55.49
N LEU H 17 -61.02 -11.16 55.53
CA LEU H 17 -61.38 -9.92 54.86
C LEU H 17 -60.72 -9.82 53.49
N ARG H 18 -59.95 -10.84 53.11
CA ARG H 18 -59.19 -10.78 51.85
C ARG H 18 -60.05 -10.69 50.59
N PRO H 19 -61.13 -11.47 50.39
CA PRO H 19 -61.98 -11.17 49.21
C PRO H 19 -62.73 -9.86 49.33
N LEU H 20 -63.01 -9.40 50.55
CA LEU H 20 -63.78 -8.17 50.78
C LEU H 20 -62.86 -6.95 50.94
N ALA H 21 -61.62 -7.04 50.46
CA ALA H 21 -60.71 -5.90 50.49
C ALA H 21 -60.32 -5.43 49.09
N TYR H 22 -59.80 -6.32 48.24
CA TYR H 22 -59.21 -5.90 46.97
C TYR H 22 -60.27 -5.72 45.88
N ARG H 23 -61.38 -6.46 45.97
CA ARG H 23 -62.38 -6.37 44.90
C ARG H 23 -63.26 -5.13 45.06
N VAL H 24 -63.53 -4.72 46.29
CA VAL H 24 -64.58 -3.72 46.51
C VAL H 24 -64.09 -2.29 46.26
N LEU H 25 -62.83 -1.99 46.56
CA LEU H 25 -62.38 -0.61 46.43
C LEU H 25 -61.06 -0.51 45.67
N SER H 26 -60.24 -1.55 45.74
CA SER H 26 -58.95 -1.53 45.08
C SER H 26 -59.05 -1.82 43.58
N ARG H 27 -60.09 -2.50 43.13
CA ARG H 27 -60.35 -2.70 41.71
C ARG H 27 -61.46 -1.80 41.19
N LYS H 28 -62.51 -1.59 41.99
CA LYS H 28 -63.62 -0.75 41.54
C LYS H 28 -63.23 0.73 41.53
N TYR H 29 -62.30 1.13 42.38
CA TYR H 29 -61.93 2.53 42.52
C TYR H 29 -60.43 2.79 42.47
N GLY H 30 -59.59 1.76 42.56
CA GLY H 30 -58.16 1.91 42.35
C GLY H 30 -57.41 2.54 43.50
N LEU H 31 -57.47 1.94 44.68
CA LEU H 31 -56.73 2.41 45.85
C LEU H 31 -56.04 1.23 46.50
N SER H 32 -54.71 1.27 46.54
CA SER H 32 -53.94 0.21 47.18
C SER H 32 -54.09 0.29 48.70
N ILE H 33 -54.10 -0.88 49.34
CA ILE H 33 -54.39 -1.01 50.77
C ILE H 33 -53.13 -1.52 51.47
N LYS H 34 -52.67 -0.77 52.46
CA LYS H 34 -51.55 -1.20 53.29
C LYS H 34 -52.06 -2.10 54.43
N SER H 35 -51.10 -2.65 55.18
CA SER H 35 -51.44 -3.61 56.23
C SER H 35 -52.07 -2.92 57.44
N ASP H 36 -51.51 -1.78 57.86
CA ASP H 36 -52.03 -1.08 59.03
C ASP H 36 -53.39 -0.45 58.74
N GLY H 37 -53.58 0.07 57.53
CA GLY H 37 -54.89 0.58 57.14
C GLY H 37 -55.93 -0.51 57.04
N LEU H 38 -55.54 -1.69 56.57
CA LEU H 38 -56.45 -2.84 56.53
C LEU H 38 -56.80 -3.31 57.94
N SER H 39 -55.84 -3.27 58.86
CA SER H 39 -56.12 -3.64 60.25
C SER H 39 -57.07 -2.64 60.92
N ALA H 40 -56.87 -1.34 60.67
CA ALA H 40 -57.77 -0.33 61.21
C ALA H 40 -59.16 -0.44 60.60
N LEU H 41 -59.24 -0.74 59.31
CA LEU H 41 -60.53 -0.96 58.66
C LEU H 41 -61.24 -2.18 59.21
N ALA H 42 -60.47 -3.26 59.47
CA ALA H 42 -61.07 -4.46 60.06
C ALA H 42 -61.59 -4.20 61.46
N GLU H 43 -60.82 -3.44 62.26
CA GLU H 43 -61.27 -3.05 63.60
C GLU H 43 -62.53 -2.20 63.56
N PHE H 44 -62.60 -1.24 62.63
CA PHE H 44 -63.76 -0.37 62.60
C PHE H 44 -65.00 -1.06 62.02
N VAL H 45 -64.82 -1.95 61.03
CA VAL H 45 -65.95 -2.76 60.55
C VAL H 45 -66.43 -3.71 61.65
N GLY H 46 -65.50 -4.26 62.44
CA GLY H 46 -65.90 -5.10 63.57
C GLY H 46 -66.72 -4.34 64.59
N THR H 47 -66.26 -3.14 64.97
CA THR H 47 -66.99 -2.32 65.95
C THR H 47 -68.32 -1.81 65.39
N ASN H 48 -68.40 -1.58 64.08
CA ASN H 48 -69.66 -1.11 63.50
C ASN H 48 -70.68 -2.23 63.37
N ILE H 49 -70.26 -3.43 63.00
CA ILE H 49 -71.18 -4.49 62.59
C ILE H 49 -71.30 -5.57 63.65
N GLY H 50 -70.19 -6.20 64.04
CA GLY H 50 -70.29 -7.39 64.86
C GLY H 50 -70.16 -8.68 64.08
N ALA H 51 -71.03 -9.64 64.34
CA ALA H 51 -70.91 -10.96 63.75
C ALA H 51 -71.43 -11.05 62.33
N ASN H 52 -72.20 -10.05 61.87
CA ASN H 52 -72.78 -10.08 60.53
C ASN H 52 -71.90 -9.37 59.51
N TRP H 53 -70.60 -9.30 59.74
CA TRP H 53 -69.68 -8.68 58.78
C TRP H 53 -69.50 -9.53 57.54
N ARG H 54 -69.75 -10.84 57.62
CA ARG H 54 -69.57 -11.71 56.46
C ARG H 54 -70.67 -11.51 55.43
N GLN H 55 -71.91 -11.30 55.88
CA GLN H 55 -73.06 -11.19 54.99
C GLN H 55 -73.70 -9.82 55.03
N GLY H 56 -73.03 -8.81 55.55
CA GLY H 56 -73.59 -7.49 55.67
C GLY H 56 -73.28 -6.60 54.47
N PRO H 57 -74.33 -6.08 53.82
CA PRO H 57 -74.11 -5.11 52.74
C PRO H 57 -73.66 -3.74 53.24
N ALA H 58 -73.85 -3.45 54.52
CA ALA H 58 -73.40 -2.18 55.10
C ALA H 58 -71.89 -2.07 55.08
N THR H 59 -71.17 -3.19 55.23
CA THR H 59 -69.72 -3.19 55.10
C THR H 59 -69.27 -2.80 53.70
N ILE H 60 -69.95 -3.35 52.68
CA ILE H 60 -69.60 -3.04 51.29
C ILE H 60 -69.93 -1.59 50.97
N LYS H 61 -71.07 -1.09 51.45
CA LYS H 61 -71.43 0.31 51.22
C LYS H 61 -70.50 1.27 51.97
N PHE H 62 -70.06 0.90 53.18
CA PHE H 62 -69.13 1.72 53.93
C PHE H 62 -67.75 1.74 53.27
N LEU H 63 -67.33 0.62 52.68
CA LEU H 63 -66.05 0.61 51.97
C LEU H 63 -66.13 1.38 50.65
N GLU H 64 -67.29 1.35 49.98
CA GLU H 64 -67.49 2.20 48.80
C GLU H 64 -67.45 3.67 49.17
N GLN H 65 -68.06 4.02 50.30
CA GLN H 65 -67.99 5.40 50.80
C GLN H 65 -66.56 5.78 51.19
N PHE H 66 -65.80 4.83 51.74
CA PHE H 66 -64.40 5.06 52.08
C PHE H 66 -63.57 5.36 50.84
N ALA H 67 -63.76 4.57 49.79
CA ALA H 67 -63.06 4.81 48.53
C ALA H 67 -63.50 6.11 47.88
N ALA H 68 -64.78 6.44 47.97
CA ALA H 68 -65.28 7.70 47.41
C ALA H 68 -64.69 8.90 48.13
N VAL H 69 -64.65 8.87 49.47
CA VAL H 69 -64.11 9.98 50.26
C VAL H 69 -62.61 10.14 50.01
N TRP H 70 -61.88 9.03 49.96
CA TRP H 70 -60.48 9.06 49.56
C TRP H 70 -60.29 9.55 48.12
N LYS H 71 -61.31 9.41 47.27
CA LYS H 71 -61.25 10.01 45.94
C LYS H 71 -61.51 11.52 45.95
N GLN H 72 -62.39 12.06 46.83
CA GLN H 72 -62.48 13.52 46.85
C GLN H 72 -61.24 14.17 47.46
N GLN H 73 -60.66 13.62 48.53
CA GLN H 73 -59.47 14.30 49.03
C GLN H 73 -58.23 14.01 48.19
N GLU H 74 -58.08 12.76 47.73
CA GLU H 74 -56.88 12.27 47.02
C GLU H 74 -55.61 12.54 47.83
N ARG H 75 -55.67 12.21 49.12
CA ARG H 75 -54.55 12.42 50.01
C ARG H 75 -53.40 11.45 49.74
N GLY H 76 -53.66 10.36 49.04
CA GLY H 76 -52.62 9.42 48.67
C GLY H 76 -53.14 8.28 47.84
N LEU H 77 -52.27 7.70 47.00
CA LEU H 77 -52.65 6.51 46.25
C LEU H 77 -52.74 5.28 47.14
N PHE H 78 -52.03 5.29 48.26
CA PHE H 78 -52.07 4.21 49.23
C PHE H 78 -53.20 4.45 50.23
N ILE H 79 -53.22 3.65 51.29
CA ILE H 79 -54.17 3.79 52.40
C ILE H 79 -53.36 3.70 53.69
N ASP H 80 -53.40 4.75 54.49
CA ASP H 80 -52.65 4.83 55.73
C ASP H 80 -53.58 4.68 56.93
N GLN H 81 -53.06 4.08 58.00
CA GLN H 81 -53.84 3.90 59.23
C GLN H 81 -54.20 5.25 59.85
N SER H 82 -53.25 6.19 59.85
CA SER H 82 -53.57 7.56 60.23
C SER H 82 -54.54 8.19 59.25
N GLY H 83 -54.39 7.89 57.96
CA GLY H 83 -55.34 8.37 56.97
C GLY H 83 -56.73 7.78 57.17
N VAL H 84 -56.81 6.50 57.55
CA VAL H 84 -58.09 5.89 57.92
C VAL H 84 -58.68 6.58 59.15
N LYS H 85 -57.82 6.98 60.10
CA LYS H 85 -58.32 7.70 61.27
C LYS H 85 -58.89 9.08 60.92
N GLU H 86 -58.20 9.82 60.03
CA GLU H 86 -58.73 11.11 59.59
C GLU H 86 -60.03 10.96 58.79
N VAL H 87 -60.09 9.94 57.92
CA VAL H 87 -61.31 9.72 57.14
C VAL H 87 -62.46 9.28 58.03
N ILE H 88 -62.16 8.49 59.08
CA ILE H 88 -63.19 8.07 60.03
C ILE H 88 -63.71 9.25 60.85
N GLN H 89 -62.82 10.14 61.28
CA GLN H 89 -63.26 11.33 62.02
C GLN H 89 -64.08 12.27 61.13
N GLU H 90 -63.64 12.44 59.87
CA GLU H 90 -64.41 13.25 58.93
C GLU H 90 -65.74 12.60 58.59
N MET H 91 -65.81 11.26 58.58
CA MET H 91 -67.08 10.57 58.39
C MET H 91 -67.99 10.73 59.59
N LYS H 92 -67.43 10.75 60.81
CA LYS H 92 -68.24 11.00 62.00
C LYS H 92 -68.85 12.39 61.94
N GLU H 93 -68.06 13.39 61.54
CA GLU H 93 -68.59 14.74 61.32
C GLU H 93 -69.62 14.75 60.18
N ARG H 94 -69.36 14.01 59.11
CA ARG H 94 -70.21 13.99 57.92
C ARG H 94 -71.59 13.41 58.24
N GLU H 95 -71.62 12.25 58.91
CA GLU H 95 -72.90 11.68 59.30
C GLU H 95 -73.53 12.38 60.49
N LYS H 96 -72.76 13.16 61.27
CA LYS H 96 -73.40 14.06 62.23
C LYS H 96 -74.18 15.17 61.50
N VAL H 97 -73.59 15.74 60.45
CA VAL H 97 -74.31 16.71 59.60
C VAL H 97 -75.50 16.05 58.93
N GLU H 98 -75.33 14.80 58.47
CA GLU H 98 -76.43 14.10 57.82
C GLU H 98 -77.56 13.74 58.80
N TRP H 99 -77.22 13.45 60.05
CA TRP H 99 -78.25 13.21 61.07
C TRP H 99 -78.97 14.50 61.43
N SER H 100 -78.24 15.63 61.45
CA SER H 100 -78.91 16.92 61.63
C SER H 100 -79.78 17.27 60.43
N HIS H 101 -79.40 16.79 59.24
CA HIS H 101 -80.25 16.96 58.06
C HIS H 101 -81.49 16.07 58.13
N GLU H 102 -81.36 14.87 58.69
CA GLU H 102 -82.50 13.97 58.83
C GLU H 102 -83.52 14.52 59.83
N HIS H 103 -83.06 14.95 60.99
CA HIS H 103 -83.91 15.55 62.01
C HIS H 103 -83.36 16.91 62.38
N PRO H 104 -84.03 18.02 62.01
CA PRO H 104 -83.49 19.35 62.33
C PRO H 104 -83.60 19.67 63.82
N ILE H 105 -82.47 19.63 64.51
CA ILE H 105 -82.45 19.82 65.95
C ILE H 105 -81.21 20.62 66.37
N LEU H 164 -72.70 18.61 64.89
CA LEU H 164 -71.27 18.92 64.97
C LEU H 164 -70.91 19.45 66.34
N ASP H 165 -69.79 20.17 66.40
CA ASP H 165 -69.38 20.89 67.59
C ASP H 165 -68.47 22.03 67.14
N TRP H 166 -68.49 23.13 67.89
CA TRP H 166 -67.65 24.26 67.54
C TRP H 166 -66.18 23.97 67.83
N ARG H 167 -65.88 23.06 68.77
CA ARG H 167 -64.51 22.72 69.08
C ARG H 167 -63.88 21.82 68.02
N ASP H 168 -64.69 21.21 67.14
CA ASP H 168 -64.13 20.33 66.13
C ASP H 168 -63.42 21.10 65.03
N TYR H 169 -63.80 22.36 64.79
CA TYR H 169 -63.22 23.14 63.71
C TYR H 169 -62.44 24.36 64.18
N PHE H 170 -62.65 24.81 65.42
CA PHE H 170 -61.90 25.96 65.93
C PHE H 170 -60.45 25.57 66.18
N LYS H 171 -59.53 26.44 65.75
CA LYS H 171 -58.11 26.19 65.95
C LYS H 171 -57.38 27.52 66.14
N VAL H 172 -56.19 27.43 66.75
CA VAL H 172 -55.32 28.57 66.99
C VAL H 172 -54.02 28.34 66.25
N ILE H 173 -53.57 29.33 65.50
CA ILE H 173 -52.35 29.24 64.72
C ILE H 173 -51.43 30.38 65.15
N ASN H 174 -50.23 30.03 65.61
CA ASN H 174 -49.24 31.03 65.94
C ASN H 174 -48.54 31.50 64.66
N ALA H 175 -47.61 32.43 64.80
CA ALA H 175 -46.83 32.85 63.64
C ALA H 175 -45.83 31.77 63.23
N SER H 176 -45.38 30.95 64.18
CA SER H 176 -44.48 29.85 63.84
C SER H 176 -45.22 28.68 63.19
N GLN H 177 -46.49 28.49 63.52
CA GLN H 177 -47.24 27.34 63.02
C GLN H 177 -47.90 27.60 61.67
N GLN H 178 -47.85 28.82 61.16
CA GLN H 178 -48.55 29.16 59.92
C GLN H 178 -47.79 28.59 58.72
N GLN H 179 -48.56 28.10 57.74
CA GLN H 179 -47.98 27.60 56.51
C GLN H 179 -47.41 28.75 55.68
N ARG H 180 -46.36 28.44 54.91
CA ARG H 180 -45.63 29.43 54.13
C ARG H 180 -46.12 29.44 52.69
N PHE H 181 -46.39 30.62 52.16
CA PHE H 181 -46.77 30.79 50.76
C PHE H 181 -45.91 31.88 50.14
N SER H 182 -45.54 31.69 48.87
CA SER H 182 -44.75 32.66 48.14
C SER H 182 -45.31 32.82 46.74
N TYR H 183 -45.30 34.04 46.23
CA TYR H 183 -45.81 34.34 44.89
C TYR H 183 -44.69 34.24 43.88
N ASN H 184 -45.01 33.78 42.67
CA ASN H 184 -44.03 33.67 41.60
C ASN H 184 -44.72 34.12 40.32
N PRO H 185 -44.30 35.24 39.73
CA PRO H 185 -44.78 35.64 38.39
C PRO H 185 -44.04 35.01 37.22
N HIS H 186 -43.10 34.10 37.48
CA HIS H 186 -42.64 33.20 36.43
C HIS H 186 -43.51 31.95 36.35
N LYS H 187 -44.10 31.54 37.48
CA LYS H 187 -45.20 30.60 37.48
C LYS H 187 -46.56 31.30 37.53
N MET H 188 -46.57 32.62 37.66
CA MET H 188 -47.72 33.53 37.62
C MET H 188 -48.72 33.34 38.76
N GLN H 189 -48.44 32.48 39.74
CA GLN H 189 -49.38 32.26 40.84
C GLN H 189 -48.62 31.98 42.13
N PHE H 190 -49.37 31.53 43.13
CA PHE H 190 -48.83 31.18 44.44
C PHE H 190 -48.16 29.79 44.39
N ILE H 191 -47.31 29.55 45.38
CA ILE H 191 -46.76 28.22 45.60
C ILE H 191 -46.48 28.09 47.10
N PHE H 192 -46.83 26.93 47.65
CA PHE H 192 -46.69 26.68 49.07
C PHE H 192 -45.34 26.05 49.37
N VAL H 193 -44.77 26.45 50.51
CA VAL H 193 -43.47 25.96 50.96
C VAL H 193 -43.71 25.13 52.22
N PRO H 194 -43.22 23.88 52.28
CA PRO H 194 -43.35 23.12 53.51
C PRO H 194 -42.51 23.71 54.64
N ASN H 195 -42.97 23.52 55.87
CA ASN H 195 -42.27 24.07 57.02
C ASN H 195 -40.97 23.32 57.26
N LYS H 196 -39.94 24.06 57.64
CA LYS H 196 -38.62 23.51 57.90
C LYS H 196 -38.32 23.37 59.39
N LYS H 197 -39.33 23.55 60.25
CA LYS H 197 -39.12 23.46 61.69
C LYS H 197 -38.81 22.02 62.11
N GLN H 198 -39.44 21.04 61.46
CA GLN H 198 -39.12 19.65 61.72
C GLN H 198 -37.80 19.26 61.06
N ASN H 199 -37.54 19.79 59.87
CA ASN H 199 -36.34 19.41 59.12
C ASN H 199 -35.08 19.95 59.78
N GLY H 200 -34.06 19.10 59.84
CA GLY H 200 -32.77 19.48 60.38
C GLY H 200 -32.76 19.54 61.90
N LEU H 201 -31.64 20.03 62.42
CA LEU H 201 -31.49 20.26 63.85
C LEU H 201 -32.41 21.38 64.30
N GLY H 202 -32.87 21.29 65.55
CA GLY H 202 -33.75 22.33 66.09
C GLY H 202 -33.05 23.66 66.25
N GLY H 203 -31.73 23.64 66.43
CA GLY H 203 -30.97 24.88 66.41
C GLY H 203 -30.95 25.51 65.03
N ILE H 204 -30.79 24.70 63.99
CA ILE H 204 -30.80 25.20 62.62
C ILE H 204 -32.21 25.63 62.22
N ALA H 205 -33.21 24.83 62.59
CA ALA H 205 -34.58 25.10 62.19
C ALA H 205 -35.16 26.31 62.91
N GLY H 206 -34.99 26.37 64.23
CA GLY H 206 -35.56 27.43 65.03
C GLY H 206 -34.68 28.68 64.97
N PHE H 207 -35.29 29.77 64.52
CA PHE H 207 -34.78 31.14 64.56
C PHE H 207 -33.53 31.35 63.70
N LEU H 208 -33.25 30.44 62.77
CA LEU H 208 -32.18 30.63 61.78
C LEU H 208 -32.79 30.49 60.39
N PRO H 209 -33.30 31.59 59.83
CA PRO H 209 -33.79 31.54 58.45
C PRO H 209 -32.64 31.56 57.46
N ASP H 210 -32.97 31.27 56.21
CA ASP H 210 -31.98 31.26 55.15
C ASP H 210 -31.55 32.68 54.78
N ILE H 211 -30.33 32.78 54.26
CA ILE H 211 -29.73 34.09 53.97
C ILE H 211 -30.31 34.75 52.72
N GLU H 212 -31.02 34.00 51.88
CA GLU H 212 -31.65 34.58 50.70
C GLU H 212 -33.03 35.16 51.02
N ASP H 213 -33.57 34.85 52.19
CA ASP H 213 -34.97 35.17 52.47
C ASP H 213 -35.13 36.66 52.77
N LYS H 214 -34.09 37.29 53.33
CA LYS H 214 -34.08 38.74 53.47
C LYS H 214 -34.17 39.43 52.12
N VAL H 215 -33.46 38.90 51.12
CA VAL H 215 -33.56 39.42 49.76
C VAL H 215 -34.96 39.17 49.19
N GLN H 216 -35.52 37.98 49.43
CA GLN H 216 -36.78 37.61 48.80
C GLN H 216 -38.00 38.25 49.45
N MET H 217 -37.90 38.76 50.68
CA MET H 217 -39.08 39.20 51.44
C MET H 217 -39.79 40.40 50.80
N PHE H 218 -39.04 41.47 50.55
CA PHE H 218 -39.67 42.67 50.01
C PHE H 218 -40.01 42.54 48.53
N LEU H 219 -39.30 41.71 47.77
CA LEU H 219 -39.75 41.47 46.41
C LEU H 219 -41.02 40.63 46.39
N THR H 220 -41.17 39.70 47.34
CA THR H 220 -42.42 38.93 47.45
C THR H 220 -43.58 39.85 47.78
N ARG H 221 -43.37 40.80 48.71
CA ARG H 221 -44.38 41.81 48.98
C ARG H 221 -44.65 42.70 47.77
N TYR H 222 -43.61 43.01 46.99
CA TYR H 222 -43.78 43.80 45.77
C TYR H 222 -44.66 43.10 44.75
N TYR H 223 -44.39 41.83 44.48
CA TYR H 223 -45.17 41.18 43.43
C TYR H 223 -46.57 40.85 43.90
N LEU H 224 -46.76 40.67 45.22
CA LEU H 224 -48.11 40.59 45.76
C LEU H 224 -48.88 41.89 45.57
N THR H 225 -48.24 43.03 45.86
CA THR H 225 -48.88 44.33 45.66
C THR H 225 -49.13 44.60 44.18
N ASN H 226 -48.23 44.15 43.31
CA ASN H 226 -48.39 44.29 41.87
C ASN H 226 -49.58 43.48 41.37
N ASP H 227 -49.79 42.27 41.91
CA ASP H 227 -50.96 41.49 41.54
C ASP H 227 -52.23 42.18 42.04
N ARG H 228 -52.22 42.69 43.28
CA ARG H 228 -53.42 43.33 43.83
C ARG H 228 -53.75 44.64 43.13
N VAL H 229 -52.77 45.30 42.51
CA VAL H 229 -53.09 46.51 41.75
C VAL H 229 -53.38 46.20 40.28
N MET H 230 -52.87 45.09 39.74
CA MET H 230 -53.19 44.71 38.37
C MET H 230 -54.58 44.12 38.26
N ARG H 231 -55.08 43.53 39.34
CA ARG H 231 -56.42 42.97 39.33
C ARG H 231 -57.53 44.02 39.38
N ASN H 232 -57.21 45.23 39.81
CA ASN H 232 -58.24 46.26 39.95
C ASN H 232 -58.64 46.82 38.60
N GLU H 233 -59.89 47.27 38.50
CA GLU H 233 -60.50 47.75 37.27
C GLU H 233 -59.81 49.02 36.76
N ASN H 234 -59.21 49.80 37.67
CA ASN H 234 -58.51 51.03 37.30
C ASN H 234 -57.26 50.77 36.45
N PHE H 235 -56.71 49.55 36.48
CA PHE H 235 -55.50 49.25 35.74
C PHE H 235 -55.61 47.97 34.92
N GLN H 236 -56.82 47.59 34.52
CA GLN H 236 -57.01 46.45 33.63
C GLN H 236 -57.09 46.92 32.18
N SER H 264 -57.20 51.11 31.99
CA SER H 264 -58.17 52.20 32.01
C SER H 264 -57.49 53.55 32.04
N SER H 265 -56.86 53.87 33.18
CA SER H 265 -56.20 55.17 33.31
C SER H 265 -54.81 55.15 32.68
N MET H 266 -53.89 54.38 33.26
CA MET H 266 -52.53 54.24 32.76
C MET H 266 -52.07 52.80 33.01
N SER H 267 -50.77 52.57 32.87
CA SER H 267 -50.18 51.26 33.10
C SER H 267 -48.89 51.43 33.89
N ILE H 268 -48.50 50.37 34.60
CA ILE H 268 -47.34 50.41 35.47
C ILE H 268 -46.10 50.00 34.67
N THR H 269 -45.08 50.87 34.70
CA THR H 269 -43.79 50.60 34.08
C THR H 269 -42.76 50.31 35.17
N PRO H 270 -42.00 49.23 35.05
CA PRO H 270 -40.86 49.00 35.93
C PRO H 270 -39.88 50.17 35.94
N ILE H 271 -39.28 50.40 37.12
CA ILE H 271 -38.52 51.61 37.41
C ILE H 271 -37.26 51.71 36.56
N LYS H 272 -36.63 50.57 36.25
CA LYS H 272 -35.40 50.54 35.48
C LYS H 272 -35.60 51.06 34.05
N ASN H 273 -36.81 50.97 33.51
CA ASN H 273 -37.10 51.49 32.18
C ASN H 273 -37.19 53.01 32.13
N LEU H 274 -37.31 53.67 33.29
CA LEU H 274 -37.57 55.12 33.29
C LEU H 274 -36.36 55.94 32.86
N LEU H 275 -35.15 55.51 33.20
CA LEU H 275 -33.97 56.32 32.89
C LEU H 275 -33.67 56.22 31.40
N GLY H 276 -33.74 57.37 30.72
CA GLY H 276 -33.72 57.45 29.27
C GLY H 276 -34.95 58.12 28.68
N ARG H 277 -36.11 57.92 29.28
CA ARG H 277 -37.35 58.58 28.85
C ARG H 277 -37.38 59.98 29.45
N ASP H 278 -36.90 60.96 28.68
CA ASP H 278 -36.87 62.33 29.16
C ASP H 278 -38.22 63.00 28.90
N ALA H 279 -38.78 63.58 29.97
CA ALA H 279 -39.98 64.43 29.95
C ALA H 279 -41.21 63.70 29.39
N GLN H 280 -41.49 62.52 29.95
CA GLN H 280 -42.69 61.76 29.62
C GLN H 280 -43.37 61.32 30.90
N ASN H 281 -44.70 61.29 30.86
CA ASN H 281 -45.52 60.99 32.03
C ASN H 281 -45.62 59.49 32.24
N PHE H 282 -45.39 59.04 33.47
CA PHE H 282 -45.39 57.63 33.81
C PHE H 282 -46.07 57.42 35.16
N LEU H 283 -46.68 56.25 35.31
CA LEU H 283 -47.29 55.83 36.56
C LEU H 283 -46.58 54.57 37.04
N LEU H 284 -46.27 54.53 38.33
CA LEU H 284 -45.33 53.58 38.92
C LEU H 284 -45.95 52.95 40.16
N LEU H 285 -45.47 51.77 40.51
CA LEU H 285 -45.60 51.26 41.86
C LEU H 285 -44.19 51.12 42.41
N GLY H 286 -43.94 51.76 43.55
CA GLY H 286 -42.59 51.72 44.09
C GLY H 286 -42.55 51.58 45.60
N LEU H 287 -41.58 50.80 46.09
CA LEU H 287 -41.25 50.82 47.51
C LEU H 287 -40.63 52.16 47.83
N LEU H 288 -41.26 52.91 48.73
CA LEU H 288 -40.75 54.21 49.14
C LEU H 288 -39.60 54.02 50.12
N ASN H 289 -38.51 54.75 49.90
CA ASN H 289 -37.30 54.52 50.66
C ASN H 289 -36.54 55.83 50.79
N LYS H 290 -35.69 55.91 51.79
CA LYS H 290 -34.65 56.93 51.87
C LYS H 290 -33.31 56.25 51.59
N ASN H 291 -32.63 56.70 50.55
CA ASN H 291 -31.40 56.04 50.12
C ASN H 291 -30.23 56.46 51.00
N PHE H 292 -29.01 56.13 50.57
CA PHE H 292 -27.83 56.54 51.32
C PHE H 292 -27.61 58.04 51.25
N LYS H 293 -28.00 58.68 50.15
CA LYS H 293 -27.85 60.13 50.01
C LYS H 293 -28.79 60.91 50.90
N GLY H 294 -29.85 60.29 51.41
CA GLY H 294 -30.82 60.98 52.24
C GLY H 294 -32.01 61.52 51.49
N ASN H 295 -32.11 61.30 50.19
CA ASN H 295 -33.24 61.73 49.39
C ASN H 295 -34.27 60.61 49.30
N TRP H 296 -35.44 60.94 48.77
CA TRP H 296 -36.51 59.96 48.63
C TRP H 296 -36.35 59.19 47.33
N SER H 297 -36.69 57.91 47.37
CA SER H 297 -36.49 57.03 46.22
C SER H 297 -37.59 55.99 46.15
N LEU H 298 -37.80 55.47 44.95
CA LEU H 298 -38.74 54.40 44.69
C LEU H 298 -37.98 53.20 44.15
N GLU H 299 -38.32 52.01 44.63
CA GLU H 299 -37.56 50.82 44.31
C GLU H 299 -38.46 49.69 43.86
N ASP H 300 -38.01 48.93 42.86
CA ASP H 300 -38.62 47.71 42.36
C ASP H 300 -37.52 46.67 42.27
N PRO H 301 -37.85 45.39 42.00
CA PRO H 301 -36.77 44.40 41.79
C PRO H 301 -35.88 44.69 40.59
N SER H 302 -36.30 45.55 39.67
CA SER H 302 -35.45 45.97 38.57
C SER H 302 -34.56 47.17 38.91
N GLY H 303 -34.77 47.84 40.04
CA GLY H 303 -33.86 48.94 40.34
C GLY H 303 -34.52 49.99 41.22
N SER H 304 -34.09 51.24 41.05
CA SER H 304 -34.60 52.34 41.85
C SER H 304 -34.43 53.65 41.09
N VAL H 305 -35.17 54.66 41.53
CA VAL H 305 -35.02 56.02 41.00
C VAL H 305 -35.22 57.00 42.16
N GLU H 306 -34.51 58.13 42.10
CA GLU H 306 -34.74 59.20 43.06
C GLU H 306 -35.94 60.03 42.63
N ILE H 307 -36.74 60.42 43.61
CA ILE H 307 -37.91 61.26 43.38
C ILE H 307 -37.77 62.51 44.24
N ASP H 308 -38.56 63.54 43.90
CA ASP H 308 -38.72 64.67 44.79
C ASP H 308 -40.20 64.94 45.01
N ILE H 309 -40.54 65.42 46.20
CA ILE H 309 -41.92 65.49 46.65
C ILE H 309 -42.41 66.93 46.78
N SER H 310 -41.83 67.82 45.96
CA SER H 310 -42.21 69.23 46.01
C SER H 310 -43.61 69.46 45.44
N GLN H 311 -43.94 68.79 44.34
CA GLN H 311 -45.14 69.09 43.59
C GLN H 311 -46.26 68.08 43.82
N THR H 312 -46.14 67.23 44.85
CA THR H 312 -47.11 66.16 45.07
C THR H 312 -48.46 66.69 45.53
N ILE H 313 -49.52 66.06 45.08
CA ILE H 313 -50.87 66.25 45.62
C ILE H 313 -51.30 64.89 46.17
N PRO H 314 -51.07 64.61 47.44
CA PRO H 314 -51.40 63.28 47.98
C PRO H 314 -52.89 63.09 48.14
N THR H 315 -53.29 61.82 48.14
CA THR H 315 -54.69 61.47 48.35
C THR H 315 -55.03 61.61 49.83
N GLN H 316 -56.00 62.47 50.13
CA GLN H 316 -56.42 62.68 51.50
C GLN H 316 -57.13 61.45 52.04
N GLY H 317 -56.83 61.10 53.30
CA GLY H 317 -57.36 59.91 53.91
C GLY H 317 -56.40 58.76 54.06
N HIS H 318 -55.11 58.98 53.77
CA HIS H 318 -54.12 57.91 53.78
C HIS H 318 -52.94 58.31 54.63
N TYR H 319 -52.11 57.32 54.94
CA TYR H 319 -50.85 57.51 55.66
C TYR H 319 -49.69 57.08 54.78
N TYR H 320 -48.62 57.86 54.80
CA TYR H 320 -47.43 57.58 53.99
C TYR H 320 -46.22 57.53 54.91
N VAL H 321 -45.58 56.37 54.98
CA VAL H 321 -44.41 56.15 55.82
C VAL H 321 -43.36 55.49 54.93
N PRO H 322 -42.06 55.64 55.20
CA PRO H 322 -41.07 54.82 54.48
C PRO H 322 -41.30 53.33 54.70
N GLY H 323 -41.19 52.58 53.61
CA GLY H 323 -41.61 51.20 53.58
C GLY H 323 -42.94 50.96 52.88
N CYS H 324 -43.69 52.02 52.57
CA CYS H 324 -44.91 51.90 51.80
C CYS H 324 -44.61 51.58 50.34
N MET H 325 -45.45 50.75 49.75
CA MET H 325 -45.43 50.53 48.31
C MET H 325 -46.56 51.34 47.68
N VAL H 326 -46.21 52.43 47.01
CA VAL H 326 -47.19 53.44 46.64
C VAL H 326 -47.27 53.55 45.12
N LEU H 327 -48.44 53.95 44.64
CA LEU H 327 -48.62 54.34 43.25
C LEU H 327 -48.23 55.80 43.07
N VAL H 328 -47.30 56.04 42.16
CA VAL H 328 -46.69 57.34 41.96
C VAL H 328 -46.84 57.74 40.51
N GLU H 329 -47.51 58.86 40.26
CA GLU H 329 -47.71 59.37 38.91
C GLU H 329 -46.90 60.64 38.75
N GLY H 330 -46.14 60.74 37.67
CA GLY H 330 -45.34 61.94 37.48
C GLY H 330 -44.42 61.82 36.28
N ILE H 331 -43.54 62.81 36.16
CA ILE H 331 -42.69 62.99 34.99
C ILE H 331 -41.24 62.76 35.40
N TYR H 332 -40.53 61.93 34.65
CA TYR H 332 -39.10 61.73 34.87
C TYR H 332 -38.30 62.77 34.09
N TYR H 333 -37.20 63.23 34.69
CA TYR H 333 -36.28 64.13 34.01
C TYR H 333 -34.88 63.52 34.01
N SER H 334 -34.24 63.56 32.85
CA SER H 334 -32.94 62.93 32.65
C SER H 334 -31.77 63.86 32.91
N VAL H 335 -32.03 65.08 33.39
CA VAL H 335 -30.94 66.02 33.64
C VAL H 335 -30.17 65.62 34.89
N GLY H 336 -30.86 65.49 36.01
CA GLY H 336 -30.24 65.10 37.26
C GLY H 336 -30.63 63.73 37.78
N ASN H 337 -31.27 62.89 36.95
CA ASN H 337 -31.82 61.58 37.31
C ASN H 337 -32.78 61.69 38.50
N LYS H 338 -33.86 62.42 38.26
CA LYS H 338 -34.89 62.67 39.27
C LYS H 338 -36.26 62.48 38.67
N PHE H 339 -37.23 62.21 39.55
CA PHE H 339 -38.60 61.96 39.13
C PHE H 339 -39.48 62.94 39.90
N HIS H 340 -40.21 63.78 39.16
CA HIS H 340 -41.07 64.82 39.72
C HIS H 340 -42.47 64.25 39.82
N VAL H 341 -42.95 64.13 41.05
CA VAL H 341 -44.21 63.44 41.32
C VAL H 341 -45.35 64.42 41.34
N THR H 342 -46.37 64.18 40.51
CA THR H 342 -47.58 64.98 40.52
C THR H 342 -48.55 64.51 41.60
N SER H 343 -48.85 63.22 41.65
CA SER H 343 -49.78 62.68 42.64
C SER H 343 -49.25 61.35 43.18
N MET H 344 -49.60 61.06 44.42
CA MET H 344 -49.22 59.82 45.07
C MET H 344 -50.42 59.23 45.80
N THR H 345 -50.54 57.91 45.73
CA THR H 345 -51.60 57.20 46.42
C THR H 345 -51.16 55.76 46.65
N LEU H 346 -51.88 55.09 47.49
CA LEU H 346 -51.73 53.66 47.74
C LEU H 346 -52.53 52.87 46.71
N PRO H 347 -52.15 51.62 46.43
CA PRO H 347 -52.98 50.76 45.58
C PRO H 347 -54.31 50.47 46.25
N PRO H 348 -55.39 50.38 45.47
CA PRO H 348 -56.70 50.10 46.07
C PRO H 348 -56.81 48.66 46.54
N GLY H 349 -57.63 48.47 47.57
CA GLY H 349 -57.79 47.16 48.16
C GLY H 349 -58.74 46.27 47.36
N GLU H 350 -58.71 44.99 47.71
CA GLU H 350 -59.63 44.00 47.15
C GLU H 350 -60.25 43.21 48.28
N ARG H 351 -61.47 42.74 48.07
CA ARG H 351 -62.21 42.03 49.10
C ARG H 351 -61.63 40.63 49.31
N ARG H 352 -62.11 39.96 50.37
CA ARG H 352 -61.59 38.65 50.73
C ARG H 352 -61.99 37.59 49.72
N GLU H 353 -63.27 37.54 49.34
CA GLU H 353 -63.75 36.52 48.42
C GLU H 353 -63.16 36.70 47.02
N ILE H 354 -62.82 37.93 46.63
CA ILE H 354 -62.11 38.18 45.38
C ILE H 354 -60.72 37.54 45.42
N THR H 355 -60.02 37.69 46.54
CA THR H 355 -58.70 37.09 46.70
C THR H 355 -58.77 35.57 46.69
N LEU H 356 -59.79 35.00 47.36
CA LEU H 356 -59.93 33.55 47.37
C LEU H 356 -60.37 32.97 46.04
N GLU H 357 -61.18 33.70 45.25
CA GLU H 357 -61.50 33.17 43.93
C GLU H 357 -60.35 33.35 42.95
N THR H 358 -59.51 34.37 43.16
CA THR H 358 -58.30 34.51 42.35
C THR H 358 -57.31 33.38 42.65
N ILE H 359 -57.11 33.08 43.93
CA ILE H 359 -56.22 31.97 44.27
C ILE H 359 -56.88 30.63 43.97
N GLY H 360 -58.21 30.56 43.94
CA GLY H 360 -58.90 29.31 43.69
C GLY H 360 -59.26 28.55 44.95
N ASN H 361 -59.67 29.28 45.99
CA ASN H 361 -60.19 28.73 47.26
C ASN H 361 -59.19 27.82 47.97
N LEU H 362 -57.96 28.31 48.11
CA LEU H 362 -56.96 27.62 48.92
C LEU H 362 -57.23 27.78 50.40
N ASP H 363 -57.20 26.65 51.11
CA ASP H 363 -57.30 26.62 52.56
C ASP H 363 -55.96 27.06 53.13
N LEU H 364 -55.80 28.37 53.30
CA LEU H 364 -54.52 28.92 53.73
C LEU H 364 -54.23 28.59 55.19
N LEU H 365 -55.22 28.68 56.06
CA LEU H 365 -55.02 28.31 57.45
C LEU H 365 -54.96 26.81 57.67
N GLY H 366 -55.59 26.02 56.80
CA GLY H 366 -55.64 24.59 56.98
C GLY H 366 -56.80 24.15 57.87
N ILE H 367 -58.02 24.55 57.52
CA ILE H 367 -59.19 24.16 58.27
C ILE H 367 -59.59 22.71 57.98
N HIS H 368 -59.08 22.12 56.89
CA HIS H 368 -59.38 20.75 56.52
C HIS H 368 -58.06 20.06 56.19
N GLY H 369 -57.50 19.36 57.18
CA GLY H 369 -56.23 18.69 56.96
C GLY H 369 -55.07 19.65 56.89
N ILE H 370 -54.14 19.39 55.97
CA ILE H 370 -52.93 20.19 55.81
C ILE H 370 -52.48 20.06 54.36
N SER H 371 -51.77 21.07 53.88
CA SER H 371 -51.28 21.09 52.51
C SER H 371 -49.93 20.37 52.43
N ASN H 372 -49.80 19.50 51.44
CA ASN H 372 -48.56 18.75 51.24
C ASN H 372 -47.82 19.28 50.01
N ASN H 373 -46.69 18.64 49.69
CA ASN H 373 -45.87 19.08 48.56
C ASN H 373 -46.53 18.74 47.23
N ASN H 374 -47.01 17.50 47.08
CA ASN H 374 -47.60 17.08 45.82
C ASN H 374 -48.98 17.67 45.62
N PHE H 375 -49.81 17.67 46.66
CA PHE H 375 -51.18 18.14 46.57
C PHE H 375 -51.37 19.31 47.54
N ILE H 376 -52.04 20.35 47.06
CA ILE H 376 -52.36 21.51 47.87
C ILE H 376 -53.80 21.40 48.38
N ALA H 377 -54.02 21.84 49.61
CA ALA H 377 -55.31 21.64 50.24
C ALA H 377 -56.33 22.65 49.73
N ARG H 378 -57.47 22.15 49.28
CA ARG H 378 -58.51 22.97 48.67
C ARG H 378 -59.67 23.13 49.64
N LEU H 379 -60.12 24.38 49.82
CA LEU H 379 -61.28 24.65 50.66
C LEU H 379 -62.55 24.39 49.85
N ASP H 380 -63.37 23.45 50.32
CA ASP H 380 -64.57 23.08 49.60
C ASP H 380 -65.64 24.16 49.74
N LYS H 381 -66.38 24.38 48.64
CA LYS H 381 -67.42 25.42 48.64
C LYS H 381 -68.62 25.01 49.49
N ASP H 382 -69.04 23.74 49.38
CA ASP H 382 -70.16 23.26 50.18
C ASP H 382 -69.81 23.19 51.65
N LEU H 383 -68.56 22.86 51.98
CA LEU H 383 -68.09 22.92 53.36
C LEU H 383 -68.13 24.35 53.89
N LYS H 384 -67.73 25.33 53.07
CA LYS H 384 -67.76 26.72 53.48
C LYS H 384 -69.19 27.20 53.70
N ILE H 385 -70.11 26.78 52.83
CA ILE H 385 -71.52 27.15 52.97
C ILE H 385 -72.11 26.51 54.23
N ARG H 386 -71.76 25.25 54.51
CA ARG H 386 -72.26 24.58 55.70
C ARG H 386 -71.70 25.20 56.99
N LEU H 387 -70.42 25.59 56.97
CA LEU H 387 -69.86 26.28 58.13
C LEU H 387 -70.47 27.66 58.32
N HIS H 388 -70.80 28.37 57.22
CA HIS H 388 -71.50 29.64 57.34
C HIS H 388 -72.90 29.45 57.91
N LEU H 389 -73.59 28.38 57.50
CA LEU H 389 -74.93 28.10 57.99
C LEU H 389 -74.92 27.76 59.48
N LEU H 390 -73.98 26.91 59.91
CA LEU H 390 -73.92 26.57 61.33
C LEU H 390 -73.36 27.72 62.16
N GLU H 391 -72.55 28.59 61.56
CA GLU H 391 -72.13 29.83 62.21
C GLU H 391 -73.30 30.75 62.46
N LYS H 392 -74.21 30.86 61.48
CA LYS H 392 -75.43 31.62 61.70
C LYS H 392 -76.39 30.91 62.66
N GLU H 393 -76.29 29.59 62.79
CA GLU H 393 -77.10 28.89 63.78
C GLU H 393 -76.64 29.19 65.20
N LEU H 394 -75.33 29.23 65.42
CA LEU H 394 -74.79 29.50 66.75
C LEU H 394 -74.71 31.01 66.95
N THR H 395 -75.64 31.55 67.73
CA THR H 395 -75.71 32.99 67.97
C THR H 395 -75.33 33.40 69.38
N ASP H 396 -75.23 32.46 70.32
CA ASP H 396 -74.94 32.81 71.70
C ASP H 396 -73.44 32.92 71.98
N HIS H 397 -72.58 32.61 71.02
CA HIS H 397 -71.14 32.67 71.25
C HIS H 397 -70.67 34.11 71.27
N LYS H 398 -69.89 34.46 72.29
CA LYS H 398 -69.35 35.81 72.45
C LYS H 398 -67.84 35.76 72.59
N PHE H 399 -67.17 36.81 72.11
CA PHE H 399 -65.73 36.96 72.23
C PHE H 399 -65.51 38.17 73.14
N VAL H 400 -64.98 37.94 74.33
CA VAL H 400 -64.70 39.03 75.25
C VAL H 400 -63.25 39.45 75.08
N ILE H 401 -63.06 40.72 74.71
CA ILE H 401 -61.74 41.27 74.45
C ILE H 401 -61.44 42.32 75.50
N LEU H 402 -60.34 42.15 76.23
CA LEU H 402 -59.98 43.20 77.16
C LEU H 402 -59.19 44.29 76.46
N GLY H 403 -59.14 45.45 77.11
CA GLY H 403 -58.20 46.48 76.70
C GLY H 403 -56.77 46.03 76.96
N ALA H 404 -55.88 46.38 76.05
CA ALA H 404 -54.50 45.96 76.15
C ALA H 404 -53.76 46.78 77.21
N ASN H 405 -52.49 46.42 77.40
CA ASN H 405 -51.55 47.09 78.30
C ASN H 405 -52.04 47.05 79.75
N LEU H 406 -52.24 45.82 80.24
CA LEU H 406 -52.69 45.59 81.61
C LEU H 406 -51.52 45.08 82.45
N PHE H 407 -51.24 45.76 83.56
CA PHE H 407 -50.04 45.52 84.35
C PHE H 407 -50.38 44.64 85.54
N LEU H 408 -49.77 43.45 85.60
CA LEU H 408 -50.08 42.50 86.66
C LEU H 408 -49.51 42.91 88.01
N ASP H 409 -48.57 43.87 88.05
CA ASP H 409 -47.94 44.26 89.30
C ASP H 409 -48.72 45.35 90.04
N ASP H 410 -49.61 46.05 89.36
CA ASP H 410 -50.36 47.13 89.99
C ASP H 410 -51.58 46.55 90.70
N LEU H 411 -51.83 47.04 91.92
CA LEU H 411 -52.91 46.51 92.73
C LEU H 411 -54.28 47.00 92.28
N LYS H 412 -54.36 48.24 91.77
CA LYS H 412 -55.63 48.73 91.24
C LYS H 412 -56.05 47.97 89.99
N ILE H 413 -55.08 47.62 89.14
CA ILE H 413 -55.36 46.79 87.97
C ILE H 413 -55.81 45.40 88.42
N MET H 414 -55.20 44.89 89.49
CA MET H 414 -55.58 43.59 90.05
C MET H 414 -57.03 43.60 90.55
N THR H 415 -57.42 44.66 91.27
CA THR H 415 -58.78 44.79 91.78
C THR H 415 -59.79 44.94 90.64
N ALA H 416 -59.46 45.76 89.65
CA ALA H 416 -60.35 45.96 88.50
C ALA H 416 -60.50 44.68 87.69
N LEU H 417 -59.41 43.92 87.54
CA LEU H 417 -59.47 42.63 86.85
C LEU H 417 -60.33 41.64 87.62
N SER H 418 -60.24 41.67 88.96
CA SER H 418 -61.09 40.81 89.77
C SER H 418 -62.57 41.14 89.60
N LYS H 419 -62.91 42.43 89.58
CA LYS H 419 -64.31 42.83 89.38
C LYS H 419 -64.82 42.44 87.99
N ILE H 420 -64.01 42.67 86.94
CA ILE H 420 -64.52 42.38 85.60
C ILE H 420 -64.53 40.87 85.36
N LEU H 421 -63.66 40.11 86.03
CA LEU H 421 -63.73 38.67 85.92
C LEU H 421 -64.89 38.10 86.72
N GLN H 422 -65.32 38.78 87.79
CA GLN H 422 -66.56 38.38 88.45
C GLN H 422 -67.76 38.64 87.56
N LYS H 423 -67.76 39.77 86.84
CA LYS H 423 -68.82 40.06 85.87
C LYS H 423 -68.82 39.05 84.73
N LEU H 424 -67.65 38.55 84.34
CA LEU H 424 -67.59 37.45 83.38
C LEU H 424 -67.88 36.10 84.02
N ASN H 425 -67.79 35.99 85.34
CA ASN H 425 -68.20 34.79 86.04
C ASN H 425 -69.72 34.70 86.18
N ASP H 426 -70.41 35.82 86.01
CA ASP H 426 -71.86 35.78 85.87
C ASP H 426 -72.26 34.98 84.63
N ASP H 427 -71.57 35.20 83.51
CA ASP H 427 -71.84 34.45 82.28
C ASP H 427 -70.54 34.20 81.53
N PRO H 428 -70.07 32.96 81.48
CA PRO H 428 -68.78 32.67 80.83
C PRO H 428 -68.89 32.76 79.31
N PRO H 429 -67.93 33.42 78.66
CA PRO H 429 -67.97 33.53 77.20
C PRO H 429 -67.34 32.32 76.50
N THR H 430 -67.20 32.41 75.17
CA THR H 430 -66.54 31.37 74.42
C THR H 430 -65.02 31.47 74.56
N LEU H 431 -64.45 32.58 74.11
CA LEU H 431 -63.03 32.88 74.27
C LEU H 431 -62.83 34.16 75.06
N LEU H 432 -61.78 34.17 75.87
CA LEU H 432 -61.34 35.33 76.63
C LEU H 432 -59.90 35.60 76.22
N ILE H 433 -59.72 36.43 75.20
CA ILE H 433 -58.39 36.73 74.69
C ILE H 433 -57.75 37.76 75.62
N TRP H 434 -56.68 37.35 76.29
CA TRP H 434 -55.99 38.20 77.25
C TRP H 434 -54.70 38.68 76.60
N GLN H 435 -54.38 39.95 76.77
CA GLN H 435 -53.27 40.51 76.00
C GLN H 435 -52.68 41.71 76.72
N GLY H 436 -51.71 42.33 76.07
CA GLY H 436 -51.07 43.52 76.59
C GLY H 436 -49.75 43.23 77.26
N SER H 437 -49.07 44.31 77.62
CA SER H 437 -47.80 44.23 78.33
C SER H 437 -48.07 43.83 79.77
N PHE H 438 -47.78 42.58 80.11
CA PHE H 438 -48.22 42.01 81.38
C PHE H 438 -47.49 42.61 82.58
N THR H 439 -46.30 43.16 82.38
CA THR H 439 -45.58 43.85 83.42
C THR H 439 -45.28 45.28 82.99
N SER H 440 -45.25 46.18 83.96
CA SER H 440 -45.04 47.60 83.65
C SER H 440 -43.60 47.87 83.24
N VAL H 441 -42.65 47.31 83.96
CA VAL H 441 -41.24 47.51 83.66
C VAL H 441 -40.76 46.40 82.73
N PRO H 442 -39.83 46.66 81.83
CA PRO H 442 -39.21 45.57 81.06
C PRO H 442 -38.40 44.66 81.96
N VAL H 443 -38.35 43.38 81.59
CA VAL H 443 -37.62 42.39 82.37
C VAL H 443 -36.20 42.33 81.85
N PHE H 444 -35.25 42.74 82.68
CA PHE H 444 -33.85 42.83 82.29
C PHE H 444 -32.98 42.08 83.29
N ALA H 445 -31.75 41.80 82.88
CA ALA H 445 -30.78 41.16 83.74
C ALA H 445 -30.24 42.15 84.76
N SER H 446 -30.88 42.23 85.93
CA SER H 446 -30.52 43.21 86.93
C SER H 446 -29.24 42.81 87.66
N MET H 447 -28.77 43.70 88.53
CA MET H 447 -27.64 43.46 89.39
C MET H 447 -28.01 43.65 90.86
N SER H 448 -29.11 43.05 91.28
CA SER H 448 -29.55 43.00 92.67
C SER H 448 -29.81 41.54 93.02
N SER H 449 -28.76 40.83 93.45
CA SER H 449 -28.89 39.40 93.73
C SER H 449 -29.63 39.12 95.03
N ARG H 450 -29.61 40.06 95.98
CA ARG H 450 -30.37 39.91 97.20
C ARG H 450 -31.87 39.91 96.96
N ASN H 451 -32.35 40.83 96.11
CA ASN H 451 -33.77 40.89 95.80
C ASN H 451 -34.16 39.77 94.86
N ILE H 452 -35.46 39.50 94.78
CA ILE H 452 -35.97 38.58 93.76
C ILE H 452 -35.80 39.22 92.40
N SER H 453 -35.49 38.40 91.39
CA SER H 453 -35.20 38.90 90.06
C SER H 453 -36.49 39.39 89.39
N SER H 454 -36.31 40.12 88.29
CA SER H 454 -37.47 40.64 87.55
C SER H 454 -38.23 39.51 86.87
N SER H 455 -37.52 38.48 86.41
CA SER H 455 -38.19 37.29 85.90
C SER H 455 -38.89 36.52 87.03
N THR H 456 -38.30 36.53 88.23
CA THR H 456 -38.97 35.95 89.39
C THR H 456 -40.22 36.75 89.75
N GLN H 457 -40.16 38.09 89.58
CA GLN H 457 -41.33 38.93 89.75
C GLN H 457 -42.41 38.59 88.73
N PHE H 458 -42.00 38.32 87.48
CA PHE H 458 -42.92 37.88 86.42
C PHE H 458 -43.59 36.56 86.78
N LYS H 459 -42.81 35.61 87.28
CA LYS H 459 -43.34 34.30 87.68
C LYS H 459 -44.29 34.41 88.87
N ASN H 460 -43.95 35.26 89.84
CA ASN H 460 -44.83 35.48 90.99
C ASN H 460 -46.12 36.18 90.58
N ASN H 461 -46.05 37.08 89.60
CA ASN H 461 -47.24 37.75 89.11
C ASN H 461 -48.15 36.78 88.37
N PHE H 462 -47.58 35.87 87.58
CA PHE H 462 -48.40 34.83 86.97
C PHE H 462 -48.98 33.86 87.99
N ASP H 463 -48.24 33.58 89.08
CA ASP H 463 -48.79 32.74 90.14
C ASP H 463 -49.93 33.42 90.87
N ALA H 464 -49.84 34.74 91.08
CA ALA H 464 -50.94 35.49 91.66
C ALA H 464 -52.14 35.56 90.71
N LEU H 465 -51.88 35.63 89.41
CA LEU H 465 -52.96 35.56 88.42
C LEU H 465 -53.65 34.20 88.46
N ALA H 466 -52.88 33.12 88.61
CA ALA H 466 -53.47 31.80 88.75
C ALA H 466 -54.24 31.65 90.05
N THR H 467 -53.76 32.30 91.11
CA THR H 467 -54.49 32.30 92.38
C THR H 467 -55.81 33.04 92.27
N LEU H 468 -55.86 34.14 91.50
CA LEU H 468 -57.14 34.81 91.29
C LEU H 468 -58.05 33.97 90.38
N LEU H 469 -57.48 33.31 89.37
CA LEU H 469 -58.27 32.48 88.47
C LEU H 469 -58.79 31.21 89.14
N SER H 470 -58.17 30.79 90.24
CA SER H 470 -58.69 29.66 91.00
C SER H 470 -60.02 29.97 91.69
N ARG H 471 -60.33 31.25 91.90
CA ARG H 471 -61.58 31.62 92.56
C ARG H 471 -62.80 31.49 91.66
N PHE H 472 -62.61 31.43 90.35
CA PHE H 472 -63.72 31.49 89.39
C PHE H 472 -63.74 30.18 88.61
N ASP H 473 -64.71 29.31 88.92
CA ASP H 473 -64.78 28.01 88.29
C ASP H 473 -65.35 28.05 86.89
N ASN H 474 -66.23 29.02 86.60
CA ASN H 474 -66.91 29.04 85.31
C ASN H 474 -65.97 29.40 84.16
N LEU H 475 -65.03 30.31 84.40
CA LEU H 475 -64.07 30.66 83.35
C LEU H 475 -63.08 29.54 83.09
N THR H 476 -62.60 28.88 84.14
CA THR H 476 -61.69 27.76 83.94
C THR H 476 -62.39 26.49 83.51
N GLU H 477 -63.71 26.45 83.52
CA GLU H 477 -64.44 25.27 83.07
C GLU H 477 -65.01 25.42 81.66
N ASN H 478 -65.57 26.59 81.33
CA ASN H 478 -66.34 26.73 80.10
C ASN H 478 -65.71 27.62 79.06
N THR H 479 -64.69 28.41 79.41
CA THR H 479 -64.15 29.43 78.51
C THR H 479 -62.67 29.18 78.28
N THR H 480 -62.30 28.93 77.03
CA THR H 480 -60.88 28.89 76.68
C THR H 480 -60.32 30.30 76.61
N MET H 481 -59.02 30.44 76.90
CA MET H 481 -58.38 31.73 76.87
C MET H 481 -57.17 31.71 75.93
N ILE H 482 -56.94 32.87 75.30
CA ILE H 482 -55.87 33.06 74.34
C ILE H 482 -54.97 34.16 74.90
N PHE H 483 -53.67 33.92 74.91
CA PHE H 483 -52.72 34.87 75.48
C PHE H 483 -51.85 35.43 74.37
N ILE H 484 -51.93 36.74 74.18
CA ILE H 484 -51.16 37.48 73.17
C ILE H 484 -50.07 38.25 73.89
N PRO H 485 -48.82 38.19 73.43
CA PRO H 485 -47.78 38.96 74.10
C PRO H 485 -47.89 40.43 73.79
N GLY H 486 -47.49 41.25 74.76
CA GLY H 486 -47.41 42.68 74.56
C GLY H 486 -46.01 43.06 74.09
N PRO H 487 -45.78 44.35 73.88
CA PRO H 487 -44.43 44.79 73.49
C PRO H 487 -43.41 44.67 74.62
N ASN H 488 -43.87 44.59 75.86
CA ASN H 488 -42.99 44.64 77.02
C ASN H 488 -42.90 43.31 77.77
N ASP H 489 -43.24 42.19 77.14
CA ASP H 489 -43.23 40.93 77.87
C ASP H 489 -41.82 40.37 78.01
N LEU H 490 -41.75 39.22 78.68
CA LEU H 490 -40.48 38.62 79.07
C LEU H 490 -39.67 38.16 77.86
N TRP H 491 -40.32 37.52 76.91
CA TRP H 491 -39.57 36.67 75.97
C TRP H 491 -38.93 37.51 74.88
N GLY H 492 -39.67 38.50 74.35
CA GLY H 492 -39.14 39.29 73.25
C GLY H 492 -38.25 40.42 73.71
N SER H 493 -38.67 41.15 74.76
CA SER H 493 -37.95 42.33 75.19
C SER H 493 -36.84 42.04 76.19
N MET H 494 -36.30 40.82 76.18
CA MET H 494 -35.15 40.50 77.01
C MET H 494 -33.91 41.28 76.58
N VAL H 495 -33.72 41.42 75.27
CA VAL H 495 -32.61 42.20 74.73
C VAL H 495 -33.08 43.53 74.16
N SER H 496 -34.32 43.65 73.73
CA SER H 496 -34.87 44.91 73.25
C SER H 496 -35.13 45.90 74.38
N LEU H 497 -35.28 45.40 75.61
CA LEU H 497 -35.46 46.19 76.84
C LEU H 497 -36.68 47.10 76.76
N GLY H 498 -37.79 46.53 76.32
CA GLY H 498 -39.04 47.25 76.21
C GLY H 498 -39.25 47.96 74.90
N ALA H 499 -38.24 48.04 74.04
CA ALA H 499 -38.36 48.78 72.81
C ALA H 499 -39.02 47.92 71.73
N SER H 500 -39.08 48.48 70.53
CA SER H 500 -39.49 47.71 69.36
C SER H 500 -38.45 46.64 69.07
N GLY H 501 -38.92 45.42 68.81
CA GLY H 501 -38.02 44.33 68.51
C GLY H 501 -38.36 43.65 67.21
N THR H 502 -38.10 42.35 67.12
CA THR H 502 -38.57 41.58 65.97
C THR H 502 -40.09 41.51 66.00
N LEU H 503 -40.69 41.73 64.83
CA LEU H 503 -42.15 41.81 64.74
C LEU H 503 -42.89 40.51 65.07
N PRO H 504 -42.50 39.30 64.57
CA PRO H 504 -43.25 38.13 65.09
C PRO H 504 -42.80 37.75 66.50
N GLN H 505 -43.37 38.44 67.49
CA GLN H 505 -43.02 38.19 68.88
C GLN H 505 -43.57 36.84 69.33
N ASP H 506 -42.69 35.99 69.84
CA ASP H 506 -43.03 34.63 70.20
C ASP H 506 -43.88 34.62 71.47
N PRO H 507 -44.61 33.53 71.73
CA PRO H 507 -45.39 33.46 72.97
C PRO H 507 -44.55 33.45 74.23
N ILE H 508 -45.22 33.74 75.33
CA ILE H 508 -44.66 33.73 76.69
C ILE H 508 -44.16 32.32 77.01
N PRO H 509 -42.97 32.17 77.62
CA PRO H 509 -42.42 30.83 77.84
C PRO H 509 -43.27 29.97 78.77
N SER H 510 -43.30 28.67 78.47
CA SER H 510 -44.17 27.75 79.18
C SER H 510 -43.66 27.47 80.59
N ALA H 511 -42.34 27.58 80.79
CA ALA H 511 -41.77 27.27 82.11
C ALA H 511 -42.08 28.37 83.11
N PHE H 512 -42.42 29.56 82.63
CA PHE H 512 -42.67 30.70 83.50
C PHE H 512 -44.11 30.83 83.94
N THR H 513 -45.00 29.93 83.45
CA THR H 513 -46.42 30.12 83.71
C THR H 513 -47.16 28.81 83.92
N LYS H 514 -46.46 27.78 84.41
CA LYS H 514 -46.98 26.41 84.46
C LYS H 514 -48.23 26.29 85.33
N LYS H 515 -48.31 27.12 86.39
CA LYS H 515 -49.47 27.09 87.28
C LYS H 515 -50.75 27.52 86.57
N ILE H 516 -50.64 28.43 85.59
CA ILE H 516 -51.80 28.77 84.76
C ILE H 516 -52.27 27.54 83.99
N ASN H 517 -51.33 26.74 83.50
CA ASN H 517 -51.69 25.49 82.84
C ASN H 517 -52.24 24.45 83.82
N LYS H 518 -52.03 24.64 85.12
CA LYS H 518 -52.69 23.80 86.11
C LYS H 518 -54.04 24.35 86.54
N VAL H 519 -54.42 25.53 86.07
CA VAL H 519 -55.71 26.11 86.42
C VAL H 519 -56.69 26.02 85.26
N CYS H 520 -56.30 26.52 84.10
CA CYS H 520 -57.22 26.57 82.97
C CYS H 520 -57.35 25.20 82.30
N LYS H 521 -58.56 24.89 81.83
CA LYS H 521 -58.78 23.64 81.13
C LYS H 521 -58.18 23.66 79.74
N ASN H 522 -58.28 24.79 79.04
CA ASN H 522 -57.74 24.92 77.68
C ASN H 522 -57.27 26.37 77.51
N VAL H 523 -55.96 26.58 77.58
CA VAL H 523 -55.36 27.89 77.43
C VAL H 523 -54.29 27.80 76.36
N VAL H 524 -54.29 28.75 75.42
CA VAL H 524 -53.32 28.77 74.33
C VAL H 524 -52.49 30.03 74.41
N TRP H 525 -51.18 29.86 74.52
CA TRP H 525 -50.22 30.95 74.54
C TRP H 525 -49.70 31.13 73.11
N SER H 526 -50.15 32.18 72.43
CA SER H 526 -49.85 32.33 71.03
C SER H 526 -48.86 33.46 70.81
N SER H 527 -48.43 33.62 69.56
CA SER H 527 -47.53 34.68 69.17
C SER H 527 -48.30 36.00 69.03
N ASN H 528 -47.55 37.08 68.82
CA ASN H 528 -48.14 38.42 68.70
C ASN H 528 -49.01 38.56 67.46
N PRO H 529 -48.62 38.10 66.24
CA PRO H 529 -49.68 37.89 65.22
C PRO H 529 -50.31 36.52 65.36
N THR H 530 -51.58 36.48 65.75
CA THR H 530 -52.25 35.22 66.06
C THR H 530 -53.41 35.02 65.09
N ARG H 531 -53.42 33.90 64.38
CA ARG H 531 -54.45 33.61 63.40
C ARG H 531 -55.33 32.50 63.97
N ILE H 532 -56.49 32.86 64.51
CA ILE H 532 -57.42 31.88 65.03
C ILE H 532 -58.55 31.66 64.03
N ALA H 533 -58.84 30.40 63.76
CA ALA H 533 -59.91 30.02 62.84
C ALA H 533 -61.10 29.57 63.67
N TYR H 534 -62.14 30.38 63.67
CA TYR H 534 -63.39 30.08 64.35
C TYR H 534 -64.42 29.80 63.26
N LEU H 535 -64.63 28.51 62.98
CA LEU H 535 -65.58 27.99 62.00
C LEU H 535 -65.19 28.52 60.63
N SER H 536 -66.04 29.28 59.94
CA SER H 536 -65.71 29.85 58.65
C SER H 536 -65.04 31.21 58.75
N GLN H 537 -64.75 31.66 59.97
CA GLN H 537 -64.17 32.98 60.21
C GLN H 537 -62.67 32.85 60.47
N GLU H 538 -61.91 33.73 59.83
CA GLU H 538 -60.48 33.86 60.08
C GLU H 538 -60.26 35.17 60.84
N ILE H 539 -59.67 35.08 62.03
CA ILE H 539 -59.49 36.23 62.91
C ILE H 539 -57.99 36.41 63.15
N VAL H 540 -57.52 37.64 63.02
CA VAL H 540 -56.11 37.99 63.23
C VAL H 540 -56.05 38.91 64.45
N ILE H 541 -55.23 38.53 65.42
CA ILE H 541 -55.03 39.32 66.63
C ILE H 541 -53.61 39.89 66.57
N PHE H 542 -53.49 41.19 66.79
CA PHE H 542 -52.21 41.88 66.69
C PHE H 542 -52.14 42.93 67.78
N ARG H 543 -51.01 42.98 68.49
CA ARG H 543 -50.78 43.95 69.55
C ARG H 543 -49.56 44.80 69.17
N ASP H 544 -49.82 46.05 68.81
CA ASP H 544 -48.75 46.95 68.40
C ASP H 544 -49.22 48.38 68.53
N ASP H 545 -48.28 49.27 68.89
CA ASP H 545 -48.58 50.70 68.99
C ASP H 545 -48.38 51.31 67.61
N LEU H 546 -49.42 51.16 66.78
CA LEU H 546 -49.31 51.52 65.37
C LEU H 546 -49.33 53.03 65.16
N SER H 547 -50.26 53.73 65.82
CA SER H 547 -50.55 55.11 65.46
C SER H 547 -49.44 56.06 65.85
N GLY H 548 -48.71 55.77 66.93
CA GLY H 548 -47.58 56.62 67.31
C GLY H 548 -46.45 56.57 66.30
N ARG H 549 -46.11 55.36 65.83
CA ARG H 549 -45.07 55.21 64.81
C ARG H 549 -45.53 55.76 63.47
N PHE H 550 -46.82 55.59 63.15
CA PHE H 550 -47.36 56.13 61.90
C PHE H 550 -47.35 57.65 61.90
N LYS H 551 -47.70 58.27 63.04
CA LYS H 551 -47.71 59.72 63.10
C LYS H 551 -46.30 60.30 63.19
N ARG H 552 -45.37 59.56 63.79
CA ARG H 552 -44.02 60.08 63.96
C ARG H 552 -43.24 60.11 62.66
N HIS H 553 -43.39 59.08 61.82
CA HIS H 553 -42.64 58.97 60.58
C HIS H 553 -43.51 59.19 59.35
N ARG H 554 -44.56 59.98 59.48
CA ARG H 554 -45.41 60.26 58.33
C ARG H 554 -44.71 61.21 57.37
N LEU H 555 -45.10 61.14 56.10
CA LEU H 555 -44.44 61.90 55.06
C LEU H 555 -44.94 63.33 55.05
N GLU H 556 -44.04 64.27 55.35
CA GLU H 556 -44.38 65.69 55.43
C GLU H 556 -44.19 66.34 54.06
N PHE H 557 -45.08 67.28 53.74
CA PHE H 557 -45.15 67.85 52.40
C PHE H 557 -45.16 69.37 52.48
N PRO H 558 -44.60 70.05 51.48
CA PRO H 558 -44.76 71.51 51.42
C PRO H 558 -46.17 71.92 51.00
N PHE H 559 -46.75 71.23 50.02
CA PHE H 559 -48.11 71.49 49.56
C PHE H 559 -48.99 70.43 50.19
N ASN H 560 -49.82 70.84 51.15
CA ASN H 560 -50.71 69.90 51.84
C ASN H 560 -51.93 70.62 52.38
N LEU H 592 -66.25 67.06 61.02
CA LEU H 592 -65.26 66.00 60.85
C LEU H 592 -64.46 65.81 62.14
N PRO H 593 -64.87 64.84 62.96
CA PRO H 593 -64.14 64.58 64.22
C PRO H 593 -62.76 64.00 63.95
N GLN H 594 -61.81 64.34 64.82
CA GLN H 594 -60.41 64.04 64.55
C GLN H 594 -60.09 62.57 64.79
N LYS H 595 -60.64 61.99 65.86
CA LYS H 595 -60.35 60.60 66.19
C LYS H 595 -60.94 59.66 65.15
N VAL H 596 -62.14 59.96 64.66
CA VAL H 596 -62.76 59.15 63.62
C VAL H 596 -61.99 59.26 62.31
N GLN H 597 -61.53 60.47 61.96
CA GLN H 597 -60.77 60.69 60.74
C GLN H 597 -59.45 59.92 60.77
N GLU H 598 -58.70 60.03 61.87
CA GLU H 598 -57.44 59.31 62.00
C GLU H 598 -57.67 57.80 62.06
N THR H 599 -58.80 57.37 62.61
CA THR H 599 -59.16 55.96 62.63
C THR H 599 -59.36 55.42 61.22
N ARG H 600 -60.14 56.14 60.39
CA ARG H 600 -60.35 55.72 59.01
C ARG H 600 -59.05 55.76 58.20
N LYS H 601 -58.19 56.75 58.47
CA LYS H 601 -56.90 56.81 57.78
C LYS H 601 -56.02 55.62 58.13
N LEU H 602 -55.98 55.24 59.41
CA LEU H 602 -55.18 54.10 59.85
C LEU H 602 -55.70 52.79 59.26
N VAL H 603 -57.02 52.57 59.33
CA VAL H 603 -57.58 51.30 58.85
C VAL H 603 -57.48 51.20 57.33
N LYS H 604 -57.63 52.33 56.62
CA LYS H 604 -57.55 52.30 55.17
C LYS H 604 -56.12 52.08 54.71
N THR H 605 -55.15 52.66 55.43
CA THR H 605 -53.74 52.43 55.11
C THR H 605 -53.36 50.96 55.33
N ILE H 606 -53.76 50.40 56.49
CA ILE H 606 -53.37 49.03 56.82
C ILE H 606 -54.04 48.02 55.88
N LEU H 607 -55.30 48.23 55.54
CA LEU H 607 -55.94 47.32 54.60
C LEU H 607 -55.49 47.52 53.15
N ASP H 608 -55.08 48.74 52.77
CA ASP H 608 -54.62 48.94 51.41
C ASP H 608 -53.20 48.39 51.20
N GLN H 609 -52.39 48.35 52.26
CA GLN H 609 -51.10 47.67 52.13
C GLN H 609 -51.27 46.16 51.99
N GLY H 610 -52.25 45.59 52.67
CA GLY H 610 -52.25 44.14 52.83
C GLY H 610 -51.10 43.66 53.69
N HIS H 611 -50.80 44.40 54.75
CA HIS H 611 -49.70 44.09 55.64
C HIS H 611 -50.03 44.65 57.02
N LEU H 612 -49.59 43.94 58.06
CA LEU H 612 -49.86 44.41 59.42
C LEU H 612 -49.04 45.65 59.75
N SER H 613 -47.74 45.61 59.45
CA SER H 613 -46.82 46.70 59.77
C SER H 613 -45.96 47.01 58.56
N PRO H 614 -46.39 47.94 57.70
CA PRO H 614 -45.66 48.22 56.46
C PRO H 614 -44.54 49.24 56.64
N PHE H 615 -43.66 48.97 57.60
CA PHE H 615 -42.50 49.81 57.84
C PHE H 615 -41.27 49.17 57.24
N LEU H 616 -40.21 49.96 57.13
CA LEU H 616 -38.93 49.45 56.67
C LEU H 616 -38.29 48.59 57.75
N ASP H 617 -37.27 47.85 57.35
CA ASP H 617 -36.57 46.96 58.29
C ASP H 617 -35.79 47.74 59.34
N SER H 618 -35.36 48.96 59.01
CA SER H 618 -34.70 49.80 60.00
C SER H 618 -35.69 50.29 61.05
N LEU H 619 -36.96 50.48 60.66
CA LEU H 619 -37.96 50.97 61.61
C LEU H 619 -38.41 49.87 62.56
N ARG H 620 -38.73 48.69 62.02
CA ARG H 620 -39.09 47.55 62.86
C ARG H 620 -38.73 46.27 62.14
N PRO H 621 -37.78 45.49 62.65
CA PRO H 621 -37.34 44.28 61.95
C PRO H 621 -38.40 43.19 61.99
N ILE H 622 -38.34 42.33 60.98
CA ILE H 622 -39.20 41.16 60.86
C ILE H 622 -38.29 39.95 60.69
N SER H 623 -38.54 38.90 61.47
CA SER H 623 -37.80 37.66 61.29
C SER H 623 -38.15 37.06 59.94
N TRP H 624 -37.12 36.55 59.25
CA TRP H 624 -37.17 36.38 57.80
C TRP H 624 -38.05 35.22 57.38
N ASP H 625 -37.94 34.08 58.08
CA ASP H 625 -38.66 32.87 57.69
C ASP H 625 -40.17 33.02 57.87
N LEU H 626 -40.60 33.84 58.83
CA LEU H 626 -42.01 34.03 59.13
C LEU H 626 -42.39 35.49 58.91
N ASP H 627 -42.68 35.80 57.64
CA ASP H 627 -43.24 37.06 57.21
C ASP H 627 -44.62 36.89 56.58
N HIS H 628 -44.96 35.69 56.13
CA HIS H 628 -46.25 35.41 55.52
C HIS H 628 -47.40 35.56 56.52
N THR H 629 -47.12 35.37 57.81
CA THR H 629 -48.11 35.66 58.84
C THR H 629 -48.42 37.14 58.90
N LEU H 630 -47.39 37.97 58.85
CA LEU H 630 -47.55 39.41 58.84
C LEU H 630 -48.01 39.93 57.49
N THR H 631 -47.81 39.17 56.41
CA THR H 631 -48.35 39.53 55.12
C THR H 631 -49.84 39.22 55.11
N LEU H 632 -50.65 40.19 54.75
CA LEU H 632 -52.10 40.09 54.82
C LEU H 632 -52.68 40.13 53.41
N CYS H 633 -52.07 39.36 52.50
CA CYS H 633 -52.63 39.18 51.17
C CYS H 633 -54.02 38.52 51.19
N PRO H 634 -54.32 37.49 52.02
CA PRO H 634 -55.73 37.22 52.32
C PRO H 634 -56.22 38.15 53.42
N ILE H 635 -57.09 39.08 53.05
CA ILE H 635 -57.67 40.01 54.02
C ILE H 635 -58.65 39.24 54.90
N PRO H 636 -58.47 39.26 56.22
CA PRO H 636 -59.38 38.52 57.09
C PRO H 636 -60.73 39.22 57.21
N SER H 637 -61.74 38.43 57.59
CA SER H 637 -63.08 38.98 57.76
C SER H 637 -63.15 39.92 58.96
N THR H 638 -62.41 39.61 60.02
CA THR H 638 -62.40 40.43 61.23
C THR H 638 -61.02 40.31 61.87
N MET H 639 -60.32 41.42 62.03
CA MET H 639 -59.09 41.41 62.80
C MET H 639 -59.16 42.47 63.89
N VAL H 640 -58.37 42.26 64.95
CA VAL H 640 -58.35 43.16 66.09
C VAL H 640 -56.94 43.73 66.21
N LEU H 641 -56.74 44.94 65.71
CA LEU H 641 -55.54 45.70 66.00
C LEU H 641 -55.66 46.28 67.40
N CYS H 642 -54.61 46.15 68.20
CA CYS H 642 -54.63 46.58 69.60
C CYS H 642 -53.59 47.66 69.78
N ASP H 643 -54.04 48.92 69.74
CA ASP H 643 -53.16 50.09 69.69
C ASP H 643 -53.53 50.99 70.86
N THR H 644 -52.69 51.00 71.88
CA THR H 644 -52.92 51.83 73.06
C THR H 644 -52.70 53.32 72.79
N THR H 645 -51.96 53.66 71.74
CA THR H 645 -51.76 55.05 71.37
C THR H 645 -52.96 55.63 70.62
N SER H 646 -53.91 54.80 70.21
CA SER H 646 -55.12 55.23 69.55
C SER H 646 -56.32 54.92 70.43
N ALA H 647 -57.43 55.61 70.16
CA ALA H 647 -58.65 55.41 70.92
C ALA H 647 -59.34 54.12 70.49
N GLN H 648 -60.38 53.74 71.24
CA GLN H 648 -61.17 52.57 70.87
C GLN H 648 -62.00 52.88 69.62
N PHE H 649 -62.09 51.90 68.71
CA PHE H 649 -62.93 52.08 67.54
C PHE H 649 -63.40 50.73 67.02
N ASP H 650 -64.34 50.80 66.08
CA ASP H 650 -64.92 49.63 65.41
C ASP H 650 -65.30 50.14 64.03
N LEU H 651 -64.64 49.64 62.99
CA LEU H 651 -65.11 49.94 61.64
C LEU H 651 -65.05 48.70 60.77
N THR H 652 -65.80 48.75 59.69
CA THR H 652 -65.69 47.79 58.59
C THR H 652 -65.22 48.53 57.34
N TYR H 653 -64.37 47.88 56.58
CA TYR H 653 -63.84 48.41 55.34
C TYR H 653 -63.41 47.25 54.47
N ASN H 654 -63.87 47.25 53.21
CA ASN H 654 -63.49 46.29 52.18
C ASN H 654 -63.82 44.85 52.58
N GLY H 655 -64.92 44.67 53.30
CA GLY H 655 -65.28 43.35 53.79
C GLY H 655 -64.49 42.87 54.98
N CYS H 656 -63.83 43.79 55.69
CA CYS H 656 -63.05 43.43 56.88
C CYS H 656 -63.52 44.26 58.07
N LYS H 657 -63.41 43.66 59.26
CA LYS H 657 -63.77 44.33 60.51
C LYS H 657 -62.49 44.58 61.31
N VAL H 658 -62.25 45.84 61.66
CA VAL H 658 -61.10 46.21 62.46
C VAL H 658 -61.59 46.91 63.72
N ILE H 659 -61.23 46.35 64.88
CA ILE H 659 -61.72 46.79 66.18
C ILE H 659 -60.50 47.04 67.05
N ASN H 660 -60.62 48.01 67.99
CA ASN H 660 -59.45 48.40 68.79
C ASN H 660 -59.85 48.91 70.18
N PRO H 661 -59.37 48.26 71.26
CA PRO H 661 -59.71 48.73 72.62
C PRO H 661 -58.75 49.75 73.21
N GLY H 662 -57.51 49.79 72.73
CA GLY H 662 -56.52 50.67 73.32
C GLY H 662 -56.02 50.16 74.66
N SER H 663 -55.77 51.11 75.57
CA SER H 663 -55.27 50.78 76.89
C SER H 663 -56.37 50.14 77.75
N PHE H 664 -55.93 49.48 78.83
CA PHE H 664 -56.89 48.83 79.72
C PHE H 664 -57.59 49.86 80.61
N ILE H 665 -56.87 50.88 81.05
CA ILE H 665 -57.43 51.93 81.89
C ILE H 665 -57.51 53.24 81.12
N HIS H 666 -58.66 53.90 81.22
CA HIS H 666 -58.86 55.22 80.61
C HIS H 666 -59.77 55.99 81.57
N ASN H 667 -59.15 56.80 82.43
CA ASN H 667 -59.80 57.64 83.43
C ASN H 667 -60.68 56.82 84.38
N ARG H 668 -59.97 55.98 85.16
CA ARG H 668 -60.54 55.13 86.21
C ARG H 668 -61.59 54.16 85.68
N ARG H 669 -61.42 53.65 84.47
CA ARG H 669 -62.39 52.75 83.86
C ARG H 669 -61.66 51.62 83.16
N ALA H 670 -62.19 50.40 83.28
CA ALA H 670 -61.67 49.24 82.58
C ALA H 670 -62.58 48.92 81.40
N ARG H 671 -62.01 48.86 80.21
CA ARG H 671 -62.77 48.80 78.98
C ARG H 671 -62.65 47.41 78.37
N TYR H 672 -63.79 46.83 77.97
CA TYR H 672 -63.77 45.53 77.33
C TYR H 672 -64.88 45.46 76.29
N MET H 673 -64.84 44.39 75.51
CA MET H 673 -65.68 44.22 74.33
C MET H 673 -66.37 42.86 74.35
N GLU H 674 -67.60 42.84 73.84
CA GLU H 674 -68.34 41.61 73.59
C GLU H 674 -68.64 41.56 72.10
N TYR H 675 -67.93 40.70 71.37
CA TYR H 675 -68.06 40.59 69.92
C TYR H 675 -68.71 39.26 69.58
N VAL H 676 -69.90 39.33 69.00
CA VAL H 676 -70.60 38.15 68.48
C VAL H 676 -70.28 38.01 66.99
N PRO H 677 -69.92 36.82 66.52
CA PRO H 677 -69.54 36.66 65.10
C PRO H 677 -70.72 36.32 64.20
N SER H 678 -71.83 35.90 64.79
CA SER H 678 -72.98 35.46 64.00
C SER H 678 -73.64 36.65 63.31
N SER H 679 -73.91 37.72 64.04
CA SER H 679 -74.40 38.96 63.46
C SER H 679 -73.29 39.96 63.23
N LYS H 680 -72.03 39.60 63.54
CA LYS H 680 -70.83 40.41 63.35
C LYS H 680 -70.93 41.75 64.08
N LYS H 681 -71.23 41.68 65.38
CA LYS H 681 -71.57 42.88 66.14
C LYS H 681 -70.77 42.94 67.43
N THR H 682 -70.27 44.13 67.75
CA THR H 682 -69.45 44.35 68.93
C THR H 682 -70.11 45.37 69.84
N ILE H 683 -70.25 45.03 71.11
CA ILE H 683 -70.72 45.96 72.14
C ILE H 683 -69.54 46.38 73.00
N GLN H 684 -69.33 47.69 73.10
CA GLN H 684 -68.25 48.27 73.89
C GLN H 684 -68.79 48.53 75.30
N GLU H 685 -68.21 47.89 76.30
CA GLU H 685 -68.67 48.05 77.67
C GLU H 685 -67.52 48.51 78.55
N GLU H 686 -67.75 49.56 79.33
CA GLU H 686 -66.77 50.06 80.28
C GLU H 686 -67.25 49.78 81.69
N ILE H 687 -66.30 49.62 82.60
CA ILE H 687 -66.56 49.35 84.01
C ILE H 687 -65.91 50.46 84.82
N TYR H 688 -66.72 51.18 85.59
CA TYR H 688 -66.20 52.22 86.46
C TYR H 688 -65.47 51.56 87.62
N ILE H 689 -64.15 51.77 87.68
CA ILE H 689 -63.31 51.11 88.66
C ILE H 689 -63.50 51.74 90.04
N MET I 1 -54.55 39.79 11.43
CA MET I 1 -54.84 41.22 11.45
C MET I 1 -55.03 41.59 12.93
N TYR I 2 -56.29 41.66 13.41
CA TYR I 2 -56.50 41.70 14.85
C TYR I 2 -56.32 40.33 15.48
N GLY I 3 -56.72 39.27 14.76
CA GLY I 3 -56.71 37.93 15.31
C GLY I 3 -55.36 37.23 15.29
N ASP I 4 -54.28 37.98 15.04
CA ASP I 4 -52.95 37.36 14.97
C ASP I 4 -52.46 36.90 16.32
N LEU I 5 -52.92 37.55 17.40
CA LEU I 5 -52.55 37.12 18.76
C LEU I 5 -53.16 35.76 19.08
N GLY I 6 -54.39 35.53 18.63
CA GLY I 6 -54.97 34.21 18.72
C GLY I 6 -54.20 33.18 17.91
N ASN I 7 -53.67 33.60 16.76
CA ASN I 7 -52.82 32.72 15.96
C ASN I 7 -51.52 32.39 16.69
N LYS I 8 -50.97 33.36 17.42
CA LYS I 8 -49.79 33.09 18.26
C LYS I 8 -50.11 32.09 19.35
N LEU I 9 -51.30 32.20 19.96
CA LEU I 9 -51.73 31.22 20.95
C LEU I 9 -51.87 29.82 20.34
N VAL I 10 -52.42 29.75 19.13
CA VAL I 10 -52.59 28.48 18.44
C VAL I 10 -51.22 27.91 18.00
N LEU I 11 -50.20 28.75 17.87
CA LEU I 11 -48.84 28.24 17.64
C LEU I 11 -48.33 27.41 18.82
N GLU I 12 -48.53 27.87 20.06
CA GLU I 12 -48.14 27.02 21.18
C GLU I 12 -49.12 25.88 21.39
N ALA I 13 -50.35 25.99 20.88
CA ALA I 13 -51.23 24.83 20.83
C ALA I 13 -50.66 23.73 19.92
N LYS I 14 -50.15 24.12 18.76
CA LYS I 14 -49.47 23.16 17.88
C LYS I 14 -48.20 22.63 18.53
N ARG I 15 -47.50 23.49 19.28
CA ARG I 15 -46.29 23.07 19.98
C ARG I 15 -46.59 22.03 21.07
N THR I 16 -47.68 22.21 21.82
CA THR I 16 -47.98 21.20 22.83
C THR I 16 -48.61 19.94 22.24
N LYS I 17 -49.26 20.02 21.07
CA LYS I 17 -49.59 18.78 20.37
C LYS I 17 -48.34 18.02 19.92
N GLN I 18 -47.34 18.73 19.40
CA GLN I 18 -46.09 18.07 19.05
C GLN I 18 -45.33 17.59 20.27
N LEU I 19 -45.53 18.22 21.43
CA LEU I 19 -44.97 17.70 22.68
C LEU I 19 -45.66 16.41 23.10
N TYR I 20 -46.99 16.35 22.95
CA TYR I 20 -47.73 15.14 23.31
C TYR I 20 -47.44 13.99 22.34
N ALA I 21 -47.19 14.30 21.06
CA ALA I 21 -46.97 13.26 20.07
C ALA I 21 -45.64 12.55 20.29
N ARG I 22 -44.63 13.25 20.81
CA ARG I 22 -43.32 12.66 21.01
C ARG I 22 -43.11 12.14 22.43
N SER I 23 -43.92 12.59 23.39
CA SER I 23 -43.85 12.10 24.76
C SER I 23 -44.96 11.07 24.95
N ASN I 24 -44.57 9.80 24.93
CA ASN I 24 -45.54 8.74 25.15
C ASN I 24 -46.01 8.71 26.61
N GLN I 25 -45.09 8.87 27.54
CA GLN I 25 -45.45 9.04 28.94
C GLN I 25 -45.97 10.45 29.17
N ASP I 26 -46.95 10.58 30.06
CA ASP I 26 -47.64 11.84 30.29
C ASP I 26 -46.72 12.79 31.05
N VAL I 27 -46.14 13.76 30.33
CA VAL I 27 -45.30 14.78 30.93
C VAL I 27 -46.18 15.84 31.58
N ASN I 28 -45.56 16.73 32.35
CA ASN I 28 -46.28 17.87 32.90
C ASN I 28 -46.70 18.81 31.77
N LEU I 29 -47.93 19.30 31.84
CA LEU I 29 -48.47 20.17 30.81
C LEU I 29 -47.76 21.53 30.85
N PRO I 30 -47.68 22.22 29.72
CA PRO I 30 -47.19 23.61 29.74
C PRO I 30 -48.14 24.52 30.51
N MET I 31 -47.56 25.62 31.00
CA MET I 31 -48.28 26.57 31.82
C MET I 31 -49.38 27.26 31.02
N TYR I 32 -50.50 27.54 31.69
CA TYR I 32 -51.67 28.12 31.05
C TYR I 32 -51.32 29.55 30.61
N HIS I 33 -51.51 29.85 29.33
CA HIS I 33 -51.14 31.15 28.78
C HIS I 33 -52.20 32.16 29.18
N GLU I 34 -52.01 32.76 30.37
CA GLU I 34 -52.98 33.72 30.90
C GLU I 34 -52.93 35.03 30.14
N ASP I 35 -51.73 35.49 29.77
CA ASP I 35 -51.55 36.83 29.21
C ASP I 35 -52.14 36.94 27.81
N ILE I 36 -52.01 35.88 27.00
CA ILE I 36 -52.52 35.93 25.63
C ILE I 36 -54.05 35.93 25.63
N ILE I 37 -54.67 35.12 26.47
CA ILE I 37 -56.13 35.14 26.58
C ILE I 37 -56.63 36.42 27.22
N ARG I 38 -55.84 37.04 28.11
CA ARG I 38 -56.20 38.36 28.62
C ARG I 38 -56.17 39.40 27.51
N ASN I 39 -55.17 39.31 26.61
CA ASN I 39 -55.12 40.18 25.44
C ASN I 39 -56.30 39.95 24.50
N ILE I 40 -56.68 38.69 24.29
CA ILE I 40 -57.82 38.37 23.43
C ILE I 40 -59.13 38.84 24.06
N LEU I 41 -59.23 38.76 25.38
CA LEU I 41 -60.43 39.27 26.06
C LEU I 41 -60.51 40.79 25.98
N LYS I 42 -59.36 41.47 26.06
CA LYS I 42 -59.35 42.91 25.83
C LYS I 42 -59.73 43.25 24.39
N GLU I 43 -59.27 42.41 23.45
CA GLU I 43 -59.64 42.56 22.04
C GLU I 43 -61.13 42.40 21.81
N VAL I 44 -61.75 41.40 22.45
CA VAL I 44 -63.17 41.17 22.23
C VAL I 44 -64.00 42.19 22.99
N SER I 45 -63.46 42.77 24.07
CA SER I 45 -64.11 43.91 24.70
C SER I 45 -64.08 45.13 23.80
N ASN I 46 -62.95 45.37 23.13
CA ASN I 46 -62.87 46.45 22.15
C ASN I 46 -63.79 46.21 20.96
N LEU I 47 -63.97 44.94 20.57
CA LEU I 47 -64.91 44.61 19.51
C LEU I 47 -66.36 44.82 19.94
N ARG I 48 -66.66 44.55 21.22
CA ARG I 48 -67.99 44.87 21.75
C ARG I 48 -68.24 46.37 21.74
N LYS I 49 -67.23 47.16 22.14
CA LYS I 49 -67.34 48.62 22.06
C LYS I 49 -67.52 49.09 20.63
N ASN I 50 -66.81 48.46 19.68
CA ASN I 50 -66.93 48.81 18.28
C ASN I 50 -68.32 48.49 17.73
N THR I 51 -68.86 47.32 18.06
CA THR I 51 -70.17 46.99 17.50
C THR I 51 -71.30 47.77 18.17
N GLU I 52 -71.15 48.16 19.45
CA GLU I 52 -72.14 49.06 20.03
C GLU I 52 -72.02 50.46 19.46
N TYR I 53 -70.80 50.91 19.15
CA TYR I 53 -70.61 52.21 18.50
C TYR I 53 -71.19 52.23 17.10
N LEU I 54 -71.04 51.13 16.34
CA LEU I 54 -71.65 51.10 15.02
C LEU I 54 -73.16 50.90 15.08
N LYS I 55 -73.68 50.25 16.13
CA LYS I 55 -75.13 50.21 16.30
C LYS I 55 -75.70 51.59 16.59
N GLU I 56 -75.06 52.36 17.46
CA GLU I 56 -75.57 53.70 17.74
C GLU I 56 -75.31 54.65 16.57
N GLN I 57 -74.27 54.40 15.77
CA GLN I 57 -74.06 55.18 14.55
C GLN I 57 -75.08 54.83 13.46
N GLN I 58 -75.51 53.58 13.40
CA GLN I 58 -76.61 53.21 12.50
C GLN I 58 -77.91 53.84 12.98
N GLN I 59 -78.09 53.99 14.30
CA GLN I 59 -79.21 54.75 14.81
C GLN I 59 -79.13 56.22 14.41
N LEU I 60 -77.94 56.81 14.48
CA LEU I 60 -77.74 58.14 13.91
C LEU I 60 -77.82 58.12 12.39
N GLY I 61 -77.26 57.08 11.76
CA GLY I 61 -77.41 56.87 10.33
C GLY I 61 -76.68 57.83 9.41
N MET I 62 -75.42 58.13 9.71
CA MET I 62 -74.58 58.91 8.82
C MET I 62 -73.54 58.00 8.17
N LEU I 63 -73.52 58.00 6.83
CA LEU I 63 -72.62 57.19 6.00
C LEU I 63 -72.72 55.70 6.33
N ASP I 64 -73.93 55.24 6.64
CA ASP I 64 -74.16 53.88 7.13
C ASP I 64 -75.19 53.14 6.28
N ASP I 65 -75.20 53.40 4.97
CA ASP I 65 -76.14 52.69 4.11
C ASP I 65 -75.64 51.30 3.76
N LYS I 66 -74.45 51.20 3.15
CA LYS I 66 -73.87 49.92 2.79
C LYS I 66 -72.55 49.63 3.47
N VAL I 67 -71.94 50.62 4.13
CA VAL I 67 -70.66 50.41 4.80
C VAL I 67 -70.85 49.59 6.08
N ALA I 68 -71.88 49.94 6.86
CA ALA I 68 -72.07 49.39 8.21
C ALA I 68 -72.25 47.89 8.20
N LYS I 69 -72.82 47.35 7.11
CA LYS I 69 -72.81 45.90 6.91
C LYS I 69 -71.39 45.37 6.78
N CYS I 70 -70.51 46.09 6.07
CA CYS I 70 -69.16 45.58 5.83
C CYS I 70 -68.32 45.54 7.10
N GLN I 71 -68.28 46.64 7.86
CA GLN I 71 -67.56 46.46 9.13
C GLN I 71 -68.34 45.68 10.20
N TYR I 72 -69.65 45.51 10.06
CA TYR I 72 -70.36 44.56 10.92
C TYR I 72 -69.88 43.14 10.67
N PHE I 73 -69.75 42.75 9.39
CA PHE I 73 -69.24 41.43 9.07
C PHE I 73 -67.78 41.27 9.44
N VAL I 74 -66.98 42.34 9.30
CA VAL I 74 -65.56 42.26 9.64
C VAL I 74 -65.37 42.06 11.15
N THR I 75 -66.12 42.81 11.96
CA THR I 75 -66.06 42.62 13.42
C THR I 75 -66.61 41.25 13.83
N LEU I 76 -67.67 40.78 13.17
CA LEU I 76 -68.24 39.47 13.49
C LEU I 76 -67.27 38.34 13.17
N LEU I 77 -66.58 38.43 12.03
CA LEU I 77 -65.57 37.43 11.70
C LEU I 77 -64.34 37.53 12.60
N CYS I 78 -64.01 38.73 13.08
CA CYS I 78 -62.89 38.84 14.03
C CYS I 78 -63.21 38.16 15.36
N MET I 79 -64.43 38.37 15.88
CA MET I 79 -64.84 37.67 17.11
C MET I 79 -64.96 36.16 16.86
N GLU I 80 -65.41 35.76 15.68
CA GLU I 80 -65.51 34.34 15.34
C GLU I 80 -64.13 33.69 15.28
N ARG I 81 -63.14 34.39 14.71
CA ARG I 81 -61.78 33.86 14.66
C ARG I 81 -61.16 33.77 16.05
N ASN I 82 -61.42 34.76 16.91
CA ASN I 82 -60.93 34.71 18.29
C ASN I 82 -61.57 33.54 19.05
N LYS I 83 -62.87 33.31 18.82
CA LYS I 83 -63.55 32.18 19.44
C LYS I 83 -63.00 30.85 18.93
N ARG I 84 -62.68 30.79 17.63
CA ARG I 84 -62.04 29.60 17.05
C ARG I 84 -60.71 29.29 17.70
N CYS I 85 -59.86 30.30 17.86
CA CYS I 85 -58.55 30.11 18.48
C CYS I 85 -58.67 29.68 19.93
N LEU I 86 -59.54 30.36 20.69
CA LEU I 86 -59.71 30.06 22.10
C LEU I 86 -60.29 28.67 22.32
N LEU I 87 -61.29 28.30 21.51
CA LEU I 87 -61.91 26.99 21.67
C LEU I 87 -60.99 25.87 21.20
N ALA I 88 -60.14 26.11 20.19
CA ALA I 88 -59.18 25.10 19.77
C ALA I 88 -58.15 24.82 20.86
N TYR I 89 -57.59 25.89 21.44
CA TYR I 89 -56.61 25.71 22.52
C TYR I 89 -57.25 25.08 23.77
N GLN I 90 -58.47 25.53 24.10
CA GLN I 90 -59.17 25.01 25.27
C GLN I 90 -59.55 23.55 25.10
N ARG I 91 -59.99 23.15 23.90
CA ARG I 91 -60.35 21.75 23.69
C ARG I 91 -59.13 20.86 23.59
N LEU I 92 -57.99 21.39 23.11
CA LEU I 92 -56.76 20.58 23.16
C LEU I 92 -56.31 20.33 24.59
N ARG I 93 -56.34 21.36 25.44
CA ARG I 93 -56.02 21.14 26.85
C ARG I 93 -57.05 20.25 27.53
N THR I 94 -58.32 20.35 27.12
CA THR I 94 -59.38 19.50 27.64
C THR I 94 -59.16 18.04 27.27
N ASP I 95 -58.77 17.78 26.02
CA ASP I 95 -58.55 16.40 25.58
C ASP I 95 -57.31 15.80 26.23
N ILE I 96 -56.25 16.59 26.40
CA ILE I 96 -55.07 16.02 27.05
C ILE I 96 -55.32 15.84 28.55
N LEU I 97 -56.18 16.67 29.16
CA LEU I 97 -56.56 16.44 30.55
C LEU I 97 -57.44 15.20 30.70
N ASP I 98 -58.30 14.95 29.71
CA ASP I 98 -59.11 13.73 29.71
C ASP I 98 -58.23 12.50 29.57
N SER I 99 -57.21 12.57 28.70
CA SER I 99 -56.27 11.47 28.56
C SER I 99 -55.45 11.25 29.83
N MET I 100 -55.06 12.34 30.50
CA MET I 100 -54.33 12.22 31.77
C MET I 100 -55.20 11.60 32.86
N ALA I 101 -56.49 11.97 32.89
CA ALA I 101 -57.40 11.38 33.87
C ALA I 101 -57.67 9.91 33.57
N TRP I 102 -57.79 9.54 32.29
CA TRP I 102 -58.07 8.15 31.95
C TRP I 102 -56.85 7.26 32.17
N ASN I 103 -55.65 7.79 31.94
CA ASN I 103 -54.46 6.95 31.94
C ASN I 103 -53.98 6.63 33.36
N ASN I 104 -53.59 7.66 34.12
CA ASN I 104 -52.88 7.47 35.37
C ASN I 104 -53.75 7.61 36.60
N ASN I 105 -54.57 8.65 36.67
CA ASN I 105 -55.38 8.88 37.88
C ASN I 105 -56.51 7.86 38.01
N GLY I 106 -57.03 7.37 36.88
CA GLY I 106 -58.04 6.32 36.94
C GLY I 106 -57.47 5.00 37.42
N LEU I 107 -56.25 4.68 37.03
CA LEU I 107 -55.61 3.43 37.41
C LEU I 107 -54.45 3.67 38.37
N ASP I 119 -47.97 19.06 40.32
CA ASP I 119 -48.35 19.15 38.91
C ASP I 119 -49.60 19.99 38.75
N THR I 120 -50.09 20.53 39.87
CA THR I 120 -51.30 21.34 39.89
C THR I 120 -51.05 22.81 39.56
N ASN I 121 -49.78 23.19 39.35
CA ASN I 121 -49.46 24.59 39.09
C ASN I 121 -49.92 25.01 37.69
N ASN I 122 -49.75 24.12 36.71
CA ASN I 122 -49.97 24.50 35.32
C ASN I 122 -51.45 24.61 34.95
N LEU I 123 -52.31 23.86 35.63
CA LEU I 123 -53.74 23.93 35.34
C LEU I 123 -54.37 25.18 35.95
N SER I 124 -55.45 25.63 35.33
CA SER I 124 -56.27 26.68 35.92
C SER I 124 -57.19 26.11 36.99
N HIS I 125 -57.79 27.01 37.77
CA HIS I 125 -58.78 26.59 38.76
C HIS I 125 -60.01 25.99 38.10
N GLN I 126 -60.43 26.55 36.96
CA GLN I 126 -61.51 25.95 36.19
C GLN I 126 -61.06 24.63 35.57
N GLU I 127 -59.80 24.53 35.15
CA GLU I 127 -59.30 23.25 34.68
C GLU I 127 -59.09 22.27 35.84
N GLN I 128 -58.77 22.77 37.03
CA GLN I 128 -58.68 21.91 38.21
C GLN I 128 -60.03 21.31 38.56
N GLU I 129 -61.09 22.12 38.55
CA GLU I 129 -62.40 21.57 38.86
C GLU I 129 -62.94 20.71 37.72
N TYR I 130 -62.56 21.01 36.47
CA TYR I 130 -62.88 20.12 35.35
C TYR I 130 -62.24 18.75 35.53
N LEU I 131 -60.95 18.73 35.89
CA LEU I 131 -60.24 17.47 36.09
C LEU I 131 -60.80 16.70 37.28
N LYS I 132 -61.14 17.41 38.37
CA LYS I 132 -61.68 16.76 39.55
C LYS I 132 -63.05 16.15 39.27
N GLU I 133 -63.94 16.90 38.62
CA GLU I 133 -65.27 16.36 38.34
C GLU I 133 -65.23 15.29 37.27
N TYR I 134 -64.27 15.35 36.35
CA TYR I 134 -64.08 14.26 35.40
C TYR I 134 -63.54 13.01 36.11
N CYS I 135 -62.73 13.19 37.15
CA CYS I 135 -62.29 12.06 37.96
C CYS I 135 -63.45 11.43 38.71
N ASP I 136 -64.38 12.26 39.24
CA ASP I 136 -65.58 11.70 39.86
C ASP I 136 -66.46 10.99 38.84
N LEU I 137 -66.53 11.50 37.61
CA LEU I 137 -67.29 10.81 36.56
C LEU I 137 -66.67 9.46 36.21
N ILE I 138 -65.34 9.40 36.07
CA ILE I 138 -64.74 8.14 35.64
C ILE I 138 -64.68 7.15 36.79
N THR I 139 -64.73 7.61 38.04
CA THR I 139 -64.88 6.65 39.12
C THR I 139 -66.35 6.31 39.38
N ASP I 140 -67.28 7.09 38.83
CA ASP I 140 -68.69 6.71 38.85
C ASP I 140 -69.03 5.75 37.72
N LEU I 141 -68.24 5.74 36.64
CA LEU I 141 -68.51 4.87 35.50
C LEU I 141 -68.31 3.40 35.84
N LYS I 142 -67.23 3.08 36.54
CA LYS I 142 -66.93 1.69 36.88
C LYS I 142 -67.78 1.18 38.04
N SER I 143 -68.53 2.04 38.72
CA SER I 143 -69.46 1.58 39.74
C SER I 143 -70.83 1.32 39.10
N GLY I 144 -71.68 0.60 39.84
CA GLY I 144 -72.98 0.23 39.34
C GLY I 144 -72.89 -0.85 38.28
N ASP I 145 -73.31 -0.54 37.06
CA ASP I 145 -73.06 -1.43 35.94
C ASP I 145 -71.62 -1.26 35.46
N LEU I 146 -71.20 -2.17 34.57
CA LEU I 146 -69.83 -2.23 34.01
C LEU I 146 -68.79 -2.34 35.12
N VAL I 147 -69.09 -3.16 36.13
CA VAL I 147 -68.34 -3.16 37.38
C VAL I 147 -67.38 -4.35 37.40
N ASP I 148 -67.70 -5.40 36.65
CA ASP I 148 -66.82 -6.57 36.58
C ASP I 148 -65.53 -6.22 35.83
N ILE I 149 -65.63 -5.43 34.77
CA ILE I 149 -64.46 -4.84 34.16
C ILE I 149 -64.11 -3.54 34.88
N ASP I 150 -62.90 -3.05 34.62
CA ASP I 150 -62.52 -1.69 35.00
C ASP I 150 -62.33 -0.84 33.76
N LEU I 151 -62.98 0.32 33.74
CA LEU I 151 -62.93 1.16 32.54
C LEU I 151 -61.59 1.88 32.42
N SER I 152 -60.92 2.13 33.53
CA SER I 152 -59.61 2.76 33.55
C SER I 152 -58.48 1.74 33.51
N GLY I 153 -58.77 0.49 33.17
CA GLY I 153 -57.78 -0.57 33.18
C GLY I 153 -56.86 -0.52 31.98
N SER I 154 -56.06 -1.57 31.84
CA SER I 154 -55.05 -1.64 30.79
C SER I 154 -55.70 -1.90 29.44
N LEU I 155 -55.27 -1.13 28.43
CA LEU I 155 -55.74 -1.33 27.07
C LEU I 155 -54.89 -2.33 26.31
N VAL I 156 -53.77 -2.78 26.87
CA VAL I 156 -53.00 -3.86 26.24
C VAL I 156 -53.71 -5.18 26.47
N PRO I 157 -53.76 -6.08 25.48
CA PRO I 157 -54.33 -7.40 25.72
C PRO I 157 -53.48 -8.20 26.69
N PRO I 158 -54.09 -9.06 27.50
CA PRO I 158 -53.32 -9.94 28.39
C PRO I 158 -52.83 -11.20 27.68
N SER I 159 -51.88 -11.02 26.76
CA SER I 159 -51.34 -12.14 26.00
C SER I 159 -50.38 -13.00 26.81
N ASP I 160 -49.95 -12.53 27.98
CA ASP I 160 -49.10 -13.31 28.88
C ASP I 160 -49.76 -13.25 30.25
N VAL I 161 -50.29 -14.40 30.70
CA VAL I 161 -51.10 -14.42 31.92
C VAL I 161 -50.22 -14.27 33.17
N PHE I 162 -49.00 -14.80 33.14
CA PHE I 162 -48.00 -14.63 34.20
C PHE I 162 -46.74 -13.98 33.69
N ILE I 163 -46.23 -13.02 34.46
CA ILE I 163 -45.06 -12.24 34.13
C ILE I 163 -44.10 -12.22 35.32
N ASP I 164 -42.82 -12.01 35.01
CA ASP I 164 -41.82 -11.66 36.00
C ASP I 164 -41.89 -10.16 36.23
N VAL I 165 -41.88 -9.76 37.49
CA VAL I 165 -42.06 -8.36 37.89
C VAL I 165 -40.89 -7.97 38.79
N ARG I 166 -40.25 -6.84 38.49
CA ARG I 166 -39.18 -6.31 39.31
C ARG I 166 -39.66 -5.04 40.03
N VAL I 167 -39.28 -4.92 41.29
CA VAL I 167 -39.71 -3.80 42.13
C VAL I 167 -38.75 -2.64 41.89
N LEU I 168 -39.31 -1.46 41.60
CA LEU I 168 -38.49 -0.27 41.44
C LEU I 168 -38.24 0.44 42.76
N LYS I 169 -39.31 0.80 43.47
CA LYS I 169 -39.21 1.60 44.68
C LYS I 169 -39.82 0.84 45.86
N ASP I 170 -39.32 1.15 47.05
CA ASP I 170 -39.80 0.53 48.28
C ASP I 170 -41.14 1.14 48.63
N ALA I 171 -42.19 0.32 48.63
CA ALA I 171 -43.54 0.78 48.92
C ALA I 171 -44.21 0.00 50.04
N GLY I 172 -43.43 -0.69 50.87
CA GLY I 172 -43.98 -1.33 52.05
C GLY I 172 -44.73 -2.62 51.76
N GLU I 173 -45.54 -3.02 52.74
CA GLU I 173 -46.33 -4.24 52.61
C GLU I 173 -47.72 -3.89 52.10
N ILE I 174 -48.13 -4.54 51.02
CA ILE I 174 -49.40 -4.24 50.38
C ILE I 174 -50.23 -5.52 50.39
N GLN I 175 -51.54 -5.38 50.19
CA GLN I 175 -52.39 -6.55 49.96
C GLN I 175 -52.85 -6.63 48.51
N THR I 176 -53.29 -7.84 48.17
CA THR I 176 -53.78 -8.20 46.85
C THR I 176 -55.10 -8.91 47.12
N GLU I 177 -55.59 -9.67 46.13
CA GLU I 177 -56.88 -10.34 46.29
C GLU I 177 -56.87 -11.36 47.44
N TYR I 178 -56.00 -12.37 47.40
CA TYR I 178 -56.07 -13.46 48.37
C TYR I 178 -54.75 -13.64 49.10
N GLY I 179 -53.74 -12.81 48.79
CA GLY I 179 -52.45 -12.91 49.43
C GLY I 179 -51.88 -11.54 49.69
N VAL I 180 -50.80 -11.51 50.47
CA VAL I 180 -50.18 -10.27 50.93
C VAL I 180 -48.81 -10.15 50.28
N PHE I 181 -48.59 -9.05 49.55
CA PHE I 181 -47.36 -8.82 48.81
C PHE I 181 -46.43 -7.90 49.58
N ASN I 182 -45.14 -8.02 49.30
CA ASN I 182 -44.15 -7.09 49.81
C ASN I 182 -43.62 -6.25 48.65
N LEU I 183 -43.16 -5.04 48.96
CA LEU I 183 -42.54 -4.17 47.99
C LEU I 183 -41.12 -3.82 48.41
N ILE I 184 -40.35 -4.85 48.80
CA ILE I 184 -38.93 -4.67 49.02
C ILE I 184 -38.26 -4.27 47.72
N LYS I 185 -37.43 -3.22 47.79
CA LYS I 185 -36.80 -2.66 46.61
C LYS I 185 -35.84 -3.65 45.98
N ASP I 186 -35.91 -3.75 44.65
CA ASP I 186 -35.15 -4.70 43.82
C ASP I 186 -35.41 -6.15 44.24
N SER I 187 -36.65 -6.59 44.04
CA SER I 187 -37.03 -7.98 44.23
C SER I 187 -37.84 -8.44 43.03
N GLN I 188 -37.89 -9.76 42.82
CA GLN I 188 -38.56 -10.33 41.67
C GLN I 188 -39.75 -11.17 42.11
N PHE I 189 -40.89 -10.96 41.44
CA PHE I 189 -42.10 -11.73 41.63
C PHE I 189 -42.38 -12.51 40.35
N PHE I 190 -42.95 -13.70 40.48
CA PHE I 190 -43.47 -14.44 39.34
C PHE I 190 -44.99 -14.48 39.50
N VAL I 191 -45.67 -13.42 39.06
CA VAL I 191 -47.07 -13.22 39.42
C VAL I 191 -47.87 -12.92 38.17
N ARG I 192 -49.18 -12.91 38.33
CA ARG I 192 -50.09 -12.67 37.21
C ARG I 192 -50.05 -11.20 36.82
N GLN I 193 -50.29 -10.93 35.52
CA GLN I 193 -50.30 -9.55 35.03
C GLN I 193 -51.46 -8.76 35.63
N SER I 194 -52.61 -9.40 35.83
CA SER I 194 -53.77 -8.65 36.31
C SER I 194 -53.69 -8.35 37.81
N ASP I 195 -52.88 -9.09 38.56
CA ASP I 195 -52.79 -8.82 40.00
C ASP I 195 -52.01 -7.55 40.26
N VAL I 196 -50.97 -7.30 39.46
CA VAL I 196 -50.07 -6.17 39.65
C VAL I 196 -50.12 -5.20 38.49
N GLU I 197 -51.15 -5.27 37.65
CA GLU I 197 -51.24 -4.40 36.47
C GLU I 197 -51.43 -2.94 36.88
N ARG I 198 -52.26 -2.71 37.91
CA ARG I 198 -52.42 -1.36 38.45
C ARG I 198 -51.13 -0.85 39.07
N LEU I 199 -50.38 -1.73 39.75
CA LEU I 199 -49.12 -1.32 40.36
C LEU I 199 -48.05 -1.04 39.33
N ILE I 200 -48.11 -1.73 38.19
CA ILE I 200 -47.26 -1.38 37.04
C ILE I 200 -47.65 0.00 36.52
N GLN I 201 -48.95 0.30 36.50
CA GLN I 201 -49.41 1.61 36.04
C GLN I 201 -48.98 2.74 36.99
N GLN I 202 -48.90 2.45 38.30
CA GLN I 202 -48.39 3.45 39.23
C GLN I 202 -46.88 3.65 39.06
N GLY I 203 -46.18 2.66 38.52
CA GLY I 203 -44.76 2.75 38.29
C GLY I 203 -43.90 2.19 39.40
N TYR I 204 -44.50 1.75 40.51
CA TYR I 204 -43.73 1.13 41.58
C TYR I 204 -43.22 -0.24 41.18
N LEU I 205 -43.92 -0.91 40.27
CA LEU I 205 -43.47 -2.15 39.67
C LEU I 205 -43.25 -1.90 38.17
N GLN I 206 -42.18 -2.47 37.62
CA GLN I 206 -41.87 -2.27 36.21
C GLN I 206 -41.02 -3.43 35.71
N LYS I 207 -41.65 -4.30 34.91
CA LYS I 207 -41.00 -5.35 34.13
C LYS I 207 -42.02 -5.85 33.12
N ILE I 208 -41.50 -6.22 31.93
CA ILE I 208 -42.22 -6.67 30.71
C ILE I 208 -43.64 -6.12 30.46
N SER J 2 -60.43 9.24 25.63
CA SER J 2 -60.21 8.03 26.43
C SER J 2 -59.27 7.07 25.72
N LEU J 3 -59.57 6.78 24.46
CA LEU J 3 -58.71 5.94 23.67
C LEU J 3 -57.42 6.68 23.31
N PRO J 4 -56.27 6.01 23.35
CA PRO J 4 -55.02 6.67 22.97
C PRO J 4 -54.97 6.98 21.48
N ALA J 5 -54.07 7.92 21.14
CA ALA J 5 -53.97 8.38 19.77
C ALA J 5 -53.38 7.33 18.84
N HIS J 6 -52.53 6.44 19.36
CA HIS J 6 -51.96 5.39 18.54
C HIS J 6 -52.85 4.17 18.43
N LEU J 7 -53.98 4.15 19.13
CA LEU J 7 -54.99 3.11 18.99
C LEU J 7 -56.32 3.66 18.48
N GLN J 8 -56.28 4.83 17.83
CA GLN J 8 -57.51 5.54 17.48
C GLN J 8 -58.22 4.90 16.28
N GLN J 9 -57.54 4.84 15.14
CA GLN J 9 -58.17 4.42 13.89
C GLN J 9 -57.58 3.12 13.36
N THR J 10 -56.85 2.37 14.18
CA THR J 10 -56.21 1.15 13.74
C THR J 10 -56.00 0.23 14.93
N PHE J 11 -55.68 -1.03 14.62
CA PHE J 11 -55.34 -2.01 15.65
C PHE J 11 -53.84 -2.02 15.88
N SER J 12 -53.44 -2.20 17.13
CA SER J 12 -52.06 -2.48 17.43
C SER J 12 -51.75 -3.94 17.10
N PRO J 13 -50.49 -4.27 16.80
CA PRO J 13 -50.14 -5.66 16.47
C PRO J 13 -50.39 -6.66 17.57
N GLU J 14 -50.37 -6.26 18.84
CA GLU J 14 -50.69 -7.20 19.90
C GLU J 14 -52.19 -7.50 19.96
N GLU J 15 -53.04 -6.56 19.52
CA GLU J 15 -54.45 -6.89 19.33
C GLU J 15 -54.64 -7.89 18.19
N ILE J 16 -53.83 -7.80 17.14
CA ILE J 16 -53.83 -8.79 16.07
C ILE J 16 -53.38 -10.14 16.62
N GLN J 17 -52.39 -10.12 17.51
CA GLN J 17 -51.94 -11.34 18.19
C GLN J 17 -53.07 -11.96 18.99
N PHE J 18 -53.84 -11.14 19.70
CA PHE J 18 -55.01 -11.61 20.45
C PHE J 18 -56.05 -12.25 19.53
N ILE J 19 -56.34 -11.58 18.40
CA ILE J 19 -57.34 -12.05 17.44
C ILE J 19 -56.93 -13.40 16.87
N VAL J 20 -55.65 -13.58 16.53
CA VAL J 20 -55.21 -14.87 16.01
C VAL J 20 -54.87 -15.87 17.11
N GLU J 21 -54.80 -15.45 18.38
CA GLU J 21 -54.80 -16.39 19.49
C GLU J 21 -56.18 -16.96 19.74
N ASN J 22 -57.22 -16.32 19.20
CA ASN J 22 -58.58 -16.81 19.42
C ASN J 22 -59.12 -17.69 18.29
N GLU J 23 -58.29 -18.54 17.71
CA GLU J 23 -58.69 -19.51 16.69
C GLU J 23 -58.43 -20.94 17.15
N PRO J 24 -59.11 -21.93 16.57
CA PRO J 24 -58.74 -23.32 16.82
C PRO J 24 -57.44 -23.71 16.12
N ILE J 25 -56.78 -24.72 16.69
CA ILE J 25 -55.54 -25.26 16.15
C ILE J 25 -55.39 -26.71 16.61
N LYS J 26 -54.86 -27.54 15.71
CA LYS J 26 -54.60 -28.95 15.99
C LYS J 26 -53.36 -29.08 16.88
N ILE J 27 -53.39 -30.06 17.79
CA ILE J 27 -52.45 -30.08 18.90
C ILE J 27 -52.32 -31.51 19.41
N PHE J 28 -51.18 -31.81 20.04
CA PHE J 28 -50.88 -33.11 20.65
C PHE J 28 -50.81 -32.97 22.16
N PRO J 29 -51.78 -33.47 22.92
CA PRO J 29 -51.66 -33.46 24.38
C PRO J 29 -50.59 -34.41 24.88
N ARG J 30 -49.93 -33.99 25.95
CA ARG J 30 -48.99 -34.83 26.68
C ARG J 30 -49.46 -35.13 28.10
N ILE J 31 -50.74 -34.86 28.39
CA ILE J 31 -51.35 -35.25 29.65
C ILE J 31 -52.69 -35.90 29.34
N THR J 32 -53.14 -36.76 30.24
CA THR J 32 -54.40 -37.46 30.09
C THR J 32 -55.39 -36.92 31.11
N THR J 33 -56.41 -36.21 30.63
CA THR J 33 -57.51 -35.75 31.46
C THR J 33 -58.77 -36.56 31.22
N ARG J 34 -58.67 -37.69 30.53
CA ARG J 34 -59.86 -38.42 30.13
C ARG J 34 -60.37 -39.28 31.26
N GLN J 35 -61.66 -39.18 31.54
CA GLN J 35 -62.26 -40.01 32.57
C GLN J 35 -62.40 -41.45 32.08
N LYS J 36 -61.85 -42.38 32.84
CA LYS J 36 -61.97 -43.80 32.53
C LYS J 36 -63.34 -44.32 32.98
N ILE J 37 -63.54 -45.63 32.85
CA ILE J 37 -64.79 -46.23 33.29
C ILE J 37 -64.85 -46.31 34.81
N ARG J 38 -63.71 -46.24 35.49
CA ARG J 38 -63.67 -46.19 36.94
C ARG J 38 -62.61 -45.20 37.42
N HIS J 47 -60.58 -34.09 39.88
CA HIS J 47 -60.36 -33.46 38.58
C HIS J 47 -61.53 -32.57 38.21
N THR J 48 -61.37 -31.26 38.42
CA THR J 48 -62.39 -30.31 38.01
C THR J 48 -62.43 -30.18 36.50
N ARG J 49 -63.63 -30.03 35.95
CA ARG J 49 -63.80 -29.96 34.50
C ARG J 49 -63.35 -28.59 33.99
N TRP J 50 -63.28 -28.48 32.66
CA TRP J 50 -62.66 -27.30 32.06
C TRP J 50 -63.63 -26.12 32.01
N GLN J 51 -64.82 -26.32 31.42
CA GLN J 51 -66.01 -25.45 31.56
C GLN J 51 -65.74 -24.01 31.13
N LEU J 52 -65.44 -23.84 29.85
CA LEU J 52 -65.17 -22.52 29.29
C LEU J 52 -66.41 -21.98 28.58
N ILE J 53 -66.45 -20.66 28.44
CA ILE J 53 -67.62 -19.96 27.91
C ILE J 53 -67.37 -19.23 26.60
N THR J 54 -66.13 -19.17 26.12
CA THR J 54 -65.87 -18.54 24.83
C THR J 54 -65.33 -19.51 23.80
N THR J 55 -65.22 -20.80 24.14
CA THR J 55 -64.84 -21.81 23.17
C THR J 55 -65.51 -23.11 23.58
N ASP J 56 -65.57 -24.04 22.62
CA ASP J 56 -66.15 -25.35 22.89
C ASP J 56 -65.19 -26.16 23.75
N ASP J 57 -65.66 -26.54 24.94
CA ASP J 57 -64.84 -27.26 25.90
C ASP J 57 -64.96 -28.77 25.73
N LYS J 58 -65.72 -29.23 24.74
CA LYS J 58 -65.86 -30.67 24.50
C LYS J 58 -64.55 -31.27 24.01
N ALA J 59 -63.83 -30.55 23.15
CA ALA J 59 -62.52 -31.03 22.71
C ALA J 59 -61.48 -30.92 23.81
N LEU J 60 -61.69 -30.05 24.80
CA LEU J 60 -60.75 -29.92 25.90
C LEU J 60 -61.09 -30.86 27.04
N ASN J 61 -62.38 -31.18 27.22
CA ASN J 61 -62.77 -32.21 28.18
C ASN J 61 -62.32 -33.59 27.71
N ASN J 62 -62.24 -33.79 26.40
CA ASN J 62 -61.86 -35.08 25.80
C ASN J 62 -60.40 -35.10 25.40
N MET J 63 -59.54 -34.51 26.23
CA MET J 63 -58.12 -34.35 25.94
C MET J 63 -57.38 -35.65 26.22
N VAL J 64 -56.81 -36.26 25.18
CA VAL J 64 -56.16 -37.57 25.27
C VAL J 64 -54.70 -37.40 24.90
N ALA J 65 -53.81 -38.02 25.67
CA ALA J 65 -52.37 -37.91 25.44
C ALA J 65 -51.96 -38.58 24.13
N MET J 66 -51.07 -37.91 23.39
CA MET J 66 -50.51 -38.38 22.11
C MET J 66 -51.60 -38.64 21.06
N ARG J 67 -52.55 -37.72 20.96
CA ARG J 67 -53.59 -37.77 19.93
C ARG J 67 -53.70 -36.40 19.28
N SER J 68 -54.53 -36.29 18.25
CA SER J 68 -54.79 -35.01 17.63
C SER J 68 -56.10 -34.43 18.18
N THR J 69 -56.01 -33.28 18.84
CA THR J 69 -57.19 -32.56 19.28
C THR J 69 -57.14 -31.14 18.72
N GLU J 70 -58.21 -30.38 18.91
CA GLU J 70 -58.29 -29.02 18.39
C GLU J 70 -58.70 -28.09 19.51
N VAL J 71 -57.76 -27.24 19.95
CA VAL J 71 -58.02 -26.30 21.04
C VAL J 71 -57.68 -24.90 20.57
N VAL J 72 -58.09 -23.90 21.36
CA VAL J 72 -57.78 -22.53 20.99
C VAL J 72 -56.31 -22.22 21.28
N LEU J 73 -55.79 -21.21 20.59
CA LEU J 73 -54.35 -20.99 20.52
C LEU J 73 -53.77 -20.40 21.80
N TRP J 74 -54.55 -19.65 22.58
CA TRP J 74 -54.03 -19.18 23.87
C TRP J 74 -53.89 -20.34 24.86
N ILE J 75 -54.82 -21.30 24.81
CA ILE J 75 -54.65 -22.55 25.57
C ILE J 75 -53.44 -23.32 25.06
N ALA J 76 -53.21 -23.29 23.73
CA ALA J 76 -52.07 -23.97 23.13
C ALA J 76 -50.75 -23.39 23.65
N LEU J 77 -50.65 -22.07 23.68
CA LEU J 77 -49.42 -21.43 24.15
C LEU J 77 -49.25 -21.58 25.65
N LEU J 78 -50.37 -21.53 26.39
CA LEU J 78 -50.33 -21.68 27.84
C LEU J 78 -49.88 -23.07 28.26
N LEU J 79 -50.33 -24.09 27.53
CA LEU J 79 -49.91 -25.45 27.80
C LEU J 79 -48.54 -25.77 27.24
N LYS J 80 -48.11 -25.08 26.17
CA LYS J 80 -46.74 -25.24 25.69
C LYS J 80 -45.74 -24.63 26.66
N GLN J 81 -46.15 -23.56 27.36
CA GLN J 81 -45.34 -23.01 28.44
C GLN J 81 -45.16 -24.03 29.56
N GLN J 82 -46.25 -24.73 29.92
CA GLN J 82 -46.16 -25.88 30.82
C GLN J 82 -45.43 -27.06 30.23
N SER J 83 -45.34 -27.15 28.89
CA SER J 83 -44.93 -28.34 28.14
C SER J 83 -45.77 -29.57 28.52
N LYS J 84 -47.03 -29.34 28.85
CA LYS J 84 -47.99 -30.41 29.06
C LYS J 84 -48.69 -30.80 27.77
N CYS J 85 -48.41 -30.09 26.68
CA CYS J 85 -49.15 -30.24 25.42
C CYS J 85 -48.40 -29.51 24.31
N SER J 86 -48.13 -30.17 23.18
CA SER J 86 -47.28 -29.64 22.13
C SER J 86 -48.08 -29.27 20.89
N ILE J 87 -47.82 -28.08 20.37
CA ILE J 87 -48.60 -27.46 19.30
C ILE J 87 -48.14 -28.03 17.96
N VAL J 88 -49.11 -28.46 17.15
CA VAL J 88 -48.83 -28.98 15.81
C VAL J 88 -48.95 -27.84 14.81
N ALA J 89 -47.94 -27.70 13.96
CA ALA J 89 -47.97 -26.71 12.90
C ALA J 89 -49.03 -27.07 11.87
N PRO J 90 -49.63 -26.07 11.19
CA PRO J 90 -50.59 -26.37 10.12
C PRO J 90 -49.93 -26.94 8.87
N GLN J 91 -50.75 -27.23 7.86
CA GLN J 91 -50.26 -27.82 6.63
C GLN J 91 -49.39 -26.84 5.84
N TRP J 92 -49.76 -25.56 5.83
CA TRP J 92 -49.02 -24.56 5.07
C TRP J 92 -47.70 -24.16 5.71
N LEU J 93 -47.42 -24.58 6.94
CA LEU J 93 -46.10 -24.37 7.55
C LEU J 93 -45.18 -25.57 7.30
N THR J 94 -45.06 -25.96 6.04
CA THR J 94 -44.07 -26.93 5.60
C THR J 94 -43.22 -26.30 4.51
N THR J 95 -42.05 -26.89 4.26
CA THR J 95 -41.16 -26.36 3.24
C THR J 95 -41.74 -26.52 1.84
N LYS J 96 -42.43 -27.63 1.59
CA LYS J 96 -43.00 -27.89 0.28
C LYS J 96 -44.16 -26.94 -0.04
N GLU J 97 -45.05 -26.72 0.93
CA GLU J 97 -46.19 -25.84 0.69
C GLU J 97 -45.76 -24.38 0.60
N LEU J 98 -44.75 -23.99 1.38
CA LEU J 98 -44.22 -22.64 1.27
C LEU J 98 -43.48 -22.44 -0.04
N ASP J 99 -42.82 -23.48 -0.55
CA ASP J 99 -42.19 -23.39 -1.87
C ASP J 99 -43.24 -23.29 -2.97
N ARG J 100 -44.37 -23.99 -2.80
CA ARG J 100 -45.48 -23.87 -3.74
C ARG J 100 -46.07 -22.45 -3.72
N LYS J 101 -46.18 -21.86 -2.54
CA LYS J 101 -46.66 -20.48 -2.43
C LYS J 101 -45.67 -19.50 -3.05
N ILE J 102 -44.37 -19.74 -2.87
CA ILE J 102 -43.34 -18.89 -3.49
C ILE J 102 -43.41 -19.00 -5.01
N GLN J 103 -43.63 -20.22 -5.53
CA GLN J 103 -43.78 -20.40 -6.97
C GLN J 103 -45.05 -19.73 -7.50
N TYR J 104 -46.13 -19.72 -6.71
CA TYR J 104 -47.34 -19.03 -7.14
C TYR J 104 -47.13 -17.52 -7.15
N GLU J 105 -46.37 -17.00 -6.16
CA GLU J 105 -46.05 -15.58 -6.14
C GLU J 105 -45.18 -15.19 -7.32
N LYS J 106 -44.19 -16.01 -7.67
CA LYS J 106 -43.34 -15.72 -8.80
C LYS J 106 -44.00 -16.01 -10.13
N THR J 107 -45.09 -16.78 -10.15
CA THR J 107 -45.77 -17.10 -11.40
C THR J 107 -46.72 -15.98 -11.81
N HIS J 108 -47.61 -15.58 -10.92
CA HIS J 108 -48.57 -14.51 -11.22
C HIS J 108 -48.13 -13.23 -10.51
N PRO J 109 -47.64 -12.22 -11.23
CA PRO J 109 -47.16 -11.00 -10.55
C PRO J 109 -48.27 -10.10 -10.05
N ASP J 110 -49.43 -10.14 -10.71
CA ASP J 110 -50.51 -9.23 -10.36
C ASP J 110 -51.32 -9.70 -9.16
N ARG J 111 -51.31 -10.98 -8.85
CA ARG J 111 -52.18 -11.55 -7.83
C ARG J 111 -51.35 -12.10 -6.67
N PHE J 112 -51.83 -11.85 -5.45
CA PHE J 112 -51.20 -12.41 -4.27
C PHE J 112 -51.52 -13.90 -4.15
N SER J 113 -50.67 -14.61 -3.41
CA SER J 113 -50.83 -16.04 -3.26
C SER J 113 -51.99 -16.37 -2.32
N GLU J 114 -52.46 -17.62 -2.41
CA GLU J 114 -53.57 -18.09 -1.58
C GLU J 114 -53.01 -18.59 -0.24
N LEU J 115 -52.54 -17.63 0.53
CA LEU J 115 -52.08 -17.83 1.90
C LEU J 115 -53.21 -17.52 2.87
N PRO J 116 -53.18 -18.09 4.08
CA PRO J 116 -54.16 -17.69 5.09
C PRO J 116 -53.94 -16.24 5.54
N TRP J 117 -55.02 -15.68 6.08
CA TRP J 117 -54.99 -14.31 6.59
C TRP J 117 -54.01 -14.16 7.75
N ASN J 118 -53.90 -15.18 8.58
CA ASN J 118 -52.96 -15.19 9.69
C ASN J 118 -51.72 -16.04 9.39
N TRP J 119 -50.93 -15.57 8.42
CA TRP J 119 -49.72 -16.29 8.06
C TRP J 119 -48.43 -15.70 8.60
N LEU J 120 -48.43 -14.41 8.94
CA LEU J 120 -47.25 -13.81 9.57
C LEU J 120 -47.31 -13.88 11.08
N VAL J 121 -48.51 -13.64 11.65
CA VAL J 121 -48.67 -13.61 13.09
C VAL J 121 -48.55 -15.00 13.69
N LEU J 122 -49.14 -16.01 13.04
CA LEU J 122 -49.07 -17.39 13.52
C LEU J 122 -47.65 -17.93 13.40
N ALA J 123 -46.96 -17.56 12.31
CA ALA J 123 -45.58 -17.98 12.13
C ALA J 123 -44.67 -17.40 13.20
N ARG J 124 -44.87 -16.11 13.53
CA ARG J 124 -44.08 -15.49 14.60
C ARG J 124 -44.38 -16.13 15.95
N ILE J 125 -45.65 -16.42 16.22
CA ILE J 125 -46.05 -17.04 17.48
C ILE J 125 -45.44 -18.43 17.63
N LEU J 126 -45.51 -19.25 16.57
CA LEU J 126 -44.95 -20.58 16.65
C LEU J 126 -43.43 -20.62 16.55
N PHE J 127 -42.80 -19.57 16.00
CA PHE J 127 -41.34 -19.50 16.04
C PHE J 127 -40.86 -19.12 17.43
N ASN J 128 -41.53 -18.17 18.08
CA ASN J 128 -41.08 -17.75 19.40
C ASN J 128 -41.61 -18.63 20.53
N LYS J 129 -42.51 -19.57 20.25
CA LYS J 129 -43.05 -20.41 21.31
C LYS J 129 -42.89 -21.91 21.07
N ALA J 130 -42.70 -22.35 19.83
CA ALA J 130 -42.58 -23.78 19.52
C ALA J 130 -41.28 -23.98 18.74
N LYS J 131 -40.17 -24.14 19.47
CA LYS J 131 -38.87 -24.34 18.87
C LYS J 131 -38.51 -25.81 18.71
N ASP J 132 -39.39 -26.73 19.10
CA ASP J 132 -39.14 -28.15 18.94
C ASP J 132 -40.39 -28.90 18.48
N ASP J 133 -41.28 -28.20 17.76
CA ASP J 133 -42.58 -28.75 17.37
C ASP J 133 -42.74 -28.79 15.86
N PHE J 134 -41.67 -28.67 15.10
CA PHE J 134 -41.72 -28.61 13.65
C PHE J 134 -41.04 -29.82 13.05
N HIS J 135 -41.72 -30.50 12.12
CA HIS J 135 -41.11 -31.62 11.43
C HIS J 135 -40.02 -31.17 10.48
N ASP J 136 -40.30 -30.14 9.69
CA ASP J 136 -39.29 -29.47 8.90
C ASP J 136 -38.40 -28.63 9.82
N PRO J 137 -37.16 -28.35 9.41
CA PRO J 137 -36.31 -27.45 10.20
C PRO J 137 -36.86 -26.02 10.22
N ILE J 138 -36.59 -25.34 11.33
CA ILE J 138 -37.04 -23.96 11.55
C ILE J 138 -36.33 -23.00 10.61
N HIS J 139 -35.12 -23.36 10.17
CA HIS J 139 -34.20 -22.47 9.48
C HIS J 139 -34.74 -22.09 8.11
N GLU J 140 -34.95 -23.09 7.24
CA GLU J 140 -35.51 -22.84 5.92
C GLU J 140 -36.98 -22.43 5.99
N LEU J 141 -37.68 -22.79 7.07
CA LEU J 141 -39.05 -22.31 7.25
C LEU J 141 -39.09 -20.80 7.44
N ARG J 142 -38.22 -20.28 8.31
CA ARG J 142 -38.15 -18.83 8.50
C ARG J 142 -37.57 -18.13 7.28
N GLY J 143 -36.66 -18.79 6.56
CA GLY J 143 -36.17 -18.23 5.30
C GLY J 143 -37.27 -18.09 4.25
N LYS J 144 -38.13 -19.11 4.12
CA LYS J 144 -39.23 -19.03 3.18
C LYS J 144 -40.31 -18.05 3.65
N ILE J 145 -40.50 -17.92 4.96
CA ILE J 145 -41.41 -16.91 5.50
C ILE J 145 -40.93 -15.51 5.15
N GLN J 146 -39.62 -15.26 5.31
CA GLN J 146 -39.05 -13.96 4.97
C GLN J 146 -39.10 -13.71 3.46
N ASP J 147 -38.90 -14.75 2.65
CA ASP J 147 -39.00 -14.61 1.20
C ASP J 147 -40.42 -14.25 0.76
N LEU J 148 -41.42 -14.92 1.36
CA LEU J 148 -42.82 -14.62 1.05
C LEU J 148 -43.19 -13.21 1.51
N ARG J 149 -42.70 -12.80 2.68
CA ARG J 149 -42.94 -11.45 3.17
C ARG J 149 -42.33 -10.40 2.24
N GLU J 150 -41.12 -10.65 1.75
CA GLU J 150 -40.46 -9.69 0.86
C GLU J 150 -41.15 -9.61 -0.50
N ILE J 151 -41.56 -10.75 -1.07
CA ILE J 151 -42.22 -10.69 -2.38
C ILE J 151 -43.63 -10.12 -2.25
N ARG J 152 -44.29 -10.30 -1.11
CA ARG J 152 -45.58 -9.65 -0.89
C ARG J 152 -45.40 -8.15 -0.69
N GLN J 153 -44.28 -7.74 -0.09
CA GLN J 153 -43.98 -6.31 0.03
C GLN J 153 -43.73 -5.69 -1.35
N ILE J 154 -43.05 -6.42 -2.24
CA ILE J 154 -42.84 -5.92 -3.61
C ILE J 154 -44.17 -5.82 -4.35
N LYS J 155 -45.06 -6.80 -4.16
CA LYS J 155 -46.36 -6.74 -4.83
C LYS J 155 -47.24 -5.61 -4.29
N VAL J 156 -47.19 -5.32 -2.99
CA VAL J 156 -48.03 -4.22 -2.49
C VAL J 156 -47.41 -2.88 -2.88
N LEU J 157 -46.07 -2.81 -3.00
CA LEU J 157 -45.45 -1.60 -3.54
C LEU J 157 -45.80 -1.38 -5.00
N LYS J 158 -45.92 -2.45 -5.78
CA LYS J 158 -46.37 -2.32 -7.17
C LYS J 158 -47.83 -1.92 -7.24
N GLY J 159 -48.66 -2.50 -6.37
CA GLY J 159 -50.09 -2.19 -6.38
C GLY J 159 -50.45 -0.84 -5.79
N LEU J 160 -49.53 -0.22 -5.06
CA LEU J 160 -49.80 1.10 -4.51
C LEU J 160 -49.69 2.23 -5.53
N LYS J 161 -49.21 1.94 -6.74
CA LYS J 161 -49.25 2.94 -7.80
C LYS J 161 -50.66 3.18 -8.32
N TYR J 162 -51.60 2.29 -8.00
CA TYR J 162 -52.99 2.37 -8.48
C TYR J 162 -53.92 2.94 -7.42
N LEU J 163 -53.45 3.90 -6.63
CA LEU J 163 -54.28 4.54 -5.61
C LEU J 163 -55.37 5.37 -6.29
N ASN J 164 -56.59 4.82 -6.31
CA ASN J 164 -57.69 5.38 -7.07
C ASN J 164 -58.59 6.15 -6.12
N GLU J 165 -59.29 7.14 -6.67
CA GLU J 165 -60.25 7.90 -5.89
C GLU J 165 -61.49 7.08 -5.57
N SER J 166 -61.84 6.13 -6.43
CA SER J 166 -63.10 5.38 -6.27
C SER J 166 -62.94 4.23 -5.28
N HIS J 167 -62.10 3.26 -5.62
CA HIS J 167 -61.97 2.05 -4.83
C HIS J 167 -60.62 1.40 -5.15
N LEU J 168 -60.25 0.39 -4.37
CA LEU J 168 -59.01 -0.33 -4.55
C LEU J 168 -59.16 -1.70 -3.91
N GLN J 169 -58.74 -2.73 -4.63
CA GLN J 169 -59.02 -4.11 -4.26
C GLN J 169 -57.74 -4.93 -4.16
N LEU J 170 -57.71 -5.81 -3.16
CA LEU J 170 -56.71 -6.87 -3.08
C LEU J 170 -57.42 -8.19 -2.82
N ASP J 171 -56.73 -9.29 -3.11
CA ASP J 171 -57.37 -10.60 -3.02
C ASP J 171 -57.11 -11.28 -1.68
N ASN J 172 -55.86 -11.51 -1.33
CA ASN J 172 -55.51 -12.35 -0.19
C ASN J 172 -54.42 -11.71 0.66
N LEU J 173 -54.58 -10.43 1.00
CA LEU J 173 -53.63 -9.78 1.89
C LEU J 173 -53.89 -10.15 3.34
N SER J 174 -52.80 -10.35 4.08
CA SER J 174 -52.86 -10.75 5.48
C SER J 174 -53.30 -9.60 6.37
N LEU J 175 -53.85 -9.96 7.53
CA LEU J 175 -54.32 -8.99 8.52
C LEU J 175 -53.19 -8.13 9.06
N LEU J 176 -52.02 -8.74 9.28
CA LEU J 176 -50.85 -7.97 9.70
C LEU J 176 -50.40 -7.01 8.60
N GLU J 177 -50.54 -7.40 7.33
CA GLU J 177 -50.27 -6.47 6.25
C GLU J 177 -51.35 -5.40 6.09
N ILE J 178 -52.59 -5.70 6.52
CA ILE J 178 -53.60 -4.65 6.62
C ILE J 178 -53.19 -3.61 7.65
N ASN J 179 -52.65 -4.05 8.79
CA ASN J 179 -52.15 -3.05 9.74
C ASN J 179 -50.82 -2.44 9.30
N GLU J 180 -50.08 -3.08 8.40
CA GLU J 180 -48.95 -2.42 7.77
C GLU J 180 -49.41 -1.22 6.96
N LEU J 181 -50.38 -1.45 6.07
CA LEU J 181 -50.73 -0.44 5.07
C LEU J 181 -51.98 0.35 5.36
N ARG J 182 -52.61 0.19 6.53
CA ARG J 182 -53.89 0.86 6.78
C ARG J 182 -53.83 2.39 6.88
N PRO J 183 -53.00 3.02 7.74
CA PRO J 183 -53.13 4.48 7.90
C PRO J 183 -52.69 5.26 6.68
N PHE J 184 -51.65 4.81 5.99
CA PHE J 184 -51.16 5.47 4.79
C PHE J 184 -52.20 5.43 3.67
N ILE J 185 -52.73 4.23 3.37
CA ILE J 185 -53.71 4.08 2.30
C ILE J 185 -55.00 4.81 2.61
N THR J 186 -55.49 4.69 3.86
CA THR J 186 -56.74 5.33 4.23
C THR J 186 -56.63 6.85 4.21
N GLU J 187 -55.51 7.40 4.72
CA GLU J 187 -55.35 8.85 4.71
C GLU J 187 -55.16 9.40 3.30
N ILE J 188 -54.38 8.70 2.46
CA ILE J 188 -54.12 9.20 1.11
C ILE J 188 -55.39 9.14 0.26
N MET J 189 -56.14 8.03 0.35
CA MET J 189 -57.39 7.96 -0.41
C MET J 189 -58.47 8.88 0.15
N ASP J 190 -58.47 9.12 1.47
CA ASP J 190 -59.39 10.09 2.04
C ASP J 190 -59.11 11.50 1.54
N LYS J 191 -57.83 11.87 1.45
CA LYS J 191 -57.52 13.20 0.94
C LYS J 191 -57.74 13.31 -0.57
N LEU J 192 -57.51 12.23 -1.32
CA LEU J 192 -57.85 12.23 -2.75
C LEU J 192 -59.35 12.40 -2.98
N ARG J 193 -60.15 11.70 -2.18
CA ARG J 193 -61.61 11.83 -2.26
C ARG J 193 -62.05 13.22 -1.83
N GLU J 194 -61.39 13.80 -0.82
CA GLU J 194 -61.70 15.16 -0.38
C GLU J 194 -61.39 16.17 -1.48
N ILE J 195 -60.27 15.98 -2.18
CA ILE J 195 -59.90 16.84 -3.31
C ILE J 195 -60.95 16.75 -4.42
N HIS J 196 -61.38 15.53 -4.77
CA HIS J 196 -62.33 15.39 -5.87
C HIS J 196 -63.74 15.84 -5.47
N THR J 197 -64.12 15.68 -4.21
CA THR J 197 -65.44 16.16 -3.78
C THR J 197 -65.47 17.67 -3.63
N ALA J 198 -64.33 18.29 -3.30
CA ALA J 198 -64.24 19.74 -3.40
C ALA J 198 -64.21 20.19 -4.85
N SER J 199 -63.72 19.33 -5.75
CA SER J 199 -63.70 19.64 -7.17
C SER J 199 -65.08 19.57 -7.81
N LEU J 200 -66.02 18.87 -7.19
CA LEU J 200 -67.37 18.79 -7.73
C LEU J 200 -68.11 20.11 -7.55
N THR J 201 -68.95 20.44 -8.53
CA THR J 201 -69.72 21.68 -8.50
C THR J 201 -70.87 21.60 -7.51
N GLY K 2 -63.53 20.87 9.61
CA GLY K 2 -63.53 20.68 11.04
C GLY K 2 -63.27 21.95 11.82
N TYR K 3 -64.02 22.13 12.92
CA TYR K 3 -63.85 23.32 13.75
C TYR K 3 -62.52 23.28 14.49
N TYR K 4 -62.21 22.16 15.13
CA TYR K 4 -61.16 22.10 16.14
C TYR K 4 -59.83 21.62 15.59
N ASP K 5 -59.71 21.42 14.28
CA ASP K 5 -58.44 21.01 13.68
C ASP K 5 -57.48 22.19 13.70
N ILE K 6 -56.44 22.09 14.54
CA ILE K 6 -55.48 23.17 14.71
C ILE K 6 -54.66 23.41 13.45
N ASP K 7 -54.39 22.35 12.68
CA ASP K 7 -53.78 22.51 11.36
C ASP K 7 -54.69 23.32 10.44
N ASP K 8 -56.00 23.09 10.51
CA ASP K 8 -56.94 23.91 9.74
C ASP K 8 -56.99 25.34 10.27
N VAL K 9 -56.74 25.55 11.57
CA VAL K 9 -56.73 26.89 12.14
C VAL K 9 -55.52 27.68 11.61
N LEU K 10 -54.34 27.06 11.58
CA LEU K 10 -53.22 27.74 10.92
C LEU K 10 -53.38 27.85 9.42
N ALA K 11 -54.13 26.93 8.79
CA ALA K 11 -54.42 27.08 7.37
C ALA K 11 -55.28 28.31 7.10
N ASP K 12 -56.27 28.57 7.96
CA ASP K 12 -57.09 29.76 7.80
C ASP K 12 -56.34 31.04 8.17
N GLY K 13 -55.24 30.93 8.91
CA GLY K 13 -54.46 32.09 9.32
C GLY K 13 -53.55 32.66 8.26
N THR K 14 -53.35 31.95 7.14
CA THR K 14 -52.52 32.48 6.07
C THR K 14 -53.23 33.61 5.34
N GLU K 15 -52.45 34.56 4.84
CA GLU K 15 -52.98 35.74 4.17
C GLU K 15 -52.89 35.57 2.65
N PHE K 16 -53.96 35.96 1.97
CA PHE K 16 -54.08 35.91 0.53
C PHE K 16 -54.20 37.32 -0.03
N PRO K 17 -53.63 37.57 -1.20
CA PRO K 17 -53.85 38.87 -1.86
C PRO K 17 -55.25 38.95 -2.46
N CYS K 18 -55.80 40.16 -2.45
CA CYS K 18 -57.15 40.38 -2.94
C CYS K 18 -57.31 41.85 -3.31
N LYS K 19 -58.43 42.15 -3.96
CA LYS K 19 -58.74 43.51 -4.40
C LYS K 19 -60.08 43.93 -3.81
N PHE K 20 -60.11 45.15 -3.26
CA PHE K 20 -61.35 45.72 -2.74
C PHE K 20 -62.17 46.29 -3.88
N GLN K 21 -63.45 45.90 -3.95
CA GLN K 21 -64.31 46.32 -5.05
C GLN K 21 -65.09 47.59 -4.74
N TYR K 22 -65.34 47.90 -3.47
CA TYR K 22 -66.14 49.05 -3.09
C TYR K 22 -65.32 50.04 -2.27
N ASP K 23 -65.72 51.31 -2.34
CA ASP K 23 -65.11 52.35 -1.52
C ASP K 23 -65.69 52.25 -0.11
N ILE K 24 -64.92 51.66 0.81
CA ILE K 24 -65.40 51.34 2.15
C ILE K 24 -64.66 52.17 3.19
N PRO K 25 -65.26 53.22 3.73
CA PRO K 25 -64.60 53.97 4.81
C PRO K 25 -64.60 53.21 6.12
N GLY K 26 -63.67 53.61 6.99
CA GLY K 26 -63.66 53.15 8.37
C GLY K 26 -63.00 51.81 8.63
N LEU K 27 -62.33 51.23 7.64
CA LEU K 27 -61.66 49.95 7.85
C LEU K 27 -60.15 50.09 7.60
N GLY K 28 -59.55 51.17 8.09
CA GLY K 28 -58.15 51.43 7.83
C GLY K 28 -57.20 50.48 8.54
N TYR K 29 -57.68 49.80 9.57
CA TYR K 29 -56.90 48.83 10.32
C TYR K 29 -56.66 47.51 9.59
N LEU K 30 -57.12 47.37 8.34
CA LEU K 30 -56.76 46.18 7.57
C LEU K 30 -55.31 46.24 7.09
N GLU K 31 -54.83 47.42 6.70
CA GLU K 31 -53.48 47.61 6.20
C GLU K 31 -52.58 48.28 7.23
N ASN K 32 -52.92 48.12 8.51
CA ASN K 32 -52.25 48.66 9.71
C ASN K 32 -52.29 50.19 9.79
N ASN K 33 -53.08 50.86 8.96
CA ASN K 33 -53.29 52.28 9.11
C ASN K 33 -54.28 52.53 10.26
N PRO K 34 -54.18 53.65 10.98
CA PRO K 34 -55.21 53.97 11.97
C PRO K 34 -56.58 54.26 11.40
N GLY K 35 -56.69 55.20 10.45
CA GLY K 35 -58.01 55.62 10.00
C GLY K 35 -58.20 55.94 8.53
N ARG K 36 -57.38 55.37 7.65
CA ARG K 36 -57.50 55.72 6.22
C ARG K 36 -58.69 55.01 5.59
N PRO K 37 -59.60 55.73 4.94
CA PRO K 37 -60.62 55.06 4.12
C PRO K 37 -59.98 54.41 2.91
N ILE K 38 -60.52 53.26 2.52
CA ILE K 38 -59.96 52.45 1.45
C ILE K 38 -60.42 52.99 0.10
N THR K 39 -59.47 53.26 -0.78
CA THR K 39 -59.77 53.76 -2.11
C THR K 39 -60.31 52.63 -3.00
N LYS K 40 -60.84 53.02 -4.15
CA LYS K 40 -61.37 52.07 -5.11
C LYS K 40 -60.24 51.27 -5.74
N ASN K 41 -60.47 49.94 -5.87
CA ASN K 41 -59.52 48.98 -6.44
C ASN K 41 -58.19 48.98 -5.67
N THR K 42 -58.27 48.57 -4.42
CA THR K 42 -57.11 48.51 -3.54
C THR K 42 -56.60 47.08 -3.44
N LYS K 43 -55.30 46.91 -3.67
CA LYS K 43 -54.65 45.61 -3.61
C LYS K 43 -54.11 45.40 -2.20
N LEU K 44 -54.59 44.36 -1.52
CA LEU K 44 -54.22 44.17 -0.12
C LEU K 44 -54.26 42.70 0.24
N SER K 45 -53.39 42.30 1.17
CA SER K 45 -53.35 40.93 1.67
C SER K 45 -54.16 40.82 2.96
N LEU K 46 -55.16 39.95 2.96
CA LEU K 46 -56.01 39.71 4.11
C LEU K 46 -56.04 38.23 4.47
N PRO K 47 -56.26 37.86 5.73
CA PRO K 47 -56.34 36.45 6.08
C PRO K 47 -57.58 35.78 5.50
N LEU K 48 -57.53 34.45 5.44
CA LEU K 48 -58.52 33.69 4.69
C LEU K 48 -59.87 33.66 5.39
N TRP K 49 -59.91 33.79 6.71
CA TRP K 49 -61.19 33.76 7.42
C TRP K 49 -62.02 35.01 7.19
N LEU K 50 -61.42 36.10 6.70
CA LEU K 50 -62.20 37.22 6.21
C LEU K 50 -62.56 37.04 4.74
N ALA K 51 -61.54 36.80 3.89
CA ALA K 51 -61.72 36.85 2.45
C ALA K 51 -62.42 35.63 1.88
N ARG K 52 -62.67 34.59 2.69
CA ARG K 52 -63.36 33.42 2.17
C ARG K 52 -64.84 33.71 1.94
N ILE K 53 -65.47 34.45 2.86
CA ILE K 53 -66.87 34.82 2.69
C ILE K 53 -67.04 36.31 2.41
N LEU K 54 -65.95 37.09 2.44
CA LEU K 54 -66.04 38.45 1.91
C LEU K 54 -66.19 38.42 0.39
N ALA K 55 -65.71 37.37 -0.26
CA ALA K 55 -65.95 37.18 -1.69
C ALA K 55 -67.32 36.59 -1.98
N ILE K 56 -68.06 36.17 -0.94
CA ILE K 56 -69.38 35.60 -1.13
C ILE K 56 -70.43 36.69 -0.93
N VAL K 57 -70.41 37.34 0.23
CA VAL K 57 -71.38 38.39 0.53
C VAL K 57 -71.01 39.66 -0.23
N GLY K 58 -72.02 40.42 -0.63
CA GLY K 58 -71.81 41.62 -1.41
C GLY K 58 -73.09 42.39 -1.69
N PRO K 68 -74.63 39.96 -8.95
CA PRO K 68 -74.18 41.07 -8.11
C PRO K 68 -72.66 41.14 -8.01
N VAL K 69 -72.16 42.21 -7.41
CA VAL K 69 -70.74 42.45 -7.23
C VAL K 69 -70.38 42.19 -5.77
N PRO K 70 -69.51 41.24 -5.46
CA PRO K 70 -69.12 40.99 -4.08
C PRO K 70 -68.15 42.06 -3.57
N PHE K 71 -67.89 42.01 -2.28
CA PHE K 71 -67.06 43.04 -1.65
C PHE K 71 -65.59 42.90 -2.03
N VAL K 72 -65.10 41.67 -2.10
CA VAL K 72 -63.67 41.39 -2.22
C VAL K 72 -63.47 40.40 -3.36
N GLU K 73 -62.56 40.74 -4.29
CA GLU K 73 -62.21 39.83 -5.37
C GLU K 73 -60.89 39.13 -5.04
N LEU K 74 -60.89 37.80 -5.13
CA LEU K 74 -59.72 36.99 -4.79
C LEU K 74 -58.83 36.87 -6.02
N LEU K 75 -57.67 37.53 -5.97
CA LEU K 75 -56.68 37.42 -7.03
C LEU K 75 -55.98 36.07 -6.97
N PRO K 76 -55.50 35.57 -8.10
CA PRO K 76 -54.66 34.36 -8.09
C PRO K 76 -53.33 34.63 -7.41
N PRO K 77 -53.03 33.91 -6.34
CA PRO K 77 -51.80 34.17 -5.58
C PRO K 77 -50.59 33.52 -6.24
N ASP K 78 -49.43 33.70 -5.60
CA ASP K 78 -48.19 33.11 -6.11
C ASP K 78 -48.15 31.61 -5.90
N MET K 79 -48.88 31.09 -4.91
CA MET K 79 -48.88 29.67 -4.61
C MET K 79 -49.65 28.84 -5.64
N PHE K 80 -50.48 29.47 -6.47
CA PHE K 80 -51.21 28.79 -7.53
C PHE K 80 -50.87 29.35 -8.90
N SER K 81 -49.70 29.98 -9.05
CA SER K 81 -49.31 30.59 -10.30
C SER K 81 -48.90 29.52 -11.31
N THR K 82 -48.69 29.96 -12.56
CA THR K 82 -48.31 29.03 -13.62
C THR K 82 -46.90 28.50 -13.41
N LYS K 83 -46.03 29.28 -12.75
CA LYS K 83 -44.68 28.79 -12.45
C LYS K 83 -44.71 27.64 -11.45
N VAL K 84 -45.52 27.78 -10.39
CA VAL K 84 -45.65 26.71 -9.40
C VAL K 84 -46.34 25.49 -10.00
N MET K 85 -47.35 25.72 -10.85
CA MET K 85 -48.03 24.62 -11.52
C MET K 85 -47.10 23.86 -12.47
N ASN K 86 -46.25 24.59 -13.20
CA ASN K 86 -45.30 23.94 -14.09
C ASN K 86 -44.22 23.20 -13.30
N ALA K 87 -43.80 23.77 -12.17
CA ALA K 87 -42.81 23.10 -11.32
C ALA K 87 -43.37 21.81 -10.71
N ILE K 88 -44.65 21.83 -10.36
CA ILE K 88 -45.30 20.62 -9.85
C ILE K 88 -45.44 19.58 -10.97
N LYS K 89 -45.83 20.03 -12.16
CA LYS K 89 -46.01 19.13 -13.29
C LYS K 89 -44.70 18.53 -13.79
N THR K 90 -43.55 19.19 -13.56
CA THR K 90 -42.29 18.63 -14.03
C THR K 90 -41.79 17.53 -13.10
N ASP K 91 -41.48 17.87 -11.86
CA ASP K 91 -40.88 16.92 -10.92
C ASP K 91 -41.58 17.03 -9.57
N PRO K 92 -42.55 16.17 -9.30
CA PRO K 92 -43.33 16.30 -8.06
C PRO K 92 -42.60 15.86 -6.80
N VAL K 93 -41.55 15.04 -6.91
CA VAL K 93 -40.96 14.42 -5.73
C VAL K 93 -40.01 15.39 -5.02
N ALA K 94 -39.04 15.92 -5.74
CA ALA K 94 -37.97 16.72 -5.14
C ALA K 94 -38.33 18.19 -5.01
N LEU K 95 -39.59 18.57 -5.26
CA LEU K 95 -40.02 19.95 -5.06
C LEU K 95 -40.13 20.23 -3.57
N ASP K 96 -39.73 21.43 -3.18
CA ASP K 96 -39.74 21.84 -1.77
C ASP K 96 -41.08 22.55 -1.59
N LEU K 97 -42.08 21.85 -1.09
CA LEU K 97 -43.38 22.46 -0.86
C LEU K 97 -43.40 23.30 0.41
N HIS K 98 -42.46 23.08 1.33
CA HIS K 98 -42.45 23.81 2.59
C HIS K 98 -42.06 25.27 2.40
N SER K 99 -41.18 25.55 1.43
CA SER K 99 -40.79 26.94 1.18
C SER K 99 -41.90 27.71 0.48
N ILE K 100 -42.77 27.02 -0.25
CA ILE K 100 -43.90 27.69 -0.89
C ILE K 100 -44.94 28.08 0.14
N ASN K 101 -45.51 27.08 0.82
CA ASN K 101 -46.42 27.32 1.93
C ASN K 101 -46.42 26.08 2.81
N SER K 102 -46.47 26.29 4.12
CA SER K 102 -46.40 25.18 5.06
C SER K 102 -47.68 24.34 5.07
N HIS K 103 -48.81 24.92 4.70
CA HIS K 103 -50.10 24.24 4.60
C HIS K 103 -50.68 24.43 3.20
N PHE K 104 -49.88 24.08 2.19
CA PHE K 104 -50.27 24.25 0.79
C PHE K 104 -51.48 23.42 0.41
N PHE K 105 -51.60 22.21 0.96
CA PHE K 105 -52.66 21.31 0.51
C PHE K 105 -54.03 21.68 1.07
N SER K 106 -54.10 22.13 2.32
CA SER K 106 -55.38 22.56 2.88
C SER K 106 -55.87 23.84 2.22
N LEU K 107 -54.95 24.77 1.92
CA LEU K 107 -55.30 25.96 1.16
C LEU K 107 -55.69 25.60 -0.27
N ALA K 108 -55.06 24.58 -0.85
CA ALA K 108 -55.46 24.12 -2.17
C ALA K 108 -56.87 23.55 -2.16
N ILE K 109 -57.21 22.78 -1.12
CA ILE K 109 -58.55 22.21 -0.98
C ILE K 109 -59.58 23.31 -0.81
N LYS K 110 -59.27 24.33 0.00
CA LYS K 110 -60.20 25.44 0.20
C LYS K 110 -60.36 26.28 -1.07
N TRP K 111 -59.28 26.47 -1.83
CA TRP K 111 -59.35 27.22 -3.08
C TRP K 111 -60.15 26.45 -4.13
N ILE K 112 -60.01 25.13 -4.15
CA ILE K 112 -60.76 24.28 -5.08
C ILE K 112 -62.24 24.28 -4.72
N MET K 113 -62.55 24.21 -3.42
CA MET K 113 -63.94 24.26 -2.98
C MET K 113 -64.56 25.63 -3.23
N LEU K 114 -63.76 26.70 -3.15
CA LEU K 114 -64.27 28.02 -3.44
C LEU K 114 -64.37 28.25 -4.95
N PHE K 115 -63.24 28.17 -5.65
CA PHE K 115 -63.20 28.24 -7.10
C PHE K 115 -63.05 26.83 -7.65
N SER K 116 -64.10 26.31 -8.29
CA SER K 116 -64.13 24.93 -8.77
C SER K 116 -63.25 24.80 -10.00
N GLU K 117 -61.96 24.54 -9.78
CA GLU K 117 -60.99 24.37 -10.86
C GLU K 117 -60.63 22.90 -11.00
N LYS K 118 -60.92 22.33 -12.17
CA LYS K 118 -60.68 20.91 -12.41
C LYS K 118 -59.20 20.61 -12.65
N GLU K 119 -58.50 21.52 -13.35
CA GLU K 119 -57.09 21.30 -13.68
C GLU K 119 -56.22 21.33 -12.43
N LEU K 120 -56.52 22.26 -11.50
CA LEU K 120 -55.81 22.31 -10.23
C LEU K 120 -56.10 21.06 -9.40
N ALA K 121 -57.33 20.52 -9.50
CA ALA K 121 -57.65 19.28 -8.81
C ALA K 121 -56.83 18.10 -9.34
N ASN K 122 -56.68 18.01 -10.66
CA ASN K 122 -55.86 16.96 -11.25
C ASN K 122 -54.39 17.14 -10.88
N VAL K 123 -53.92 18.39 -10.84
CA VAL K 123 -52.53 18.68 -10.51
C VAL K 123 -52.22 18.28 -9.06
N VAL K 124 -53.09 18.67 -8.13
CA VAL K 124 -52.86 18.37 -6.72
C VAL K 124 -53.04 16.88 -6.44
N SER K 125 -53.97 16.21 -7.14
CA SER K 125 -54.13 14.76 -6.97
C SER K 125 -52.90 14.01 -7.47
N GLU K 126 -52.36 14.40 -8.63
CA GLU K 126 -51.17 13.77 -9.18
C GLU K 126 -49.96 14.03 -8.30
N LEU K 127 -49.85 15.26 -7.77
CA LEU K 127 -48.77 15.62 -6.85
C LEU K 127 -48.85 14.82 -5.56
N LEU K 128 -50.06 14.66 -5.01
CA LEU K 128 -50.24 13.92 -3.77
C LEU K 128 -49.93 12.44 -3.96
N LEU K 129 -50.28 11.88 -5.12
CA LEU K 129 -49.92 10.49 -5.41
C LEU K 129 -48.40 10.32 -5.51
N GLN K 130 -47.72 11.23 -6.22
CA GLN K 130 -46.28 11.08 -6.42
C GLN K 130 -45.49 11.29 -5.13
N ARG K 131 -45.89 12.27 -4.30
CA ARG K 131 -45.21 12.39 -3.02
C ARG K 131 -45.68 11.36 -2.00
N ALA K 132 -46.84 10.75 -2.19
CA ALA K 132 -47.26 9.67 -1.31
C ALA K 132 -46.43 8.41 -1.55
N GLN K 133 -46.02 8.16 -2.79
CA GLN K 133 -45.11 7.05 -3.07
C GLN K 133 -43.78 7.22 -2.33
N GLU K 134 -43.22 8.43 -2.40
CA GLU K 134 -41.94 8.70 -1.75
C GLU K 134 -42.08 8.72 -0.23
N LEU K 135 -43.24 9.19 0.26
CA LEU K 135 -43.54 9.17 1.68
C LEU K 135 -43.63 7.75 2.21
N ASN K 136 -44.26 6.85 1.46
CA ASN K 136 -44.33 5.45 1.84
C ASN K 136 -42.95 4.81 1.81
N HIS K 137 -42.13 5.18 0.81
CA HIS K 137 -40.78 4.65 0.72
C HIS K 137 -39.93 5.08 1.91
N HIS K 138 -40.07 6.32 2.36
CA HIS K 138 -39.32 6.77 3.53
C HIS K 138 -39.91 6.25 4.83
N ALA K 139 -41.22 6.01 4.88
CA ALA K 139 -41.83 5.52 6.10
C ALA K 139 -41.56 4.03 6.33
N SER K 140 -41.49 3.24 5.26
CA SER K 140 -41.21 1.82 5.41
C SER K 140 -39.77 1.53 5.77
N SER K 141 -38.86 2.48 5.55
CA SER K 141 -37.45 2.28 5.85
C SER K 141 -37.21 2.46 7.35
N LEU K 142 -36.73 1.40 8.00
CA LEU K 142 -36.41 1.43 9.43
C LEU K 142 -34.93 1.12 9.59
N SER K 143 -34.21 2.00 10.27
CA SER K 143 -32.79 1.82 10.48
C SER K 143 -32.53 0.81 11.58
N ILE K 144 -31.47 0.02 11.40
CA ILE K 144 -31.09 -0.99 12.39
C ILE K 144 -29.73 -0.66 12.97
N THR K 158 -30.68 8.10 11.02
CA THR K 158 -31.42 8.52 9.83
C THR K 158 -30.47 8.83 8.68
N ASN K 159 -30.90 8.50 7.47
CA ASN K 159 -30.11 8.76 6.27
C ASN K 159 -30.30 10.21 5.82
N ILE K 160 -29.37 10.69 5.01
CA ILE K 160 -29.51 12.03 4.43
C ILE K 160 -30.66 12.06 3.41
N ALA K 161 -30.85 10.97 2.67
CA ALA K 161 -31.83 10.95 1.59
C ALA K 161 -33.26 10.96 2.11
N THR K 162 -33.48 10.45 3.32
CA THR K 162 -34.80 10.55 3.91
C THR K 162 -34.99 11.87 4.67
N SER K 163 -33.98 12.36 5.37
CA SER K 163 -34.16 13.53 6.21
C SER K 163 -34.19 14.83 5.42
N THR K 164 -33.53 14.89 4.26
CA THR K 164 -33.75 16.04 3.37
C THR K 164 -35.15 16.05 2.79
N PHE K 165 -35.80 14.89 2.63
CA PHE K 165 -37.19 14.89 2.20
C PHE K 165 -38.13 15.26 3.35
N LEU K 166 -37.79 14.88 4.59
CA LEU K 166 -38.49 15.41 5.76
C LEU K 166 -38.33 16.92 5.90
N LEU K 167 -37.22 17.47 5.41
CA LEU K 167 -37.08 18.93 5.40
C LEU K 167 -38.01 19.58 4.38
N LYS K 168 -38.45 18.83 3.36
CA LYS K 168 -39.30 19.35 2.29
C LYS K 168 -40.74 18.89 2.41
N LEU K 169 -41.26 18.75 3.62
CA LEU K 169 -42.59 18.20 3.86
C LEU K 169 -43.51 19.22 4.50
N GLU K 170 -44.82 19.06 4.26
CA GLU K 170 -45.82 19.90 4.88
C GLU K 170 -46.21 19.33 6.24
N GLU K 171 -47.05 20.09 6.96
CA GLU K 171 -47.45 19.68 8.30
C GLU K 171 -48.40 18.48 8.27
N MET K 172 -49.37 18.51 7.36
CA MET K 172 -50.24 17.34 7.18
C MET K 172 -49.47 16.16 6.61
N GLU K 173 -48.50 16.41 5.74
CA GLU K 173 -47.70 15.34 5.18
C GLU K 173 -46.75 14.73 6.20
N LYS K 174 -46.17 15.54 7.10
CA LYS K 174 -45.37 14.94 8.16
C LYS K 174 -46.25 14.31 9.23
N GLU K 175 -47.51 14.74 9.34
CA GLU K 175 -48.45 14.03 10.21
C GLU K 175 -48.75 12.62 9.68
N ILE K 176 -49.00 12.51 8.37
CA ILE K 176 -49.21 11.20 7.74
C ILE K 176 -47.93 10.35 7.84
N TYR K 177 -46.77 10.99 7.67
CA TYR K 177 -45.51 10.26 7.81
C TYR K 177 -45.30 9.79 9.24
N LYS K 178 -45.67 10.60 10.23
CA LYS K 178 -45.54 10.21 11.63
C LYS K 178 -46.45 9.03 11.94
N LYS K 179 -47.69 9.05 11.45
CA LYS K 179 -48.61 7.94 11.67
C LYS K 179 -48.09 6.65 11.03
N SER K 180 -47.65 6.74 9.76
CA SER K 180 -47.15 5.56 9.07
C SER K 180 -45.84 5.06 9.66
N HIS K 181 -44.96 5.99 10.09
CA HIS K 181 -43.65 5.60 10.59
C HIS K 181 -43.75 4.99 11.97
N GLU K 182 -44.59 5.53 12.85
CA GLU K 182 -44.79 4.88 14.14
C GLU K 182 -45.55 3.58 14.01
N SER K 183 -46.43 3.45 13.01
CA SER K 183 -47.08 2.17 12.75
C SER K 183 -46.06 1.11 12.32
N TYR K 184 -45.20 1.46 11.37
CA TYR K 184 -44.18 0.53 10.88
C TYR K 184 -43.15 0.21 11.97
N LYS K 185 -42.77 1.19 12.78
CA LYS K 185 -41.80 0.95 13.84
C LYS K 185 -42.39 0.09 14.96
N ASP K 186 -43.66 0.31 15.29
CA ASP K 186 -44.29 -0.48 16.34
C ASP K 186 -44.51 -1.91 15.90
N THR K 187 -44.94 -2.13 14.64
CA THR K 187 -45.03 -3.50 14.18
C THR K 187 -43.67 -4.13 13.91
N LYS K 188 -42.63 -3.31 13.68
CA LYS K 188 -41.27 -3.83 13.58
C LYS K 188 -40.79 -4.36 14.92
N ARG K 189 -41.00 -3.60 16.00
CA ARG K 189 -40.62 -4.09 17.31
C ARG K 189 -41.55 -5.18 17.82
N TRP K 190 -42.78 -5.28 17.30
CA TRP K 190 -43.62 -6.41 17.66
C TRP K 190 -43.18 -7.69 16.96
N MET K 191 -42.88 -7.60 15.66
CA MET K 191 -42.49 -8.78 14.91
C MET K 191 -41.08 -9.24 15.28
N PHE K 192 -40.23 -8.31 15.69
CA PHE K 192 -38.80 -8.55 15.70
C PHE K 192 -38.31 -8.90 17.09
N LYS K 193 -39.11 -8.60 18.11
CA LYS K 193 -38.84 -8.93 19.51
C LYS K 193 -40.17 -9.01 20.24
N LYS K 194 -40.14 -9.42 21.50
CA LYS K 194 -41.34 -9.50 22.32
C LYS K 194 -41.85 -8.11 22.68
N ASP L 2 -73.57 -40.57 -15.06
CA ASP L 2 -73.75 -41.30 -13.80
C ASP L 2 -74.85 -40.66 -12.96
N ILE L 3 -75.20 -41.33 -11.87
CA ILE L 3 -76.30 -40.88 -11.01
C ILE L 3 -75.75 -39.94 -9.95
N ASN L 4 -76.32 -38.74 -9.86
CA ASN L 4 -75.93 -37.76 -8.85
C ASN L 4 -76.74 -38.03 -7.59
N ILE L 5 -76.04 -38.27 -6.49
CA ILE L 5 -76.62 -38.86 -5.29
C ILE L 5 -76.52 -37.93 -4.09
N ASP L 6 -76.20 -36.66 -4.33
CA ASP L 6 -75.85 -35.77 -3.22
C ASP L 6 -77.07 -35.34 -2.42
N ASP L 7 -78.23 -35.15 -3.07
CA ASP L 7 -79.41 -34.67 -2.37
C ASP L 7 -80.00 -35.75 -1.47
N ILE L 8 -80.07 -37.00 -1.95
CA ILE L 8 -80.64 -38.08 -1.16
C ILE L 8 -79.73 -38.45 0.01
N LEU L 9 -78.41 -38.43 -0.21
CA LEU L 9 -77.46 -38.69 0.88
C LEU L 9 -77.46 -37.55 1.89
N ALA L 10 -77.62 -36.31 1.42
CA ALA L 10 -77.68 -35.16 2.32
C ALA L 10 -78.94 -35.19 3.18
N GLU L 11 -80.08 -35.53 2.59
CA GLU L 11 -81.30 -35.65 3.37
C GLU L 11 -81.35 -36.93 4.20
N LEU L 12 -80.53 -37.93 3.87
CA LEU L 12 -80.36 -39.09 4.72
C LEU L 12 -79.47 -38.81 5.93
N ASP L 13 -78.51 -37.87 5.78
CA ASP L 13 -77.60 -37.54 6.87
C ASP L 13 -78.32 -36.91 8.05
N LYS L 14 -79.42 -36.19 7.81
CA LYS L 14 -80.18 -35.56 8.88
C LYS L 14 -81.13 -36.53 9.57
N GLU L 15 -81.31 -37.74 9.03
CA GLU L 15 -82.23 -38.72 9.61
C GLU L 15 -81.65 -39.32 10.89
N VAL L 54 -77.19 -17.13 20.45
CA VAL L 54 -77.73 -17.70 21.68
C VAL L 54 -76.66 -18.54 22.36
N SER L 55 -75.95 -19.35 21.57
CA SER L 55 -74.84 -20.12 22.10
C SER L 55 -73.70 -19.19 22.46
N PRO L 56 -72.94 -19.48 23.52
CA PRO L 56 -71.92 -18.53 24.01
C PRO L 56 -70.76 -18.29 23.05
N GLN L 57 -70.33 -19.30 22.28
CA GLN L 57 -69.23 -19.10 21.36
C GLN L 57 -69.64 -18.21 20.19
N GLN L 58 -70.87 -18.39 19.68
CA GLN L 58 -71.39 -17.50 18.65
C GLN L 58 -71.60 -16.09 19.19
N ASP L 59 -71.99 -15.97 20.46
CA ASP L 59 -72.09 -14.66 21.10
C ASP L 59 -70.73 -13.97 21.18
N PHE L 60 -69.68 -14.73 21.47
CA PHE L 60 -68.34 -14.15 21.56
C PHE L 60 -67.80 -13.78 20.19
N SER L 61 -68.10 -14.59 19.17
CA SER L 61 -67.74 -14.24 17.80
C SER L 61 -68.47 -12.99 17.34
N ASP L 62 -69.75 -12.85 17.71
CA ASP L 62 -70.49 -11.63 17.43
C ASP L 62 -69.93 -10.45 18.22
N LEU L 63 -69.37 -10.70 19.42
CA LEU L 63 -68.77 -9.64 20.21
C LEU L 63 -67.52 -9.08 19.54
N MET L 64 -66.63 -9.95 19.04
CA MET L 64 -65.52 -9.41 18.25
C MET L 64 -65.93 -8.90 16.88
N LYS L 65 -67.04 -9.38 16.32
CA LYS L 65 -67.55 -8.77 15.10
C LYS L 65 -67.96 -7.32 15.35
N SER L 66 -68.66 -7.08 16.47
CA SER L 66 -69.02 -5.73 16.87
C SER L 66 -67.79 -4.90 17.19
N TRP L 67 -66.78 -5.50 17.84
CA TRP L 67 -65.58 -4.77 18.23
C TRP L 67 -64.75 -4.36 17.01
N LYS L 68 -64.53 -5.29 16.08
CA LYS L 68 -63.77 -4.96 14.88
C LYS L 68 -64.54 -4.05 13.94
N ASN L 69 -65.87 -4.13 13.93
CA ASN L 69 -66.64 -3.18 13.15
C ASN L 69 -66.68 -1.80 13.81
N GLU L 70 -66.56 -1.76 15.14
CA GLU L 70 -66.60 -0.48 15.85
C GLU L 70 -65.27 0.26 15.72
N ARG L 71 -64.15 -0.48 15.80
CA ARG L 71 -62.84 0.16 15.87
C ARG L 71 -62.47 0.88 14.58
N CYS L 72 -62.80 0.30 13.42
CA CYS L 72 -62.44 0.91 12.15
C CYS L 72 -63.51 1.85 11.60
N SER L 73 -64.71 1.88 12.19
CA SER L 73 -65.76 2.74 11.65
C SER L 73 -65.59 4.18 12.14
N PRO L 74 -65.91 5.16 11.30
CA PRO L 74 -66.04 6.54 11.82
C PRO L 74 -67.33 6.76 12.60
N GLU L 75 -68.43 6.15 12.15
CA GLU L 75 -69.72 6.33 12.80
C GLU L 75 -69.81 5.48 14.06
N LEU L 76 -70.43 6.05 15.10
CA LEU L 76 -70.73 5.29 16.31
C LEU L 76 -71.81 4.26 16.00
N LEU L 77 -71.47 2.99 16.12
CA LEU L 77 -72.37 1.91 15.76
C LEU L 77 -73.50 1.76 16.77
N PRO L 78 -74.63 1.18 16.36
CA PRO L 78 -75.72 0.90 17.32
C PRO L 78 -75.28 -0.11 18.38
N TYR L 79 -75.82 0.09 19.58
CA TYR L 79 -75.46 -0.74 20.72
C TYR L 79 -76.17 -2.08 20.65
N PRO L 80 -75.45 -3.20 20.75
CA PRO L 80 -76.10 -4.50 20.90
C PRO L 80 -76.49 -4.76 22.35
N HIS L 81 -77.67 -4.27 22.75
CA HIS L 81 -78.07 -4.28 24.16
C HIS L 81 -78.25 -5.70 24.70
N GLN L 82 -78.92 -6.57 23.94
CA GLN L 82 -79.18 -7.94 24.41
C GLN L 82 -77.89 -8.74 24.51
N LEU L 83 -76.98 -8.56 23.56
CA LEU L 83 -75.71 -9.27 23.58
C LEU L 83 -74.85 -8.86 24.77
N MET L 84 -74.77 -7.56 25.06
CA MET L 84 -73.96 -7.12 26.18
C MET L 84 -74.62 -7.44 27.51
N LYS L 85 -75.96 -7.42 27.59
CA LYS L 85 -76.62 -7.85 28.82
C LYS L 85 -76.39 -9.33 29.09
N ARG L 86 -76.43 -10.16 28.04
CA ARG L 86 -76.11 -11.58 28.20
C ARG L 86 -74.65 -11.78 28.56
N LEU L 87 -73.75 -10.96 28.03
CA LEU L 87 -72.33 -11.09 28.34
C LEU L 87 -72.02 -10.69 29.79
N LEU L 88 -72.66 -9.62 30.30
CA LEU L 88 -72.48 -9.27 31.71
C LEU L 88 -73.11 -10.30 32.64
N ASN L 89 -74.27 -10.86 32.26
CA ASN L 89 -74.85 -11.94 33.07
C ASN L 89 -73.96 -13.18 33.08
N ARG L 90 -73.35 -13.51 31.93
CA ARG L 90 -72.47 -14.66 31.84
C ARG L 90 -71.18 -14.44 32.62
N ILE L 91 -70.62 -13.22 32.56
CA ILE L 91 -69.39 -12.95 33.29
C ILE L 91 -69.66 -12.88 34.80
N SER L 92 -70.88 -12.49 35.20
CA SER L 92 -71.23 -12.53 36.62
C SER L 92 -71.39 -13.97 37.12
N MET L 93 -72.06 -14.81 36.32
CA MET L 93 -72.19 -16.22 36.72
C MET L 93 -70.85 -16.92 36.75
N GLN L 94 -69.94 -16.57 35.83
CA GLN L 94 -68.59 -17.13 35.89
C GLN L 94 -67.80 -16.59 37.06
N SER L 95 -68.04 -15.35 37.48
CA SER L 95 -67.36 -14.81 38.65
C SER L 95 -67.77 -15.53 39.93
N GLN L 96 -69.09 -15.74 40.12
CA GLN L 96 -69.52 -16.54 41.26
C GLN L 96 -69.10 -18.00 41.15
N LEU L 97 -69.01 -18.54 39.92
CA LEU L 97 -68.55 -19.91 39.75
C LEU L 97 -67.09 -20.08 40.14
N ILE L 98 -66.22 -19.16 39.69
CA ILE L 98 -64.80 -19.27 40.02
C ILE L 98 -64.56 -18.96 41.50
N GLU L 99 -65.39 -18.10 42.12
CA GLU L 99 -65.22 -17.85 43.54
C GLU L 99 -65.72 -19.04 44.37
N ASN L 100 -66.77 -19.72 43.90
CA ASN L 100 -67.23 -20.93 44.59
C ASN L 100 -66.23 -22.07 44.47
N ILE L 101 -65.59 -22.21 43.31
CA ILE L 101 -64.55 -23.24 43.17
C ILE L 101 -63.30 -22.85 43.98
N SER L 102 -63.02 -21.54 44.13
CA SER L 102 -61.95 -21.11 45.01
C SER L 102 -62.24 -21.43 46.47
N MET L 103 -63.51 -21.31 46.88
CA MET L 103 -63.92 -21.86 48.18
C MET L 103 -63.79 -23.38 48.23
N GLY L 104 -63.98 -24.06 47.10
CA GLY L 104 -63.78 -25.49 47.05
C GLY L 104 -62.34 -25.95 47.03
N PHE L 105 -61.40 -25.03 46.87
CA PHE L 105 -59.97 -25.36 46.85
C PHE L 105 -59.48 -25.72 48.24
N ASN L 120 -56.40 -34.40 45.02
CA ASN L 120 -55.66 -34.01 43.83
C ASN L 120 -55.83 -32.50 43.62
N GLU L 121 -54.80 -31.87 43.05
CA GLU L 121 -54.79 -30.43 42.80
C GLU L 121 -54.55 -30.22 41.31
N SER L 122 -55.63 -30.05 40.55
CA SER L 122 -55.57 -29.76 39.13
C SER L 122 -55.95 -28.28 38.95
N LYS L 123 -54.95 -27.43 38.98
CA LYS L 123 -55.15 -25.98 38.96
C LYS L 123 -55.20 -25.40 37.55
N LEU L 124 -55.00 -26.22 36.52
CA LEU L 124 -55.05 -25.74 35.13
C LEU L 124 -56.47 -25.39 34.65
N PRO L 125 -57.55 -26.10 35.03
CA PRO L 125 -58.89 -25.52 34.76
C PRO L 125 -59.15 -24.19 35.46
N LEU L 126 -58.63 -23.99 36.67
CA LEU L 126 -58.77 -22.70 37.34
C LEU L 126 -57.99 -21.62 36.61
N LEU L 127 -56.81 -21.96 36.10
CA LEU L 127 -56.04 -21.03 35.28
C LEU L 127 -56.76 -20.71 33.97
N CYS L 128 -57.43 -21.70 33.39
CA CYS L 128 -58.25 -21.47 32.19
C CYS L 128 -59.41 -20.52 32.49
N MET L 129 -60.11 -20.71 33.62
CA MET L 129 -61.11 -19.76 34.10
C MET L 129 -60.51 -18.36 34.26
N GLU L 130 -59.32 -18.26 34.83
CA GLU L 130 -58.75 -16.97 35.19
C GLU L 130 -58.38 -16.16 33.95
N THR L 131 -57.63 -16.77 33.02
CA THR L 131 -57.29 -16.02 31.82
C THR L 131 -58.50 -15.86 30.90
N GLU L 132 -59.48 -16.77 30.99
CA GLU L 132 -60.78 -16.61 30.34
C GLU L 132 -61.46 -15.31 30.78
N LEU L 133 -61.53 -15.09 32.10
CA LEU L 133 -62.16 -13.91 32.66
C LEU L 133 -61.45 -12.63 32.28
N GLU L 134 -60.12 -12.58 32.43
CA GLU L 134 -59.41 -11.34 32.07
C GLU L 134 -59.35 -11.07 30.56
N ARG L 135 -59.36 -12.09 29.71
CA ARG L 135 -59.41 -11.79 28.27
C ARG L 135 -60.80 -11.30 27.85
N LEU L 136 -61.87 -11.86 28.43
CA LEU L 136 -63.21 -11.33 28.18
C LEU L 136 -63.35 -9.91 28.70
N LYS L 137 -62.78 -9.63 29.87
CA LYS L 137 -62.81 -8.28 30.44
C LYS L 137 -62.03 -7.30 29.57
N PHE L 138 -60.91 -7.75 28.97
CA PHE L 138 -60.16 -6.89 28.06
C PHE L 138 -60.97 -6.55 26.81
N VAL L 139 -61.68 -7.54 26.23
CA VAL L 139 -62.46 -7.29 25.02
C VAL L 139 -63.59 -6.31 25.31
N ILE L 140 -64.30 -6.52 26.43
CA ILE L 140 -65.40 -5.63 26.82
C ILE L 140 -64.89 -4.23 27.13
N ARG L 141 -63.75 -4.14 27.83
CA ARG L 141 -63.15 -2.85 28.19
C ARG L 141 -62.72 -2.07 26.95
N SER L 142 -62.08 -2.75 25.99
CA SER L 142 -61.61 -2.07 24.79
C SER L 142 -62.77 -1.61 23.92
N TYR L 143 -63.82 -2.42 23.80
CA TYR L 143 -64.98 -2.03 23.02
C TYR L 143 -65.69 -0.81 23.61
N ILE L 144 -65.92 -0.84 24.93
CA ILE L 144 -66.58 0.29 25.57
C ILE L 144 -65.69 1.54 25.57
N ARG L 145 -64.37 1.37 25.72
CA ARG L 145 -63.46 2.52 25.68
C ARG L 145 -63.43 3.17 24.30
N CYS L 146 -63.41 2.36 23.24
CA CYS L 146 -63.43 2.91 21.88
C CYS L 146 -64.74 3.64 21.59
N ARG L 147 -65.88 3.05 22.00
CA ARG L 147 -67.13 3.75 21.73
C ARG L 147 -67.32 4.96 22.64
N LEU L 148 -66.72 4.99 23.82
CA LEU L 148 -66.74 6.19 24.65
C LEU L 148 -65.89 7.31 24.06
N SER L 149 -64.75 6.96 23.47
CA SER L 149 -63.95 7.96 22.75
C SER L 149 -64.71 8.53 21.56
N LYS L 150 -65.41 7.67 20.83
CA LYS L 150 -66.21 8.19 19.71
C LYS L 150 -67.46 8.93 20.16
N ILE L 151 -67.96 8.66 21.38
CA ILE L 151 -68.98 9.52 21.98
C ILE L 151 -68.41 10.90 22.25
N ASP L 152 -67.19 10.95 22.81
CA ASP L 152 -66.55 12.23 23.12
C ASP L 152 -66.19 13.01 21.87
N LYS L 153 -65.94 12.32 20.74
CA LYS L 153 -65.68 13.03 19.50
C LYS L 153 -66.94 13.69 18.94
N PHE L 154 -68.10 13.06 19.13
CA PHE L 154 -69.33 13.51 18.49
C PHE L 154 -70.40 13.88 19.50
N SER L 155 -70.05 14.66 20.53
CA SER L 155 -71.01 15.05 21.55
C SER L 155 -72.06 16.01 20.99
N LEU L 156 -71.62 17.00 20.22
CA LEU L 156 -72.54 17.98 19.67
C LEU L 156 -73.47 17.37 18.62
N TYR L 157 -72.94 16.44 17.81
CA TYR L 157 -73.76 15.72 16.84
C TYR L 157 -74.82 14.88 17.54
N LEU L 158 -74.45 14.22 18.64
CA LEU L 158 -75.41 13.40 19.38
C LEU L 158 -76.46 14.24 20.06
N ARG L 159 -76.09 15.41 20.59
CA ARG L 159 -77.11 16.23 21.25
C ARG L 159 -78.01 16.93 20.24
N GLN L 160 -77.52 17.22 19.02
CA GLN L 160 -78.44 17.70 17.99
C GLN L 160 -79.36 16.58 17.52
N LEU L 161 -78.84 15.36 17.43
CA LEU L 161 -79.65 14.23 16.99
C LEU L 161 -80.72 13.88 18.02
N ASN L 162 -80.42 14.12 19.30
CA ASN L 162 -81.46 14.02 20.33
C ASN L 162 -82.43 15.21 20.23
N GLU L 163 -81.90 16.39 19.93
CA GLU L 163 -82.72 17.60 19.85
C GLU L 163 -83.64 17.59 18.64
N ASP L 164 -83.26 16.90 17.57
CA ASP L 164 -84.10 16.82 16.38
C ASP L 164 -85.10 15.67 16.56
N GLU L 165 -86.37 16.00 16.80
CA GLU L 165 -87.40 14.99 16.94
C GLU L 165 -87.80 14.37 15.61
N ASN L 166 -87.50 15.04 14.49
CA ASN L 166 -87.86 14.49 13.18
C ASN L 166 -86.97 13.31 12.79
N SER L 167 -85.73 13.28 13.28
CA SER L 167 -84.85 12.15 13.01
C SER L 167 -85.26 10.94 13.85
N LEU L 168 -85.19 9.76 13.23
CA LEU L 168 -85.64 8.54 13.91
C LEU L 168 -84.58 7.93 14.82
N ILE L 169 -83.34 8.39 14.75
CA ILE L 169 -82.27 7.81 15.55
C ILE L 169 -82.24 8.52 16.91
N SER L 170 -82.26 7.73 17.98
CA SER L 170 -82.19 8.24 19.34
C SER L 170 -81.12 7.47 20.10
N LEU L 171 -80.69 8.05 21.23
CA LEU L 171 -79.66 7.43 22.05
C LEU L 171 -80.15 6.20 22.80
N THR L 172 -81.46 6.05 22.96
CA THR L 172 -81.99 4.81 23.52
C THR L 172 -81.78 3.64 22.57
N ASP L 173 -81.79 3.90 21.26
CA ASP L 173 -81.51 2.87 20.28
C ASP L 173 -80.02 2.77 19.96
N LEU L 174 -79.23 3.77 20.35
CA LEU L 174 -77.84 3.86 19.94
C LEU L 174 -76.84 3.68 21.07
N LEU L 175 -77.17 4.11 22.29
CA LEU L 175 -76.22 4.09 23.39
C LEU L 175 -76.81 3.36 24.59
N SER L 176 -75.92 2.91 25.47
CA SER L 176 -76.31 2.32 26.73
C SER L 176 -76.70 3.41 27.72
N LYS L 177 -77.26 2.98 28.86
CA LYS L 177 -77.64 3.92 29.90
C LYS L 177 -76.42 4.61 30.52
N ASP L 178 -75.35 3.84 30.75
CA ASP L 178 -74.10 4.42 31.24
C ASP L 178 -73.47 5.35 30.21
N GLU L 179 -73.57 4.99 28.92
CA GLU L 179 -73.05 5.86 27.87
C GLU L 179 -73.90 7.12 27.71
N ILE L 180 -75.22 7.00 27.89
CA ILE L 180 -76.09 8.18 27.88
C ILE L 180 -75.75 9.10 29.03
N LYS L 181 -75.51 8.54 30.24
CA LYS L 181 -75.12 9.34 31.39
C LYS L 181 -73.77 10.02 31.18
N TYR L 182 -72.80 9.28 30.61
CA TYR L 182 -71.47 9.83 30.33
C TYR L 182 -71.54 10.97 29.33
N HIS L 183 -72.31 10.78 28.24
CA HIS L 183 -72.43 11.81 27.22
C HIS L 183 -73.14 13.04 27.76
N ASP L 184 -74.18 12.85 28.57
CA ASP L 184 -74.93 13.98 29.11
C ASP L 184 -74.08 14.78 30.09
N THR L 185 -73.46 14.12 31.07
CA THR L 185 -72.70 14.89 32.05
C THR L 185 -71.37 15.39 31.49
N HIS L 186 -70.85 14.76 30.43
CA HIS L 186 -69.68 15.31 29.76
C HIS L 186 -70.05 16.56 28.98
N SER L 187 -71.25 16.56 28.37
CA SER L 187 -71.73 17.76 27.69
C SER L 187 -71.95 18.91 28.66
N LEU L 188 -72.54 18.63 29.82
CA LEU L 188 -72.69 19.70 30.83
C LEU L 188 -71.36 20.18 31.41
N ILE L 189 -70.40 19.28 31.65
CA ILE L 189 -69.15 19.76 32.26
C ILE L 189 -68.32 20.54 31.23
N TRP L 190 -68.36 20.14 29.95
CA TRP L 190 -67.69 20.89 28.91
C TRP L 190 -68.39 22.22 28.67
N LEU L 191 -69.72 22.22 28.74
CA LEU L 191 -70.52 23.44 28.65
C LEU L 191 -70.17 24.43 29.75
N LYS L 192 -70.11 23.95 30.99
CA LYS L 192 -69.81 24.83 32.12
C LYS L 192 -68.38 25.37 32.02
N LEU L 193 -67.44 24.52 31.56
CA LEU L 193 -66.06 24.96 31.39
C LEU L 193 -65.94 26.05 30.32
N VAL L 194 -66.66 25.91 29.21
CA VAL L 194 -66.53 26.95 28.18
C VAL L 194 -67.39 28.18 28.47
N ASN L 195 -68.43 28.08 29.30
CA ASN L 195 -69.10 29.32 29.74
C ASN L 195 -68.24 30.09 30.74
N ASP L 196 -67.69 29.43 31.76
CA ASP L 196 -66.90 30.24 32.68
C ASP L 196 -65.47 30.47 32.18
N SER L 197 -65.09 29.90 31.05
CA SER L 197 -63.80 30.16 30.43
C SER L 197 -63.87 31.22 29.35
N ILE L 198 -64.73 31.03 28.36
CA ILE L 198 -64.68 31.81 27.12
C ILE L 198 -65.97 32.59 26.89
N LEU L 199 -67.10 31.88 26.87
CA LEU L 199 -68.34 32.42 26.31
C LEU L 199 -69.04 33.43 27.21
N LYS L 200 -68.59 33.62 28.44
CA LYS L 200 -69.16 34.67 29.28
C LYS L 200 -68.79 36.05 28.74
N TYR L 201 -67.59 36.18 28.19
CA TYR L 201 -67.10 37.47 27.71
C TYR L 201 -67.49 37.76 26.27
N MET L 202 -68.24 36.87 25.60
CA MET L 202 -68.67 37.12 24.24
C MET L 202 -70.17 37.41 24.18
N PRO L 203 -70.64 38.24 23.22
CA PRO L 203 -72.05 38.67 23.20
C PRO L 203 -73.06 37.57 22.88
N GLU L 204 -74.33 37.96 22.78
CA GLU L 204 -75.44 37.01 22.79
C GLU L 204 -75.51 36.17 21.52
N GLU L 205 -74.91 36.62 20.43
CA GLU L 205 -74.95 35.84 19.20
C GLU L 205 -73.94 34.69 19.22
N LEU L 206 -72.86 34.83 19.99
CA LEU L 206 -71.69 33.96 19.83
C LEU L 206 -71.42 33.03 21.02
N GLN L 207 -72.37 32.84 21.94
CA GLN L 207 -72.14 31.82 22.96
C GLN L 207 -72.65 30.45 22.52
N ALA L 208 -73.30 30.35 21.38
CA ALA L 208 -73.89 29.10 20.94
C ALA L 208 -72.82 28.11 20.50
N ILE L 209 -72.94 26.87 20.96
CA ILE L 209 -72.01 25.81 20.58
C ILE L 209 -72.66 24.82 19.63
N ASN L 210 -73.99 24.84 19.51
CA ASN L 210 -74.69 24.10 18.47
C ASN L 210 -75.01 24.97 17.27
N ASP L 211 -74.13 25.93 16.98
CA ASP L 211 -74.31 26.88 15.90
C ASP L 211 -74.14 26.17 14.56
N THR L 212 -74.78 26.72 13.53
CA THR L 212 -74.67 26.22 12.18
C THR L 212 -74.28 27.30 11.17
N GLU L 213 -74.78 28.52 11.35
CA GLU L 213 -74.65 29.60 10.37
C GLU L 213 -73.32 30.35 10.48
N GLY L 214 -72.29 29.78 11.10
CA GLY L 214 -71.00 30.42 11.14
C GLY L 214 -70.24 30.29 9.85
N SER L 215 -69.09 30.97 9.79
CA SER L 215 -68.22 30.85 8.62
C SER L 215 -67.62 29.46 8.52
N VAL L 216 -67.16 28.92 9.64
CA VAL L 216 -66.77 27.51 9.75
C VAL L 216 -67.81 26.85 10.64
N ASN L 217 -68.12 25.58 10.36
CA ASN L 217 -69.19 24.90 11.06
C ASN L 217 -68.80 24.63 12.51
N MET L 218 -69.68 25.04 13.43
CA MET L 218 -69.44 24.86 14.85
C MET L 218 -69.46 23.40 15.26
N ILE L 219 -70.36 22.62 14.68
CA ILE L 219 -70.63 21.27 15.13
C ILE L 219 -69.79 20.27 14.35
N ASP L 220 -69.19 19.31 15.05
CA ASP L 220 -68.46 18.23 14.41
C ASP L 220 -69.41 17.29 13.69
N GLU L 221 -68.92 16.71 12.59
CA GLU L 221 -69.67 15.78 11.78
C GLU L 221 -68.77 14.60 11.46
N PRO L 222 -69.26 13.37 11.61
CA PRO L 222 -68.46 12.20 11.25
C PRO L 222 -68.21 12.12 9.76
N ASP L 223 -67.05 11.59 9.40
CA ASP L 223 -66.65 11.43 8.01
C ASP L 223 -67.46 10.26 7.43
N TRP L 224 -68.54 10.61 6.74
CA TRP L 224 -69.44 9.59 6.21
C TRP L 224 -68.83 8.82 5.05
N ASN L 225 -67.89 9.44 4.34
CA ASN L 225 -67.21 8.81 3.22
C ASN L 225 -65.77 8.42 3.55
N LYS L 226 -65.47 8.15 4.81
CA LYS L 226 -64.12 7.76 5.19
C LYS L 226 -63.80 6.37 4.66
N PHE L 227 -62.62 6.23 4.05
CA PHE L 227 -62.23 4.96 3.45
C PHE L 227 -61.87 3.95 4.54
N VAL L 228 -62.39 2.74 4.40
CA VAL L 228 -62.21 1.70 5.40
C VAL L 228 -62.00 0.37 4.68
N PHE L 229 -61.17 -0.49 5.28
CA PHE L 229 -60.96 -1.85 4.82
C PHE L 229 -62.17 -2.70 5.21
N ILE L 230 -62.76 -3.38 4.23
CA ILE L 230 -63.88 -4.29 4.46
C ILE L 230 -63.59 -5.62 3.79
N HIS L 231 -64.03 -6.70 4.44
CA HIS L 231 -63.95 -8.04 3.88
C HIS L 231 -65.37 -8.61 3.83
N VAL L 232 -65.78 -9.03 2.65
CA VAL L 232 -67.14 -9.51 2.45
C VAL L 232 -67.28 -10.92 3.03
N ASN L 233 -68.40 -11.16 3.71
CA ASN L 233 -68.72 -12.46 4.27
C ASN L 233 -69.94 -13.10 3.61
N GLY L 234 -70.60 -12.40 2.69
CA GLY L 234 -71.86 -12.86 2.16
C GLY L 234 -72.95 -12.64 3.17
N PRO L 235 -74.01 -13.45 3.11
CA PRO L 235 -75.03 -13.41 4.16
C PRO L 235 -74.49 -13.98 5.45
N PRO L 236 -75.05 -13.58 6.61
CA PRO L 236 -74.64 -14.23 7.87
C PRO L 236 -74.99 -15.70 7.93
N ASP L 237 -76.07 -16.12 7.29
CA ASP L 237 -76.41 -17.52 7.19
C ASP L 237 -75.72 -18.15 5.99
N GLY L 238 -75.65 -19.48 6.00
CA GLY L 238 -75.06 -20.22 4.89
C GLY L 238 -75.95 -20.36 3.67
N LYS L 239 -77.23 -20.02 3.80
CA LYS L 239 -78.19 -20.13 2.70
C LYS L 239 -78.13 -18.83 1.90
N TRP L 240 -77.64 -18.91 0.66
CA TRP L 240 -77.31 -17.72 -0.11
C TRP L 240 -78.50 -17.15 -0.89
N ASN L 241 -79.53 -17.96 -1.18
CA ASN L 241 -80.54 -17.56 -2.14
C ASN L 241 -81.53 -16.53 -1.59
N GLU L 242 -81.63 -16.39 -0.27
CA GLU L 242 -82.61 -15.46 0.30
C GLU L 242 -82.19 -14.01 0.22
N ASP L 243 -80.92 -13.74 -0.06
CA ASP L 243 -80.46 -12.36 -0.20
C ASP L 243 -80.89 -11.82 -1.55
N PRO L 244 -81.67 -10.73 -1.61
CA PRO L 244 -82.08 -10.20 -2.90
C PRO L 244 -80.98 -9.40 -3.60
N LEU L 245 -80.04 -8.87 -2.81
CA LEU L 245 -78.95 -8.08 -3.37
C LEU L 245 -77.87 -8.94 -4.00
N LEU L 246 -77.81 -10.22 -3.64
CA LEU L 246 -76.82 -11.12 -4.23
C LEU L 246 -77.18 -11.44 -5.68
N GLN L 247 -76.17 -11.41 -6.55
CA GLN L 247 -76.39 -11.72 -7.95
C GLN L 247 -75.15 -12.44 -8.49
N GLU L 248 -75.39 -13.37 -9.41
CA GLU L 248 -74.31 -14.19 -9.93
C GLU L 248 -73.64 -13.52 -11.12
N ASN L 249 -72.31 -13.66 -11.20
CA ASN L 249 -71.51 -12.92 -12.16
C ASN L 249 -70.73 -13.91 -13.01
N GLU L 250 -69.80 -13.37 -13.79
CA GLU L 250 -68.90 -14.19 -14.60
C GLU L 250 -67.90 -14.90 -13.70
N PHE L 251 -67.33 -15.98 -14.26
CA PHE L 251 -66.32 -16.84 -13.61
C PHE L 251 -66.84 -17.48 -12.32
N GLY L 252 -68.14 -17.66 -12.20
CA GLY L 252 -68.73 -18.37 -11.08
C GLY L 252 -68.93 -17.58 -9.80
N LYS L 253 -68.03 -16.65 -9.51
CA LYS L 253 -68.05 -15.95 -8.23
C LYS L 253 -69.15 -14.89 -8.21
N PRO L 254 -70.02 -14.90 -7.21
CA PRO L 254 -71.05 -13.85 -7.09
C PRO L 254 -70.45 -12.60 -6.47
N CYS L 255 -71.25 -11.54 -6.46
CA CYS L 255 -70.77 -10.26 -5.95
C CYS L 255 -71.94 -9.45 -5.40
N TYR L 256 -71.58 -8.35 -4.73
CA TYR L 256 -72.53 -7.31 -4.34
C TYR L 256 -72.24 -6.06 -5.17
N THR L 257 -73.27 -5.50 -5.79
CA THR L 257 -73.12 -4.32 -6.63
C THR L 257 -73.57 -3.09 -5.84
N VAL L 258 -72.65 -2.13 -5.67
CA VAL L 258 -73.00 -0.88 -4.98
C VAL L 258 -72.54 0.29 -5.83
N THR L 259 -73.25 1.41 -5.69
CA THR L 259 -73.02 2.59 -6.52
C THR L 259 -72.44 3.72 -5.67
N ILE L 260 -71.30 4.24 -6.09
CA ILE L 260 -70.75 5.47 -5.54
C ILE L 260 -71.44 6.64 -6.23
N PRO L 261 -72.09 7.54 -5.48
CA PRO L 261 -72.89 8.60 -6.10
C PRO L 261 -72.11 9.84 -6.46
N ASP L 262 -70.99 10.10 -5.77
CA ASP L 262 -70.21 11.30 -6.09
C ASP L 262 -69.43 11.13 -7.39
N LEU L 263 -69.16 9.89 -7.80
CA LEU L 263 -68.67 9.62 -9.15
C LEU L 263 -69.73 9.01 -10.06
N LYS L 264 -70.84 8.51 -9.49
CA LYS L 264 -71.92 7.79 -10.18
C LYS L 264 -71.37 6.57 -10.93
N GLU L 265 -70.71 5.68 -10.19
CA GLU L 265 -70.19 4.43 -10.74
C GLU L 265 -70.69 3.22 -9.96
N GLU L 266 -70.93 2.13 -10.68
CA GLU L 266 -71.29 0.86 -10.07
C GLU L 266 -70.06 -0.01 -9.94
N VAL L 267 -69.87 -0.61 -8.76
CA VAL L 267 -68.71 -1.44 -8.46
C VAL L 267 -69.19 -2.78 -7.91
N GLU L 268 -68.44 -3.82 -8.25
CA GLU L 268 -68.74 -5.20 -7.90
C GLU L 268 -67.78 -5.65 -6.82
N LEU L 269 -68.33 -6.20 -5.74
CA LEU L 269 -67.55 -6.74 -4.62
C LEU L 269 -67.75 -8.25 -4.61
N THR L 270 -66.78 -8.97 -5.17
CA THR L 270 -66.86 -10.43 -5.24
C THR L 270 -66.63 -11.03 -3.86
N ILE L 271 -67.36 -12.12 -3.58
CA ILE L 271 -67.29 -12.76 -2.26
C ILE L 271 -65.94 -13.47 -2.11
N GLY L 272 -65.22 -13.13 -1.05
CA GLY L 272 -63.93 -13.70 -0.78
C GLY L 272 -62.73 -12.80 -1.01
N SER L 273 -62.93 -11.51 -1.20
CA SER L 273 -61.84 -10.58 -1.44
C SER L 273 -62.05 -9.32 -0.60
N ILE L 274 -60.96 -8.61 -0.36
CA ILE L 274 -60.95 -7.48 0.56
C ILE L 274 -60.88 -6.18 -0.26
N TYR L 275 -61.49 -5.13 0.28
CA TYR L 275 -61.59 -3.85 -0.43
C TYR L 275 -61.35 -2.72 0.54
N VAL L 276 -61.12 -1.52 -0.02
CA VAL L 276 -61.23 -0.27 0.72
C VAL L 276 -62.33 0.55 0.06
N MET L 277 -63.34 0.93 0.84
CA MET L 277 -64.49 1.65 0.31
C MET L 277 -64.89 2.78 1.25
N ARG L 278 -65.70 3.69 0.72
CA ARG L 278 -66.31 4.74 1.53
C ARG L 278 -67.34 4.12 2.48
N TYR L 279 -67.49 4.75 3.64
CA TYR L 279 -68.38 4.19 4.67
C TYR L 279 -69.86 4.43 4.37
N GLU L 280 -70.20 5.50 3.64
CA GLU L 280 -71.59 5.74 3.29
C GLU L 280 -72.11 4.69 2.31
N VAL L 281 -71.23 4.19 1.44
CA VAL L 281 -71.59 3.15 0.50
C VAL L 281 -71.85 1.82 1.21
N ILE L 282 -71.06 1.53 2.25
CA ILE L 282 -71.07 0.22 2.91
C ILE L 282 -71.89 0.23 4.20
N ARG L 283 -72.50 1.38 4.55
CA ARG L 283 -73.30 1.50 5.77
C ARG L 283 -74.53 0.59 5.74
N ASP L 284 -75.21 0.52 4.59
CA ASP L 284 -76.42 -0.32 4.52
C ASP L 284 -76.08 -1.80 4.49
N LEU L 285 -74.90 -2.17 4.00
CA LEU L 285 -74.48 -3.56 4.07
C LEU L 285 -74.00 -3.93 5.47
N LEU L 286 -73.38 -2.98 6.18
CA LEU L 286 -72.91 -3.26 7.53
C LEU L 286 -74.06 -3.33 8.53
N ARG L 287 -75.09 -2.49 8.34
CA ARG L 287 -76.26 -2.55 9.21
C ARG L 287 -77.05 -3.83 9.00
N ASP L 288 -76.99 -4.40 7.80
CA ASP L 288 -77.56 -5.71 7.53
C ASP L 288 -76.56 -6.82 7.79
N ASP L 289 -75.33 -6.47 8.19
CA ASP L 289 -74.27 -7.38 8.62
C ASP L 289 -73.87 -8.37 7.50
N LYS L 290 -73.38 -7.80 6.40
CA LYS L 290 -72.89 -8.59 5.28
C LYS L 290 -71.38 -8.55 5.14
N VAL L 291 -70.71 -7.51 5.64
CA VAL L 291 -69.27 -7.37 5.56
C VAL L 291 -68.71 -7.26 6.97
N ALA L 292 -67.39 -7.35 7.07
CA ALA L 292 -66.68 -7.19 8.33
C ALA L 292 -65.59 -6.14 8.14
N LEU L 293 -65.54 -5.17 9.04
CA LEU L 293 -64.56 -4.10 8.96
C LEU L 293 -63.22 -4.60 9.47
N ILE L 294 -62.34 -4.99 8.56
CA ILE L 294 -60.98 -5.38 8.91
C ILE L 294 -60.17 -4.16 9.31
N MET M 1 -28.83 -34.07 57.55
CA MET M 1 -29.39 -35.39 57.81
C MET M 1 -30.86 -35.46 57.43
N TYR M 2 -31.54 -34.31 57.53
CA TYR M 2 -33.00 -34.32 57.35
C TYR M 2 -33.38 -34.52 55.89
N TYR M 3 -32.48 -34.17 54.96
CA TYR M 3 -32.68 -34.48 53.55
C TYR M 3 -31.36 -34.98 52.97
N GLY M 4 -31.25 -36.29 52.76
CA GLY M 4 -30.23 -36.84 51.91
C GLY M 4 -30.58 -36.62 50.45
N ILE M 5 -29.65 -36.99 49.57
CA ILE M 5 -29.77 -36.61 48.16
C ILE M 5 -30.93 -37.33 47.48
N SER M 6 -31.14 -38.60 47.83
CA SER M 6 -32.16 -39.45 47.19
C SER M 6 -33.57 -39.00 47.51
N GLN M 7 -33.75 -38.10 48.48
CA GLN M 7 -35.06 -37.57 48.81
C GLN M 7 -35.16 -36.06 48.64
N PHE M 8 -34.20 -35.43 47.92
CA PHE M 8 -34.37 -34.03 47.49
C PHE M 8 -35.66 -33.82 46.73
N SER M 9 -35.99 -34.75 45.82
CA SER M 9 -37.26 -34.75 45.11
C SER M 9 -38.44 -34.69 46.06
N GLU M 10 -38.39 -35.48 47.15
CA GLU M 10 -39.45 -35.47 48.15
C GLU M 10 -39.61 -34.10 48.78
N ALA M 11 -38.47 -33.44 49.05
CA ALA M 11 -38.50 -32.10 49.61
C ALA M 11 -39.18 -31.13 48.66
N TYR M 12 -38.91 -31.26 47.36
CA TYR M 12 -39.53 -30.39 46.37
C TYR M 12 -41.04 -30.63 46.34
N ASN M 13 -41.45 -31.89 46.52
CA ASN M 13 -42.87 -32.21 46.57
C ASN M 13 -43.54 -31.51 47.75
N LYS M 14 -42.83 -31.45 48.89
CA LYS M 14 -43.35 -30.75 50.06
C LYS M 14 -43.52 -29.27 49.76
N ILE M 15 -42.59 -28.69 48.98
CA ILE M 15 -42.69 -27.30 48.57
C ILE M 15 -43.95 -27.08 47.76
N LEU M 16 -44.25 -28.03 46.84
CA LEU M 16 -45.49 -27.95 46.07
C LEU M 16 -46.70 -28.05 46.98
N ARG M 17 -46.62 -28.94 47.99
CA ARG M 17 -47.74 -29.10 48.91
C ARG M 17 -47.90 -27.92 49.85
N ASN M 18 -46.95 -26.99 49.86
CA ASN M 18 -47.13 -25.73 50.57
C ASN M 18 -47.29 -24.53 49.65
N SER M 19 -47.03 -24.67 48.35
CA SER M 19 -46.97 -23.46 47.54
C SER M 19 -47.65 -23.54 46.18
N SER M 20 -48.13 -24.70 45.73
CA SER M 20 -48.76 -24.80 44.41
C SER M 20 -50.20 -24.31 44.52
N SER M 21 -50.36 -23.00 44.61
CA SER M 21 -51.66 -22.35 44.69
C SER M 21 -51.66 -21.13 43.79
N HIS M 22 -52.68 -21.06 42.93
CA HIS M 22 -52.77 -19.95 41.97
C HIS M 22 -53.25 -18.65 42.62
N SER M 23 -54.00 -18.74 43.71
CA SER M 23 -54.63 -17.56 44.28
C SER M 23 -53.65 -16.66 45.01
N SER M 24 -52.72 -17.24 45.78
CA SER M 24 -51.85 -16.48 46.65
C SER M 24 -50.40 -16.84 46.40
N CYS M 25 -49.50 -15.91 46.72
CA CYS M 25 -48.08 -16.20 46.73
C CYS M 25 -47.69 -16.71 48.11
N GLN M 26 -46.95 -17.82 48.15
CA GLN M 26 -46.60 -18.45 49.41
C GLN M 26 -45.16 -18.90 49.49
N LEU M 27 -44.37 -18.71 48.43
CA LEU M 27 -42.97 -19.13 48.41
C LEU M 27 -42.08 -17.91 48.23
N VAL M 28 -41.16 -17.72 49.18
CA VAL M 28 -40.19 -16.64 49.16
C VAL M 28 -38.80 -17.26 49.24
N ILE M 29 -37.97 -16.96 48.25
CA ILE M 29 -36.61 -17.48 48.17
C ILE M 29 -35.66 -16.38 48.60
N PHE M 30 -35.06 -16.54 49.77
CA PHE M 30 -33.98 -15.69 50.24
C PHE M 30 -32.67 -16.15 49.60
N VAL M 31 -32.09 -15.31 48.75
CA VAL M 31 -30.83 -15.63 48.09
C VAL M 31 -29.72 -14.75 48.64
N SER M 32 -28.60 -15.38 48.98
CA SER M 32 -27.38 -14.67 49.28
C SER M 32 -26.88 -14.01 48.01
N CYS M 33 -27.03 -12.69 47.92
CA CYS M 33 -26.43 -11.95 46.84
C CYS M 33 -24.91 -11.88 47.03
N LEU M 34 -24.24 -11.39 45.98
CA LEU M 34 -22.77 -11.36 45.86
C LEU M 34 -22.18 -12.77 45.94
N ASN M 35 -22.80 -13.70 45.20
CA ASN M 35 -22.29 -15.05 45.06
C ASN M 35 -22.78 -15.60 43.73
N ILE M 36 -21.85 -16.07 42.89
CA ILE M 36 -22.20 -16.58 41.57
C ILE M 36 -22.96 -17.90 41.70
N ASP M 37 -22.57 -18.73 42.66
CA ASP M 37 -23.21 -20.03 42.87
C ASP M 37 -24.66 -19.89 43.28
N ALA M 38 -24.95 -18.97 44.20
CA ALA M 38 -26.33 -18.72 44.60
C ALA M 38 -27.14 -18.09 43.47
N LEU M 39 -26.50 -17.27 42.64
CA LEU M 39 -27.17 -16.66 41.50
C LEU M 39 -27.61 -17.71 40.48
N CYS M 40 -26.69 -18.62 40.12
CA CYS M 40 -27.04 -19.69 39.18
C CYS M 40 -28.03 -20.67 39.79
N ALA M 41 -27.91 -20.93 41.10
CA ALA M 41 -28.82 -21.83 41.80
C ALA M 41 -30.23 -21.27 41.81
N THR M 42 -30.38 -19.97 42.10
CA THR M 42 -31.69 -19.34 42.08
C THR M 42 -32.22 -19.20 40.67
N LYS M 43 -31.34 -19.08 39.67
CA LYS M 43 -31.80 -19.07 38.28
C LYS M 43 -32.41 -20.41 37.87
N MET M 44 -31.75 -21.52 38.24
CA MET M 44 -32.33 -22.83 37.96
C MET M 44 -33.61 -23.07 38.75
N LEU M 45 -33.65 -22.62 40.01
CA LEU M 45 -34.87 -22.75 40.82
C LEU M 45 -36.01 -21.92 40.25
N SER M 46 -35.71 -20.72 39.76
CA SER M 46 -36.74 -19.86 39.18
C SER M 46 -37.26 -20.43 37.86
N LEU M 47 -36.38 -21.03 37.05
CA LEU M 47 -36.85 -21.72 35.85
C LEU M 47 -37.72 -22.92 36.18
N LEU M 48 -37.33 -23.68 37.22
CA LEU M 48 -38.12 -24.84 37.64
C LEU M 48 -39.49 -24.43 38.16
N PHE M 49 -39.56 -23.37 38.95
CA PHE M 49 -40.84 -22.90 39.46
C PHE M 49 -41.65 -22.15 38.41
N LYS M 50 -41.01 -21.63 37.36
CA LYS M 50 -41.74 -21.04 36.26
C LYS M 50 -42.37 -22.11 35.37
N LYS M 51 -41.68 -23.24 35.20
CA LYS M 51 -42.22 -24.31 34.36
C LYS M 51 -43.38 -25.03 35.03
N GLN M 52 -43.48 -25.01 36.36
CA GLN M 52 -44.56 -25.67 37.09
C GLN M 52 -45.58 -24.69 37.65
N LEU M 53 -45.37 -23.38 37.44
CA LEU M 53 -46.18 -22.29 38.00
C LEU M 53 -46.28 -22.36 39.52
N VAL M 54 -45.17 -22.03 40.17
CA VAL M 54 -45.16 -21.73 41.60
C VAL M 54 -44.91 -20.24 41.75
N GLN M 55 -45.77 -19.56 42.51
CA GLN M 55 -45.55 -18.17 42.83
C GLN M 55 -44.32 -18.02 43.72
N SER M 56 -43.56 -16.95 43.51
CA SER M 56 -42.28 -16.81 44.19
C SER M 56 -41.96 -15.34 44.44
N GLN M 57 -41.14 -15.10 45.45
CA GLN M 57 -40.54 -13.80 45.71
C GLN M 57 -39.06 -13.99 45.99
N ILE M 58 -38.22 -13.61 45.04
CA ILE M 58 -36.77 -13.76 45.19
C ILE M 58 -36.21 -12.49 45.82
N VAL M 59 -35.61 -12.62 47.00
CA VAL M 59 -35.11 -11.48 47.76
C VAL M 59 -33.60 -11.63 47.94
N PRO M 60 -32.79 -10.73 47.38
CA PRO M 60 -31.35 -10.79 47.63
C PRO M 60 -30.99 -10.10 48.94
N ILE M 61 -30.16 -10.79 49.73
CA ILE M 61 -29.75 -10.33 51.05
C ILE M 61 -28.23 -10.30 51.12
N PHE M 62 -27.68 -9.19 51.63
CA PHE M 62 -26.25 -9.03 51.84
C PHE M 62 -25.84 -9.43 53.26
N GLY M 63 -26.40 -8.78 54.28
CA GLY M 63 -25.97 -8.93 55.65
C GLY M 63 -26.92 -9.79 56.48
N TYR M 64 -26.40 -10.21 57.64
CA TYR M 64 -27.21 -10.98 58.57
C TYR M 64 -28.32 -10.13 59.18
N SER M 65 -28.01 -8.87 59.49
CA SER M 65 -29.04 -7.94 59.96
C SER M 65 -30.07 -7.66 58.89
N GLU M 66 -29.65 -7.67 57.62
CA GLU M 66 -30.58 -7.53 56.49
C GLU M 66 -31.52 -8.74 56.43
N LEU M 67 -30.98 -9.94 56.70
CA LEU M 67 -31.80 -11.14 56.84
C LEU M 67 -32.79 -11.03 57.98
N ARG M 68 -32.37 -10.52 59.14
CA ARG M 68 -33.27 -10.43 60.27
C ARG M 68 -34.37 -9.39 60.03
N ARG M 69 -34.02 -8.29 59.34
CA ARG M 69 -35.01 -7.28 58.98
C ARG M 69 -36.02 -7.84 57.97
N HIS M 70 -35.55 -8.59 56.97
CA HIS M 70 -36.47 -9.16 55.99
C HIS M 70 -37.33 -10.28 56.58
N TYR M 71 -36.79 -11.08 57.49
CA TYR M 71 -37.60 -12.14 58.08
C TYR M 71 -38.57 -11.59 59.12
N SER M 72 -38.23 -10.47 59.76
CA SER M 72 -39.12 -9.89 60.77
C SER M 72 -40.37 -9.30 60.14
N GLN M 73 -40.28 -8.78 58.92
CA GLN M 73 -41.41 -8.15 58.24
C GLN M 73 -42.18 -9.11 57.34
N LEU M 74 -41.85 -10.40 57.38
CA LEU M 74 -42.54 -11.36 56.55
C LEU M 74 -43.96 -11.62 57.06
N ASP M 75 -44.88 -11.80 56.12
CA ASP M 75 -46.27 -12.10 56.47
C ASP M 75 -46.39 -13.55 56.93
N ASP M 76 -47.42 -13.81 57.74
CA ASP M 76 -47.69 -15.15 58.25
C ASP M 76 -48.26 -16.09 57.19
N ASN M 77 -48.65 -15.56 56.02
CA ASN M 77 -49.19 -16.42 54.96
C ASN M 77 -48.09 -17.25 54.31
N ILE M 78 -46.85 -16.80 54.38
CA ILE M 78 -45.74 -17.52 53.73
C ILE M 78 -45.42 -18.77 54.53
N ASN M 79 -45.40 -19.92 53.85
CA ASN M 79 -45.13 -21.19 54.49
C ASN M 79 -43.88 -21.90 53.96
N SER M 80 -43.28 -21.40 52.88
CA SER M 80 -42.09 -22.01 52.31
C SER M 80 -41.00 -20.95 52.18
N LEU M 81 -39.84 -21.22 52.77
CA LEU M 81 -38.70 -20.31 52.70
C LEU M 81 -37.49 -21.09 52.22
N LEU M 82 -36.78 -20.54 51.24
CA LEU M 82 -35.56 -21.15 50.71
C LEU M 82 -34.40 -20.20 50.93
N LEU M 83 -33.38 -20.68 51.64
CA LEU M 83 -32.20 -19.89 51.99
C LEU M 83 -31.05 -20.40 51.13
N VAL M 84 -30.66 -19.62 50.14
CA VAL M 84 -29.70 -20.06 49.12
C VAL M 84 -28.35 -19.43 49.42
N GLY M 85 -27.33 -20.27 49.62
CA GLY M 85 -25.98 -19.80 49.79
C GLY M 85 -25.59 -19.42 51.21
N PHE M 86 -26.49 -19.55 52.17
CA PHE M 86 -26.21 -19.14 53.54
C PHE M 86 -27.11 -19.92 54.49
N GLY M 87 -26.99 -19.63 55.78
CA GLY M 87 -27.84 -20.23 56.78
C GLY M 87 -27.40 -21.60 57.26
N GLY M 88 -26.18 -22.02 56.98
CA GLY M 88 -25.71 -23.33 57.39
C GLY M 88 -24.77 -23.31 58.57
N VAL M 89 -24.37 -22.12 59.00
CA VAL M 89 -23.38 -21.99 60.08
C VAL M 89 -24.04 -21.53 61.37
N ILE M 90 -24.86 -20.47 61.32
CA ILE M 90 -25.44 -19.91 62.52
C ILE M 90 -26.62 -20.76 62.99
N ASP M 91 -27.08 -20.49 64.21
CA ASP M 91 -28.27 -21.13 64.75
C ASP M 91 -29.48 -20.25 64.42
N LEU M 92 -30.34 -20.74 63.52
CA LEU M 92 -31.43 -19.92 63.01
C LEU M 92 -32.54 -19.71 64.02
N GLU M 93 -32.72 -20.63 64.98
CA GLU M 93 -33.68 -20.39 66.05
C GLU M 93 -33.17 -19.33 67.02
N ALA M 94 -31.87 -19.34 67.32
CA ALA M 94 -31.32 -18.33 68.20
C ALA M 94 -31.15 -16.99 67.49
N PHE M 95 -31.13 -17.00 66.16
CA PHE M 95 -30.94 -15.76 65.42
C PHE M 95 -32.28 -15.11 65.06
N LEU M 96 -33.20 -15.90 64.49
CA LEU M 96 -34.50 -15.40 64.07
C LEU M 96 -35.57 -15.55 65.15
N GLU M 97 -35.15 -15.67 66.42
CA GLU M 97 -35.99 -15.84 67.63
C GLU M 97 -37.11 -16.87 67.45
N ILE M 98 -36.78 -17.97 66.78
CA ILE M 98 -37.78 -18.97 66.42
C ILE M 98 -38.08 -19.86 67.62
N ASP M 99 -39.36 -19.90 68.00
CA ASP M 99 -39.85 -20.81 69.02
C ASP M 99 -40.93 -21.69 68.39
N PRO M 100 -40.81 -23.01 68.48
CA PRO M 100 -41.77 -23.90 67.78
C PRO M 100 -43.19 -23.89 68.35
N GLN M 101 -43.44 -23.25 69.50
CA GLN M 101 -44.75 -23.33 70.12
C GLN M 101 -45.78 -22.47 69.41
N GLU M 102 -45.39 -21.32 68.86
CA GLU M 102 -46.33 -20.45 68.17
C GLU M 102 -46.36 -20.70 66.66
N TYR M 103 -45.60 -21.68 66.16
CA TYR M 103 -45.60 -22.02 64.75
C TYR M 103 -46.17 -23.40 64.47
N VAL M 104 -46.63 -24.11 65.50
CA VAL M 104 -47.11 -25.49 65.35
C VAL M 104 -48.61 -25.47 65.09
N ILE M 105 -49.05 -26.31 64.16
CA ILE M 105 -50.46 -26.49 63.82
C ILE M 105 -50.73 -27.98 63.68
N ASP M 106 -51.79 -28.46 64.36
CA ASP M 106 -52.32 -29.83 64.28
C ASP M 106 -51.27 -30.85 64.71
N THR M 107 -50.92 -30.78 66.00
CA THR M 107 -50.02 -31.74 66.61
C THR M 107 -50.67 -33.07 66.91
N ASP M 108 -52.00 -33.18 66.78
CA ASP M 108 -52.70 -34.43 67.01
C ASP M 108 -53.72 -34.70 65.91
N SER M 111 -50.48 -39.72 69.41
CA SER M 111 -49.99 -39.70 68.04
C SER M 111 -48.74 -38.84 67.92
N GLY M 112 -47.61 -39.49 67.63
CA GLY M 112 -46.35 -38.80 67.54
C GLY M 112 -46.08 -38.19 66.17
N GLU M 113 -46.86 -37.17 65.81
CA GLU M 113 -46.65 -36.43 64.58
C GLU M 113 -46.65 -34.94 64.88
N GLN M 114 -45.76 -34.20 64.21
CA GLN M 114 -45.65 -32.76 64.39
C GLN M 114 -45.63 -32.08 63.02
N SER M 115 -46.35 -30.97 62.90
CA SER M 115 -46.38 -30.21 61.67
C SER M 115 -46.32 -28.73 62.01
N PHE M 116 -45.81 -27.94 61.07
CA PHE M 116 -45.63 -26.51 61.28
C PHE M 116 -46.26 -25.74 60.13
N ARG M 117 -46.47 -24.44 60.36
CA ARG M 117 -47.09 -23.57 59.38
C ARG M 117 -46.09 -22.86 58.49
N ARG M 118 -44.79 -23.09 58.68
CA ARG M 118 -43.78 -22.47 57.84
C ARG M 118 -42.60 -23.42 57.71
N ASP M 119 -42.14 -23.61 56.46
CA ASP M 119 -40.97 -24.42 56.17
C ASP M 119 -39.83 -23.52 55.73
N ILE M 120 -38.65 -23.70 56.32
CA ILE M 120 -37.48 -22.90 56.00
C ILE M 120 -36.39 -23.86 55.52
N TYR M 121 -36.11 -23.84 54.23
CA TYR M 121 -35.12 -24.71 53.63
C TYR M 121 -33.79 -23.98 53.47
N VAL M 122 -32.70 -24.71 53.66
CA VAL M 122 -31.35 -24.15 53.65
C VAL M 122 -30.57 -24.79 52.52
N LEU M 123 -30.02 -23.96 51.64
CA LEU M 123 -29.16 -24.39 50.53
C LEU M 123 -27.79 -23.74 50.77
N ASP M 124 -26.98 -24.37 51.62
CA ASP M 124 -25.71 -23.78 52.04
C ASP M 124 -24.57 -24.73 51.74
N ALA M 125 -23.45 -24.18 51.28
CA ALA M 125 -22.27 -24.94 50.94
C ALA M 125 -21.20 -24.92 52.01
N HIS M 126 -21.36 -24.14 53.07
CA HIS M 126 -20.36 -24.07 54.12
C HIS M 126 -20.45 -25.30 55.02
N ARG M 127 -19.41 -26.12 54.98
CA ARG M 127 -19.45 -27.43 55.62
C ARG M 127 -19.50 -27.45 57.15
N PRO M 128 -19.03 -26.43 57.90
CA PRO M 128 -19.45 -26.35 59.31
C PRO M 128 -20.96 -26.19 59.41
N TRP M 129 -21.62 -27.25 59.88
CA TRP M 129 -23.06 -27.32 60.01
C TRP M 129 -23.40 -27.22 61.48
N ASN M 130 -24.35 -26.35 61.82
CA ASN M 130 -24.77 -26.24 63.22
C ASN M 130 -25.58 -27.46 63.61
N LEU M 131 -25.18 -28.09 64.73
CA LEU M 131 -25.72 -29.39 65.10
C LEU M 131 -27.17 -29.29 65.56
N ASP M 132 -27.52 -28.17 66.22
CA ASP M 132 -28.92 -27.91 66.55
C ASP M 132 -29.75 -27.76 65.27
N ASN M 133 -29.20 -27.02 64.30
CA ASN M 133 -29.89 -26.72 63.05
C ASN M 133 -30.08 -27.99 62.22
N ILE M 134 -29.08 -28.86 62.18
CA ILE M 134 -29.16 -30.00 61.27
C ILE M 134 -29.84 -31.19 61.96
N PHE M 135 -29.82 -31.23 63.30
CA PHE M 135 -30.29 -32.40 64.01
C PHE M 135 -31.53 -32.15 64.86
N GLY M 136 -31.49 -31.16 65.74
CA GLY M 136 -32.56 -30.92 66.68
C GLY M 136 -33.66 -30.00 66.20
N SER M 137 -33.67 -29.65 64.92
CA SER M 137 -34.61 -28.69 64.36
C SER M 137 -35.54 -29.39 63.38
N GLN M 138 -36.84 -29.26 63.60
CA GLN M 138 -37.81 -29.77 62.64
C GLN M 138 -38.13 -28.71 61.59
N ILE M 139 -38.18 -27.45 61.99
CA ILE M 139 -38.61 -26.38 61.08
C ILE M 139 -37.53 -26.06 60.06
N ILE M 140 -36.26 -26.13 60.45
CA ILE M 140 -35.16 -25.76 59.56
C ILE M 140 -34.69 -27.03 58.86
N GLN M 141 -34.88 -27.09 57.55
CA GLN M 141 -34.63 -28.29 56.77
C GLN M 141 -33.43 -28.08 55.86
N CYS M 142 -32.43 -28.95 55.99
CA CYS M 142 -31.14 -28.78 55.31
C CYS M 142 -31.06 -29.68 54.09
N PHE M 143 -30.48 -29.15 53.01
CA PHE M 143 -30.22 -29.92 51.80
C PHE M 143 -28.76 -30.38 51.86
N ASP M 144 -28.51 -31.41 52.66
CA ASP M 144 -27.15 -31.84 52.92
C ASP M 144 -26.58 -32.63 51.73
N ASP M 145 -25.29 -32.42 51.49
CA ASP M 145 -24.62 -33.10 50.39
C ASP M 145 -24.43 -34.59 50.67
N GLY M 146 -24.19 -34.94 51.93
CA GLY M 146 -23.95 -36.34 52.27
C GLY M 146 -22.78 -36.51 53.21
N THR M 147 -22.22 -35.39 53.69
CA THR M 147 -21.15 -35.44 54.68
C THR M 147 -21.66 -35.83 56.06
N VAL M 148 -22.96 -35.76 56.31
CA VAL M 148 -23.53 -36.17 57.59
C VAL M 148 -23.52 -37.70 57.72
N ASP M 149 -23.68 -38.43 56.61
CA ASP M 149 -23.72 -39.88 56.67
C ASP M 149 -22.32 -40.50 56.72
N ASP M 150 -21.28 -39.74 56.40
CA ASP M 150 -19.92 -40.27 56.37
C ASP M 150 -19.07 -39.78 57.54
N THR M 151 -19.20 -38.51 57.91
CA THR M 151 -18.31 -37.88 58.87
C THR M 151 -18.99 -37.53 60.19
N LEU M 152 -20.24 -37.07 60.16
CA LEU M 152 -20.86 -36.41 61.29
C LEU M 152 -21.71 -37.38 62.14
N GLY M 153 -21.28 -38.64 62.25
CA GLY M 153 -22.01 -39.63 63.03
C GLY M 153 -21.67 -39.64 64.50
N GLU M 154 -20.38 -39.46 64.81
CA GLU M 154 -19.94 -39.34 66.21
C GLU M 154 -20.54 -38.11 66.86
N GLN M 155 -20.60 -37.00 66.12
CA GLN M 155 -21.22 -35.80 66.64
C GLN M 155 -22.74 -35.96 66.73
N LYS M 156 -23.34 -36.77 65.86
CA LYS M 156 -24.76 -37.08 65.94
C LYS M 156 -25.09 -37.82 67.24
N GLU M 157 -24.31 -38.87 67.55
CA GLU M 157 -24.59 -39.60 68.78
C GLU M 157 -24.22 -38.80 70.03
N ALA M 158 -23.17 -37.96 69.94
CA ALA M 158 -22.81 -37.10 71.06
C ALA M 158 -23.91 -36.08 71.35
N TYR M 159 -24.45 -35.45 70.30
CA TYR M 159 -25.54 -34.51 70.47
C TYR M 159 -26.83 -35.18 70.94
N TYR M 160 -27.10 -36.41 70.47
CA TYR M 160 -28.34 -37.07 70.85
C TYR M 160 -28.31 -37.53 72.30
N LYS M 161 -27.18 -38.07 72.78
CA LYS M 161 -27.10 -38.37 74.21
C LYS M 161 -26.82 -37.14 75.05
N LEU M 162 -26.46 -36.00 74.45
CA LEU M 162 -26.43 -34.75 75.20
C LEU M 162 -27.85 -34.26 75.44
N LEU M 163 -28.71 -34.29 74.42
CA LEU M 163 -30.06 -33.79 74.57
C LEU M 163 -30.96 -34.76 75.33
N GLU M 164 -30.69 -36.07 75.21
CA GLU M 164 -31.56 -37.06 75.85
C GLU M 164 -31.39 -37.06 77.36
N LEU M 165 -30.16 -36.97 77.84
CA LEU M 165 -29.86 -36.98 79.28
C LEU M 165 -29.67 -35.52 79.71
N ASP M 166 -30.75 -34.89 80.14
CA ASP M 166 -30.72 -33.51 80.58
C ASP M 166 -30.07 -33.38 81.95
N ARG M 223 -21.94 -36.79 89.46
CA ARG M 223 -21.17 -37.95 89.88
C ARG M 223 -20.20 -38.29 88.73
N LYS M 224 -19.38 -39.33 88.91
CA LYS M 224 -18.31 -39.61 87.95
C LYS M 224 -18.85 -40.15 86.63
N GLN M 225 -19.98 -40.87 86.64
CA GLN M 225 -20.51 -41.42 85.39
C GLN M 225 -21.11 -40.32 84.51
N ARG M 226 -21.91 -39.43 85.12
CA ARG M 226 -22.56 -38.35 84.38
C ARG M 226 -21.53 -37.37 83.82
N LYS M 227 -20.56 -36.97 84.66
CA LYS M 227 -19.49 -36.11 84.19
C LYS M 227 -18.63 -36.81 83.14
N LYS M 228 -18.34 -38.11 83.36
CA LYS M 228 -17.43 -38.87 82.50
C LYS M 228 -18.00 -39.04 81.08
N GLN M 229 -19.32 -39.20 80.96
CA GLN M 229 -19.87 -39.28 79.61
C GLN M 229 -20.29 -37.93 79.04
N ILE M 230 -20.84 -37.02 79.86
CA ILE M 230 -21.37 -35.77 79.33
C ILE M 230 -20.23 -34.82 78.95
N HIS M 231 -19.18 -34.73 79.78
CA HIS M 231 -18.04 -33.89 79.43
C HIS M 231 -17.28 -34.45 78.24
N GLU M 232 -17.26 -35.78 78.07
CA GLU M 232 -16.66 -36.37 76.88
C GLU M 232 -17.43 -36.02 75.62
N TYR M 233 -18.77 -36.12 75.67
CA TYR M 233 -19.58 -35.77 74.50
C TYR M 233 -19.54 -34.28 74.21
N GLU M 234 -19.47 -33.43 75.25
CA GLU M 234 -19.30 -32.01 75.04
C GLU M 234 -17.93 -31.66 74.50
N GLY M 235 -16.90 -32.43 74.87
CA GLY M 235 -15.59 -32.25 74.27
C GLY M 235 -15.56 -32.63 72.81
N VAL M 236 -16.29 -33.69 72.44
CA VAL M 236 -16.42 -34.07 71.04
C VAL M 236 -17.17 -32.99 70.25
N LEU M 237 -18.25 -32.45 70.84
CA LEU M 237 -19.03 -31.40 70.19
C LEU M 237 -18.25 -30.10 70.06
N GLU M 238 -17.43 -29.76 71.05
CA GLU M 238 -16.60 -28.58 70.98
C GLU M 238 -15.33 -28.80 70.17
N GLU M 239 -14.99 -30.06 69.87
CA GLU M 239 -13.96 -30.34 68.88
C GLU M 239 -14.49 -30.20 67.47
N TYR M 240 -15.74 -30.60 67.24
CA TYR M 240 -16.38 -30.34 65.95
C TYR M 240 -16.61 -28.85 65.75
N TYR M 241 -17.03 -28.16 66.80
CA TYR M 241 -17.05 -26.70 66.76
C TYR M 241 -15.63 -26.18 66.90
N SER M 242 -15.47 -24.87 66.71
CA SER M 242 -14.17 -24.22 66.56
C SER M 242 -13.33 -24.92 65.48
N GLN M 243 -13.98 -25.22 64.35
CA GLN M 243 -13.34 -25.78 63.19
C GLN M 243 -13.54 -24.83 62.01
N GLY M 244 -12.57 -24.80 61.11
CA GLY M 244 -12.59 -23.83 60.04
C GLY M 244 -13.63 -24.13 58.97
N THR M 245 -13.90 -23.11 58.18
CA THR M 245 -14.97 -23.14 57.18
C THR M 245 -14.39 -23.57 55.83
N THR M 246 -15.07 -24.53 55.19
CA THR M 246 -14.64 -25.01 53.89
C THR M 246 -15.87 -25.40 53.07
N VAL M 247 -15.65 -25.50 51.76
CA VAL M 247 -16.68 -25.86 50.79
C VAL M 247 -16.18 -27.08 50.01
N VAL M 248 -17.00 -28.12 49.93
CA VAL M 248 -16.69 -29.27 49.09
C VAL M 248 -17.75 -29.55 48.03
N ASN M 249 -18.90 -28.88 48.07
CA ASN M 249 -19.92 -29.05 47.05
C ASN M 249 -20.57 -27.72 46.74
N SER M 250 -21.07 -27.59 45.52
CA SER M 250 -21.74 -26.39 45.05
C SER M 250 -23.24 -26.53 45.16
N ILE M 251 -23.92 -25.39 45.32
CA ILE M 251 -25.39 -25.37 45.40
C ILE M 251 -25.99 -25.76 44.06
N SER M 252 -25.35 -25.36 42.96
CA SER M 252 -25.86 -25.67 41.63
C SER M 252 -25.84 -27.17 41.34
N ALA M 253 -24.82 -27.88 41.86
CA ALA M 253 -24.77 -29.32 41.70
C ALA M 253 -25.89 -30.02 42.45
N GLN M 254 -26.20 -29.55 43.67
CA GLN M 254 -27.28 -30.13 44.46
C GLN M 254 -28.64 -29.87 43.82
N ILE M 255 -28.85 -28.66 43.30
CA ILE M 255 -30.12 -28.36 42.66
C ILE M 255 -30.24 -29.07 41.32
N TYR M 256 -29.13 -29.29 40.61
CA TYR M 256 -29.20 -30.09 39.40
C TYR M 256 -29.42 -31.56 39.70
N SER M 257 -28.94 -32.04 40.85
CA SER M 257 -29.29 -33.40 41.29
C SER M 257 -30.77 -33.51 41.62
N LEU M 258 -31.34 -32.45 42.21
CA LEU M 258 -32.79 -32.39 42.43
C LEU M 258 -33.55 -32.40 41.11
N LEU M 259 -33.04 -31.66 40.12
CA LEU M 259 -33.69 -31.63 38.80
C LEU M 259 -33.56 -32.97 38.08
N SER M 260 -32.45 -33.69 38.31
CA SER M 260 -32.31 -35.03 37.78
C SER M 260 -33.28 -35.99 38.46
N ALA M 261 -33.51 -35.80 39.75
CA ALA M 261 -34.48 -36.61 40.48
C ALA M 261 -35.91 -36.34 39.99
N ILE M 262 -36.22 -35.08 39.68
CA ILE M 262 -37.54 -34.74 39.16
C ILE M 262 -37.65 -35.10 37.68
N GLY M 263 -36.71 -34.65 36.88
CA GLY M 263 -36.76 -34.82 35.45
C GLY M 263 -37.01 -33.57 34.65
N GLU M 264 -36.50 -32.43 35.09
CA GLU M 264 -36.65 -31.16 34.37
C GLU M 264 -35.33 -30.69 33.78
N THR M 265 -34.37 -31.58 33.58
CA THR M 265 -33.07 -31.20 33.07
C THR M 265 -33.14 -30.90 31.58
N ASN M 266 -32.43 -29.84 31.18
CA ASN M 266 -32.29 -29.47 29.78
C ASN M 266 -30.93 -28.83 29.60
N LEU M 267 -30.72 -28.17 28.45
CA LEU M 267 -29.42 -27.58 28.16
C LEU M 267 -29.18 -26.31 28.97
N SER M 268 -30.24 -25.54 29.24
CA SER M 268 -30.08 -24.28 29.96
C SER M 268 -29.74 -24.52 31.43
N ASN M 269 -30.44 -25.46 32.07
CA ASN M 269 -30.14 -25.80 33.45
C ASN M 269 -28.77 -26.45 33.59
N LEU M 270 -28.36 -27.25 32.61
CA LEU M 270 -27.02 -27.81 32.58
C LEU M 270 -25.96 -26.72 32.44
N TRP M 271 -26.21 -25.72 31.60
CA TRP M 271 -25.26 -24.63 31.45
C TRP M 271 -25.16 -23.79 32.71
N LEU M 272 -26.29 -23.58 33.39
CA LEU M 272 -26.26 -22.87 34.67
C LEU M 272 -25.53 -23.66 35.75
N ASN M 273 -25.69 -24.98 35.74
CA ASN M 273 -24.95 -25.85 36.65
C ASN M 273 -23.44 -25.80 36.34
N ILE M 274 -23.09 -25.73 35.06
CA ILE M 274 -21.70 -25.63 34.66
C ILE M 274 -21.10 -24.31 35.13
N LEU M 275 -21.86 -23.21 35.01
CA LEU M 275 -21.40 -21.92 35.50
C LEU M 275 -21.23 -21.91 37.03
N GLY M 276 -22.20 -22.51 37.74
CA GLY M 276 -22.11 -22.58 39.19
C GLY M 276 -20.95 -23.43 39.69
N THR M 277 -20.64 -24.52 38.97
CA THR M 277 -19.48 -25.33 39.34
C THR M 277 -18.18 -24.63 38.98
N THR M 278 -18.15 -23.94 37.82
CA THR M 278 -16.93 -23.31 37.33
C THR M 278 -16.56 -22.10 38.17
N SER M 279 -17.55 -21.44 38.78
CA SER M 279 -17.28 -20.26 39.60
C SER M 279 -16.49 -20.56 40.88
N LEU M 280 -16.39 -21.82 41.29
CA LEU M 280 -15.63 -22.20 42.46
C LEU M 280 -14.21 -22.66 42.13
N ASP M 281 -13.75 -22.44 40.90
CA ASP M 281 -12.44 -22.94 40.50
C ASP M 281 -11.28 -22.06 40.95
N ILE M 282 -11.56 -20.90 41.53
CA ILE M 282 -10.48 -19.99 41.91
C ILE M 282 -9.79 -20.47 43.19
N ALA M 283 -10.57 -20.64 44.26
CA ALA M 283 -10.02 -21.02 45.55
C ALA M 283 -10.43 -22.40 46.01
N TYR M 284 -11.27 -23.12 45.26
CA TYR M 284 -11.81 -24.42 45.64
C TYR M 284 -11.69 -25.39 44.47
N ALA M 285 -10.48 -25.50 43.92
CA ALA M 285 -10.24 -26.30 42.72
C ALA M 285 -10.47 -27.80 42.94
N GLN M 286 -10.40 -28.28 44.18
CA GLN M 286 -10.73 -29.67 44.46
C GLN M 286 -12.21 -29.96 44.21
N VAL M 287 -13.08 -28.99 44.50
CA VAL M 287 -14.51 -29.13 44.24
C VAL M 287 -14.78 -29.25 42.75
N TYR M 288 -14.13 -28.40 41.95
CA TYR M 288 -14.31 -28.44 40.51
C TYR M 288 -13.73 -29.72 39.91
N ASN M 289 -12.57 -30.16 40.43
CA ASN M 289 -11.99 -31.41 39.95
C ASN M 289 -12.81 -32.62 40.35
N ARG M 290 -13.53 -32.55 41.47
CA ARG M 290 -14.43 -33.64 41.85
C ARG M 290 -15.69 -33.63 41.00
N LEU M 291 -16.25 -32.45 40.72
CA LEU M 291 -17.52 -32.36 40.03
C LEU M 291 -17.40 -32.34 38.50
N TYR M 292 -16.18 -32.29 37.97
CA TYR M 292 -15.98 -32.30 36.52
C TYR M 292 -16.51 -33.56 35.80
N PRO M 293 -16.26 -34.80 36.26
CA PRO M 293 -16.79 -35.95 35.48
C PRO M 293 -18.30 -36.05 35.42
N LEU M 294 -19.02 -35.60 36.45
CA LEU M 294 -20.48 -35.56 36.39
C LEU M 294 -20.96 -34.59 35.33
N LEU M 295 -20.31 -33.42 35.23
CA LEU M 295 -20.63 -32.47 34.18
C LEU M 295 -20.30 -33.01 32.80
N GLN M 296 -19.19 -33.75 32.68
CA GLN M 296 -18.83 -34.37 31.41
C GLN M 296 -19.87 -35.39 30.97
N ASP M 297 -20.34 -36.22 31.92
CA ASP M 297 -21.39 -37.20 31.64
C ASP M 297 -22.69 -36.52 31.24
N GLU M 298 -23.03 -35.41 31.91
CA GLU M 298 -24.27 -34.72 31.57
C GLU M 298 -24.19 -34.01 30.21
N VAL M 299 -23.02 -33.45 29.88
CA VAL M 299 -22.84 -32.82 28.57
C VAL M 299 -22.94 -33.85 27.47
N LYS M 300 -22.26 -34.99 27.63
CA LYS M 300 -22.35 -36.04 26.63
C LYS M 300 -23.70 -36.74 26.62
N ARG M 301 -24.50 -36.62 27.69
CA ARG M 301 -25.84 -37.18 27.69
C ARG M 301 -26.83 -36.29 26.94
N LEU M 302 -26.84 -34.99 27.24
CA LEU M 302 -27.84 -34.10 26.67
C LEU M 302 -27.39 -33.38 25.41
N THR M 303 -26.24 -33.74 24.86
CA THR M 303 -25.86 -33.22 23.55
C THR M 303 -26.70 -33.90 22.46
N PRO M 304 -26.93 -33.21 21.33
CA PRO M 304 -27.59 -33.89 20.20
C PRO M 304 -26.68 -34.87 19.47
N SER M 305 -27.18 -35.44 18.38
CA SER M 305 -26.42 -36.43 17.63
C SER M 305 -25.23 -35.80 16.92
N SER M 306 -25.40 -34.60 16.38
CA SER M 306 -24.30 -33.91 15.69
C SER M 306 -24.45 -32.39 15.80
N SER M 309 -21.64 -30.87 12.09
CA SER M 309 -22.71 -30.24 11.33
C SER M 309 -22.28 -28.88 10.78
N VAL M 310 -23.21 -28.20 10.13
CA VAL M 310 -22.97 -26.87 9.57
C VAL M 310 -23.47 -25.83 10.57
N LYS M 311 -22.75 -24.71 10.67
CA LYS M 311 -23.13 -23.64 11.58
C LYS M 311 -24.39 -22.94 11.08
N THR M 312 -25.43 -22.97 11.89
CA THR M 312 -26.76 -22.50 11.57
C THR M 312 -27.26 -21.61 12.71
N PRO M 313 -28.16 -20.65 12.41
CA PRO M 313 -28.52 -19.66 13.43
C PRO M 313 -29.27 -20.18 14.66
N ASP M 314 -29.81 -21.39 14.63
CA ASP M 314 -30.63 -21.86 15.74
C ASP M 314 -29.98 -22.93 16.61
N THR M 315 -28.94 -23.60 16.13
CA THR M 315 -28.37 -24.73 16.85
C THR M 315 -27.40 -24.24 17.92
N LEU M 316 -27.84 -24.29 19.17
CA LEU M 316 -26.95 -24.08 20.31
C LEU M 316 -26.14 -25.35 20.52
N THR M 317 -24.82 -25.22 20.63
CA THR M 317 -23.96 -26.34 20.97
C THR M 317 -23.09 -25.97 22.15
N LEU M 318 -22.68 -26.99 22.91
CA LEU M 318 -21.98 -26.84 24.18
C LEU M 318 -20.95 -27.96 24.23
N ASN M 319 -19.73 -27.65 23.81
CA ASN M 319 -18.69 -28.66 23.61
C ASN M 319 -17.72 -28.70 24.78
N ILE M 320 -17.16 -29.88 25.00
CA ILE M 320 -16.02 -30.05 25.90
C ILE M 320 -14.77 -29.93 25.03
N GLN M 321 -14.14 -28.77 25.08
CA GLN M 321 -13.01 -28.45 24.22
C GLN M 321 -11.94 -27.80 25.08
N PRO M 322 -10.66 -27.76 24.61
CA PRO M 322 -9.63 -27.05 25.38
C PRO M 322 -9.93 -25.58 25.64
N ASP M 323 -10.15 -25.27 26.92
CA ASP M 323 -10.43 -23.92 27.40
C ASP M 323 -9.33 -23.60 28.40
N TYR M 324 -8.35 -22.82 27.97
CA TYR M 324 -7.13 -22.64 28.75
C TYR M 324 -7.37 -21.73 29.94
N TYR M 325 -6.52 -21.88 30.96
CA TYR M 325 -6.68 -21.21 32.25
C TYR M 325 -6.21 -19.75 32.14
N LEU M 326 -6.98 -18.96 31.39
CA LEU M 326 -6.61 -17.60 31.04
C LEU M 326 -7.74 -16.66 31.37
N PHE M 327 -7.41 -15.39 31.58
CA PHE M 327 -8.40 -14.37 31.81
C PHE M 327 -8.85 -13.80 30.47
N LEU M 328 -10.08 -14.15 30.07
CA LEU M 328 -10.80 -13.55 28.94
C LEU M 328 -10.04 -13.74 27.62
N LEU M 329 -9.85 -14.99 27.24
CA LEU M 329 -9.08 -15.30 26.04
C LEU M 329 -9.84 -14.92 24.78
N ARG M 330 -11.12 -15.29 24.69
CA ARG M 330 -11.87 -15.14 23.46
C ARG M 330 -12.49 -13.76 23.30
N HIS M 331 -12.34 -12.87 24.29
CA HIS M 331 -12.86 -11.52 24.20
C HIS M 331 -11.79 -10.46 24.43
N SER M 332 -10.52 -10.82 24.38
CA SER M 332 -9.42 -9.88 24.49
C SER M 332 -8.27 -10.39 23.63
N SER M 333 -7.16 -9.65 23.65
CA SER M 333 -5.98 -10.09 22.92
C SER M 333 -5.28 -11.20 23.68
N LEU M 334 -4.42 -11.94 22.97
CA LEU M 334 -3.66 -13.00 23.60
C LEU M 334 -2.60 -12.44 24.54
N TYR M 335 -2.00 -11.30 24.17
CA TYR M 335 -1.06 -10.60 25.04
C TYR M 335 -1.73 -10.13 26.33
N ASP M 336 -2.94 -9.58 26.23
CA ASP M 336 -3.66 -9.15 27.43
C ASP M 336 -4.18 -10.34 28.22
N SER M 337 -4.41 -11.48 27.57
CA SER M 337 -4.87 -12.66 28.29
C SER M 337 -3.75 -13.28 29.10
N PHE M 338 -2.54 -13.37 28.52
CA PHE M 338 -1.40 -13.86 29.30
C PHE M 338 -0.96 -12.83 30.33
N TYR M 339 -1.10 -11.55 30.01
CA TYR M 339 -0.57 -10.50 30.88
C TYR M 339 -1.42 -10.30 32.13
N TYR M 340 -2.73 -10.51 32.03
CA TYR M 340 -3.63 -10.28 33.15
C TYR M 340 -4.07 -11.58 33.84
N SER M 341 -3.50 -12.71 33.46
CA SER M 341 -3.85 -13.98 34.08
C SER M 341 -3.14 -14.12 35.43
N ASN M 342 -3.85 -14.69 36.40
CA ASN M 342 -3.28 -14.89 37.73
C ASN M 342 -2.21 -15.97 37.74
N TYR M 343 -2.39 -17.03 36.95
CA TYR M 343 -1.45 -18.15 36.95
C TYR M 343 -0.15 -17.82 36.25
N VAL M 344 -0.23 -17.07 35.14
CA VAL M 344 0.96 -16.67 34.39
C VAL M 344 1.82 -15.72 35.20
N ASN M 345 1.19 -14.75 35.88
CA ASN M 345 1.94 -13.85 36.75
C ASN M 345 2.37 -14.58 38.01
N ALA M 346 1.63 -15.61 38.41
CA ALA M 346 2.01 -16.42 39.56
C ALA M 346 3.31 -17.18 39.31
N LYS M 347 3.48 -17.72 38.10
CA LYS M 347 4.69 -18.49 37.82
C LYS M 347 5.82 -17.63 37.28
N LEU M 348 5.59 -16.88 36.21
CA LEU M 348 6.69 -16.15 35.58
C LEU M 348 7.01 -14.81 36.24
N SER M 349 6.24 -14.40 37.25
CA SER M 349 6.43 -13.18 38.04
C SER M 349 6.43 -11.93 37.15
N LEU M 350 5.25 -11.68 36.58
CA LEU M 350 5.07 -10.59 35.62
C LEU M 350 5.02 -9.21 36.26
N TRP M 351 5.03 -9.11 37.59
CA TRP M 351 4.84 -7.81 38.24
C TRP M 351 6.06 -6.91 38.08
N ASN M 352 7.26 -7.49 38.02
CA ASN M 352 8.44 -6.67 37.75
C ASN M 352 8.74 -6.66 36.25
N GLU M 353 9.79 -5.93 35.88
CA GLU M 353 10.10 -5.72 34.47
C GLU M 353 10.73 -6.96 33.84
N ASN M 354 11.39 -7.80 34.66
CA ASN M 354 11.98 -9.04 34.19
C ASN M 354 10.91 -10.02 33.72
N GLY M 355 9.76 -10.05 34.40
CA GLY M 355 8.67 -10.90 33.96
C GLY M 355 8.08 -10.47 32.63
N LYS M 356 8.01 -9.16 32.38
CA LYS M 356 7.57 -8.67 31.09
C LYS M 356 8.58 -8.99 30.00
N LYS M 357 9.87 -8.93 30.33
CA LYS M 357 10.91 -9.36 29.38
C LYS M 357 10.78 -10.84 29.06
N ARG M 358 10.51 -11.66 30.07
CA ARG M 358 10.34 -13.09 29.85
C ARG M 358 9.08 -13.41 29.05
N LEU M 359 8.01 -12.63 29.26
CA LEU M 359 6.80 -12.79 28.46
C LEU M 359 7.02 -12.43 26.99
N HIS M 360 7.78 -11.35 26.74
CA HIS M 360 8.12 -11.02 25.37
C HIS M 360 9.06 -12.05 24.75
N LYS M 361 9.97 -12.61 25.54
CA LYS M 361 10.88 -13.65 25.05
C LYS M 361 10.12 -14.93 24.70
N MET M 362 9.12 -15.30 25.50
CA MET M 362 8.37 -16.50 25.14
C MET M 362 7.41 -16.23 23.98
N PHE M 363 6.94 -14.99 23.80
CA PHE M 363 6.27 -14.65 22.55
C PHE M 363 7.19 -14.76 21.35
N ALA M 364 8.48 -14.43 21.51
CA ALA M 364 9.43 -14.67 20.44
C ALA M 364 9.64 -16.17 20.21
N ARG M 365 9.63 -16.96 21.27
CA ARG M 365 9.87 -18.40 21.14
C ARG M 365 8.67 -19.13 20.55
N MET M 366 7.45 -18.69 20.88
CA MET M 366 6.23 -19.29 20.33
C MET M 366 5.99 -18.94 18.87
N GLY M 367 6.73 -17.99 18.31
CA GLY M 367 6.53 -17.60 16.93
C GLY M 367 5.35 -16.69 16.69
N ILE M 368 4.73 -16.17 17.74
CA ILE M 368 3.62 -15.24 17.63
C ILE M 368 4.18 -13.82 17.69
N PRO M 369 4.01 -13.00 16.66
CA PRO M 369 4.44 -11.61 16.74
C PRO M 369 3.58 -10.82 17.72
N LEU M 370 4.18 -9.80 18.32
CA LEU M 370 3.45 -8.94 19.25
C LEU M 370 2.39 -8.10 18.54
N SER M 371 2.54 -7.84 17.25
CA SER M 371 1.47 -7.22 16.49
C SER M 371 0.27 -8.17 16.35
N THR M 372 0.54 -9.46 16.14
CA THR M 372 -0.52 -10.45 16.04
C THR M 372 -1.08 -10.79 17.42
N ALA M 373 -0.22 -10.84 18.44
CA ALA M 373 -0.67 -11.22 19.78
C ALA M 373 -1.54 -10.15 20.42
N GLN M 374 -1.23 -8.88 20.16
CA GLN M 374 -2.03 -7.78 20.69
C GLN M 374 -3.31 -7.54 19.90
N GLU M 375 -3.47 -8.20 18.76
CA GLU M 375 -4.71 -8.08 18.00
C GLU M 375 -5.81 -8.87 18.70
N THR M 376 -7.07 -8.44 18.49
CA THR M 376 -8.23 -9.06 19.09
C THR M 376 -8.35 -10.52 18.62
N TRP M 377 -8.81 -11.38 19.53
CA TRP M 377 -8.90 -12.82 19.28
C TRP M 377 -9.84 -13.14 18.12
N LEU M 378 -10.92 -12.37 17.97
CA LEU M 378 -11.86 -12.63 16.88
C LEU M 378 -11.26 -12.21 15.54
N TYR M 379 -10.47 -11.14 15.53
CA TYR M 379 -9.78 -10.68 14.33
C TYR M 379 -8.37 -11.25 14.17
N MET M 380 -7.96 -12.15 15.07
CA MET M 380 -6.64 -12.74 14.98
C MET M 380 -6.54 -13.67 13.78
N ASP M 381 -5.37 -13.64 13.12
CA ASP M 381 -5.06 -14.58 12.05
C ASP M 381 -5.14 -16.02 12.56
N HIS M 382 -5.89 -16.87 11.86
CA HIS M 382 -6.08 -18.19 12.46
C HIS M 382 -4.96 -19.15 12.11
N SER M 383 -3.91 -18.70 11.40
CA SER M 383 -2.68 -19.46 11.36
C SER M 383 -1.96 -19.46 12.71
N ILE M 384 -2.38 -18.61 13.64
CA ILE M 384 -1.89 -18.63 15.01
C ILE M 384 -2.84 -19.41 15.94
N LYS M 385 -4.15 -19.20 15.81
CA LYS M 385 -5.09 -19.71 16.79
C LYS M 385 -5.64 -21.11 16.47
N ARG M 386 -5.39 -21.65 15.28
CA ARG M 386 -5.86 -23.00 14.99
C ARG M 386 -4.95 -24.05 15.59
N GLU M 387 -3.64 -23.91 15.37
CA GLU M 387 -2.64 -24.78 15.97
C GLU M 387 -2.05 -24.19 17.24
N LEU M 388 -2.84 -23.39 17.98
CA LEU M 388 -2.40 -22.87 19.25
C LEU M 388 -2.24 -23.94 20.31
N GLY M 389 -2.98 -25.04 20.21
CA GLY M 389 -2.78 -26.15 21.13
C GLY M 389 -1.44 -26.82 20.94
N ILE M 390 -1.01 -26.97 19.67
CA ILE M 390 0.29 -27.57 19.38
C ILE M 390 1.41 -26.65 19.85
N ILE M 391 1.24 -25.33 19.66
CA ILE M 391 2.23 -24.36 20.11
C ILE M 391 2.32 -24.33 21.63
N PHE M 392 1.17 -24.42 22.30
CA PHE M 392 1.11 -24.52 23.76
C PHE M 392 1.79 -25.80 24.25
N ASP M 393 1.58 -26.91 23.55
CA ASP M 393 2.19 -28.17 23.95
C ASP M 393 3.70 -28.15 23.75
N LYS M 394 4.17 -27.50 22.69
CA LYS M 394 5.61 -27.49 22.41
C LYS M 394 6.38 -26.48 23.26
N ASN M 395 5.79 -25.33 23.58
CA ASN M 395 6.56 -24.22 24.11
C ASN M 395 6.37 -23.95 25.60
N LEU M 396 5.23 -24.32 26.18
CA LEU M 396 4.96 -23.93 27.56
C LEU M 396 5.67 -24.79 28.60
N ASP M 397 6.29 -25.90 28.20
CA ASP M 397 6.97 -26.75 29.18
C ASP M 397 8.27 -26.14 29.66
N ARG M 398 8.94 -25.37 28.81
CA ARG M 398 10.22 -24.76 29.20
C ARG M 398 10.02 -23.61 30.17
N TYR M 399 8.88 -22.92 30.08
CA TYR M 399 8.59 -21.81 30.98
C TYR M 399 7.73 -22.21 32.16
N GLY M 400 7.39 -23.49 32.29
CA GLY M 400 6.64 -23.98 33.43
C GLY M 400 5.14 -23.83 33.33
N LEU M 401 4.60 -23.44 32.18
CA LEU M 401 3.18 -23.17 32.01
C LEU M 401 2.43 -24.36 31.44
N GLN M 402 2.79 -25.58 31.86
CA GLN M 402 2.14 -26.79 31.38
C GLN M 402 0.68 -26.86 31.80
N ASP M 403 0.35 -26.33 32.98
CA ASP M 403 -1.01 -26.41 33.51
C ASP M 403 -1.99 -25.42 32.87
N ILE M 404 -1.55 -24.65 31.88
CA ILE M 404 -2.47 -23.86 31.07
C ILE M 404 -3.40 -24.76 30.28
N ILE M 405 -2.89 -25.92 29.84
CA ILE M 405 -3.70 -26.90 29.11
C ILE M 405 -4.79 -27.45 30.02
N ARG M 406 -6.05 -27.18 29.67
CA ARG M 406 -7.19 -27.55 30.49
C ARG M 406 -8.42 -27.66 29.58
N ASP M 407 -9.16 -28.75 29.71
CA ASP M 407 -10.39 -28.93 28.96
C ASP M 407 -11.56 -28.34 29.74
N GLY M 408 -12.32 -27.47 29.08
CA GLY M 408 -13.48 -26.87 29.69
C GLY M 408 -14.69 -26.91 28.76
N PHE M 409 -15.73 -26.17 29.12
CA PHE M 409 -16.99 -26.16 28.39
C PHE M 409 -17.13 -24.84 27.65
N VAL M 410 -17.37 -24.91 26.35
CA VAL M 410 -17.54 -23.74 25.50
C VAL M 410 -18.90 -23.84 24.83
N ARG M 411 -19.74 -22.83 25.03
CA ARG M 411 -21.07 -22.77 24.49
C ARG M 411 -21.15 -21.70 23.41
N THR M 412 -21.77 -22.04 22.28
CA THR M 412 -22.09 -21.03 21.29
C THR M 412 -23.46 -21.34 20.70
N LEU M 413 -24.07 -20.32 20.10
CA LEU M 413 -25.36 -20.45 19.44
C LEU M 413 -25.42 -19.40 18.32
N GLY M 414 -25.91 -19.82 17.17
CA GLY M 414 -26.03 -18.89 16.05
C GLY M 414 -24.68 -18.55 15.47
N TYR M 415 -24.50 -17.27 15.15
CA TYR M 415 -23.25 -16.75 14.60
C TYR M 415 -22.65 -15.66 15.47
N ARG M 416 -23.04 -15.59 16.75
CA ARG M 416 -22.66 -14.47 17.61
C ARG M 416 -21.41 -14.75 18.42
N GLY M 417 -20.74 -15.87 18.21
CA GLY M 417 -19.47 -16.14 18.86
C GLY M 417 -19.59 -17.15 19.99
N SER M 418 -18.44 -17.64 20.42
CA SER M 418 -18.36 -18.65 21.46
C SER M 418 -18.00 -18.02 22.79
N ILE M 419 -18.54 -18.57 23.87
CA ILE M 419 -18.23 -18.13 25.23
C ILE M 419 -17.88 -19.35 26.06
N SER M 420 -16.83 -19.22 26.87
CA SER M 420 -16.45 -20.29 27.79
C SER M 420 -17.16 -20.10 29.12
N ALA M 421 -17.04 -21.10 29.99
CA ALA M 421 -17.63 -21.00 31.32
C ALA M 421 -16.84 -20.02 32.19
N SER M 422 -15.51 -20.04 32.06
CA SER M 422 -14.66 -19.17 32.88
C SER M 422 -14.85 -17.71 32.52
N GLU M 423 -14.91 -17.39 31.22
CA GLU M 423 -15.15 -16.02 30.78
C GLU M 423 -16.51 -15.53 31.22
N PHE M 424 -17.51 -16.41 31.18
CA PHE M 424 -18.86 -16.06 31.60
C PHE M 424 -18.93 -15.81 33.10
N VAL M 425 -18.22 -16.61 33.92
CA VAL M 425 -18.31 -16.37 35.35
C VAL M 425 -17.47 -15.16 35.79
N GLU M 426 -16.37 -14.83 35.08
CA GLU M 426 -15.72 -13.56 35.39
C GLU M 426 -16.56 -12.36 34.95
N ALA M 427 -17.31 -12.50 33.84
CA ALA M 427 -18.24 -11.44 33.44
C ALA M 427 -19.35 -11.26 34.47
N LEU M 428 -19.90 -12.36 34.99
CA LEU M 428 -20.92 -12.28 36.02
C LEU M 428 -20.37 -11.71 37.32
N THR M 429 -19.14 -12.08 37.69
CA THR M 429 -18.53 -11.56 38.91
C THR M 429 -18.27 -10.06 38.80
N ALA M 430 -17.83 -9.61 37.61
CA ALA M 430 -17.66 -8.18 37.37
C ALA M 430 -19.00 -7.44 37.41
N LEU M 431 -20.07 -8.08 36.92
CA LEU M 431 -21.38 -7.44 36.99
C LEU M 431 -21.93 -7.41 38.42
N LEU M 432 -21.53 -8.36 39.27
CA LEU M 432 -21.78 -8.19 40.69
C LEU M 432 -20.99 -7.03 41.27
N GLU M 433 -19.75 -6.84 40.83
CA GLU M 433 -18.88 -5.91 41.53
C GLU M 433 -19.19 -4.44 41.22
N VAL M 434 -18.97 -4.01 39.98
CA VAL M 434 -19.00 -2.59 39.63
C VAL M 434 -20.05 -2.54 38.51
N GLY M 435 -21.12 -3.32 38.69
CA GLY M 435 -22.17 -3.40 37.69
C GLY M 435 -22.89 -2.09 37.41
N ASN M 436 -23.06 -1.26 38.43
CA ASN M 436 -23.64 0.08 38.23
C ASN M 436 -22.67 1.16 38.68
N ASN M 461 -25.30 9.44 60.14
CA ASN M 461 -25.30 9.77 58.73
C ASN M 461 -24.69 8.64 57.90
N SER M 462 -23.81 7.87 58.55
CA SER M 462 -23.12 6.78 57.85
C SER M 462 -24.04 5.61 57.58
N ALA M 463 -25.06 5.40 58.43
CA ALA M 463 -25.98 4.27 58.25
C ALA M 463 -26.82 4.42 56.99
N GLN M 464 -27.18 5.65 56.63
CA GLN M 464 -27.86 5.90 55.36
C GLN M 464 -26.97 5.57 54.18
N LYS M 465 -25.66 5.88 54.30
CA LYS M 465 -24.71 5.54 53.26
C LYS M 465 -24.55 4.03 53.11
N LEU M 466 -24.50 3.30 54.23
CA LEU M 466 -24.43 1.84 54.18
C LEU M 466 -25.71 1.24 53.58
N THR M 467 -26.87 1.79 53.92
CA THR M 467 -28.13 1.30 53.36
C THR M 467 -28.21 1.55 51.85
N ASN M 468 -27.80 2.74 51.40
CA ASN M 468 -27.78 3.04 49.98
C ASN M 468 -26.76 2.18 49.24
N LEU M 469 -25.64 1.88 49.90
CA LEU M 469 -24.60 1.07 49.27
C LEU M 469 -25.02 -0.41 49.16
N ARG M 470 -25.74 -0.91 50.17
CA ARG M 470 -26.30 -2.26 50.09
C ARG M 470 -27.37 -2.34 49.01
N LYS M 471 -28.19 -1.30 48.89
CA LYS M 471 -29.13 -1.23 47.77
C LYS M 471 -28.41 -1.19 46.42
N ARG M 472 -27.22 -0.57 46.38
CA ARG M 472 -26.47 -0.52 45.13
C ARG M 472 -25.97 -1.92 44.75
N TRP M 473 -25.46 -2.70 45.71
CA TRP M 473 -25.03 -4.03 45.27
C TRP M 473 -26.21 -4.98 45.03
N VAL M 474 -27.37 -4.73 45.64
CA VAL M 474 -28.55 -5.53 45.27
C VAL M 474 -28.97 -5.21 43.83
N SER M 475 -28.90 -3.95 43.43
CA SER M 475 -29.14 -3.58 42.03
C SER M 475 -28.09 -4.19 41.10
N ASN M 476 -26.85 -4.27 41.55
CA ASN M 476 -25.80 -4.95 40.78
C ASN M 476 -26.10 -6.43 40.60
N PHE M 477 -26.59 -7.07 41.66
CA PHE M 477 -26.96 -8.49 41.59
C PHE M 477 -28.10 -8.71 40.61
N TRP M 478 -29.08 -7.80 40.59
CA TRP M 478 -30.18 -7.99 39.64
C TRP M 478 -29.76 -7.66 38.21
N LEU M 479 -28.79 -6.77 38.02
CA LEU M 479 -28.21 -6.57 36.70
C LEU M 479 -27.49 -7.82 36.21
N SER M 480 -26.76 -8.48 37.11
CA SER M 480 -26.10 -9.74 36.74
C SER M 480 -27.10 -10.87 36.50
N TRP M 481 -28.22 -10.85 37.22
CA TRP M 481 -29.32 -11.78 36.91
C TRP M 481 -29.90 -11.51 35.53
N ASP M 482 -30.01 -10.24 35.15
CA ASP M 482 -30.44 -9.88 33.81
C ASP M 482 -29.44 -10.33 32.75
N ALA M 483 -28.16 -10.38 33.10
CA ALA M 483 -27.15 -10.86 32.16
C ALA M 483 -27.19 -12.36 31.94
N LEU M 484 -27.87 -13.12 32.82
CA LEU M 484 -27.91 -14.57 32.65
C LEU M 484 -28.84 -14.99 31.52
N ASP M 485 -29.74 -14.10 31.09
CA ASP M 485 -30.68 -14.43 30.04
C ASP M 485 -29.97 -14.49 28.70
N ASP M 486 -30.54 -15.28 27.78
CA ASP M 486 -29.95 -15.46 26.46
C ASP M 486 -30.15 -14.24 25.57
N ARG M 487 -31.27 -13.53 25.75
CA ARG M 487 -31.65 -12.41 24.89
C ARG M 487 -30.99 -11.10 25.29
N LYS M 488 -30.11 -11.10 26.30
CA LYS M 488 -29.53 -9.87 26.81
C LYS M 488 -28.01 -9.92 26.75
N VAL M 489 -27.45 -10.26 25.59
CA VAL M 489 -26.01 -10.40 25.43
C VAL M 489 -25.27 -9.07 25.52
N GLU M 490 -25.98 -7.94 25.37
CA GLU M 490 -25.34 -6.64 25.55
C GLU M 490 -24.92 -6.44 27.00
N LEU M 491 -25.71 -6.95 27.95
CA LEU M 491 -25.30 -6.95 29.34
C LEU M 491 -24.06 -7.82 29.55
N LEU M 492 -23.97 -8.93 28.81
CA LEU M 492 -22.79 -9.80 28.90
C LEU M 492 -21.55 -9.09 28.37
N ASN M 493 -21.68 -8.35 27.25
CA ASN M 493 -20.54 -7.62 26.71
C ASN M 493 -20.14 -6.45 27.61
N ARG M 494 -21.13 -5.81 28.25
CA ARG M 494 -20.82 -4.80 29.26
C ARG M 494 -20.08 -5.40 30.44
N GLY M 495 -20.47 -6.62 30.85
CA GLY M 495 -19.73 -7.32 31.88
C GLY M 495 -18.32 -7.70 31.47
N ILE M 496 -18.12 -8.02 30.19
CA ILE M 496 -16.78 -8.32 29.68
C ILE M 496 -15.89 -7.09 29.76
N GLN M 497 -16.41 -5.93 29.33
CA GLN M 497 -15.64 -4.70 29.41
C GLN M 497 -15.36 -4.29 30.85
N LEU M 498 -16.34 -4.48 31.74
CA LEU M 498 -16.16 -4.21 33.16
C LEU M 498 -15.13 -5.15 33.78
N ALA M 499 -15.10 -6.41 33.34
CA ALA M 499 -14.10 -7.36 33.82
C ALA M 499 -12.71 -6.95 33.38
N GLN M 500 -12.57 -6.46 32.14
CA GLN M 500 -11.28 -5.99 31.66
C GLN M 500 -10.80 -4.78 32.47
N ASP M 501 -11.67 -3.80 32.70
CA ASP M 501 -11.28 -2.61 33.47
C ASP M 501 -10.98 -2.95 34.92
N LEU M 502 -11.77 -3.83 35.52
CA LEU M 502 -11.56 -4.21 36.92
C LEU M 502 -10.30 -5.05 37.07
N GLN M 503 -9.96 -5.88 36.08
CA GLN M 503 -8.71 -6.61 36.14
C GLN M 503 -7.51 -5.70 35.94
N ARG M 504 -7.66 -4.64 35.14
CA ARG M 504 -6.61 -3.63 35.03
C ARG M 504 -6.38 -2.94 36.37
N ALA M 505 -7.47 -2.58 37.07
CA ALA M 505 -7.35 -1.95 38.39
C ALA M 505 -6.75 -2.91 39.41
N ILE M 506 -7.16 -4.18 39.37
CA ILE M 506 -6.63 -5.20 40.28
C ILE M 506 -5.14 -5.43 40.03
N PHE M 507 -4.73 -5.46 38.76
CA PHE M 507 -3.32 -5.62 38.42
C PHE M 507 -2.49 -4.42 38.88
N ASN M 508 -3.02 -3.21 38.69
CA ASN M 508 -2.30 -2.01 39.13
C ASN M 508 -2.15 -1.96 40.64
N THR M 509 -3.20 -2.31 41.38
CA THR M 509 -3.09 -2.29 42.84
C THR M 509 -2.26 -3.47 43.35
N GLY M 510 -2.27 -4.59 42.64
CA GLY M 510 -1.43 -5.71 43.03
C GLY M 510 0.06 -5.43 42.85
N VAL M 511 0.43 -4.81 41.73
CA VAL M 511 1.83 -4.42 41.58
C VAL M 511 2.16 -3.24 42.48
N ALA M 512 1.16 -2.43 42.87
CA ALA M 512 1.37 -1.40 43.88
C ALA M 512 1.72 -2.00 45.23
N ILE M 513 1.03 -3.08 45.61
CA ILE M 513 1.34 -3.80 46.85
C ILE M 513 2.71 -4.45 46.76
N LEU M 514 3.02 -5.07 45.62
CA LEU M 514 4.25 -5.86 45.52
C LEU M 514 5.50 -5.01 45.36
N GLU M 515 5.39 -3.81 44.79
CA GLU M 515 6.59 -3.01 44.55
C GLU M 515 7.12 -2.37 45.82
N LYS M 516 6.24 -1.82 46.64
CA LYS M 516 6.65 -1.09 47.84
C LYS M 516 6.73 -1.97 49.08
N LYS M 517 6.35 -3.25 48.98
CA LYS M 517 6.45 -4.27 50.03
C LYS M 517 5.66 -3.88 51.28
N LEU M 518 4.34 -3.77 51.10
CA LEU M 518 3.44 -3.60 52.23
C LEU M 518 3.04 -4.91 52.90
N ILE M 519 3.43 -6.05 52.33
CA ILE M 519 3.16 -7.34 52.96
C ILE M 519 4.12 -7.53 54.12
N LYS M 520 3.57 -7.68 55.32
CA LYS M 520 4.36 -7.80 56.54
C LYS M 520 4.23 -9.20 57.11
N HIS M 521 5.33 -9.72 57.62
CA HIS M 521 5.38 -11.07 58.18
C HIS M 521 5.17 -10.97 59.69
N LEU M 522 4.13 -11.65 60.18
CA LEU M 522 3.80 -11.63 61.61
C LEU M 522 3.87 -13.02 62.24
N ARG M 523 4.55 -13.96 61.57
CA ARG M 523 5.01 -15.26 62.07
C ARG M 523 3.87 -16.28 62.23
N ILE M 524 2.61 -15.83 62.17
CA ILE M 524 1.47 -16.73 62.23
C ILE M 524 0.53 -16.38 61.08
N TYR M 525 0.62 -15.14 60.61
CA TYR M 525 -0.21 -14.67 59.50
C TYR M 525 0.51 -13.56 58.78
N ARG M 526 0.09 -13.31 57.54
CA ARG M 526 0.66 -12.27 56.70
C ARG M 526 -0.33 -11.11 56.61
N LEU M 527 0.17 -9.90 56.81
CA LEU M 527 -0.66 -8.71 56.93
C LEU M 527 -0.42 -7.78 55.75
N CYS M 528 -1.52 -7.34 55.12
CA CYS M 528 -1.46 -6.38 54.03
C CYS M 528 -2.53 -5.32 54.25
N VAL M 529 -2.11 -4.09 54.51
CA VAL M 529 -3.01 -2.98 54.79
C VAL M 529 -2.88 -1.95 53.68
N LEU M 530 -3.98 -1.62 53.03
CA LEU M 530 -4.02 -0.60 51.99
C LEU M 530 -4.42 0.71 52.66
N GLN M 531 -3.50 1.67 52.68
CA GLN M 531 -3.81 2.99 53.23
C GLN M 531 -4.26 3.96 52.15
N ASP M 532 -3.65 3.89 50.97
CA ASP M 532 -4.02 4.72 49.83
C ASP M 532 -3.49 4.09 48.54
N GLY M 533 -4.15 4.40 47.43
CA GLY M 533 -3.80 3.80 46.16
C GLY M 533 -4.70 4.23 45.02
N PRO M 534 -4.56 3.58 43.86
CA PRO M 534 -5.35 3.97 42.68
C PRO M 534 -6.75 3.37 42.73
N ASP M 535 -7.76 4.25 42.70
CA ASP M 535 -9.19 3.90 42.65
C ASP M 535 -9.57 3.00 43.84
N LEU M 536 -9.35 3.52 45.05
CA LEU M 536 -9.59 2.75 46.26
C LEU M 536 -11.07 2.62 46.61
N ASP M 537 -11.95 3.31 45.89
CA ASP M 537 -13.39 3.21 46.11
C ASP M 537 -14.00 1.95 45.50
N LEU M 538 -13.22 1.16 44.76
CA LEU M 538 -13.71 -0.13 44.30
C LEU M 538 -13.62 -1.22 45.36
N TYR M 539 -12.85 -0.98 46.42
CA TYR M 539 -12.57 -2.00 47.42
C TYR M 539 -13.51 -1.96 48.62
N ARG M 540 -14.52 -1.09 48.60
CA ARG M 540 -15.63 -1.23 49.53
C ARG M 540 -16.52 -2.41 49.17
N ASN M 541 -16.45 -2.88 47.91
CA ASN M 541 -17.04 -4.13 47.47
C ASN M 541 -16.30 -5.30 48.09
N PRO M 542 -17.02 -6.33 48.54
CA PRO M 542 -16.36 -7.55 49.02
C PRO M 542 -15.62 -8.32 47.94
N LEU M 543 -16.26 -8.64 46.81
CA LEU M 543 -15.64 -9.55 45.83
C LEU M 543 -14.45 -8.92 45.13
N THR M 544 -14.38 -7.59 45.08
CA THR M 544 -13.19 -6.96 44.51
C THR M 544 -12.00 -7.14 45.43
N LEU M 545 -12.22 -7.04 46.75
CA LEU M 545 -11.17 -7.31 47.71
C LEU M 545 -10.80 -8.79 47.73
N LEU M 546 -11.78 -9.67 47.53
CA LEU M 546 -11.46 -11.09 47.36
C LEU M 546 -10.70 -11.37 46.06
N ARG M 547 -10.97 -10.61 45.00
CA ARG M 547 -10.19 -10.74 43.77
C ARG M 547 -8.75 -10.34 43.98
N LEU M 548 -8.53 -9.22 44.69
CA LEU M 548 -7.17 -8.82 45.06
C LEU M 548 -6.52 -9.84 46.00
N GLY M 549 -7.31 -10.41 46.90
CA GLY M 549 -6.78 -11.43 47.81
C GLY M 549 -6.36 -12.69 47.10
N ASN M 550 -7.19 -13.18 46.17
CA ASN M 550 -6.82 -14.35 45.38
C ASN M 550 -5.64 -14.06 44.46
N TRP M 551 -5.53 -12.83 43.96
CA TRP M 551 -4.35 -12.39 43.23
C TRP M 551 -3.09 -12.53 44.09
N LEU M 552 -3.16 -12.06 45.33
CA LEU M 552 -2.01 -12.15 46.23
C LEU M 552 -1.69 -13.59 46.64
N ILE M 553 -2.71 -14.42 46.89
CA ILE M 553 -2.48 -15.81 47.27
C ILE M 553 -1.91 -16.61 46.11
N GLU M 554 -2.37 -16.36 44.89
CA GLU M 554 -1.78 -17.02 43.73
C GLU M 554 -0.34 -16.54 43.49
N CYS M 555 -0.07 -15.25 43.69
CA CYS M 555 1.28 -14.74 43.47
C CYS M 555 2.26 -15.22 44.52
N CYS M 556 1.80 -15.38 45.77
CA CYS M 556 2.67 -15.81 46.86
C CYS M 556 2.71 -17.32 47.05
N ALA M 557 1.78 -18.06 46.42
CA ALA M 557 1.74 -19.51 46.60
C ALA M 557 2.83 -20.20 45.80
N GLU M 558 3.17 -19.67 44.62
CA GLU M 558 4.23 -20.26 43.82
C GLU M 558 5.63 -19.95 44.35
N SER M 559 5.74 -18.96 45.23
CA SER M 559 7.00 -18.67 45.91
C SER M 559 7.12 -19.62 47.10
N GLU M 560 7.90 -20.67 46.94
CA GLU M 560 8.04 -21.70 47.96
C GLU M 560 8.88 -21.25 49.15
N ASP M 561 9.66 -20.18 49.00
CA ASP M 561 10.57 -19.71 50.04
C ASP M 561 9.84 -19.24 51.29
N LYS M 562 8.63 -18.71 51.13
CA LYS M 562 7.74 -18.45 52.26
C LYS M 562 6.63 -19.49 52.26
N GLN M 563 6.38 -20.06 53.44
CA GLN M 563 5.46 -21.19 53.56
C GLN M 563 4.01 -20.71 53.54
N LEU M 564 3.09 -21.65 53.76
CA LEU M 564 1.67 -21.34 53.72
C LEU M 564 1.26 -20.60 54.99
N LEU M 565 0.73 -19.40 54.82
CA LEU M 565 0.27 -18.58 55.94
C LEU M 565 -1.07 -17.95 55.57
N PRO M 566 -1.96 -17.79 56.54
CA PRO M 566 -3.19 -17.04 56.29
C PRO M 566 -2.90 -15.55 56.09
N MET M 567 -3.79 -14.89 55.37
CA MET M 567 -3.60 -13.50 55.00
C MET M 567 -4.73 -12.63 55.53
N VAL M 568 -4.38 -11.48 56.09
CA VAL M 568 -5.34 -10.44 56.47
C VAL M 568 -5.19 -9.31 55.47
N LEU M 569 -6.28 -8.96 54.79
CA LEU M 569 -6.27 -7.92 53.77
C LEU M 569 -7.26 -6.84 54.17
N ALA M 570 -6.75 -5.66 54.51
CA ALA M 570 -7.57 -4.56 54.99
C ALA M 570 -7.55 -3.41 53.98
N SER M 571 -8.73 -2.86 53.71
CA SER M 571 -8.85 -1.71 52.81
C SER M 571 -9.67 -0.62 53.48
N ILE M 572 -9.21 0.61 53.35
CA ILE M 572 -9.83 1.73 54.08
C ILE M 572 -10.87 2.41 53.20
N ASP M 573 -11.97 2.82 53.82
CA ASP M 573 -12.99 3.65 53.18
C ASP M 573 -13.03 4.95 53.95
N GLU M 574 -12.72 6.06 53.26
CA GLU M 574 -12.56 7.35 53.92
C GLU M 574 -13.89 7.96 54.30
N ASN M 575 -14.89 7.87 53.41
CA ASN M 575 -16.20 8.47 53.67
C ASN M 575 -16.92 7.74 54.79
N THR M 576 -16.95 6.40 54.72
CA THR M 576 -17.44 5.60 55.83
C THR M 576 -16.43 5.56 56.97
N ASP M 577 -15.13 5.75 56.63
CA ASP M 577 -14.01 5.71 57.58
C ASP M 577 -13.94 4.36 58.30
N THR M 578 -13.95 3.29 57.53
CA THR M 578 -13.85 1.94 58.09
C THR M 578 -12.85 1.13 57.29
N TYR M 579 -12.10 0.30 58.01
CA TYR M 579 -11.26 -0.72 57.40
C TYR M 579 -12.08 -1.99 57.20
N LEU M 580 -12.32 -2.35 55.95
CA LEU M 580 -12.95 -3.62 55.64
C LEU M 580 -11.85 -4.67 55.57
N VAL M 581 -11.97 -5.70 56.39
CA VAL M 581 -10.92 -6.70 56.60
C VAL M 581 -11.42 -8.03 56.09
N ALA M 582 -10.61 -8.66 55.24
CA ALA M 582 -10.89 -9.96 54.63
C ALA M 582 -9.85 -10.96 55.09
N GLY M 583 -10.29 -12.16 55.42
CA GLY M 583 -9.40 -13.25 55.76
C GLY M 583 -9.29 -14.22 54.60
N LEU M 584 -8.05 -14.42 54.15
CA LEU M 584 -7.76 -15.22 52.96
C LEU M 584 -6.96 -16.45 53.36
N THR M 585 -7.43 -17.60 52.91
CA THR M 585 -6.71 -18.85 53.12
C THR M 585 -5.63 -19.02 52.04
N PRO M 586 -4.47 -19.57 52.41
CA PRO M 586 -3.47 -19.92 51.41
C PRO M 586 -3.87 -21.20 50.69
N ARG M 587 -3.12 -21.51 49.63
CA ARG M 587 -3.38 -22.75 48.90
C ARG M 587 -2.08 -23.26 48.30
N TYR M 588 -2.07 -24.56 48.01
CA TYR M 588 -0.96 -25.20 47.34
C TYR M 588 -0.93 -24.76 45.87
N PRO M 589 0.23 -24.89 45.21
CA PRO M 589 0.29 -24.61 43.77
C PRO M 589 -0.58 -25.57 42.97
N ARG M 590 -1.05 -25.07 41.81
CA ARG M 590 -2.05 -25.77 41.03
C ARG M 590 -1.50 -27.04 40.38
N GLY M 591 -0.18 -27.11 40.15
CA GLY M 591 0.41 -28.26 39.52
C GLY M 591 0.47 -29.51 40.40
N LEU M 592 0.44 -29.33 41.71
CA LEU M 592 0.47 -30.47 42.62
C LEU M 592 -0.91 -31.13 42.69
N ASP M 593 -0.91 -32.39 43.13
CA ASP M 593 -2.15 -33.15 43.28
C ASP M 593 -2.02 -34.22 44.35
N LYS M 598 -5.21 -33.47 47.89
CA LYS M 598 -5.07 -33.84 49.30
C LYS M 598 -6.15 -33.18 50.15
N LYS M 599 -5.90 -33.11 51.45
CA LYS M 599 -6.87 -32.50 52.38
C LYS M 599 -6.90 -30.99 52.19
N PRO M 600 -8.06 -30.39 51.94
CA PRO M 600 -8.12 -28.94 51.80
C PRO M 600 -7.92 -28.23 53.12
N ILE M 601 -7.38 -27.01 53.04
CA ILE M 601 -7.11 -26.20 54.22
C ILE M 601 -8.37 -25.44 54.61
N LEU M 602 -8.53 -25.18 55.90
CA LEU M 602 -9.72 -24.56 56.45
C LEU M 602 -9.54 -23.06 56.65
N ASN M 603 -10.63 -22.38 56.97
CA ASN M 603 -10.64 -20.93 57.19
C ASN M 603 -10.82 -20.66 58.68
N ASN M 604 -9.71 -20.35 59.35
CA ASN M 604 -9.68 -20.18 60.79
C ASN M 604 -9.78 -18.72 61.24
N PHE M 605 -10.37 -17.85 60.41
CA PHE M 605 -10.45 -16.45 60.82
C PHE M 605 -11.76 -16.13 61.53
N SER M 606 -12.82 -16.89 61.26
CA SER M 606 -14.13 -16.59 61.85
C SER M 606 -14.14 -16.87 63.35
N MET M 607 -13.42 -17.91 63.78
CA MET M 607 -13.34 -18.26 65.19
C MET M 607 -12.64 -17.16 65.98
N ALA M 608 -11.53 -16.65 65.45
CA ALA M 608 -10.79 -15.59 66.12
C ALA M 608 -11.56 -14.27 66.08
N PHE M 609 -12.25 -13.99 64.97
CA PHE M 609 -13.05 -12.78 64.87
C PHE M 609 -14.19 -12.79 65.88
N GLN M 610 -14.87 -13.93 66.04
CA GLN M 610 -15.94 -14.06 67.02
C GLN M 610 -15.41 -13.95 68.44
N GLN M 611 -14.25 -14.57 68.73
CA GLN M 611 -13.73 -14.53 70.09
C GLN M 611 -13.22 -13.15 70.48
N ILE M 612 -12.59 -12.44 69.53
CA ILE M 612 -12.15 -11.07 69.81
C ILE M 612 -13.34 -10.13 69.93
N THR M 613 -14.40 -10.33 69.13
CA THR M 613 -15.62 -9.54 69.26
C THR M 613 -16.29 -9.77 70.61
N ALA M 614 -16.28 -11.01 71.09
CA ALA M 614 -16.87 -11.30 72.40
C ALA M 614 -16.03 -10.73 73.54
N GLU M 615 -14.71 -10.91 73.49
CA GLU M 615 -13.86 -10.49 74.61
C GLU M 615 -13.68 -8.98 74.64
N THR M 616 -13.45 -8.36 73.49
CA THR M 616 -13.17 -6.93 73.46
C THR M 616 -14.45 -6.15 73.16
N ASP M 617 -14.35 -4.83 73.28
CA ASP M 617 -15.46 -3.92 73.01
C ASP M 617 -15.33 -3.26 71.65
N ALA M 618 -14.81 -3.99 70.67
CA ALA M 618 -14.66 -3.45 69.33
C ALA M 618 -16.01 -3.35 68.63
N LYS M 619 -16.30 -2.18 68.08
CA LYS M 619 -17.53 -1.99 67.31
C LYS M 619 -17.28 -2.49 65.89
N VAL M 620 -17.63 -3.75 65.66
CA VAL M 620 -17.33 -4.43 64.40
C VAL M 620 -18.61 -5.03 63.84
N ARG M 621 -18.57 -5.35 62.54
CA ARG M 621 -19.70 -5.93 61.83
C ARG M 621 -19.37 -7.37 61.48
N ILE M 622 -20.20 -8.30 61.92
CA ILE M 622 -20.05 -9.72 61.66
C ILE M 622 -21.10 -10.22 60.66
N ASP M 623 -21.92 -9.30 60.14
CA ASP M 623 -23.16 -9.63 59.44
C ASP M 623 -22.96 -10.26 58.06
N ASN M 624 -21.75 -10.28 57.53
CA ASN M 624 -21.53 -10.85 56.21
C ASN M 624 -21.70 -12.37 56.23
N PHE M 625 -22.21 -12.92 55.12
CA PHE M 625 -22.44 -14.36 55.02
C PHE M 625 -21.13 -15.12 54.99
N GLU M 626 -20.14 -14.61 54.27
CA GLU M 626 -18.77 -15.08 54.45
C GLU M 626 -18.25 -14.47 55.75
N SER M 627 -17.98 -15.31 56.73
CA SER M 627 -17.65 -14.85 58.08
C SER M 627 -16.25 -14.29 58.21
N SER M 628 -15.43 -14.36 57.16
CA SER M 628 -14.10 -13.75 57.15
C SER M 628 -14.14 -12.30 56.70
N ILE M 629 -15.32 -11.74 56.46
CA ILE M 629 -15.47 -10.36 56.02
C ILE M 629 -16.00 -9.56 57.20
N ILE M 630 -15.19 -8.65 57.73
CA ILE M 630 -15.60 -7.80 58.84
C ILE M 630 -15.28 -6.35 58.52
N GLU M 631 -15.88 -5.44 59.28
CA GLU M 631 -15.63 -4.01 59.16
C GLU M 631 -15.24 -3.47 60.53
N ILE M 632 -14.07 -2.84 60.61
CA ILE M 632 -13.54 -2.28 61.85
C ILE M 632 -13.43 -0.77 61.62
N ARG M 633 -13.48 0.00 62.71
CA ARG M 633 -13.13 1.40 62.62
C ARG M 633 -11.62 1.55 62.41
N ARG M 634 -11.22 2.73 61.92
CA ARG M 634 -9.80 3.01 61.70
C ARG M 634 -9.02 3.01 63.01
N GLU M 635 -9.60 3.62 64.05
CA GLU M 635 -8.90 3.81 65.31
C GLU M 635 -8.81 2.53 66.13
N ASP M 636 -9.66 1.55 65.83
CA ASP M 636 -9.66 0.27 66.53
C ASP M 636 -8.99 -0.84 65.72
N LEU M 637 -8.26 -0.48 64.66
CA LEU M 637 -7.69 -1.48 63.77
C LEU M 637 -6.48 -2.15 64.41
N SER M 638 -5.50 -1.36 64.82
CA SER M 638 -4.28 -1.89 65.43
C SER M 638 -4.49 -2.68 66.73
N PRO M 639 -5.35 -2.28 67.69
CA PRO M 639 -5.65 -3.22 68.79
C PRO M 639 -6.31 -4.51 68.34
N PHE M 640 -7.14 -4.47 67.29
CA PHE M 640 -7.76 -5.68 66.76
C PHE M 640 -6.70 -6.61 66.18
N LEU M 641 -5.72 -6.07 65.45
CA LEU M 641 -4.64 -6.90 64.92
C LEU M 641 -3.69 -7.39 66.02
N GLU M 642 -3.50 -6.61 67.09
CA GLU M 642 -2.67 -7.10 68.19
C GLU M 642 -3.37 -8.23 68.95
N LYS M 643 -4.68 -8.12 69.17
CA LYS M 643 -5.42 -9.23 69.75
C LYS M 643 -5.54 -10.41 68.80
N LEU M 644 -5.46 -10.15 67.49
CA LEU M 644 -5.47 -11.24 66.52
C LEU M 644 -4.16 -12.01 66.54
N THR M 645 -3.02 -11.31 66.58
CA THR M 645 -1.73 -11.99 66.63
C THR M 645 -1.42 -12.54 68.01
N LEU M 646 -2.11 -12.07 69.05
CA LEU M 646 -1.99 -12.72 70.36
C LEU M 646 -2.78 -14.02 70.41
N SER M 647 -3.91 -14.10 69.71
CA SER M 647 -4.73 -15.30 69.70
C SER M 647 -4.09 -16.37 68.82
N GLY M 648 -4.16 -17.61 69.27
CA GLY M 648 -3.57 -18.73 68.58
C GLY M 648 -4.52 -19.53 67.72
N LEU M 649 -5.68 -18.98 67.37
CA LEU M 649 -6.67 -19.70 66.56
C LEU M 649 -6.59 -19.36 65.08
N LEU M 650 -5.45 -18.84 64.61
CA LEU M 650 -5.32 -18.51 63.20
C LEU M 650 -4.94 -19.73 62.37
N LYS N 473 -24.36 -69.65 9.93
CA LYS N 473 -25.68 -69.51 9.33
C LYS N 473 -26.34 -68.21 9.77
N PHE N 474 -27.45 -68.32 10.50
CA PHE N 474 -28.20 -67.15 10.94
C PHE N 474 -27.78 -66.75 12.35
N ARG N 475 -27.75 -65.44 12.60
CA ARG N 475 -27.35 -64.88 13.88
C ARG N 475 -28.55 -64.18 14.50
N TYR N 476 -28.77 -64.42 15.79
CA TYR N 476 -29.83 -63.74 16.52
C TYR N 476 -29.31 -62.43 17.11
N MET N 477 -30.19 -61.44 17.17
CA MET N 477 -29.85 -60.14 17.70
C MET N 477 -30.87 -59.73 18.74
N PRO N 478 -30.45 -58.97 19.77
CA PRO N 478 -31.41 -58.52 20.79
C PRO N 478 -32.36 -57.46 20.24
N PHE N 479 -33.65 -57.68 20.49
CA PHE N 479 -34.70 -56.83 19.92
C PHE N 479 -35.53 -56.19 21.02
N SER N 480 -35.74 -54.89 20.89
CA SER N 480 -36.73 -54.14 21.65
C SER N 480 -37.62 -53.39 20.68
N PRO N 481 -38.89 -53.16 21.02
CA PRO N 481 -39.82 -52.55 20.05
C PRO N 481 -39.46 -51.11 19.71
N ALA N 482 -39.38 -50.86 18.40
CA ALA N 482 -39.03 -49.56 17.80
C ALA N 482 -37.68 -49.04 18.28
N GLY N 483 -36.74 -49.95 18.52
CA GLY N 483 -35.39 -49.53 18.83
C GLY N 483 -34.65 -49.06 17.60
N THR N 484 -33.60 -48.28 17.84
CA THR N 484 -32.80 -47.74 16.76
C THR N 484 -31.37 -48.26 16.86
N PRO N 485 -30.68 -48.47 15.74
CA PRO N 485 -29.27 -48.84 15.80
C PRO N 485 -28.40 -47.65 16.17
N PHE N 486 -27.15 -47.96 16.53
CA PHE N 486 -26.19 -46.90 16.85
C PHE N 486 -25.85 -46.08 15.62
N GLY N 487 -25.58 -46.75 14.50
CA GLY N 487 -25.16 -46.04 13.30
C GLY N 487 -23.76 -45.48 13.48
N PHE N 488 -23.54 -44.30 12.90
CA PHE N 488 -22.29 -43.57 13.11
C PHE N 488 -22.32 -42.70 14.36
N THR N 489 -23.48 -42.58 15.01
CA THR N 489 -23.59 -41.77 16.21
C THR N 489 -23.18 -42.58 17.44
N ASP N 490 -23.14 -41.90 18.58
CA ASP N 490 -22.80 -42.52 19.86
C ASP N 490 -24.02 -42.76 20.75
N ARG N 491 -25.22 -42.71 20.19
CA ARG N 491 -26.43 -42.90 20.98
C ARG N 491 -27.50 -43.52 20.11
N ARG N 492 -28.48 -44.13 20.77
CA ARG N 492 -29.58 -44.79 20.09
C ARG N 492 -30.77 -44.87 21.03
N TYR N 493 -31.94 -45.17 20.47
CA TYR N 493 -33.15 -45.38 21.25
C TYR N 493 -33.27 -46.86 21.57
N LEU N 494 -33.36 -47.18 22.87
CA LEU N 494 -33.58 -48.57 23.25
C LEU N 494 -34.98 -49.03 22.89
N THR N 495 -36.00 -48.27 23.25
CA THR N 495 -37.37 -48.63 22.90
C THR N 495 -38.22 -47.37 22.77
N MET N 496 -39.26 -47.47 21.94
CA MET N 496 -40.17 -46.36 21.68
C MET N 496 -41.58 -46.92 21.55
N ASN N 497 -42.51 -46.39 22.34
CA ASN N 497 -43.90 -46.85 22.29
C ASN N 497 -44.82 -45.72 22.71
N GLU N 498 -46.09 -46.07 22.99
CA GLU N 498 -47.08 -45.05 23.34
C GLU N 498 -46.87 -44.49 24.76
N VAL N 499 -46.14 -45.20 25.61
CA VAL N 499 -45.88 -44.69 26.95
C VAL N 499 -44.75 -43.66 26.94
N GLY N 500 -43.65 -43.99 26.28
CA GLY N 500 -42.52 -43.09 26.21
C GLY N 500 -41.43 -43.67 25.35
N TYR N 501 -40.24 -43.10 25.47
CA TYR N 501 -39.07 -43.61 24.77
C TYR N 501 -37.89 -43.69 25.72
N VAL N 502 -37.15 -44.79 25.62
CA VAL N 502 -35.95 -45.04 26.40
C VAL N 502 -34.78 -45.05 25.43
N SER N 503 -33.78 -44.21 25.72
CA SER N 503 -32.61 -44.07 24.87
C SER N 503 -31.34 -44.23 25.71
N THR N 504 -30.26 -44.65 25.07
CA THR N 504 -28.98 -44.82 25.73
C THR N 504 -27.91 -44.04 25.00
N VAL N 505 -26.93 -43.55 25.75
CA VAL N 505 -25.79 -42.81 25.20
C VAL N 505 -24.51 -43.51 25.63
N LYS N 506 -23.62 -43.75 24.67
CA LYS N 506 -22.28 -44.23 24.99
C LYS N 506 -21.53 -43.14 25.75
N ASN N 507 -20.89 -43.52 26.86
CA ASN N 507 -20.33 -42.56 27.80
C ASN N 507 -18.94 -42.98 28.23
N SER N 508 -18.09 -43.29 27.23
CA SER N 508 -16.69 -43.71 27.41
C SER N 508 -16.58 -44.97 28.25
N GLU N 509 -17.06 -46.07 27.64
CA GLU N 509 -17.09 -47.47 28.10
C GLU N 509 -18.18 -47.73 29.14
N GLN N 510 -18.97 -46.73 29.50
CA GLN N 510 -20.22 -46.97 30.21
C GLN N 510 -21.34 -46.29 29.44
N TYR N 511 -22.54 -46.28 29.99
CA TYR N 511 -23.69 -45.74 29.27
C TYR N 511 -24.51 -44.87 30.20
N SER N 512 -25.26 -43.94 29.61
CA SER N 512 -26.24 -43.14 30.33
C SER N 512 -27.59 -43.36 29.67
N ILE N 513 -28.57 -43.85 30.44
CA ILE N 513 -29.86 -44.23 29.89
C ILE N 513 -30.89 -43.21 30.38
N THR N 514 -31.59 -42.58 29.44
CA THR N 514 -32.63 -41.61 29.72
C THR N 514 -33.98 -42.21 29.32
N VAL N 515 -34.90 -42.27 30.28
CA VAL N 515 -36.27 -42.72 30.05
C VAL N 515 -37.17 -41.50 30.09
N SER N 516 -37.79 -41.18 28.96
CA SER N 516 -38.71 -40.06 28.86
C SER N 516 -40.10 -40.58 28.55
N PHE N 517 -41.11 -39.84 28.99
CA PHE N 517 -42.49 -40.27 28.86
C PHE N 517 -43.29 -39.27 28.04
N PHE N 518 -44.21 -39.79 27.23
CA PHE N 518 -45.15 -38.93 26.53
C PHE N 518 -46.25 -38.41 27.44
N ASP N 519 -46.50 -39.07 28.56
CA ASP N 519 -47.48 -38.62 29.55
C ASP N 519 -46.72 -37.94 30.67
N VAL N 520 -46.67 -36.60 30.63
CA VAL N 520 -45.93 -35.83 31.61
C VAL N 520 -46.64 -35.86 32.97
N GLY N 521 -47.98 -35.78 32.96
CA GLY N 521 -48.72 -35.70 34.21
C GLY N 521 -48.69 -36.98 35.03
N ARG N 522 -48.77 -38.13 34.36
CA ARG N 522 -48.77 -39.39 35.09
C ARG N 522 -47.36 -39.81 35.50
N PHE N 523 -46.41 -39.74 34.57
CA PHE N 523 -45.06 -40.22 34.80
C PHE N 523 -44.07 -39.07 34.66
N ARG N 524 -43.10 -39.04 35.57
CA ARG N 524 -41.99 -38.09 35.51
C ARG N 524 -40.78 -38.79 34.92
N GLU N 525 -40.14 -38.14 33.94
CA GLU N 525 -39.04 -38.75 33.23
C GLU N 525 -37.79 -38.79 34.13
N TYR N 526 -36.89 -39.71 33.82
CA TYR N 526 -35.70 -39.88 34.64
C TYR N 526 -34.54 -40.36 33.79
N HIS N 527 -33.38 -40.54 34.42
CA HIS N 527 -32.19 -41.05 33.76
C HIS N 527 -31.30 -41.65 34.83
N PHE N 528 -30.40 -42.53 34.39
CA PHE N 528 -29.47 -43.17 35.31
C PHE N 528 -28.21 -43.60 34.56
N GLU N 529 -27.18 -43.91 35.33
CA GLU N 529 -25.88 -44.30 34.80
C GLU N 529 -25.80 -45.82 34.77
N ASP N 530 -25.78 -46.38 33.57
CA ASP N 530 -25.75 -47.82 33.37
C ASP N 530 -24.30 -48.25 33.15
N LEU N 531 -23.80 -49.12 34.03
CA LEU N 531 -22.44 -49.64 33.93
C LEU N 531 -22.38 -51.02 33.30
N PHE N 532 -23.51 -51.70 33.15
CA PHE N 532 -23.53 -53.05 32.58
C PHE N 532 -23.64 -53.06 31.07
N GLY N 533 -24.19 -52.01 30.47
CA GLY N 533 -24.34 -51.97 29.03
C GLY N 533 -25.62 -52.62 28.55
N TYR N 534 -26.76 -52.13 29.02
CA TYR N 534 -28.04 -52.70 28.62
C TYR N 534 -28.35 -52.35 27.17
N ASP N 535 -28.75 -53.36 26.40
CA ASP N 535 -29.17 -53.16 25.02
C ASP N 535 -30.61 -53.61 24.78
N LEU N 536 -31.34 -53.92 25.84
CA LEU N 536 -32.74 -54.32 25.76
C LEU N 536 -33.56 -53.51 26.74
N CYS N 537 -34.74 -53.08 26.31
CA CYS N 537 -35.63 -52.36 27.21
C CYS N 537 -37.07 -52.65 26.84
N PHE N 538 -37.93 -52.66 27.86
CA PHE N 538 -39.36 -52.71 27.68
C PHE N 538 -39.99 -51.71 28.63
N LEU N 539 -40.92 -50.90 28.12
CA LEU N 539 -41.49 -49.78 28.85
C LEU N 539 -43.00 -49.87 28.80
N ASN N 540 -43.63 -50.06 29.96
CA ASN N 540 -45.07 -50.06 30.09
C ASN N 540 -45.49 -49.03 31.14
N GLU N 541 -46.74 -49.07 31.54
CA GLU N 541 -47.30 -48.04 32.41
C GLU N 541 -47.03 -48.29 33.89
N LYS N 542 -46.33 -49.37 34.25
CA LYS N 542 -46.07 -49.66 35.65
C LYS N 542 -44.64 -50.04 35.96
N GLY N 543 -43.74 -50.09 34.96
CA GLY N 543 -42.37 -50.44 35.23
C GLY N 543 -41.54 -50.32 33.98
N THR N 544 -40.24 -50.55 34.13
CA THR N 544 -39.30 -50.52 33.03
C THR N 544 -38.32 -51.67 33.22
N LEU N 545 -38.17 -52.50 32.19
CA LEU N 545 -37.38 -53.72 32.27
C LEU N 545 -36.19 -53.59 31.32
N PHE N 546 -34.99 -53.49 31.89
CA PHE N 546 -33.75 -53.44 31.13
C PHE N 546 -33.12 -54.82 31.09
N GLY N 547 -32.43 -55.11 30.00
CA GLY N 547 -31.81 -56.41 29.84
C GLY N 547 -30.54 -56.37 29.02
N GLN N 548 -29.47 -56.98 29.54
CA GLN N 548 -28.23 -57.16 28.81
C GLN N 548 -28.25 -58.52 28.14
N SER N 549 -28.02 -58.55 26.83
CA SER N 549 -28.18 -59.78 26.07
C SER N 549 -27.03 -60.75 26.27
N LYS N 550 -25.80 -60.26 26.42
CA LYS N 550 -24.65 -61.14 26.41
C LYS N 550 -24.41 -61.82 27.75
N THR N 551 -24.76 -61.18 28.86
CA THR N 551 -24.49 -61.73 30.18
C THR N 551 -25.73 -62.20 30.93
N GLY N 552 -26.93 -61.93 30.40
CA GLY N 552 -28.13 -62.34 31.10
C GLY N 552 -28.55 -61.42 32.23
N GLN N 553 -28.06 -60.19 32.24
CA GLN N 553 -28.28 -59.25 33.33
C GLN N 553 -29.57 -58.47 33.06
N ILE N 554 -30.59 -58.69 33.88
CA ILE N 554 -31.86 -57.99 33.73
C ILE N 554 -32.15 -57.20 35.01
N GLN N 555 -32.98 -56.17 34.86
CA GLN N 555 -33.33 -55.28 35.96
C GLN N 555 -34.73 -54.74 35.73
N TYR N 556 -35.54 -54.74 36.78
CA TYR N 556 -36.88 -54.18 36.75
C TYR N 556 -36.95 -52.99 37.68
N ARG N 557 -37.42 -51.86 37.15
CA ARG N 557 -37.51 -50.60 37.89
C ARG N 557 -38.94 -50.12 37.87
N PRO N 558 -39.66 -50.15 38.98
CA PRO N 558 -40.98 -49.51 39.03
C PRO N 558 -40.89 -48.00 38.90
N HIS N 559 -41.93 -47.40 38.34
CA HIS N 559 -41.93 -45.96 38.10
C HIS N 559 -42.21 -45.17 39.38
N ASP N 560 -43.05 -45.71 40.26
CA ASP N 560 -43.53 -44.95 41.42
C ASP N 560 -42.47 -44.80 42.51
N SER N 561 -41.40 -45.60 42.45
CA SER N 561 -40.31 -45.64 43.44
C SER N 561 -40.83 -45.98 44.85
N ILE N 562 -41.91 -46.75 44.92
CA ILE N 562 -42.37 -47.32 46.18
C ILE N 562 -41.93 -48.78 46.29
N HIS N 563 -42.24 -49.57 45.27
CA HIS N 563 -41.64 -50.87 45.13
C HIS N 563 -40.18 -50.73 44.71
N SER N 564 -39.33 -51.59 45.26
CA SER N 564 -37.90 -51.50 44.99
C SER N 564 -37.57 -52.12 43.64
N ASN N 565 -36.51 -51.61 43.02
CA ASN N 565 -35.97 -52.22 41.81
C ASN N 565 -35.35 -53.56 42.15
N TRP N 566 -35.35 -54.47 41.19
CA TRP N 566 -34.64 -55.73 41.41
C TRP N 566 -33.80 -56.08 40.19
N THR N 567 -32.75 -56.85 40.45
CA THR N 567 -31.74 -57.15 39.44
C THR N 567 -31.42 -58.63 39.51
N LYS N 568 -31.41 -59.31 38.37
CA LYS N 568 -31.27 -60.75 38.35
C LYS N 568 -30.45 -61.18 37.14
N ILE N 569 -29.61 -62.19 37.34
CA ILE N 569 -28.82 -62.79 36.26
C ILE N 569 -29.42 -64.15 35.95
N ILE N 570 -29.81 -64.35 34.70
CA ILE N 570 -30.40 -65.62 34.30
C ILE N 570 -29.30 -66.49 33.69
N PRO N 571 -29.40 -67.82 33.75
CA PRO N 571 -28.34 -68.67 33.18
C PRO N 571 -28.36 -68.65 31.66
N LEU N 572 -27.22 -68.30 31.07
CA LEU N 572 -27.05 -68.33 29.62
C LEU N 572 -25.92 -69.28 29.27
N GLN N 573 -26.18 -70.16 28.31
CA GLN N 573 -25.16 -71.08 27.82
C GLN N 573 -24.22 -70.35 26.85
N ALA N 574 -23.27 -71.09 26.30
CA ALA N 574 -22.40 -70.53 25.27
C ALA N 574 -23.17 -70.40 23.97
N GLY N 575 -23.21 -69.19 23.42
CA GLY N 575 -24.02 -68.90 22.27
C GLY N 575 -25.47 -68.54 22.58
N GLU N 576 -25.84 -68.47 23.85
CA GLU N 576 -27.17 -68.05 24.26
C GLU N 576 -27.16 -66.56 24.57
N ARG N 577 -28.10 -65.82 23.98
CA ARG N 577 -28.30 -64.42 24.28
C ARG N 577 -29.78 -64.16 24.49
N ILE N 578 -30.08 -63.22 25.38
CA ILE N 578 -31.46 -62.77 25.54
C ILE N 578 -31.85 -61.97 24.31
N THR N 579 -32.84 -62.45 23.57
CA THR N 579 -33.21 -61.77 22.34
C THR N 579 -34.26 -60.70 22.54
N SER N 580 -35.10 -60.85 23.57
CA SER N 580 -36.22 -59.95 23.80
C SER N 580 -36.74 -60.15 25.21
N VAL N 581 -37.28 -59.07 25.79
CA VAL N 581 -37.85 -59.08 27.12
C VAL N 581 -39.22 -58.42 27.08
N ALA N 582 -40.05 -58.76 28.07
CA ALA N 582 -41.36 -58.14 28.20
C ALA N 582 -41.76 -58.12 29.67
N ALA N 583 -42.64 -57.18 29.99
CA ALA N 583 -43.11 -56.99 31.36
C ALA N 583 -44.63 -56.96 31.38
N THR N 584 -45.18 -57.49 32.47
CA THR N 584 -46.60 -57.61 32.72
C THR N 584 -46.82 -57.06 34.12
N PRO N 585 -48.04 -56.59 34.44
CA PRO N 585 -48.34 -56.19 35.83
C PRO N 585 -48.03 -57.21 36.90
N VAL N 586 -48.14 -58.51 36.63
CA VAL N 586 -47.86 -59.54 37.63
C VAL N 586 -46.76 -60.50 37.18
N ARG N 587 -46.12 -60.25 36.05
CA ARG N 587 -45.07 -61.14 35.56
C ARG N 587 -44.01 -60.36 34.82
N VAL N 588 -42.83 -60.97 34.67
CA VAL N 588 -41.73 -60.43 33.91
C VAL N 588 -41.18 -61.55 33.03
N ILE N 589 -41.12 -61.31 31.73
CA ILE N 589 -40.87 -62.37 30.75
C ILE N 589 -39.56 -62.10 30.04
N VAL N 590 -38.69 -63.12 30.01
CA VAL N 590 -37.38 -63.05 29.37
C VAL N 590 -37.30 -64.19 28.35
N GLY N 591 -36.92 -63.86 27.12
CA GLY N 591 -36.75 -64.88 26.10
C GLY N 591 -35.34 -64.96 25.55
N THR N 592 -34.80 -66.17 25.45
CA THR N 592 -33.42 -66.35 25.03
C THR N 592 -33.36 -66.87 23.59
N SER N 593 -32.14 -66.86 23.04
CA SER N 593 -31.94 -67.19 21.64
C SER N 593 -32.03 -68.70 21.37
N LEU N 594 -31.84 -69.54 22.37
CA LEU N 594 -31.99 -70.98 22.19
C LEU N 594 -33.41 -71.46 22.46
N GLY N 595 -34.33 -70.55 22.74
CA GLY N 595 -35.73 -70.90 22.90
C GLY N 595 -36.25 -70.94 24.32
N TYR N 596 -35.42 -70.59 25.30
CA TYR N 596 -35.90 -70.58 26.67
C TYR N 596 -36.78 -69.37 26.93
N PHE N 597 -37.72 -69.53 27.86
CA PHE N 597 -38.82 -68.61 28.13
C PHE N 597 -38.96 -68.59 29.64
N ARG N 598 -38.32 -67.63 30.29
CA ARG N 598 -38.26 -67.57 31.74
C ARG N 598 -39.21 -66.49 32.24
N SER N 599 -40.16 -66.87 33.07
CA SER N 599 -41.16 -65.96 33.60
C SER N 599 -40.97 -65.84 35.10
N PHE N 600 -40.69 -64.63 35.56
CA PHE N 600 -40.68 -64.26 36.97
C PHE N 600 -41.96 -63.51 37.29
N ASN N 601 -42.12 -63.15 38.56
CA ASN N 601 -43.18 -62.22 38.91
C ASN N 601 -42.61 -60.81 38.92
N GLN N 602 -43.36 -59.84 39.44
CA GLN N 602 -42.91 -58.46 39.44
C GLN N 602 -41.85 -58.17 40.48
N PHE N 603 -41.62 -59.09 41.44
CA PHE N 603 -40.70 -58.84 42.54
C PHE N 603 -39.43 -59.66 42.47
N GLY N 604 -39.30 -60.57 41.50
CA GLY N 604 -38.09 -61.34 41.32
C GLY N 604 -38.16 -62.80 41.67
N VAL N 605 -39.31 -63.32 42.06
CA VAL N 605 -39.47 -64.75 42.30
C VAL N 605 -39.65 -65.44 40.96
N PRO N 606 -38.85 -66.45 40.62
CA PRO N 606 -39.08 -67.18 39.37
C PRO N 606 -40.38 -67.96 39.42
N PHE N 607 -41.02 -68.09 38.26
CA PHE N 607 -42.29 -68.80 38.18
C PHE N 607 -42.32 -69.90 37.14
N ALA N 608 -41.65 -69.74 36.01
CA ALA N 608 -41.70 -70.76 34.97
C ALA N 608 -40.43 -70.73 34.13
N VAL N 609 -39.97 -71.91 33.73
CA VAL N 609 -38.87 -72.07 32.78
C VAL N 609 -39.42 -72.95 31.66
N GLU N 610 -39.94 -72.32 30.61
CA GLU N 610 -40.49 -73.01 29.45
C GLU N 610 -39.43 -73.05 28.35
N LYS N 611 -39.52 -74.03 27.46
CA LYS N 611 -38.71 -74.02 26.25
C LYS N 611 -39.64 -73.99 25.05
N THR N 612 -39.50 -72.95 24.23
CA THR N 612 -40.31 -72.79 23.02
C THR N 612 -39.40 -72.61 21.81
N SER N 613 -39.99 -72.26 20.67
CA SER N 613 -39.21 -71.78 19.55
C SER N 613 -38.56 -70.44 19.91
N PRO N 614 -37.39 -70.13 19.35
CA PRO N 614 -36.64 -68.94 19.80
C PRO N 614 -37.37 -67.62 19.58
N ILE N 615 -37.71 -66.97 20.68
CA ILE N 615 -38.50 -65.74 20.66
C ILE N 615 -37.58 -64.62 20.21
N VAL N 616 -37.95 -63.93 19.13
CA VAL N 616 -37.17 -62.80 18.64
C VAL N 616 -37.88 -61.48 18.85
N ALA N 617 -39.09 -61.50 19.42
CA ALA N 617 -39.87 -60.29 19.61
C ALA N 617 -40.93 -60.53 20.68
N LEU N 618 -41.00 -59.63 21.65
CA LEU N 618 -42.03 -59.64 22.68
C LEU N 618 -42.63 -58.25 22.83
N THR N 619 -43.94 -58.22 23.10
CA THR N 619 -44.62 -56.99 23.48
C THR N 619 -45.83 -57.38 24.30
N ALA N 620 -45.95 -56.84 25.51
CA ALA N 620 -47.09 -57.09 26.37
C ALA N 620 -47.85 -55.80 26.65
N GLN N 621 -49.17 -55.92 26.73
CA GLN N 621 -50.02 -54.81 27.12
C GLN N 621 -51.05 -55.34 28.12
N ASN N 622 -50.99 -54.80 29.34
CA ASN N 622 -51.74 -55.28 30.52
C ASN N 622 -51.41 -56.77 30.70
N TYR N 623 -52.40 -57.65 30.79
CA TYR N 623 -52.16 -59.06 31.02
C TYR N 623 -52.04 -59.86 29.73
N ARG N 624 -52.04 -59.20 28.58
CA ARG N 624 -51.91 -59.86 27.29
C ARG N 624 -50.46 -59.82 26.83
N VAL N 625 -49.97 -60.95 26.33
CA VAL N 625 -48.58 -61.11 25.88
C VAL N 625 -48.60 -61.59 24.44
N PHE N 626 -47.85 -60.92 23.57
CA PHE N 626 -47.78 -61.26 22.16
C PHE N 626 -46.31 -61.45 21.78
N SER N 627 -46.00 -62.57 21.14
CA SER N 627 -44.63 -62.95 20.86
C SER N 627 -44.48 -63.44 19.42
N VAL N 628 -43.27 -63.29 18.89
CA VAL N 628 -42.91 -63.75 17.55
C VAL N 628 -41.70 -64.66 17.69
N HIS N 629 -41.79 -65.87 17.14
CA HIS N 629 -40.72 -66.86 17.16
C HIS N 629 -40.20 -67.09 15.76
N TYR N 630 -38.88 -67.29 15.65
CA TYR N 630 -38.31 -67.71 14.38
C TYR N 630 -37.13 -68.64 14.64
N SER N 631 -37.03 -69.68 13.81
CA SER N 631 -35.88 -70.56 13.80
C SER N 631 -35.77 -71.16 12.41
N GLN N 632 -34.60 -71.73 12.12
CA GLN N 632 -34.39 -72.36 10.83
C GLN N 632 -35.21 -73.64 10.68
N PHE N 633 -35.46 -74.34 11.77
CA PHE N 633 -36.14 -75.62 11.74
C PHE N 633 -37.59 -75.54 12.23
N HIS N 634 -38.11 -74.33 12.42
CA HIS N 634 -39.51 -74.19 12.81
C HIS N 634 -40.23 -73.19 11.90
N GLY N 635 -39.52 -72.15 11.49
CA GLY N 635 -40.12 -71.09 10.71
C GLY N 635 -40.73 -70.00 11.57
N LEU N 636 -41.19 -68.95 10.90
CA LEU N 636 -41.77 -67.79 11.58
C LEU N 636 -43.15 -68.13 12.14
N SER N 637 -43.42 -67.64 13.35
CA SER N 637 -44.66 -67.97 14.05
C SER N 637 -44.92 -66.90 15.10
N TYR N 638 -46.12 -66.94 15.66
CA TYR N 638 -46.52 -66.02 16.72
C TYR N 638 -47.31 -66.76 17.79
N SER N 639 -47.26 -66.22 19.00
CA SER N 639 -48.03 -66.75 20.13
C SER N 639 -48.67 -65.61 20.89
N LEU N 640 -49.96 -65.73 21.16
CA LEU N 640 -50.73 -64.73 21.89
C LEU N 640 -51.37 -65.38 23.10
N SER N 641 -51.23 -64.74 24.25
CA SER N 641 -51.72 -65.31 25.51
C SER N 641 -52.27 -64.20 26.39
N GLU N 642 -53.12 -64.57 27.34
CA GLU N 642 -53.58 -63.66 28.38
C GLU N 642 -53.43 -64.38 29.71
N LEU N 643 -52.45 -63.96 30.50
CA LEU N 643 -52.08 -64.69 31.71
C LEU N 643 -52.90 -64.26 32.92
N GLY N 644 -53.05 -62.95 33.13
CA GLY N 644 -53.91 -62.42 34.18
C GLY N 644 -53.51 -62.69 35.61
N THR N 645 -54.23 -62.06 36.55
CA THR N 645 -54.19 -62.49 37.93
C THR N 645 -55.01 -63.76 38.16
N SER N 646 -55.91 -64.06 37.24
CA SER N 646 -56.66 -65.32 37.21
C SER N 646 -57.07 -65.58 35.77
N SER N 647 -57.72 -66.73 35.56
CA SER N 647 -58.22 -67.19 34.25
C SER N 647 -57.09 -67.27 33.21
N LYS N 648 -56.14 -68.15 33.49
CA LYS N 648 -54.97 -68.34 32.65
C LYS N 648 -55.37 -69.04 31.35
N ARG N 649 -55.57 -68.27 30.28
CA ARG N 649 -55.94 -68.82 28.98
C ARG N 649 -54.93 -68.38 27.93
N TYR N 650 -54.45 -69.33 27.15
CA TYR N 650 -53.51 -69.06 26.07
C TYR N 650 -54.31 -69.07 24.77
N TYR N 651 -54.25 -67.97 24.01
CA TYR N 651 -55.09 -67.89 22.82
C TYR N 651 -54.52 -68.71 21.68
N LYS N 652 -53.27 -68.44 21.28
CA LYS N 652 -52.62 -69.19 20.22
C LYS N 652 -51.17 -69.44 20.60
N ARG N 653 -50.69 -70.65 20.33
CA ARG N 653 -49.33 -71.06 20.68
C ARG N 653 -48.59 -71.46 19.41
N GLU N 654 -47.68 -70.59 18.97
CA GLU N 654 -46.74 -70.82 17.86
C GLU N 654 -47.44 -71.12 16.54
N CYS N 655 -48.62 -70.52 16.34
CA CYS N 655 -49.26 -70.54 15.03
C CYS N 655 -48.43 -69.70 14.06
N PRO N 656 -48.37 -70.06 12.78
CA PRO N 656 -47.51 -69.35 11.83
C PRO N 656 -47.97 -67.92 11.56
N LEU N 657 -47.00 -67.05 11.34
CA LEU N 657 -47.22 -65.62 11.23
C LEU N 657 -47.12 -65.18 9.77
N PRO N 658 -48.19 -64.62 9.21
CA PRO N 658 -48.12 -64.14 7.82
C PRO N 658 -47.38 -62.82 7.67
N MET N 659 -46.06 -62.87 7.55
CA MET N 659 -45.27 -61.67 7.35
C MET N 659 -44.11 -62.03 6.43
N SER N 660 -43.66 -61.07 5.62
CA SER N 660 -42.52 -61.28 4.73
C SER N 660 -41.25 -60.77 5.40
N LEU N 661 -40.29 -61.65 5.59
CA LEU N 661 -38.97 -61.25 6.06
C LEU N 661 -38.23 -60.52 4.94
N PRO N 662 -37.30 -59.62 5.28
CA PRO N 662 -36.65 -58.80 4.25
C PRO N 662 -35.75 -59.61 3.32
N ASN N 663 -35.59 -59.09 2.11
CA ASN N 663 -34.79 -59.72 1.07
C ASN N 663 -33.32 -59.44 1.34
N ILE N 664 -32.68 -60.33 2.09
CA ILE N 664 -31.27 -60.19 2.40
C ILE N 664 -30.42 -60.66 1.22
N LYS N 670 -26.68 -48.95 -0.43
CA LYS N 670 -26.93 -50.28 0.12
C LYS N 670 -26.68 -50.31 1.62
N ASP N 671 -25.69 -49.53 2.07
CA ASP N 671 -25.29 -49.54 3.47
C ASP N 671 -26.32 -48.87 4.39
N ALA N 672 -27.22 -48.05 3.86
CA ALA N 672 -28.25 -47.43 4.69
C ALA N 672 -29.25 -48.47 5.20
N ASN N 673 -29.56 -49.47 4.37
CA ASN N 673 -30.39 -50.58 4.81
C ASN N 673 -29.61 -51.67 5.52
N LEU N 674 -28.36 -51.90 5.11
CA LEU N 674 -27.53 -52.91 5.75
C LEU N 674 -27.05 -52.51 7.13
N ASP N 675 -27.03 -51.22 7.44
CA ASP N 675 -26.72 -50.80 8.81
C ASP N 675 -27.84 -51.15 9.77
N TYR N 676 -29.08 -51.19 9.27
CA TYR N 676 -30.23 -51.57 10.07
C TYR N 676 -30.44 -53.07 10.11
N TYR N 677 -30.28 -53.75 8.96
CA TYR N 677 -30.52 -55.18 8.89
C TYR N 677 -29.41 -56.01 9.50
N ASN N 678 -28.23 -55.43 9.76
CA ASN N 678 -27.26 -56.10 10.61
C ASN N 678 -27.68 -56.02 12.08
N PHE N 679 -28.46 -55.00 12.42
CA PHE N 679 -28.95 -54.79 13.78
C PHE N 679 -30.29 -55.48 14.03
N ASN N 680 -31.20 -55.41 13.06
CA ASN N 680 -32.54 -56.00 13.17
C ASN N 680 -32.75 -56.89 11.95
N PRO N 681 -32.30 -58.14 12.00
CA PRO N 681 -32.42 -59.02 10.82
C PRO N 681 -33.85 -59.43 10.50
N MET N 682 -34.77 -59.36 11.46
CA MET N 682 -36.13 -59.81 11.22
C MET N 682 -36.96 -58.81 10.44
N GLY N 683 -36.54 -57.55 10.38
CA GLY N 683 -37.33 -56.53 9.74
C GLY N 683 -38.47 -56.01 10.56
N ILE N 684 -38.55 -56.37 11.84
CA ILE N 684 -39.59 -55.83 12.71
C ILE N 684 -39.24 -54.39 13.02
N LYS N 685 -39.97 -53.44 12.42
CA LYS N 685 -39.82 -52.06 12.86
C LYS N 685 -40.43 -51.87 14.24
N SER N 686 -41.65 -52.36 14.44
CA SER N 686 -42.27 -52.32 15.76
C SER N 686 -43.32 -53.42 15.90
N LEU N 687 -43.64 -53.69 17.16
CA LEU N 687 -44.56 -54.74 17.56
C LEU N 687 -45.36 -54.22 18.74
N PHE N 688 -46.67 -54.09 18.59
CA PHE N 688 -47.44 -53.48 19.68
C PHE N 688 -48.86 -54.03 19.69
N PHE N 689 -49.66 -53.48 20.59
CA PHE N 689 -51.09 -53.68 20.64
C PHE N 689 -51.77 -52.38 20.24
N SER N 690 -53.02 -52.50 19.83
CA SER N 690 -53.81 -51.31 19.54
C SER N 690 -54.32 -50.70 20.85
N SER N 691 -55.10 -49.63 20.73
CA SER N 691 -55.71 -49.03 21.92
C SER N 691 -56.79 -49.91 22.52
N TYR N 692 -57.38 -50.81 21.73
CA TYR N 692 -58.40 -51.72 22.20
C TYR N 692 -57.88 -53.13 22.47
N GLY N 693 -56.58 -53.35 22.31
CA GLY N 693 -55.98 -54.63 22.64
C GLY N 693 -55.78 -55.59 21.48
N ASP N 694 -55.94 -55.14 20.25
CA ASP N 694 -55.71 -56.02 19.11
C ASP N 694 -54.23 -55.99 18.72
N PRO N 695 -53.60 -57.14 18.49
CA PRO N 695 -52.16 -57.14 18.17
C PRO N 695 -51.87 -56.57 16.80
N CYS N 696 -50.75 -55.87 16.69
CA CYS N 696 -50.32 -55.24 15.45
C CYS N 696 -48.81 -55.41 15.30
N ILE N 697 -48.38 -55.62 14.07
CA ILE N 697 -46.98 -55.86 13.76
C ILE N 697 -46.62 -55.05 12.51
N PHE N 698 -45.40 -54.51 12.49
CA PHE N 698 -44.94 -53.69 11.36
C PHE N 698 -43.68 -54.33 10.79
N GLY N 699 -43.84 -55.07 9.70
CA GLY N 699 -42.74 -55.82 9.12
C GLY N 699 -41.85 -54.97 8.25
N SER N 700 -40.95 -55.66 7.54
CA SER N 700 -39.99 -55.02 6.65
C SER N 700 -40.62 -54.54 5.35
N ASP N 701 -41.82 -54.98 5.02
CA ASP N 701 -42.52 -54.53 3.83
C ASP N 701 -43.35 -53.28 4.09
N ASN N 702 -43.19 -52.66 5.27
CA ASN N 702 -43.81 -51.40 5.67
C ASN N 702 -45.34 -51.47 5.62
N THR N 703 -45.88 -52.61 6.03
CA THR N 703 -47.32 -52.77 6.18
C THR N 703 -47.63 -53.11 7.63
N LEU N 704 -48.75 -52.56 8.11
CA LEU N 704 -49.21 -52.77 9.47
C LEU N 704 -50.25 -53.88 9.47
N LEU N 705 -49.92 -55.00 10.09
CA LEU N 705 -50.82 -56.14 10.13
C LEU N 705 -51.48 -56.19 11.51
N LEU N 706 -52.80 -56.17 11.51
CA LEU N 706 -53.60 -56.29 12.72
C LEU N 706 -54.22 -57.68 12.76
N LEU N 707 -54.24 -58.29 13.93
CA LEU N 707 -54.88 -59.58 14.10
C LEU N 707 -56.33 -59.37 14.52
N SER N 708 -57.26 -59.79 13.68
CA SER N 708 -58.68 -59.60 13.93
C SER N 708 -59.31 -60.92 14.37
N LYS N 709 -60.24 -60.80 15.34
CA LYS N 709 -60.96 -61.94 15.92
C LYS N 709 -60.01 -62.97 16.52
N TRP N 710 -59.03 -62.48 17.28
CA TRP N 710 -58.06 -63.37 17.92
C TRP N 710 -58.65 -64.13 19.11
N ARG N 711 -59.77 -63.64 19.66
CA ARG N 711 -60.41 -64.34 20.77
C ARG N 711 -61.04 -65.65 20.32
N SER N 712 -61.50 -65.72 19.08
CA SER N 712 -62.04 -66.96 18.53
C SER N 712 -61.00 -67.56 17.58
N PRO N 713 -60.34 -68.66 17.95
CA PRO N 713 -59.23 -69.17 17.12
C PRO N 713 -59.67 -69.79 15.80
N GLU N 714 -60.96 -70.08 15.62
CA GLU N 714 -61.44 -70.61 14.35
C GLU N 714 -61.85 -69.52 13.38
N GLU N 715 -61.85 -68.25 13.80
CA GLU N 715 -62.23 -67.15 12.94
C GLU N 715 -61.14 -66.08 12.86
N SER N 716 -59.95 -66.35 13.36
CA SER N 716 -58.89 -65.35 13.41
C SER N 716 -58.28 -65.14 12.03
N LYS N 717 -57.97 -63.87 11.73
CA LYS N 717 -57.36 -63.52 10.47
C LYS N 717 -56.50 -62.29 10.66
N TRP N 718 -55.47 -62.17 9.83
CA TRP N 718 -54.54 -61.04 9.89
C TRP N 718 -54.91 -60.04 8.80
N LEU N 719 -55.30 -58.84 9.20
CA LEU N 719 -55.75 -57.83 8.26
C LEU N 719 -54.67 -56.81 8.04
N PRO N 720 -54.12 -56.68 6.84
CA PRO N 720 -53.29 -55.50 6.53
C PRO N 720 -54.17 -54.27 6.42
N ILE N 721 -53.87 -53.26 7.25
CA ILE N 721 -54.67 -52.05 7.30
C ILE N 721 -53.88 -50.81 6.91
N LEU N 722 -52.59 -50.96 6.62
CA LEU N 722 -51.76 -49.85 6.12
C LEU N 722 -50.63 -50.45 5.31
N ASP N 723 -50.61 -50.17 4.01
CA ASP N 723 -49.42 -50.45 3.20
C ASP N 723 -48.74 -49.10 3.00
N SER N 724 -47.97 -48.70 4.03
CA SER N 724 -47.58 -47.31 4.24
C SER N 724 -46.71 -46.74 3.13
N ASN N 725 -46.05 -47.59 2.34
CA ASN N 725 -45.37 -47.13 1.13
C ASN N 725 -46.37 -46.58 0.13
N MET N 726 -47.55 -47.19 0.03
CA MET N 726 -48.56 -46.73 -0.92
C MET N 726 -49.13 -45.37 -0.52
N GLU N 727 -49.41 -45.16 0.77
CA GLU N 727 -49.86 -43.83 1.17
C GLU N 727 -48.74 -42.80 1.16
N ILE N 728 -47.47 -43.21 1.35
CA ILE N 728 -46.35 -42.29 1.17
C ILE N 728 -46.26 -41.84 -0.29
N TRP N 729 -46.43 -42.78 -1.22
CA TRP N 729 -46.48 -42.45 -2.64
C TRP N 729 -47.71 -41.60 -2.97
N LYS N 730 -48.80 -41.79 -2.22
CA LYS N 730 -50.03 -41.08 -2.49
C LYS N 730 -49.98 -39.62 -2.00
N MET N 731 -49.33 -39.34 -0.86
CA MET N 731 -49.29 -37.95 -0.43
C MET N 731 -48.23 -37.14 -1.17
N SER N 732 -47.31 -37.80 -1.88
CA SER N 732 -46.23 -37.12 -2.59
C SER N 732 -46.61 -36.78 -4.02
N GLY N 733 -47.86 -36.98 -4.41
CA GLY N 733 -48.29 -36.61 -5.74
C GLY N 733 -47.90 -37.59 -6.83
N GLY N 734 -47.71 -38.85 -6.49
CA GLY N 734 -47.36 -39.86 -7.47
C GLY N 734 -45.89 -40.08 -7.68
N LYS N 735 -45.04 -39.26 -7.06
CA LYS N 735 -43.59 -39.43 -7.20
C LYS N 735 -43.14 -40.66 -6.41
N GLU N 736 -42.27 -41.45 -7.02
CA GLU N 736 -41.65 -42.58 -6.33
C GLU N 736 -40.66 -42.04 -5.32
N THR N 737 -41.08 -41.97 -4.06
CA THR N 737 -40.36 -41.23 -3.04
C THR N 737 -39.59 -42.20 -2.14
N THR N 738 -38.32 -41.89 -1.90
CA THR N 738 -37.43 -42.73 -1.11
C THR N 738 -37.04 -42.10 0.23
N ASP N 739 -36.86 -40.78 0.27
CA ASP N 739 -36.25 -40.10 1.41
C ASP N 739 -37.16 -39.94 2.63
N ILE N 740 -38.39 -40.44 2.58
CA ILE N 740 -39.29 -40.41 3.73
C ILE N 740 -39.69 -41.83 4.10
N HIS N 741 -39.70 -42.11 5.41
CA HIS N 741 -40.00 -43.43 5.93
C HIS N 741 -40.93 -43.30 7.13
N VAL N 742 -41.61 -44.40 7.45
CA VAL N 742 -42.55 -44.45 8.57
C VAL N 742 -41.93 -45.29 9.68
N TRP N 743 -41.82 -44.70 10.87
CA TRP N 743 -41.35 -45.41 12.05
C TRP N 743 -42.50 -45.56 13.04
N PRO N 744 -43.11 -46.73 13.16
CA PRO N 744 -44.37 -46.85 13.90
C PRO N 744 -44.18 -46.88 15.40
N LEU N 745 -45.12 -46.25 16.09
CA LEU N 745 -45.14 -46.23 17.55
C LEU N 745 -46.39 -46.85 18.14
N ALA N 746 -47.56 -46.39 17.72
CA ALA N 746 -48.79 -46.90 18.34
C ALA N 746 -49.92 -46.87 17.34
N LEU N 747 -50.98 -47.60 17.64
CA LEU N 747 -52.19 -47.55 16.83
C LEU N 747 -53.37 -47.23 17.73
N ALA N 748 -53.81 -45.97 17.69
CA ALA N 748 -55.13 -45.62 18.17
C ALA N 748 -56.16 -46.01 17.12
N TYR N 749 -57.43 -45.93 17.51
CA TYR N 749 -58.54 -46.33 16.63
C TYR N 749 -58.54 -45.46 15.38
N ASP N 750 -58.39 -46.13 14.23
CA ASP N 750 -58.23 -45.63 12.86
C ASP N 750 -57.06 -44.66 12.67
N THR N 751 -56.06 -44.71 13.54
CA THR N 751 -54.92 -43.80 13.39
C THR N 751 -53.65 -44.42 13.95
N LEU N 752 -52.64 -44.58 13.10
CA LEU N 752 -51.31 -44.97 13.54
C LEU N 752 -50.49 -43.72 13.86
N ASN N 753 -50.02 -43.64 15.10
CA ASN N 753 -49.08 -42.59 15.51
C ASN N 753 -47.67 -43.08 15.23
N CYS N 754 -46.95 -42.31 14.41
CA CYS N 754 -45.66 -42.72 13.87
C CYS N 754 -44.89 -41.50 13.42
N ILE N 755 -43.58 -41.50 13.67
CA ILE N 755 -42.72 -40.42 13.17
C ILE N 755 -42.40 -40.67 11.71
N LEU N 756 -42.75 -39.71 10.86
CA LEU N 756 -42.35 -39.71 9.45
C LEU N 756 -40.90 -39.25 9.39
N VAL N 757 -39.98 -40.21 9.31
CA VAL N 757 -38.56 -39.90 9.34
C VAL N 757 -38.09 -39.50 7.95
N LYS N 758 -37.51 -38.32 7.84
CA LYS N 758 -36.95 -37.83 6.57
C LYS N 758 -35.44 -37.97 6.60
N GLY N 759 -34.87 -38.35 5.47
CA GLY N 759 -33.44 -38.56 5.35
C GLY N 759 -33.16 -39.92 4.74
N LYS N 760 -31.87 -40.25 4.67
CA LYS N 760 -31.44 -41.53 4.11
C LYS N 760 -31.52 -42.67 5.11
N HIS N 761 -31.71 -42.36 6.40
CA HIS N 761 -31.79 -43.38 7.44
C HIS N 761 -33.25 -43.60 7.83
N ILE N 762 -33.60 -44.86 8.08
CA ILE N 762 -34.99 -45.18 8.45
C ILE N 762 -35.30 -44.70 9.86
N TRP N 763 -34.35 -44.84 10.78
CA TRP N 763 -34.57 -44.59 12.19
C TRP N 763 -34.44 -43.10 12.52
N PRO N 764 -35.22 -42.59 13.47
CA PRO N 764 -35.07 -41.20 13.89
C PRO N 764 -33.85 -40.99 14.78
N GLU N 765 -33.47 -39.72 14.91
CA GLU N 765 -32.34 -39.32 15.73
C GLU N 765 -32.84 -38.77 17.06
N PHE N 766 -31.88 -38.30 17.89
CA PHE N 766 -32.20 -37.87 19.24
C PHE N 766 -33.14 -36.66 19.34
N PRO N 767 -32.98 -35.55 18.55
CA PRO N 767 -34.04 -34.53 18.61
C PRO N 767 -35.33 -35.02 17.96
N LEU N 768 -36.10 -35.79 18.72
CA LEU N 768 -37.25 -36.51 18.22
C LEU N 768 -38.38 -35.54 17.88
N PRO N 769 -38.86 -35.52 16.65
CA PRO N 769 -39.96 -34.63 16.28
C PRO N 769 -41.29 -35.17 16.78
N LEU N 770 -42.34 -34.40 16.54
CA LEU N 770 -43.68 -34.82 16.91
C LEU N 770 -44.12 -36.00 16.05
N PRO N 771 -44.66 -37.06 16.65
CA PRO N 771 -45.13 -38.21 15.86
C PRO N 771 -46.36 -37.84 15.05
N SER N 772 -46.26 -37.99 13.73
CA SER N 772 -47.38 -37.70 12.86
C SER N 772 -48.46 -38.77 12.97
N GLU N 773 -49.63 -38.43 12.42
CA GLU N 773 -50.79 -39.31 12.45
C GLU N 773 -51.08 -39.79 11.04
N MET N 774 -51.23 -41.11 10.88
CA MET N 774 -51.53 -41.71 9.60
C MET N 774 -52.81 -42.51 9.72
N GLU N 775 -53.86 -42.07 9.03
CA GLU N 775 -55.12 -42.80 9.06
C GLU N 775 -54.98 -44.09 8.26
N ILE N 776 -55.56 -45.17 8.80
CA ILE N 776 -55.44 -46.48 8.16
C ILE N 776 -56.32 -46.52 6.92
N ARG N 777 -55.77 -47.08 5.85
CA ARG N 777 -56.49 -47.26 4.60
C ARG N 777 -56.32 -48.72 4.16
N MET N 778 -57.43 -49.36 3.82
CA MET N 778 -57.38 -50.74 3.36
C MET N 778 -56.70 -50.80 2.01
N PRO N 779 -55.69 -51.65 1.82
CA PRO N 779 -54.93 -51.66 0.56
C PRO N 779 -55.69 -52.25 -0.61
N VAL N 780 -56.59 -51.45 -1.19
CA VAL N 780 -57.28 -51.78 -2.43
C VAL N 780 -56.97 -50.73 -3.50
N PHE N 781 -55.90 -49.98 -3.33
CA PHE N 781 -55.49 -48.92 -4.25
C PHE N 781 -54.50 -49.51 -5.25
N VAL N 782 -54.86 -49.45 -6.53
CA VAL N 782 -53.94 -49.80 -7.60
C VAL N 782 -53.35 -48.53 -8.18
N LYS N 783 -52.04 -48.53 -8.42
CA LYS N 783 -51.35 -47.33 -8.87
C LYS N 783 -51.68 -47.01 -10.32
N SER N 784 -52.04 -48.01 -11.12
CA SER N 784 -52.29 -47.82 -12.54
C SER N 784 -53.52 -46.94 -12.78
N LYS N 785 -54.61 -47.20 -12.05
CA LYS N 785 -55.83 -46.41 -12.24
C LYS N 785 -55.67 -45.00 -11.71
N LEU N 786 -54.95 -44.83 -10.60
CA LEU N 786 -54.69 -43.49 -10.06
C LEU N 786 -53.79 -42.69 -10.96
N LEU N 787 -52.85 -43.34 -11.66
CA LEU N 787 -52.07 -42.62 -12.66
C LEU N 787 -52.87 -42.37 -13.93
N GLU N 788 -53.83 -43.25 -14.26
CA GLU N 788 -54.59 -43.10 -15.50
C GLU N 788 -55.58 -41.96 -15.41
N GLU N 789 -56.27 -41.81 -14.28
CA GLU N 789 -57.27 -40.74 -14.19
C GLU N 789 -56.63 -39.38 -13.97
N ASN N 790 -55.51 -39.33 -13.26
CA ASN N 790 -54.84 -38.07 -12.96
C ASN N 790 -53.93 -37.58 -14.08
N LYS N 791 -54.11 -38.11 -15.30
CA LYS N 791 -53.39 -37.81 -16.57
C LYS N 791 -51.94 -37.33 -16.47
N GLU N 814 -50.67 -34.09 -5.57
CA GLU N 814 -51.72 -34.72 -4.80
C GLU N 814 -52.53 -35.69 -5.65
N ILE N 815 -52.52 -36.96 -5.27
CA ILE N 815 -53.26 -37.99 -5.98
C ILE N 815 -54.71 -37.97 -5.49
N GLN N 816 -55.64 -37.69 -6.40
CA GLN N 816 -57.06 -37.64 -6.07
C GLN N 816 -57.72 -38.96 -6.45
N ILE N 817 -58.24 -39.65 -5.44
CA ILE N 817 -58.89 -40.95 -5.60
C ILE N 817 -60.30 -40.71 -6.15
N PRO N 818 -60.73 -41.45 -7.18
CA PRO N 818 -62.13 -41.34 -7.62
C PRO N 818 -63.09 -41.87 -6.57
N VAL N 819 -64.33 -41.41 -6.66
CA VAL N 819 -65.33 -41.69 -5.62
C VAL N 819 -65.71 -43.16 -5.58
N SER N 820 -65.52 -43.90 -6.67
CA SER N 820 -65.90 -45.31 -6.69
C SER N 820 -64.98 -46.16 -5.81
N MET N 821 -63.67 -46.10 -6.04
CA MET N 821 -62.78 -46.93 -5.23
C MET N 821 -62.55 -46.30 -3.85
N ALA N 822 -62.76 -44.98 -3.73
CA ALA N 822 -62.80 -44.37 -2.40
C ALA N 822 -63.98 -44.90 -1.59
N ALA N 823 -65.14 -45.06 -2.23
CA ALA N 823 -66.27 -45.70 -1.58
C ALA N 823 -65.98 -47.16 -1.27
N GLU N 824 -65.25 -47.84 -2.16
CA GLU N 824 -64.87 -49.23 -1.94
C GLU N 824 -63.97 -49.38 -0.71
N GLU N 825 -62.94 -48.52 -0.60
CA GLU N 825 -62.05 -48.61 0.55
C GLU N 825 -62.71 -48.12 1.83
N GLU N 826 -63.62 -47.13 1.73
CA GLU N 826 -64.35 -46.69 2.91
C GLU N 826 -65.30 -47.78 3.39
N TYR N 827 -65.91 -48.51 2.46
CA TYR N 827 -66.78 -49.63 2.80
C TYR N 827 -66.00 -50.76 3.48
N LEU N 828 -64.83 -51.11 2.92
CA LEU N 828 -64.03 -52.18 3.51
C LEU N 828 -63.44 -51.79 4.86
N ARG N 829 -62.90 -50.56 4.96
CA ARG N 829 -62.34 -50.08 6.22
C ARG N 829 -63.41 -49.92 7.29
N SER N 830 -64.60 -49.44 6.92
CA SER N 830 -65.70 -49.34 7.86
C SER N 830 -66.19 -50.71 8.30
N LYS N 831 -66.18 -51.70 7.40
CA LYS N 831 -66.60 -53.04 7.78
C LYS N 831 -65.62 -53.70 8.76
N VAL N 832 -64.32 -53.60 8.48
CA VAL N 832 -63.35 -54.23 9.38
C VAL N 832 -63.28 -53.49 10.72
N LEU N 833 -63.41 -52.16 10.71
CA LEU N 833 -63.39 -51.41 11.96
C LEU N 833 -64.67 -51.62 12.76
N SER N 834 -65.81 -51.79 12.08
CA SER N 834 -67.05 -52.13 12.77
C SER N 834 -66.97 -53.51 13.41
N GLU N 835 -66.35 -54.47 12.72
CA GLU N 835 -66.14 -55.79 13.29
C GLU N 835 -65.23 -55.73 14.51
N LEU N 836 -64.15 -54.95 14.44
CA LEU N 836 -63.22 -54.84 15.56
C LEU N 836 -63.85 -54.15 16.76
N LEU N 837 -64.58 -53.05 16.53
CA LEU N 837 -65.24 -52.33 17.62
C LEU N 837 -66.35 -53.17 18.23
N THR N 838 -67.10 -53.92 17.41
CA THR N 838 -68.15 -54.79 17.93
C THR N 838 -67.57 -55.91 18.79
N ASP N 839 -66.45 -56.51 18.35
CA ASP N 839 -65.81 -57.56 19.13
C ASP N 839 -65.25 -57.04 20.45
N THR N 840 -64.60 -55.86 20.42
CA THR N 840 -64.01 -55.32 21.64
C THR N 840 -65.09 -54.81 22.60
N LEU N 841 -66.21 -54.33 22.08
CA LEU N 841 -67.28 -53.87 22.95
C LEU N 841 -68.09 -55.03 23.52
N GLU N 842 -68.25 -56.11 22.75
CA GLU N 842 -68.99 -57.26 23.24
C GLU N 842 -68.17 -58.09 24.23
N ASN N 843 -66.86 -58.21 24.00
CA ASN N 843 -66.05 -59.08 24.84
C ASN N 843 -65.45 -58.34 26.04
N ASP N 844 -64.65 -57.32 25.79
CA ASP N 844 -63.97 -56.59 26.85
C ASP N 844 -64.78 -55.43 27.40
N GLY N 845 -65.92 -55.11 26.78
CA GLY N 845 -66.70 -53.96 27.20
C GLY N 845 -66.10 -52.66 26.72
N GLU N 846 -66.79 -51.57 27.03
CA GLU N 846 -66.26 -50.25 26.70
C GLU N 846 -65.43 -49.72 27.86
N MET N 847 -64.23 -49.24 27.53
CA MET N 847 -63.38 -48.62 28.53
C MET N 847 -63.67 -47.13 28.69
N TYR N 848 -64.40 -46.53 27.74
CA TYR N 848 -64.89 -45.17 27.84
C TYR N 848 -66.37 -45.14 27.49
N GLY N 849 -66.89 -43.93 27.30
CA GLY N 849 -68.26 -43.75 26.86
C GLY N 849 -68.44 -43.50 25.39
N ASN N 850 -67.35 -43.45 24.61
CA ASN N 850 -67.42 -42.96 23.23
C ASN N 850 -67.62 -44.10 22.24
N GLU N 851 -67.46 -45.36 22.68
CA GLU N 851 -67.34 -46.49 21.74
C GLU N 851 -68.66 -46.83 21.06
N ASN N 852 -69.79 -46.63 21.71
CA ASN N 852 -71.06 -46.98 21.08
C ASN N 852 -71.45 -45.99 19.99
N GLU N 853 -71.27 -44.69 20.26
CA GLU N 853 -71.63 -43.67 19.30
C GLU N 853 -70.70 -43.66 18.09
N VAL N 854 -69.41 -43.95 18.29
CA VAL N 854 -68.50 -44.01 17.16
C VAL N 854 -68.74 -45.28 16.35
N LEU N 855 -69.27 -46.33 16.99
CA LEU N 855 -69.67 -47.53 16.25
C LEU N 855 -70.92 -47.25 15.41
N ALA N 856 -71.85 -46.47 15.96
CA ALA N 856 -73.02 -46.05 15.18
C ALA N 856 -72.64 -45.17 14.00
N ALA N 857 -71.72 -44.21 14.21
CA ALA N 857 -71.26 -43.37 13.11
C ALA N 857 -70.43 -44.17 12.10
N LEU N 858 -69.75 -45.22 12.56
CA LEU N 858 -69.00 -46.09 11.67
C LEU N 858 -69.93 -46.92 10.81
N ASN N 859 -71.03 -47.41 11.38
CA ASN N 859 -72.04 -48.10 10.57
C ASN N 859 -72.73 -47.13 9.61
N GLY N 860 -72.88 -45.86 10.02
CA GLY N 860 -73.36 -44.85 9.10
C GLY N 860 -72.44 -44.64 7.91
N ALA N 861 -71.14 -44.52 8.15
CA ALA N 861 -70.17 -44.41 7.07
C ALA N 861 -70.04 -45.69 6.24
N TYR N 862 -70.34 -46.84 6.83
CA TYR N 862 -70.47 -48.11 6.12
C TYR N 862 -71.60 -48.06 5.10
N ASP N 863 -72.78 -47.62 5.55
CA ASP N 863 -73.95 -47.57 4.67
C ASP N 863 -73.81 -46.49 3.60
N LYS N 864 -73.17 -45.37 3.92
CA LYS N 864 -72.95 -44.31 2.93
C LYS N 864 -72.01 -44.76 1.83
N ALA N 865 -70.99 -45.56 2.16
CA ALA N 865 -70.09 -46.09 1.13
C ALA N 865 -70.79 -47.17 0.31
N LEU N 866 -71.66 -47.96 0.96
CA LEU N 866 -72.41 -48.97 0.22
C LEU N 866 -73.39 -48.34 -0.76
N LEU N 867 -73.99 -47.20 -0.40
CA LEU N 867 -74.89 -46.52 -1.32
C LEU N 867 -74.12 -45.89 -2.48
N ARG N 868 -72.89 -45.43 -2.24
CA ARG N 868 -72.07 -44.93 -3.33
C ARG N 868 -71.59 -46.03 -4.25
N LEU N 869 -71.40 -47.25 -3.74
CA LEU N 869 -71.16 -48.38 -4.65
C LEU N 869 -72.42 -48.77 -5.40
N PHE N 870 -73.58 -48.68 -4.73
CA PHE N 870 -74.87 -48.97 -5.35
C PHE N 870 -75.16 -48.03 -6.51
N ALA N 871 -74.78 -46.76 -6.36
CA ALA N 871 -74.95 -45.78 -7.43
C ALA N 871 -74.11 -46.10 -8.65
N SER N 872 -72.85 -46.50 -8.45
CA SER N 872 -72.00 -46.85 -9.58
C SER N 872 -72.44 -48.15 -10.22
N ALA N 873 -73.04 -49.05 -9.44
CA ALA N 873 -73.66 -50.24 -10.01
C ALA N 873 -74.88 -49.88 -10.87
N CYS N 874 -75.75 -49.01 -10.37
CA CYS N 874 -76.94 -48.63 -11.11
C CYS N 874 -76.64 -47.74 -12.32
N SER N 875 -75.48 -47.07 -12.33
CA SER N 875 -75.12 -46.23 -13.48
C SER N 875 -74.73 -47.07 -14.69
N ASP N 876 -74.36 -48.33 -14.48
CA ASP N 876 -73.97 -49.23 -15.57
C ASP N 876 -75.07 -50.23 -15.90
N GLN N 877 -76.32 -49.93 -15.50
CA GLN N 877 -77.50 -50.80 -15.69
C GLN N 877 -77.28 -52.20 -15.13
N ASN N 878 -76.60 -52.27 -13.98
CA ASN N 878 -76.24 -53.55 -13.37
C ASN N 878 -77.19 -53.79 -12.20
N VAL N 879 -78.28 -54.49 -12.49
CA VAL N 879 -79.30 -54.76 -11.48
C VAL N 879 -78.80 -55.76 -10.44
N GLU N 880 -78.09 -56.80 -10.89
CA GLU N 880 -77.68 -57.88 -9.98
C GLU N 880 -76.58 -57.42 -9.02
N LYS N 881 -75.64 -56.60 -9.50
CA LYS N 881 -74.60 -56.07 -8.61
C LYS N 881 -75.19 -55.08 -7.63
N ALA N 882 -76.20 -54.31 -8.06
CA ALA N 882 -76.90 -53.40 -7.17
C ALA N 882 -77.65 -54.15 -6.09
N LEU N 883 -78.28 -55.27 -6.44
CA LEU N 883 -78.96 -56.09 -5.45
C LEU N 883 -77.99 -56.75 -4.48
N SER N 884 -76.82 -57.17 -4.97
CA SER N 884 -75.80 -57.72 -4.08
C SER N 884 -75.21 -56.65 -3.16
N LEU N 885 -75.13 -55.41 -3.64
CA LEU N 885 -74.62 -54.32 -2.81
C LEU N 885 -75.61 -53.89 -1.75
N ALA N 886 -76.89 -53.78 -2.10
CA ALA N 886 -77.90 -53.39 -1.12
C ALA N 886 -78.36 -54.56 -0.27
N HIS N 887 -77.97 -55.79 -0.62
CA HIS N 887 -78.23 -56.92 0.25
C HIS N 887 -77.30 -56.92 1.45
N GLU N 888 -76.12 -56.34 1.30
CA GLU N 888 -75.19 -56.16 2.41
C GLU N 888 -75.41 -54.84 3.15
N LEU N 889 -76.42 -54.06 2.77
CA LEU N 889 -76.76 -52.85 3.50
C LEU N 889 -77.32 -53.20 4.86
N LYS N 890 -76.76 -52.61 5.91
CA LYS N 890 -77.03 -53.08 7.27
C LYS N 890 -78.31 -52.51 7.83
N GLN N 891 -78.47 -51.19 7.81
CA GLN N 891 -79.56 -50.52 8.49
C GLN N 891 -80.75 -50.31 7.56
N ASP N 892 -81.94 -50.30 8.14
CA ASP N 892 -83.18 -50.04 7.40
C ASP N 892 -83.33 -48.57 7.03
N ARG N 893 -82.55 -47.68 7.62
CA ARG N 893 -82.64 -46.26 7.33
C ARG N 893 -82.15 -45.96 5.91
N ALA N 894 -81.10 -46.65 5.47
CA ALA N 894 -80.45 -46.34 4.20
C ALA N 894 -81.00 -47.13 3.02
N LEU N 895 -81.97 -48.02 3.24
CA LEU N 895 -82.54 -48.77 2.13
C LEU N 895 -83.46 -47.90 1.28
N THR N 896 -84.12 -46.91 1.90
CA THR N 896 -84.97 -45.99 1.15
C THR N 896 -84.15 -45.12 0.20
N ALA N 897 -82.91 -44.81 0.57
CA ALA N 897 -82.00 -44.13 -0.34
C ALA N 897 -81.70 -44.99 -1.56
N ALA N 898 -81.53 -46.30 -1.37
CA ALA N 898 -81.35 -47.20 -2.50
C ALA N 898 -82.62 -47.29 -3.35
N VAL N 899 -83.79 -47.19 -2.73
CA VAL N 899 -85.05 -47.13 -3.49
C VAL N 899 -85.09 -45.87 -4.35
N LYS N 900 -84.65 -44.72 -3.80
CA LYS N 900 -84.62 -43.49 -4.59
C LYS N 900 -83.59 -43.55 -5.72
N ILE N 901 -82.44 -44.18 -5.50
CA ILE N 901 -81.45 -44.33 -6.56
C ILE N 901 -81.98 -45.27 -7.65
N SER N 902 -82.71 -46.31 -7.25
CA SER N 902 -83.37 -47.18 -8.22
C SER N 902 -84.44 -46.43 -9.02
N GLU N 903 -85.15 -45.50 -8.36
CA GLU N 903 -86.10 -44.66 -9.08
C GLU N 903 -85.40 -43.72 -10.07
N ARG N 904 -84.25 -43.18 -9.68
CA ARG N 904 -83.50 -42.33 -10.60
C ARG N 904 -82.86 -43.11 -11.73
N ALA N 905 -82.58 -44.40 -11.53
CA ALA N 905 -81.97 -45.23 -12.55
C ALA N 905 -82.99 -46.04 -13.37
N GLU N 906 -84.27 -45.99 -12.99
CA GLU N 906 -85.39 -46.66 -13.66
C GLU N 906 -85.18 -48.18 -13.77
N LEU N 907 -85.12 -48.83 -12.60
CA LEU N 907 -84.99 -50.28 -12.51
C LEU N 907 -86.11 -50.82 -11.62
N PRO N 908 -87.33 -50.98 -12.16
CA PRO N 908 -88.46 -51.35 -11.29
C PRO N 908 -88.39 -52.76 -10.72
N SER N 909 -87.74 -53.70 -11.41
CA SER N 909 -87.52 -55.03 -10.84
C SER N 909 -86.59 -54.97 -9.64
N LEU N 910 -85.61 -54.07 -9.67
CA LEU N 910 -84.78 -53.82 -8.49
C LEU N 910 -85.61 -53.26 -7.35
N VAL N 911 -86.58 -52.39 -7.65
CA VAL N 911 -87.47 -51.85 -6.62
C VAL N 911 -88.29 -52.97 -5.99
N LYS N 912 -88.81 -53.87 -6.82
CA LYS N 912 -89.60 -55.00 -6.33
C LYS N 912 -88.77 -55.93 -5.45
N LYS N 913 -87.53 -56.22 -5.86
CA LYS N 913 -86.70 -57.12 -5.06
C LYS N 913 -86.20 -56.46 -3.77
N ILE N 914 -85.92 -55.15 -3.78
CA ILE N 914 -85.56 -54.47 -2.54
C ILE N 914 -86.76 -54.39 -1.59
N ASN N 915 -87.96 -54.22 -2.14
CA ASN N 915 -89.15 -54.28 -1.29
C ASN N 915 -89.41 -55.68 -0.74
N ASN N 916 -89.03 -56.72 -1.49
CA ASN N 916 -89.08 -58.08 -0.95
C ASN N 916 -88.06 -58.28 0.16
N ILE N 917 -86.88 -57.65 0.02
CA ILE N 917 -85.87 -57.66 1.09
C ILE N 917 -86.40 -56.96 2.34
N ARG N 918 -87.10 -55.83 2.15
CA ARG N 918 -87.74 -55.12 3.26
C ARG N 918 -88.83 -55.97 3.91
N GLU N 919 -89.60 -56.71 3.09
CA GLU N 919 -90.62 -57.61 3.60
C GLU N 919 -90.01 -58.72 4.45
N ALA N 920 -88.86 -59.23 4.04
CA ALA N 920 -88.11 -60.15 4.89
C ALA N 920 -87.59 -59.45 6.15
N ARG N 921 -87.30 -58.16 6.06
CA ARG N 921 -86.72 -57.43 7.18
C ARG N 921 -87.73 -56.96 8.24
N TYR N 922 -89.04 -56.92 7.92
CA TYR N 922 -89.99 -56.50 8.96
C TYR N 922 -90.17 -57.55 10.05
N GLU N 923 -89.84 -58.81 9.78
CA GLU N 923 -89.94 -59.84 10.81
C GLU N 923 -88.67 -60.69 10.82
N PHE O 474 -37.60 -68.03 -4.26
CA PHE O 474 -38.49 -68.99 -4.91
C PHE O 474 -39.12 -68.37 -6.15
N ARG O 475 -39.55 -69.23 -7.08
CA ARG O 475 -40.06 -68.73 -8.36
C ARG O 475 -41.42 -68.08 -8.23
N TYR O 476 -42.35 -68.75 -7.52
CA TYR O 476 -43.76 -68.36 -7.39
C TYR O 476 -44.42 -68.21 -8.76
N MET O 477 -44.37 -69.27 -9.55
CA MET O 477 -45.04 -69.30 -10.83
C MET O 477 -46.56 -69.39 -10.64
N PRO O 478 -47.34 -68.84 -11.58
CA PRO O 478 -48.80 -68.95 -11.47
C PRO O 478 -49.29 -70.39 -11.63
N PHE O 479 -50.35 -70.70 -10.90
CA PHE O 479 -50.89 -72.05 -10.85
C PHE O 479 -52.38 -72.05 -11.20
N SER O 480 -52.76 -72.96 -12.07
CA SER O 480 -54.15 -73.24 -12.39
C SER O 480 -54.30 -74.76 -12.36
N PRO O 481 -55.41 -75.27 -11.84
CA PRO O 481 -55.51 -76.72 -11.59
C PRO O 481 -55.57 -77.52 -12.88
N ALA O 482 -54.78 -78.60 -12.93
CA ALA O 482 -54.53 -79.40 -14.12
C ALA O 482 -54.06 -78.54 -15.29
N GLY O 483 -53.09 -77.68 -15.03
CA GLY O 483 -52.54 -76.81 -16.06
C GLY O 483 -51.36 -77.46 -16.76
N THR O 484 -51.28 -77.21 -18.06
CA THR O 484 -50.30 -77.79 -18.97
C THR O 484 -49.36 -76.69 -19.49
N PRO O 485 -48.05 -76.92 -19.45
CA PRO O 485 -47.10 -75.93 -19.96
C PRO O 485 -47.12 -75.85 -21.48
N PHE O 486 -46.45 -74.82 -22.00
CA PHE O 486 -46.33 -74.65 -23.45
C PHE O 486 -45.42 -75.72 -24.04
N GLY O 487 -44.14 -75.71 -23.66
CA GLY O 487 -43.19 -76.72 -24.09
C GLY O 487 -42.89 -76.68 -25.58
N PHE O 488 -42.22 -75.60 -26.02
CA PHE O 488 -41.94 -75.21 -27.41
C PHE O 488 -43.12 -75.46 -28.36
N THR O 489 -44.32 -75.10 -27.91
CA THR O 489 -45.54 -75.33 -28.66
C THR O 489 -46.46 -74.16 -28.39
N ASP O 490 -47.15 -73.68 -29.44
CA ASP O 490 -48.03 -72.52 -29.31
C ASP O 490 -49.25 -72.80 -28.46
N ARG O 491 -49.70 -74.05 -28.37
CA ARG O 491 -50.96 -74.40 -27.71
C ARG O 491 -50.68 -75.08 -26.37
N ARG O 492 -51.34 -74.61 -25.32
CA ARG O 492 -51.30 -75.24 -24.01
C ARG O 492 -52.66 -75.09 -23.36
N TYR O 493 -52.92 -75.93 -22.37
CA TYR O 493 -54.14 -75.87 -21.58
C TYR O 493 -53.93 -74.97 -20.38
N LEU O 494 -55.04 -74.49 -19.82
CA LEU O 494 -55.02 -73.68 -18.62
C LEU O 494 -55.61 -74.38 -17.42
N THR O 495 -56.86 -74.82 -17.51
CA THR O 495 -57.53 -75.46 -16.39
C THR O 495 -58.43 -76.57 -16.90
N MET O 496 -58.28 -77.76 -16.35
CA MET O 496 -59.17 -78.87 -16.65
C MET O 496 -59.83 -79.36 -15.36
N ASN O 497 -61.15 -79.53 -15.41
CA ASN O 497 -61.94 -79.95 -14.28
C ASN O 497 -62.88 -81.05 -14.77
N GLU O 498 -63.90 -81.36 -13.97
CA GLU O 498 -64.91 -82.31 -14.41
C GLU O 498 -65.88 -81.68 -15.41
N VAL O 499 -65.89 -80.36 -15.52
CA VAL O 499 -66.86 -79.69 -16.38
C VAL O 499 -66.28 -79.40 -17.76
N GLY O 500 -64.97 -79.24 -17.87
CA GLY O 500 -64.39 -78.93 -19.17
C GLY O 500 -62.92 -78.59 -19.06
N TYR O 501 -62.42 -77.96 -20.12
CA TYR O 501 -61.02 -77.59 -20.22
C TYR O 501 -60.88 -76.23 -20.91
N VAL O 502 -59.84 -75.52 -20.53
CA VAL O 502 -59.54 -74.18 -21.03
C VAL O 502 -58.15 -74.22 -21.67
N SER O 503 -58.04 -73.84 -22.93
CA SER O 503 -56.78 -73.87 -23.64
C SER O 503 -56.50 -72.51 -24.28
N THR O 504 -55.22 -72.22 -24.50
CA THR O 504 -54.80 -70.97 -25.11
C THR O 504 -53.92 -71.24 -26.33
N VAL O 505 -53.99 -70.34 -27.32
CA VAL O 505 -53.17 -70.43 -28.52
C VAL O 505 -52.44 -69.11 -28.69
N LYS O 506 -51.12 -69.16 -28.86
CA LYS O 506 -50.32 -67.98 -29.16
C LYS O 506 -50.35 -67.75 -30.67
N ASN O 507 -50.62 -66.51 -31.08
CA ASN O 507 -50.91 -66.16 -32.47
C ASN O 507 -50.62 -64.68 -32.66
N SER O 508 -49.46 -64.37 -33.26
CA SER O 508 -49.08 -63.02 -33.71
C SER O 508 -49.10 -62.00 -32.56
N GLU O 509 -48.42 -62.35 -31.47
CA GLU O 509 -48.36 -61.64 -30.19
C GLU O 509 -49.76 -61.45 -29.58
N GLN O 510 -50.68 -62.38 -29.83
CA GLN O 510 -52.06 -62.29 -29.38
C GLN O 510 -52.50 -63.68 -28.93
N TYR O 511 -53.26 -63.75 -27.83
CA TYR O 511 -53.69 -65.06 -27.39
C TYR O 511 -55.15 -65.31 -27.74
N SER O 512 -55.47 -66.56 -28.06
CA SER O 512 -56.84 -66.95 -28.35
C SER O 512 -57.25 -68.01 -27.35
N ILE O 513 -58.27 -67.72 -26.57
CA ILE O 513 -58.70 -68.59 -25.48
C ILE O 513 -59.88 -69.40 -25.96
N THR O 514 -59.73 -70.72 -25.99
CA THR O 514 -60.81 -71.63 -26.33
C THR O 514 -61.19 -72.41 -25.08
N VAL O 515 -62.43 -72.26 -24.63
CA VAL O 515 -62.95 -73.06 -23.52
C VAL O 515 -63.93 -74.04 -24.11
N SER O 516 -63.91 -75.28 -23.61
CA SER O 516 -64.70 -76.37 -24.17
C SER O 516 -65.13 -77.31 -23.07
N PHE O 517 -66.39 -77.70 -23.09
CA PHE O 517 -67.01 -78.42 -22.00
C PHE O 517 -67.27 -79.86 -22.40
N PHE O 518 -66.98 -80.78 -21.47
CA PHE O 518 -67.20 -82.21 -21.71
C PHE O 518 -68.67 -82.51 -21.87
N ASP O 519 -69.52 -81.87 -21.06
CA ASP O 519 -70.97 -81.97 -21.22
C ASP O 519 -71.37 -81.08 -22.39
N VAL O 520 -71.29 -81.62 -23.61
CA VAL O 520 -71.67 -80.85 -24.79
C VAL O 520 -73.16 -80.65 -24.92
N GLY O 521 -73.98 -81.43 -24.20
CA GLY O 521 -75.41 -81.28 -24.26
C GLY O 521 -75.97 -80.15 -23.43
N ARG O 522 -75.20 -79.63 -22.48
CA ARG O 522 -75.71 -78.58 -21.61
C ARG O 522 -75.66 -77.23 -22.32
N PHE O 523 -74.47 -76.78 -22.70
CA PHE O 523 -74.31 -75.57 -23.49
C PHE O 523 -73.04 -75.69 -24.32
N ARG O 524 -72.64 -74.57 -24.94
CA ARG O 524 -71.72 -74.58 -26.06
C ARG O 524 -70.36 -74.00 -25.67
N GLU O 525 -69.31 -74.62 -26.21
CA GLU O 525 -67.94 -74.14 -26.09
C GLU O 525 -67.79 -72.78 -26.73
N TYR O 526 -66.78 -72.01 -26.30
CA TYR O 526 -66.61 -70.71 -26.92
C TYR O 526 -65.15 -70.28 -27.01
N HIS O 527 -64.87 -69.49 -28.04
CA HIS O 527 -63.57 -68.87 -28.28
C HIS O 527 -63.69 -67.38 -27.98
N PHE O 528 -62.61 -66.79 -27.47
CA PHE O 528 -62.53 -65.33 -27.45
C PHE O 528 -61.08 -64.87 -27.58
N GLU O 529 -60.95 -63.57 -27.73
CA GLU O 529 -59.70 -62.89 -28.04
C GLU O 529 -59.09 -62.33 -26.77
N ASP O 530 -57.78 -62.55 -26.58
CA ASP O 530 -57.08 -62.18 -25.36
C ASP O 530 -55.93 -61.28 -25.84
N LEU O 531 -55.96 -60.03 -25.40
CA LEU O 531 -54.87 -59.09 -25.65
C LEU O 531 -54.03 -58.85 -24.40
N PHE O 532 -54.30 -59.58 -23.32
CA PHE O 532 -53.65 -59.35 -22.03
C PHE O 532 -52.71 -60.46 -21.62
N GLY O 533 -52.97 -61.70 -22.03
CA GLY O 533 -52.11 -62.80 -21.65
C GLY O 533 -52.56 -63.52 -20.40
N TYR O 534 -53.80 -64.01 -20.40
CA TYR O 534 -54.37 -64.66 -19.22
C TYR O 534 -53.69 -66.01 -18.99
N ASP O 535 -52.77 -66.05 -18.04
CA ASP O 535 -52.07 -67.28 -17.67
C ASP O 535 -52.65 -67.93 -16.43
N LEU O 536 -53.81 -67.47 -15.96
CA LEU O 536 -54.47 -68.05 -14.80
C LEU O 536 -55.92 -68.28 -15.13
N CYS O 537 -56.46 -69.43 -14.72
CA CYS O 537 -57.85 -69.73 -15.02
C CYS O 537 -58.43 -70.68 -13.98
N PHE O 538 -59.65 -70.39 -13.53
CA PHE O 538 -60.45 -71.32 -12.76
C PHE O 538 -61.79 -71.50 -13.46
N LEU O 539 -62.17 -72.75 -13.68
CA LEU O 539 -63.38 -73.07 -14.43
C LEU O 539 -64.33 -73.85 -13.53
N ASN O 540 -65.57 -73.39 -13.45
CA ASN O 540 -66.61 -74.05 -12.68
C ASN O 540 -67.82 -74.33 -13.57
N GLU O 541 -68.92 -74.71 -12.94
CA GLU O 541 -70.12 -75.04 -13.70
C GLU O 541 -70.94 -73.81 -14.09
N LYS O 542 -70.63 -72.64 -13.55
CA LYS O 542 -71.40 -71.44 -13.84
C LYS O 542 -70.60 -70.33 -14.51
N GLY O 543 -69.28 -70.31 -14.38
CA GLY O 543 -68.50 -69.24 -14.95
C GLY O 543 -67.06 -69.65 -15.18
N THR O 544 -66.26 -68.70 -15.65
CA THR O 544 -64.84 -68.89 -15.88
C THR O 544 -64.11 -67.64 -15.42
N LEU O 545 -63.15 -67.80 -14.51
CA LEU O 545 -62.40 -66.68 -13.96
C LEU O 545 -60.98 -66.72 -14.49
N PHE O 546 -60.65 -65.78 -15.36
CA PHE O 546 -59.30 -65.63 -15.89
C PHE O 546 -58.55 -64.60 -15.07
N GLY O 547 -57.23 -64.71 -15.08
CA GLY O 547 -56.38 -63.79 -14.34
C GLY O 547 -55.02 -63.69 -14.98
N GLN O 548 -54.45 -62.49 -14.93
CA GLN O 548 -53.13 -62.22 -15.45
C GLN O 548 -52.18 -62.07 -14.27
N SER O 549 -51.10 -62.85 -14.28
CA SER O 549 -50.20 -62.89 -13.14
C SER O 549 -49.34 -61.64 -12.99
N LYS O 550 -49.07 -60.93 -14.08
CA LYS O 550 -48.18 -59.78 -14.02
C LYS O 550 -48.95 -58.49 -13.75
N THR O 551 -49.94 -58.18 -14.58
CA THR O 551 -50.70 -56.94 -14.43
C THR O 551 -51.79 -57.03 -13.37
N GLY O 552 -52.28 -58.23 -13.08
CA GLY O 552 -53.30 -58.40 -12.08
C GLY O 552 -54.73 -58.29 -12.57
N GLN O 553 -54.95 -58.13 -13.88
CA GLN O 553 -56.29 -57.95 -14.40
C GLN O 553 -57.00 -59.29 -14.49
N ILE O 554 -57.98 -59.49 -13.62
CA ILE O 554 -58.81 -60.68 -13.64
C ILE O 554 -60.11 -60.35 -14.35
N GLN O 555 -60.82 -61.39 -14.77
CA GLN O 555 -62.05 -61.24 -15.53
C GLN O 555 -62.94 -62.45 -15.30
N TYR O 556 -64.17 -62.22 -14.89
CA TYR O 556 -65.14 -63.29 -14.70
C TYR O 556 -66.14 -63.28 -15.85
N ARG O 557 -66.28 -64.42 -16.51
CA ARG O 557 -67.18 -64.59 -17.64
C ARG O 557 -68.19 -65.69 -17.30
N PRO O 558 -69.42 -65.34 -16.95
CA PRO O 558 -70.45 -66.37 -16.81
C PRO O 558 -70.78 -67.02 -18.16
N HIS O 559 -71.18 -68.28 -18.10
CA HIS O 559 -71.39 -69.05 -19.32
C HIS O 559 -72.65 -68.61 -20.05
N ASP O 560 -73.75 -68.40 -19.31
CA ASP O 560 -74.97 -67.90 -19.92
C ASP O 560 -74.87 -66.40 -20.15
N SER O 561 -75.53 -65.93 -21.21
CA SER O 561 -75.46 -64.53 -21.59
C SER O 561 -76.42 -63.64 -20.81
N ILE O 562 -77.22 -64.21 -19.90
CA ILE O 562 -78.12 -63.40 -19.08
C ILE O 562 -77.36 -62.74 -17.93
N HIS O 563 -76.14 -63.19 -17.63
CA HIS O 563 -75.29 -62.57 -16.63
C HIS O 563 -74.08 -61.96 -17.31
N SER O 564 -73.82 -60.68 -17.01
CA SER O 564 -72.76 -59.96 -17.69
C SER O 564 -71.40 -60.32 -17.12
N ASN O 565 -70.38 -60.25 -17.97
CA ASN O 565 -69.01 -60.42 -17.55
C ASN O 565 -68.54 -59.20 -16.76
N TRP O 566 -67.47 -59.37 -15.99
CA TRP O 566 -66.88 -58.20 -15.36
C TRP O 566 -65.36 -58.37 -15.32
N THR O 567 -64.68 -57.23 -15.15
CA THR O 567 -63.23 -57.17 -15.21
C THR O 567 -62.72 -56.31 -14.06
N LYS O 568 -61.71 -56.79 -13.36
CA LYS O 568 -61.15 -56.12 -12.20
C LYS O 568 -59.64 -56.06 -12.36
N ILE O 569 -59.02 -55.02 -11.81
CA ILE O 569 -57.57 -54.93 -11.75
C ILE O 569 -57.15 -55.04 -10.29
N ILE O 570 -56.45 -56.12 -9.97
CA ILE O 570 -56.01 -56.37 -8.59
C ILE O 570 -54.81 -55.49 -8.29
N PRO O 571 -54.77 -54.81 -7.14
CA PRO O 571 -53.56 -54.07 -6.76
C PRO O 571 -52.41 -55.01 -6.47
N LEU O 572 -51.25 -54.70 -7.05
CA LEU O 572 -50.05 -55.49 -6.87
C LEU O 572 -48.89 -54.59 -6.51
N GLN O 573 -47.96 -55.13 -5.72
CA GLN O 573 -46.78 -54.39 -5.29
C GLN O 573 -45.66 -54.59 -6.30
N ALA O 574 -44.45 -54.18 -5.94
CA ALA O 574 -43.28 -54.39 -6.79
C ALA O 574 -42.83 -55.84 -6.65
N GLY O 575 -42.80 -56.56 -7.77
CA GLY O 575 -42.45 -57.97 -7.75
C GLY O 575 -43.54 -58.89 -7.27
N GLU O 576 -44.77 -58.40 -7.14
CA GLU O 576 -45.87 -59.21 -6.62
C GLU O 576 -46.70 -59.74 -7.78
N ARG O 577 -47.00 -61.03 -7.74
CA ARG O 577 -47.77 -61.69 -8.79
C ARG O 577 -48.95 -62.44 -8.20
N ILE O 578 -49.97 -62.65 -9.02
CA ILE O 578 -51.10 -63.49 -8.66
C ILE O 578 -50.71 -64.94 -8.94
N THR O 579 -50.79 -65.80 -7.93
CA THR O 579 -50.30 -67.16 -8.11
C THR O 579 -51.41 -68.14 -8.47
N SER O 580 -52.61 -67.95 -7.95
CA SER O 580 -53.73 -68.83 -8.27
C SER O 580 -55.03 -68.11 -7.96
N VAL O 581 -56.04 -68.33 -8.80
CA VAL O 581 -57.36 -67.76 -8.60
C VAL O 581 -58.36 -68.89 -8.39
N ALA O 582 -59.51 -68.54 -7.84
CA ALA O 582 -60.57 -69.50 -7.62
C ALA O 582 -61.91 -68.79 -7.77
N ALA O 583 -62.91 -69.54 -8.21
CA ALA O 583 -64.23 -68.97 -8.43
C ALA O 583 -65.29 -69.99 -8.05
N THR O 584 -66.14 -69.61 -7.13
CA THR O 584 -67.31 -70.25 -6.59
C THR O 584 -68.54 -69.63 -7.24
N PRO O 585 -69.69 -70.32 -7.30
CA PRO O 585 -70.95 -69.62 -7.62
C PRO O 585 -71.31 -68.47 -6.69
N VAL O 586 -70.73 -68.41 -5.48
CA VAL O 586 -71.00 -67.31 -4.55
C VAL O 586 -69.80 -66.37 -4.51
N ARG O 587 -68.59 -66.91 -4.60
CA ARG O 587 -67.38 -66.17 -4.28
C ARG O 587 -66.39 -66.17 -5.45
N VAL O 588 -65.55 -65.13 -5.49
CA VAL O 588 -64.47 -65.00 -6.45
C VAL O 588 -63.21 -64.68 -5.68
N ILE O 589 -62.17 -65.51 -5.83
CA ILE O 589 -61.04 -65.50 -4.91
C ILE O 589 -59.78 -65.21 -5.72
N VAL O 590 -58.90 -64.35 -5.19
CA VAL O 590 -57.59 -64.09 -5.77
C VAL O 590 -56.53 -64.42 -4.73
N GLY O 591 -55.60 -65.29 -5.10
CA GLY O 591 -54.47 -65.62 -4.25
C GLY O 591 -53.17 -65.07 -4.81
N THR O 592 -52.34 -64.52 -3.94
CA THR O 592 -51.27 -63.63 -4.35
C THR O 592 -49.96 -64.14 -3.76
N SER O 593 -48.84 -63.84 -4.45
CA SER O 593 -47.53 -64.37 -4.08
C SER O 593 -46.97 -63.78 -2.79
N LEU O 594 -47.55 -62.71 -2.26
CA LEU O 594 -47.18 -62.20 -0.95
C LEU O 594 -48.19 -62.58 0.12
N GLY O 595 -49.14 -63.43 -0.20
CA GLY O 595 -50.15 -63.85 0.75
C GLY O 595 -51.39 -63.00 0.79
N TYR O 596 -51.55 -62.06 -0.14
CA TYR O 596 -52.73 -61.20 -0.13
C TYR O 596 -53.95 -61.96 -0.65
N PHE O 597 -54.62 -62.66 0.26
CA PHE O 597 -55.86 -63.36 -0.02
C PHE O 597 -56.97 -62.32 -0.18
N ARG O 598 -57.48 -62.17 -1.40
CA ARG O 598 -58.53 -61.19 -1.68
C ARG O 598 -59.80 -61.91 -2.08
N SER O 599 -60.93 -61.43 -1.57
CA SER O 599 -62.22 -62.06 -1.81
C SER O 599 -63.18 -61.07 -2.44
N PHE O 600 -64.10 -61.62 -3.25
CA PHE O 600 -65.13 -60.86 -3.93
C PHE O 600 -66.38 -61.72 -3.96
N ASN O 601 -67.52 -61.10 -4.25
CA ASN O 601 -68.68 -61.89 -4.62
C ASN O 601 -68.60 -62.21 -6.11
N GLN O 602 -69.66 -62.80 -6.66
CA GLN O 602 -69.62 -63.14 -8.08
C GLN O 602 -69.79 -61.92 -8.99
N PHE O 603 -70.11 -60.75 -8.44
CA PHE O 603 -70.25 -59.52 -9.21
C PHE O 603 -69.11 -58.55 -8.98
N GLY O 604 -68.02 -58.97 -8.35
CA GLY O 604 -66.82 -58.17 -8.26
C GLY O 604 -66.72 -57.23 -7.08
N VAL O 605 -67.73 -57.19 -6.21
CA VAL O 605 -67.68 -56.35 -5.01
C VAL O 605 -66.80 -57.05 -3.97
N PRO O 606 -65.74 -56.39 -3.48
CA PRO O 606 -64.85 -57.07 -2.52
C PRO O 606 -65.49 -57.26 -1.16
N PHE O 607 -65.11 -58.34 -0.52
CA PHE O 607 -65.55 -58.65 0.84
C PHE O 607 -64.42 -58.63 1.86
N ALA O 608 -63.24 -59.11 1.51
CA ALA O 608 -62.15 -59.17 2.48
C ALA O 608 -60.81 -59.06 1.78
N VAL O 609 -59.90 -58.34 2.42
CA VAL O 609 -58.48 -58.35 2.09
C VAL O 609 -57.74 -58.85 3.31
N GLU O 610 -57.00 -59.94 3.16
CA GLU O 610 -56.37 -60.62 4.29
C GLU O 610 -54.96 -61.00 3.87
N LYS O 611 -54.04 -61.04 4.82
CA LYS O 611 -52.71 -61.54 4.55
C LYS O 611 -52.54 -62.92 5.16
N THR O 612 -52.14 -63.89 4.35
CA THR O 612 -51.84 -65.25 4.78
C THR O 612 -50.38 -65.55 4.44
N SER O 613 -49.98 -66.80 4.65
CA SER O 613 -48.75 -67.28 4.07
C SER O 613 -48.90 -67.31 2.56
N PRO O 614 -47.80 -67.10 1.81
CA PRO O 614 -47.90 -66.85 0.36
C PRO O 614 -48.53 -67.99 -0.42
N ILE O 615 -49.57 -67.64 -1.18
CA ILE O 615 -50.40 -68.61 -1.88
C ILE O 615 -49.59 -69.24 -3.01
N VAL O 616 -49.66 -70.57 -3.12
CA VAL O 616 -49.21 -71.26 -4.32
C VAL O 616 -50.31 -72.08 -4.96
N ALA O 617 -51.44 -72.31 -4.29
CA ALA O 617 -52.54 -73.04 -4.90
C ALA O 617 -53.86 -72.69 -4.26
N LEU O 618 -54.91 -72.62 -5.09
CA LEU O 618 -56.28 -72.36 -4.64
C LEU O 618 -57.27 -73.28 -5.34
N THR O 619 -58.31 -73.67 -4.60
CA THR O 619 -59.53 -74.20 -5.19
C THR O 619 -60.67 -73.88 -4.25
N ALA O 620 -61.89 -73.96 -4.77
CA ALA O 620 -63.06 -73.62 -3.99
C ALA O 620 -64.30 -74.24 -4.62
N GLN O 621 -65.21 -74.71 -3.77
CA GLN O 621 -66.55 -75.09 -4.22
C GLN O 621 -67.52 -74.93 -3.06
N ASN O 622 -68.70 -74.38 -3.37
CA ASN O 622 -69.86 -74.25 -2.47
C ASN O 622 -69.48 -73.54 -1.16
N TYR O 623 -68.92 -72.33 -1.34
CA TYR O 623 -68.23 -71.50 -0.33
C TYR O 623 -67.39 -72.32 0.65
N ARG O 624 -66.57 -73.21 0.08
CA ARG O 624 -65.49 -73.89 0.79
C ARG O 624 -64.21 -73.67 0.01
N VAL O 625 -63.18 -73.16 0.69
CA VAL O 625 -61.93 -72.74 0.06
C VAL O 625 -60.79 -73.61 0.60
N PHE O 626 -60.12 -74.32 -0.30
CA PHE O 626 -58.94 -75.08 0.03
C PHE O 626 -57.74 -74.40 -0.60
N SER O 627 -56.81 -73.94 0.24
CA SER O 627 -55.63 -73.24 -0.23
C SER O 627 -54.38 -74.00 0.21
N VAL O 628 -53.33 -73.88 -0.58
CA VAL O 628 -52.01 -74.40 -0.25
C VAL O 628 -51.02 -73.26 -0.33
N HIS O 629 -50.29 -73.06 0.76
CA HIS O 629 -49.31 -72.00 0.93
C HIS O 629 -47.91 -72.58 0.96
N TYR O 630 -46.93 -71.78 0.53
CA TYR O 630 -45.53 -72.12 0.68
C TYR O 630 -44.72 -70.84 0.75
N SER O 631 -43.70 -70.86 1.60
CA SER O 631 -42.71 -69.78 1.65
C SER O 631 -41.44 -70.34 2.26
N GLN O 632 -40.37 -69.56 2.16
CA GLN O 632 -39.09 -69.98 2.73
C GLN O 632 -39.05 -69.83 4.24
N PHE O 633 -40.04 -69.17 4.84
CA PHE O 633 -40.08 -68.93 6.27
C PHE O 633 -41.25 -69.59 6.96
N HIS O 634 -42.11 -70.32 6.23
CA HIS O 634 -43.23 -71.01 6.84
C HIS O 634 -43.25 -72.48 6.42
N GLY O 635 -42.76 -72.76 5.23
CA GLY O 635 -42.85 -74.10 4.68
C GLY O 635 -44.20 -74.37 4.04
N LEU O 636 -44.40 -75.63 3.68
CA LEU O 636 -45.64 -76.04 3.03
C LEU O 636 -46.78 -76.11 4.05
N SER O 637 -47.95 -75.60 3.67
CA SER O 637 -49.09 -75.59 4.56
C SER O 637 -50.37 -75.55 3.73
N TYR O 638 -51.51 -75.79 4.39
CA TYR O 638 -52.80 -75.73 3.72
C TYR O 638 -53.83 -75.12 4.66
N SER O 639 -54.87 -74.53 4.08
CA SER O 639 -55.97 -73.94 4.83
C SER O 639 -57.30 -74.35 4.21
N LEU O 640 -58.34 -74.39 5.06
CA LEU O 640 -59.62 -75.00 4.73
C LEU O 640 -60.77 -74.06 5.14
N SER O 641 -60.74 -72.84 4.61
CA SER O 641 -61.71 -71.82 4.99
C SER O 641 -63.12 -72.17 4.52
N GLU O 642 -64.12 -71.65 5.22
CA GLU O 642 -65.50 -71.78 4.81
C GLU O 642 -66.25 -70.51 5.18
N LEU O 643 -66.97 -69.93 4.22
CA LEU O 643 -67.65 -68.66 4.43
C LEU O 643 -69.16 -68.88 4.49
N GLY O 644 -69.71 -68.78 5.69
CA GLY O 644 -71.14 -68.59 5.85
C GLY O 644 -71.50 -67.13 5.71
N THR O 645 -72.81 -66.87 5.73
CA THR O 645 -73.28 -65.49 5.58
C THR O 645 -73.01 -64.63 6.80
N SER O 646 -72.79 -65.25 7.97
CA SER O 646 -72.54 -64.49 9.18
C SER O 646 -71.04 -64.21 9.36
N SER O 647 -70.23 -65.27 9.43
CA SER O 647 -68.82 -65.11 9.72
C SER O 647 -68.01 -66.22 9.06
N LYS O 648 -66.71 -65.95 8.93
CA LYS O 648 -65.77 -66.92 8.38
C LYS O 648 -65.51 -68.02 9.39
N ARG O 649 -65.09 -69.19 8.90
CA ARG O 649 -64.68 -70.28 9.76
C ARG O 649 -63.46 -70.96 9.16
N TYR O 650 -62.33 -70.90 9.86
CA TYR O 650 -61.12 -71.58 9.46
C TYR O 650 -61.07 -72.93 10.16
N TYR O 651 -61.20 -74.01 9.39
CA TYR O 651 -61.14 -75.35 9.97
C TYR O 651 -59.73 -75.67 10.45
N LYS O 652 -58.78 -75.72 9.52
CA LYS O 652 -57.36 -75.94 9.82
C LYS O 652 -56.58 -74.82 9.14
N ARG O 653 -56.16 -73.82 9.90
CA ARG O 653 -55.52 -72.63 9.35
C ARG O 653 -54.01 -72.86 9.30
N GLU O 654 -53.49 -72.99 8.08
CA GLU O 654 -52.05 -73.12 7.78
C GLU O 654 -51.42 -74.31 8.50
N CYS O 655 -52.18 -75.39 8.63
CA CYS O 655 -51.63 -76.64 9.13
C CYS O 655 -50.68 -77.21 8.07
N PRO O 656 -49.61 -77.88 8.49
CA PRO O 656 -48.67 -78.44 7.52
C PRO O 656 -49.27 -79.60 6.73
N LEU O 657 -48.96 -79.62 5.43
CA LEU O 657 -49.38 -80.48 4.34
C LEU O 657 -48.36 -81.59 4.12
N PRO O 658 -48.81 -82.84 3.98
CA PRO O 658 -47.86 -83.95 3.83
C PRO O 658 -47.45 -84.24 2.40
N MET O 659 -47.72 -83.30 1.48
CA MET O 659 -47.32 -83.48 0.09
C MET O 659 -45.81 -83.40 -0.05
N SER O 660 -45.24 -84.33 -0.81
CA SER O 660 -43.81 -84.33 -1.08
C SER O 660 -43.52 -83.46 -2.29
N LEU O 661 -42.64 -82.47 -2.11
CA LEU O 661 -42.20 -81.64 -3.22
C LEU O 661 -41.28 -82.45 -4.13
N PRO O 662 -41.21 -82.10 -5.42
CA PRO O 662 -40.32 -82.83 -6.32
C PRO O 662 -38.85 -82.51 -6.07
N ASN O 663 -38.00 -83.37 -6.60
CA ASN O 663 -36.55 -83.19 -6.49
C ASN O 663 -36.06 -82.16 -7.49
N LYS O 670 -35.76 -86.25 -19.38
CA LYS O 670 -35.30 -85.17 -18.53
C LYS O 670 -35.85 -83.82 -19.00
N ASP O 671 -36.08 -83.69 -20.31
CA ASP O 671 -36.56 -82.43 -20.87
C ASP O 671 -37.99 -82.13 -20.43
N ALA O 672 -38.84 -83.16 -20.37
CA ALA O 672 -40.20 -82.98 -19.89
C ALA O 672 -40.22 -82.59 -18.42
N ASN O 673 -39.33 -83.19 -17.62
CA ASN O 673 -39.23 -82.84 -16.21
C ASN O 673 -38.76 -81.39 -16.01
N LEU O 674 -37.76 -80.96 -16.79
CA LEU O 674 -37.29 -79.59 -16.69
C LEU O 674 -38.35 -78.59 -17.15
N ASP O 675 -39.08 -78.91 -18.22
CA ASP O 675 -40.16 -78.03 -18.68
C ASP O 675 -41.29 -77.93 -17.66
N TYR O 676 -41.68 -79.07 -17.06
CA TYR O 676 -42.80 -79.03 -16.11
C TYR O 676 -42.40 -78.36 -14.80
N TYR O 677 -41.23 -78.69 -14.26
CA TYR O 677 -40.84 -78.04 -13.01
C TYR O 677 -40.26 -76.65 -13.21
N ASN O 678 -40.06 -76.22 -14.46
CA ASN O 678 -39.93 -74.80 -14.71
C ASN O 678 -41.28 -74.11 -14.75
N PHE O 679 -42.29 -74.80 -15.30
CA PHE O 679 -43.64 -74.25 -15.29
C PHE O 679 -44.26 -74.32 -13.90
N ASN O 680 -44.14 -75.46 -13.24
CA ASN O 680 -44.81 -75.72 -11.96
C ASN O 680 -43.78 -76.23 -10.97
N PRO O 681 -43.10 -75.33 -10.25
CA PRO O 681 -42.05 -75.78 -9.33
C PRO O 681 -42.57 -76.47 -8.09
N MET O 682 -43.84 -76.24 -7.71
CA MET O 682 -44.42 -76.91 -6.58
C MET O 682 -44.77 -78.37 -6.87
N GLY O 683 -44.96 -78.72 -8.14
CA GLY O 683 -45.29 -80.08 -8.51
C GLY O 683 -46.72 -80.48 -8.27
N ILE O 684 -47.61 -79.54 -7.95
CA ILE O 684 -49.02 -79.85 -7.74
C ILE O 684 -49.65 -80.05 -9.13
N LYS O 685 -49.94 -81.30 -9.46
CA LYS O 685 -50.59 -81.57 -10.74
C LYS O 685 -52.04 -81.11 -10.73
N SER O 686 -52.78 -81.44 -9.67
CA SER O 686 -54.14 -80.92 -9.55
C SER O 686 -54.52 -80.86 -8.08
N LEU O 687 -55.55 -80.07 -7.79
CA LEU O 687 -55.96 -79.79 -6.43
C LEU O 687 -57.41 -79.34 -6.42
N PHE O 688 -58.28 -80.15 -5.82
CA PHE O 688 -59.71 -79.94 -5.98
C PHE O 688 -60.44 -80.44 -4.74
N PHE O 689 -61.76 -80.51 -4.84
CA PHE O 689 -62.60 -81.15 -3.86
C PHE O 689 -63.17 -82.43 -4.47
N SER O 690 -63.49 -83.38 -3.61
CA SER O 690 -64.22 -84.56 -4.05
C SER O 690 -65.68 -84.19 -4.33
N SER O 691 -66.44 -85.15 -4.86
CA SER O 691 -67.84 -84.88 -5.14
C SER O 691 -68.68 -84.71 -3.88
N TYR O 692 -68.20 -85.18 -2.73
CA TYR O 692 -68.90 -85.02 -1.47
C TYR O 692 -68.26 -83.96 -0.58
N GLY O 693 -67.46 -83.06 -1.15
CA GLY O 693 -66.90 -81.95 -0.41
C GLY O 693 -65.58 -82.24 0.30
N ASP O 694 -64.95 -83.37 0.03
CA ASP O 694 -63.69 -83.72 0.67
C ASP O 694 -62.51 -83.18 -0.14
N PRO O 695 -61.57 -82.48 0.48
CA PRO O 695 -60.43 -81.95 -0.28
C PRO O 695 -59.50 -83.05 -0.76
N CYS O 696 -58.99 -82.89 -1.98
CA CYS O 696 -58.11 -83.88 -2.60
C CYS O 696 -56.98 -83.17 -3.32
N ILE O 697 -55.81 -83.78 -3.31
CA ILE O 697 -54.62 -83.18 -3.89
C ILE O 697 -53.82 -84.26 -4.62
N PHE O 698 -53.28 -83.89 -5.78
CA PHE O 698 -52.46 -84.77 -6.62
C PHE O 698 -51.18 -84.02 -6.94
N GLY O 699 -50.08 -84.45 -6.33
CA GLY O 699 -48.81 -83.77 -6.45
C GLY O 699 -47.81 -84.51 -7.34
N SER O 700 -46.54 -84.20 -7.13
CA SER O 700 -45.47 -84.66 -8.00
C SER O 700 -45.10 -86.12 -7.78
N ASP O 701 -45.55 -86.73 -6.68
CA ASP O 701 -45.28 -88.13 -6.40
C ASP O 701 -46.32 -89.06 -6.98
N ASN O 702 -47.27 -88.52 -7.76
CA ASN O 702 -48.40 -89.24 -8.37
C ASN O 702 -49.23 -89.97 -7.32
N THR O 703 -49.40 -89.34 -6.16
CA THR O 703 -50.13 -89.94 -5.05
C THR O 703 -51.30 -89.01 -4.71
N LEU O 704 -52.51 -89.46 -5.01
CA LEU O 704 -53.71 -88.72 -4.69
C LEU O 704 -54.05 -88.88 -3.22
N LEU O 705 -54.01 -87.78 -2.49
CA LEU O 705 -54.33 -87.71 -1.07
C LEU O 705 -55.71 -87.09 -0.89
N LEU O 706 -56.46 -87.62 0.07
CA LEU O 706 -57.74 -87.07 0.46
C LEU O 706 -57.67 -86.68 1.92
N LEU O 707 -58.25 -85.54 2.27
CA LEU O 707 -58.28 -85.07 3.65
C LEU O 707 -59.53 -85.64 4.31
N SER O 708 -59.33 -86.65 5.15
CA SER O 708 -60.44 -87.30 5.85
C SER O 708 -60.62 -86.69 7.23
N LYS O 709 -61.88 -86.73 7.70
CA LYS O 709 -62.29 -86.20 9.01
C LYS O 709 -61.91 -84.73 9.17
N TRP O 710 -62.14 -83.94 8.13
CA TRP O 710 -61.77 -82.53 8.20
C TRP O 710 -62.81 -81.69 8.92
N ARG O 711 -64.02 -82.22 9.14
CA ARG O 711 -65.04 -81.45 9.83
C ARG O 711 -64.73 -81.30 11.31
N SER O 712 -64.05 -82.27 11.91
CA SER O 712 -63.51 -82.14 13.26
C SER O 712 -62.00 -82.00 13.15
N PRO O 713 -61.44 -80.81 13.43
CA PRO O 713 -60.01 -80.58 13.17
C PRO O 713 -59.07 -81.36 14.07
N GLU O 714 -59.55 -81.90 15.19
CA GLU O 714 -58.70 -82.67 16.09
C GLU O 714 -58.53 -84.12 15.63
N GLU O 715 -59.25 -84.55 14.59
CA GLU O 715 -59.26 -85.95 14.18
C GLU O 715 -58.87 -86.12 12.71
N SER O 716 -58.34 -85.07 12.08
CA SER O 716 -58.17 -85.07 10.63
C SER O 716 -56.95 -85.89 10.22
N LYS O 717 -57.14 -86.78 9.24
CA LYS O 717 -56.07 -87.60 8.67
C LYS O 717 -55.99 -87.35 7.18
N TRP O 718 -54.76 -87.26 6.67
CA TRP O 718 -54.52 -87.20 5.23
C TRP O 718 -54.31 -88.62 4.74
N LEU O 719 -55.32 -89.18 4.07
CA LEU O 719 -55.25 -90.56 3.61
C LEU O 719 -54.70 -90.59 2.20
N PRO O 720 -53.57 -91.25 1.95
CA PRO O 720 -53.17 -91.50 0.56
C PRO O 720 -54.08 -92.55 -0.04
N ILE O 721 -55.05 -92.13 -0.86
CA ILE O 721 -56.01 -93.07 -1.41
C ILE O 721 -55.60 -93.60 -2.77
N LEU O 722 -54.65 -92.95 -3.45
CA LEU O 722 -54.17 -93.51 -4.72
C LEU O 722 -52.67 -93.36 -4.83
N ASP O 723 -51.98 -94.46 -5.10
CA ASP O 723 -50.60 -94.43 -5.55
C ASP O 723 -50.67 -94.81 -7.03
N SER O 724 -50.66 -93.80 -7.90
CA SER O 724 -50.93 -94.06 -9.31
C SER O 724 -49.78 -94.76 -10.02
N ASN O 725 -48.55 -94.61 -9.53
CA ASN O 725 -47.44 -95.38 -10.09
C ASN O 725 -47.64 -96.87 -9.86
N MET O 726 -48.15 -97.23 -8.68
CA MET O 726 -48.53 -98.62 -8.40
C MET O 726 -49.62 -99.10 -9.34
N GLU O 727 -50.59 -98.24 -9.64
CA GLU O 727 -51.70 -98.66 -10.50
C GLU O 727 -51.28 -98.81 -11.96
N ILE O 728 -50.38 -97.93 -12.44
CA ILE O 728 -49.87 -98.08 -13.80
C ILE O 728 -48.95 -99.29 -13.90
N TRP O 729 -48.16 -99.57 -12.84
CA TRP O 729 -47.34 -100.77 -12.82
C TRP O 729 -48.19 -102.04 -12.76
N LYS O 730 -49.35 -101.98 -12.12
CA LYS O 730 -50.26 -103.12 -12.11
C LYS O 730 -51.00 -103.25 -13.44
N MET O 731 -51.30 -102.14 -14.11
CA MET O 731 -52.03 -102.19 -15.36
C MET O 731 -51.16 -102.67 -16.52
N SER O 732 -49.88 -102.27 -16.55
CA SER O 732 -48.99 -102.64 -17.63
C SER O 732 -48.58 -104.11 -17.58
N GLY O 733 -48.70 -104.76 -16.43
CA GLY O 733 -48.38 -106.17 -16.34
C GLY O 733 -47.05 -106.46 -15.69
N GLY O 734 -46.73 -105.74 -14.62
CA GLY O 734 -45.49 -105.96 -13.92
C GLY O 734 -44.26 -105.43 -14.62
N LYS O 735 -44.42 -104.45 -15.50
CA LYS O 735 -43.32 -103.88 -16.25
C LYS O 735 -43.28 -102.38 -16.02
N GLU O 736 -42.10 -101.85 -15.68
CA GLU O 736 -41.93 -100.42 -15.55
C GLU O 736 -42.05 -99.74 -16.91
N THR O 737 -42.77 -98.63 -16.94
CA THR O 737 -43.00 -97.91 -18.19
C THR O 737 -42.66 -96.44 -18.00
N THR O 738 -42.28 -95.79 -19.10
CA THR O 738 -41.93 -94.38 -19.11
C THR O 738 -42.70 -93.60 -20.16
N ASP O 739 -43.69 -94.22 -20.81
CA ASP O 739 -44.50 -93.54 -21.82
C ASP O 739 -45.96 -93.40 -21.42
N ILE O 740 -46.35 -93.91 -20.25
CA ILE O 740 -47.72 -93.81 -19.77
C ILE O 740 -47.68 -93.12 -18.41
N HIS O 741 -48.41 -92.02 -18.29
CA HIS O 741 -48.56 -91.31 -17.03
C HIS O 741 -50.04 -91.00 -16.84
N VAL O 742 -50.35 -90.18 -15.85
CA VAL O 742 -51.72 -89.84 -15.50
C VAL O 742 -51.83 -88.33 -15.32
N TRP O 743 -52.97 -87.78 -15.72
CA TRP O 743 -53.29 -86.37 -15.45
C TRP O 743 -54.66 -86.29 -14.80
N PRO O 744 -54.75 -85.92 -13.53
CA PRO O 744 -56.03 -85.98 -12.82
C PRO O 744 -56.92 -84.79 -13.14
N LEU O 745 -58.24 -85.05 -13.13
CA LEU O 745 -59.23 -84.01 -13.34
C LEU O 745 -60.10 -83.86 -12.11
N ALA O 746 -60.75 -84.93 -11.65
CA ALA O 746 -61.66 -84.81 -10.51
C ALA O 746 -61.79 -86.16 -9.84
N LEU O 747 -62.37 -86.15 -8.64
CA LEU O 747 -62.67 -87.38 -7.91
C LEU O 747 -64.16 -87.44 -7.62
N ALA O 748 -64.82 -88.46 -8.16
CA ALA O 748 -66.14 -88.86 -7.71
C ALA O 748 -65.98 -90.09 -6.83
N TYR O 749 -67.10 -90.51 -6.24
CA TYR O 749 -67.07 -91.60 -5.26
C TYR O 749 -66.62 -92.91 -5.90
N ASP O 750 -65.47 -93.38 -5.43
CA ASP O 750 -64.70 -94.57 -5.81
C ASP O 750 -64.00 -94.40 -7.17
N THR O 751 -64.13 -93.27 -7.86
CA THR O 751 -63.56 -93.15 -9.20
C THR O 751 -62.81 -91.83 -9.36
N LEU O 752 -61.55 -91.92 -9.76
CA LEU O 752 -60.77 -90.76 -10.18
C LEU O 752 -60.96 -90.55 -11.68
N ASN O 753 -61.66 -89.48 -12.05
CA ASN O 753 -61.77 -89.11 -13.45
C ASN O 753 -60.51 -88.37 -13.87
N CYS O 754 -59.84 -88.89 -14.90
CA CYS O 754 -58.51 -88.42 -15.25
C CYS O 754 -58.23 -88.70 -16.73
N ILE O 755 -57.21 -88.02 -17.25
CA ILE O 755 -56.69 -88.24 -18.60
C ILE O 755 -55.46 -89.15 -18.49
N LEU O 756 -55.51 -90.29 -19.17
CA LEU O 756 -54.35 -91.17 -19.29
C LEU O 756 -53.51 -90.69 -20.46
N VAL O 757 -52.40 -90.03 -20.18
CA VAL O 757 -51.54 -89.46 -21.21
C VAL O 757 -50.58 -90.53 -21.71
N LYS O 758 -50.32 -90.51 -23.01
CA LYS O 758 -49.35 -91.40 -23.64
C LYS O 758 -48.38 -90.56 -24.45
N GLY O 759 -47.09 -90.70 -24.15
CA GLY O 759 -46.08 -89.96 -24.86
C GLY O 759 -44.86 -89.74 -23.98
N LYS O 760 -43.88 -89.06 -24.57
CA LYS O 760 -42.66 -88.71 -23.82
C LYS O 760 -42.93 -87.69 -22.74
N HIS O 761 -43.92 -86.83 -22.96
CA HIS O 761 -44.32 -85.82 -21.99
C HIS O 761 -45.38 -86.38 -21.04
N ILE O 762 -45.52 -85.72 -19.89
CA ILE O 762 -46.45 -86.16 -18.86
C ILE O 762 -47.75 -85.35 -18.88
N TRP O 763 -47.92 -84.46 -19.85
CA TRP O 763 -49.09 -83.60 -19.91
C TRP O 763 -49.87 -83.86 -21.21
N PRO O 764 -51.18 -83.58 -21.22
CA PRO O 764 -51.97 -83.84 -22.44
C PRO O 764 -51.57 -82.95 -23.61
N GLU O 765 -51.75 -83.47 -24.81
CA GLU O 765 -51.50 -82.77 -26.05
C GLU O 765 -52.82 -82.43 -26.72
N PHE O 766 -52.75 -81.92 -27.97
CA PHE O 766 -53.95 -81.40 -28.61
C PHE O 766 -55.06 -82.42 -28.90
N PRO O 767 -54.78 -83.67 -29.35
CA PRO O 767 -55.93 -84.60 -29.30
C PRO O 767 -56.08 -85.22 -27.92
N LEU O 768 -56.73 -84.45 -27.05
CA LEU O 768 -57.04 -84.87 -25.69
C LEU O 768 -58.04 -86.01 -25.71
N PRO O 769 -57.75 -87.15 -25.08
CA PRO O 769 -58.63 -88.31 -25.20
C PRO O 769 -59.87 -88.16 -24.32
N LEU O 770 -60.75 -89.15 -24.42
CA LEU O 770 -61.90 -89.21 -23.55
C LEU O 770 -61.43 -89.51 -22.12
N PRO O 771 -61.97 -88.83 -21.11
CA PRO O 771 -61.46 -88.97 -19.74
C PRO O 771 -61.81 -90.34 -19.16
N SER O 772 -60.78 -91.13 -18.89
CA SER O 772 -60.98 -92.44 -18.28
C SER O 772 -61.16 -92.29 -16.77
N GLU O 773 -61.46 -93.41 -16.12
CA GLU O 773 -61.63 -93.46 -14.68
C GLU O 773 -60.71 -94.53 -14.10
N MET O 774 -60.12 -94.21 -12.95
CA MET O 774 -59.26 -95.14 -12.23
C MET O 774 -59.83 -95.38 -10.85
N GLU O 775 -59.94 -96.64 -10.46
CA GLU O 775 -60.49 -96.97 -9.15
C GLU O 775 -59.50 -96.61 -8.05
N ILE O 776 -60.04 -96.24 -6.89
CA ILE O 776 -59.21 -95.94 -5.73
C ILE O 776 -58.59 -97.23 -5.21
N ARG O 777 -57.27 -97.22 -5.03
CA ARG O 777 -56.51 -98.36 -4.54
C ARG O 777 -55.57 -97.88 -3.45
N MET O 778 -55.76 -98.38 -2.23
CA MET O 778 -54.89 -98.01 -1.12
C MET O 778 -53.52 -98.66 -1.29
N PRO O 779 -52.43 -97.94 -0.98
CA PRO O 779 -51.08 -98.46 -1.28
C PRO O 779 -50.56 -99.46 -0.25
N VAL O 780 -51.12 -100.67 -0.30
CA VAL O 780 -50.68 -101.75 0.57
C VAL O 780 -50.17 -102.91 -0.27
N PHE O 781 -49.72 -102.61 -1.50
CA PHE O 781 -49.23 -103.61 -2.43
C PHE O 781 -47.70 -103.58 -2.47
N VAL O 782 -47.10 -104.73 -2.21
CA VAL O 782 -45.64 -104.87 -2.27
C VAL O 782 -45.26 -105.25 -3.70
N LYS O 783 -44.31 -104.51 -4.27
CA LYS O 783 -43.86 -104.80 -5.63
C LYS O 783 -43.12 -106.13 -5.70
N SER O 784 -42.27 -106.40 -4.69
CA SER O 784 -41.45 -107.62 -4.71
C SER O 784 -42.30 -108.87 -4.57
N LYS O 785 -43.29 -108.84 -3.68
CA LYS O 785 -44.18 -109.98 -3.49
C LYS O 785 -45.04 -110.22 -4.73
N LEU O 786 -45.50 -109.16 -5.38
CA LEU O 786 -46.30 -109.31 -6.58
C LEU O 786 -45.48 -109.80 -7.77
N LEU O 787 -44.20 -109.40 -7.85
CA LEU O 787 -43.39 -109.91 -8.94
C LEU O 787 -42.93 -111.35 -8.70
N GLU O 788 -42.68 -111.75 -7.45
CA GLU O 788 -42.33 -113.15 -7.22
C GLU O 788 -43.55 -114.06 -7.26
N GLU O 789 -44.75 -113.53 -7.03
CA GLU O 789 -45.95 -114.36 -7.14
C GLU O 789 -46.25 -114.71 -8.59
N ASN O 790 -46.20 -113.72 -9.48
CA ASN O 790 -46.47 -113.94 -10.90
C ASN O 790 -45.17 -114.27 -11.64
N GLU O 814 -51.67 -107.85 -16.96
CA GLU O 814 -52.52 -108.45 -15.94
C GLU O 814 -51.69 -109.10 -14.84
N ILE O 815 -51.96 -108.70 -13.60
CA ILE O 815 -51.26 -109.22 -12.43
C ILE O 815 -52.29 -109.91 -11.54
N GLN O 816 -52.05 -111.18 -11.23
CA GLN O 816 -52.94 -111.95 -10.37
C GLN O 816 -52.65 -111.63 -8.92
N ILE O 817 -53.52 -110.88 -8.27
CA ILE O 817 -53.37 -110.47 -6.89
C ILE O 817 -53.65 -111.67 -5.99
N PRO O 818 -52.83 -111.94 -4.98
CA PRO O 818 -53.15 -113.01 -4.02
C PRO O 818 -54.38 -112.67 -3.19
N VAL O 819 -55.00 -113.71 -2.63
CA VAL O 819 -56.29 -113.59 -1.96
C VAL O 819 -56.21 -112.74 -0.68
N SER O 820 -55.13 -112.88 0.09
CA SER O 820 -55.03 -112.19 1.37
C SER O 820 -54.77 -110.70 1.18
N MET O 821 -53.90 -110.34 0.22
CA MET O 821 -53.64 -108.93 -0.06
C MET O 821 -54.86 -108.23 -0.64
N ALA O 822 -55.63 -108.92 -1.48
CA ALA O 822 -56.88 -108.37 -1.98
C ALA O 822 -57.90 -108.20 -0.87
N ALA O 823 -57.94 -109.14 0.08
CA ALA O 823 -58.84 -109.02 1.23
C ALA O 823 -58.48 -107.82 2.10
N GLU O 824 -57.17 -107.63 2.37
CA GLU O 824 -56.73 -106.47 3.14
C GLU O 824 -57.01 -105.17 2.40
N GLU O 825 -56.86 -105.18 1.07
CA GLU O 825 -57.14 -104.01 0.25
C GLU O 825 -58.60 -103.61 0.32
N GLU O 826 -59.50 -104.59 0.16
CA GLU O 826 -60.93 -104.33 0.26
C GLU O 826 -61.34 -103.89 1.65
N TYR O 827 -60.72 -104.48 2.69
CA TYR O 827 -61.04 -104.10 4.07
C TYR O 827 -60.65 -102.66 4.37
N LEU O 828 -59.44 -102.26 3.98
CA LEU O 828 -58.97 -100.90 4.27
C LEU O 828 -59.73 -99.86 3.43
N ARG O 829 -59.99 -100.17 2.16
CA ARG O 829 -60.74 -99.24 1.32
C ARG O 829 -62.18 -99.10 1.80
N SER O 830 -62.81 -100.21 2.22
CA SER O 830 -64.16 -100.13 2.74
C SER O 830 -64.20 -99.38 4.07
N LYS O 831 -63.17 -99.52 4.89
CA LYS O 831 -63.09 -98.78 6.15
C LYS O 831 -63.01 -97.28 5.91
N VAL O 832 -62.11 -96.85 5.01
CA VAL O 832 -61.93 -95.41 4.79
C VAL O 832 -63.13 -94.82 4.05
N LEU O 833 -63.73 -95.58 3.14
CA LEU O 833 -64.92 -95.06 2.44
C LEU O 833 -66.13 -95.03 3.35
N SER O 834 -66.25 -95.98 4.28
CA SER O 834 -67.34 -95.97 5.25
C SER O 834 -67.23 -94.78 6.17
N GLU O 835 -66.03 -94.50 6.70
CA GLU O 835 -65.90 -93.36 7.60
C GLU O 835 -66.07 -92.04 6.86
N LEU O 836 -65.63 -91.96 5.59
CA LEU O 836 -65.82 -90.74 4.82
C LEU O 836 -67.29 -90.50 4.50
N LEU O 837 -68.00 -91.55 4.08
CA LEU O 837 -69.41 -91.37 3.71
C LEU O 837 -70.28 -91.13 4.93
N THR O 838 -69.96 -91.76 6.06
CA THR O 838 -70.63 -91.47 7.32
C THR O 838 -70.33 -90.07 7.82
N ASP O 839 -69.14 -89.54 7.51
CA ASP O 839 -68.84 -88.16 7.84
C ASP O 839 -69.63 -87.18 6.99
N THR O 840 -69.82 -87.50 5.70
CA THR O 840 -70.54 -86.59 4.82
C THR O 840 -72.05 -86.58 5.09
N LEU O 841 -72.67 -87.76 5.21
CA LEU O 841 -74.14 -87.76 5.35
C LEU O 841 -74.62 -87.36 6.74
N GLU O 842 -73.79 -87.49 7.78
CA GLU O 842 -74.25 -87.10 9.10
C GLU O 842 -74.19 -85.60 9.34
N ASN O 843 -73.57 -84.83 8.44
CA ASN O 843 -73.53 -83.38 8.58
C ASN O 843 -74.19 -82.69 7.40
N ASP O 844 -73.85 -83.06 6.17
CA ASP O 844 -74.33 -82.38 4.98
C ASP O 844 -75.60 -82.99 4.41
N GLY O 845 -76.07 -84.11 4.95
CA GLY O 845 -77.28 -84.72 4.46
C GLY O 845 -77.10 -85.43 3.12
N GLU O 846 -78.22 -85.81 2.52
CA GLU O 846 -78.22 -86.53 1.26
C GLU O 846 -78.07 -85.56 0.11
N MET O 847 -77.28 -85.96 -0.90
CA MET O 847 -76.99 -85.12 -2.05
C MET O 847 -77.52 -85.71 -3.35
N TYR O 848 -77.36 -87.01 -3.56
CA TYR O 848 -78.00 -87.71 -4.67
C TYR O 848 -79.02 -88.75 -4.23
N GLY O 849 -79.08 -89.10 -2.95
CA GLY O 849 -80.11 -89.96 -2.43
C GLY O 849 -79.89 -91.44 -2.60
N ASN O 850 -78.88 -91.84 -3.37
CA ASN O 850 -78.55 -93.25 -3.55
C ASN O 850 -77.62 -93.78 -2.47
N GLU O 851 -77.14 -92.90 -1.58
CA GLU O 851 -76.05 -93.26 -0.67
C GLU O 851 -76.52 -94.19 0.45
N ASN O 852 -77.81 -94.18 0.78
CA ASN O 852 -78.31 -95.01 1.86
C ASN O 852 -78.25 -96.50 1.54
N GLU O 853 -78.25 -96.85 0.25
CA GLU O 853 -77.93 -98.20 -0.17
C GLU O 853 -76.44 -98.42 -0.35
N VAL O 854 -75.68 -97.34 -0.60
CA VAL O 854 -74.23 -97.46 -0.76
C VAL O 854 -73.58 -97.84 0.57
N LEU O 855 -74.08 -97.28 1.68
CA LEU O 855 -73.60 -97.70 3.01
C LEU O 855 -73.88 -99.18 3.26
N ALA O 856 -75.06 -99.67 2.88
CA ALA O 856 -75.40 -101.07 3.10
C ALA O 856 -74.52 -102.00 2.26
N ALA O 857 -74.35 -101.69 0.97
CA ALA O 857 -73.52 -102.51 0.10
C ALA O 857 -72.05 -102.45 0.50
N LEU O 858 -71.59 -101.28 0.95
CA LEU O 858 -70.19 -101.14 1.31
C LEU O 858 -69.89 -101.79 2.66
N ASN O 859 -70.85 -101.77 3.58
CA ASN O 859 -70.70 -102.53 4.82
C ASN O 859 -70.76 -104.03 4.55
N GLY O 860 -71.56 -104.46 3.57
CA GLY O 860 -71.53 -105.86 3.16
C GLY O 860 -70.19 -106.26 2.58
N ALA O 861 -69.58 -105.38 1.77
CA ALA O 861 -68.25 -105.65 1.25
C ALA O 861 -67.18 -105.64 2.33
N TYR O 862 -67.34 -104.74 3.32
CA TYR O 862 -66.43 -104.67 4.47
C TYR O 862 -66.48 -105.96 5.29
N ASP O 863 -67.69 -106.43 5.59
CA ASP O 863 -67.84 -107.69 6.30
C ASP O 863 -67.37 -108.88 5.48
N LYS O 864 -67.58 -108.84 4.15
CA LYS O 864 -67.11 -109.91 3.28
C LYS O 864 -65.59 -109.99 3.27
N ALA O 865 -64.91 -108.85 3.17
CA ALA O 865 -63.45 -108.83 3.21
C ALA O 865 -62.92 -109.27 4.56
N LEU O 866 -63.62 -108.91 5.64
CA LEU O 866 -63.24 -109.40 6.96
C LEU O 866 -63.44 -110.91 7.08
N LEU O 867 -64.44 -111.49 6.41
CA LEU O 867 -64.60 -112.94 6.43
C LEU O 867 -63.54 -113.65 5.58
N ARG O 868 -63.10 -113.04 4.47
CA ARG O 868 -61.97 -113.62 3.73
C ARG O 868 -60.68 -113.55 4.55
N LEU O 869 -60.47 -112.46 5.29
CA LEU O 869 -59.33 -112.43 6.21
C LEU O 869 -59.49 -113.42 7.36
N PHE O 870 -60.72 -113.66 7.80
CA PHE O 870 -61.01 -114.69 8.80
C PHE O 870 -60.62 -116.08 8.30
N ALA O 871 -61.02 -116.41 7.07
CA ALA O 871 -60.67 -117.71 6.49
C ALA O 871 -59.16 -117.84 6.26
N SER O 872 -58.52 -116.75 5.81
CA SER O 872 -57.08 -116.77 5.61
C SER O 872 -56.32 -116.93 6.92
N ALA O 873 -56.81 -116.33 8.00
CA ALA O 873 -56.16 -116.49 9.30
C ALA O 873 -56.44 -117.86 9.91
N CYS O 874 -57.64 -118.40 9.71
CA CYS O 874 -57.96 -119.72 10.22
C CYS O 874 -57.30 -120.84 9.44
N SER O 875 -56.82 -120.55 8.22
CA SER O 875 -56.08 -121.56 7.46
C SER O 875 -54.76 -121.91 8.12
N ASP O 876 -54.09 -120.95 8.75
CA ASP O 876 -52.80 -121.20 9.40
C ASP O 876 -52.94 -121.51 10.89
N GLN O 877 -54.19 -121.73 11.36
CA GLN O 877 -54.51 -122.13 12.74
C GLN O 877 -54.02 -121.11 13.77
N ASN O 878 -54.33 -119.84 13.52
CA ASN O 878 -54.06 -118.76 14.47
C ASN O 878 -55.38 -118.40 15.14
N VAL O 879 -55.45 -118.63 16.45
CA VAL O 879 -56.70 -118.41 17.18
C VAL O 879 -56.87 -116.93 17.52
N GLU O 880 -55.83 -116.31 18.09
CA GLU O 880 -55.98 -114.97 18.63
C GLU O 880 -56.04 -113.91 17.53
N LYS O 881 -55.33 -114.12 16.41
CA LYS O 881 -55.43 -113.22 15.26
C LYS O 881 -56.83 -113.26 14.66
N ALA O 882 -57.41 -114.45 14.57
CA ALA O 882 -58.78 -114.59 14.10
C ALA O 882 -59.78 -113.97 15.09
N LEU O 883 -59.50 -114.05 16.39
CA LEU O 883 -60.39 -113.41 17.37
C LEU O 883 -60.31 -111.89 17.26
N SER O 884 -59.12 -111.35 17.01
CA SER O 884 -58.97 -109.91 16.79
C SER O 884 -59.65 -109.46 15.50
N LEU O 885 -59.62 -110.31 14.47
CA LEU O 885 -60.43 -110.03 13.27
C LEU O 885 -61.92 -110.08 13.58
N ALA O 886 -62.36 -111.03 14.41
CA ALA O 886 -63.75 -111.17 14.78
C ALA O 886 -64.24 -110.05 15.69
N HIS O 887 -63.32 -109.31 16.32
CA HIS O 887 -63.71 -108.13 17.09
C HIS O 887 -64.29 -107.04 16.19
N GLU O 888 -63.78 -106.92 14.96
CA GLU O 888 -64.08 -105.78 14.10
C GLU O 888 -65.26 -106.02 13.16
N LEU O 889 -66.01 -107.11 13.32
CA LEU O 889 -67.14 -107.38 12.46
C LEU O 889 -68.29 -106.41 12.76
N LYS O 890 -68.98 -105.98 11.70
CA LYS O 890 -69.99 -104.93 11.87
C LYS O 890 -71.33 -105.51 12.31
N GLN O 891 -71.94 -106.37 11.50
CA GLN O 891 -73.29 -106.83 11.73
C GLN O 891 -73.31 -108.29 12.16
N ASP O 892 -74.49 -108.74 12.57
CA ASP O 892 -74.64 -110.07 13.18
C ASP O 892 -74.54 -111.17 12.13
N ARG O 893 -74.92 -110.88 10.89
CA ARG O 893 -75.00 -111.91 9.85
C ARG O 893 -73.63 -112.40 9.41
N ALA O 894 -72.59 -111.57 9.63
CA ALA O 894 -71.23 -112.01 9.32
C ALA O 894 -70.74 -113.07 10.30
N LEU O 895 -71.25 -113.05 11.53
CA LEU O 895 -70.79 -114.00 12.53
C LEU O 895 -71.31 -115.40 12.29
N THR O 896 -72.42 -115.56 11.56
CA THR O 896 -72.88 -116.89 11.15
C THR O 896 -71.88 -117.54 10.20
N ALA O 897 -71.40 -116.80 9.22
CA ALA O 897 -70.35 -117.31 8.35
C ALA O 897 -69.02 -117.46 9.08
N ALA O 898 -68.76 -116.61 10.07
CA ALA O 898 -67.57 -116.76 10.90
C ALA O 898 -67.58 -118.04 11.73
N VAL O 899 -68.74 -118.42 12.29
CA VAL O 899 -68.82 -119.61 13.12
C VAL O 899 -68.94 -120.82 12.20
N LYS O 900 -69.32 -120.58 10.93
CA LYS O 900 -69.26 -121.65 9.95
C LYS O 900 -67.82 -122.01 9.58
N ILE O 901 -66.94 -121.01 9.47
CA ILE O 901 -65.55 -121.25 9.11
C ILE O 901 -64.79 -121.93 10.25
N SER O 902 -65.01 -121.46 11.48
CA SER O 902 -64.27 -121.98 12.63
C SER O 902 -64.64 -123.42 12.98
N GLU O 903 -65.89 -123.82 12.71
CA GLU O 903 -66.26 -125.22 12.88
C GLU O 903 -65.68 -126.10 11.77
N ARG O 904 -65.43 -125.52 10.60
CA ARG O 904 -64.81 -126.28 9.51
C ARG O 904 -63.35 -126.59 9.80
N ALA O 905 -62.66 -125.69 10.51
CA ALA O 905 -61.25 -125.88 10.84
C ALA O 905 -61.05 -126.55 12.20
N GLU O 906 -62.06 -127.30 12.68
CA GLU O 906 -62.09 -128.06 13.95
C GLU O 906 -61.53 -127.28 15.13
N LEU O 907 -61.92 -126.01 15.26
CA LEU O 907 -61.37 -125.10 16.25
C LEU O 907 -62.51 -124.57 17.13
N PRO O 908 -62.78 -125.23 18.27
CA PRO O 908 -63.84 -124.76 19.16
C PRO O 908 -63.43 -123.62 20.09
N SER O 909 -62.13 -123.40 20.28
CA SER O 909 -61.66 -122.34 21.17
C SER O 909 -61.97 -120.96 20.61
N LEU O 910 -62.00 -120.82 19.28
CA LEU O 910 -62.52 -119.59 18.68
C LEU O 910 -64.01 -119.45 18.93
N VAL O 911 -64.76 -120.56 18.81
CA VAL O 911 -66.23 -120.53 18.88
C VAL O 911 -66.69 -120.13 20.27
N LYS O 912 -65.98 -120.60 21.30
CA LYS O 912 -66.34 -120.28 22.69
C LYS O 912 -66.21 -118.79 23.02
N LYS O 913 -65.43 -118.04 22.24
CA LYS O 913 -65.35 -116.59 22.41
C LYS O 913 -66.21 -115.82 21.41
N ILE O 914 -66.37 -116.33 20.19
CA ILE O 914 -67.21 -115.66 19.20
C ILE O 914 -68.68 -115.71 19.62
N ASN O 915 -69.11 -116.82 20.24
CA ASN O 915 -70.48 -116.89 20.75
C ASN O 915 -70.70 -115.90 21.89
N ASN O 916 -69.70 -115.72 22.75
CA ASN O 916 -69.81 -114.73 23.82
C ASN O 916 -69.84 -113.31 23.27
N ILE O 917 -69.04 -113.05 22.23
CA ILE O 917 -69.05 -111.73 21.57
C ILE O 917 -70.41 -111.47 20.93
N ARG O 918 -70.99 -112.49 20.29
CA ARG O 918 -72.33 -112.37 19.70
C ARG O 918 -73.39 -112.11 20.75
N GLU O 919 -73.31 -112.82 21.89
CA GLU O 919 -74.27 -112.64 22.97
C GLU O 919 -74.17 -111.25 23.59
N ALA O 920 -72.94 -110.77 23.82
CA ALA O 920 -72.74 -109.42 24.32
C ALA O 920 -73.12 -108.35 23.28
N ARG O 921 -73.10 -108.70 22.00
CA ARG O 921 -73.51 -107.76 20.96
C ARG O 921 -75.03 -107.62 20.91
N TYR O 922 -75.74 -108.73 20.76
CA TYR O 922 -77.20 -108.61 20.60
C TYR O 922 -77.89 -108.33 21.93
N GLU O 923 -77.34 -108.82 23.04
CA GLU O 923 -77.94 -108.52 24.34
C GLU O 923 -77.66 -107.09 24.77
N GLN O 924 -76.43 -106.61 24.54
CA GLN O 924 -76.06 -105.25 24.89
C GLN O 924 -75.58 -104.48 23.66
N LYS P 473 -31.69 -83.39 -0.36
CA LYS P 473 -30.30 -83.78 -0.20
C LYS P 473 -30.07 -84.40 1.17
N PHE P 474 -31.04 -84.21 2.07
CA PHE P 474 -30.94 -84.77 3.41
C PHE P 474 -31.22 -86.28 3.37
N ARG P 475 -30.52 -87.02 4.22
CA ARG P 475 -30.63 -88.48 4.26
C ARG P 475 -31.33 -88.90 5.54
N TYR P 476 -32.39 -89.68 5.39
CA TYR P 476 -33.22 -90.13 6.52
C TYR P 476 -32.69 -91.45 7.02
N MET P 477 -31.75 -91.40 7.96
CA MET P 477 -31.18 -92.58 8.56
C MET P 477 -32.18 -93.23 9.52
N PRO P 478 -32.14 -94.56 9.66
CA PRO P 478 -33.06 -95.22 10.60
C PRO P 478 -32.70 -94.92 12.05
N PHE P 479 -33.74 -94.83 12.88
CA PHE P 479 -33.58 -94.39 14.26
C PHE P 479 -34.28 -95.36 15.21
N SER P 480 -33.57 -95.75 16.26
CA SER P 480 -34.15 -96.44 17.41
C SER P 480 -33.71 -95.71 18.66
N PRO P 481 -34.53 -95.71 19.73
CA PRO P 481 -34.20 -94.91 20.92
C PRO P 481 -32.98 -95.46 21.65
N ALA P 482 -32.07 -94.54 22.00
CA ALA P 482 -30.78 -94.83 22.65
C ALA P 482 -29.95 -95.83 21.84
N GLY P 483 -29.93 -95.66 20.53
CA GLY P 483 -29.12 -96.51 19.69
C GLY P 483 -27.70 -95.99 19.57
N THR P 484 -26.77 -96.93 19.37
CA THR P 484 -25.36 -96.61 19.27
C THR P 484 -24.83 -96.88 17.87
N PRO P 485 -23.88 -96.10 17.38
CA PRO P 485 -23.28 -96.40 16.07
C PRO P 485 -22.30 -97.57 16.18
N PHE P 486 -21.93 -98.09 15.01
CA PHE P 486 -20.96 -99.19 14.96
C PHE P 486 -19.57 -98.70 15.34
N GLY P 487 -19.12 -97.60 14.73
CA GLY P 487 -17.73 -97.23 14.87
C GLY P 487 -16.84 -98.23 14.16
N PHE P 488 -15.74 -98.60 14.82
CA PHE P 488 -14.93 -99.72 14.38
C PHE P 488 -15.25 -101.00 15.15
N THR P 489 -16.31 -100.97 15.97
CA THR P 489 -16.70 -102.10 16.80
C THR P 489 -17.86 -102.82 16.13
N ASP P 490 -17.77 -104.15 16.06
CA ASP P 490 -18.82 -104.96 15.44
C ASP P 490 -20.08 -105.07 16.30
N ARG P 491 -20.05 -104.63 17.55
CA ARG P 491 -21.17 -104.72 18.46
C ARG P 491 -21.89 -103.37 18.53
N ARG P 492 -23.21 -103.39 18.34
CA ARG P 492 -24.02 -102.18 18.27
C ARG P 492 -25.32 -102.40 19.03
N TYR P 493 -25.70 -101.43 19.86
CA TYR P 493 -26.94 -101.51 20.60
C TYR P 493 -28.07 -100.90 19.77
N LEU P 494 -29.10 -101.69 19.48
CA LEU P 494 -30.22 -101.19 18.69
C LEU P 494 -31.08 -100.24 19.49
N THR P 495 -31.72 -100.74 20.54
CA THR P 495 -32.52 -99.90 21.41
C THR P 495 -32.19 -100.23 22.86
N MET P 496 -32.27 -99.21 23.71
CA MET P 496 -32.01 -99.35 25.13
C MET P 496 -33.16 -98.69 25.87
N ASN P 497 -33.97 -99.49 26.56
CA ASN P 497 -35.08 -98.99 27.35
C ASN P 497 -34.84 -99.35 28.82
N GLU P 498 -35.84 -99.06 29.65
CA GLU P 498 -35.78 -99.50 31.04
C GLU P 498 -36.03 -101.01 31.16
N VAL P 499 -36.71 -101.60 30.18
CA VAL P 499 -36.96 -103.04 30.20
C VAL P 499 -35.67 -103.81 29.95
N GLY P 500 -34.90 -103.38 28.96
CA GLY P 500 -33.69 -104.11 28.60
C GLY P 500 -33.02 -103.45 27.41
N TYR P 501 -32.12 -104.21 26.79
CA TYR P 501 -31.37 -103.74 25.64
C TYR P 501 -31.30 -104.83 24.58
N VAL P 502 -31.08 -104.40 23.34
CA VAL P 502 -30.94 -105.27 22.18
C VAL P 502 -29.61 -104.96 21.53
N SER P 503 -28.82 -106.00 21.27
CA SER P 503 -27.50 -105.82 20.68
C SER P 503 -27.35 -106.69 19.43
N THR P 504 -26.54 -106.19 18.49
CA THR P 504 -26.15 -106.92 17.29
C THR P 504 -24.64 -107.06 17.25
N VAL P 505 -24.19 -108.26 16.88
CA VAL P 505 -22.78 -108.48 16.55
C VAL P 505 -22.71 -109.10 15.15
N LYS P 506 -21.82 -108.56 14.32
CA LYS P 506 -21.75 -108.97 12.91
C LYS P 506 -20.95 -110.26 12.82
N ASN P 507 -21.59 -111.33 12.38
CA ASN P 507 -20.93 -112.61 12.15
C ASN P 507 -20.89 -112.83 10.65
N SER P 508 -19.72 -112.58 10.06
CA SER P 508 -19.43 -112.68 8.62
C SER P 508 -20.40 -111.84 7.81
N GLU P 509 -21.33 -112.49 7.13
CA GLU P 509 -22.37 -111.82 6.34
C GLU P 509 -23.62 -111.51 7.16
N GLN P 510 -23.94 -112.32 8.15
CA GLN P 510 -25.19 -112.21 8.89
C GLN P 510 -24.95 -111.51 10.22
N TYR P 511 -26.01 -111.37 11.02
CA TYR P 511 -25.93 -110.73 12.32
C TYR P 511 -26.36 -111.71 13.40
N SER P 512 -25.97 -111.40 14.63
CA SER P 512 -26.45 -112.13 15.80
C SER P 512 -27.08 -111.13 16.75
N ILE P 513 -28.32 -111.42 17.15
CA ILE P 513 -29.11 -110.53 17.98
C ILE P 513 -29.17 -111.11 19.39
N THR P 514 -28.89 -110.27 20.38
CA THR P 514 -29.01 -110.62 21.79
C THR P 514 -29.99 -109.66 22.44
N VAL P 515 -31.09 -110.19 22.96
CA VAL P 515 -32.08 -109.40 23.68
C VAL P 515 -31.92 -109.75 25.16
N SER P 516 -31.45 -108.78 25.95
CA SER P 516 -31.13 -109.01 27.35
C SER P 516 -31.86 -108.01 28.23
N PHE P 517 -32.52 -108.51 29.26
CA PHE P 517 -33.40 -107.70 30.08
C PHE P 517 -32.70 -107.29 31.36
N PHE P 518 -33.17 -106.19 31.95
CA PHE P 518 -32.63 -105.72 33.22
C PHE P 518 -33.24 -106.46 34.40
N ASP P 519 -34.56 -106.54 34.46
CA ASP P 519 -35.25 -107.37 35.44
C ASP P 519 -35.13 -108.83 35.03
N VAL P 520 -34.13 -109.50 35.62
CA VAL P 520 -33.81 -110.88 35.27
C VAL P 520 -34.92 -111.83 35.72
N GLY P 521 -35.56 -111.54 36.84
CA GLY P 521 -36.45 -112.49 37.49
C GLY P 521 -37.78 -112.73 36.80
N ARG P 522 -38.15 -111.91 35.80
CA ARG P 522 -39.41 -112.11 35.11
C ARG P 522 -39.31 -112.22 33.59
N PHE P 523 -38.22 -111.78 32.98
CA PHE P 523 -37.99 -112.01 31.55
C PHE P 523 -36.64 -112.68 31.37
N ARG P 524 -36.52 -113.47 30.30
CA ARG P 524 -35.32 -114.23 30.02
C ARG P 524 -34.57 -113.66 28.83
N GLU P 525 -33.27 -113.45 29.00
CA GLU P 525 -32.39 -113.08 27.89
C GLU P 525 -32.35 -114.18 26.84
N TYR P 526 -32.49 -113.80 25.57
CA TYR P 526 -32.40 -114.78 24.50
C TYR P 526 -31.53 -114.24 23.38
N HIS P 527 -31.26 -115.12 22.41
CA HIS P 527 -30.28 -114.87 21.36
C HIS P 527 -30.71 -115.62 20.11
N PHE P 528 -30.63 -114.95 18.96
CA PHE P 528 -30.93 -115.60 17.70
C PHE P 528 -30.09 -114.99 16.59
N GLU P 529 -30.30 -115.46 15.37
CA GLU P 529 -29.52 -115.05 14.22
C GLU P 529 -30.39 -114.27 13.24
N ASP P 530 -29.80 -113.21 12.68
CA ASP P 530 -30.47 -112.32 11.75
C ASP P 530 -29.87 -112.53 10.37
N LEU P 531 -30.71 -112.89 9.41
CA LEU P 531 -30.31 -112.96 8.01
C LEU P 531 -30.75 -111.75 7.21
N PHE P 532 -31.74 -111.01 7.69
CA PHE P 532 -32.23 -109.83 6.98
C PHE P 532 -31.38 -108.60 7.28
N GLY P 533 -30.78 -108.52 8.46
CA GLY P 533 -29.99 -107.37 8.82
C GLY P 533 -30.81 -106.25 9.42
N TYR P 534 -31.49 -106.54 10.52
CA TYR P 534 -32.33 -105.55 11.20
C TYR P 534 -31.48 -104.41 11.75
N ASP P 535 -31.97 -103.18 11.57
CA ASP P 535 -31.32 -102.01 12.16
C ASP P 535 -32.33 -101.12 12.88
N LEU P 536 -33.52 -101.63 13.16
CA LEU P 536 -34.54 -100.93 13.91
C LEU P 536 -35.08 -101.86 14.99
N CYS P 537 -35.35 -101.32 16.17
CA CYS P 537 -35.99 -102.12 17.20
C CYS P 537 -36.77 -101.23 18.15
N PHE P 538 -37.78 -101.84 18.77
CA PHE P 538 -38.55 -101.20 19.83
C PHE P 538 -38.91 -102.26 20.86
N LEU P 539 -38.59 -101.99 22.12
CA LEU P 539 -38.69 -102.97 23.19
C LEU P 539 -39.60 -102.45 24.30
N ASN P 540 -40.48 -103.31 24.79
CA ASN P 540 -41.37 -102.97 25.89
C ASN P 540 -41.55 -104.23 26.75
N GLU P 541 -42.56 -104.20 27.63
CA GLU P 541 -42.75 -105.28 28.58
C GLU P 541 -43.49 -106.48 28.00
N LYS P 542 -44.06 -106.35 26.80
CA LYS P 542 -44.86 -107.42 26.22
C LYS P 542 -44.19 -108.11 25.03
N GLY P 543 -43.23 -107.45 24.38
CA GLY P 543 -42.59 -108.07 23.24
C GLY P 543 -41.44 -107.22 22.75
N THR P 544 -41.02 -107.49 21.51
CA THR P 544 -40.05 -106.66 20.82
C THR P 544 -40.42 -106.60 19.35
N LEU P 545 -39.99 -105.53 18.69
CA LEU P 545 -40.32 -105.32 17.29
C LEU P 545 -39.04 -104.94 16.56
N PHE P 546 -38.59 -105.79 15.65
CA PHE P 546 -37.45 -105.53 14.81
C PHE P 546 -37.92 -105.02 13.45
N GLY P 547 -37.09 -104.19 12.84
CA GLY P 547 -37.42 -103.63 11.53
C GLY P 547 -36.17 -103.46 10.70
N GLN P 548 -36.33 -103.63 9.40
CA GLN P 548 -35.26 -103.42 8.43
C GLN P 548 -35.55 -102.14 7.67
N SER P 549 -34.52 -101.30 7.51
CA SER P 549 -34.72 -99.98 6.94
C SER P 549 -34.94 -100.00 5.43
N LYS P 550 -34.28 -100.91 4.72
CA LYS P 550 -34.31 -100.87 3.26
C LYS P 550 -35.42 -101.72 2.66
N THR P 551 -35.47 -103.01 3.01
CA THR P 551 -36.46 -103.90 2.42
C THR P 551 -37.82 -103.82 3.11
N GLY P 552 -37.92 -103.13 4.24
CA GLY P 552 -39.20 -102.95 4.90
C GLY P 552 -39.77 -104.16 5.58
N GLN P 553 -38.93 -105.13 5.96
CA GLN P 553 -39.42 -106.38 6.56
C GLN P 553 -39.31 -106.26 8.08
N ILE P 554 -40.46 -106.14 8.75
CA ILE P 554 -40.50 -106.02 10.20
C ILE P 554 -40.96 -107.35 10.78
N GLN P 555 -40.67 -107.53 12.07
CA GLN P 555 -40.93 -108.79 12.76
C GLN P 555 -41.23 -108.51 14.22
N TYR P 556 -42.36 -109.03 14.70
CA TYR P 556 -42.74 -108.87 16.10
C TYR P 556 -42.55 -110.20 16.82
N ARG P 557 -41.77 -110.15 17.91
CA ARG P 557 -41.51 -111.33 18.73
C ARG P 557 -42.07 -111.11 20.12
N PRO P 558 -43.12 -111.82 20.53
CA PRO P 558 -43.59 -111.72 21.91
C PRO P 558 -42.63 -112.44 22.87
N HIS P 559 -42.87 -112.20 24.16
CA HIS P 559 -41.97 -112.65 25.21
C HIS P 559 -42.42 -113.95 25.88
N ASP P 560 -43.44 -114.62 25.34
CA ASP P 560 -43.99 -115.81 25.97
C ASP P 560 -44.08 -116.95 24.97
N SER P 561 -44.23 -118.16 25.51
CA SER P 561 -44.32 -119.36 24.68
C SER P 561 -45.70 -119.52 24.04
N ILE P 562 -46.74 -118.99 24.68
CA ILE P 562 -48.10 -119.15 24.16
C ILE P 562 -48.29 -118.35 22.88
N HIS P 563 -47.85 -117.09 22.89
CA HIS P 563 -47.88 -116.28 21.68
C HIS P 563 -46.76 -116.68 20.73
N SER P 564 -46.87 -116.26 19.48
CA SER P 564 -45.90 -116.61 18.46
C SER P 564 -45.45 -115.35 17.73
N ASN P 565 -44.25 -115.41 17.17
CA ASN P 565 -43.71 -114.31 16.39
C ASN P 565 -44.43 -114.21 15.05
N TRP P 566 -44.33 -113.04 14.44
CA TRP P 566 -44.79 -112.92 13.05
C TRP P 566 -43.87 -111.95 12.31
N THR P 567 -43.87 -112.09 10.98
CA THR P 567 -43.02 -111.29 10.12
C THR P 567 -43.87 -110.74 8.97
N LYS P 568 -43.76 -109.45 8.72
CA LYS P 568 -44.53 -108.81 7.65
C LYS P 568 -43.64 -107.86 6.88
N ILE P 569 -43.72 -107.92 5.55
CA ILE P 569 -43.02 -107.00 4.68
C ILE P 569 -43.93 -105.80 4.44
N ILE P 570 -43.34 -104.62 4.31
CA ILE P 570 -44.08 -103.37 4.19
C ILE P 570 -43.81 -102.76 2.82
N PRO P 571 -44.83 -102.31 2.09
CA PRO P 571 -44.58 -101.71 0.78
C PRO P 571 -43.88 -100.37 0.89
N LEU P 572 -42.87 -100.19 0.04
CA LEU P 572 -42.06 -98.98 0.00
C LEU P 572 -41.89 -98.55 -1.44
N GLN P 573 -41.74 -97.24 -1.64
CA GLN P 573 -41.51 -96.69 -2.96
C GLN P 573 -40.01 -96.64 -3.24
N ALA P 574 -39.61 -95.98 -4.32
CA ALA P 574 -38.20 -95.85 -4.65
C ALA P 574 -37.55 -94.85 -3.72
N GLY P 575 -36.48 -95.26 -3.05
CA GLY P 575 -35.78 -94.41 -2.11
C GLY P 575 -36.46 -94.23 -0.77
N GLU P 576 -37.49 -95.02 -0.48
CA GLU P 576 -38.21 -94.93 0.78
C GLU P 576 -37.59 -95.88 1.81
N ARG P 577 -37.51 -95.40 3.04
CA ARG P 577 -36.91 -96.17 4.13
C ARG P 577 -37.79 -96.02 5.37
N ILE P 578 -37.94 -97.11 6.11
CA ILE P 578 -38.57 -97.03 7.42
C ILE P 578 -37.57 -96.40 8.38
N THR P 579 -37.94 -95.27 8.97
CA THR P 579 -36.97 -94.55 9.80
C THR P 579 -37.04 -94.95 11.27
N SER P 580 -38.21 -95.32 11.77
CA SER P 580 -38.36 -95.71 13.16
C SER P 580 -39.68 -96.47 13.31
N VAL P 581 -39.73 -97.35 14.32
CA VAL P 581 -40.91 -98.16 14.59
C VAL P 581 -41.28 -98.04 16.07
N ALA P 582 -42.54 -98.36 16.36
CA ALA P 582 -43.06 -98.33 17.72
C ALA P 582 -43.95 -99.53 17.95
N ALA P 583 -43.86 -100.12 19.14
CA ALA P 583 -44.59 -101.34 19.47
C ALA P 583 -45.23 -101.23 20.84
N THR P 584 -46.50 -101.60 20.92
CA THR P 584 -47.27 -101.68 22.16
C THR P 584 -47.99 -103.02 22.16
N PRO P 585 -48.50 -103.45 23.33
CA PRO P 585 -49.44 -104.58 23.35
C PRO P 585 -50.78 -104.33 22.68
N VAL P 586 -51.07 -103.12 22.21
CA VAL P 586 -52.30 -102.81 21.49
C VAL P 586 -52.02 -102.54 20.02
N ARG P 587 -50.97 -101.79 19.70
CA ARG P 587 -50.71 -101.33 18.35
C ARG P 587 -49.25 -101.55 17.97
N VAL P 588 -49.02 -101.58 16.66
CA VAL P 588 -47.68 -101.62 16.07
C VAL P 588 -47.62 -100.51 15.03
N ILE P 589 -46.68 -99.58 15.18
CA ILE P 589 -46.66 -98.35 14.40
C ILE P 589 -45.36 -98.30 13.61
N VAL P 590 -45.47 -98.05 12.30
CA VAL P 590 -44.33 -97.99 11.40
C VAL P 590 -44.35 -96.65 10.69
N GLY P 591 -43.23 -95.92 10.77
CA GLY P 591 -43.10 -94.67 10.06
C GLY P 591 -42.00 -94.67 9.02
N THR P 592 -42.33 -94.30 7.78
CA THR P 592 -41.36 -94.33 6.70
C THR P 592 -40.77 -92.94 6.45
N SER P 593 -39.87 -92.87 5.47
CA SER P 593 -39.16 -91.63 5.19
C SER P 593 -39.96 -90.67 4.31
N LEU P 594 -41.04 -91.14 3.67
CA LEU P 594 -41.90 -90.29 2.86
C LEU P 594 -43.21 -89.98 3.55
N GLY P 595 -43.22 -90.02 4.88
CA GLY P 595 -44.38 -89.61 5.64
C GLY P 595 -45.46 -90.66 5.80
N TYR P 596 -45.25 -91.88 5.31
CA TYR P 596 -46.27 -92.91 5.48
C TYR P 596 -46.25 -93.44 6.91
N PHE P 597 -47.45 -93.54 7.49
CA PHE P 597 -47.68 -93.85 8.88
C PHE P 597 -48.65 -95.04 8.90
N ARG P 598 -48.13 -96.21 9.22
CA ARG P 598 -48.88 -97.45 9.11
C ARG P 598 -49.11 -98.03 10.49
N SER P 599 -50.38 -98.19 10.87
CA SER P 599 -50.76 -98.67 12.18
C SER P 599 -51.44 -100.02 12.04
N PHE P 600 -50.90 -101.01 12.74
CA PHE P 600 -51.40 -102.37 12.79
C PHE P 600 -51.78 -102.65 14.25
N ASN P 601 -52.45 -103.77 14.48
CA ASN P 601 -52.52 -104.22 15.86
C ASN P 601 -51.38 -105.19 16.15
N GLN P 602 -51.39 -105.77 17.35
CA GLN P 602 -50.24 -106.56 17.79
C GLN P 602 -50.24 -107.96 17.20
N PHE P 603 -51.29 -108.33 16.47
CA PHE P 603 -51.39 -109.62 15.79
C PHE P 603 -51.12 -109.53 14.30
N GLY P 604 -50.61 -108.40 13.83
CA GLY P 604 -50.24 -108.25 12.43
C GLY P 604 -51.40 -108.11 11.46
N VAL P 605 -52.45 -107.40 11.86
CA VAL P 605 -53.58 -107.11 10.99
C VAL P 605 -53.61 -105.60 10.76
N PRO P 606 -53.65 -105.12 9.52
CA PRO P 606 -53.57 -103.68 9.26
C PRO P 606 -54.83 -102.95 9.73
N PHE P 607 -54.62 -101.76 10.27
CA PHE P 607 -55.71 -100.86 10.64
C PHE P 607 -55.72 -99.56 9.84
N ALA P 608 -54.59 -98.87 9.75
CA ALA P 608 -54.63 -97.55 9.12
C ALA P 608 -53.35 -97.29 8.34
N VAL P 609 -53.51 -96.58 7.22
CA VAL P 609 -52.40 -96.02 6.46
C VAL P 609 -52.67 -94.54 6.28
N GLU P 610 -51.74 -93.70 6.72
CA GLU P 610 -51.90 -92.25 6.70
C GLU P 610 -50.65 -91.65 6.11
N LYS P 611 -50.76 -90.46 5.52
CA LYS P 611 -49.58 -89.71 5.11
C LYS P 611 -49.43 -88.47 5.98
N THR P 612 -48.28 -88.34 6.62
CA THR P 612 -47.97 -87.21 7.49
C THR P 612 -46.69 -86.55 7.01
N SER P 613 -46.15 -85.63 7.79
CA SER P 613 -44.80 -85.14 7.55
C SER P 613 -43.81 -86.28 7.79
N PRO P 614 -42.66 -86.27 7.10
CA PRO P 614 -41.74 -87.43 7.17
C PRO P 614 -41.16 -87.66 8.55
N ILE P 615 -41.31 -88.89 9.04
CA ILE P 615 -41.08 -89.24 10.43
C ILE P 615 -39.61 -89.59 10.61
N VAL P 616 -38.99 -89.04 11.65
CA VAL P 616 -37.63 -89.40 12.04
C VAL P 616 -37.57 -90.17 13.34
N ALA P 617 -38.68 -90.29 14.08
CA ALA P 617 -38.66 -90.88 15.41
C ALA P 617 -40.06 -91.28 15.82
N LEU P 618 -40.17 -92.42 16.51
CA LEU P 618 -41.44 -92.88 17.09
C LEU P 618 -41.20 -93.44 18.48
N THR P 619 -42.14 -93.19 19.37
CA THR P 619 -42.25 -93.91 20.63
C THR P 619 -43.73 -94.04 20.94
N ALA P 620 -44.05 -95.00 21.80
CA ALA P 620 -45.45 -95.30 22.07
C ALA P 620 -45.60 -95.92 23.44
N GLN P 621 -46.79 -95.78 24.00
CA GLN P 621 -47.12 -96.36 25.29
C GLN P 621 -48.63 -96.62 25.31
N ASN P 622 -49.00 -97.90 25.27
CA ASN P 622 -50.37 -98.39 25.22
C ASN P 622 -51.16 -97.80 24.05
N TYR P 623 -52.14 -96.96 24.36
CA TYR P 623 -53.01 -96.38 23.34
C TYR P 623 -52.41 -95.15 22.68
N ARG P 624 -51.24 -94.70 23.11
CA ARG P 624 -50.70 -93.39 22.78
C ARG P 624 -49.45 -93.54 21.94
N VAL P 625 -49.28 -92.64 20.96
CA VAL P 625 -48.08 -92.59 20.15
C VAL P 625 -47.62 -91.13 20.06
N PHE P 626 -46.30 -90.94 19.99
CA PHE P 626 -45.67 -89.64 19.98
C PHE P 626 -44.61 -89.65 18.88
N SER P 627 -44.83 -88.86 17.84
CA SER P 627 -44.07 -88.91 16.60
C SER P 627 -43.25 -87.63 16.48
N VAL P 628 -42.05 -87.75 15.95
CA VAL P 628 -41.22 -86.59 15.60
C VAL P 628 -41.06 -86.58 14.10
N HIS P 629 -41.36 -85.43 13.48
CA HIS P 629 -41.31 -85.26 12.04
C HIS P 629 -40.30 -84.18 11.70
N TYR P 630 -39.53 -84.40 10.64
CA TYR P 630 -38.59 -83.40 10.15
C TYR P 630 -38.61 -83.38 8.64
N SER P 631 -38.60 -82.17 8.07
CA SER P 631 -38.45 -81.99 6.64
C SER P 631 -37.79 -80.66 6.37
N GLN P 632 -37.22 -80.54 5.16
CA GLN P 632 -36.71 -79.25 4.73
C GLN P 632 -37.84 -78.32 4.32
N PHE P 633 -39.03 -78.87 4.05
CA PHE P 633 -40.20 -78.10 3.63
C PHE P 633 -41.26 -78.03 4.72
N HIS P 634 -41.02 -78.67 5.86
CA HIS P 634 -41.95 -78.64 6.99
C HIS P 634 -41.29 -78.28 8.32
N GLY P 635 -39.96 -78.25 8.39
CA GLY P 635 -39.28 -77.95 9.63
C GLY P 635 -39.31 -79.12 10.60
N LEU P 636 -39.24 -78.77 11.88
CA LEU P 636 -39.50 -79.73 12.95
C LEU P 636 -40.98 -79.76 13.31
N SER P 637 -41.44 -80.91 13.77
CA SER P 637 -42.80 -81.07 14.25
C SER P 637 -42.84 -82.28 15.17
N TYR P 638 -43.86 -82.31 16.03
CA TYR P 638 -44.18 -83.52 16.77
C TYR P 638 -45.70 -83.70 16.76
N SER P 639 -46.12 -84.94 16.62
CA SER P 639 -47.54 -85.29 16.64
C SER P 639 -47.81 -86.25 17.78
N LEU P 640 -48.72 -85.89 18.65
CA LEU P 640 -49.07 -86.74 19.79
C LEU P 640 -50.53 -87.13 19.67
N SER P 641 -50.80 -88.44 19.74
CA SER P 641 -52.17 -88.89 19.53
C SER P 641 -52.45 -90.12 20.37
N GLU P 642 -53.74 -90.37 20.58
CA GLU P 642 -54.22 -91.49 21.39
C GLU P 642 -55.52 -92.00 20.78
N LEU P 643 -55.65 -93.32 20.70
CA LEU P 643 -56.90 -93.91 20.22
C LEU P 643 -58.03 -93.70 21.22
N GLY P 644 -59.20 -93.35 20.69
CA GLY P 644 -60.41 -93.30 21.48
C GLY P 644 -61.13 -94.63 21.49
N THR P 645 -62.38 -94.59 21.97
CA THR P 645 -63.18 -95.81 22.00
C THR P 645 -63.70 -96.20 20.62
N SER P 646 -63.77 -95.25 19.68
CA SER P 646 -64.25 -95.54 18.34
C SER P 646 -63.42 -94.94 17.21
N SER P 647 -62.55 -93.97 17.49
CA SER P 647 -61.76 -93.32 16.43
C SER P 647 -60.50 -92.74 17.04
N LYS P 648 -59.55 -92.41 16.16
CA LYS P 648 -58.28 -91.84 16.59
C LYS P 648 -58.46 -90.37 16.95
N ARG P 649 -57.79 -89.95 18.02
CA ARG P 649 -57.81 -88.57 18.49
C ARG P 649 -56.39 -88.04 18.53
N TYR P 650 -56.15 -86.92 17.86
CA TYR P 650 -54.84 -86.30 17.80
C TYR P 650 -54.78 -85.15 18.78
N TYR P 651 -53.96 -85.31 19.83
CA TYR P 651 -53.75 -84.22 20.78
C TYR P 651 -52.97 -83.08 20.15
N LYS P 652 -51.95 -83.41 19.36
CA LYS P 652 -51.13 -82.41 18.69
C LYS P 652 -50.84 -82.88 17.27
N ARG P 653 -51.27 -82.09 16.29
CA ARG P 653 -51.03 -82.33 14.87
C ARG P 653 -49.86 -81.46 14.43
N GLU P 654 -48.65 -82.06 14.49
CA GLU P 654 -47.41 -81.51 13.90
C GLU P 654 -47.06 -80.11 14.40
N CYS P 655 -47.32 -79.85 15.68
CA CYS P 655 -46.88 -78.62 16.28
C CYS P 655 -45.36 -78.61 16.37
N PRO P 656 -44.72 -77.43 16.28
CA PRO P 656 -43.25 -77.39 16.27
C PRO P 656 -42.64 -77.83 17.59
N LEU P 657 -41.52 -78.54 17.48
CA LEU P 657 -40.83 -79.12 18.62
C LEU P 657 -39.62 -78.28 18.97
N PRO P 658 -39.52 -77.74 20.19
CA PRO P 658 -38.40 -76.88 20.57
C PRO P 658 -37.13 -77.63 20.99
N MET P 659 -36.64 -78.49 20.10
CA MET P 659 -35.41 -79.23 20.34
C MET P 659 -34.33 -78.70 19.42
N SER P 660 -33.15 -78.45 19.98
CA SER P 660 -32.03 -77.90 19.21
C SER P 660 -31.32 -79.02 18.48
N LEU P 661 -31.22 -78.90 17.15
CA LEU P 661 -30.50 -79.86 16.34
C LEU P 661 -29.00 -79.75 16.61
N PRO P 662 -28.24 -80.83 16.40
CA PRO P 662 -26.79 -80.78 16.65
C PRO P 662 -26.07 -79.86 15.68
N ASN P 663 -25.00 -79.24 16.18
CA ASN P 663 -24.15 -78.37 15.37
C ASN P 663 -22.96 -79.18 14.87
N ILE P 664 -22.80 -79.23 13.55
CA ILE P 664 -21.65 -79.91 12.95
C ILE P 664 -20.36 -79.14 13.23
N ASN P 665 -20.46 -77.81 13.38
CA ASN P 665 -19.31 -76.94 13.69
C ASN P 665 -18.65 -77.29 15.03
N LYS P 670 -12.93 -84.18 16.62
CA LYS P 670 -14.33 -84.24 17.02
C LYS P 670 -14.99 -85.48 16.44
N ASP P 671 -14.27 -86.60 16.50
CA ASP P 671 -14.75 -87.86 15.94
C ASP P 671 -15.84 -88.49 16.80
N ALA P 672 -15.97 -88.09 18.07
CA ALA P 672 -17.07 -88.57 18.90
C ALA P 672 -18.41 -88.00 18.45
N ASN P 673 -18.41 -86.84 17.80
CA ASN P 673 -19.61 -86.24 17.24
C ASN P 673 -19.81 -86.60 15.77
N LEU P 674 -18.74 -86.63 14.99
CA LEU P 674 -18.84 -86.86 13.55
C LEU P 674 -19.15 -88.31 13.21
N ASP P 675 -18.94 -89.24 14.14
CA ASP P 675 -19.33 -90.63 13.91
C ASP P 675 -20.72 -90.94 14.43
N TYR P 676 -21.24 -90.12 15.35
CA TYR P 676 -22.60 -90.29 15.85
C TYR P 676 -23.61 -89.50 15.04
N TYR P 677 -23.29 -88.25 14.69
CA TYR P 677 -24.21 -87.44 13.90
C TYR P 677 -24.25 -87.87 12.43
N ASN P 678 -23.26 -88.65 11.97
CA ASN P 678 -23.39 -89.30 10.68
C ASN P 678 -24.37 -90.45 10.76
N PHE P 679 -24.53 -91.05 11.94
CA PHE P 679 -25.47 -92.14 12.18
C PHE P 679 -26.85 -91.62 12.57
N ASN P 680 -26.92 -90.64 13.47
CA ASN P 680 -28.16 -90.03 13.92
C ASN P 680 -28.09 -88.55 13.59
N PRO P 681 -28.60 -88.13 12.43
CA PRO P 681 -28.45 -86.73 12.02
C PRO P 681 -29.27 -85.76 12.83
N MET P 682 -30.40 -86.18 13.40
CA MET P 682 -31.25 -85.29 14.16
C MET P 682 -30.78 -85.08 15.59
N GLY P 683 -29.86 -85.90 16.09
CA GLY P 683 -29.35 -85.74 17.43
C GLY P 683 -30.30 -86.17 18.53
N ILE P 684 -31.43 -86.78 18.19
CA ILE P 684 -32.36 -87.27 19.19
C ILE P 684 -31.76 -88.51 19.85
N LYS P 685 -31.29 -88.35 21.09
CA LYS P 685 -30.73 -89.51 21.77
C LYS P 685 -31.81 -90.49 22.19
N SER P 686 -32.94 -90.01 22.69
CA SER P 686 -34.02 -90.92 23.06
C SER P 686 -35.36 -90.21 23.06
N LEU P 687 -36.41 -91.00 22.84
CA LEU P 687 -37.78 -90.64 23.20
C LEU P 687 -38.29 -91.65 24.20
N PHE P 688 -38.97 -91.19 25.23
CA PHE P 688 -39.63 -92.11 26.15
C PHE P 688 -40.83 -91.44 26.78
N PHE P 689 -41.92 -92.19 26.89
CA PHE P 689 -42.99 -91.78 27.77
C PHE P 689 -42.55 -92.02 29.21
N SER P 690 -42.77 -91.04 30.07
CA SER P 690 -42.54 -91.23 31.49
C SER P 690 -43.57 -92.20 32.05
N SER P 691 -43.29 -92.73 33.24
CA SER P 691 -44.13 -93.76 33.85
C SER P 691 -45.52 -93.26 34.23
N TYR P 692 -45.74 -91.95 34.24
CA TYR P 692 -47.07 -91.37 34.44
C TYR P 692 -47.70 -90.91 33.13
N GLY P 693 -47.14 -91.30 31.99
CA GLY P 693 -47.77 -91.05 30.70
C GLY P 693 -47.36 -89.79 29.98
N ASP P 694 -46.27 -89.14 30.37
CA ASP P 694 -45.97 -87.89 29.68
C ASP P 694 -44.81 -88.07 28.71
N PRO P 695 -44.88 -87.45 27.53
CA PRO P 695 -43.79 -87.60 26.56
C PRO P 695 -42.55 -86.83 26.96
N CYS P 696 -41.39 -87.45 26.74
CA CYS P 696 -40.11 -86.83 27.04
C CYS P 696 -39.15 -87.14 25.91
N ILE P 697 -38.33 -86.15 25.55
CA ILE P 697 -37.34 -86.29 24.49
C ILE P 697 -35.99 -85.80 24.99
N PHE P 698 -34.96 -86.60 24.77
CA PHE P 698 -33.58 -86.27 25.13
C PHE P 698 -32.82 -86.11 23.81
N GLY P 699 -32.44 -84.86 23.51
CA GLY P 699 -31.80 -84.54 22.25
C GLY P 699 -30.32 -84.25 22.40
N SER P 700 -29.76 -83.62 21.36
CA SER P 700 -28.33 -83.36 21.28
C SER P 700 -27.87 -82.23 22.17
N ASP P 701 -28.78 -81.41 22.69
CA ASP P 701 -28.41 -80.35 23.62
C ASP P 701 -28.29 -80.84 25.05
N ASN P 702 -28.47 -82.15 25.27
CA ASN P 702 -28.35 -82.82 26.58
C ASN P 702 -29.29 -82.22 27.62
N THR P 703 -30.49 -81.84 27.21
CA THR P 703 -31.55 -81.48 28.13
C THR P 703 -32.78 -82.30 27.80
N LEU P 704 -33.53 -82.65 28.84
CA LEU P 704 -34.68 -83.54 28.72
C LEU P 704 -35.93 -82.68 28.68
N LEU P 705 -36.66 -82.75 27.58
CA LEU P 705 -37.85 -81.93 27.40
C LEU P 705 -39.08 -82.79 27.67
N LEU P 706 -39.89 -82.37 28.63
CA LEU P 706 -41.14 -83.04 28.99
C LEU P 706 -42.29 -82.20 28.49
N LEU P 707 -43.26 -82.86 27.85
CA LEU P 707 -44.48 -82.18 27.41
C LEU P 707 -45.47 -82.20 28.56
N SER P 708 -45.73 -81.03 29.15
CA SER P 708 -46.57 -80.91 30.32
C SER P 708 -47.93 -80.36 29.94
N LYS P 709 -48.97 -80.86 30.63
CA LYS P 709 -50.38 -80.49 30.42
C LYS P 709 -50.81 -80.70 28.96
N TRP P 710 -50.38 -81.82 28.38
CA TRP P 710 -50.66 -82.10 26.98
C TRP P 710 -52.11 -82.51 26.75
N ARG P 711 -52.82 -82.95 27.78
CA ARG P 711 -54.22 -83.33 27.63
C ARG P 711 -55.11 -82.13 27.35
N SER P 712 -54.68 -80.94 27.75
CA SER P 712 -55.32 -79.70 27.33
C SER P 712 -54.40 -79.02 26.33
N PRO P 713 -54.67 -79.11 25.02
CA PRO P 713 -53.72 -78.58 24.03
C PRO P 713 -53.68 -77.07 23.97
N GLU P 714 -54.62 -76.38 24.62
CA GLU P 714 -54.62 -74.93 24.59
C GLU P 714 -53.52 -74.34 25.46
N GLU P 715 -53.11 -75.05 26.52
CA GLU P 715 -52.17 -74.50 27.50
C GLU P 715 -51.06 -75.49 27.85
N SER P 716 -50.55 -76.21 26.86
CA SER P 716 -49.43 -77.12 27.09
C SER P 716 -48.11 -76.43 26.81
N LYS P 717 -47.04 -76.97 27.41
CA LYS P 717 -45.72 -76.36 27.29
C LYS P 717 -44.66 -77.43 27.52
N TRP P 718 -43.44 -77.14 27.04
CA TRP P 718 -42.30 -78.03 27.15
C TRP P 718 -41.41 -77.58 28.29
N LEU P 719 -41.10 -78.49 29.21
CA LEU P 719 -40.31 -78.16 30.39
C LEU P 719 -38.95 -78.82 30.32
N PRO P 720 -37.86 -78.05 30.24
CA PRO P 720 -36.51 -78.64 30.26
C PRO P 720 -36.07 -79.03 31.68
N ILE P 721 -36.61 -80.14 32.17
CA ILE P 721 -36.48 -80.47 33.59
C ILE P 721 -35.12 -81.01 34.00
N LEU P 722 -34.23 -81.32 33.05
CA LEU P 722 -32.92 -81.85 33.40
C LEU P 722 -31.94 -81.45 32.31
N ASP P 723 -31.03 -80.53 32.64
CA ASP P 723 -29.97 -80.09 31.72
C ASP P 723 -28.69 -80.83 32.14
N SER P 724 -28.37 -81.91 31.40
CA SER P 724 -27.42 -82.93 31.87
C SER P 724 -26.02 -82.38 32.07
N ASN P 725 -25.59 -81.45 31.21
CA ASN P 725 -24.31 -80.79 31.33
C ASN P 725 -24.15 -80.06 32.66
N MET P 726 -25.23 -79.53 33.22
CA MET P 726 -25.17 -78.87 34.51
C MET P 726 -24.92 -79.85 35.67
N GLU P 727 -25.59 -81.01 35.69
CA GLU P 727 -25.27 -81.97 36.76
C GLU P 727 -23.90 -82.60 36.58
N ILE P 728 -23.45 -82.80 35.34
CA ILE P 728 -22.10 -83.31 35.14
C ILE P 728 -21.07 -82.27 35.57
N TRP P 729 -21.36 -80.99 35.34
CA TRP P 729 -20.51 -79.91 35.83
C TRP P 729 -20.53 -79.79 37.35
N LYS P 730 -21.68 -80.07 37.96
CA LYS P 730 -21.79 -80.00 39.42
C LYS P 730 -21.05 -81.15 40.09
N MET P 731 -21.22 -82.38 39.58
CA MET P 731 -20.68 -83.55 40.24
C MET P 731 -19.16 -83.64 40.12
N SER P 732 -18.55 -82.91 39.18
CA SER P 732 -17.11 -82.82 39.12
C SER P 732 -16.55 -81.77 40.08
N GLY P 733 -17.40 -80.97 40.70
CA GLY P 733 -16.96 -79.93 41.59
C GLY P 733 -16.68 -78.62 40.89
N GLY P 734 -17.57 -78.24 39.97
CA GLY P 734 -17.36 -77.04 39.17
C GLY P 734 -16.20 -77.14 38.21
N LYS P 735 -15.96 -78.32 37.64
CA LYS P 735 -14.84 -78.55 36.75
C LYS P 735 -15.36 -79.03 35.40
N GLU P 736 -14.78 -78.48 34.33
CA GLU P 736 -15.13 -78.94 32.99
C GLU P 736 -14.57 -80.34 32.75
N THR P 737 -15.34 -81.16 32.04
CA THR P 737 -14.92 -82.51 31.72
C THR P 737 -15.48 -82.91 30.36
N THR P 738 -14.79 -83.86 29.72
CA THR P 738 -15.20 -84.37 28.42
C THR P 738 -15.35 -85.88 28.37
N ASP P 739 -15.03 -86.60 29.43
CA ASP P 739 -15.10 -88.06 29.44
C ASP P 739 -16.35 -88.58 30.12
N ILE P 740 -17.25 -87.70 30.57
CA ILE P 740 -18.49 -88.10 31.23
C ILE P 740 -19.65 -87.55 30.41
N HIS P 741 -20.51 -88.45 29.92
CA HIS P 741 -21.70 -88.07 29.17
C HIS P 741 -22.88 -88.90 29.69
N VAL P 742 -24.07 -88.54 29.22
CA VAL P 742 -25.32 -89.08 29.75
C VAL P 742 -26.05 -89.81 28.62
N TRP P 743 -26.46 -91.04 28.88
CA TRP P 743 -27.24 -91.84 27.93
C TRP P 743 -28.55 -92.26 28.57
N PRO P 744 -29.68 -91.68 28.19
CA PRO P 744 -30.93 -91.92 28.92
C PRO P 744 -31.61 -93.21 28.52
N LEU P 745 -32.38 -93.75 29.47
CA LEU P 745 -33.22 -94.91 29.22
C LEU P 745 -34.70 -94.60 29.43
N ALA P 746 -35.07 -94.08 30.60
CA ALA P 746 -36.44 -93.73 30.92
C ALA P 746 -36.41 -92.71 32.04
N LEU P 747 -37.55 -92.04 32.25
CA LEU P 747 -37.61 -90.99 33.26
C LEU P 747 -38.21 -91.45 34.58
N ALA P 748 -39.22 -92.33 34.54
CA ALA P 748 -40.07 -92.73 35.66
C ALA P 748 -40.68 -91.51 36.33
N TYR P 749 -40.46 -91.35 37.64
CA TYR P 749 -41.11 -90.27 38.37
C TYR P 749 -40.23 -89.01 38.43
N ASP P 750 -39.05 -89.13 39.03
CA ASP P 750 -38.14 -87.99 39.08
C ASP P 750 -36.68 -88.34 38.80
N THR P 751 -36.31 -89.61 38.81
CA THR P 751 -34.93 -90.02 38.63
C THR P 751 -34.79 -90.60 37.23
N LEU P 752 -34.18 -89.83 36.34
CA LEU P 752 -33.84 -90.28 35.00
C LEU P 752 -32.85 -91.43 35.07
N ASN P 753 -33.30 -92.62 34.66
CA ASN P 753 -32.42 -93.79 34.57
C ASN P 753 -31.47 -93.58 33.41
N CYS P 754 -30.22 -93.25 33.72
CA CYS P 754 -29.24 -92.94 32.68
C CYS P 754 -27.95 -93.69 32.97
N ILE P 755 -27.19 -93.94 31.92
CA ILE P 755 -25.91 -94.62 32.00
C ILE P 755 -24.83 -93.58 31.78
N LEU P 756 -23.99 -93.38 32.78
CA LEU P 756 -22.90 -92.41 32.71
C LEU P 756 -21.71 -93.08 32.06
N VAL P 757 -21.47 -92.77 30.80
CA VAL P 757 -20.39 -93.41 30.05
C VAL P 757 -19.06 -92.78 30.44
N LYS P 758 -18.02 -93.58 30.39
CA LYS P 758 -16.65 -93.13 30.62
C LYS P 758 -15.82 -93.43 29.38
N GLY P 759 -15.20 -92.41 28.82
CA GLY P 759 -14.40 -92.54 27.62
C GLY P 759 -14.69 -91.43 26.63
N LYS P 760 -14.02 -91.51 25.48
CA LYS P 760 -14.16 -90.49 24.46
C LYS P 760 -15.51 -90.62 23.74
N HIS P 761 -15.97 -91.85 23.53
CA HIS P 761 -17.22 -92.08 22.81
C HIS P 761 -18.42 -91.67 23.66
N ILE P 762 -19.35 -90.97 23.04
CA ILE P 762 -20.60 -90.59 23.71
C ILE P 762 -21.48 -91.80 23.94
N TRP P 763 -21.62 -92.66 22.93
CA TRP P 763 -22.43 -93.85 23.06
C TRP P 763 -21.74 -94.87 23.97
N PRO P 764 -22.51 -95.71 24.66
CA PRO P 764 -21.90 -96.78 25.47
C PRO P 764 -21.22 -97.82 24.60
N GLU P 765 -20.24 -98.50 25.19
CA GLU P 765 -19.52 -99.57 24.52
C GLU P 765 -20.30 -100.89 24.71
N PHE P 766 -19.66 -102.02 24.37
CA PHE P 766 -20.33 -103.31 24.51
C PHE P 766 -20.61 -103.71 25.96
N PRO P 767 -19.66 -103.61 26.95
CA PRO P 767 -20.10 -103.85 28.33
C PRO P 767 -20.89 -102.68 28.88
N LEU P 768 -22.18 -102.88 29.05
CA LEU P 768 -23.03 -101.84 29.63
C LEU P 768 -22.74 -101.67 31.12
N PRO P 769 -22.53 -100.45 31.59
CA PRO P 769 -22.45 -100.22 33.03
C PRO P 769 -23.82 -100.37 33.68
N LEU P 770 -23.81 -100.37 35.00
CA LEU P 770 -25.06 -100.43 35.75
C LEU P 770 -25.83 -99.11 35.55
N PRO P 771 -27.12 -99.18 35.21
CA PRO P 771 -27.87 -97.94 34.94
C PRO P 771 -28.11 -97.11 36.19
N SER P 772 -27.43 -95.97 36.28
CA SER P 772 -27.57 -95.11 37.43
C SER P 772 -28.83 -94.25 37.30
N GLU P 773 -29.08 -93.43 38.31
CA GLU P 773 -30.20 -92.51 38.30
C GLU P 773 -29.71 -91.09 38.55
N MET P 774 -30.33 -90.14 37.86
CA MET P 774 -30.03 -88.73 38.05
C MET P 774 -31.31 -88.00 38.42
N GLU P 775 -31.29 -87.26 39.53
CA GLU P 775 -32.45 -86.47 39.91
C GLU P 775 -32.57 -85.26 38.99
N ILE P 776 -33.81 -84.87 38.75
CA ILE P 776 -34.09 -83.76 37.85
C ILE P 776 -33.78 -82.44 38.55
N ARG P 777 -33.09 -81.54 37.85
CA ARG P 777 -32.80 -80.21 38.36
C ARG P 777 -33.20 -79.19 37.30
N MET P 778 -33.97 -78.19 37.71
CA MET P 778 -34.40 -77.16 36.77
C MET P 778 -33.24 -76.24 36.41
N PRO P 779 -33.17 -75.75 35.17
CA PRO P 779 -32.00 -74.93 34.75
C PRO P 779 -32.11 -73.48 35.24
N VAL P 780 -31.93 -73.32 36.55
CA VAL P 780 -31.99 -72.00 37.17
C VAL P 780 -30.60 -71.48 37.53
N PHE P 781 -29.65 -72.37 37.80
CA PHE P 781 -28.37 -72.01 38.40
C PHE P 781 -27.47 -71.32 37.37
N VAL P 782 -26.90 -70.19 37.78
CA VAL P 782 -25.86 -69.52 36.98
C VAL P 782 -24.51 -70.07 37.40
N LYS P 783 -23.69 -70.46 36.41
CA LYS P 783 -22.42 -71.10 36.70
C LYS P 783 -21.43 -70.16 37.38
N SER P 784 -21.51 -68.87 37.07
CA SER P 784 -20.58 -67.90 37.64
C SER P 784 -20.80 -67.73 39.14
N LYS P 785 -22.06 -67.74 39.58
CA LYS P 785 -22.34 -67.59 41.00
C LYS P 785 -22.00 -68.86 41.79
N LEU P 786 -22.15 -70.03 41.17
CA LEU P 786 -21.69 -71.26 41.81
C LEU P 786 -20.18 -71.32 41.88
N LEU P 787 -19.47 -70.75 40.90
CA LEU P 787 -18.02 -70.62 41.02
C LEU P 787 -17.63 -69.61 42.09
N GLU P 788 -18.38 -68.53 42.23
CA GLU P 788 -18.02 -67.49 43.18
C GLU P 788 -18.33 -67.88 44.62
N GLU P 789 -19.40 -68.64 44.85
CA GLU P 789 -19.89 -68.92 46.19
C GLU P 789 -19.60 -70.35 46.64
N ASN P 790 -18.50 -70.94 46.17
CA ASN P 790 -18.11 -72.28 46.60
C ASN P 790 -16.59 -72.41 46.67
N GLU P 814 -19.90 -82.69 43.90
CA GLU P 814 -19.35 -82.37 45.22
C GLU P 814 -19.33 -80.85 45.44
N ILE P 815 -20.02 -80.12 44.57
CA ILE P 815 -20.14 -78.67 44.74
C ILE P 815 -21.13 -78.38 45.85
N GLN P 816 -21.05 -77.18 46.41
CA GLN P 816 -21.92 -76.75 47.50
C GLN P 816 -22.85 -75.65 46.99
N ILE P 817 -24.12 -76.02 46.79
CA ILE P 817 -25.13 -75.10 46.30
C ILE P 817 -25.64 -74.26 47.47
N PRO P 818 -25.73 -72.94 47.32
CA PRO P 818 -26.24 -72.10 48.42
C PRO P 818 -27.72 -72.35 48.69
N VAL P 819 -28.17 -71.87 49.85
CA VAL P 819 -29.48 -72.23 50.38
C VAL P 819 -30.60 -71.59 49.58
N SER P 820 -30.43 -70.34 49.16
CA SER P 820 -31.49 -69.62 48.47
C SER P 820 -31.73 -70.16 47.07
N MET P 821 -30.66 -70.45 46.33
CA MET P 821 -30.81 -71.00 44.99
C MET P 821 -31.35 -72.43 45.03
N ALA P 822 -30.95 -73.21 46.04
CA ALA P 822 -31.53 -74.54 46.23
C ALA P 822 -33.02 -74.45 46.56
N ALA P 823 -33.41 -73.45 47.35
CA ALA P 823 -34.83 -73.23 47.64
C ALA P 823 -35.61 -72.84 46.40
N GLU P 824 -35.02 -72.00 45.54
CA GLU P 824 -35.66 -71.61 44.28
C GLU P 824 -35.85 -72.80 43.37
N GLU P 825 -34.80 -73.63 43.23
CA GLU P 825 -34.89 -74.82 42.38
C GLU P 825 -35.89 -75.83 42.94
N GLU P 826 -35.90 -76.02 44.26
CA GLU P 826 -36.85 -76.97 44.87
C GLU P 826 -38.28 -76.48 44.72
N TYR P 827 -38.50 -75.17 44.83
CA TYR P 827 -39.82 -74.59 44.62
C TYR P 827 -40.30 -74.81 43.20
N LEU P 828 -39.46 -74.51 42.20
CA LEU P 828 -39.86 -74.69 40.81
C LEU P 828 -40.07 -76.16 40.45
N ARG P 829 -39.17 -77.04 40.92
CA ARG P 829 -39.26 -78.46 40.61
C ARG P 829 -40.49 -79.08 41.26
N SER P 830 -40.78 -78.72 42.52
CA SER P 830 -41.97 -79.24 43.18
C SER P 830 -43.24 -78.70 42.55
N LYS P 831 -43.20 -77.44 42.06
CA LYS P 831 -44.34 -76.88 41.35
C LYS P 831 -44.67 -77.66 40.08
N VAL P 832 -43.65 -77.89 39.24
CA VAL P 832 -43.93 -78.57 37.97
C VAL P 832 -44.27 -80.05 38.18
N LEU P 833 -43.64 -80.71 39.17
CA LEU P 833 -43.96 -82.11 39.45
C LEU P 833 -45.35 -82.25 40.04
N SER P 834 -45.74 -81.33 40.93
CA SER P 834 -47.07 -81.38 41.53
C SER P 834 -48.15 -81.10 40.49
N GLU P 835 -47.89 -80.16 39.57
CA GLU P 835 -48.86 -79.87 38.52
C GLU P 835 -49.03 -81.07 37.58
N LEU P 836 -47.91 -81.71 37.22
CA LEU P 836 -47.97 -82.89 36.35
C LEU P 836 -48.70 -84.05 37.03
N LEU P 837 -48.42 -84.28 38.31
CA LEU P 837 -49.08 -85.37 39.02
C LEU P 837 -50.56 -85.08 39.25
N THR P 838 -50.91 -83.82 39.52
CA THR P 838 -52.31 -83.45 39.69
C THR P 838 -53.09 -83.66 38.40
N ASP P 839 -52.50 -83.25 37.26
CA ASP P 839 -53.13 -83.49 35.96
C ASP P 839 -53.26 -84.98 35.65
N THR P 840 -52.23 -85.78 36.00
CA THR P 840 -52.24 -87.21 35.71
C THR P 840 -53.32 -87.94 36.51
N LEU P 841 -53.39 -87.69 37.83
CA LEU P 841 -54.41 -88.38 38.62
C LEU P 841 -55.81 -87.82 38.39
N GLU P 842 -55.93 -86.53 38.06
CA GLU P 842 -57.26 -85.99 37.84
C GLU P 842 -57.84 -86.45 36.50
N ASN P 843 -57.02 -86.46 35.44
CA ASN P 843 -57.54 -86.76 34.12
C ASN P 843 -57.37 -88.21 33.70
N ASP P 844 -56.19 -88.79 33.93
CA ASP P 844 -55.92 -90.13 33.41
C ASP P 844 -56.30 -91.24 34.38
N GLY P 845 -56.05 -91.07 35.67
CA GLY P 845 -56.40 -92.06 36.65
C GLY P 845 -55.20 -92.53 37.45
N GLU P 846 -55.48 -93.06 38.63
CA GLU P 846 -54.44 -93.51 39.55
C GLU P 846 -53.83 -94.81 39.04
N MET P 847 -52.50 -94.86 39.00
CA MET P 847 -51.79 -95.95 38.32
C MET P 847 -51.14 -96.95 39.26
N TYR P 848 -50.26 -96.50 40.16
CA TYR P 848 -49.49 -97.41 40.99
C TYR P 848 -49.96 -97.47 42.45
N GLY P 849 -51.01 -96.74 42.80
CA GLY P 849 -51.57 -96.78 44.14
C GLY P 849 -50.93 -95.85 45.16
N ASN P 850 -49.62 -95.63 45.07
CA ASN P 850 -48.90 -94.79 46.00
C ASN P 850 -48.78 -93.34 45.54
N GLU P 851 -49.69 -92.88 44.68
CA GLU P 851 -49.52 -91.58 44.05
C GLU P 851 -50.01 -90.44 44.94
N ASN P 852 -51.00 -90.71 45.79
CA ASN P 852 -51.52 -89.65 46.66
C ASN P 852 -50.53 -89.26 47.75
N GLU P 853 -49.81 -90.24 48.31
CA GLU P 853 -48.78 -89.94 49.32
C GLU P 853 -47.63 -89.16 48.71
N VAL P 854 -47.21 -89.50 47.49
CA VAL P 854 -46.12 -88.75 46.89
C VAL P 854 -46.61 -87.37 46.40
N LEU P 855 -47.90 -87.23 46.10
CA LEU P 855 -48.44 -85.91 45.78
C LEU P 855 -48.49 -85.02 47.02
N ALA P 856 -48.88 -85.59 48.16
CA ALA P 856 -48.82 -84.87 49.42
C ALA P 856 -47.39 -84.53 49.82
N ALA P 857 -46.44 -85.42 49.54
CA ALA P 857 -45.03 -85.12 49.79
C ALA P 857 -44.52 -84.01 48.87
N LEU P 858 -45.00 -83.96 47.63
CA LEU P 858 -44.66 -82.86 46.73
C LEU P 858 -45.23 -81.54 47.23
N ASN P 859 -46.47 -81.55 47.76
CA ASN P 859 -47.02 -80.34 48.35
C ASN P 859 -46.25 -79.90 49.59
N GLY P 860 -45.81 -80.87 50.41
CA GLY P 860 -44.99 -80.56 51.57
C GLY P 860 -43.64 -79.97 51.22
N ALA P 861 -42.94 -80.55 50.24
CA ALA P 861 -41.68 -80.00 49.79
C ALA P 861 -41.84 -78.71 48.98
N TYR P 862 -43.02 -78.50 48.39
CA TYR P 862 -43.37 -77.22 47.79
C TYR P 862 -43.40 -76.13 48.85
N ASP P 863 -44.14 -76.38 49.94
CA ASP P 863 -44.27 -75.35 50.97
C ASP P 863 -43.01 -75.21 51.80
N LYS P 864 -42.22 -76.28 51.94
CA LYS P 864 -40.96 -76.16 52.67
C LYS P 864 -39.92 -75.35 51.91
N ALA P 865 -40.01 -75.27 50.59
CA ALA P 865 -39.14 -74.39 49.83
C ALA P 865 -39.72 -72.98 49.76
N LEU P 866 -41.05 -72.87 49.73
CA LEU P 866 -41.69 -71.56 49.71
C LEU P 866 -41.47 -70.82 51.03
N LEU P 867 -41.47 -71.52 52.15
CA LEU P 867 -41.15 -70.89 53.44
C LEU P 867 -39.68 -70.51 53.51
N ARG P 868 -38.80 -71.27 52.87
CA ARG P 868 -37.38 -70.91 52.82
C ARG P 868 -37.17 -69.66 51.96
N LEU P 869 -37.98 -69.49 50.91
CA LEU P 869 -37.96 -68.23 50.16
C LEU P 869 -38.55 -67.10 50.99
N PHE P 870 -39.59 -67.39 51.77
CA PHE P 870 -40.27 -66.38 52.58
C PHE P 870 -39.35 -65.85 53.68
N ALA P 871 -38.55 -66.73 54.29
CA ALA P 871 -37.61 -66.30 55.32
C ALA P 871 -36.53 -65.40 54.74
N SER P 872 -36.06 -65.70 53.54
CA SER P 872 -35.06 -64.85 52.89
C SER P 872 -35.68 -63.52 52.44
N ALA P 873 -36.94 -63.54 52.04
CA ALA P 873 -37.61 -62.31 51.65
C ALA P 873 -37.92 -61.40 52.83
N CYS P 874 -38.26 -61.97 53.99
CA CYS P 874 -38.46 -61.19 55.20
C CYS P 874 -37.16 -60.83 55.90
N SER P 875 -36.05 -61.51 55.56
CA SER P 875 -34.75 -61.09 56.05
C SER P 875 -34.30 -59.79 55.39
N ASP P 876 -34.72 -59.57 54.16
CA ASP P 876 -34.39 -58.38 53.39
C ASP P 876 -35.43 -57.28 53.68
N GLN P 877 -36.44 -57.61 54.50
CA GLN P 877 -37.58 -56.74 54.84
C GLN P 877 -38.31 -56.28 53.58
N ASN P 878 -38.50 -57.21 52.63
CA ASN P 878 -39.27 -56.96 51.42
C ASN P 878 -40.70 -57.41 51.71
N VAL P 879 -41.60 -56.44 51.91
CA VAL P 879 -42.98 -56.76 52.29
C VAL P 879 -43.73 -57.36 51.10
N GLU P 880 -43.61 -56.75 49.93
CA GLU P 880 -44.41 -57.14 48.78
C GLU P 880 -43.96 -58.47 48.17
N LYS P 881 -42.64 -58.71 48.13
CA LYS P 881 -42.12 -59.97 47.59
C LYS P 881 -42.51 -61.14 48.48
N ALA P 882 -42.39 -60.98 49.80
CA ALA P 882 -42.83 -62.02 50.72
C ALA P 882 -44.34 -62.18 50.70
N LEU P 883 -45.09 -61.10 50.45
CA LEU P 883 -46.54 -61.22 50.31
C LEU P 883 -46.91 -62.03 49.07
N SER P 884 -46.18 -61.84 47.96
CA SER P 884 -46.40 -62.65 46.78
C SER P 884 -46.04 -64.11 47.02
N LEU P 885 -44.93 -64.35 47.73
CA LEU P 885 -44.53 -65.72 48.08
C LEU P 885 -45.57 -66.39 48.97
N ALA P 886 -46.15 -65.64 49.90
CA ALA P 886 -47.19 -66.21 50.75
C ALA P 886 -48.50 -66.37 50.03
N HIS P 887 -48.76 -65.55 49.01
CA HIS P 887 -49.90 -65.78 48.13
C HIS P 887 -49.72 -67.06 47.33
N GLU P 888 -48.46 -67.43 47.04
CA GLU P 888 -48.21 -68.68 46.33
C GLU P 888 -48.44 -69.91 47.21
N LEU P 889 -48.42 -69.75 48.54
CA LEU P 889 -48.61 -70.85 49.47
C LEU P 889 -50.01 -71.43 49.39
N LYS P 890 -50.15 -72.72 49.75
CA LYS P 890 -51.39 -73.44 49.56
C LYS P 890 -51.89 -74.23 50.76
N GLN P 891 -51.03 -74.57 51.72
CA GLN P 891 -51.43 -75.35 52.89
C GLN P 891 -51.34 -74.48 54.13
N ASP P 892 -52.30 -74.66 55.05
CA ASP P 892 -52.48 -73.74 56.17
C ASP P 892 -51.34 -73.82 57.19
N ARG P 893 -50.64 -74.96 57.27
CA ARG P 893 -49.52 -75.08 58.21
C ARG P 893 -48.37 -74.15 57.82
N ALA P 894 -48.07 -74.07 56.52
CA ALA P 894 -47.06 -73.13 56.06
C ALA P 894 -47.53 -71.69 56.20
N LEU P 895 -48.83 -71.45 56.04
CA LEU P 895 -49.39 -70.11 56.20
C LEU P 895 -49.27 -69.62 57.64
N THR P 896 -49.53 -70.50 58.62
CA THR P 896 -49.36 -70.09 60.01
C THR P 896 -47.91 -70.17 60.48
N ALA P 897 -47.04 -70.85 59.74
CA ALA P 897 -45.61 -70.76 60.02
C ALA P 897 -45.02 -69.46 59.50
N ALA P 898 -45.57 -68.92 58.41
CA ALA P 898 -45.14 -67.64 57.89
C ALA P 898 -45.43 -66.50 58.87
N VAL P 899 -46.47 -66.65 59.70
CA VAL P 899 -46.75 -65.69 60.77
C VAL P 899 -45.60 -65.64 61.76
N LYS P 900 -45.08 -66.81 62.16
CA LYS P 900 -43.97 -66.86 63.10
C LYS P 900 -42.68 -66.38 62.45
N ILE P 901 -42.50 -66.65 61.16
CA ILE P 901 -41.33 -66.17 60.43
C ILE P 901 -41.33 -64.64 60.35
N SER P 902 -42.49 -64.05 60.06
CA SER P 902 -42.59 -62.59 60.01
C SER P 902 -42.48 -61.98 61.40
N GLU P 903 -42.97 -62.68 62.44
CA GLU P 903 -42.90 -62.14 63.80
C GLU P 903 -41.47 -62.14 64.32
N ARG P 904 -40.70 -63.20 64.04
CA ARG P 904 -39.31 -63.22 64.48
C ARG P 904 -38.40 -62.34 63.62
N ALA P 905 -38.88 -61.88 62.47
CA ALA P 905 -38.14 -60.95 61.63
C ALA P 905 -38.50 -59.49 61.93
N GLU P 906 -39.36 -59.25 62.94
CA GLU P 906 -39.75 -57.92 63.41
C GLU P 906 -40.39 -57.08 62.30
N LEU P 907 -41.34 -57.69 61.58
CA LEU P 907 -42.07 -57.02 60.51
C LEU P 907 -43.55 -57.24 60.78
N PRO P 908 -44.17 -56.43 61.64
CA PRO P 908 -45.56 -56.70 62.06
C PRO P 908 -46.60 -56.29 61.04
N SER P 909 -46.24 -55.54 60.00
CA SER P 909 -47.21 -55.11 59.01
C SER P 909 -47.67 -56.28 58.14
N LEU P 910 -46.75 -57.18 57.81
CA LEU P 910 -47.07 -58.29 56.92
C LEU P 910 -47.96 -59.33 57.59
N VAL P 911 -47.89 -59.42 58.92
CA VAL P 911 -48.63 -60.42 59.69
C VAL P 911 -50.14 -60.22 59.52
N LYS P 912 -50.58 -58.95 59.46
CA LYS P 912 -51.99 -58.65 59.24
C LYS P 912 -52.48 -59.13 57.88
N LYS P 913 -51.67 -58.93 56.83
CA LYS P 913 -52.02 -59.43 55.51
C LYS P 913 -52.04 -60.95 55.46
N ILE P 914 -51.17 -61.61 56.24
CA ILE P 914 -51.21 -63.07 56.30
C ILE P 914 -52.50 -63.54 56.93
N ASN P 915 -52.98 -62.83 57.96
CA ASN P 915 -54.29 -63.16 58.53
C ASN P 915 -55.43 -62.84 57.56
N ASN P 916 -55.27 -61.82 56.71
CA ASN P 916 -56.27 -61.59 55.66
C ASN P 916 -56.32 -62.75 54.67
N ILE P 917 -55.17 -63.34 54.33
CA ILE P 917 -55.18 -64.53 53.50
C ILE P 917 -55.81 -65.71 54.22
N ARG P 918 -55.47 -65.89 55.51
CA ARG P 918 -55.95 -67.05 56.27
C ARG P 918 -57.46 -67.00 56.48
N GLU P 919 -58.00 -65.84 56.85
CA GLU P 919 -59.43 -65.69 57.08
C GLU P 919 -60.23 -65.78 55.79
N ALA P 920 -59.65 -65.38 54.66
CA ALA P 920 -60.30 -65.58 53.37
C ALA P 920 -60.20 -67.02 52.90
N ARG P 921 -59.24 -67.80 53.41
CA ARG P 921 -59.07 -69.18 52.97
C ARG P 921 -59.82 -70.21 53.83
N TYR P 922 -59.92 -70.03 55.15
CA TYR P 922 -60.64 -71.05 55.92
C TYR P 922 -62.14 -70.90 55.81
N GLU P 923 -62.65 -69.75 55.36
CA GLU P 923 -64.07 -69.65 55.04
C GLU P 923 -64.40 -70.42 53.78
N GLN P 924 -63.45 -70.54 52.86
CA GLN P 924 -63.62 -71.34 51.65
C GLN P 924 -63.61 -72.83 51.99
N ASN Q 11 18.57 -29.20 -17.36
CA ASN Q 11 19.55 -28.49 -16.54
C ASN Q 11 20.75 -29.38 -16.22
N ALA Q 12 21.06 -30.30 -17.14
CA ALA Q 12 22.22 -31.18 -16.95
C ALA Q 12 23.52 -30.46 -17.26
N ALA Q 13 23.51 -29.56 -18.25
CA ALA Q 13 24.76 -28.95 -18.74
C ALA Q 13 25.35 -27.99 -17.72
N ASP Q 14 24.52 -27.08 -17.18
CA ASP Q 14 25.04 -26.12 -16.20
C ASP Q 14 25.36 -26.79 -14.87
N PHE Q 15 24.63 -27.85 -14.51
CA PHE Q 15 24.95 -28.61 -13.30
C PHE Q 15 26.29 -29.33 -13.44
N SER Q 16 26.54 -29.93 -14.62
CA SER Q 16 27.83 -30.56 -14.88
C SER Q 16 28.95 -29.52 -14.90
N LEU Q 17 28.68 -28.33 -15.46
CA LEU Q 17 29.67 -27.26 -15.49
C LEU Q 17 30.01 -26.77 -14.09
N THR Q 18 29.00 -26.59 -13.23
CA THR Q 18 29.30 -26.08 -11.89
C THR Q 18 29.92 -27.15 -11.00
N VAL Q 19 29.61 -28.44 -11.19
CA VAL Q 19 30.30 -29.44 -10.40
C VAL Q 19 31.74 -29.63 -10.90
N LEU Q 20 31.98 -29.43 -12.20
CA LEU Q 20 33.34 -29.48 -12.72
C LEU Q 20 34.17 -28.31 -12.21
N ARG Q 21 33.58 -27.11 -12.22
CA ARG Q 21 34.29 -25.94 -11.69
C ARG Q 21 34.53 -26.06 -10.19
N ALA Q 22 33.59 -26.64 -9.44
CA ALA Q 22 33.80 -26.89 -8.02
C ALA Q 22 34.94 -27.88 -7.78
N ARG Q 23 35.03 -28.94 -8.60
CA ARG Q 23 36.09 -29.92 -8.40
C ARG Q 23 37.45 -29.37 -8.78
N ILE Q 24 37.54 -28.55 -9.84
CA ILE Q 24 38.81 -27.88 -10.16
C ILE Q 24 39.18 -26.87 -9.09
N ALA Q 25 38.19 -26.20 -8.49
CA ALA Q 25 38.49 -25.28 -7.37
C ALA Q 25 39.03 -26.03 -6.17
N LEU Q 26 38.45 -27.20 -5.85
CA LEU Q 26 38.94 -28.02 -4.75
C LEU Q 26 40.33 -28.54 -5.01
N LEU Q 27 40.61 -28.97 -6.25
CA LEU Q 27 41.95 -29.44 -6.61
C LEU Q 27 42.97 -28.31 -6.55
N ALA Q 28 42.59 -27.11 -7.01
CA ALA Q 28 43.50 -25.97 -6.99
C ALA Q 28 43.81 -25.52 -5.57
N THR Q 29 42.84 -25.64 -4.66
CA THR Q 29 43.15 -25.44 -3.25
C THR Q 29 43.98 -26.58 -2.68
N ALA Q 30 43.86 -27.79 -3.24
CA ALA Q 30 44.57 -28.94 -2.70
C ALA Q 30 45.99 -29.10 -3.21
N ILE Q 31 46.41 -28.34 -4.23
CA ILE Q 31 47.79 -28.45 -4.71
C ILE Q 31 48.77 -27.90 -3.68
N GLY Q 32 48.54 -26.67 -3.21
CA GLY Q 32 49.50 -26.08 -2.29
C GLY Q 32 49.02 -24.76 -1.74
N GLY Q 33 49.85 -24.19 -0.86
CA GLY Q 33 49.57 -22.94 -0.21
C GLY Q 33 50.79 -22.05 -0.09
N PRO Q 34 50.58 -20.75 0.14
CA PRO Q 34 51.71 -19.81 0.23
C PRO Q 34 52.41 -19.80 1.58
N ASP Q 35 52.03 -20.69 2.51
CA ASP Q 35 52.63 -20.81 3.85
C ASP Q 35 52.55 -19.51 4.63
N TYR Q 36 51.32 -19.10 4.97
CA TYR Q 36 51.14 -17.90 5.76
C TYR Q 36 51.50 -18.12 7.23
N THR Q 37 51.69 -19.38 7.65
CA THR Q 37 52.09 -19.67 9.02
C THR Q 37 53.51 -19.17 9.30
N SER Q 38 54.44 -19.41 8.38
CA SER Q 38 55.79 -18.91 8.53
C SER Q 38 55.82 -17.41 8.26
N GLN Q 39 56.68 -16.70 8.99
CA GLN Q 39 56.76 -15.24 8.91
C GLN Q 39 58.02 -14.83 8.17
N ILE Q 40 57.94 -14.80 6.83
CA ILE Q 40 58.99 -14.27 5.97
C ILE Q 40 58.33 -13.15 5.16
N ASP Q 41 59.11 -12.10 4.87
CA ASP Q 41 58.58 -10.95 4.13
C ASP Q 41 58.12 -11.30 2.71
N PRO Q 42 58.81 -12.11 1.92
CA PRO Q 42 58.11 -12.84 0.85
C PRO Q 42 57.66 -14.21 1.35
N PRO Q 43 56.37 -14.52 1.24
CA PRO Q 43 55.88 -15.84 1.68
C PRO Q 43 56.41 -16.95 0.79
N PRO Q 44 57.17 -17.90 1.35
CA PRO Q 44 57.68 -19.01 0.54
C PRO Q 44 56.58 -20.02 0.26
N TYR Q 45 56.54 -20.51 -0.97
CA TYR Q 45 55.50 -21.45 -1.35
C TYR Q 45 55.78 -22.83 -0.77
N LYS Q 46 54.77 -23.40 -0.12
CA LYS Q 46 54.89 -24.70 0.53
C LYS Q 46 53.98 -25.69 -0.19
N LEU Q 47 54.54 -26.87 -0.51
CA LEU Q 47 53.76 -27.92 -1.15
C LEU Q 47 52.74 -28.49 -0.18
N GLY Q 48 51.56 -28.80 -0.70
CA GLY Q 48 50.53 -29.41 0.12
C GLY Q 48 50.82 -30.88 0.38
N ASP Q 49 50.09 -31.43 1.34
CA ASP Q 49 50.20 -32.86 1.64
C ASP Q 49 49.49 -33.67 0.56
N ASP Q 50 50.18 -34.70 0.06
CA ASP Q 50 49.73 -35.55 -1.06
C ASP Q 50 49.42 -34.70 -2.29
N CYS Q 51 50.42 -33.93 -2.72
CA CYS Q 51 50.24 -32.95 -3.79
C CYS Q 51 50.64 -33.45 -5.17
N LEU Q 52 51.55 -34.44 -5.26
CA LEU Q 52 51.89 -35.01 -6.56
C LEU Q 52 50.71 -35.74 -7.18
N ALA Q 53 49.87 -36.36 -6.32
CA ALA Q 53 48.63 -36.95 -6.79
C ALA Q 53 47.70 -35.91 -7.36
N CYS Q 54 47.73 -34.67 -6.85
CA CYS Q 54 46.93 -33.61 -7.44
C CYS Q 54 47.44 -33.24 -8.84
N LEU Q 55 48.76 -33.25 -9.04
CA LEU Q 55 49.32 -33.02 -10.38
C LEU Q 55 48.89 -34.12 -11.34
N LYS Q 56 48.91 -35.37 -10.88
CA LYS Q 56 48.41 -36.47 -11.71
C LYS Q 56 46.91 -36.37 -11.94
N ASP Q 57 46.15 -35.78 -11.00
CA ASP Q 57 44.73 -35.59 -11.21
C ASP Q 57 44.44 -34.49 -12.23
N LEU Q 58 45.23 -33.40 -12.24
CA LEU Q 58 45.10 -32.42 -13.31
C LEU Q 58 45.45 -33.01 -14.66
N LYS Q 59 46.49 -33.85 -14.73
CA LYS Q 59 46.80 -34.52 -15.99
C LYS Q 59 45.69 -35.49 -16.41
N ARG Q 60 45.10 -36.18 -15.44
CA ARG Q 60 44.01 -37.12 -15.73
C ARG Q 60 42.76 -36.39 -16.19
N TRP Q 61 42.49 -35.22 -15.61
CA TRP Q 61 41.34 -34.41 -16.01
C TRP Q 61 41.54 -33.83 -17.41
N PHE Q 62 42.77 -33.39 -17.70
CA PHE Q 62 43.06 -32.88 -19.05
C PHE Q 62 43.12 -34.00 -20.08
N LYS Q 63 43.33 -35.24 -19.64
CA LYS Q 63 43.30 -36.35 -20.58
C LYS Q 63 41.87 -36.81 -20.86
N LEU Q 64 41.11 -37.11 -19.81
CA LEU Q 64 39.83 -37.81 -19.98
C LEU Q 64 38.74 -36.91 -20.54
N VAL Q 65 38.81 -35.61 -20.32
CA VAL Q 65 37.75 -34.69 -20.72
C VAL Q 65 38.16 -33.86 -21.94
N ASP Q 66 39.38 -33.34 -21.95
CA ASP Q 66 39.76 -32.38 -22.97
C ASP Q 66 40.10 -33.07 -24.29
N ASP Q 67 40.54 -34.33 -24.24
CA ASP Q 67 41.09 -34.97 -25.43
C ASP Q 67 40.03 -35.77 -26.18
N GLN Q 68 39.45 -36.81 -25.56
CA GLN Q 68 38.55 -37.67 -26.30
C GLN Q 68 37.15 -37.07 -26.41
N GLN Q 69 36.70 -36.37 -25.38
CA GLN Q 69 35.34 -35.88 -25.33
C GLN Q 69 35.14 -34.56 -26.07
N LYS Q 70 36.24 -33.98 -26.61
CA LYS Q 70 36.22 -32.79 -27.47
C LYS Q 70 35.60 -31.58 -26.76
N ARG Q 71 36.10 -31.29 -25.56
CA ARG Q 71 35.65 -30.17 -24.75
C ARG Q 71 36.86 -29.36 -24.31
N TRP Q 72 36.63 -28.08 -24.03
CA TRP Q 72 37.67 -27.22 -23.45
C TRP Q 72 37.22 -26.59 -22.13
N ASP Q 73 36.32 -27.23 -21.39
CA ASP Q 73 35.83 -26.66 -20.14
C ASP Q 73 36.86 -26.76 -19.02
N VAL Q 74 37.69 -27.80 -19.05
CA VAL Q 74 38.70 -28.01 -18.02
C VAL Q 74 39.77 -26.93 -18.09
N ALA Q 75 40.12 -26.48 -19.29
CA ALA Q 75 41.15 -25.46 -19.46
C ALA Q 75 40.72 -24.11 -18.86
N MET Q 76 39.47 -23.69 -19.11
CA MET Q 76 39.01 -22.45 -18.48
C MET Q 76 38.71 -22.64 -17.00
N ALA Q 77 38.31 -23.84 -16.59
CA ALA Q 77 38.10 -24.10 -15.17
C ALA Q 77 39.40 -24.01 -14.40
N VAL Q 78 40.51 -24.42 -15.02
CA VAL Q 78 41.82 -24.20 -14.45
C VAL Q 78 42.18 -22.72 -14.51
N ALA Q 79 41.89 -22.06 -15.63
CA ALA Q 79 42.37 -20.70 -15.88
C ALA Q 79 41.70 -19.67 -14.97
N GLU Q 80 40.43 -19.86 -14.61
CA GLU Q 80 39.77 -18.88 -13.77
C GLU Q 80 40.18 -19.02 -12.31
N TYR Q 81 40.76 -20.16 -11.95
CA TYR Q 81 41.24 -20.37 -10.58
C TYR Q 81 42.75 -20.27 -10.45
N ARG Q 82 43.44 -19.86 -11.52
CA ARG Q 82 44.85 -19.43 -11.49
C ARG Q 82 45.80 -20.53 -11.02
N ILE Q 83 45.67 -21.72 -11.61
CA ILE Q 83 46.58 -22.81 -11.26
C ILE Q 83 47.96 -22.54 -11.84
N LEU Q 84 48.04 -22.05 -13.08
CA LEU Q 84 49.34 -21.72 -13.65
C LEU Q 84 49.95 -20.50 -12.97
N THR Q 85 49.12 -19.50 -12.67
CA THR Q 85 49.64 -18.25 -12.11
C THR Q 85 50.11 -18.43 -10.68
N ASP Q 86 49.38 -19.22 -9.88
CA ASP Q 86 49.61 -19.26 -8.44
C ASP Q 86 50.16 -20.59 -7.92
N ASP Q 87 50.08 -21.68 -8.68
CA ASP Q 87 50.54 -22.97 -8.17
C ASP Q 87 51.74 -23.53 -8.91
N LEU Q 88 51.67 -23.66 -10.24
CA LEU Q 88 52.74 -24.33 -10.98
C LEU Q 88 54.00 -23.48 -11.04
N LEU Q 89 53.85 -22.20 -11.36
CA LEU Q 89 55.01 -21.31 -11.42
C LEU Q 89 55.72 -21.11 -10.07
N PRO Q 90 55.05 -20.90 -8.92
CA PRO Q 90 55.82 -20.88 -7.66
C PRO Q 90 56.51 -22.19 -7.33
N ILE Q 91 55.92 -23.34 -7.69
CA ILE Q 91 56.56 -24.63 -7.45
C ILE Q 91 57.84 -24.74 -8.27
N LEU Q 92 57.76 -24.39 -9.56
CA LEU Q 92 58.92 -24.50 -10.44
C LEU Q 92 59.99 -23.49 -10.07
N ILE Q 93 59.59 -22.28 -9.68
CA ILE Q 93 60.56 -21.26 -9.30
C ILE Q 93 61.23 -21.60 -7.96
N ASP Q 94 60.47 -22.15 -7.00
CA ASP Q 94 61.06 -22.60 -5.75
C ASP Q 94 62.03 -23.75 -5.96
N TRP Q 95 61.68 -24.69 -6.86
CA TRP Q 95 62.58 -25.78 -7.19
C TRP Q 95 63.85 -25.26 -7.86
N GLU Q 96 63.69 -24.27 -8.76
CA GLU Q 96 64.83 -23.66 -9.44
C GLU Q 96 65.77 -22.96 -8.47
N ASN Q 97 65.21 -22.18 -7.54
CA ASN Q 97 66.04 -21.43 -6.59
C ASN Q 97 66.74 -22.36 -5.60
N LYS Q 98 66.01 -23.37 -5.11
CA LYS Q 98 66.61 -24.34 -4.20
C LYS Q 98 67.70 -25.16 -4.89
N CYS Q 99 67.46 -25.56 -6.14
CA CYS Q 99 68.46 -26.34 -6.87
C CYS Q 99 69.68 -25.50 -7.22
N SER Q 100 69.48 -24.21 -7.51
CA SER Q 100 70.62 -23.33 -7.79
C SER Q 100 71.47 -23.12 -6.53
N LEU Q 101 70.82 -22.90 -5.38
CA LEU Q 101 71.56 -22.74 -4.13
C LEU Q 101 72.27 -24.03 -3.74
N ALA Q 102 71.62 -25.18 -3.94
CA ALA Q 102 72.24 -26.46 -3.64
C ALA Q 102 73.40 -26.75 -4.59
N ALA Q 103 73.28 -26.34 -5.85
CA ALA Q 103 74.36 -26.53 -6.80
C ALA Q 103 75.56 -25.65 -6.46
N LYS Q 104 75.31 -24.42 -5.99
CA LYS Q 104 76.39 -23.56 -5.51
C LYS Q 104 77.10 -24.18 -4.30
N LEU Q 105 76.33 -24.63 -3.32
CA LEU Q 105 76.92 -25.16 -2.10
C LEU Q 105 77.60 -26.51 -2.34
N ALA Q 106 77.15 -27.26 -3.35
CA ALA Q 106 77.79 -28.53 -3.67
C ALA Q 106 79.02 -28.31 -4.56
N LYS Q 107 79.05 -27.22 -5.33
CA LYS Q 107 80.24 -26.92 -6.11
C LYS Q 107 81.36 -26.43 -5.20
N ASN Q 108 81.03 -25.62 -4.19
CA ASN Q 108 82.06 -25.18 -3.25
C ASN Q 108 82.53 -26.33 -2.36
N ASN Q 109 81.60 -27.10 -1.82
CA ASN Q 109 81.93 -28.27 -1.00
C ASN Q 109 81.00 -29.42 -1.34
N PRO Q 110 81.50 -30.47 -2.00
CA PRO Q 110 80.62 -31.58 -2.39
C PRO Q 110 80.18 -32.40 -1.18
N ASP Q 111 79.04 -33.06 -1.34
CA ASP Q 111 78.40 -33.93 -0.34
C ASP Q 111 78.09 -33.18 0.96
N HIS Q 112 77.63 -31.94 0.84
CA HIS Q 112 77.13 -31.17 1.97
C HIS Q 112 75.89 -30.40 1.56
N GLU Q 113 74.89 -30.40 2.46
CA GLU Q 113 73.59 -29.75 2.28
C GLU Q 113 72.90 -30.29 1.03
N GLU Q 114 72.39 -31.51 1.15
CA GLU Q 114 71.65 -32.11 0.05
C GLU Q 114 70.16 -31.81 0.19
N PHE Q 115 69.42 -32.15 -0.86
CA PHE Q 115 67.97 -32.19 -0.75
C PHE Q 115 67.55 -33.42 0.03
N ARG Q 116 66.46 -33.28 0.79
CA ARG Q 116 65.92 -34.44 1.50
C ARG Q 116 65.20 -35.39 0.56
N ASN Q 117 64.43 -34.84 -0.39
CA ASN Q 117 63.53 -35.61 -1.24
C ASN Q 117 63.65 -35.13 -2.69
N LYS Q 118 64.89 -35.11 -3.22
CA LYS Q 118 65.17 -34.51 -4.52
C LYS Q 118 64.41 -35.20 -5.65
N ALA Q 119 64.21 -36.51 -5.56
CA ALA Q 119 63.48 -37.23 -6.59
C ALA Q 119 62.02 -36.79 -6.64
N TYR Q 120 61.41 -36.55 -5.48
CA TYR Q 120 60.04 -36.06 -5.40
C TYR Q 120 59.92 -34.67 -6.01
N TYR Q 121 60.89 -33.79 -5.70
CA TYR Q 121 60.89 -32.44 -6.25
C TYR Q 121 61.10 -32.44 -7.75
N ASP Q 122 61.97 -33.32 -8.25
CA ASP Q 122 62.19 -33.45 -9.68
C ASP Q 122 60.95 -33.97 -10.39
N LYS Q 123 60.25 -34.92 -9.76
CA LYS Q 123 59.02 -35.46 -10.36
C LYS Q 123 57.90 -34.43 -10.40
N ILE Q 124 57.75 -33.65 -9.32
CA ILE Q 124 56.68 -32.65 -9.32
C ILE Q 124 57.05 -31.48 -10.24
N ALA Q 125 58.34 -31.18 -10.39
CA ALA Q 125 58.77 -30.17 -11.34
C ALA Q 125 58.52 -30.61 -12.77
N LEU Q 126 58.78 -31.89 -13.06
CA LEU Q 126 58.51 -32.44 -14.39
C LEU Q 126 57.02 -32.45 -14.69
N ASN Q 127 56.18 -32.78 -13.70
CA ASN Q 127 54.74 -32.75 -13.91
C ASN Q 127 54.20 -31.33 -14.09
N CYS Q 128 54.79 -30.36 -13.38
CA CYS Q 128 54.42 -28.97 -13.58
C CYS Q 128 54.79 -28.49 -14.98
N LEU Q 129 55.96 -28.90 -15.48
CA LEU Q 129 56.35 -28.56 -16.85
C LEU Q 129 55.44 -29.24 -17.87
N GLN Q 130 55.00 -30.47 -17.58
CA GLN Q 130 54.04 -31.15 -18.45
C GLN Q 130 52.72 -30.40 -18.51
N LEU Q 131 52.25 -29.87 -17.36
CA LEU Q 131 51.03 -29.08 -17.39
C LEU Q 131 51.24 -27.74 -18.10
N LEU Q 132 52.43 -27.16 -18.01
CA LEU Q 132 52.71 -25.94 -18.77
C LEU Q 132 52.66 -26.17 -20.27
N VAL Q 133 53.21 -27.29 -20.73
CA VAL Q 133 53.16 -27.60 -22.16
C VAL Q 133 51.74 -27.96 -22.58
N LEU Q 134 51.02 -28.71 -21.74
CA LEU Q 134 49.69 -29.17 -22.10
C LEU Q 134 48.66 -28.05 -22.06
N MET Q 135 48.91 -27.00 -21.27
CA MET Q 135 47.93 -25.94 -21.11
C MET Q 135 48.20 -24.72 -21.98
N THR Q 136 49.44 -24.55 -22.43
CA THR Q 136 49.81 -23.47 -23.35
C THR Q 136 49.98 -23.98 -24.78
N TRP Q 137 49.35 -25.09 -25.12
CA TRP Q 137 49.40 -25.63 -26.47
C TRP Q 137 48.69 -24.68 -27.43
N PRO Q 138 49.17 -24.57 -28.68
CA PRO Q 138 48.52 -23.65 -29.63
C PRO Q 138 47.13 -24.13 -30.01
N LEU Q 139 46.17 -23.22 -29.90
CA LEU Q 139 44.77 -23.54 -30.08
C LEU Q 139 44.41 -23.40 -31.56
N ILE Q 140 44.10 -24.51 -32.21
CA ILE Q 140 43.66 -24.51 -33.60
C ILE Q 140 42.22 -25.03 -33.64
N VAL Q 141 41.36 -24.33 -34.36
CA VAL Q 141 39.96 -24.71 -34.53
C VAL Q 141 39.73 -24.81 -36.02
N THR Q 142 39.78 -26.03 -36.55
CA THR Q 142 39.48 -26.27 -37.95
C THR Q 142 37.98 -26.53 -38.11
N GLU Q 143 37.58 -27.01 -39.27
CA GLU Q 143 36.19 -27.37 -39.47
C GLU Q 143 35.89 -28.72 -38.81
N GLN Q 144 34.59 -29.05 -38.74
CA GLN Q 144 34.00 -30.27 -38.15
C GLN Q 144 34.38 -30.48 -36.67
N SER Q 145 34.90 -29.45 -36.00
CA SER Q 145 35.21 -29.53 -34.58
C SER Q 145 33.94 -29.34 -33.75
N SER Q 146 34.07 -29.57 -32.45
CA SER Q 146 32.94 -29.44 -31.54
C SER Q 146 32.55 -27.98 -31.36
N SER Q 147 31.27 -27.76 -31.04
CA SER Q 147 30.78 -26.41 -30.81
C SER Q 147 31.30 -25.82 -29.51
N ASN Q 148 31.70 -26.65 -28.56
CA ASN Q 148 32.30 -26.17 -27.32
C ASN Q 148 33.62 -25.45 -27.58
N GLN Q 149 34.46 -26.03 -28.44
CA GLN Q 149 35.73 -25.40 -28.79
C GLN Q 149 35.52 -24.11 -29.57
N ILE Q 150 34.54 -24.09 -30.48
CA ILE Q 150 34.24 -22.90 -31.27
C ILE Q 150 33.71 -21.78 -30.38
N THR Q 151 32.91 -22.13 -29.37
CA THR Q 151 32.41 -21.14 -28.44
C THR Q 151 33.54 -20.64 -27.53
N LEU Q 152 34.46 -21.51 -27.15
CA LEU Q 152 35.42 -21.22 -26.10
C LEU Q 152 36.78 -20.76 -26.60
N TYR Q 153 36.99 -20.71 -27.93
CA TYR Q 153 38.31 -20.47 -28.51
C TYR Q 153 38.86 -19.09 -28.17
N GLY Q 154 38.04 -18.04 -28.30
CA GLY Q 154 38.54 -16.68 -28.05
C GLY Q 154 38.90 -16.43 -26.60
N GLU Q 155 38.04 -16.88 -25.68
CA GLU Q 155 38.32 -16.72 -24.26
C GLU Q 155 39.51 -17.58 -23.82
N LEU Q 156 39.68 -18.76 -24.43
CA LEU Q 156 40.85 -19.56 -24.08
C LEU Q 156 42.13 -18.98 -24.67
N LYS Q 157 42.04 -18.30 -25.82
CA LYS Q 157 43.19 -17.57 -26.34
C LYS Q 157 43.56 -16.41 -25.44
N LYS Q 158 42.57 -15.72 -24.87
CA LYS Q 158 42.84 -14.65 -23.92
C LYS Q 158 43.48 -15.19 -22.64
N HIS Q 159 43.02 -16.35 -22.16
CA HIS Q 159 43.65 -16.96 -20.98
C HIS Q 159 45.07 -17.44 -21.29
N GLN Q 160 45.33 -17.87 -22.53
CA GLN Q 160 46.70 -18.20 -22.92
C GLN Q 160 47.58 -16.95 -23.02
N LEU Q 161 46.98 -15.80 -23.38
CA LEU Q 161 47.73 -14.54 -23.35
C LEU Q 161 48.12 -14.16 -21.93
N VAL Q 162 47.20 -14.35 -20.97
CA VAL Q 162 47.51 -14.15 -19.55
C VAL Q 162 48.61 -15.10 -19.12
N TYR Q 163 48.58 -16.35 -19.62
CA TYR Q 163 49.61 -17.33 -19.33
C TYR Q 163 50.98 -16.88 -19.83
N LYS Q 164 51.05 -16.37 -21.06
CA LYS Q 164 52.32 -15.92 -21.62
C LYS Q 164 52.87 -14.71 -20.87
N LYS Q 165 52.00 -13.75 -20.53
CA LYS Q 165 52.43 -12.58 -19.76
C LYS Q 165 52.94 -12.98 -18.38
N THR Q 166 52.25 -13.91 -17.71
CA THR Q 166 52.64 -14.33 -16.37
C THR Q 166 53.94 -15.14 -16.41
N ILE Q 167 54.14 -15.95 -17.46
CA ILE Q 167 55.38 -16.70 -17.61
C ILE Q 167 56.56 -15.77 -17.86
N LEU Q 168 56.40 -14.81 -18.77
CA LEU Q 168 57.51 -13.92 -19.10
C LEU Q 168 57.77 -12.85 -18.04
N SER Q 169 56.79 -12.56 -17.18
CA SER Q 169 56.91 -11.43 -16.27
C SER Q 169 57.21 -11.80 -14.83
N MET Q 170 57.05 -13.07 -14.44
CA MET Q 170 57.24 -13.46 -13.05
C MET Q 170 58.73 -13.52 -12.73
N GLU Q 171 59.24 -12.46 -12.09
CA GLU Q 171 60.65 -12.20 -11.78
C GLU Q 171 61.57 -12.49 -12.98
N SER Q 172 61.16 -11.92 -14.12
CA SER Q 172 61.84 -12.03 -15.42
C SER Q 172 62.00 -13.47 -15.87
N GLY Q 173 60.99 -14.30 -15.63
CA GLY Q 173 60.91 -15.62 -16.20
C GLY Q 173 61.89 -16.64 -15.65
N LYS Q 174 61.81 -16.92 -14.34
CA LYS Q 174 62.67 -17.95 -13.76
C LYS Q 174 62.21 -19.36 -14.14
N VAL Q 175 60.98 -19.50 -14.64
CA VAL Q 175 60.50 -20.79 -15.10
C VAL Q 175 61.25 -21.24 -16.35
N LEU Q 176 61.78 -20.31 -17.14
CA LEU Q 176 62.65 -20.67 -18.26
C LEU Q 176 63.94 -21.30 -17.77
N ARG Q 177 64.50 -20.77 -16.68
CA ARG Q 177 65.67 -21.39 -16.05
C ARG Q 177 65.32 -22.74 -15.44
N ALA Q 178 64.10 -22.89 -14.91
CA ALA Q 178 63.66 -24.19 -14.40
C ALA Q 178 63.54 -25.22 -15.53
N ALA Q 179 63.03 -24.79 -16.69
CA ALA Q 179 62.88 -25.68 -17.83
C ALA Q 179 64.23 -26.09 -18.40
N ILE Q 180 65.19 -25.15 -18.48
CA ILE Q 180 66.50 -25.56 -18.96
C ILE Q 180 67.23 -26.40 -17.92
N ARG Q 181 66.93 -26.23 -16.62
CA ARG Q 181 67.51 -27.13 -15.63
C ARG Q 181 66.96 -28.55 -15.76
N LEU Q 182 65.65 -28.66 -16.04
CA LEU Q 182 65.08 -29.98 -16.32
C LEU Q 182 65.64 -30.58 -17.60
N ALA Q 183 66.07 -29.74 -18.55
CA ALA Q 183 66.72 -30.26 -19.74
C ALA Q 183 68.15 -30.72 -19.46
N LEU Q 184 68.93 -29.94 -18.70
CA LEU Q 184 70.30 -30.37 -18.40
C LEU Q 184 70.36 -31.48 -17.37
N ASP Q 185 69.24 -31.81 -16.70
CA ASP Q 185 69.19 -33.09 -16.00
C ASP Q 185 69.31 -34.25 -16.97
N VAL Q 186 68.68 -34.14 -18.14
CA VAL Q 186 68.81 -35.15 -19.18
C VAL Q 186 70.19 -35.07 -19.83
N ILE Q 187 70.67 -33.86 -20.10
CA ILE Q 187 71.89 -33.65 -20.89
C ILE Q 187 73.14 -34.17 -20.18
N LYS Q 188 73.17 -34.10 -18.84
CA LYS Q 188 74.33 -34.58 -18.08
C LYS Q 188 74.55 -36.08 -18.23
N ILE Q 189 73.50 -36.84 -18.52
CA ILE Q 189 73.64 -38.27 -18.79
C ILE Q 189 74.33 -38.45 -20.13
N ASP Q 190 75.10 -39.54 -20.26
CA ASP Q 190 75.78 -39.83 -21.51
C ASP Q 190 74.78 -40.23 -22.59
N ARG Q 191 75.24 -40.17 -23.84
CA ARG Q 191 74.36 -40.44 -24.99
C ARG Q 191 73.91 -41.90 -25.01
N LEU Q 192 74.79 -42.82 -24.62
CA LEU Q 192 74.42 -44.23 -24.62
C LEU Q 192 73.52 -44.59 -23.46
N SER Q 193 73.61 -43.88 -22.34
CA SER Q 193 72.82 -44.19 -21.16
C SER Q 193 71.47 -43.48 -21.13
N ARG Q 194 71.19 -42.62 -22.10
CA ARG Q 194 69.94 -41.87 -22.12
C ARG Q 194 68.81 -42.76 -22.62
N THR Q 195 67.78 -42.94 -21.80
CA THR Q 195 66.57 -43.61 -22.21
C THR Q 195 65.78 -42.69 -23.15
N PRO Q 196 64.89 -43.25 -23.99
CA PRO Q 196 64.03 -42.39 -24.82
C PRO Q 196 63.07 -41.50 -24.03
N ARG Q 197 62.77 -41.84 -22.78
CA ARG Q 197 61.97 -40.95 -21.95
C ARG Q 197 62.71 -39.65 -21.64
N ASP Q 198 64.04 -39.73 -21.47
CA ASP Q 198 64.82 -38.52 -21.23
C ASP Q 198 64.87 -37.61 -22.45
N ASN Q 199 64.98 -38.20 -23.65
CA ASN Q 199 64.90 -37.40 -24.87
C ASN Q 199 63.48 -36.86 -25.09
N MET Q 200 62.47 -37.58 -24.61
CA MET Q 200 61.11 -37.04 -24.63
C MET Q 200 60.96 -35.88 -23.65
N VAL Q 201 61.69 -35.90 -22.54
CA VAL Q 201 61.72 -34.75 -21.63
C VAL Q 201 62.42 -33.56 -22.29
N LEU Q 202 63.46 -33.82 -23.07
CA LEU Q 202 64.09 -32.76 -23.87
C LEU Q 202 63.10 -32.18 -24.89
N LYS Q 203 62.33 -33.03 -25.56
CA LYS Q 203 61.28 -32.58 -26.45
C LYS Q 203 60.21 -31.78 -25.71
N LEU Q 204 59.92 -32.14 -24.46
CA LEU Q 204 58.99 -31.39 -23.63
C LEU Q 204 59.49 -29.99 -23.35
N VAL Q 205 60.79 -29.84 -23.06
CA VAL Q 205 61.38 -28.53 -22.79
C VAL Q 205 61.37 -27.66 -24.06
N LEU Q 206 61.76 -28.24 -25.19
CA LEU Q 206 61.75 -27.50 -26.45
C LEU Q 206 60.32 -27.11 -26.87
N ASN Q 207 59.35 -28.00 -26.62
CA ASN Q 207 57.96 -27.68 -26.87
C ASN Q 207 57.47 -26.57 -25.96
N PHE Q 208 57.92 -26.55 -24.69
CA PHE Q 208 57.55 -25.46 -23.78
C PHE Q 208 58.06 -24.13 -24.29
N PHE Q 209 59.28 -24.09 -24.81
CA PHE Q 209 59.81 -22.85 -25.35
C PHE Q 209 59.06 -22.43 -26.61
N ARG Q 210 58.65 -23.39 -27.44
CA ARG Q 210 57.83 -23.03 -28.60
C ARG Q 210 56.42 -22.57 -28.18
N ASN Q 211 55.89 -23.05 -27.05
CA ASN Q 211 54.62 -22.50 -26.57
C ASN Q 211 54.78 -21.08 -26.04
N VAL Q 212 55.90 -20.82 -25.35
CA VAL Q 212 56.14 -19.48 -24.81
C VAL Q 212 56.29 -18.47 -25.95
N ILE Q 213 57.03 -18.83 -27.00
CA ILE Q 213 57.21 -17.93 -28.12
C ILE Q 213 55.92 -17.80 -28.92
N ALA Q 214 55.22 -18.91 -29.16
CA ALA Q 214 54.20 -19.00 -30.19
C ALA Q 214 52.86 -18.37 -29.81
N ILE Q 215 52.67 -17.97 -28.55
CA ILE Q 215 51.38 -17.43 -28.13
C ILE Q 215 51.25 -16.00 -28.63
N GLU Q 216 50.20 -15.75 -29.39
CA GLU Q 216 49.92 -14.48 -30.04
C GLU Q 216 48.49 -14.07 -29.73
N PRO Q 217 48.15 -12.79 -29.84
CA PRO Q 217 46.75 -12.39 -29.63
C PRO Q 217 45.82 -13.01 -30.67
N GLY Q 218 44.60 -13.31 -30.23
CA GLY Q 218 43.63 -13.97 -31.06
C GLY Q 218 43.02 -13.03 -32.09
N GLU Q 219 42.12 -13.61 -32.88
CA GLU Q 219 41.43 -12.88 -33.94
C GLU Q 219 39.99 -12.63 -33.54
N PHE Q 220 39.43 -11.56 -34.09
CA PHE Q 220 38.06 -11.15 -33.75
C PHE Q 220 37.12 -11.71 -34.82
N THR Q 221 36.29 -12.66 -34.42
CA THR Q 221 35.37 -13.34 -35.32
C THR Q 221 33.97 -12.80 -35.10
N ILE Q 222 33.26 -12.51 -36.20
CA ILE Q 222 31.94 -11.93 -36.15
C ILE Q 222 30.98 -12.85 -36.90
N ASN Q 223 29.69 -12.74 -36.56
CA ASN Q 223 28.65 -13.49 -37.24
C ASN Q 223 28.05 -12.65 -38.34
N THR Q 224 28.09 -13.17 -39.57
CA THR Q 224 27.67 -12.41 -40.75
C THR Q 224 26.32 -12.84 -41.29
N LYS Q 225 25.55 -13.62 -40.52
CA LYS Q 225 24.21 -13.99 -40.95
C LYS Q 225 23.27 -12.78 -40.93
N LYS Q 226 23.27 -12.04 -39.83
CA LYS Q 226 22.53 -10.79 -39.76
C LYS Q 226 23.28 -9.69 -40.50
N SER Q 227 22.54 -8.67 -40.93
CA SER Q 227 23.16 -7.54 -41.61
C SER Q 227 23.95 -6.68 -40.64
N MET Q 228 25.01 -6.07 -41.14
CA MET Q 228 25.83 -5.19 -40.33
C MET Q 228 25.08 -3.88 -40.09
N PRO Q 229 24.93 -3.43 -38.85
CA PRO Q 229 24.15 -2.23 -38.57
C PRO Q 229 24.93 -0.96 -38.91
N LYS Q 230 24.29 0.18 -38.65
CA LYS Q 230 24.89 1.48 -38.94
C LYS Q 230 26.05 1.81 -38.01
N LYS Q 231 26.08 1.21 -36.82
CA LYS Q 231 27.19 1.44 -35.90
C LYS Q 231 28.47 0.75 -36.38
N GLY Q 232 28.34 -0.48 -36.89
CA GLY Q 232 29.47 -1.21 -37.41
C GLY Q 232 30.42 -1.69 -36.34
N ILE Q 233 31.62 -2.08 -36.80
CA ILE Q 233 32.63 -2.62 -35.90
C ILE Q 233 33.24 -1.47 -35.12
N THR Q 234 33.14 -1.51 -33.79
CA THR Q 234 33.71 -0.47 -32.96
C THR Q 234 35.13 -0.77 -32.50
N SER Q 235 35.50 -2.05 -32.40
CA SER Q 235 36.83 -2.45 -31.99
C SER Q 235 37.06 -3.90 -32.41
N ILE Q 236 38.33 -4.26 -32.59
CA ILE Q 236 38.73 -5.64 -32.84
C ILE Q 236 39.75 -6.07 -31.79
N ASP Q 237 39.77 -5.36 -30.66
CA ASP Q 237 40.68 -5.70 -29.57
C ASP Q 237 40.27 -7.02 -28.92
N THR Q 238 41.25 -7.90 -28.72
CA THR Q 238 41.03 -9.23 -28.16
C THR Q 238 42.00 -9.42 -27.00
N LEU Q 239 42.03 -8.46 -26.09
CA LEU Q 239 43.03 -8.48 -25.04
C LEU Q 239 42.40 -8.64 -23.67
N PRO Q 240 43.08 -9.34 -22.77
CA PRO Q 240 42.66 -9.43 -21.37
C PRO Q 240 42.90 -8.11 -20.64
N PRO Q 241 42.32 -7.90 -19.41
CA PRO Q 241 42.46 -6.58 -18.77
C PRO Q 241 43.88 -6.16 -18.40
N ASN Q 242 44.61 -7.03 -17.70
CA ASN Q 242 45.97 -6.68 -17.27
C ASN Q 242 47.00 -6.87 -18.37
N VAL Q 243 46.65 -7.53 -19.46
CA VAL Q 243 47.59 -7.85 -20.52
C VAL Q 243 47.57 -6.73 -21.56
N SER Q 244 48.73 -6.19 -21.88
CA SER Q 244 48.90 -5.18 -22.92
C SER Q 244 49.63 -5.79 -24.10
N MET Q 245 49.77 -5.00 -25.16
CA MET Q 245 50.50 -5.46 -26.34
C MET Q 245 52.00 -5.50 -26.12
N ASP Q 246 52.51 -4.76 -25.12
CA ASP Q 246 53.93 -4.77 -24.85
C ASP Q 246 54.38 -6.06 -24.18
N ASP Q 247 53.54 -6.63 -23.31
CA ASP Q 247 53.89 -7.87 -22.62
C ASP Q 247 53.95 -9.04 -23.58
N ILE Q 248 53.08 -9.04 -24.59
CA ILE Q 248 53.01 -10.15 -25.54
C ILE Q 248 54.14 -10.07 -26.57
N SER Q 249 54.64 -8.87 -26.85
CA SER Q 249 55.51 -8.60 -27.98
C SER Q 249 56.88 -9.27 -27.80
N LEU Q 250 57.60 -9.35 -28.91
CA LEU Q 250 58.84 -10.12 -28.97
C LEU Q 250 59.98 -9.49 -28.20
N ASN Q 251 59.89 -8.20 -27.87
CA ASN Q 251 60.97 -7.53 -27.12
C ASN Q 251 61.11 -8.12 -25.72
N THR Q 252 59.99 -8.33 -25.03
CA THR Q 252 60.02 -8.98 -23.73
C THR Q 252 60.48 -10.43 -23.83
N VAL Q 253 60.15 -11.09 -24.95
CA VAL Q 253 60.60 -12.47 -25.15
C VAL Q 253 62.11 -12.53 -25.29
N ILE Q 254 62.70 -11.62 -26.07
CA ILE Q 254 64.15 -11.58 -26.24
C ILE Q 254 64.84 -11.19 -24.94
N SER Q 255 64.25 -10.25 -24.19
CA SER Q 255 64.83 -9.83 -22.92
C SER Q 255 64.82 -10.96 -21.89
N SER Q 256 63.68 -11.66 -21.77
CA SER Q 256 63.57 -12.75 -20.80
C SER Q 256 64.39 -13.95 -21.25
N PHE Q 257 64.58 -14.13 -22.56
CA PHE Q 257 65.38 -15.26 -23.04
C PHE Q 257 66.87 -14.99 -22.87
N HIS Q 258 67.30 -13.74 -23.05
CA HIS Q 258 68.72 -13.44 -22.87
C HIS Q 258 69.09 -13.37 -21.40
N LYS Q 259 68.18 -12.90 -20.55
CA LYS Q 259 68.48 -12.83 -19.12
C LYS Q 259 68.55 -14.22 -18.50
N ASN Q 260 67.71 -15.15 -18.98
CA ASN Q 260 67.65 -16.49 -18.43
C ASN Q 260 68.45 -17.51 -19.23
N LYS Q 261 69.26 -17.05 -20.19
CA LYS Q 261 70.19 -17.86 -20.99
C LYS Q 261 69.49 -18.98 -21.76
N VAL Q 262 68.29 -18.67 -22.27
CA VAL Q 262 67.60 -19.58 -23.18
C VAL Q 262 68.33 -19.65 -24.51
N PHE Q 263 68.93 -18.52 -24.94
CA PHE Q 263 69.62 -18.45 -26.22
C PHE Q 263 70.83 -19.36 -26.26
N GLY Q 264 71.63 -19.39 -25.18
CA GLY Q 264 72.75 -20.30 -25.11
C GLY Q 264 72.35 -21.75 -25.09
N PHE Q 265 71.20 -22.06 -24.45
CA PHE Q 265 70.66 -23.41 -24.46
C PHE Q 265 70.27 -23.86 -25.86
N LEU Q 266 69.56 -22.99 -26.59
CA LEU Q 266 69.17 -23.31 -27.96
C LEU Q 266 70.37 -23.41 -28.87
N LEU Q 267 71.39 -22.56 -28.66
CA LEU Q 267 72.61 -22.62 -29.44
C LEU Q 267 73.38 -23.91 -29.18
N THR Q 268 73.51 -24.32 -27.93
CA THR Q 268 74.29 -25.51 -27.63
C THR Q 268 73.54 -26.81 -27.92
N LEU Q 269 72.22 -26.75 -28.14
CA LEU Q 269 71.55 -27.91 -28.71
C LEU Q 269 71.50 -27.87 -30.23
N THR Q 270 71.57 -26.70 -30.84
CA THR Q 270 71.59 -26.64 -32.29
C THR Q 270 72.96 -26.98 -32.86
N SER Q 271 74.04 -26.59 -32.19
CA SER Q 271 75.37 -26.75 -32.75
C SER Q 271 75.87 -28.18 -32.66
N SER Q 272 75.43 -28.93 -31.64
CA SER Q 272 75.85 -30.32 -31.49
C SER Q 272 74.65 -31.24 -31.63
N LEU Q 273 73.80 -30.99 -32.63
CA LEU Q 273 72.59 -31.78 -32.81
C LEU Q 273 72.88 -33.20 -33.27
N SER Q 274 73.93 -33.38 -34.08
CA SER Q 274 74.23 -34.71 -34.62
C SER Q 274 75.19 -35.51 -33.75
N LYS Q 275 76.09 -34.83 -33.04
CA LYS Q 275 77.13 -35.53 -32.30
C LYS Q 275 76.72 -35.89 -30.89
N GLU Q 276 75.76 -35.18 -30.30
CA GLU Q 276 75.43 -35.34 -28.89
C GLU Q 276 74.02 -35.82 -28.63
N PHE Q 277 73.05 -35.40 -29.42
CA PHE Q 277 71.65 -35.69 -29.15
C PHE Q 277 71.07 -36.58 -30.24
N ASP Q 278 70.03 -37.33 -29.88
CA ASP Q 278 69.24 -38.04 -30.86
C ASP Q 278 68.41 -37.02 -31.64
N GLN Q 279 68.80 -36.78 -32.89
CA GLN Q 279 68.27 -35.63 -33.63
C GLN Q 279 66.82 -35.79 -34.04
N ASP Q 280 66.31 -37.03 -34.13
CA ASP Q 280 64.94 -37.24 -34.58
C ASP Q 280 63.92 -36.83 -33.53
N PHE Q 281 64.31 -36.75 -32.26
CA PHE Q 281 63.39 -36.27 -31.24
C PHE Q 281 63.18 -34.77 -31.29
N ILE Q 282 64.26 -34.00 -31.49
CA ILE Q 282 64.23 -32.56 -31.30
C ILE Q 282 64.55 -31.79 -32.58
N ASN Q 283 64.50 -32.45 -33.75
CA ASN Q 283 64.77 -31.72 -34.99
C ASN Q 283 63.60 -30.81 -35.36
N ILE Q 284 62.37 -31.26 -35.12
CA ILE Q 284 61.16 -30.51 -35.47
C ILE Q 284 60.81 -29.42 -34.46
N PRO Q 285 60.83 -29.63 -33.11
CA PRO Q 285 60.58 -28.47 -32.22
C PRO Q 285 61.64 -27.38 -32.30
N LEU Q 286 62.88 -27.71 -32.66
CA LEU Q 286 63.91 -26.68 -32.82
C LEU Q 286 63.60 -25.79 -34.02
N LEU Q 287 63.19 -26.40 -35.14
CA LEU Q 287 62.76 -25.62 -36.30
C LEU Q 287 61.50 -24.82 -36.00
N GLU Q 288 60.58 -25.39 -35.22
CA GLU Q 288 59.39 -24.64 -34.84
C GLU Q 288 59.74 -23.42 -33.99
N ILE Q 289 60.74 -23.56 -33.10
CA ILE Q 289 61.20 -22.43 -32.29
C ILE Q 289 61.83 -21.35 -33.18
N MET Q 290 62.67 -21.75 -34.13
CA MET Q 290 63.30 -20.79 -35.03
C MET Q 290 62.27 -20.06 -35.90
N PHE Q 291 61.26 -20.80 -36.38
CA PHE Q 291 60.18 -20.19 -37.15
C PHE Q 291 59.36 -19.23 -36.30
N TYR Q 292 59.09 -19.60 -35.05
CA TYR Q 292 58.28 -18.72 -34.20
C TYR Q 292 59.04 -17.49 -33.73
N PHE Q 293 60.37 -17.52 -33.69
CA PHE Q 293 61.07 -16.23 -33.70
C PHE Q 293 60.86 -15.47 -35.01
N THR Q 294 61.12 -16.12 -36.14
CA THR Q 294 61.37 -15.38 -37.37
C THR Q 294 60.13 -15.22 -38.24
N LYS Q 295 58.94 -15.49 -37.71
CA LYS Q 295 57.74 -15.28 -38.51
C LYS Q 295 57.32 -13.82 -38.60
N ASP Q 296 57.72 -12.99 -37.63
CA ASP Q 296 57.26 -11.60 -37.56
C ASP Q 296 58.40 -10.60 -37.55
N VAL Q 297 59.58 -10.98 -38.03
CA VAL Q 297 60.76 -10.11 -38.02
C VAL Q 297 61.19 -9.90 -39.46
N ASN Q 298 61.27 -8.63 -39.88
CA ASN Q 298 61.80 -8.28 -41.18
C ASN Q 298 63.30 -8.06 -41.08
N GLN Q 299 64.05 -8.64 -42.01
CA GLN Q 299 65.50 -8.62 -41.95
C GLN Q 299 66.10 -7.28 -42.32
N GLU Q 300 65.40 -6.47 -43.12
CA GLU Q 300 65.93 -5.15 -43.48
C GLU Q 300 65.90 -4.20 -42.30
N LEU Q 301 64.92 -4.36 -41.40
CA LEU Q 301 64.82 -3.48 -40.25
C LEU Q 301 65.78 -3.86 -39.13
N LEU Q 302 66.35 -5.05 -39.19
CA LEU Q 302 67.31 -5.47 -38.16
C LEU Q 302 68.66 -4.80 -38.35
N PHE Q 303 68.96 -4.33 -39.56
CA PHE Q 303 70.19 -3.57 -39.81
C PHE Q 303 69.84 -2.10 -39.91
N PRO Q 304 70.17 -1.27 -38.91
CA PRO Q 304 69.74 0.13 -38.94
C PRO Q 304 70.54 1.02 -39.89
N ARG Q 305 71.65 0.53 -40.42
CA ARG Q 305 72.56 1.26 -41.34
C ARG Q 305 73.06 2.58 -40.76
N THR Q 329 69.85 10.34 -30.88
CA THR Q 329 69.87 11.39 -31.89
C THR Q 329 69.52 10.81 -33.26
N SER Q 330 69.93 9.57 -33.51
CA SER Q 330 69.58 8.89 -34.75
C SER Q 330 68.08 8.59 -34.81
N ALA Q 331 67.49 8.24 -33.67
CA ALA Q 331 66.04 8.15 -33.59
C ALA Q 331 65.41 9.52 -33.83
N GLY Q 332 66.00 10.58 -33.27
CA GLY Q 332 65.58 11.92 -33.59
C GLY Q 332 65.88 12.35 -35.02
N PHE Q 333 66.92 11.79 -35.63
CA PHE Q 333 67.22 12.04 -37.03
C PHE Q 333 66.11 11.52 -37.93
N GLU Q 334 65.73 10.25 -37.73
CA GLU Q 334 64.63 9.66 -38.49
C GLU Q 334 63.29 10.31 -38.13
N LEU Q 335 63.14 10.76 -36.88
CA LEU Q 335 61.94 11.47 -36.47
C LEU Q 335 61.83 12.82 -37.17
N SER Q 336 62.93 13.55 -37.30
CA SER Q 336 62.91 14.84 -38.00
C SER Q 336 62.59 14.65 -39.48
N LYS Q 337 63.15 13.61 -40.11
CA LYS Q 337 62.78 13.31 -41.49
C LYS Q 337 61.30 12.90 -41.63
N LEU Q 338 60.76 12.16 -40.66
CA LEU Q 338 59.34 11.80 -40.71
C LEU Q 338 58.44 13.03 -40.54
N LEU Q 339 58.82 13.96 -39.66
CA LEU Q 339 58.06 15.20 -39.56
C LEU Q 339 58.20 16.08 -40.80
N GLN Q 340 59.35 16.06 -41.48
CA GLN Q 340 59.44 16.79 -42.75
C GLN Q 340 58.54 16.18 -43.83
N LYS Q 341 58.48 14.84 -43.89
CA LYS Q 341 57.58 14.17 -44.82
C LYS Q 341 56.12 14.46 -44.49
N GLU Q 342 55.78 14.45 -43.19
CA GLU Q 342 54.43 14.76 -42.76
C GLU Q 342 54.08 16.23 -43.03
N HIS Q 343 55.06 17.13 -42.91
CA HIS Q 343 54.84 18.53 -43.21
C HIS Q 343 54.57 18.76 -44.70
N GLN Q 344 55.33 18.06 -45.56
CA GLN Q 344 55.08 18.18 -47.00
C GLN Q 344 53.73 17.61 -47.40
N MET Q 345 53.35 16.46 -46.80
CA MET Q 345 52.05 15.88 -47.10
C MET Q 345 50.91 16.74 -46.54
N ARG Q 346 51.11 17.36 -45.37
CA ARG Q 346 50.12 18.25 -44.80
C ARG Q 346 49.97 19.53 -45.63
N LYS Q 347 51.08 20.03 -46.19
CA LYS Q 347 51.00 21.18 -47.10
C LYS Q 347 50.25 20.84 -48.37
N ASN Q 348 50.49 19.65 -48.93
CA ASN Q 348 49.74 19.21 -50.11
C ASN Q 348 48.27 18.97 -49.79
N VAL Q 349 47.95 18.57 -48.56
CA VAL Q 349 46.55 18.41 -48.16
C VAL Q 349 45.87 19.77 -48.02
N ILE Q 350 46.53 20.72 -47.32
CA ILE Q 350 45.92 22.03 -47.09
C ILE Q 350 45.96 22.93 -48.31
N LYS Q 351 46.64 22.51 -49.39
CA LYS Q 351 46.41 23.14 -50.68
C LYS Q 351 44.95 22.97 -51.11
N HIS Q 352 44.39 21.78 -50.92
CA HIS Q 352 42.99 21.53 -51.26
C HIS Q 352 42.00 22.12 -50.26
N THR Q 353 42.45 22.41 -49.03
CA THR Q 353 41.55 22.91 -48.00
C THR Q 353 41.16 24.36 -48.29
N SER Q 354 39.87 24.65 -48.10
CA SER Q 354 39.37 26.00 -48.31
C SER Q 354 39.92 26.97 -47.27
N ALA Q 355 40.25 28.18 -47.73
CA ALA Q 355 40.82 29.19 -46.84
C ALA Q 355 39.77 29.75 -45.90
N ARG Q 356 38.53 29.88 -46.36
CA ARG Q 356 37.44 30.41 -45.55
C ARG Q 356 36.80 29.26 -44.76
N HIS Q 357 35.68 29.55 -44.11
CA HIS Q 357 35.01 28.55 -43.28
C HIS Q 357 34.05 27.71 -44.13
N SER Q 358 33.34 26.81 -43.45
CA SER Q 358 32.51 25.83 -44.16
C SER Q 358 31.25 26.45 -44.74
N ARG Q 359 30.61 27.36 -43.98
CA ARG Q 359 29.36 27.97 -44.41
C ARG Q 359 29.55 29.05 -45.48
N PHE Q 360 30.80 29.42 -45.80
CA PHE Q 360 31.08 30.41 -46.83
C PHE Q 360 30.80 29.77 -48.18
N GLY Q 361 29.57 29.94 -48.67
CA GLY Q 361 29.10 29.18 -49.82
C GLY Q 361 29.55 29.69 -51.17
N GLY Q 362 30.25 28.82 -51.90
CA GLY Q 362 30.68 29.15 -53.25
C GLY Q 362 30.21 28.15 -54.28
N LEU Q 363 29.37 28.59 -55.22
CA LEU Q 363 28.80 27.71 -56.24
C LEU Q 363 29.45 28.03 -57.58
N LEU Q 364 29.89 26.99 -58.28
CA LEU Q 364 30.55 27.13 -59.58
C LEU Q 364 29.82 26.30 -60.62
N SER Q 365 29.53 26.92 -61.76
CA SER Q 365 28.93 26.23 -62.90
C SER Q 365 29.97 26.02 -63.98
N ILE Q 366 30.34 24.76 -64.20
CA ILE Q 366 31.29 24.39 -65.24
C ILE Q 366 30.50 23.97 -66.48
N GLN Q 367 31.08 24.21 -67.65
CA GLN Q 367 30.52 23.78 -68.92
C GLN Q 367 31.53 22.97 -69.70
N THR Q 368 31.07 21.89 -70.30
CA THR Q 368 31.80 21.18 -71.35
C THR Q 368 31.65 21.99 -72.64
N PRO Q 369 32.49 21.76 -73.67
CA PRO Q 369 32.22 22.42 -74.96
C PRO Q 369 30.91 21.99 -75.62
N ASP Q 370 30.40 20.82 -75.28
CA ASP Q 370 28.97 20.58 -75.40
C ASP Q 370 28.27 21.37 -74.32
N LYS Q 371 27.38 22.28 -74.70
CA LYS Q 371 26.89 23.32 -73.79
C LYS Q 371 25.97 22.71 -72.72
N THR Q 372 26.40 22.82 -71.47
CA THR Q 372 25.71 22.25 -70.32
C THR Q 372 26.13 23.04 -69.10
N ARG Q 373 25.40 22.88 -68.00
CA ARG Q 373 25.73 23.53 -66.74
C ARG Q 373 25.79 22.50 -65.63
N LEU Q 374 26.97 22.35 -65.02
CA LEU Q 374 27.14 21.46 -63.88
C LEU Q 374 27.59 22.27 -62.68
N THR Q 375 26.90 22.11 -61.56
CA THR Q 375 27.11 22.94 -60.38
C THR Q 375 27.90 22.15 -59.33
N VAL Q 376 28.95 22.77 -58.81
CA VAL Q 376 29.73 22.23 -57.70
C VAL Q 376 29.78 23.28 -56.59
N SER Q 377 29.94 22.83 -55.36
CA SER Q 377 29.94 23.71 -54.19
C SER Q 377 31.31 23.65 -53.52
N GLY Q 378 32.03 24.76 -53.55
CA GLY Q 378 33.32 24.83 -52.90
C GLY Q 378 33.98 26.16 -53.13
N SER Q 379 35.05 26.41 -52.36
CA SER Q 379 35.85 27.61 -52.49
C SER Q 379 37.18 27.37 -53.18
N GLN Q 380 37.87 26.28 -52.84
CA GLN Q 380 39.10 25.93 -53.55
C GLN Q 380 38.81 25.46 -54.97
N ALA Q 381 37.67 24.79 -55.18
CA ALA Q 381 37.26 24.31 -56.49
C ALA Q 381 36.82 25.42 -57.44
N LEU Q 382 36.70 26.65 -56.94
CA LEU Q 382 36.33 27.79 -57.77
C LEU Q 382 37.38 28.10 -58.82
N VAL Q 383 38.66 27.97 -58.48
CA VAL Q 383 39.72 28.49 -59.34
C VAL Q 383 40.28 27.42 -60.26
N ASP Q 384 40.58 26.22 -59.77
CA ASP Q 384 41.21 25.21 -60.58
C ASP Q 384 40.20 24.14 -60.99
N GLU Q 385 40.37 23.62 -62.21
CA GLU Q 385 39.42 22.69 -62.80
C GLU Q 385 39.53 21.29 -62.18
N LYS Q 386 40.73 20.88 -61.78
CA LYS Q 386 40.95 19.51 -61.36
C LYS Q 386 40.31 19.21 -60.02
N ILE Q 387 40.36 20.16 -59.08
CA ILE Q 387 39.70 19.99 -57.78
C ILE Q 387 38.18 19.96 -57.97
N ALA Q 388 37.66 20.76 -58.91
CA ALA Q 388 36.23 20.76 -59.19
C ALA Q 388 35.78 19.44 -59.80
N LEU Q 389 36.58 18.88 -60.71
CA LEU Q 389 36.23 17.58 -61.29
C LEU Q 389 36.40 16.45 -60.28
N GLN Q 390 37.35 16.58 -59.35
CA GLN Q 390 37.48 15.59 -58.28
C GLN Q 390 36.29 15.68 -57.32
N LYS Q 391 35.76 16.88 -57.09
CA LYS Q 391 34.50 17.03 -56.36
C LYS Q 391 33.34 16.37 -57.10
N LEU Q 392 33.27 16.57 -58.42
CA LEU Q 392 32.15 15.99 -59.17
C LEU Q 392 32.24 14.47 -59.23
N ASP Q 393 33.46 13.94 -59.20
CA ASP Q 393 33.62 12.49 -59.07
C ASP Q 393 33.27 12.02 -57.66
N ASP Q 394 33.65 12.80 -56.63
CA ASP Q 394 33.44 12.38 -55.24
C ASP Q 394 32.03 12.67 -54.74
N SER Q 395 31.23 13.44 -55.46
CA SER Q 395 29.88 13.75 -54.99
C SER Q 395 28.91 12.58 -55.18
N LYS Q 396 29.27 11.61 -56.01
CA LYS Q 396 28.41 10.46 -56.25
C LYS Q 396 28.41 9.53 -55.03
N LYS Q 397 27.25 8.94 -54.74
CA LYS Q 397 27.10 8.05 -53.61
C LYS Q 397 26.87 6.60 -54.03
N TRP Q 398 27.10 6.26 -55.29
CA TRP Q 398 27.01 4.89 -55.75
C TRP Q 398 28.42 4.32 -55.88
N ASN Q 399 28.66 3.20 -55.19
CA ASN Q 399 29.96 2.54 -55.21
C ASN Q 399 29.80 1.15 -55.83
N LYS Q 400 30.73 0.80 -56.71
CA LYS Q 400 30.73 -0.52 -57.32
C LYS Q 400 31.07 -1.58 -56.28
N ARG Q 401 30.58 -2.80 -56.52
CA ARG Q 401 30.98 -3.95 -55.72
C ARG Q 401 32.45 -4.27 -55.95
N ILE Q 402 33.19 -4.46 -54.86
CA ILE Q 402 34.53 -5.05 -54.90
C ILE Q 402 34.46 -6.35 -54.12
N ILE Q 403 34.60 -7.47 -54.80
CA ILE Q 403 34.52 -8.78 -54.15
C ILE Q 403 35.79 -9.02 -53.35
N LYS Q 404 35.66 -9.75 -52.25
CA LYS Q 404 36.77 -9.99 -51.34
C LYS Q 404 36.96 -11.48 -51.15
N LYS Q 405 38.22 -11.89 -51.01
CA LYS Q 405 38.56 -13.29 -50.76
C LYS Q 405 38.17 -13.73 -49.35
N HIS Q 406 37.89 -12.78 -48.45
CA HIS Q 406 37.47 -12.91 -47.04
C HIS Q 406 38.56 -13.50 -46.16
N GLN Q 407 39.80 -13.59 -46.65
CA GLN Q 407 40.99 -14.01 -45.90
C GLN Q 407 40.82 -15.40 -45.30
N SER Q 408 40.74 -16.39 -46.19
CA SER Q 408 40.52 -17.77 -45.80
C SER Q 408 41.75 -18.44 -45.20
N VAL Q 409 42.90 -17.75 -45.18
CA VAL Q 409 44.11 -18.28 -44.55
C VAL Q 409 43.92 -18.42 -43.04
N ALA Q 410 43.11 -17.53 -42.44
CA ALA Q 410 42.89 -17.58 -41.00
C ALA Q 410 42.02 -18.76 -40.60
N ALA Q 411 41.28 -19.34 -41.56
CA ALA Q 411 40.47 -20.52 -41.27
C ALA Q 411 41.33 -21.73 -40.95
N GLU Q 412 42.48 -21.86 -41.63
CA GLU Q 412 43.42 -22.91 -41.29
C GLU Q 412 44.14 -22.56 -39.98
N GLY Q 413 44.67 -23.60 -39.34
CA GLY Q 413 45.37 -23.37 -38.09
C GLY Q 413 46.81 -22.96 -38.35
N LEU Q 414 47.07 -21.66 -38.27
CA LEU Q 414 48.34 -21.08 -38.65
C LEU Q 414 48.59 -19.82 -37.85
N PRO Q 415 49.84 -19.50 -37.55
CA PRO Q 415 50.15 -18.24 -36.87
C PRO Q 415 50.26 -17.07 -37.84
N ASN Q 416 50.19 -15.87 -37.27
CA ASN Q 416 50.36 -14.66 -38.05
C ASN Q 416 51.83 -14.49 -38.41
N SER Q 417 52.10 -14.26 -39.69
CA SER Q 417 53.47 -14.22 -40.20
C SER Q 417 53.53 -13.19 -41.31
N LEU Q 418 54.59 -13.24 -42.12
CA LEU Q 418 54.74 -12.34 -43.26
C LEU Q 418 53.72 -12.62 -44.35
N LEU Q 419 53.14 -13.81 -44.37
CA LEU Q 419 52.09 -14.16 -45.31
C LEU Q 419 50.75 -13.55 -44.92
N ASN Q 420 50.58 -13.14 -43.66
CA ASN Q 420 49.34 -12.59 -43.17
C ASN Q 420 49.45 -11.14 -42.71
N SER Q 421 50.61 -10.72 -42.22
CA SER Q 421 50.78 -9.34 -41.77
C SER Q 421 50.81 -8.39 -42.96
N GLN Q 422 50.55 -7.12 -42.66
CA GLN Q 422 50.65 -6.08 -43.66
C GLN Q 422 52.11 -5.87 -44.05
N THR Q 423 52.33 -5.45 -45.30
CA THR Q 423 53.68 -5.15 -45.79
C THR Q 423 54.33 -4.00 -45.02
N GLY Q 424 53.52 -3.07 -44.51
CA GLY Q 424 54.02 -1.99 -43.70
C GLY Q 424 54.17 -2.28 -42.23
N LYS Q 425 53.90 -3.52 -41.79
CA LYS Q 425 54.09 -3.86 -40.38
C LYS Q 425 55.57 -3.92 -40.05
N ALA Q 426 55.94 -3.29 -38.94
CA ALA Q 426 57.33 -3.22 -38.50
C ALA Q 426 57.42 -3.69 -37.07
N ILE Q 427 58.38 -4.55 -36.78
CA ILE Q 427 58.69 -4.91 -35.40
C ILE Q 427 59.71 -3.92 -34.85
N PHE Q 428 59.43 -3.38 -33.68
CA PHE Q 428 60.23 -2.28 -33.12
C PHE Q 428 61.10 -2.84 -32.01
N PHE Q 429 62.24 -3.40 -32.41
CA PHE Q 429 63.22 -3.89 -31.44
C PHE Q 429 63.91 -2.72 -30.77
N THR Q 430 64.25 -2.89 -29.49
CA THR Q 430 65.06 -1.91 -28.79
C THR Q 430 66.53 -2.14 -29.13
N GLU Q 431 67.40 -1.32 -28.53
CA GLU Q 431 68.83 -1.43 -28.81
C GLU Q 431 69.41 -2.72 -28.22
N SER Q 432 69.14 -2.99 -26.95
CA SER Q 432 69.67 -4.18 -26.31
C SER Q 432 68.99 -5.44 -26.81
N ASN Q 433 67.66 -5.41 -26.95
CA ASN Q 433 66.93 -6.57 -27.46
C ASN Q 433 67.29 -6.86 -28.91
N GLY Q 434 67.43 -5.81 -29.72
CA GLY Q 434 67.84 -5.99 -31.11
C GLY Q 434 69.26 -6.53 -31.23
N LYS Q 435 70.16 -6.05 -30.38
CA LYS Q 435 71.54 -6.55 -30.40
C LYS Q 435 71.61 -8.01 -29.94
N HIS Q 436 70.83 -8.37 -28.91
CA HIS Q 436 70.81 -9.76 -28.46
C HIS Q 436 70.20 -10.69 -29.50
N PHE Q 437 69.14 -10.24 -30.18
CA PHE Q 437 68.55 -11.06 -31.24
C PHE Q 437 69.50 -11.19 -32.43
N LYS Q 438 70.21 -10.12 -32.78
CA LYS Q 438 71.20 -10.18 -33.86
C LYS Q 438 72.33 -11.14 -33.51
N GLU Q 439 72.81 -11.10 -32.26
CA GLU Q 439 73.85 -12.03 -31.82
C GLU Q 439 73.36 -13.47 -31.83
N PHE Q 440 72.12 -13.69 -31.41
CA PHE Q 440 71.57 -15.06 -31.38
C PHE Q 440 71.39 -15.62 -32.78
N ILE Q 441 70.85 -14.82 -33.71
CA ILE Q 441 70.66 -15.29 -35.08
C ILE Q 441 72.01 -15.48 -35.78
N ASN Q 442 72.97 -14.60 -35.52
CA ASN Q 442 74.31 -14.74 -36.09
C ASN Q 442 75.00 -16.01 -35.59
N ASN Q 443 74.90 -16.30 -34.30
CA ASN Q 443 75.51 -17.52 -33.78
C ASN Q 443 74.74 -18.76 -34.22
N PHE Q 444 73.43 -18.65 -34.44
CA PHE Q 444 72.65 -19.77 -34.97
C PHE Q 444 73.08 -20.13 -36.39
N ILE Q 445 73.27 -19.12 -37.25
CA ILE Q 445 73.70 -19.40 -38.62
C ILE Q 445 75.15 -19.86 -38.63
N ASP Q 446 76.01 -19.22 -37.84
CA ASP Q 446 77.43 -19.57 -37.85
C ASP Q 446 77.71 -20.88 -37.13
N SER Q 447 76.75 -21.43 -36.37
CA SER Q 447 76.97 -22.66 -35.63
C SER Q 447 76.20 -23.84 -36.20
N GLY Q 448 74.88 -23.73 -36.33
CA GLY Q 448 74.09 -24.91 -36.65
C GLY Q 448 72.89 -24.74 -37.54
N PHE Q 449 72.88 -23.73 -38.41
CA PHE Q 449 71.82 -23.65 -39.41
C PHE Q 449 71.94 -24.77 -40.42
N ASN Q 450 73.18 -25.12 -40.79
CA ASN Q 450 73.40 -26.17 -41.79
C ASN Q 450 73.02 -27.54 -41.28
N ILE Q 451 73.39 -27.86 -40.04
CA ILE Q 451 73.08 -29.17 -39.47
C ILE Q 451 71.57 -29.32 -39.27
N LEU Q 452 70.92 -28.27 -38.76
CA LEU Q 452 69.48 -28.31 -38.56
C LEU Q 452 68.73 -28.40 -39.89
N LEU Q 453 69.17 -27.65 -40.90
CA LEU Q 453 68.53 -27.70 -42.21
C LEU Q 453 68.70 -29.06 -42.86
N HIS Q 454 69.90 -29.64 -42.74
CA HIS Q 454 70.14 -30.97 -43.30
C HIS Q 454 69.30 -32.04 -42.59
N SER Q 455 69.19 -31.96 -41.26
CA SER Q 455 68.36 -32.91 -40.53
C SER Q 455 66.89 -32.79 -40.88
N VAL Q 456 66.39 -31.56 -41.04
CA VAL Q 456 64.99 -31.37 -41.37
C VAL Q 456 64.69 -31.80 -42.81
N THR Q 457 65.59 -31.51 -43.76
CA THR Q 457 65.31 -31.97 -45.13
C THR Q 457 65.58 -33.47 -45.27
N ASN Q 458 66.30 -34.06 -44.30
CA ASN Q 458 66.35 -35.51 -44.22
C ASN Q 458 65.01 -36.07 -43.74
N TYR Q 459 64.41 -35.43 -42.73
CA TYR Q 459 63.18 -35.96 -42.14
C TYR Q 459 61.97 -35.75 -43.06
N PHE Q 460 61.86 -34.56 -43.65
CA PHE Q 460 60.68 -34.21 -44.43
C PHE Q 460 60.67 -34.83 -45.82
N THR Q 461 61.80 -35.29 -46.34
CA THR Q 461 61.80 -35.90 -47.67
C THR Q 461 61.21 -37.31 -47.65
N THR Q 462 61.07 -37.91 -46.47
CA THR Q 462 60.35 -39.16 -46.32
C THR Q 462 58.94 -38.97 -45.78
N GLU Q 463 58.69 -37.85 -45.10
CA GLU Q 463 57.39 -37.49 -44.57
C GLU Q 463 56.71 -36.41 -45.40
N GLN Q 464 56.94 -36.40 -46.72
CA GLN Q 464 56.47 -35.32 -47.57
C GLN Q 464 54.98 -35.43 -47.85
N ASP Q 465 54.45 -36.65 -47.93
CA ASP Q 465 53.06 -36.86 -48.28
C ASP Q 465 52.14 -36.95 -47.07
N ARG Q 466 52.69 -36.74 -45.87
CA ARG Q 466 51.91 -36.85 -44.65
C ARG Q 466 51.86 -35.56 -43.85
N MET Q 467 52.66 -34.56 -44.20
CA MET Q 467 52.70 -33.32 -43.44
C MET Q 467 51.54 -32.41 -43.84
N VAL Q 468 50.93 -31.79 -42.83
CA VAL Q 468 49.82 -30.85 -43.02
C VAL Q 468 50.49 -29.51 -43.35
N THR Q 469 49.69 -28.50 -43.72
CA THR Q 469 50.19 -27.22 -44.23
C THR Q 469 51.11 -26.49 -43.26
N LEU Q 470 50.98 -26.75 -41.95
CA LEU Q 470 51.75 -26.02 -40.95
C LEU Q 470 53.24 -26.30 -41.07
N GLU Q 471 53.65 -27.57 -41.19
CA GLU Q 471 55.07 -27.87 -41.28
C GLU Q 471 55.67 -27.42 -42.60
N GLN Q 472 54.89 -27.48 -43.69
CA GLN Q 472 55.37 -26.98 -44.98
C GLN Q 472 55.61 -25.48 -44.93
N VAL Q 473 54.65 -24.73 -44.36
CA VAL Q 473 54.78 -23.28 -44.26
C VAL Q 473 55.96 -22.90 -43.36
N GLU Q 474 56.12 -23.57 -42.21
CA GLU Q 474 57.19 -23.18 -41.31
C GLU Q 474 58.56 -23.59 -41.84
N TYR Q 475 58.65 -24.70 -42.58
CA TYR Q 475 59.91 -25.11 -43.19
C TYR Q 475 60.34 -24.13 -44.27
N LEU Q 476 59.39 -23.76 -45.15
CA LEU Q 476 59.71 -22.82 -46.23
C LEU Q 476 60.04 -21.44 -45.69
N LEU Q 477 59.34 -21.00 -44.63
CA LEU Q 477 59.62 -19.68 -44.06
C LEU Q 477 60.93 -19.67 -43.29
N PHE Q 478 61.27 -20.75 -42.59
CA PHE Q 478 62.54 -20.84 -41.88
C PHE Q 478 63.71 -20.79 -42.87
N PHE Q 479 63.60 -21.59 -43.94
CA PHE Q 479 64.61 -21.62 -45.00
C PHE Q 479 64.77 -20.25 -45.67
N ALA Q 480 63.65 -19.63 -46.06
CA ALA Q 480 63.69 -18.36 -46.76
C ALA Q 480 64.20 -17.24 -45.88
N TRP Q 481 63.77 -17.21 -44.61
CA TRP Q 481 64.19 -16.16 -43.69
C TRP Q 481 65.69 -16.23 -43.40
N PHE Q 482 66.21 -17.42 -43.14
CA PHE Q 482 67.62 -17.46 -42.78
C PHE Q 482 68.53 -17.31 -43.99
N VAL Q 483 68.08 -17.78 -45.16
CA VAL Q 483 68.82 -17.52 -46.39
C VAL Q 483 68.85 -16.02 -46.70
N LYS Q 484 67.71 -15.33 -46.55
CA LYS Q 484 67.65 -13.90 -46.82
C LYS Q 484 68.48 -13.10 -45.81
N TYR Q 485 68.49 -13.53 -44.54
CA TYR Q 485 69.26 -12.80 -43.55
C TYR Q 485 70.75 -12.99 -43.79
N GLN Q 486 71.19 -14.19 -44.18
CA GLN Q 486 72.60 -14.37 -44.51
C GLN Q 486 72.99 -13.63 -45.79
N LEU Q 487 72.08 -13.56 -46.77
CA LEU Q 487 72.32 -12.75 -47.97
C LEU Q 487 72.50 -11.28 -47.63
N LEU Q 488 71.63 -10.75 -46.77
CA LEU Q 488 71.72 -9.34 -46.40
C LEU Q 488 72.94 -9.05 -45.53
N ARG Q 489 73.31 -10.00 -44.66
CA ARG Q 489 74.51 -9.81 -43.85
C ARG Q 489 75.78 -9.87 -44.69
N SER Q 490 75.82 -10.75 -45.69
CA SER Q 490 76.96 -10.81 -46.58
C SER Q 490 77.03 -9.58 -47.48
N LYS Q 491 75.87 -9.01 -47.86
CA LYS Q 491 75.87 -7.78 -48.64
C LYS Q 491 76.36 -6.60 -47.80
N ILE Q 492 75.90 -6.49 -46.55
CA ILE Q 492 76.28 -5.38 -45.70
C ILE Q 492 77.72 -5.51 -45.25
N ASP Q 493 78.10 -6.67 -44.75
CA ASP Q 493 79.42 -6.89 -44.18
C ASP Q 493 80.12 -8.04 -44.91
N ASN Q 494 81.40 -7.85 -45.18
CA ASN Q 494 82.19 -8.87 -45.86
C ASN Q 494 82.81 -9.88 -44.90
N SER Q 495 82.63 -9.71 -43.59
CA SER Q 495 83.19 -10.67 -42.64
C SER Q 495 82.43 -11.99 -42.68
N ALA Q 496 81.12 -11.93 -42.87
CA ALA Q 496 80.32 -13.14 -42.93
C ALA Q 496 80.54 -13.87 -44.25
N ASP Q 497 80.37 -15.19 -44.21
CA ASP Q 497 80.56 -16.05 -45.38
C ASP Q 497 79.19 -16.51 -45.84
N ILE Q 498 78.98 -16.48 -47.16
CA ILE Q 498 77.71 -16.95 -47.71
C ILE Q 498 77.67 -18.47 -47.72
N LYS Q 499 78.83 -19.13 -47.68
CA LYS Q 499 78.90 -20.59 -47.65
C LYS Q 499 78.38 -21.19 -46.36
N GLN Q 500 78.13 -20.36 -45.33
CA GLN Q 500 77.42 -20.79 -44.13
C GLN Q 500 75.96 -21.15 -44.39
N VAL Q 501 75.39 -20.80 -45.55
CA VAL Q 501 74.09 -21.35 -45.91
C VAL Q 501 74.26 -22.21 -47.16
N SER Q 502 75.47 -22.77 -47.31
CA SER Q 502 75.81 -23.58 -48.49
C SER Q 502 74.98 -24.86 -48.58
N GLU Q 503 74.56 -25.41 -47.43
CA GLU Q 503 73.68 -26.57 -47.43
C GLU Q 503 72.25 -26.22 -47.82
N ALA Q 504 71.94 -24.94 -48.02
CA ALA Q 504 70.71 -24.58 -48.72
C ALA Q 504 70.77 -24.98 -50.19
N LEU Q 505 71.97 -25.09 -50.76
CA LEU Q 505 72.16 -25.30 -52.19
C LEU Q 505 72.33 -26.77 -52.58
N LYS Q 506 72.00 -27.70 -51.69
CA LYS Q 506 72.05 -29.11 -52.06
C LYS Q 506 70.84 -29.46 -52.92
N GLU Q 507 70.91 -30.63 -53.56
CA GLU Q 507 69.84 -31.05 -54.45
C GLU Q 507 68.61 -31.50 -53.68
N VAL Q 508 68.78 -31.97 -52.45
CA VAL Q 508 67.66 -32.48 -51.65
C VAL Q 508 66.72 -31.34 -51.26
N THR Q 509 67.29 -30.20 -50.85
CA THR Q 509 66.47 -29.03 -50.53
C THR Q 509 65.82 -28.45 -51.79
N PHE Q 510 66.51 -28.55 -52.93
CA PHE Q 510 65.92 -28.15 -54.21
C PHE Q 510 64.67 -28.96 -54.51
N ILE Q 511 64.79 -30.29 -54.39
CA ILE Q 511 63.69 -31.21 -54.66
C ILE Q 511 62.55 -30.97 -53.68
N LEU Q 512 62.88 -30.76 -52.40
CA LEU Q 512 61.85 -30.56 -51.39
C LEU Q 512 61.07 -29.26 -51.61
N VAL Q 513 61.78 -28.15 -51.86
CA VAL Q 513 61.11 -26.86 -52.06
C VAL Q 513 60.30 -26.86 -53.35
N SER Q 514 60.87 -27.40 -54.44
CA SER Q 514 60.15 -27.43 -55.71
C SER Q 514 58.94 -28.35 -55.67
N SER Q 515 59.07 -29.50 -54.99
CA SER Q 515 57.95 -30.42 -54.88
C SER Q 515 56.86 -29.86 -53.97
N LEU Q 516 57.24 -29.14 -52.92
CA LEU Q 516 56.25 -28.49 -52.06
C LEU Q 516 55.49 -27.41 -52.82
N LEU Q 517 56.18 -26.60 -53.62
CA LEU Q 517 55.53 -25.57 -54.41
C LEU Q 517 54.61 -26.19 -55.48
N ARG Q 518 55.07 -27.25 -56.14
CA ARG Q 518 54.26 -27.90 -57.17
C ARG Q 518 53.02 -28.57 -56.57
N SER Q 519 53.18 -29.28 -55.44
CA SER Q 519 52.03 -29.93 -54.81
C SER Q 519 51.08 -28.91 -54.20
N ALA Q 520 51.60 -27.74 -53.80
CA ALA Q 520 50.72 -26.67 -53.36
C ALA Q 520 49.93 -26.09 -54.52
N TYR Q 521 50.55 -26.01 -55.71
CA TYR Q 521 49.82 -25.44 -56.85
C TYR Q 521 48.77 -26.41 -57.39
N ASP Q 522 49.09 -27.70 -57.50
CA ASP Q 522 48.16 -28.63 -58.14
C ASP Q 522 46.93 -28.88 -57.28
N LEU Q 523 47.07 -28.81 -55.96
CA LEU Q 523 45.94 -28.97 -55.06
C LEU Q 523 45.23 -27.67 -54.76
N LYS Q 524 45.64 -26.57 -55.41
CA LYS Q 524 45.07 -25.23 -55.26
C LYS Q 524 45.15 -24.72 -53.82
N ASN Q 525 46.18 -25.15 -53.10
CA ASN Q 525 46.47 -24.63 -51.77
C ASN Q 525 47.32 -23.37 -51.92
N TRP Q 526 46.88 -22.27 -51.31
CA TRP Q 526 47.47 -21.00 -51.67
C TRP Q 526 48.38 -20.39 -50.61
N THR Q 527 48.29 -20.86 -49.37
CA THR Q 527 49.22 -20.43 -48.34
C THR Q 527 50.59 -21.05 -48.56
N VAL Q 528 50.62 -22.36 -48.80
CA VAL Q 528 51.87 -23.07 -49.05
C VAL Q 528 52.46 -22.63 -50.39
N THR Q 529 51.60 -22.27 -51.35
CA THR Q 529 52.07 -21.68 -52.61
C THR Q 529 52.79 -20.37 -52.37
N HIS Q 530 52.25 -19.52 -51.49
CA HIS Q 530 52.90 -18.25 -51.16
C HIS Q 530 54.22 -18.45 -50.43
N ALA Q 531 54.25 -19.39 -49.47
CA ALA Q 531 55.48 -19.66 -48.74
C ALA Q 531 56.56 -20.26 -49.66
N GLY Q 532 56.16 -21.17 -50.56
CA GLY Q 532 57.10 -21.71 -51.52
C GLY Q 532 57.55 -20.68 -52.55
N MET Q 533 56.68 -19.72 -52.86
CA MET Q 533 57.07 -18.63 -53.75
C MET Q 533 58.14 -17.74 -53.12
N ILE Q 534 57.98 -17.45 -51.82
CA ILE Q 534 59.00 -16.72 -51.07
C ILE Q 534 60.31 -17.50 -51.01
N ALA Q 535 60.20 -18.82 -50.74
CA ALA Q 535 61.39 -19.66 -50.64
C ALA Q 535 62.11 -19.79 -51.98
N PHE Q 536 61.35 -19.89 -53.08
CA PHE Q 536 61.95 -19.98 -54.40
C PHE Q 536 62.59 -18.66 -54.82
N ASN Q 537 61.97 -17.54 -54.44
CA ASN Q 537 62.56 -16.23 -54.72
C ASN Q 537 63.89 -16.06 -53.98
N GLU Q 538 63.94 -16.48 -52.71
CA GLU Q 538 65.20 -16.36 -51.99
C GLU Q 538 66.22 -17.41 -52.43
N LEU Q 539 65.76 -18.56 -52.93
CA LEU Q 539 66.66 -19.54 -53.51
C LEU Q 539 67.34 -19.00 -54.77
N LEU Q 540 66.55 -18.36 -55.65
CA LEU Q 540 67.12 -17.71 -56.82
C LEU Q 540 68.04 -16.56 -56.46
N ASN Q 541 67.70 -15.81 -55.40
CA ASN Q 541 68.59 -14.74 -54.94
C ASN Q 541 69.92 -15.28 -54.43
N LEU Q 542 69.89 -16.40 -53.70
CA LEU Q 542 71.11 -17.03 -53.22
C LEU Q 542 71.95 -17.57 -54.36
N VAL Q 543 71.30 -18.16 -55.36
CA VAL Q 543 72.01 -18.66 -56.55
C VAL Q 543 72.66 -17.50 -57.32
N SER Q 544 71.92 -16.39 -57.46
CA SER Q 544 72.47 -15.21 -58.13
C SER Q 544 73.65 -14.61 -57.38
N ARG Q 545 73.58 -14.59 -56.04
CA ARG Q 545 74.70 -14.09 -55.24
C ARG Q 545 75.92 -14.98 -55.36
N THR Q 546 75.73 -16.31 -55.30
CA THR Q 546 76.86 -17.22 -55.42
C THR Q 546 77.44 -17.23 -56.83
N LYS Q 547 76.62 -16.96 -57.84
CA LYS Q 547 77.13 -16.87 -59.20
C LYS Q 547 77.87 -15.57 -59.43
N ALA Q 548 77.38 -14.47 -58.85
CA ALA Q 548 78.08 -13.20 -58.99
C ALA Q 548 79.37 -13.17 -58.18
N ALA Q 549 79.46 -13.97 -57.11
CA ALA Q 549 80.69 -14.02 -56.33
C ALA Q 549 81.78 -14.78 -57.06
N GLN Q 550 81.45 -15.89 -57.72
CA GLN Q 550 82.43 -16.76 -58.34
C GLN Q 550 82.06 -17.02 -59.79
N GLU Q 551 82.94 -16.65 -60.71
CA GLU Q 551 82.81 -17.00 -62.12
C GLU Q 551 84.16 -17.39 -62.72
N THR Q 555 82.19 -25.74 -62.65
CA THR Q 555 81.35 -25.07 -61.67
C THR Q 555 80.01 -25.78 -61.54
N ASP Q 556 79.44 -25.75 -60.34
CA ASP Q 556 78.20 -26.46 -60.03
C ASP Q 556 77.01 -25.53 -60.25
N ILE Q 557 77.26 -24.26 -60.59
CA ILE Q 557 76.21 -23.27 -60.72
C ILE Q 557 75.34 -23.55 -61.94
N GLU Q 558 75.96 -23.94 -63.05
CA GLU Q 558 75.18 -24.31 -64.23
C GLU Q 558 74.36 -25.58 -63.99
N PHE Q 559 74.88 -26.49 -63.16
CA PHE Q 559 74.14 -27.69 -62.79
C PHE Q 559 72.92 -27.36 -61.96
N ILE Q 560 73.03 -26.42 -61.02
CA ILE Q 560 71.89 -26.15 -60.17
C ILE Q 560 70.87 -25.25 -60.88
N VAL Q 561 71.30 -24.37 -61.79
CA VAL Q 561 70.30 -23.60 -62.53
C VAL Q 561 69.64 -24.45 -63.61
N SER Q 562 70.31 -25.53 -64.05
CA SER Q 562 69.60 -26.51 -64.87
C SER Q 562 68.66 -27.36 -64.02
N ARG Q 563 68.99 -27.54 -62.73
CA ARG Q 563 68.14 -28.37 -61.87
C ARG Q 563 66.86 -27.66 -61.47
N LEU Q 564 66.93 -26.37 -61.11
CA LEU Q 564 65.73 -25.67 -60.67
C LEU Q 564 64.77 -25.40 -61.82
N PHE Q 565 65.28 -24.99 -62.98
CA PHE Q 565 64.44 -24.62 -64.09
C PHE Q 565 64.05 -25.82 -64.96
N SER Q 566 64.32 -27.04 -64.52
CA SER Q 566 63.93 -28.22 -65.25
C SER Q 566 62.43 -28.49 -65.04
N ASP Q 567 61.95 -29.57 -65.67
CA ASP Q 567 60.57 -30.05 -65.67
C ASP Q 567 59.68 -28.94 -66.26
N GLU Q 568 58.44 -28.84 -65.78
CA GLU Q 568 57.52 -27.80 -66.23
C GLU Q 568 57.49 -26.61 -65.28
N ARG Q 569 58.59 -26.35 -64.56
CA ARG Q 569 58.62 -25.30 -63.56
C ARG Q 569 58.68 -23.91 -64.18
N ILE Q 570 59.18 -23.78 -65.41
CA ILE Q 570 59.13 -22.49 -66.09
C ILE Q 570 57.69 -22.10 -66.40
N GLN Q 571 56.87 -23.08 -66.78
CA GLN Q 571 55.44 -22.83 -66.95
C GLN Q 571 54.76 -22.52 -65.63
N LEU Q 572 55.23 -23.12 -64.53
CA LEU Q 572 54.71 -22.82 -63.20
C LEU Q 572 54.98 -21.37 -62.81
N LEU Q 573 56.23 -20.94 -62.94
CA LEU Q 573 56.58 -19.56 -62.65
C LEU Q 573 55.99 -18.59 -63.66
N SER Q 574 55.66 -19.06 -64.87
CA SER Q 574 54.99 -18.20 -65.84
C SER Q 574 53.53 -17.98 -65.48
N ASN Q 575 52.84 -19.02 -65.04
CA ASN Q 575 51.41 -18.88 -64.77
C ASN Q 575 51.12 -18.53 -63.31
N LEU Q 576 52.13 -18.39 -62.47
CA LEU Q 576 51.89 -17.79 -61.15
C LEU Q 576 51.43 -16.33 -61.20
N PRO Q 577 51.97 -15.41 -62.02
CA PRO Q 577 51.38 -14.07 -62.07
C PRO Q 577 50.00 -13.99 -62.71
N LYS Q 578 49.59 -14.96 -63.54
CA LYS Q 578 48.29 -14.87 -64.20
C LYS Q 578 47.15 -15.02 -63.20
N ILE Q 579 47.40 -15.75 -62.12
CA ILE Q 579 46.42 -16.00 -61.08
C ILE Q 579 46.65 -15.16 -59.83
N GLY Q 580 47.53 -14.16 -59.90
CA GLY Q 580 47.87 -13.41 -58.71
C GLY Q 580 46.84 -12.38 -58.30
N SER Q 581 46.11 -11.81 -59.27
CA SER Q 581 45.29 -10.62 -59.03
C SER Q 581 44.10 -10.89 -58.12
N LYS Q 582 43.67 -12.15 -58.03
CA LYS Q 582 42.52 -12.48 -57.18
C LYS Q 582 42.87 -12.45 -55.70
N TYR Q 583 44.12 -12.76 -55.35
CA TYR Q 583 44.50 -12.99 -53.97
C TYR Q 583 44.99 -11.70 -53.32
N SER Q 584 45.59 -11.82 -52.13
CA SER Q 584 45.88 -10.69 -51.27
C SER Q 584 47.09 -9.90 -51.77
N LEU Q 585 47.45 -8.86 -51.01
CA LEU Q 585 48.55 -7.98 -51.39
C LEU Q 585 49.90 -8.65 -51.23
N GLN Q 586 50.05 -9.49 -50.19
CA GLN Q 586 51.34 -10.11 -49.91
C GLN Q 586 51.67 -11.18 -50.94
N PHE Q 587 50.65 -11.93 -51.39
CA PHE Q 587 50.81 -12.87 -52.50
C PHE Q 587 51.25 -12.14 -53.76
N MET Q 588 50.69 -10.97 -54.00
CA MET Q 588 51.00 -10.21 -55.21
C MET Q 588 52.40 -9.61 -55.15
N LYS Q 589 52.82 -9.17 -53.95
CA LYS Q 589 54.19 -8.70 -53.76
C LYS Q 589 55.20 -9.82 -53.93
N SER Q 590 54.87 -11.02 -53.46
CA SER Q 590 55.73 -12.16 -53.71
C SER Q 590 55.78 -12.53 -55.18
N CYS Q 591 54.67 -12.33 -55.91
CA CYS Q 591 54.69 -12.49 -57.36
C CYS Q 591 55.64 -11.49 -58.02
N ILE Q 592 55.64 -10.24 -57.54
CA ILE Q 592 56.57 -9.22 -58.02
C ILE Q 592 58.01 -9.66 -57.82
N GLU Q 593 58.34 -10.07 -56.59
CA GLU Q 593 59.73 -10.37 -56.26
C GLU Q 593 60.20 -11.65 -56.94
N LEU Q 594 59.31 -12.64 -57.05
CA LEU Q 594 59.67 -13.89 -57.72
C LEU Q 594 59.86 -13.70 -59.22
N THR Q 595 58.97 -12.93 -59.88
CA THR Q 595 59.13 -12.71 -61.31
C THR Q 595 60.35 -11.85 -61.61
N HIS Q 596 60.63 -10.87 -60.74
CA HIS Q 596 61.84 -10.07 -60.90
C HIS Q 596 63.09 -10.92 -60.74
N SER Q 597 63.09 -11.84 -59.76
CA SER Q 597 64.22 -12.74 -59.59
C SER Q 597 64.38 -13.70 -60.78
N VAL Q 598 63.26 -14.20 -61.31
CA VAL Q 598 63.27 -15.11 -62.45
C VAL Q 598 63.87 -14.42 -63.68
N LEU Q 599 63.40 -13.20 -63.96
CA LEU Q 599 63.90 -12.48 -65.13
C LEU Q 599 65.34 -12.01 -64.94
N LYS Q 600 65.74 -11.73 -63.70
CA LYS Q 600 67.13 -11.31 -63.46
C LYS Q 600 68.09 -12.49 -63.57
N VAL Q 601 67.66 -13.68 -63.12
CA VAL Q 601 68.56 -14.82 -63.22
C VAL Q 601 68.52 -15.43 -64.62
N LEU Q 602 67.48 -15.17 -65.40
CA LEU Q 602 67.42 -15.70 -66.75
C LEU Q 602 67.95 -14.72 -67.80
N GLU Q 603 68.06 -13.44 -67.47
CA GLU Q 603 68.69 -12.49 -68.40
C GLU Q 603 70.20 -12.57 -68.37
N GLN Q 604 70.79 -13.27 -67.39
CA GLN Q 604 72.22 -13.49 -67.37
C GLN Q 604 72.67 -14.49 -68.42
N TYR Q 605 71.75 -15.32 -68.92
CA TYR Q 605 72.06 -16.35 -69.91
C TYR Q 605 71.55 -15.98 -71.30
N SER Q 606 71.37 -14.69 -71.57
CA SER Q 606 70.88 -14.27 -72.87
C SER Q 606 71.95 -14.40 -73.95
N ASP Q 607 73.20 -14.09 -73.61
CA ASP Q 607 74.30 -14.23 -74.55
C ASP Q 607 75.10 -15.50 -74.34
N ASP Q 608 75.17 -16.00 -73.10
CA ASP Q 608 75.97 -17.19 -72.81
C ASP Q 608 75.32 -18.47 -73.33
N LYS Q 609 74.02 -18.44 -73.62
CA LYS Q 609 73.22 -19.47 -74.30
C LYS Q 609 73.13 -20.82 -73.57
N THR Q 610 73.74 -20.93 -72.38
CA THR Q 610 73.76 -22.18 -71.64
C THR Q 610 72.41 -22.36 -70.94
N LEU Q 611 71.44 -22.86 -71.70
CA LEU Q 611 70.09 -23.09 -71.23
C LEU Q 611 69.63 -24.52 -71.52
N VAL Q 612 70.49 -25.50 -71.26
CA VAL Q 612 70.07 -26.89 -71.37
C VAL Q 612 69.24 -27.25 -70.13
N ILE Q 613 68.07 -27.84 -70.37
CA ILE Q 613 67.05 -28.01 -69.34
C ILE Q 613 66.37 -29.35 -69.56
N GLU Q 614 66.23 -30.13 -68.49
CA GLU Q 614 65.45 -31.36 -68.55
C GLU Q 614 63.98 -31.04 -68.78
N GLY Q 615 63.43 -31.54 -69.87
CA GLY Q 615 62.06 -31.26 -70.25
C GLY Q 615 61.24 -32.53 -70.25
N LYS Q 616 59.93 -32.35 -70.21
CA LYS Q 616 59.02 -33.49 -70.24
C LYS Q 616 58.61 -33.80 -71.67
N SER Q 617 59.04 -34.96 -72.17
CA SER Q 617 58.64 -35.41 -73.50
C SER Q 617 57.28 -36.10 -73.45
N ARG Q 618 56.49 -35.89 -74.49
CA ARG Q 618 55.08 -36.25 -74.49
C ARG Q 618 54.80 -37.51 -75.30
N ARG Q 619 55.18 -37.52 -76.57
CA ARG Q 619 54.98 -38.67 -77.43
C ARG Q 619 56.21 -39.58 -77.36
N GLN Q 620 56.34 -40.50 -78.30
CA GLN Q 620 57.37 -41.54 -78.26
C GLN Q 620 58.77 -40.94 -78.39
N LYS Q 621 59.63 -41.25 -77.42
CA LYS Q 621 61.05 -40.90 -77.45
C LYS Q 621 61.92 -42.15 -77.41
N LYS Q 622 61.37 -43.29 -77.79
CA LYS Q 622 62.09 -44.56 -77.68
C LYS Q 622 63.16 -44.66 -78.76
N PHE Q 623 64.33 -45.18 -78.37
CA PHE Q 623 65.47 -45.31 -79.27
C PHE Q 623 66.08 -46.69 -79.10
N ASN Q 624 66.34 -47.36 -80.22
CA ASN Q 624 67.05 -48.64 -80.19
C ASN Q 624 68.51 -48.41 -79.83
N ILE Q 625 68.92 -48.90 -78.66
CA ILE Q 625 70.25 -48.61 -78.14
C ILE Q 625 71.29 -49.40 -78.92
N SER Q 626 72.52 -48.89 -78.91
CA SER Q 626 73.67 -49.56 -79.51
C SER Q 626 74.72 -49.77 -78.43
N GLU Q 627 75.10 -51.03 -78.20
CA GLU Q 627 76.04 -51.33 -77.14
C GLU Q 627 77.48 -50.94 -77.50
N GLY Q 628 77.78 -50.78 -78.78
CA GLY Q 628 79.06 -50.18 -79.15
C GLY Q 628 79.14 -48.71 -78.77
N ASP Q 629 78.06 -47.97 -79.00
CA ASP Q 629 77.92 -46.60 -78.52
C ASP Q 629 77.99 -46.54 -77.00
N ILE Q 630 77.36 -47.52 -76.33
CA ILE Q 630 77.37 -47.59 -74.87
C ILE Q 630 78.79 -47.81 -74.36
N THR Q 631 79.54 -48.74 -74.98
CA THR Q 631 80.89 -49.03 -74.53
C THR Q 631 81.86 -47.89 -74.84
N LYS Q 632 81.66 -47.17 -75.94
CA LYS Q 632 82.56 -46.04 -76.19
C LYS Q 632 82.21 -44.86 -75.28
N LEU Q 633 80.95 -44.72 -74.86
CA LEU Q 633 80.66 -43.76 -73.80
C LEU Q 633 81.23 -44.21 -72.45
N ILE Q 634 81.29 -45.52 -72.21
CA ILE Q 634 81.94 -46.05 -71.02
C ILE Q 634 83.42 -45.67 -71.01
N GLU Q 635 84.07 -45.78 -72.18
CA GLU Q 635 85.45 -45.32 -72.31
C GLU Q 635 85.55 -43.80 -72.20
N GLU Q 636 84.53 -43.06 -72.61
CA GLU Q 636 84.61 -41.60 -72.61
C GLU Q 636 84.49 -41.02 -71.20
N GLU Q 637 83.35 -41.23 -70.53
CA GLU Q 637 83.12 -40.56 -69.26
C GLU Q 637 83.22 -41.49 -68.04
N ASN Q 638 83.81 -42.68 -68.21
CA ASN Q 638 84.16 -43.61 -67.11
C ASN Q 638 82.95 -44.01 -66.28
N VAL Q 639 82.03 -44.71 -66.91
CA VAL Q 639 80.70 -44.96 -66.37
C VAL Q 639 80.37 -46.44 -66.51
N ASP Q 640 79.51 -46.94 -65.63
CA ASP Q 640 78.91 -48.26 -65.76
C ASP Q 640 77.73 -48.16 -66.73
N ARG Q 641 77.43 -49.25 -67.43
CA ARG Q 641 76.48 -49.12 -68.53
C ARG Q 641 75.03 -49.00 -68.07
N ASP Q 642 74.71 -49.38 -66.84
CA ASP Q 642 73.34 -49.19 -66.35
C ASP Q 642 73.05 -47.71 -66.15
N GLU Q 643 73.95 -47.02 -65.45
CA GLU Q 643 73.82 -45.57 -65.33
C GLU Q 643 74.19 -44.85 -66.64
N ALA Q 644 74.90 -45.51 -67.55
CA ALA Q 644 75.05 -44.95 -68.89
C ALA Q 644 73.77 -45.06 -69.70
N LEU Q 645 72.99 -46.13 -69.50
CA LEU Q 645 71.65 -46.19 -70.05
C LEU Q 645 70.77 -45.11 -69.46
N ASP Q 646 70.92 -44.85 -68.16
CA ASP Q 646 70.24 -43.73 -67.51
C ASP Q 646 70.63 -42.39 -68.14
N ILE Q 647 71.93 -42.19 -68.41
CA ILE Q 647 72.42 -40.97 -69.04
C ILE Q 647 71.91 -40.87 -70.49
N LEU Q 648 71.86 -42.00 -71.19
CA LEU Q 648 71.38 -42.05 -72.57
C LEU Q 648 69.90 -41.73 -72.65
N THR Q 649 69.13 -42.18 -71.66
CA THR Q 649 67.71 -41.79 -71.60
C THR Q 649 67.57 -40.31 -71.26
N SER Q 650 68.32 -39.83 -70.26
CA SER Q 650 68.18 -38.45 -69.81
C SER Q 650 68.69 -37.44 -70.83
N SER Q 651 69.57 -37.85 -71.75
CA SER Q 651 70.00 -36.95 -72.80
C SER Q 651 68.91 -36.71 -73.83
N LEU Q 652 67.97 -37.63 -73.95
CA LEU Q 652 66.91 -37.51 -74.95
C LEU Q 652 65.85 -36.50 -74.55
N ARG Q 653 65.57 -36.34 -73.25
CA ARG Q 653 64.64 -35.30 -72.81
C ARG Q 653 65.27 -33.92 -72.65
N SER Q 654 66.57 -33.77 -72.88
CA SER Q 654 67.18 -32.45 -72.72
C SER Q 654 66.78 -31.53 -73.87
N ILE Q 655 66.30 -30.33 -73.52
CA ILE Q 655 65.89 -29.32 -74.48
C ILE Q 655 66.58 -28.01 -74.16
N GLU Q 656 66.33 -27.02 -74.99
CA GLU Q 656 66.84 -25.66 -74.79
C GLU Q 656 65.68 -24.67 -74.86
N VAL Q 657 65.74 -23.67 -73.99
CA VAL Q 657 64.69 -22.66 -73.89
C VAL Q 657 65.25 -21.34 -74.42
N ASN Q 658 64.37 -20.51 -74.97
CA ASN Q 658 64.72 -19.18 -75.43
C ASN Q 658 64.27 -18.16 -74.39
N PHE Q 659 65.16 -17.22 -74.06
CA PHE Q 659 64.82 -16.21 -73.07
C PHE Q 659 63.82 -15.19 -73.63
N GLN Q 660 63.87 -14.94 -74.94
CA GLN Q 660 62.85 -14.13 -75.58
C GLN Q 660 61.48 -14.80 -75.51
N LYS Q 661 61.47 -16.13 -75.61
CA LYS Q 661 60.24 -16.90 -75.43
C LYS Q 661 59.75 -16.79 -73.98
N VAL Q 662 60.67 -16.76 -73.01
CA VAL Q 662 60.31 -16.62 -71.60
C VAL Q 662 59.66 -15.25 -71.35
N GLN Q 663 60.26 -14.18 -71.90
CA GLN Q 663 59.65 -12.86 -71.81
C GLN Q 663 58.29 -12.82 -72.46
N ALA Q 664 58.18 -13.29 -73.71
CA ALA Q 664 56.93 -13.23 -74.45
C ALA Q 664 55.84 -14.12 -73.84
N ASN Q 665 56.23 -15.15 -73.09
CA ASN Q 665 55.24 -15.93 -72.34
C ASN Q 665 54.81 -15.16 -71.11
N TYR Q 666 55.71 -14.37 -70.52
CA TYR Q 666 55.34 -13.57 -69.34
C TYR Q 666 54.49 -12.35 -69.66
N MET Q 667 54.28 -12.00 -70.94
CA MET Q 667 53.63 -10.74 -71.30
C MET Q 667 52.12 -10.88 -71.47
N THR Q 668 51.49 -11.83 -70.80
CA THR Q 668 50.05 -12.04 -70.97
C THR Q 668 49.30 -10.94 -70.22
N GLU Q 669 48.09 -10.64 -70.69
CA GLU Q 669 47.27 -9.57 -70.10
C GLU Q 669 46.95 -9.72 -68.61
N PRO Q 670 46.59 -10.89 -68.05
CA PRO Q 670 46.43 -10.95 -66.58
C PRO Q 670 47.68 -10.67 -65.77
N VAL Q 671 48.88 -10.86 -66.33
CA VAL Q 671 50.10 -10.47 -65.63
C VAL Q 671 50.18 -8.96 -65.50
N ILE Q 672 49.84 -8.24 -66.57
CA ILE Q 672 49.78 -6.78 -66.53
C ILE Q 672 48.67 -6.33 -65.59
N GLU Q 673 47.56 -7.08 -65.57
CA GLU Q 673 46.44 -6.77 -64.67
C GLU Q 673 46.84 -6.89 -63.21
N THR Q 674 47.57 -7.95 -62.84
CA THR Q 674 47.98 -8.08 -61.45
C THR Q 674 49.09 -7.11 -61.08
N TYR Q 675 49.91 -6.68 -62.05
CA TYR Q 675 50.96 -5.73 -61.68
C TYR Q 675 50.39 -4.33 -61.53
N ILE Q 676 49.38 -4.00 -62.34
CA ILE Q 676 48.67 -2.74 -62.17
C ILE Q 676 47.87 -2.73 -60.88
N ASN Q 677 47.29 -3.89 -60.51
CA ASN Q 677 46.61 -3.99 -59.22
C ASN Q 677 47.58 -3.88 -58.05
N PHE Q 678 48.82 -4.35 -58.22
CA PHE Q 678 49.79 -4.18 -57.15
C PHE Q 678 50.28 -2.74 -57.04
N LEU Q 679 50.41 -2.06 -58.18
CA LEU Q 679 50.82 -0.66 -58.18
C LEU Q 679 49.73 0.28 -57.69
N GLU Q 680 48.49 -0.22 -57.53
CA GLU Q 680 47.41 0.57 -56.97
C GLU Q 680 47.68 0.92 -55.51
N ARG Q 681 48.34 0.04 -54.77
CA ARG Q 681 48.62 0.27 -53.35
C ARG Q 681 49.94 1.02 -53.16
N PHE Q 682 50.15 2.10 -53.91
CA PHE Q 682 51.45 2.76 -53.93
C PHE Q 682 51.71 3.63 -52.70
N ARG Q 683 50.69 3.89 -51.88
CA ARG Q 683 50.93 4.62 -50.63
C ARG Q 683 51.60 3.72 -49.59
N GLU Q 684 51.19 2.46 -49.51
CA GLU Q 684 51.68 1.56 -48.48
C GLU Q 684 53.09 1.05 -48.77
N LEU Q 685 53.44 0.88 -50.04
CA LEU Q 685 54.67 0.20 -50.40
C LEU Q 685 55.87 1.12 -50.27
N GLU Q 686 57.05 0.49 -50.17
CA GLU Q 686 58.32 1.21 -50.15
C GLU Q 686 58.78 1.44 -51.59
N ASP Q 687 60.02 1.92 -51.74
CA ASP Q 687 60.53 2.23 -53.07
C ASP Q 687 60.91 0.99 -53.86
N ASP Q 688 61.25 -0.11 -53.18
CA ASP Q 688 61.81 -1.27 -53.86
C ASP Q 688 60.77 -2.01 -54.69
N SER Q 689 59.56 -2.17 -54.15
CA SER Q 689 58.53 -2.93 -54.85
C SER Q 689 58.05 -2.20 -56.09
N ILE Q 690 57.79 -0.90 -55.98
CA ILE Q 690 57.41 -0.13 -57.17
C ILE Q 690 58.58 0.07 -58.11
N LYS Q 691 59.83 0.01 -57.62
CA LYS Q 691 60.99 -0.02 -58.51
C LYS Q 691 60.99 -1.29 -59.34
N LYS Q 692 60.65 -2.42 -58.73
CA LYS Q 692 60.55 -3.68 -59.46
C LYS Q 692 59.42 -3.65 -60.50
N VAL Q 693 58.28 -3.05 -60.12
CA VAL Q 693 57.14 -2.94 -61.04
C VAL Q 693 57.48 -2.07 -62.23
N PHE Q 694 58.13 -0.93 -61.99
CA PHE Q 694 58.47 -0.06 -63.11
C PHE Q 694 59.67 -0.59 -63.91
N SER Q 695 60.50 -1.45 -63.32
CA SER Q 695 61.52 -2.14 -64.10
C SER Q 695 60.87 -3.15 -65.04
N PHE Q 696 59.84 -3.86 -64.58
CA PHE Q 696 59.14 -4.78 -65.48
C PHE Q 696 58.33 -4.02 -66.52
N PHE Q 697 57.85 -2.82 -66.17
CA PHE Q 697 57.18 -1.99 -67.16
C PHE Q 697 58.15 -1.46 -68.21
N HIS Q 698 59.40 -1.19 -67.82
CA HIS Q 698 60.44 -0.89 -68.81
C HIS Q 698 60.75 -2.11 -69.66
N ARG Q 699 60.70 -3.31 -69.07
CA ARG Q 699 60.92 -4.54 -69.82
C ARG Q 699 59.81 -4.75 -70.85
N VAL Q 700 58.57 -4.44 -70.50
CA VAL Q 700 57.46 -4.58 -71.42
C VAL Q 700 57.53 -3.54 -72.51
N PHE Q 701 57.71 -2.28 -72.11
CA PHE Q 701 57.31 -1.15 -72.94
C PHE Q 701 58.47 -0.63 -73.78
N VAL Q 702 59.71 -0.92 -73.39
CA VAL Q 702 60.90 -0.52 -74.16
C VAL Q 702 61.52 -1.73 -74.85
N GLN Q 703 61.82 -2.78 -74.08
CA GLN Q 703 62.64 -3.87 -74.61
C GLN Q 703 61.84 -4.81 -75.49
N ALA Q 704 60.72 -5.33 -74.99
CA ALA Q 704 59.93 -6.31 -75.73
C ALA Q 704 59.23 -5.72 -76.94
N LYS Q 705 58.97 -4.41 -76.91
CA LYS Q 705 58.47 -3.43 -77.87
C LYS Q 705 56.97 -3.56 -78.17
N GLU Q 706 56.26 -4.55 -77.65
CA GLU Q 706 54.79 -4.50 -77.77
C GLU Q 706 54.27 -3.59 -76.66
N GLN Q 707 53.49 -2.59 -77.06
CA GLN Q 707 53.12 -1.51 -76.16
C GLN Q 707 51.63 -1.49 -75.83
N ALA Q 708 50.81 -2.30 -76.53
CA ALA Q 708 49.37 -2.28 -76.31
C ALA Q 708 48.97 -2.93 -74.99
N LEU Q 709 49.88 -3.66 -74.35
CA LEU Q 709 49.63 -4.21 -73.02
C LEU Q 709 49.48 -3.10 -71.99
N LEU Q 710 50.26 -2.05 -72.11
CA LEU Q 710 50.23 -0.92 -71.19
C LEU Q 710 49.32 0.20 -71.68
N PHE Q 711 48.70 0.05 -72.84
CA PHE Q 711 47.75 1.04 -73.34
C PHE Q 711 46.34 0.69 -72.84
N ARG Q 712 46.20 0.76 -71.52
CA ARG Q 712 44.90 0.61 -70.88
C ARG Q 712 44.74 1.75 -69.88
N PHE Q 713 43.48 2.03 -69.54
CA PHE Q 713 43.16 3.30 -68.92
C PHE Q 713 43.33 3.30 -67.41
N ASP Q 714 43.32 2.11 -66.79
CA ASP Q 714 43.57 2.01 -65.35
C ASP Q 714 44.98 2.45 -65.00
N LEU Q 715 45.95 2.10 -65.87
CA LEU Q 715 47.32 2.60 -65.72
C LEU Q 715 47.39 4.11 -65.84
N ILE Q 716 46.58 4.70 -66.71
CA ILE Q 716 46.59 6.15 -66.91
C ILE Q 716 46.03 6.85 -65.67
N ILE Q 717 44.93 6.33 -65.11
CA ILE Q 717 44.35 6.89 -63.88
C ILE Q 717 45.34 6.75 -62.72
N LEU Q 718 45.99 5.58 -62.63
CA LEU Q 718 46.95 5.34 -61.55
C LEU Q 718 48.18 6.22 -61.69
N LEU Q 719 48.64 6.47 -62.92
CA LEU Q 719 49.77 7.37 -63.12
C LEU Q 719 49.42 8.81 -62.79
N ARG Q 720 48.18 9.22 -63.06
CA ARG Q 720 47.72 10.53 -62.62
C ARG Q 720 47.71 10.62 -61.09
N GLU Q 721 47.28 9.54 -60.42
CA GLU Q 721 47.23 9.55 -58.97
C GLU Q 721 48.64 9.56 -58.35
N MET Q 722 49.57 8.82 -58.95
CA MET Q 722 50.93 8.77 -58.42
C MET Q 722 51.67 10.07 -58.67
N LEU Q 723 51.49 10.69 -59.84
CA LEU Q 723 52.22 11.90 -60.16
C LEU Q 723 51.59 13.16 -59.57
N SER Q 724 50.42 13.04 -58.95
CA SER Q 724 49.80 14.16 -58.26
C SER Q 724 50.58 14.49 -57.00
N PRO Q 725 50.47 15.73 -56.49
CA PRO Q 725 51.07 16.05 -55.19
C PRO Q 725 50.47 15.29 -54.02
N ASP Q 726 49.24 14.77 -54.14
CA ASP Q 726 48.66 13.95 -53.10
C ASP Q 726 49.29 12.56 -53.05
N GLY Q 727 49.94 12.12 -54.12
CA GLY Q 727 50.48 10.78 -54.17
C GLY Q 727 51.94 10.69 -53.74
N LEU Q 728 52.82 10.36 -54.67
CA LEU Q 728 54.23 10.18 -54.36
C LEU Q 728 54.90 11.50 -54.00
N ASP Q 729 55.84 11.42 -53.07
CA ASP Q 729 56.57 12.60 -52.64
C ASP Q 729 57.56 13.02 -53.72
N ARG Q 730 57.75 14.33 -53.85
CA ARG Q 730 58.70 14.85 -54.84
C ARG Q 730 60.14 14.59 -54.44
N MET Q 731 60.42 14.53 -53.14
CA MET Q 731 61.76 14.24 -52.67
C MET Q 731 62.12 12.77 -52.72
N SER Q 732 61.14 11.88 -52.89
CA SER Q 732 61.41 10.46 -53.01
C SER Q 732 62.04 10.15 -54.35
N ARG Q 733 62.91 9.14 -54.37
CA ARG Q 733 63.59 8.74 -55.59
C ARG Q 733 62.69 7.94 -56.53
N SER Q 734 61.52 7.50 -56.07
CA SER Q 734 60.62 6.73 -56.92
C SER Q 734 60.00 7.61 -58.02
N ARG Q 735 59.67 8.85 -57.66
CA ARG Q 735 58.97 9.76 -58.57
C ARG Q 735 59.81 10.11 -59.79
N LYS Q 736 61.14 10.02 -59.70
CA LYS Q 736 62.00 10.29 -60.84
C LYS Q 736 61.77 9.28 -61.96
N TYR Q 737 61.86 7.98 -61.65
CA TYR Q 737 61.63 7.00 -62.71
C TYR Q 737 60.15 6.83 -63.05
N VAL Q 738 59.24 7.13 -62.12
CA VAL Q 738 57.83 7.18 -62.47
C VAL Q 738 57.56 8.27 -63.51
N SER Q 739 58.16 9.46 -63.29
CA SER Q 739 58.00 10.57 -64.23
C SER Q 739 58.67 10.28 -65.56
N GLN Q 740 59.84 9.65 -65.55
CA GLN Q 740 60.52 9.31 -66.81
C GLN Q 740 59.74 8.29 -67.62
N PHE Q 741 59.22 7.24 -66.95
CA PHE Q 741 58.41 6.24 -67.64
C PHE Q 741 57.12 6.86 -68.16
N SER Q 742 56.51 7.77 -67.40
CA SER Q 742 55.28 8.39 -67.85
C SER Q 742 55.53 9.33 -69.03
N ASP Q 743 56.68 10.00 -69.05
CA ASP Q 743 57.05 10.85 -70.20
C ASP Q 743 57.20 10.02 -71.46
N TYR Q 744 57.94 8.90 -71.36
CA TYR Q 744 58.16 8.06 -72.54
C TYR Q 744 56.86 7.38 -72.95
N PHE Q 745 56.01 7.06 -71.96
CA PHE Q 745 54.72 6.43 -72.20
C PHE Q 745 53.77 7.36 -72.93
N LEU Q 746 53.68 8.63 -72.52
CA LEU Q 746 52.82 9.56 -73.22
C LEU Q 746 53.39 9.98 -74.57
N ALA Q 747 54.72 9.94 -74.74
CA ALA Q 747 55.29 10.16 -76.07
C ALA Q 747 54.86 9.08 -77.04
N ARG Q 748 54.98 7.81 -76.64
CA ARG Q 748 54.52 6.72 -77.50
C ARG Q 748 53.00 6.70 -77.64
N LEU Q 749 52.28 7.15 -76.62
CA LEU Q 749 50.82 7.24 -76.70
C LEU Q 749 50.37 8.28 -77.72
N LYS Q 750 51.01 9.46 -77.71
CA LYS Q 750 50.66 10.47 -78.69
C LYS Q 750 51.10 10.07 -80.09
N LYS Q 751 52.18 9.29 -80.20
CA LYS Q 751 52.57 8.74 -81.50
C LYS Q 751 51.52 7.77 -82.03
N ARG Q 752 51.05 6.86 -81.18
CA ARG Q 752 50.05 5.88 -81.59
C ARG Q 752 48.72 6.53 -81.93
N LEU Q 753 48.29 7.51 -81.14
CA LEU Q 753 47.02 8.16 -81.42
C LEU Q 753 47.11 9.14 -82.58
N LYS Q 754 48.28 9.69 -82.88
CA LYS Q 754 48.43 10.50 -84.08
C LYS Q 754 48.44 9.62 -85.32
N LYS Q 755 49.05 8.44 -85.24
CA LYS Q 755 49.04 7.53 -86.38
C LYS Q 755 47.69 6.84 -86.56
N SER Q 756 46.92 6.68 -85.49
CA SER Q 756 45.64 5.98 -85.59
C SER Q 756 44.65 6.49 -84.55
N PRO Q 757 43.53 7.09 -84.96
CA PRO Q 757 42.55 7.60 -83.98
C PRO Q 757 41.69 6.52 -83.35
N ALA Q 758 41.58 5.34 -83.96
CA ALA Q 758 40.69 4.28 -83.46
C ALA Q 758 41.11 3.77 -82.08
N TRP Q 759 42.38 3.91 -81.72
CA TRP Q 759 42.86 3.57 -80.39
C TRP Q 759 42.27 4.45 -79.29
N PHE Q 760 41.62 5.56 -79.64
CA PHE Q 760 40.81 6.30 -78.67
C PHE Q 760 39.72 5.43 -78.06
N VAL Q 761 39.17 4.49 -78.82
CA VAL Q 761 38.30 3.49 -78.22
C VAL Q 761 39.11 2.46 -77.43
N GLY Q 762 40.29 2.09 -77.95
CA GLY Q 762 41.06 0.98 -77.41
C GLY Q 762 41.63 1.20 -76.02
N LEU Q 763 41.69 2.45 -75.55
CA LEU Q 763 42.11 2.70 -74.18
C LEU Q 763 41.07 2.23 -73.17
N LEU Q 764 39.79 2.27 -73.56
CA LEU Q 764 38.72 1.94 -72.63
C LEU Q 764 38.65 0.45 -72.35
N PHE Q 765 38.76 -0.36 -73.39
CA PHE Q 765 38.35 -1.75 -73.36
C PHE Q 765 39.56 -2.68 -73.33
N PRO Q 766 39.37 -3.95 -72.95
CA PRO Q 766 40.44 -4.93 -73.07
C PRO Q 766 40.80 -5.15 -74.53
N PRO Q 767 42.06 -5.52 -74.81
CA PRO Q 767 42.50 -5.65 -76.20
C PRO Q 767 41.81 -6.80 -76.93
N LEU Q 768 41.80 -6.67 -78.25
CA LEU Q 768 40.98 -7.49 -79.13
C LEU Q 768 41.74 -8.72 -79.58
N HIS Q 769 40.99 -9.80 -79.85
CA HIS Q 769 41.59 -11.09 -80.12
C HIS Q 769 41.40 -11.58 -81.56
N ASN Q 770 40.68 -10.84 -82.40
CA ASN Q 770 40.44 -11.28 -83.76
C ASN Q 770 41.72 -11.17 -84.58
N SER Q 771 42.10 -12.25 -85.25
CA SER Q 771 43.40 -12.35 -85.90
C SER Q 771 43.50 -11.48 -87.15
N GLU Q 772 42.38 -11.07 -87.73
CA GLU Q 772 42.43 -10.25 -88.93
C GLU Q 772 42.80 -8.80 -88.64
N VAL Q 773 42.59 -8.33 -87.41
CA VAL Q 773 42.80 -6.93 -87.06
C VAL Q 773 43.66 -6.80 -85.81
N GLY Q 774 43.86 -7.92 -85.09
CA GLY Q 774 44.57 -7.87 -83.82
C GLY Q 774 46.05 -7.56 -83.95
N PHE Q 775 46.64 -7.93 -85.09
CA PHE Q 775 48.03 -7.56 -85.35
C PHE Q 775 48.18 -6.04 -85.45
N TYR Q 776 47.23 -5.38 -86.12
CA TYR Q 776 47.27 -3.92 -86.22
C TYR Q 776 46.98 -3.26 -84.87
N GLN Q 777 46.14 -3.88 -84.04
CA GLN Q 777 45.87 -3.31 -82.73
C GLN Q 777 47.09 -3.43 -81.82
N ARG Q 778 47.75 -4.58 -81.83
CA ARG Q 778 48.88 -4.79 -80.93
C ARG Q 778 50.15 -4.11 -81.40
N TYR Q 779 50.40 -4.04 -82.72
CA TYR Q 779 51.68 -3.55 -83.21
C TYR Q 779 51.60 -2.40 -84.20
N GLY Q 780 50.43 -2.11 -84.75
CA GLY Q 780 50.33 -1.01 -85.70
C GLY Q 780 50.75 -1.33 -87.11
N GLU Q 781 51.03 -2.61 -87.40
CA GLU Q 781 51.48 -3.11 -88.71
C GLU Q 781 52.72 -2.40 -89.24
N ARG R 46 6.47 -7.57 -57.26
CA ARG R 46 6.10 -6.55 -58.23
C ARG R 46 7.34 -5.95 -58.90
N LYS R 47 7.52 -6.25 -60.18
CA LYS R 47 8.60 -5.64 -60.95
C LYS R 47 8.24 -4.19 -61.25
N ARG R 48 8.95 -3.26 -60.61
CA ARG R 48 8.68 -1.83 -60.75
C ARG R 48 9.63 -1.17 -61.74
N ARG R 49 10.93 -1.45 -61.63
CA ARG R 49 11.94 -0.78 -62.42
C ARG R 49 13.20 -1.65 -62.44
N PRO R 50 13.89 -1.73 -63.57
CA PRO R 50 15.25 -2.28 -63.54
C PRO R 50 16.26 -1.16 -63.34
N GLN R 51 17.24 -1.42 -62.48
CA GLN R 51 18.29 -0.44 -62.29
C GLN R 51 19.22 -0.43 -63.50
N VAL R 52 19.58 0.77 -63.95
CA VAL R 52 20.25 0.90 -65.24
C VAL R 52 21.72 0.54 -65.11
N LYS R 53 22.26 -0.10 -66.14
CA LYS R 53 23.67 -0.40 -66.24
C LYS R 53 24.15 0.04 -67.62
N LEU R 54 25.45 -0.12 -67.84
CA LEU R 54 26.06 0.26 -69.11
C LEU R 54 25.73 -0.83 -70.14
N THR R 55 24.98 -0.46 -71.17
CA THR R 55 24.41 -1.43 -72.11
C THR R 55 24.95 -1.21 -73.52
N ALA R 56 24.54 -2.09 -74.43
CA ALA R 56 25.00 -2.02 -75.81
C ALA R 56 24.34 -0.87 -76.57
N GLU R 57 23.09 -0.56 -76.25
CA GLU R 57 22.43 0.58 -76.88
C GLU R 57 22.99 1.91 -76.38
N LYS R 58 23.60 1.91 -75.18
CA LYS R 58 24.11 3.14 -74.60
C LYS R 58 25.43 3.56 -75.26
N LEU R 59 26.28 2.59 -75.61
CA LEU R 59 27.53 2.93 -76.28
C LEU R 59 27.33 3.30 -77.74
N LEU R 60 26.26 2.79 -78.35
CA LEU R 60 26.01 3.00 -79.77
C LEU R 60 25.13 4.21 -80.05
N SER R 61 24.89 5.06 -79.05
CA SER R 61 24.13 6.27 -79.25
C SER R 61 24.99 7.35 -79.89
N ASP R 62 24.38 8.51 -80.16
CA ASP R 62 25.14 9.66 -80.63
C ASP R 62 26.06 10.19 -79.55
N LYS R 63 25.60 10.15 -78.30
CA LYS R 63 26.43 10.50 -77.14
C LYS R 63 27.06 9.22 -76.63
N GLY R 64 28.28 8.95 -77.08
CA GLY R 64 28.95 7.71 -76.72
C GLY R 64 30.29 7.55 -77.41
N LEU R 65 30.53 6.39 -78.01
CA LEU R 65 31.76 6.17 -78.77
C LEU R 65 31.81 6.91 -80.11
N PRO R 66 30.70 7.12 -80.84
CA PRO R 66 30.76 8.10 -81.95
C PRO R 66 31.14 9.51 -81.53
N TYR R 67 30.77 9.93 -80.31
CA TYR R 67 31.26 11.21 -79.79
C TYR R 67 32.78 11.16 -79.60
N VAL R 68 33.30 10.01 -79.18
CA VAL R 68 34.75 9.85 -79.01
C VAL R 68 35.46 9.95 -80.36
N LEU R 69 34.95 9.24 -81.38
CA LEU R 69 35.54 9.33 -82.72
C LEU R 69 35.40 10.71 -83.33
N LYS R 70 34.34 11.45 -82.99
CA LYS R 70 34.16 12.79 -83.53
C LYS R 70 35.09 13.80 -82.88
N ASN R 71 35.28 13.74 -81.55
CA ASN R 71 35.88 14.86 -80.85
C ASN R 71 37.11 14.54 -80.01
N ALA R 72 37.58 13.30 -79.97
CA ALA R 72 38.71 12.97 -79.11
C ALA R 72 40.01 13.52 -79.67
N HIS R 73 40.19 13.43 -80.99
CA HIS R 73 41.40 13.98 -81.62
C HIS R 73 41.41 15.51 -81.56
N LYS R 74 40.23 16.13 -81.53
CA LYS R 74 40.17 17.58 -81.37
C LYS R 74 40.45 18.00 -79.94
N ARG R 75 39.96 17.24 -78.96
CA ARG R 75 40.07 17.65 -77.56
C ARG R 75 41.41 17.27 -76.93
N ILE R 76 41.92 16.08 -77.21
CA ILE R 76 43.11 15.58 -76.54
C ILE R 76 44.34 16.21 -77.17
N ARG R 77 45.17 16.85 -76.36
CA ARG R 77 46.44 17.40 -76.81
C ARG R 77 47.54 16.94 -75.85
N ILE R 78 48.51 16.19 -76.37
CA ILE R 78 49.66 15.74 -75.60
C ILE R 78 50.87 16.52 -76.09
N SER R 79 51.49 17.28 -75.19
CA SER R 79 52.60 18.15 -75.54
C SER R 79 53.80 17.85 -74.65
N SER R 80 54.99 17.90 -75.24
CA SER R 80 56.22 17.67 -74.48
C SER R 80 56.59 18.86 -73.59
N LYS R 81 56.08 20.05 -73.89
CA LYS R 81 56.38 21.21 -73.05
C LYS R 81 55.68 21.11 -71.71
N LYS R 82 54.46 20.59 -71.68
CA LYS R 82 53.77 20.34 -70.42
C LYS R 82 54.40 19.16 -69.69
N ASN R 83 54.34 19.20 -68.37
CA ASN R 83 54.82 18.08 -67.57
C ASN R 83 53.80 16.93 -67.64
N SER R 84 54.21 15.78 -67.08
CA SER R 84 53.42 14.57 -67.25
C SER R 84 52.13 14.59 -66.45
N TYR R 85 52.09 15.34 -65.34
CA TYR R 85 50.87 15.45 -64.55
C TYR R 85 49.79 16.16 -65.34
N ASP R 86 50.14 17.26 -66.02
CA ASP R 86 49.17 18.03 -66.79
C ASP R 86 48.72 17.24 -68.01
N ASN R 87 49.64 16.51 -68.65
CA ASN R 87 49.29 15.67 -69.79
C ASN R 87 48.34 14.54 -69.38
N LEU R 88 48.64 13.85 -68.29
CA LEU R 88 47.79 12.76 -67.83
C LEU R 88 46.43 13.27 -67.37
N SER R 89 46.40 14.44 -66.71
CA SER R 89 45.13 15.01 -66.29
C SER R 89 44.30 15.48 -67.49
N ASN R 90 44.95 15.93 -68.55
CA ASN R 90 44.21 16.28 -69.77
C ASN R 90 43.67 15.03 -70.45
N ILE R 91 44.38 13.91 -70.36
CA ILE R 91 43.84 12.63 -70.84
C ILE R 91 42.60 12.24 -70.02
N ILE R 92 42.68 12.38 -68.69
CA ILE R 92 41.57 11.97 -67.82
C ILE R 92 40.36 12.89 -68.00
N GLN R 93 40.59 14.19 -68.26
CA GLN R 93 39.53 15.20 -68.16
C GLN R 93 38.44 15.03 -69.22
N PHE R 94 38.84 14.82 -70.48
CA PHE R 94 37.87 14.64 -71.55
C PHE R 94 37.07 13.36 -71.37
N TYR R 95 37.73 12.27 -70.97
CA TYR R 95 37.04 11.03 -70.72
C TYR R 95 36.14 11.10 -69.48
N GLN R 96 36.51 11.94 -68.51
CA GLN R 96 35.66 12.11 -67.33
C GLN R 96 34.41 12.90 -67.65
N LEU R 97 34.53 13.93 -68.49
CA LEU R 97 33.35 14.65 -68.94
C LEU R 97 32.47 13.78 -69.84
N TRP R 98 33.09 12.93 -70.65
CA TRP R 98 32.33 11.98 -71.47
C TRP R 98 31.62 10.94 -70.61
N ALA R 99 32.25 10.51 -69.51
CA ALA R 99 31.62 9.57 -68.60
C ALA R 99 30.49 10.21 -67.82
N HIS R 100 30.66 11.47 -67.41
CA HIS R 100 29.61 12.18 -66.70
C HIS R 100 28.48 12.62 -67.61
N GLU R 101 28.70 12.63 -68.93
CA GLU R 101 27.57 12.82 -69.84
C GLU R 101 26.91 11.48 -70.18
N LEU R 102 27.69 10.41 -70.24
CA LEU R 102 27.15 9.10 -70.65
C LEU R 102 26.46 8.39 -69.49
N PHE R 103 27.22 8.02 -68.46
CA PHE R 103 26.72 7.22 -67.35
C PHE R 103 27.11 7.93 -66.04
N PRO R 104 26.31 8.90 -65.60
CA PRO R 104 26.68 9.68 -64.42
C PRO R 104 26.47 8.97 -63.09
N LYS R 105 25.86 7.78 -63.09
CA LYS R 105 25.55 7.11 -61.83
C LYS R 105 26.81 6.55 -61.18
N ALA R 106 27.79 6.15 -61.98
CA ALA R 106 28.98 5.49 -61.46
C ALA R 106 30.15 6.47 -61.36
N LYS R 107 31.05 6.19 -60.41
CA LYS R 107 32.31 6.91 -60.33
C LYS R 107 33.21 6.49 -61.50
N PHE R 108 34.28 7.26 -61.69
CA PHE R 108 35.04 7.17 -62.94
C PHE R 108 35.88 5.90 -63.00
N LYS R 109 36.50 5.51 -61.88
CA LYS R 109 37.18 4.21 -61.84
C LYS R 109 36.19 3.07 -61.97
N ASP R 110 35.03 3.20 -61.33
CA ASP R 110 33.95 2.22 -61.50
C ASP R 110 33.43 2.22 -62.93
N PHE R 111 33.43 3.40 -63.57
CA PHE R 111 33.04 3.47 -64.97
C PHE R 111 34.02 2.72 -65.86
N MET R 112 35.33 2.84 -65.58
CA MET R 112 36.30 2.07 -66.35
C MET R 112 36.18 0.57 -66.09
N LYS R 113 35.85 0.18 -64.85
CA LYS R 113 35.63 -1.23 -64.56
C LYS R 113 34.40 -1.78 -65.29
N ILE R 114 33.31 -1.02 -65.35
CA ILE R 114 32.13 -1.54 -66.05
C ILE R 114 32.34 -1.51 -67.55
N CYS R 115 33.16 -0.57 -68.06
CA CYS R 115 33.54 -0.64 -69.48
C CYS R 115 34.38 -1.88 -69.78
N GLN R 116 35.27 -2.26 -68.86
CA GLN R 116 36.01 -3.52 -69.04
C GLN R 116 35.09 -4.72 -69.05
N THR R 117 34.10 -4.74 -68.14
CA THR R 117 33.14 -5.85 -68.08
C THR R 117 32.29 -5.92 -69.34
N VAL R 118 31.81 -4.77 -69.83
CA VAL R 118 30.97 -4.75 -71.02
C VAL R 118 31.78 -5.09 -72.27
N GLY R 119 33.04 -4.63 -72.34
CA GLY R 119 33.91 -5.01 -73.43
C GLY R 119 34.27 -6.47 -73.45
N LYS R 120 34.35 -7.10 -72.27
CA LYS R 120 34.49 -8.55 -72.24
C LYS R 120 33.20 -9.28 -72.57
N THR R 121 32.05 -8.65 -72.34
CA THR R 121 30.77 -9.35 -72.44
C THR R 121 30.03 -9.15 -73.76
N ASP R 122 29.70 -7.90 -74.12
CA ASP R 122 28.73 -7.61 -75.19
C ASP R 122 29.32 -7.87 -76.56
N PRO R 123 28.63 -8.63 -77.43
CA PRO R 123 29.18 -8.93 -78.76
C PRO R 123 28.96 -7.83 -79.78
N VAL R 124 27.90 -7.03 -79.61
CA VAL R 124 27.65 -5.90 -80.49
C VAL R 124 28.76 -4.87 -80.36
N LEU R 125 29.25 -4.65 -79.13
CA LEU R 125 30.39 -3.77 -78.92
C LEU R 125 31.65 -4.34 -79.56
N ARG R 126 31.82 -5.66 -79.54
CA ARG R 126 32.97 -6.29 -80.17
C ARG R 126 32.94 -6.13 -81.69
N GLU R 127 31.76 -6.30 -82.32
CA GLU R 127 31.74 -6.15 -83.77
C GLU R 127 31.82 -4.69 -84.17
N TYR R 128 31.35 -3.77 -83.32
CA TYR R 128 31.60 -2.35 -83.56
C TYR R 128 33.09 -2.02 -83.46
N ARG R 129 33.78 -2.62 -82.48
CA ARG R 129 35.21 -2.38 -82.31
C ARG R 129 36.03 -2.96 -83.45
N VAL R 130 35.65 -4.12 -83.98
CA VAL R 130 36.34 -4.59 -85.18
C VAL R 130 35.92 -3.81 -86.42
N SER R 131 34.72 -3.22 -86.42
CA SER R 131 34.28 -2.45 -87.58
C SER R 131 35.05 -1.14 -87.69
N LEU R 132 35.38 -0.52 -86.55
CA LEU R 132 36.21 0.68 -86.56
C LEU R 132 37.58 0.41 -87.13
N PHE R 133 38.22 -0.68 -86.68
CA PHE R 133 39.54 -1.05 -87.18
C PHE R 133 39.51 -1.43 -88.66
N ARG R 134 38.48 -2.16 -89.08
CA ARG R 134 38.37 -2.54 -90.48
C ARG R 134 38.10 -1.33 -91.38
N ASP R 135 37.30 -0.37 -90.90
CA ASP R 135 37.03 0.82 -91.68
C ASP R 135 38.27 1.70 -91.81
N GLU R 136 39.08 1.79 -90.76
CA GLU R 136 40.31 2.55 -90.90
C GLU R 136 41.41 1.84 -91.69
N MET R 137 41.48 0.50 -91.68
CA MET R 137 42.50 -0.11 -92.54
C MET R 137 42.03 -0.23 -93.98
N GLY R 138 40.71 -0.13 -94.23
CA GLY R 138 40.23 -0.09 -95.60
C GLY R 138 40.66 1.16 -96.35
N MET R 139 40.75 2.28 -95.63
CA MET R 139 41.21 3.53 -96.21
C MET R 139 42.73 3.61 -96.20
N LYS S 324 82.23 -22.23 -35.79
CA LYS S 324 81.91 -21.74 -34.44
C LYS S 324 81.06 -22.75 -33.68
N PHE S 325 81.71 -23.79 -33.15
CA PHE S 325 81.01 -24.82 -32.40
C PHE S 325 80.80 -24.37 -30.95
N PHE S 326 79.60 -24.62 -30.43
CA PHE S 326 79.24 -24.29 -29.07
C PHE S 326 79.24 -25.55 -28.23
N SER S 327 80.05 -25.58 -27.17
CA SER S 327 80.19 -26.77 -26.36
C SER S 327 79.11 -26.83 -25.29
N LYS S 328 78.63 -28.04 -24.99
CA LYS S 328 77.64 -28.19 -23.94
C LYS S 328 78.25 -28.08 -22.55
N GLU S 329 79.49 -28.54 -22.37
CA GLU S 329 80.17 -28.40 -21.09
C GLU S 329 80.48 -26.94 -20.79
N SER S 330 80.72 -26.13 -21.82
CA SER S 330 80.85 -24.69 -21.63
C SER S 330 79.53 -24.07 -21.19
N PHE S 331 78.40 -24.58 -21.68
CA PHE S 331 77.11 -24.06 -21.24
C PHE S 331 76.80 -24.46 -19.81
N LEU S 332 77.17 -25.68 -19.41
CA LEU S 332 77.03 -26.08 -18.01
C LEU S 332 77.93 -25.25 -17.10
N ALA S 333 79.16 -24.98 -17.53
CA ALA S 333 80.08 -24.16 -16.74
C ALA S 333 79.57 -22.72 -16.63
N ASP S 334 79.04 -22.17 -17.72
CA ASP S 334 78.50 -20.81 -17.68
C ASP S 334 77.23 -20.74 -16.84
N PHE S 335 76.41 -21.79 -16.88
CA PHE S 335 75.21 -21.88 -16.05
C PHE S 335 75.58 -21.89 -14.57
N ASP S 336 76.58 -22.70 -14.21
CA ASP S 336 76.98 -22.78 -12.80
C ASP S 336 77.69 -21.51 -12.35
N ASP S 337 78.48 -20.89 -13.23
CA ASP S 337 79.20 -19.67 -12.86
C ASP S 337 78.25 -18.49 -12.72
N SER S 338 77.29 -18.35 -13.63
CA SER S 338 76.28 -17.31 -13.50
C SER S 338 75.26 -17.62 -12.41
N SER S 339 75.17 -18.87 -11.98
CA SER S 339 74.49 -19.15 -10.72
C SER S 339 75.31 -18.65 -9.54
N SER S 340 76.64 -18.73 -9.63
CA SER S 340 77.49 -18.34 -8.51
C SER S 340 77.54 -16.82 -8.32
N ASN S 341 77.74 -16.06 -9.41
CA ASN S 341 77.91 -14.62 -9.20
C ASN S 341 77.06 -13.76 -10.12
N GLU S 342 76.71 -14.25 -11.32
CA GLU S 342 75.76 -13.69 -12.29
C GLU S 342 76.31 -12.45 -13.01
N ASP S 343 77.49 -11.96 -12.58
CA ASP S 343 78.16 -10.77 -13.10
C ASP S 343 77.27 -9.52 -13.12
N ARG T 477 55.42 -92.97 -30.90
CA ARG T 477 56.12 -92.78 -32.17
C ARG T 477 57.63 -92.73 -31.96
N THR T 478 58.30 -93.82 -32.35
CA THR T 478 59.75 -93.89 -32.22
C THR T 478 60.44 -93.02 -33.27
N LYS T 479 59.80 -92.80 -34.41
CA LYS T 479 60.39 -91.96 -35.45
C LYS T 479 60.32 -90.48 -35.09
N LEU T 480 59.36 -90.08 -34.24
CA LEU T 480 59.17 -88.72 -33.75
C LEU T 480 58.94 -87.74 -34.91
N ARG T 481 57.87 -87.97 -35.65
CA ARG T 481 57.46 -87.11 -36.75
C ARG T 481 55.94 -86.97 -36.75
N GLY T 482 55.47 -85.83 -37.24
CA GLY T 482 54.03 -85.62 -37.31
C GLY T 482 53.35 -86.50 -38.35
N GLU T 483 54.01 -86.71 -39.49
CA GLU T 483 53.43 -87.50 -40.56
C GLU T 483 54.39 -88.61 -40.99
N ALA T 484 54.92 -89.36 -40.01
CA ALA T 484 55.82 -90.47 -40.33
C ALA T 484 55.08 -91.59 -41.03
N ARG T 485 53.79 -91.79 -40.70
CA ARG T 485 52.96 -92.74 -41.43
C ARG T 485 52.42 -92.18 -42.72
N GLY T 486 52.56 -90.86 -42.94
CA GLY T 486 52.01 -90.22 -44.12
C GLY T 486 52.98 -89.89 -45.23
N GLY T 487 54.29 -89.98 -44.99
CA GLY T 487 55.24 -89.53 -45.99
C GLY T 487 55.56 -90.54 -47.08
N ALA T 488 55.28 -91.83 -46.85
CA ALA T 488 55.69 -92.87 -47.79
C ALA T 488 54.89 -92.80 -49.08
N GLU T 489 53.55 -92.73 -48.98
CA GLU T 489 52.76 -92.66 -50.20
C GLU T 489 52.85 -91.28 -50.84
N ASP T 490 53.19 -90.25 -50.08
CA ASP T 490 53.47 -88.94 -50.67
C ASP T 490 54.72 -88.99 -51.54
N ALA T 491 55.79 -89.63 -51.04
CA ALA T 491 56.99 -89.80 -51.85
C ALA T 491 56.72 -90.70 -53.06
N GLN T 492 55.89 -91.73 -52.87
CA GLN T 492 55.51 -92.61 -53.97
C GLN T 492 54.74 -91.87 -55.06
N LYS T 493 53.78 -91.04 -54.66
CA LYS T 493 53.00 -90.32 -55.67
C LYS T 493 53.81 -89.20 -56.31
N GLU T 494 54.78 -88.62 -55.58
CA GLU T 494 55.67 -87.64 -56.19
C GLU T 494 56.58 -88.28 -57.23
N GLN T 495 57.09 -89.48 -56.96
CA GLN T 495 57.88 -90.19 -57.95
C GLN T 495 57.01 -90.63 -59.14
N ILE T 496 55.75 -90.98 -58.86
CA ILE T 496 54.81 -91.37 -59.92
C ILE T 496 54.54 -90.19 -60.86
N ARG T 497 54.27 -89.00 -60.29
CA ARG T 497 53.99 -87.85 -61.15
C ARG T 497 55.24 -87.32 -61.84
N LYS T 498 56.43 -87.50 -61.25
CA LYS T 498 57.66 -87.14 -61.94
C LYS T 498 57.91 -88.05 -63.15
N GLU T 499 57.71 -89.36 -62.97
CA GLU T 499 57.82 -90.30 -64.08
C GLU T 499 56.75 -90.05 -65.12
N ASN T 500 55.57 -89.60 -64.67
CA ASN T 500 54.52 -89.18 -65.59
C ASN T 500 54.94 -87.98 -66.42
N GLN T 501 55.59 -86.99 -65.79
CA GLN T 501 56.04 -85.81 -66.54
C GLN T 501 57.10 -86.17 -67.58
N LYS T 502 57.98 -87.12 -67.24
CA LYS T 502 58.91 -87.64 -68.24
C LYS T 502 58.18 -88.34 -69.39
N LYS T 503 57.16 -89.16 -69.08
CA LYS T 503 56.41 -89.85 -70.13
C LYS T 503 55.63 -88.89 -71.01
N LEU T 504 55.01 -87.87 -70.43
CA LEU T 504 54.32 -86.85 -71.21
C LEU T 504 55.26 -86.00 -72.06
N HIS T 505 56.47 -85.72 -71.60
CA HIS T 505 57.41 -85.03 -72.50
C HIS T 505 57.84 -85.93 -73.66
N GLU T 506 58.07 -87.22 -73.36
CA GLU T 506 58.43 -88.18 -74.42
C GLU T 506 57.32 -88.33 -75.44
N LYS T 507 56.05 -88.40 -75.01
CA LYS T 507 54.98 -88.51 -75.98
C LYS T 507 54.63 -87.17 -76.60
N LEU T 508 55.01 -86.06 -75.96
CA LEU T 508 54.89 -84.75 -76.59
C LEU T 508 55.76 -84.68 -77.84
N GLU T 509 56.96 -85.27 -77.77
CA GLU T 509 57.81 -85.37 -78.95
C GLU T 509 57.11 -86.12 -80.09
N LYS T 510 56.46 -87.24 -79.77
CA LYS T 510 55.82 -88.06 -80.80
C LYS T 510 54.58 -87.39 -81.39
N ASN T 511 53.75 -86.78 -80.53
CA ASN T 511 52.57 -86.08 -81.03
C ASN T 511 52.91 -84.79 -81.77
N GLY T 512 54.05 -84.17 -81.48
CA GLY T 512 54.45 -82.99 -82.24
C GLY T 512 55.15 -83.32 -83.54
N LEU T 513 55.79 -84.49 -83.63
CA LEU T 513 56.62 -84.80 -84.79
C LEU T 513 55.79 -85.04 -86.05
N LEU T 514 54.63 -85.68 -85.92
CA LEU T 514 53.90 -86.16 -87.09
C LEU T 514 53.19 -85.05 -87.85
N ARG T 515 52.74 -84.00 -87.17
CA ARG T 515 51.85 -83.04 -87.80
C ARG T 515 52.59 -82.01 -88.65
N PHE T 516 53.86 -81.75 -88.36
CA PHE T 516 54.69 -80.93 -89.23
C PHE T 516 55.53 -81.75 -90.19
N SER T 517 55.04 -82.94 -90.59
CA SER T 517 55.74 -83.72 -91.60
C SER T 517 55.64 -83.10 -92.98
N ALA T 518 54.67 -82.21 -93.19
CA ALA T 518 54.57 -81.46 -94.43
C ALA T 518 55.61 -80.34 -94.46
N ALA T 519 55.62 -79.60 -95.58
CA ALA T 519 56.60 -78.54 -95.77
C ALA T 519 56.32 -77.36 -94.82
N ASP T 520 55.07 -76.93 -94.75
CA ASP T 520 54.60 -75.81 -93.90
C ASP T 520 55.38 -74.52 -94.20
N ALA T 521 55.49 -74.20 -95.48
CA ALA T 521 56.24 -73.02 -95.91
C ALA T 521 55.30 -71.81 -95.93
N ASN T 522 55.71 -70.74 -95.24
CA ASN T 522 54.88 -69.54 -95.17
C ASN T 522 54.88 -68.78 -96.48
N GLY T 523 56.01 -68.73 -97.17
CA GLY T 523 56.14 -68.02 -98.42
C GLY T 523 55.40 -68.71 -99.56
N PRO T 524 55.89 -69.86 -100.01
CA PRO T 524 55.16 -70.62 -101.03
C PRO T 524 54.28 -71.72 -100.43
N GLU T 536 31.66 -50.34 -107.11
CA GLU T 536 31.42 -50.05 -108.52
C GLU T 536 31.16 -48.57 -108.74
N SER T 537 31.26 -48.13 -109.99
CA SER T 537 31.02 -46.73 -110.33
C SER T 537 29.58 -46.50 -110.77
N TYR T 538 29.14 -47.18 -111.83
CA TYR T 538 27.81 -47.00 -112.37
C TYR T 538 27.25 -48.34 -112.82
N VAL T 539 25.92 -48.38 -112.94
CA VAL T 539 25.23 -49.58 -113.40
C VAL T 539 24.41 -49.35 -114.67
N ARG T 540 24.20 -48.11 -115.07
CA ARG T 540 23.44 -47.82 -116.27
C ARG T 540 23.92 -46.50 -116.87
N ASP T 541 23.65 -46.32 -118.17
CA ASP T 541 24.05 -45.11 -118.88
C ASP T 541 23.12 -43.93 -118.60
N SER T 542 22.00 -44.16 -117.93
CA SER T 542 21.08 -43.06 -117.62
C SER T 542 21.65 -42.13 -116.56
N GLN T 543 22.55 -42.62 -115.71
CA GLN T 543 23.20 -41.81 -114.69
C GLN T 543 24.27 -40.95 -115.38
N LEU T 544 23.85 -39.79 -115.88
CA LEU T 544 24.73 -38.90 -116.60
C LEU T 544 25.54 -38.03 -115.62
N PRO T 545 26.43 -37.18 -116.13
CA PRO T 545 27.22 -36.32 -115.22
C PRO T 545 26.45 -35.09 -114.79
N THR T 546 27.12 -34.19 -114.07
CA THR T 546 26.49 -32.93 -113.66
C THR T 546 26.20 -32.04 -114.86
N ASN T 547 27.08 -32.06 -115.86
CA ASN T 547 26.89 -31.33 -117.09
C ASN T 547 27.24 -32.24 -118.26
N ILE T 548 26.66 -31.93 -119.43
CA ILE T 548 26.96 -32.69 -120.64
C ILE T 548 28.40 -32.45 -121.07
N ARG T 549 28.86 -31.21 -120.99
CA ARG T 549 30.25 -30.89 -121.28
C ARG T 549 31.11 -31.14 -120.05
N ASP T 550 32.36 -31.55 -120.28
CA ASP T 550 33.29 -31.90 -119.21
C ASP T 550 34.65 -31.25 -119.44
N LEU T 551 34.64 -29.94 -119.73
CA LEU T 551 35.89 -29.20 -119.87
C LEU T 551 36.61 -29.09 -118.53
N ARG T 552 35.86 -28.89 -117.44
CA ARG T 552 36.41 -28.90 -116.10
C ARG T 552 36.20 -30.26 -115.47
N ILE T 553 37.14 -30.65 -114.62
CA ILE T 553 37.07 -31.95 -113.96
C ILE T 553 36.05 -31.89 -112.84
N HIS T 554 34.95 -32.62 -113.00
CA HIS T 554 33.91 -32.70 -111.99
C HIS T 554 33.95 -34.06 -111.30
N VAL T 555 33.79 -34.05 -109.98
CA VAL T 555 33.88 -35.26 -109.17
C VAL T 555 32.61 -35.40 -108.35
N ASP T 556 32.07 -36.61 -108.31
CA ASP T 556 30.87 -36.92 -107.55
C ASP T 556 31.23 -37.70 -106.29
N TRP T 557 30.44 -37.50 -105.25
CA TRP T 557 30.67 -38.16 -103.96
C TRP T 557 29.56 -39.10 -103.53
N LYS T 558 28.37 -39.01 -104.14
CA LYS T 558 27.28 -39.91 -103.77
C LYS T 558 27.53 -41.33 -104.24
N SER T 559 28.06 -41.49 -105.45
CA SER T 559 28.36 -42.80 -105.99
C SER T 559 29.73 -43.33 -105.56
N GLN T 560 30.50 -42.52 -104.83
CA GLN T 560 31.86 -42.84 -104.36
C GLN T 560 32.77 -43.22 -105.52
N THR T 561 32.68 -42.47 -106.62
CA THR T 561 33.44 -42.76 -107.82
C THR T 561 33.68 -41.46 -108.58
N ILE T 562 34.62 -41.51 -109.53
CA ILE T 562 34.99 -40.35 -110.32
C ILE T 562 35.00 -40.73 -111.79
N ILE T 563 34.90 -39.71 -112.64
CA ILE T 563 34.99 -39.86 -114.09
C ILE T 563 36.08 -38.94 -114.58
N LEU T 564 37.04 -39.48 -115.34
CA LEU T 564 38.18 -38.74 -115.81
C LEU T 564 38.19 -38.71 -117.34
N PRO T 565 38.28 -37.53 -117.95
CA PRO T 565 38.42 -37.46 -119.42
C PRO T 565 39.86 -37.67 -119.83
N ILE T 566 40.15 -38.81 -120.45
CA ILE T 566 41.51 -39.14 -120.88
C ILE T 566 41.66 -38.56 -122.29
N TYR T 567 42.01 -37.27 -122.33
CA TYR T 567 42.15 -36.45 -123.55
C TYR T 567 40.87 -36.47 -124.39
N GLY T 568 39.77 -36.08 -123.74
CA GLY T 568 38.48 -36.07 -124.39
C GLY T 568 37.74 -37.39 -124.37
N ARG T 569 38.25 -38.39 -123.66
CA ARG T 569 37.60 -39.69 -123.58
C ARG T 569 37.31 -40.01 -122.11
N PRO T 570 36.05 -40.01 -121.70
CA PRO T 570 35.72 -40.25 -120.30
C PRO T 570 35.85 -41.72 -119.92
N VAL T 571 36.36 -41.95 -118.71
CA VAL T 571 36.49 -43.30 -118.17
C VAL T 571 36.15 -43.25 -116.68
N PRO T 572 35.49 -44.27 -116.14
CA PRO T 572 35.15 -44.27 -114.72
C PRO T 572 36.19 -44.98 -113.86
N PHE T 573 36.35 -44.47 -112.64
CA PHE T 573 37.26 -45.04 -111.67
C PHE T 573 36.61 -45.01 -110.30
N HIS T 574 37.01 -45.93 -109.43
CA HIS T 574 36.46 -46.04 -108.10
C HIS T 574 37.37 -45.32 -107.10
N ILE T 575 36.77 -44.89 -105.99
CA ILE T 575 37.53 -44.26 -104.92
C ILE T 575 38.43 -45.28 -104.23
N ASN T 576 37.94 -46.52 -104.09
CA ASN T 576 38.78 -47.59 -103.57
C ASN T 576 39.83 -48.03 -104.57
N SER T 577 39.61 -47.79 -105.86
CA SER T 577 40.61 -48.07 -106.88
C SER T 577 41.68 -47.01 -106.99
N TYR T 578 41.50 -45.88 -106.31
CA TYR T 578 42.48 -44.79 -106.29
C TYR T 578 43.14 -44.74 -104.91
N LYS T 579 44.47 -44.57 -104.92
CA LYS T 579 45.22 -44.59 -103.65
C LYS T 579 45.31 -43.20 -103.03
N ASN T 580 45.90 -42.25 -103.74
CA ASN T 580 46.15 -40.92 -103.19
C ASN T 580 46.32 -39.92 -104.32
N GLY T 581 46.63 -38.68 -103.94
CA GLY T 581 46.89 -37.63 -104.92
C GLY T 581 47.83 -36.60 -104.36
N SER T 582 48.47 -35.86 -105.27
CA SER T 582 49.42 -34.83 -104.90
C SER T 582 49.46 -33.77 -105.99
N LYS T 583 49.98 -32.59 -105.63
CA LYS T 583 50.09 -31.47 -106.55
C LYS T 583 51.45 -30.82 -106.41
N ASN T 584 51.89 -30.18 -107.49
CA ASN T 584 53.18 -29.49 -107.51
C ASN T 584 53.04 -28.24 -108.36
N GLU T 585 53.75 -27.19 -107.96
CA GLU T 585 53.73 -25.91 -108.66
C GLU T 585 55.16 -25.46 -108.91
N GLU T 586 55.46 -25.12 -110.17
CA GLU T 586 56.76 -24.60 -110.56
C GLU T 586 56.51 -23.38 -111.45
N GLY T 587 56.72 -22.19 -110.90
CA GLY T 587 56.47 -20.95 -111.61
C GLY T 587 55.00 -20.76 -111.92
N GLU T 588 54.66 -20.75 -113.22
CA GLU T 588 53.28 -20.70 -113.66
C GLU T 588 52.74 -22.08 -114.02
N TYR T 589 53.53 -23.14 -113.88
CA TYR T 589 53.11 -24.49 -114.23
C TYR T 589 52.60 -25.22 -113.00
N THR T 590 51.52 -25.97 -113.19
CA THR T 590 50.93 -26.78 -112.13
C THR T 590 50.73 -28.20 -112.65
N TYR T 591 51.20 -29.18 -111.88
CA TYR T 591 51.08 -30.59 -112.24
C TYR T 591 50.43 -31.34 -111.10
N LEU T 592 49.31 -32.01 -111.38
CA LEU T 592 48.58 -32.79 -110.39
C LEU T 592 48.64 -34.26 -110.76
N ARG T 593 49.07 -35.09 -109.81
CA ARG T 593 49.17 -36.52 -110.02
C ARG T 593 48.19 -37.24 -109.10
N LEU T 594 47.53 -38.27 -109.63
CA LEU T 594 46.62 -39.11 -108.85
C LEU T 594 47.10 -40.55 -108.98
N ASN T 595 47.59 -41.10 -107.87
CA ASN T 595 48.08 -42.48 -107.84
C ASN T 595 46.95 -43.41 -107.48
N PHE T 596 46.78 -44.48 -108.25
CA PHE T 596 45.73 -45.44 -108.04
C PHE T 596 46.20 -46.57 -107.13
N ASN T 597 45.26 -47.38 -106.67
CA ASN T 597 45.56 -48.52 -105.81
C ASN T 597 45.78 -49.75 -106.68
N SER T 598 46.99 -50.30 -106.63
CA SER T 598 47.36 -51.45 -107.44
C SER T 598 48.51 -52.20 -106.79
N PRO T 599 48.97 -53.30 -107.38
CA PRO T 599 50.14 -54.00 -106.84
C PRO T 599 51.40 -53.18 -107.03
N GLY T 600 52.15 -53.01 -105.94
CA GLY T 600 53.31 -52.14 -105.92
C GLY T 600 53.03 -50.74 -105.45
N SER T 601 51.76 -50.33 -105.40
CA SER T 601 51.37 -49.02 -104.88
C SER T 601 50.51 -49.13 -103.64
N SER T 602 49.44 -49.94 -103.69
CA SER T 602 48.61 -50.15 -102.51
C SER T 602 49.32 -51.02 -101.47
N GLY T 603 50.11 -51.98 -101.93
CA GLY T 603 50.85 -52.88 -101.05
C GLY T 603 52.35 -52.62 -101.14
N GLY T 604 53.02 -52.74 -100.00
CA GLY T 604 54.46 -52.55 -99.98
C GLY T 604 55.22 -53.66 -100.70
N ILE T 605 54.74 -54.89 -100.59
CA ILE T 605 55.36 -56.05 -101.21
C ILE T 605 54.48 -56.50 -102.37
N SER T 606 55.09 -56.72 -103.53
CA SER T 606 54.34 -57.12 -104.71
C SER T 606 53.90 -58.58 -104.60
N LYS T 607 52.87 -58.92 -105.39
CA LYS T 607 52.24 -60.25 -105.44
C LYS T 607 51.72 -60.68 -104.06
N LYS T 608 51.17 -59.73 -103.32
CA LYS T 608 50.63 -59.99 -101.99
C LYS T 608 49.15 -60.34 -102.09
N VAL T 609 48.47 -60.39 -100.95
CA VAL T 609 47.05 -60.70 -100.89
C VAL T 609 46.30 -59.39 -100.64
N GLU T 610 45.55 -58.95 -101.64
CA GLU T 610 44.70 -57.77 -101.54
C GLU T 610 43.28 -58.18 -101.89
N GLU T 611 42.31 -57.65 -101.12
CA GLU T 611 40.91 -58.05 -101.29
C GLU T 611 40.33 -57.51 -102.59
N LEU T 612 40.55 -56.22 -102.87
CA LEU T 612 40.03 -55.65 -104.12
C LEU T 612 40.84 -56.09 -105.32
N PRO T 613 42.13 -55.77 -105.43
CA PRO T 613 42.89 -56.13 -106.64
C PRO T 613 43.20 -57.61 -106.77
N TYR T 614 43.79 -58.22 -105.74
CA TYR T 614 44.39 -59.53 -105.88
C TYR T 614 43.43 -60.68 -105.61
N GLU T 615 42.48 -60.51 -104.69
CA GLU T 615 41.52 -61.59 -104.43
C GLU T 615 40.54 -61.75 -105.58
N GLU T 616 40.22 -60.65 -106.27
CA GLU T 616 39.41 -60.75 -107.48
C GLU T 616 40.21 -61.42 -108.60
N SER T 617 41.43 -60.97 -108.84
CA SER T 617 42.30 -61.57 -109.85
C SER T 617 43.73 -61.22 -109.49
N ALA T 618 44.52 -62.23 -109.08
CA ALA T 618 45.88 -62.01 -108.63
C ALA T 618 46.87 -61.74 -109.77
N ASP T 619 46.47 -61.95 -111.01
CA ASP T 619 47.34 -61.78 -112.17
C ASP T 619 46.64 -60.96 -113.25
N ASN T 620 46.05 -59.84 -112.85
CA ASN T 620 45.35 -58.95 -113.78
C ASN T 620 46.09 -57.64 -113.92
N GLN T 621 45.95 -57.03 -115.10
CA GLN T 621 46.57 -55.74 -115.36
C GLN T 621 45.84 -54.64 -114.59
N PHE T 622 46.61 -53.75 -113.96
CA PHE T 622 46.05 -52.66 -113.18
C PHE T 622 46.76 -51.37 -113.52
N VAL T 623 46.04 -50.26 -113.35
CA VAL T 623 46.59 -48.93 -113.57
C VAL T 623 47.27 -48.47 -112.30
N ARG T 624 48.34 -47.70 -112.44
CA ARG T 624 49.15 -47.25 -111.32
C ARG T 624 48.91 -45.79 -110.96
N SER T 625 49.06 -44.88 -111.91
CA SER T 625 48.91 -43.46 -111.62
C SER T 625 48.58 -42.72 -112.92
N ILE T 626 48.07 -41.50 -112.75
CA ILE T 626 47.83 -40.58 -113.86
C ILE T 626 48.34 -39.21 -113.45
N THR T 627 48.64 -38.39 -114.45
CA THR T 627 49.12 -37.03 -114.22
C THR T 627 48.45 -36.09 -115.21
N LEU T 628 48.24 -34.84 -114.78
CA LEU T 628 47.59 -33.85 -115.61
C LEU T 628 48.08 -32.47 -115.20
N ARG T 629 47.64 -31.46 -115.96
CA ARG T 629 48.00 -30.07 -115.69
C ARG T 629 46.74 -29.23 -115.60
N SER T 630 46.63 -28.45 -114.54
CA SER T 630 45.49 -27.55 -114.32
C SER T 630 45.99 -26.15 -114.00
N LYS T 631 47.06 -25.72 -114.65
CA LYS T 631 47.63 -24.40 -114.42
C LYS T 631 46.84 -23.28 -115.09
N ASP T 632 46.03 -23.58 -116.09
CA ASP T 632 45.29 -22.57 -116.83
C ASP T 632 44.02 -22.11 -116.10
N GLY T 633 43.64 -22.78 -115.02
CA GLY T 633 42.47 -22.38 -114.26
C GLY T 633 42.65 -22.55 -112.77
N ASP T 634 42.10 -21.62 -112.00
CA ASP T 634 42.16 -21.67 -110.54
C ASP T 634 40.93 -22.38 -109.96
N ARG T 635 40.64 -23.58 -110.47
CA ARG T 635 39.52 -24.37 -109.98
C ARG T 635 39.92 -25.82 -109.71
N MET T 636 41.22 -26.12 -109.64
CA MET T 636 41.67 -27.47 -109.38
C MET T 636 41.50 -27.86 -107.92
N SER T 637 41.48 -26.88 -107.01
CA SER T 637 41.38 -27.18 -105.58
C SER T 637 40.00 -27.70 -105.21
N GLU T 638 38.95 -27.16 -105.84
CA GLU T 638 37.59 -27.62 -105.57
C GLU T 638 37.38 -29.05 -106.05
N THR T 639 37.98 -29.42 -107.17
CA THR T 639 37.91 -30.79 -107.65
C THR T 639 38.80 -31.71 -106.83
N PHE T 640 39.95 -31.21 -106.36
CA PHE T 640 40.85 -32.04 -105.57
C PHE T 640 40.35 -32.27 -104.15
N LYS T 641 39.49 -31.39 -103.64
CA LYS T 641 38.90 -31.60 -102.32
C LYS T 641 37.92 -32.77 -102.32
N GLN T 642 37.22 -32.99 -103.44
CA GLN T 642 36.26 -34.10 -103.51
C GLN T 642 36.97 -35.45 -103.55
N ILE T 643 38.19 -35.49 -104.10
CA ILE T 643 38.96 -36.74 -104.09
C ILE T 643 39.38 -37.11 -102.68
N ALA T 644 39.74 -36.11 -101.87
CA ALA T 644 40.05 -36.37 -100.47
C ALA T 644 38.79 -36.66 -99.66
N ASP T 645 37.65 -36.09 -100.06
CA ASP T 645 36.38 -36.43 -99.41
C ASP T 645 35.94 -37.85 -99.72
N LEU T 646 36.33 -38.37 -100.89
CA LEU T 646 36.03 -39.75 -101.27
C LEU T 646 36.88 -40.77 -100.50
N LYS T 647 37.89 -40.32 -99.75
CA LYS T 647 38.70 -41.24 -98.95
C LYS T 647 37.91 -41.85 -97.80
N LYS T 648 36.92 -41.13 -97.28
CA LYS T 648 36.04 -41.69 -96.27
C LYS T 648 35.19 -42.82 -96.83
N GLU T 649 34.69 -42.66 -98.06
CA GLU T 649 33.97 -43.73 -98.72
C GLU T 649 34.89 -44.89 -99.08
N ALA T 650 36.15 -44.59 -99.42
CA ALA T 650 37.13 -45.65 -99.66
C ALA T 650 37.42 -46.45 -98.39
N THR T 651 37.51 -45.76 -97.25
CA THR T 651 37.69 -46.44 -95.97
C THR T 651 36.45 -47.24 -95.58
N LYS T 652 35.25 -46.74 -95.92
CA LYS T 652 34.03 -47.52 -95.71
C LYS T 652 34.00 -48.76 -96.58
N ARG T 653 34.48 -48.65 -97.83
CA ARG T 653 34.60 -49.81 -98.71
C ARG T 653 35.62 -50.81 -98.17
N GLU T 654 36.72 -50.32 -97.60
CA GLU T 654 37.70 -51.20 -96.97
C GLU T 654 37.13 -51.90 -95.74
N GLN T 655 36.31 -51.19 -94.95
CA GLN T 655 35.66 -51.80 -93.80
C GLN T 655 34.62 -52.84 -94.23
N GLU T 656 33.92 -52.58 -95.33
CA GLU T 656 33.00 -53.58 -95.88
C GLU T 656 33.74 -54.79 -96.44
N ARG T 657 34.93 -54.57 -97.01
CA ARG T 657 35.74 -55.68 -97.51
C ARG T 657 36.28 -56.53 -96.36
N LYS T 658 36.68 -55.88 -95.26
CA LYS T 658 37.11 -56.64 -94.09
C LYS T 658 35.92 -57.25 -93.34
N ALA T 659 34.71 -56.76 -93.58
CA ALA T 659 33.50 -57.38 -93.05
C ALA T 659 33.09 -58.62 -93.82
N LEU T 660 33.73 -58.91 -94.96
CA LEU T 660 33.47 -60.11 -95.73
C LEU T 660 34.18 -61.34 -95.16
N ALA T 661 35.03 -61.15 -94.14
CA ALA T 661 35.73 -62.26 -93.53
C ALA T 661 34.76 -63.10 -92.69
N ASP T 662 35.23 -64.30 -92.32
CA ASP T 662 34.45 -65.34 -91.65
C ASP T 662 33.19 -65.68 -92.45
N VAL T 663 33.43 -66.18 -93.66
CA VAL T 663 32.34 -66.43 -94.60
C VAL T 663 31.51 -67.65 -94.18
N VAL T 664 32.09 -68.55 -93.39
CA VAL T 664 31.36 -69.74 -92.93
C VAL T 664 30.38 -69.31 -91.84
N GLN T 665 29.10 -69.57 -92.08
CA GLN T 665 28.02 -69.13 -91.21
C GLN T 665 27.17 -70.33 -90.81
N GLN T 666 26.11 -70.05 -90.05
CA GLN T 666 25.20 -71.10 -89.62
C GLN T 666 24.38 -71.63 -90.80
N ASP T 667 23.95 -72.88 -90.68
CA ASP T 667 23.09 -73.48 -91.69
C ASP T 667 21.64 -73.05 -91.45
N LYS T 668 20.77 -73.48 -92.35
CA LYS T 668 19.35 -73.21 -92.23
C LYS T 668 18.74 -73.98 -91.06
N LEU T 669 17.91 -73.30 -90.29
CA LEU T 669 17.40 -73.81 -89.02
C LEU T 669 15.94 -74.23 -89.18
N ILE T 670 15.64 -75.47 -88.84
CA ILE T 670 14.28 -75.97 -88.84
C ILE T 670 13.72 -75.92 -87.42
N GLU T 671 12.54 -75.31 -87.28
CA GLU T 671 11.91 -75.19 -85.97
C GLU T 671 11.26 -76.51 -85.58
N ASN T 672 11.19 -76.74 -84.27
CA ASN T 672 10.67 -77.99 -83.73
C ASN T 672 9.16 -78.01 -83.91
N LYS T 673 8.72 -78.68 -84.97
CA LYS T 673 7.29 -78.87 -85.26
C LYS T 673 6.78 -80.20 -84.74
N THR T 674 7.58 -80.92 -83.97
CA THR T 674 7.19 -82.23 -83.44
C THR T 674 6.55 -82.09 -82.06
N GLY T 675 5.51 -81.27 -82.01
CA GLY T 675 4.75 -81.12 -80.77
C GLY T 675 5.34 -80.08 -79.86
N ARG T 676 5.54 -80.46 -78.60
CA ARG T 676 5.96 -79.52 -77.56
C ARG T 676 7.44 -79.17 -77.69
N THR T 677 7.77 -77.97 -77.21
CA THR T 677 9.15 -77.50 -77.11
C THR T 677 9.43 -77.15 -75.66
N LYS T 678 10.68 -77.35 -75.24
CA LYS T 678 11.04 -77.15 -73.84
C LYS T 678 11.53 -75.73 -73.63
N ARG T 679 10.96 -75.05 -72.62
CA ARG T 679 11.28 -73.65 -72.38
C ARG T 679 11.44 -73.40 -70.89
N LEU T 680 12.00 -72.23 -70.57
CA LEU T 680 12.04 -71.68 -69.23
C LEU T 680 11.58 -70.23 -69.24
N ASP T 681 11.39 -69.70 -68.05
CA ASP T 681 11.06 -68.31 -67.81
C ASP T 681 12.16 -67.65 -66.99
N GLN T 682 12.11 -66.32 -66.95
CA GLN T 682 12.99 -65.46 -66.14
C GLN T 682 14.47 -65.66 -66.49
N ILE T 683 14.75 -65.79 -67.79
CA ILE T 683 16.09 -66.09 -68.28
C ILE T 683 16.69 -64.82 -68.86
N PHE T 684 17.86 -64.44 -68.38
CA PHE T 684 18.63 -63.33 -68.92
C PHE T 684 19.77 -63.86 -69.79
N VAL T 685 20.08 -63.09 -70.84
CA VAL T 685 21.16 -63.42 -71.77
C VAL T 685 22.13 -62.24 -71.79
N ARG T 686 23.42 -62.53 -71.63
CA ARG T 686 24.44 -61.48 -71.56
C ARG T 686 24.90 -60.91 -72.91
N PRO T 687 25.25 -61.73 -73.98
CA PRO T 687 25.80 -61.09 -75.19
C PRO T 687 24.77 -60.48 -76.12
N ASN T 688 23.53 -60.27 -75.66
CA ASN T 688 22.49 -59.69 -76.49
C ASN T 688 22.77 -58.21 -76.76
N PRO T 689 22.28 -57.68 -77.90
CA PRO T 689 22.44 -56.25 -78.17
C PRO T 689 21.33 -55.39 -77.58
N ASP T 690 20.53 -55.97 -76.69
CA ASP T 690 19.41 -55.23 -76.09
C ASP T 690 19.93 -54.22 -75.07
N THR T 691 19.27 -53.06 -75.03
CA THR T 691 19.71 -51.99 -74.12
C THR T 691 19.36 -52.32 -72.68
N LYS T 692 18.15 -52.80 -72.42
CA LYS T 692 17.70 -53.17 -71.09
C LYS T 692 17.45 -54.66 -71.05
N ARG T 693 17.98 -55.33 -70.02
CA ARG T 693 17.78 -56.76 -69.89
C ARG T 693 16.37 -57.05 -69.39
N VAL T 694 15.76 -58.11 -69.92
CA VAL T 694 14.40 -58.50 -69.56
C VAL T 694 14.36 -59.99 -69.24
N PRO T 695 13.43 -60.46 -68.40
CA PRO T 695 13.32 -61.90 -68.12
C PRO T 695 12.78 -62.69 -69.30
N SER T 696 13.66 -63.06 -70.22
CA SER T 696 13.29 -63.64 -71.50
C SER T 696 13.07 -65.14 -71.41
N THR T 697 12.94 -65.80 -72.56
CA THR T 697 12.76 -67.23 -72.66
C THR T 697 13.69 -67.79 -73.73
N VAL T 698 13.91 -69.10 -73.68
CA VAL T 698 14.81 -69.79 -74.59
C VAL T 698 14.09 -70.99 -75.20
N PHE T 699 14.31 -71.22 -76.50
CA PHE T 699 13.57 -72.24 -77.25
C PHE T 699 14.52 -73.35 -77.66
N ILE T 700 14.16 -74.59 -77.37
CA ILE T 700 14.91 -75.75 -77.86
C ILE T 700 14.26 -76.25 -79.14
N HIS T 701 15.05 -76.32 -80.20
CA HIS T 701 14.70 -77.09 -81.39
C HIS T 701 15.67 -78.26 -81.50
N GLU T 702 15.32 -79.22 -82.36
CA GLU T 702 16.12 -80.43 -82.47
C GLU T 702 17.44 -80.22 -83.20
N ASN T 703 17.64 -79.06 -83.85
CA ASN T 703 18.91 -78.76 -84.47
C ASN T 703 19.59 -77.51 -83.92
N GLY T 704 18.83 -76.55 -83.39
CA GLY T 704 19.41 -75.30 -82.95
C GLY T 704 18.70 -74.72 -81.75
N ILE T 705 19.50 -74.19 -80.83
CA ILE T 705 19.00 -73.42 -79.70
C ILE T 705 18.66 -72.03 -80.20
N ARG T 706 17.53 -71.50 -79.69
CA ARG T 706 16.96 -70.24 -80.15
C ARG T 706 16.80 -69.30 -78.97
N PHE T 707 17.21 -68.05 -79.16
CA PHE T 707 16.89 -67.00 -78.19
C PHE T 707 16.29 -65.83 -78.96
N GLN T 708 14.99 -65.62 -78.80
CA GLN T 708 14.29 -64.50 -79.40
C GLN T 708 14.13 -63.41 -78.36
N SER T 709 14.57 -62.20 -78.71
CA SER T 709 14.45 -61.07 -77.79
C SER T 709 13.04 -60.53 -77.83
N PRO T 710 12.35 -60.43 -76.69
CA PRO T 710 11.00 -59.82 -76.69
C PRO T 710 11.02 -58.32 -76.96
N LEU T 711 12.17 -57.65 -76.88
CA LEU T 711 12.23 -56.25 -77.30
C LEU T 711 12.06 -56.12 -78.80
N ARG T 712 12.89 -56.83 -79.57
CA ARG T 712 12.86 -56.76 -81.03
C ARG T 712 12.88 -58.17 -81.56
N THR T 713 11.86 -58.53 -82.34
CA THR T 713 11.74 -59.88 -82.87
C THR T 713 12.81 -60.17 -83.92
N ASP T 714 13.16 -59.17 -84.73
CA ASP T 714 14.12 -59.36 -85.81
C ASP T 714 15.53 -59.63 -85.30
N SER T 715 15.89 -59.07 -84.14
CA SER T 715 17.18 -59.31 -83.53
C SER T 715 17.07 -60.52 -82.59
N ARG T 716 17.59 -61.66 -83.05
CA ARG T 716 17.53 -62.89 -82.26
C ARG T 716 18.73 -63.75 -82.63
N ILE T 717 19.04 -64.70 -81.75
CA ILE T 717 20.26 -65.50 -81.86
C ILE T 717 19.88 -66.96 -82.10
N ASP T 718 20.44 -67.53 -83.16
CA ASP T 718 20.18 -68.91 -83.60
C ASP T 718 21.52 -69.64 -83.59
N ILE T 719 21.67 -70.64 -82.73
CA ILE T 719 22.94 -71.36 -82.62
C ILE T 719 22.69 -72.86 -82.81
N LEU T 720 23.38 -73.45 -83.79
CA LEU T 720 23.19 -74.86 -84.10
C LEU T 720 23.74 -75.76 -83.00
N PHE T 721 23.11 -76.93 -82.84
CA PHE T 721 23.61 -77.91 -81.87
C PHE T 721 24.90 -78.56 -82.34
N SER T 722 25.13 -78.63 -83.65
CA SER T 722 26.42 -79.08 -84.14
C SER T 722 27.51 -78.03 -83.95
N ASN T 723 27.11 -76.76 -83.78
CA ASN T 723 28.06 -75.67 -83.59
C ASN T 723 28.59 -75.59 -82.16
N ILE T 724 28.02 -76.37 -81.24
CA ILE T 724 28.43 -76.28 -79.84
C ILE T 724 29.75 -77.00 -79.66
N LYS T 725 30.74 -76.29 -79.11
CA LYS T 725 31.97 -76.94 -78.71
C LYS T 725 31.89 -77.46 -77.28
N ASN T 726 31.33 -76.66 -76.37
CA ASN T 726 31.30 -77.01 -74.95
C ASN T 726 30.04 -76.46 -74.31
N LEU T 727 29.48 -77.24 -73.38
CA LEU T 727 28.32 -76.85 -72.59
C LEU T 727 28.73 -76.88 -71.12
N ILE T 728 28.88 -75.71 -70.52
CA ILE T 728 29.38 -75.57 -69.16
C ILE T 728 28.22 -75.14 -68.27
N PHE T 729 28.05 -75.83 -67.14
CA PHE T 729 27.06 -75.45 -66.14
C PHE T 729 27.81 -75.09 -64.86
N GLN T 730 27.56 -73.90 -64.32
CA GLN T 730 28.22 -73.50 -63.08
C GLN T 730 27.18 -73.32 -61.98
N SER T 731 27.48 -73.88 -60.81
CA SER T 731 26.59 -73.76 -59.66
C SER T 731 26.66 -72.35 -59.07
N CYS T 732 25.74 -72.07 -58.16
CA CYS T 732 25.62 -70.75 -57.56
C CYS T 732 26.28 -70.69 -56.19
N LYS T 733 26.88 -71.78 -55.73
CA LYS T 733 27.51 -71.80 -54.40
C LYS T 733 28.75 -70.91 -54.39
N GLY T 734 28.80 -69.99 -53.42
CA GLY T 734 29.83 -68.98 -53.42
C GLY T 734 29.71 -67.96 -54.54
N GLU T 735 28.53 -67.84 -55.15
CA GLU T 735 28.32 -66.93 -56.28
C GLU T 735 26.97 -66.24 -56.13
N LEU T 736 26.82 -65.13 -56.84
CA LEU T 736 25.59 -64.36 -56.78
C LEU T 736 24.58 -64.79 -57.83
N ILE T 737 25.03 -65.17 -59.03
CA ILE T 737 24.13 -65.60 -60.10
C ILE T 737 24.52 -67.01 -60.50
N VAL T 738 23.61 -67.67 -61.22
CA VAL T 738 23.80 -69.04 -61.69
C VAL T 738 23.75 -69.05 -63.22
N VAL T 739 24.74 -69.72 -63.84
CA VAL T 739 25.00 -69.55 -65.27
C VAL T 739 25.13 -70.88 -65.99
N ILE T 740 24.76 -70.86 -67.27
CA ILE T 740 25.09 -71.90 -68.24
C ILE T 740 25.82 -71.23 -69.39
N HIS T 741 27.07 -71.61 -69.60
CA HIS T 741 27.91 -71.07 -70.65
C HIS T 741 27.95 -72.04 -71.83
N ILE T 742 28.04 -71.48 -73.04
CA ILE T 742 28.10 -72.28 -74.27
C ILE T 742 29.26 -71.75 -75.09
N HIS T 743 30.25 -72.62 -75.34
CA HIS T 743 31.38 -72.30 -76.20
C HIS T 743 31.20 -72.95 -77.55
N LEU T 744 31.58 -72.23 -78.61
CA LEU T 744 31.37 -72.63 -80.00
C LEU T 744 32.71 -72.77 -80.70
N LYS T 745 32.79 -73.72 -81.64
CA LYS T 745 33.98 -73.84 -82.46
C LYS T 745 33.99 -72.84 -83.61
N ASN T 746 32.82 -72.39 -84.05
CA ASN T 746 32.69 -71.43 -85.14
C ASN T 746 32.02 -70.20 -84.57
N PRO T 747 32.64 -69.02 -84.66
CA PRO T 747 32.03 -67.81 -84.10
C PRO T 747 30.76 -67.40 -84.82
N ILE T 748 29.85 -66.80 -84.05
CA ILE T 748 28.59 -66.28 -84.57
C ILE T 748 28.65 -64.75 -84.49
N LEU T 749 28.20 -64.09 -85.55
CA LEU T 749 28.18 -62.64 -85.60
C LEU T 749 26.83 -62.14 -85.12
N MET T 750 26.85 -61.12 -84.26
CA MET T 750 25.62 -60.46 -83.83
C MET T 750 25.06 -59.53 -84.89
N GLY T 751 25.86 -59.16 -85.89
CA GLY T 751 25.46 -58.22 -86.90
C GLY T 751 26.57 -57.23 -87.22
N LYS T 752 27.42 -56.97 -86.23
CA LYS T 752 28.56 -56.07 -86.39
C LYS T 752 29.89 -56.70 -85.99
N LYS T 753 29.89 -57.61 -85.02
CA LYS T 753 31.12 -58.26 -84.57
C LYS T 753 30.82 -59.71 -84.24
N LYS T 754 31.78 -60.59 -84.53
CA LYS T 754 31.63 -62.01 -84.27
C LYS T 754 31.94 -62.30 -82.79
N ILE T 755 30.99 -62.90 -82.10
CA ILE T 755 31.20 -63.35 -80.72
C ILE T 755 31.46 -64.84 -80.75
N GLN T 756 32.16 -65.33 -79.72
CA GLN T 756 32.61 -66.73 -79.72
C GLN T 756 31.76 -67.61 -78.82
N ASP T 757 31.27 -67.08 -77.70
CA ASP T 757 30.63 -67.90 -76.69
C ASP T 757 29.52 -67.12 -75.99
N VAL T 758 28.40 -67.81 -75.74
CA VAL T 758 27.16 -67.18 -75.27
C VAL T 758 26.77 -67.81 -73.94
N GLN T 759 26.44 -66.99 -72.96
CA GLN T 759 26.08 -67.46 -71.63
C GLN T 759 24.67 -67.00 -71.27
N PHE T 760 23.90 -67.90 -70.67
CA PHE T 760 22.58 -67.59 -70.14
C PHE T 760 22.68 -67.59 -68.62
N TYR T 761 22.22 -66.50 -67.99
CA TYR T 761 22.43 -66.30 -66.57
C TYR T 761 21.12 -65.93 -65.87
N ARG T 762 21.06 -66.25 -64.58
CA ARG T 762 19.91 -65.91 -63.77
C ARG T 762 20.35 -65.43 -62.40
N GLU T 763 19.81 -64.28 -61.97
CA GLU T 763 20.10 -63.72 -60.65
C GLU T 763 19.33 -64.54 -59.61
N ALA T 764 20.06 -65.36 -58.84
CA ALA T 764 19.40 -66.20 -57.85
C ALA T 764 18.99 -65.39 -56.61
N SER T 765 19.81 -64.42 -56.23
CA SER T 765 19.52 -63.61 -55.06
C SER T 765 18.40 -62.61 -55.37
N ASP T 766 17.78 -62.10 -54.31
CA ASP T 766 16.67 -61.16 -54.47
C ASP T 766 17.17 -59.80 -54.96
N MET T 767 18.25 -59.30 -54.37
CA MET T 767 18.81 -58.02 -54.78
C MET T 767 20.33 -58.13 -54.67
N SER T 768 21.05 -57.60 -55.66
CA SER T 768 22.49 -57.82 -55.76
C SER T 768 23.25 -57.11 -54.65
N VAL T 769 23.00 -55.82 -54.45
CA VAL T 769 23.66 -55.04 -53.42
C VAL T 769 22.62 -54.48 -52.46
N ASP T 770 22.89 -54.61 -51.16
CA ASP T 770 21.96 -54.18 -50.12
C ASP T 770 22.51 -52.90 -49.47
N GLU T 771 21.68 -51.87 -49.44
CA GLU T 771 22.07 -50.64 -48.74
C GLU T 771 22.08 -50.87 -47.24
N THR T 772 22.85 -50.07 -46.54
CA THR T 772 23.00 -50.22 -45.10
C THR T 772 22.45 -49.00 -44.38
N GLY T 773 21.93 -49.24 -43.17
CA GLY T 773 21.31 -48.18 -42.39
C GLY T 773 20.43 -48.71 -41.28
N GLY T 786 12.57 -58.16 -32.12
CA GLY T 786 12.24 -57.36 -33.29
C GLY T 786 12.73 -57.98 -34.58
N ASP T 787 11.91 -57.84 -35.63
CA ASP T 787 12.14 -58.36 -37.00
C ASP T 787 12.24 -59.88 -36.92
N GLU T 788 13.41 -60.49 -37.15
CA GLU T 788 13.71 -61.92 -37.32
C GLU T 788 13.03 -62.51 -38.54
N ASP T 789 12.59 -61.70 -39.51
CA ASP T 789 12.13 -62.23 -40.78
C ASP T 789 13.32 -62.55 -41.68
N GLU T 790 14.50 -62.03 -41.34
CA GLU T 790 15.69 -62.20 -42.17
C GLU T 790 16.18 -63.63 -42.15
N LEU T 791 16.04 -64.33 -41.02
CA LEU T 791 16.49 -65.71 -40.95
C LEU T 791 15.66 -66.60 -41.87
N GLU T 792 14.34 -66.41 -41.87
CA GLU T 792 13.46 -67.05 -42.84
C GLU T 792 13.75 -66.59 -44.27
N GLN T 793 14.23 -65.36 -44.45
CA GLN T 793 14.62 -64.93 -45.79
C GLN T 793 15.83 -65.69 -46.31
N GLU T 794 16.93 -65.77 -45.54
CA GLU T 794 18.05 -66.64 -45.95
C GLU T 794 17.66 -68.11 -46.10
N GLN T 795 16.67 -68.59 -45.34
CA GLN T 795 16.07 -69.90 -45.64
C GLN T 795 15.46 -69.92 -47.04
N GLU T 796 14.74 -68.86 -47.43
CA GLU T 796 14.06 -68.96 -48.72
C GLU T 796 15.03 -68.76 -49.88
N GLU T 797 16.14 -68.02 -49.72
CA GLU T 797 17.06 -68.05 -50.87
C GLU T 797 17.92 -69.31 -50.90
N ARG T 798 18.17 -69.99 -49.76
CA ARG T 798 18.86 -71.28 -49.93
C ARG T 798 17.94 -72.31 -50.59
N ARG T 799 16.65 -72.30 -50.24
CA ARG T 799 15.69 -73.17 -50.90
C ARG T 799 15.53 -72.83 -52.39
N LYS T 800 15.46 -71.55 -52.73
CA LYS T 800 15.32 -71.21 -54.14
C LYS T 800 16.62 -71.34 -54.92
N ARG T 801 17.78 -71.29 -54.25
CA ARG T 801 19.04 -71.61 -54.92
C ARG T 801 19.10 -73.08 -55.28
N ALA T 802 18.64 -73.95 -54.37
CA ALA T 802 18.52 -75.37 -54.70
C ALA T 802 17.51 -75.60 -55.83
N ALA T 803 16.41 -74.84 -55.81
CA ALA T 803 15.39 -74.95 -56.86
C ALA T 803 15.94 -74.51 -58.22
N LEU T 804 16.70 -73.41 -58.26
CA LEU T 804 17.25 -72.94 -59.52
C LEU T 804 18.40 -73.82 -60.01
N ASP T 805 19.14 -74.44 -59.07
CA ASP T 805 20.15 -75.42 -59.46
C ASP T 805 19.50 -76.63 -60.12
N LYS T 806 18.37 -77.10 -59.56
CA LYS T 806 17.59 -78.15 -60.22
C LYS T 806 17.05 -77.69 -61.57
N GLU T 807 16.61 -76.42 -61.64
CA GLU T 807 16.00 -75.87 -62.85
C GLU T 807 16.98 -75.81 -64.00
N PHE T 808 18.21 -75.36 -63.75
CA PHE T 808 19.21 -75.38 -64.81
C PHE T 808 19.85 -76.74 -65.03
N LYS T 809 19.88 -77.62 -64.03
CA LYS T 809 20.41 -78.95 -64.27
C LYS T 809 19.48 -79.77 -65.17
N TYR T 810 18.17 -79.61 -65.00
CA TYR T 810 17.22 -80.28 -65.88
C TYR T 810 17.28 -79.73 -67.30
N PHE T 811 17.49 -78.41 -67.46
CA PHE T 811 17.67 -77.83 -68.79
C PHE T 811 18.97 -78.26 -69.43
N ALA T 812 20.04 -78.42 -68.64
CA ALA T 812 21.30 -78.94 -69.16
C ALA T 812 21.15 -80.38 -69.62
N ASP T 813 20.39 -81.19 -68.87
CA ASP T 813 20.06 -82.55 -69.30
C ASP T 813 19.24 -82.54 -70.58
N ALA T 814 18.31 -81.58 -70.72
CA ALA T 814 17.51 -81.48 -71.93
C ALA T 814 18.35 -81.11 -73.15
N ILE T 815 19.30 -80.19 -72.99
CA ILE T 815 20.19 -79.82 -74.08
C ILE T 815 21.11 -80.98 -74.44
N ALA T 816 21.59 -81.72 -73.43
CA ALA T 816 22.43 -82.89 -73.67
C ALA T 816 21.67 -84.00 -74.39
N GLU T 817 20.39 -84.20 -74.04
CA GLU T 817 19.60 -85.24 -74.68
C GLU T 817 19.16 -84.85 -76.08
N ALA T 818 18.91 -83.56 -76.32
CA ALA T 818 18.39 -83.13 -77.62
C ALA T 818 19.44 -83.22 -78.71
N SER T 819 20.73 -83.16 -78.36
CA SER T 819 21.79 -83.25 -79.34
C SER T 819 22.06 -84.68 -79.80
N ASN T 820 21.53 -85.67 -79.07
CA ASN T 820 21.67 -87.11 -79.38
C ASN T 820 23.13 -87.55 -79.46
N GLY T 821 23.90 -87.18 -78.43
CA GLY T 821 25.27 -87.63 -78.30
C GLY T 821 26.31 -86.74 -78.95
N LEU T 822 25.90 -85.81 -79.81
CA LEU T 822 26.85 -84.91 -80.44
C LEU T 822 27.40 -83.89 -79.45
N LEU T 823 26.60 -83.52 -78.45
CA LEU T 823 27.02 -82.61 -77.39
C LEU T 823 26.78 -83.29 -76.05
N THR T 824 27.79 -83.27 -75.19
CA THR T 824 27.71 -83.87 -73.86
C THR T 824 27.54 -82.78 -72.80
N VAL T 825 27.25 -83.22 -71.58
CA VAL T 825 27.05 -82.33 -70.44
C VAL T 825 28.36 -82.25 -69.67
N GLU T 826 28.54 -81.16 -68.93
CA GLU T 826 29.75 -80.93 -68.16
C GLU T 826 29.41 -80.18 -66.88
N ASN T 827 30.10 -80.55 -65.79
CA ASN T 827 29.83 -79.98 -64.48
C ASN T 827 31.13 -79.42 -63.89
N THR T 828 31.02 -78.25 -63.26
CA THR T 828 32.15 -77.55 -62.68
C THR T 828 32.34 -77.93 -61.20
N PHE T 829 33.53 -77.65 -60.69
CA PHE T 829 33.90 -77.98 -59.31
C PHE T 829 34.50 -76.75 -58.63
N ARG T 830 33.88 -76.30 -57.54
CA ARG T 830 34.40 -75.15 -56.80
C ARG T 830 35.52 -75.51 -55.84
N ASP T 831 35.60 -76.77 -55.41
CA ASP T 831 36.56 -77.14 -54.37
C ASP T 831 37.99 -77.18 -54.89
N LEU T 832 38.17 -77.33 -56.21
CA LEU T 832 39.49 -77.40 -56.81
C LEU T 832 39.85 -76.09 -57.52
N GLY T 833 38.99 -75.07 -57.42
CA GLY T 833 39.21 -73.82 -58.11
C GLY T 833 40.35 -73.01 -57.54
N PHE T 834 40.83 -72.05 -58.34
CA PHE T 834 41.99 -71.27 -57.94
C PHE T 834 41.88 -69.87 -58.52
N GLN T 835 42.36 -68.88 -57.78
CA GLN T 835 42.27 -67.49 -58.19
C GLN T 835 43.40 -67.15 -59.15
N GLY T 836 43.15 -66.19 -60.03
CA GLY T 836 44.21 -65.68 -60.88
C GLY T 836 43.68 -64.57 -61.77
N VAL T 837 44.59 -63.89 -62.44
CA VAL T 837 44.17 -62.88 -63.40
C VAL T 837 44.43 -63.29 -64.85
N PRO T 838 43.39 -63.66 -65.57
CA PRO T 838 43.41 -63.50 -67.03
C PRO T 838 42.97 -62.09 -67.38
N ASN T 839 43.36 -61.68 -68.59
CA ASN T 839 43.21 -60.32 -69.19
C ASN T 839 43.55 -59.28 -68.12
N ARG T 840 42.62 -58.43 -67.70
CA ARG T 840 42.85 -57.48 -66.63
C ARG T 840 41.90 -57.69 -65.46
N SER T 841 41.54 -58.94 -65.15
CA SER T 841 40.55 -59.21 -64.12
C SER T 841 40.97 -60.38 -63.25
N ALA T 842 41.13 -60.12 -61.95
CA ALA T 842 41.56 -61.13 -60.98
C ALA T 842 40.34 -61.86 -60.44
N VAL T 843 40.04 -63.03 -61.01
CA VAL T 843 38.81 -63.76 -60.73
C VAL T 843 39.20 -65.17 -60.31
N PHE T 844 38.36 -65.79 -59.47
CA PHE T 844 38.44 -67.19 -59.12
C PHE T 844 38.18 -68.08 -60.33
N CYS T 845 39.25 -68.50 -61.02
CA CYS T 845 39.17 -69.37 -62.19
C CYS T 845 38.87 -70.82 -61.78
N MET T 846 38.42 -71.59 -62.77
CA MET T 846 37.58 -72.76 -62.56
C MET T 846 38.08 -73.94 -63.37
N PRO T 847 39.02 -74.73 -62.83
CA PRO T 847 39.47 -75.95 -63.53
C PRO T 847 38.45 -77.07 -63.43
N THR T 848 38.03 -77.58 -64.59
CA THR T 848 36.97 -78.59 -64.69
C THR T 848 37.52 -79.86 -65.32
N THR T 849 36.60 -80.79 -65.60
CA THR T 849 36.98 -82.08 -66.18
C THR T 849 37.46 -81.95 -67.62
N ASP T 850 36.71 -81.21 -68.43
CA ASP T 850 37.02 -81.13 -69.86
C ASP T 850 37.74 -79.85 -70.25
N CYS T 851 37.51 -78.75 -69.55
CA CYS T 851 38.12 -77.47 -69.91
C CYS T 851 38.53 -76.73 -68.64
N LEU T 852 39.18 -75.58 -68.85
CA LEU T 852 39.41 -74.59 -67.81
C LEU T 852 38.58 -73.37 -68.16
N VAL T 853 37.56 -73.09 -67.34
CA VAL T 853 36.56 -72.10 -67.72
C VAL T 853 36.67 -70.88 -66.82
N GLN T 854 36.17 -69.77 -67.34
CA GLN T 854 36.18 -68.46 -66.68
C GLN T 854 34.97 -67.72 -67.22
N LEU T 855 33.95 -67.54 -66.37
CA LEU T 855 32.60 -67.25 -66.81
C LEU T 855 31.97 -66.03 -66.14
N ILE T 856 32.75 -65.16 -65.52
CA ILE T 856 32.17 -64.03 -64.81
C ILE T 856 32.30 -62.75 -65.63
N GLU T 857 33.53 -62.42 -66.00
CA GLU T 857 33.82 -61.18 -66.71
C GLU T 857 33.42 -61.30 -68.18
N PRO T 858 33.12 -60.17 -68.83
CA PRO T 858 32.73 -60.20 -70.26
C PRO T 858 33.80 -60.72 -71.20
N PRO T 859 35.12 -60.71 -70.85
CA PRO T 859 35.99 -61.69 -71.53
C PRO T 859 35.83 -63.08 -70.93
N PHE T 860 35.13 -63.94 -71.65
CA PHE T 860 34.89 -65.30 -71.19
C PHE T 860 36.00 -66.20 -71.72
N LEU T 861 36.60 -67.00 -70.84
CA LEU T 861 37.78 -67.78 -71.21
C LEU T 861 37.47 -69.26 -71.09
N VAL T 862 37.64 -69.99 -72.19
CA VAL T 862 37.50 -71.45 -72.19
C VAL T 862 38.79 -72.02 -72.77
N ILE T 863 39.60 -72.63 -71.92
CA ILE T 863 40.81 -73.32 -72.34
C ILE T 863 40.45 -74.79 -72.54
N ASN T 864 40.44 -75.22 -73.80
CA ASN T 864 40.16 -76.62 -74.10
C ASN T 864 41.36 -77.47 -73.76
N LEU T 865 41.16 -78.47 -72.90
CA LEU T 865 42.24 -79.33 -72.48
C LEU T 865 42.68 -80.32 -73.57
N GLU T 866 41.86 -80.52 -74.59
CA GLU T 866 42.24 -81.40 -75.69
C GLU T 866 43.08 -80.68 -76.73
N GLU T 867 43.16 -79.35 -76.67
CA GLU T 867 43.86 -78.57 -77.67
C GLU T 867 45.14 -77.92 -77.16
N VAL T 868 45.52 -78.16 -75.91
CA VAL T 868 46.68 -77.50 -75.32
C VAL T 868 47.86 -78.47 -75.23
N GLU T 869 49.03 -77.98 -75.64
CA GLU T 869 50.25 -78.77 -75.65
C GLU T 869 50.93 -78.79 -74.28
N ILE T 870 51.16 -77.61 -73.70
CA ILE T 870 51.92 -77.50 -72.46
C ILE T 870 51.36 -76.35 -71.63
N CYS T 871 51.54 -76.44 -70.33
CA CYS T 871 51.15 -75.38 -69.40
C CYS T 871 52.39 -75.03 -68.60
N ILE T 872 53.16 -74.07 -69.10
CA ILE T 872 54.43 -73.71 -68.50
C ILE T 872 54.17 -72.86 -67.26
N LEU T 873 54.68 -73.32 -66.13
CA LEU T 873 54.72 -72.50 -64.93
C LEU T 873 55.90 -71.55 -65.03
N GLU T 874 55.72 -70.34 -64.49
CA GLU T 874 56.50 -69.24 -65.01
C GLU T 874 56.69 -68.24 -63.90
N ARG T 875 57.91 -67.69 -63.79
CA ARG T 875 58.36 -66.85 -62.67
C ARG T 875 58.14 -67.53 -61.32
N VAL T 876 58.48 -68.81 -61.24
CA VAL T 876 58.36 -69.56 -60.00
C VAL T 876 59.73 -69.53 -59.33
N GLN T 877 59.95 -68.51 -58.51
CA GLN T 877 61.13 -68.41 -57.67
C GLN T 877 60.67 -68.40 -56.22
N PHE T 878 61.63 -68.38 -55.30
CA PHE T 878 61.26 -68.44 -53.90
C PHE T 878 61.26 -67.05 -53.28
N GLY T 879 60.49 -66.91 -52.21
CA GLY T 879 60.12 -65.60 -51.72
C GLY T 879 59.03 -64.93 -52.52
N LEU T 880 58.40 -65.66 -53.44
CA LEU T 880 57.39 -65.12 -54.33
C LEU T 880 56.04 -65.73 -53.99
N LYS T 881 55.04 -64.87 -53.79
CA LYS T 881 53.71 -65.34 -53.45
C LYS T 881 52.83 -65.55 -54.67
N ASN T 882 53.19 -64.98 -55.82
CA ASN T 882 52.42 -65.13 -57.04
C ASN T 882 53.30 -65.62 -58.17
N PHE T 883 52.68 -66.31 -59.13
CA PHE T 883 53.40 -66.82 -60.28
C PHE T 883 52.49 -66.74 -61.50
N ASP T 884 53.11 -66.86 -62.67
CA ASP T 884 52.45 -66.70 -63.96
C ASP T 884 52.37 -68.07 -64.64
N MET T 885 51.17 -68.48 -65.04
CA MET T 885 51.00 -69.79 -65.65
C MET T 885 50.45 -69.63 -67.07
N VAL T 886 51.11 -70.25 -68.03
CA VAL T 886 50.90 -69.94 -69.44
C VAL T 886 50.57 -71.23 -70.19
N PHE T 887 49.36 -71.30 -70.74
CA PHE T 887 49.01 -72.37 -71.67
C PHE T 887 49.52 -72.07 -73.05
N VAL T 888 50.29 -73.01 -73.61
CA VAL T 888 50.68 -73.03 -75.01
C VAL T 888 49.93 -74.17 -75.67
N TYR T 889 49.14 -73.85 -76.69
CA TYR T 889 48.26 -74.81 -77.34
C TYR T 889 49.04 -75.78 -78.20
N LYS T 890 48.36 -76.85 -78.62
CA LYS T 890 48.95 -77.79 -79.56
C LYS T 890 49.22 -77.13 -80.91
N ASP T 891 48.18 -76.59 -81.54
CA ASP T 891 48.41 -75.77 -82.71
C ASP T 891 48.94 -74.39 -82.31
N PHE T 892 49.88 -73.90 -83.11
CA PHE T 892 50.64 -72.70 -82.75
C PHE T 892 50.09 -71.42 -83.35
N ASN T 893 49.02 -71.51 -84.14
CA ASN T 893 48.56 -70.35 -84.91
C ASN T 893 47.91 -69.29 -84.02
N LYS T 894 47.04 -69.71 -83.11
CA LYS T 894 46.48 -68.77 -82.15
C LYS T 894 47.54 -68.41 -81.11
N PRO T 895 47.48 -67.20 -80.55
CA PRO T 895 48.48 -66.80 -79.55
C PRO T 895 48.27 -67.55 -78.23
N VAL T 896 49.32 -67.48 -77.39
CA VAL T 896 49.33 -68.20 -76.13
C VAL T 896 48.35 -67.58 -75.15
N THR T 897 47.95 -68.36 -74.16
CA THR T 897 47.11 -67.86 -73.07
C THR T 897 47.97 -67.73 -71.83
N HIS T 898 47.90 -66.58 -71.18
CA HIS T 898 48.65 -66.33 -69.96
C HIS T 898 47.71 -65.88 -68.85
N ILE T 899 47.78 -66.55 -67.71
CA ILE T 899 47.02 -66.18 -66.53
C ILE T 899 48.02 -65.87 -65.43
N ASN T 900 47.95 -64.65 -64.92
CA ASN T 900 48.97 -64.13 -64.02
C ASN T 900 48.48 -64.18 -62.58
N THR T 901 49.43 -64.01 -61.66
CA THR T 901 49.21 -63.72 -60.24
C THR T 901 48.37 -64.84 -59.59
N VAL T 902 48.83 -66.07 -59.77
CA VAL T 902 48.20 -67.21 -59.10
C VAL T 902 48.87 -67.39 -57.74
N PRO T 903 48.11 -67.55 -56.66
CA PRO T 903 48.73 -67.73 -55.34
C PRO T 903 49.54 -69.01 -55.25
N ILE T 904 50.59 -68.96 -54.43
CA ILE T 904 51.61 -70.00 -54.44
C ILE T 904 51.08 -71.31 -53.84
N GLU T 905 50.11 -71.21 -52.90
CA GLU T 905 49.65 -72.38 -52.16
C GLU T 905 48.82 -73.33 -53.00
N SER T 906 48.27 -72.86 -54.12
CA SER T 906 47.55 -73.75 -55.03
C SER T 906 48.51 -74.48 -55.97
N LEU T 907 49.78 -74.04 -56.04
CA LEU T 907 50.69 -74.41 -57.12
C LEU T 907 50.89 -75.93 -57.21
N ASP T 908 51.26 -76.56 -56.09
CA ASP T 908 51.43 -78.01 -56.06
C ASP T 908 50.12 -78.71 -56.37
N PHE T 909 49.01 -78.20 -55.80
CA PHE T 909 47.69 -78.72 -56.16
C PHE T 909 47.40 -78.52 -57.64
N LEU T 910 47.79 -77.36 -58.17
CA LEU T 910 47.67 -77.10 -59.60
C LEU T 910 48.53 -78.09 -60.39
N LYS T 911 49.72 -78.40 -59.87
CA LYS T 911 50.57 -79.39 -60.51
C LYS T 911 49.91 -80.76 -60.52
N GLN T 912 49.18 -81.08 -59.44
CA GLN T 912 48.43 -82.34 -59.41
C GLN T 912 47.35 -82.36 -60.47
N TRP T 913 46.70 -81.21 -60.69
CA TRP T 913 45.74 -81.10 -61.78
C TRP T 913 46.42 -81.24 -63.12
N LEU T 914 47.67 -80.77 -63.22
CA LEU T 914 48.46 -80.97 -64.42
C LEU T 914 48.77 -82.45 -64.66
N THR T 915 48.81 -83.25 -63.59
CA THR T 915 48.99 -84.67 -63.77
C THR T 915 47.70 -85.40 -64.11
N ASP T 916 46.54 -84.74 -63.96
CA ASP T 916 45.30 -85.45 -64.25
C ASP T 916 44.87 -85.31 -65.70
N MET T 917 45.24 -84.22 -66.36
CA MET T 917 44.65 -83.86 -67.64
C MET T 917 45.57 -84.14 -68.81
N ASP T 918 46.65 -84.91 -68.59
CA ASP T 918 47.62 -85.33 -69.61
C ASP T 918 48.25 -84.14 -70.34
N ILE T 919 48.70 -83.16 -69.56
CA ILE T 919 49.45 -82.02 -70.09
C ILE T 919 50.67 -81.79 -69.20
N PRO T 920 51.87 -81.66 -69.77
CA PRO T 920 53.08 -81.48 -68.96
C PRO T 920 53.28 -80.03 -68.55
N TYR T 921 54.31 -79.82 -67.73
CA TYR T 921 54.62 -78.49 -67.23
C TYR T 921 56.12 -78.34 -67.04
N THR T 922 56.60 -77.11 -67.16
CA THR T 922 57.98 -76.75 -66.88
C THR T 922 57.98 -75.48 -66.04
N VAL T 923 59.14 -75.19 -65.45
CA VAL T 923 59.30 -74.04 -64.56
C VAL T 923 60.40 -73.15 -65.10
N SER T 924 60.06 -71.89 -65.38
CA SER T 924 61.01 -70.88 -65.81
C SER T 924 60.97 -69.71 -64.83
N THR T 925 62.14 -69.32 -64.33
CA THR T 925 62.21 -68.35 -63.24
C THR T 925 62.12 -66.91 -63.72
N ILE T 926 62.15 -66.66 -65.03
CA ILE T 926 62.10 -65.30 -65.55
C ILE T 926 60.88 -65.18 -66.46
N ASN T 927 60.38 -63.94 -66.61
CA ASN T 927 59.32 -63.66 -67.56
C ASN T 927 59.85 -63.81 -68.98
N LEU T 928 59.09 -64.53 -69.82
CA LEU T 928 59.47 -64.80 -71.19
C LEU T 928 58.66 -63.93 -72.14
N ASN T 929 59.34 -63.25 -73.05
CA ASN T 929 58.68 -62.45 -74.08
C ASN T 929 58.07 -63.39 -75.11
N TRP T 930 56.78 -63.67 -74.95
CA TRP T 930 56.13 -64.71 -75.75
C TRP T 930 55.87 -64.31 -77.19
N ALA T 931 55.92 -63.01 -77.50
CA ALA T 931 55.66 -62.57 -78.87
C ALA T 931 56.79 -63.00 -79.81
N THR T 932 58.04 -62.75 -79.40
CA THR T 932 59.18 -63.13 -80.24
C THR T 932 59.34 -64.65 -80.32
N ILE T 933 59.10 -65.34 -79.20
CA ILE T 933 59.19 -66.80 -79.17
C ILE T 933 58.12 -67.42 -80.06
N MET T 934 56.89 -66.88 -79.98
CA MET T 934 55.81 -67.41 -80.83
C MET T 934 56.02 -67.07 -82.29
N LYS T 935 56.62 -65.91 -82.60
CA LYS T 935 56.91 -65.60 -83.99
C LYS T 935 58.01 -66.49 -84.55
N SER T 936 59.01 -66.81 -83.72
CA SER T 936 60.06 -67.75 -84.14
C SER T 936 59.50 -69.15 -84.29
N LEU T 937 58.50 -69.53 -83.50
CA LEU T 937 57.80 -70.79 -83.72
C LEU T 937 56.95 -70.76 -84.98
N GLN T 938 56.39 -69.60 -85.31
CA GLN T 938 55.58 -69.46 -86.52
C GLN T 938 56.44 -69.56 -87.78
N ASP T 939 57.66 -69.03 -87.72
CA ASP T 939 58.50 -68.99 -88.92
C ASP T 939 59.00 -70.38 -89.30
N ASP T 940 59.53 -71.13 -88.33
CA ASP T 940 60.09 -72.46 -88.58
C ASP T 940 59.64 -73.42 -87.48
N PRO T 941 58.44 -74.01 -87.62
CA PRO T 941 57.99 -74.97 -86.61
C PRO T 941 58.76 -76.29 -86.63
N TYR T 942 58.86 -76.93 -87.80
CA TYR T 942 59.44 -78.26 -87.87
C TYR T 942 60.96 -78.21 -87.75
N GLN T 943 61.57 -77.13 -88.23
CA GLN T 943 63.01 -76.96 -88.13
C GLN T 943 63.45 -76.86 -86.67
N PHE T 944 62.66 -76.15 -85.85
CA PHE T 944 62.93 -76.11 -84.43
C PHE T 944 62.58 -77.44 -83.75
N PHE T 945 61.44 -78.04 -84.12
CA PHE T 945 60.94 -79.17 -83.34
C PHE T 945 61.74 -80.43 -83.62
N LEU T 946 62.37 -80.51 -84.80
CA LEU T 946 63.12 -81.71 -85.17
C LEU T 946 64.36 -81.88 -84.30
N ASP T 947 64.99 -80.78 -83.89
CA ASP T 947 66.15 -80.80 -83.02
C ASP T 947 65.87 -79.93 -81.81
N GLY T 948 65.55 -80.55 -80.69
CA GLY T 948 65.25 -79.84 -79.46
C GLY T 948 63.91 -79.11 -79.50
N GLY T 949 62.82 -79.89 -79.57
CA GLY T 949 61.50 -79.28 -79.67
C GLY T 949 61.04 -78.61 -78.39
N TRP T 950 61.22 -79.28 -77.26
CA TRP T 950 60.87 -78.72 -75.96
C TRP T 950 62.10 -78.55 -75.07
N ASN T 951 63.28 -78.94 -75.56
CA ASN T 951 64.48 -79.00 -74.74
C ASN T 951 65.11 -77.63 -74.51
N PHE T 952 64.60 -76.58 -75.15
CA PHE T 952 65.18 -75.25 -74.99
C PHE T 952 64.91 -74.68 -73.60
N LEU T 953 63.84 -75.12 -72.96
CA LEU T 953 63.57 -74.70 -71.59
C LEU T 953 64.04 -75.75 -70.60
N ALA T 954 64.17 -75.34 -69.35
CA ALA T 954 64.52 -76.27 -68.29
C ALA T 954 63.33 -77.15 -67.95
N THR T 955 63.56 -78.46 -67.90
CA THR T 955 62.50 -79.40 -67.56
C THR T 955 62.22 -79.36 -66.06
N GLY T 956 61.04 -79.83 -65.67
CA GLY T 956 60.64 -79.85 -64.28
C GLY T 956 59.16 -80.10 -64.07
N ALA T 961 66.92 -78.53 -65.97
CA ALA T 961 67.01 -77.71 -64.77
C ALA T 961 68.40 -77.80 -64.15
N SER T 962 68.89 -79.02 -63.97
CA SER T 962 70.21 -79.22 -63.39
C SER T 962 71.31 -78.76 -64.34
N ASP T 963 71.25 -79.21 -65.60
CA ASP T 963 72.21 -78.92 -66.69
C ASP T 963 73.61 -79.34 -66.21
N GLU T 964 74.62 -78.48 -66.30
CA GLU T 964 75.93 -78.80 -65.76
C GLU T 964 75.90 -78.72 -64.23
N SER T 965 76.77 -79.50 -63.59
CA SER T 965 76.82 -79.52 -62.13
C SER T 965 77.46 -78.24 -61.61
N GLU T 966 76.90 -77.71 -60.53
CA GLU T 966 77.43 -76.50 -59.92
C GLU T 966 78.70 -76.78 -59.14
N GLU T 967 78.75 -77.94 -58.46
CA GLU T 967 79.87 -78.40 -57.62
C GLU T 967 80.24 -77.40 -56.53
N GLU T 968 79.22 -76.75 -55.94
CA GLU T 968 79.42 -75.78 -54.88
C GLU T 968 79.12 -76.35 -53.50
N VAL T 969 78.88 -77.66 -53.42
CA VAL T 969 78.57 -78.27 -52.13
C VAL T 969 79.84 -78.44 -51.31
N SER T 970 79.70 -78.36 -49.99
CA SER T 970 80.82 -78.47 -49.07
C SER T 970 80.41 -79.36 -47.89
N GLU T 971 81.41 -79.95 -47.23
CA GLU T 971 81.21 -81.07 -46.33
C GLU T 971 80.80 -80.69 -44.90
N TYR T 972 80.83 -79.39 -44.56
CA TYR T 972 80.80 -78.77 -43.21
C TYR T 972 82.16 -79.06 -42.54
N GLU T 973 83.15 -79.55 -43.30
CA GLU T 973 84.56 -79.87 -43.00
C GLU T 973 84.75 -80.79 -41.80
N ALA T 974 83.69 -81.49 -41.36
CA ALA T 974 83.70 -82.45 -40.26
C ALA T 974 84.21 -81.82 -38.97
N SER T 975 83.46 -80.83 -38.49
CA SER T 975 83.83 -80.13 -37.27
C SER T 975 83.67 -81.04 -36.06
N GLU T 976 84.68 -81.03 -35.19
CA GLU T 976 84.66 -81.88 -34.02
C GLU T 976 83.82 -81.26 -32.91
N ASP T 977 83.71 -81.98 -31.80
CA ASP T 977 82.97 -81.51 -30.65
C ASP T 977 83.69 -80.33 -29.99
N ASP T 978 82.90 -79.43 -29.41
CA ASP T 978 83.45 -78.25 -28.77
C ASP T 978 84.16 -78.61 -27.48
N VAL T 979 85.34 -78.02 -27.27
CA VAL T 979 86.17 -78.26 -26.10
C VAL T 979 86.46 -76.91 -25.45
N SER T 980 87.00 -76.99 -24.22
CA SER T 980 87.27 -75.84 -23.35
C SER T 980 86.02 -74.99 -23.13
N ASP T 981 84.97 -75.63 -22.60
CA ASP T 981 83.72 -74.94 -22.33
C ASP T 981 83.87 -74.02 -21.11
N GLU T 982 82.90 -73.12 -20.96
CA GLU T 982 82.94 -72.18 -19.84
C GLU T 982 82.67 -72.89 -18.51
N SER T 983 81.65 -73.74 -18.47
CA SER T 983 81.17 -74.49 -17.29
C SER T 983 80.83 -73.47 -16.20
N ALA T 984 81.20 -73.72 -14.94
CA ALA T 984 81.00 -72.80 -13.80
C ALA T 984 79.52 -72.41 -13.64
N PHE T 985 78.70 -73.41 -13.31
CA PHE T 985 77.25 -73.20 -13.31
C PHE T 985 76.82 -72.31 -12.13
N SER T 986 77.00 -72.82 -10.90
CA SER T 986 76.61 -72.16 -9.65
C SER T 986 75.15 -71.73 -9.66
N GLU T 987 74.27 -72.69 -9.95
CA GLU T 987 72.85 -72.39 -10.11
C GLU T 987 72.19 -72.06 -8.77
N ASP T 988 72.47 -72.86 -7.74
CA ASP T 988 71.91 -72.73 -6.38
C ASP T 988 70.38 -72.75 -6.40
N GLU T 989 69.80 -73.61 -7.24
CA GLU T 989 68.36 -73.73 -7.39
C GLU T 989 67.96 -75.17 -7.18
N GLU T 990 66.85 -75.39 -6.47
CA GLU T 990 66.33 -76.71 -6.17
C GLU T 990 65.08 -76.98 -7.00
N GLY T 991 65.03 -78.18 -7.58
CA GLY T 991 63.85 -78.56 -8.35
C GLY T 991 62.61 -78.73 -7.49
N SER T 992 62.79 -79.30 -6.28
CA SER T 992 61.76 -79.56 -5.26
C SER T 992 60.69 -80.47 -5.86
N GLU T 993 59.41 -80.15 -5.76
CA GLU T 993 58.34 -80.94 -6.35
C GLU T 993 57.65 -80.12 -7.43
N VAL T 994 57.51 -80.70 -8.62
CA VAL T 994 56.85 -80.02 -9.72
C VAL T 994 55.35 -79.98 -9.46
N ASP T 995 54.73 -78.86 -9.83
CA ASP T 995 53.30 -78.64 -9.60
C ASP T 995 52.55 -78.91 -10.89
N ASP T 996 51.56 -79.79 -10.82
CA ASP T 996 50.75 -80.14 -11.99
C ASP T 996 49.31 -80.42 -11.58
N SER U 2 21.95 -30.82 -145.91
CA SER U 2 23.11 -30.67 -145.04
C SER U 2 22.84 -29.68 -143.92
N THR U 3 23.77 -29.59 -142.97
CA THR U 3 23.63 -28.66 -141.86
C THR U 3 24.99 -28.00 -141.61
N ASP U 4 24.95 -26.77 -141.10
CA ASP U 4 26.15 -26.00 -140.80
C ASP U 4 26.04 -25.48 -139.37
N PHE U 5 27.08 -25.73 -138.58
CA PHE U 5 27.13 -25.27 -137.19
C PHE U 5 28.53 -24.79 -136.87
N ASP U 6 28.62 -23.66 -136.17
CA ASP U 6 29.89 -23.07 -135.79
C ASP U 6 30.27 -23.38 -134.35
N ARG U 7 29.52 -24.25 -133.68
CA ARG U 7 29.75 -24.56 -132.27
C ARG U 7 30.13 -26.03 -132.08
N ILE U 8 30.81 -26.63 -133.05
CA ILE U 8 31.24 -28.02 -132.97
C ILE U 8 32.65 -28.05 -132.40
N TYR U 9 32.83 -28.76 -131.29
CA TYR U 9 34.11 -28.86 -130.61
C TYR U 9 34.83 -30.14 -131.01
N LEU U 10 36.11 -30.01 -131.36
CA LEU U 10 36.93 -31.15 -131.73
C LEU U 10 38.36 -30.91 -131.26
N ASN U 11 39.06 -32.01 -131.00
CA ASN U 11 40.46 -32.04 -130.51
C ASN U 11 40.67 -31.21 -129.25
N SER U 13 41.71 -30.41 -125.97
CA SER U 13 42.82 -29.53 -125.60
C SER U 13 42.92 -28.35 -126.56
N LYS U 14 41.78 -27.93 -127.09
CA LYS U 14 41.70 -26.81 -128.03
C LYS U 14 40.30 -26.24 -127.96
N PHE U 15 40.00 -25.30 -128.85
CA PHE U 15 38.69 -24.69 -128.91
C PHE U 15 37.80 -25.44 -129.90
N SER U 16 36.66 -24.84 -130.24
CA SER U 16 35.71 -25.47 -131.15
C SER U 16 36.10 -25.20 -132.61
N GLY U 17 35.40 -25.89 -133.51
CA GLY U 17 35.63 -25.74 -134.94
C GLY U 17 34.35 -25.70 -135.74
N ARG U 18 34.40 -26.12 -137.00
CA ARG U 18 33.23 -26.13 -137.87
C ARG U 18 33.19 -27.44 -138.65
N PHE U 19 31.97 -27.85 -139.00
CA PHE U 19 31.75 -29.10 -139.73
C PHE U 19 30.76 -28.88 -140.85
N ARG U 20 30.86 -29.72 -141.88
CA ARG U 20 29.99 -29.64 -143.06
C ARG U 20 29.63 -31.05 -143.48
N ILE U 21 28.32 -31.33 -143.54
CA ILE U 21 27.85 -32.64 -143.97
C ILE U 21 27.71 -32.67 -145.48
N ALA U 22 28.03 -33.81 -146.07
CA ALA U 22 27.92 -33.99 -147.51
C ALA U 22 27.65 -35.46 -147.82
N ASP U 23 27.16 -35.72 -149.03
CA ASP U 23 26.90 -37.09 -149.45
C ASP U 23 28.20 -37.85 -149.71
N SER U 24 29.24 -37.17 -150.20
CA SER U 24 30.51 -37.83 -150.47
C SER U 24 31.30 -38.09 -149.19
N GLY U 25 31.16 -37.23 -148.19
CA GLY U 25 31.90 -37.42 -146.95
C GLY U 25 31.60 -36.31 -145.97
N LEU U 26 32.49 -36.15 -145.01
CA LEU U 26 32.38 -35.12 -143.98
C LEU U 26 33.55 -34.15 -144.09
N GLY U 27 33.26 -32.85 -144.05
CA GLY U 27 34.33 -31.87 -144.10
C GLY U 27 34.48 -31.10 -142.81
N TRP U 28 35.56 -31.34 -142.08
CA TRP U 28 35.80 -30.70 -140.79
C TRP U 28 36.90 -29.65 -140.94
N LYS U 29 36.58 -28.41 -140.60
CA LYS U 29 37.52 -27.29 -140.71
C LYS U 29 37.77 -26.71 -139.33
N ILE U 30 39.03 -26.53 -138.99
CA ILE U 30 39.42 -25.97 -137.70
C ILE U 30 39.23 -24.46 -137.70
N LYS U 43 42.90 -25.30 -141.93
CA LYS U 43 43.30 -26.66 -142.28
C LYS U 43 42.07 -27.56 -142.45
N PRO U 44 41.53 -27.60 -143.68
CA PRO U 44 40.36 -28.45 -143.93
C PRO U 44 40.75 -29.92 -143.97
N PHE U 45 39.86 -30.75 -143.45
CA PHE U 45 40.06 -32.21 -143.43
C PHE U 45 38.82 -32.88 -143.99
N LEU U 46 39.03 -33.92 -144.80
CA LEU U 46 37.95 -34.65 -145.45
C LEU U 46 37.95 -36.09 -144.95
N LEU U 47 36.81 -36.54 -144.46
CA LEU U 47 36.61 -37.92 -144.06
C LEU U 47 35.70 -38.60 -145.07
N PRO U 48 36.21 -39.57 -145.85
CA PRO U 48 35.36 -40.23 -146.83
C PRO U 48 34.40 -41.22 -146.18
N ALA U 49 33.35 -41.55 -146.93
CA ALA U 49 32.33 -42.47 -146.43
C ALA U 49 32.82 -43.92 -146.42
N THR U 50 33.84 -44.25 -147.20
CA THR U 50 34.39 -45.60 -147.26
C THR U 50 35.42 -45.87 -146.18
N GLU U 51 35.79 -44.86 -145.39
CA GLU U 51 36.78 -45.02 -144.33
C GLU U 51 36.18 -45.26 -142.96
N LEU U 52 34.91 -44.93 -142.77
CA LEU U 52 34.25 -45.15 -141.48
C LEU U 52 33.97 -46.63 -141.27
N SER U 53 34.17 -47.10 -140.03
CA SER U 53 34.00 -48.51 -139.70
C SER U 53 32.86 -48.73 -138.71
N THR U 54 32.83 -47.99 -137.60
CA THR U 54 31.82 -48.18 -136.58
C THR U 54 31.43 -46.83 -135.99
N VAL U 55 30.24 -46.79 -135.41
CA VAL U 55 29.70 -45.60 -134.77
C VAL U 55 29.43 -45.93 -133.30
N GLN U 56 29.97 -45.11 -132.40
CA GLN U 56 29.82 -45.36 -130.97
C GLN U 56 29.14 -44.17 -130.30
N TRP U 57 28.10 -43.63 -130.92
CA TRP U 57 27.38 -42.49 -130.37
C TRP U 57 26.45 -42.96 -129.25
N SER U 58 26.66 -42.44 -128.04
CA SER U 58 25.88 -42.83 -126.88
C SER U 58 25.89 -41.69 -125.87
N ARG U 59 24.94 -41.74 -124.94
CA ARG U 59 24.81 -40.74 -123.90
C ARG U 59 25.48 -41.13 -122.59
N GLY U 60 26.17 -42.28 -122.55
CA GLY U 60 26.83 -42.71 -121.33
C GLY U 60 28.09 -41.94 -120.99
N CYS U 61 28.67 -41.25 -121.96
CA CYS U 61 29.88 -40.47 -121.75
C CYS U 61 29.57 -38.99 -121.98
N ARG U 62 30.49 -38.15 -121.50
CA ARG U 62 30.34 -36.70 -121.66
C ARG U 62 30.60 -36.30 -123.10
N GLY U 63 29.99 -35.18 -123.51
CA GLY U 63 30.05 -34.74 -124.88
C GLY U 63 29.24 -35.64 -125.79
N TYR U 64 27.91 -35.60 -125.63
CA TYR U 64 27.02 -36.52 -126.33
C TYR U 64 26.93 -36.14 -127.81
N ASP U 65 27.68 -36.85 -128.64
CA ASP U 65 27.69 -36.66 -130.08
C ASP U 65 28.15 -37.97 -130.72
N LEU U 66 28.46 -37.90 -132.02
CA LEU U 66 28.94 -39.08 -132.73
C LEU U 66 30.39 -39.38 -132.37
N LYS U 67 30.69 -40.67 -132.22
CA LYS U 67 32.05 -41.15 -131.94
C LYS U 67 32.36 -42.22 -132.98
N ILE U 68 32.90 -41.80 -134.13
CA ILE U 68 33.10 -42.68 -135.27
C ILE U 68 34.53 -43.21 -135.28
N ASN U 69 34.68 -44.41 -135.81
CA ASN U 69 35.99 -45.03 -135.98
C ASN U 69 36.35 -45.06 -137.46
N THR U 70 37.58 -44.65 -137.76
CA THR U 70 38.07 -44.56 -139.12
C THR U 70 39.29 -45.46 -139.30
N LYS U 71 39.51 -45.88 -140.54
CA LYS U 71 40.62 -46.75 -140.90
C LYS U 71 41.89 -45.99 -141.26
N ASN U 72 41.89 -44.66 -141.12
CA ASN U 72 43.04 -43.83 -141.45
C ASN U 72 43.86 -43.46 -140.23
N GLN U 73 44.00 -44.39 -139.28
CA GLN U 73 44.75 -44.23 -138.02
C GLN U 73 44.25 -43.05 -137.20
N GLY U 74 42.95 -42.84 -137.17
CA GLY U 74 42.36 -41.79 -136.38
C GLY U 74 40.94 -42.13 -135.99
N VAL U 75 40.50 -41.57 -134.87
CA VAL U 75 39.14 -41.75 -134.38
C VAL U 75 38.45 -40.40 -134.38
N ILE U 76 37.30 -40.32 -135.04
CA ILE U 76 36.55 -39.07 -135.17
C ILE U 76 35.73 -38.95 -133.89
N GLN U 77 36.30 -38.29 -132.90
CA GLN U 77 35.62 -38.04 -131.63
C GLN U 77 35.02 -36.63 -131.65
N LEU U 78 34.04 -36.45 -132.52
CA LEU U 78 33.36 -35.18 -132.64
C LEU U 78 32.46 -34.93 -131.45
N ASP U 79 32.39 -33.68 -131.01
CA ASP U 79 31.59 -33.29 -129.86
C ASP U 79 30.93 -31.96 -130.14
N GLY U 80 29.94 -31.62 -129.30
CA GLY U 80 29.23 -30.37 -129.44
C GLY U 80 27.94 -30.51 -130.23
N PHE U 81 27.17 -31.57 -129.94
CA PHE U 81 25.89 -31.79 -130.57
C PHE U 81 24.81 -31.96 -129.51
N SER U 82 23.61 -31.51 -129.83
CA SER U 82 22.50 -31.57 -128.91
C SER U 82 21.92 -32.99 -128.86
N GLN U 83 21.02 -33.21 -127.89
CA GLN U 83 20.36 -34.49 -127.76
C GLN U 83 19.32 -34.73 -128.85
N ASP U 84 18.84 -33.67 -129.50
CA ASP U 84 17.90 -33.79 -130.61
C ASP U 84 18.59 -34.04 -131.95
N ASP U 85 19.93 -33.98 -131.98
CA ASP U 85 20.66 -34.22 -133.22
C ASP U 85 20.81 -35.71 -133.54
N TYR U 86 20.60 -36.59 -132.56
CA TYR U 86 20.70 -38.03 -132.81
C TYR U 86 19.59 -38.53 -133.72
N ASN U 87 18.43 -37.88 -133.69
CA ASN U 87 17.38 -38.17 -134.66
C ASN U 87 17.61 -37.47 -135.99
N LEU U 88 18.56 -36.54 -136.06
CA LEU U 88 18.82 -35.79 -137.28
C LEU U 88 20.01 -36.35 -138.05
N ILE U 89 21.16 -36.50 -137.37
CA ILE U 89 22.39 -36.94 -138.03
C ILE U 89 22.26 -38.39 -138.49
N LYS U 90 21.61 -39.24 -137.69
CA LYS U 90 21.30 -40.60 -138.12
C LYS U 90 20.30 -40.61 -139.26
N ASN U 91 19.49 -39.55 -139.40
CA ASN U 91 18.66 -39.40 -140.59
C ASN U 91 19.50 -39.22 -141.84
N ASP U 92 20.71 -38.65 -141.71
CA ASP U 92 21.65 -38.63 -142.82
C ASP U 92 22.41 -39.94 -142.95
N PHE U 93 22.30 -40.84 -141.97
CA PHE U 93 23.00 -42.12 -142.01
C PHE U 93 22.17 -43.25 -142.60
N HIS U 94 20.84 -43.19 -142.47
CA HIS U 94 19.98 -44.25 -142.99
C HIS U 94 19.87 -44.22 -144.50
N ARG U 95 20.20 -43.10 -145.15
CA ARG U 95 20.13 -43.03 -146.60
C ARG U 95 21.26 -43.82 -147.25
N ARG U 96 22.48 -43.68 -146.74
CA ARG U 96 23.66 -44.31 -147.34
C ARG U 96 24.35 -45.30 -146.42
N PHE U 97 24.67 -44.91 -145.18
CA PHE U 97 25.40 -45.80 -144.29
C PHE U 97 24.50 -46.92 -143.76
N ASN U 98 23.28 -46.56 -143.35
CA ASN U 98 22.29 -47.48 -142.76
C ASN U 98 22.85 -48.23 -141.56
N ILE U 99 23.55 -47.50 -140.70
CA ILE U 99 24.24 -48.06 -139.54
C ILE U 99 23.58 -47.50 -138.27
N GLN U 100 23.24 -48.39 -137.35
CA GLN U 100 22.62 -48.00 -136.09
C GLN U 100 23.68 -47.90 -135.00
N VAL U 101 23.65 -46.81 -134.24
CA VAL U 101 24.61 -46.57 -133.16
C VAL U 101 23.99 -47.11 -131.87
N GLU U 102 24.71 -48.01 -131.21
CA GLU U 102 24.23 -48.62 -129.97
C GLU U 102 24.32 -47.64 -128.80
N HIS U 106 30.65 -48.22 -123.45
CA HIS U 106 32.07 -48.45 -123.16
C HIS U 106 32.23 -49.26 -121.87
N SER U 107 32.67 -48.59 -120.80
CA SER U 107 32.85 -49.24 -119.51
C SER U 107 32.26 -48.34 -118.43
N LEU U 108 31.47 -48.94 -117.54
CA LEU U 108 30.82 -48.18 -116.47
C LEU U 108 31.06 -48.80 -115.10
N ARG U 109 31.87 -49.86 -115.00
CA ARG U 109 32.11 -50.48 -113.70
C ARG U 109 33.02 -49.64 -112.81
N GLY U 110 34.07 -49.04 -113.39
CA GLY U 110 34.98 -48.21 -112.62
C GLY U 110 35.94 -48.95 -111.73
N TRP U 111 36.05 -50.27 -111.86
CA TRP U 111 36.97 -51.04 -111.04
C TRP U 111 38.39 -50.93 -111.58
N ASN U 112 39.36 -51.24 -110.71
CA ASN U 112 40.77 -51.18 -111.10
C ASN U 112 41.19 -52.35 -111.97
N TRP U 113 40.40 -53.42 -112.02
CA TRP U 113 40.74 -54.58 -112.84
C TRP U 113 40.53 -54.27 -114.32
N GLY U 114 41.49 -54.67 -115.15
CA GLY U 114 41.39 -54.44 -116.58
C GLY U 114 42.44 -55.24 -117.32
N LYS U 115 42.44 -55.07 -118.64
CA LYS U 115 43.38 -55.74 -119.52
C LYS U 115 43.86 -54.76 -120.58
N THR U 116 45.17 -54.69 -120.78
CA THR U 116 45.77 -53.80 -121.77
C THR U 116 46.03 -54.59 -123.04
N ASP U 117 45.54 -54.07 -124.17
CA ASP U 117 45.71 -54.70 -125.47
C ASP U 117 46.30 -53.68 -126.44
N LEU U 118 47.36 -54.09 -127.13
CA LEU U 118 48.03 -53.21 -128.10
C LEU U 118 47.39 -53.41 -129.46
N ALA U 119 46.65 -52.40 -129.91
CA ALA U 119 46.01 -52.42 -131.22
C ALA U 119 46.97 -51.90 -132.28
N ARG U 120 46.45 -51.66 -133.48
CA ARG U 120 47.29 -51.13 -134.56
C ARG U 120 47.67 -49.67 -134.30
N ASN U 121 46.75 -48.88 -133.74
CA ASN U 121 47.04 -47.49 -133.45
C ASN U 121 46.48 -47.01 -132.11
N GLU U 122 45.94 -47.89 -131.28
CA GLU U 122 45.33 -47.52 -130.00
C GLU U 122 45.78 -48.49 -128.92
N MET U 123 45.45 -48.16 -127.67
CA MET U 123 45.76 -48.98 -126.51
C MET U 123 44.43 -49.28 -125.80
N VAL U 124 43.86 -50.44 -126.07
CA VAL U 124 42.54 -50.79 -125.55
C VAL U 124 42.67 -51.22 -124.10
N PHE U 125 41.89 -50.57 -123.23
CA PHE U 125 41.79 -50.94 -121.82
C PHE U 125 40.44 -51.60 -121.62
N ALA U 126 40.42 -52.93 -121.70
CA ALA U 126 39.19 -53.72 -121.66
C ALA U 126 39.05 -54.32 -120.26
N LEU U 127 38.05 -53.86 -119.51
CA LEU U 127 37.78 -54.38 -118.17
C LEU U 127 36.69 -55.45 -118.30
N ASN U 128 37.13 -56.68 -118.55
CA ASN U 128 36.29 -57.88 -118.70
C ASN U 128 35.25 -57.69 -119.82
N GLY U 129 35.76 -57.48 -121.04
CA GLY U 129 34.93 -57.32 -122.21
C GLY U 129 34.37 -55.94 -122.43
N LYS U 130 34.67 -54.98 -121.55
CA LYS U 130 34.18 -53.61 -121.69
C LYS U 130 35.36 -52.69 -121.95
N PRO U 131 35.55 -52.21 -123.18
CA PRO U 131 36.66 -51.30 -123.45
C PRO U 131 36.41 -49.92 -122.84
N THR U 132 37.46 -49.35 -122.26
CA THR U 132 37.36 -48.07 -121.56
C THR U 132 38.19 -46.97 -122.19
N PHE U 133 39.41 -47.26 -122.64
CA PHE U 133 40.30 -46.24 -123.16
C PHE U 133 40.83 -46.66 -124.52
N GLU U 134 40.98 -45.69 -125.42
CA GLU U 134 41.57 -45.91 -126.74
C GLU U 134 42.27 -44.62 -127.14
N ILE U 135 43.57 -44.56 -126.86
CA ILE U 135 44.38 -43.37 -127.09
C ILE U 135 45.13 -43.54 -128.41
N PRO U 136 44.93 -42.66 -129.38
CA PRO U 136 45.70 -42.75 -130.63
C PRO U 136 47.15 -42.32 -130.42
N TYR U 137 48.01 -42.75 -131.35
CA TYR U 137 49.43 -42.49 -131.26
C TYR U 137 49.84 -41.14 -131.86
N ALA U 138 48.88 -40.36 -132.37
CA ALA U 138 49.22 -39.07 -132.95
C ALA U 138 49.60 -38.05 -131.89
N ARG U 139 48.97 -38.10 -130.72
CA ARG U 139 49.25 -37.16 -129.64
C ARG U 139 50.36 -37.64 -128.71
N ILE U 140 50.95 -38.81 -128.96
CA ILE U 140 51.99 -39.35 -128.09
C ILE U 140 53.30 -38.61 -128.36
N ASN U 141 54.04 -38.35 -127.28
CA ASN U 141 55.31 -37.63 -127.38
C ASN U 141 56.50 -38.51 -127.00
N ASN U 142 56.50 -39.11 -125.82
CA ASN U 142 57.60 -39.96 -125.39
C ASN U 142 57.09 -41.08 -124.51
N THR U 143 57.83 -42.18 -124.48
CA THR U 143 57.49 -43.34 -123.67
C THR U 143 58.72 -43.83 -122.93
N ASN U 144 58.50 -44.30 -121.70
CA ASN U 144 59.58 -44.82 -120.88
C ASN U 144 59.13 -46.12 -120.21
N LEU U 145 60.09 -46.99 -119.93
CA LEU U 145 59.82 -48.28 -119.31
C LEU U 145 60.83 -48.52 -118.19
N THR U 146 60.43 -49.35 -117.24
CA THR U 146 61.26 -49.71 -116.10
C THR U 146 61.52 -51.21 -116.10
N SER U 147 62.30 -51.67 -115.13
CA SER U 147 62.62 -53.08 -115.02
C SER U 147 61.43 -53.90 -114.50
N LYS U 148 60.50 -53.25 -113.79
CA LYS U 148 59.32 -53.91 -113.25
C LYS U 148 58.12 -53.83 -114.18
N ASN U 149 58.36 -53.67 -115.49
CA ASN U 149 57.33 -53.58 -116.54
C ASN U 149 56.34 -52.44 -116.28
N GLU U 150 56.85 -51.32 -115.78
CA GLU U 150 56.05 -50.12 -115.56
C GLU U 150 56.23 -49.20 -116.76
N VAL U 151 55.13 -48.84 -117.41
CA VAL U 151 55.15 -48.06 -118.64
C VAL U 151 54.63 -46.67 -118.34
N GLY U 152 55.41 -45.65 -118.68
CA GLY U 152 54.98 -44.27 -118.50
C GLY U 152 55.06 -43.49 -119.80
N ILE U 153 53.91 -42.99 -120.26
CA ILE U 153 53.84 -42.22 -121.49
C ILE U 153 53.73 -40.74 -121.11
N GLU U 154 54.72 -39.95 -121.50
CA GLU U 154 54.74 -38.52 -121.25
C GLU U 154 54.36 -37.79 -122.54
N PHE U 155 53.34 -36.94 -122.45
CA PHE U 155 52.83 -36.20 -123.59
C PHE U 155 53.07 -34.71 -123.40
N ASN U 156 52.79 -33.96 -124.46
CA ASN U 156 52.92 -32.50 -124.46
C ASN U 156 51.73 -31.93 -125.24
N ILE U 157 50.70 -31.52 -124.51
CA ILE U 157 49.50 -30.96 -125.12
C ILE U 157 49.81 -29.57 -125.66
N GLN U 158 49.44 -29.32 -126.91
CA GLN U 158 49.75 -28.06 -127.58
C GLN U 158 48.82 -26.98 -127.04
N ASP U 159 49.22 -26.37 -125.93
CA ASP U 159 48.46 -25.27 -125.35
C ASP U 159 48.74 -23.99 -126.11
N GLU U 160 47.68 -23.31 -126.52
CA GLU U 160 47.77 -22.07 -127.30
C GLU U 160 47.40 -20.83 -126.52
N GLU U 161 46.32 -20.86 -125.75
CA GLU U 161 45.90 -19.73 -124.95
C GLU U 161 45.43 -20.24 -123.59
N TYR U 162 45.16 -19.30 -122.68
CA TYR U 162 44.70 -19.68 -121.35
C TYR U 162 43.26 -20.18 -121.38
N GLN U 163 42.43 -19.60 -122.25
CA GLN U 163 41.02 -19.96 -122.33
C GLN U 163 40.82 -21.25 -123.12
N PRO U 164 41.45 -21.39 -124.28
CA PRO U 164 41.15 -22.54 -125.16
C PRO U 164 41.83 -23.83 -124.77
N ALA U 165 42.84 -23.80 -123.90
CA ALA U 165 43.54 -25.03 -123.52
C ALA U 165 42.68 -25.91 -122.63
N GLY U 166 42.09 -25.33 -121.58
CA GLY U 166 41.31 -26.10 -120.63
C GLY U 166 42.18 -27.05 -119.81
N ASP U 167 41.57 -28.13 -119.33
CA ASP U 167 42.32 -29.17 -118.65
C ASP U 167 43.11 -29.99 -119.66
N GLU U 168 44.33 -30.36 -119.28
CA GLU U 168 45.21 -31.10 -120.18
C GLU U 168 45.98 -32.15 -119.38
N LEU U 169 46.21 -33.29 -120.02
CA LEU U 169 46.95 -34.40 -119.41
C LEU U 169 48.44 -34.25 -119.69
N VAL U 170 49.25 -34.71 -118.75
CA VAL U 170 50.71 -34.62 -118.83
C VAL U 170 51.34 -36.00 -119.01
N GLU U 171 51.16 -36.89 -118.04
CA GLU U 171 51.75 -38.21 -118.07
C GLU U 171 50.72 -39.26 -117.68
N MET U 172 50.85 -40.45 -118.26
CA MET U 172 49.99 -41.58 -117.95
C MET U 172 50.87 -42.77 -117.58
N ARG U 173 50.63 -43.35 -116.42
CA ARG U 173 51.42 -44.46 -115.92
C ARG U 173 50.58 -45.72 -115.83
N PHE U 174 51.22 -46.86 -116.06
CA PHE U 174 50.55 -48.15 -115.97
C PHE U 174 51.56 -49.20 -115.55
N TYR U 175 51.05 -50.28 -114.97
CA TYR U 175 51.86 -51.40 -114.51
C TYR U 175 51.44 -52.67 -115.22
N ILE U 176 52.42 -53.43 -115.69
CA ILE U 176 52.15 -54.67 -116.40
C ILE U 176 52.94 -55.82 -115.79
N ILE U 242 67.72 -23.64 -129.98
CA ILE U 242 68.56 -22.46 -129.83
C ILE U 242 69.74 -22.77 -128.91
N VAL U 243 69.55 -22.56 -127.62
CA VAL U 243 70.59 -22.77 -126.62
C VAL U 243 70.02 -23.60 -125.48
N SER U 244 70.80 -24.58 -125.01
CA SER U 244 70.40 -25.43 -123.91
C SER U 244 71.55 -25.55 -122.93
N PHE U 245 71.21 -25.82 -121.67
CA PHE U 245 72.19 -25.92 -120.60
C PHE U 245 72.06 -27.25 -119.89
N GLN U 246 73.15 -27.67 -119.24
CA GLN U 246 73.21 -28.92 -118.50
C GLN U 246 73.82 -28.66 -117.13
N ASP U 247 73.33 -29.41 -116.14
CA ASP U 247 73.77 -29.36 -114.74
C ASP U 247 73.63 -27.94 -114.16
N VAL U 248 72.38 -27.49 -114.10
CA VAL U 248 72.04 -26.16 -113.59
C VAL U 248 71.33 -26.32 -112.26
N PHE U 249 71.84 -25.63 -111.23
CA PHE U 249 71.27 -25.69 -109.89
C PHE U 249 70.32 -24.52 -109.70
N PHE U 250 69.08 -24.82 -109.32
CA PHE U 250 68.04 -23.81 -109.13
C PHE U 250 67.48 -23.91 -107.72
N THR U 251 66.91 -22.80 -107.24
CA THR U 251 66.33 -22.73 -105.92
C THR U 251 64.80 -22.66 -105.92
N THR U 252 64.19 -22.22 -107.01
CA THR U 252 62.73 -22.12 -107.09
C THR U 252 62.19 -22.94 -108.25
N ARG U 254 63.95 -26.12 -105.47
CA ARG U 254 65.37 -26.35 -105.25
C ARG U 254 65.80 -27.71 -105.80
N GLY U 255 66.92 -27.73 -106.50
CA GLY U 255 67.42 -28.96 -107.07
C GLY U 255 68.40 -28.68 -108.19
N ARG U 256 68.70 -29.73 -108.95
CA ARG U 256 69.58 -29.65 -110.11
C ARG U 256 68.85 -30.22 -111.30
N TYR U 257 68.73 -29.44 -112.37
CA TYR U 257 68.01 -29.85 -113.57
C TYR U 257 68.65 -29.17 -114.78
N ASP U 258 67.95 -29.20 -115.90
CA ASP U 258 68.41 -28.62 -117.15
C ASP U 258 67.34 -27.70 -117.73
N ILE U 259 67.78 -26.73 -118.52
CA ILE U 259 66.90 -25.76 -119.14
C ILE U 259 67.31 -25.57 -120.59
N ASP U 260 66.31 -25.44 -121.46
CA ASP U 260 66.53 -25.19 -122.89
C ASP U 260 65.67 -24.03 -123.34
N ILE U 261 66.17 -23.29 -124.32
CA ILE U 261 65.48 -22.12 -124.87
C ILE U 261 64.92 -22.48 -126.23
N TYR U 262 63.61 -22.34 -126.38
CA TYR U 262 62.94 -22.62 -127.64
C TYR U 262 62.88 -21.33 -128.47
N LYS U 263 62.08 -21.36 -129.54
CA LYS U 263 61.93 -20.16 -130.38
C LYS U 263 61.18 -19.06 -129.66
N ASN U 264 60.13 -19.41 -128.91
CA ASN U 264 59.36 -18.42 -128.17
C ASN U 264 58.98 -18.92 -126.78
N SER U 265 59.74 -19.88 -126.25
CA SER U 265 59.43 -20.45 -124.94
C SER U 265 60.72 -20.99 -124.33
N ILE U 266 60.63 -21.47 -123.10
CA ILE U 266 61.74 -22.11 -122.41
C ILE U 266 61.20 -23.35 -121.71
N ARG U 267 61.93 -24.46 -121.86
CA ARG U 267 61.53 -25.74 -121.27
C ARG U 267 62.52 -26.12 -120.18
N LEU U 268 62.01 -26.29 -118.97
CA LEU U 268 62.81 -26.77 -117.85
C LEU U 268 62.52 -28.25 -117.64
N ARG U 269 63.55 -29.09 -117.82
CA ARG U 269 63.40 -30.53 -117.73
C ARG U 269 64.34 -31.07 -116.65
N GLY U 270 63.87 -32.11 -115.96
CA GLY U 270 64.66 -32.70 -114.90
C GLY U 270 63.93 -33.88 -114.29
N LYS U 271 64.48 -34.37 -113.18
CA LYS U 271 63.87 -35.49 -112.48
C LYS U 271 62.62 -35.10 -111.71
N THR U 272 62.44 -33.80 -111.43
CA THR U 272 61.26 -33.37 -110.69
C THR U 272 60.03 -33.28 -111.59
N TYR U 273 60.07 -32.38 -112.57
CA TYR U 273 58.93 -32.14 -113.46
C TYR U 273 59.43 -31.41 -114.69
N GLU U 274 58.52 -31.22 -115.65
CA GLU U 274 58.78 -30.45 -116.85
C GLU U 274 57.91 -29.19 -116.83
N TYR U 275 58.53 -28.04 -117.05
CA TYR U 275 57.85 -26.77 -116.98
C TYR U 275 58.07 -25.98 -118.26
N LYS U 276 57.06 -25.20 -118.65
CA LYS U 276 57.13 -24.33 -119.81
C LYS U 276 56.97 -22.89 -119.35
N LEU U 277 57.90 -22.03 -119.77
CA LEU U 277 57.90 -20.62 -119.37
C LEU U 277 57.90 -19.75 -120.62
N GLN U 278 57.01 -18.76 -120.65
CA GLN U 278 56.91 -17.85 -121.76
C GLN U 278 57.83 -16.65 -121.56
N HIS U 279 58.34 -16.12 -122.67
CA HIS U 279 59.19 -14.93 -122.61
C HIS U 279 58.37 -13.68 -122.25
N ARG U 280 57.10 -13.65 -122.64
CA ARG U 280 56.23 -12.55 -122.26
C ARG U 280 55.89 -12.59 -120.78
N GLN U 281 55.87 -13.79 -120.18
CA GLN U 281 55.61 -13.90 -118.76
C GLN U 281 56.82 -13.46 -117.93
N ILE U 282 58.02 -13.56 -118.49
CA ILE U 282 59.22 -13.09 -117.80
C ILE U 282 59.24 -11.56 -117.83
N GLN U 283 59.45 -10.96 -116.66
CA GLN U 283 59.39 -9.51 -116.51
C GLN U 283 60.76 -8.88 -116.31
N ARG U 284 61.53 -9.36 -115.33
CA ARG U 284 62.81 -8.73 -115.01
C ARG U 284 63.88 -9.80 -114.78
N ILE U 285 65.12 -9.43 -115.03
CA ILE U 285 66.28 -10.29 -114.80
C ILE U 285 67.36 -9.47 -114.14
N VAL U 286 67.93 -9.99 -113.05
CA VAL U 286 69.00 -9.31 -112.32
C VAL U 286 70.05 -10.34 -111.91
N SER U 287 71.28 -9.86 -111.74
CA SER U 287 72.39 -10.69 -111.29
C SER U 287 73.07 -9.99 -110.12
N LEU U 288 73.31 -10.73 -109.04
CA LEU U 288 73.94 -10.19 -107.86
C LEU U 288 75.06 -11.10 -107.39
N PRO U 289 76.06 -10.55 -106.70
CA PRO U 289 77.11 -11.39 -106.12
C PRO U 289 76.81 -11.76 -104.68
N LYS U 290 77.62 -12.64 -104.10
CA LYS U 290 77.49 -13.01 -102.71
C LYS U 290 78.35 -12.10 -101.84
N ALA U 291 78.37 -12.37 -100.53
CA ALA U 291 79.19 -11.59 -99.62
C ALA U 291 80.66 -11.91 -99.78
N ASP U 292 80.99 -13.18 -100.00
CA ASP U 292 82.37 -13.63 -100.17
C ASP U 292 82.80 -13.67 -101.63
N ASP U 293 81.90 -13.31 -102.56
CA ASP U 293 82.15 -13.27 -104.01
C ASP U 293 82.60 -14.62 -104.57
N ILE U 294 82.08 -15.71 -104.00
CA ILE U 294 82.38 -17.04 -104.52
C ILE U 294 81.26 -17.59 -105.37
N HIS U 295 80.04 -17.08 -105.22
CA HIS U 295 78.89 -17.52 -106.01
C HIS U 295 78.06 -16.32 -106.41
N HIS U 296 77.32 -16.47 -107.50
CA HIS U 296 76.46 -15.42 -108.02
C HIS U 296 75.01 -15.92 -108.08
N LEU U 297 74.09 -15.03 -107.75
CA LEU U 297 72.67 -15.34 -107.74
C LEU U 297 71.99 -14.58 -108.88
N LEU U 298 71.35 -15.32 -109.78
CA LEU U 298 70.58 -14.74 -110.86
C LEU U 298 69.11 -14.84 -110.49
N VAL U 299 68.44 -13.70 -110.40
CA VAL U 299 67.04 -13.63 -110.02
C VAL U 299 66.23 -13.23 -111.24
N LEU U 300 65.33 -14.11 -111.66
CA LEU U 300 64.42 -13.86 -112.78
C LEU U 300 63.02 -13.72 -112.21
N ALA U 301 62.49 -12.51 -112.23
CA ALA U 301 61.14 -12.24 -111.76
C ALA U 301 60.19 -12.36 -112.94
N ILE U 302 59.30 -13.35 -112.88
CA ILE U 302 58.33 -13.62 -113.92
C ILE U 302 56.93 -13.56 -113.33
N GLU U 303 56.07 -12.78 -113.97
CA GLU U 303 54.69 -12.62 -113.50
C GLU U 303 53.72 -13.36 -114.42
N PRO U 314 57.38 -16.49 -107.16
CA PRO U 314 57.30 -15.30 -108.01
C PRO U 314 58.58 -15.07 -108.80
N PHE U 315 59.73 -15.24 -108.15
CA PHE U 315 61.02 -15.04 -108.78
C PHE U 315 61.87 -16.28 -108.60
N LEU U 316 62.52 -16.73 -109.67
CA LEU U 316 63.39 -17.89 -109.63
C LEU U 316 64.83 -17.44 -109.39
N VAL U 317 65.50 -18.10 -108.45
CA VAL U 317 66.87 -17.78 -108.08
C VAL U 317 67.76 -18.94 -108.48
N LEU U 318 68.85 -18.63 -109.20
CA LEU U 318 69.82 -19.62 -109.63
C LEU U 318 71.20 -19.26 -109.07
N GLN U 319 71.83 -20.22 -108.40
CA GLN U 319 73.14 -20.01 -107.82
C GLN U 319 74.21 -20.66 -108.69
N PHE U 320 75.20 -19.87 -109.11
CA PHE U 320 76.26 -20.34 -109.98
C PHE U 320 77.61 -20.05 -109.34
N GLN U 321 78.60 -20.86 -109.69
CA GLN U 321 79.94 -20.71 -109.16
C GLN U 321 80.70 -19.62 -109.90
N LYS U 322 81.76 -19.13 -109.25
CA LYS U 322 82.60 -18.10 -109.85
C LYS U 322 83.56 -18.66 -110.90
N ASP U 323 83.77 -19.98 -110.92
CA ASP U 323 84.70 -20.61 -111.84
C ASP U 323 84.04 -21.06 -113.13
N GLU U 324 82.75 -20.77 -113.32
CA GLU U 324 82.02 -21.19 -114.52
C GLU U 324 82.42 -20.29 -115.67
N GLU U 325 83.44 -20.73 -116.41
CA GLU U 325 83.94 -20.03 -117.59
C GLU U 325 84.05 -21.05 -118.72
N THR U 326 82.95 -21.26 -119.45
CA THR U 326 82.91 -22.21 -120.54
C THR U 326 82.17 -21.59 -121.72
N GLU U 327 82.57 -22.01 -122.92
CA GLU U 327 81.99 -21.51 -124.15
C GLU U 327 80.71 -22.27 -124.48
N VAL U 328 79.77 -21.57 -125.11
CA VAL U 328 78.50 -22.14 -125.54
C VAL U 328 78.26 -21.79 -126.99
N GLN U 329 77.42 -22.59 -127.64
CA GLN U 329 77.09 -22.41 -129.05
C GLN U 329 75.59 -22.54 -129.24
N LEU U 330 75.09 -21.89 -130.30
CA LEU U 330 73.68 -21.94 -130.65
C LEU U 330 73.52 -22.74 -131.95
N ASN U 331 72.58 -23.69 -131.93
CA ASN U 331 72.30 -24.52 -133.11
C ASN U 331 71.34 -23.75 -134.02
N LEU U 332 71.91 -22.81 -134.77
CA LEU U 332 71.13 -21.95 -135.66
C LEU U 332 72.00 -21.53 -136.83
N GLU U 333 71.35 -20.98 -137.85
CA GLU U 333 72.05 -20.52 -139.04
C GLU U 333 72.85 -19.25 -138.74
N ASP U 334 73.87 -19.01 -139.57
CA ASP U 334 74.72 -17.84 -139.38
C ASP U 334 74.01 -16.54 -139.77
N GLU U 335 73.02 -16.61 -140.64
CA GLU U 335 72.25 -15.43 -141.03
C GLU U 335 70.94 -15.28 -140.30
N ASP U 336 70.32 -16.39 -139.88
CA ASP U 336 69.06 -16.33 -139.15
C ASP U 336 69.25 -15.90 -137.71
N TYR U 337 70.42 -16.18 -137.12
CA TYR U 337 70.66 -15.80 -135.73
C TYR U 337 70.88 -14.29 -135.57
N GLU U 338 71.32 -13.62 -136.65
CA GLU U 338 71.44 -12.17 -136.60
C GLU U 338 70.07 -11.50 -136.52
N GLU U 339 69.09 -12.03 -137.25
CA GLU U 339 67.73 -11.51 -137.15
C GLU U 339 67.03 -12.00 -135.89
N ASN U 340 67.38 -13.19 -135.40
CA ASN U 340 66.68 -13.76 -134.25
C ASN U 340 67.05 -13.03 -132.95
N TYR U 341 68.33 -12.76 -132.74
CA TYR U 341 68.80 -12.10 -131.53
C TYR U 341 69.02 -10.61 -131.72
N LYS U 342 68.64 -10.07 -132.89
CA LYS U 342 68.83 -8.66 -133.28
C LYS U 342 70.30 -8.25 -133.22
N ASP U 343 71.18 -9.19 -133.57
CA ASP U 343 72.64 -9.01 -133.62
C ASP U 343 73.23 -8.56 -132.28
N LYS U 344 72.62 -8.99 -131.17
CA LYS U 344 73.12 -8.60 -129.86
C LYS U 344 74.37 -9.38 -129.47
N LEU U 345 74.41 -10.67 -129.81
CA LEU U 345 75.54 -11.52 -129.49
C LEU U 345 75.84 -12.41 -130.69
N LYS U 346 77.08 -12.89 -130.76
CA LYS U 346 77.51 -13.75 -131.84
C LYS U 346 77.04 -15.19 -131.62
N LYS U 347 77.20 -16.02 -132.65
CA LYS U 347 76.84 -17.42 -132.54
C LYS U 347 77.77 -18.17 -131.61
N GLN U 348 79.07 -17.86 -131.66
CA GLN U 348 80.07 -18.46 -130.80
C GLN U 348 80.73 -17.38 -129.96
N TYR U 349 80.73 -17.57 -128.64
CA TYR U 349 81.33 -16.62 -127.72
C TYR U 349 81.79 -17.36 -126.47
N ASP U 350 82.95 -16.97 -125.96
CA ASP U 350 83.53 -17.58 -124.77
C ASP U 350 83.61 -16.53 -123.66
N ALA U 351 82.87 -16.76 -122.59
CA ALA U 351 82.82 -15.87 -121.43
C ALA U 351 82.35 -16.68 -120.24
N LYS U 352 81.97 -15.99 -119.16
CA LYS U 352 81.33 -16.65 -118.03
C LYS U 352 79.95 -17.17 -118.44
N THR U 353 79.62 -18.38 -117.98
CA THR U 353 78.36 -19.02 -118.38
C THR U 353 77.15 -18.32 -117.77
N HIS U 354 77.27 -17.84 -116.53
CA HIS U 354 76.18 -17.07 -115.91
C HIS U 354 75.99 -15.74 -116.62
N ILE U 355 77.10 -15.09 -117.01
CA ILE U 355 77.01 -13.84 -117.74
C ILE U 355 76.43 -14.06 -119.14
N VAL U 356 76.75 -15.21 -119.76
CA VAL U 356 76.19 -15.54 -121.07
C VAL U 356 74.70 -15.82 -120.97
N LEU U 357 74.27 -16.50 -119.90
CA LEU U 357 72.85 -16.76 -119.68
C LEU U 357 72.09 -15.46 -119.39
N SER U 358 72.70 -14.56 -118.62
CA SER U 358 72.08 -13.27 -118.33
C SER U 358 71.98 -12.41 -119.60
N HIS U 359 73.01 -12.44 -120.45
CA HIS U 359 72.96 -11.70 -121.70
C HIS U 359 71.92 -12.28 -122.65
N VAL U 360 71.78 -13.61 -122.66
CA VAL U 360 70.76 -14.25 -123.50
C VAL U 360 69.36 -13.90 -123.00
N LEU U 361 69.19 -13.86 -121.67
CA LEU U 361 67.89 -13.48 -121.09
C LEU U 361 67.58 -12.01 -121.36
N LYS U 362 68.58 -11.14 -121.34
CA LYS U 362 68.37 -9.73 -121.66
C LYS U 362 68.06 -9.54 -123.15
N GLY U 363 68.71 -10.32 -124.01
CA GLY U 363 68.39 -10.25 -125.44
C GLY U 363 67.01 -10.78 -125.76
N LEU U 364 66.58 -11.84 -125.07
CA LEU U 364 65.25 -12.39 -125.31
C LEU U 364 64.15 -11.49 -124.74
N THR U 365 64.36 -10.96 -123.54
CA THR U 365 63.36 -10.10 -122.91
C THR U 365 63.33 -8.71 -123.51
N ASP U 366 64.43 -8.26 -124.12
CA ASP U 366 64.58 -6.92 -124.74
C ASP U 366 64.28 -5.80 -123.74
N ARG U 367 64.84 -5.94 -122.53
CA ARG U 367 64.64 -4.96 -121.47
C ARG U 367 65.98 -4.63 -120.83
N ARG U 368 66.04 -3.47 -120.19
CA ARG U 368 67.25 -3.04 -119.50
C ARG U 368 67.46 -3.86 -118.23
N VAL U 369 68.71 -4.20 -117.97
CA VAL U 369 69.08 -5.01 -116.82
C VAL U 369 69.41 -4.08 -115.65
N ILE U 370 69.30 -4.61 -114.44
CA ILE U 370 69.62 -3.88 -113.22
C ILE U 370 70.93 -4.41 -112.68
N VAL U 371 71.96 -3.57 -112.71
CA VAL U 371 73.28 -3.96 -112.24
C VAL U 371 73.36 -3.80 -110.73
N PRO U 372 74.28 -4.47 -110.05
CA PRO U 372 74.44 -4.26 -108.61
C PRO U 372 75.00 -2.89 -108.30
N GLY U 373 74.67 -2.40 -107.10
CA GLY U 373 75.11 -1.08 -106.70
C GLY U 373 76.59 -1.05 -106.35
N GLU U 374 77.13 0.17 -106.33
CA GLU U 374 78.53 0.40 -106.02
C GLU U 374 78.76 0.73 -104.54
N TYR U 375 77.72 0.70 -103.73
CA TYR U 375 77.85 0.98 -102.31
C TYR U 375 78.53 -0.20 -101.61
N LYS U 376 79.44 0.12 -100.69
CA LYS U 376 80.21 -0.88 -99.96
C LYS U 376 79.74 -0.95 -98.52
N SER U 377 79.51 -2.16 -98.03
CA SER U 377 79.10 -2.39 -96.66
C SER U 377 80.34 -2.51 -95.77
N LYS U 378 80.15 -2.97 -94.54
CA LYS U 378 81.26 -3.17 -93.62
C LYS U 378 82.14 -4.33 -94.07
N TYR U 379 83.46 -4.15 -93.89
CA TYR U 379 84.50 -5.08 -94.34
C TYR U 379 84.40 -5.37 -95.84
N ASP U 380 84.12 -4.32 -96.62
CA ASP U 380 84.02 -4.35 -98.08
C ASP U 380 82.99 -5.35 -98.58
N GLN U 381 81.87 -5.47 -97.88
CA GLN U 381 80.82 -6.40 -98.29
C GLN U 381 79.85 -5.72 -99.25
N CYS U 382 79.07 -6.54 -99.94
CA CYS U 382 78.06 -6.06 -100.89
C CYS U 382 76.64 -6.23 -100.37
N ALA U 383 76.44 -6.93 -99.26
CA ALA U 383 75.12 -7.15 -98.71
C ALA U 383 75.24 -7.31 -97.20
N VAL U 384 74.10 -7.20 -96.52
CA VAL U 384 74.05 -7.29 -95.06
C VAL U 384 73.19 -8.50 -94.68
N SER U 385 73.72 -9.34 -93.80
CA SER U 385 72.98 -10.50 -93.32
C SER U 385 72.02 -10.09 -92.20
N CYS U 386 70.78 -10.59 -92.28
CA CYS U 386 69.76 -10.24 -91.31
C CYS U 386 68.79 -11.39 -91.14
N SER U 387 68.10 -11.39 -90.01
CA SER U 387 67.15 -12.44 -89.66
C SER U 387 65.73 -12.01 -90.01
N PHE U 388 65.01 -12.87 -90.72
CA PHE U 388 63.62 -12.63 -91.08
C PHE U 388 62.93 -13.98 -91.23
N LYS U 389 61.77 -14.11 -90.58
CA LYS U 389 60.95 -15.34 -90.56
C LYS U 389 61.76 -16.54 -90.07
N ALA U 390 62.62 -16.29 -89.06
CA ALA U 390 63.59 -17.27 -88.52
C ALA U 390 64.49 -17.84 -89.62
N ASN U 391 64.92 -16.98 -90.54
CA ASN U 391 65.80 -17.38 -91.62
C ASN U 391 66.81 -16.26 -91.90
N GLU U 392 68.05 -16.64 -92.12
CA GLU U 392 69.10 -15.68 -92.44
C GLU U 392 69.07 -15.36 -93.93
N GLY U 393 69.05 -14.07 -94.24
CA GLY U 393 69.01 -13.63 -95.62
C GLY U 393 69.86 -12.40 -95.83
N TYR U 394 70.27 -12.21 -97.09
CA TYR U 394 71.13 -11.10 -97.47
C TYR U 394 70.28 -10.00 -98.09
N LEU U 395 70.40 -8.80 -97.54
CA LEU U 395 69.73 -7.62 -98.05
C LEU U 395 70.75 -6.70 -98.69
N TYR U 396 70.47 -6.27 -99.92
CA TYR U 396 71.37 -5.42 -100.68
C TYR U 396 70.58 -4.29 -101.32
N PRO U 397 71.04 -3.05 -101.22
CA PRO U 397 70.35 -1.94 -101.89
C PRO U 397 70.79 -1.83 -103.34
N LEU U 398 70.06 -1.00 -104.09
CA LEU U 398 70.36 -0.75 -105.49
C LEU U 398 69.93 0.68 -105.80
N ASP U 399 69.81 0.98 -107.09
CA ASP U 399 69.47 2.35 -107.51
C ASP U 399 68.02 2.69 -107.19
N ASN U 400 67.11 1.70 -107.28
CA ASN U 400 65.69 1.96 -107.10
C ASN U 400 64.99 1.02 -106.12
N ALA U 401 65.62 -0.07 -105.71
CA ALA U 401 64.95 -1.02 -104.82
C ALA U 401 65.98 -1.73 -103.96
N PHE U 402 65.51 -2.29 -102.85
CA PHE U 402 66.31 -3.09 -101.95
C PHE U 402 65.84 -4.54 -102.03
N PHE U 403 66.77 -5.46 -102.27
CA PHE U 403 66.46 -6.87 -102.46
C PHE U 403 66.94 -7.66 -101.26
N PHE U 404 66.02 -8.37 -100.61
CA PHE U 404 66.35 -9.22 -99.47
C PHE U 404 66.23 -10.68 -99.90
N LEU U 405 67.31 -11.43 -99.75
CA LEU U 405 67.34 -12.84 -100.13
C LEU U 405 67.47 -13.74 -98.91
N PRO U 408 61.85 -15.45 -97.60
CA PRO U 408 61.78 -15.50 -99.07
C PRO U 408 62.41 -14.27 -99.73
N THR U 409 62.55 -14.31 -101.05
CA THR U 409 63.11 -13.20 -101.80
C THR U 409 62.09 -12.07 -101.89
N LEU U 410 62.45 -10.90 -101.36
CA LEU U 410 61.55 -9.75 -101.35
C LEU U 410 62.24 -8.56 -102.00
N TYR U 411 61.45 -7.71 -102.65
CA TYR U 411 61.93 -6.48 -103.26
C TYR U 411 61.12 -5.31 -102.73
N ILE U 412 61.78 -4.36 -102.10
CA ILE U 412 61.16 -3.17 -101.56
C ILE U 412 61.56 -1.99 -102.44
N PRO U 413 60.64 -1.43 -103.23
CA PRO U 413 61.01 -0.28 -104.07
C PRO U 413 61.12 1.00 -103.26
N PHE U 414 61.90 1.93 -103.79
CA PHE U 414 62.06 3.23 -103.13
C PHE U 414 60.80 4.08 -103.25
N SER U 415 60.14 4.01 -104.41
CA SER U 415 58.91 4.79 -104.60
C SER U 415 57.73 4.17 -103.85
N ASP U 416 57.70 2.84 -103.76
CA ASP U 416 56.60 2.15 -103.10
C ASP U 416 56.65 2.29 -101.58
N VAL U 417 57.83 2.31 -100.99
CA VAL U 417 57.96 2.39 -99.53
C VAL U 417 57.63 3.81 -99.08
N SER U 418 56.62 3.93 -98.22
CA SER U 418 56.15 5.24 -97.79
C SER U 418 57.12 5.90 -96.80
N MET U 419 57.64 5.13 -95.85
CA MET U 419 58.50 5.69 -94.82
C MET U 419 59.45 4.62 -94.30
N VAL U 420 60.50 5.07 -93.61
CA VAL U 420 61.46 4.20 -92.95
C VAL U 420 61.70 4.73 -91.56
N ASN U 421 62.16 3.84 -90.67
CA ASN U 421 62.44 4.21 -89.29
C ASN U 421 63.50 3.29 -88.73
N ILE U 422 64.20 3.77 -87.69
CA ILE U 422 65.26 3.03 -87.04
C ILE U 422 64.97 3.01 -85.54
N SER U 423 65.10 1.83 -84.94
CA SER U 423 64.86 1.64 -83.51
C SER U 423 66.08 1.01 -82.88
N ARG U 424 66.47 1.53 -81.71
CA ARG U 424 67.62 1.02 -80.98
C ARG U 424 67.42 1.27 -79.49
N ALA U 425 67.94 0.36 -78.68
CA ALA U 425 67.84 0.43 -77.23
C ALA U 425 69.21 0.73 -76.63
N GLY U 426 69.20 1.01 -75.32
CA GLY U 426 70.42 1.31 -74.61
C GLY U 426 70.91 0.19 -73.71
N GLN U 427 71.97 -0.50 -74.14
CA GLN U 427 72.53 -1.60 -73.37
C GLN U 427 73.98 -1.78 -73.78
N THR U 428 74.67 -2.67 -73.05
CA THR U 428 76.08 -2.95 -73.37
C THR U 428 76.22 -3.78 -74.64
N SER U 429 75.19 -4.54 -75.02
CA SER U 429 75.23 -5.36 -76.22
C SER U 429 74.59 -4.67 -77.43
N THR U 430 74.44 -3.34 -77.38
CA THR U 430 73.79 -2.61 -78.46
C THR U 430 74.68 -2.48 -79.69
N SER U 431 75.98 -2.65 -79.56
CA SER U 431 76.90 -2.51 -80.69
C SER U 431 76.99 -3.77 -81.54
N SER U 432 76.40 -4.88 -81.11
CA SER U 432 76.48 -6.16 -81.82
C SER U 432 75.07 -6.62 -82.16
N ARG U 433 74.56 -6.13 -83.31
CA ARG U 433 73.31 -6.59 -83.94
C ARG U 433 72.10 -6.42 -83.02
N THR U 434 71.80 -5.16 -82.70
CA THR U 434 70.66 -4.87 -81.84
C THR U 434 69.71 -3.86 -82.47
N PHE U 435 70.24 -2.96 -83.30
CA PHE U 435 69.41 -1.97 -83.97
C PHE U 435 68.57 -2.61 -85.07
N ASP U 436 67.41 -2.02 -85.32
CA ASP U 436 66.48 -2.54 -86.32
C ASP U 436 65.99 -1.40 -87.21
N LEU U 437 65.66 -1.74 -88.45
CA LEU U 437 65.13 -0.79 -89.42
C LEU U 437 63.82 -1.32 -89.97
N GLU U 438 62.77 -0.50 -89.90
CA GLU U 438 61.44 -0.88 -90.34
C GLU U 438 61.00 0.05 -91.47
N VAL U 439 60.57 -0.54 -92.59
CA VAL U 439 60.09 0.21 -93.74
C VAL U 439 58.62 -0.12 -93.96
N VAL U 440 57.82 0.93 -94.09
CA VAL U 440 56.37 0.81 -94.25
C VAL U 440 55.98 1.37 -95.60
N LEU U 441 55.16 0.61 -96.33
CA LEU U 441 54.67 0.99 -97.65
C LEU U 441 53.15 1.03 -97.61
N ARG U 442 52.57 2.14 -98.07
CA ARG U 442 51.13 2.31 -98.09
C ARG U 442 50.49 1.87 -99.41
N SER U 443 51.28 1.44 -100.39
CA SER U 443 50.71 0.96 -101.64
C SER U 443 50.03 -0.39 -101.45
N ASN U 444 50.72 -1.32 -100.78
CA ASN U 444 50.15 -2.61 -100.43
C ASN U 444 49.81 -2.72 -98.95
N ARG U 445 49.99 -1.63 -98.19
CA ARG U 445 49.77 -1.56 -96.75
C ARG U 445 50.58 -2.61 -95.99
N GLY U 446 51.88 -2.63 -96.24
CA GLY U 446 52.76 -3.61 -95.63
C GLY U 446 53.99 -3.02 -94.98
N SER U 447 54.36 -3.54 -93.81
CA SER U 447 55.56 -3.10 -93.11
C SER U 447 56.51 -4.27 -92.94
N THR U 448 57.78 -4.06 -93.27
CA THR U 448 58.83 -5.06 -93.13
C THR U 448 59.92 -4.53 -92.22
N THR U 449 60.25 -5.31 -91.19
CA THR U 449 61.25 -4.92 -90.21
C THR U 449 62.43 -5.87 -90.28
N PHE U 450 63.63 -5.33 -90.45
CA PHE U 450 64.87 -6.09 -90.44
C PHE U 450 65.65 -5.73 -89.19
N ALA U 451 65.83 -6.70 -88.31
CA ALA U 451 66.57 -6.52 -87.07
C ALA U 451 68.01 -7.00 -87.25
N ASN U 452 68.75 -7.05 -86.14
CA ASN U 452 70.13 -7.54 -86.05
C ASN U 452 71.07 -6.75 -86.97
N ILE U 453 71.20 -5.46 -86.67
CA ILE U 453 72.07 -4.56 -87.41
C ILE U 453 73.06 -3.93 -86.43
N SER U 454 74.35 -3.98 -86.78
CA SER U 454 75.40 -3.41 -85.94
C SER U 454 75.48 -1.90 -86.14
N LYS U 455 76.48 -1.29 -85.49
CA LYS U 455 76.62 0.16 -85.56
C LYS U 455 77.17 0.61 -86.90
N GLU U 456 78.16 -0.12 -87.44
CA GLU U 456 78.76 0.27 -88.72
C GLU U 456 77.80 0.02 -89.88
N GLU U 457 77.04 -1.08 -89.82
CA GLU U 457 76.04 -1.35 -90.86
C GLU U 457 74.92 -0.32 -90.83
N GLN U 458 74.48 0.08 -89.63
CA GLN U 458 73.46 1.11 -89.52
C GLN U 458 73.99 2.47 -89.98
N GLN U 459 75.27 2.76 -89.72
CA GLN U 459 75.86 4.00 -90.21
C GLN U 459 75.96 4.02 -91.73
N LEU U 460 76.32 2.88 -92.33
CA LEU U 460 76.37 2.78 -93.78
C LEU U 460 74.97 2.88 -94.39
N LEU U 461 73.97 2.29 -93.74
CA LEU U 461 72.59 2.39 -94.21
C LEU U 461 72.08 3.83 -94.10
N GLU U 462 72.45 4.53 -93.02
CA GLU U 462 72.05 5.93 -92.87
C GLU U 462 72.74 6.82 -93.89
N GLN U 463 74.01 6.53 -94.21
CA GLN U 463 74.71 7.26 -95.26
C GLN U 463 74.08 7.02 -96.63
N PHE U 464 73.69 5.77 -96.91
CA PHE U 464 73.02 5.45 -98.17
C PHE U 464 71.65 6.11 -98.26
N LEU U 465 70.93 6.17 -97.15
CA LEU U 465 69.62 6.83 -97.12
C LEU U 465 69.75 8.34 -97.26
N LYS U 466 70.80 8.93 -96.67
CA LYS U 466 71.05 10.35 -96.85
C LYS U 466 71.48 10.67 -98.27
N SER U 467 72.22 9.77 -98.91
CA SER U 467 72.55 9.95 -100.33
C SER U 467 71.32 9.80 -101.21
N LYS U 468 70.42 8.87 -100.87
CA LYS U 468 69.21 8.65 -101.64
C LYS U 468 68.08 9.60 -101.27
N ASN U 469 68.22 10.35 -100.17
CA ASN U 469 67.24 11.32 -99.68
C ASN U 469 65.87 10.67 -99.42
N LEU U 470 65.90 9.55 -98.72
CA LEU U 470 64.67 8.83 -98.38
C LEU U 470 64.10 9.36 -97.07
N ARG U 471 62.78 9.22 -96.93
CA ARG U 471 62.08 9.70 -95.74
C ARG U 471 62.31 8.73 -94.60
N VAL U 472 63.11 9.15 -93.62
CA VAL U 472 63.40 8.35 -92.44
C VAL U 472 62.67 8.99 -91.26
N LYS U 473 61.66 8.28 -90.74
CA LYS U 473 60.88 8.79 -89.62
C LYS U 473 61.66 8.66 -88.32
N ASN U 474 61.44 9.61 -87.42
CA ASN U 474 62.11 9.60 -86.13
C ASN U 474 61.11 9.83 -84.99
N THR V 59 30.12 -47.91 -29.04
CA THR V 59 30.44 -49.16 -28.37
C THR V 59 29.22 -50.07 -28.30
N GLU V 60 28.29 -49.88 -29.23
CA GLU V 60 27.06 -50.65 -29.23
C GLU V 60 27.32 -52.06 -29.75
N LEU V 61 26.91 -53.05 -28.97
CA LEU V 61 27.12 -54.46 -29.31
C LEU V 61 26.04 -54.86 -30.31
N LEU V 62 26.38 -54.79 -31.60
CA LEU V 62 25.38 -54.94 -32.66
C LEU V 62 24.91 -56.37 -32.81
N ILE V 63 25.85 -57.32 -32.84
CA ILE V 63 25.47 -58.71 -33.00
C ILE V 63 24.87 -59.22 -31.70
N ARG V 64 23.86 -60.07 -31.82
CA ARG V 64 23.03 -60.43 -30.69
C ARG V 64 23.78 -61.34 -29.72
N LYS V 65 23.49 -61.17 -28.43
CA LYS V 65 24.35 -61.73 -27.38
C LYS V 65 24.25 -63.24 -27.30
N LEU V 66 23.03 -63.78 -27.27
CA LEU V 66 22.85 -65.24 -27.21
C LEU V 66 23.39 -66.00 -28.42
N PRO V 67 23.29 -65.54 -29.68
CA PRO V 67 24.07 -66.20 -30.75
C PRO V 67 25.57 -66.22 -30.53
N PHE V 68 26.16 -65.16 -29.95
CA PHE V 68 27.59 -65.19 -29.68
C PHE V 68 27.90 -66.17 -28.54
N GLN V 69 27.04 -66.20 -27.52
CA GLN V 69 27.22 -67.14 -26.41
C GLN V 69 27.08 -68.58 -26.87
N ARG V 70 26.33 -68.83 -27.93
CA ARG V 70 26.26 -70.22 -28.40
C ARG V 70 27.35 -70.47 -29.45
N LEU V 71 27.85 -69.42 -30.12
CA LEU V 71 29.04 -69.55 -30.96
C LEU V 71 30.26 -69.98 -30.17
N VAL V 72 30.45 -69.40 -28.99
CA VAL V 72 31.59 -69.81 -28.14
C VAL V 72 31.40 -71.24 -27.66
N ARG V 73 30.15 -71.66 -27.39
CA ARG V 73 29.89 -73.07 -27.08
C ARG V 73 30.17 -73.98 -28.28
N GLU V 74 29.90 -73.51 -29.50
CA GLU V 74 30.20 -74.30 -30.71
C GLU V 74 31.72 -74.44 -30.90
N ILE V 75 32.46 -73.36 -30.65
CA ILE V 75 33.92 -73.41 -30.76
C ILE V 75 34.49 -74.33 -29.68
N ALA V 76 33.91 -74.30 -28.47
CA ALA V 76 34.29 -75.25 -27.44
C ALA V 76 33.89 -76.68 -27.81
N GLN V 77 32.84 -76.84 -28.62
CA GLN V 77 32.40 -78.16 -29.04
C GLN V 77 33.36 -78.77 -30.05
N ASP V 78 33.80 -78.00 -31.06
CA ASP V 78 34.75 -78.59 -32.00
C ASP V 78 36.15 -78.70 -31.41
N PHE V 79 36.49 -77.82 -30.45
CA PHE V 79 37.72 -78.02 -29.68
C PHE V 79 37.66 -79.23 -28.78
N LYS V 80 36.46 -79.58 -28.28
CA LYS V 80 36.26 -80.54 -27.19
C LYS V 80 37.11 -80.16 -25.97
N THR V 81 37.05 -78.88 -25.60
CA THR V 81 37.90 -78.35 -24.55
C THR V 81 37.30 -78.45 -23.16
N ASP V 82 35.97 -78.52 -23.05
CA ASP V 82 35.15 -78.58 -21.81
C ASP V 82 35.64 -77.66 -20.69
N LEU V 83 35.83 -76.38 -21.03
CA LEU V 83 35.92 -75.31 -20.04
C LEU V 83 34.69 -74.41 -20.13
N ARG V 84 34.35 -73.77 -19.01
CA ARG V 84 33.18 -72.91 -18.95
C ARG V 84 33.56 -71.44 -19.15
N PHE V 85 32.56 -70.56 -19.09
CA PHE V 85 32.66 -69.19 -19.57
C PHE V 85 31.79 -68.29 -18.71
N GLN V 86 32.33 -67.16 -18.27
CA GLN V 86 31.45 -66.10 -17.78
C GLN V 86 31.30 -65.02 -18.84
N SER V 87 30.38 -64.10 -18.58
CA SER V 87 30.01 -63.08 -19.55
C SER V 87 31.08 -62.01 -19.77
N SER V 88 32.06 -61.90 -18.86
CA SER V 88 33.11 -60.89 -19.02
C SER V 88 34.02 -61.22 -20.20
N ALA V 89 34.46 -62.49 -20.29
CA ALA V 89 35.30 -62.91 -21.41
C ALA V 89 34.53 -62.87 -22.72
N ILE V 90 33.24 -63.23 -22.69
CA ILE V 90 32.40 -63.18 -23.89
C ILE V 90 32.22 -61.74 -24.37
N GLY V 91 32.01 -60.81 -23.44
CA GLY V 91 31.90 -59.40 -23.82
C GLY V 91 33.20 -58.83 -24.36
N ALA V 92 34.33 -59.23 -23.77
CA ALA V 92 35.63 -58.80 -24.29
C ALA V 92 35.88 -59.36 -25.69
N LEU V 93 35.49 -60.62 -25.91
CA LEU V 93 35.58 -61.22 -27.24
C LEU V 93 34.73 -60.47 -28.26
N GLN V 94 33.49 -60.12 -27.88
CA GLN V 94 32.59 -59.45 -28.81
C GLN V 94 33.06 -58.02 -29.12
N GLU V 95 33.60 -57.32 -28.12
CA GLU V 95 34.16 -55.98 -28.36
C GLU V 95 35.38 -56.03 -29.25
N SER V 96 36.24 -57.03 -29.05
CA SER V 96 37.44 -57.18 -29.89
C SER V 96 37.06 -57.55 -31.32
N VAL V 97 36.04 -58.38 -31.49
CA VAL V 97 35.53 -58.73 -32.81
C VAL V 97 34.98 -57.50 -33.51
N GLU V 98 34.22 -56.67 -32.79
CA GLU V 98 33.68 -55.45 -33.38
C GLU V 98 34.79 -54.49 -33.81
N ALA V 99 35.86 -54.38 -33.00
CA ALA V 99 36.99 -53.51 -33.37
C ALA V 99 37.73 -54.05 -34.60
N TYR V 100 37.98 -55.36 -34.64
CA TYR V 100 38.66 -55.96 -35.79
C TYR V 100 37.82 -55.83 -37.06
N LEU V 101 36.50 -55.97 -36.92
CA LEU V 101 35.63 -55.89 -38.10
C LEU V 101 35.46 -54.46 -38.59
N VAL V 102 35.45 -53.47 -37.69
CA VAL V 102 35.36 -52.11 -38.19
C VAL V 102 36.68 -51.68 -38.83
N SER V 103 37.83 -52.19 -38.34
CA SER V 103 39.09 -51.96 -39.04
C SER V 103 39.11 -52.61 -40.42
N LEU V 104 38.62 -53.86 -40.52
CA LEU V 104 38.59 -54.56 -41.80
C LEU V 104 37.64 -53.88 -42.78
N PHE V 105 36.50 -53.38 -42.29
CA PHE V 105 35.55 -52.71 -43.18
C PHE V 105 36.02 -51.32 -43.59
N GLU V 106 36.80 -50.64 -42.74
CA GLU V 106 37.39 -49.37 -43.15
C GLU V 106 38.43 -49.58 -44.24
N ASP V 107 39.25 -50.63 -44.09
CA ASP V 107 40.19 -50.98 -45.15
C ASP V 107 39.47 -51.44 -46.42
N THR V 108 38.32 -52.09 -46.25
CA THR V 108 37.53 -52.51 -47.41
C THR V 108 36.91 -51.31 -48.12
N ASN V 109 36.47 -50.29 -47.35
CA ASN V 109 36.05 -49.01 -47.91
C ASN V 109 37.12 -48.38 -48.78
N LEU V 110 38.31 -48.23 -48.24
CA LEU V 110 39.29 -47.46 -48.99
C LEU V 110 39.98 -48.30 -50.06
N ALA V 111 39.93 -49.64 -49.94
CA ALA V 111 40.31 -50.48 -51.07
C ALA V 111 39.26 -50.41 -52.18
N ALA V 112 37.98 -50.25 -51.82
CA ALA V 112 36.93 -50.14 -52.84
C ALA V 112 36.99 -48.79 -53.54
N ILE V 113 37.16 -47.70 -52.80
CA ILE V 113 37.23 -46.39 -53.44
C ILE V 113 38.57 -46.15 -54.10
N HIS V 114 39.59 -46.97 -53.78
CA HIS V 114 40.77 -47.01 -54.63
C HIS V 114 40.42 -47.53 -56.02
N ALA V 115 39.53 -48.51 -56.10
CA ALA V 115 39.08 -49.07 -57.37
C ALA V 115 37.88 -48.32 -57.95
N LYS V 116 37.63 -47.09 -57.46
CA LYS V 116 36.60 -46.18 -57.98
C LYS V 116 35.20 -46.78 -57.90
N ARG V 117 34.88 -47.43 -56.78
CA ARG V 117 33.54 -47.91 -56.53
C ARG V 117 33.12 -47.56 -55.11
N VAL V 118 31.83 -47.26 -54.94
CA VAL V 118 31.28 -46.99 -53.62
C VAL V 118 30.77 -48.24 -52.93
N THR V 119 30.64 -49.35 -53.65
CA THR V 119 30.18 -50.61 -53.09
C THR V 119 31.37 -51.53 -52.90
N ILE V 120 31.55 -52.02 -51.69
CA ILE V 120 32.63 -52.97 -51.42
C ILE V 120 32.24 -54.34 -51.97
N GLN V 121 33.24 -55.15 -52.29
CA GLN V 121 33.01 -56.38 -53.05
C GLN V 121 33.85 -57.52 -52.52
N LYS V 122 33.68 -58.66 -53.20
CA LYS V 122 34.44 -59.88 -52.95
C LYS V 122 35.93 -59.65 -53.15
N LYS V 123 36.29 -58.95 -54.23
CA LYS V 123 37.68 -58.70 -54.56
C LYS V 123 38.32 -57.67 -53.63
N ASP V 124 37.54 -56.75 -53.08
CA ASP V 124 38.05 -55.87 -52.02
C ASP V 124 38.40 -56.67 -50.77
N ILE V 125 37.60 -57.67 -50.44
CA ILE V 125 37.89 -58.54 -49.30
C ILE V 125 39.16 -59.34 -49.54
N LYS V 126 39.31 -59.90 -50.76
CA LYS V 126 40.55 -60.60 -51.12
C LYS V 126 41.77 -59.68 -51.08
N LEU V 127 41.61 -58.44 -51.54
CA LEU V 127 42.72 -57.49 -51.50
C LEU V 127 43.10 -57.14 -50.07
N ALA V 128 42.10 -56.97 -49.18
CA ALA V 128 42.38 -56.65 -47.79
C ALA V 128 43.09 -57.81 -47.08
N ARG V 129 42.63 -59.05 -47.31
CA ARG V 129 43.29 -60.19 -46.69
C ARG V 129 44.69 -60.39 -47.23
N ARG V 130 44.90 -60.21 -48.54
CA ARG V 130 46.20 -60.48 -49.13
C ARG V 130 47.22 -59.40 -48.78
N LEU V 131 46.81 -58.13 -48.77
CA LEU V 131 47.71 -57.06 -48.36
C LEU V 131 47.97 -57.10 -46.86
N ARG V 132 47.00 -57.55 -46.06
CA ARG V 132 47.31 -57.77 -44.65
C ARG V 132 48.18 -58.99 -44.45
N GLY V 133 48.14 -59.95 -45.38
CA GLY V 133 48.96 -61.13 -45.29
C GLY V 133 48.36 -62.27 -44.49
N GLU V 134 47.12 -62.12 -44.02
CA GLU V 134 46.47 -63.19 -43.29
C GLU V 134 45.93 -64.24 -44.24
N ARG V 135 46.04 -65.51 -43.84
CA ARG V 135 45.63 -66.62 -44.68
C ARG V 135 44.62 -67.51 -43.96
N ASP W 25 24.69 -75.11 -36.96
CA ASP W 25 25.61 -74.05 -36.59
C ASP W 25 24.96 -72.67 -36.69
N ASN W 26 25.21 -71.83 -35.69
CA ASN W 26 24.69 -70.47 -35.70
C ASN W 26 25.62 -69.50 -36.41
N ILE W 27 26.74 -69.99 -36.95
CA ILE W 27 27.49 -69.18 -37.89
C ILE W 27 26.74 -69.09 -39.21
N GLN W 28 25.83 -70.03 -39.48
CA GLN W 28 24.82 -69.81 -40.50
C GLN W 28 23.79 -68.77 -40.05
N GLY W 29 23.46 -68.78 -38.75
CA GLY W 29 22.44 -67.94 -38.18
C GLY W 29 22.89 -66.60 -37.63
N ILE W 30 24.07 -66.12 -37.98
CA ILE W 30 24.49 -64.79 -37.57
C ILE W 30 23.69 -63.76 -38.35
N THR W 31 23.04 -62.84 -37.63
CA THR W 31 22.10 -61.91 -38.23
C THR W 31 22.81 -60.87 -39.09
N LYS W 32 22.15 -60.53 -40.20
CA LYS W 32 22.62 -59.67 -41.29
C LYS W 32 22.50 -58.16 -41.09
N PRO W 33 21.43 -57.57 -40.52
CA PRO W 33 21.49 -56.13 -40.21
C PRO W 33 22.50 -55.75 -39.15
N ALA W 34 22.95 -56.70 -38.31
CA ALA W 34 24.10 -56.42 -37.46
C ALA W 34 25.37 -56.25 -38.29
N ILE W 35 25.52 -57.05 -39.36
CA ILE W 35 26.61 -56.86 -40.31
C ILE W 35 26.47 -55.52 -41.02
N ARG W 36 25.22 -55.12 -41.31
CA ARG W 36 24.99 -53.81 -41.93
C ARG W 36 25.30 -52.65 -40.97
N ARG W 37 25.11 -52.83 -39.67
CA ARG W 37 25.48 -51.78 -38.73
C ARG W 37 26.99 -51.73 -38.49
N LEU W 38 27.66 -52.89 -38.49
CA LEU W 38 29.12 -52.93 -38.58
C LEU W 38 29.62 -52.22 -39.83
N ALA W 39 28.88 -52.37 -40.93
CA ALA W 39 29.19 -51.66 -42.16
C ALA W 39 28.92 -50.16 -42.03
N ARG W 40 27.90 -49.78 -41.25
CA ARG W 40 27.63 -48.37 -40.98
C ARG W 40 28.77 -47.70 -40.25
N ARG W 41 29.29 -48.33 -39.19
CA ARG W 41 30.50 -47.77 -38.59
C ARG W 41 31.75 -48.04 -39.42
N GLY W 42 31.69 -48.94 -40.40
CA GLY W 42 32.77 -49.07 -41.35
C GLY W 42 32.85 -47.94 -42.35
N GLY W 43 31.75 -47.20 -42.54
CA GLY W 43 31.73 -46.06 -43.43
C GLY W 43 31.25 -46.35 -44.84
N VAL W 44 30.80 -47.57 -45.13
CA VAL W 44 30.39 -47.93 -46.47
C VAL W 44 28.95 -47.50 -46.68
N LYS W 45 28.51 -47.56 -47.95
CA LYS W 45 27.13 -47.26 -48.30
C LYS W 45 26.35 -48.44 -48.82
N ARG W 46 27.03 -49.46 -49.37
CA ARG W 46 26.33 -50.60 -49.98
C ARG W 46 27.09 -51.88 -49.71
N ILE W 47 26.34 -52.98 -49.56
CA ILE W 47 26.87 -54.29 -49.18
C ILE W 47 26.39 -55.33 -50.20
N SER W 48 27.33 -56.12 -50.73
CA SER W 48 26.99 -57.19 -51.65
C SER W 48 26.61 -58.46 -50.89
N GLY W 49 26.27 -59.51 -51.65
CA GLY W 49 25.78 -60.74 -51.03
C GLY W 49 26.89 -61.66 -50.55
N LEU W 50 27.99 -61.73 -51.31
CA LEU W 50 29.08 -62.62 -50.93
C LEU W 50 29.91 -62.04 -49.80
N ILE W 51 29.75 -60.73 -49.57
CA ILE W 51 30.35 -59.98 -48.47
C ILE W 51 29.96 -60.64 -47.16
N TYR W 52 28.67 -60.98 -47.03
CA TYR W 52 28.14 -61.64 -45.83
C TYR W 52 28.86 -62.95 -45.54
N GLU W 53 28.97 -63.82 -46.55
CA GLU W 53 29.54 -65.15 -46.33
C GLU W 53 31.03 -65.08 -46.01
N GLU W 54 31.78 -64.20 -46.67
CA GLU W 54 33.20 -64.17 -46.37
C GLU W 54 33.51 -63.40 -45.09
N VAL W 55 32.64 -62.46 -44.68
CA VAL W 55 32.76 -61.89 -43.34
C VAL W 55 32.48 -62.95 -42.28
N ARG W 56 31.53 -63.85 -42.52
CA ARG W 56 31.30 -64.93 -41.57
C ARG W 56 32.46 -65.91 -41.53
N ALA W 57 33.14 -66.09 -42.67
CA ALA W 57 34.36 -66.90 -42.70
C ALA W 57 35.50 -66.28 -41.88
N VAL W 58 35.70 -64.96 -42.02
CA VAL W 58 36.79 -64.34 -41.26
C VAL W 58 36.42 -64.23 -39.78
N LEU W 59 35.11 -64.13 -39.46
CA LEU W 59 34.64 -64.34 -38.09
C LEU W 59 35.04 -65.70 -37.53
N LYS W 60 34.83 -66.76 -38.33
CA LYS W 60 35.16 -68.12 -37.88
C LYS W 60 36.66 -68.24 -37.60
N SER W 61 37.48 -67.70 -38.51
CA SER W 61 38.94 -67.77 -38.32
C SER W 61 39.41 -66.95 -37.13
N PHE W 62 38.83 -65.76 -36.93
CA PHE W 62 39.25 -64.87 -35.86
C PHE W 62 38.90 -65.45 -34.49
N LEU W 63 37.65 -65.95 -34.35
CA LEU W 63 37.26 -66.61 -33.10
C LEU W 63 38.07 -67.88 -32.85
N GLU W 64 38.40 -68.62 -33.92
CA GLU W 64 39.30 -69.78 -33.81
C GLU W 64 40.63 -69.41 -33.17
N SER W 65 41.27 -68.36 -33.68
CA SER W 65 42.59 -67.95 -33.18
C SER W 65 42.50 -67.42 -31.74
N VAL W 66 41.53 -66.54 -31.46
CA VAL W 66 41.53 -65.91 -30.14
C VAL W 66 41.06 -66.89 -29.05
N ILE W 67 40.14 -67.80 -29.37
CA ILE W 67 39.71 -68.76 -28.36
C ILE W 67 40.79 -69.82 -28.14
N ARG W 68 41.58 -70.14 -29.17
CA ARG W 68 42.74 -71.02 -28.98
C ARG W 68 43.78 -70.36 -28.06
N ASP W 69 44.03 -69.07 -28.25
CA ASP W 69 44.98 -68.38 -27.37
C ASP W 69 44.47 -68.30 -25.93
N SER W 70 43.16 -68.07 -25.77
CA SER W 70 42.57 -67.99 -24.43
C SER W 70 42.63 -69.33 -23.71
N VAL W 71 42.40 -70.45 -24.43
CA VAL W 71 42.42 -71.74 -23.76
C VAL W 71 43.85 -72.17 -23.45
N THR W 72 44.82 -71.71 -24.26
CA THR W 72 46.23 -71.90 -23.88
C THR W 72 46.59 -71.16 -22.59
N TYR W 73 46.17 -69.89 -22.46
CA TYR W 73 46.46 -69.15 -21.23
C TYR W 73 45.75 -69.73 -20.01
N THR W 74 44.52 -70.19 -20.17
CA THR W 74 43.83 -70.75 -19.00
C THR W 74 44.24 -72.19 -18.71
N GLU W 75 44.82 -72.90 -19.68
CA GLU W 75 45.53 -74.13 -19.34
C GLU W 75 46.82 -73.84 -18.60
N HIS W 76 47.48 -72.72 -18.90
CA HIS W 76 48.61 -72.31 -18.07
C HIS W 76 48.19 -71.91 -16.66
N ALA W 77 47.02 -71.32 -16.49
CA ALA W 77 46.60 -70.86 -15.17
C ALA W 77 45.82 -71.89 -14.37
N LYS W 78 45.65 -73.11 -14.92
CA LYS W 78 45.01 -74.26 -14.28
C LYS W 78 43.56 -74.04 -13.82
N ARG W 79 42.90 -72.98 -14.29
CA ARG W 79 41.51 -72.79 -13.92
C ARG W 79 40.58 -73.38 -14.97
N LYS W 80 39.41 -73.81 -14.51
CA LYS W 80 38.44 -74.46 -15.36
C LYS W 80 37.55 -73.48 -16.11
N THR W 81 37.68 -72.18 -15.83
CA THR W 81 36.86 -71.16 -16.47
C THR W 81 37.81 -70.07 -16.94
N VAL W 82 37.59 -69.55 -18.15
CA VAL W 82 38.48 -68.54 -18.72
C VAL W 82 38.13 -67.19 -18.11
N THR W 83 39.08 -66.26 -18.15
CA THR W 83 38.83 -64.91 -17.67
C THR W 83 38.98 -63.91 -18.80
N SER W 84 38.47 -62.69 -18.55
CA SER W 84 38.52 -61.64 -19.56
C SER W 84 39.93 -61.06 -19.68
N LEU W 85 40.72 -61.12 -18.60
CA LEU W 85 42.10 -60.63 -18.67
C LEU W 85 42.95 -61.50 -19.57
N ASP W 86 42.70 -62.80 -19.58
CA ASP W 86 43.37 -63.68 -20.53
C ASP W 86 42.92 -63.41 -21.95
N VAL W 87 41.68 -62.96 -22.15
CA VAL W 87 41.22 -62.55 -23.47
C VAL W 87 41.92 -61.28 -23.92
N VAL W 88 42.15 -60.34 -22.99
CA VAL W 88 42.92 -59.14 -23.30
C VAL W 88 44.37 -59.49 -23.62
N TYR W 89 44.92 -60.49 -22.94
CA TYR W 89 46.27 -60.96 -23.25
C TYR W 89 46.32 -61.63 -24.62
N ALA W 90 45.27 -62.37 -24.97
CA ALA W 90 45.15 -62.95 -26.31
C ALA W 90 45.03 -61.87 -27.37
N LEU W 91 44.39 -60.74 -27.06
CA LEU W 91 44.36 -59.61 -27.98
C LEU W 91 45.71 -58.93 -28.10
N LYS W 92 46.49 -58.93 -27.01
CA LYS W 92 47.86 -58.45 -27.11
C LYS W 92 48.69 -59.33 -28.03
N ARG W 93 48.44 -60.64 -28.02
CA ARG W 93 49.08 -61.51 -29.01
C ARG W 93 48.54 -61.27 -30.42
N GLN W 94 47.22 -61.12 -30.57
CA GLN W 94 46.62 -61.08 -31.89
C GLN W 94 46.90 -59.75 -32.59
N GLY W 95 47.14 -58.69 -31.82
CA GLY W 95 47.66 -57.47 -32.40
C GLY W 95 49.08 -57.68 -32.91
N ARG W 96 49.28 -57.39 -34.20
CA ARG W 96 50.56 -57.59 -34.84
C ARG W 96 50.89 -56.38 -35.70
N THR W 97 52.15 -56.29 -36.10
CA THR W 97 52.62 -55.18 -36.93
C THR W 97 52.13 -55.33 -38.37
N GLN X 17 78.94 -89.19 -17.66
CA GLN X 17 77.55 -88.85 -17.93
C GLN X 17 77.22 -87.45 -17.42
N SER X 18 77.25 -86.48 -18.33
CA SER X 18 76.85 -85.11 -18.01
C SER X 18 75.34 -84.98 -18.17
N ARG X 19 74.84 -83.74 -18.15
CA ARG X 19 73.40 -83.50 -18.25
C ARG X 19 72.86 -83.84 -19.64
N SER X 20 73.69 -83.73 -20.68
CA SER X 20 73.24 -83.97 -22.04
C SER X 20 72.90 -85.45 -22.26
N ALA X 21 73.77 -86.35 -21.80
CA ALA X 21 73.46 -87.78 -21.87
C ALA X 21 72.42 -88.19 -20.85
N LYS X 22 72.30 -87.43 -19.74
CA LYS X 22 71.29 -87.71 -18.75
C LYS X 22 69.89 -87.36 -19.25
N ALA X 23 69.80 -86.37 -20.14
CA ALA X 23 68.55 -86.06 -20.81
C ALA X 23 68.32 -86.89 -22.07
N GLY X 24 69.35 -87.56 -22.59
CA GLY X 24 69.20 -88.41 -23.75
C GLY X 24 69.08 -87.69 -25.07
N LEU X 25 69.42 -86.41 -25.12
CA LEU X 25 69.34 -85.61 -26.34
C LEU X 25 70.72 -85.07 -26.67
N THR X 26 71.12 -85.20 -27.93
CA THR X 26 72.45 -84.76 -28.34
C THR X 26 72.56 -83.26 -28.52
N PHE X 27 71.43 -82.55 -28.58
CA PHE X 27 71.46 -81.10 -28.43
C PHE X 27 71.81 -80.75 -26.99
N PRO X 28 72.57 -79.67 -26.75
CA PRO X 28 73.14 -79.44 -25.41
C PRO X 28 72.13 -78.79 -24.47
N VAL X 29 71.73 -79.53 -23.44
CA VAL X 29 70.88 -78.94 -22.42
C VAL X 29 71.67 -77.95 -21.56
N GLY X 30 72.98 -78.20 -21.37
CA GLY X 30 73.79 -77.28 -20.60
C GLY X 30 73.98 -75.94 -21.28
N ARG X 31 74.16 -75.94 -22.60
CA ARG X 31 74.30 -74.68 -23.34
C ARG X 31 72.98 -73.93 -23.40
N VAL X 32 71.86 -74.63 -23.50
CA VAL X 32 70.54 -73.99 -23.42
C VAL X 32 70.34 -73.35 -22.06
N HIS X 33 70.73 -74.05 -20.99
CA HIS X 33 70.63 -73.50 -19.64
C HIS X 33 71.51 -72.28 -19.46
N ARG X 34 72.74 -72.34 -20.00
CA ARG X 34 73.66 -71.21 -19.89
C ARG X 34 73.16 -69.99 -20.67
N LEU X 35 72.71 -70.18 -21.91
CA LEU X 35 72.23 -69.04 -22.69
C LEU X 35 70.87 -68.54 -22.20
N LEU X 36 70.12 -69.37 -21.48
CA LEU X 36 68.98 -68.83 -20.73
C LEU X 36 69.45 -67.97 -19.56
N ARG X 37 70.57 -68.35 -18.94
CA ARG X 37 71.07 -67.56 -17.81
C ARG X 37 71.64 -66.22 -18.26
N ARG X 38 72.39 -66.18 -19.36
CA ARG X 38 72.99 -64.92 -19.80
C ARG X 38 71.99 -63.95 -20.40
N GLY X 39 70.80 -64.42 -20.80
CA GLY X 39 69.82 -63.54 -21.40
C GLY X 39 69.09 -62.66 -20.42
N ASN X 40 69.13 -63.01 -19.12
CA ASN X 40 68.39 -62.35 -18.05
C ASN X 40 66.89 -62.27 -18.35
N TYR X 41 66.34 -63.37 -18.84
CA TYR X 41 64.90 -63.50 -18.99
C TYR X 41 64.20 -63.51 -17.63
N ALA X 42 64.81 -64.16 -16.66
CA ALA X 42 64.41 -64.06 -15.26
C ALA X 42 65.64 -64.35 -14.41
N GLN X 43 65.59 -63.93 -13.15
CA GLN X 43 66.71 -64.15 -12.25
C GLN X 43 66.80 -65.59 -11.75
N ARG X 44 65.74 -66.38 -11.91
CA ARG X 44 65.78 -67.78 -11.55
C ARG X 44 65.22 -68.61 -12.71
N ILE X 45 65.90 -69.71 -13.04
CA ILE X 45 65.46 -70.65 -14.05
C ILE X 45 65.49 -72.06 -13.46
N GLY X 46 64.58 -72.90 -13.93
CA GLY X 46 64.46 -74.25 -13.43
C GLY X 46 65.44 -75.21 -14.06
N SER X 47 65.31 -76.49 -13.68
CA SER X 47 66.15 -77.54 -14.24
C SER X 47 65.44 -78.31 -15.35
N GLY X 48 64.12 -78.52 -15.23
CA GLY X 48 63.38 -79.21 -16.26
C GLY X 48 63.10 -78.39 -17.50
N ALA X 49 63.05 -77.06 -17.37
CA ALA X 49 62.80 -76.15 -18.48
C ALA X 49 63.88 -76.19 -19.58
N PRO X 50 65.19 -76.18 -19.29
CA PRO X 50 66.15 -76.38 -20.41
C PRO X 50 66.05 -77.75 -21.06
N VAL X 51 65.74 -78.80 -20.30
CA VAL X 51 65.54 -80.14 -20.87
C VAL X 51 64.36 -80.13 -21.83
N TYR X 52 63.27 -79.48 -21.40
CA TYR X 52 62.08 -79.35 -22.22
C TYR X 52 62.37 -78.58 -23.50
N LEU X 53 63.09 -77.46 -23.38
CA LEU X 53 63.35 -76.61 -24.53
C LEU X 53 64.28 -77.29 -25.52
N THR X 54 65.29 -78.03 -25.03
CA THR X 54 66.17 -78.70 -25.98
C THR X 54 65.50 -79.91 -26.60
N ALA X 55 64.49 -80.50 -25.95
CA ALA X 55 63.70 -81.53 -26.62
C ALA X 55 62.81 -80.93 -27.72
N VAL X 56 62.26 -79.74 -27.48
CA VAL X 56 61.51 -79.03 -28.52
C VAL X 56 62.40 -78.69 -29.71
N LEU X 57 63.62 -78.21 -29.42
CA LEU X 57 64.58 -77.91 -30.48
C LEU X 57 64.99 -79.17 -31.23
N GLU X 58 65.12 -80.29 -30.51
CA GLU X 58 65.40 -81.58 -31.14
C GLU X 58 64.31 -81.99 -32.12
N TYR X 59 63.05 -81.86 -31.70
CA TYR X 59 61.93 -82.23 -32.55
C TYR X 59 61.85 -81.35 -33.79
N LEU X 60 61.98 -80.04 -33.61
CA LEU X 60 61.84 -79.12 -34.75
C LEU X 60 62.98 -79.28 -35.75
N ALA X 61 64.22 -79.33 -35.24
CA ALA X 61 65.39 -79.49 -36.12
C ALA X 61 65.39 -80.84 -36.82
N ALA X 62 65.01 -81.91 -36.11
CA ALA X 62 64.97 -83.23 -36.71
C ALA X 62 63.89 -83.33 -37.78
N GLU X 63 62.74 -82.68 -37.54
CA GLU X 63 61.67 -82.73 -38.53
C GLU X 63 62.03 -81.96 -39.79
N ILE X 64 62.59 -80.75 -39.65
CA ILE X 64 62.93 -79.98 -40.84
C ILE X 64 64.13 -80.60 -41.56
N LEU X 65 65.00 -81.29 -40.80
CA LEU X 65 66.08 -82.07 -41.41
C LEU X 65 65.53 -83.24 -42.21
N GLU X 66 64.51 -83.92 -41.69
CA GLU X 66 63.97 -85.08 -42.39
C GLU X 66 63.22 -84.66 -43.65
N LEU X 67 62.46 -83.57 -43.58
CA LEU X 67 61.78 -83.06 -44.77
C LEU X 67 62.78 -82.54 -45.81
N ALA X 68 63.85 -81.86 -45.37
CA ALA X 68 64.84 -81.36 -46.32
C ALA X 68 65.63 -82.50 -46.94
N GLY X 69 65.94 -83.55 -46.17
CA GLY X 69 66.60 -84.71 -46.73
C GLY X 69 65.70 -85.47 -47.69
N ASN X 70 64.39 -85.53 -47.40
CA ASN X 70 63.46 -86.14 -48.34
C ASN X 70 63.34 -85.34 -49.63
N ALA X 71 63.37 -84.01 -49.52
CA ALA X 71 63.35 -83.17 -50.71
C ALA X 71 64.64 -83.31 -51.51
N ALA X 72 65.76 -83.58 -50.83
CA ALA X 72 66.99 -83.92 -51.53
C ALA X 72 66.88 -85.29 -52.21
N ARG X 73 66.13 -86.21 -51.59
CA ARG X 73 65.97 -87.55 -52.17
C ARG X 73 65.02 -87.51 -53.37
N ASP X 74 64.14 -86.51 -53.43
CA ASP X 74 63.14 -86.45 -54.50
C ASP X 74 63.78 -86.22 -55.87
N ASN X 75 64.71 -85.29 -55.96
CA ASN X 75 65.41 -85.00 -57.21
C ASN X 75 66.70 -85.80 -57.36
N LYS X 76 66.88 -86.83 -56.53
CA LYS X 76 68.01 -87.77 -56.57
C LYS X 76 69.36 -87.06 -56.43
N LYS X 77 69.38 -86.02 -55.61
CA LYS X 77 70.63 -85.37 -55.23
C LYS X 77 71.14 -85.97 -53.94
N THR X 78 72.39 -86.43 -53.95
CA THR X 78 72.96 -87.05 -52.76
C THR X 78 73.38 -85.99 -51.73
N ARG X 79 73.43 -84.74 -52.14
CA ARG X 79 73.93 -83.66 -51.30
C ARG X 79 72.85 -82.61 -51.09
N ILE X 80 72.63 -82.23 -49.83
CA ILE X 80 71.58 -81.27 -49.50
C ILE X 80 72.09 -79.84 -49.70
N ILE X 81 71.23 -79.02 -50.30
CA ILE X 81 71.56 -77.67 -50.76
C ILE X 81 70.52 -76.80 -50.05
N PRO X 82 70.75 -75.48 -49.89
CA PRO X 82 69.65 -74.65 -49.36
C PRO X 82 68.38 -74.61 -50.19
N ARG X 83 68.43 -74.97 -51.48
CA ARG X 83 67.20 -75.09 -52.26
C ARG X 83 66.31 -76.21 -51.73
N HIS X 84 66.92 -77.29 -51.22
CA HIS X 84 66.13 -78.34 -50.59
C HIS X 84 65.47 -77.85 -49.30
N LEU X 85 66.17 -77.00 -48.54
CA LEU X 85 65.56 -76.38 -47.37
C LEU X 85 64.40 -75.48 -47.77
N GLN X 86 64.55 -74.73 -48.86
CA GLN X 86 63.46 -73.88 -49.35
C GLN X 86 62.26 -74.71 -49.80
N LEU X 87 62.51 -75.85 -50.47
CA LEU X 87 61.44 -76.77 -50.84
C LEU X 87 60.74 -77.35 -49.62
N ALA X 88 61.52 -77.65 -48.57
CA ALA X 88 60.93 -78.18 -47.34
C ALA X 88 60.05 -77.13 -46.65
N ILE X 89 60.44 -75.85 -46.71
CA ILE X 89 59.59 -74.83 -46.12
C ILE X 89 58.35 -74.58 -46.97
N ARG X 90 58.49 -74.56 -48.30
CA ARG X 90 57.34 -74.20 -49.13
C ARG X 90 56.32 -75.33 -49.19
N ASN X 91 56.80 -76.58 -49.29
CA ASN X 91 55.91 -77.72 -49.50
C ASN X 91 55.03 -78.00 -48.29
N ASP X 92 55.58 -77.86 -47.09
CA ASP X 92 54.82 -78.05 -45.87
C ASP X 92 54.06 -76.77 -45.52
N ASP X 93 52.77 -76.91 -45.28
CA ASP X 93 51.93 -75.74 -45.01
C ASP X 93 52.21 -75.17 -43.61
N GLU X 94 52.40 -76.05 -42.63
CA GLU X 94 52.62 -75.59 -41.26
C GLU X 94 53.99 -74.95 -41.08
N LEU X 95 54.97 -75.33 -41.90
CA LEU X 95 56.24 -74.60 -41.87
C LEU X 95 56.09 -73.23 -42.52
N ASN X 96 55.17 -73.09 -43.48
CA ASN X 96 54.86 -71.77 -44.02
C ASN X 96 54.10 -70.93 -43.00
N LYS X 97 53.29 -71.57 -42.14
CA LYS X 97 52.68 -70.85 -41.02
C LYS X 97 53.74 -70.41 -40.01
N LEU X 98 54.72 -71.26 -39.75
CA LEU X 98 55.76 -70.93 -38.79
C LEU X 98 56.78 -69.95 -39.35
N LEU X 99 57.13 -70.09 -40.63
CA LEU X 99 58.24 -69.36 -41.23
C LEU X 99 57.80 -68.61 -42.49
N GLY X 100 56.69 -67.89 -42.40
CA GLY X 100 56.21 -67.14 -43.55
C GLY X 100 56.83 -65.77 -43.69
N ASN X 101 57.06 -65.10 -42.56
CA ASN X 101 57.61 -63.75 -42.60
C ASN X 101 59.10 -63.73 -42.96
N VAL X 102 59.83 -64.78 -42.59
CA VAL X 102 61.27 -64.81 -42.77
C VAL X 102 61.62 -65.23 -44.20
N THR X 103 62.63 -64.59 -44.77
CA THR X 103 63.21 -65.01 -46.04
C THR X 103 64.63 -65.51 -45.78
N ILE X 104 65.06 -66.50 -46.57
CA ILE X 104 66.38 -67.10 -46.43
C ILE X 104 67.09 -67.00 -47.78
N ALA X 105 68.41 -66.93 -47.72
CA ALA X 105 69.17 -66.40 -48.83
C ALA X 105 70.56 -67.04 -48.86
N GLN X 106 71.50 -66.35 -49.54
CA GLN X 106 72.85 -66.82 -49.89
C GLN X 106 72.77 -68.05 -50.79
N GLY X 107 72.08 -67.91 -51.90
CA GLY X 107 71.95 -68.97 -52.89
C GLY X 107 71.29 -68.46 -54.16
N GLU Y 39 78.39 -70.67 -35.22
CA GLU Y 39 78.16 -72.09 -35.43
C GLU Y 39 78.31 -72.88 -34.13
N THR Y 40 77.79 -72.30 -33.04
CA THR Y 40 77.89 -72.95 -31.74
C THR Y 40 76.98 -74.17 -31.66
N TYR Y 41 75.84 -74.12 -32.35
CA TYR Y 41 74.87 -75.21 -32.33
C TYR Y 41 75.00 -76.16 -33.51
N SER Y 42 76.05 -76.00 -34.33
CA SER Y 42 76.08 -76.66 -35.63
C SER Y 42 76.53 -78.12 -35.52
N SER Y 43 77.46 -78.42 -34.61
CA SER Y 43 78.00 -79.78 -34.50
C SER Y 43 76.93 -80.77 -34.06
N TYR Y 44 75.93 -80.28 -33.33
CA TYR Y 44 74.87 -81.16 -32.86
C TYR Y 44 73.78 -81.32 -33.92
N ILE Y 45 73.61 -80.32 -34.79
CA ILE Y 45 72.87 -80.50 -36.03
C ILE Y 45 73.51 -81.60 -36.87
N TYR Y 46 74.85 -81.58 -36.96
CA TYR Y 46 75.57 -82.62 -37.69
C TYR Y 46 75.42 -83.98 -37.02
N LYS Y 47 75.40 -84.02 -35.69
CA LYS Y 47 75.17 -85.28 -34.97
C LYS Y 47 73.78 -85.84 -35.24
N VAL Y 48 72.75 -84.98 -35.28
CA VAL Y 48 71.40 -85.43 -35.64
C VAL Y 48 71.37 -85.93 -37.08
N LEU Y 49 72.11 -85.25 -37.97
CA LEU Y 49 72.11 -85.64 -39.38
C LEU Y 49 72.81 -86.99 -39.58
N LYS Y 50 73.85 -87.26 -38.80
CA LYS Y 50 74.45 -88.60 -38.82
C LYS Y 50 73.52 -89.61 -38.14
N GLN Y 51 72.70 -89.15 -37.20
CA GLN Y 51 71.82 -90.06 -36.46
C GLN Y 51 70.69 -90.56 -37.34
N THR Y 52 70.15 -89.70 -38.22
CA THR Y 52 69.00 -90.13 -39.03
C THR Y 52 69.41 -91.12 -40.12
N HIS Y 53 70.52 -90.85 -40.83
CA HIS Y 53 71.28 -91.77 -41.68
C HIS Y 53 72.61 -91.11 -42.05
N PRO Y 54 73.73 -91.82 -41.94
CA PRO Y 54 75.04 -91.16 -42.08
C PRO Y 54 75.46 -90.87 -43.52
N ASP Y 55 74.61 -91.15 -44.51
CA ASP Y 55 75.06 -91.06 -45.90
C ASP Y 55 75.19 -89.61 -46.37
N THR Y 56 74.21 -88.76 -46.05
CA THR Y 56 74.19 -87.41 -46.60
C THR Y 56 75.08 -86.48 -45.79
N GLY Y 57 75.39 -85.33 -46.37
CA GLY Y 57 76.19 -84.33 -45.70
C GLY Y 57 75.68 -82.92 -45.98
N ILE Y 58 75.75 -82.09 -44.94
CA ILE Y 58 75.16 -80.75 -44.91
C ILE Y 58 76.14 -79.76 -45.54
N SER Y 59 75.62 -78.75 -46.22
CA SER Y 59 76.44 -77.68 -46.77
C SER Y 59 76.62 -76.56 -45.74
N GLN Y 60 77.48 -75.58 -46.07
CA GLN Y 60 77.69 -74.44 -45.17
C GLN Y 60 76.45 -73.54 -45.07
N LYS Y 61 75.89 -73.15 -46.22
CA LYS Y 61 74.84 -72.13 -46.22
C LYS Y 61 73.55 -72.65 -45.59
N SER Y 62 73.18 -73.89 -45.92
CA SER Y 62 72.00 -74.50 -45.33
C SER Y 62 72.17 -74.75 -43.83
N MET Y 63 73.38 -75.10 -43.40
CA MET Y 63 73.65 -75.27 -41.98
C MET Y 63 73.55 -73.95 -41.23
N SER Y 64 74.01 -72.86 -41.87
CA SER Y 64 73.87 -71.53 -41.28
C SER Y 64 72.40 -71.14 -41.17
N ILE Y 65 71.60 -71.50 -42.17
CA ILE Y 65 70.16 -71.29 -42.12
C ILE Y 65 69.53 -72.09 -40.98
N LEU Y 66 69.97 -73.33 -40.80
CA LEU Y 66 69.45 -74.17 -39.71
C LEU Y 66 69.83 -73.64 -38.34
N ASN Y 67 71.08 -73.16 -38.20
CA ASN Y 67 71.55 -72.59 -36.94
C ASN Y 67 70.80 -71.32 -36.59
N SER Y 68 70.55 -70.47 -37.59
CA SER Y 68 69.78 -69.26 -37.36
C SER Y 68 68.31 -69.57 -37.06
N PHE Y 69 67.78 -70.64 -37.66
CA PHE Y 69 66.46 -71.16 -37.27
C PHE Y 69 66.40 -71.57 -35.80
N VAL Y 70 67.38 -72.36 -35.36
CA VAL Y 70 67.34 -72.88 -33.99
C VAL Y 70 67.54 -71.75 -32.99
N ASN Y 71 68.41 -70.80 -33.31
CA ASN Y 71 68.61 -69.65 -32.44
C ASN Y 71 67.36 -68.76 -32.41
N ASP Y 72 66.68 -68.61 -33.55
CA ASP Y 72 65.44 -67.82 -33.59
C ASP Y 72 64.33 -68.48 -32.78
N ILE Y 73 64.19 -69.79 -32.87
CA ILE Y 73 63.16 -70.50 -32.12
C ILE Y 73 63.47 -70.43 -30.62
N PHE Y 74 64.75 -70.57 -30.26
CA PHE Y 74 65.21 -70.37 -28.88
C PHE Y 74 64.85 -68.98 -28.36
N GLU Y 75 65.09 -67.95 -29.19
CA GLU Y 75 64.78 -66.59 -28.78
C GLU Y 75 63.29 -66.39 -28.60
N ARG Y 76 62.47 -67.02 -29.46
CA ARG Y 76 61.02 -66.84 -29.35
C ARG Y 76 60.46 -67.54 -28.12
N ILE Y 77 60.90 -68.79 -27.82
CA ILE Y 77 60.52 -69.46 -26.58
C ILE Y 77 60.95 -68.68 -25.36
N ALA Y 78 62.21 -68.22 -25.34
CA ALA Y 78 62.75 -67.61 -24.13
C ALA Y 78 62.14 -66.24 -23.86
N THR Y 79 62.02 -65.39 -24.89
CA THR Y 79 61.36 -64.10 -24.71
C THR Y 79 59.88 -64.25 -24.40
N GLU Y 80 59.21 -65.25 -25.00
CA GLU Y 80 57.78 -65.37 -24.79
C GLU Y 80 57.50 -65.87 -23.38
N ALA Y 81 58.32 -66.79 -22.89
CA ALA Y 81 58.20 -67.27 -21.52
C ALA Y 81 58.59 -66.20 -20.50
N SER Y 82 59.56 -65.34 -20.84
CA SER Y 82 59.88 -64.22 -19.96
C SER Y 82 58.71 -63.25 -19.85
N LYS Y 83 58.02 -63.01 -20.97
CA LYS Y 83 56.83 -62.15 -20.93
C LYS Y 83 55.71 -62.80 -20.13
N LEU Y 84 55.53 -64.13 -20.24
CA LEU Y 84 54.55 -64.82 -19.40
C LEU Y 84 54.93 -64.81 -17.92
N ALA Y 85 56.23 -64.87 -17.61
CA ALA Y 85 56.67 -64.75 -16.21
C ALA Y 85 56.39 -63.36 -15.67
N ALA Y 86 56.50 -62.33 -16.52
CA ALA Y 86 56.08 -61.00 -16.10
C ALA Y 86 54.55 -60.90 -15.97
N TYR Y 87 53.81 -61.62 -16.81
CA TYR Y 87 52.35 -61.62 -16.75
C TYR Y 87 51.82 -62.28 -15.48
N ASN Y 88 52.41 -63.39 -15.07
CA ASN Y 88 51.96 -64.07 -13.87
C ASN Y 88 52.78 -63.72 -12.63
N LYS Y 89 53.70 -62.76 -12.75
CA LYS Y 89 54.46 -62.15 -11.66
C LYS Y 89 55.35 -63.13 -10.90
N LYS Y 90 55.69 -64.26 -11.51
CA LYS Y 90 56.61 -65.19 -10.89
C LYS Y 90 58.05 -64.84 -11.28
N SER Y 91 58.98 -65.22 -10.41
CA SER Y 91 60.40 -64.92 -10.61
C SER Y 91 61.22 -66.15 -10.97
N THR Y 92 60.57 -67.27 -11.26
CA THR Y 92 61.28 -68.51 -11.57
C THR Y 92 60.77 -69.07 -12.89
N ILE Y 93 61.69 -69.37 -13.80
CA ILE Y 93 61.32 -70.02 -15.05
C ILE Y 93 61.09 -71.50 -14.79
N SER Y 94 59.88 -71.97 -15.08
CA SER Y 94 59.51 -73.37 -14.94
C SER Y 94 59.32 -73.99 -16.31
N ALA Y 95 59.25 -75.32 -16.34
CA ALA Y 95 59.04 -76.03 -17.59
C ALA Y 95 57.60 -75.91 -18.09
N ARG Y 96 56.66 -75.57 -17.21
CA ARG Y 96 55.26 -75.54 -17.59
C ARG Y 96 54.91 -74.29 -18.40
N GLU Y 97 55.60 -73.17 -18.14
CA GLU Y 97 55.43 -72.00 -18.98
C GLU Y 97 56.16 -72.18 -20.31
N ILE Y 98 57.22 -73.00 -20.32
CA ILE Y 98 57.81 -73.42 -21.59
C ILE Y 98 56.82 -74.27 -22.38
N GLN Y 99 56.07 -75.13 -21.66
CA GLN Y 99 55.05 -75.97 -22.29
C GLN Y 99 53.97 -75.13 -22.95
N THR Y 100 53.43 -74.16 -22.23
CA THR Y 100 52.40 -73.33 -22.84
C THR Y 100 52.99 -72.39 -23.89
N ALA Y 101 54.27 -72.03 -23.82
CA ALA Y 101 54.85 -71.15 -24.84
C ALA Y 101 55.08 -71.88 -26.16
N VAL Y 102 55.56 -73.13 -26.11
CA VAL Y 102 55.64 -73.96 -27.30
C VAL Y 102 54.24 -74.23 -27.86
N ARG Y 103 53.26 -74.41 -26.97
CA ARG Y 103 51.91 -74.65 -27.50
C ARG Y 103 51.23 -73.34 -27.90
N LEU Y 104 51.85 -72.19 -27.59
CA LEU Y 104 51.49 -70.91 -28.20
C LEU Y 104 52.01 -70.76 -29.62
N ILE Y 105 53.33 -70.69 -29.80
CA ILE Y 105 53.78 -70.15 -31.08
C ILE Y 105 53.78 -71.21 -32.18
N LEU Y 106 53.90 -72.48 -31.83
CA LEU Y 106 53.87 -73.50 -32.86
C LEU Y 106 52.44 -73.76 -33.33
N PRO Y 107 52.26 -74.22 -34.57
CA PRO Y 107 50.95 -74.74 -34.99
C PRO Y 107 50.56 -75.96 -34.15
N GLY Y 108 49.25 -76.12 -33.98
CA GLY Y 108 48.73 -76.95 -32.90
C GLY Y 108 49.05 -78.42 -33.04
N GLU Y 109 48.88 -78.97 -34.26
CA GLU Y 109 49.19 -80.38 -34.49
C GLU Y 109 50.69 -80.66 -34.36
N LEU Y 110 51.52 -79.66 -34.61
CA LEU Y 110 52.94 -79.77 -34.33
C LEU Y 110 53.25 -79.49 -32.87
N ALA Y 111 52.43 -78.65 -32.23
CA ALA Y 111 52.62 -78.30 -30.84
C ALA Y 111 52.41 -79.51 -29.93
N LYS Y 112 51.39 -80.34 -30.21
CA LYS Y 112 51.16 -81.52 -29.38
C LYS Y 112 52.28 -82.54 -29.51
N HIS Y 113 52.87 -82.68 -30.71
CA HIS Y 113 54.01 -83.59 -30.88
C HIS Y 113 55.24 -83.07 -30.15
N ALA Y 114 55.46 -81.75 -30.19
CA ALA Y 114 56.57 -81.15 -29.45
C ALA Y 114 56.40 -81.34 -27.95
N VAL Y 115 55.17 -81.15 -27.45
CA VAL Y 115 54.87 -81.40 -26.04
C VAL Y 115 55.07 -82.87 -25.68
N SER Y 116 54.70 -83.78 -26.57
CA SER Y 116 54.80 -85.21 -26.26
C SER Y 116 56.27 -85.65 -26.14
N GLU Y 117 57.11 -85.28 -27.12
CA GLU Y 117 58.52 -85.66 -27.04
C GLU Y 117 59.22 -84.93 -25.90
N GLY Y 118 58.85 -83.66 -25.66
CA GLY Y 118 59.43 -82.93 -24.55
C GLY Y 118 59.07 -83.49 -23.19
N THR Y 119 57.81 -83.90 -23.01
CA THR Y 119 57.42 -84.43 -21.70
C THR Y 119 57.98 -85.82 -21.50
N ARG Y 120 58.20 -86.59 -22.58
CA ARG Y 120 58.90 -87.85 -22.43
C ARG Y 120 60.35 -87.63 -22.02
N ALA Y 121 61.01 -86.63 -22.62
CA ALA Y 121 62.39 -86.32 -22.26
C ALA Y 121 62.51 -85.81 -20.83
N VAL Y 122 61.58 -84.96 -20.39
CA VAL Y 122 61.71 -84.39 -19.05
C VAL Y 122 61.27 -85.40 -17.99
N THR Y 123 60.36 -86.33 -18.31
CA THR Y 123 60.06 -87.39 -17.35
C THR Y 123 61.20 -88.40 -17.27
N LYS Y 124 61.91 -88.64 -18.37
CA LYS Y 124 63.08 -89.50 -18.28
C LYS Y 124 64.20 -88.81 -17.50
N TYR Y 125 64.34 -87.50 -17.66
CA TYR Y 125 65.33 -86.74 -16.89
C TYR Y 125 65.00 -86.73 -15.40
N SER Y 126 63.73 -86.59 -15.05
CA SER Y 126 63.34 -86.59 -13.65
C SER Y 126 63.38 -87.99 -13.04
N SER Y 127 63.09 -89.03 -13.84
CA SER Y 127 63.19 -90.39 -13.34
C SER Y 127 64.64 -90.83 -13.19
N SER Y 128 65.55 -90.24 -13.97
CA SER Y 128 66.97 -90.51 -13.80
C SER Y 128 67.51 -89.89 -12.52
N THR Y 129 66.86 -88.84 -12.01
CA THR Y 129 67.22 -88.29 -10.71
C THR Y 129 66.71 -89.20 -9.60
N THR Z 46 68.70 -74.31 -81.86
CA THR Z 46 68.58 -72.87 -82.09
C THR Z 46 69.42 -72.10 -81.09
N VAL Z 47 70.30 -71.23 -81.59
CA VAL Z 47 71.16 -70.44 -80.71
C VAL Z 47 70.38 -69.34 -80.02
N ALA Z 48 69.24 -68.91 -80.59
CA ALA Z 48 68.42 -67.87 -79.97
C ALA Z 48 67.79 -68.36 -78.68
N LEU Z 49 67.16 -69.53 -78.71
CA LEU Z 49 66.60 -70.06 -77.47
C LEU Z 49 67.68 -70.62 -76.56
N ARG Z 50 68.86 -70.93 -77.11
CA ARG Z 50 70.02 -71.23 -76.27
C ARG Z 50 70.44 -70.02 -75.44
N GLU Z 51 70.46 -68.83 -76.04
CA GLU Z 51 70.80 -67.66 -75.24
C GLU Z 51 69.62 -67.18 -74.39
N ILE Z 52 68.39 -67.58 -74.71
CA ILE Z 52 67.29 -67.43 -73.75
C ILE Z 52 67.52 -68.30 -72.51
N ARG Z 53 67.98 -69.54 -72.72
CA ARG Z 53 68.31 -70.41 -71.59
C ARG Z 53 69.49 -69.86 -70.78
N ARG Z 54 70.50 -69.31 -71.47
CA ARG Z 54 71.61 -68.66 -70.80
C ARG Z 54 71.14 -67.41 -70.03
N PHE Z 55 70.14 -66.71 -70.57
CA PHE Z 55 69.57 -65.56 -69.89
C PHE Z 55 68.79 -65.99 -68.67
N GLN Z 56 68.18 -67.18 -68.72
CA GLN Z 56 67.55 -67.75 -67.54
C GLN Z 56 68.59 -68.12 -66.48
N LYS Z 57 69.78 -68.54 -66.92
CA LYS Z 57 70.86 -68.78 -65.95
C LYS Z 57 71.36 -67.46 -65.34
N SER Z 58 71.36 -66.37 -66.12
CA SER Z 58 71.93 -65.13 -65.61
C SER Z 58 70.91 -64.23 -64.93
N THR Z 59 69.87 -64.78 -64.31
CA THR Z 59 68.92 -64.00 -63.53
C THR Z 59 69.47 -63.74 -62.12
N GLU Z 60 68.56 -63.34 -61.22
CA GLU Z 60 68.70 -63.07 -59.77
C GLU Z 60 69.81 -62.09 -59.40
N LEU Z 61 70.29 -61.27 -60.34
CA LEU Z 61 71.33 -60.29 -60.01
C LEU Z 61 70.75 -59.13 -59.19
N LEU Z 62 69.60 -58.62 -59.60
CA LEU Z 62 68.80 -57.57 -58.93
C LEU Z 62 69.65 -56.30 -58.77
N ILE Z 63 69.51 -55.61 -57.63
CA ILE Z 63 70.22 -54.36 -57.40
C ILE Z 63 71.72 -54.62 -57.25
N ARG Z 64 72.52 -53.72 -57.81
CA ARG Z 64 73.92 -54.03 -58.07
C ARG Z 64 74.74 -53.87 -56.78
N LYS Z 65 75.82 -54.66 -56.66
CA LYS Z 65 76.52 -54.79 -55.39
C LYS Z 65 77.32 -53.54 -55.04
N LEU Z 66 78.13 -53.05 -55.99
CA LEU Z 66 78.98 -51.89 -55.70
C LEU Z 66 78.22 -50.57 -55.54
N PRO Z 67 77.22 -50.22 -56.37
CA PRO Z 67 76.39 -49.04 -56.02
C PRO Z 67 75.65 -49.18 -54.70
N PHE Z 68 75.24 -50.40 -54.32
CA PHE Z 68 74.62 -50.60 -53.02
C PHE Z 68 75.61 -50.37 -51.89
N GLN Z 69 76.87 -50.80 -52.08
CA GLN Z 69 77.90 -50.57 -51.06
C GLN Z 69 78.17 -49.08 -50.89
N ARG Z 70 78.30 -48.36 -52.01
CA ARG Z 70 78.49 -46.90 -51.95
C ARG Z 70 77.30 -46.21 -51.32
N LEU Z 71 76.09 -46.66 -51.63
CA LEU Z 71 74.88 -46.01 -51.12
C LEU Z 71 74.69 -46.28 -49.64
N VAL Z 72 74.98 -47.51 -49.18
CA VAL Z 72 74.83 -47.80 -47.76
C VAL Z 72 75.95 -47.13 -46.97
N ARG Z 73 77.11 -46.90 -47.60
CA ARG Z 73 78.15 -46.09 -46.96
C ARG Z 73 77.70 -44.65 -46.80
N GLU Z 74 77.10 -44.08 -47.85
CA GLU Z 74 76.62 -42.70 -47.81
C GLU Z 74 75.48 -42.53 -46.82
N ILE Z 75 74.59 -43.53 -46.72
CA ILE Z 75 73.52 -43.50 -45.72
C ILE Z 75 74.10 -43.60 -44.31
N ALA Z 76 75.12 -44.44 -44.13
CA ALA Z 76 75.75 -44.58 -42.83
C ALA Z 76 76.54 -43.34 -42.41
N GLN Z 77 76.96 -42.50 -43.37
CA GLN Z 77 77.66 -41.26 -43.01
C GLN Z 77 76.77 -40.29 -42.22
N ASP Z 78 75.45 -40.39 -42.37
CA ASP Z 78 74.56 -39.46 -41.67
C ASP Z 78 74.47 -39.78 -40.18
N PHE Z 79 74.38 -41.06 -39.83
CA PHE Z 79 74.22 -41.43 -38.43
C PHE Z 79 75.54 -41.33 -37.66
N LYS Z 80 76.66 -41.68 -38.31
CA LYS Z 80 77.99 -41.53 -37.73
C LYS Z 80 78.99 -41.47 -38.86
N THR Z 81 79.80 -40.41 -38.89
CA THR Z 81 80.71 -40.18 -40.02
C THR Z 81 81.81 -41.24 -40.06
N ASP Z 82 82.35 -41.61 -38.91
CA ASP Z 82 83.42 -42.61 -38.83
C ASP Z 82 82.86 -44.02 -38.58
N LEU Z 83 82.48 -44.70 -39.67
CA LEU Z 83 81.92 -46.03 -39.58
C LEU Z 83 82.61 -46.95 -40.58
N ARG Z 84 82.54 -48.24 -40.28
CA ARG Z 84 83.04 -49.29 -41.17
C ARG Z 84 82.03 -50.42 -41.18
N PHE Z 85 82.05 -51.20 -42.25
CA PHE Z 85 81.06 -52.24 -42.47
C PHE Z 85 81.73 -53.60 -42.64
N GLN Z 86 80.94 -54.65 -42.47
CA GLN Z 86 81.33 -56.01 -42.79
C GLN Z 86 80.66 -56.41 -44.10
N SER Z 87 81.35 -57.24 -44.88
CA SER Z 87 80.84 -57.63 -46.19
C SER Z 87 79.59 -58.49 -46.08
N SER Z 88 79.53 -59.34 -45.05
CA SER Z 88 78.31 -60.09 -44.78
C SER Z 88 77.19 -59.18 -44.30
N ALA Z 89 77.52 -58.08 -43.60
CA ALA Z 89 76.50 -57.12 -43.19
C ALA Z 89 75.91 -56.39 -44.39
N ILE Z 90 76.76 -55.97 -45.33
CA ILE Z 90 76.29 -55.32 -46.56
C ILE Z 90 75.50 -56.31 -47.40
N GLY Z 91 75.91 -57.58 -47.42
CA GLY Z 91 75.13 -58.59 -48.13
C GLY Z 91 73.76 -58.83 -47.51
N ALA Z 92 73.69 -58.86 -46.17
CA ALA Z 92 72.42 -59.04 -45.47
C ALA Z 92 71.49 -57.87 -45.74
N LEU Z 93 72.02 -56.65 -45.70
CA LEU Z 93 71.25 -55.47 -46.10
C LEU Z 93 70.79 -55.58 -47.56
N GLN Z 94 71.67 -56.12 -48.42
CA GLN Z 94 71.37 -56.26 -49.85
C GLN Z 94 70.14 -57.13 -50.08
N GLU Z 95 70.17 -58.39 -49.61
CA GLU Z 95 69.00 -59.21 -49.90
C GLU Z 95 67.79 -58.88 -49.03
N SER Z 96 67.96 -58.19 -47.89
CA SER Z 96 66.79 -57.70 -47.17
C SER Z 96 66.06 -56.64 -47.99
N VAL Z 97 66.81 -55.76 -48.65
CA VAL Z 97 66.19 -54.73 -49.49
C VAL Z 97 65.58 -55.34 -50.74
N GLU Z 98 66.25 -56.34 -51.34
CA GLU Z 98 65.65 -57.05 -52.46
C GLU Z 98 64.36 -57.77 -52.08
N ALA Z 99 64.33 -58.43 -50.91
CA ALA Z 99 63.12 -59.11 -50.47
C ALA Z 99 61.99 -58.13 -50.19
N TYR Z 100 62.30 -56.99 -49.54
CA TYR Z 100 61.28 -56.01 -49.21
C TYR Z 100 60.70 -55.40 -50.49
N LEU Z 101 61.58 -55.01 -51.42
CA LEU Z 101 61.08 -54.34 -52.62
C LEU Z 101 60.41 -55.30 -53.58
N VAL Z 102 60.80 -56.58 -53.60
CA VAL Z 102 60.09 -57.56 -54.42
C VAL Z 102 58.70 -57.82 -53.85
N SER Z 103 58.58 -57.93 -52.52
CA SER Z 103 57.27 -58.05 -51.90
C SER Z 103 56.42 -56.79 -52.13
N LEU Z 104 57.07 -55.62 -52.15
CA LEU Z 104 56.37 -54.37 -52.43
C LEU Z 104 55.85 -54.31 -53.86
N PHE Z 105 56.65 -54.76 -54.83
CA PHE Z 105 56.15 -54.80 -56.20
C PHE Z 105 55.06 -55.85 -56.40
N GLU Z 106 55.11 -56.97 -55.66
CA GLU Z 106 54.00 -57.92 -55.70
C GLU Z 106 52.71 -57.30 -55.15
N ASP Z 107 52.81 -56.58 -54.05
CA ASP Z 107 51.64 -55.93 -53.47
C ASP Z 107 51.12 -54.81 -54.35
N THR Z 108 52.04 -54.05 -54.98
CA THR Z 108 51.64 -52.98 -55.89
C THR Z 108 50.99 -53.55 -57.14
N ASN Z 109 51.49 -54.68 -57.64
CA ASN Z 109 50.87 -55.34 -58.78
C ASN Z 109 49.48 -55.87 -58.44
N LEU Z 110 49.32 -56.40 -57.21
CA LEU Z 110 48.00 -56.84 -56.77
C LEU Z 110 47.02 -55.68 -56.68
N ALA Z 111 47.49 -54.54 -56.17
CA ALA Z 111 46.65 -53.34 -56.09
C ALA Z 111 46.30 -52.81 -57.47
N ALA Z 112 47.23 -52.91 -58.42
CA ALA Z 112 46.99 -52.42 -59.77
C ALA Z 112 46.00 -53.30 -60.53
N ILE Z 113 46.18 -54.63 -60.44
CA ILE Z 113 45.24 -55.58 -61.04
C ILE Z 113 43.87 -55.46 -60.40
N HIS Z 114 43.82 -55.12 -59.10
CA HIS Z 114 42.55 -54.81 -58.47
C HIS Z 114 41.86 -53.60 -59.09
N ALA Z 115 42.63 -52.64 -59.59
CA ALA Z 115 42.09 -51.38 -60.10
C ALA Z 115 41.76 -51.42 -61.59
N LYS Z 116 41.48 -52.62 -62.14
CA LYS Z 116 41.08 -52.82 -63.54
C LYS Z 116 42.14 -52.27 -64.51
N ARG Z 117 43.41 -52.55 -64.22
CA ARG Z 117 44.48 -51.75 -64.78
C ARG Z 117 45.77 -52.58 -64.73
N VAL Z 118 46.62 -52.38 -65.74
CA VAL Z 118 47.89 -53.08 -65.84
C VAL Z 118 49.02 -52.28 -65.18
N THR Z 119 49.07 -50.98 -65.42
CA THR Z 119 50.15 -50.15 -64.88
C THR Z 119 49.91 -49.83 -63.41
N ILE Z 120 50.94 -49.29 -62.76
CA ILE Z 120 50.88 -48.98 -61.35
C ILE Z 120 50.95 -47.47 -61.14
N GLN Z 121 50.39 -47.02 -60.02
CA GLN Z 121 50.17 -45.61 -59.72
C GLN Z 121 51.06 -45.15 -58.57
N LYS Z 122 50.99 -43.84 -58.32
CA LYS Z 122 51.33 -43.29 -57.02
C LYS Z 122 50.44 -43.94 -55.96
N LYS Z 123 49.13 -43.87 -56.19
CA LYS Z 123 48.16 -44.32 -55.20
C LYS Z 123 48.14 -45.84 -55.08
N ASP Z 124 48.54 -46.56 -56.13
CA ASP Z 124 48.68 -48.01 -56.05
C ASP Z 124 49.76 -48.40 -55.06
N ILE Z 125 50.92 -47.75 -55.12
CA ILE Z 125 51.98 -48.09 -54.17
C ILE Z 125 51.68 -47.51 -52.80
N LYS Z 126 50.87 -46.44 -52.72
CA LYS Z 126 50.46 -45.96 -51.40
C LYS Z 126 49.50 -46.93 -50.72
N LEU Z 127 48.53 -47.46 -51.47
CA LEU Z 127 47.62 -48.47 -50.94
C LEU Z 127 48.38 -49.75 -50.57
N ALA Z 128 49.29 -50.18 -51.44
CA ALA Z 128 50.06 -51.40 -51.21
C ALA Z 128 50.97 -51.26 -50.00
N ARG Z 129 51.58 -50.09 -49.82
CA ARG Z 129 52.37 -49.87 -48.62
C ARG Z 129 51.50 -49.70 -47.38
N ARG Z 130 50.28 -49.19 -47.51
CA ARG Z 130 49.53 -48.85 -46.30
C ARG Z 130 48.90 -50.09 -45.71
N LEU Z 131 48.28 -50.93 -46.54
CA LEU Z 131 47.48 -52.05 -46.03
C LEU Z 131 48.32 -53.22 -45.53
N ARG Z 132 49.65 -53.12 -45.55
CA ARG Z 132 50.49 -54.01 -44.77
C ARG Z 132 50.63 -53.55 -43.32
N GLY Z 133 50.12 -52.36 -42.99
CA GLY Z 133 50.16 -51.86 -41.64
C GLY Z 133 51.49 -51.31 -41.20
N GLU Z 134 52.37 -50.97 -42.14
CA GLU Z 134 53.72 -50.52 -41.83
C GLU Z 134 53.85 -49.00 -41.79
N ARG Z 135 52.79 -48.29 -41.40
CA ARG Z 135 52.85 -46.84 -41.29
C ARG Z 135 53.24 -46.44 -39.87
N HIS AA 19 77.87 -28.97 -70.32
CA HIS AA 19 76.68 -29.00 -71.17
C HIS AA 19 75.91 -30.30 -70.97
N ARG AA 20 76.59 -31.32 -70.46
CA ARG AA 20 76.00 -32.62 -70.20
C ARG AA 20 75.81 -32.81 -68.70
N LYS AA 21 74.61 -33.24 -68.31
CA LYS AA 21 74.29 -33.40 -66.90
C LYS AA 21 75.03 -34.59 -66.30
N ILE AA 22 75.65 -34.35 -65.14
CA ILE AA 22 76.36 -35.42 -64.44
C ILE AA 22 75.39 -36.17 -63.53
N LEU AA 23 75.84 -37.33 -63.06
CA LEU AA 23 75.03 -38.25 -62.28
C LEU AA 23 75.26 -38.11 -60.77
N ARG AA 24 75.70 -36.94 -60.32
CA ARG AA 24 76.11 -36.73 -58.93
C ARG AA 24 74.88 -36.68 -58.03
N ASP AA 25 74.46 -37.84 -57.56
CA ASP AA 25 73.43 -37.97 -56.54
C ASP AA 25 73.56 -39.34 -55.89
N ASN AA 26 73.07 -39.44 -54.66
CA ASN AA 26 73.02 -40.72 -53.97
C ASN AA 26 71.92 -41.64 -54.49
N ILE AA 27 70.94 -41.08 -55.21
CA ILE AA 27 69.87 -41.90 -55.79
C ILE AA 27 70.33 -42.68 -57.01
N GLN AA 28 71.46 -42.32 -57.61
CA GLN AA 28 71.96 -43.04 -58.78
C GLN AA 28 72.65 -44.35 -58.42
N GLY AA 29 72.84 -44.64 -57.12
CA GLY AA 29 73.08 -46.01 -56.72
C GLY AA 29 71.90 -46.90 -57.00
N ILE AA 30 70.69 -46.36 -56.89
CA ILE AA 30 69.47 -47.05 -57.29
C ILE AA 30 69.28 -46.73 -58.76
N THR AA 31 69.90 -47.52 -59.63
CA THR AA 31 69.75 -47.28 -61.06
C THR AA 31 68.38 -47.76 -61.54
N LYS AA 32 67.90 -47.13 -62.62
CA LYS AA 32 66.67 -47.54 -63.29
C LYS AA 32 66.58 -48.99 -63.77
N PRO AA 33 67.59 -49.63 -64.40
CA PRO AA 33 67.43 -51.06 -64.67
C PRO AA 33 67.50 -51.94 -63.42
N ALA AA 34 68.08 -51.46 -62.32
CA ALA AA 34 67.96 -52.18 -61.05
C ALA AA 34 66.52 -52.17 -60.55
N ILE AA 35 65.84 -51.02 -60.65
CA ILE AA 35 64.44 -50.93 -60.28
C ILE AA 35 63.59 -51.79 -61.21
N ARG AA 36 63.90 -51.77 -62.51
CA ARG AA 36 63.14 -52.58 -63.46
C ARG AA 36 63.38 -54.07 -63.26
N ARG AA 37 64.59 -54.47 -62.85
CA ARG AA 37 64.86 -55.88 -62.56
C ARG AA 37 64.14 -56.32 -61.29
N LEU AA 38 64.11 -55.46 -60.27
CA LEU AA 38 63.35 -55.73 -59.05
C LEU AA 38 61.86 -55.82 -59.35
N ALA AA 39 61.36 -54.99 -60.26
CA ALA AA 39 59.95 -54.99 -60.61
C ALA AA 39 59.58 -56.21 -61.45
N ARG AA 40 60.48 -56.64 -62.34
CA ARG AA 40 60.26 -57.85 -63.10
C ARG AA 40 60.30 -59.09 -62.22
N ARG AA 41 61.18 -59.08 -61.21
CA ARG AA 41 61.18 -60.17 -60.23
C ARG AA 41 59.91 -60.15 -59.39
N GLY AA 42 59.42 -58.95 -59.06
CA GLY AA 42 58.14 -58.85 -58.37
C GLY AA 42 56.97 -59.29 -59.22
N GLY AA 43 56.94 -58.87 -60.47
CA GLY AA 43 55.97 -59.36 -61.42
C GLY AA 43 55.00 -58.36 -62.03
N VAL AA 44 55.37 -57.09 -62.12
CA VAL AA 44 54.54 -56.14 -62.84
C VAL AA 44 54.76 -56.32 -64.34
N LYS AA 45 53.87 -55.74 -65.13
CA LYS AA 45 53.96 -55.81 -66.59
C LYS AA 45 54.37 -54.49 -67.22
N ARG AA 46 53.98 -53.37 -66.62
CA ARG AA 46 54.38 -52.07 -67.12
C ARG AA 46 54.38 -51.09 -65.94
N ILE AA 47 55.21 -50.05 -66.05
CA ILE AA 47 55.49 -49.15 -64.93
C ILE AA 47 55.34 -47.72 -65.42
N SER AA 48 55.12 -46.81 -64.46
CA SER AA 48 55.07 -45.38 -64.72
C SER AA 48 56.44 -44.74 -64.54
N GLY AA 49 56.47 -43.41 -64.48
CA GLY AA 49 57.71 -42.66 -64.35
C GLY AA 49 58.07 -42.28 -62.93
N LEU AA 50 57.09 -41.87 -62.12
CA LEU AA 50 57.37 -41.45 -60.76
C LEU AA 50 57.64 -42.63 -59.82
N ILE AA 51 57.38 -43.86 -60.29
CA ILE AA 51 57.61 -45.05 -59.48
C ILE AA 51 59.09 -45.23 -59.17
N TYR AA 52 59.97 -44.74 -60.06
CA TYR AA 52 61.41 -44.83 -59.85
C TYR AA 52 61.85 -44.09 -58.59
N GLU AA 53 61.48 -42.81 -58.48
CA GLU AA 53 61.84 -42.07 -57.28
C GLU AA 53 60.97 -42.42 -56.07
N GLU AA 54 59.78 -43.00 -56.26
CA GLU AA 54 59.09 -43.57 -55.10
C GLU AA 54 59.83 -44.77 -54.53
N VAL AA 55 60.36 -45.65 -55.39
CA VAL AA 55 61.19 -46.75 -54.95
C VAL AA 55 62.49 -46.23 -54.32
N ARG AA 56 63.04 -45.14 -54.85
CA ARG AA 56 64.22 -44.52 -54.25
C ARG AA 56 63.94 -44.00 -52.84
N ALA AA 57 62.77 -43.36 -52.66
CA ALA AA 57 62.41 -42.85 -51.33
C ALA AA 57 62.13 -43.97 -50.35
N VAL AA 58 61.48 -45.04 -50.82
CA VAL AA 58 61.18 -46.21 -49.97
C VAL AA 58 62.48 -46.89 -49.54
N LEU AA 59 63.42 -47.04 -50.48
CA LEU AA 59 64.72 -47.63 -50.19
C LEU AA 59 65.52 -46.76 -49.22
N LYS AA 60 65.47 -45.44 -49.40
CA LYS AA 60 66.15 -44.54 -48.45
C LYS AA 60 65.56 -44.64 -47.05
N SER AA 61 64.23 -44.68 -46.94
CA SER AA 61 63.59 -44.80 -45.64
C SER AA 61 63.94 -46.12 -44.96
N PHE AA 62 63.95 -47.22 -45.72
CA PHE AA 62 64.24 -48.53 -45.14
C PHE AA 62 65.70 -48.65 -44.69
N LEU AA 63 66.65 -48.16 -45.50
CA LEU AA 63 68.04 -48.18 -45.04
C LEU AA 63 68.26 -47.23 -43.87
N GLU AA 64 67.59 -46.07 -43.85
CA GLU AA 64 67.78 -45.17 -42.71
C GLU AA 64 67.27 -45.79 -41.42
N SER AA 65 66.14 -46.51 -41.49
CA SER AA 65 65.64 -47.24 -40.32
C SER AA 65 66.59 -48.35 -39.89
N VAL AA 66 66.98 -49.23 -40.82
CA VAL AA 66 67.76 -50.41 -40.45
C VAL AA 66 69.17 -50.04 -40.01
N ILE AA 67 69.81 -49.10 -40.70
CA ILE AA 67 71.11 -48.58 -40.26
C ILE AA 67 70.98 -47.78 -38.97
N ARG AA 68 69.81 -47.18 -38.68
CA ARG AA 68 69.65 -46.51 -37.38
C ARG AA 68 69.70 -47.50 -36.23
N ASP AA 69 68.95 -48.61 -36.34
CA ASP AA 69 69.08 -49.69 -35.35
C ASP AA 69 70.49 -50.29 -35.33
N SER AA 70 71.11 -50.45 -36.50
CA SER AA 70 72.40 -51.13 -36.57
C SER AA 70 73.54 -50.31 -35.96
N VAL AA 71 73.56 -49.00 -36.24
CA VAL AA 71 74.57 -48.14 -35.62
C VAL AA 71 74.28 -47.94 -34.13
N THR AA 72 73.01 -48.01 -33.71
CA THR AA 72 72.73 -48.03 -32.28
C THR AA 72 73.31 -49.29 -31.62
N TYR AA 73 73.15 -50.44 -32.28
CA TYR AA 73 73.73 -51.70 -31.79
C TYR AA 73 75.26 -51.62 -31.69
N THR AA 74 75.92 -51.23 -32.78
CA THR AA 74 77.38 -51.24 -32.78
C THR AA 74 77.98 -50.07 -32.02
N GLU AA 75 77.21 -49.03 -31.72
CA GLU AA 75 77.68 -47.96 -30.85
C GLU AA 75 77.53 -48.34 -29.39
N HIS AA 76 76.56 -49.21 -29.07
CA HIS AA 76 76.53 -49.79 -27.74
C HIS AA 76 77.54 -50.93 -27.57
N ALA AA 77 78.21 -51.35 -28.64
CA ALA AA 77 79.25 -52.37 -28.58
C ALA AA 77 80.64 -51.80 -28.37
N LYS AA 78 80.76 -50.46 -28.28
CA LYS AA 78 82.04 -49.74 -28.16
C LYS AA 78 83.02 -50.11 -29.27
N ARG AA 79 82.54 -50.11 -30.51
CA ARG AA 79 83.38 -50.31 -31.67
C ARG AA 79 82.89 -49.43 -32.81
N LYS AA 80 83.78 -49.21 -33.78
CA LYS AA 80 83.49 -48.35 -34.93
C LYS AA 80 83.10 -49.13 -36.17
N THR AA 81 82.94 -50.44 -36.07
CA THR AA 81 82.58 -51.27 -37.21
C THR AA 81 81.23 -51.94 -36.97
N VAL AA 82 80.58 -52.32 -38.06
CA VAL AA 82 79.27 -52.95 -38.04
C VAL AA 82 79.43 -54.42 -38.39
N THR AA 83 78.94 -55.28 -37.51
CA THR AA 83 78.98 -56.72 -37.71
C THR AA 83 77.61 -57.18 -38.24
N SER AA 84 77.62 -58.25 -39.04
CA SER AA 84 76.40 -58.77 -39.65
C SER AA 84 75.38 -59.25 -38.62
N LEU AA 85 75.84 -59.62 -37.41
CA LEU AA 85 74.91 -60.00 -36.35
C LEU AA 85 74.06 -58.81 -35.93
N ASP AA 86 74.66 -57.61 -35.90
CA ASP AA 86 73.90 -56.40 -35.58
C ASP AA 86 72.85 -56.12 -36.64
N VAL AA 87 73.19 -56.34 -37.91
CA VAL AA 87 72.25 -56.10 -39.01
C VAL AA 87 71.10 -57.11 -38.98
N VAL AA 88 71.40 -58.39 -38.72
CA VAL AA 88 70.34 -59.39 -38.75
C VAL AA 88 69.44 -59.25 -37.51
N TYR AA 89 69.99 -58.83 -36.36
CA TYR AA 89 69.12 -58.55 -35.22
C TYR AA 89 68.32 -57.26 -35.41
N ALA AA 90 68.87 -56.28 -36.12
CA ALA AA 90 68.11 -55.08 -36.46
C ALA AA 90 66.94 -55.40 -37.39
N LEU AA 91 67.18 -56.28 -38.37
CA LEU AA 91 66.10 -56.73 -39.25
C LEU AA 91 65.10 -57.60 -38.50
N LYS AA 92 65.57 -58.34 -37.49
CA LYS AA 92 64.68 -59.14 -36.67
C LYS AA 92 63.79 -58.27 -35.80
N ARG AA 93 64.31 -57.11 -35.37
CA ARG AA 93 63.51 -56.19 -34.56
C ARG AA 93 62.36 -55.57 -35.36
N GLN AA 94 62.55 -55.36 -36.66
CA GLN AA 94 61.47 -54.87 -37.51
C GLN AA 94 60.49 -55.96 -37.93
N GLY AA 95 60.76 -57.22 -37.59
CA GLY AA 95 59.92 -58.31 -37.99
C GLY AA 95 60.29 -58.96 -39.30
N ARG AA 96 61.24 -58.40 -40.04
CA ARG AA 96 61.71 -58.97 -41.30
C ARG AA 96 62.95 -59.80 -41.00
N THR AA 97 62.72 -61.02 -40.53
CA THR AA 97 63.79 -61.88 -40.05
C THR AA 97 64.61 -62.40 -41.22
N LEU AA 98 65.92 -62.51 -41.02
CA LEU AA 98 66.84 -63.10 -41.98
C LEU AA 98 67.53 -64.30 -41.34
N TYR AA 99 67.79 -65.34 -42.13
CA TYR AA 99 68.56 -66.48 -41.64
C TYR AA 99 69.80 -66.66 -42.50
N GLY AA 100 70.78 -67.37 -41.95
CA GLY AA 100 71.94 -67.77 -42.72
C GLY AA 100 73.13 -66.84 -42.59
N PHE AA 101 73.36 -66.30 -41.39
CA PHE AA 101 74.50 -65.43 -41.17
C PHE AA 101 75.19 -65.67 -39.83
N GLY AA 102 74.74 -66.64 -39.04
CA GLY AA 102 75.33 -66.88 -37.74
C GLY AA 102 74.71 -66.00 -36.68
N GLY AA 103 74.21 -66.60 -35.61
CA GLY AA 103 73.56 -65.85 -34.55
C GLY AA 103 72.16 -65.40 -34.88
#